data_8RRS
#
_entry.id   8RRS
#
_cell.length_a   1.00
_cell.length_b   1.00
_cell.length_c   1.00
_cell.angle_alpha   90.00
_cell.angle_beta   90.00
_cell.angle_gamma   90.00
#
_symmetry.space_group_name_H-M   'P 1'
#
loop_
_entity.id
_entity.type
_entity.pdbx_description
1 polymer 'Ryanodine receptor 2'
2 polymer 'Nanobody 9657'
3 non-polymer "ADENOSINE-5'-TRIPHOSPHATE"
4 non-polymer CAFFEINE
5 non-polymer 'ZINC ION'
6 non-polymer 'CALCIUM ION'
#
loop_
_entity_poly.entity_id
_entity_poly.type
_entity_poly.pdbx_seq_one_letter_code
_entity_poly.pdbx_strand_id
1 'polypeptide(L)'
;MADAGEGEDEIQFLRTDDEVVLQCTATIHKEQQKLCLAAEGFGNRLCFLESTSNSKNVPPDLSICTFVLEQSLSVRALQE
MLANTVEKSEGQVDVEKWKFMMKTAQGGGHRTLLYGHAILLRHSYSGMYLCCLSTSRSSTDKLAFDVGLQEDTTGEACWW
TIHPASKQRSEGEKVRVGDDLILVSVSSERYLHLSYGNSSWHVDAAFQQTLWSVAPISSGSEAAQGYLIGGDVLRLLHGH
MDECLTVPSGEHGEEQRRTVHYEGGAVSVHARSLWRLETLRVAWSGSHIRWGQPFRLRHVTTGKYLSLMEDKNLLLMDKE
KADVKSTAFAFRSSKEKLDVGVRKEVDGMGTSEIKYGDSICYIQHVDTGLWLTYQAVDVKSARMGSIQRKAIMHHEGHMD
DGLNLSRSQHEESRTARVIRSTVFLFNRFIRGLDALSKKVKLPTIDLPIESVSLSLQDLIGYFHPPDEHLEHEDKQNRLR
ALKNRQNLFQEEGMINLVLECIDRLHVYSSAAHFADVAGREAGESWKSILNSLYELLAALIRGNRKNCAQFSGSLDWLIS
RLERLEASSGILEVLHCVLVESPEALNIIKEGHIKSIISLLDKHGRNHKVLDVLCSLCVCHGVAVRSNQHLICDNLLPGR
DLLLQTRLVNHVSSMRPNIFLGVSEGSAQYKKWYYELMVDHTEPFVTAEATHLRVGWASTEGYSPYPGGGEEWGGNGVGD
DLFSYGFDGLHLWSGCIARTVSSPNQHLLRTDDVISCCLDLSAPSISFRINGQPVQGMFENFNIDGLFFPVVSFSAGIKV
RFLLGGRHGEFKFLPPPGYAACYEAVLPKEKLKVEHSREYKQERTYTRDLLGPTVSLTQAAFTPVPVDTSQIVLPPHLER
IRERLAENIHELWVMNKIELGWQYGPVRDDNKRQHPCLVEFCKLPEQERNYNLQMSLETLKTLLALGCHVGIADEHAEEK
VKKMKLPKNYQLTSGYKPAPMDLSFIKLTPSQEAMVDKLAENAHNVWARDRIRQGWTYGIQQDVKNRRNPRLVPYTLLDD
RTKKSNKDSLREAVRTLLGYGYHLEAPDQDHASRAEVCSGTGERFRIFRAEKTYAVKAGRWYFEFEAVTAGDMRVGWSRP
GCQPDLELGSDDRAFAFDGFKAQRWHQGNEHYGRSWQAGDVVGCMVDMNEHTMMFTLNGEILLDDSGSELAFKDFDVGDG
FIPVCSLGVAQVGRMNFGKDVSTLKYFTICGLQEGYEPFAVNTNRDITMWLSKRLPQFLQVPSNHEHIEVTRIDGTIDSS
PCLKVTQKSFGSQNNNTDIMFYRLSMPIECAEVFSKSVAGGLPGAGFYGPKNDLEDFDVDSDFEVLMKTAHGHLVPDRID
KDKETPKPEFNNHKDYAQEKPSRLKQRFLLRRTKPDYSTGHSARLTEDVLADDRDDYEYLMQTSTYYYSVRIFPGQEPAN
VWVGWITSDFHQYDTGFDLDRVRTVTVTLGDEKGKVHESIKRSNCYMVCAGESMSPGQGRNNSNGLEIGCVVDAASGLLT
FIANGKELSTYYQVEPSTKLFPAVFAQATSPNVFQFELGRIKNVMPLSAGLFKSEHKNPVPQCPPRLHVQFLSHVLWSRM
PNQFLKVDVSRISERQGWLVQCLDPLQFMSLHIPEENRSVDILELTEQEELLQFHYHTLRLYSAVCALGNHRVAHALCSH
VDEPQLLYAIENKYMPGLLRAGYYDLLIDIHLSSYATARLMMNNEFIVPMTEETKSITLFPDENKKHGLPGIGLSTSLRP
RMRFSSPSFVSISNDCYQYSPEFPLDILKAKTIQMLTEAVKEGSLHARDPVGGTTEFLFVPLIKLFYTLLIMGIFHNEDL
KHILQLIEPSVFKEAAVPEEEGGTPEKEISIEDAKLEGEEEAKGGKRPKEGLLQMKLPEPVKLQMCLLLQYLCDCQVRHR
IEAIVAFSDDFVAKLQDNQRFRYNEVMQALNMSAALTARKTREFRSPPQEQINMLLNFKDDKSECPCPEEIRDQLLDFHE
DLMTHCGIELDEDGSLDGSNDLTIRGRLLSLVEKVTYLKKKQAEKPVASDSRKCSSLQQLISETMVRWAQESVIEDPELV
RAMFVLLHRQYDGIGGLVRALPKTYTINGVSVEDTINLLASLGQIRSLLSVRMGKEEEKLMIRGLGDIMNNKVFYQHPNL
MRALGMHETVMEVMVNVLGGGESKEITFPKMVANCCRFLCYFCRISRQNQKAMFDHLSYLLENSSVGLASPAMRGSTPLD
VAAASVMDNNELALALREPDLEKVVRYLAGCGLQSCQMLVSKGYPDIGWNPVEGERYLDFLRFAVFCNGESVEENANVVV
RLLIRRPECFGPALRGEGGNGLLAAMEEAIKIAEDPSRDGPSPTSGSSKTLDIEEEEDDTIHMGNAIMTFYAALIDLLGR
CAPEMHLIHAGKGEAIRIRSILRSLIPLGDLVGVISIAFQMPTIAKDGKVVEPDMSAGFCPDHKAAMVLFLDRVYGIEVQ
DFLLHLLEVGFLPDLRAAASLDTAALSATDMALALNRYLCTAVLPLLTRCAPLFAGTEHHASLIDSLLHTVYRLSKGCSL
TKAQRDSIEVCLLSICGQLRPSMMQHLLRRLVFDVPLLNEHAKMPLKLLTNHYERCWKYYCLPGGWGNFGAASEEELHLS
RKLFWGIFDALSQKKYEQELFKLALPCLSAVAGALPPDYMESNYVSMMEKQSSMDSEGNFNPQPVDTSNITIPEKLEYFI
NKYAEHSHDKWSMDKLANGWIYGEIYSDSSKIQPLMKPYKLLSEKEKEIYRWPIKESLKTMLAWGWRIERTREGDSMALY
NRTRRISQTSQVSIDAAHGYSPRAIDMSNVTLSRDLHAMAEMMAENYHNIWAKKKKLELESKGGGNHPLLVPYDTLTAKE
KAKDREKAQDIFKFLQISGYVVSRGFKDLDLDTPSIEKRFAYSFLQQLIRYVDEAHQYILEFDGGSRSKGEHFPYEQEIK
FFAKVVLPLIDQYFKNHRLYFLSAASRPLCTGGHASNKEKEMVTSLFCKLGVLVRHRISLFGNDATSIVNCLHILGQTLD
ARTVMKTGLDSVKSALRAFLDNAAEDLEKTMENLKQGQFTHTRSQPKGVTQIINYTTVALLPMLSSLFEHIGQHQFGEDL
ILEDVQVSCYRILTSLYALGTSKSIYVERQRSALGECLAAFAGAFPIAFLETHLDKHNVYSIYNTRSSRERAALSLPANV
EDVCPNIPSLEKLMTEIIELAESGIRYTQMPYMMEVVLPMLCSYMSRWWEHGPENHPERAEMCCTALNSEHMNTLLGNIL
KIIYNNLGIDEGAWMKRLAVFSQPIINKVKPQLLKTHFLPLMEKLKKKAAMVVSEEDHLKAEARGDMSEAELLILDEFTT
LARDLYAFYPLLIRFVDYNRAKWLKEPNPEAEELFRMVAEVFIYWSKSHNFKREEQNFVVQNEINNMSFLITDTKSKMSK
AAISDQERKKMKRKGDRYSMQTSLIVAALKRLLPIGLNICAPGDQELIALAKNRFSLKDTEEEVRDIIRSNIHLQGKLED
PAIRWQMALYKDLPNRTEDPSDPERTVERVLGIANVLFHLEQKSKYTGRGYFSLVEHPQRSKKAVWHKLLSKQRKRAVVA
CFRMAPLYNLPRHRAVNLFLQGYEKSWIETEEHYFEDKLIEDLAKPGAELPEEDEAMKRVDPLHQLILLFSRTALTEKCK
LEEDFLYMAYADIMAKSCHDEEDDDGEEEVKSFEEKEMEKQKLLYQQARLHDRGAAEMVLQTISASKGETGPMVAATLKL
GIAILNGGNSTVQQKMLDYLKEKKDVGFFQSLAGLMQSCSVLDLNAFERQNKAEGLGMVTEEGSGEKVLQDDEFTCDLFR
FLQLLCEGHNSDFQNYLRTQTGNNTTVNIIISTVDYLLRVQESISDFYWYYSGKDIIDEQGQRNFSKAIQVAKQVFNTLT
EYIQGPCTGNQQSLAHSRLWDAVVGFLHVFAHMQMKLSQDSSQIELLKELMDLQKDMVVMLLSMLEGNVVNGTIGKQMVD
MLVESSNNVEMILKFFDMFLKLKDLTSSDTFKEYDPDGKGVISKRDFHKAMESHKHYTQSETEFLLSCAETDENETLDYE
EFVKRFHEPAKDIGFNVAVLLTNLSEHMPNDTRLQTFLELAESVLNYFQPFLGRIEIMGSAKRIERVYFEISESSRTQWE
KPQVKESKRQFIFDVVNEGGEKEKMELFVNFCEDTIFEMQLAAQISESDLNERLANKEESEKERPEEQAPRMGFFSLLTI
QSALFALRYNVLTLVRMLSLKSLKKQMKRMKKMTVKDMVLAFFSSYWSVFVTLLHFVASVCRGFFRIVSSLLLGGSLVEG
AKKIKVAELLANMPDPTQDEVRGDEEEGERKPLESALPSEDLTDLKELTEESDLLSDIFGLDLKREGGQYKLIPHNPNAG
LSDLMTNPVPVPEVQEKFQEQKAKEEKEEKEETKSEPEKAEGEDGEKEEKAKDEKSKQKLRQLHTHRYGEPEVPESAFWK
KIIAYQQKLLNYFARNFYNMRMLALFVAFAINFILLFYKVSTSSVVEGKELPTRTSSDTAKVTNSLDSSPHRIIAVHYVL
EESSGYMEPTLRILAILHTIISFFCIIGYYCLKVPLVIFKREKEVARKLEFDGLYITEQPSEDDIKGQWDRLVINTQSFP
NNYWDKFVKRKVMDKYGEFYGRDRISELLGMDKAALDFSDAREKKKPKKDSSLSAVLNSIDVKYQMWKLGVVFTDNSFLY
LAWYMTMSVLGHYNNFFFAAHLLDIAMGFKTLRTILSSVTHNGKQLVLTVGLLAVVVYLYTVVAFNFFRKFYNKSEDGDT
PDMKCDDMLTCYMFHMYVGVRAGGGIGDEIEDPAGDEYEIYRIIFDITFFFFVIVILLAIIQGLIIDAFGELRDQQEQVK
EDMETKCFICGIGNDYFDTVPHGFETHTLQEHNLANYLFFLMYLINKDETEHTGQESYVWKMYQERCWEFFPAGDCFRKQ
YEDQLN
;
A,C,E,F
2 'polypeptide(L)'
;QVQLQESGGGLMQAGGSLRLSCTASGSIFSINSMGWYRQAPGKQRELVATITSGNSINYADSVKGRFTISRDNAKNTVYL
QMNSLKPEDTAVYYCNADRVPNGYNPWGTPNDEYDYWGQGTQVTVSSHHHHHHEPEA
;
B,D,G,I
#
# COMPACT_ATOMS: atom_id res chain seq x y z
N ILE A 11 -30.26 11.43 13.13
CA ILE A 11 -29.78 12.79 13.17
C ILE A 11 -30.52 13.64 12.13
N GLN A 12 -31.27 12.96 11.27
CA GLN A 12 -32.03 13.66 10.24
C GLN A 12 -33.13 14.49 10.86
N PHE A 13 -33.52 15.55 10.16
CA PHE A 13 -34.54 16.46 10.64
C PHE A 13 -35.58 16.67 9.54
N LEU A 14 -36.85 16.68 9.95
CA LEU A 14 -37.95 16.84 8.99
C LEU A 14 -37.88 18.22 8.34
N ARG A 15 -38.11 18.25 7.03
CA ARG A 15 -38.04 19.48 6.26
C ARG A 15 -39.39 19.77 5.62
N THR A 16 -39.50 20.96 5.03
CA THR A 16 -40.71 21.31 4.30
C THR A 16 -40.82 20.48 3.04
N ASP A 17 -42.05 20.08 2.71
CA ASP A 17 -42.36 19.31 1.50
C ASP A 17 -41.65 17.95 1.54
N ASP A 18 -41.94 17.19 2.59
CA ASP A 18 -41.46 15.82 2.73
C ASP A 18 -42.61 14.90 3.06
N GLU A 19 -42.45 13.63 2.75
CA GLU A 19 -43.48 12.63 2.98
C GLU A 19 -43.37 12.09 4.40
N VAL A 20 -44.45 12.20 5.17
CA VAL A 20 -44.49 11.74 6.55
C VAL A 20 -45.72 10.87 6.75
N VAL A 21 -45.63 9.97 7.73
CA VAL A 21 -46.72 9.09 8.12
C VAL A 21 -46.96 9.23 9.60
N LEU A 22 -48.22 9.44 9.98
CA LEU A 22 -48.60 9.55 11.39
C LEU A 22 -48.96 8.16 11.90
N GLN A 23 -48.24 7.71 12.93
CA GLN A 23 -48.42 6.37 13.47
C GLN A 23 -48.68 6.43 14.96
N CYS A 24 -49.49 5.48 15.43
CA CYS A 24 -49.81 5.37 16.84
C CYS A 24 -49.75 3.90 17.24
N THR A 25 -49.35 3.66 18.49
CA THR A 25 -49.24 2.32 19.03
C THR A 25 -50.43 2.03 19.96
N ALA A 26 -50.97 0.83 19.84
CA ALA A 26 -52.12 0.41 20.64
C ALA A 26 -51.79 -0.91 21.33
N THR A 27 -52.40 -1.09 22.50
CA THR A 27 -52.17 -2.27 23.33
C THR A 27 -53.49 -3.01 23.52
N ILE A 28 -54.19 -3.25 22.42
CA ILE A 28 -55.56 -3.76 22.51
C ILE A 28 -55.54 -5.23 22.90
N HIS A 29 -56.23 -5.56 23.99
CA HIS A 29 -56.24 -6.91 24.55
C HIS A 29 -54.83 -7.41 24.84
N LYS A 30 -53.99 -6.53 25.37
CA LYS A 30 -52.58 -6.81 25.65
C LYS A 30 -51.85 -7.24 24.39
N GLU A 31 -52.30 -6.74 23.23
CA GLU A 31 -51.70 -7.04 21.94
C GLU A 31 -51.23 -5.72 21.33
N GLN A 32 -49.96 -5.65 20.98
CA GLN A 32 -49.35 -4.44 20.46
C GLN A 32 -49.59 -4.36 18.95
N GLN A 33 -50.09 -3.22 18.51
CA GLN A 33 -50.36 -2.98 17.10
C GLN A 33 -49.95 -1.57 16.73
N LYS A 34 -49.55 -1.39 15.48
CA LYS A 34 -49.17 -0.09 14.94
C LYS A 34 -50.20 0.32 13.90
N LEU A 35 -50.81 1.48 14.07
CA LEU A 35 -51.85 1.97 13.17
C LEU A 35 -51.46 3.33 12.62
N CYS A 36 -51.56 3.48 11.30
CA CYS A 36 -51.22 4.71 10.63
C CYS A 36 -52.49 5.43 10.18
N LEU A 37 -52.43 6.76 10.23
CA LEU A 37 -53.59 7.59 9.91
C LEU A 37 -53.74 7.68 8.39
N ALA A 38 -54.83 7.14 7.86
CA ALA A 38 -55.08 7.13 6.43
C ALA A 38 -56.43 7.77 6.13
N ALA A 39 -56.64 8.09 4.86
CA ALA A 39 -57.90 8.69 4.42
C ALA A 39 -58.12 8.36 2.95
N GLU A 40 -59.34 7.92 2.62
CA GLU A 40 -59.65 7.57 1.23
C GLU A 40 -59.58 8.79 0.33
N GLY A 41 -60.14 9.92 0.78
CA GLY A 41 -60.10 11.14 0.01
C GLY A 41 -61.24 11.27 -0.98
N PHE A 42 -61.33 10.34 -1.92
CA PHE A 42 -62.35 10.37 -2.96
C PHE A 42 -63.63 9.73 -2.42
N GLY A 43 -64.64 10.55 -2.14
CA GLY A 43 -65.91 10.06 -1.66
C GLY A 43 -65.97 9.72 -0.19
N ASN A 44 -64.88 9.94 0.56
CA ASN A 44 -64.87 9.65 1.99
C ASN A 44 -63.94 10.67 2.64
N ARG A 45 -64.50 11.77 3.14
CA ARG A 45 -63.70 12.77 3.83
C ARG A 45 -63.16 12.26 5.16
N LEU A 46 -63.89 11.36 5.82
CA LEU A 46 -63.50 10.90 7.14
C LEU A 46 -62.19 10.11 7.07
N CYS A 47 -61.35 10.31 8.08
CA CYS A 47 -60.07 9.63 8.19
C CYS A 47 -60.17 8.46 9.15
N PHE A 48 -59.40 7.41 8.86
CA PHE A 48 -59.42 6.22 9.70
C PHE A 48 -58.00 5.73 9.96
N LEU A 49 -57.88 4.55 10.57
CA LEU A 49 -56.59 3.96 10.90
C LEU A 49 -56.41 2.67 10.12
N GLU A 50 -55.23 2.51 9.52
CA GLU A 50 -54.86 1.30 8.81
C GLU A 50 -53.74 0.61 9.57
N SER A 51 -53.92 -0.67 9.85
CA SER A 51 -52.95 -1.43 10.64
C SER A 51 -51.70 -1.65 9.80
N THR A 52 -50.65 -0.87 10.08
CA THR A 52 -49.40 -1.02 9.35
C THR A 52 -48.55 -2.18 9.88
N SER A 53 -48.93 -2.77 11.01
CA SER A 53 -48.25 -3.95 11.50
C SER A 53 -48.70 -5.19 10.73
N ASN A 54 -48.07 -6.32 11.02
CA ASN A 54 -48.33 -7.58 10.34
C ASN A 54 -48.18 -7.43 8.82
N SER A 55 -47.14 -6.71 8.41
CA SER A 55 -46.90 -6.48 6.99
C SER A 55 -46.59 -7.77 6.24
N LYS A 56 -46.11 -8.80 6.93
CA LYS A 56 -45.82 -10.07 6.27
C LYS A 56 -47.09 -10.72 5.75
N ASN A 57 -48.13 -10.79 6.59
CA ASN A 57 -49.36 -11.45 6.19
C ASN A 57 -50.16 -10.59 5.21
N VAL A 58 -50.27 -9.29 5.48
CA VAL A 58 -51.07 -8.39 4.66
C VAL A 58 -50.24 -7.16 4.29
N PRO A 59 -50.16 -6.81 3.01
CA PRO A 59 -49.41 -5.62 2.61
C PRO A 59 -50.15 -4.35 2.99
N PRO A 60 -49.52 -3.48 3.78
CA PRO A 60 -50.16 -2.20 4.09
C PRO A 60 -50.24 -1.30 2.86
N ASP A 61 -51.28 -0.47 2.84
CA ASP A 61 -51.53 0.43 1.71
C ASP A 61 -51.10 1.84 2.13
N LEU A 62 -49.83 2.16 1.90
CA LEU A 62 -49.29 3.46 2.29
C LEU A 62 -49.72 4.58 1.36
N SER A 63 -50.32 4.27 0.22
CA SER A 63 -50.69 5.30 -0.74
C SER A 63 -51.70 6.28 -0.15
N ILE A 64 -52.70 5.76 0.57
CA ILE A 64 -53.69 6.62 1.21
C ILE A 64 -53.28 7.07 2.59
N CYS A 65 -52.12 6.62 3.09
CA CYS A 65 -51.69 6.96 4.43
C CYS A 65 -50.55 7.97 4.47
N THR A 66 -49.78 8.11 3.40
CA THR A 66 -48.69 9.07 3.39
C THR A 66 -49.22 10.49 3.33
N PHE A 67 -48.57 11.40 4.06
CA PHE A 67 -48.91 12.81 4.06
C PHE A 67 -47.65 13.63 3.75
N VAL A 68 -47.87 14.82 3.23
CA VAL A 68 -46.79 15.75 2.90
C VAL A 68 -47.04 17.05 3.64
N LEU A 69 -45.99 17.60 4.23
CA LEU A 69 -46.08 18.85 4.98
C LEU A 69 -45.82 20.01 4.04
N GLU A 70 -46.87 20.77 3.72
CA GLU A 70 -46.75 21.83 2.72
C GLU A 70 -45.96 23.01 3.26
N GLN A 71 -46.27 23.45 4.48
CA GLN A 71 -45.65 24.67 5.00
C GLN A 71 -45.91 24.76 6.49
N SER A 72 -44.97 25.37 7.21
CA SER A 72 -45.07 25.56 8.65
C SER A 72 -44.95 27.04 8.98
N LEU A 73 -45.88 27.54 9.80
CA LEU A 73 -45.86 28.90 10.29
C LEU A 73 -45.96 28.89 11.81
N SER A 74 -45.41 29.92 12.44
CA SER A 74 -45.56 30.08 13.87
C SER A 74 -46.99 30.50 14.21
N VAL A 75 -47.30 30.52 15.50
CA VAL A 75 -48.65 30.87 15.93
C VAL A 75 -48.97 32.31 15.57
N ARG A 76 -48.08 33.23 15.93
CA ARG A 76 -48.29 34.64 15.62
C ARG A 76 -48.32 34.89 14.12
N ALA A 77 -47.40 34.24 13.38
CA ALA A 77 -47.37 34.41 11.94
C ALA A 77 -48.66 33.91 11.29
N LEU A 78 -49.17 32.76 11.75
CA LEU A 78 -50.43 32.25 11.23
C LEU A 78 -51.58 33.17 11.58
N GLN A 79 -51.59 33.74 12.78
CA GLN A 79 -52.63 34.68 13.14
C GLN A 79 -52.61 35.90 12.24
N GLU A 80 -51.42 36.44 11.96
CA GLU A 80 -51.30 37.58 11.07
C GLU A 80 -51.74 37.23 9.66
N MET A 81 -51.36 36.04 9.18
CA MET A 81 -51.75 35.63 7.83
C MET A 81 -53.26 35.46 7.72
N LEU A 82 -53.89 34.89 8.75
CA LEU A 82 -55.34 34.76 8.74
C LEU A 82 -56.02 36.12 8.79
N ALA A 83 -55.48 37.05 9.59
CA ALA A 83 -56.03 38.40 9.65
C ALA A 83 -55.92 39.10 8.30
N ASN A 84 -54.79 38.94 7.62
CA ASN A 84 -54.59 39.56 6.32
C ASN A 84 -55.36 38.81 5.24
N HIS A 110 -37.19 23.79 1.39
CA HIS A 110 -37.19 22.85 2.52
C HIS A 110 -36.70 23.53 3.79
N ARG A 111 -37.60 23.72 4.74
CA ARG A 111 -37.29 24.35 6.02
C ARG A 111 -37.64 23.38 7.14
N THR A 112 -36.82 23.41 8.20
CA THR A 112 -37.07 22.55 9.34
C THR A 112 -38.32 23.01 10.10
N LEU A 113 -38.86 22.09 10.89
CA LEU A 113 -40.05 22.37 11.69
C LEU A 113 -39.65 22.66 13.13
N LEU A 114 -40.34 23.60 13.75
CA LEU A 114 -40.09 24.00 15.12
C LEU A 114 -41.32 23.74 15.97
N TYR A 115 -41.09 23.38 17.23
CA TYR A 115 -42.20 23.13 18.14
C TYR A 115 -43.04 24.39 18.31
N GLY A 116 -44.35 24.21 18.34
CA GLY A 116 -45.28 25.31 18.46
C GLY A 116 -45.69 25.91 17.13
N HIS A 117 -45.07 25.52 16.03
CA HIS A 117 -45.47 25.99 14.72
C HIS A 117 -46.67 25.21 14.21
N ALA A 118 -47.46 25.85 13.36
CA ALA A 118 -48.63 25.25 12.75
C ALA A 118 -48.27 24.69 11.38
N ILE A 119 -48.50 23.40 11.19
CA ILE A 119 -48.13 22.73 9.96
C ILE A 119 -49.38 22.57 9.08
N LEU A 120 -49.17 22.21 7.82
CA LEU A 120 -50.25 22.01 6.86
C LEU A 120 -50.07 20.62 6.24
N LEU A 121 -50.87 19.65 6.69
CA LEU A 121 -50.76 18.29 6.21
C LEU A 121 -51.66 18.08 5.00
N ARG A 122 -51.07 17.58 3.92
CA ARG A 122 -51.78 17.32 2.68
C ARG A 122 -51.69 15.83 2.35
N HIS A 123 -52.83 15.24 2.05
CA HIS A 123 -52.85 13.85 1.60
C HIS A 123 -52.09 13.71 0.30
N SER A 124 -51.31 12.63 0.18
CA SER A 124 -50.47 12.46 -1.01
C SER A 124 -51.31 12.13 -2.24
N TYR A 125 -52.03 11.01 -2.20
CA TYR A 125 -52.83 10.60 -3.35
C TYR A 125 -53.97 11.57 -3.61
N SER A 126 -54.74 11.90 -2.58
CA SER A 126 -55.90 12.76 -2.76
C SER A 126 -55.49 14.18 -3.13
N GLY A 127 -54.37 14.65 -2.59
CA GLY A 127 -54.03 16.05 -2.72
C GLY A 127 -54.87 16.97 -1.87
N MET A 128 -55.77 16.42 -1.07
CA MET A 128 -56.68 17.18 -0.23
C MET A 128 -55.92 17.56 1.04
N TYR A 129 -56.56 18.29 1.96
CA TYR A 129 -55.87 18.82 3.13
C TYR A 129 -56.55 18.38 4.42
N LEU A 130 -55.75 17.90 5.36
CA LEU A 130 -56.27 17.41 6.64
C LEU A 130 -56.78 18.57 7.49
N CYS A 131 -57.88 18.33 8.21
CA CYS A 131 -58.50 19.36 9.03
C CYS A 131 -59.33 18.69 10.12
N CYS A 132 -60.18 19.47 10.78
CA CYS A 132 -61.13 18.99 11.78
C CYS A 132 -62.53 19.30 11.31
N LEU A 133 -63.26 18.28 10.85
CA LEU A 133 -64.64 18.47 10.42
C LEU A 133 -65.52 18.80 11.61
N SER A 134 -66.49 19.69 11.39
CA SER A 134 -67.36 20.11 12.47
C SER A 134 -68.27 18.99 12.95
N THR A 135 -68.62 18.06 12.06
CA THR A 135 -69.51 16.96 12.44
C THR A 135 -68.82 16.02 13.42
N SER A 136 -69.61 15.45 14.32
CA SER A 136 -69.13 14.49 15.31
C SER A 136 -69.78 13.15 15.03
N ARG A 137 -68.96 12.17 14.61
CA ARG A 137 -69.50 10.85 14.29
C ARG A 137 -69.85 10.07 15.55
N SER A 138 -69.00 10.15 16.58
CA SER A 138 -69.19 9.38 17.80
C SER A 138 -69.93 10.23 18.83
N SER A 139 -71.10 9.74 19.25
CA SER A 139 -71.88 10.45 20.27
C SER A 139 -71.22 10.37 21.64
N THR A 140 -70.55 9.25 21.94
CA THR A 140 -69.91 9.10 23.24
C THR A 140 -68.81 10.14 23.44
N ASP A 141 -68.02 10.40 22.41
CA ASP A 141 -66.93 11.37 22.49
C ASP A 141 -67.52 12.78 22.45
N LYS A 142 -67.95 13.23 23.63
CA LYS A 142 -68.53 14.56 23.75
C LYS A 142 -67.48 15.63 23.50
N LEU A 143 -67.88 16.72 22.86
CA LEU A 143 -66.99 17.83 22.50
C LEU A 143 -65.79 17.33 21.72
N ALA A 144 -66.01 16.34 20.87
CA ALA A 144 -64.98 15.78 20.01
C ALA A 144 -65.47 15.81 18.57
N PHE A 145 -64.70 16.47 17.70
CA PHE A 145 -65.05 16.57 16.30
C PHE A 145 -64.20 15.60 15.48
N ASP A 146 -64.77 15.15 14.37
CA ASP A 146 -64.08 14.24 13.48
C ASP A 146 -62.96 14.96 12.74
N VAL A 147 -61.95 14.18 12.33
CA VAL A 147 -60.83 14.69 11.56
C VAL A 147 -60.97 14.20 10.12
N GLY A 148 -60.94 15.13 9.18
CA GLY A 148 -61.16 14.77 7.79
C GLY A 148 -60.36 15.64 6.82
N LEU A 149 -60.79 15.70 5.57
CA LEU A 149 -60.09 16.44 4.54
C LEU A 149 -60.96 17.56 4.02
N GLN A 150 -60.39 18.76 3.88
CA GLN A 150 -61.05 19.90 3.29
C GLN A 150 -60.16 20.52 2.23
N GLU A 151 -60.79 21.18 1.25
CA GLU A 151 -60.08 21.85 0.16
C GLU A 151 -60.07 23.36 0.29
N ASP A 152 -60.82 23.92 1.25
CA ASP A 152 -60.91 25.36 1.40
C ASP A 152 -59.54 25.96 1.72
N THR A 153 -58.79 25.31 2.62
CA THR A 153 -57.41 25.70 2.94
C THR A 153 -57.30 27.17 3.34
N THR A 154 -58.24 27.65 4.14
CA THR A 154 -58.14 28.98 4.71
C THR A 154 -58.59 29.06 6.16
N GLY A 155 -58.99 27.95 6.77
CA GLY A 155 -59.44 27.95 8.15
C GLY A 155 -58.35 27.46 9.08
N GLU A 156 -58.42 27.91 10.34
CA GLU A 156 -57.43 27.49 11.33
C GLU A 156 -57.51 25.99 11.60
N ALA A 157 -58.68 25.39 11.41
CA ALA A 157 -58.83 23.96 11.62
C ALA A 157 -57.98 23.14 10.66
N CYS A 158 -57.64 23.70 9.50
CA CYS A 158 -56.80 22.98 8.55
C CYS A 158 -55.38 22.84 9.08
N TRP A 159 -54.89 23.85 9.80
CA TRP A 159 -53.53 23.81 10.31
C TRP A 159 -53.46 23.06 11.63
N TRP A 160 -52.29 22.47 11.89
CA TRP A 160 -52.06 21.68 13.09
C TRP A 160 -50.75 22.12 13.73
N THR A 161 -50.76 22.29 15.05
CA THR A 161 -49.59 22.71 15.80
C THR A 161 -48.92 21.49 16.42
N ILE A 162 -47.60 21.41 16.26
CA ILE A 162 -46.81 20.32 16.80
C ILE A 162 -46.25 20.72 18.15
N HIS A 163 -46.15 19.77 19.07
CA HIS A 163 -45.66 20.03 20.41
C HIS A 163 -44.79 18.88 20.88
N PRO A 164 -43.76 19.18 21.67
CA PRO A 164 -42.82 18.14 22.13
C PRO A 164 -43.41 17.27 23.24
N ALA A 165 -44.09 16.19 22.86
CA ALA A 165 -44.68 15.28 23.83
C ALA A 165 -43.66 14.83 24.87
N SER A 166 -42.43 14.57 24.44
CA SER A 166 -41.39 14.16 25.37
C SER A 166 -41.06 15.30 26.33
N LYS A 167 -41.01 14.98 27.63
CA LYS A 167 -40.72 16.01 28.63
C LYS A 167 -39.27 16.49 28.53
N GLN A 168 -38.36 15.60 28.12
CA GLN A 168 -36.95 15.99 28.01
C GLN A 168 -36.76 17.09 26.98
N ARG A 169 -37.45 17.01 25.85
CA ARG A 169 -37.39 18.06 24.86
C ARG A 169 -38.29 19.23 25.26
N SER A 170 -38.00 20.39 24.70
CA SER A 170 -38.71 21.62 25.03
C SER A 170 -39.10 22.36 23.76
N GLU A 171 -40.04 23.29 23.91
CA GLU A 171 -40.49 24.09 22.78
C GLU A 171 -39.36 24.96 22.25
N GLY A 172 -39.36 25.18 20.94
CA GLY A 172 -38.31 25.93 20.29
C GLY A 172 -37.16 25.10 19.77
N GLU A 173 -37.16 23.80 20.04
CA GLU A 173 -36.12 22.91 19.51
C GLU A 173 -36.50 22.45 18.11
N LYS A 174 -35.55 21.81 17.44
CA LYS A 174 -35.80 21.29 16.11
C LYS A 174 -36.79 20.14 16.16
N VAL A 175 -37.33 19.79 15.00
CA VAL A 175 -38.40 18.81 14.93
C VAL A 175 -37.86 17.43 15.28
N ARG A 176 -38.57 16.73 16.15
CA ARG A 176 -38.25 15.34 16.46
C ARG A 176 -38.47 14.46 15.24
N VAL A 177 -37.68 13.39 15.14
CA VAL A 177 -37.72 12.48 14.01
C VAL A 177 -37.95 11.07 14.51
N GLY A 178 -38.92 10.37 13.93
CA GLY A 178 -39.17 8.99 14.28
C GLY A 178 -39.51 8.77 15.74
N ASP A 179 -40.30 9.68 16.31
CA ASP A 179 -40.64 9.61 17.73
C ASP A 179 -42.00 10.28 17.92
N ASP A 180 -42.51 10.21 19.15
CA ASP A 180 -43.87 10.62 19.44
C ASP A 180 -43.94 12.11 19.80
N LEU A 181 -44.82 12.85 19.13
CA LEU A 181 -45.10 14.24 19.46
C LEU A 181 -46.60 14.42 19.64
N ILE A 182 -47.05 15.68 19.79
CA ILE A 182 -48.47 15.98 19.99
C ILE A 182 -48.93 16.90 18.88
N LEU A 183 -50.10 16.63 18.32
CA LEU A 183 -50.74 17.49 17.34
C LEU A 183 -52.00 18.10 17.93
N VAL A 184 -52.11 19.43 17.85
CA VAL A 184 -53.25 20.15 18.40
C VAL A 184 -53.87 21.00 17.30
N SER A 185 -55.19 20.95 17.18
CA SER A 185 -55.90 21.78 16.22
C SER A 185 -55.77 23.25 16.61
N VAL A 186 -55.56 24.10 15.62
CA VAL A 186 -55.38 25.53 15.89
C VAL A 186 -56.68 26.15 16.39
N SER A 187 -57.79 25.87 15.70
CA SER A 187 -59.06 26.47 16.05
C SER A 187 -59.81 25.65 17.10
N SER A 188 -60.02 24.37 16.84
CA SER A 188 -60.79 23.53 17.75
C SER A 188 -60.08 23.33 19.09
N GLU A 189 -58.77 23.54 19.14
CA GLU A 189 -57.99 23.40 20.38
C GLU A 189 -58.15 22.01 20.98
N ARG A 190 -58.17 20.99 20.12
CA ARG A 190 -58.30 19.60 20.54
C ARG A 190 -57.13 18.79 20.01
N TYR A 191 -56.58 17.93 20.85
CA TYR A 191 -55.50 17.05 20.43
C TYR A 191 -56.01 16.00 19.45
N LEU A 192 -55.09 15.46 18.65
CA LEU A 192 -55.42 14.39 17.71
C LEU A 192 -55.56 13.09 18.50
N HIS A 193 -56.64 13.02 19.27
CA HIS A 193 -56.86 11.89 20.16
C HIS A 193 -57.20 10.64 19.37
N LEU A 194 -56.74 9.50 19.88
CA LEU A 194 -57.08 8.19 19.32
C LEU A 194 -58.20 7.60 20.17
N SER A 195 -59.40 7.55 19.60
CA SER A 195 -60.54 6.96 20.29
C SER A 195 -60.44 5.44 20.24
N TYR A 196 -60.61 4.80 21.39
CA TYR A 196 -60.53 3.35 21.46
C TYR A 196 -61.79 2.77 20.82
N GLY A 197 -61.61 2.06 19.71
CA GLY A 197 -62.70 1.36 19.06
C GLY A 197 -62.67 -0.11 19.40
N ASN A 198 -63.81 -0.60 19.90
CA ASN A 198 -63.89 -2.01 20.27
C ASN A 198 -63.69 -2.91 19.06
N SER A 199 -64.31 -2.56 17.93
CA SER A 199 -64.12 -3.30 16.69
C SER A 199 -62.90 -2.81 15.92
N SER A 200 -62.65 -1.51 15.93
CA SER A 200 -61.51 -0.94 15.21
C SER A 200 -61.24 0.45 15.78
N TRP A 201 -59.97 0.72 16.09
CA TRP A 201 -59.60 2.02 16.62
C TRP A 201 -59.83 3.09 15.57
N HIS A 202 -60.34 4.24 16.02
CA HIS A 202 -60.65 5.35 15.15
C HIS A 202 -60.11 6.65 15.73
N VAL A 203 -59.70 7.55 14.86
CA VAL A 203 -59.14 8.84 15.26
C VAL A 203 -60.29 9.82 15.44
N ASP A 204 -60.15 10.70 16.43
CA ASP A 204 -61.16 11.70 16.72
C ASP A 204 -60.52 12.82 17.52
N ALA A 205 -60.60 14.04 17.02
CA ALA A 205 -59.99 15.18 17.70
C ALA A 205 -60.73 15.44 19.01
N ALA A 206 -60.07 15.13 20.12
CA ALA A 206 -60.67 15.31 21.45
C ALA A 206 -59.71 16.03 22.39
N PHE A 207 -60.06 16.09 23.67
CA PHE A 207 -59.26 16.77 24.68
C PHE A 207 -58.36 15.82 25.46
N GLN A 208 -57.91 14.74 24.82
CA GLN A 208 -57.03 13.78 25.46
C GLN A 208 -55.78 13.57 24.62
N GLN A 209 -54.63 13.47 25.29
CA GLN A 209 -53.37 13.32 24.59
C GLN A 209 -53.28 11.99 23.87
N THR A 210 -52.59 11.99 22.73
CA THR A 210 -52.32 10.77 21.98
C THR A 210 -50.95 10.90 21.33
N LEU A 211 -50.11 9.89 21.49
CA LEU A 211 -48.74 9.94 21.04
C LEU A 211 -48.69 9.52 19.56
N TRP A 212 -48.17 10.40 18.71
CA TRP A 212 -48.11 10.17 17.28
C TRP A 212 -46.67 10.18 16.82
N SER A 213 -46.28 9.15 16.08
CA SER A 213 -44.92 9.02 15.56
C SER A 213 -44.89 9.33 14.07
N VAL A 214 -43.90 10.09 13.66
CA VAL A 214 -43.74 10.45 12.26
C VAL A 214 -42.81 9.44 11.59
N ALA A 215 -42.89 9.39 10.25
CA ALA A 215 -42.05 8.49 9.47
C ALA A 215 -41.60 9.16 8.19
N PRO A 216 -40.31 9.48 8.07
CA PRO A 216 -39.83 10.21 6.88
C PRO A 216 -39.76 9.31 5.65
N ILE A 217 -40.87 9.18 4.93
CA ILE A 217 -40.89 8.33 3.73
C ILE A 217 -39.93 8.87 2.67
N SER A 218 -40.00 10.18 2.41
CA SER A 218 -39.17 10.80 1.40
C SER A 218 -38.90 12.25 1.77
N SER A 219 -37.63 12.65 1.66
CA SER A 219 -37.25 14.03 1.92
C SER A 219 -37.52 14.95 0.74
N GLY A 220 -37.76 14.40 -0.44
CA GLY A 220 -38.05 15.22 -1.62
C GLY A 220 -36.87 15.88 -2.30
N SER A 221 -36.07 16.63 -1.54
CA SER A 221 -34.91 17.31 -2.13
C SER A 221 -33.88 16.31 -2.65
N GLU A 222 -33.64 15.24 -1.90
CA GLU A 222 -32.64 14.26 -2.28
C GLU A 222 -33.10 13.33 -3.41
N ALA A 223 -34.37 13.38 -3.77
CA ALA A 223 -34.87 12.54 -4.86
C ALA A 223 -34.26 12.99 -6.19
N ALA A 224 -33.91 12.01 -7.02
CA ALA A 224 -33.28 12.26 -8.31
C ALA A 224 -34.18 11.75 -9.42
N GLN A 225 -34.42 12.59 -10.42
CA GLN A 225 -35.24 12.20 -11.56
C GLN A 225 -34.52 11.15 -12.40
N GLY A 226 -35.33 10.32 -13.07
CA GLY A 226 -34.78 9.26 -13.91
C GLY A 226 -34.27 8.05 -13.16
N TYR A 227 -34.59 7.92 -11.88
CA TYR A 227 -34.16 6.77 -11.10
C TYR A 227 -35.37 6.12 -10.45
N LEU A 228 -35.30 4.80 -10.28
CA LEU A 228 -36.42 4.07 -9.71
C LEU A 228 -36.60 4.45 -8.24
N ILE A 229 -37.83 4.82 -7.89
CA ILE A 229 -38.16 5.28 -6.54
C ILE A 229 -39.25 4.40 -5.98
N GLY A 230 -39.10 3.99 -4.72
CA GLY A 230 -40.09 3.16 -4.09
C GLY A 230 -41.43 3.87 -3.94
N GLY A 231 -42.48 3.07 -3.84
CA GLY A 231 -43.82 3.61 -3.77
C GLY A 231 -44.25 4.33 -5.03
N ASP A 232 -43.99 3.74 -6.19
CA ASP A 232 -44.26 4.36 -7.47
C ASP A 232 -44.99 3.39 -8.38
N VAL A 233 -45.78 3.95 -9.29
CA VAL A 233 -46.51 3.19 -10.29
C VAL A 233 -45.82 3.37 -11.63
N LEU A 234 -45.71 2.28 -12.39
CA LEU A 234 -44.96 2.29 -13.63
C LEU A 234 -45.41 1.11 -14.48
N ARG A 235 -44.98 1.12 -15.74
CA ARG A 235 -45.24 0.01 -16.64
C ARG A 235 -44.01 -0.84 -16.88
N LEU A 236 -44.24 -2.14 -17.02
CA LEU A 236 -43.20 -3.13 -17.32
C LEU A 236 -43.29 -3.46 -18.80
N LEU A 237 -42.40 -2.89 -19.60
CA LEU A 237 -42.39 -3.11 -21.03
C LEU A 237 -41.17 -3.94 -21.40
N HIS A 238 -41.23 -4.57 -22.56
CA HIS A 238 -40.05 -5.23 -23.08
C HIS A 238 -39.23 -4.28 -23.96
N GLY A 239 -37.99 -4.68 -24.22
CA GLY A 239 -37.10 -3.86 -25.03
C GLY A 239 -37.57 -3.70 -26.47
N HIS A 240 -38.01 -4.78 -27.10
CA HIS A 240 -38.56 -4.75 -28.45
C HIS A 240 -39.99 -5.24 -28.53
N MET A 241 -40.29 -6.37 -27.89
CA MET A 241 -41.66 -6.90 -27.92
C MET A 241 -42.65 -5.92 -27.29
N ASP A 242 -42.18 -5.11 -26.33
CA ASP A 242 -42.92 -3.98 -25.76
C ASP A 242 -44.31 -4.35 -25.28
N GLU A 243 -44.49 -5.60 -24.89
CA GLU A 243 -45.79 -6.12 -24.49
C GLU A 243 -45.89 -6.07 -22.97
N CYS A 244 -46.61 -5.07 -22.46
CA CYS A 244 -46.69 -4.85 -21.03
C CYS A 244 -47.39 -6.00 -20.32
N LEU A 245 -47.03 -6.20 -19.05
CA LEU A 245 -47.62 -7.25 -18.23
C LEU A 245 -49.05 -6.86 -17.88
N THR A 246 -49.97 -7.15 -18.79
CA THR A 246 -51.36 -6.77 -18.65
C THR A 246 -52.19 -7.96 -18.18
N VAL A 247 -53.39 -7.68 -17.70
CA VAL A 247 -54.33 -8.71 -17.28
C VAL A 247 -55.64 -8.47 -18.01
N PRO A 248 -56.49 -9.49 -18.10
CA PRO A 248 -57.78 -9.30 -18.77
C PRO A 248 -58.58 -8.17 -18.13
N SER A 249 -59.32 -7.44 -18.97
CA SER A 249 -60.10 -6.30 -18.51
C SER A 249 -61.42 -6.81 -17.94
N GLY A 250 -62.35 -5.89 -17.69
CA GLY A 250 -63.64 -6.24 -17.11
C GLY A 250 -64.55 -7.02 -18.03
N GLU A 251 -64.04 -7.40 -19.21
CA GLU A 251 -64.82 -8.19 -20.14
C GLU A 251 -65.17 -9.56 -19.54
N HIS A 252 -64.23 -10.18 -18.85
CA HIS A 252 -64.49 -11.40 -18.09
C HIS A 252 -64.45 -11.10 -16.60
N GLY A 253 -64.63 -12.15 -15.80
CA GLY A 253 -64.63 -12.01 -14.36
C GLY A 253 -63.23 -11.85 -13.79
N GLU A 254 -63.19 -11.44 -12.52
CA GLU A 254 -61.91 -11.21 -11.87
C GLU A 254 -61.09 -12.49 -11.76
N GLU A 255 -61.74 -13.65 -11.69
CA GLU A 255 -61.01 -14.91 -11.70
C GLU A 255 -60.26 -15.10 -13.00
N GLN A 256 -60.82 -14.61 -14.11
CA GLN A 256 -60.08 -14.62 -15.38
C GLN A 256 -59.04 -13.52 -15.43
N ARG A 257 -59.33 -12.36 -14.83
CA ARG A 257 -58.37 -11.27 -14.80
C ARG A 257 -57.18 -11.55 -13.89
N ARG A 258 -57.25 -12.57 -13.04
CA ARG A 258 -56.18 -12.89 -12.11
C ARG A 258 -54.91 -13.36 -12.80
N THR A 259 -54.95 -13.65 -14.11
CA THR A 259 -53.79 -14.14 -14.83
C THR A 259 -53.08 -12.99 -15.53
N VAL A 260 -51.76 -12.97 -15.44
CA VAL A 260 -50.96 -11.99 -16.14
C VAL A 260 -50.55 -12.55 -17.49
N HIS A 261 -50.24 -11.66 -18.42
CA HIS A 261 -49.82 -12.04 -19.77
C HIS A 261 -49.19 -10.81 -20.41
N TYR A 262 -48.93 -10.90 -21.71
CA TYR A 262 -48.30 -9.84 -22.49
C TYR A 262 -49.18 -9.52 -23.68
N GLU A 263 -49.61 -8.25 -23.78
CA GLU A 263 -50.40 -7.76 -24.90
C GLU A 263 -49.74 -6.53 -25.47
N GLY A 264 -49.59 -6.48 -26.79
CA GLY A 264 -48.97 -5.35 -27.45
C GLY A 264 -49.97 -4.46 -28.17
N GLY A 265 -49.59 -3.22 -28.44
CA GLY A 265 -50.44 -2.30 -29.16
C GLY A 265 -50.98 -1.18 -28.31
N ALA A 266 -52.28 -0.89 -28.44
CA ALA A 266 -52.91 0.16 -27.67
C ALA A 266 -53.07 -0.21 -26.20
N VAL A 267 -52.80 -1.46 -25.83
CA VAL A 267 -52.95 -1.88 -24.44
C VAL A 267 -51.94 -1.18 -23.53
N SER A 268 -50.86 -0.66 -24.10
CA SER A 268 -49.84 0.01 -23.29
C SER A 268 -50.41 1.23 -22.56
N VAL A 269 -51.20 2.04 -23.26
CA VAL A 269 -51.73 3.26 -22.67
C VAL A 269 -52.93 3.01 -21.77
N HIS A 270 -53.48 1.80 -21.76
CA HIS A 270 -54.60 1.50 -20.89
C HIS A 270 -54.19 1.51 -19.42
N ALA A 271 -55.17 1.76 -18.55
CA ALA A 271 -54.89 1.85 -17.12
C ALA A 271 -54.70 0.49 -16.47
N ARG A 272 -54.96 -0.61 -17.18
CA ARG A 272 -54.77 -1.94 -16.62
C ARG A 272 -53.36 -2.46 -16.85
N SER A 273 -52.47 -1.66 -17.42
CA SER A 273 -51.08 -2.04 -17.64
C SER A 273 -50.14 -1.34 -16.66
N LEU A 274 -50.64 -1.03 -15.45
CA LEU A 274 -49.88 -0.27 -14.46
C LEU A 274 -49.61 -1.16 -13.25
N TRP A 275 -48.36 -1.16 -12.78
CA TRP A 275 -47.96 -1.91 -11.61
C TRP A 275 -47.35 -0.95 -10.60
N ARG A 276 -47.73 -1.10 -9.35
CA ARG A 276 -47.24 -0.26 -8.26
C ARG A 276 -46.27 -1.07 -7.40
N LEU A 277 -45.13 -0.46 -7.09
CA LEU A 277 -44.12 -1.07 -6.25
C LEU A 277 -44.31 -0.63 -4.81
N GLU A 278 -44.34 -1.59 -3.89
CA GLU A 278 -44.46 -1.31 -2.47
C GLU A 278 -43.26 -1.91 -1.75
N THR A 279 -42.50 -1.06 -1.07
CA THR A 279 -41.34 -1.55 -0.33
C THR A 279 -41.79 -2.30 0.92
N LEU A 280 -41.09 -3.40 1.23
CA LEU A 280 -41.46 -4.20 2.38
C LEU A 280 -41.37 -3.40 3.68
N ARG A 281 -40.31 -2.62 3.84
CA ARG A 281 -40.15 -1.80 5.03
C ARG A 281 -41.13 -0.63 5.00
N VAL A 282 -41.54 -0.19 6.18
CA VAL A 282 -42.52 0.89 6.29
C VAL A 282 -41.87 2.26 6.33
N ALA A 283 -40.78 2.40 7.10
CA ALA A 283 -40.08 3.67 7.17
C ALA A 283 -39.20 3.85 5.94
N TRP A 284 -39.13 5.09 5.45
CA TRP A 284 -38.31 5.43 4.29
C TRP A 284 -38.67 4.56 3.07
N SER A 285 -39.96 4.32 2.88
CA SER A 285 -40.42 3.52 1.76
C SER A 285 -40.26 4.24 0.42
N GLY A 286 -39.96 5.53 0.43
CA GLY A 286 -39.80 6.29 -0.79
C GLY A 286 -38.37 6.39 -1.25
N SER A 287 -37.51 5.54 -0.70
CA SER A 287 -36.11 5.53 -1.11
C SER A 287 -35.94 4.90 -2.48
N HIS A 288 -34.78 5.12 -3.07
CA HIS A 288 -34.48 4.53 -4.37
C HIS A 288 -34.37 3.01 -4.25
N ILE A 289 -34.95 2.31 -5.21
CA ILE A 289 -34.94 0.86 -5.20
C ILE A 289 -33.57 0.36 -5.59
N ARG A 290 -33.02 -0.57 -4.81
CA ARG A 290 -31.72 -1.15 -5.06
C ARG A 290 -31.89 -2.53 -5.69
N TRP A 291 -30.84 -2.98 -6.38
CA TRP A 291 -30.86 -4.31 -6.98
C TRP A 291 -30.95 -5.38 -5.90
N GLY A 292 -31.84 -6.34 -6.11
CA GLY A 292 -32.04 -7.41 -5.15
C GLY A 292 -32.91 -7.06 -3.97
N GLN A 293 -33.40 -5.83 -3.89
CA GLN A 293 -34.26 -5.43 -2.78
C GLN A 293 -35.66 -6.00 -2.99
N PRO A 294 -36.20 -6.75 -2.04
CA PRO A 294 -37.56 -7.29 -2.21
C PRO A 294 -38.59 -6.18 -2.24
N PHE A 295 -39.67 -6.42 -2.98
CA PHE A 295 -40.77 -5.48 -3.08
C PHE A 295 -42.04 -6.23 -3.45
N ARG A 296 -43.16 -5.50 -3.42
CA ARG A 296 -44.48 -6.03 -3.67
C ARG A 296 -45.05 -5.38 -4.92
N LEU A 297 -45.54 -6.21 -5.85
CA LEU A 297 -46.19 -5.72 -7.06
C LEU A 297 -47.70 -5.70 -6.84
N ARG A 298 -48.32 -4.55 -7.12
CA ARG A 298 -49.76 -4.41 -6.98
C ARG A 298 -50.34 -3.90 -8.28
N HIS A 299 -51.56 -4.35 -8.58
CA HIS A 299 -52.27 -3.89 -9.77
C HIS A 299 -53.24 -2.80 -9.35
N VAL A 300 -52.92 -1.55 -9.72
CA VAL A 300 -53.72 -0.42 -9.27
C VAL A 300 -55.13 -0.48 -9.82
N THR A 301 -55.33 -1.13 -10.97
CA THR A 301 -56.66 -1.20 -11.55
C THR A 301 -57.60 -2.07 -10.73
N THR A 302 -57.11 -3.23 -10.26
CA THR A 302 -57.93 -4.16 -9.50
C THR A 302 -57.60 -4.20 -8.02
N GLY A 303 -56.46 -3.66 -7.60
CA GLY A 303 -56.12 -3.64 -6.20
C GLY A 303 -55.55 -4.92 -5.65
N LYS A 304 -55.21 -5.88 -6.50
CA LYS A 304 -54.70 -7.16 -6.06
C LYS A 304 -53.18 -7.21 -6.19
N TYR A 305 -52.53 -7.88 -5.26
CA TYR A 305 -51.09 -8.05 -5.30
C TYR A 305 -50.74 -9.31 -6.07
N LEU A 306 -49.63 -9.25 -6.79
CA LEU A 306 -49.16 -10.35 -7.62
C LEU A 306 -48.31 -11.30 -6.78
N SER A 307 -48.42 -12.60 -7.07
CA SER A 307 -47.70 -13.60 -6.30
C SER A 307 -47.40 -14.80 -7.19
N LEU A 308 -46.43 -15.59 -6.76
CA LEU A 308 -45.93 -16.75 -7.48
C LEU A 308 -46.14 -18.00 -6.64
N MET A 309 -46.92 -18.94 -7.17
CA MET A 309 -46.99 -20.29 -6.63
C MET A 309 -46.24 -21.23 -7.57
N GLU A 310 -45.49 -22.16 -6.99
CA GLU A 310 -44.64 -23.05 -7.79
C GLU A 310 -45.46 -23.92 -8.73
N ASP A 311 -46.68 -24.26 -8.35
CA ASP A 311 -47.51 -25.16 -9.14
C ASP A 311 -48.27 -24.44 -10.25
N LYS A 312 -48.13 -23.13 -10.37
CA LYS A 312 -48.83 -22.38 -11.39
C LYS A 312 -47.96 -21.18 -11.81
N ASN A 313 -48.57 -20.22 -12.49
CA ASN A 313 -47.89 -19.03 -12.93
C ASN A 313 -48.25 -17.88 -11.99
N LEU A 314 -47.81 -16.66 -12.33
CA LEU A 314 -48.11 -15.51 -11.51
C LEU A 314 -49.62 -15.24 -11.48
N LEU A 315 -50.16 -15.07 -10.28
CA LEU A 315 -51.58 -14.77 -10.12
C LEU A 315 -51.76 -13.64 -9.11
N LEU A 316 -52.88 -12.94 -9.23
CA LEU A 316 -53.19 -11.80 -8.38
C LEU A 316 -54.22 -12.21 -7.33
N MET A 317 -53.93 -11.89 -6.07
CA MET A 317 -54.86 -12.12 -4.97
C MET A 317 -54.94 -10.89 -4.10
N ASP A 318 -56.03 -10.77 -3.36
CA ASP A 318 -56.25 -9.61 -2.51
C ASP A 318 -55.22 -9.57 -1.38
N LYS A 319 -55.14 -8.41 -0.72
CA LYS A 319 -54.15 -8.20 0.32
C LYS A 319 -54.39 -9.09 1.53
N GLU A 320 -55.58 -9.68 1.67
CA GLU A 320 -55.86 -10.52 2.82
C GLU A 320 -54.96 -11.75 2.84
N LYS A 321 -54.73 -12.37 1.68
CA LYS A 321 -53.92 -13.57 1.58
C LYS A 321 -52.66 -13.34 0.75
N ALA A 322 -52.11 -12.14 0.81
CA ALA A 322 -50.90 -11.80 0.07
C ALA A 322 -49.71 -11.83 1.04
N ASP A 323 -49.18 -13.04 1.26
CA ASP A 323 -48.04 -13.21 2.14
C ASP A 323 -46.76 -12.73 1.46
N VAL A 324 -45.79 -12.35 2.28
CA VAL A 324 -44.52 -11.84 1.76
C VAL A 324 -43.77 -12.93 1.01
N LYS A 325 -43.77 -14.16 1.54
CA LYS A 325 -43.02 -15.24 0.94
C LYS A 325 -43.49 -15.59 -0.47
N SER A 326 -44.71 -15.17 -0.83
CA SER A 326 -45.21 -15.39 -2.18
C SER A 326 -45.29 -14.12 -3.01
N THR A 327 -45.41 -12.95 -2.38
CA THR A 327 -45.58 -11.70 -3.09
C THR A 327 -44.30 -10.87 -3.18
N ALA A 328 -43.18 -11.39 -2.68
CA ALA A 328 -41.93 -10.64 -2.68
C ALA A 328 -41.14 -10.94 -3.95
N PHE A 329 -40.76 -9.88 -4.66
CA PHE A 329 -39.96 -9.99 -5.87
C PHE A 329 -38.87 -8.94 -5.85
N ALA A 330 -37.81 -9.19 -6.62
CA ALA A 330 -36.67 -8.29 -6.65
C ALA A 330 -36.17 -8.14 -8.09
N PHE A 331 -35.52 -7.02 -8.35
CA PHE A 331 -34.93 -6.75 -9.65
C PHE A 331 -33.47 -7.15 -9.66
N ARG A 332 -33.03 -7.75 -10.77
CA ARG A 332 -31.64 -8.17 -10.92
C ARG A 332 -31.08 -7.62 -12.21
N SER A 333 -29.83 -7.16 -12.15
CA SER A 333 -29.20 -6.59 -13.33
C SER A 333 -28.87 -7.64 -14.38
N SER A 334 -28.53 -8.86 -13.94
CA SER A 334 -28.16 -9.94 -14.84
C SER A 334 -29.10 -11.12 -14.65
N LYS A 335 -29.28 -11.89 -15.73
CA LYS A 335 -30.16 -13.05 -15.68
C LYS A 335 -29.62 -14.10 -14.70
N GLU A 336 -28.30 -14.29 -14.67
CA GLU A 336 -27.72 -15.25 -13.75
C GLU A 336 -27.88 -14.77 -12.31
N LYS A 337 -27.90 -15.74 -11.39
CA LYS A 337 -28.17 -15.48 -9.98
C LYS A 337 -26.87 -15.41 -9.21
N LEU A 338 -26.67 -14.31 -8.49
CA LEU A 338 -25.51 -14.10 -7.63
C LEU A 338 -25.96 -14.00 -6.18
N ASP A 339 -25.00 -14.08 -5.27
CA ASP A 339 -25.30 -13.97 -3.85
C ASP A 339 -25.81 -12.58 -3.50
N VAL A 340 -26.66 -12.52 -2.49
CA VAL A 340 -27.28 -11.27 -2.05
C VAL A 340 -26.51 -10.80 -0.83
N GLY A 341 -25.48 -10.00 -1.06
CA GLY A 341 -24.68 -9.40 -0.01
C GLY A 341 -24.94 -7.92 0.22
N VAL A 342 -26.03 -7.37 -0.31
CA VAL A 342 -26.32 -5.94 -0.20
C VAL A 342 -26.77 -5.61 1.21
N ARG A 343 -26.78 -4.32 1.55
CA ARG A 343 -27.24 -3.88 2.85
C ARG A 343 -28.73 -4.15 3.00
N LYS A 344 -29.11 -4.69 4.17
CA LYS A 344 -30.51 -5.03 4.39
C LYS A 344 -31.39 -3.78 4.42
N GLU A 345 -30.95 -2.73 5.10
CA GLU A 345 -31.73 -1.50 5.22
C GLU A 345 -30.79 -0.31 5.09
N VAL A 346 -31.09 0.56 4.13
CA VAL A 346 -30.32 1.79 3.91
C VAL A 346 -31.19 2.97 4.31
N ASP A 347 -30.73 3.73 5.29
CA ASP A 347 -31.48 4.89 5.76
C ASP A 347 -31.45 5.99 4.70
N GLY A 348 -32.52 6.77 4.66
CA GLY A 348 -32.62 7.83 3.68
C GLY A 348 -32.92 7.29 2.29
N MET A 349 -32.74 8.17 1.30
CA MET A 349 -32.92 7.75 -0.09
C MET A 349 -31.91 6.68 -0.48
N GLY A 350 -30.67 6.83 -0.06
CA GLY A 350 -29.65 5.85 -0.35
C GLY A 350 -29.15 5.97 -1.79
N THR A 351 -28.30 5.01 -2.14
CA THR A 351 -27.73 4.98 -3.48
C THR A 351 -28.80 4.70 -4.52
N SER A 352 -28.74 5.43 -5.63
CA SER A 352 -29.71 5.28 -6.72
C SER A 352 -29.16 4.26 -7.71
N GLU A 353 -29.41 2.98 -7.42
CA GLU A 353 -28.89 1.92 -8.27
C GLU A 353 -29.70 1.75 -9.55
N ILE A 354 -30.99 1.43 -9.41
CA ILE A 354 -31.83 1.17 -10.56
C ILE A 354 -32.32 2.49 -11.12
N LYS A 355 -32.08 2.72 -12.41
CA LYS A 355 -32.59 3.91 -13.08
C LYS A 355 -34.01 3.68 -13.57
N TYR A 356 -34.74 4.78 -13.75
CA TYR A 356 -36.10 4.72 -14.24
C TYR A 356 -36.18 4.71 -15.76
N GLY A 357 -35.14 5.18 -16.44
CA GLY A 357 -35.15 5.28 -17.88
C GLY A 357 -34.89 3.96 -18.59
N ASP A 358 -35.85 3.04 -18.49
CA ASP A 358 -35.79 1.76 -19.19
C ASP A 358 -34.53 0.98 -18.85
N SER A 359 -34.14 1.01 -17.57
CA SER A 359 -32.99 0.24 -17.13
C SER A 359 -33.32 -1.25 -17.18
N ILE A 360 -32.41 -2.03 -17.78
CA ILE A 360 -32.65 -3.46 -17.96
C ILE A 360 -32.63 -4.15 -16.61
N CYS A 361 -33.66 -4.95 -16.33
CA CYS A 361 -33.78 -5.65 -15.07
C CYS A 361 -34.51 -6.95 -15.28
N TYR A 362 -34.34 -7.87 -14.33
CA TYR A 362 -35.01 -9.16 -14.35
C TYR A 362 -35.65 -9.40 -12.99
N ILE A 363 -36.92 -9.79 -13.01
CA ILE A 363 -37.66 -10.04 -11.77
C ILE A 363 -37.44 -11.49 -11.35
N GLN A 364 -37.05 -11.68 -10.09
CA GLN A 364 -36.79 -12.99 -9.53
C GLN A 364 -37.46 -13.10 -8.18
N HIS A 365 -38.16 -14.20 -7.94
CA HIS A 365 -38.83 -14.41 -6.66
C HIS A 365 -37.80 -14.82 -5.61
N VAL A 366 -37.98 -14.31 -4.39
CA VAL A 366 -37.01 -14.59 -3.33
C VAL A 366 -37.09 -16.04 -2.88
N ASP A 367 -38.27 -16.65 -2.93
CA ASP A 367 -38.43 -17.99 -2.39
C ASP A 367 -37.84 -19.04 -3.32
N THR A 368 -38.38 -19.15 -4.53
CA THR A 368 -37.95 -20.18 -5.46
C THR A 368 -36.82 -19.75 -6.38
N GLY A 369 -36.57 -18.45 -6.50
CA GLY A 369 -35.47 -17.97 -7.33
C GLY A 369 -35.63 -18.25 -8.81
N LEU A 370 -36.86 -18.14 -9.33
CA LEU A 370 -37.09 -18.34 -10.75
C LEU A 370 -36.80 -17.05 -11.51
N TRP A 371 -37.09 -17.04 -12.81
CA TRP A 371 -36.84 -15.90 -13.66
C TRP A 371 -37.95 -15.78 -14.70
N LEU A 372 -38.05 -14.59 -15.30
CA LEU A 372 -39.11 -14.34 -16.26
C LEU A 372 -38.84 -15.06 -17.57
N THR A 373 -39.90 -15.61 -18.16
CA THR A 373 -39.82 -16.35 -19.41
C THR A 373 -40.98 -15.94 -20.30
N TYR A 374 -40.71 -15.78 -21.59
CA TYR A 374 -41.72 -15.40 -22.56
C TYR A 374 -41.67 -16.35 -23.75
N GLN A 375 -42.83 -16.55 -24.39
CA GLN A 375 -42.92 -17.45 -25.52
C GLN A 375 -44.17 -17.17 -26.35
N ILE A 387 -51.14 -8.85 -29.35
CA ILE A 387 -50.60 -10.19 -29.17
C ILE A 387 -51.05 -10.76 -27.84
N GLN A 388 -50.77 -12.05 -27.63
CA GLN A 388 -51.12 -12.74 -26.39
C GLN A 388 -49.96 -13.68 -26.06
N ARG A 389 -49.03 -13.23 -25.22
CA ARG A 389 -47.87 -14.02 -24.84
C ARG A 389 -47.98 -14.39 -23.37
N LYS A 390 -47.91 -15.68 -23.07
CA LYS A 390 -48.00 -16.12 -21.68
C LYS A 390 -46.71 -15.79 -20.95
N ALA A 391 -46.84 -15.19 -19.76
CA ALA A 391 -45.68 -14.80 -18.97
C ALA A 391 -45.28 -15.96 -18.07
N ILE A 392 -44.57 -16.92 -18.66
CA ILE A 392 -44.13 -18.10 -17.93
C ILE A 392 -43.02 -17.71 -16.95
N MET A 393 -43.01 -18.34 -15.78
CA MET A 393 -42.07 -18.04 -14.71
C MET A 393 -41.18 -19.26 -14.53
N HIS A 394 -40.08 -19.33 -15.27
CA HIS A 394 -39.21 -20.49 -15.24
C HIS A 394 -37.75 -20.05 -15.09
N HIS A 395 -36.96 -20.88 -14.41
CA HIS A 395 -35.65 -20.44 -13.94
C HIS A 395 -34.69 -20.14 -15.09
N GLU A 396 -34.70 -20.94 -16.16
CA GLU A 396 -33.77 -20.67 -17.25
C GLU A 396 -34.10 -19.38 -17.97
N GLY A 397 -35.32 -18.87 -17.84
CA GLY A 397 -35.65 -17.59 -18.40
C GLY A 397 -35.65 -17.61 -19.92
N HIS A 398 -34.99 -16.63 -20.51
CA HIS A 398 -34.91 -16.51 -21.96
C HIS A 398 -33.71 -15.64 -22.29
N MET A 399 -33.30 -15.69 -23.56
CA MET A 399 -32.15 -14.90 -24.00
C MET A 399 -32.42 -13.40 -23.87
N ASP A 400 -33.62 -12.96 -24.24
CA ASP A 400 -34.00 -11.55 -24.17
C ASP A 400 -35.13 -11.39 -23.15
N ASP A 401 -34.76 -10.95 -21.94
CA ASP A 401 -35.74 -10.71 -20.88
C ASP A 401 -35.57 -9.34 -20.26
N GLY A 402 -35.00 -8.38 -20.98
CA GLY A 402 -34.85 -7.04 -20.46
C GLY A 402 -36.19 -6.37 -20.27
N LEU A 403 -36.26 -5.53 -19.24
CA LEU A 403 -37.47 -4.81 -18.89
C LEU A 403 -37.21 -3.32 -18.92
N ASN A 404 -38.19 -2.58 -19.43
CA ASN A 404 -38.15 -1.13 -19.51
C ASN A 404 -39.21 -0.58 -18.56
N LEU A 405 -38.84 0.44 -17.81
CA LEU A 405 -39.72 1.07 -16.84
C LEU A 405 -40.27 2.36 -17.41
N SER A 406 -41.59 2.45 -17.53
CA SER A 406 -42.26 3.64 -18.03
C SER A 406 -42.93 4.36 -16.88
N ARG A 407 -42.64 5.66 -16.74
CA ARG A 407 -43.11 6.44 -15.61
C ARG A 407 -44.63 6.54 -15.57
N SER A 408 -45.28 6.45 -16.73
CA SER A 408 -46.71 6.76 -16.87
C SER A 408 -46.90 8.21 -16.44
N GLN A 409 -48.05 8.53 -15.85
CA GLN A 409 -48.35 9.89 -15.44
C GLN A 409 -48.98 9.87 -14.05
N HIS A 410 -48.75 10.95 -13.30
CA HIS A 410 -49.40 11.08 -12.01
C HIS A 410 -50.91 11.19 -12.17
N GLU A 411 -51.37 11.93 -13.19
CA GLU A 411 -52.79 12.00 -13.47
C GLU A 411 -53.34 10.63 -13.85
N GLU A 412 -52.58 9.86 -14.64
CA GLU A 412 -53.01 8.51 -14.97
C GLU A 412 -53.12 7.63 -13.73
N SER A 413 -52.16 7.78 -12.81
CA SER A 413 -52.18 6.99 -11.58
C SER A 413 -53.39 7.31 -10.72
N ARG A 414 -53.66 8.60 -10.50
CA ARG A 414 -54.80 8.96 -9.69
C ARG A 414 -56.11 8.58 -10.38
N THR A 415 -56.15 8.68 -11.71
CA THR A 415 -57.33 8.24 -12.45
C THR A 415 -57.55 6.74 -12.28
N ALA A 416 -56.48 5.95 -12.33
CA ALA A 416 -56.61 4.51 -12.14
C ALA A 416 -57.10 4.18 -10.74
N ARG A 417 -56.58 4.87 -9.73
CA ARG A 417 -57.04 4.61 -8.37
C ARG A 417 -58.51 5.01 -8.21
N VAL A 418 -58.91 6.13 -8.81
CA VAL A 418 -60.31 6.53 -8.79
C VAL A 418 -61.18 5.48 -9.48
N ILE A 419 -60.69 4.94 -10.60
CA ILE A 419 -61.44 3.90 -11.29
C ILE A 419 -61.62 2.68 -10.40
N ARG A 420 -60.56 2.26 -9.72
CA ARG A 420 -60.67 1.09 -8.84
C ARG A 420 -61.66 1.35 -7.71
N SER A 421 -61.55 2.51 -7.06
CA SER A 421 -62.46 2.80 -5.95
C SER A 421 -63.90 2.87 -6.43
N THR A 422 -64.14 3.53 -7.56
CA THR A 422 -65.50 3.65 -8.07
C THR A 422 -66.06 2.31 -8.49
N VAL A 423 -65.26 1.46 -9.14
CA VAL A 423 -65.78 0.17 -9.56
C VAL A 423 -66.09 -0.70 -8.34
N PHE A 424 -65.25 -0.63 -7.30
CA PHE A 424 -65.54 -1.35 -6.07
C PHE A 424 -66.85 -0.89 -5.46
N LEU A 425 -67.02 0.43 -5.31
CA LEU A 425 -68.23 0.96 -4.69
C LEU A 425 -69.46 0.62 -5.52
N PHE A 426 -69.37 0.76 -6.84
CA PHE A 426 -70.51 0.48 -7.70
C PHE A 426 -70.86 -1.00 -7.69
N ASN A 427 -69.84 -1.87 -7.65
CA ASN A 427 -70.11 -3.32 -7.60
C ASN A 427 -70.81 -3.69 -6.30
N ARG A 428 -70.33 -3.19 -5.16
CA ARG A 428 -70.99 -3.54 -3.92
C ARG A 428 -72.41 -2.96 -3.85
N PHE A 429 -72.58 -1.72 -4.33
CA PHE A 429 -73.92 -1.13 -4.37
C PHE A 429 -74.85 -1.94 -5.25
N ILE A 430 -74.39 -2.35 -6.43
CA ILE A 430 -75.22 -3.11 -7.35
C ILE A 430 -75.59 -4.47 -6.78
N ARG A 431 -74.61 -5.16 -6.17
CA ARG A 431 -74.90 -6.45 -5.58
C ARG A 431 -75.91 -6.32 -4.45
N GLY A 432 -75.75 -5.32 -3.58
CA GLY A 432 -76.71 -5.13 -2.51
C GLY A 432 -78.10 -4.79 -3.03
N LEU A 433 -78.18 -3.91 -4.02
CA LEU A 433 -79.46 -3.51 -4.58
C LEU A 433 -80.16 -4.70 -5.24
N ASP A 434 -79.41 -5.49 -6.01
CA ASP A 434 -80.00 -6.66 -6.66
C ASP A 434 -80.46 -7.68 -5.64
N ALA A 435 -79.66 -7.91 -4.59
CA ALA A 435 -80.06 -8.85 -3.55
C ALA A 435 -81.34 -8.38 -2.86
N LEU A 436 -81.43 -7.08 -2.56
CA LEU A 436 -82.63 -6.56 -1.94
C LEU A 436 -83.84 -6.69 -2.87
N SER A 437 -83.64 -6.41 -4.17
CA SER A 437 -84.76 -6.43 -5.10
C SER A 437 -85.28 -7.84 -5.32
N LYS A 438 -84.39 -8.84 -5.42
CA LYS A 438 -84.82 -10.19 -5.76
C LYS A 438 -85.12 -11.05 -4.54
N LYS A 439 -84.59 -10.69 -3.37
CA LYS A 439 -84.80 -11.48 -2.16
C LYS A 439 -84.95 -10.55 -0.97
N VAL A 440 -85.58 -11.08 0.10
CA VAL A 440 -85.74 -10.34 1.34
C VAL A 440 -85.10 -11.14 2.47
N LYS A 441 -84.10 -11.95 2.12
CA LYS A 441 -83.46 -12.82 3.10
C LYS A 441 -82.74 -12.03 4.17
N LEU A 442 -81.91 -11.07 3.76
CA LEU A 442 -81.08 -10.31 4.70
C LEU A 442 -81.49 -8.85 4.71
N PRO A 443 -82.13 -8.36 5.78
CA PRO A 443 -82.41 -6.92 5.87
C PRO A 443 -81.15 -6.06 5.87
N THR A 444 -80.06 -6.57 6.41
CA THR A 444 -78.79 -5.84 6.43
C THR A 444 -78.19 -5.87 5.03
N ILE A 445 -78.22 -4.74 4.33
CA ILE A 445 -77.74 -4.63 2.97
C ILE A 445 -76.70 -3.52 2.89
N ASP A 446 -75.64 -3.76 2.13
CA ASP A 446 -74.56 -2.78 1.97
C ASP A 446 -74.94 -1.79 0.87
N LEU A 447 -75.79 -0.83 1.25
CA LEU A 447 -76.24 0.24 0.36
C LEU A 447 -75.79 1.57 0.95
N PRO A 448 -74.56 1.98 0.67
CA PRO A 448 -74.07 3.28 1.17
C PRO A 448 -74.58 4.44 0.31
N ILE A 449 -75.80 4.87 0.62
CA ILE A 449 -76.45 5.91 -0.19
C ILE A 449 -75.68 7.22 -0.10
N GLU A 450 -75.34 7.65 1.11
CA GLU A 450 -74.61 8.90 1.26
C GLU A 450 -73.23 8.80 0.64
N SER A 451 -72.55 7.66 0.83
CA SER A 451 -71.22 7.50 0.26
C SER A 451 -71.26 7.53 -1.26
N VAL A 452 -72.22 6.83 -1.87
CA VAL A 452 -72.30 6.80 -3.32
C VAL A 452 -72.70 8.16 -3.87
N SER A 453 -73.56 8.89 -3.15
CA SER A 453 -73.92 10.24 -3.59
C SER A 453 -72.71 11.15 -3.56
N LEU A 454 -71.93 11.11 -2.48
CA LEU A 454 -70.71 11.91 -2.40
C LEU A 454 -69.73 11.52 -3.50
N SER A 455 -69.58 10.22 -3.74
CA SER A 455 -68.67 9.78 -4.80
C SER A 455 -69.13 10.27 -6.16
N LEU A 456 -70.43 10.24 -6.42
CA LEU A 456 -70.94 10.74 -7.70
C LEU A 456 -70.69 12.24 -7.85
N GLN A 457 -70.91 13.01 -6.78
CA GLN A 457 -70.64 14.44 -6.85
C GLN A 457 -69.15 14.71 -7.10
N ASP A 458 -68.28 13.99 -6.40
CA ASP A 458 -66.84 14.17 -6.61
C ASP A 458 -66.45 13.79 -8.03
N LEU A 459 -67.02 12.72 -8.57
CA LEU A 459 -66.66 12.27 -9.90
C LEU A 459 -67.18 13.23 -10.96
N ILE A 460 -68.38 13.80 -10.75
CA ILE A 460 -68.90 14.81 -11.66
C ILE A 460 -68.00 16.05 -11.65
N GLY A 461 -67.58 16.49 -10.47
CA GLY A 461 -66.64 17.59 -10.41
C GLY A 461 -65.32 17.25 -11.08
N TYR A 462 -64.89 16.00 -10.96
CA TYR A 462 -63.65 15.56 -11.59
C TYR A 462 -63.75 15.61 -13.11
N PHE A 463 -64.91 15.25 -13.65
CA PHE A 463 -65.15 15.26 -15.09
C PHE A 463 -65.76 16.57 -15.58
N HIS A 464 -65.86 17.58 -14.72
CA HIS A 464 -66.43 18.84 -15.12
C HIS A 464 -65.58 19.49 -16.22
N PRO A 465 -66.20 19.97 -17.29
CA PRO A 465 -65.40 20.57 -18.37
C PRO A 465 -64.73 21.85 -17.92
N PRO A 466 -63.57 22.18 -18.47
CA PRO A 466 -62.85 23.38 -18.03
C PRO A 466 -63.56 24.64 -18.49
N ASP A 467 -63.29 25.73 -17.75
CA ASP A 467 -63.86 27.02 -18.08
C ASP A 467 -63.25 27.54 -19.37
N GLU A 468 -64.10 28.18 -20.19
CA GLU A 468 -63.66 28.73 -21.48
C GLU A 468 -63.03 30.11 -21.35
N HIS A 469 -63.09 30.72 -20.18
CA HIS A 469 -62.51 32.05 -19.97
C HIS A 469 -61.06 31.99 -19.48
N LEU A 470 -60.48 30.80 -19.37
CA LEU A 470 -59.10 30.66 -18.92
C LEU A 470 -58.15 30.96 -20.07
N GLU A 471 -56.85 30.83 -19.78
CA GLU A 471 -55.85 31.00 -20.82
C GLU A 471 -55.95 29.88 -21.85
N HIS A 472 -55.49 30.17 -23.06
CA HIS A 472 -55.61 29.20 -24.15
C HIS A 472 -54.85 27.93 -23.85
N GLU A 473 -53.58 28.06 -23.45
CA GLU A 473 -52.77 26.88 -23.18
C GLU A 473 -53.31 26.08 -22.00
N ASP A 474 -53.72 26.76 -20.93
CA ASP A 474 -54.27 26.07 -19.77
C ASP A 474 -55.56 25.33 -20.14
N LYS A 475 -56.42 25.99 -20.93
CA LYS A 475 -57.66 25.35 -21.35
C LYS A 475 -57.37 24.13 -22.22
N GLN A 476 -56.40 24.24 -23.12
CA GLN A 476 -56.04 23.09 -23.95
C GLN A 476 -55.52 21.94 -23.11
N ASN A 477 -54.68 22.24 -22.11
CA ASN A 477 -54.17 21.20 -21.23
C ASN A 477 -55.30 20.53 -20.45
N ARG A 478 -56.24 21.32 -19.93
CA ARG A 478 -57.34 20.75 -19.18
C ARG A 478 -58.24 19.90 -20.08
N LEU A 479 -58.48 20.35 -21.31
CA LEU A 479 -59.26 19.55 -22.25
C LEU A 479 -58.56 18.24 -22.56
N ARG A 480 -57.25 18.29 -22.75
CA ARG A 480 -56.49 17.07 -23.01
C ARG A 480 -56.57 16.12 -21.81
N ALA A 481 -56.45 16.65 -20.60
CA ALA A 481 -56.55 15.81 -19.41
C ALA A 481 -57.93 15.18 -19.30
N LEU A 482 -58.98 15.97 -19.55
CA LEU A 482 -60.33 15.43 -19.48
C LEU A 482 -60.56 14.35 -20.53
N LYS A 483 -60.04 14.55 -21.74
CA LYS A 483 -60.16 13.53 -22.77
C LYS A 483 -59.41 12.26 -22.37
N ASN A 484 -58.24 12.41 -21.77
CA ASN A 484 -57.49 11.24 -21.32
C ASN A 484 -58.26 10.49 -20.23
N ARG A 485 -58.87 11.23 -19.30
CA ARG A 485 -59.66 10.57 -18.26
C ARG A 485 -60.84 9.82 -18.84
N GLN A 486 -61.54 10.44 -19.79
CA GLN A 486 -62.67 9.76 -20.43
C GLN A 486 -62.20 8.51 -21.17
N ASN A 487 -61.05 8.60 -21.86
CA ASN A 487 -60.53 7.44 -22.57
C ASN A 487 -60.19 6.31 -21.60
N LEU A 488 -59.55 6.64 -20.48
CA LEU A 488 -59.22 5.62 -19.50
C LEU A 488 -60.48 4.98 -18.92
N PHE A 489 -61.49 5.78 -18.62
CA PHE A 489 -62.73 5.22 -18.10
C PHE A 489 -63.40 4.30 -19.11
N GLN A 490 -63.39 4.70 -20.39
CA GLN A 490 -63.96 3.85 -21.42
C GLN A 490 -63.19 2.54 -21.56
N GLU A 491 -61.85 2.61 -21.53
CA GLU A 491 -61.05 1.40 -21.63
C GLU A 491 -61.30 0.47 -20.46
N GLU A 492 -61.46 1.02 -19.25
CA GLU A 492 -61.78 0.21 -18.09
C GLU A 492 -63.25 -0.16 -18.00
N GLY A 493 -64.09 0.35 -18.90
CA GLY A 493 -65.48 -0.05 -18.96
C GLY A 493 -66.31 0.41 -17.79
N MET A 494 -66.11 1.64 -17.33
CA MET A 494 -66.98 2.18 -16.29
C MET A 494 -68.36 2.50 -16.81
N ILE A 495 -68.48 2.82 -18.10
CA ILE A 495 -69.76 3.25 -18.65
C ILE A 495 -70.78 2.13 -18.58
N ASN A 496 -70.39 0.91 -18.91
CA ASN A 496 -71.32 -0.22 -18.83
C ASN A 496 -71.80 -0.43 -17.41
N LEU A 497 -70.91 -0.26 -16.43
CA LEU A 497 -71.31 -0.40 -15.04
C LEU A 497 -72.28 0.71 -14.63
N VAL A 498 -72.05 1.93 -15.12
CA VAL A 498 -72.97 3.02 -14.86
C VAL A 498 -74.35 2.70 -15.43
N LEU A 499 -74.39 2.20 -16.67
CA LEU A 499 -75.68 1.79 -17.24
C LEU A 499 -76.32 0.68 -16.44
N GLU A 500 -75.53 -0.26 -15.92
CA GLU A 500 -76.08 -1.35 -15.13
C GLU A 500 -76.74 -0.85 -13.86
N CYS A 501 -76.07 0.05 -13.13
CA CYS A 501 -76.67 0.56 -11.90
C CYS A 501 -77.85 1.47 -12.21
N ILE A 502 -77.81 2.19 -13.33
CA ILE A 502 -78.96 2.99 -13.73
C ILE A 502 -80.16 2.10 -14.01
N ASP A 503 -79.94 0.97 -14.68
CA ASP A 503 -81.02 0.01 -14.90
C ASP A 503 -81.55 -0.52 -13.58
N ARG A 504 -80.65 -0.84 -12.65
CA ARG A 504 -81.09 -1.36 -11.36
C ARG A 504 -81.95 -0.35 -10.61
N LEU A 505 -81.56 0.93 -10.65
CA LEU A 505 -82.40 1.96 -10.04
C LEU A 505 -83.73 2.11 -10.77
N HIS A 506 -83.71 2.04 -12.10
CA HIS A 506 -84.92 2.19 -12.88
C HIS A 506 -85.88 1.03 -12.70
N VAL A 507 -85.39 -0.10 -12.19
CA VAL A 507 -86.29 -1.22 -11.88
C VAL A 507 -87.41 -0.77 -10.96
N TYR A 508 -87.08 0.00 -9.93
CA TYR A 508 -88.10 0.54 -9.05
C TYR A 508 -88.98 1.53 -9.78
N SER A 509 -90.28 1.46 -9.53
CA SER A 509 -91.24 2.28 -10.29
C SER A 509 -91.16 3.75 -9.91
N SER A 510 -91.11 4.05 -8.61
CA SER A 510 -91.19 5.43 -8.16
C SER A 510 -90.36 5.62 -6.90
N ALA A 511 -90.15 6.88 -6.54
CA ALA A 511 -89.36 7.22 -5.36
C ALA A 511 -89.99 6.67 -4.09
N ALA A 512 -91.32 6.81 -3.96
CA ALA A 512 -91.99 6.28 -2.78
C ALA A 512 -91.91 4.76 -2.73
N HIS A 513 -92.02 4.11 -3.89
CA HIS A 513 -91.89 2.65 -3.94
C HIS A 513 -90.51 2.21 -3.46
N PHE A 514 -89.46 2.82 -4.02
CA PHE A 514 -88.11 2.43 -3.61
C PHE A 514 -87.86 2.82 -2.15
N ALA A 515 -88.54 3.87 -1.67
CA ALA A 515 -88.40 4.26 -0.27
C ALA A 515 -88.98 3.20 0.66
N ASP A 516 -90.18 2.71 0.35
CA ASP A 516 -90.74 1.64 1.18
C ASP A 516 -89.97 0.35 1.01
N VAL A 517 -89.28 0.16 -0.12
CA VAL A 517 -88.44 -1.03 -0.27
C VAL A 517 -87.20 -0.93 0.61
N ALA A 518 -86.53 0.21 0.59
CA ALA A 518 -85.18 0.32 1.16
C ALA A 518 -85.05 1.56 2.04
N GLY A 519 -86.00 1.79 2.93
CA GLY A 519 -85.90 2.88 3.87
C GLY A 519 -86.22 4.23 3.23
N ARG A 520 -86.61 5.18 4.09
CA ARG A 520 -87.07 6.47 3.60
C ARG A 520 -85.94 7.31 3.02
N GLU A 521 -84.76 7.28 3.65
CA GLU A 521 -83.65 8.11 3.19
C GLU A 521 -83.20 7.70 1.79
N ALA A 522 -83.09 6.40 1.54
CA ALA A 522 -82.68 5.95 0.22
C ALA A 522 -83.70 6.34 -0.84
N GLY A 523 -84.99 6.23 -0.52
CA GLY A 523 -86.01 6.66 -1.46
C GLY A 523 -85.96 8.15 -1.73
N GLU A 524 -85.66 8.94 -0.69
CA GLU A 524 -85.52 10.37 -0.87
C GLU A 524 -84.35 10.70 -1.79
N SER A 525 -83.24 9.99 -1.62
CA SER A 525 -82.04 10.25 -2.43
C SER A 525 -82.05 9.49 -3.76
N TRP A 526 -83.08 8.70 -4.03
CA TRP A 526 -83.11 7.90 -5.26
C TRP A 526 -83.05 8.77 -6.50
N LYS A 527 -83.88 9.81 -6.57
CA LYS A 527 -83.88 10.67 -7.76
C LYS A 527 -82.59 11.47 -7.87
N SER A 528 -82.01 11.87 -6.73
CA SER A 528 -80.73 12.57 -6.76
C SER A 528 -79.63 11.67 -7.32
N ILE A 529 -79.60 10.41 -6.88
CA ILE A 529 -78.60 9.47 -7.40
C ILE A 529 -78.82 9.23 -8.88
N LEU A 530 -80.07 9.12 -9.31
CA LEU A 530 -80.34 8.91 -10.73
C LEU A 530 -79.86 10.09 -11.56
N ASN A 531 -80.16 11.32 -11.11
CA ASN A 531 -79.69 12.49 -11.84
C ASN A 531 -78.18 12.56 -11.86
N SER A 532 -77.53 12.24 -10.74
CA SER A 532 -76.08 12.25 -10.70
C SER A 532 -75.49 11.24 -11.67
N LEU A 533 -76.08 10.04 -11.72
CA LEU A 533 -75.61 9.01 -12.66
C LEU A 533 -75.77 9.46 -14.10
N TYR A 534 -76.91 10.09 -14.42
CA TYR A 534 -77.11 10.53 -15.80
C TYR A 534 -76.15 11.64 -16.18
N GLU A 535 -75.93 12.61 -15.27
CA GLU A 535 -74.94 13.65 -15.54
C GLU A 535 -73.54 13.05 -15.68
N LEU A 536 -73.21 12.06 -14.87
CA LEU A 536 -71.91 11.41 -14.97
C LEU A 536 -71.75 10.73 -16.32
N LEU A 537 -72.77 10.01 -16.77
CA LEU A 537 -72.69 9.35 -18.07
C LEU A 537 -72.56 10.37 -19.20
N ALA A 538 -73.31 11.47 -19.10
CA ALA A 538 -73.19 12.52 -20.11
C ALA A 538 -71.78 13.11 -20.12
N ALA A 539 -71.20 13.33 -18.95
CA ALA A 539 -69.84 13.83 -18.88
C ALA A 539 -68.85 12.84 -19.48
N LEU A 540 -69.04 11.55 -19.20
CA LEU A 540 -68.12 10.54 -19.73
C LEU A 540 -68.15 10.50 -21.25
N ILE A 541 -69.35 10.48 -21.83
CA ILE A 541 -69.43 10.32 -23.28
C ILE A 541 -69.22 11.63 -24.02
N ARG A 542 -69.45 12.77 -23.38
CA ARG A 542 -69.35 14.05 -24.05
C ARG A 542 -67.90 14.47 -24.20
N GLY A 543 -67.58 15.03 -25.36
CA GLY A 543 -66.25 15.57 -25.59
C GLY A 543 -65.46 14.85 -26.66
N ASN A 544 -65.56 13.53 -26.69
CA ASN A 544 -64.83 12.72 -27.66
C ASN A 544 -65.80 11.90 -28.49
N ARG A 545 -65.29 11.37 -29.61
CA ARG A 545 -66.12 10.65 -30.56
C ARG A 545 -66.15 9.15 -30.32
N LYS A 546 -65.07 8.58 -29.80
CA LYS A 546 -65.03 7.13 -29.63
C LYS A 546 -66.06 6.65 -28.60
N ASN A 547 -66.18 7.36 -27.48
CA ASN A 547 -67.15 6.97 -26.47
C ASN A 547 -68.57 7.06 -27.01
N CYS A 548 -68.87 8.12 -27.77
CA CYS A 548 -70.19 8.24 -28.37
C CYS A 548 -70.43 7.11 -29.38
N ALA A 549 -69.41 6.75 -30.15
CA ALA A 549 -69.55 5.65 -31.10
C ALA A 549 -69.87 4.34 -30.40
N GLN A 550 -69.18 4.06 -29.29
CA GLN A 550 -69.47 2.85 -28.53
C GLN A 550 -70.86 2.90 -27.91
N PHE A 551 -71.26 4.07 -27.42
CA PHE A 551 -72.57 4.20 -26.78
C PHE A 551 -73.71 4.21 -27.79
N SER A 552 -73.41 4.37 -29.06
CA SER A 552 -74.44 4.29 -30.10
C SER A 552 -75.20 2.98 -30.01
N GLY A 553 -74.51 1.89 -29.70
CA GLY A 553 -75.19 0.61 -29.53
C GLY A 553 -76.19 0.63 -28.39
N SER A 554 -75.88 1.36 -27.32
CA SER A 554 -76.78 1.46 -26.17
C SER A 554 -77.77 2.60 -26.28
N LEU A 555 -77.74 3.36 -27.39
CA LEU A 555 -78.70 4.45 -27.55
C LEU A 555 -80.14 3.96 -27.51
N ASP A 556 -80.39 2.71 -27.91
CA ASP A 556 -81.76 2.22 -27.96
C ASP A 556 -82.40 2.19 -26.57
N TRP A 557 -81.62 1.89 -25.54
CA TRP A 557 -82.17 1.84 -24.19
C TRP A 557 -82.59 3.22 -23.71
N LEU A 558 -81.81 4.25 -24.05
CA LEU A 558 -82.20 5.62 -23.74
C LEU A 558 -83.59 5.92 -24.27
N ILE A 559 -83.81 5.65 -25.56
CA ILE A 559 -85.10 5.95 -26.19
C ILE A 559 -86.19 5.08 -25.61
N SER A 560 -85.87 3.83 -25.25
CA SER A 560 -86.87 2.96 -24.65
C SER A 560 -87.36 3.50 -23.31
N ARG A 561 -86.44 4.01 -22.49
CA ARG A 561 -86.79 4.56 -21.19
C ARG A 561 -86.97 6.07 -21.21
N LEU A 562 -87.12 6.65 -22.41
CA LEU A 562 -87.19 8.10 -22.53
C LEU A 562 -88.39 8.70 -21.82
N GLU A 563 -89.45 7.93 -21.63
CA GLU A 563 -90.72 8.44 -21.12
C GLU A 563 -90.89 8.23 -19.62
N ARG A 564 -89.80 8.02 -18.88
CA ARG A 564 -89.91 7.75 -17.45
C ARG A 564 -90.36 8.97 -16.66
N LEU A 565 -90.27 10.17 -17.25
CA LEU A 565 -90.82 11.41 -16.69
C LEU A 565 -89.99 11.89 -15.50
N GLU A 566 -89.06 11.07 -15.04
CA GLU A 566 -88.15 11.47 -13.98
C GLU A 566 -86.69 11.51 -14.41
N ALA A 567 -86.29 10.68 -15.37
CA ALA A 567 -84.97 10.73 -15.97
C ALA A 567 -85.01 11.31 -17.38
N SER A 568 -86.12 11.95 -17.74
CA SER A 568 -86.30 12.43 -19.10
C SER A 568 -85.26 13.49 -19.46
N SER A 569 -85.01 14.43 -18.55
CA SER A 569 -84.04 15.48 -18.84
C SER A 569 -82.64 14.90 -19.02
N GLY A 570 -82.25 13.97 -18.15
CA GLY A 570 -80.94 13.36 -18.27
C GLY A 570 -80.80 12.57 -19.56
N ILE A 571 -81.81 11.78 -19.91
CA ILE A 571 -81.75 11.00 -21.14
C ILE A 571 -81.68 11.91 -22.34
N LEU A 572 -82.45 12.99 -22.33
CA LEU A 572 -82.43 13.94 -23.44
C LEU A 572 -81.06 14.60 -23.57
N GLU A 573 -80.45 14.98 -22.45
CA GLU A 573 -79.12 15.57 -22.50
C GLU A 573 -78.10 14.58 -23.06
N VAL A 574 -78.17 13.33 -22.60
CA VAL A 574 -77.24 12.31 -23.09
C VAL A 574 -77.42 12.10 -24.58
N LEU A 575 -78.67 12.02 -25.04
CA LEU A 575 -78.93 11.82 -26.47
C LEU A 575 -78.41 12.99 -27.28
N HIS A 576 -78.64 14.22 -26.81
CA HIS A 576 -78.15 15.39 -27.53
C HIS A 576 -76.63 15.37 -27.62
N CYS A 577 -75.96 15.06 -26.50
CA CYS A 577 -74.50 15.12 -26.50
C CYS A 577 -73.87 13.96 -27.24
N VAL A 578 -74.59 12.87 -27.47
CA VAL A 578 -74.04 11.80 -28.29
C VAL A 578 -74.29 12.03 -29.78
N LEU A 579 -75.48 12.53 -30.14
CA LEU A 579 -75.74 12.80 -31.56
C LEU A 579 -75.02 14.03 -32.09
N VAL A 580 -74.69 15.00 -31.23
CA VAL A 580 -73.93 16.14 -31.72
C VAL A 580 -72.52 15.72 -32.12
N GLU A 581 -71.99 14.67 -31.48
CA GLU A 581 -70.61 14.27 -31.67
C GLU A 581 -70.44 13.12 -32.66
N SER A 582 -71.26 12.07 -32.56
CA SER A 582 -71.05 10.89 -33.36
C SER A 582 -72.05 10.81 -34.50
N PRO A 583 -71.64 11.00 -35.76
CA PRO A 583 -72.56 10.76 -36.87
C PRO A 583 -73.03 9.31 -36.95
N GLU A 584 -72.21 8.36 -36.53
CA GLU A 584 -72.61 6.96 -36.54
C GLU A 584 -73.80 6.73 -35.62
N ALA A 585 -73.81 7.39 -34.45
CA ALA A 585 -74.95 7.27 -33.54
C ALA A 585 -76.22 7.80 -34.18
N LEU A 586 -76.12 8.92 -34.90
CA LEU A 586 -77.28 9.46 -35.60
C LEU A 586 -77.73 8.53 -36.72
N ASN A 587 -76.79 7.82 -37.34
CA ASN A 587 -77.12 6.99 -38.49
C ASN A 587 -78.13 5.90 -38.15
N ILE A 588 -78.15 5.44 -36.89
CA ILE A 588 -79.02 4.34 -36.49
C ILE A 588 -80.32 4.83 -35.86
N ILE A 589 -80.58 6.14 -35.89
CA ILE A 589 -81.84 6.67 -35.38
C ILE A 589 -82.94 6.39 -36.39
N LYS A 590 -84.06 5.85 -35.92
CA LYS A 590 -85.12 5.36 -36.77
C LYS A 590 -86.40 6.16 -36.58
N GLU A 591 -87.40 5.81 -37.40
CA GLU A 591 -88.68 6.51 -37.37
C GLU A 591 -89.37 6.32 -36.03
N GLY A 592 -89.30 5.12 -35.46
CA GLY A 592 -89.88 4.90 -34.15
C GLY A 592 -89.27 5.79 -33.09
N HIS A 593 -87.94 5.94 -33.11
CA HIS A 593 -87.28 6.81 -32.15
C HIS A 593 -87.66 8.27 -32.35
N ILE A 594 -87.72 8.72 -33.60
CA ILE A 594 -88.08 10.11 -33.85
C ILE A 594 -89.51 10.39 -33.38
N LYS A 595 -90.43 9.48 -33.69
CA LYS A 595 -91.80 9.64 -33.20
C LYS A 595 -91.87 9.58 -31.69
N SER A 596 -91.00 8.79 -31.06
CA SER A 596 -90.95 8.77 -29.60
C SER A 596 -90.50 10.12 -29.05
N ILE A 597 -89.52 10.75 -29.68
CA ILE A 597 -89.08 12.07 -29.23
C ILE A 597 -90.20 13.10 -29.39
N ILE A 598 -90.91 13.05 -30.53
CA ILE A 598 -92.01 13.98 -30.72
C ILE A 598 -93.12 13.73 -29.71
N SER A 599 -93.38 12.46 -29.39
CA SER A 599 -94.37 12.13 -28.37
C SER A 599 -93.94 12.65 -27.01
N LEU A 600 -92.65 12.57 -26.70
CA LEU A 600 -92.15 13.16 -25.47
C LEU A 600 -92.41 14.66 -25.44
N LEU A 601 -92.14 15.34 -26.55
CA LEU A 601 -92.43 16.77 -26.62
C LEU A 601 -93.89 17.05 -26.35
N ASP A 602 -94.77 16.27 -26.98
CA ASP A 602 -96.21 16.48 -26.80
C ASP A 602 -96.64 16.24 -25.35
N LYS A 603 -96.15 15.16 -24.73
CA LYS A 603 -96.60 14.80 -23.39
C LYS A 603 -96.03 15.74 -22.35
N HIS A 604 -94.75 16.06 -22.43
CA HIS A 604 -94.10 16.89 -21.41
C HIS A 604 -94.23 18.37 -21.69
N GLY A 605 -94.86 18.76 -22.81
CA GLY A 605 -95.07 20.17 -23.08
C GLY A 605 -93.95 20.77 -23.90
N ARG A 606 -94.12 22.06 -24.19
CA ARG A 606 -93.18 22.76 -25.05
C ARG A 606 -91.84 22.95 -24.36
N ASN A 607 -90.77 22.58 -25.04
CA ASN A 607 -89.41 22.69 -24.50
C ASN A 607 -88.45 22.80 -25.66
N HIS A 608 -87.47 23.69 -25.53
CA HIS A 608 -86.53 23.94 -26.61
C HIS A 608 -85.43 22.89 -26.70
N LYS A 609 -85.21 22.12 -25.63
CA LYS A 609 -84.20 21.06 -25.69
C LYS A 609 -84.58 19.99 -26.72
N VAL A 610 -85.85 19.61 -26.76
CA VAL A 610 -86.30 18.65 -27.76
C VAL A 610 -86.10 19.21 -29.15
N LEU A 611 -86.38 20.50 -29.35
CA LEU A 611 -86.16 21.12 -30.65
C LEU A 611 -84.70 21.10 -31.03
N ASP A 612 -83.81 21.34 -30.07
CA ASP A 612 -82.38 21.24 -30.35
C ASP A 612 -81.98 19.83 -30.75
N VAL A 613 -82.55 18.82 -30.08
CA VAL A 613 -82.28 17.44 -30.45
C VAL A 613 -82.74 17.16 -31.87
N LEU A 614 -83.92 17.67 -32.23
CA LEU A 614 -84.43 17.47 -33.58
C LEU A 614 -83.54 18.17 -34.61
N CYS A 615 -83.03 19.36 -34.28
CA CYS A 615 -82.10 20.04 -35.18
C CYS A 615 -80.83 19.21 -35.37
N SER A 616 -80.32 18.64 -34.28
CA SER A 616 -79.13 17.80 -34.39
C SER A 616 -79.40 16.58 -35.24
N LEU A 617 -80.58 15.98 -35.11
CA LEU A 617 -80.96 14.87 -35.99
C LEU A 617 -81.00 15.31 -37.44
N CYS A 618 -81.57 16.48 -37.72
CA CYS A 618 -81.71 16.93 -39.10
C CYS A 618 -80.37 17.21 -39.75
N VAL A 619 -79.51 17.98 -39.07
CA VAL A 619 -78.23 18.37 -39.64
C VAL A 619 -77.13 18.08 -38.62
N CYS A 620 -76.04 17.45 -39.08
CA CYS A 620 -74.90 17.17 -38.22
C CYS A 620 -73.63 17.19 -39.05
N HIS A 621 -72.62 17.92 -38.55
CA HIS A 621 -71.32 18.06 -39.22
C HIS A 621 -71.46 18.57 -40.64
N GLY A 622 -72.43 19.46 -40.88
CA GLY A 622 -72.63 19.99 -42.20
C GLY A 622 -73.17 19.01 -43.22
N VAL A 623 -73.77 17.91 -42.76
CA VAL A 623 -74.34 16.89 -43.64
C VAL A 623 -75.82 16.78 -43.35
N ALA A 624 -76.64 16.92 -44.38
CA ALA A 624 -78.08 16.88 -44.23
C ALA A 624 -78.58 15.45 -44.38
N VAL A 625 -79.38 15.00 -43.43
CA VAL A 625 -80.00 13.69 -43.46
C VAL A 625 -81.40 13.89 -44.05
N ARG A 626 -81.55 13.57 -45.34
CA ARG A 626 -82.79 13.85 -46.03
C ARG A 626 -83.96 13.07 -45.43
N SER A 627 -83.72 11.80 -45.08
CA SER A 627 -84.79 10.99 -44.52
C SER A 627 -85.30 11.57 -43.22
N ASN A 628 -84.38 11.96 -42.32
CA ASN A 628 -84.80 12.55 -41.05
C ASN A 628 -85.47 13.90 -41.25
N GLN A 629 -84.96 14.71 -42.19
CA GLN A 629 -85.60 15.99 -42.46
C GLN A 629 -87.04 15.80 -42.91
N HIS A 630 -87.26 14.89 -43.86
CA HIS A 630 -88.61 14.64 -44.36
C HIS A 630 -89.50 14.06 -43.27
N LEU A 631 -88.95 13.19 -42.42
CA LEU A 631 -89.74 12.61 -41.34
C LEU A 631 -90.17 13.68 -40.34
N ILE A 632 -89.24 14.55 -39.94
CA ILE A 632 -89.58 15.64 -39.05
C ILE A 632 -90.64 16.53 -39.67
N CYS A 633 -90.47 16.86 -40.96
CA CYS A 633 -91.44 17.69 -41.65
C CYS A 633 -92.83 17.06 -41.58
N ASP A 634 -92.99 15.87 -42.16
CA ASP A 634 -94.32 15.28 -42.29
C ASP A 634 -94.88 14.73 -40.98
N ASN A 635 -94.08 14.70 -39.92
CA ASN A 635 -94.60 14.26 -38.62
C ASN A 635 -94.81 15.40 -37.63
N LEU A 636 -94.31 16.60 -37.92
CA LEU A 636 -94.52 17.74 -37.05
C LEU A 636 -95.36 18.84 -37.69
N LEU A 637 -95.00 19.28 -38.89
CA LEU A 637 -95.67 20.45 -39.46
C LEU A 637 -97.16 20.25 -39.73
N PRO A 638 -97.62 19.16 -40.36
CA PRO A 638 -99.05 19.05 -40.67
C PRO A 638 -99.94 19.01 -39.45
N GLY A 639 -99.41 18.64 -38.29
CA GLY A 639 -100.23 18.63 -37.08
C GLY A 639 -100.76 20.00 -36.72
N ARG A 640 -99.94 21.03 -36.93
CA ARG A 640 -100.29 22.41 -36.62
C ARG A 640 -100.72 22.58 -35.16
N ASP A 641 -99.99 21.90 -34.28
CA ASP A 641 -100.23 21.99 -32.85
C ASP A 641 -98.91 21.81 -32.13
N LEU A 642 -98.88 22.27 -30.88
CA LEU A 642 -97.72 22.16 -29.99
C LEU A 642 -96.60 23.10 -30.43
N LEU A 643 -96.76 23.73 -31.57
CA LEU A 643 -95.83 24.72 -32.08
C LEU A 643 -96.55 26.03 -32.30
N LEU A 644 -96.00 27.12 -31.78
CA LEU A 644 -96.61 28.43 -31.95
C LEU A 644 -96.68 28.79 -33.42
N GLN A 645 -97.87 29.20 -33.87
CA GLN A 645 -98.11 29.49 -35.28
C GLN A 645 -98.47 30.96 -35.44
N THR A 646 -97.82 31.62 -36.39
CA THR A 646 -97.99 33.04 -36.63
C THR A 646 -98.72 33.28 -37.95
N ARG A 647 -99.38 34.42 -38.02
CA ARG A 647 -100.15 34.80 -39.21
C ARG A 647 -100.29 36.30 -39.24
N LEU A 648 -100.25 36.87 -40.44
CA LEU A 648 -100.33 38.32 -40.62
C LEU A 648 -101.80 38.73 -40.74
N VAL A 649 -102.27 39.51 -39.76
CA VAL A 649 -103.66 39.95 -39.73
C VAL A 649 -103.69 41.47 -39.77
N ASN A 650 -104.89 42.01 -40.05
CA ASN A 650 -105.07 43.44 -40.23
C ASN A 650 -105.63 44.07 -38.96
N HIS A 651 -105.13 45.25 -38.61
CA HIS A 651 -105.70 46.01 -37.52
C HIS A 651 -107.13 46.41 -37.85
N VAL A 652 -108.01 46.29 -36.86
CA VAL A 652 -109.39 46.72 -36.99
C VAL A 652 -109.73 47.64 -35.82
N SER A 653 -110.66 48.55 -36.05
CA SER A 653 -111.08 49.50 -35.03
C SER A 653 -112.59 49.69 -35.12
N SER A 654 -113.20 49.92 -33.97
CA SER A 654 -114.64 50.11 -33.87
C SER A 654 -114.94 51.44 -33.17
N MET A 655 -115.89 52.17 -33.73
CA MET A 655 -116.37 53.41 -33.13
C MET A 655 -117.86 53.30 -32.82
N ARG A 656 -118.28 54.08 -31.82
CA ARG A 656 -119.65 54.13 -31.38
C ARG A 656 -120.09 55.58 -31.21
N PRO A 657 -121.37 55.87 -31.41
CA PRO A 657 -121.90 57.19 -31.06
C PRO A 657 -122.08 57.31 -29.56
N ASN A 658 -122.16 58.56 -29.10
CA ASN A 658 -122.32 58.85 -27.68
C ASN A 658 -123.76 58.52 -27.26
N ILE A 659 -124.08 57.23 -27.32
CA ILE A 659 -125.40 56.72 -27.01
C ILE A 659 -125.26 55.56 -26.04
N PHE A 660 -126.00 55.63 -24.93
CA PHE A 660 -126.03 54.55 -23.94
C PHE A 660 -127.48 54.21 -23.64
N LEU A 661 -127.81 52.92 -23.76
CA LEU A 661 -129.20 52.44 -23.64
C LEU A 661 -129.24 51.31 -22.61
N GLY A 662 -129.46 51.65 -21.36
CA GLY A 662 -129.55 50.67 -20.30
C GLY A 662 -130.78 50.87 -19.45
N VAL A 663 -131.29 49.77 -18.92
CA VAL A 663 -132.49 49.79 -18.10
C VAL A 663 -132.12 50.19 -16.68
N SER A 664 -132.76 51.25 -16.18
CA SER A 664 -132.51 51.73 -14.82
C SER A 664 -133.70 52.60 -14.41
N GLU A 665 -133.60 53.18 -13.22
CA GLU A 665 -134.64 54.08 -12.73
C GLU A 665 -134.63 55.38 -13.54
N GLY A 666 -135.80 55.78 -14.00
CA GLY A 666 -135.92 56.96 -14.83
C GLY A 666 -135.52 56.68 -16.28
N SER A 667 -135.75 57.68 -17.12
CA SER A 667 -135.47 57.61 -18.55
C SER A 667 -136.12 56.36 -19.16
N ALA A 668 -137.41 56.20 -18.88
CA ALA A 668 -138.15 55.04 -19.36
C ALA A 668 -138.20 55.01 -20.87
N GLN A 669 -137.54 54.04 -21.48
CA GLN A 669 -137.49 53.89 -22.93
C GLN A 669 -137.97 52.50 -23.30
N TYR A 670 -138.78 52.42 -24.36
CA TYR A 670 -139.21 51.13 -24.87
C TYR A 670 -138.07 50.36 -25.53
N LYS A 671 -136.92 51.01 -25.74
CA LYS A 671 -135.71 50.35 -26.20
C LYS A 671 -135.92 49.68 -27.56
N LYS A 672 -136.55 50.42 -28.48
CA LYS A 672 -136.75 49.98 -29.85
C LYS A 672 -136.19 51.07 -30.76
N TRP A 673 -135.03 50.82 -31.35
CA TRP A 673 -134.28 51.80 -32.11
C TRP A 673 -134.01 51.30 -33.51
N TYR A 674 -133.99 52.25 -34.45
CA TYR A 674 -133.72 51.97 -35.85
C TYR A 674 -132.43 52.66 -36.26
N TYR A 675 -131.63 51.98 -37.08
CA TYR A 675 -130.31 52.47 -37.45
C TYR A 675 -130.05 52.08 -38.90
N GLU A 676 -129.25 52.87 -39.59
CA GLU A 676 -128.85 52.51 -40.95
C GLU A 676 -127.61 53.31 -41.32
N LEU A 677 -126.91 52.83 -42.35
CA LEU A 677 -125.62 53.38 -42.72
C LEU A 677 -125.22 52.82 -44.08
N MET A 678 -124.70 53.69 -44.94
CA MET A 678 -124.26 53.29 -46.27
C MET A 678 -122.74 53.28 -46.31
N VAL A 679 -122.16 52.25 -46.91
CA VAL A 679 -120.75 52.25 -47.23
C VAL A 679 -120.60 52.87 -48.62
N ASP A 680 -119.77 53.90 -48.72
CA ASP A 680 -119.62 54.60 -49.99
C ASP A 680 -118.71 53.87 -50.94
N HIS A 681 -117.61 53.31 -50.42
CA HIS A 681 -116.69 52.54 -51.26
C HIS A 681 -115.87 51.65 -50.33
N THR A 682 -116.00 50.34 -50.50
CA THR A 682 -115.32 49.36 -49.66
C THR A 682 -114.28 48.62 -50.50
N GLU A 683 -113.02 48.76 -50.12
CA GLU A 683 -111.95 48.03 -50.81
C GLU A 683 -112.07 46.55 -50.51
N PRO A 684 -112.22 45.67 -51.50
CA PRO A 684 -112.33 44.24 -51.19
C PRO A 684 -111.03 43.64 -50.74
N PHE A 685 -109.91 44.00 -51.38
CA PHE A 685 -108.62 43.40 -51.11
C PHE A 685 -107.54 44.47 -51.00
N VAL A 686 -107.79 45.50 -50.20
CA VAL A 686 -106.78 46.54 -49.97
C VAL A 686 -105.52 45.92 -49.35
N THR A 687 -105.70 44.93 -48.49
CA THR A 687 -104.61 44.20 -47.87
C THR A 687 -104.67 42.74 -48.33
N ALA A 688 -103.84 41.90 -47.71
CA ALA A 688 -103.83 40.48 -48.06
C ALA A 688 -105.18 39.83 -47.77
N GLU A 689 -105.78 40.15 -46.63
CA GLU A 689 -107.08 39.61 -46.28
C GLU A 689 -108.19 40.54 -46.75
N ALA A 690 -109.41 40.03 -46.73
CA ALA A 690 -110.57 40.84 -47.09
C ALA A 690 -110.84 41.88 -46.02
N THR A 691 -111.60 42.91 -46.41
CA THR A 691 -111.92 43.98 -45.49
C THR A 691 -112.83 43.47 -44.38
N HIS A 692 -112.45 43.73 -43.14
CA HIS A 692 -113.22 43.30 -41.96
C HIS A 692 -114.27 44.35 -41.68
N LEU A 693 -115.44 44.18 -42.27
CA LEU A 693 -116.57 45.09 -42.11
C LEU A 693 -117.71 44.36 -41.40
N ARG A 694 -118.04 44.82 -40.20
CA ARG A 694 -119.14 44.27 -39.42
C ARG A 694 -119.90 45.42 -38.77
N VAL A 695 -121.22 45.30 -38.72
CA VAL A 695 -122.07 46.29 -38.07
C VAL A 695 -122.97 45.57 -37.08
N GLY A 696 -123.24 46.20 -35.94
CA GLY A 696 -124.11 45.55 -34.97
C GLY A 696 -124.21 46.33 -33.69
N TRP A 697 -124.47 45.62 -32.61
CA TRP A 697 -124.68 46.24 -31.30
C TRP A 697 -123.81 45.56 -30.26
N ALA A 698 -123.21 46.37 -29.38
CA ALA A 698 -122.34 45.88 -28.33
C ALA A 698 -122.89 46.31 -26.97
N SER A 699 -122.82 45.40 -26.01
CA SER A 699 -123.32 45.64 -24.66
C SER A 699 -122.15 45.89 -23.72
N THR A 700 -122.22 47.00 -22.99
CA THR A 700 -121.18 47.30 -22.01
C THR A 700 -121.21 46.30 -20.87
N GLU A 701 -120.03 45.87 -20.45
CA GLU A 701 -119.92 44.88 -19.38
C GLU A 701 -120.06 45.54 -18.02
N GLY A 702 -120.79 44.88 -17.12
CA GLY A 702 -120.94 45.35 -15.76
C GLY A 702 -121.64 46.68 -15.61
N TYR A 703 -122.41 47.09 -16.62
CA TYR A 703 -123.10 48.38 -16.62
C TYR A 703 -122.12 49.52 -16.33
N SER A 704 -121.00 49.49 -17.03
CA SER A 704 -119.91 50.43 -16.86
C SER A 704 -119.54 51.02 -18.21
N PRO A 705 -118.95 52.22 -18.23
CA PRO A 705 -118.54 52.82 -19.50
C PRO A 705 -117.61 51.94 -20.32
N TYR A 706 -116.89 51.02 -19.69
CA TYR A 706 -116.06 50.09 -20.45
C TYR A 706 -116.97 49.20 -21.28
N PRO A 707 -116.86 49.21 -22.60
CA PRO A 707 -117.73 48.37 -23.42
C PRO A 707 -117.15 46.97 -23.61
N GLY A 708 -118.02 46.08 -24.09
CA GLY A 708 -117.65 44.70 -24.34
C GLY A 708 -117.54 44.43 -25.83
N GLY A 709 -116.43 43.80 -26.21
CA GLY A 709 -116.19 43.46 -27.60
C GLY A 709 -114.74 43.09 -27.85
N GLY A 710 -114.21 43.51 -28.99
CA GLY A 710 -112.81 43.28 -29.29
C GLY A 710 -111.89 43.94 -28.27
N GLU A 711 -110.89 43.21 -27.81
CA GLU A 711 -109.96 43.75 -26.84
C GLU A 711 -109.15 44.89 -27.46
N GLU A 712 -108.73 45.82 -26.59
CA GLU A 712 -107.94 46.96 -27.06
C GLU A 712 -106.65 46.48 -27.70
N TRP A 713 -106.26 47.15 -28.79
CA TRP A 713 -105.00 46.88 -29.47
C TRP A 713 -104.94 45.45 -29.98
N GLY A 714 -105.88 45.11 -30.85
CA GLY A 714 -105.93 43.79 -31.44
C GLY A 714 -106.78 43.78 -32.69
N GLY A 715 -106.64 42.71 -33.46
CA GLY A 715 -107.42 42.55 -34.67
C GLY A 715 -108.77 41.94 -34.41
N ASN A 716 -109.45 42.39 -33.36
CA ASN A 716 -110.75 41.87 -32.97
C ASN A 716 -111.79 42.96 -33.13
N GLY A 717 -112.83 42.68 -33.90
CA GLY A 717 -113.93 43.59 -34.13
C GLY A 717 -115.14 43.26 -33.28
N VAL A 718 -116.32 43.59 -33.79
CA VAL A 718 -117.55 43.26 -33.08
C VAL A 718 -117.93 41.82 -33.38
N GLY A 719 -118.72 41.24 -32.47
CA GLY A 719 -119.11 39.85 -32.64
C GLY A 719 -118.02 38.86 -32.36
N ASP A 720 -116.95 39.28 -31.66
CA ASP A 720 -115.87 38.38 -31.29
C ASP A 720 -115.99 37.89 -29.85
N ASP A 721 -117.08 38.21 -29.17
CA ASP A 721 -117.35 37.70 -27.85
C ASP A 721 -118.85 37.75 -27.60
N LEU A 722 -119.27 37.19 -26.46
CA LEU A 722 -120.68 37.21 -26.11
C LEU A 722 -121.20 38.61 -25.81
N PHE A 723 -120.30 39.58 -25.63
CA PHE A 723 -120.73 40.95 -25.32
C PHE A 723 -121.26 41.68 -26.54
N SER A 724 -120.73 41.40 -27.72
CA SER A 724 -121.09 42.11 -28.94
C SER A 724 -121.70 41.17 -29.96
N TYR A 725 -122.59 41.71 -30.78
CA TYR A 725 -123.28 40.96 -31.82
C TYR A 725 -123.15 41.73 -33.12
N GLY A 726 -122.68 41.06 -34.18
CA GLY A 726 -122.38 41.72 -35.43
C GLY A 726 -122.94 40.98 -36.62
N PHE A 727 -122.89 41.65 -37.77
CA PHE A 727 -123.37 41.12 -39.03
C PHE A 727 -122.51 41.73 -40.12
N ASP A 728 -122.01 40.89 -41.03
CA ASP A 728 -121.03 41.35 -42.00
C ASP A 728 -121.53 41.30 -43.45
N GLY A 729 -122.83 41.12 -43.66
CA GLY A 729 -123.40 41.01 -44.98
C GLY A 729 -123.71 39.58 -45.38
N LEU A 730 -122.92 38.63 -44.91
CA LEU A 730 -123.15 37.22 -45.20
C LEU A 730 -123.14 36.35 -43.94
N HIS A 731 -122.55 36.80 -42.85
CA HIS A 731 -122.44 36.01 -41.63
C HIS A 731 -122.84 36.85 -40.42
N LEU A 732 -123.41 36.17 -39.43
CA LEU A 732 -123.66 36.74 -38.12
C LEU A 732 -122.54 36.33 -37.17
N TRP A 733 -121.99 37.30 -36.46
CA TRP A 733 -120.79 37.11 -35.65
C TRP A 733 -121.12 37.29 -34.18
N SER A 734 -120.75 36.30 -33.38
CA SER A 734 -120.86 36.37 -31.93
C SER A 734 -119.93 35.32 -31.33
N GLY A 735 -119.05 35.74 -30.43
CA GLY A 735 -118.11 34.80 -29.85
C GLY A 735 -117.14 34.20 -30.86
N CYS A 736 -116.65 35.02 -31.78
CA CYS A 736 -115.62 34.63 -32.75
C CYS A 736 -116.04 33.48 -33.65
N ILE A 737 -117.34 33.24 -33.80
CA ILE A 737 -117.85 32.17 -34.66
C ILE A 737 -118.96 32.74 -35.54
N ALA A 738 -118.89 32.46 -36.84
CA ALA A 738 -119.86 32.94 -37.80
C ALA A 738 -121.00 31.95 -37.99
N ARG A 739 -122.12 32.44 -38.49
CA ARG A 739 -123.32 31.63 -38.67
C ARG A 739 -123.78 31.49 -40.11
N THR A 740 -123.21 32.24 -41.05
CA THR A 740 -123.57 32.18 -42.47
C THR A 740 -125.06 32.44 -42.65
N VAL A 741 -125.47 33.67 -42.29
CA VAL A 741 -126.87 34.07 -42.43
C VAL A 741 -127.20 34.20 -43.91
N SER A 742 -128.37 33.68 -44.29
CA SER A 742 -128.83 33.75 -45.67
C SER A 742 -129.79 34.92 -45.84
N SER A 743 -129.78 35.50 -47.03
CA SER A 743 -130.62 36.65 -47.35
C SER A 743 -130.68 36.78 -48.87
N PRO A 744 -131.72 37.42 -49.40
CA PRO A 744 -131.77 37.67 -50.85
C PRO A 744 -130.50 38.34 -51.34
N ASN A 745 -129.89 37.76 -52.36
CA ASN A 745 -128.61 38.21 -52.90
C ASN A 745 -127.57 38.31 -51.79
N GLN A 746 -127.32 37.16 -51.15
CA GLN A 746 -126.37 37.11 -50.06
C GLN A 746 -124.95 37.34 -50.56
N HIS A 747 -124.24 38.26 -49.93
CA HIS A 747 -122.90 38.63 -50.34
C HIS A 747 -122.28 39.53 -49.27
N LEU A 748 -120.95 39.64 -49.32
CA LEU A 748 -120.26 40.57 -48.45
C LEU A 748 -120.67 42.01 -48.79
N LEU A 749 -120.72 42.86 -47.76
CA LEU A 749 -121.18 44.23 -47.95
C LEU A 749 -120.35 44.98 -48.97
N ARG A 750 -120.97 45.31 -50.10
CA ARG A 750 -120.34 46.11 -51.13
C ARG A 750 -120.89 47.53 -51.07
N THR A 751 -120.46 48.36 -52.02
CA THR A 751 -120.81 49.77 -52.00
C THR A 751 -122.32 49.96 -52.13
N ASP A 752 -122.82 51.01 -51.49
CA ASP A 752 -124.24 51.40 -51.54
C ASP A 752 -125.14 50.30 -50.99
N ASP A 753 -124.95 50.00 -49.71
CA ASP A 753 -125.79 49.06 -48.98
C ASP A 753 -126.47 49.78 -47.83
N VAL A 754 -127.79 49.65 -47.74
CA VAL A 754 -128.56 50.36 -46.73
C VAL A 754 -128.24 49.82 -45.33
N ILE A 755 -128.28 48.50 -45.17
CA ILE A 755 -127.97 47.82 -43.91
C ILE A 755 -128.75 48.45 -42.75
N SER A 756 -130.07 48.23 -42.72
CA SER A 756 -130.92 48.78 -41.67
C SER A 756 -130.97 47.80 -40.50
N CYS A 757 -130.44 48.23 -39.36
CA CYS A 757 -130.39 47.41 -38.15
C CYS A 757 -131.47 47.91 -37.18
N CYS A 758 -132.36 47.01 -36.77
CA CYS A 758 -133.38 47.33 -35.80
C CYS A 758 -133.10 46.60 -34.50
N LEU A 759 -132.87 47.37 -33.43
CA LEU A 759 -132.56 46.84 -32.11
C LEU A 759 -133.81 46.94 -31.24
N ASP A 760 -134.16 45.86 -30.58
CA ASP A 760 -135.19 45.88 -29.55
C ASP A 760 -134.66 45.17 -28.32
N LEU A 761 -134.90 45.76 -27.16
CA LEU A 761 -134.36 45.25 -25.90
C LEU A 761 -135.42 44.84 -24.90
N SER A 762 -136.62 45.43 -24.96
CA SER A 762 -137.72 44.93 -24.14
C SER A 762 -138.01 43.48 -24.49
N ALA A 763 -138.00 43.15 -25.76
CA ALA A 763 -137.96 41.80 -26.26
C ALA A 763 -136.53 41.38 -26.55
N PRO A 764 -136.21 40.10 -26.47
CA PRO A 764 -134.84 39.64 -26.83
C PRO A 764 -134.70 39.35 -28.33
N SER A 765 -134.50 40.41 -29.11
CA SER A 765 -134.34 40.25 -30.55
C SER A 765 -133.58 41.43 -31.13
N ILE A 766 -132.62 41.15 -32.00
CA ILE A 766 -131.90 42.16 -32.78
C ILE A 766 -131.95 41.72 -34.24
N SER A 767 -132.59 42.51 -35.09
CA SER A 767 -132.79 42.11 -36.47
C SER A 767 -132.08 43.06 -37.42
N PHE A 768 -131.79 42.55 -38.62
CA PHE A 768 -131.11 43.32 -39.64
C PHE A 768 -131.80 43.12 -40.97
N ARG A 769 -131.67 44.11 -41.85
CA ARG A 769 -132.25 44.05 -43.19
C ARG A 769 -131.25 44.66 -44.16
N ILE A 770 -130.69 43.84 -45.03
CA ILE A 770 -129.74 44.32 -46.03
C ILE A 770 -130.51 44.83 -47.23
N ASN A 771 -130.42 46.14 -47.48
CA ASN A 771 -131.12 46.79 -48.59
C ASN A 771 -132.63 46.58 -48.50
N GLY A 772 -133.15 46.57 -47.29
CA GLY A 772 -134.58 46.43 -47.09
C GLY A 772 -135.03 45.01 -46.78
N GLN A 773 -134.46 44.03 -47.45
CA GLN A 773 -134.85 42.64 -47.21
C GLN A 773 -134.29 42.16 -45.88
N PRO A 774 -135.14 41.72 -44.94
CA PRO A 774 -134.65 41.31 -43.63
C PRO A 774 -133.76 40.07 -43.72
N VAL A 775 -132.79 40.01 -42.80
CA VAL A 775 -131.94 38.82 -42.71
C VAL A 775 -132.76 37.66 -42.18
N GLN A 776 -132.41 36.45 -42.60
CA GLN A 776 -133.17 35.26 -42.26
C GLN A 776 -132.62 34.63 -40.98
N GLY A 777 -132.73 35.39 -39.89
CA GLY A 777 -132.25 34.95 -38.60
C GLY A 777 -131.72 36.06 -37.73
N MET A 778 -132.15 36.09 -36.47
CA MET A 778 -131.78 37.13 -35.52
C MET A 778 -131.08 36.52 -34.30
N PHE A 779 -130.71 37.38 -33.37
CA PHE A 779 -130.21 36.97 -32.06
C PHE A 779 -131.30 37.13 -31.02
N GLU A 780 -131.35 36.21 -30.06
CA GLU A 780 -132.38 36.18 -29.05
C GLU A 780 -131.78 35.70 -27.74
N ASN A 781 -132.49 36.00 -26.65
CA ASN A 781 -132.12 35.63 -25.29
C ASN A 781 -130.73 36.12 -24.92
N PHE A 782 -130.26 37.16 -25.60
CA PHE A 782 -129.02 37.80 -25.21
C PHE A 782 -129.20 38.48 -23.85
N ASN A 783 -128.09 38.60 -23.11
CA ASN A 783 -128.15 39.13 -21.76
C ASN A 783 -128.63 40.58 -21.80
N ILE A 784 -129.84 40.83 -21.26
CA ILE A 784 -130.47 42.13 -21.37
C ILE A 784 -129.71 43.20 -20.60
N ASP A 785 -129.02 42.83 -19.53
CA ASP A 785 -128.36 43.81 -18.69
C ASP A 785 -127.24 44.51 -19.45
N GLY A 786 -126.88 45.70 -18.96
CA GLY A 786 -125.87 46.52 -19.59
C GLY A 786 -126.45 47.48 -20.60
N LEU A 787 -125.66 48.48 -20.96
CA LEU A 787 -126.08 49.51 -21.90
C LEU A 787 -125.63 49.16 -23.30
N PHE A 788 -126.58 49.17 -24.24
CA PHE A 788 -126.32 48.79 -25.62
C PHE A 788 -126.13 50.02 -26.49
N PHE A 789 -125.19 49.94 -27.43
CA PHE A 789 -124.92 51.00 -28.38
C PHE A 789 -124.61 50.39 -29.73
N PRO A 790 -124.93 51.08 -30.82
CA PRO A 790 -124.50 50.63 -32.13
C PRO A 790 -122.98 50.74 -32.28
N VAL A 791 -122.41 49.87 -33.09
CA VAL A 791 -120.96 49.82 -33.25
C VAL A 791 -120.64 49.14 -34.57
N VAL A 792 -119.64 49.66 -35.27
CA VAL A 792 -119.19 49.13 -36.54
C VAL A 792 -117.68 48.95 -36.50
N SER A 793 -117.21 47.76 -36.85
CA SER A 793 -115.79 47.48 -37.06
C SER A 793 -115.53 47.52 -38.55
N PHE A 794 -114.77 48.52 -39.01
CA PHE A 794 -114.68 48.85 -40.42
C PHE A 794 -113.30 48.54 -41.01
N SER A 795 -112.51 47.71 -40.33
CA SER A 795 -111.13 47.43 -40.73
C SER A 795 -110.39 48.67 -41.20
N ALA A 796 -109.77 48.59 -42.38
CA ALA A 796 -109.08 49.71 -42.99
C ALA A 796 -109.40 49.75 -44.47
N GLY A 797 -109.14 50.90 -45.09
CA GLY A 797 -109.44 51.09 -46.49
C GLY A 797 -110.91 51.04 -46.80
N ILE A 798 -111.71 51.76 -46.01
CA ILE A 798 -113.16 51.77 -46.15
C ILE A 798 -113.70 53.18 -45.93
N LYS A 799 -114.91 53.41 -46.45
CA LYS A 799 -115.66 54.65 -46.28
C LYS A 799 -117.08 54.30 -45.90
N VAL A 800 -117.53 54.74 -44.72
CA VAL A 800 -118.86 54.46 -44.23
C VAL A 800 -119.49 55.77 -43.78
N ARG A 801 -120.81 55.86 -43.85
CA ARG A 801 -121.53 57.04 -43.40
C ARG A 801 -122.85 56.62 -42.78
N PHE A 802 -123.06 57.02 -41.53
CA PHE A 802 -124.24 56.62 -40.78
C PHE A 802 -125.46 57.44 -41.23
N LEU A 803 -126.61 57.13 -40.64
CA LEU A 803 -127.82 57.91 -40.85
C LEU A 803 -128.59 58.01 -39.55
N LEU A 804 -129.10 59.19 -39.26
CA LEU A 804 -129.91 59.43 -38.07
C LEU A 804 -131.09 60.29 -38.48
N GLY A 805 -131.82 60.82 -37.49
CA GLY A 805 -132.95 61.68 -37.74
C GLY A 805 -132.60 63.15 -37.60
N GLY A 806 -133.39 63.99 -38.27
CA GLY A 806 -133.16 65.42 -38.20
C GLY A 806 -131.93 65.84 -38.96
N ARG A 807 -131.21 66.83 -38.41
CA ARG A 807 -129.98 67.30 -39.04
C ARG A 807 -128.84 66.31 -38.95
N HIS A 808 -128.98 65.25 -38.14
CA HIS A 808 -127.93 64.26 -37.98
C HIS A 808 -127.90 63.23 -39.10
N GLY A 809 -128.85 63.26 -40.01
CA GLY A 809 -128.85 62.34 -41.13
C GLY A 809 -130.20 62.27 -41.79
N GLU A 810 -130.25 61.58 -42.92
CA GLU A 810 -131.46 61.37 -43.68
C GLU A 810 -131.82 59.88 -43.64
N PHE A 811 -133.04 59.58 -43.19
CA PHE A 811 -133.50 58.19 -43.11
C PHE A 811 -134.00 57.78 -44.49
N LYS A 812 -133.15 57.06 -45.23
CA LYS A 812 -133.55 56.59 -46.55
C LYS A 812 -134.74 55.62 -46.46
N PHE A 813 -134.70 54.72 -45.50
CA PHE A 813 -135.77 53.75 -45.28
C PHE A 813 -136.53 54.10 -44.01
N LEU A 814 -137.83 53.80 -44.02
CA LEU A 814 -138.68 54.13 -42.88
C LEU A 814 -138.40 53.18 -41.72
N PRO A 815 -138.40 53.68 -40.48
CA PRO A 815 -138.21 52.80 -39.34
C PRO A 815 -139.38 51.85 -39.18
N PRO A 816 -139.17 50.68 -38.59
CA PRO A 816 -140.28 49.76 -38.34
C PRO A 816 -141.24 50.35 -37.32
N PRO A 817 -142.50 49.90 -37.31
CA PRO A 817 -143.48 50.48 -36.39
C PRO A 817 -143.05 50.31 -34.93
N GLY A 818 -143.33 51.34 -34.13
CA GLY A 818 -142.97 51.33 -32.73
C GLY A 818 -141.47 51.39 -32.49
N TYR A 819 -140.73 52.13 -33.31
CA TYR A 819 -139.30 52.28 -33.14
C TYR A 819 -138.92 53.75 -33.13
N ALA A 820 -137.87 54.06 -32.39
CA ALA A 820 -137.39 55.43 -32.26
C ALA A 820 -136.25 55.70 -33.22
N ALA A 821 -135.94 56.99 -33.39
CA ALA A 821 -134.84 57.39 -34.24
C ALA A 821 -133.51 57.11 -33.56
N CYS A 822 -132.44 57.07 -34.36
CA CYS A 822 -131.12 56.82 -33.83
C CYS A 822 -130.66 57.94 -32.91
N TYR A 823 -130.94 59.19 -33.28
CA TYR A 823 -130.50 60.34 -32.50
C TYR A 823 -131.49 60.72 -31.39
N GLU A 824 -132.67 60.10 -31.36
CA GLU A 824 -133.66 60.47 -30.35
C GLU A 824 -133.18 60.17 -28.94
N ALA A 825 -132.31 59.18 -28.78
CA ALA A 825 -131.82 58.76 -27.48
C ALA A 825 -130.64 59.58 -26.99
N VAL A 826 -130.46 60.80 -27.52
CA VAL A 826 -129.35 61.63 -27.11
C VAL A 826 -129.50 62.01 -25.65
N LEU A 827 -128.40 61.97 -24.90
CA LEU A 827 -128.43 62.35 -23.50
C LEU A 827 -128.78 63.82 -23.36
N PRO A 828 -129.53 64.21 -22.33
CA PRO A 828 -129.89 65.62 -22.17
C PRO A 828 -128.67 66.50 -21.99
N LYS A 829 -128.75 67.70 -22.57
CA LYS A 829 -127.69 68.72 -22.49
C LYS A 829 -126.37 68.22 -23.06
N GLU A 830 -126.41 67.22 -23.95
CA GLU A 830 -125.21 66.66 -24.56
C GLU A 830 -125.35 66.70 -26.07
N LYS A 831 -124.24 66.96 -26.75
CA LYS A 831 -124.19 66.96 -28.21
C LYS A 831 -123.72 65.58 -28.68
N LEU A 832 -124.55 64.92 -29.48
CA LEU A 832 -124.22 63.58 -29.95
C LEU A 832 -122.98 63.62 -30.82
N LYS A 833 -122.06 62.68 -30.57
CA LYS A 833 -120.82 62.59 -31.33
C LYS A 833 -120.36 61.14 -31.33
N VAL A 834 -119.50 60.82 -32.29
CA VAL A 834 -118.98 59.47 -32.47
C VAL A 834 -117.50 59.45 -32.14
N GLU A 835 -117.05 58.39 -31.48
CA GLU A 835 -115.67 58.23 -31.08
C GLU A 835 -115.37 56.75 -30.95
N HIS A 836 -114.10 56.44 -30.65
CA HIS A 836 -113.69 55.04 -30.52
C HIS A 836 -114.45 54.37 -29.38
N SER A 837 -114.84 53.11 -29.61
CA SER A 837 -115.72 52.43 -28.68
C SER A 837 -115.06 52.24 -27.32
N ARG A 838 -113.87 51.66 -27.30
CA ARG A 838 -113.22 51.38 -26.03
C ARG A 838 -111.83 51.96 -25.93
N GLU A 839 -111.04 51.88 -27.00
CA GLU A 839 -109.67 52.35 -26.95
C GLU A 839 -109.62 53.88 -26.94
N TYR A 840 -108.68 54.42 -26.18
CA TYR A 840 -108.44 55.85 -26.15
C TYR A 840 -107.38 56.28 -27.17
N LYS A 841 -107.08 55.42 -28.14
CA LYS A 841 -106.09 55.74 -29.15
C LYS A 841 -106.53 56.94 -29.99
N GLN A 842 -105.62 57.88 -30.18
CA GLN A 842 -105.88 59.06 -31.00
C GLN A 842 -104.73 59.37 -31.94
N GLU A 843 -103.76 58.46 -32.08
CA GLU A 843 -102.57 58.68 -32.92
C GLU A 843 -101.85 59.96 -32.53
N ARG A 844 -101.61 60.12 -31.24
CA ARG A 844 -100.96 61.31 -30.69
C ARG A 844 -99.63 60.92 -30.06
N THR A 845 -98.60 61.73 -30.31
CA THR A 845 -97.24 61.45 -29.84
C THR A 845 -96.96 62.33 -28.62
N TYR A 846 -96.62 61.69 -27.50
CA TYR A 846 -96.22 62.36 -26.26
C TYR A 846 -97.30 63.29 -25.73
N THR A 847 -98.55 63.12 -26.18
CA THR A 847 -99.67 63.91 -25.69
C THR A 847 -100.89 63.02 -25.47
N ARG A 848 -100.66 61.75 -25.17
CA ARG A 848 -101.75 60.79 -25.01
C ARG A 848 -102.36 60.94 -23.62
N ASP A 849 -103.66 61.24 -23.56
CA ASP A 849 -104.38 61.37 -22.30
C ASP A 849 -104.63 59.97 -21.76
N LEU A 850 -103.67 59.47 -20.98
CA LEU A 850 -103.75 58.11 -20.42
C LEU A 850 -104.75 58.09 -19.26
N LEU A 851 -106.02 58.30 -19.61
CA LEU A 851 -107.06 58.34 -18.58
C LEU A 851 -107.18 56.99 -17.89
N GLY A 852 -107.41 57.03 -16.58
CA GLY A 852 -107.53 55.84 -15.79
C GLY A 852 -108.95 55.32 -15.72
N PRO A 853 -109.30 54.66 -14.62
CA PRO A 853 -110.66 54.13 -14.48
C PRO A 853 -111.69 55.24 -14.45
N THR A 854 -112.89 54.91 -14.91
CA THR A 854 -114.01 55.83 -14.93
C THR A 854 -115.06 55.41 -13.90
N VAL A 855 -116.07 56.25 -13.73
CA VAL A 855 -117.16 55.96 -12.83
C VAL A 855 -118.30 55.32 -13.62
N SER A 856 -119.22 54.67 -12.90
CA SER A 856 -120.29 53.94 -13.56
C SER A 856 -121.20 54.84 -14.39
N LEU A 857 -121.28 56.13 -14.05
CA LEU A 857 -122.10 57.09 -14.78
C LEU A 857 -123.56 56.66 -14.86
N PRO A 876 -151.28 63.71 14.04
CA PRO A 876 -152.62 64.23 14.33
C PRO A 876 -152.62 65.69 14.74
N HIS A 877 -151.49 66.16 15.27
CA HIS A 877 -151.36 67.55 15.69
C HIS A 877 -151.24 68.52 14.51
N LEU A 878 -151.06 68.01 13.30
CA LEU A 878 -150.85 68.84 12.12
C LEU A 878 -152.02 68.80 11.15
N GLU A 879 -153.19 68.32 11.60
CA GLU A 879 -154.36 68.33 10.72
C GLU A 879 -154.80 69.75 10.39
N ARG A 880 -154.78 70.64 11.38
CA ARG A 880 -155.06 72.05 11.11
C ARG A 880 -154.05 72.63 10.14
N ILE A 881 -152.79 72.21 10.26
CA ILE A 881 -151.76 72.63 9.32
C ILE A 881 -152.11 72.15 7.90
N ARG A 882 -152.56 70.91 7.78
CA ARG A 882 -152.97 70.38 6.48
C ARG A 882 -154.08 71.22 5.87
N GLU A 883 -155.13 71.48 6.65
CA GLU A 883 -156.26 72.24 6.13
C GLU A 883 -155.87 73.66 5.75
N ARG A 884 -155.10 74.32 6.60
CA ARG A 884 -154.69 75.70 6.31
C ARG A 884 -153.75 75.76 5.12
N LEU A 885 -152.88 74.75 4.96
CA LEU A 885 -151.98 74.73 3.79
C LEU A 885 -152.77 74.52 2.52
N ALA A 886 -153.78 73.65 2.55
CA ALA A 886 -154.66 73.51 1.40
C ALA A 886 -155.37 74.82 1.09
N GLU A 887 -155.83 75.52 2.13
CA GLU A 887 -156.47 76.81 1.94
C GLU A 887 -155.53 77.80 1.25
N ASN A 888 -154.30 77.92 1.75
CA ASN A 888 -153.35 78.85 1.16
C ASN A 888 -153.02 78.47 -0.28
N ILE A 889 -152.82 77.18 -0.55
CA ILE A 889 -152.49 76.76 -1.90
C ILE A 889 -153.61 77.12 -2.86
N HIS A 890 -154.85 76.84 -2.47
CA HIS A 890 -155.96 77.11 -3.39
C HIS A 890 -156.18 78.61 -3.56
N GLU A 891 -155.92 79.42 -2.53
CA GLU A 891 -156.10 80.86 -2.75
C GLU A 891 -154.99 81.43 -3.62
N LEU A 892 -153.76 80.92 -3.48
CA LEU A 892 -152.70 81.33 -4.38
C LEU A 892 -153.03 80.98 -5.83
N TRP A 893 -153.61 79.80 -6.06
CA TRP A 893 -153.98 79.44 -7.42
C TRP A 893 -155.15 80.29 -7.92
N VAL A 894 -156.14 80.57 -7.07
CA VAL A 894 -157.28 81.34 -7.54
C VAL A 894 -156.94 82.80 -7.73
N MET A 895 -155.86 83.31 -7.15
CA MET A 895 -155.42 84.66 -7.54
C MET A 895 -155.08 84.71 -9.02
N ASN A 896 -154.30 83.74 -9.50
CA ASN A 896 -153.99 83.67 -10.92
C ASN A 896 -155.25 83.41 -11.74
N LYS A 897 -156.17 82.60 -11.21
CA LYS A 897 -157.43 82.36 -11.92
C LYS A 897 -158.25 83.63 -12.07
N ILE A 898 -158.32 84.45 -11.01
CA ILE A 898 -159.07 85.70 -11.06
C ILE A 898 -158.40 86.70 -11.98
N GLU A 899 -157.06 86.73 -11.99
CA GLU A 899 -156.37 87.68 -12.86
C GLU A 899 -156.75 87.50 -14.32
N LEU A 900 -157.17 86.29 -14.71
CA LEU A 900 -157.75 86.10 -16.03
C LEU A 900 -159.22 86.53 -16.08
N GLY A 901 -159.96 86.35 -14.98
CA GLY A 901 -161.36 86.73 -14.95
C GLY A 901 -162.32 85.57 -14.77
N TRP A 902 -161.89 84.55 -14.05
CA TRP A 902 -162.67 83.32 -13.89
C TRP A 902 -163.63 83.43 -12.70
N GLN A 903 -164.75 82.73 -12.80
CA GLN A 903 -165.73 82.62 -11.72
C GLN A 903 -165.77 81.17 -11.23
N TYR A 904 -166.69 80.91 -10.30
CA TYR A 904 -166.82 79.59 -9.70
C TYR A 904 -168.03 78.85 -10.25
N GLY A 905 -167.97 77.53 -10.17
CA GLY A 905 -169.02 76.68 -10.67
C GLY A 905 -168.52 75.30 -11.02
N PRO A 906 -169.31 74.26 -10.73
CA PRO A 906 -168.84 72.88 -11.00
C PRO A 906 -168.48 72.65 -12.44
N VAL A 907 -169.21 73.26 -13.38
CA VAL A 907 -168.85 73.16 -14.79
C VAL A 907 -167.58 73.97 -15.04
N ARG A 908 -166.72 73.46 -15.91
CA ARG A 908 -165.44 74.08 -16.23
C ARG A 908 -165.38 74.28 -17.75
N ASP A 909 -165.88 75.42 -18.20
CA ASP A 909 -165.84 75.81 -19.60
C ASP A 909 -165.03 77.10 -19.73
N ASP A 910 -164.11 77.13 -20.70
CA ASP A 910 -163.30 78.32 -20.89
C ASP A 910 -164.14 79.52 -21.32
N ASN A 911 -165.16 79.28 -22.13
CA ASN A 911 -166.02 80.37 -22.58
C ASN A 911 -166.78 81.00 -21.43
N LYS A 912 -167.28 80.19 -20.49
CA LYS A 912 -168.03 80.70 -19.36
C LYS A 912 -167.14 81.18 -18.22
N ARG A 913 -165.84 80.88 -18.27
CA ARG A 913 -164.88 81.31 -17.25
C ARG A 913 -165.29 80.86 -15.85
N GLN A 914 -165.74 79.60 -15.74
CA GLN A 914 -166.16 79.03 -14.47
C GLN A 914 -165.08 78.06 -13.97
N HIS A 915 -164.64 78.26 -12.73
CA HIS A 915 -163.56 77.49 -12.13
C HIS A 915 -164.04 76.89 -10.82
N PRO A 916 -164.35 75.58 -10.80
CA PRO A 916 -164.91 74.99 -9.57
C PRO A 916 -164.00 75.10 -8.36
N CYS A 917 -162.68 75.07 -8.55
CA CYS A 917 -161.76 75.19 -7.43
C CYS A 917 -161.76 76.58 -6.81
N LEU A 918 -162.39 77.57 -7.47
CA LEU A 918 -162.42 78.93 -6.95
C LEU A 918 -163.07 78.98 -5.57
N VAL A 919 -164.17 78.25 -5.38
CA VAL A 919 -164.84 78.26 -4.09
C VAL A 919 -163.90 77.70 -3.02
N GLU A 920 -164.06 78.20 -1.80
CA GLU A 920 -163.14 77.85 -0.72
C GLU A 920 -163.20 76.37 -0.40
N PHE A 921 -162.18 75.89 0.31
CA PHE A 921 -162.07 74.47 0.63
C PHE A 921 -163.23 73.99 1.49
N CYS A 922 -163.83 74.89 2.28
CA CYS A 922 -164.98 74.52 3.10
C CYS A 922 -166.17 74.13 2.22
N LYS A 923 -166.41 74.90 1.15
CA LYS A 923 -167.51 74.63 0.22
C LYS A 923 -167.03 74.01 -1.08
N LEU A 924 -165.80 73.52 -1.12
CA LEU A 924 -165.26 72.95 -2.35
C LEU A 924 -166.01 71.68 -2.71
N PRO A 925 -166.38 71.49 -3.98
CA PRO A 925 -167.09 70.26 -4.37
C PRO A 925 -166.25 69.03 -4.11
N GLU A 926 -166.95 67.92 -3.82
CA GLU A 926 -166.30 66.75 -3.24
C GLU A 926 -165.21 66.18 -4.15
N GLN A 927 -165.43 66.17 -5.46
CA GLN A 927 -164.41 65.66 -6.36
C GLN A 927 -163.22 66.62 -6.44
N GLU A 928 -163.50 67.91 -6.60
CA GLU A 928 -162.43 68.91 -6.56
C GLU A 928 -161.80 68.99 -5.19
N ARG A 929 -162.58 68.78 -4.12
CA ARG A 929 -162.01 68.73 -2.78
C ARG A 929 -161.02 67.58 -2.66
N ASN A 930 -161.37 66.40 -3.18
CA ASN A 930 -160.45 65.28 -3.16
C ASN A 930 -159.21 65.57 -4.00
N TYR A 931 -159.38 66.20 -5.16
CA TYR A 931 -158.24 66.53 -6.00
C TYR A 931 -157.27 67.47 -5.28
N ASN A 932 -157.80 68.50 -4.64
CA ASN A 932 -156.94 69.43 -3.91
C ASN A 932 -156.31 68.74 -2.69
N LEU A 933 -157.10 67.93 -1.98
CA LEU A 933 -156.61 67.29 -0.77
C LEU A 933 -155.53 66.27 -1.06
N GLN A 934 -155.55 65.65 -2.25
CA GLN A 934 -154.48 64.71 -2.59
C GLN A 934 -153.13 65.41 -2.63
N MET A 935 -153.05 66.54 -3.33
CA MET A 935 -151.79 67.28 -3.37
C MET A 935 -151.46 67.94 -2.03
N SER A 936 -152.47 68.37 -1.27
CA SER A 936 -152.19 68.89 0.07
C SER A 936 -151.59 67.81 0.97
N LEU A 937 -152.17 66.61 0.93
CA LEU A 937 -151.64 65.50 1.70
C LEU A 937 -150.23 65.14 1.27
N GLU A 938 -149.98 65.11 -0.03
CA GLU A 938 -148.62 64.85 -0.52
C GLU A 938 -147.66 65.92 -0.02
N THR A 939 -148.06 67.19 -0.08
CA THR A 939 -147.19 68.29 0.34
C THR A 939 -146.83 68.17 1.82
N LEU A 940 -147.82 68.01 2.68
CA LEU A 940 -147.51 67.92 4.10
C LEU A 940 -146.81 66.61 4.48
N LYS A 941 -147.14 65.52 3.79
CA LYS A 941 -146.44 64.26 4.02
C LYS A 941 -144.95 64.40 3.70
N THR A 942 -144.64 65.03 2.57
CA THR A 942 -143.24 65.25 2.24
C THR A 942 -142.60 66.27 3.18
N LEU A 943 -143.36 67.27 3.63
CA LEU A 943 -142.83 68.21 4.61
C LEU A 943 -142.37 67.50 5.87
N LEU A 944 -143.20 66.59 6.38
CA LEU A 944 -142.82 65.88 7.60
C LEU A 944 -141.81 64.76 7.33
N ALA A 945 -141.69 64.29 6.09
CA ALA A 945 -140.70 63.28 5.74
C ALA A 945 -139.35 63.85 5.34
N LEU A 946 -139.25 65.17 5.18
CA LEU A 946 -137.98 65.83 4.85
C LEU A 946 -136.96 65.80 5.98
N GLY A 947 -137.21 65.10 7.08
CA GLY A 947 -136.27 65.04 8.19
C GLY A 947 -136.48 66.10 9.26
N CYS A 948 -137.40 67.03 9.05
CA CYS A 948 -137.73 68.06 10.03
C CYS A 948 -139.16 67.84 10.51
N HIS A 949 -139.34 67.81 11.82
CA HIS A 949 -140.65 67.56 12.38
C HIS A 949 -141.61 68.71 12.06
N VAL A 950 -142.83 68.36 11.68
CA VAL A 950 -143.87 69.33 11.33
C VAL A 950 -145.01 69.16 12.33
N GLY A 951 -145.32 70.23 13.05
CA GLY A 951 -146.39 70.23 14.04
C GLY A 951 -147.07 71.56 14.09
N ILE A 952 -147.47 71.97 15.29
CA ILE A 952 -148.14 73.25 15.51
C ILE A 952 -147.33 74.02 16.54
N ALA A 953 -147.01 75.28 16.22
CA ALA A 953 -146.23 76.12 17.11
C ALA A 953 -146.55 77.60 16.88
N TYR A 970 -157.88 96.51 -2.19
CA TYR A 970 -156.90 95.45 -2.39
C TYR A 970 -156.85 95.01 -3.86
N GLN A 971 -156.54 93.74 -4.08
CA GLN A 971 -156.42 93.22 -5.43
C GLN A 971 -157.79 93.14 -6.10
N LEU A 972 -157.78 93.15 -7.43
CA LEU A 972 -159.01 93.01 -8.19
C LEU A 972 -159.52 91.57 -8.08
N THR A 973 -160.74 91.42 -7.55
CA THR A 973 -161.31 90.11 -7.26
C THR A 973 -162.66 90.00 -7.97
N SER A 974 -162.68 89.26 -9.08
CA SER A 974 -163.96 88.92 -9.72
C SER A 974 -164.79 88.03 -8.82
N GLY A 975 -164.16 87.08 -8.14
CA GLY A 975 -164.84 86.23 -7.19
C GLY A 975 -164.66 86.71 -5.76
N TYR A 976 -163.98 85.93 -4.94
CA TYR A 976 -163.70 86.31 -3.56
C TYR A 976 -162.28 86.86 -3.46
N LYS A 977 -161.91 87.28 -2.25
CA LYS A 977 -160.62 87.91 -2.02
C LYS A 977 -159.69 86.93 -1.32
N PRO A 978 -158.66 86.42 -2.00
CA PRO A 978 -157.67 85.58 -1.31
C PRO A 978 -156.81 86.43 -0.37
N ALA A 979 -156.45 85.84 0.77
CA ALA A 979 -155.66 86.52 1.80
C ALA A 979 -154.46 85.65 2.16
N PRO A 980 -153.37 85.75 1.41
CA PRO A 980 -152.18 84.95 1.71
C PRO A 980 -151.40 85.52 2.87
N MET A 981 -150.52 84.68 3.42
CA MET A 981 -149.60 85.10 4.47
C MET A 981 -148.41 85.83 3.86
N ASP A 982 -147.37 86.05 4.67
CA ASP A 982 -146.16 86.72 4.21
C ASP A 982 -145.16 85.70 3.69
N LEU A 983 -145.47 85.17 2.49
CA LEU A 983 -144.59 84.20 1.87
C LEU A 983 -143.23 84.81 1.50
N SER A 984 -143.26 85.95 0.81
CA SER A 984 -142.03 86.58 0.38
C SER A 984 -141.33 87.33 1.51
N PHE A 985 -142.09 87.88 2.47
CA PHE A 985 -141.50 88.67 3.52
C PHE A 985 -140.59 87.83 4.42
N ILE A 986 -141.01 86.61 4.75
CA ILE A 986 -140.20 85.76 5.63
C ILE A 986 -138.94 85.32 4.89
N LYS A 987 -137.84 85.23 5.63
CA LYS A 987 -136.55 84.84 5.08
C LYS A 987 -136.29 83.37 5.40
N LEU A 988 -135.91 82.61 4.39
CA LEU A 988 -135.66 81.18 4.53
C LEU A 988 -134.20 80.88 4.23
N THR A 989 -133.56 80.13 5.13
CA THR A 989 -132.13 79.86 5.02
C THR A 989 -131.83 78.96 3.82
N PRO A 990 -130.61 79.03 3.27
CA PRO A 990 -130.27 78.17 2.13
C PRO A 990 -130.40 76.69 2.41
N SER A 991 -130.17 76.23 3.65
CA SER A 991 -130.42 74.82 3.97
C SER A 991 -131.90 74.49 3.81
N GLN A 992 -132.77 75.39 4.27
CA GLN A 992 -134.20 75.21 4.07
C GLN A 992 -134.55 75.21 2.59
N GLU A 993 -133.87 76.07 1.81
CA GLU A 993 -134.07 76.09 0.36
C GLU A 993 -133.70 74.74 -0.26
N ALA A 994 -132.56 74.18 0.15
CA ALA A 994 -132.13 72.89 -0.38
C ALA A 994 -133.09 71.78 0.02
N MET A 995 -133.60 71.82 1.25
CA MET A 995 -134.56 70.80 1.69
C MET A 995 -135.86 70.89 0.89
N VAL A 996 -136.34 72.12 0.64
CA VAL A 996 -137.51 72.30 -0.21
C VAL A 996 -137.23 71.85 -1.63
N ASP A 997 -136.00 72.06 -2.10
CA ASP A 997 -135.61 71.55 -3.41
C ASP A 997 -135.67 70.04 -3.47
N LYS A 998 -135.22 69.37 -2.40
CA LYS A 998 -135.34 67.92 -2.33
C LYS A 998 -136.80 67.48 -2.34
N LEU A 999 -137.66 68.23 -1.64
CA LEU A 999 -139.08 67.95 -1.70
C LEU A 999 -139.63 68.08 -3.12
N ALA A 1000 -139.21 69.13 -3.83
CA ALA A 1000 -139.64 69.30 -5.22
C ALA A 1000 -139.14 68.16 -6.10
N GLU A 1001 -137.90 67.70 -5.86
CA GLU A 1001 -137.39 66.55 -6.58
C GLU A 1001 -138.23 65.31 -6.32
N ASN A 1002 -138.64 65.10 -5.07
CA ASN A 1002 -139.50 63.96 -4.75
C ASN A 1002 -140.84 64.07 -5.47
N ALA A 1003 -141.41 65.28 -5.50
CA ALA A 1003 -142.69 65.48 -6.19
C ALA A 1003 -142.56 65.19 -7.69
N HIS A 1004 -141.49 65.70 -8.31
CA HIS A 1004 -141.30 65.41 -9.73
C HIS A 1004 -140.98 63.94 -9.96
N ASN A 1005 -140.36 63.27 -8.99
CA ASN A 1005 -140.07 61.84 -9.12
C ASN A 1005 -141.35 61.02 -9.12
N VAL A 1006 -142.27 61.33 -8.19
CA VAL A 1006 -143.54 60.61 -8.20
C VAL A 1006 -144.34 60.97 -9.45
N TRP A 1007 -144.26 62.22 -9.90
CA TRP A 1007 -144.86 62.60 -11.18
C TRP A 1007 -144.34 61.73 -12.32
N ALA A 1008 -143.02 61.59 -12.42
CA ALA A 1008 -142.43 60.79 -13.48
C ALA A 1008 -142.81 59.32 -13.33
N ARG A 1009 -142.88 58.82 -12.10
CA ARG A 1009 -143.28 57.43 -11.89
C ARG A 1009 -144.69 57.19 -12.40
N ASP A 1010 -145.60 58.14 -12.16
CA ASP A 1010 -146.94 58.03 -12.72
C ASP A 1010 -146.93 58.18 -14.24
N ARG A 1011 -146.07 59.04 -14.77
CA ARG A 1011 -146.11 59.36 -16.21
C ARG A 1011 -145.54 58.24 -17.07
N ILE A 1012 -144.50 57.55 -16.59
CA ILE A 1012 -143.82 56.56 -17.42
C ILE A 1012 -144.73 55.40 -17.78
N ARG A 1013 -145.80 55.19 -17.02
CA ARG A 1013 -146.76 54.15 -17.38
C ARG A 1013 -147.43 54.45 -18.72
N GLN A 1014 -147.77 55.71 -18.95
CA GLN A 1014 -148.39 56.12 -20.20
C GLN A 1014 -147.34 56.19 -21.33
N ARG A 1027 -144.48 59.19 -22.97
CA ARG A 1027 -144.24 58.96 -24.39
C ARG A 1027 -142.86 59.46 -24.79
N ARG A 1028 -141.83 58.98 -24.10
CA ARG A 1028 -140.44 59.39 -24.33
C ARG A 1028 -140.30 60.92 -24.21
N ASN A 1029 -141.01 61.49 -23.25
CA ASN A 1029 -140.94 62.92 -22.99
C ASN A 1029 -139.69 63.25 -22.17
N PRO A 1030 -139.19 64.48 -22.26
CA PRO A 1030 -138.03 64.86 -21.45
C PRO A 1030 -138.26 64.70 -19.97
N ARG A 1031 -139.49 64.93 -19.50
CA ARG A 1031 -139.80 64.76 -18.08
C ARG A 1031 -139.57 63.32 -17.62
N LEU A 1032 -139.52 62.37 -18.55
CA LEU A 1032 -139.22 60.99 -18.19
C LEU A 1032 -137.81 60.83 -17.64
N VAL A 1033 -136.90 61.76 -17.93
CA VAL A 1033 -135.53 61.69 -17.43
C VAL A 1033 -135.58 61.97 -15.93
N PRO A 1034 -134.67 61.39 -15.13
CA PRO A 1034 -134.63 61.72 -13.70
C PRO A 1034 -134.36 63.19 -13.47
N TYR A 1035 -134.57 63.62 -12.22
CA TYR A 1035 -134.44 65.03 -11.86
C TYR A 1035 -132.99 65.51 -12.00
N THR A 1036 -132.02 64.60 -11.87
CA THR A 1036 -130.63 65.00 -11.99
C THR A 1036 -130.31 65.54 -13.38
N LEU A 1037 -130.85 64.90 -14.41
CA LEU A 1037 -130.64 65.34 -15.79
C LEU A 1037 -131.83 66.12 -16.33
N LEU A 1038 -132.79 66.49 -15.48
CA LEU A 1038 -133.96 67.21 -15.94
C LEU A 1038 -133.58 68.64 -16.34
N ASP A 1039 -134.35 69.19 -17.28
CA ASP A 1039 -134.07 70.53 -17.79
C ASP A 1039 -134.21 71.56 -16.67
N ASP A 1040 -133.24 72.48 -16.61
CA ASP A 1040 -133.16 73.42 -15.50
C ASP A 1040 -134.37 74.33 -15.41
N ARG A 1041 -134.99 74.65 -16.54
CA ARG A 1041 -136.20 75.48 -16.52
C ARG A 1041 -137.31 74.79 -15.74
N THR A 1042 -137.61 73.54 -16.11
CA THR A 1042 -138.64 72.78 -15.39
C THR A 1042 -138.23 72.54 -13.94
N LYS A 1043 -136.95 72.27 -13.70
CA LYS A 1043 -136.49 72.04 -12.33
C LYS A 1043 -136.73 73.27 -11.46
N LYS A 1044 -136.36 74.45 -11.95
CA LYS A 1044 -136.54 75.67 -11.17
C LYS A 1044 -138.02 76.00 -10.99
N SER A 1045 -138.84 75.79 -12.02
CA SER A 1045 -140.27 76.04 -11.88
C SER A 1045 -140.87 75.15 -10.81
N ASN A 1046 -140.55 73.85 -10.85
CA ASN A 1046 -141.05 72.93 -9.84
C ASN A 1046 -140.53 73.31 -8.46
N LYS A 1047 -139.25 73.73 -8.38
CA LYS A 1047 -138.67 74.11 -7.10
C LYS A 1047 -139.43 75.27 -6.47
N ASP A 1048 -139.68 76.33 -7.24
CA ASP A 1048 -140.37 77.49 -6.67
C ASP A 1048 -141.84 77.15 -6.37
N SER A 1049 -142.48 76.38 -7.24
CA SER A 1049 -143.89 76.05 -7.01
C SER A 1049 -144.05 75.23 -5.73
N LEU A 1050 -143.14 74.29 -5.48
CA LEU A 1050 -143.21 73.48 -4.26
C LEU A 1050 -142.70 74.25 -3.04
N ARG A 1051 -141.79 75.22 -3.25
CA ARG A 1051 -141.25 76.01 -2.15
C ARG A 1051 -142.22 77.08 -1.69
N GLU A 1052 -143.22 77.43 -2.50
CA GLU A 1052 -144.24 78.37 -2.03
C GLU A 1052 -144.95 77.84 -0.79
N ALA A 1053 -145.33 76.55 -0.80
CA ALA A 1053 -145.98 75.98 0.37
C ALA A 1053 -145.05 75.92 1.57
N VAL A 1054 -143.76 75.66 1.33
CA VAL A 1054 -142.79 75.67 2.41
C VAL A 1054 -142.68 77.06 3.03
N ARG A 1055 -142.71 78.10 2.19
CA ARG A 1055 -142.70 79.47 2.69
C ARG A 1055 -143.96 79.77 3.49
N THR A 1056 -145.12 79.26 3.03
CA THR A 1056 -146.34 79.42 3.82
C THR A 1056 -146.20 78.77 5.19
N LEU A 1057 -145.62 77.56 5.23
CA LEU A 1057 -145.38 76.90 6.51
C LEU A 1057 -144.46 77.72 7.40
N LEU A 1058 -143.39 78.26 6.83
CA LEU A 1058 -142.44 79.04 7.61
C LEU A 1058 -143.06 80.32 8.16
N GLY A 1059 -143.90 80.98 7.36
CA GLY A 1059 -144.53 82.22 7.80
C GLY A 1059 -145.47 82.01 8.97
N TYR A 1060 -146.25 80.91 8.94
CA TYR A 1060 -147.17 80.63 10.03
C TYR A 1060 -146.45 80.35 11.34
N GLY A 1061 -145.22 79.82 11.28
CA GLY A 1061 -144.45 79.54 12.47
C GLY A 1061 -144.63 78.16 13.05
N TYR A 1062 -145.51 77.34 12.49
CA TYR A 1062 -145.70 75.98 12.97
C TYR A 1062 -144.47 75.12 12.73
N ARG A 1084 -110.39 50.14 -10.00
CA ARG A 1084 -109.41 49.48 -10.85
C ARG A 1084 -108.42 50.55 -11.34
N PHE A 1085 -107.51 50.94 -10.46
CA PHE A 1085 -106.51 51.94 -10.83
C PHE A 1085 -105.57 51.39 -11.88
N ARG A 1086 -105.22 52.22 -12.85
CA ARG A 1086 -104.46 51.79 -14.02
C ARG A 1086 -103.03 52.26 -13.90
N ILE A 1087 -102.09 51.34 -14.08
CA ILE A 1087 -100.67 51.62 -13.98
C ILE A 1087 -100.06 51.53 -15.37
N PHE A 1088 -99.46 52.63 -15.83
CA PHE A 1088 -98.72 52.68 -17.08
C PHE A 1088 -97.23 52.75 -16.77
N ARG A 1089 -96.41 52.25 -17.70
CA ARG A 1089 -94.97 52.32 -17.51
C ARG A 1089 -94.29 52.18 -18.85
N ALA A 1090 -93.02 52.56 -18.88
CA ALA A 1090 -92.21 52.29 -20.06
C ALA A 1090 -91.83 50.81 -20.13
N GLU A 1091 -91.42 50.37 -21.31
CA GLU A 1091 -91.04 48.98 -21.49
C GLU A 1091 -89.82 48.63 -20.65
N LYS A 1092 -89.79 47.39 -20.16
CA LYS A 1092 -88.71 46.96 -19.29
C LYS A 1092 -87.37 46.89 -20.00
N THR A 1093 -87.36 46.81 -21.34
CA THR A 1093 -86.10 46.80 -22.06
C THR A 1093 -85.38 48.14 -21.97
N TYR A 1094 -86.13 49.23 -21.81
CA TYR A 1094 -85.56 50.56 -21.68
C TYR A 1094 -85.16 50.88 -20.25
N ALA A 1095 -85.08 49.89 -19.37
CA ALA A 1095 -84.66 50.12 -18.00
C ALA A 1095 -83.21 50.59 -17.97
N VAL A 1096 -82.94 51.56 -17.11
CA VAL A 1096 -81.62 52.18 -17.00
C VAL A 1096 -81.02 51.84 -15.64
N LYS A 1097 -79.79 51.34 -15.65
CA LYS A 1097 -79.09 50.96 -14.43
C LYS A 1097 -78.15 52.04 -13.92
N ALA A 1098 -77.92 53.09 -14.69
CA ALA A 1098 -77.00 54.15 -14.27
C ALA A 1098 -77.31 55.41 -15.07
N GLY A 1099 -76.85 56.54 -14.55
CA GLY A 1099 -76.95 57.82 -15.23
C GLY A 1099 -77.95 58.75 -14.58
N ARG A 1100 -78.18 59.87 -15.24
CA ARG A 1100 -79.11 60.90 -14.80
C ARG A 1100 -80.28 60.96 -15.78
N TRP A 1101 -81.49 60.91 -15.24
CA TRP A 1101 -82.69 60.76 -16.05
C TRP A 1101 -83.81 61.63 -15.50
N TYR A 1102 -84.74 61.96 -16.40
CA TYR A 1102 -85.86 62.85 -16.10
C TYR A 1102 -87.02 62.53 -17.04
N PHE A 1103 -88.23 62.68 -16.52
CA PHE A 1103 -89.42 62.70 -17.35
C PHE A 1103 -90.50 63.51 -16.63
N GLU A 1104 -91.48 63.96 -17.41
CA GLU A 1104 -92.58 64.79 -16.93
C GLU A 1104 -93.87 63.98 -16.88
N PHE A 1105 -94.67 64.24 -15.85
CA PHE A 1105 -96.01 63.71 -15.73
C PHE A 1105 -96.98 64.86 -15.60
N GLU A 1106 -97.99 64.88 -16.47
CA GLU A 1106 -99.06 65.87 -16.45
C GLU A 1106 -100.17 65.42 -15.53
N ALA A 1107 -100.91 66.39 -15.00
CA ALA A 1107 -102.11 66.12 -14.19
C ALA A 1107 -103.22 67.02 -14.73
N VAL A 1108 -103.94 66.56 -15.74
CA VAL A 1108 -105.04 67.36 -16.28
C VAL A 1108 -106.13 67.52 -15.23
N THR A 1109 -106.46 66.45 -14.52
CA THR A 1109 -107.39 66.48 -13.41
C THR A 1109 -106.66 66.01 -12.15
N ALA A 1110 -106.62 66.86 -11.14
CA ALA A 1110 -105.95 66.51 -9.89
C ALA A 1110 -106.70 65.40 -9.17
N GLY A 1111 -105.95 64.45 -8.62
CA GLY A 1111 -106.56 63.34 -7.90
C GLY A 1111 -105.58 62.25 -7.54
N ASP A 1112 -106.00 60.99 -7.68
CA ASP A 1112 -105.17 59.84 -7.31
C ASP A 1112 -104.11 59.65 -8.41
N MET A 1113 -103.04 60.44 -8.31
CA MET A 1113 -101.94 60.39 -9.25
C MET A 1113 -100.68 60.01 -8.50
N ARG A 1114 -99.98 58.98 -8.99
CA ARG A 1114 -98.66 58.65 -8.47
C ARG A 1114 -97.70 58.50 -9.64
N VAL A 1115 -96.50 59.03 -9.47
CA VAL A 1115 -95.50 59.01 -10.53
C VAL A 1115 -94.15 58.65 -9.93
N GLY A 1116 -93.34 57.91 -10.66
CA GLY A 1116 -92.01 57.58 -10.16
C GLY A 1116 -91.33 56.51 -10.99
N TRP A 1117 -90.46 55.75 -10.34
CA TRP A 1117 -89.65 54.74 -10.98
C TRP A 1117 -89.82 53.42 -10.25
N SER A 1118 -90.01 52.35 -11.01
CA SER A 1118 -90.19 51.02 -10.44
C SER A 1118 -89.36 50.01 -11.23
N ARG A 1119 -88.91 48.98 -10.53
CA ARG A 1119 -88.17 47.91 -11.17
C ARG A 1119 -89.13 47.03 -11.98
N PRO A 1120 -88.61 46.24 -12.92
CA PRO A 1120 -89.49 45.40 -13.76
C PRO A 1120 -90.35 44.43 -12.98
N GLY A 1121 -89.97 44.10 -11.74
CA GLY A 1121 -90.74 43.15 -10.95
C GLY A 1121 -92.04 43.66 -10.37
N CYS A 1122 -92.38 44.93 -10.61
CA CYS A 1122 -93.61 45.49 -10.06
C CYS A 1122 -94.82 44.77 -10.63
N GLN A 1123 -95.85 44.60 -9.80
CA GLN A 1123 -97.05 43.89 -10.19
C GLN A 1123 -98.20 44.86 -10.42
N PRO A 1124 -98.98 44.66 -11.48
CA PRO A 1124 -100.09 45.59 -11.77
C PRO A 1124 -101.12 45.69 -10.66
N ASP A 1125 -101.44 44.58 -9.98
CA ASP A 1125 -102.51 44.60 -8.99
C ASP A 1125 -102.14 45.46 -7.79
N LEU A 1126 -100.89 45.37 -7.33
CA LEU A 1126 -100.46 46.15 -6.18
C LEU A 1126 -100.39 47.63 -6.53
N GLU A 1127 -100.73 48.48 -5.57
CA GLU A 1127 -100.68 49.91 -5.78
C GLU A 1127 -99.24 50.38 -5.95
N LEU A 1128 -99.06 51.38 -6.80
CA LEU A 1128 -97.72 51.89 -7.09
C LEU A 1128 -97.12 52.51 -5.84
N GLY A 1129 -95.89 52.08 -5.51
CA GLY A 1129 -95.22 52.57 -4.32
C GLY A 1129 -95.61 51.87 -3.03
N SER A 1130 -96.56 50.94 -3.07
CA SER A 1130 -96.98 50.21 -1.88
C SER A 1130 -96.09 49.00 -1.60
N ASP A 1131 -95.10 48.74 -2.44
CA ASP A 1131 -94.19 47.63 -2.28
C ASP A 1131 -92.77 48.11 -2.51
N ASP A 1132 -91.80 47.31 -2.06
CA ASP A 1132 -90.40 47.69 -2.18
C ASP A 1132 -89.94 47.75 -3.64
N ARG A 1133 -90.72 47.21 -4.58
CA ARG A 1133 -90.33 47.21 -5.98
C ARG A 1133 -90.65 48.52 -6.69
N ALA A 1134 -91.33 49.46 -6.03
CA ALA A 1134 -91.75 50.69 -6.66
C ALA A 1134 -91.43 51.88 -5.77
N PHE A 1135 -90.94 52.95 -6.39
CA PHE A 1135 -90.70 54.23 -5.74
C PHE A 1135 -91.60 55.26 -6.42
N ALA A 1136 -92.66 55.67 -5.73
CA ALA A 1136 -93.63 56.58 -6.31
C ALA A 1136 -93.81 57.80 -5.42
N PHE A 1137 -94.48 58.81 -5.98
CA PHE A 1137 -94.84 60.01 -5.25
C PHE A 1137 -96.23 60.44 -5.69
N ASP A 1138 -97.06 60.82 -4.70
CA ASP A 1138 -98.41 61.32 -4.94
C ASP A 1138 -98.41 62.79 -4.53
N GLY A 1139 -98.59 63.66 -5.52
CA GLY A 1139 -98.61 65.09 -5.23
C GLY A 1139 -99.88 65.57 -4.59
N PHE A 1140 -101.02 64.95 -4.92
CA PHE A 1140 -102.29 65.38 -4.35
C PHE A 1140 -102.31 65.17 -2.84
N LYS A 1141 -101.79 64.04 -2.38
CA LYS A 1141 -101.59 63.82 -0.95
C LYS A 1141 -100.22 64.28 -0.47
N ALA A 1142 -99.33 64.67 -1.39
CA ALA A 1142 -98.02 65.22 -1.06
C ALA A 1142 -97.22 64.26 -0.19
N GLN A 1143 -96.97 63.07 -0.73
CA GLN A 1143 -96.27 62.05 0.05
C GLN A 1143 -95.63 61.03 -0.87
N ARG A 1144 -94.49 60.50 -0.43
CA ARG A 1144 -93.77 59.46 -1.16
C ARG A 1144 -94.26 58.08 -0.73
N TRP A 1145 -94.02 57.09 -1.60
CA TRP A 1145 -94.46 55.73 -1.37
C TRP A 1145 -93.35 54.77 -1.80
N HIS A 1146 -92.76 54.07 -0.83
CA HIS A 1146 -91.91 52.92 -1.12
C HIS A 1146 -91.92 52.04 0.13
N GLN A 1147 -92.70 50.96 0.08
CA GLN A 1147 -92.92 50.04 1.18
C GLN A 1147 -93.61 50.72 2.37
N GLY A 1148 -94.01 51.97 2.19
CA GLY A 1148 -94.65 52.73 3.27
C GLY A 1148 -95.03 54.09 2.75
N ASN A 1149 -95.76 54.83 3.59
CA ASN A 1149 -96.23 56.16 3.24
C ASN A 1149 -95.59 57.19 4.16
N GLU A 1150 -94.98 58.21 3.56
CA GLU A 1150 -94.33 59.29 4.30
C GLU A 1150 -94.54 60.60 3.56
N HIS A 1151 -94.84 61.66 4.31
CA HIS A 1151 -95.15 62.95 3.72
C HIS A 1151 -93.94 63.50 2.97
N TYR A 1152 -94.21 64.19 1.85
CA TYR A 1152 -93.14 64.73 1.02
C TYR A 1152 -93.70 65.89 0.20
N GLY A 1153 -93.20 67.09 0.46
CA GLY A 1153 -93.53 68.23 -0.38
C GLY A 1153 -94.95 68.74 -0.19
N ARG A 1154 -95.34 69.60 -1.12
CA ARG A 1154 -96.65 70.24 -1.13
C ARG A 1154 -97.57 69.57 -2.14
N SER A 1155 -98.78 70.11 -2.26
CA SER A 1155 -99.78 69.59 -3.18
C SER A 1155 -99.73 70.34 -4.51
N TRP A 1156 -100.28 69.70 -5.54
CA TRP A 1156 -100.31 70.25 -6.88
C TRP A 1156 -101.75 70.54 -7.30
N GLN A 1157 -101.87 71.18 -8.45
CA GLN A 1157 -103.17 71.49 -9.03
C GLN A 1157 -103.26 70.97 -10.47
N ALA A 1158 -104.34 71.30 -11.16
CA ALA A 1158 -104.48 70.87 -12.55
C ALA A 1158 -103.42 71.51 -13.43
N GLY A 1159 -102.81 70.69 -14.30
CA GLY A 1159 -101.78 71.17 -15.18
C GLY A 1159 -100.40 71.32 -14.56
N ASP A 1160 -100.23 70.93 -13.30
CA ASP A 1160 -98.95 71.05 -12.63
C ASP A 1160 -98.07 69.87 -13.02
N VAL A 1161 -97.14 70.11 -13.94
CA VAL A 1161 -96.23 69.05 -14.38
C VAL A 1161 -95.28 68.70 -13.26
N VAL A 1162 -95.03 67.41 -13.08
CA VAL A 1162 -94.07 66.93 -12.09
C VAL A 1162 -92.95 66.21 -12.83
N GLY A 1163 -91.72 66.64 -12.61
CA GLY A 1163 -90.55 66.04 -13.24
C GLY A 1163 -89.80 65.17 -12.26
N CYS A 1164 -89.14 64.14 -12.78
CA CYS A 1164 -88.50 63.13 -11.93
C CYS A 1164 -86.98 63.12 -12.14
N MET A 1165 -86.26 63.85 -11.29
CA MET A 1165 -84.80 63.72 -11.27
C MET A 1165 -84.42 62.37 -10.69
N VAL A 1166 -83.58 61.62 -11.42
CA VAL A 1166 -83.03 60.37 -10.89
C VAL A 1166 -81.56 60.30 -11.27
N ASP A 1167 -80.68 60.22 -10.27
CA ASP A 1167 -79.25 60.02 -10.46
C ASP A 1167 -78.91 58.66 -9.86
N MET A 1168 -78.77 57.66 -10.73
CA MET A 1168 -78.53 56.29 -10.25
C MET A 1168 -77.13 56.13 -9.68
N ASN A 1169 -76.14 56.82 -10.26
CA ASN A 1169 -74.78 56.74 -9.74
C ASN A 1169 -74.71 57.27 -8.31
N GLU A 1170 -75.40 58.38 -8.05
CA GLU A 1170 -75.46 58.93 -6.70
C GLU A 1170 -76.54 58.28 -5.85
N HIS A 1171 -77.35 57.39 -6.43
CA HIS A 1171 -78.45 56.74 -5.72
C HIS A 1171 -79.39 57.78 -5.11
N THR A 1172 -79.66 58.84 -5.87
CA THR A 1172 -80.58 59.89 -5.45
C THR A 1172 -81.76 59.93 -6.42
N MET A 1173 -82.92 60.27 -5.90
CA MET A 1173 -84.12 60.34 -6.73
C MET A 1173 -85.14 61.23 -6.06
N MET A 1174 -85.61 62.26 -6.77
CA MET A 1174 -86.61 63.16 -6.21
C MET A 1174 -87.35 63.86 -7.34
N PHE A 1175 -88.27 64.74 -6.94
CA PHE A 1175 -89.30 65.25 -7.82
C PHE A 1175 -89.29 66.78 -7.80
N THR A 1176 -89.63 67.37 -8.94
CA THR A 1176 -89.80 68.82 -9.06
C THR A 1176 -91.23 69.09 -9.46
N LEU A 1177 -91.98 69.78 -8.61
CA LEU A 1177 -93.37 70.08 -8.86
C LEU A 1177 -93.47 71.46 -9.52
N ASN A 1178 -93.95 71.49 -10.76
CA ASN A 1178 -94.10 72.72 -11.52
C ASN A 1178 -92.79 73.48 -11.65
N GLY A 1179 -91.68 72.74 -11.73
CA GLY A 1179 -90.37 73.33 -11.94
C GLY A 1179 -89.61 73.69 -10.68
N GLU A 1180 -90.22 73.57 -9.50
CA GLU A 1180 -89.55 73.87 -8.25
C GLU A 1180 -89.40 72.61 -7.41
N ILE A 1181 -88.27 72.51 -6.71
CA ILE A 1181 -87.96 71.33 -5.91
C ILE A 1181 -88.77 71.38 -4.62
N LEU A 1182 -89.38 70.25 -4.26
CA LEU A 1182 -90.11 70.15 -3.01
C LEU A 1182 -89.14 70.14 -1.82
N LEU A 1183 -89.67 70.52 -0.66
CA LEU A 1183 -88.88 70.66 0.56
C LEU A 1183 -88.94 69.41 1.43
N ASP A 1184 -89.58 68.34 0.96
CA ASP A 1184 -89.69 67.07 1.69
C ASP A 1184 -90.39 67.35 3.03
N ASP A 1185 -89.77 67.06 4.17
CA ASP A 1185 -90.41 67.22 5.46
C ASP A 1185 -89.81 68.36 6.27
N SER A 1186 -88.50 68.33 6.54
CA SER A 1186 -87.86 69.36 7.35
C SER A 1186 -86.86 70.17 6.56
N GLY A 1187 -85.84 69.54 5.99
CA GLY A 1187 -84.83 70.26 5.24
C GLY A 1187 -84.27 69.50 4.06
N SER A 1188 -84.84 68.33 3.77
CA SER A 1188 -84.35 67.50 2.70
C SER A 1188 -85.03 67.87 1.38
N GLU A 1189 -84.48 67.37 0.28
CA GLU A 1189 -85.07 67.53 -1.03
C GLU A 1189 -85.27 66.23 -1.77
N LEU A 1190 -84.68 65.13 -1.33
CA LEU A 1190 -84.72 63.86 -2.04
C LEU A 1190 -85.75 62.94 -1.40
N ALA A 1191 -86.62 62.36 -2.23
CA ALA A 1191 -87.67 61.49 -1.71
C ALA A 1191 -87.11 60.15 -1.25
N PHE A 1192 -86.23 59.54 -2.04
CA PHE A 1192 -85.67 58.25 -1.70
C PHE A 1192 -84.16 58.27 -1.95
N LYS A 1193 -83.45 57.38 -1.25
CA LYS A 1193 -82.01 57.27 -1.39
C LYS A 1193 -81.61 55.85 -1.03
N ASP A 1194 -80.29 55.64 -0.89
CA ASP A 1194 -79.62 54.41 -0.43
C ASP A 1194 -80.36 53.14 -0.85
N PHE A 1195 -80.62 53.00 -2.14
CA PHE A 1195 -81.35 51.85 -2.68
C PHE A 1195 -80.46 51.09 -3.64
N ASP A 1196 -80.52 49.77 -3.56
CA ASP A 1196 -79.75 48.92 -4.46
C ASP A 1196 -80.26 49.09 -5.88
N VAL A 1197 -79.32 49.17 -6.84
CA VAL A 1197 -79.69 49.35 -8.23
C VAL A 1197 -80.51 48.17 -8.73
N GLY A 1198 -80.00 46.96 -8.53
CA GLY A 1198 -80.70 45.77 -8.98
C GLY A 1198 -80.99 45.85 -10.47
N ASP A 1199 -82.24 45.58 -10.84
CA ASP A 1199 -82.68 45.79 -12.21
C ASP A 1199 -82.91 47.28 -12.46
N GLY A 1200 -82.75 47.68 -13.71
CA GLY A 1200 -82.90 49.09 -14.04
C GLY A 1200 -84.31 49.59 -13.73
N PHE A 1201 -84.37 50.81 -13.22
CA PHE A 1201 -85.65 51.41 -12.90
C PHE A 1201 -86.32 51.96 -14.16
N ILE A 1202 -87.66 51.90 -14.17
CA ILE A 1202 -88.44 52.26 -15.35
C ILE A 1202 -89.43 53.35 -14.98
N PRO A 1203 -89.65 54.34 -15.84
CA PRO A 1203 -90.70 55.32 -15.57
C PRO A 1203 -92.06 54.64 -15.46
N VAL A 1204 -92.84 55.07 -14.47
CA VAL A 1204 -94.12 54.43 -14.16
C VAL A 1204 -95.04 55.47 -13.53
N CYS A 1205 -96.34 55.34 -13.80
CA CYS A 1205 -97.34 56.23 -13.22
C CYS A 1205 -98.65 55.49 -13.05
N SER A 1206 -99.25 55.64 -11.87
CA SER A 1206 -100.53 55.02 -11.53
C SER A 1206 -101.60 56.09 -11.40
N LEU A 1207 -102.71 55.88 -12.10
CA LEU A 1207 -103.81 56.84 -12.12
C LEU A 1207 -105.08 56.17 -11.62
N GLY A 1208 -105.81 56.87 -10.76
CA GLY A 1208 -107.03 56.37 -10.17
C GLY A 1208 -108.27 56.76 -10.95
N VAL A 1209 -109.40 56.70 -10.26
CA VAL A 1209 -110.70 56.88 -10.91
C VAL A 1209 -110.86 58.33 -11.35
N ALA A 1210 -111.32 58.52 -12.59
CA ALA A 1210 -111.58 59.84 -13.16
C ALA A 1210 -110.33 60.72 -13.12
N GLN A 1211 -109.23 60.18 -13.62
CA GLN A 1211 -107.94 60.86 -13.61
C GLN A 1211 -107.36 60.87 -15.01
N VAL A 1212 -106.76 61.98 -15.39
CA VAL A 1212 -106.15 62.16 -16.71
C VAL A 1212 -104.73 62.68 -16.53
N GLY A 1213 -103.77 61.98 -17.13
CA GLY A 1213 -102.38 62.42 -17.09
C GLY A 1213 -101.69 62.10 -18.40
N ARG A 1214 -100.58 62.77 -18.62
CA ARG A 1214 -99.78 62.58 -19.82
C ARG A 1214 -98.33 62.30 -19.44
N MET A 1215 -97.65 61.53 -20.29
CA MET A 1215 -96.27 61.14 -20.08
C MET A 1215 -95.39 61.87 -21.07
N ASN A 1216 -94.27 62.44 -20.59
CA ASN A 1216 -93.31 63.12 -21.45
C ASN A 1216 -91.93 62.59 -21.09
N PHE A 1217 -91.49 61.58 -21.84
CA PHE A 1217 -90.18 60.98 -21.56
C PHE A 1217 -89.05 61.91 -21.98
N GLY A 1218 -89.30 62.80 -22.94
CA GLY A 1218 -88.30 63.76 -23.34
C GLY A 1218 -87.63 63.41 -24.66
N LYS A 1219 -88.41 62.91 -25.62
CA LYS A 1219 -87.86 62.63 -26.94
C LYS A 1219 -87.40 63.92 -27.60
N ASP A 1220 -88.18 64.99 -27.48
CA ASP A 1220 -87.81 66.30 -27.98
C ASP A 1220 -87.72 67.27 -26.80
N VAL A 1221 -86.61 67.99 -26.71
CA VAL A 1221 -86.40 68.91 -25.60
C VAL A 1221 -87.40 70.06 -25.66
N SER A 1222 -87.76 70.51 -26.88
CA SER A 1222 -88.72 71.59 -27.02
C SER A 1222 -90.06 71.24 -26.38
N THR A 1223 -90.44 69.95 -26.42
CA THR A 1223 -91.66 69.54 -25.73
C THR A 1223 -91.54 69.73 -24.22
N LEU A 1224 -90.36 69.45 -23.66
CA LEU A 1224 -90.14 69.66 -22.24
C LEU A 1224 -90.21 71.15 -21.91
N LYS A 1225 -90.98 71.48 -20.88
CA LYS A 1225 -91.21 72.88 -20.51
C LYS A 1225 -90.27 73.36 -19.41
N TYR A 1226 -90.28 72.68 -18.26
CA TYR A 1226 -89.49 73.09 -17.10
C TYR A 1226 -88.16 72.37 -17.02
N PHE A 1227 -87.70 71.78 -18.12
CA PHE A 1227 -86.39 71.13 -18.13
C PHE A 1227 -85.27 72.13 -17.89
N THR A 1228 -85.34 73.31 -18.53
CA THR A 1228 -84.27 74.30 -18.41
C THR A 1228 -84.14 74.84 -17.00
N ILE A 1229 -85.14 74.63 -16.14
CA ILE A 1229 -85.08 75.17 -14.79
C ILE A 1229 -84.32 74.22 -13.86
N CYS A 1230 -84.54 72.92 -13.99
CA CYS A 1230 -83.92 71.93 -13.11
C CYS A 1230 -82.98 70.98 -13.83
N GLY A 1231 -83.47 70.29 -14.86
CA GLY A 1231 -82.66 69.26 -15.49
C GLY A 1231 -81.42 69.81 -16.19
N LEU A 1232 -81.56 70.96 -16.84
CA LEU A 1232 -80.43 71.57 -17.53
C LEU A 1232 -79.33 71.96 -16.57
N GLN A 1233 -79.69 72.55 -15.43
CA GLN A 1233 -78.68 73.05 -14.50
C GLN A 1233 -77.92 71.91 -13.83
N GLU A 1234 -78.61 70.86 -13.41
CA GLU A 1234 -77.97 69.78 -12.68
C GLU A 1234 -77.44 68.67 -13.59
N GLY A 1235 -77.53 68.83 -14.90
CA GLY A 1235 -76.94 67.87 -15.81
C GLY A 1235 -77.70 66.57 -15.97
N TYR A 1236 -79.01 66.58 -15.72
CA TYR A 1236 -79.84 65.40 -15.93
C TYR A 1236 -80.29 65.35 -17.38
N GLU A 1237 -80.01 64.25 -18.05
CA GLU A 1237 -80.40 64.13 -19.45
C GLU A 1237 -81.81 63.54 -19.57
N PRO A 1238 -82.52 63.87 -20.64
CA PRO A 1238 -83.86 63.30 -20.83
C PRO A 1238 -83.81 61.79 -20.98
N PHE A 1239 -84.90 61.13 -20.57
CA PHE A 1239 -84.93 59.68 -20.58
C PHE A 1239 -84.87 59.12 -21.99
N ALA A 1240 -85.47 59.82 -22.97
CA ALA A 1240 -85.56 59.29 -24.33
C ALA A 1240 -85.06 60.31 -25.36
N VAL A 1241 -84.07 61.13 -25.00
CA VAL A 1241 -83.52 62.08 -25.97
C VAL A 1241 -82.71 61.35 -27.02
N ASN A 1242 -81.86 60.40 -26.61
CA ASN A 1242 -81.09 59.60 -27.54
C ASN A 1242 -81.92 58.51 -28.21
N THR A 1243 -83.10 58.21 -27.68
CA THR A 1243 -83.92 57.13 -28.22
C THR A 1243 -84.44 57.52 -29.60
N ASN A 1244 -84.29 56.60 -30.56
CA ASN A 1244 -84.65 56.89 -31.94
C ASN A 1244 -86.15 56.85 -32.18
N ARG A 1245 -86.86 55.92 -31.53
CA ARG A 1245 -88.27 55.71 -31.77
C ARG A 1245 -89.04 55.77 -30.45
N ASP A 1246 -90.34 56.00 -30.55
CA ASP A 1246 -91.16 56.22 -29.36
C ASP A 1246 -91.16 54.98 -28.46
N ILE A 1247 -91.20 55.22 -27.15
CA ILE A 1247 -91.16 54.14 -26.18
C ILE A 1247 -92.49 53.41 -26.18
N THR A 1248 -92.44 52.08 -26.33
CA THR A 1248 -93.65 51.27 -26.17
C THR A 1248 -94.10 51.32 -24.72
N MET A 1249 -95.40 51.49 -24.51
CA MET A 1249 -95.96 51.62 -23.18
C MET A 1249 -96.62 50.31 -22.76
N TRP A 1250 -96.30 49.86 -21.55
CA TRP A 1250 -96.90 48.66 -20.98
C TRP A 1250 -97.76 49.06 -19.80
N LEU A 1251 -99.01 48.61 -19.77
CA LEU A 1251 -99.96 49.03 -18.76
C LEU A 1251 -100.67 47.83 -18.19
N SER A 1252 -101.37 48.06 -17.08
CA SER A 1252 -102.17 47.02 -16.46
C SER A 1252 -103.44 46.80 -17.28
N LYS A 1253 -103.63 45.56 -17.75
CA LYS A 1253 -104.75 45.24 -18.62
C LYS A 1253 -105.97 44.85 -17.79
N ARG A 1254 -107.16 45.22 -18.28
CA ARG A 1254 -108.37 44.97 -17.52
C ARG A 1254 -108.77 43.50 -17.56
N LEU A 1255 -108.65 42.87 -18.73
CA LEU A 1255 -109.12 41.50 -18.89
C LEU A 1255 -108.26 40.54 -18.10
N PRO A 1256 -108.83 39.74 -17.20
CA PRO A 1256 -108.03 38.75 -16.47
C PRO A 1256 -107.95 37.43 -17.21
N GLN A 1257 -106.75 36.88 -17.36
CA GLN A 1257 -106.53 35.64 -18.07
C GLN A 1257 -106.09 34.54 -17.11
N PHE A 1258 -106.24 33.31 -17.55
CA PHE A 1258 -105.86 32.16 -16.74
C PHE A 1258 -104.37 31.93 -16.84
N LEU A 1259 -103.70 31.87 -15.70
CA LEU A 1259 -102.27 31.60 -15.64
C LEU A 1259 -102.02 30.35 -14.81
N GLN A 1260 -100.93 29.65 -15.13
CA GLN A 1260 -100.58 28.44 -14.40
C GLN A 1260 -100.29 28.79 -12.94
N VAL A 1261 -100.73 27.91 -12.04
CA VAL A 1261 -100.56 28.17 -10.61
C VAL A 1261 -99.07 28.13 -10.26
N PRO A 1262 -98.55 29.14 -9.57
CA PRO A 1262 -97.16 29.08 -9.12
C PRO A 1262 -97.05 28.53 -7.70
N SER A 1263 -95.90 27.93 -7.43
CA SER A 1263 -95.68 27.30 -6.13
C SER A 1263 -95.68 28.34 -5.00
N ASN A 1264 -95.08 29.50 -5.24
CA ASN A 1264 -94.96 30.51 -4.21
C ASN A 1264 -96.22 31.32 -4.00
N HIS A 1265 -97.26 31.12 -4.81
CA HIS A 1265 -98.48 31.88 -4.67
C HIS A 1265 -99.19 31.53 -3.37
N GLU A 1266 -99.68 32.56 -2.68
CA GLU A 1266 -100.44 32.35 -1.46
C GLU A 1266 -101.81 31.76 -1.78
N HIS A 1267 -102.37 31.04 -0.80
CA HIS A 1267 -103.66 30.34 -0.92
C HIS A 1267 -103.77 29.54 -2.21
N ILE A 1268 -102.63 29.14 -2.77
CA ILE A 1268 -102.62 28.33 -3.98
C ILE A 1268 -101.54 27.26 -3.85
N GLU A 1269 -101.96 26.04 -3.52
CA GLU A 1269 -101.05 24.90 -3.43
C GLU A 1269 -101.73 23.71 -4.08
N VAL A 1270 -101.23 23.30 -5.24
CA VAL A 1270 -101.75 22.15 -5.97
C VAL A 1270 -100.79 20.99 -5.77
N THR A 1271 -101.29 19.91 -5.16
CA THR A 1271 -100.49 18.73 -4.89
C THR A 1271 -100.78 17.68 -5.96
N ARG A 1272 -99.73 17.24 -6.65
CA ARG A 1272 -99.84 16.24 -7.70
C ARG A 1272 -99.43 14.89 -7.13
N ILE A 1273 -100.40 14.02 -6.92
CA ILE A 1273 -100.17 12.69 -6.34
C ILE A 1273 -100.39 11.66 -7.42
N ASP A 1274 -99.49 10.68 -7.49
CA ASP A 1274 -99.58 9.59 -8.47
C ASP A 1274 -99.58 10.14 -9.89
N LYS A 1284 -105.08 3.79 -7.90
CA LYS A 1284 -103.99 3.90 -8.87
C LYS A 1284 -104.38 4.84 -10.01
N VAL A 1285 -105.06 5.93 -9.67
CA VAL A 1285 -105.48 6.94 -10.63
C VAL A 1285 -104.93 8.29 -10.17
N THR A 1286 -104.40 9.06 -11.12
CA THR A 1286 -103.78 10.34 -10.79
C THR A 1286 -104.83 11.32 -10.26
N GLN A 1287 -104.40 12.14 -9.30
CA GLN A 1287 -105.27 13.13 -8.67
C GLN A 1287 -104.57 14.48 -8.64
N LYS A 1288 -105.37 15.54 -8.70
CA LYS A 1288 -104.86 16.91 -8.52
C LYS A 1288 -105.69 17.60 -7.44
N SER A 1289 -105.17 17.67 -6.23
CA SER A 1289 -105.87 18.26 -5.09
C SER A 1289 -105.34 19.65 -4.82
N PHE A 1290 -106.22 20.57 -4.46
CA PHE A 1290 -105.80 21.93 -4.07
C PHE A 1290 -106.02 22.13 -2.58
N GLY A 1291 -104.93 21.98 -1.82
CA GLY A 1291 -104.91 22.27 -0.39
C GLY A 1291 -104.43 23.67 -0.06
N SER A 1292 -105.25 24.67 -0.34
CA SER A 1292 -104.88 26.05 -0.04
C SER A 1292 -104.75 26.25 1.47
N GLN A 1293 -103.86 27.17 1.85
CA GLN A 1293 -103.58 27.41 3.27
C GLN A 1293 -103.96 28.80 3.74
N ASN A 1294 -103.66 29.84 2.96
CA ASN A 1294 -103.96 31.21 3.40
C ASN A 1294 -105.46 31.49 3.36
N ASN A 1295 -106.11 31.12 2.26
CA ASN A 1295 -107.56 31.25 2.08
C ASN A 1295 -108.03 32.69 2.28
N ASN A 1296 -107.20 33.68 1.93
CA ASN A 1296 -107.61 35.07 2.04
C ASN A 1296 -108.59 35.45 0.94
N THR A 1297 -108.32 35.03 -0.29
CA THR A 1297 -109.22 35.32 -1.41
C THR A 1297 -110.49 34.49 -1.28
N ASP A 1298 -111.60 35.06 -1.76
CA ASP A 1298 -112.90 34.43 -1.55
C ASP A 1298 -113.13 33.28 -2.53
N ILE A 1299 -113.19 33.58 -3.83
CA ILE A 1299 -113.57 32.60 -4.84
C ILE A 1299 -112.46 32.49 -5.87
N MET A 1300 -112.07 31.26 -6.19
CA MET A 1300 -111.04 30.96 -7.18
C MET A 1300 -111.65 30.18 -8.33
N PHE A 1301 -111.23 30.54 -9.54
CA PHE A 1301 -111.63 29.85 -10.77
C PHE A 1301 -110.45 29.04 -11.25
N TYR A 1302 -110.61 27.72 -11.36
CA TYR A 1302 -109.53 26.84 -11.74
C TYR A 1302 -109.85 26.17 -13.07
N ARG A 1303 -108.86 26.12 -13.96
CA ARG A 1303 -109.03 25.57 -15.30
C ARG A 1303 -107.82 24.71 -15.63
N LEU A 1304 -108.06 23.57 -16.28
CA LEU A 1304 -106.96 22.74 -16.73
C LEU A 1304 -106.22 23.40 -17.90
N SER A 1305 -104.98 22.95 -18.11
CA SER A 1305 -104.11 23.61 -19.09
C SER A 1305 -104.64 23.44 -20.51
N MET A 1306 -105.03 22.23 -20.88
CA MET A 1306 -105.40 22.01 -22.27
C MET A 1306 -106.85 21.55 -22.38
N PRO A 1307 -107.52 21.91 -23.49
CA PRO A 1307 -108.95 21.57 -23.62
C PRO A 1307 -109.17 20.26 -24.34
N ILE A 1308 -110.45 19.90 -24.47
CA ILE A 1308 -110.88 18.83 -25.37
C ILE A 1308 -111.76 19.46 -26.43
N GLU A 1309 -111.45 19.19 -27.70
CA GLU A 1309 -112.22 19.74 -28.80
C GLU A 1309 -113.30 18.76 -29.24
N CYS A 1310 -114.42 19.31 -29.69
CA CYS A 1310 -115.49 18.48 -30.21
C CYS A 1310 -115.29 18.25 -31.70
N ALA A 1311 -116.11 17.35 -32.26
CA ALA A 1311 -116.02 17.03 -33.67
C ALA A 1311 -116.38 18.25 -34.53
N GLU A 1312 -115.63 18.43 -35.62
CA GLU A 1312 -115.91 19.56 -36.51
C GLU A 1312 -117.25 19.38 -37.22
N VAL A 1313 -117.70 18.14 -37.39
CA VAL A 1313 -119.03 17.83 -37.89
C VAL A 1313 -119.69 16.87 -36.91
N PHE A 1314 -120.81 17.28 -36.34
CA PHE A 1314 -121.49 16.45 -35.36
C PHE A 1314 -122.28 15.35 -36.03
N SER A 1315 -122.18 14.14 -35.48
CA SER A 1315 -122.90 12.99 -36.03
C SER A 1315 -124.38 13.06 -35.67
N ASP A 1416 -117.22 -3.58 -22.62
CA ASP A 1416 -116.65 -3.96 -23.90
C ASP A 1416 -115.52 -3.03 -24.33
N TYR A 1417 -114.29 -3.56 -24.33
CA TYR A 1417 -113.14 -2.75 -24.72
C TYR A 1417 -113.22 -2.33 -26.18
N GLU A 1418 -113.87 -3.12 -27.02
CA GLU A 1418 -114.05 -2.74 -28.42
C GLU A 1418 -114.87 -1.46 -28.54
N TYR A 1419 -116.04 -1.43 -27.90
CA TYR A 1419 -116.85 -0.22 -27.96
C TYR A 1419 -116.20 0.91 -27.18
N LEU A 1420 -115.37 0.59 -26.18
CA LEU A 1420 -114.59 1.61 -25.51
C LEU A 1420 -113.62 2.29 -26.46
N MET A 1421 -112.99 1.51 -27.33
CA MET A 1421 -112.06 2.11 -28.31
C MET A 1421 -112.81 2.84 -29.41
N GLN A 1422 -113.99 2.36 -29.80
CA GLN A 1422 -114.77 3.08 -30.81
C GLN A 1422 -115.39 4.36 -30.26
N THR A 1423 -115.62 4.44 -28.95
CA THR A 1423 -116.39 5.54 -28.40
C THR A 1423 -115.57 6.83 -28.41
N SER A 1424 -116.29 7.96 -28.37
CA SER A 1424 -115.69 9.28 -28.34
C SER A 1424 -115.99 10.02 -27.04
N THR A 1425 -116.72 9.42 -26.12
CA THR A 1425 -117.02 10.07 -24.85
C THR A 1425 -115.80 10.04 -23.94
N TYR A 1426 -115.56 11.15 -23.26
CA TYR A 1426 -114.46 11.28 -22.32
C TYR A 1426 -114.99 11.73 -20.96
N TYR A 1427 -114.45 11.14 -19.90
CA TYR A 1427 -114.95 11.33 -18.55
C TYR A 1427 -113.86 11.87 -17.65
N TYR A 1428 -114.23 12.83 -16.80
CA TYR A 1428 -113.39 13.20 -15.66
C TYR A 1428 -114.31 13.42 -14.48
N SER A 1429 -113.72 13.61 -13.29
CA SER A 1429 -114.55 13.84 -12.12
C SER A 1429 -113.88 14.84 -11.19
N VAL A 1430 -114.69 15.42 -10.31
CA VAL A 1430 -114.22 16.34 -9.28
C VAL A 1430 -114.74 15.86 -7.94
N ARG A 1431 -113.84 15.65 -7.00
CA ARG A 1431 -114.19 15.20 -5.66
C ARG A 1431 -113.95 16.35 -4.67
N ILE A 1432 -114.98 16.69 -3.91
CA ILE A 1432 -114.92 17.80 -2.96
C ILE A 1432 -114.56 17.24 -1.60
N PHE A 1433 -113.50 17.76 -0.99
CA PHE A 1433 -113.07 17.26 0.30
C PHE A 1433 -114.05 17.70 1.39
N PRO A 1434 -114.16 16.94 2.48
CA PRO A 1434 -115.00 17.37 3.60
C PRO A 1434 -114.54 18.70 4.16
N GLY A 1435 -115.51 19.51 4.58
CA GLY A 1435 -115.25 20.85 5.07
C GLY A 1435 -115.48 21.94 4.03
N GLN A 1436 -115.58 21.58 2.76
CA GLN A 1436 -115.88 22.53 1.69
C GLN A 1436 -117.36 22.49 1.40
N GLU A 1437 -118.02 23.63 1.54
CA GLU A 1437 -119.47 23.71 1.34
C GLU A 1437 -119.81 23.56 -0.14
N PRO A 1438 -120.61 22.56 -0.51
CA PRO A 1438 -120.85 22.30 -1.94
C PRO A 1438 -121.54 23.44 -2.68
N ALA A 1439 -122.33 24.27 -2.00
CA ALA A 1439 -123.12 25.27 -2.70
C ALA A 1439 -122.28 26.35 -3.38
N ASN A 1440 -120.99 26.47 -3.03
CA ASN A 1440 -120.10 27.42 -3.67
C ASN A 1440 -119.17 26.75 -4.68
N VAL A 1441 -119.48 25.52 -5.09
CA VAL A 1441 -118.66 24.77 -6.04
C VAL A 1441 -119.47 24.54 -7.30
N TRP A 1442 -118.92 24.92 -8.45
CA TRP A 1442 -119.53 24.69 -9.75
C TRP A 1442 -118.56 23.89 -10.60
N VAL A 1443 -119.02 22.76 -11.11
CA VAL A 1443 -118.18 21.83 -11.86
C VAL A 1443 -118.71 21.70 -13.28
N GLY A 1444 -117.82 21.85 -14.25
CA GLY A 1444 -118.24 21.76 -15.65
C GLY A 1444 -117.12 22.14 -16.59
N TRP A 1445 -117.52 22.62 -17.76
CA TRP A 1445 -116.58 22.96 -18.83
C TRP A 1445 -116.72 24.42 -19.20
N ILE A 1446 -115.62 25.02 -19.65
CA ILE A 1446 -115.62 26.37 -20.18
C ILE A 1446 -114.83 26.39 -21.48
N THR A 1447 -115.09 27.42 -22.28
CA THR A 1447 -114.31 27.68 -23.47
C THR A 1447 -113.16 28.62 -23.12
N SER A 1448 -112.46 29.12 -24.13
CA SER A 1448 -111.38 30.07 -23.90
C SER A 1448 -111.88 31.50 -23.76
N ASP A 1449 -113.18 31.73 -23.91
CA ASP A 1449 -113.75 33.07 -23.88
C ASP A 1449 -114.23 33.49 -22.50
N PHE A 1450 -114.03 32.67 -21.48
CA PHE A 1450 -114.49 33.00 -20.13
C PHE A 1450 -113.46 33.91 -19.46
N HIS A 1451 -113.75 35.21 -19.45
CA HIS A 1451 -112.93 36.18 -18.74
C HIS A 1451 -113.73 36.95 -17.70
N GLN A 1452 -114.94 36.48 -17.37
CA GLN A 1452 -115.77 37.15 -16.38
C GLN A 1452 -115.23 36.91 -14.98
N TYR A 1453 -115.03 37.99 -14.23
CA TYR A 1453 -114.54 37.92 -12.86
C TYR A 1453 -115.48 38.70 -11.94
N ASP A 1454 -115.85 38.08 -10.83
CA ASP A 1454 -116.68 38.73 -9.83
C ASP A 1454 -116.47 38.02 -8.50
N THR A 1455 -116.78 38.73 -7.42
CA THR A 1455 -116.69 38.14 -6.09
C THR A 1455 -117.71 37.02 -5.89
N GLY A 1456 -118.77 37.01 -6.67
CA GLY A 1456 -119.75 35.93 -6.62
C GLY A 1456 -120.10 35.48 -8.01
N PHE A 1457 -120.35 34.18 -8.13
CA PHE A 1457 -120.65 33.55 -9.41
C PHE A 1457 -122.05 32.94 -9.37
N ASP A 1458 -122.85 33.23 -10.39
CA ASP A 1458 -124.17 32.64 -10.53
C ASP A 1458 -124.34 32.15 -11.96
N LEU A 1459 -125.06 31.04 -12.12
CA LEU A 1459 -125.32 30.52 -13.45
C LEU A 1459 -126.21 31.43 -14.28
N ASP A 1460 -127.01 32.28 -13.63
CA ASP A 1460 -127.83 33.24 -14.37
C ASP A 1460 -127.00 34.38 -14.94
N ARG A 1461 -125.86 34.68 -14.35
CA ARG A 1461 -124.98 35.73 -14.86
C ARG A 1461 -124.06 35.26 -15.98
N VAL A 1462 -124.12 33.98 -16.34
CA VAL A 1462 -123.28 33.46 -17.41
C VAL A 1462 -123.71 34.09 -18.73
N ARG A 1463 -122.74 34.59 -19.48
CA ARG A 1463 -123.01 35.28 -20.74
C ARG A 1463 -123.50 34.28 -21.78
N THR A 1464 -124.78 34.33 -22.10
CA THR A 1464 -125.39 33.42 -23.06
C THR A 1464 -126.23 34.22 -24.05
N VAL A 1465 -126.06 33.92 -25.33
CA VAL A 1465 -126.89 34.46 -26.40
C VAL A 1465 -127.17 33.35 -27.39
N THR A 1466 -128.42 33.21 -27.81
CA THR A 1466 -128.77 32.17 -28.77
C THR A 1466 -129.27 32.83 -30.06
N VAL A 1467 -128.59 32.54 -31.15
CA VAL A 1467 -129.00 33.06 -32.46
C VAL A 1467 -129.99 32.08 -33.06
N THR A 1468 -131.17 32.58 -33.40
CA THR A 1468 -132.20 31.81 -34.10
C THR A 1468 -132.08 32.17 -35.56
N LEU A 1469 -131.43 31.28 -36.33
CA LEU A 1469 -131.33 31.40 -37.77
C LEU A 1469 -132.52 30.68 -38.41
N GLY A 1470 -133.22 31.40 -39.29
CA GLY A 1470 -134.39 30.90 -39.95
C GLY A 1470 -134.15 30.57 -41.41
N ASP A 1471 -135.23 30.55 -42.17
CA ASP A 1471 -135.23 30.13 -43.56
C ASP A 1471 -135.44 31.32 -44.50
N GLU A 1472 -135.25 31.07 -45.79
CA GLU A 1472 -135.62 32.05 -46.82
C GLU A 1472 -137.10 32.36 -46.80
N LYS A 1473 -137.91 31.48 -46.22
CA LYS A 1473 -139.34 31.70 -46.05
C LYS A 1473 -139.68 32.33 -44.71
N GLY A 1474 -138.67 32.64 -43.88
CA GLY A 1474 -138.90 33.15 -42.55
C GLY A 1474 -139.16 32.12 -41.49
N LYS A 1475 -139.17 30.83 -41.85
CA LYS A 1475 -139.44 29.77 -40.88
C LYS A 1475 -138.21 29.47 -40.05
N VAL A 1476 -138.41 29.31 -38.75
CA VAL A 1476 -137.31 29.02 -37.83
C VAL A 1476 -136.90 27.57 -37.98
N HIS A 1477 -135.63 27.33 -38.28
CA HIS A 1477 -135.08 25.99 -38.24
C HIS A 1477 -134.02 25.79 -37.17
N GLU A 1478 -133.12 26.74 -36.95
CA GLU A 1478 -131.99 26.47 -36.06
C GLU A 1478 -131.91 27.56 -34.99
N SER A 1479 -131.71 27.15 -33.74
CA SER A 1479 -131.54 28.07 -32.62
C SER A 1479 -130.28 27.66 -31.85
N ILE A 1480 -129.14 28.21 -32.24
CA ILE A 1480 -127.87 27.80 -31.63
C ILE A 1480 -127.60 28.70 -30.43
N LYS A 1481 -127.32 28.08 -29.28
CA LYS A 1481 -127.05 28.83 -28.05
C LYS A 1481 -125.55 28.82 -27.79
N ARG A 1482 -124.99 30.01 -27.51
CA ARG A 1482 -123.59 30.18 -27.17
C ARG A 1482 -123.44 30.47 -25.69
N SER A 1483 -122.31 30.02 -25.14
CA SER A 1483 -121.97 30.34 -23.77
C SER A 1483 -120.47 30.14 -23.57
N ASN A 1484 -119.90 30.95 -22.69
CA ASN A 1484 -118.49 30.80 -22.32
C ASN A 1484 -118.31 29.96 -21.06
N CYS A 1485 -119.38 29.40 -20.51
CA CYS A 1485 -119.32 28.67 -19.25
C CYS A 1485 -120.43 27.64 -19.21
N TYR A 1486 -120.08 26.37 -19.01
CA TYR A 1486 -121.03 25.27 -18.89
C TYR A 1486 -120.68 24.46 -17.65
N MET A 1487 -121.26 24.81 -16.51
CA MET A 1487 -121.13 23.99 -15.31
C MET A 1487 -122.49 23.82 -14.64
N VAL A 1488 -122.50 22.96 -13.63
CA VAL A 1488 -123.63 22.75 -12.75
C VAL A 1488 -123.18 23.01 -11.33
N CYS A 1489 -124.13 23.41 -10.48
CA CYS A 1489 -123.81 23.73 -9.10
C CYS A 1489 -123.73 22.45 -8.27
N ALA A 1490 -122.62 22.28 -7.55
CA ALA A 1490 -122.48 21.10 -6.71
C ALA A 1490 -123.47 21.09 -5.57
N GLY A 1491 -123.85 22.25 -5.06
CA GLY A 1491 -124.84 22.30 -4.00
C GLY A 1491 -126.20 21.78 -4.45
N GLU A 1492 -126.62 22.15 -5.66
CA GLU A 1492 -127.88 21.64 -6.18
C GLU A 1492 -127.75 20.20 -6.64
N SER A 1493 -126.55 19.79 -7.08
CA SER A 1493 -126.31 18.39 -7.42
C SER A 1493 -126.24 17.50 -6.20
N MET A 1494 -126.04 18.08 -5.02
CA MET A 1494 -125.93 17.31 -3.78
C MET A 1494 -127.29 16.69 -3.44
N SER A 1495 -127.32 15.36 -3.29
CA SER A 1495 -128.55 14.66 -3.02
C SER A 1495 -129.01 14.89 -1.58
N PRO A 1496 -130.34 15.00 -1.36
CA PRO A 1496 -130.83 15.48 -0.05
C PRO A 1496 -130.30 14.66 1.12
N GLY A 1497 -129.53 15.33 1.98
CA GLY A 1497 -128.90 14.70 3.13
C GLY A 1497 -127.43 14.39 2.95
N GLN A 1498 -126.91 14.51 1.73
CA GLN A 1498 -125.51 14.20 1.47
C GLN A 1498 -124.56 15.23 2.05
N GLY A 1499 -125.05 16.42 2.42
CA GLY A 1499 -124.19 17.40 3.05
C GLY A 1499 -123.79 17.05 4.46
N ARG A 1500 -124.58 16.21 5.14
CA ARG A 1500 -124.28 15.78 6.49
C ARG A 1500 -124.07 14.27 6.63
N ASN A 1501 -124.49 13.48 5.64
CA ASN A 1501 -124.42 12.03 5.74
C ASN A 1501 -123.27 11.41 4.96
N ASN A 1502 -122.72 12.11 3.97
CA ASN A 1502 -121.69 11.56 3.11
C ASN A 1502 -120.32 11.86 3.70
N SER A 1503 -119.66 10.83 4.23
CA SER A 1503 -118.32 10.99 4.81
C SER A 1503 -117.25 11.11 3.74
N ASN A 1504 -117.50 10.64 2.53
CA ASN A 1504 -116.51 10.69 1.46
C ASN A 1504 -116.63 11.94 0.59
N GLY A 1505 -117.54 12.85 0.91
CA GLY A 1505 -117.72 14.04 0.13
C GLY A 1505 -118.57 13.81 -1.11
N LEU A 1506 -118.60 14.83 -1.95
CA LEU A 1506 -119.40 14.84 -3.17
C LEU A 1506 -118.49 14.68 -4.38
N GLU A 1507 -118.83 13.73 -5.25
CA GLU A 1507 -118.11 13.51 -6.50
C GLU A 1507 -119.04 13.85 -7.66
N ILE A 1508 -118.61 14.78 -8.50
CA ILE A 1508 -119.35 15.18 -9.69
C ILE A 1508 -118.55 14.75 -10.90
N GLY A 1509 -119.12 13.84 -11.69
CA GLY A 1509 -118.46 13.32 -12.88
C GLY A 1509 -119.04 13.96 -14.13
N CYS A 1510 -118.16 14.50 -14.95
CA CYS A 1510 -118.52 15.15 -16.20
C CYS A 1510 -118.13 14.26 -17.38
N VAL A 1511 -119.08 14.05 -18.29
CA VAL A 1511 -118.88 13.26 -19.49
C VAL A 1511 -119.14 14.16 -20.69
N VAL A 1512 -118.19 14.17 -21.62
CA VAL A 1512 -118.30 14.94 -22.86
C VAL A 1512 -118.31 13.97 -24.03
N ASP A 1513 -119.38 14.01 -24.82
CA ASP A 1513 -119.48 13.26 -26.06
C ASP A 1513 -119.20 14.24 -27.19
N ALA A 1514 -118.01 14.12 -27.77
CA ALA A 1514 -117.58 15.06 -28.82
C ALA A 1514 -118.26 14.78 -30.15
N ALA A 1515 -118.63 13.53 -30.42
CA ALA A 1515 -119.29 13.22 -31.67
C ALA A 1515 -120.66 13.89 -31.77
N SER A 1516 -121.32 14.09 -30.63
CA SER A 1516 -122.61 14.76 -30.59
C SER A 1516 -122.57 16.10 -29.89
N GLY A 1517 -121.45 16.47 -29.29
CA GLY A 1517 -121.36 17.73 -28.57
C GLY A 1517 -122.26 17.80 -27.36
N LEU A 1518 -122.28 16.74 -26.56
CA LEU A 1518 -123.19 16.62 -25.42
C LEU A 1518 -122.40 16.59 -24.12
N LEU A 1519 -122.79 17.43 -23.16
CA LEU A 1519 -122.18 17.44 -21.84
C LEU A 1519 -123.20 16.94 -20.83
N THR A 1520 -122.81 15.90 -20.08
CA THR A 1520 -123.69 15.29 -19.08
C THR A 1520 -122.95 15.23 -17.75
N PHE A 1521 -123.73 15.21 -16.67
CA PHE A 1521 -123.20 15.26 -15.32
C PHE A 1521 -123.83 14.16 -14.47
N ILE A 1522 -123.03 13.57 -13.59
CA ILE A 1522 -123.48 12.54 -12.67
C ILE A 1522 -123.03 12.91 -11.26
N ALA A 1523 -123.93 12.79 -10.29
CA ALA A 1523 -123.65 13.14 -8.90
C ALA A 1523 -123.64 11.88 -8.06
N ASN A 1524 -122.44 11.42 -7.69
CA ASN A 1524 -122.26 10.26 -6.81
C ASN A 1524 -123.03 9.04 -7.34
N GLY A 1525 -122.94 8.81 -8.64
CA GLY A 1525 -123.62 7.71 -9.28
C GLY A 1525 -125.04 8.00 -9.70
N LYS A 1526 -125.56 9.18 -9.39
CA LYS A 1526 -126.91 9.58 -9.78
C LYS A 1526 -126.83 10.57 -10.93
N GLU A 1527 -127.54 10.28 -12.01
CA GLU A 1527 -127.50 11.14 -13.18
C GLU A 1527 -128.28 12.42 -12.92
N LEU A 1528 -127.67 13.56 -13.24
CA LEU A 1528 -128.30 14.85 -13.06
C LEU A 1528 -129.15 15.21 -14.28
N SER A 1529 -130.27 15.87 -14.02
CA SER A 1529 -131.17 16.27 -15.11
C SER A 1529 -130.61 17.39 -15.95
N THR A 1530 -129.54 18.05 -15.53
CA THR A 1530 -128.98 19.18 -16.26
C THR A 1530 -127.93 18.67 -17.25
N TYR A 1531 -128.12 18.98 -18.52
CA TYR A 1531 -127.20 18.60 -19.58
C TYR A 1531 -127.13 19.74 -20.59
N TYR A 1532 -126.03 19.79 -21.33
CA TYR A 1532 -125.79 20.89 -22.25
C TYR A 1532 -125.45 20.35 -23.64
N GLN A 1533 -125.74 21.17 -24.65
CA GLN A 1533 -125.37 20.88 -26.03
C GLN A 1533 -124.51 22.02 -26.54
N VAL A 1534 -123.35 21.68 -27.10
CA VAL A 1534 -122.39 22.66 -27.55
C VAL A 1534 -122.34 22.66 -29.08
N GLU A 1535 -121.66 23.65 -29.63
CA GLU A 1535 -121.52 23.83 -31.07
C GLU A 1535 -120.40 22.94 -31.62
N PRO A 1536 -120.42 22.67 -32.92
CA PRO A 1536 -119.28 21.99 -33.53
C PRO A 1536 -118.01 22.83 -33.43
N SER A 1537 -116.87 22.13 -33.40
CA SER A 1537 -115.55 22.74 -33.35
C SER A 1537 -115.32 23.56 -32.09
N THR A 1538 -116.06 23.27 -31.02
CA THR A 1538 -115.90 23.97 -29.75
C THR A 1538 -114.84 23.29 -28.89
N LYS A 1539 -113.97 24.09 -28.30
CA LYS A 1539 -112.95 23.60 -27.38
C LYS A 1539 -113.39 23.88 -25.95
N LEU A 1540 -113.57 22.82 -25.17
CA LEU A 1540 -114.05 22.94 -23.80
C LEU A 1540 -112.93 22.62 -22.83
N PHE A 1541 -112.73 23.50 -21.86
CA PHE A 1541 -111.70 23.38 -20.83
C PHE A 1541 -112.34 22.89 -19.53
N PRO A 1542 -111.86 21.79 -18.95
CA PRO A 1542 -112.32 21.43 -17.61
C PRO A 1542 -112.02 22.55 -16.63
N ALA A 1543 -113.01 22.89 -15.82
CA ALA A 1543 -112.88 24.02 -14.92
C ALA A 1543 -113.86 23.89 -13.76
N VAL A 1544 -113.43 24.33 -12.59
CA VAL A 1544 -114.25 24.35 -11.39
C VAL A 1544 -114.06 25.67 -10.67
N PHE A 1545 -115.15 26.26 -10.21
CA PHE A 1545 -115.14 27.51 -9.48
C PHE A 1545 -115.51 27.20 -8.02
N ALA A 1546 -114.68 27.64 -7.09
CA ALA A 1546 -114.92 27.26 -5.70
C ALA A 1546 -114.50 28.37 -4.75
N GLN A 1547 -115.22 28.45 -3.63
CA GLN A 1547 -114.91 29.40 -2.57
C GLN A 1547 -114.21 28.66 -1.44
N ALA A 1548 -113.03 29.13 -1.05
CA ALA A 1548 -112.21 28.43 -0.07
C ALA A 1548 -112.85 28.54 1.30
N THR A 1549 -113.38 27.42 1.80
CA THR A 1549 -113.91 27.35 3.16
C THR A 1549 -113.18 26.36 4.04
N SER A 1550 -112.34 25.50 3.47
CA SER A 1550 -111.57 24.52 4.21
C SER A 1550 -110.17 24.47 3.60
N PRO A 1551 -109.18 23.99 4.37
CA PRO A 1551 -107.82 23.88 3.80
C PRO A 1551 -107.78 23.04 2.53
N ASN A 1552 -108.54 21.95 2.47
CA ASN A 1552 -108.63 21.12 1.27
C ASN A 1552 -110.00 21.36 0.65
N VAL A 1553 -110.01 21.97 -0.55
CA VAL A 1553 -111.27 22.28 -1.20
C VAL A 1553 -111.73 21.11 -2.06
N PHE A 1554 -110.97 20.75 -3.08
CA PHE A 1554 -111.40 19.68 -3.98
C PHE A 1554 -110.22 19.24 -4.84
N GLN A 1555 -110.49 18.24 -5.66
CA GLN A 1555 -109.48 17.58 -6.47
C GLN A 1555 -110.08 17.10 -7.79
N PHE A 1556 -109.27 17.16 -8.84
CA PHE A 1556 -109.62 16.57 -10.13
C PHE A 1556 -109.14 15.12 -10.18
N GLU A 1557 -110.02 14.24 -10.65
CA GLU A 1557 -109.72 12.84 -10.87
C GLU A 1557 -109.84 12.55 -12.37
N LEU A 1558 -108.78 11.96 -12.93
CA LEU A 1558 -108.71 11.64 -14.34
C LEU A 1558 -109.11 10.20 -14.63
N GLY A 1559 -109.86 9.57 -13.73
CA GLY A 1559 -110.33 8.22 -13.95
C GLY A 1559 -111.38 8.16 -15.03
N ARG A 1560 -111.78 6.93 -15.35
CA ARG A 1560 -112.76 6.71 -16.40
C ARG A 1560 -113.85 5.77 -15.89
N ILE A 1561 -115.06 5.96 -16.42
CA ILE A 1561 -116.18 5.10 -16.10
C ILE A 1561 -116.35 4.09 -17.22
N LYS A 1562 -117.18 3.08 -16.97
CA LYS A 1562 -117.37 2.01 -17.94
C LYS A 1562 -117.85 2.55 -19.27
N ASN A 1563 -117.23 2.08 -20.35
CA ASN A 1563 -117.56 2.41 -21.74
C ASN A 1563 -117.28 3.87 -22.09
N VAL A 1564 -116.56 4.60 -21.25
CA VAL A 1564 -116.18 5.98 -21.53
C VAL A 1564 -114.68 6.13 -21.33
N MET A 1565 -114.01 6.70 -22.32
CA MET A 1565 -112.56 6.84 -22.26
C MET A 1565 -112.17 7.90 -21.25
N PRO A 1566 -110.96 7.82 -20.69
CA PRO A 1566 -110.50 8.83 -19.75
C PRO A 1566 -110.26 10.17 -20.43
N LEU A 1567 -110.14 11.22 -19.60
CA LEU A 1567 -109.97 12.57 -20.13
C LEU A 1567 -108.66 12.71 -20.91
N SER A 1568 -107.59 12.08 -20.43
CA SER A 1568 -106.29 12.21 -21.09
C SER A 1568 -106.34 11.69 -22.52
N ALA A 1569 -107.23 10.73 -22.80
CA ALA A 1569 -107.35 10.21 -24.17
C ALA A 1569 -107.78 11.31 -25.13
N GLY A 1570 -108.72 12.16 -24.71
CA GLY A 1570 -109.11 13.27 -25.55
C GLY A 1570 -108.17 14.46 -25.47
N LEU A 1571 -107.47 14.63 -24.34
CA LEU A 1571 -106.54 15.75 -24.21
C LEU A 1571 -105.33 15.55 -25.10
N PHE A 1572 -104.60 14.46 -24.91
CA PHE A 1572 -103.36 14.22 -25.65
C PHE A 1572 -103.63 13.29 -26.83
N LYS A 1573 -103.14 13.68 -28.01
CA LYS A 1573 -103.33 12.84 -29.19
C LYS A 1573 -102.45 11.61 -29.15
N SER A 1574 -101.27 11.70 -28.53
CA SER A 1574 -100.37 10.56 -28.48
C SER A 1574 -101.00 9.39 -27.73
N GLU A 1575 -101.65 9.68 -26.60
CA GLU A 1575 -102.36 8.67 -25.82
C GLU A 1575 -103.84 8.82 -26.15
N HIS A 1576 -104.30 8.03 -27.12
CA HIS A 1576 -105.67 8.11 -27.60
C HIS A 1576 -106.42 6.79 -27.52
N LYS A 1577 -105.73 5.67 -27.72
CA LYS A 1577 -106.36 4.36 -27.62
C LYS A 1577 -106.16 3.69 -26.27
N ASN A 1578 -105.15 4.08 -25.52
CA ASN A 1578 -104.89 3.47 -24.22
C ASN A 1578 -105.90 3.97 -23.19
N PRO A 1579 -106.65 3.08 -22.54
CA PRO A 1579 -107.62 3.52 -21.53
C PRO A 1579 -107.02 3.73 -20.15
N VAL A 1580 -105.76 3.40 -19.95
CA VAL A 1580 -105.11 3.63 -18.64
C VAL A 1580 -105.04 5.13 -18.38
N PRO A 1581 -105.35 5.61 -17.17
CA PRO A 1581 -105.25 7.04 -16.88
C PRO A 1581 -103.81 7.44 -16.59
N GLN A 1582 -103.30 8.41 -17.35
CA GLN A 1582 -101.98 8.97 -17.14
C GLN A 1582 -102.08 10.48 -17.01
N CYS A 1583 -101.06 11.07 -16.39
CA CYS A 1583 -101.01 12.51 -16.12
C CYS A 1583 -99.69 13.06 -16.66
N PRO A 1584 -99.64 13.38 -17.95
CA PRO A 1584 -98.42 13.97 -18.50
C PRO A 1584 -98.15 15.31 -17.88
N PRO A 1585 -96.88 15.74 -17.83
CA PRO A 1585 -96.56 17.02 -17.20
C PRO A 1585 -97.21 18.22 -17.88
N ARG A 1586 -97.62 18.08 -19.14
CA ARG A 1586 -98.24 19.21 -19.84
C ARG A 1586 -99.53 19.63 -19.17
N LEU A 1587 -100.33 18.68 -18.72
CA LEU A 1587 -101.60 19.00 -18.08
C LEU A 1587 -101.37 19.57 -16.70
N HIS A 1588 -101.99 20.72 -16.43
CA HIS A 1588 -101.87 21.39 -15.13
C HIS A 1588 -103.02 22.36 -14.98
N VAL A 1589 -103.32 22.70 -13.73
CA VAL A 1589 -104.43 23.60 -13.42
C VAL A 1589 -103.96 25.04 -13.55
N GLN A 1590 -104.84 25.90 -14.05
CA GLN A 1590 -104.57 27.33 -14.17
C GLN A 1590 -105.68 28.10 -13.49
N PHE A 1591 -105.30 29.09 -12.68
CA PHE A 1591 -106.24 29.95 -11.98
C PHE A 1591 -106.32 31.30 -12.69
N LEU A 1592 -107.54 31.85 -12.75
CA LEU A 1592 -107.72 33.14 -13.40
C LEU A 1592 -107.11 34.24 -12.54
N SER A 1593 -106.30 35.08 -13.17
CA SER A 1593 -105.57 36.13 -12.45
C SER A 1593 -105.57 37.41 -13.27
N HIS A 1594 -105.38 38.53 -12.59
CA HIS A 1594 -105.31 39.85 -13.21
C HIS A 1594 -103.87 40.36 -13.34
N VAL A 1595 -102.88 39.54 -13.02
CA VAL A 1595 -101.48 39.99 -13.02
C VAL A 1595 -100.94 39.75 -14.43
N LEU A 1596 -101.23 40.70 -15.32
CA LEU A 1596 -100.69 40.67 -16.67
C LEU A 1596 -100.48 42.10 -17.14
N TRP A 1597 -99.62 42.24 -18.15
CA TRP A 1597 -99.32 43.53 -18.74
C TRP A 1597 -99.74 43.52 -20.20
N SER A 1598 -100.08 44.70 -20.72
CA SER A 1598 -100.49 44.83 -22.11
C SER A 1598 -99.70 45.97 -22.76
N ARG A 1599 -99.38 45.78 -24.04
CA ARG A 1599 -98.52 46.70 -24.78
C ARG A 1599 -99.36 47.55 -25.72
N MET A 1600 -99.15 48.86 -25.69
CA MET A 1600 -99.82 49.74 -26.64
C MET A 1600 -99.05 49.79 -27.94
N PRO A 1601 -99.68 49.53 -29.08
CA PRO A 1601 -98.96 49.61 -30.36
C PRO A 1601 -98.46 51.02 -30.62
N ASN A 1602 -97.29 51.09 -31.23
CA ASN A 1602 -96.70 52.39 -31.54
C ASN A 1602 -97.47 53.11 -32.63
N GLN A 1603 -98.08 52.37 -33.55
CA GLN A 1603 -98.88 52.94 -34.64
C GLN A 1603 -100.30 52.41 -34.51
N PHE A 1604 -101.26 53.33 -34.41
CA PHE A 1604 -102.66 52.96 -34.34
C PHE A 1604 -103.34 53.17 -35.68
N LEU A 1605 -104.56 52.65 -35.79
CA LEU A 1605 -105.35 52.76 -37.01
C LEU A 1605 -105.97 54.15 -37.05
N LYS A 1606 -105.38 55.04 -37.84
CA LYS A 1606 -105.91 56.39 -37.97
C LYS A 1606 -107.25 56.38 -38.67
N VAL A 1607 -108.24 57.05 -38.08
CA VAL A 1607 -109.59 57.15 -38.64
C VAL A 1607 -109.85 58.60 -39.01
N ASP A 1608 -110.35 58.80 -40.22
CA ASP A 1608 -110.71 60.15 -40.70
C ASP A 1608 -112.19 60.40 -40.50
N VAL A 1609 -112.63 60.27 -39.24
CA VAL A 1609 -114.03 60.51 -38.91
C VAL A 1609 -114.34 62.00 -39.03
N SER A 1610 -115.57 62.30 -39.45
CA SER A 1610 -115.94 63.67 -39.77
C SER A 1610 -115.86 64.58 -38.53
N ARG A 1611 -116.28 64.07 -37.37
CA ARG A 1611 -116.33 64.82 -36.12
C ARG A 1611 -117.24 66.04 -36.21
N ILE A 1612 -118.19 66.04 -37.15
CA ILE A 1612 -119.11 67.15 -37.34
C ILE A 1612 -120.52 66.60 -37.50
N SER A 1613 -121.50 67.46 -37.22
CA SER A 1613 -122.91 67.12 -37.42
C SER A 1613 -123.34 67.39 -38.87
N GLU A 1614 -122.58 66.84 -39.80
CA GLU A 1614 -122.86 67.05 -41.22
C GLU A 1614 -124.14 66.30 -41.62
N ARG A 1615 -124.72 66.74 -42.74
CA ARG A 1615 -125.89 66.06 -43.26
C ARG A 1615 -125.50 64.69 -43.84
N GLN A 1616 -126.52 63.90 -44.13
CA GLN A 1616 -126.39 62.51 -44.59
C GLN A 1616 -125.70 61.62 -43.55
N GLY A 1617 -125.55 62.08 -42.32
CA GLY A 1617 -124.98 61.29 -41.27
C GLY A 1617 -123.48 61.48 -41.11
N TRP A 1618 -122.98 61.10 -39.94
CA TRP A 1618 -121.56 61.20 -39.66
C TRP A 1618 -120.78 60.21 -40.50
N LEU A 1619 -119.62 60.65 -41.00
CA LEU A 1619 -118.82 59.85 -41.92
C LEU A 1619 -117.59 59.32 -41.19
N VAL A 1620 -117.38 58.01 -41.28
CA VAL A 1620 -116.21 57.33 -40.72
C VAL A 1620 -115.44 56.73 -41.89
N GLN A 1621 -114.24 57.22 -42.13
CA GLN A 1621 -113.45 56.74 -43.25
C GLN A 1621 -112.02 56.50 -42.80
N CYS A 1622 -111.45 55.38 -43.25
CA CYS A 1622 -110.08 55.03 -42.88
C CYS A 1622 -109.43 54.33 -44.06
N LEU A 1623 -108.41 54.95 -44.65
CA LEU A 1623 -107.75 54.41 -45.83
C LEU A 1623 -106.29 54.06 -45.57
N ASP A 1624 -105.91 53.86 -44.31
CA ASP A 1624 -104.53 53.53 -43.97
C ASP A 1624 -104.44 52.05 -43.66
N PRO A 1625 -103.78 51.25 -44.50
CA PRO A 1625 -103.68 49.80 -44.24
C PRO A 1625 -102.63 49.51 -43.18
N LEU A 1626 -103.07 48.96 -42.05
CA LEU A 1626 -102.18 48.62 -40.95
C LEU A 1626 -102.36 47.15 -40.61
N GLN A 1627 -101.24 46.44 -40.45
CA GLN A 1627 -101.26 45.00 -40.20
C GLN A 1627 -100.29 44.66 -39.08
N PHE A 1628 -100.48 43.48 -38.49
CA PHE A 1628 -99.58 42.98 -37.47
C PHE A 1628 -99.64 41.45 -37.46
N MET A 1629 -98.55 40.84 -36.98
CA MET A 1629 -98.46 39.39 -36.90
C MET A 1629 -98.91 38.92 -35.52
N SER A 1630 -99.80 37.94 -35.49
CA SER A 1630 -100.35 37.41 -34.25
C SER A 1630 -99.92 35.96 -34.10
N LEU A 1631 -99.18 35.68 -33.04
CA LEU A 1631 -98.74 34.32 -32.72
C LEU A 1631 -99.82 33.63 -31.90
N HIS A 1632 -100.23 32.45 -32.36
CA HIS A 1632 -101.34 31.72 -31.75
C HIS A 1632 -100.80 30.54 -30.97
N ILE A 1633 -101.23 30.39 -29.73
CA ILE A 1633 -100.90 29.24 -28.89
C ILE A 1633 -101.98 28.19 -29.11
N PRO A 1634 -101.70 27.08 -29.81
CA PRO A 1634 -102.74 26.08 -30.06
C PRO A 1634 -103.31 25.48 -28.79
N GLU A 1635 -102.51 25.34 -27.74
CA GLU A 1635 -102.99 24.70 -26.53
C GLU A 1635 -104.07 25.53 -25.84
N GLU A 1636 -103.83 26.84 -25.68
CA GLU A 1636 -104.75 27.70 -24.96
C GLU A 1636 -105.78 28.37 -25.85
N ASN A 1637 -105.68 28.18 -27.17
CA ASN A 1637 -106.60 28.80 -28.13
C ASN A 1637 -106.64 30.32 -27.95
N ARG A 1638 -105.47 30.92 -27.86
CA ARG A 1638 -105.33 32.36 -27.66
C ARG A 1638 -104.28 32.90 -28.62
N SER A 1639 -104.33 34.20 -28.83
CA SER A 1639 -103.42 34.89 -29.74
C SER A 1639 -102.77 36.06 -29.02
N VAL A 1640 -101.48 36.25 -29.26
CA VAL A 1640 -100.71 37.35 -28.70
C VAL A 1640 -99.86 37.95 -29.81
N ASP A 1641 -99.77 39.27 -29.85
CA ASP A 1641 -98.95 39.91 -30.88
C ASP A 1641 -97.51 39.46 -30.75
N ILE A 1642 -96.87 39.22 -31.90
CA ILE A 1642 -95.49 38.76 -31.91
C ILE A 1642 -94.55 39.77 -31.28
N LEU A 1643 -94.97 41.04 -31.21
CA LEU A 1643 -94.14 42.05 -30.56
C LEU A 1643 -94.19 41.93 -29.04
N GLU A 1644 -95.27 41.38 -28.50
CA GLU A 1644 -95.41 41.26 -27.06
C GLU A 1644 -94.55 40.16 -26.47
N LEU A 1645 -93.91 39.33 -27.30
CA LEU A 1645 -93.05 38.27 -26.80
C LEU A 1645 -91.76 38.80 -26.19
N THR A 1646 -91.49 40.11 -26.31
CA THR A 1646 -90.27 40.66 -25.74
C THR A 1646 -90.23 40.44 -24.23
N GLU A 1647 -91.35 40.65 -23.54
CA GLU A 1647 -91.42 40.43 -22.11
C GLU A 1647 -91.70 38.98 -21.74
N GLN A 1648 -92.13 38.15 -22.69
CA GLN A 1648 -92.42 36.74 -22.44
C GLN A 1648 -91.18 35.94 -22.83
N GLU A 1649 -90.36 35.59 -21.85
CA GLU A 1649 -89.08 34.96 -22.14
C GLU A 1649 -89.25 33.52 -22.61
N GLU A 1650 -90.21 32.79 -22.06
CA GLU A 1650 -90.37 31.39 -22.43
C GLU A 1650 -90.86 31.25 -23.86
N LEU A 1651 -91.92 32.00 -24.22
CA LEU A 1651 -92.42 31.95 -25.59
C LEU A 1651 -91.37 32.46 -26.57
N LEU A 1652 -90.63 33.50 -26.19
CA LEU A 1652 -89.57 34.01 -27.04
C LEU A 1652 -88.55 32.92 -27.35
N GLN A 1653 -88.06 32.23 -26.32
CA GLN A 1653 -87.07 31.19 -26.53
C GLN A 1653 -87.63 30.03 -27.34
N PHE A 1654 -88.85 29.60 -27.03
CA PHE A 1654 -89.43 28.48 -27.75
C PHE A 1654 -89.64 28.80 -29.23
N HIS A 1655 -90.11 30.02 -29.53
CA HIS A 1655 -90.31 30.40 -30.92
C HIS A 1655 -88.98 30.58 -31.64
N TYR A 1656 -87.97 31.10 -30.96
CA TYR A 1656 -86.65 31.20 -31.58
C TYR A 1656 -86.13 29.82 -31.95
N HIS A 1657 -86.28 28.85 -31.05
CA HIS A 1657 -85.83 27.51 -31.36
C HIS A 1657 -86.71 26.85 -32.42
N THR A 1658 -87.98 27.21 -32.49
CA THR A 1658 -88.84 26.68 -33.56
C THR A 1658 -88.40 27.20 -34.92
N LEU A 1659 -88.06 28.49 -35.00
CA LEU A 1659 -87.53 29.03 -36.25
C LEU A 1659 -86.19 28.38 -36.61
N ARG A 1660 -85.35 28.12 -35.60
CA ARG A 1660 -84.12 27.39 -35.85
C ARG A 1660 -84.40 26.00 -36.40
N LEU A 1661 -85.42 25.33 -35.87
CA LEU A 1661 -85.78 24.01 -36.37
C LEU A 1661 -86.27 24.07 -37.81
N TYR A 1662 -87.06 25.09 -38.13
CA TYR A 1662 -87.50 25.26 -39.52
C TYR A 1662 -86.30 25.44 -40.44
N SER A 1663 -85.37 26.30 -40.04
CA SER A 1663 -84.18 26.53 -40.86
C SER A 1663 -83.37 25.24 -41.04
N ALA A 1664 -83.21 24.48 -39.96
CA ALA A 1664 -82.46 23.24 -40.03
C ALA A 1664 -83.14 22.22 -40.92
N VAL A 1665 -84.48 22.11 -40.84
CA VAL A 1665 -85.16 21.09 -41.61
C VAL A 1665 -85.23 21.47 -43.09
N CYS A 1666 -85.20 22.76 -43.41
CA CYS A 1666 -85.17 23.18 -44.80
C CYS A 1666 -83.77 23.49 -45.30
N ALA A 1667 -82.74 23.26 -44.50
CA ALA A 1667 -81.38 23.61 -44.86
C ALA A 1667 -80.81 22.65 -45.91
N LEU A 1668 -79.71 23.08 -46.53
CA LEU A 1668 -79.00 22.32 -47.55
C LEU A 1668 -79.90 21.93 -48.72
N GLY A 1669 -80.74 22.89 -49.14
CA GLY A 1669 -81.49 22.73 -50.37
C GLY A 1669 -82.47 21.58 -50.39
N ASN A 1670 -83.23 21.39 -49.30
CA ASN A 1670 -84.30 20.40 -49.28
C ASN A 1670 -85.55 21.10 -49.81
N HIS A 1671 -85.76 20.96 -51.12
CA HIS A 1671 -86.78 21.76 -51.80
C HIS A 1671 -88.19 21.35 -51.38
N ARG A 1672 -88.42 20.06 -51.16
CA ARG A 1672 -89.75 19.62 -50.73
C ARG A 1672 -90.10 20.20 -49.37
N VAL A 1673 -89.16 20.16 -48.43
CA VAL A 1673 -89.40 20.73 -47.11
C VAL A 1673 -89.55 22.25 -47.21
N ALA A 1674 -88.80 22.89 -48.11
CA ALA A 1674 -88.95 24.32 -48.29
C ALA A 1674 -90.35 24.67 -48.79
N HIS A 1675 -90.86 23.90 -49.75
CA HIS A 1675 -92.23 24.13 -50.23
C HIS A 1675 -93.24 23.89 -49.13
N ALA A 1676 -93.02 22.86 -48.30
CA ALA A 1676 -93.93 22.61 -47.19
C ALA A 1676 -93.93 23.78 -46.20
N LEU A 1677 -92.74 24.31 -45.88
CA LEU A 1677 -92.63 25.41 -44.95
C LEU A 1677 -93.12 26.73 -45.53
N CYS A 1678 -93.21 26.83 -46.86
CA CYS A 1678 -93.72 28.06 -47.47
C CYS A 1678 -95.15 28.34 -47.04
N SER A 1679 -95.92 27.30 -46.70
CA SER A 1679 -97.29 27.52 -46.25
C SER A 1679 -97.32 28.13 -44.85
N HIS A 1680 -96.52 27.57 -43.93
CA HIS A 1680 -96.50 28.10 -42.57
C HIS A 1680 -95.88 29.49 -42.51
N VAL A 1681 -94.76 29.69 -43.20
CA VAL A 1681 -94.07 30.97 -43.21
C VAL A 1681 -94.36 31.63 -44.55
N ASP A 1682 -95.25 32.60 -44.54
CA ASP A 1682 -95.72 33.22 -45.77
C ASP A 1682 -94.86 34.41 -46.17
N GLU A 1683 -94.93 34.75 -47.46
CA GLU A 1683 -94.15 35.87 -47.97
C GLU A 1683 -94.52 37.20 -47.31
N PRO A 1684 -95.80 37.57 -47.16
CA PRO A 1684 -96.10 38.81 -46.41
C PRO A 1684 -95.60 38.76 -44.98
N GLN A 1685 -95.66 37.60 -44.34
CA GLN A 1685 -95.14 37.47 -42.99
C GLN A 1685 -93.64 37.77 -42.95
N LEU A 1686 -92.90 37.18 -43.88
CA LEU A 1686 -91.46 37.42 -43.92
C LEU A 1686 -91.14 38.88 -44.20
N LEU A 1687 -91.87 39.49 -45.15
CA LEU A 1687 -91.62 40.89 -45.47
C LEU A 1687 -91.92 41.80 -44.28
N TYR A 1688 -93.02 41.56 -43.59
CA TYR A 1688 -93.35 42.37 -42.42
C TYR A 1688 -92.32 42.16 -41.32
N ALA A 1689 -91.87 40.93 -41.12
CA ALA A 1689 -90.88 40.65 -40.09
C ALA A 1689 -89.56 41.36 -40.37
N ILE A 1690 -89.11 41.33 -41.63
CA ILE A 1690 -87.83 41.96 -41.93
C ILE A 1690 -87.96 43.48 -41.90
N GLU A 1691 -89.10 44.02 -42.33
CA GLU A 1691 -89.25 45.48 -42.39
C GLU A 1691 -89.50 46.10 -41.02
N ASN A 1692 -90.17 45.39 -40.12
CA ASN A 1692 -90.63 45.99 -38.87
C ASN A 1692 -89.45 46.41 -38.00
N LYS A 1693 -89.50 47.66 -37.53
CA LYS A 1693 -88.46 48.15 -36.63
C LYS A 1693 -88.62 47.58 -35.24
N TYR A 1694 -89.84 47.52 -34.73
CA TYR A 1694 -90.11 46.94 -33.42
C TYR A 1694 -90.18 45.43 -33.57
N MET A 1695 -89.19 44.73 -33.03
CA MET A 1695 -89.13 43.28 -33.12
C MET A 1695 -88.09 42.73 -32.16
N PRO A 1696 -88.38 41.64 -31.45
CA PRO A 1696 -87.35 41.01 -30.64
C PRO A 1696 -86.18 40.59 -31.51
N GLY A 1697 -84.97 40.73 -30.95
CA GLY A 1697 -83.78 40.42 -31.73
C GLY A 1697 -83.72 38.96 -32.15
N LEU A 1698 -84.06 38.06 -31.24
CA LEU A 1698 -84.01 36.63 -31.55
C LEU A 1698 -84.98 36.28 -32.66
N LEU A 1699 -86.21 36.79 -32.58
CA LEU A 1699 -87.19 36.52 -33.62
C LEU A 1699 -86.77 37.16 -34.94
N ARG A 1700 -86.20 38.35 -34.91
CA ARG A 1700 -85.75 38.99 -36.14
C ARG A 1700 -84.68 38.17 -36.82
N ALA A 1701 -83.68 37.71 -36.05
CA ALA A 1701 -82.64 36.86 -36.61
C ALA A 1701 -83.21 35.56 -37.14
N GLY A 1702 -84.14 34.95 -36.40
CA GLY A 1702 -84.73 33.70 -36.84
C GLY A 1702 -85.50 33.84 -38.13
N TYR A 1703 -86.29 34.91 -38.26
CA TYR A 1703 -87.06 35.13 -39.48
C TYR A 1703 -86.13 35.43 -40.66
N TYR A 1704 -85.07 36.21 -40.43
CA TYR A 1704 -84.12 36.45 -41.51
C TYR A 1704 -83.47 35.16 -41.98
N ASP A 1705 -83.02 34.33 -41.03
CA ASP A 1705 -82.39 33.06 -41.40
C ASP A 1705 -83.39 32.16 -42.12
N LEU A 1706 -84.64 32.13 -41.65
CA LEU A 1706 -85.65 31.30 -42.31
C LEU A 1706 -85.90 31.77 -43.73
N LEU A 1707 -85.94 33.08 -43.95
CA LEU A 1707 -86.10 33.59 -45.31
C LEU A 1707 -84.93 33.17 -46.18
N ILE A 1708 -83.71 33.40 -45.72
CA ILE A 1708 -82.53 33.06 -46.50
C ILE A 1708 -82.42 31.56 -46.73
N ASP A 1709 -83.07 30.75 -45.91
CA ASP A 1709 -83.01 29.31 -46.11
C ASP A 1709 -84.08 28.80 -47.07
N ILE A 1710 -85.35 29.20 -46.87
CA ILE A 1710 -86.39 28.70 -47.76
C ILE A 1710 -86.23 29.28 -49.16
N HIS A 1711 -85.83 30.55 -49.26
CA HIS A 1711 -85.56 31.18 -50.54
C HIS A 1711 -84.17 31.78 -50.51
N LEU A 1712 -83.63 32.06 -51.70
CA LEU A 1712 -82.32 32.69 -51.85
C LEU A 1712 -81.20 31.84 -51.28
N SER A 1713 -81.38 30.52 -51.18
CA SER A 1713 -80.38 29.65 -50.59
C SER A 1713 -79.72 28.75 -51.62
N SER A 1714 -80.49 27.99 -52.39
CA SER A 1714 -79.91 27.06 -53.34
C SER A 1714 -79.12 27.79 -54.41
N TYR A 1715 -79.70 28.84 -55.00
CA TYR A 1715 -78.99 29.59 -56.03
C TYR A 1715 -77.76 30.29 -55.45
N ALA A 1716 -77.89 30.87 -54.26
CA ALA A 1716 -76.75 31.55 -53.66
C ALA A 1716 -75.60 30.58 -53.43
N THR A 1717 -75.90 29.40 -52.86
CA THR A 1717 -74.85 28.43 -52.60
C THR A 1717 -74.24 27.91 -53.90
N ALA A 1718 -75.07 27.58 -54.89
CA ALA A 1718 -74.53 27.08 -56.15
C ALA A 1718 -73.65 28.12 -56.84
N ARG A 1719 -74.09 29.37 -56.86
CA ARG A 1719 -73.31 30.41 -57.51
C ARG A 1719 -72.01 30.67 -56.76
N LEU A 1720 -72.06 30.69 -55.42
CA LEU A 1720 -70.84 30.88 -54.64
C LEU A 1720 -69.86 29.75 -54.87
N MET A 1721 -70.36 28.51 -54.94
CA MET A 1721 -69.49 27.37 -55.19
C MET A 1721 -68.88 27.42 -56.59
N MET A 1722 -69.67 27.84 -57.58
CA MET A 1722 -69.16 27.90 -58.95
C MET A 1722 -68.17 29.05 -59.14
N ASN A 1723 -68.28 30.10 -58.31
CA ASN A 1723 -67.48 31.30 -58.43
C ASN A 1723 -65.99 31.04 -58.71
N ASN A 1724 -65.44 29.99 -58.11
CA ASN A 1724 -64.02 29.70 -58.31
C ASN A 1724 -63.71 29.37 -59.75
N GLU A 1725 -64.56 28.60 -60.42
CA GLU A 1725 -64.32 28.24 -61.81
C GLU A 1725 -64.54 29.43 -62.73
N PHE A 1726 -63.83 29.42 -63.86
CA PHE A 1726 -63.93 30.48 -64.85
C PHE A 1726 -64.03 29.84 -66.23
N ILE A 1727 -65.21 29.92 -66.84
CA ILE A 1727 -65.43 29.47 -68.21
C ILE A 1727 -65.95 30.66 -69.00
N VAL A 1728 -65.27 30.99 -70.08
CA VAL A 1728 -65.56 32.18 -70.88
C VAL A 1728 -66.00 31.74 -72.27
N PRO A 1729 -67.22 32.07 -72.69
CA PRO A 1729 -67.64 31.74 -74.05
C PRO A 1729 -66.91 32.61 -75.07
N MET A 1730 -66.84 32.09 -76.30
CA MET A 1730 -66.17 32.77 -77.39
C MET A 1730 -67.21 33.54 -78.21
N THR A 1731 -67.59 34.70 -77.70
CA THR A 1731 -68.63 35.52 -78.30
C THR A 1731 -68.14 36.96 -78.50
N GLU A 1732 -68.99 37.76 -79.15
CA GLU A 1732 -68.63 39.13 -79.46
C GLU A 1732 -68.49 39.98 -78.20
N GLU A 1733 -69.36 39.77 -77.21
CA GLU A 1733 -69.20 40.48 -75.96
C GLU A 1733 -67.89 40.11 -75.27
N THR A 1734 -67.50 38.83 -75.38
CA THR A 1734 -66.19 38.42 -74.87
C THR A 1734 -65.07 39.13 -75.60
N LYS A 1735 -65.16 39.25 -76.92
CA LYS A 1735 -64.15 39.98 -77.67
C LYS A 1735 -64.18 41.48 -77.37
N SER A 1736 -65.29 41.99 -76.85
CA SER A 1736 -65.46 43.41 -76.63
C SER A 1736 -65.07 43.86 -75.23
N ILE A 1737 -65.16 42.99 -74.22
CA ILE A 1737 -64.86 43.40 -72.85
C ILE A 1737 -63.38 43.72 -72.72
N THR A 1738 -63.07 44.87 -72.12
CA THR A 1738 -61.72 45.32 -71.87
C THR A 1738 -61.51 45.46 -70.36
N LEU A 1739 -60.32 45.93 -69.97
CA LEU A 1739 -59.99 46.03 -68.55
C LEU A 1739 -60.29 47.41 -67.99
N PHE A 1740 -59.85 48.47 -68.66
CA PHE A 1740 -60.13 49.83 -68.22
C PHE A 1740 -61.25 50.41 -69.05
N PRO A 1741 -62.37 50.81 -68.44
CA PRO A 1741 -63.49 51.35 -69.22
C PRO A 1741 -63.13 52.60 -70.01
N ASP A 1742 -62.18 53.39 -69.52
CA ASP A 1742 -61.80 54.64 -70.15
C ASP A 1742 -60.30 54.62 -70.44
N GLU A 1743 -59.87 55.49 -71.34
CA GLU A 1743 -58.44 55.63 -71.61
C GLU A 1743 -57.67 56.04 -70.36
N ASN A 1744 -58.34 56.65 -69.38
CA ASN A 1744 -57.71 56.94 -68.10
C ASN A 1744 -57.54 55.68 -67.29
N LYS A 1745 -56.64 55.74 -66.31
CA LYS A 1745 -56.40 54.62 -65.41
C LYS A 1745 -57.55 54.37 -64.45
N LYS A 1746 -58.66 55.07 -64.58
CA LYS A 1746 -59.81 54.84 -63.70
C LYS A 1746 -60.30 53.41 -63.84
N HIS A 1747 -60.34 52.69 -62.73
CA HIS A 1747 -60.74 51.29 -62.75
C HIS A 1747 -62.25 51.12 -62.89
N GLY A 1748 -63.02 52.03 -62.32
CA GLY A 1748 -64.46 51.89 -62.29
C GLY A 1748 -64.93 51.17 -61.03
N LEU A 1749 -66.21 51.34 -60.74
CA LEU A 1749 -66.79 50.72 -59.56
C LEU A 1749 -66.79 49.20 -59.71
N PRO A 1750 -66.30 48.46 -58.73
CA PRO A 1750 -66.23 47.00 -58.86
C PRO A 1750 -67.62 46.39 -58.99
N GLY A 1751 -67.71 45.32 -59.77
CA GLY A 1751 -68.96 44.63 -59.98
C GLY A 1751 -69.88 45.27 -60.99
N ILE A 1752 -69.48 46.38 -61.61
CA ILE A 1752 -70.29 47.08 -62.58
C ILE A 1752 -69.59 46.99 -63.93
N GLY A 1753 -70.20 46.27 -64.85
CA GLY A 1753 -69.61 46.08 -66.17
C GLY A 1753 -70.15 44.83 -66.82
N LEU A 1754 -69.78 44.67 -68.09
CA LEU A 1754 -70.22 43.51 -68.85
C LEU A 1754 -69.52 42.25 -68.37
N SER A 1755 -70.30 41.20 -68.13
CA SER A 1755 -69.76 39.91 -67.73
C SER A 1755 -70.31 38.85 -68.65
N THR A 1756 -69.42 37.98 -69.16
CA THR A 1756 -69.79 36.99 -70.15
C THR A 1756 -69.67 35.55 -69.65
N SER A 1757 -69.10 35.35 -68.46
CA SER A 1757 -68.79 34.00 -68.01
C SER A 1757 -70.04 33.17 -67.84
N LEU A 1758 -69.94 31.88 -68.16
CA LEU A 1758 -71.06 30.96 -67.97
C LEU A 1758 -71.44 30.90 -66.50
N ARG A 1759 -72.73 31.04 -66.23
CA ARG A 1759 -73.25 31.02 -64.87
C ARG A 1759 -74.53 30.19 -64.86
N PRO A 1760 -74.83 29.53 -63.73
CA PRO A 1760 -76.06 28.74 -63.66
C PRO A 1760 -77.29 29.63 -63.85
N ARG A 1761 -78.26 29.10 -64.59
CA ARG A 1761 -79.48 29.85 -64.86
C ARG A 1761 -80.37 29.89 -63.64
N MET A 1762 -80.85 31.08 -63.31
CA MET A 1762 -81.72 31.25 -62.16
C MET A 1762 -83.10 30.70 -62.52
N ARG A 1763 -83.64 29.84 -61.64
CA ARG A 1763 -84.98 29.31 -61.84
C ARG A 1763 -85.58 28.98 -60.49
N PHE A 1764 -86.80 29.46 -60.25
CA PHE A 1764 -87.51 29.20 -59.00
C PHE A 1764 -88.89 28.67 -59.32
N SER A 1765 -89.19 27.46 -58.85
CA SER A 1765 -90.50 26.87 -59.09
C SER A 1765 -91.54 27.57 -58.21
N SER A 1766 -92.73 27.76 -58.78
CA SER A 1766 -93.80 28.40 -58.04
C SER A 1766 -94.29 27.48 -56.91
N PRO A 1767 -94.37 27.97 -55.67
CA PRO A 1767 -94.82 27.14 -54.54
C PRO A 1767 -96.33 26.88 -54.56
N CYS A 1776 -93.29 19.07 -58.33
CA CYS A 1776 -92.12 18.18 -58.35
C CYS A 1776 -91.05 18.68 -57.39
N TYR A 1777 -91.18 19.94 -56.98
CA TYR A 1777 -90.24 20.57 -56.06
C TYR A 1777 -88.81 20.51 -56.60
N GLN A 1778 -88.67 20.87 -57.88
CA GLN A 1778 -87.35 20.86 -58.49
C GLN A 1778 -86.48 21.99 -57.97
N TYR A 1779 -87.05 23.17 -57.76
CA TYR A 1779 -86.30 24.34 -57.35
C TYR A 1779 -86.95 25.00 -56.13
N SER A 1780 -86.28 26.01 -55.61
CA SER A 1780 -86.76 26.72 -54.44
C SER A 1780 -87.97 27.57 -54.81
N PRO A 1781 -88.87 27.82 -53.85
CA PRO A 1781 -90.04 28.66 -54.14
C PRO A 1781 -89.64 30.07 -54.57
N GLU A 1782 -90.44 30.64 -55.47
CA GLU A 1782 -90.17 31.96 -56.01
C GLU A 1782 -90.47 33.04 -54.97
N PHE A 1783 -89.81 34.19 -55.12
CA PHE A 1783 -89.92 35.30 -54.20
C PHE A 1783 -89.93 36.60 -54.97
N PRO A 1784 -90.57 37.65 -54.45
CA PRO A 1784 -90.57 38.95 -55.14
C PRO A 1784 -89.23 39.68 -55.05
N LEU A 1785 -88.33 39.37 -55.99
CA LEU A 1785 -86.96 39.87 -55.92
C LEU A 1785 -86.89 41.38 -55.98
N ASP A 1786 -87.73 42.01 -56.81
CA ASP A 1786 -87.68 43.47 -56.92
C ASP A 1786 -88.16 44.15 -55.64
N ILE A 1787 -89.24 43.65 -55.05
CA ILE A 1787 -89.71 44.16 -53.77
C ILE A 1787 -88.63 43.97 -52.70
N LEU A 1788 -87.97 42.82 -52.72
CA LEU A 1788 -86.89 42.57 -51.77
C LEU A 1788 -85.73 43.55 -51.99
N LYS A 1789 -85.41 43.84 -53.25
CA LYS A 1789 -84.40 44.85 -53.56
C LYS A 1789 -84.74 46.18 -52.92
N ALA A 1790 -85.93 46.69 -53.20
CA ALA A 1790 -86.31 48.00 -52.67
C ALA A 1790 -86.30 48.00 -51.15
N LYS A 1791 -86.85 46.93 -50.56
CA LYS A 1791 -86.91 46.85 -49.10
C LYS A 1791 -85.52 46.85 -48.48
N THR A 1792 -84.62 45.99 -48.98
CA THR A 1792 -83.30 45.92 -48.38
C THR A 1792 -82.53 47.22 -48.59
N ILE A 1793 -82.70 47.88 -49.74
CA ILE A 1793 -82.01 49.15 -49.96
C ILE A 1793 -82.48 50.19 -48.96
N GLN A 1794 -83.80 50.34 -48.81
CA GLN A 1794 -84.29 51.39 -47.92
C GLN A 1794 -83.92 51.11 -46.47
N MET A 1795 -84.05 49.85 -46.02
CA MET A 1795 -83.67 49.57 -44.64
C MET A 1795 -82.17 49.68 -44.43
N LEU A 1796 -81.36 49.36 -45.43
CA LEU A 1796 -79.91 49.52 -45.26
C LEU A 1796 -79.54 51.00 -45.14
N THR A 1797 -80.16 51.86 -45.94
CA THR A 1797 -79.88 53.29 -45.82
C THR A 1797 -80.33 53.81 -44.45
N GLU A 1798 -81.54 53.45 -44.02
CA GLU A 1798 -82.00 53.91 -42.71
C GLU A 1798 -81.12 53.36 -41.59
N ALA A 1799 -80.66 52.11 -41.72
CA ALA A 1799 -79.83 51.50 -40.70
C ALA A 1799 -78.47 52.19 -40.62
N VAL A 1800 -77.87 52.52 -41.76
CA VAL A 1800 -76.57 53.19 -41.70
C VAL A 1800 -76.71 54.60 -41.14
N LYS A 1801 -77.82 55.28 -41.46
CA LYS A 1801 -78.06 56.60 -40.86
C LYS A 1801 -78.26 56.49 -39.35
N GLU A 1802 -79.02 55.50 -38.91
CA GLU A 1802 -79.25 55.30 -37.48
C GLU A 1802 -77.95 54.95 -36.75
N GLY A 1803 -77.14 54.09 -37.34
CA GLY A 1803 -75.85 53.78 -36.74
C GLY A 1803 -74.93 54.98 -36.69
N SER A 1804 -75.01 55.85 -37.71
CA SER A 1804 -74.24 57.08 -37.69
C SER A 1804 -74.68 57.98 -36.54
N LEU A 1805 -75.99 58.10 -36.31
CA LEU A 1805 -76.44 58.95 -35.21
C LEU A 1805 -76.30 58.29 -33.85
N HIS A 1806 -76.03 56.98 -33.79
CA HIS A 1806 -75.76 56.26 -32.55
C HIS A 1806 -76.94 56.36 -31.58
N ALA A 1807 -78.07 55.80 -32.00
CA ALA A 1807 -79.23 55.72 -31.13
C ALA A 1807 -79.00 54.71 -30.01
N ARG A 1808 -79.68 54.91 -28.89
CA ARG A 1808 -79.62 53.99 -27.77
C ARG A 1808 -80.60 52.83 -27.89
N ASP A 1809 -81.39 52.79 -28.96
CA ASP A 1809 -82.40 51.75 -29.18
C ASP A 1809 -82.24 51.16 -30.58
N PRO A 1810 -81.20 50.36 -30.80
CA PRO A 1810 -81.07 49.69 -32.09
C PRO A 1810 -82.18 48.67 -32.28
N VAL A 1811 -82.53 48.44 -33.55
CA VAL A 1811 -83.58 47.49 -33.86
C VAL A 1811 -83.20 46.11 -33.35
N GLY A 1812 -84.06 45.52 -32.53
CA GLY A 1812 -83.77 44.26 -31.89
C GLY A 1812 -83.05 44.37 -30.56
N GLY A 1813 -82.70 45.58 -30.14
CA GLY A 1813 -82.04 45.78 -28.87
C GLY A 1813 -80.53 45.80 -28.90
N THR A 1814 -79.92 45.43 -30.03
CA THR A 1814 -78.47 45.43 -30.15
C THR A 1814 -78.11 45.78 -31.59
N THR A 1815 -77.00 46.51 -31.74
CA THR A 1815 -76.53 46.83 -33.09
C THR A 1815 -76.20 45.59 -33.88
N GLU A 1816 -75.77 44.51 -33.21
CA GLU A 1816 -75.54 43.25 -33.90
C GLU A 1816 -76.84 42.73 -34.51
N PHE A 1817 -77.92 42.72 -33.73
CA PHE A 1817 -79.20 42.28 -34.27
C PHE A 1817 -79.70 43.25 -35.34
N LEU A 1818 -79.33 44.53 -35.25
CA LEU A 1818 -79.73 45.49 -36.27
C LEU A 1818 -79.05 45.21 -37.60
N PHE A 1819 -77.75 44.91 -37.59
CA PHE A 1819 -76.98 44.84 -38.82
C PHE A 1819 -76.79 43.42 -39.36
N VAL A 1820 -76.41 42.46 -38.50
CA VAL A 1820 -75.96 41.16 -39.00
C VAL A 1820 -76.97 40.49 -39.92
N PRO A 1821 -78.25 40.35 -39.55
CA PRO A 1821 -79.18 39.72 -40.51
C PRO A 1821 -79.38 40.53 -41.78
N LEU A 1822 -79.43 41.87 -41.66
CA LEU A 1822 -79.62 42.69 -42.84
C LEU A 1822 -78.44 42.59 -43.79
N ILE A 1823 -77.22 42.66 -43.25
CA ILE A 1823 -76.05 42.55 -44.13
C ILE A 1823 -75.91 41.15 -44.68
N LYS A 1824 -76.34 40.13 -43.92
CA LYS A 1824 -76.36 38.77 -44.48
C LYS A 1824 -77.30 38.68 -45.67
N LEU A 1825 -78.50 39.25 -45.55
CA LEU A 1825 -79.44 39.24 -46.66
C LEU A 1825 -78.87 39.98 -47.87
N PHE A 1826 -78.29 41.15 -47.62
CA PHE A 1826 -77.71 41.93 -48.72
C PHE A 1826 -76.56 41.17 -49.37
N TYR A 1827 -75.73 40.50 -48.57
CA TYR A 1827 -74.62 39.73 -49.11
C TYR A 1827 -75.12 38.57 -49.96
N THR A 1828 -76.16 37.87 -49.51
CA THR A 1828 -76.70 36.77 -50.31
C THR A 1828 -77.27 37.28 -51.61
N LEU A 1829 -77.99 38.41 -51.58
CA LEU A 1829 -78.50 38.98 -52.82
C LEU A 1829 -77.36 39.37 -53.75
N LEU A 1830 -76.29 39.94 -53.21
CA LEU A 1830 -75.15 40.33 -54.04
C LEU A 1830 -74.49 39.11 -54.66
N ILE A 1831 -74.36 38.02 -53.90
CA ILE A 1831 -73.81 36.79 -54.46
C ILE A 1831 -74.69 36.28 -55.60
N MET A 1832 -76.00 36.28 -55.39
CA MET A 1832 -76.90 35.85 -56.45
C MET A 1832 -76.90 36.83 -57.62
N GLY A 1833 -76.35 38.03 -57.44
CA GLY A 1833 -76.26 38.95 -58.55
C GLY A 1833 -77.56 39.58 -58.97
N ILE A 1834 -78.54 39.63 -58.07
CA ILE A 1834 -79.83 40.23 -58.39
C ILE A 1834 -79.66 41.72 -58.67
N PHE A 1835 -78.88 42.41 -57.84
CA PHE A 1835 -78.74 43.86 -57.96
C PHE A 1835 -78.20 44.25 -59.33
N HIS A 1836 -78.78 45.30 -59.90
CA HIS A 1836 -78.33 45.82 -61.19
C HIS A 1836 -77.31 46.93 -60.96
N ASN A 1837 -76.89 47.58 -62.04
CA ASN A 1837 -75.78 48.53 -61.96
C ASN A 1837 -76.11 49.70 -61.04
N GLU A 1838 -77.32 50.26 -61.15
CA GLU A 1838 -77.71 51.38 -60.29
C GLU A 1838 -77.74 50.95 -58.83
N ASP A 1839 -78.25 49.75 -58.55
CA ASP A 1839 -78.28 49.26 -57.17
C ASP A 1839 -76.88 49.10 -56.62
N LEU A 1840 -75.95 48.57 -57.43
CA LEU A 1840 -74.57 48.48 -56.98
C LEU A 1840 -73.97 49.86 -56.74
N LYS A 1841 -74.30 50.83 -57.60
CA LYS A 1841 -73.81 52.19 -57.38
C LYS A 1841 -74.28 52.73 -56.04
N HIS A 1842 -75.58 52.59 -55.76
CA HIS A 1842 -76.10 53.08 -54.49
C HIS A 1842 -75.48 52.34 -53.30
N ILE A 1843 -75.27 51.02 -53.44
CA ILE A 1843 -74.67 50.24 -52.37
C ILE A 1843 -73.26 50.74 -52.08
N LEU A 1844 -72.48 50.96 -53.13
CA LEU A 1844 -71.12 51.44 -52.94
C LEU A 1844 -71.11 52.86 -52.35
N GLN A 1845 -72.03 53.71 -52.79
CA GLN A 1845 -72.11 55.05 -52.23
C GLN A 1845 -72.44 55.01 -50.73
N LEU A 1846 -73.35 54.12 -50.33
CA LEU A 1846 -73.72 54.09 -48.91
C LEU A 1846 -72.64 53.45 -48.06
N ILE A 1847 -71.96 52.42 -48.57
CA ILE A 1847 -70.92 51.79 -47.76
C ILE A 1847 -69.70 52.71 -47.64
N GLU A 1848 -69.34 53.40 -48.73
CA GLU A 1848 -68.18 54.30 -48.71
C GLU A 1848 -68.39 55.34 -49.81
N PRO A 1849 -68.85 56.54 -49.44
CA PRO A 1849 -69.14 57.54 -50.48
C PRO A 1849 -67.90 58.17 -51.07
N SER A 1850 -66.85 58.38 -50.28
CA SER A 1850 -65.68 59.11 -50.76
C SER A 1850 -64.93 58.31 -51.81
N VAL A 1851 -64.65 57.03 -51.54
CA VAL A 1851 -63.86 56.23 -52.46
C VAL A 1851 -64.65 55.92 -53.73
N PHE A 1852 -65.92 55.54 -53.58
CA PHE A 1852 -66.75 55.14 -54.71
C PHE A 1852 -67.57 56.29 -55.27
N LYS A 1853 -67.09 57.52 -55.15
CA LYS A 1853 -67.79 58.68 -55.67
C LYS A 1853 -67.71 58.67 -57.21
N GLY A 1891 -70.44 55.45 -45.08
CA GLY A 1891 -69.74 55.52 -43.81
C GLY A 1891 -69.85 54.25 -42.99
N LEU A 1892 -70.39 53.20 -43.61
CA LEU A 1892 -70.58 51.94 -42.91
C LEU A 1892 -69.25 51.36 -42.44
N LEU A 1893 -68.20 51.48 -43.27
CA LEU A 1893 -66.88 51.06 -42.84
C LEU A 1893 -66.39 51.90 -41.67
N GLN A 1894 -66.69 53.20 -41.68
CA GLN A 1894 -66.16 54.11 -40.67
C GLN A 1894 -66.90 54.01 -39.34
N MET A 1895 -68.12 53.47 -39.32
CA MET A 1895 -68.82 53.33 -38.04
C MET A 1895 -68.11 52.34 -37.14
N LYS A 1896 -68.43 52.42 -35.84
CA LYS A 1896 -67.86 51.52 -34.84
C LYS A 1896 -68.67 50.23 -34.85
N LEU A 1897 -68.26 49.32 -35.69
CA LEU A 1897 -68.91 48.04 -35.94
C LEU A 1897 -68.50 47.01 -34.90
N PRO A 1898 -69.38 46.08 -34.59
CA PRO A 1898 -69.00 44.91 -33.79
C PRO A 1898 -68.34 43.85 -34.67
N GLU A 1899 -67.84 42.81 -34.00
CA GLU A 1899 -67.09 41.77 -34.69
C GLU A 1899 -67.90 41.02 -35.75
N PRO A 1900 -69.12 40.52 -35.48
CA PRO A 1900 -69.86 39.86 -36.55
C PRO A 1900 -70.14 40.75 -37.74
N VAL A 1901 -70.48 42.02 -37.50
CA VAL A 1901 -70.77 42.93 -38.60
C VAL A 1901 -69.53 43.16 -39.45
N LYS A 1902 -68.39 43.42 -38.79
CA LYS A 1902 -67.17 43.63 -39.55
C LYS A 1902 -66.75 42.35 -40.29
N LEU A 1903 -67.06 41.18 -39.72
CA LEU A 1903 -66.79 39.94 -40.45
C LEU A 1903 -67.63 39.85 -41.72
N GLN A 1904 -68.92 40.19 -41.62
CA GLN A 1904 -69.77 40.13 -42.81
C GLN A 1904 -69.29 41.11 -43.87
N MET A 1905 -68.88 42.31 -43.47
CA MET A 1905 -68.38 43.22 -44.50
C MET A 1905 -66.99 42.83 -45.01
N CYS A 1906 -66.19 42.10 -44.23
CA CYS A 1906 -65.00 41.49 -44.79
C CYS A 1906 -65.35 40.50 -45.89
N LEU A 1907 -66.38 39.68 -45.66
CA LEU A 1907 -66.83 38.78 -46.72
C LEU A 1907 -67.32 39.55 -47.94
N LEU A 1908 -68.01 40.67 -47.70
CA LEU A 1908 -68.49 41.50 -48.81
C LEU A 1908 -67.32 42.05 -49.63
N LEU A 1909 -66.29 42.55 -48.95
CA LEU A 1909 -65.11 43.05 -49.67
C LEU A 1909 -64.41 41.93 -50.41
N GLN A 1910 -64.39 40.72 -49.83
CA GLN A 1910 -63.81 39.58 -50.52
C GLN A 1910 -64.57 39.27 -51.80
N TYR A 1911 -65.90 39.35 -51.75
CA TYR A 1911 -66.70 39.13 -52.95
C TYR A 1911 -66.40 40.20 -54.00
N LEU A 1912 -66.25 41.45 -53.57
CA LEU A 1912 -65.89 42.50 -54.53
C LEU A 1912 -64.54 42.22 -55.19
N CYS A 1913 -63.57 41.77 -54.40
CA CYS A 1913 -62.28 41.42 -54.97
C CYS A 1913 -62.41 40.27 -55.97
N ASP A 1914 -63.23 39.27 -55.64
CA ASP A 1914 -63.43 38.15 -56.56
C ASP A 1914 -64.05 38.61 -57.87
N CYS A 1915 -65.04 39.49 -57.81
CA CYS A 1915 -65.66 39.98 -59.04
C CYS A 1915 -64.66 40.80 -59.86
N GLN A 1916 -63.83 41.60 -59.19
CA GLN A 1916 -62.80 42.34 -59.92
C GLN A 1916 -61.82 41.40 -60.61
N VAL A 1917 -61.42 40.34 -59.92
CA VAL A 1917 -60.52 39.35 -60.54
C VAL A 1917 -61.18 38.70 -61.73
N ARG A 1918 -62.48 38.41 -61.63
CA ARG A 1918 -63.20 37.82 -62.75
C ARG A 1918 -63.21 38.75 -63.96
N HIS A 1919 -63.43 40.04 -63.72
CA HIS A 1919 -63.40 41.00 -64.81
C HIS A 1919 -62.01 41.08 -65.43
N ARG A 1920 -60.97 41.03 -64.60
CA ARG A 1920 -59.60 40.98 -65.12
C ARG A 1920 -59.40 39.78 -66.02
N ILE A 1921 -59.89 38.61 -65.60
CA ILE A 1921 -59.74 37.40 -66.40
C ILE A 1921 -60.49 37.54 -67.72
N GLU A 1922 -61.66 38.20 -67.69
CA GLU A 1922 -62.41 38.43 -68.93
C GLU A 1922 -61.59 39.29 -69.90
N ALA A 1923 -60.97 40.36 -69.40
CA ALA A 1923 -60.15 41.20 -70.26
C ALA A 1923 -58.95 40.41 -70.80
N ILE A 1924 -58.34 39.60 -69.95
CA ILE A 1924 -57.22 38.77 -70.40
C ILE A 1924 -57.66 37.82 -71.50
N VAL A 1925 -58.85 37.23 -71.36
CA VAL A 1925 -59.35 36.31 -72.36
C VAL A 1925 -59.57 37.03 -73.69
N ALA A 1926 -60.15 38.22 -73.64
CA ALA A 1926 -60.37 38.98 -74.88
C ALA A 1926 -59.06 39.28 -75.59
N PHE A 1927 -58.10 39.85 -74.86
CA PHE A 1927 -56.83 40.16 -75.50
C PHE A 1927 -56.11 38.91 -75.95
N SER A 1928 -56.25 37.81 -75.20
CA SER A 1928 -55.65 36.55 -75.60
C SER A 1928 -56.22 36.06 -76.92
N ASP A 1929 -57.54 36.16 -77.08
CA ASP A 1929 -58.15 35.80 -78.36
C ASP A 1929 -57.55 36.61 -79.49
N ASP A 1930 -57.54 37.94 -79.35
CA ASP A 1930 -57.06 38.78 -80.45
C ASP A 1930 -55.59 38.50 -80.76
N PHE A 1931 -54.77 38.45 -79.71
CA PHE A 1931 -53.33 38.26 -79.89
C PHE A 1931 -53.02 36.89 -80.48
N VAL A 1932 -53.71 35.85 -80.02
CA VAL A 1932 -53.42 34.52 -80.55
C VAL A 1932 -53.90 34.40 -81.98
N ALA A 1933 -54.98 35.11 -82.35
CA ALA A 1933 -55.38 35.13 -83.75
C ALA A 1933 -54.28 35.73 -84.62
N LYS A 1934 -53.79 36.92 -84.22
CA LYS A 1934 -52.72 37.55 -84.99
C LYS A 1934 -51.49 36.67 -85.05
N LEU A 1935 -51.09 36.10 -83.92
CA LEU A 1935 -49.88 35.27 -83.87
C LEU A 1935 -50.04 34.02 -84.72
N GLN A 1936 -51.22 33.39 -84.69
CA GLN A 1936 -51.43 32.18 -85.47
C GLN A 1936 -51.35 32.47 -86.96
N ASP A 1937 -52.04 33.53 -87.41
CA ASP A 1937 -52.00 33.82 -88.84
C ASP A 1937 -50.58 34.20 -89.28
N ASN A 1938 -49.88 35.00 -88.47
CA ASN A 1938 -48.53 35.40 -88.85
C ASN A 1938 -47.58 34.21 -88.87
N GLN A 1939 -47.69 33.31 -87.89
CA GLN A 1939 -46.80 32.16 -87.84
C GLN A 1939 -47.08 31.21 -89.00
N ARG A 1940 -48.35 31.02 -89.36
CA ARG A 1940 -48.65 30.18 -90.52
C ARG A 1940 -48.11 30.81 -91.80
N PHE A 1941 -48.26 32.12 -91.94
CA PHE A 1941 -47.73 32.80 -93.12
C PHE A 1941 -46.22 32.67 -93.20
N ARG A 1942 -45.52 32.86 -92.07
CA ARG A 1942 -44.07 32.78 -92.11
C ARG A 1942 -43.58 31.34 -92.32
N TYR A 1943 -44.31 30.35 -91.81
CA TYR A 1943 -43.96 28.97 -92.07
C TYR A 1943 -44.14 28.63 -93.54
N ASN A 1944 -45.22 29.12 -94.16
CA ASN A 1944 -45.39 28.95 -95.60
C ASN A 1944 -44.27 29.63 -96.36
N GLU A 1945 -43.89 30.83 -95.95
CA GLU A 1945 -42.80 31.54 -96.62
C GLU A 1945 -41.49 30.78 -96.52
N VAL A 1946 -41.20 30.22 -95.34
CA VAL A 1946 -39.99 29.41 -95.18
C VAL A 1946 -40.07 28.18 -96.07
N MET A 1947 -41.25 27.56 -96.16
CA MET A 1947 -41.40 26.39 -97.02
C MET A 1947 -41.15 26.73 -98.48
N GLN A 1948 -41.43 27.98 -98.88
CA GLN A 1948 -41.25 28.39 -100.27
C GLN A 1948 -39.78 28.47 -100.68
N ALA A 1949 -38.85 28.38 -99.74
CA ALA A 1949 -37.43 28.47 -100.08
C ALA A 1949 -37.04 27.34 -101.01
N LEU A 1950 -36.31 27.68 -102.08
CA LEU A 1950 -35.93 26.68 -103.07
C LEU A 1950 -34.86 25.73 -102.51
N ASN A 1951 -33.89 26.26 -101.77
CA ASN A 1951 -32.80 25.46 -101.25
C ASN A 1951 -33.12 25.00 -99.83
N MET A 1952 -32.86 23.72 -99.55
CA MET A 1952 -33.06 23.13 -98.24
C MET A 1952 -31.69 22.86 -97.63
N SER A 1953 -31.46 23.38 -96.42
CA SER A 1953 -30.16 23.27 -95.79
C SER A 1953 -30.35 23.08 -94.29
N ALA A 1954 -29.26 23.24 -93.53
CA ALA A 1954 -29.33 23.09 -92.08
C ALA A 1954 -30.24 24.15 -91.47
N ALA A 1955 -30.14 25.40 -91.94
CA ALA A 1955 -31.04 26.43 -91.46
C ALA A 1955 -32.50 26.10 -91.80
N LEU A 1956 -32.74 25.56 -93.00
CA LEU A 1956 -34.10 25.22 -93.39
C LEU A 1956 -34.67 24.11 -92.52
N THR A 1957 -33.89 23.07 -92.23
CA THR A 1957 -34.40 22.02 -91.34
C THR A 1957 -34.52 22.52 -89.90
N ALA A 1958 -33.68 23.47 -89.50
CA ALA A 1958 -33.85 24.09 -88.20
C ALA A 1958 -35.18 24.82 -88.10
N ARG A 1959 -35.54 25.57 -89.14
CA ARG A 1959 -36.85 26.23 -89.14
C ARG A 1959 -37.98 25.22 -89.25
N LYS A 1960 -37.76 24.10 -89.95
CA LYS A 1960 -38.79 23.07 -90.03
C LYS A 1960 -39.08 22.48 -88.66
N THR A 1961 -38.04 22.18 -87.88
CA THR A 1961 -38.23 21.75 -86.50
C THR A 1961 -38.80 22.88 -85.65
N ARG A 1962 -38.42 24.12 -85.96
CA ARG A 1962 -38.91 25.29 -85.23
C ARG A 1962 -40.42 25.42 -85.32
N GLU A 1963 -40.97 25.19 -86.51
CA GLU A 1963 -42.40 25.38 -86.76
C GLU A 1963 -43.22 24.11 -86.58
N PHE A 1964 -42.87 23.05 -87.31
CA PHE A 1964 -43.74 21.88 -87.40
C PHE A 1964 -43.47 20.85 -86.31
N ARG A 1965 -42.20 20.50 -86.09
CA ARG A 1965 -41.89 19.38 -85.21
C ARG A 1965 -42.30 19.65 -83.77
N SER A 1966 -42.10 20.87 -83.30
CA SER A 1966 -42.38 21.19 -81.90
C SER A 1966 -43.87 21.07 -81.61
N PRO A 1967 -44.24 20.49 -80.47
CA PRO A 1967 -45.66 20.38 -80.09
C PRO A 1967 -46.26 21.75 -79.85
N PRO A 1968 -47.59 21.88 -79.96
CA PRO A 1968 -48.20 23.22 -79.86
C PRO A 1968 -47.88 23.97 -78.58
N GLN A 1969 -47.83 23.28 -77.44
CA GLN A 1969 -47.48 23.96 -76.20
C GLN A 1969 -46.04 24.48 -76.25
N GLU A 1970 -45.13 23.68 -76.81
CA GLU A 1970 -43.76 24.14 -77.00
C GLU A 1970 -43.73 25.34 -77.95
N GLN A 1971 -44.57 25.34 -78.97
CA GLN A 1971 -44.64 26.47 -79.88
C GLN A 1971 -45.09 27.73 -79.15
N ILE A 1972 -46.08 27.60 -78.26
CA ILE A 1972 -46.56 28.76 -77.52
C ILE A 1972 -45.47 29.28 -76.58
N ASN A 1973 -44.79 28.38 -75.87
CA ASN A 1973 -43.73 28.81 -74.98
C ASN A 1973 -42.60 29.46 -75.76
N MET A 1974 -42.25 28.90 -76.92
CA MET A 1974 -41.24 29.49 -77.78
C MET A 1974 -41.66 30.87 -78.27
N LEU A 1975 -42.92 31.04 -78.65
CA LEU A 1975 -43.38 32.33 -79.13
C LEU A 1975 -43.49 33.35 -78.01
N LEU A 1976 -43.59 32.89 -76.76
CA LEU A 1976 -43.66 33.76 -75.60
C LEU A 1976 -42.34 33.84 -74.83
N ASN A 1977 -41.25 33.31 -75.39
CA ASN A 1977 -39.96 33.38 -74.69
C ASN A 1977 -39.39 34.79 -74.61
N PHE A 1978 -39.99 35.77 -75.30
CA PHE A 1978 -39.42 37.11 -75.38
C PHE A 1978 -39.77 37.98 -74.19
N LYS A 1979 -40.11 37.37 -73.04
CA LYS A 1979 -40.37 38.14 -71.83
C LYS A 1979 -39.21 39.05 -71.50
N ASP A 1980 -37.99 38.53 -71.56
CA ASP A 1980 -36.81 39.36 -71.39
C ASP A 1980 -36.57 40.20 -72.65
N ASP A 1981 -35.76 41.25 -72.49
CA ASP A 1981 -35.52 42.19 -73.58
C ASP A 1981 -34.71 41.51 -74.68
N LYS A 1982 -35.34 41.27 -75.82
CA LYS A 1982 -34.68 40.71 -77.00
C LYS A 1982 -34.03 39.37 -76.68
N SER A 1983 -34.78 38.48 -76.04
CA SER A 1983 -34.29 37.16 -75.66
C SER A 1983 -34.84 36.13 -76.64
N GLU A 1984 -34.17 36.01 -77.78
CA GLU A 1984 -34.53 35.05 -78.83
C GLU A 1984 -36.00 35.18 -79.21
N CYS A 1985 -36.42 36.41 -79.49
CA CYS A 1985 -37.81 36.68 -79.83
C CYS A 1985 -38.16 36.08 -81.18
N PRO A 1986 -39.45 35.78 -81.41
CA PRO A 1986 -39.87 35.32 -82.73
C PRO A 1986 -39.76 36.41 -83.78
N CYS A 1987 -40.10 36.09 -85.04
CA CYS A 1987 -39.98 37.06 -86.11
C CYS A 1987 -40.79 38.33 -85.88
N PRO A 1988 -42.07 38.28 -85.50
CA PRO A 1988 -42.82 39.52 -85.27
C PRO A 1988 -42.30 40.30 -84.07
N GLU A 1989 -42.43 41.62 -84.17
CA GLU A 1989 -42.10 42.53 -83.07
C GLU A 1989 -43.21 43.51 -82.75
N GLU A 1990 -44.10 43.82 -83.70
CA GLU A 1990 -45.28 44.61 -83.39
C GLU A 1990 -46.15 43.91 -82.35
N ILE A 1991 -46.30 42.58 -82.48
CA ILE A 1991 -47.04 41.85 -81.47
C ILE A 1991 -46.28 41.83 -80.15
N ARG A 1992 -44.95 41.85 -80.19
CA ARG A 1992 -44.19 41.99 -78.95
C ARG A 1992 -44.54 43.29 -78.25
N ASP A 1993 -44.57 44.39 -79.01
CA ASP A 1993 -44.93 45.68 -78.42
C ASP A 1993 -46.35 45.65 -77.88
N GLN A 1994 -47.29 45.07 -78.63
CA GLN A 1994 -48.67 45.01 -78.19
C GLN A 1994 -48.81 44.20 -76.91
N LEU A 1995 -48.14 43.05 -76.83
CA LEU A 1995 -48.22 42.21 -75.64
C LEU A 1995 -47.56 42.89 -74.44
N LEU A 1996 -46.45 43.60 -74.67
CA LEU A 1996 -45.83 44.35 -73.58
C LEU A 1996 -46.77 45.44 -73.06
N ASP A 1997 -47.44 46.14 -73.98
CA ASP A 1997 -48.40 47.16 -73.54
C ASP A 1997 -49.55 46.54 -72.76
N PHE A 1998 -50.06 45.40 -73.23
CA PHE A 1998 -51.14 44.74 -72.50
C PHE A 1998 -50.69 44.28 -71.13
N HIS A 1999 -49.48 43.73 -71.03
CA HIS A 1999 -48.98 43.32 -69.73
C HIS A 1999 -48.82 44.52 -68.80
N GLU A 2000 -48.35 45.64 -69.34
CA GLU A 2000 -48.20 46.84 -68.53
C GLU A 2000 -49.55 47.32 -67.99
N ASP A 2001 -50.57 47.36 -68.85
CA ASP A 2001 -51.87 47.84 -68.38
C ASP A 2001 -52.53 46.82 -67.46
N LEU A 2002 -52.26 45.53 -67.65
CA LEU A 2002 -52.74 44.52 -66.71
C LEU A 2002 -52.10 44.70 -65.34
N MET A 2003 -50.79 44.96 -65.30
CA MET A 2003 -50.13 45.25 -64.04
C MET A 2003 -50.74 46.49 -63.38
N THR A 2004 -51.00 47.52 -64.19
CA THR A 2004 -51.61 48.74 -63.65
C THR A 2004 -52.99 48.46 -63.06
N HIS A 2005 -53.80 47.66 -63.76
CA HIS A 2005 -55.11 47.28 -63.24
C HIS A 2005 -54.97 46.46 -61.97
N CYS A 2006 -53.93 45.65 -61.87
CA CYS A 2006 -53.65 44.91 -60.64
C CYS A 2006 -52.96 45.85 -59.65
N GLY A 2007 -52.44 45.28 -58.57
CA GLY A 2007 -51.78 46.10 -57.56
C GLY A 2007 -50.54 46.82 -58.07
N ILE A 2008 -49.82 46.18 -58.99
CA ILE A 2008 -48.58 46.74 -59.52
C ILE A 2008 -48.86 47.90 -60.48
N SER A 2056 -59.95 53.16 -56.55
CA SER A 2056 -58.98 52.84 -55.51
C SER A 2056 -59.62 51.99 -54.41
N LEU A 2057 -59.77 50.70 -54.69
CA LEU A 2057 -60.41 49.78 -53.75
C LEU A 2057 -59.41 49.10 -52.82
N GLN A 2058 -58.27 48.66 -53.35
CA GLN A 2058 -57.32 47.93 -52.54
C GLN A 2058 -56.74 48.80 -51.42
N GLN A 2059 -56.41 50.05 -51.73
CA GLN A 2059 -55.89 50.95 -50.71
C GLN A 2059 -56.91 51.18 -49.61
N LEU A 2060 -58.18 51.38 -49.99
CA LEU A 2060 -59.24 51.56 -49.00
C LEU A 2060 -59.37 50.33 -48.11
N ILE A 2061 -59.37 49.15 -48.71
CA ILE A 2061 -59.54 47.92 -47.93
C ILE A 2061 -58.37 47.74 -46.96
N SER A 2062 -57.14 47.95 -47.45
CA SER A 2062 -55.97 47.80 -46.59
C SER A 2062 -56.00 48.82 -45.45
N GLU A 2063 -56.36 50.06 -45.75
CA GLU A 2063 -56.41 51.09 -44.71
C GLU A 2063 -57.44 50.76 -43.66
N THR A 2064 -58.63 50.33 -44.09
CA THR A 2064 -59.67 49.96 -43.11
C THR A 2064 -59.23 48.78 -42.27
N MET A 2065 -58.58 47.79 -42.88
CA MET A 2065 -58.15 46.62 -42.13
C MET A 2065 -57.08 46.97 -41.10
N VAL A 2066 -56.08 47.76 -41.48
CA VAL A 2066 -55.06 48.12 -40.52
C VAL A 2066 -55.63 49.01 -39.42
N ARG A 2067 -56.58 49.88 -39.78
CA ARG A 2067 -57.21 50.72 -38.77
C ARG A 2067 -57.96 49.87 -37.75
N TRP A 2068 -58.77 48.92 -38.23
CA TRP A 2068 -59.52 48.06 -37.32
C TRP A 2068 -58.58 47.22 -36.46
N ALA A 2069 -57.50 46.71 -37.05
CA ALA A 2069 -56.55 45.92 -36.27
C ALA A 2069 -55.89 46.75 -35.19
N GLN A 2070 -55.54 48.00 -35.49
CA GLN A 2070 -54.92 48.87 -34.50
C GLN A 2070 -55.91 49.40 -33.47
N GLU A 2071 -57.21 49.36 -33.77
CA GLU A 2071 -58.20 49.88 -32.82
C GLU A 2071 -58.13 49.15 -31.48
N SER A 2072 -58.19 47.82 -31.51
CA SER A 2072 -58.23 47.05 -30.28
C SER A 2072 -57.90 45.59 -30.58
N VAL A 2073 -57.67 44.83 -29.51
CA VAL A 2073 -57.41 43.40 -29.65
C VAL A 2073 -58.66 42.68 -30.09
N ILE A 2074 -58.52 41.78 -31.05
CA ILE A 2074 -59.63 41.07 -31.65
C ILE A 2074 -59.66 39.65 -31.10
N GLU A 2075 -60.84 39.20 -30.68
CA GLU A 2075 -60.98 37.93 -29.98
C GLU A 2075 -61.40 36.77 -30.88
N ASP A 2076 -61.94 37.03 -32.06
CA ASP A 2076 -62.47 35.96 -32.90
C ASP A 2076 -61.38 35.45 -33.84
N PRO A 2077 -60.92 34.21 -33.68
CA PRO A 2077 -59.90 33.69 -34.61
C PRO A 2077 -60.36 33.66 -36.05
N GLU A 2078 -61.63 33.33 -36.29
CA GLU A 2078 -62.14 33.35 -37.65
C GLU A 2078 -62.15 34.75 -38.23
N LEU A 2079 -62.52 35.74 -37.42
CA LEU A 2079 -62.47 37.13 -37.89
C LEU A 2079 -61.04 37.53 -38.23
N VAL A 2080 -60.09 37.15 -37.38
CA VAL A 2080 -58.70 37.51 -37.65
C VAL A 2080 -58.20 36.83 -38.92
N ARG A 2081 -58.56 35.56 -39.11
CA ARG A 2081 -58.15 34.84 -40.31
C ARG A 2081 -58.71 35.49 -41.57
N ALA A 2082 -60.01 35.81 -41.56
CA ALA A 2082 -60.61 36.47 -42.72
C ALA A 2082 -59.97 37.83 -42.96
N MET A 2083 -59.72 38.57 -41.88
CA MET A 2083 -59.08 39.86 -41.97
C MET A 2083 -57.75 39.76 -42.70
N PHE A 2084 -56.91 38.83 -42.26
CA PHE A 2084 -55.56 38.76 -42.81
C PHE A 2084 -55.53 38.13 -44.20
N VAL A 2085 -56.43 37.19 -44.52
CA VAL A 2085 -56.46 36.69 -45.88
C VAL A 2085 -56.92 37.78 -46.84
N LEU A 2086 -57.88 38.61 -46.41
CA LEU A 2086 -58.32 39.71 -47.26
C LEU A 2086 -57.21 40.74 -47.43
N LEU A 2087 -56.48 41.06 -46.35
CA LEU A 2087 -55.37 41.99 -46.46
C LEU A 2087 -54.29 41.46 -47.39
N HIS A 2088 -53.97 40.16 -47.28
CA HIS A 2088 -52.97 39.57 -48.16
C HIS A 2088 -53.42 39.58 -49.60
N ARG A 2089 -54.70 39.31 -49.87
CA ARG A 2089 -55.15 39.34 -51.26
C ARG A 2089 -55.16 40.76 -51.82
N GLN A 2090 -55.37 41.77 -50.97
CA GLN A 2090 -55.20 43.14 -51.44
C GLN A 2090 -53.74 43.44 -51.76
N TYR A 2091 -52.82 43.01 -50.90
CA TYR A 2091 -51.41 43.32 -51.14
C TYR A 2091 -50.82 42.51 -52.29
N ASP A 2092 -51.41 41.35 -52.61
CA ASP A 2092 -50.91 40.49 -53.68
C ASP A 2092 -52.08 40.15 -54.60
N GLY A 2093 -52.27 40.95 -55.65
CA GLY A 2093 -53.25 40.62 -56.66
C GLY A 2093 -52.76 39.62 -57.68
N ILE A 2094 -51.45 39.38 -57.73
CA ILE A 2094 -50.89 38.41 -58.65
C ILE A 2094 -51.27 36.99 -58.25
N GLY A 2095 -51.40 36.75 -56.95
CA GLY A 2095 -51.78 35.42 -56.49
C GLY A 2095 -53.11 34.97 -57.06
N GLY A 2096 -54.08 35.88 -57.13
CA GLY A 2096 -55.34 35.55 -57.76
C GLY A 2096 -55.17 35.14 -59.21
N LEU A 2097 -54.31 35.84 -59.95
CA LEU A 2097 -54.09 35.48 -61.34
C LEU A 2097 -53.44 34.12 -61.47
N VAL A 2098 -52.38 33.85 -60.69
CA VAL A 2098 -51.70 32.57 -60.83
C VAL A 2098 -52.54 31.43 -60.30
N ARG A 2099 -53.51 31.69 -59.45
CA ARG A 2099 -54.40 30.64 -58.96
C ARG A 2099 -55.68 30.52 -59.78
N ALA A 2100 -55.97 31.47 -60.65
CA ALA A 2100 -57.19 31.43 -61.46
C ALA A 2100 -56.95 31.09 -62.92
N LEU A 2101 -55.86 31.56 -63.51
CA LEU A 2101 -55.55 31.21 -64.90
C LEU A 2101 -55.48 29.70 -65.15
N PRO A 2102 -54.92 28.88 -64.25
CA PRO A 2102 -55.03 27.42 -64.47
C PRO A 2102 -56.47 26.94 -64.59
N LYS A 2103 -57.41 27.58 -63.90
CA LYS A 2103 -58.80 27.14 -63.92
C LYS A 2103 -59.64 27.87 -64.97
N THR A 2104 -59.10 28.88 -65.65
CA THR A 2104 -59.88 29.55 -66.68
C THR A 2104 -59.87 28.74 -67.96
N TYR A 2105 -60.91 28.93 -68.77
CA TYR A 2105 -61.06 28.18 -70.01
C TYR A 2105 -61.95 28.96 -70.95
N THR A 2106 -61.76 28.76 -72.25
CA THR A 2106 -62.54 29.41 -73.28
C THR A 2106 -63.26 28.35 -74.10
N ILE A 2107 -64.57 28.46 -74.19
CA ILE A 2107 -65.38 27.53 -74.95
C ILE A 2107 -65.98 28.26 -76.15
N ASN A 2108 -66.16 27.52 -77.23
CA ASN A 2108 -66.73 28.11 -78.45
C ASN A 2108 -68.19 28.48 -78.23
N GLY A 2109 -68.64 29.47 -78.98
CA GLY A 2109 -70.01 29.94 -78.83
C GLY A 2109 -71.06 28.96 -79.31
N VAL A 2110 -70.67 27.96 -80.09
CA VAL A 2110 -71.63 26.99 -80.61
C VAL A 2110 -72.12 26.08 -79.48
N SER A 2111 -71.23 25.69 -78.57
CA SER A 2111 -71.54 24.72 -77.53
C SER A 2111 -71.84 25.38 -76.19
N VAL A 2112 -72.38 26.60 -76.20
CA VAL A 2112 -72.67 27.29 -74.96
C VAL A 2112 -73.75 26.55 -74.17
N GLU A 2113 -74.80 26.08 -74.85
CA GLU A 2113 -75.86 25.35 -74.17
C GLU A 2113 -75.35 24.04 -73.60
N ASP A 2114 -74.48 23.34 -74.34
CA ASP A 2114 -73.91 22.10 -73.84
C ASP A 2114 -73.04 22.36 -72.61
N THR A 2115 -72.25 23.44 -72.64
CA THR A 2115 -71.44 23.79 -71.48
C THR A 2115 -72.33 24.12 -70.28
N ILE A 2116 -73.44 24.83 -70.51
CA ILE A 2116 -74.35 25.17 -69.42
C ILE A 2116 -74.95 23.91 -68.83
N ASN A 2117 -75.37 22.97 -69.67
CA ASN A 2117 -75.93 21.72 -69.17
C ASN A 2117 -74.89 20.93 -68.38
N LEU A 2118 -73.65 20.89 -68.87
CA LEU A 2118 -72.58 20.20 -68.14
C LEU A 2118 -72.35 20.83 -66.78
N LEU A 2119 -72.32 22.16 -66.73
CA LEU A 2119 -72.12 22.85 -65.45
C LEU A 2119 -73.30 22.61 -64.51
N ALA A 2120 -74.52 22.57 -65.04
CA ALA A 2120 -75.68 22.29 -64.20
C ALA A 2120 -75.60 20.88 -63.60
N SER A 2121 -75.22 19.89 -64.42
CA SER A 2121 -75.09 18.54 -63.91
C SER A 2121 -73.99 18.46 -62.86
N LEU A 2122 -72.86 19.14 -63.10
CA LEU A 2122 -71.78 19.16 -62.13
C LEU A 2122 -72.22 19.81 -60.83
N GLY A 2123 -72.99 20.90 -60.91
CA GLY A 2123 -73.50 21.53 -59.72
C GLY A 2123 -74.44 20.62 -58.95
N GLN A 2124 -75.28 19.87 -59.66
CA GLN A 2124 -76.15 18.91 -58.99
C GLN A 2124 -75.35 17.83 -58.27
N ILE A 2125 -74.30 17.32 -58.91
CA ILE A 2125 -73.47 16.30 -58.27
C ILE A 2125 -72.79 16.87 -57.03
N ARG A 2126 -72.25 18.08 -57.13
CA ARG A 2126 -71.58 18.68 -55.98
C ARG A 2126 -72.57 18.93 -54.84
N SER A 2127 -73.77 19.39 -55.16
CA SER A 2127 -74.78 19.62 -54.12
C SER A 2127 -75.18 18.32 -53.45
N LEU A 2128 -75.38 17.25 -54.23
CA LEU A 2128 -75.73 15.97 -53.66
C LEU A 2128 -74.57 15.36 -52.86
N LEU A 2129 -73.34 15.79 -53.13
CA LEU A 2129 -72.21 15.32 -52.35
C LEU A 2129 -72.33 15.69 -50.87
N SER A 2130 -72.90 16.86 -50.58
CA SER A 2130 -72.94 17.34 -49.20
C SER A 2130 -73.92 16.54 -48.35
N VAL A 2131 -75.07 16.18 -48.90
CA VAL A 2131 -76.13 15.54 -48.13
C VAL A 2131 -75.75 14.11 -47.80
N ARG A 2132 -76.46 13.52 -46.84
CA ARG A 2132 -76.20 12.13 -46.46
C ARG A 2132 -76.59 11.20 -47.61
N MET A 2133 -76.06 10.00 -47.58
CA MET A 2133 -76.22 9.06 -48.67
C MET A 2133 -77.43 8.14 -48.46
N GLY A 2134 -78.15 7.87 -49.55
CA GLY A 2134 -79.32 7.03 -49.56
C GLY A 2134 -79.63 6.57 -50.97
N LYS A 2135 -80.71 5.80 -51.10
CA LYS A 2135 -81.06 5.23 -52.40
C LYS A 2135 -81.45 6.32 -53.39
N GLU A 2136 -82.27 7.28 -52.96
CA GLU A 2136 -82.63 8.37 -53.85
C GLU A 2136 -81.39 9.15 -54.27
N GLU A 2137 -80.46 9.35 -53.34
CA GLU A 2137 -79.22 10.05 -53.65
C GLU A 2137 -78.42 9.29 -54.71
N GLU A 2138 -78.31 7.97 -54.58
CA GLU A 2138 -77.54 7.23 -55.57
C GLU A 2138 -78.23 7.24 -56.93
N LYS A 2139 -79.57 7.21 -56.94
CA LYS A 2139 -80.27 7.31 -58.22
C LYS A 2139 -80.00 8.65 -58.89
N LEU A 2140 -80.02 9.74 -58.11
CA LEU A 2140 -79.72 11.05 -58.68
C LEU A 2140 -78.29 11.14 -59.19
N MET A 2141 -77.33 10.59 -58.44
CA MET A 2141 -75.95 10.60 -58.92
C MET A 2141 -75.79 9.77 -60.19
N ILE A 2142 -76.46 8.62 -60.26
CA ILE A 2142 -76.37 7.80 -61.47
C ILE A 2142 -76.95 8.54 -62.67
N ARG A 2143 -78.08 9.21 -62.48
CA ARG A 2143 -78.67 9.99 -63.57
C ARG A 2143 -77.73 11.11 -64.00
N GLY A 2144 -77.12 11.81 -63.03
CA GLY A 2144 -76.18 12.87 -63.38
C GLY A 2144 -74.97 12.36 -64.12
N LEU A 2145 -74.41 11.23 -63.70
CA LEU A 2145 -73.27 10.65 -64.39
C LEU A 2145 -73.65 10.22 -65.80
N GLY A 2146 -74.86 9.67 -65.97
CA GLY A 2146 -75.32 9.32 -67.31
C GLY A 2146 -75.42 10.53 -68.21
N ASP A 2147 -75.95 11.63 -67.68
CA ASP A 2147 -75.99 12.87 -68.46
C ASP A 2147 -74.57 13.34 -68.79
N ILE A 2148 -73.64 13.15 -67.85
CA ILE A 2148 -72.25 13.54 -68.10
C ILE A 2148 -71.67 12.74 -69.25
N MET A 2149 -71.90 11.42 -69.27
CA MET A 2149 -71.43 10.61 -70.39
C MET A 2149 -72.07 11.06 -71.69
N ASN A 2150 -73.39 11.29 -71.67
CA ASN A 2150 -74.09 11.65 -72.90
C ASN A 2150 -73.68 13.02 -73.43
N ASN A 2151 -73.23 13.92 -72.56
CA ASN A 2151 -72.82 15.24 -73.03
C ASN A 2151 -71.59 15.12 -73.92
N LYS A 2152 -71.60 15.84 -75.04
CA LYS A 2152 -70.51 15.78 -75.99
C LYS A 2152 -69.30 16.59 -75.57
N VAL A 2153 -69.46 17.50 -74.61
CA VAL A 2153 -68.32 18.31 -74.15
C VAL A 2153 -67.28 17.43 -73.48
N PHE A 2154 -67.70 16.34 -72.86
CA PHE A 2154 -66.76 15.43 -72.20
C PHE A 2154 -65.76 14.87 -73.21
N TYR A 2155 -66.24 14.46 -74.39
CA TYR A 2155 -65.33 13.95 -75.42
C TYR A 2155 -64.46 15.07 -75.98
N GLN A 2156 -65.03 16.24 -76.23
CA GLN A 2156 -64.36 17.25 -77.03
C GLN A 2156 -63.24 17.94 -76.27
N HIS A 2157 -63.45 18.25 -74.99
CA HIS A 2157 -62.53 19.07 -74.21
C HIS A 2157 -62.12 18.33 -72.94
N PRO A 2158 -61.22 17.35 -73.04
CA PRO A 2158 -60.66 16.74 -71.83
C PRO A 2158 -59.90 17.72 -70.96
N ASN A 2159 -59.29 18.75 -71.56
CA ASN A 2159 -58.57 19.74 -70.77
C ASN A 2159 -59.53 20.51 -69.86
N LEU A 2160 -60.64 21.02 -70.43
CA LEU A 2160 -61.67 21.63 -69.60
C LEU A 2160 -62.26 20.63 -68.62
N MET A 2161 -62.37 19.37 -69.03
CA MET A 2161 -62.95 18.35 -68.17
C MET A 2161 -62.12 18.22 -66.90
N ARG A 2162 -60.80 18.15 -67.06
CA ARG A 2162 -59.89 18.07 -65.92
C ARG A 2162 -59.83 19.38 -65.15
N ALA A 2163 -59.93 20.51 -65.86
CA ALA A 2163 -59.89 21.80 -65.17
C ALA A 2163 -61.06 21.96 -64.23
N LEU A 2164 -62.26 21.57 -64.67
CA LEU A 2164 -63.38 21.47 -63.74
C LEU A 2164 -63.10 20.43 -62.66
N GLY A 2165 -62.48 19.31 -63.04
CA GLY A 2165 -61.92 18.40 -62.06
C GLY A 2165 -62.91 17.71 -61.14
N MET A 2166 -64.01 17.20 -61.70
CA MET A 2166 -64.92 16.38 -60.92
C MET A 2166 -64.55 14.92 -60.87
N HIS A 2167 -63.40 14.53 -61.45
CA HIS A 2167 -62.84 13.23 -61.09
C HIS A 2167 -62.54 13.18 -59.60
N GLU A 2168 -62.08 14.31 -59.05
CA GLU A 2168 -61.87 14.39 -57.61
C GLU A 2168 -63.19 14.26 -56.85
N THR A 2169 -64.26 14.88 -57.35
CA THR A 2169 -65.55 14.76 -56.67
C THR A 2169 -66.08 13.34 -56.75
N VAL A 2170 -65.88 12.67 -57.88
CA VAL A 2170 -66.30 11.28 -58.00
C VAL A 2170 -65.49 10.40 -57.06
N MET A 2171 -64.20 10.69 -56.91
CA MET A 2171 -63.39 9.95 -55.94
C MET A 2171 -63.87 10.22 -54.52
N GLU A 2172 -64.30 11.45 -54.24
CA GLU A 2172 -64.87 11.77 -52.93
C GLU A 2172 -66.14 10.98 -52.67
N VAL A 2173 -67.01 10.89 -53.67
CA VAL A 2173 -68.21 10.06 -53.55
C VAL A 2173 -67.82 8.61 -53.31
N MET A 2174 -66.80 8.14 -54.02
CA MET A 2174 -66.33 6.78 -53.87
C MET A 2174 -65.88 6.49 -52.45
N VAL A 2175 -65.04 7.36 -51.90
CA VAL A 2175 -64.51 7.14 -50.55
C VAL A 2175 -65.64 7.25 -49.53
N ASN A 2176 -66.57 8.18 -49.75
CA ASN A 2176 -67.71 8.31 -48.84
C ASN A 2176 -68.53 7.02 -48.84
N VAL A 2177 -68.76 6.44 -50.02
CA VAL A 2177 -69.57 5.23 -50.10
C VAL A 2177 -68.85 4.05 -49.44
N LEU A 2178 -67.57 3.87 -49.74
CA LEU A 2178 -66.89 2.63 -49.38
C LEU A 2178 -65.98 2.76 -48.15
N GLY A 2179 -66.03 3.88 -47.42
CA GLY A 2179 -65.26 3.97 -46.20
C GLY A 2179 -65.64 2.90 -45.18
N GLY A 2180 -66.93 2.73 -44.96
CA GLY A 2180 -67.39 1.62 -44.12
C GLY A 2180 -67.15 0.28 -44.77
N GLY A 2181 -67.38 0.18 -46.08
CA GLY A 2181 -67.23 -1.09 -46.77
C GLY A 2181 -65.82 -1.64 -46.74
N GLU A 2182 -64.82 -0.76 -46.60
CA GLU A 2182 -63.45 -1.22 -46.42
C GLU A 2182 -63.34 -2.12 -45.19
N SER A 2183 -63.89 -1.68 -44.07
CA SER A 2183 -63.94 -2.53 -42.89
C SER A 2183 -64.86 -3.73 -43.10
N LYS A 2184 -66.09 -3.47 -43.54
CA LYS A 2184 -67.09 -4.52 -43.77
C LYS A 2184 -68.35 -3.90 -44.33
N GLU A 2185 -69.20 -4.76 -44.92
CA GLU A 2185 -70.57 -4.42 -45.29
C GLU A 2185 -70.55 -3.24 -46.27
N ILE A 2186 -70.07 -3.55 -47.48
CA ILE A 2186 -70.01 -2.57 -48.56
C ILE A 2186 -71.42 -2.28 -49.07
N THR A 2187 -71.72 -0.99 -49.28
CA THR A 2187 -73.02 -0.56 -49.75
C THR A 2187 -72.91 0.05 -51.15
N PHE A 2188 -74.08 0.19 -51.77
CA PHE A 2188 -74.22 0.81 -53.09
C PHE A 2188 -73.30 0.18 -54.14
N PRO A 2189 -73.42 -1.13 -54.38
CA PRO A 2189 -72.60 -1.74 -55.43
C PRO A 2189 -72.85 -1.13 -56.80
N LYS A 2190 -74.10 -0.77 -57.09
CA LYS A 2190 -74.40 -0.17 -58.39
C LYS A 2190 -73.68 1.16 -58.56
N MET A 2191 -73.70 2.01 -57.53
CA MET A 2191 -73.01 3.29 -57.66
C MET A 2191 -71.49 3.13 -57.69
N VAL A 2192 -70.94 2.20 -56.89
CA VAL A 2192 -69.50 2.07 -56.99
C VAL A 2192 -69.11 1.55 -58.38
N ALA A 2193 -69.93 0.68 -58.97
CA ALA A 2193 -69.69 0.26 -60.35
C ALA A 2193 -69.77 1.43 -61.31
N ASN A 2194 -70.77 2.31 -61.14
CA ASN A 2194 -70.91 3.47 -62.01
C ASN A 2194 -69.70 4.40 -61.87
N CYS A 2195 -69.23 4.61 -60.65
CA CYS A 2195 -68.05 5.44 -60.44
C CYS A 2195 -66.83 4.82 -61.10
N CYS A 2196 -66.68 3.50 -60.99
CA CYS A 2196 -65.56 2.83 -61.67
C CYS A 2196 -65.63 3.03 -63.17
N ARG A 2197 -66.82 2.86 -63.75
CA ARG A 2197 -66.96 3.05 -65.20
C ARG A 2197 -66.67 4.48 -65.60
N PHE A 2198 -67.14 5.45 -64.83
CA PHE A 2198 -66.88 6.85 -65.14
C PHE A 2198 -65.39 7.14 -65.08
N LEU A 2199 -64.70 6.65 -64.06
CA LEU A 2199 -63.26 6.89 -63.95
C LEU A 2199 -62.51 6.22 -65.08
N CYS A 2200 -62.88 4.99 -65.43
CA CYS A 2200 -62.20 4.31 -66.54
C CYS A 2200 -62.39 5.06 -67.85
N TYR A 2201 -63.62 5.53 -68.11
CA TYR A 2201 -63.89 6.28 -69.33
C TYR A 2201 -63.13 7.61 -69.34
N PHE A 2202 -63.07 8.28 -68.18
CA PHE A 2202 -62.31 9.52 -68.06
C PHE A 2202 -60.84 9.30 -68.32
N CYS A 2203 -60.28 8.19 -67.83
CA CYS A 2203 -58.90 7.87 -68.12
C CYS A 2203 -58.70 7.57 -69.60
N ARG A 2204 -59.65 6.87 -70.21
CA ARG A 2204 -59.48 6.43 -71.60
C ARG A 2204 -59.62 7.55 -72.60
N ILE A 2205 -60.36 8.62 -72.28
CA ILE A 2205 -60.57 9.67 -73.28
C ILE A 2205 -59.25 10.35 -73.65
N SER A 2206 -58.38 10.58 -72.67
CA SER A 2206 -57.18 11.38 -72.90
C SER A 2206 -56.01 10.81 -72.13
N ARG A 2207 -54.80 11.10 -72.62
CA ARG A 2207 -53.59 10.62 -71.98
C ARG A 2207 -53.30 11.37 -70.68
N GLN A 2208 -53.43 12.69 -70.68
CA GLN A 2208 -53.13 13.45 -69.48
C GLN A 2208 -54.12 13.16 -68.36
N ASN A 2209 -55.34 12.77 -68.71
CA ASN A 2209 -56.30 12.34 -67.69
C ASN A 2209 -55.83 11.09 -66.98
N GLN A 2210 -55.16 10.19 -67.70
CA GLN A 2210 -54.59 9.00 -67.07
C GLN A 2210 -53.53 9.39 -66.05
N LYS A 2211 -52.67 10.35 -66.39
CA LYS A 2211 -51.68 10.82 -65.43
C LYS A 2211 -52.33 11.50 -64.25
N ALA A 2212 -53.40 12.26 -64.50
CA ALA A 2212 -54.10 12.93 -63.41
C ALA A 2212 -54.72 11.92 -62.45
N MET A 2213 -55.27 10.83 -62.98
CA MET A 2213 -55.88 9.80 -62.14
C MET A 2213 -54.85 8.87 -61.51
N PHE A 2214 -53.64 8.83 -62.02
CA PHE A 2214 -52.62 7.94 -61.46
C PHE A 2214 -52.34 8.26 -60.00
N ASP A 2215 -52.44 9.53 -59.60
CA ASP A 2215 -52.08 9.92 -58.24
C ASP A 2215 -52.90 9.17 -57.20
N HIS A 2216 -54.14 8.79 -57.53
CA HIS A 2216 -54.99 8.03 -56.62
C HIS A 2216 -54.78 6.53 -56.75
N LEU A 2217 -53.68 6.09 -57.35
CA LEU A 2217 -53.44 4.65 -57.52
C LEU A 2217 -53.32 3.95 -56.19
N SER A 2218 -52.65 4.59 -55.22
CA SER A 2218 -52.43 3.94 -53.93
C SER A 2218 -53.74 3.63 -53.23
N TYR A 2219 -54.70 4.56 -53.26
CA TYR A 2219 -55.97 4.33 -52.58
C TYR A 2219 -56.76 3.21 -53.24
N LEU A 2220 -56.78 3.17 -54.57
CA LEU A 2220 -57.58 2.17 -55.27
C LEU A 2220 -57.12 0.76 -54.94
N LEU A 2221 -55.80 0.54 -54.90
CA LEU A 2221 -55.29 -0.80 -54.64
C LEU A 2221 -55.53 -1.23 -53.19
N GLU A 2222 -55.71 -0.29 -52.27
CA GLU A 2222 -56.01 -0.65 -50.89
C GLU A 2222 -57.35 -1.38 -50.79
N ASN A 2223 -58.35 -0.91 -51.52
CA ASN A 2223 -59.68 -1.50 -51.50
C ASN A 2223 -60.04 -2.18 -52.81
N SER A 2224 -59.04 -2.57 -53.59
CA SER A 2224 -59.30 -3.29 -54.83
C SER A 2224 -59.92 -4.66 -54.61
N SER A 2225 -59.90 -5.16 -53.37
CA SER A 2225 -60.54 -6.45 -53.09
C SER A 2225 -62.03 -6.40 -53.34
N VAL A 2226 -62.67 -5.28 -53.00
CA VAL A 2226 -64.11 -5.15 -53.26
C VAL A 2226 -64.37 -5.07 -54.75
N GLY A 2227 -65.58 -5.45 -55.14
CA GLY A 2227 -65.98 -5.46 -56.54
C GLY A 2227 -65.48 -6.64 -57.33
N LEU A 2228 -64.81 -7.61 -56.70
CA LEU A 2228 -64.29 -8.78 -57.38
C LEU A 2228 -65.29 -9.92 -57.28
N ALA A 2229 -64.97 -11.03 -57.94
CA ALA A 2229 -65.80 -12.24 -57.93
C ALA A 2229 -67.22 -11.95 -58.41
N SER A 2230 -67.33 -11.11 -59.45
CA SER A 2230 -68.63 -10.77 -60.02
C SER A 2230 -68.49 -10.59 -61.53
N PRO A 2231 -69.17 -11.42 -62.33
CA PRO A 2231 -69.06 -11.26 -63.79
C PRO A 2231 -69.54 -9.91 -64.29
N ALA A 2232 -70.55 -9.32 -63.66
CA ALA A 2232 -71.03 -8.02 -64.10
C ALA A 2232 -70.04 -6.91 -63.75
N MET A 2233 -69.30 -7.07 -62.66
CA MET A 2233 -68.26 -6.11 -62.28
C MET A 2233 -66.95 -6.33 -63.01
N ARG A 2234 -66.97 -6.99 -64.17
CA ARG A 2234 -65.74 -7.24 -64.91
C ARG A 2234 -65.11 -5.92 -65.36
N GLY A 2235 -65.92 -4.96 -65.78
CA GLY A 2235 -65.45 -3.66 -66.20
C GLY A 2235 -65.64 -2.53 -65.21
N SER A 2236 -66.02 -2.83 -63.96
CA SER A 2236 -66.30 -1.80 -62.96
C SER A 2236 -65.77 -2.28 -61.62
N THR A 2237 -64.55 -1.87 -61.28
CA THR A 2237 -63.90 -2.28 -60.04
C THR A 2237 -62.77 -1.29 -59.77
N PRO A 2238 -62.48 -1.00 -58.50
CA PRO A 2238 -61.28 -0.19 -58.20
C PRO A 2238 -60.02 -0.77 -58.82
N LEU A 2239 -59.90 -2.10 -58.85
CA LEU A 2239 -58.77 -2.71 -59.55
C LEU A 2239 -58.84 -2.41 -61.05
N ASP A 2240 -60.04 -2.40 -61.62
CA ASP A 2240 -60.17 -2.10 -63.04
C ASP A 2240 -59.73 -0.68 -63.37
N VAL A 2241 -60.16 0.29 -62.56
CA VAL A 2241 -59.75 1.67 -62.83
C VAL A 2241 -58.27 1.84 -62.57
N ALA A 2242 -57.74 1.15 -61.55
CA ALA A 2242 -56.29 1.19 -61.31
C ALA A 2242 -55.52 0.66 -62.52
N ALA A 2243 -56.00 -0.44 -63.11
CA ALA A 2243 -55.34 -0.99 -64.29
C ALA A 2243 -55.46 -0.04 -65.47
N ALA A 2244 -56.63 0.56 -65.66
CA ALA A 2244 -56.84 1.48 -66.78
C ALA A 2244 -56.01 2.74 -66.63
N SER A 2245 -55.67 3.12 -65.40
CA SER A 2245 -54.86 4.31 -65.17
C SER A 2245 -53.40 4.12 -65.57
N VAL A 2246 -52.98 2.90 -65.90
CA VAL A 2246 -51.58 2.64 -66.24
C VAL A 2246 -51.52 1.89 -67.56
N MET A 2247 -52.67 1.45 -68.06
CA MET A 2247 -52.72 0.65 -69.27
C MET A 2247 -52.26 1.46 -70.47
N ASP A 2248 -51.35 0.88 -71.26
CA ASP A 2248 -50.77 1.51 -72.45
C ASP A 2248 -50.25 2.92 -72.13
N ASN A 2249 -49.33 2.99 -71.18
CA ASN A 2249 -48.73 4.24 -70.78
C ASN A 2249 -47.34 3.93 -70.24
N ASN A 2250 -46.32 4.13 -71.08
CA ASN A 2250 -44.95 3.77 -70.69
C ASN A 2250 -44.46 4.66 -69.54
N GLU A 2251 -44.81 5.95 -69.57
CA GLU A 2251 -44.41 6.85 -68.49
C GLU A 2251 -44.93 6.35 -67.15
N LEU A 2252 -46.22 6.03 -67.09
CA LEU A 2252 -46.82 5.60 -65.83
C LEU A 2252 -46.36 4.20 -65.44
N ALA A 2253 -46.11 3.34 -66.42
CA ALA A 2253 -45.56 2.02 -66.12
C ALA A 2253 -44.18 2.13 -65.48
N LEU A 2254 -43.35 3.04 -65.99
CA LEU A 2254 -42.07 3.30 -65.34
C LEU A 2254 -42.24 3.94 -63.99
N ALA A 2255 -43.24 4.81 -63.83
CA ALA A 2255 -43.51 5.46 -62.56
C ALA A 2255 -44.14 4.54 -61.54
N LEU A 2256 -44.53 3.32 -61.93
CA LEU A 2256 -45.11 2.36 -61.00
C LEU A 2256 -44.17 2.10 -59.83
N ARG A 2257 -44.75 1.69 -58.70
CA ARG A 2257 -44.03 1.62 -57.43
C ARG A 2257 -43.95 0.18 -56.92
N GLU A 2258 -42.77 -0.19 -56.46
CA GLU A 2258 -42.59 -1.47 -55.78
C GLU A 2258 -43.50 -1.65 -54.57
N PRO A 2259 -43.73 -0.63 -53.70
CA PRO A 2259 -44.64 -0.85 -52.56
C PRO A 2259 -46.03 -1.36 -52.94
N ASP A 2260 -46.76 -0.62 -53.77
CA ASP A 2260 -48.10 -1.09 -54.12
C ASP A 2260 -48.08 -2.27 -55.07
N LEU A 2261 -47.01 -2.44 -55.88
CA LEU A 2261 -46.89 -3.67 -56.65
C LEU A 2261 -46.81 -4.88 -55.73
N GLU A 2262 -46.00 -4.79 -54.68
CA GLU A 2262 -45.91 -5.85 -53.69
C GLU A 2262 -47.22 -6.02 -52.94
N LYS A 2263 -47.94 -4.93 -52.71
CA LYS A 2263 -49.26 -5.04 -52.07
C LYS A 2263 -50.21 -5.84 -52.93
N VAL A 2264 -50.22 -5.60 -54.24
CA VAL A 2264 -51.04 -6.39 -55.15
C VAL A 2264 -50.60 -7.85 -55.12
N VAL A 2265 -49.29 -8.09 -55.05
CA VAL A 2265 -48.80 -9.47 -54.98
C VAL A 2265 -49.27 -10.14 -53.69
N ARG A 2266 -49.30 -9.39 -52.59
CA ARG A 2266 -49.80 -9.94 -51.33
C ARG A 2266 -51.28 -10.27 -51.43
N TYR A 2267 -52.07 -9.42 -52.09
CA TYR A 2267 -53.47 -9.76 -52.31
C TYR A 2267 -53.60 -11.02 -53.15
N LEU A 2268 -52.74 -11.17 -54.16
CA LEU A 2268 -52.74 -12.37 -54.97
C LEU A 2268 -52.43 -13.60 -54.13
N ALA A 2269 -51.45 -13.49 -53.22
CA ALA A 2269 -51.13 -14.60 -52.33
C ALA A 2269 -52.31 -14.94 -51.43
N GLY A 2270 -52.97 -13.92 -50.88
CA GLY A 2270 -54.11 -14.17 -50.03
C GLY A 2270 -55.25 -14.87 -50.75
N CYS A 2271 -55.56 -14.42 -51.97
CA CYS A 2271 -56.63 -15.04 -52.73
C CYS A 2271 -56.23 -16.41 -53.26
N GLY A 2272 -54.94 -16.67 -53.42
CA GLY A 2272 -54.49 -18.01 -53.76
C GLY A 2272 -54.32 -18.94 -52.58
N LEU A 2273 -54.40 -18.41 -51.37
CA LEU A 2273 -54.41 -19.24 -50.17
C LEU A 2273 -55.80 -19.42 -49.57
N GLN A 2274 -56.77 -18.58 -49.93
CA GLN A 2274 -58.12 -18.68 -49.39
C GLN A 2274 -59.14 -18.69 -50.52
N SER A 2275 -60.24 -19.40 -50.30
CA SER A 2275 -61.34 -19.46 -51.25
C SER A 2275 -62.21 -18.21 -51.09
N CYS A 2276 -63.38 -18.20 -51.74
CA CYS A 2276 -64.28 -17.06 -51.69
C CYS A 2276 -65.47 -17.39 -50.78
N GLN A 2277 -65.64 -16.58 -49.75
CA GLN A 2277 -66.74 -16.78 -48.81
C GLN A 2277 -68.08 -16.65 -49.49
N MET A 2278 -68.21 -15.69 -50.41
CA MET A 2278 -69.46 -15.54 -51.13
C MET A 2278 -69.76 -16.78 -51.98
N LEU A 2279 -68.75 -17.31 -52.65
CA LEU A 2279 -68.97 -18.49 -53.49
C LEU A 2279 -69.36 -19.70 -52.64
N VAL A 2280 -68.67 -19.93 -51.52
CA VAL A 2280 -69.01 -21.09 -50.71
C VAL A 2280 -70.39 -20.91 -50.08
N SER A 2281 -70.74 -19.68 -49.71
CA SER A 2281 -72.08 -19.43 -49.16
C SER A 2281 -73.16 -19.69 -50.21
N LYS A 2282 -72.92 -19.28 -51.46
CA LYS A 2282 -73.88 -19.56 -52.52
C LYS A 2282 -73.97 -21.05 -52.82
N GLY A 2283 -72.87 -21.78 -52.70
CA GLY A 2283 -72.91 -23.21 -52.89
C GLY A 2283 -71.78 -23.74 -53.75
N TYR A 2284 -70.87 -22.87 -54.15
CA TYR A 2284 -69.73 -23.29 -54.94
C TYR A 2284 -68.80 -24.16 -54.10
N PRO A 2285 -68.17 -25.18 -54.71
CA PRO A 2285 -67.33 -26.09 -53.92
C PRO A 2285 -66.06 -25.40 -53.42
N ASP A 2286 -65.51 -25.96 -52.36
CA ASP A 2286 -64.32 -25.43 -51.73
C ASP A 2286 -63.08 -26.09 -52.32
N ILE A 2287 -62.14 -25.28 -52.79
CA ILE A 2287 -60.87 -25.77 -53.30
C ILE A 2287 -59.68 -25.27 -52.50
N GLY A 2288 -59.88 -24.33 -51.58
CA GLY A 2288 -58.80 -23.76 -50.80
C GLY A 2288 -58.23 -22.47 -51.35
N TRP A 2289 -58.70 -22.02 -52.50
CA TRP A 2289 -58.18 -20.79 -53.10
C TRP A 2289 -59.21 -20.23 -54.08
N ASN A 2290 -59.25 -18.90 -54.16
CA ASN A 2290 -60.19 -18.22 -55.02
C ASN A 2290 -59.55 -17.92 -56.37
N PRO A 2291 -60.06 -18.48 -57.46
CA PRO A 2291 -59.40 -18.29 -58.76
C PRO A 2291 -59.76 -16.99 -59.46
N VAL A 2292 -60.96 -16.45 -59.22
CA VAL A 2292 -61.40 -15.27 -59.96
C VAL A 2292 -60.59 -14.05 -59.56
N GLU A 2293 -60.42 -13.84 -58.24
CA GLU A 2293 -59.60 -12.71 -57.79
C GLU A 2293 -58.16 -12.89 -58.21
N GLY A 2294 -57.66 -14.12 -58.18
CA GLY A 2294 -56.30 -14.38 -58.65
C GLY A 2294 -56.14 -14.01 -60.11
N GLU A 2295 -57.11 -14.38 -60.95
CA GLU A 2295 -57.04 -14.03 -62.36
C GLU A 2295 -57.10 -12.51 -62.54
N ARG A 2296 -57.92 -11.83 -61.75
CA ARG A 2296 -58.00 -10.38 -61.87
C ARG A 2296 -56.68 -9.72 -61.51
N TYR A 2297 -56.05 -10.16 -60.41
CA TYR A 2297 -54.76 -9.60 -60.03
C TYR A 2297 -53.69 -9.94 -61.05
N LEU A 2298 -53.74 -11.13 -61.63
CA LEU A 2298 -52.78 -11.49 -62.67
C LEU A 2298 -52.94 -10.61 -63.89
N ASP A 2299 -54.19 -10.30 -64.25
CA ASP A 2299 -54.43 -9.37 -65.35
C ASP A 2299 -53.89 -7.98 -65.04
N PHE A 2300 -54.07 -7.52 -63.80
CA PHE A 2300 -53.49 -6.24 -63.40
C PHE A 2300 -51.97 -6.26 -63.55
N LEU A 2301 -51.32 -7.31 -63.07
CA LEU A 2301 -49.87 -7.37 -63.17
C LEU A 2301 -49.42 -7.45 -64.62
N ARG A 2302 -50.19 -8.15 -65.47
CA ARG A 2302 -49.87 -8.21 -66.89
C ARG A 2302 -49.94 -6.83 -67.52
N PHE A 2303 -50.98 -6.05 -67.19
CA PHE A 2303 -51.07 -4.69 -67.69
C PHE A 2303 -49.91 -3.84 -67.18
N ALA A 2304 -49.50 -4.08 -65.93
CA ALA A 2304 -48.38 -3.33 -65.37
C ALA A 2304 -47.08 -3.63 -66.08
N VAL A 2305 -46.83 -4.90 -66.42
CA VAL A 2305 -45.53 -5.28 -66.94
C VAL A 2305 -45.44 -5.06 -68.45
N PHE A 2306 -46.51 -5.32 -69.19
CA PHE A 2306 -46.50 -5.23 -70.63
C PHE A 2306 -47.21 -3.98 -71.10
N CYS A 2307 -46.52 -3.18 -71.91
CA CYS A 2307 -47.08 -1.95 -72.45
C CYS A 2307 -46.59 -1.74 -73.87
N ASN A 2308 -47.51 -1.41 -74.78
CA ASN A 2308 -47.19 -1.09 -76.17
C ASN A 2308 -46.41 -2.22 -76.85
N GLY A 2309 -46.80 -3.46 -76.56
CA GLY A 2309 -46.16 -4.60 -77.19
C GLY A 2309 -44.76 -4.89 -76.72
N GLU A 2310 -44.32 -4.31 -75.61
CA GLU A 2310 -42.99 -4.53 -75.08
C GLU A 2310 -43.08 -4.79 -73.58
N SER A 2311 -42.06 -5.46 -73.06
CA SER A 2311 -41.98 -5.80 -71.65
C SER A 2311 -41.14 -4.75 -70.92
N VAL A 2312 -41.66 -4.26 -69.79
CA VAL A 2312 -40.95 -3.29 -68.98
C VAL A 2312 -40.06 -4.06 -68.01
N GLU A 2313 -38.74 -3.94 -68.20
CA GLU A 2313 -37.79 -4.70 -67.40
C GLU A 2313 -37.88 -4.32 -65.93
N GLU A 2314 -38.04 -3.03 -65.63
CA GLU A 2314 -38.03 -2.57 -64.25
C GLU A 2314 -39.16 -3.22 -63.45
N ASN A 2315 -40.36 -3.27 -64.02
CA ASN A 2315 -41.48 -3.91 -63.34
C ASN A 2315 -41.38 -5.43 -63.40
N ALA A 2316 -40.88 -5.97 -64.52
CA ALA A 2316 -40.80 -7.42 -64.67
C ALA A 2316 -39.87 -8.02 -63.62
N ASN A 2317 -38.73 -7.38 -63.38
CA ASN A 2317 -37.77 -7.91 -62.41
C ASN A 2317 -38.38 -8.00 -61.02
N VAL A 2318 -39.02 -6.91 -60.57
CA VAL A 2318 -39.57 -6.91 -59.22
C VAL A 2318 -40.75 -7.87 -59.11
N VAL A 2319 -41.57 -7.98 -60.18
CA VAL A 2319 -42.66 -8.94 -60.15
C VAL A 2319 -42.12 -10.36 -60.02
N VAL A 2320 -41.07 -10.68 -60.77
CA VAL A 2320 -40.48 -12.01 -60.69
C VAL A 2320 -39.91 -12.26 -59.30
N ARG A 2321 -39.24 -11.25 -58.73
CA ARG A 2321 -38.70 -11.40 -57.37
C ARG A 2321 -39.81 -11.71 -56.38
N LEU A 2322 -40.91 -10.95 -56.44
CA LEU A 2322 -42.00 -11.18 -55.49
C LEU A 2322 -42.62 -12.56 -55.69
N LEU A 2323 -42.83 -12.97 -56.93
CA LEU A 2323 -43.42 -14.27 -57.19
C LEU A 2323 -42.53 -15.41 -56.69
N ILE A 2324 -41.22 -15.32 -56.93
CA ILE A 2324 -40.33 -16.39 -56.49
C ILE A 2324 -40.21 -16.38 -54.97
N ARG A 2325 -40.22 -15.21 -54.33
CA ARG A 2325 -40.17 -15.17 -52.87
C ARG A 2325 -41.41 -15.81 -52.26
N ARG A 2326 -42.59 -15.54 -52.83
CA ARG A 2326 -43.84 -16.10 -52.32
C ARG A 2326 -44.49 -16.95 -53.39
N PRO A 2327 -44.23 -18.26 -53.40
CA PRO A 2327 -44.90 -19.14 -54.38
C PRO A 2327 -46.37 -19.36 -54.09
N GLU A 2328 -46.88 -18.92 -52.94
CA GLU A 2328 -48.28 -19.08 -52.63
C GLU A 2328 -49.18 -18.34 -53.61
N CYS A 2329 -48.65 -17.32 -54.29
CA CYS A 2329 -49.42 -16.64 -55.32
C CYS A 2329 -49.78 -17.56 -56.47
N PHE A 2330 -49.03 -18.64 -56.66
CA PHE A 2330 -49.23 -19.55 -57.77
C PHE A 2330 -50.39 -20.50 -57.47
N GLY A 2331 -50.77 -21.28 -58.48
CA GLY A 2331 -51.75 -22.31 -58.30
C GLY A 2331 -51.23 -23.42 -57.44
N PRO A 2332 -52.13 -24.11 -56.72
CA PRO A 2332 -51.68 -25.22 -55.86
C PRO A 2332 -50.99 -26.31 -56.65
N ALA A 2333 -51.43 -26.59 -57.87
CA ALA A 2333 -50.75 -27.58 -58.70
C ALA A 2333 -49.33 -27.12 -59.05
N LEU A 2334 -49.17 -25.84 -59.36
CA LEU A 2334 -47.85 -25.34 -59.73
C LEU A 2334 -46.92 -25.31 -58.52
N ARG A 2335 -47.44 -25.03 -57.33
CA ARG A 2335 -46.60 -25.02 -56.14
C ARG A 2335 -46.02 -26.40 -55.87
N GLY A 2336 -44.81 -26.42 -55.32
CA GLY A 2336 -44.13 -27.67 -55.03
C GLY A 2336 -44.70 -28.44 -53.86
N GLU A 2337 -45.56 -27.82 -53.06
CA GLU A 2337 -46.20 -28.54 -51.96
C GLU A 2337 -47.06 -29.68 -52.47
N GLY A 2338 -47.82 -29.44 -53.54
CA GLY A 2338 -48.64 -30.48 -54.14
C GLY A 2338 -47.94 -31.16 -55.30
N GLY A 2339 -47.34 -30.35 -56.17
CA GLY A 2339 -46.63 -30.89 -57.32
C GLY A 2339 -47.53 -31.58 -58.33
N ASN A 2340 -48.80 -31.18 -58.39
CA ASN A 2340 -49.74 -31.83 -59.30
C ASN A 2340 -49.34 -31.57 -60.75
N GLY A 2341 -48.92 -30.36 -61.06
CA GLY A 2341 -48.48 -30.02 -62.41
C GLY A 2341 -49.53 -29.23 -63.16
N LEU A 2342 -49.05 -28.41 -64.11
CA LEU A 2342 -49.97 -27.57 -64.89
C LEU A 2342 -50.87 -28.41 -65.78
N LEU A 2343 -50.32 -29.41 -66.47
CA LEU A 2343 -51.15 -30.23 -67.35
C LEU A 2343 -52.20 -30.98 -66.56
N ALA A 2344 -51.83 -31.53 -65.40
CA ALA A 2344 -52.80 -32.20 -64.56
C ALA A 2344 -53.82 -31.21 -63.99
N ALA A 2345 -53.41 -29.96 -63.75
CA ALA A 2345 -54.35 -28.95 -63.31
C ALA A 2345 -55.41 -28.69 -64.37
N MET A 2346 -55.01 -28.57 -65.64
CA MET A 2346 -56.00 -28.37 -66.69
C MET A 2346 -56.85 -29.62 -66.91
N GLU A 2347 -56.27 -30.81 -66.76
CA GLU A 2347 -57.08 -32.02 -66.85
C GLU A 2347 -58.13 -32.07 -65.75
N GLU A 2348 -57.75 -31.70 -64.53
CA GLU A 2348 -58.71 -31.65 -63.44
C GLU A 2348 -59.74 -30.56 -63.65
N ALA A 2349 -59.35 -29.44 -64.28
CA ALA A 2349 -60.33 -28.41 -64.61
C ALA A 2349 -61.34 -28.93 -65.64
N ILE A 2350 -60.88 -29.69 -66.62
CA ILE A 2350 -61.80 -30.33 -67.56
C ILE A 2350 -62.75 -31.24 -66.81
N LYS A 2351 -62.23 -32.02 -65.86
CA LYS A 2351 -63.08 -32.91 -65.08
C LYS A 2351 -64.09 -32.11 -64.24
N ILE A 2352 -63.67 -30.96 -63.72
CA ILE A 2352 -64.58 -30.07 -63.01
C ILE A 2352 -65.72 -29.64 -63.93
N ALA A 2353 -65.37 -29.28 -65.16
CA ALA A 2353 -66.38 -28.86 -66.14
C ALA A 2353 -67.35 -29.99 -66.44
N GLU A 2354 -66.84 -31.22 -66.61
CA GLU A 2354 -67.72 -32.35 -66.89
C GLU A 2354 -68.64 -32.66 -65.71
N ASP A 2355 -68.12 -32.60 -64.49
CA ASP A 2355 -68.89 -33.02 -63.32
C ASP A 2355 -69.72 -31.85 -62.80
N PRO A 2356 -71.05 -31.94 -62.81
CA PRO A 2356 -71.86 -30.85 -62.24
C PRO A 2356 -71.57 -30.59 -60.77
N SER A 2357 -71.33 -31.65 -59.99
CA SER A 2357 -71.01 -31.46 -58.58
C SER A 2357 -69.67 -30.74 -58.41
N ARG A 2358 -68.69 -31.08 -59.26
CA ARG A 2358 -67.41 -30.39 -59.21
C ARG A 2358 -67.57 -28.91 -59.56
N ASP A 2359 -68.46 -28.60 -60.51
CA ASP A 2359 -68.82 -27.21 -60.80
C ASP A 2359 -70.10 -26.85 -60.04
N GLY A 2360 -69.99 -26.87 -58.72
CA GLY A 2360 -71.13 -26.67 -57.85
C GLY A 2360 -71.71 -25.28 -57.91
N PRO A 2361 -72.96 -25.13 -57.45
CA PRO A 2361 -73.71 -23.87 -57.40
C PRO A 2361 -72.90 -22.72 -56.80
N ASP A 2379 -74.60 -15.55 -65.23
CA ASP A 2379 -74.63 -15.26 -63.80
C ASP A 2379 -73.79 -16.28 -63.03
N THR A 2380 -74.02 -17.56 -63.30
CA THR A 2380 -73.26 -18.61 -62.64
C THR A 2380 -71.81 -18.61 -63.12
N ILE A 2381 -70.93 -19.12 -62.26
CA ILE A 2381 -69.50 -19.16 -62.54
C ILE A 2381 -69.09 -20.62 -62.72
N HIS A 2382 -68.52 -20.94 -63.87
CA HIS A 2382 -67.97 -22.26 -64.11
C HIS A 2382 -66.66 -22.39 -63.33
N MET A 2383 -66.63 -23.28 -62.35
CA MET A 2383 -65.50 -23.34 -61.43
C MET A 2383 -64.24 -23.77 -62.15
N GLY A 2384 -64.33 -24.80 -62.99
CA GLY A 2384 -63.18 -25.24 -63.75
C GLY A 2384 -62.70 -24.19 -64.74
N ASN A 2385 -63.64 -23.47 -65.35
CA ASN A 2385 -63.26 -22.36 -66.22
C ASN A 2385 -62.52 -21.29 -65.44
N ALA A 2386 -62.93 -21.04 -64.19
CA ALA A 2386 -62.24 -20.06 -63.38
C ALA A 2386 -60.81 -20.50 -63.07
N ILE A 2387 -60.63 -21.77 -62.68
CA ILE A 2387 -59.28 -22.30 -62.48
C ILE A 2387 -58.46 -22.17 -63.75
N MET A 2388 -59.05 -22.52 -64.88
CA MET A 2388 -58.31 -22.58 -66.13
C MET A 2388 -57.89 -21.18 -66.57
N THR A 2389 -58.80 -20.21 -66.43
CA THR A 2389 -58.45 -18.83 -66.74
C THR A 2389 -57.39 -18.30 -65.79
N PHE A 2390 -57.45 -18.68 -64.51
CA PHE A 2390 -56.40 -18.27 -63.58
C PHE A 2390 -55.04 -18.78 -64.04
N TYR A 2391 -54.97 -20.06 -64.40
CA TYR A 2391 -53.69 -20.62 -64.82
C TYR A 2391 -53.21 -19.99 -66.12
N ALA A 2392 -54.14 -19.73 -67.06
CA ALA A 2392 -53.76 -19.06 -68.29
C ALA A 2392 -53.23 -17.65 -68.03
N ALA A 2393 -53.87 -16.93 -67.11
CA ALA A 2393 -53.41 -15.59 -66.77
C ALA A 2393 -52.04 -15.63 -66.14
N LEU A 2394 -51.80 -16.60 -65.26
CA LEU A 2394 -50.47 -16.73 -64.64
C LEU A 2394 -49.42 -17.04 -65.69
N ILE A 2395 -49.73 -17.94 -66.63
CA ILE A 2395 -48.78 -18.29 -67.68
C ILE A 2395 -48.48 -17.08 -68.55
N ASP A 2396 -49.53 -16.33 -68.91
CA ASP A 2396 -49.34 -15.13 -69.72
C ASP A 2396 -48.50 -14.09 -68.98
N LEU A 2397 -48.75 -13.91 -67.69
CA LEU A 2397 -47.96 -12.98 -66.91
C LEU A 2397 -46.49 -13.37 -66.88
N LEU A 2398 -46.21 -14.65 -66.67
CA LEU A 2398 -44.82 -15.11 -66.67
C LEU A 2398 -44.18 -14.90 -68.03
N GLY A 2399 -44.89 -15.23 -69.10
CA GLY A 2399 -44.35 -15.06 -70.44
C GLY A 2399 -44.07 -13.62 -70.78
N ARG A 2400 -44.93 -12.70 -70.32
CA ARG A 2400 -44.72 -11.29 -70.60
C ARG A 2400 -43.64 -10.68 -69.72
N CYS A 2401 -43.48 -11.17 -68.49
CA CYS A 2401 -42.41 -10.68 -67.63
C CYS A 2401 -41.08 -11.37 -67.90
N ALA A 2402 -41.06 -12.35 -68.79
CA ALA A 2402 -39.82 -12.95 -69.28
C ALA A 2402 -38.94 -11.87 -69.91
N PRO A 2403 -37.65 -12.14 -70.16
CA PRO A 2403 -36.79 -11.13 -70.78
C PRO A 2403 -37.36 -10.63 -72.09
N GLU A 2404 -37.19 -9.34 -72.35
CA GLU A 2404 -37.88 -8.68 -73.45
C GLU A 2404 -37.53 -9.32 -74.79
N MET A 2405 -36.26 -9.22 -75.19
CA MET A 2405 -35.85 -9.76 -76.48
C MET A 2405 -34.46 -10.36 -76.36
N HIS A 2406 -34.06 -11.10 -77.39
CA HIS A 2406 -32.95 -12.05 -77.28
C HIS A 2406 -31.64 -11.35 -76.92
N LEU A 2407 -31.37 -10.19 -77.52
CA LEU A 2407 -30.12 -9.49 -77.21
C LEU A 2407 -30.13 -8.97 -75.78
N ILE A 2408 -31.29 -8.51 -75.30
CA ILE A 2408 -31.41 -8.12 -73.90
C ILE A 2408 -31.09 -9.30 -73.00
N HIS A 2409 -31.65 -10.47 -73.32
CA HIS A 2409 -31.37 -11.66 -72.53
C HIS A 2409 -29.89 -12.02 -72.57
N ALA A 2410 -29.27 -11.94 -73.74
CA ALA A 2410 -27.87 -12.33 -73.88
C ALA A 2410 -26.95 -11.38 -73.11
N GLY A 2411 -27.14 -10.06 -73.30
CA GLY A 2411 -26.29 -9.10 -72.63
C GLY A 2411 -26.50 -9.05 -71.13
N LYS A 2412 -27.75 -9.13 -70.68
CA LYS A 2412 -28.09 -9.00 -69.27
C LYS A 2412 -28.03 -10.37 -68.61
N GLY A 2413 -27.04 -10.57 -67.73
CA GLY A 2413 -26.98 -11.81 -66.98
C GLY A 2413 -28.18 -12.01 -66.07
N GLU A 2414 -28.72 -10.92 -65.54
CA GLU A 2414 -29.93 -11.00 -64.74
C GLU A 2414 -31.08 -11.57 -65.56
N ALA A 2415 -31.16 -11.19 -66.83
CA ALA A 2415 -32.17 -11.76 -67.71
C ALA A 2415 -31.95 -13.25 -67.91
N ILE A 2416 -30.69 -13.68 -67.98
CA ILE A 2416 -30.39 -15.10 -68.06
C ILE A 2416 -30.88 -15.81 -66.81
N ARG A 2417 -30.65 -15.21 -65.64
CA ARG A 2417 -31.14 -15.81 -64.40
C ARG A 2417 -32.66 -15.92 -64.40
N ILE A 2418 -33.34 -14.86 -64.86
CA ILE A 2418 -34.80 -14.88 -64.90
C ILE A 2418 -35.30 -15.97 -65.83
N ARG A 2419 -34.68 -16.10 -67.01
CA ARG A 2419 -35.11 -17.14 -67.95
C ARG A 2419 -34.87 -18.52 -67.38
N SER A 2420 -33.74 -18.72 -66.69
CA SER A 2420 -33.48 -20.00 -66.07
C SER A 2420 -34.49 -20.31 -64.98
N ILE A 2421 -34.87 -19.30 -64.18
CA ILE A 2421 -35.87 -19.50 -63.14
C ILE A 2421 -37.20 -19.89 -63.75
N LEU A 2422 -37.61 -19.21 -64.83
CA LEU A 2422 -38.87 -19.55 -65.47
C LEU A 2422 -38.83 -20.94 -66.09
N ARG A 2423 -37.69 -21.32 -66.68
CA ARG A 2423 -37.55 -22.66 -67.24
C ARG A 2423 -37.69 -23.72 -66.16
N SER A 2424 -37.03 -23.52 -65.01
CA SER A 2424 -37.18 -24.46 -63.91
C SER A 2424 -38.59 -24.45 -63.36
N LEU A 2425 -39.27 -23.29 -63.43
CA LEU A 2425 -40.63 -23.18 -62.95
C LEU A 2425 -41.60 -24.01 -63.79
N ILE A 2426 -41.54 -23.85 -65.10
CA ILE A 2426 -42.51 -24.48 -66.00
C ILE A 2426 -41.77 -25.49 -66.88
N PRO A 2427 -42.09 -26.78 -66.79
CA PRO A 2427 -41.49 -27.74 -67.72
C PRO A 2427 -41.98 -27.53 -69.14
N LEU A 2428 -41.12 -27.88 -70.10
CA LEU A 2428 -41.49 -27.74 -71.50
C LEU A 2428 -42.54 -28.76 -71.91
N GLY A 2429 -42.40 -30.01 -71.44
CA GLY A 2429 -43.37 -31.03 -71.78
C GLY A 2429 -44.77 -30.71 -71.30
N ASP A 2430 -44.89 -30.06 -70.14
CA ASP A 2430 -46.19 -29.62 -69.67
C ASP A 2430 -46.79 -28.60 -70.64
N LEU A 2431 -45.98 -27.67 -71.13
CA LEU A 2431 -46.45 -26.72 -72.13
C LEU A 2431 -46.92 -27.43 -73.39
N VAL A 2432 -46.18 -28.46 -73.83
CA VAL A 2432 -46.59 -29.21 -75.01
C VAL A 2432 -47.92 -29.91 -74.76
N GLY A 2433 -48.10 -30.49 -73.58
CA GLY A 2433 -49.36 -31.15 -73.28
C GLY A 2433 -50.53 -30.17 -73.28
N VAL A 2434 -50.35 -29.01 -72.66
CA VAL A 2434 -51.43 -28.03 -72.60
C VAL A 2434 -51.73 -27.47 -73.99
N ILE A 2435 -50.70 -27.27 -74.81
CA ILE A 2435 -50.93 -26.83 -76.18
C ILE A 2435 -51.55 -27.93 -77.02
N SER A 2436 -51.43 -29.19 -76.61
CA SER A 2436 -52.07 -30.29 -77.32
C SER A 2436 -53.51 -30.51 -76.91
N ILE A 2437 -53.89 -30.11 -75.69
CA ILE A 2437 -55.27 -30.31 -75.25
C ILE A 2437 -56.22 -29.56 -76.19
N ALA A 2438 -56.98 -30.30 -76.98
CA ALA A 2438 -57.81 -29.73 -78.03
C ALA A 2438 -59.22 -29.44 -77.51
N PHE A 2439 -60.00 -28.78 -78.38
CA PHE A 2439 -61.33 -28.31 -78.03
C PHE A 2439 -62.40 -29.28 -78.54
N GLN A 2440 -63.64 -29.01 -78.16
CA GLN A 2440 -64.80 -29.76 -78.60
C GLN A 2440 -65.55 -28.96 -79.66
N MET A 2441 -65.62 -29.52 -80.85
CA MET A 2441 -66.35 -28.90 -81.95
C MET A 2441 -67.84 -29.06 -81.69
N PRO A 2442 -68.59 -27.95 -81.56
CA PRO A 2442 -70.03 -27.89 -81.22
C PRO A 2442 -70.88 -28.96 -81.87
N GLU A 2452 -76.38 -26.85 -83.53
CA GLU A 2452 -75.97 -27.57 -82.33
C GLU A 2452 -74.88 -26.82 -81.54
N PRO A 2453 -75.28 -25.77 -80.83
CA PRO A 2453 -74.30 -24.97 -80.09
C PRO A 2453 -73.70 -25.74 -78.93
N ASP A 2454 -72.47 -25.36 -78.57
CA ASP A 2454 -71.85 -25.74 -77.31
C ASP A 2454 -71.52 -24.50 -76.50
N MET A 2455 -71.65 -24.62 -75.18
CA MET A 2455 -71.42 -23.49 -74.29
C MET A 2455 -69.92 -23.34 -74.06
N SER A 2456 -69.48 -22.10 -73.85
CA SER A 2456 -68.07 -21.73 -73.89
C SER A 2456 -67.21 -22.43 -72.85
N ALA A 2457 -67.81 -23.26 -71.99
CA ALA A 2457 -67.07 -23.90 -70.90
C ALA A 2457 -66.04 -24.88 -71.45
N GLY A 2458 -64.90 -24.95 -70.77
CA GLY A 2458 -63.82 -25.86 -71.13
C GLY A 2458 -62.55 -25.11 -71.48
N PHE A 2459 -61.59 -25.86 -72.04
CA PHE A 2459 -60.37 -25.26 -72.53
C PHE A 2459 -60.69 -24.28 -73.66
N CYS A 2460 -59.92 -23.20 -73.73
CA CYS A 2460 -60.23 -22.14 -74.68
C CYS A 2460 -59.00 -21.66 -75.44
N PRO A 2461 -59.22 -21.09 -76.63
CA PRO A 2461 -58.10 -20.61 -77.45
C PRO A 2461 -57.25 -19.58 -76.75
N ASP A 2462 -57.80 -18.77 -75.84
CA ASP A 2462 -56.95 -17.84 -75.11
C ASP A 2462 -55.99 -18.60 -74.20
N HIS A 2463 -56.44 -19.70 -73.60
CA HIS A 2463 -55.56 -20.55 -72.82
C HIS A 2463 -54.43 -21.09 -73.69
N LYS A 2464 -54.78 -21.64 -74.86
CA LYS A 2464 -53.71 -22.12 -75.75
C LYS A 2464 -52.77 -21.00 -76.15
N ALA A 2465 -53.30 -19.80 -76.40
CA ALA A 2465 -52.45 -18.68 -76.77
C ALA A 2465 -51.48 -18.33 -75.65
N ALA A 2466 -51.95 -18.34 -74.40
CA ALA A 2466 -51.06 -18.06 -73.28
C ALA A 2466 -49.94 -19.08 -73.19
N MET A 2467 -50.29 -20.37 -73.30
CA MET A 2467 -49.25 -21.40 -73.19
C MET A 2467 -48.26 -21.33 -74.35
N VAL A 2468 -48.75 -21.11 -75.57
CA VAL A 2468 -47.82 -21.03 -76.70
C VAL A 2468 -46.96 -19.77 -76.61
N LEU A 2469 -47.51 -18.68 -76.07
CA LEU A 2469 -46.70 -17.48 -75.86
C LEU A 2469 -45.59 -17.74 -74.85
N PHE A 2470 -45.92 -18.42 -73.75
CA PHE A 2470 -44.87 -18.77 -72.79
C PHE A 2470 -43.81 -19.65 -73.42
N LEU A 2471 -44.23 -20.66 -74.17
CA LEU A 2471 -43.26 -21.57 -74.80
C LEU A 2471 -42.38 -20.81 -75.79
N ASP A 2472 -42.95 -19.87 -76.53
CA ASP A 2472 -42.19 -19.12 -77.52
C ASP A 2472 -41.21 -18.16 -76.86
N ARG A 2473 -41.65 -17.44 -75.83
CA ARG A 2473 -40.81 -16.39 -75.26
C ARG A 2473 -39.79 -16.95 -74.29
N VAL A 2474 -40.22 -17.75 -73.32
CA VAL A 2474 -39.33 -18.21 -72.25
C VAL A 2474 -38.37 -19.26 -72.78
N TYR A 2475 -38.91 -20.41 -73.19
CA TYR A 2475 -38.04 -21.51 -73.59
C TYR A 2475 -37.39 -21.25 -74.95
N GLY A 2476 -38.10 -20.59 -75.85
CA GLY A 2476 -37.56 -20.49 -77.19
C GLY A 2476 -37.88 -21.72 -78.00
N ILE A 2477 -38.03 -21.51 -79.31
CA ILE A 2477 -38.45 -22.54 -80.24
C ILE A 2477 -37.42 -22.54 -81.36
N GLU A 2478 -36.38 -23.37 -81.23
CA GLU A 2478 -35.27 -23.36 -82.18
C GLU A 2478 -35.03 -24.70 -82.86
N VAL A 2479 -34.96 -25.80 -82.09
CA VAL A 2479 -34.51 -27.07 -82.64
C VAL A 2479 -35.52 -27.59 -83.65
N GLN A 2480 -35.03 -28.11 -84.77
CA GLN A 2480 -35.90 -28.52 -85.87
C GLN A 2480 -36.82 -29.67 -85.46
N ASP A 2481 -36.26 -30.69 -84.81
CA ASP A 2481 -37.10 -31.79 -84.33
C ASP A 2481 -38.13 -31.28 -83.34
N PHE A 2482 -37.77 -30.27 -82.54
CA PHE A 2482 -38.71 -29.65 -81.63
C PHE A 2482 -39.85 -28.98 -82.39
N LEU A 2483 -39.51 -28.29 -83.48
CA LEU A 2483 -40.55 -27.65 -84.29
C LEU A 2483 -41.50 -28.69 -84.85
N LEU A 2484 -40.95 -29.76 -85.41
CA LEU A 2484 -41.78 -30.80 -86.01
C LEU A 2484 -42.66 -31.48 -84.95
N HIS A 2485 -42.09 -31.74 -83.77
CA HIS A 2485 -42.86 -32.36 -82.71
C HIS A 2485 -44.00 -31.47 -82.26
N LEU A 2486 -43.74 -30.16 -82.09
CA LEU A 2486 -44.82 -29.24 -81.74
C LEU A 2486 -45.88 -29.17 -82.83
N LEU A 2487 -45.43 -29.16 -84.10
CA LEU A 2487 -46.38 -29.09 -85.20
C LEU A 2487 -47.30 -30.30 -85.21
N GLU A 2488 -46.75 -31.49 -84.96
CA GLU A 2488 -47.58 -32.69 -84.96
C GLU A 2488 -48.43 -32.80 -83.70
N VAL A 2489 -47.95 -32.29 -82.57
CA VAL A 2489 -48.64 -32.40 -81.29
C VAL A 2489 -49.43 -31.11 -81.08
N GLY A 2490 -50.73 -31.16 -81.34
CA GLY A 2490 -51.62 -30.06 -81.00
C GLY A 2490 -51.71 -28.95 -82.03
N PHE A 2491 -50.59 -28.58 -82.65
CA PHE A 2491 -50.58 -27.48 -83.60
C PHE A 2491 -51.40 -27.82 -84.85
N LEU A 2492 -51.01 -28.90 -85.53
CA LEU A 2492 -51.78 -29.37 -86.67
C LEU A 2492 -53.22 -29.75 -86.32
N PRO A 2493 -53.51 -30.43 -85.19
CA PRO A 2493 -54.91 -30.70 -84.85
C PRO A 2493 -55.79 -29.46 -84.78
N ASP A 2494 -55.25 -28.34 -84.29
CA ASP A 2494 -56.01 -27.10 -84.30
C ASP A 2494 -56.32 -26.64 -85.72
N LEU A 2495 -55.36 -26.85 -86.62
CA LEU A 2495 -55.59 -26.55 -88.03
C LEU A 2495 -56.66 -27.46 -88.62
N ARG A 2496 -56.66 -28.73 -88.25
CA ARG A 2496 -57.71 -29.65 -88.70
C ARG A 2496 -59.07 -29.19 -88.20
N ALA A 2497 -59.13 -28.78 -86.94
CA ALA A 2497 -60.36 -28.23 -86.39
C ALA A 2497 -60.80 -27.00 -87.17
N ALA A 2498 -59.84 -26.14 -87.55
CA ALA A 2498 -60.17 -24.99 -88.38
C ALA A 2498 -60.72 -25.42 -89.73
N ALA A 2499 -60.11 -26.44 -90.34
CA ALA A 2499 -60.59 -26.97 -91.61
C ALA A 2499 -62.04 -27.44 -91.48
N SER A 2500 -62.36 -28.09 -90.36
CA SER A 2500 -63.74 -28.48 -90.08
C SER A 2500 -64.63 -27.26 -89.92
N LEU A 2501 -64.19 -26.31 -89.09
CA LEU A 2501 -64.97 -25.13 -88.73
C LEU A 2501 -65.18 -24.18 -89.90
N ASP A 2502 -64.47 -24.40 -91.01
CA ASP A 2502 -64.58 -23.51 -92.16
C ASP A 2502 -66.02 -23.31 -92.64
N THR A 2503 -66.86 -24.34 -92.54
CA THR A 2503 -68.20 -24.28 -93.14
C THR A 2503 -69.06 -23.20 -92.49
N ALA A 2504 -70.07 -22.75 -93.24
CA ALA A 2504 -70.79 -21.51 -92.94
C ALA A 2504 -71.39 -21.49 -91.53
N ALA A 2505 -72.17 -22.51 -91.19
CA ALA A 2505 -72.67 -22.63 -89.81
C ALA A 2505 -71.52 -22.91 -88.85
N LEU A 2506 -70.55 -23.71 -89.29
CA LEU A 2506 -69.45 -24.04 -88.41
C LEU A 2506 -68.56 -22.82 -88.18
N SER A 2507 -68.45 -21.95 -89.19
CA SER A 2507 -67.86 -20.63 -88.97
C SER A 2507 -68.78 -19.73 -88.17
N ALA A 2508 -70.10 -19.90 -88.33
CA ALA A 2508 -71.04 -19.16 -87.49
C ALA A 2508 -70.82 -19.46 -86.02
N THR A 2509 -70.21 -20.60 -85.71
CA THR A 2509 -69.82 -20.90 -84.34
C THR A 2509 -68.76 -19.95 -83.81
N ASP A 2510 -68.99 -19.46 -82.60
CA ASP A 2510 -68.01 -18.62 -81.92
C ASP A 2510 -66.72 -19.37 -81.62
N MET A 2511 -66.78 -20.70 -81.51
CA MET A 2511 -65.56 -21.48 -81.39
C MET A 2511 -64.66 -21.28 -82.60
N ALA A 2512 -65.25 -21.33 -83.80
CA ALA A 2512 -64.48 -21.03 -85.00
C ALA A 2512 -63.92 -19.62 -84.96
N LEU A 2513 -64.75 -18.65 -84.55
CA LEU A 2513 -64.26 -17.27 -84.51
C LEU A 2513 -63.06 -17.11 -83.58
N ALA A 2514 -63.21 -17.55 -82.32
CA ALA A 2514 -62.13 -17.40 -81.34
C ALA A 2514 -60.89 -18.19 -81.77
N LEU A 2515 -61.10 -19.41 -82.26
CA LEU A 2515 -60.00 -20.22 -82.77
C LEU A 2515 -59.29 -19.51 -83.92
N ASN A 2516 -60.02 -18.75 -84.73
CA ASN A 2516 -59.34 -17.95 -85.75
C ASN A 2516 -58.35 -16.97 -85.13
N ARG A 2517 -58.77 -16.30 -84.05
CA ARG A 2517 -57.86 -15.39 -83.37
C ARG A 2517 -56.62 -16.13 -82.85
N TYR A 2518 -56.85 -17.20 -82.08
CA TYR A 2518 -55.72 -17.99 -81.58
C TYR A 2518 -54.90 -18.56 -82.72
N LEU A 2519 -55.52 -18.79 -83.87
CA LEU A 2519 -54.87 -19.40 -85.00
C LEU A 2519 -53.92 -18.41 -85.66
N CYS A 2520 -54.31 -17.14 -85.74
CA CYS A 2520 -53.36 -16.12 -86.15
C CYS A 2520 -52.20 -16.04 -85.16
N THR A 2521 -52.52 -16.01 -83.86
CA THR A 2521 -51.47 -15.90 -82.85
C THR A 2521 -50.56 -17.13 -82.81
N ALA A 2522 -50.99 -18.25 -83.39
CA ALA A 2522 -50.16 -19.45 -83.46
C ALA A 2522 -49.49 -19.64 -84.82
N VAL A 2523 -50.03 -19.06 -85.88
CA VAL A 2523 -49.44 -19.21 -87.21
C VAL A 2523 -48.34 -18.18 -87.44
N LEU A 2524 -48.51 -16.95 -86.96
CA LEU A 2524 -47.43 -15.97 -87.03
C LEU A 2524 -46.12 -16.50 -86.44
N PRO A 2525 -46.11 -17.24 -85.30
CA PRO A 2525 -44.88 -17.87 -84.82
C PRO A 2525 -44.09 -18.59 -85.91
N LEU A 2526 -44.65 -19.61 -86.56
CA LEU A 2526 -43.88 -20.40 -87.53
C LEU A 2526 -42.99 -19.52 -88.40
N LEU A 2527 -43.63 -18.62 -89.15
CA LEU A 2527 -42.91 -17.80 -90.12
C LEU A 2527 -41.92 -16.90 -89.41
N THR A 2528 -42.41 -16.01 -88.51
CA THR A 2528 -41.54 -15.03 -87.88
C THR A 2528 -40.37 -15.71 -87.18
N ARG A 2529 -40.69 -16.68 -86.34
CA ARG A 2529 -39.74 -17.54 -85.66
C ARG A 2529 -39.88 -18.93 -86.27
N CYS A 2530 -38.92 -19.30 -87.10
CA CYS A 2530 -38.61 -20.60 -87.70
C CYS A 2530 -39.29 -20.85 -89.03
N ALA A 2531 -39.54 -19.80 -89.81
CA ALA A 2531 -39.70 -19.99 -91.24
C ALA A 2531 -38.54 -20.76 -91.88
N PRO A 2532 -37.27 -20.46 -91.60
CA PRO A 2532 -36.18 -21.15 -92.35
C PRO A 2532 -36.05 -22.63 -92.04
N LEU A 2533 -36.36 -23.07 -90.83
CA LEU A 2533 -35.93 -24.38 -90.37
C LEU A 2533 -36.84 -25.51 -90.86
N PHE A 2534 -38.15 -25.41 -90.58
CA PHE A 2534 -39.06 -26.44 -91.06
C PHE A 2534 -39.09 -26.49 -92.57
N ALA A 2535 -38.73 -25.37 -93.22
CA ALA A 2535 -38.58 -25.34 -94.66
C ALA A 2535 -37.22 -25.83 -95.12
N GLY A 2536 -36.25 -25.90 -94.22
CA GLY A 2536 -34.95 -26.48 -94.55
C GLY A 2536 -34.84 -27.96 -94.33
N THR A 2537 -35.77 -28.55 -93.58
CA THR A 2537 -35.77 -30.00 -93.39
C THR A 2537 -37.11 -30.58 -93.85
N GLU A 2538 -37.13 -31.92 -93.98
CA GLU A 2538 -38.35 -32.63 -94.36
C GLU A 2538 -38.58 -33.89 -93.51
N HIS A 2539 -38.00 -33.96 -92.31
CA HIS A 2539 -38.04 -35.19 -91.52
C HIS A 2539 -39.45 -35.73 -91.34
N HIS A 2540 -40.47 -34.89 -91.50
CA HIS A 2540 -41.88 -35.28 -91.41
C HIS A 2540 -42.63 -34.73 -92.61
N ALA A 2541 -42.11 -35.00 -93.82
CA ALA A 2541 -42.73 -34.56 -95.07
C ALA A 2541 -44.25 -34.76 -95.06
N SER A 2542 -44.71 -35.80 -94.37
CA SER A 2542 -46.14 -35.95 -94.09
C SER A 2542 -46.68 -34.72 -93.38
N LEU A 2543 -46.02 -34.31 -92.29
CA LEU A 2543 -46.45 -33.11 -91.57
C LEU A 2543 -46.34 -31.88 -92.46
N ILE A 2544 -45.32 -31.82 -93.30
CA ILE A 2544 -45.13 -30.67 -94.17
C ILE A 2544 -46.33 -30.51 -95.09
N ASP A 2545 -46.68 -31.58 -95.81
CA ASP A 2545 -47.79 -31.49 -96.76
C ASP A 2545 -49.11 -31.25 -96.03
N SER A 2546 -49.30 -31.90 -94.88
CA SER A 2546 -50.53 -31.69 -94.13
C SER A 2546 -50.66 -30.23 -93.73
N LEU A 2547 -49.57 -29.64 -93.24
CA LEU A 2547 -49.57 -28.22 -92.88
C LEU A 2547 -49.91 -27.35 -94.09
N LEU A 2548 -49.27 -27.61 -95.22
CA LEU A 2548 -49.48 -26.77 -96.40
C LEU A 2548 -50.94 -26.80 -96.85
N HIS A 2549 -51.49 -27.99 -97.07
CA HIS A 2549 -52.86 -28.03 -97.59
C HIS A 2549 -53.90 -27.68 -96.54
N THR A 2550 -53.65 -27.94 -95.25
CA THR A 2550 -54.60 -27.49 -94.25
C THR A 2550 -54.62 -25.96 -94.17
N VAL A 2551 -53.45 -25.32 -94.24
CA VAL A 2551 -53.41 -23.86 -94.26
C VAL A 2551 -54.07 -23.33 -95.53
N TYR A 2552 -53.92 -24.03 -96.65
CA TYR A 2552 -54.57 -23.59 -97.88
C TYR A 2552 -56.10 -23.69 -97.78
N ARG A 2553 -56.60 -24.80 -97.23
CA ARG A 2553 -58.04 -24.92 -97.03
C ARG A 2553 -58.54 -23.84 -96.06
N LEU A 2554 -57.74 -23.53 -95.04
CA LEU A 2554 -58.05 -22.42 -94.16
C LEU A 2554 -58.15 -21.11 -94.94
N SER A 2555 -57.17 -20.86 -95.81
CA SER A 2555 -57.18 -19.64 -96.62
C SER A 2555 -58.43 -19.57 -97.49
N LYS A 2556 -58.92 -20.71 -97.95
CA LYS A 2556 -60.25 -20.77 -98.57
C LYS A 2556 -61.33 -20.73 -97.49
N GLY A 2557 -61.32 -19.65 -96.70
CA GLY A 2557 -62.28 -19.45 -95.64
C GLY A 2557 -63.41 -18.53 -96.07
N CYS A 2558 -64.36 -18.35 -95.16
CA CYS A 2558 -65.53 -17.51 -95.40
C CYS A 2558 -65.63 -16.33 -94.46
N SER A 2559 -65.52 -16.55 -93.16
CA SER A 2559 -65.70 -15.49 -92.17
C SER A 2559 -64.38 -14.88 -91.70
N LEU A 2560 -63.27 -15.24 -92.34
CA LEU A 2560 -61.98 -14.69 -91.95
C LEU A 2560 -61.92 -13.19 -92.21
N THR A 2561 -61.36 -12.45 -91.26
CA THR A 2561 -61.16 -11.02 -91.46
C THR A 2561 -60.04 -10.77 -92.45
N LYS A 2562 -59.97 -9.54 -92.94
CA LYS A 2562 -58.94 -9.18 -93.92
C LYS A 2562 -57.54 -9.38 -93.36
N ALA A 2563 -57.32 -8.95 -92.11
CA ALA A 2563 -56.02 -9.14 -91.49
C ALA A 2563 -55.70 -10.62 -91.33
N GLN A 2564 -56.71 -11.43 -90.97
CA GLN A 2564 -56.51 -12.86 -90.83
C GLN A 2564 -56.08 -13.48 -92.16
N ARG A 2565 -56.76 -13.11 -93.24
CA ARG A 2565 -56.41 -13.63 -94.55
C ARG A 2565 -55.01 -13.19 -94.97
N ASP A 2566 -54.65 -11.93 -94.66
CA ASP A 2566 -53.30 -11.46 -94.96
C ASP A 2566 -52.26 -12.26 -94.19
N SER A 2567 -52.52 -12.55 -92.92
CA SER A 2567 -51.57 -13.33 -92.14
C SER A 2567 -51.40 -14.73 -92.72
N ILE A 2568 -52.51 -15.38 -93.09
CA ILE A 2568 -52.43 -16.70 -93.70
C ILE A 2568 -51.63 -16.64 -95.00
N GLU A 2569 -51.87 -15.61 -95.81
CA GLU A 2569 -51.17 -15.47 -97.08
C GLU A 2569 -49.67 -15.29 -96.87
N VAL A 2570 -49.28 -14.45 -95.89
CA VAL A 2570 -47.86 -14.27 -95.60
C VAL A 2570 -47.23 -15.58 -95.16
N CYS A 2571 -47.92 -16.32 -94.30
CA CYS A 2571 -47.40 -17.62 -93.85
C CYS A 2571 -47.17 -18.55 -95.03
N LEU A 2572 -48.16 -18.67 -95.91
CA LEU A 2572 -48.05 -19.57 -97.05
C LEU A 2572 -46.91 -19.15 -97.97
N LEU A 2573 -46.80 -17.84 -98.24
CA LEU A 2573 -45.72 -17.37 -99.11
C LEU A 2573 -44.35 -17.66 -98.53
N SER A 2574 -44.17 -17.42 -97.22
CA SER A 2574 -42.86 -17.67 -96.62
C SER A 2574 -42.51 -19.15 -96.69
N ILE A 2575 -43.44 -20.01 -96.25
CA ILE A 2575 -43.17 -21.44 -96.22
C ILE A 2575 -42.86 -21.96 -97.62
N CYS A 2576 -43.65 -21.54 -98.61
CA CYS A 2576 -43.39 -22.00 -99.97
C CYS A 2576 -42.08 -21.45 -100.52
N GLY A 2577 -41.84 -20.14 -100.35
CA GLY A 2577 -40.69 -19.49 -100.92
C GLY A 2577 -39.37 -19.92 -100.33
N GLN A 2578 -39.39 -20.62 -99.19
CA GLN A 2578 -38.13 -21.20 -98.75
C GLN A 2578 -38.25 -22.68 -98.33
N LEU A 2579 -39.32 -23.36 -98.76
CA LEU A 2579 -39.40 -24.81 -98.68
C LEU A 2579 -38.92 -25.46 -99.98
N ARG A 2580 -38.49 -26.72 -99.87
CA ARG A 2580 -38.00 -27.46 -101.03
C ARG A 2580 -39.07 -27.55 -102.12
N PRO A 2581 -38.72 -27.28 -103.38
CA PRO A 2581 -39.71 -27.37 -104.46
C PRO A 2581 -40.34 -28.74 -104.61
N SER A 2582 -39.57 -29.81 -104.41
CA SER A 2582 -40.07 -31.15 -104.69
C SER A 2582 -41.10 -31.62 -103.68
N MET A 2583 -41.17 -30.99 -102.51
CA MET A 2583 -41.91 -31.54 -101.39
C MET A 2583 -43.27 -30.88 -101.19
N MET A 2584 -43.65 -29.96 -102.07
CA MET A 2584 -44.97 -29.39 -102.10
C MET A 2584 -45.67 -29.54 -103.44
N GLN A 2585 -45.23 -30.48 -104.28
CA GLN A 2585 -45.86 -30.82 -105.54
C GLN A 2585 -47.37 -31.06 -105.43
N HIS A 2586 -47.82 -31.67 -104.33
CA HIS A 2586 -49.26 -31.84 -104.14
C HIS A 2586 -49.95 -30.49 -104.06
N LEU A 2587 -49.34 -29.55 -103.34
CA LEU A 2587 -49.87 -28.19 -103.30
C LEU A 2587 -49.82 -27.57 -104.69
N LEU A 2588 -48.75 -27.84 -105.45
CA LEU A 2588 -48.73 -27.41 -106.86
C LEU A 2588 -49.99 -27.89 -107.57
N ARG A 2589 -50.33 -29.17 -107.40
CA ARG A 2589 -51.52 -29.70 -108.04
C ARG A 2589 -52.75 -28.90 -107.65
N ARG A 2590 -52.96 -28.71 -106.35
CA ARG A 2590 -54.16 -28.03 -105.88
C ARG A 2590 -54.27 -26.63 -106.46
N LEU A 2591 -53.17 -25.88 -106.43
CA LEU A 2591 -53.18 -24.57 -107.08
C LEU A 2591 -53.42 -24.67 -108.58
N VAL A 2592 -52.97 -25.75 -109.21
CA VAL A 2592 -53.21 -25.91 -110.64
C VAL A 2592 -54.71 -26.00 -110.93
N PHE A 2593 -55.46 -26.76 -110.11
CA PHE A 2593 -56.90 -26.75 -110.33
C PHE A 2593 -57.53 -25.41 -109.94
N ASP A 2594 -57.03 -24.77 -108.89
CA ASP A 2594 -57.75 -23.62 -108.34
C ASP A 2594 -57.48 -22.29 -109.03
N VAL A 2595 -56.28 -22.08 -109.59
CA VAL A 2595 -55.95 -20.78 -110.19
C VAL A 2595 -56.84 -20.43 -111.37
N PRO A 2596 -57.11 -21.32 -112.33
CA PRO A 2596 -57.92 -20.92 -113.49
C PRO A 2596 -59.30 -20.36 -113.14
N LEU A 2597 -59.78 -20.59 -111.92
CA LEU A 2597 -61.05 -19.99 -111.51
C LEU A 2597 -60.98 -18.46 -111.53
N LEU A 2598 -59.81 -17.90 -111.23
CA LEU A 2598 -59.60 -16.45 -111.23
C LEU A 2598 -60.61 -15.74 -110.34
N ASN A 2599 -60.88 -16.32 -109.19
CA ASN A 2599 -61.80 -15.72 -108.23
C ASN A 2599 -61.04 -14.73 -107.36
N GLU A 2600 -61.72 -14.18 -106.35
CA GLU A 2600 -61.06 -13.25 -105.42
C GLU A 2600 -59.99 -13.96 -104.62
N HIS A 2601 -60.23 -15.22 -104.24
CA HIS A 2601 -59.26 -16.00 -103.49
C HIS A 2601 -58.02 -16.34 -104.32
N ALA A 2602 -58.08 -16.19 -105.65
CA ALA A 2602 -56.98 -16.60 -106.51
C ALA A 2602 -55.74 -15.73 -106.36
N LYS A 2603 -55.84 -14.58 -105.67
CA LYS A 2603 -54.69 -13.69 -105.57
C LYS A 2603 -53.55 -14.35 -104.82
N MET A 2604 -53.84 -14.99 -103.69
CA MET A 2604 -52.79 -15.64 -102.90
C MET A 2604 -52.08 -16.76 -103.66
N PRO A 2605 -52.78 -17.72 -104.28
CA PRO A 2605 -52.05 -18.71 -105.09
C PRO A 2605 -51.29 -18.10 -106.25
N LEU A 2606 -51.75 -17.00 -106.83
CA LEU A 2606 -50.97 -16.36 -107.89
C LEU A 2606 -49.60 -15.94 -107.37
N LYS A 2607 -49.58 -15.28 -106.20
CA LYS A 2607 -48.31 -14.96 -105.56
C LYS A 2607 -47.52 -16.22 -105.26
N LEU A 2608 -48.21 -17.28 -104.84
CA LEU A 2608 -47.52 -18.51 -104.44
C LEU A 2608 -46.76 -19.11 -105.61
N LEU A 2609 -47.46 -19.29 -106.74
CA LEU A 2609 -46.80 -19.81 -107.94
C LEU A 2609 -45.74 -18.85 -108.45
N THR A 2610 -46.01 -17.55 -108.43
CA THR A 2610 -45.03 -16.57 -108.87
C THR A 2610 -43.71 -16.77 -108.14
N ASN A 2611 -43.79 -16.78 -106.81
CA ASN A 2611 -42.58 -16.95 -106.00
C ASN A 2611 -41.97 -18.32 -106.20
N HIS A 2612 -42.80 -19.38 -106.29
CA HIS A 2612 -42.28 -20.73 -106.47
C HIS A 2612 -41.44 -20.84 -107.74
N TYR A 2613 -41.99 -20.41 -108.88
CA TYR A 2613 -41.27 -20.51 -110.15
C TYR A 2613 -40.09 -19.55 -110.21
N GLU A 2614 -40.28 -18.29 -109.79
CA GLU A 2614 -39.15 -17.36 -109.83
C GLU A 2614 -38.01 -17.85 -108.94
N ARG A 2615 -38.33 -18.35 -107.75
CA ARG A 2615 -37.36 -18.92 -106.84
C ARG A 2615 -36.57 -20.08 -107.45
N CYS A 2616 -37.27 -21.15 -107.83
CA CYS A 2616 -36.61 -22.37 -108.26
C CYS A 2616 -36.57 -22.52 -109.78
N TRP A 2617 -36.47 -21.40 -110.50
CA TRP A 2617 -36.49 -21.41 -111.96
C TRP A 2617 -35.66 -22.54 -112.56
N LYS A 2618 -34.44 -22.75 -112.05
CA LYS A 2618 -33.60 -23.83 -112.57
C LYS A 2618 -34.26 -25.19 -112.37
N TYR A 2619 -34.91 -25.40 -111.21
CA TYR A 2619 -35.53 -26.69 -110.92
C TYR A 2619 -36.53 -27.10 -112.00
N TYR A 2620 -37.24 -26.14 -112.59
CA TYR A 2620 -38.22 -26.50 -113.60
C TYR A 2620 -37.71 -26.37 -115.03
N CYS A 2621 -36.53 -25.79 -115.23
CA CYS A 2621 -35.98 -25.61 -116.56
C CYS A 2621 -34.67 -26.36 -116.79
N LEU A 2622 -33.69 -26.17 -115.90
CA LEU A 2622 -32.37 -26.72 -116.13
C LEU A 2622 -32.41 -28.25 -116.04
N PRO A 2623 -31.55 -28.94 -116.80
CA PRO A 2623 -31.56 -30.41 -116.75
C PRO A 2623 -31.27 -30.97 -115.37
N GLY A 2624 -30.28 -30.43 -114.68
CA GLY A 2624 -30.06 -30.79 -113.30
C GLY A 2624 -30.89 -30.01 -112.32
N GLY A 2625 -31.69 -29.06 -112.81
CA GLY A 2625 -32.58 -28.30 -111.97
C GLY A 2625 -31.82 -27.39 -111.02
N TRP A 2626 -32.42 -27.17 -109.85
CA TRP A 2626 -31.79 -26.39 -108.79
C TRP A 2626 -30.84 -27.25 -107.96
N GLY A 2627 -29.79 -27.71 -108.64
CA GLY A 2627 -28.72 -28.46 -108.01
C GLY A 2627 -29.15 -29.69 -107.25
N ASN A 2628 -28.83 -29.73 -105.96
CA ASN A 2628 -29.23 -30.86 -105.13
C ASN A 2628 -30.73 -30.87 -104.87
N PHE A 2629 -31.41 -29.74 -105.07
CA PHE A 2629 -32.86 -29.69 -104.89
C PHE A 2629 -33.58 -30.60 -105.88
N GLY A 2630 -32.94 -30.97 -106.98
CA GLY A 2630 -33.54 -31.81 -107.98
C GLY A 2630 -34.03 -31.03 -109.18
N ALA A 2631 -34.83 -31.72 -109.99
CA ALA A 2631 -35.42 -31.14 -111.19
C ALA A 2631 -36.89 -31.53 -111.26
N ALA A 2632 -37.66 -30.71 -111.98
CA ALA A 2632 -39.08 -30.98 -112.13
C ALA A 2632 -39.28 -32.26 -112.93
N SER A 2633 -40.03 -33.20 -112.34
CA SER A 2633 -40.34 -34.44 -113.04
C SER A 2633 -41.21 -34.13 -114.26
N GLU A 2634 -41.41 -35.16 -115.09
CA GLU A 2634 -42.25 -34.98 -116.25
C GLU A 2634 -43.68 -34.62 -115.85
N GLU A 2635 -44.17 -35.21 -114.75
CA GLU A 2635 -45.48 -34.85 -114.24
C GLU A 2635 -45.52 -33.41 -113.77
N GLU A 2636 -44.47 -32.95 -113.08
CA GLU A 2636 -44.43 -31.56 -112.63
C GLU A 2636 -44.42 -30.61 -113.81
N LEU A 2637 -43.65 -30.93 -114.86
CA LEU A 2637 -43.63 -30.09 -116.05
C LEU A 2637 -44.98 -30.10 -116.74
N HIS A 2638 -45.65 -31.25 -116.81
CA HIS A 2638 -46.97 -31.31 -117.40
C HIS A 2638 -47.96 -30.46 -116.62
N LEU A 2639 -47.92 -30.54 -115.29
CA LEU A 2639 -48.80 -29.72 -114.47
C LEU A 2639 -48.51 -28.24 -114.65
N SER A 2640 -47.22 -27.88 -114.70
CA SER A 2640 -46.84 -26.48 -114.89
C SER A 2640 -47.31 -25.97 -116.23
N ARG A 2641 -47.20 -26.79 -117.28
CA ARG A 2641 -47.67 -26.41 -118.61
C ARG A 2641 -49.19 -26.26 -118.64
N LYS A 2642 -49.90 -27.21 -118.01
CA LYS A 2642 -51.35 -27.13 -117.95
C LYS A 2642 -51.79 -25.86 -117.23
N LEU A 2643 -51.15 -25.55 -116.10
CA LEU A 2643 -51.44 -24.30 -115.40
C LEU A 2643 -51.07 -23.09 -116.25
N PHE A 2644 -49.96 -23.16 -116.98
CA PHE A 2644 -49.53 -22.04 -117.79
C PHE A 2644 -50.57 -21.69 -118.83
N TRP A 2645 -50.99 -22.67 -119.62
CA TRP A 2645 -52.02 -22.39 -120.62
C TRP A 2645 -53.37 -22.12 -119.99
N GLY A 2646 -53.66 -22.70 -118.82
CA GLY A 2646 -54.90 -22.39 -118.14
C GLY A 2646 -54.99 -20.93 -117.75
N ILE A 2647 -53.93 -20.41 -117.12
CA ILE A 2647 -53.91 -19.00 -116.76
C ILE A 2647 -53.86 -18.13 -118.01
N PHE A 2648 -53.15 -18.58 -119.05
CA PHE A 2648 -53.06 -17.79 -120.28
C PHE A 2648 -54.45 -17.59 -120.89
N ASP A 2649 -55.18 -18.69 -121.09
CA ASP A 2649 -56.51 -18.60 -121.66
C ASP A 2649 -57.48 -17.89 -120.71
N ALA A 2650 -57.34 -18.13 -119.40
CA ALA A 2650 -58.23 -17.51 -118.44
C ALA A 2650 -58.07 -15.99 -118.43
N LEU A 2651 -56.83 -15.51 -118.47
CA LEU A 2651 -56.60 -14.07 -118.56
C LEU A 2651 -57.02 -13.54 -119.93
N SER A 2652 -56.92 -14.35 -120.98
CA SER A 2652 -57.42 -13.95 -122.28
C SER A 2652 -58.92 -13.68 -122.23
N GLN A 2653 -59.67 -14.59 -121.64
CA GLN A 2653 -61.13 -14.41 -121.55
C GLN A 2653 -61.52 -13.39 -120.50
N LYS A 2654 -60.68 -13.20 -119.48
CA LYS A 2654 -61.02 -12.32 -118.38
C LYS A 2654 -61.02 -10.86 -118.81
N LYS A 2655 -61.97 -10.10 -118.28
CA LYS A 2655 -61.97 -8.66 -118.48
C LYS A 2655 -60.71 -8.06 -117.88
N TYR A 2656 -60.09 -7.13 -118.61
CA TYR A 2656 -58.82 -6.58 -118.16
C TYR A 2656 -59.00 -5.81 -116.85
N GLU A 2657 -58.28 -6.23 -115.82
CA GLU A 2657 -58.25 -5.55 -114.53
C GLU A 2657 -56.81 -5.12 -114.26
N GLN A 2658 -56.62 -3.85 -113.91
CA GLN A 2658 -55.27 -3.37 -113.67
C GLN A 2658 -54.61 -4.12 -112.53
N GLU A 2659 -55.31 -4.25 -111.39
CA GLU A 2659 -54.71 -4.91 -110.23
C GLU A 2659 -54.53 -6.40 -110.48
N LEU A 2660 -55.60 -7.08 -110.92
CA LEU A 2660 -55.54 -8.53 -111.08
C LEU A 2660 -54.53 -8.93 -112.15
N PHE A 2661 -54.54 -8.23 -113.29
CA PHE A 2661 -53.64 -8.61 -114.37
C PHE A 2661 -52.20 -8.19 -114.06
N LYS A 2662 -52.01 -7.04 -113.40
CA LYS A 2662 -50.67 -6.67 -112.98
C LYS A 2662 -50.11 -7.66 -111.96
N LEU A 2663 -50.98 -8.27 -111.14
CA LEU A 2663 -50.53 -9.29 -110.21
C LEU A 2663 -50.25 -10.61 -110.92
N ALA A 2664 -51.08 -10.96 -111.92
CA ALA A 2664 -50.96 -12.25 -112.60
C ALA A 2664 -49.80 -12.27 -113.59
N LEU A 2665 -49.42 -11.13 -114.15
CA LEU A 2665 -48.34 -11.10 -115.14
C LEU A 2665 -47.04 -11.69 -114.60
N PRO A 2666 -46.57 -11.36 -113.39
CA PRO A 2666 -45.36 -12.03 -112.89
C PRO A 2666 -45.52 -13.54 -112.79
N CYS A 2667 -46.71 -14.03 -112.45
CA CYS A 2667 -46.92 -15.47 -112.36
C CYS A 2667 -46.74 -16.14 -113.73
N LEU A 2668 -47.41 -15.60 -114.74
CA LEU A 2668 -47.30 -16.18 -116.09
C LEU A 2668 -45.87 -16.07 -116.60
N SER A 2669 -45.22 -14.93 -116.32
CA SER A 2669 -43.82 -14.76 -116.73
C SER A 2669 -42.92 -15.79 -116.07
N ALA A 2670 -43.14 -16.03 -114.77
CA ALA A 2670 -42.33 -17.01 -114.05
C ALA A 2670 -42.54 -18.42 -114.61
N VAL A 2671 -43.79 -18.78 -114.88
CA VAL A 2671 -44.05 -20.12 -115.42
C VAL A 2671 -43.45 -20.26 -116.81
N ALA A 2672 -43.53 -19.20 -117.63
CA ALA A 2672 -42.91 -19.25 -118.95
C ALA A 2672 -41.40 -19.41 -118.84
N GLY A 2673 -40.78 -18.67 -117.93
CA GLY A 2673 -39.34 -18.83 -117.73
C GLY A 2673 -38.96 -20.21 -117.23
N ALA A 2674 -39.80 -20.81 -116.39
CA ALA A 2674 -39.49 -22.12 -115.85
C ALA A 2674 -39.68 -23.23 -116.88
N LEU A 2675 -40.68 -23.11 -117.73
CA LEU A 2675 -40.94 -24.16 -118.72
C LEU A 2675 -39.83 -24.16 -119.77
N PRO A 2676 -39.15 -25.29 -119.99
CA PRO A 2676 -38.09 -25.34 -120.99
C PRO A 2676 -38.62 -25.07 -122.38
N PRO A 2677 -37.86 -24.37 -123.23
CA PRO A 2677 -38.34 -24.10 -124.60
C PRO A 2677 -38.56 -25.37 -125.42
N ASP A 2678 -37.86 -26.45 -125.11
CA ASP A 2678 -37.96 -27.69 -125.88
C ASP A 2678 -38.80 -28.75 -125.18
N TYR A 2679 -39.52 -28.40 -124.12
CA TYR A 2679 -40.26 -29.40 -123.36
C TYR A 2679 -41.45 -29.97 -124.12
N MET A 2680 -41.50 -31.30 -124.16
CA MET A 2680 -42.63 -32.07 -124.68
C MET A 2680 -43.12 -33.09 -123.67
N PRO A 2713 -62.51 -57.98 -117.42
CA PRO A 2713 -62.29 -58.85 -118.57
C PRO A 2713 -61.66 -60.19 -118.22
N GLU A 2714 -61.48 -61.05 -119.22
CA GLU A 2714 -60.93 -62.39 -118.98
C GLU A 2714 -59.50 -62.30 -118.49
N LYS A 2715 -58.70 -61.38 -119.03
CA LYS A 2715 -57.33 -61.23 -118.57
C LYS A 2715 -57.28 -60.80 -117.12
N LEU A 2716 -58.15 -59.87 -116.72
CA LEU A 2716 -58.19 -59.46 -115.32
C LEU A 2716 -58.70 -60.57 -114.42
N GLU A 2717 -59.64 -61.39 -114.88
CA GLU A 2717 -60.10 -62.53 -114.08
C GLU A 2717 -58.97 -63.55 -113.89
N TYR A 2718 -58.20 -63.82 -114.95
CA TYR A 2718 -57.05 -64.71 -114.82
C TYR A 2718 -56.01 -64.10 -113.88
N PHE A 2719 -55.84 -62.78 -113.93
CA PHE A 2719 -54.95 -62.12 -112.98
C PHE A 2719 -55.44 -62.29 -111.55
N ILE A 2720 -56.76 -62.21 -111.35
CA ILE A 2720 -57.32 -62.42 -110.02
C ILE A 2720 -57.01 -63.83 -109.53
N ASN A 2721 -57.20 -64.82 -110.39
CA ASN A 2721 -56.94 -66.21 -110.01
C ASN A 2721 -55.46 -66.42 -109.67
N LYS A 2722 -54.56 -65.92 -110.53
CA LYS A 2722 -53.13 -66.09 -110.31
C LYS A 2722 -52.70 -65.35 -109.05
N TYR A 2723 -53.23 -64.15 -108.82
CA TYR A 2723 -52.91 -63.40 -107.61
C TYR A 2723 -53.43 -64.11 -106.38
N ALA A 2724 -54.60 -64.75 -106.47
CA ALA A 2724 -55.11 -65.51 -105.34
C ALA A 2724 -54.20 -66.68 -105.00
N GLU A 2725 -53.73 -67.40 -106.02
CA GLU A 2725 -52.80 -68.50 -105.77
C GLU A 2725 -51.50 -68.01 -105.16
N HIS A 2726 -50.92 -66.96 -105.73
CA HIS A 2726 -49.66 -66.42 -105.23
C HIS A 2726 -49.82 -65.86 -103.82
N SER A 2727 -50.96 -65.24 -103.54
CA SER A 2727 -51.22 -64.69 -102.21
C SER A 2727 -51.41 -65.80 -101.19
N HIS A 2728 -52.05 -66.90 -101.59
CA HIS A 2728 -52.14 -68.06 -100.70
C HIS A 2728 -50.75 -68.60 -100.37
N ASP A 2729 -49.89 -68.69 -101.39
CA ASP A 2729 -48.51 -69.11 -101.13
C ASP A 2729 -47.79 -68.14 -100.20
N LYS A 2730 -47.99 -66.84 -100.41
CA LYS A 2730 -47.36 -65.82 -99.57
C LYS A 2730 -47.84 -65.91 -98.14
N TRP A 2731 -49.15 -66.10 -97.93
CA TRP A 2731 -49.68 -66.25 -96.58
C TRP A 2731 -49.11 -67.49 -95.92
N SER A 2732 -49.03 -68.61 -96.65
CA SER A 2732 -48.46 -69.82 -96.08
C SER A 2732 -47.02 -69.59 -95.65
N MET A 2733 -46.22 -68.96 -96.51
CA MET A 2733 -44.82 -68.71 -96.20
C MET A 2733 -44.68 -67.79 -94.99
N ASP A 2734 -45.47 -66.71 -94.95
CA ASP A 2734 -45.37 -65.76 -93.85
C ASP A 2734 -45.79 -66.40 -92.53
N LYS A 2735 -46.88 -67.17 -92.55
CA LYS A 2735 -47.35 -67.80 -91.32
C LYS A 2735 -46.38 -68.86 -90.83
N LEU A 2736 -45.79 -69.64 -91.73
CA LEU A 2736 -44.81 -70.62 -91.27
C LEU A 2736 -43.54 -69.95 -90.76
N ALA A 2737 -43.16 -68.81 -91.36
CA ALA A 2737 -42.02 -68.06 -90.84
C ALA A 2737 -42.29 -67.52 -89.45
N ASN A 2738 -43.51 -67.01 -89.21
CA ASN A 2738 -43.87 -66.53 -87.88
C ASN A 2738 -43.96 -67.68 -86.88
N GLY A 2739 -44.40 -68.86 -87.33
CA GLY A 2739 -44.53 -70.00 -86.43
C GLY A 2739 -45.96 -70.48 -86.29
N TRP A 2740 -46.76 -70.28 -87.34
CA TRP A 2740 -48.16 -70.68 -87.32
C TRP A 2740 -48.30 -72.18 -87.51
N ILE A 2741 -49.46 -72.70 -87.08
CA ILE A 2741 -49.79 -74.11 -87.21
C ILE A 2741 -51.16 -74.21 -87.87
N TYR A 2742 -51.41 -75.33 -88.54
CA TYR A 2742 -52.71 -75.56 -89.15
C TYR A 2742 -53.78 -75.75 -88.09
N GLY A 2743 -54.94 -75.13 -88.32
CA GLY A 2743 -56.05 -75.25 -87.39
C GLY A 2743 -57.30 -74.61 -87.97
N GLU A 2744 -58.45 -75.08 -87.46
CA GLU A 2744 -59.72 -74.58 -87.95
C GLU A 2744 -59.90 -73.09 -87.63
N ILE A 2745 -59.54 -72.69 -86.40
CA ILE A 2745 -59.69 -71.31 -86.00
C ILE A 2745 -58.53 -70.47 -86.53
N TYR A 2746 -58.80 -69.20 -86.81
CA TYR A 2746 -57.79 -68.29 -87.32
C TYR A 2746 -57.24 -67.35 -86.25
N SER A 2747 -57.50 -67.65 -84.98
CA SER A 2747 -57.02 -66.79 -83.90
C SER A 2747 -55.51 -66.81 -83.83
N ASP A 2748 -54.92 -65.64 -83.60
CA ASP A 2748 -53.47 -65.50 -83.52
C ASP A 2748 -52.90 -65.74 -82.13
N SER A 2749 -53.77 -65.91 -81.12
CA SER A 2749 -53.29 -66.16 -79.77
C SER A 2749 -52.51 -67.47 -79.69
N SER A 2750 -53.05 -68.53 -80.30
CA SER A 2750 -52.37 -69.82 -80.39
C SER A 2750 -51.65 -70.02 -81.71
N LYS A 2751 -51.69 -69.04 -82.60
CA LYS A 2751 -51.03 -69.12 -83.91
C LYS A 2751 -51.52 -70.32 -84.71
N ILE A 2752 -52.82 -70.31 -85.00
CA ILE A 2752 -53.46 -71.34 -85.80
C ILE A 2752 -54.18 -70.69 -86.97
N GLN A 2753 -53.99 -71.24 -88.17
CA GLN A 2753 -54.62 -70.69 -89.37
C GLN A 2753 -55.14 -71.83 -90.24
N PRO A 2754 -56.32 -71.67 -90.85
CA PRO A 2754 -56.80 -72.65 -91.83
C PRO A 2754 -56.36 -72.37 -93.27
N LEU A 2755 -55.54 -71.34 -93.50
CA LEU A 2755 -55.10 -70.95 -94.83
C LEU A 2755 -53.62 -71.26 -95.04
N MET A 2756 -53.16 -72.39 -94.51
CA MET A 2756 -51.77 -72.79 -94.67
C MET A 2756 -51.73 -74.08 -95.49
N LEU A 2761 -53.24 -66.02 -89.81
CA LEU A 2761 -53.95 -64.86 -89.32
C LEU A 2761 -55.28 -64.67 -90.07
N LEU A 2762 -55.22 -64.82 -91.39
CA LEU A 2762 -56.40 -64.70 -92.23
C LEU A 2762 -56.88 -66.08 -92.67
N SER A 2763 -58.19 -66.28 -92.62
CA SER A 2763 -58.79 -67.56 -92.93
C SER A 2763 -59.23 -67.60 -94.38
N GLU A 2764 -59.90 -68.70 -94.78
CA GLU A 2764 -60.42 -68.81 -96.13
C GLU A 2764 -61.51 -67.76 -96.38
N LYS A 2765 -62.35 -67.52 -95.37
CA LYS A 2765 -63.35 -66.45 -95.48
C LYS A 2765 -62.68 -65.10 -95.63
N GLU A 2766 -61.61 -64.86 -94.89
CA GLU A 2766 -60.88 -63.60 -95.02
C GLU A 2766 -60.29 -63.45 -96.41
N LYS A 2767 -59.73 -64.53 -96.96
CA LYS A 2767 -59.18 -64.47 -98.32
C LYS A 2767 -60.27 -64.20 -99.34
N GLU A 2768 -61.43 -64.85 -99.22
CA GLU A 2768 -62.47 -64.67 -100.22
C GLU A 2768 -63.13 -63.31 -100.10
N ILE A 2769 -63.14 -62.70 -98.92
CA ILE A 2769 -63.68 -61.34 -98.84
C ILE A 2769 -62.64 -60.33 -99.30
N TYR A 2770 -61.36 -60.56 -99.03
CA TYR A 2770 -60.30 -59.69 -99.53
C TYR A 2770 -60.14 -59.80 -101.05
N ARG A 2771 -60.67 -60.86 -101.64
CA ARG A 2771 -60.72 -60.92 -103.11
C ARG A 2771 -61.56 -59.80 -103.69
N TRP A 2772 -62.60 -59.37 -102.98
CA TRP A 2772 -63.51 -58.37 -103.51
C TRP A 2772 -62.86 -57.01 -103.78
N PRO A 2773 -62.06 -56.43 -102.87
CA PRO A 2773 -61.45 -55.13 -103.19
C PRO A 2773 -60.54 -55.18 -104.42
N ILE A 2774 -59.93 -56.32 -104.70
CA ILE A 2774 -59.10 -56.44 -105.91
C ILE A 2774 -59.96 -56.23 -107.16
N LYS A 2775 -61.10 -56.93 -107.21
CA LYS A 2775 -62.00 -56.78 -108.35
C LYS A 2775 -62.58 -55.38 -108.41
N GLU A 2776 -62.88 -54.79 -107.25
CA GLU A 2776 -63.39 -53.42 -107.22
C GLU A 2776 -62.37 -52.44 -107.79
N SER A 2777 -61.11 -52.59 -107.41
CA SER A 2777 -60.06 -51.72 -107.94
C SER A 2777 -59.88 -51.92 -109.45
N LEU A 2778 -59.92 -53.17 -109.90
CA LEU A 2778 -59.81 -53.43 -111.33
C LEU A 2778 -60.96 -52.78 -112.10
N LYS A 2779 -62.18 -52.91 -111.58
CA LYS A 2779 -63.33 -52.27 -112.23
C LYS A 2779 -63.19 -50.75 -112.23
N THR A 2780 -62.73 -50.18 -111.13
CA THR A 2780 -62.60 -48.73 -111.03
C THR A 2780 -61.57 -48.20 -112.04
N MET A 2781 -60.38 -48.82 -112.07
CA MET A 2781 -59.37 -48.33 -112.99
C MET A 2781 -59.58 -48.79 -114.42
N LEU A 2782 -60.52 -49.71 -114.67
CA LEU A 2782 -60.95 -49.97 -116.04
C LEU A 2782 -61.97 -48.94 -116.50
N ALA A 2783 -62.89 -48.55 -115.62
CA ALA A 2783 -63.84 -47.49 -115.96
C ALA A 2783 -63.15 -46.15 -116.12
N TRP A 2784 -62.08 -45.92 -115.35
CA TRP A 2784 -61.31 -44.68 -115.47
C TRP A 2784 -60.64 -44.59 -116.83
N ASP A 2835 -46.98 -44.26 -114.67
CA ASP A 2835 -47.40 -45.51 -115.29
C ASP A 2835 -48.11 -46.40 -114.28
N LEU A 2836 -47.54 -47.59 -114.05
CA LEU A 2836 -48.13 -48.52 -113.10
C LEU A 2836 -48.14 -47.95 -111.69
N HIS A 2837 -47.04 -47.30 -111.29
CA HIS A 2837 -46.99 -46.69 -109.95
C HIS A 2837 -48.00 -45.56 -109.83
N ALA A 2838 -48.14 -44.73 -110.86
CA ALA A 2838 -49.11 -43.64 -110.83
C ALA A 2838 -50.54 -44.19 -110.73
N MET A 2839 -50.84 -45.23 -111.49
CA MET A 2839 -52.17 -45.84 -111.41
C MET A 2839 -52.40 -46.50 -110.06
N ALA A 2840 -51.33 -47.05 -109.46
CA ALA A 2840 -51.45 -47.60 -108.11
C ALA A 2840 -51.76 -46.51 -107.09
N GLU A 2841 -51.11 -45.37 -107.22
CA GLU A 2841 -51.43 -44.25 -106.33
C GLU A 2841 -52.86 -43.77 -106.53
N MET A 2842 -53.32 -43.72 -107.78
CA MET A 2842 -54.70 -43.33 -108.06
C MET A 2842 -55.69 -44.31 -107.44
N MET A 2843 -55.41 -45.61 -107.56
CA MET A 2843 -56.29 -46.62 -106.98
C MET A 2843 -56.28 -46.54 -105.45
N ALA A 2844 -55.11 -46.27 -104.86
CA ALA A 2844 -55.04 -46.10 -103.42
C ALA A 2844 -55.86 -44.91 -102.96
N GLU A 2845 -55.79 -43.80 -103.71
CA GLU A 2845 -56.63 -42.65 -103.38
C GLU A 2845 -58.11 -42.99 -103.52
N ASN A 2846 -58.47 -43.74 -104.55
CA ASN A 2846 -59.88 -44.12 -104.72
C ASN A 2846 -60.36 -44.97 -103.56
N TYR A 2847 -59.55 -45.95 -103.12
CA TYR A 2847 -59.96 -46.80 -102.02
C TYR A 2847 -60.01 -46.02 -100.71
N HIS A 2848 -59.07 -45.08 -100.51
CA HIS A 2848 -59.12 -44.23 -99.33
C HIS A 2848 -60.37 -43.38 -99.33
N ASN A 2849 -60.76 -42.85 -100.51
CA ASN A 2849 -61.97 -42.04 -100.60
C ASN A 2849 -63.22 -42.86 -100.30
N ILE A 2850 -63.29 -44.08 -100.83
CA ILE A 2850 -64.47 -44.90 -100.58
C ILE A 2850 -64.54 -45.33 -99.11
N TRP A 2851 -63.38 -45.61 -98.50
CA TRP A 2851 -63.36 -45.93 -97.08
C TRP A 2851 -63.77 -44.72 -96.24
N ALA A 2852 -63.33 -43.52 -96.63
CA ALA A 2852 -63.74 -42.32 -95.93
C ALA A 2852 -65.24 -42.10 -96.06
N LYS A 2853 -65.80 -42.36 -97.25
CA LYS A 2853 -67.24 -42.24 -97.43
C LYS A 2853 -67.99 -43.24 -96.54
N LYS A 2854 -67.50 -44.48 -96.49
CA LYS A 2854 -68.15 -45.49 -95.66
C LYS A 2854 -68.10 -45.11 -94.17
N LYS A 2855 -66.94 -44.64 -93.70
CA LYS A 2855 -66.84 -44.26 -92.29
C LYS A 2855 -67.64 -43.00 -91.98
N LYS A 2856 -67.77 -42.09 -92.95
CA LYS A 2856 -68.63 -40.93 -92.76
C LYS A 2856 -70.09 -41.35 -92.66
N LEU A 2857 -70.51 -42.29 -93.49
CA LEU A 2857 -71.87 -42.81 -93.39
C LEU A 2857 -72.10 -43.48 -92.04
N GLU A 2858 -71.11 -44.25 -91.57
CA GLU A 2858 -71.22 -44.89 -90.26
C GLU A 2858 -71.33 -43.84 -89.15
N LEU A 2859 -70.53 -42.78 -89.23
CA LEU A 2859 -70.59 -41.72 -88.23
C LEU A 2859 -71.95 -41.01 -88.26
N GLU A 2860 -72.48 -40.76 -89.45
CA GLU A 2860 -73.79 -40.14 -89.56
C GLU A 2860 -74.87 -41.04 -88.96
N SER A 2861 -74.78 -42.35 -89.21
CA SER A 2861 -75.74 -43.29 -88.63
C SER A 2861 -75.64 -43.30 -87.11
N LYS A 2862 -74.42 -43.28 -86.58
CA LYS A 2862 -74.21 -43.34 -85.13
C LYS A 2862 -74.40 -41.99 -84.45
N GLY A 2863 -74.56 -40.92 -85.21
CA GLY A 2863 -74.73 -39.60 -84.62
C GLY A 2863 -73.51 -39.08 -83.87
N GLY A 2864 -72.31 -39.28 -84.44
CA GLY A 2864 -71.08 -38.83 -83.83
C GLY A 2864 -70.37 -37.80 -84.70
N GLY A 2865 -69.30 -37.24 -84.14
CA GLY A 2865 -68.53 -36.24 -84.85
C GLY A 2865 -67.72 -36.84 -85.99
N ASN A 2866 -67.36 -35.97 -86.93
CA ASN A 2866 -66.60 -36.39 -88.11
C ASN A 2866 -65.11 -36.44 -87.79
N HIS A 2867 -64.48 -37.57 -88.04
CA HIS A 2867 -63.05 -37.71 -87.82
C HIS A 2867 -62.27 -36.92 -88.86
N PRO A 2868 -61.04 -36.49 -88.54
CA PRO A 2868 -60.23 -35.77 -89.53
C PRO A 2868 -59.86 -36.60 -90.75
N LEU A 2869 -59.99 -37.92 -90.68
CA LEU A 2869 -59.64 -38.79 -91.79
C LEU A 2869 -60.56 -38.62 -92.99
N LEU A 2870 -61.69 -37.92 -92.84
CA LEU A 2870 -62.62 -37.74 -93.95
C LEU A 2870 -61.99 -36.94 -95.09
N VAL A 2871 -61.07 -36.04 -94.78
CA VAL A 2871 -60.41 -35.22 -95.79
C VAL A 2871 -59.54 -36.13 -96.66
N PRO A 2872 -59.25 -35.75 -97.91
CA PRO A 2872 -58.54 -36.66 -98.81
C PRO A 2872 -57.12 -37.00 -98.36
N TYR A 2873 -56.46 -37.88 -99.11
CA TYR A 2873 -55.11 -38.31 -98.75
C TYR A 2873 -54.15 -37.13 -98.73
N ASP A 2874 -54.26 -36.25 -99.72
CA ASP A 2874 -53.35 -35.10 -99.81
C ASP A 2874 -53.51 -34.18 -98.62
N THR A 2875 -54.76 -33.91 -98.22
CA THR A 2875 -54.99 -33.10 -97.03
C THR A 2875 -54.48 -33.80 -95.78
N LEU A 2876 -54.65 -35.12 -95.71
CA LEU A 2876 -54.09 -35.88 -94.60
C LEU A 2876 -52.58 -35.99 -94.75
N THR A 2877 -51.95 -36.60 -93.75
CA THR A 2877 -50.51 -36.81 -93.76
C THR A 2877 -50.14 -37.89 -94.78
N ALA A 2878 -48.84 -37.95 -95.10
CA ALA A 2878 -48.35 -38.96 -96.02
C ALA A 2878 -48.26 -40.34 -95.40
N LYS A 2879 -48.20 -40.43 -94.07
CA LYS A 2879 -48.06 -41.73 -93.43
C LYS A 2879 -49.29 -42.61 -93.64
N GLU A 2880 -50.49 -42.02 -93.59
CA GLU A 2880 -51.69 -42.80 -93.79
C GLU A 2880 -51.80 -43.29 -95.24
N LYS A 2881 -51.23 -42.55 -96.19
CA LYS A 2881 -51.26 -42.98 -97.58
C LYS A 2881 -50.50 -44.29 -97.76
N ALA A 2882 -49.36 -44.44 -97.06
CA ALA A 2882 -48.48 -45.58 -97.28
C ALA A 2882 -49.18 -46.91 -97.04
N LYS A 2883 -50.15 -46.95 -96.11
CA LYS A 2883 -50.85 -48.19 -95.83
C LYS A 2883 -51.61 -48.68 -97.07
N ASP A 2884 -52.28 -47.79 -97.77
CA ASP A 2884 -52.96 -48.15 -99.02
C ASP A 2884 -51.98 -48.29 -100.17
N ARG A 2885 -50.89 -47.50 -100.15
CA ARG A 2885 -49.91 -47.56 -101.22
C ARG A 2885 -49.20 -48.91 -101.27
N GLU A 2886 -48.96 -49.52 -100.10
CA GLU A 2886 -48.36 -50.84 -100.07
C GLU A 2886 -49.25 -51.86 -100.76
N LYS A 2887 -50.56 -51.83 -100.46
CA LYS A 2887 -51.49 -52.75 -101.10
C LYS A 2887 -51.58 -52.49 -102.60
N ALA A 2888 -51.61 -51.21 -102.99
CA ALA A 2888 -51.66 -50.88 -104.42
C ALA A 2888 -50.41 -51.36 -105.15
N GLN A 2889 -49.24 -51.17 -104.54
CA GLN A 2889 -48.00 -51.65 -105.14
C GLN A 2889 -47.99 -53.16 -105.25
N ASP A 2890 -48.52 -53.85 -104.23
CA ASP A 2890 -48.58 -55.31 -104.28
C ASP A 2890 -49.50 -55.79 -105.41
N ILE A 2891 -50.70 -55.23 -105.51
CA ILE A 2891 -51.62 -55.68 -106.55
C ILE A 2891 -51.08 -55.35 -107.93
N PHE A 2892 -50.38 -54.21 -108.08
CA PHE A 2892 -49.82 -53.88 -109.37
C PHE A 2892 -48.61 -54.75 -109.71
N LYS A 2893 -47.84 -55.17 -108.70
CA LYS A 2893 -46.79 -56.15 -108.94
C LYS A 2893 -47.38 -57.47 -109.43
N PHE A 2894 -48.47 -57.91 -108.80
CA PHE A 2894 -49.14 -59.12 -109.28
C PHE A 2894 -49.67 -58.93 -110.71
N LEU A 2895 -50.19 -57.73 -111.00
CA LEU A 2895 -50.71 -57.46 -112.34
C LEU A 2895 -49.60 -57.52 -113.39
N GLN A 2896 -48.45 -56.92 -113.10
CA GLN A 2896 -47.36 -56.95 -114.08
C GLN A 2896 -46.72 -58.32 -114.18
N ILE A 2897 -46.75 -59.10 -113.08
CA ILE A 2897 -46.30 -60.49 -113.17
C ILE A 2897 -47.23 -61.29 -114.08
N SER A 2898 -48.55 -61.08 -113.94
CA SER A 2898 -49.50 -61.75 -114.81
C SER A 2898 -49.30 -61.34 -116.26
N GLY A 2899 -49.08 -60.05 -116.51
CA GLY A 2899 -48.80 -59.57 -117.85
C GLY A 2899 -49.84 -58.65 -118.43
N TYR A 2900 -50.50 -57.86 -117.56
CA TYR A 2900 -51.51 -56.90 -117.98
C TYR A 2900 -51.07 -55.50 -117.58
N VAL A 2901 -51.18 -54.56 -118.51
CA VAL A 2901 -50.81 -53.16 -118.28
C VAL A 2901 -52.05 -52.31 -118.53
N VAL A 2902 -52.37 -51.44 -117.57
CA VAL A 2902 -53.54 -50.58 -117.65
C VAL A 2902 -53.13 -49.16 -117.28
N SER A 2903 -53.87 -48.19 -117.79
CA SER A 2903 -53.62 -46.78 -117.51
C SER A 2903 -54.95 -46.05 -117.51
N ARG A 2904 -54.89 -44.70 -117.45
CA ARG A 2904 -56.10 -43.91 -117.47
C ARG A 2904 -56.86 -44.06 -118.79
N GLY A 2905 -56.14 -44.08 -119.90
CA GLY A 2905 -56.75 -44.23 -121.21
C GLY A 2905 -57.47 -42.96 -121.67
N ILE A 2916 -43.63 -31.50 -131.13
CA ILE A 2916 -42.18 -31.55 -131.07
C ILE A 2916 -41.66 -30.32 -130.31
N GLU A 2917 -40.38 -30.38 -129.94
CA GLU A 2917 -39.74 -29.23 -129.29
C GLU A 2917 -40.02 -27.95 -130.05
N LYS A 2918 -40.22 -28.07 -131.37
CA LYS A 2918 -40.73 -26.94 -132.13
C LYS A 2918 -42.18 -26.63 -131.72
N ARG A 2919 -42.96 -27.66 -131.36
CA ARG A 2919 -44.37 -27.44 -131.04
C ARG A 2919 -44.55 -26.68 -129.73
N PHE A 2920 -43.66 -26.86 -128.76
CA PHE A 2920 -43.77 -26.08 -127.52
C PHE A 2920 -43.82 -24.58 -127.81
N ALA A 2921 -42.72 -24.05 -128.34
CA ALA A 2921 -42.67 -22.66 -128.74
C ALA A 2921 -43.78 -22.37 -129.74
N TYR A 2922 -43.90 -23.19 -130.78
CA TYR A 2922 -44.88 -22.91 -131.83
C TYR A 2922 -46.27 -22.72 -131.25
N SER A 2923 -46.62 -23.48 -130.21
CA SER A 2923 -47.91 -23.29 -129.56
C SER A 2923 -47.98 -21.94 -128.87
N PHE A 2924 -46.98 -21.60 -128.05
CA PHE A 2924 -47.22 -20.40 -127.25
C PHE A 2924 -46.97 -19.14 -128.12
N LEU A 2925 -45.91 -19.15 -128.92
CA LEU A 2925 -45.73 -18.18 -129.98
C LEU A 2925 -46.89 -18.15 -130.98
N GLN A 2926 -47.63 -19.25 -131.14
CA GLN A 2926 -48.77 -19.23 -132.04
C GLN A 2926 -49.95 -18.52 -131.40
N GLN A 2927 -50.12 -18.70 -130.09
CA GLN A 2927 -51.01 -17.82 -129.35
C GLN A 2927 -50.61 -16.37 -129.55
N LEU A 2928 -49.31 -16.10 -129.53
CA LEU A 2928 -48.82 -14.73 -129.75
C LEU A 2928 -49.13 -14.23 -131.17
N ILE A 2929 -48.92 -15.06 -132.18
CA ILE A 2929 -49.14 -14.65 -133.56
C ILE A 2929 -50.64 -14.47 -133.83
N ARG A 2930 -51.46 -15.36 -133.28
CA ARG A 2930 -52.91 -15.17 -133.36
C ARG A 2930 -53.32 -13.89 -132.65
N TYR A 2931 -52.70 -13.61 -131.51
CA TYR A 2931 -52.94 -12.36 -130.80
C TYR A 2931 -52.60 -11.16 -131.68
N VAL A 2932 -51.47 -11.21 -132.36
CA VAL A 2932 -51.02 -10.08 -133.16
C VAL A 2932 -51.90 -9.91 -134.39
N ASP A 2933 -52.30 -11.02 -135.02
CA ASP A 2933 -53.22 -10.93 -136.15
C ASP A 2933 -54.58 -10.38 -135.71
N GLU A 2934 -55.08 -10.84 -134.56
CA GLU A 2934 -56.32 -10.31 -134.04
C GLU A 2934 -56.20 -8.83 -133.71
N ALA A 2935 -55.07 -8.43 -133.14
CA ALA A 2935 -54.85 -7.01 -132.85
C ALA A 2935 -54.79 -6.18 -134.11
N HIS A 2936 -54.14 -6.71 -135.16
CA HIS A 2936 -54.14 -6.04 -136.45
C HIS A 2936 -55.56 -5.86 -136.96
N GLN A 2937 -56.39 -6.90 -136.84
CA GLN A 2937 -57.77 -6.80 -137.26
C GLN A 2937 -58.54 -5.76 -136.45
N TYR A 2938 -58.33 -5.75 -135.13
CA TYR A 2938 -59.00 -4.76 -134.29
C TYR A 2938 -58.58 -3.34 -134.63
N ILE A 2939 -57.29 -3.12 -134.86
CA ILE A 2939 -56.83 -1.77 -135.20
C ILE A 2939 -57.37 -1.35 -136.57
N LEU A 2940 -57.36 -2.28 -137.54
CA LEU A 2940 -57.90 -1.94 -138.85
C LEU A 2940 -59.38 -1.61 -138.78
N GLU A 2941 -60.15 -2.41 -138.04
CA GLU A 2941 -61.59 -2.14 -137.89
C GLU A 2941 -61.83 -0.83 -137.15
N PHE A 2942 -61.04 -0.56 -136.11
CA PHE A 2942 -61.20 0.66 -135.32
C PHE A 2942 -60.85 1.89 -136.14
N ASP A 2943 -59.85 1.79 -137.01
CA ASP A 2943 -59.51 2.91 -137.88
C ASP A 2943 -60.56 3.10 -138.97
N GLY A 2944 -61.09 1.99 -139.52
CA GLY A 2944 -62.11 2.10 -140.55
C GLY A 2944 -63.41 2.69 -140.03
N GLY A 2945 -63.84 2.24 -138.85
CA GLY A 2945 -65.05 2.79 -138.25
C GLY A 2945 -64.77 4.11 -137.54
N SER A 2946 -65.72 5.03 -137.67
CA SER A 2946 -65.58 6.33 -137.03
C SER A 2946 -65.63 6.20 -135.51
N ARG A 2947 -64.75 6.92 -134.84
CA ARG A 2947 -64.74 6.91 -133.38
C ARG A 2947 -66.00 7.55 -132.83
N SER A 2948 -66.57 6.93 -131.80
CA SER A 2948 -67.77 7.42 -131.16
C SER A 2948 -67.40 8.07 -129.83
N LYS A 2949 -67.80 9.33 -129.66
CA LYS A 2949 -67.50 10.04 -128.42
C LYS A 2949 -68.34 9.48 -127.28
N GLY A 2950 -67.68 9.15 -126.17
CA GLY A 2950 -68.35 8.58 -125.02
C GLY A 2950 -68.54 7.08 -125.06
N GLU A 2951 -68.17 6.42 -126.17
CA GLU A 2951 -68.30 4.98 -126.31
C GLU A 2951 -66.93 4.41 -126.63
N HIS A 2952 -66.37 3.62 -125.71
CA HIS A 2952 -65.07 3.01 -125.92
C HIS A 2952 -65.20 1.77 -126.79
N PHE A 2953 -64.34 1.65 -127.79
CA PHE A 2953 -64.40 0.53 -128.70
C PHE A 2953 -64.01 -0.76 -128.00
N PRO A 2954 -64.78 -1.84 -128.14
CA PRO A 2954 -64.32 -3.14 -127.63
C PRO A 2954 -63.02 -3.59 -128.28
N TYR A 2955 -62.83 -3.26 -129.56
CA TYR A 2955 -61.55 -3.52 -130.20
C TYR A 2955 -60.42 -2.75 -129.51
N GLU A 2956 -60.68 -1.49 -129.15
CA GLU A 2956 -59.68 -0.72 -128.43
C GLU A 2956 -59.39 -1.31 -127.06
N GLN A 2957 -60.43 -1.83 -126.38
CA GLN A 2957 -60.22 -2.50 -125.11
C GLN A 2957 -59.34 -3.73 -125.28
N GLU A 2958 -59.58 -4.51 -126.33
CA GLU A 2958 -58.75 -5.68 -126.60
C GLU A 2958 -57.32 -5.26 -126.91
N ILE A 2959 -57.14 -4.17 -127.64
CA ILE A 2959 -55.80 -3.66 -127.93
C ILE A 2959 -55.09 -3.27 -126.65
N LYS A 2960 -55.80 -2.58 -125.74
CA LYS A 2960 -55.20 -2.20 -124.47
C LYS A 2960 -54.81 -3.43 -123.66
N PHE A 2961 -55.69 -4.43 -123.60
CA PHE A 2961 -55.39 -5.64 -122.86
C PHE A 2961 -54.16 -6.34 -123.43
N PHE A 2962 -54.09 -6.44 -124.76
CA PHE A 2962 -52.92 -7.02 -125.40
C PHE A 2962 -51.66 -6.26 -125.03
N ALA A 2963 -51.66 -4.94 -125.27
CA ALA A 2963 -50.46 -4.14 -125.06
C ALA A 2963 -50.04 -4.07 -123.59
N LYS A 2964 -50.96 -4.33 -122.66
CA LYS A 2964 -50.62 -4.29 -121.25
C LYS A 2964 -50.36 -5.65 -120.64
N VAL A 2965 -50.68 -6.74 -121.33
CA VAL A 2965 -50.43 -8.07 -120.78
C VAL A 2965 -49.50 -8.87 -121.69
N VAL A 2966 -49.93 -9.13 -122.91
CA VAL A 2966 -49.17 -9.99 -123.80
C VAL A 2966 -47.90 -9.28 -124.26
N LEU A 2967 -47.98 -7.98 -124.52
CA LEU A 2967 -46.83 -7.23 -125.01
C LEU A 2967 -45.66 -7.27 -124.02
N PRO A 2968 -45.85 -7.05 -122.72
CA PRO A 2968 -44.73 -7.27 -121.79
C PRO A 2968 -44.26 -8.72 -121.74
N LEU A 2969 -45.14 -9.68 -122.04
CA LEU A 2969 -44.81 -11.08 -121.83
C LEU A 2969 -43.83 -11.63 -122.86
N ILE A 2970 -43.85 -11.10 -124.09
CA ILE A 2970 -43.01 -11.66 -125.14
C ILE A 2970 -41.53 -11.41 -124.84
N ASP A 2971 -41.20 -10.21 -124.35
CA ASP A 2971 -39.81 -9.90 -124.02
C ASP A 2971 -39.31 -10.83 -122.92
N GLN A 2972 -40.13 -11.05 -121.89
CA GLN A 2972 -39.77 -12.02 -120.86
C GLN A 2972 -39.61 -13.41 -121.46
N TYR A 2973 -40.39 -13.74 -122.49
CA TYR A 2973 -40.19 -15.01 -123.18
C TYR A 2973 -38.78 -15.08 -123.73
N PHE A 2974 -38.44 -14.18 -124.65
CA PHE A 2974 -37.14 -14.28 -125.30
C PHE A 2974 -35.99 -14.13 -124.31
N LYS A 2975 -36.24 -13.53 -123.15
CA LYS A 2975 -35.27 -13.61 -122.06
C LYS A 2975 -35.34 -14.98 -121.39
N ASN A 2976 -34.17 -15.58 -121.17
CA ASN A 2976 -34.06 -16.88 -120.49
C ASN A 2976 -34.76 -18.00 -121.26
N HIS A 2977 -34.76 -17.93 -122.59
CA HIS A 2977 -35.28 -19.00 -123.43
C HIS A 2977 -34.48 -19.09 -124.71
N ARG A 2978 -34.25 -20.30 -125.18
CA ARG A 2978 -33.57 -20.52 -126.46
C ARG A 2978 -34.63 -20.61 -127.54
N LEU A 2979 -34.75 -19.55 -128.34
CA LEU A 2979 -35.72 -19.51 -129.44
C LEU A 2979 -35.07 -19.41 -130.81
N TYR A 2980 -33.81 -19.02 -130.91
CA TYR A 2980 -33.10 -19.07 -132.17
C TYR A 2980 -32.27 -20.33 -132.32
N PHE A 2981 -32.39 -21.27 -131.36
CA PHE A 2981 -31.96 -22.65 -131.50
C PHE A 2981 -30.50 -22.76 -131.92
N LEU A 2982 -29.67 -21.83 -131.46
CA LEU A 2982 -28.22 -21.90 -131.60
C LEU A 2982 -27.66 -21.75 -130.19
N SER A 2983 -27.55 -22.86 -129.50
CA SER A 2983 -27.13 -22.85 -128.10
C SER A 2983 -26.36 -24.13 -127.75
N SER A 2996 -36.37 -26.45 -134.40
CA SER A 2996 -36.70 -25.12 -133.91
C SER A 2996 -36.30 -24.05 -134.93
N ASN A 2997 -35.81 -24.48 -136.09
CA ASN A 2997 -35.62 -23.54 -137.18
C ASN A 2997 -36.94 -22.92 -137.60
N LYS A 2998 -38.00 -23.73 -137.61
CA LYS A 2998 -39.33 -23.18 -137.84
C LYS A 2998 -39.74 -22.23 -136.73
N GLU A 2999 -39.27 -22.47 -135.49
CA GLU A 2999 -39.47 -21.49 -134.43
C GLU A 2999 -38.81 -20.16 -134.78
N LYS A 3000 -37.59 -20.22 -135.31
CA LYS A 3000 -36.92 -19.00 -135.74
C LYS A 3000 -37.73 -18.30 -136.82
N GLU A 3001 -38.31 -19.08 -137.73
CA GLU A 3001 -39.15 -18.50 -138.78
C GLU A 3001 -40.36 -17.79 -138.18
N MET A 3002 -41.02 -18.40 -137.20
CA MET A 3002 -42.16 -17.73 -136.56
C MET A 3002 -41.72 -16.47 -135.84
N VAL A 3003 -40.55 -16.50 -135.20
CA VAL A 3003 -40.04 -15.29 -134.55
C VAL A 3003 -39.84 -14.18 -135.58
N THR A 3004 -39.25 -14.52 -136.72
CA THR A 3004 -39.04 -13.52 -137.77
C THR A 3004 -40.37 -12.98 -138.31
N SER A 3005 -41.34 -13.87 -138.53
CA SER A 3005 -42.64 -13.44 -139.04
C SER A 3005 -43.36 -12.55 -138.03
N LEU A 3006 -43.30 -12.90 -136.75
CA LEU A 3006 -43.89 -12.06 -135.72
C LEU A 3006 -43.19 -10.71 -135.67
N PHE A 3007 -41.87 -10.70 -135.86
CA PHE A 3007 -41.13 -9.44 -135.92
C PHE A 3007 -41.65 -8.59 -137.08
N CYS A 3008 -41.84 -9.21 -138.25
CA CYS A 3008 -42.34 -8.46 -139.40
C CYS A 3008 -43.72 -7.89 -139.13
N LYS A 3009 -44.62 -8.69 -138.55
CA LYS A 3009 -45.97 -8.22 -138.25
C LYS A 3009 -45.94 -7.06 -137.26
N LEU A 3010 -45.15 -7.20 -136.19
CA LEU A 3010 -45.07 -6.16 -135.19
C LEU A 3010 -44.45 -4.89 -135.76
N GLY A 3011 -43.43 -5.02 -136.61
CA GLY A 3011 -42.82 -3.86 -137.22
C GLY A 3011 -43.78 -3.13 -138.15
N VAL A 3012 -44.56 -3.89 -138.93
CA VAL A 3012 -45.58 -3.26 -139.77
C VAL A 3012 -46.61 -2.53 -138.90
N LEU A 3013 -47.01 -3.15 -137.79
CA LEU A 3013 -47.99 -2.53 -136.90
C LEU A 3013 -47.46 -1.23 -136.30
N VAL A 3014 -46.19 -1.24 -135.87
CA VAL A 3014 -45.61 -0.03 -135.29
C VAL A 3014 -45.43 1.04 -136.36
N ARG A 3015 -45.05 0.64 -137.58
CA ARG A 3015 -44.87 1.61 -138.65
C ARG A 3015 -46.19 2.30 -138.99
N HIS A 3016 -47.28 1.54 -139.04
CA HIS A 3016 -48.55 2.11 -139.47
C HIS A 3016 -49.34 2.79 -138.36
N ARG A 3017 -49.30 2.26 -137.13
CA ARG A 3017 -50.18 2.73 -136.06
C ARG A 3017 -49.39 2.91 -134.76
N ILE A 3018 -48.24 3.59 -134.84
CA ILE A 3018 -47.48 3.88 -133.62
C ILE A 3018 -48.25 4.82 -132.71
N SER A 3019 -49.00 5.77 -133.28
CA SER A 3019 -49.69 6.77 -132.47
C SER A 3019 -50.76 6.13 -131.57
N LEU A 3020 -51.33 5.00 -131.98
CA LEU A 3020 -52.33 4.35 -131.16
C LEU A 3020 -51.74 3.84 -129.85
N PHE A 3021 -50.52 3.31 -129.89
CA PHE A 3021 -49.83 2.84 -128.69
C PHE A 3021 -49.23 4.04 -127.99
N GLY A 3022 -50.10 4.81 -127.31
CA GLY A 3022 -49.65 6.01 -126.65
C GLY A 3022 -48.74 5.73 -125.47
N ASN A 3023 -49.05 4.72 -124.67
CA ASN A 3023 -48.28 4.41 -123.47
C ASN A 3023 -47.45 3.14 -123.58
N ASP A 3024 -47.79 2.23 -124.49
CA ASP A 3024 -47.06 0.98 -124.67
C ASP A 3024 -46.07 1.05 -125.83
N ALA A 3025 -45.84 2.25 -126.37
CA ALA A 3025 -44.87 2.39 -127.46
C ALA A 3025 -43.48 1.97 -127.01
N THR A 3026 -43.05 2.40 -125.82
CA THR A 3026 -41.74 2.01 -125.33
C THR A 3026 -41.66 0.50 -125.16
N SER A 3027 -42.72 -0.11 -124.63
CA SER A 3027 -42.72 -1.57 -124.44
C SER A 3027 -42.61 -2.30 -125.77
N ILE A 3028 -43.38 -1.86 -126.78
CA ILE A 3028 -43.34 -2.58 -128.05
C ILE A 3028 -42.01 -2.33 -128.77
N VAL A 3029 -41.41 -1.16 -128.60
CA VAL A 3029 -40.10 -0.93 -129.20
C VAL A 3029 -39.03 -1.78 -128.50
N ASN A 3030 -39.13 -1.93 -127.18
CA ASN A 3030 -38.23 -2.83 -126.47
C ASN A 3030 -38.39 -4.26 -126.95
N CYS A 3031 -39.64 -4.67 -127.20
CA CYS A 3031 -39.87 -6.00 -127.75
C CYS A 3031 -39.30 -6.12 -129.15
N LEU A 3032 -39.34 -5.05 -129.95
CA LEU A 3032 -38.64 -5.07 -131.23
C LEU A 3032 -37.14 -5.24 -131.05
N HIS A 3033 -36.56 -4.54 -130.06
CA HIS A 3033 -35.14 -4.69 -129.78
C HIS A 3033 -34.79 -6.13 -129.45
N ILE A 3034 -35.57 -6.76 -128.55
CA ILE A 3034 -35.23 -8.13 -128.16
C ILE A 3034 -35.54 -9.10 -129.30
N LEU A 3035 -36.53 -8.79 -130.14
CA LEU A 3035 -36.77 -9.60 -131.33
C LEU A 3035 -35.57 -9.56 -132.26
N GLY A 3036 -34.98 -8.38 -132.46
CA GLY A 3036 -33.77 -8.29 -133.26
C GLY A 3036 -32.60 -9.00 -132.61
N GLN A 3037 -32.49 -8.91 -131.28
CA GLN A 3037 -31.41 -9.58 -130.57
C GLN A 3037 -31.51 -11.09 -130.72
N THR A 3038 -32.72 -11.63 -130.64
CA THR A 3038 -32.95 -13.06 -130.75
C THR A 3038 -33.14 -13.53 -132.19
N LEU A 3039 -33.17 -12.60 -133.16
CA LEU A 3039 -33.41 -12.96 -134.54
C LEU A 3039 -32.17 -13.59 -135.15
N ASP A 3040 -32.37 -14.66 -135.91
CA ASP A 3040 -31.30 -15.36 -136.61
C ASP A 3040 -31.48 -15.05 -138.10
N ALA A 3041 -30.76 -14.04 -138.59
CA ALA A 3041 -30.87 -13.68 -140.01
C ALA A 3041 -30.29 -14.77 -140.90
N ARG A 3042 -29.32 -15.54 -140.39
CA ARG A 3042 -28.85 -16.70 -141.13
C ARG A 3042 -29.98 -17.67 -141.38
N THR A 3043 -30.86 -17.85 -140.39
CA THR A 3043 -32.05 -18.67 -140.59
C THR A 3043 -33.10 -17.94 -141.42
N VAL A 3044 -33.11 -16.61 -141.39
CA VAL A 3044 -33.97 -15.88 -142.32
C VAL A 3044 -33.56 -16.19 -143.76
N MET A 3045 -32.27 -16.47 -143.98
CA MET A 3045 -31.80 -16.75 -145.33
C MET A 3045 -31.96 -18.24 -145.68
N LYS A 3046 -31.57 -19.15 -144.78
CA LYS A 3046 -31.75 -20.59 -144.97
C LYS A 3046 -32.69 -21.15 -143.91
N THR A 3047 -33.50 -22.13 -144.31
CA THR A 3047 -34.50 -22.73 -143.42
C THR A 3047 -35.42 -21.66 -142.86
N GLY A 3048 -35.76 -20.69 -143.68
CA GLY A 3048 -36.73 -19.66 -143.32
C GLY A 3048 -37.70 -19.46 -144.46
N LEU A 3049 -38.97 -19.28 -144.11
CA LEU A 3049 -40.00 -19.20 -145.13
C LEU A 3049 -39.77 -17.99 -146.02
N ASP A 3050 -39.80 -18.23 -147.34
CA ASP A 3050 -39.38 -17.22 -148.30
C ASP A 3050 -40.32 -16.02 -148.27
N SER A 3051 -41.62 -16.25 -148.09
CA SER A 3051 -42.53 -15.12 -147.97
C SER A 3051 -42.23 -14.30 -146.72
N VAL A 3052 -41.85 -14.96 -145.62
CA VAL A 3052 -41.49 -14.24 -144.40
C VAL A 3052 -40.24 -13.41 -144.62
N LYS A 3053 -39.21 -13.97 -145.27
CA LYS A 3053 -37.99 -13.20 -145.47
C LYS A 3053 -38.22 -12.06 -146.48
N SER A 3054 -39.06 -12.28 -147.48
CA SER A 3054 -39.42 -11.19 -148.39
C SER A 3054 -40.23 -10.11 -147.67
N ALA A 3055 -41.06 -10.50 -146.71
CA ALA A 3055 -41.77 -9.53 -145.90
C ALA A 3055 -40.81 -8.74 -145.02
N LEU A 3056 -39.76 -9.39 -144.52
CA LEU A 3056 -38.72 -8.67 -143.79
C LEU A 3056 -38.01 -7.67 -144.69
N ARG A 3057 -37.71 -8.07 -145.92
CA ARG A 3057 -37.13 -7.13 -146.89
C ARG A 3057 -38.07 -5.96 -147.14
N ALA A 3058 -39.38 -6.24 -147.28
CA ALA A 3058 -40.35 -5.19 -147.50
C ALA A 3058 -40.46 -4.26 -146.31
N PHE A 3059 -40.37 -4.80 -145.10
CA PHE A 3059 -40.39 -3.96 -143.90
C PHE A 3059 -39.16 -3.07 -143.82
N LEU A 3060 -37.99 -3.61 -144.18
CA LEU A 3060 -36.78 -2.79 -144.22
C LEU A 3060 -36.90 -1.71 -145.28
N ASP A 3061 -37.52 -2.03 -146.43
CA ASP A 3061 -37.76 -1.04 -147.46
C ASP A 3061 -38.74 0.03 -146.98
N ASN A 3062 -39.74 -0.37 -146.19
CA ASN A 3062 -40.66 0.60 -145.61
C ASN A 3062 -39.94 1.51 -144.63
N ALA A 3063 -39.01 0.95 -143.86
CA ALA A 3063 -38.18 1.78 -142.98
C ALA A 3063 -37.35 2.76 -143.80
N ALA A 3064 -36.81 2.32 -144.93
CA ALA A 3064 -36.08 3.21 -145.82
C ALA A 3064 -36.98 4.33 -146.35
N GLU A 3065 -38.21 3.98 -146.72
CA GLU A 3065 -39.15 4.99 -147.22
C GLU A 3065 -39.50 6.00 -146.13
N ASP A 3066 -39.70 5.52 -144.90
CA ASP A 3066 -39.96 6.44 -143.80
C ASP A 3066 -38.75 7.33 -143.54
N LEU A 3067 -37.55 6.78 -143.66
CA LEU A 3067 -36.33 7.59 -143.50
C LEU A 3067 -36.24 8.65 -144.59
N GLU A 3068 -36.60 8.30 -145.82
CA GLU A 3068 -36.60 9.28 -146.91
C GLU A 3068 -37.64 10.36 -146.68
N LYS A 3069 -38.82 9.99 -146.19
CA LYS A 3069 -39.84 10.99 -145.87
C LYS A 3069 -39.37 11.91 -144.76
N THR A 3070 -38.69 11.36 -143.75
CA THR A 3070 -38.12 12.18 -142.69
C THR A 3070 -37.04 13.11 -143.24
N MET A 3071 -36.22 12.60 -144.16
CA MET A 3071 -35.25 13.42 -144.87
C MET A 3071 -35.93 14.62 -145.52
N GLU A 3072 -36.99 14.37 -146.27
CA GLU A 3072 -37.67 15.43 -146.99
C GLU A 3072 -38.31 16.44 -146.03
N ASN A 3073 -38.95 15.93 -144.98
CA ASN A 3073 -39.61 16.82 -144.03
C ASN A 3073 -38.61 17.69 -143.30
N LEU A 3074 -37.49 17.13 -142.86
CA LEU A 3074 -36.50 17.91 -142.14
C LEU A 3074 -35.79 18.90 -143.06
N LYS A 3075 -35.56 18.52 -144.32
CA LYS A 3075 -34.98 19.46 -145.27
C LYS A 3075 -35.94 20.61 -145.55
N GLN A 3076 -37.23 20.32 -145.65
CA GLN A 3076 -38.23 21.38 -145.82
C GLN A 3076 -38.42 22.20 -144.56
N GLY A 3077 -38.03 21.67 -143.40
CA GLY A 3077 -38.16 22.38 -142.14
C GLY A 3077 -39.27 21.90 -141.23
N GLN A 3078 -39.88 20.75 -141.53
CA GLN A 3078 -40.98 20.22 -140.72
C GLN A 3078 -40.41 19.23 -139.72
N PHE A 3079 -40.47 19.59 -138.44
CA PHE A 3079 -40.05 18.71 -137.36
C PHE A 3079 -40.92 18.99 -136.14
N THR A 3080 -40.54 18.42 -135.00
CA THR A 3080 -41.34 18.58 -133.79
C THR A 3080 -41.39 20.04 -133.34
N HIS A 3081 -40.26 20.74 -133.43
CA HIS A 3081 -40.24 22.15 -133.04
C HIS A 3081 -41.05 23.03 -133.98
N THR A 3082 -41.33 22.56 -135.20
CA THR A 3082 -42.13 23.33 -136.14
C THR A 3082 -43.61 23.18 -135.79
N ARG A 3083 -44.25 24.27 -135.40
CA ARG A 3083 -45.67 24.23 -135.05
C ARG A 3083 -46.53 23.88 -136.26
N SER A 3084 -46.22 24.45 -137.42
CA SER A 3084 -46.98 24.19 -138.64
C SER A 3084 -46.44 22.92 -139.31
N GLN A 3085 -46.85 21.78 -138.75
CA GLN A 3085 -46.42 20.48 -139.25
C GLN A 3085 -47.65 19.60 -139.41
N PRO A 3086 -47.82 18.92 -140.55
CA PRO A 3086 -48.99 18.05 -140.73
C PRO A 3086 -48.99 16.90 -139.73
N LYS A 3087 -50.18 16.37 -139.48
CA LYS A 3087 -50.32 15.27 -138.52
C LYS A 3087 -49.58 14.04 -138.99
N GLY A 3088 -49.75 13.67 -140.26
CA GLY A 3088 -49.06 12.50 -140.79
C GLY A 3088 -47.56 12.67 -140.81
N VAL A 3089 -47.09 13.86 -141.20
CA VAL A 3089 -45.65 14.13 -141.20
C VAL A 3089 -45.10 14.04 -139.77
N THR A 3090 -45.83 14.61 -138.81
CA THR A 3090 -45.40 14.54 -137.42
C THR A 3090 -45.34 13.10 -136.94
N GLN A 3091 -46.33 12.29 -137.30
CA GLN A 3091 -46.31 10.88 -136.94
C GLN A 3091 -45.10 10.17 -137.54
N ILE A 3092 -44.78 10.46 -138.80
CA ILE A 3092 -43.64 9.82 -139.46
C ILE A 3092 -42.34 10.20 -138.75
N ILE A 3093 -42.16 11.50 -138.48
CA ILE A 3093 -40.92 11.95 -137.84
C ILE A 3093 -40.79 11.36 -136.44
N ASN A 3094 -41.88 11.37 -135.67
CA ASN A 3094 -41.84 10.81 -134.32
C ASN A 3094 -41.52 9.32 -134.36
N TYR A 3095 -42.23 8.57 -135.21
CA TYR A 3095 -41.95 7.14 -135.35
C TYR A 3095 -40.49 6.90 -135.68
N THR A 3096 -39.98 7.57 -136.71
CA THR A 3096 -38.59 7.40 -137.11
C THR A 3096 -37.67 7.66 -135.94
N THR A 3097 -37.64 8.92 -135.47
CA THR A 3097 -36.63 9.33 -134.50
C THR A 3097 -36.72 8.53 -133.21
N VAL A 3098 -37.93 8.25 -132.72
CA VAL A 3098 -38.06 7.54 -131.45
C VAL A 3098 -37.77 6.06 -131.62
N ALA A 3099 -38.57 5.38 -132.45
CA ALA A 3099 -38.50 3.92 -132.49
C ALA A 3099 -37.54 3.40 -133.55
N LEU A 3100 -37.63 3.93 -134.78
CA LEU A 3100 -37.02 3.26 -135.91
C LEU A 3100 -35.50 3.28 -135.83
N LEU A 3101 -34.92 4.36 -135.29
CA LEU A 3101 -33.47 4.44 -135.19
C LEU A 3101 -32.91 3.42 -134.21
N PRO A 3102 -33.28 3.44 -132.93
CA PRO A 3102 -32.73 2.44 -131.99
C PRO A 3102 -33.07 1.00 -132.37
N MET A 3103 -34.26 0.77 -132.94
CA MET A 3103 -34.65 -0.58 -133.30
C MET A 3103 -33.76 -1.14 -134.40
N LEU A 3104 -33.59 -0.38 -135.49
CA LEU A 3104 -32.69 -0.82 -136.54
C LEU A 3104 -31.25 -0.88 -136.03
N SER A 3105 -30.90 0.00 -135.10
CA SER A 3105 -29.58 -0.06 -134.48
C SER A 3105 -29.36 -1.42 -133.83
N SER A 3106 -30.34 -1.88 -133.05
CA SER A 3106 -30.24 -3.19 -132.41
C SER A 3106 -30.15 -4.31 -133.45
N LEU A 3107 -30.99 -4.24 -134.49
CA LEU A 3107 -30.98 -5.29 -135.51
C LEU A 3107 -29.62 -5.39 -136.19
N PHE A 3108 -29.10 -4.25 -136.65
CA PHE A 3108 -27.81 -4.27 -137.34
C PHE A 3108 -26.66 -4.59 -136.40
N GLU A 3109 -26.74 -4.19 -135.14
CA GLU A 3109 -25.70 -4.58 -134.19
C GLU A 3109 -25.67 -6.09 -134.01
N HIS A 3110 -26.85 -6.71 -133.86
CA HIS A 3110 -26.90 -8.16 -133.77
C HIS A 3110 -26.40 -8.83 -135.05
N ILE A 3111 -26.77 -8.28 -136.21
CA ILE A 3111 -26.35 -8.86 -137.48
C ILE A 3111 -24.84 -8.79 -137.63
N GLY A 3112 -24.25 -7.65 -137.27
CA GLY A 3112 -22.80 -7.52 -137.35
C GLY A 3112 -22.08 -8.42 -136.35
N GLN A 3113 -22.63 -8.55 -135.14
CA GLN A 3113 -22.01 -9.41 -134.14
C GLN A 3113 -22.04 -10.88 -134.58
N HIS A 3114 -23.14 -11.31 -135.19
CA HIS A 3114 -23.28 -12.70 -135.59
C HIS A 3114 -22.95 -12.95 -137.06
N GLN A 3115 -22.37 -11.95 -137.74
CA GLN A 3115 -21.96 -12.09 -139.14
C GLN A 3115 -23.14 -12.49 -140.04
N PHE A 3116 -24.30 -11.91 -139.77
CA PHE A 3116 -25.50 -12.19 -140.55
C PHE A 3116 -25.66 -11.32 -141.78
N GLY A 3117 -24.74 -10.38 -142.00
CA GLY A 3117 -24.86 -9.50 -143.15
C GLY A 3117 -24.68 -10.23 -144.48
N GLU A 3118 -23.74 -11.19 -144.52
CA GLU A 3118 -23.44 -11.88 -145.76
C GLU A 3118 -24.58 -12.78 -146.23
N ASP A 3119 -25.51 -13.12 -145.35
CA ASP A 3119 -26.60 -14.03 -145.69
C ASP A 3119 -27.94 -13.33 -145.86
N LEU A 3120 -28.28 -12.38 -144.98
CA LEU A 3120 -29.54 -11.68 -145.09
C LEU A 3120 -29.48 -10.54 -146.11
N ILE A 3121 -28.39 -9.78 -146.10
CA ILE A 3121 -28.27 -8.59 -146.93
C ILE A 3121 -27.60 -8.98 -148.24
N LEU A 3122 -28.37 -8.98 -149.32
CA LEU A 3122 -27.84 -9.25 -150.65
C LEU A 3122 -28.83 -8.72 -151.69
N GLU A 3123 -28.29 -8.29 -152.83
CA GLU A 3123 -29.09 -7.95 -154.00
C GLU A 3123 -30.04 -6.78 -153.72
N ASP A 3124 -31.34 -7.05 -153.75
CA ASP A 3124 -32.32 -6.00 -153.46
C ASP A 3124 -32.18 -5.50 -152.04
N VAL A 3125 -31.83 -6.37 -151.10
CA VAL A 3125 -31.55 -5.94 -149.74
C VAL A 3125 -30.37 -4.98 -149.73
N GLN A 3126 -29.34 -5.27 -150.53
CA GLN A 3126 -28.21 -4.36 -150.63
C GLN A 3126 -28.64 -3.01 -151.18
N VAL A 3127 -29.50 -3.00 -152.21
CA VAL A 3127 -29.95 -1.73 -152.80
C VAL A 3127 -30.72 -0.92 -151.76
N SER A 3128 -31.65 -1.57 -151.06
CA SER A 3128 -32.41 -0.87 -150.02
C SER A 3128 -31.51 -0.41 -148.88
N CYS A 3129 -30.44 -1.16 -148.59
CA CYS A 3129 -29.51 -0.74 -147.54
C CYS A 3129 -28.69 0.46 -147.98
N TYR A 3130 -28.33 0.55 -149.28
CA TYR A 3130 -27.71 1.77 -149.78
C TYR A 3130 -28.66 2.95 -149.67
N ARG A 3131 -29.96 2.71 -149.94
CA ARG A 3131 -30.95 3.77 -149.75
C ARG A 3131 -30.99 4.22 -148.29
N ILE A 3132 -30.98 3.27 -147.36
CA ILE A 3132 -30.98 3.60 -145.94
C ILE A 3132 -29.73 4.38 -145.57
N LEU A 3133 -28.58 3.97 -146.11
CA LEU A 3133 -27.33 4.68 -145.88
C LEU A 3133 -27.41 6.13 -146.34
N THR A 3134 -27.92 6.35 -147.56
CA THR A 3134 -28.04 7.70 -148.07
C THR A 3134 -28.98 8.52 -147.20
N SER A 3135 -30.12 7.93 -146.80
CA SER A 3135 -31.06 8.65 -145.96
C SER A 3135 -30.43 9.06 -144.63
N LEU A 3136 -29.75 8.12 -143.96
CA LEU A 3136 -29.11 8.42 -142.68
C LEU A 3136 -28.03 9.48 -142.85
N TYR A 3137 -27.22 9.37 -143.90
CA TYR A 3137 -26.18 10.35 -144.14
C TYR A 3137 -26.76 11.75 -144.32
N ALA A 3138 -27.82 11.87 -145.12
CA ALA A 3138 -28.40 13.20 -145.36
C ALA A 3138 -29.08 13.74 -144.11
N LEU A 3139 -29.75 12.86 -143.34
CA LEU A 3139 -30.36 13.30 -142.09
C LEU A 3139 -29.31 13.81 -141.11
N GLY A 3140 -28.18 13.10 -141.00
CA GLY A 3140 -27.10 13.58 -140.15
C GLY A 3140 -26.50 14.88 -140.66
N THR A 3141 -26.34 15.00 -141.97
CA THR A 3141 -25.77 16.21 -142.55
C THR A 3141 -26.66 17.43 -142.29
N SER A 3142 -27.97 17.24 -142.38
CA SER A 3142 -28.90 18.33 -142.10
C SER A 3142 -28.68 18.84 -140.67
N LYS A 3143 -28.62 20.17 -140.54
CA LYS A 3143 -28.29 20.81 -139.27
C LYS A 3143 -29.52 21.29 -138.51
N SER A 3144 -30.63 20.56 -138.63
CA SER A 3144 -31.84 20.94 -137.92
C SER A 3144 -31.68 20.74 -136.42
N ILE A 3145 -32.46 21.52 -135.66
CA ILE A 3145 -32.40 21.42 -134.20
C ILE A 3145 -32.89 20.07 -133.72
N TYR A 3146 -33.96 19.56 -134.32
CA TYR A 3146 -34.45 18.23 -133.95
C TYR A 3146 -33.46 17.14 -134.36
N VAL A 3147 -32.76 17.33 -135.49
CA VAL A 3147 -31.69 16.43 -135.87
C VAL A 3147 -30.60 16.43 -134.80
N GLU A 3148 -30.23 17.62 -134.32
CA GLU A 3148 -29.24 17.72 -133.25
C GLU A 3148 -29.72 17.00 -131.99
N ARG A 3149 -31.01 17.14 -131.66
CA ARG A 3149 -31.55 16.46 -130.48
C ARG A 3149 -31.48 14.94 -130.64
N GLN A 3150 -31.78 14.43 -131.83
CA GLN A 3150 -31.80 13.00 -132.09
C GLN A 3150 -30.51 12.49 -132.72
N ARG A 3151 -29.41 13.23 -132.60
CA ARG A 3151 -28.18 12.88 -133.29
C ARG A 3151 -27.61 11.55 -132.81
N SER A 3152 -27.77 11.25 -131.51
CA SER A 3152 -27.21 10.01 -130.97
C SER A 3152 -27.76 8.78 -131.68
N ALA A 3153 -29.08 8.69 -131.83
CA ALA A 3153 -29.69 7.53 -132.49
C ALA A 3153 -29.33 7.48 -133.98
N LEU A 3154 -29.27 8.65 -134.64
CA LEU A 3154 -28.88 8.70 -136.04
C LEU A 3154 -27.53 8.01 -136.24
N GLY A 3155 -26.53 8.46 -135.49
CA GLY A 3155 -25.21 7.84 -135.58
C GLY A 3155 -25.21 6.39 -135.14
N GLU A 3156 -25.90 6.08 -134.05
CA GLU A 3156 -25.92 4.71 -133.56
C GLU A 3156 -26.41 3.76 -134.65
N CYS A 3157 -27.52 4.12 -135.30
CA CYS A 3157 -28.04 3.31 -136.40
C CYS A 3157 -27.08 3.25 -137.58
N LEU A 3158 -26.46 4.38 -137.95
CA LEU A 3158 -25.58 4.36 -139.12
C LEU A 3158 -24.38 3.46 -138.87
N ALA A 3159 -23.78 3.56 -137.68
CA ALA A 3159 -22.67 2.69 -137.33
C ALA A 3159 -23.09 1.24 -137.30
N ALA A 3160 -24.27 0.95 -136.75
CA ALA A 3160 -24.76 -0.43 -136.72
C ALA A 3160 -24.90 -0.98 -138.13
N PHE A 3161 -25.44 -0.17 -139.04
CA PHE A 3161 -25.54 -0.56 -140.45
C PHE A 3161 -24.17 -0.83 -141.05
N ALA A 3162 -23.22 0.08 -140.82
CA ALA A 3162 -21.89 -0.09 -141.40
C ALA A 3162 -21.24 -1.38 -140.91
N GLY A 3163 -21.37 -1.67 -139.62
CA GLY A 3163 -20.84 -2.89 -139.07
C GLY A 3163 -21.50 -4.14 -139.63
N ALA A 3164 -22.83 -4.15 -139.64
CA ALA A 3164 -23.58 -5.29 -140.14
C ALA A 3164 -23.29 -5.60 -141.61
N PHE A 3165 -23.10 -4.55 -142.41
CA PHE A 3165 -22.94 -4.74 -143.85
C PHE A 3165 -21.65 -5.49 -144.15
N PRO A 3166 -21.68 -6.49 -145.03
CA PRO A 3166 -20.45 -7.21 -145.38
C PRO A 3166 -19.79 -6.70 -146.66
N ILE A 3167 -20.44 -5.81 -147.40
CA ILE A 3167 -19.93 -5.32 -148.67
C ILE A 3167 -19.52 -3.86 -148.52
N ALA A 3168 -18.77 -3.37 -149.51
CA ALA A 3168 -18.28 -2.00 -149.52
C ALA A 3168 -19.32 -1.08 -150.16
N PHE A 3169 -19.60 0.04 -149.50
CA PHE A 3169 -20.51 1.04 -150.03
C PHE A 3169 -19.97 2.46 -150.00
N LEU A 3170 -18.80 2.68 -149.41
CA LEU A 3170 -18.12 3.96 -149.51
C LEU A 3170 -16.82 3.89 -150.32
N GLU A 3171 -16.31 2.69 -150.58
CA GLU A 3171 -15.12 2.52 -151.42
C GLU A 3171 -15.53 2.77 -152.86
N THR A 3172 -15.66 4.05 -153.21
CA THR A 3172 -16.18 4.43 -154.52
C THR A 3172 -15.27 3.96 -155.64
N HIS A 3173 -13.98 4.22 -155.52
CA HIS A 3173 -13.01 3.86 -156.55
C HIS A 3173 -12.26 2.57 -156.22
N LEU A 3174 -12.68 1.84 -155.18
CA LEU A 3174 -12.03 0.60 -154.82
C LEU A 3174 -12.99 -0.59 -154.74
N ASP A 3175 -14.28 -0.38 -155.00
CA ASP A 3175 -15.26 -1.46 -154.89
C ASP A 3175 -15.04 -2.55 -155.94
N LYS A 3176 -14.35 -2.24 -157.03
CA LYS A 3176 -14.13 -3.23 -158.09
C LYS A 3176 -13.28 -4.39 -157.60
N HIS A 3177 -12.34 -4.14 -156.69
CA HIS A 3177 -11.45 -5.20 -156.21
C HIS A 3177 -12.19 -6.21 -155.33
N ASN A 3178 -13.26 -5.78 -154.67
CA ASN A 3178 -13.94 -6.63 -153.69
C ASN A 3178 -14.76 -7.68 -154.43
N VAL A 3179 -14.64 -8.93 -154.01
CA VAL A 3179 -15.38 -10.01 -154.65
C VAL A 3179 -16.86 -9.92 -154.33
N TYR A 3180 -17.20 -9.57 -153.09
CA TYR A 3180 -18.60 -9.46 -152.66
C TYR A 3180 -19.33 -8.27 -153.30
N SER A 3181 -18.65 -7.49 -154.14
CA SER A 3181 -19.22 -6.24 -154.63
C SER A 3181 -20.50 -6.49 -155.42
N ILE A 3182 -21.48 -5.61 -155.21
CA ILE A 3182 -22.74 -5.69 -155.97
C ILE A 3182 -22.47 -5.43 -157.45
N TYR A 3183 -21.49 -4.59 -157.77
CA TYR A 3183 -21.13 -4.39 -159.17
C TYR A 3183 -20.47 -5.64 -159.75
N ASN A 3184 -19.71 -6.37 -158.95
CA ASN A 3184 -19.09 -7.60 -159.42
C ASN A 3184 -20.13 -8.69 -159.64
N THR A 3185 -21.12 -8.80 -158.74
CA THR A 3185 -22.11 -9.86 -158.86
C THR A 3185 -23.21 -9.49 -159.87
N ARG A 3186 -23.96 -8.44 -159.58
CA ARG A 3186 -25.00 -7.97 -160.48
C ARG A 3186 -24.39 -7.37 -161.74
N SER A 3187 -25.13 -7.48 -162.85
CA SER A 3187 -24.72 -6.87 -164.11
C SER A 3187 -25.21 -5.44 -164.19
N SER A 3188 -24.78 -4.73 -165.24
CA SER A 3188 -25.19 -3.34 -165.42
C SER A 3188 -26.69 -3.22 -165.63
N ARG A 3189 -27.26 -4.09 -166.47
CA ARG A 3189 -28.70 -4.06 -166.71
C ARG A 3189 -29.47 -4.41 -165.44
N GLU A 3190 -28.98 -5.40 -164.68
CA GLU A 3190 -29.64 -5.76 -163.43
C GLU A 3190 -29.60 -4.62 -162.43
N ARG A 3191 -28.47 -3.93 -162.32
CA ARG A 3191 -28.39 -2.78 -161.43
C ARG A 3191 -29.29 -1.64 -161.89
N ALA A 3192 -29.38 -1.43 -163.20
CA ALA A 3192 -30.30 -0.42 -163.73
C ALA A 3192 -31.74 -0.76 -163.39
N ALA A 3193 -32.11 -2.04 -163.50
CA ALA A 3193 -33.44 -2.47 -163.09
C ALA A 3193 -33.66 -2.25 -161.59
N LEU A 3194 -32.64 -2.54 -160.79
CA LEU A 3194 -32.68 -2.29 -159.34
C LEU A 3194 -32.44 -0.83 -158.98
N SER A 3195 -32.41 0.06 -159.98
CA SER A 3195 -32.30 1.51 -159.78
C SER A 3195 -30.92 1.88 -159.22
N LEU A 3196 -29.87 1.33 -159.83
CA LEU A 3196 -28.51 1.69 -159.50
C LEU A 3196 -27.75 2.05 -160.77
N PRO A 3197 -26.99 3.14 -160.75
CA PRO A 3197 -26.23 3.54 -161.94
C PRO A 3197 -25.01 2.64 -162.14
N ALA A 3198 -24.22 2.98 -163.15
CA ALA A 3198 -23.05 2.19 -163.52
C ALA A 3198 -21.78 2.62 -162.79
N ASN A 3199 -21.88 3.59 -161.88
CA ASN A 3199 -20.72 4.06 -161.11
C ASN A 3199 -21.04 4.03 -159.64
N VAL A 3200 -20.12 3.49 -158.83
CA VAL A 3200 -20.29 3.53 -157.39
C VAL A 3200 -20.23 4.97 -156.88
N GLU A 3201 -19.44 5.81 -157.55
CA GLU A 3201 -19.43 7.23 -157.21
C GLU A 3201 -20.82 7.85 -157.41
N ASP A 3202 -21.50 7.48 -158.49
CA ASP A 3202 -22.86 7.96 -158.70
C ASP A 3202 -23.83 7.31 -157.72
N VAL A 3203 -23.54 6.09 -157.28
CA VAL A 3203 -24.37 5.45 -156.26
C VAL A 3203 -24.31 6.23 -154.97
N CYS A 3204 -23.12 6.67 -154.57
CA CYS A 3204 -22.92 7.43 -153.33
C CYS A 3204 -22.17 8.71 -153.65
N PRO A 3205 -22.83 9.68 -154.31
CA PRO A 3205 -22.15 10.94 -154.64
C PRO A 3205 -22.10 11.92 -153.48
N ASN A 3206 -23.17 11.95 -152.67
CA ASN A 3206 -23.22 12.88 -151.55
C ASN A 3206 -22.16 12.55 -150.50
N ILE A 3207 -21.96 11.26 -150.22
CA ILE A 3207 -20.98 10.85 -149.22
C ILE A 3207 -19.57 11.04 -149.81
N PRO A 3208 -18.65 11.66 -149.09
CA PRO A 3208 -17.27 11.75 -149.58
C PRO A 3208 -16.64 10.38 -149.73
N SER A 3209 -15.73 10.26 -150.70
CA SER A 3209 -15.02 9.01 -150.90
C SER A 3209 -14.11 8.73 -149.70
N LEU A 3210 -13.49 7.55 -149.70
CA LEU A 3210 -12.66 7.16 -148.57
C LEU A 3210 -11.43 8.05 -148.44
N GLU A 3211 -10.80 8.39 -149.57
CA GLU A 3211 -9.65 9.29 -149.53
C GLU A 3211 -10.06 10.69 -149.08
N LYS A 3212 -11.22 11.17 -149.54
CA LYS A 3212 -11.70 12.45 -149.08
C LYS A 3212 -12.00 12.42 -147.58
N LEU A 3213 -12.45 11.27 -147.06
CA LEU A 3213 -12.61 11.12 -145.62
C LEU A 3213 -11.26 11.19 -144.91
N MET A 3214 -10.22 10.57 -145.49
CA MET A 3214 -8.87 10.74 -144.95
C MET A 3214 -8.53 12.22 -144.83
N THR A 3215 -8.73 12.96 -145.91
CA THR A 3215 -8.36 14.38 -145.93
C THR A 3215 -9.16 15.15 -144.89
N GLU A 3216 -10.45 14.86 -144.77
CA GLU A 3216 -11.28 15.54 -143.79
C GLU A 3216 -10.82 15.24 -142.36
N ILE A 3217 -10.48 13.98 -142.08
CA ILE A 3217 -10.04 13.63 -140.72
C ILE A 3217 -8.71 14.30 -140.40
N ILE A 3218 -7.80 14.36 -141.38
CA ILE A 3218 -6.56 15.09 -141.16
C ILE A 3218 -6.84 16.56 -140.88
N GLU A 3219 -7.81 17.13 -141.58
CA GLU A 3219 -8.18 18.52 -141.31
C GLU A 3219 -8.78 18.68 -139.92
N LEU A 3220 -9.55 17.69 -139.46
CA LEU A 3220 -10.04 17.71 -138.07
C LEU A 3220 -8.87 17.77 -137.11
N ALA A 3221 -7.88 16.89 -137.30
CA ALA A 3221 -6.73 16.86 -136.41
C ALA A 3221 -5.97 18.18 -136.45
N GLU A 3222 -5.88 18.81 -137.63
CA GLU A 3222 -5.15 20.06 -137.75
C GLU A 3222 -5.89 21.21 -137.08
N SER A 3223 -7.19 21.33 -137.34
CA SER A 3223 -7.98 22.48 -136.90
C SER A 3223 -8.48 22.35 -135.48
N GLY A 3224 -8.40 21.17 -134.87
CA GLY A 3224 -8.86 21.01 -133.50
C GLY A 3224 -10.35 21.25 -133.39
N ILE A 3225 -11.14 20.57 -134.25
CA ILE A 3225 -12.58 20.73 -134.22
C ILE A 3225 -13.14 20.41 -132.83
N ARG A 3226 -14.35 20.87 -132.56
CA ARG A 3226 -14.97 20.56 -131.29
C ARG A 3226 -16.49 20.48 -131.50
N TYR A 3227 -17.19 19.81 -130.57
CA TYR A 3227 -18.63 19.64 -130.72
C TYR A 3227 -19.34 20.98 -130.65
N THR A 3228 -18.66 21.99 -130.09
CA THR A 3228 -19.20 23.33 -130.13
C THR A 3228 -19.19 23.88 -131.55
N GLN A 3229 -18.08 23.72 -132.29
CA GLN A 3229 -17.99 24.31 -133.63
C GLN A 3229 -18.47 23.36 -134.73
N MET A 3230 -18.05 22.09 -134.70
CA MET A 3230 -18.44 21.13 -135.73
C MET A 3230 -18.77 19.80 -135.06
N PRO A 3231 -19.95 19.73 -134.45
CA PRO A 3231 -20.35 18.47 -133.79
C PRO A 3231 -20.59 17.33 -134.75
N TYR A 3232 -20.86 17.61 -136.02
CA TYR A 3232 -21.36 16.61 -136.95
C TYR A 3232 -20.42 15.41 -137.07
N MET A 3233 -19.12 15.64 -136.98
CA MET A 3233 -18.14 14.57 -137.13
C MET A 3233 -17.09 14.50 -136.02
N MET A 3234 -17.27 15.23 -134.90
CA MET A 3234 -16.53 14.89 -133.69
C MET A 3234 -17.25 13.85 -132.83
N GLU A 3235 -18.52 14.07 -132.49
CA GLU A 3235 -19.21 13.14 -131.60
C GLU A 3235 -20.33 12.37 -132.29
N VAL A 3236 -20.61 12.67 -133.56
CA VAL A 3236 -21.63 11.98 -134.33
C VAL A 3236 -21.03 11.12 -135.42
N VAL A 3237 -20.04 11.65 -136.17
CA VAL A 3237 -19.45 10.90 -137.26
C VAL A 3237 -18.05 10.37 -136.98
N LEU A 3238 -17.29 10.99 -136.08
CA LEU A 3238 -16.07 10.33 -135.60
C LEU A 3238 -16.36 8.92 -135.10
N PRO A 3239 -17.43 8.66 -134.34
CA PRO A 3239 -17.80 7.26 -134.11
C PRO A 3239 -18.08 6.50 -135.39
N MET A 3240 -18.66 7.17 -136.40
CA MET A 3240 -19.02 6.45 -137.61
C MET A 3240 -17.76 6.00 -138.33
N LEU A 3241 -16.82 6.91 -138.53
CA LEU A 3241 -15.55 6.53 -139.15
C LEU A 3241 -14.74 5.59 -138.26
N CYS A 3242 -14.90 5.68 -136.94
CA CYS A 3242 -14.27 4.70 -136.05
C CYS A 3242 -14.77 3.29 -136.31
N SER A 3243 -16.09 3.11 -136.31
CA SER A 3243 -16.66 1.79 -136.60
C SER A 3243 -16.36 1.37 -138.04
N TYR A 3244 -16.42 2.34 -138.95
CA TYR A 3244 -16.12 2.10 -140.36
C TYR A 3244 -14.73 1.50 -140.49
N MET A 3245 -13.75 2.15 -139.87
CA MET A 3245 -12.36 1.73 -139.96
C MET A 3245 -12.11 0.49 -139.14
N SER A 3246 -12.88 0.26 -138.07
CA SER A 3246 -12.75 -1.00 -137.35
C SER A 3246 -13.14 -2.18 -138.24
N ARG A 3247 -14.31 -2.08 -138.86
CA ARG A 3247 -14.77 -3.12 -139.80
C ARG A 3247 -13.77 -3.31 -140.92
N TRP A 3248 -13.39 -2.22 -141.60
CA TRP A 3248 -12.49 -2.38 -142.71
C TRP A 3248 -11.05 -2.62 -142.29
N TRP A 3249 -10.72 -2.44 -141.01
CA TRP A 3249 -9.41 -2.84 -140.51
C TRP A 3249 -9.38 -4.34 -140.26
N GLU A 3250 -10.49 -4.90 -139.81
CA GLU A 3250 -10.61 -6.36 -139.75
C GLU A 3250 -10.52 -6.96 -141.14
N HIS A 3251 -11.09 -6.29 -142.15
CA HIS A 3251 -11.07 -6.81 -143.51
C HIS A 3251 -10.00 -6.16 -144.40
N GLY A 3252 -9.03 -5.47 -143.83
CA GLY A 3252 -8.01 -4.79 -144.59
C GLY A 3252 -6.76 -5.58 -144.91
N PRO A 3253 -5.86 -4.96 -145.67
CA PRO A 3253 -4.63 -5.67 -146.09
C PRO A 3253 -3.72 -6.09 -144.96
N GLU A 3254 -3.63 -5.31 -143.88
CA GLU A 3254 -2.73 -5.67 -142.79
C GLU A 3254 -3.23 -6.91 -142.05
N ASN A 3255 -4.54 -7.08 -141.93
CA ASN A 3255 -5.09 -8.29 -141.35
C ASN A 3255 -5.11 -9.44 -142.36
N HIS A 3256 -5.21 -9.14 -143.65
CA HIS A 3256 -5.27 -10.15 -144.71
C HIS A 3256 -4.22 -9.81 -145.76
N PRO A 3257 -2.94 -10.04 -145.48
CA PRO A 3257 -1.91 -9.77 -146.49
C PRO A 3257 -2.09 -10.56 -147.77
N GLU A 3258 -2.62 -11.79 -147.67
CA GLU A 3258 -2.87 -12.58 -148.87
C GLU A 3258 -3.95 -11.94 -149.73
N ARG A 3259 -4.97 -11.36 -149.10
CA ARG A 3259 -6.09 -10.73 -149.80
C ARG A 3259 -5.90 -9.23 -149.96
N ALA A 3260 -4.67 -8.72 -149.82
CA ALA A 3260 -4.44 -7.29 -149.82
C ALA A 3260 -4.99 -6.62 -151.08
N GLU A 3261 -4.76 -7.24 -152.24
CA GLU A 3261 -5.38 -6.74 -153.47
C GLU A 3261 -6.90 -6.91 -153.42
N MET A 3262 -7.37 -8.03 -152.90
CA MET A 3262 -8.81 -8.26 -152.81
C MET A 3262 -9.47 -7.33 -151.80
N CYS A 3263 -8.76 -6.96 -150.73
CA CYS A 3263 -9.30 -6.02 -149.75
C CYS A 3263 -9.48 -4.66 -150.41
N CYS A 3264 -10.74 -4.27 -150.62
CA CYS A 3264 -11.02 -2.96 -151.21
C CYS A 3264 -10.52 -1.84 -150.31
N THR A 3265 -10.65 -1.99 -149.00
CA THR A 3265 -10.21 -0.98 -148.06
C THR A 3265 -8.69 -0.86 -148.04
N ALA A 3266 -8.22 0.35 -147.76
CA ALA A 3266 -6.80 0.62 -147.58
C ALA A 3266 -6.46 0.95 -146.14
N LEU A 3267 -7.36 0.68 -145.20
CA LEU A 3267 -7.14 1.01 -143.80
C LEU A 3267 -6.26 -0.05 -143.15
N ASN A 3268 -5.12 0.36 -142.63
CA ASN A 3268 -4.13 -0.52 -142.03
C ASN A 3268 -3.91 -0.14 -140.57
N SER A 3269 -2.90 -0.74 -139.95
CA SER A 3269 -2.53 -0.38 -138.59
C SER A 3269 -2.01 1.05 -138.52
N GLU A 3270 -1.35 1.53 -139.59
CA GLU A 3270 -0.92 2.92 -139.61
C GLU A 3270 -2.12 3.86 -139.58
N HIS A 3271 -3.15 3.57 -140.39
CA HIS A 3271 -4.38 4.35 -140.31
C HIS A 3271 -5.05 4.21 -138.96
N MET A 3272 -4.94 3.03 -138.34
CA MET A 3272 -5.52 2.82 -137.02
C MET A 3272 -4.86 3.74 -136.01
N ASN A 3273 -3.53 3.81 -136.04
CA ASN A 3273 -2.81 4.75 -135.19
C ASN A 3273 -3.15 6.18 -135.53
N THR A 3274 -3.29 6.50 -136.81
CA THR A 3274 -3.61 7.88 -137.20
C THR A 3274 -4.95 8.29 -136.64
N LEU A 3275 -5.96 7.42 -136.75
CA LEU A 3275 -7.29 7.77 -136.24
C LEU A 3275 -7.28 7.86 -134.72
N LEU A 3276 -6.64 6.90 -134.04
CA LEU A 3276 -6.59 6.97 -132.59
C LEU A 3276 -5.85 8.23 -132.14
N GLY A 3277 -4.75 8.57 -132.81
CA GLY A 3277 -4.02 9.77 -132.47
C GLY A 3277 -4.81 11.02 -132.72
N ASN A 3278 -5.63 11.04 -133.78
CA ASN A 3278 -6.53 12.17 -134.00
C ASN A 3278 -7.56 12.27 -132.88
N ILE A 3279 -8.08 11.13 -132.43
CA ILE A 3279 -9.02 11.13 -131.31
C ILE A 3279 -8.37 11.73 -130.07
N LEU A 3280 -7.14 11.30 -129.76
CA LEU A 3280 -6.49 11.82 -128.55
C LEU A 3280 -6.03 13.27 -128.72
N LYS A 3281 -5.68 13.69 -129.94
CA LYS A 3281 -5.36 15.09 -130.16
C LYS A 3281 -6.59 15.95 -129.91
N ILE A 3282 -7.75 15.51 -130.40
CA ILE A 3282 -9.02 16.17 -130.13
C ILE A 3282 -9.32 16.18 -128.63
N ILE A 3283 -9.09 15.05 -127.97
CA ILE A 3283 -9.33 14.98 -126.53
C ILE A 3283 -8.43 15.95 -125.78
N TYR A 3284 -7.19 16.10 -126.23
CA TYR A 3284 -6.27 17.06 -125.63
C TYR A 3284 -6.76 18.49 -125.85
N ASN A 3285 -7.26 18.79 -127.05
CA ASN A 3285 -7.88 20.10 -127.27
C ASN A 3285 -9.04 20.31 -126.31
N ASN A 3286 -9.83 19.26 -126.08
CA ASN A 3286 -10.93 19.35 -125.13
C ASN A 3286 -10.45 19.53 -123.69
N LEU A 3287 -9.28 18.99 -123.37
CA LEU A 3287 -8.80 19.06 -121.99
C LEU A 3287 -8.74 20.51 -121.53
N GLY A 3288 -9.41 20.80 -120.41
CA GLY A 3288 -9.49 22.14 -119.89
C GLY A 3288 -10.80 22.88 -120.10
N ILE A 3289 -11.84 22.21 -120.58
CA ILE A 3289 -13.17 22.80 -120.67
C ILE A 3289 -14.09 22.01 -119.76
N ASP A 3290 -15.27 22.57 -119.49
CA ASP A 3290 -16.24 21.95 -118.60
C ASP A 3290 -17.51 21.50 -119.32
N GLU A 3291 -17.47 21.44 -120.65
CA GLU A 3291 -18.63 21.05 -121.44
C GLU A 3291 -18.41 19.72 -122.14
N GLY A 3292 -17.30 19.05 -121.87
CA GLY A 3292 -16.89 17.91 -122.64
C GLY A 3292 -17.61 16.64 -122.26
N ALA A 3293 -18.93 16.73 -122.14
CA ALA A 3293 -19.72 15.53 -121.92
C ALA A 3293 -19.57 14.55 -123.08
N TRP A 3294 -19.07 15.03 -124.23
CA TRP A 3294 -18.92 14.17 -125.39
C TRP A 3294 -17.65 13.33 -125.34
N MET A 3295 -16.64 13.74 -124.56
CA MET A 3295 -15.39 12.97 -124.49
C MET A 3295 -15.62 11.55 -123.98
N LYS A 3296 -16.46 11.39 -122.96
CA LYS A 3296 -16.77 10.04 -122.49
C LYS A 3296 -17.43 9.22 -123.60
N ARG A 3297 -18.31 9.86 -124.38
CA ARG A 3297 -18.88 9.19 -125.54
C ARG A 3297 -17.80 8.80 -126.54
N LEU A 3298 -16.83 9.68 -126.78
CA LEU A 3298 -15.74 9.37 -127.69
C LEU A 3298 -14.92 8.20 -127.17
N ALA A 3299 -14.73 8.13 -125.86
CA ALA A 3299 -14.07 6.99 -125.24
C ALA A 3299 -14.83 5.72 -125.53
N VAL A 3300 -16.15 5.76 -125.40
CA VAL A 3300 -16.96 4.58 -125.72
C VAL A 3300 -16.79 4.21 -127.19
N PHE A 3301 -16.82 5.21 -128.06
CA PHE A 3301 -16.69 4.96 -129.50
C PHE A 3301 -15.35 4.31 -129.83
N SER A 3302 -14.28 4.77 -129.20
CA SER A 3302 -12.94 4.26 -129.46
C SER A 3302 -12.58 3.03 -128.64
N GLN A 3303 -13.45 2.64 -127.70
CA GLN A 3303 -13.18 1.44 -126.91
C GLN A 3303 -13.01 0.19 -127.74
N PRO A 3304 -13.82 -0.07 -128.79
CA PRO A 3304 -13.54 -1.23 -129.65
C PRO A 3304 -12.20 -1.16 -130.37
N ILE A 3305 -11.61 0.04 -130.51
CA ILE A 3305 -10.43 0.21 -131.34
C ILE A 3305 -9.25 0.74 -130.55
N ILE A 3306 -9.12 0.31 -129.29
CA ILE A 3306 -8.04 0.78 -128.44
C ILE A 3306 -6.93 -0.26 -128.36
N ASN A 3307 -7.29 -1.53 -128.53
CA ASN A 3307 -6.37 -2.65 -128.33
C ASN A 3307 -5.78 -3.20 -129.63
N LYS A 3308 -5.92 -2.48 -130.74
CA LYS A 3308 -5.40 -2.96 -132.02
C LYS A 3308 -4.56 -1.89 -132.70
N VAL A 3309 -3.73 -1.20 -131.93
CA VAL A 3309 -2.89 -0.12 -132.45
C VAL A 3309 -1.42 -0.50 -132.27
N LYS A 3310 -0.55 0.26 -132.94
CA LYS A 3310 0.87 0.07 -132.68
C LYS A 3310 1.25 0.74 -131.36
N PRO A 3311 2.30 0.26 -130.70
CA PRO A 3311 2.74 0.90 -129.45
C PRO A 3311 3.34 2.29 -129.64
N GLN A 3312 3.57 2.73 -130.87
CA GLN A 3312 4.23 4.00 -131.10
C GLN A 3312 3.39 5.20 -130.66
N LEU A 3313 2.08 5.02 -130.48
CA LEU A 3313 1.22 6.14 -130.14
C LEU A 3313 1.40 6.62 -128.70
N LEU A 3314 2.00 5.80 -127.84
CA LEU A 3314 2.06 6.14 -126.42
C LEU A 3314 2.81 7.44 -126.20
N LYS A 3315 4.09 7.50 -126.61
CA LYS A 3315 4.89 8.70 -126.39
C LYS A 3315 4.33 9.89 -127.16
N THR A 3316 3.72 9.63 -128.33
CA THR A 3316 3.21 10.73 -129.14
C THR A 3316 2.03 11.42 -128.48
N HIS A 3317 1.05 10.64 -128.02
CA HIS A 3317 -0.17 11.30 -127.53
C HIS A 3317 -0.59 10.87 -126.14
N PHE A 3318 -0.41 9.60 -125.77
CA PHE A 3318 -0.93 9.13 -124.49
C PHE A 3318 -0.32 9.89 -123.33
N LEU A 3319 0.99 10.13 -123.39
CA LEU A 3319 1.64 10.86 -122.30
C LEU A 3319 1.16 12.30 -122.19
N PRO A 3320 1.12 13.12 -123.26
CA PRO A 3320 0.66 14.51 -123.07
C PRO A 3320 -0.72 14.63 -122.46
N LEU A 3321 -1.68 13.83 -122.94
CA LEU A 3321 -3.05 13.93 -122.42
C LEU A 3321 -3.10 13.62 -120.94
N MET A 3322 -2.46 12.53 -120.53
CA MET A 3322 -2.55 12.12 -119.13
C MET A 3322 -1.70 13.03 -118.24
N GLU A 3323 -0.62 13.60 -118.77
CA GLU A 3323 0.12 14.62 -118.01
C GLU A 3323 -0.76 15.83 -117.76
N LYS A 3324 -1.48 16.29 -118.78
CA LYS A 3324 -2.37 17.42 -118.55
C LYS A 3324 -3.53 17.05 -117.65
N LEU A 3325 -3.97 15.79 -117.68
CA LEU A 3325 -4.97 15.32 -116.72
C LEU A 3325 -4.43 15.37 -115.30
N LYS A 3326 -3.18 14.96 -115.11
CA LYS A 3326 -2.53 15.10 -113.81
C LYS A 3326 -2.48 16.56 -113.39
N LYS A 3327 -2.18 17.45 -114.34
CA LYS A 3327 -2.19 18.88 -114.02
C LYS A 3327 -3.58 19.32 -113.57
N LYS A 3328 -4.62 18.88 -114.28
CA LYS A 3328 -5.99 19.23 -113.89
C LYS A 3328 -6.29 18.76 -112.47
N ALA A 3329 -5.97 17.49 -112.17
CA ALA A 3329 -6.19 16.96 -110.84
C ALA A 3329 -5.43 17.77 -109.79
N ALA A 3330 -4.17 18.09 -110.09
CA ALA A 3330 -3.35 18.85 -109.15
C ALA A 3330 -3.96 20.22 -108.86
N MET A 3331 -4.33 20.98 -109.90
CA MET A 3331 -4.95 22.28 -109.70
C MET A 3331 -6.25 22.21 -108.91
N VAL A 3332 -7.16 21.30 -109.28
CA VAL A 3332 -8.43 21.27 -108.58
C VAL A 3332 -8.23 20.89 -107.11
N VAL A 3333 -7.38 19.89 -106.84
CA VAL A 3333 -7.13 19.47 -105.47
C VAL A 3333 -6.45 20.59 -104.69
N SER A 3334 -5.53 21.32 -105.32
CA SER A 3334 -4.81 22.37 -104.62
C SER A 3334 -5.72 23.56 -104.29
N GLU A 3335 -6.57 23.97 -105.23
CA GLU A 3335 -7.55 25.01 -104.92
C GLU A 3335 -8.50 24.55 -103.82
N GLU A 3336 -8.91 23.28 -103.86
CA GLU A 3336 -9.71 22.72 -102.77
C GLU A 3336 -9.00 22.83 -101.43
N ASP A 3337 -7.71 22.48 -101.39
CA ASP A 3337 -6.95 22.52 -100.15
C ASP A 3337 -6.82 23.96 -99.65
N HIS A 3338 -6.55 24.90 -100.56
CA HIS A 3338 -6.47 26.31 -100.16
C HIS A 3338 -7.80 26.80 -99.63
N LEU A 3339 -8.90 26.41 -100.29
CA LEU A 3339 -10.23 26.75 -99.80
C LEU A 3339 -10.45 26.22 -98.39
N LYS A 3340 -10.16 24.93 -98.18
CA LYS A 3340 -10.38 24.33 -96.87
C LYS A 3340 -9.52 24.99 -95.80
N ALA A 3341 -8.29 25.36 -96.14
CA ALA A 3341 -7.45 26.08 -95.20
C ALA A 3341 -8.06 27.43 -94.84
N GLU A 3342 -8.58 28.15 -95.83
CA GLU A 3342 -9.23 29.44 -95.58
C GLU A 3342 -10.70 29.21 -95.20
N ALA A 3343 -10.88 28.85 -93.93
CA ALA A 3343 -12.19 28.47 -93.41
C ALA A 3343 -13.15 29.65 -93.24
N ARG A 3344 -12.67 30.88 -93.34
CA ARG A 3344 -13.50 32.04 -93.03
C ARG A 3344 -14.50 32.33 -94.15
N GLY A 3345 -15.69 32.77 -93.75
CA GLY A 3345 -16.70 33.20 -94.71
C GLY A 3345 -17.46 32.05 -95.34
N ASP A 3346 -18.48 32.40 -96.11
CA ASP A 3346 -19.26 31.40 -96.83
C ASP A 3346 -18.38 30.77 -97.89
N MET A 3347 -18.10 29.48 -97.74
CA MET A 3347 -17.15 28.78 -98.60
C MET A 3347 -17.82 27.77 -99.53
N SER A 3348 -19.01 27.29 -99.18
CA SER A 3348 -19.64 26.24 -99.98
C SER A 3348 -19.98 26.72 -101.38
N GLU A 3349 -20.05 28.03 -101.61
CA GLU A 3349 -20.24 28.54 -102.97
C GLU A 3349 -19.01 28.23 -103.83
N ALA A 3350 -17.83 28.60 -103.35
CA ALA A 3350 -16.60 28.23 -104.05
C ALA A 3350 -16.45 26.72 -104.10
N GLU A 3351 -16.97 26.01 -103.10
CA GLU A 3351 -16.98 24.56 -103.16
C GLU A 3351 -17.90 24.04 -104.26
N LEU A 3352 -19.03 24.72 -104.52
CA LEU A 3352 -19.87 24.35 -105.66
C LEU A 3352 -19.14 24.55 -106.96
N LEU A 3353 -18.42 25.68 -107.10
CA LEU A 3353 -17.63 25.91 -108.30
C LEU A 3353 -16.58 24.83 -108.48
N ILE A 3354 -15.86 24.49 -107.41
CA ILE A 3354 -14.83 23.46 -107.48
C ILE A 3354 -15.43 22.07 -107.65
N LEU A 3355 -16.68 21.85 -107.20
CA LEU A 3355 -17.33 20.57 -107.44
C LEU A 3355 -17.77 20.44 -108.89
N ASP A 3356 -18.19 21.53 -109.51
CA ASP A 3356 -18.40 21.50 -110.96
C ASP A 3356 -17.09 21.22 -111.68
N GLU A 3357 -15.99 21.83 -111.22
CA GLU A 3357 -14.68 21.54 -111.79
C GLU A 3357 -14.29 20.09 -111.59
N PHE A 3358 -14.62 19.53 -110.43
CA PHE A 3358 -14.30 18.13 -110.13
C PHE A 3358 -15.15 17.18 -110.95
N THR A 3359 -16.42 17.53 -111.20
CA THR A 3359 -17.23 16.74 -112.12
C THR A 3359 -16.62 16.76 -113.51
N THR A 3360 -16.16 17.93 -113.95
CA THR A 3360 -15.45 18.02 -115.21
C THR A 3360 -14.21 17.12 -115.22
N LEU A 3361 -13.43 17.16 -114.14
CA LEU A 3361 -12.20 16.38 -114.06
C LEU A 3361 -12.48 14.88 -114.06
N ALA A 3362 -13.49 14.44 -113.30
CA ALA A 3362 -13.86 13.04 -113.30
C ALA A 3362 -14.39 12.61 -114.65
N ARG A 3363 -15.10 13.49 -115.35
CA ARG A 3363 -15.53 13.19 -116.71
C ARG A 3363 -14.34 13.00 -117.64
N ASP A 3364 -13.32 13.87 -117.49
CA ASP A 3364 -12.10 13.71 -118.26
C ASP A 3364 -11.40 12.39 -117.94
N LEU A 3365 -11.40 12.01 -116.67
CA LEU A 3365 -10.81 10.72 -116.27
C LEU A 3365 -11.58 9.56 -116.89
N TYR A 3366 -12.90 9.57 -116.78
CA TYR A 3366 -13.68 8.49 -117.39
C TYR A 3366 -13.70 8.55 -118.91
N ALA A 3367 -13.18 9.62 -119.50
CA ALA A 3367 -12.96 9.66 -120.94
C ALA A 3367 -11.61 9.11 -121.36
N PHE A 3368 -10.54 9.40 -120.60
CA PHE A 3368 -9.22 8.99 -121.05
C PHE A 3368 -8.76 7.68 -120.39
N TYR A 3369 -8.97 7.55 -119.08
CA TYR A 3369 -8.50 6.38 -118.36
C TYR A 3369 -9.06 5.04 -118.85
N PRO A 3370 -10.28 4.93 -119.39
CA PRO A 3370 -10.64 3.64 -120.00
C PRO A 3370 -9.72 3.24 -121.14
N LEU A 3371 -9.47 4.16 -122.07
CA LEU A 3371 -8.52 3.88 -123.14
C LEU A 3371 -7.12 3.65 -122.59
N LEU A 3372 -6.73 4.40 -121.56
CA LEU A 3372 -5.42 4.20 -120.96
C LEU A 3372 -5.29 2.80 -120.34
N ILE A 3373 -6.32 2.35 -119.64
CA ILE A 3373 -6.29 1.03 -119.02
C ILE A 3373 -6.25 -0.05 -120.08
N ARG A 3374 -7.05 0.11 -121.14
CA ARG A 3374 -7.02 -0.87 -122.22
C ARG A 3374 -5.65 -0.91 -122.89
N PHE A 3375 -5.03 0.25 -123.08
CA PHE A 3375 -3.69 0.29 -123.68
C PHE A 3375 -2.65 -0.31 -122.75
N VAL A 3376 -2.80 -0.08 -121.44
CA VAL A 3376 -1.88 -0.65 -120.46
C VAL A 3376 -1.99 -2.17 -120.46
N ASP A 3377 -3.20 -2.70 -120.57
CA ASP A 3377 -3.34 -4.15 -120.74
C ASP A 3377 -2.84 -4.60 -122.10
N TYR A 3378 -2.89 -3.70 -123.10
CA TYR A 3378 -2.41 -4.02 -124.44
C TYR A 3378 -0.91 -4.30 -124.44
N ASN A 3379 -0.13 -3.40 -123.84
CA ASN A 3379 1.32 -3.56 -123.84
C ASN A 3379 1.87 -3.84 -122.45
N ARG A 3380 1.04 -4.41 -121.57
CA ARG A 3380 1.47 -4.64 -120.19
C ARG A 3380 2.53 -5.73 -120.12
N ALA A 3381 2.36 -6.80 -120.91
CA ALA A 3381 3.37 -7.85 -120.95
C ALA A 3381 4.69 -7.30 -121.49
N LYS A 3382 4.64 -6.58 -122.60
CA LYS A 3382 5.83 -5.92 -123.14
C LYS A 3382 6.46 -4.99 -122.11
N TRP A 3383 5.62 -4.24 -121.40
CA TRP A 3383 6.10 -3.22 -120.50
C TRP A 3383 6.77 -3.85 -119.29
N LEU A 3384 6.34 -5.06 -118.93
CA LEU A 3384 7.04 -5.85 -117.92
C LEU A 3384 8.33 -6.46 -118.44
N LYS A 3385 8.30 -6.99 -119.67
CA LYS A 3385 9.50 -7.59 -120.24
C LYS A 3385 10.63 -6.59 -120.31
N GLU A 3386 10.33 -5.37 -120.73
CA GLU A 3386 11.32 -4.29 -120.76
C GLU A 3386 10.71 -3.05 -120.13
N PRO A 3387 11.17 -2.62 -118.95
CA PRO A 3387 10.60 -1.43 -118.31
C PRO A 3387 10.99 -0.16 -119.04
N ASN A 3388 10.23 0.17 -120.08
CA ASN A 3388 10.48 1.36 -120.88
C ASN A 3388 10.47 2.61 -120.00
N PRO A 3389 11.31 3.61 -120.32
CA PRO A 3389 11.23 4.88 -119.59
C PRO A 3389 9.83 5.48 -119.60
N GLU A 3390 9.14 5.40 -120.74
CA GLU A 3390 7.77 5.87 -120.80
C GLU A 3390 6.86 5.03 -119.90
N ALA A 3391 7.08 3.71 -119.87
CA ALA A 3391 6.32 2.85 -118.97
C ALA A 3391 6.44 3.31 -117.53
N GLU A 3392 7.68 3.48 -117.07
CA GLU A 3392 7.93 3.88 -115.69
C GLU A 3392 7.33 5.25 -115.42
N GLU A 3393 7.55 6.21 -116.31
CA GLU A 3393 7.06 7.56 -116.08
C GLU A 3393 5.53 7.59 -116.03
N LEU A 3394 4.88 6.84 -116.93
CA LEU A 3394 3.42 6.79 -116.93
C LEU A 3394 2.91 6.18 -115.64
N PHE A 3395 3.54 5.10 -115.15
CA PHE A 3395 3.13 4.54 -113.87
C PHE A 3395 3.28 5.59 -112.76
N ARG A 3396 4.39 6.33 -112.78
CA ARG A 3396 4.59 7.35 -111.74
C ARG A 3396 3.50 8.41 -111.77
N MET A 3397 3.19 8.97 -112.95
CA MET A 3397 2.22 10.06 -112.88
C MET A 3397 0.79 9.55 -112.69
N VAL A 3398 0.48 8.32 -113.11
CA VAL A 3398 -0.78 7.72 -112.73
C VAL A 3398 -0.87 7.58 -111.22
N ALA A 3399 0.24 7.20 -110.59
CA ALA A 3399 0.29 7.13 -109.14
C ALA A 3399 0.06 8.50 -108.52
N GLU A 3400 0.64 9.54 -109.12
CA GLU A 3400 0.42 10.90 -108.59
C GLU A 3400 -1.06 11.30 -108.69
N VAL A 3401 -1.70 10.98 -109.82
CA VAL A 3401 -3.13 11.27 -109.96
C VAL A 3401 -3.92 10.54 -108.89
N PHE A 3402 -3.57 9.28 -108.63
CA PHE A 3402 -4.27 8.52 -107.60
C PHE A 3402 -4.05 9.14 -106.22
N ILE A 3403 -2.83 9.61 -105.95
CA ILE A 3403 -2.56 10.25 -104.66
C ILE A 3403 -3.41 11.50 -104.50
N TYR A 3404 -3.52 12.30 -105.55
CA TYR A 3404 -4.39 13.48 -105.49
C TYR A 3404 -5.83 13.08 -105.23
N TRP A 3405 -6.30 12.04 -105.94
CA TRP A 3405 -7.68 11.58 -105.77
C TRP A 3405 -7.93 11.08 -104.34
N SER A 3406 -6.97 10.36 -103.78
CA SER A 3406 -7.13 9.84 -102.42
C SER A 3406 -7.09 10.98 -101.39
N LYS A 3407 -6.17 11.92 -101.55
CA LYS A 3407 -6.05 13.01 -100.58
C LYS A 3407 -7.25 13.94 -100.64
N SER A 3408 -7.82 14.14 -101.82
CA SER A 3408 -8.98 15.00 -101.97
C SER A 3408 -10.25 14.21 -101.66
N HIS A 3409 -10.91 14.54 -100.55
CA HIS A 3409 -12.18 13.90 -100.24
C HIS A 3409 -13.26 14.34 -101.23
N ASN A 3410 -13.22 15.61 -101.66
CA ASN A 3410 -14.17 16.07 -102.66
C ASN A 3410 -14.01 15.35 -103.98
N PHE A 3411 -12.79 14.88 -104.28
CA PHE A 3411 -12.56 14.12 -105.51
C PHE A 3411 -13.39 12.85 -105.51
N LYS A 3412 -13.30 12.06 -104.43
CA LYS A 3412 -14.03 10.80 -104.36
C LYS A 3412 -15.54 11.04 -104.37
N ARG A 3413 -16.00 12.02 -103.61
CA ARG A 3413 -17.43 12.31 -103.54
C ARG A 3413 -17.98 12.74 -104.90
N GLU A 3414 -17.25 13.64 -105.58
CA GLU A 3414 -17.72 14.11 -106.89
C GLU A 3414 -17.66 13.00 -107.93
N GLU A 3415 -16.63 12.15 -107.89
CA GLU A 3415 -16.58 11.02 -108.80
C GLU A 3415 -17.74 10.07 -108.56
N GLN A 3416 -18.06 9.80 -107.29
CA GLN A 3416 -19.20 8.95 -106.97
C GLN A 3416 -20.51 9.54 -107.47
N ASN A 3417 -20.70 10.85 -107.27
CA ASN A 3417 -21.92 11.49 -107.73
C ASN A 3417 -22.01 11.45 -109.25
N PHE A 3418 -20.89 11.69 -109.94
CA PHE A 3418 -20.87 11.68 -111.40
C PHE A 3418 -21.22 10.28 -111.93
N VAL A 3419 -20.63 9.25 -111.34
CA VAL A 3419 -20.88 7.89 -111.76
C VAL A 3419 -22.33 7.50 -111.49
N VAL A 3420 -22.86 7.90 -110.32
CA VAL A 3420 -24.25 7.60 -110.01
C VAL A 3420 -25.19 8.30 -111.00
N GLN A 3421 -24.90 9.55 -111.32
CA GLN A 3421 -25.75 10.30 -112.25
C GLN A 3421 -25.75 9.67 -113.64
N ASN A 3422 -24.59 9.27 -114.13
CA ASN A 3422 -24.51 8.77 -115.50
C ASN A 3422 -24.67 7.26 -115.62
N GLU A 3423 -24.79 6.55 -114.49
CA GLU A 3423 -24.94 5.09 -114.49
C GLU A 3423 -23.83 4.42 -115.31
N ILE A 3424 -22.60 4.86 -115.07
CA ILE A 3424 -21.46 4.35 -115.83
C ILE A 3424 -21.14 2.94 -115.39
N ASN A 3425 -20.98 2.03 -116.36
CA ASN A 3425 -20.63 0.64 -116.10
C ASN A 3425 -19.10 0.55 -116.14
N ASN A 3426 -18.48 0.76 -114.97
CA ASN A 3426 -17.03 0.76 -114.90
C ASN A 3426 -16.45 -0.63 -115.18
N MET A 3427 -17.12 -1.68 -114.73
CA MET A 3427 -16.64 -3.04 -114.98
C MET A 3427 -16.61 -3.37 -116.46
N SER A 3428 -17.42 -2.70 -117.28
CA SER A 3428 -17.34 -2.91 -118.73
C SER A 3428 -15.97 -2.49 -119.25
N PHE A 3429 -15.47 -1.34 -118.81
CA PHE A 3429 -14.12 -0.92 -119.19
C PHE A 3429 -13.06 -1.77 -118.51
N LEU A 3430 -13.32 -2.22 -117.28
CA LEU A 3430 -12.36 -3.06 -116.57
C LEU A 3430 -12.13 -4.37 -117.30
N ILE A 3431 -13.19 -5.00 -117.78
CA ILE A 3431 -13.07 -6.27 -118.50
C ILE A 3431 -12.73 -5.99 -119.95
N THR A 3432 -11.65 -6.59 -120.43
CA THR A 3432 -11.24 -6.42 -121.82
C THR A 3432 -12.26 -7.06 -122.75
N ASP A 3433 -12.55 -6.37 -123.85
CA ASP A 3433 -13.52 -6.84 -124.83
C ASP A 3433 -12.85 -7.87 -125.73
N THR A 3434 -13.14 -9.15 -125.48
CA THR A 3434 -12.60 -10.26 -126.25
C THR A 3434 -13.74 -11.05 -126.87
N LYS A 3435 -13.38 -12.08 -127.63
CA LYS A 3435 -14.36 -12.94 -128.29
C LYS A 3435 -14.95 -13.89 -127.27
N SER A 3436 -16.20 -13.64 -126.86
CA SER A 3436 -16.87 -14.48 -125.88
C SER A 3436 -18.38 -14.34 -126.06
N LYS A 3437 -19.06 -15.47 -126.18
CA LYS A 3437 -20.51 -15.50 -126.34
C LYS A 3437 -21.11 -16.52 -125.39
N MET A 3438 -22.36 -16.27 -125.00
CA MET A 3438 -23.07 -17.16 -124.08
C MET A 3438 -24.04 -18.10 -124.78
N SER A 3439 -24.50 -17.75 -125.98
CA SER A 3439 -25.47 -18.57 -126.72
C SER A 3439 -26.72 -18.84 -125.88
N LYS A 3440 -27.18 -17.81 -125.15
CA LYS A 3440 -28.35 -17.91 -124.27
C LYS A 3440 -28.19 -19.04 -123.25
N ALA A 3441 -27.00 -19.14 -122.67
CA ALA A 3441 -26.71 -20.10 -121.61
C ALA A 3441 -26.28 -19.36 -120.37
N ALA A 3442 -26.90 -19.68 -119.24
CA ALA A 3442 -26.60 -19.07 -117.95
C ALA A 3442 -26.78 -17.55 -118.00
N ILE A 3443 -28.01 -17.13 -118.28
CA ILE A 3443 -28.37 -15.72 -118.32
C ILE A 3443 -28.81 -15.32 -116.92
N SER A 3444 -28.06 -14.40 -116.31
CA SER A 3444 -28.35 -13.93 -114.96
C SER A 3444 -29.22 -12.68 -114.98
N ASP A 3445 -30.36 -12.76 -115.67
CA ASP A 3445 -31.30 -11.64 -115.65
C ASP A 3445 -31.84 -11.38 -114.25
N GLN A 3446 -32.02 -12.45 -113.46
CA GLN A 3446 -32.41 -12.27 -112.07
C GLN A 3446 -31.36 -11.47 -111.31
N GLU A 3447 -30.08 -11.77 -111.54
CA GLU A 3447 -29.02 -11.00 -110.89
C GLU A 3447 -29.01 -9.55 -111.35
N ARG A 3448 -29.18 -9.33 -112.67
CA ARG A 3448 -29.21 -7.96 -113.19
C ARG A 3448 -30.35 -7.16 -112.58
N LYS A 3449 -31.48 -7.82 -112.32
CA LYS A 3449 -32.54 -7.17 -111.56
C LYS A 3449 -32.16 -7.00 -110.09
N LYS A 3450 -31.35 -7.91 -109.56
CA LYS A 3450 -30.97 -7.83 -108.15
C LYS A 3450 -30.11 -6.60 -107.87
N MET A 3451 -29.12 -6.32 -108.72
CA MET A 3451 -28.35 -5.08 -108.50
C MET A 3451 -29.23 -3.88 -108.79
N LYS A 3452 -29.66 -3.19 -107.73
CA LYS A 3452 -30.43 -1.95 -107.80
C LYS A 3452 -29.92 -0.94 -106.79
N ARG A 3453 -28.61 -0.85 -106.61
CA ARG A 3453 -28.01 0.00 -105.58
C ARG A 3453 -27.17 1.08 -106.24
N LYS A 3454 -27.58 2.34 -106.03
CA LYS A 3454 -26.78 3.47 -106.51
C LYS A 3454 -25.40 3.48 -105.85
N GLY A 3455 -25.34 3.12 -104.56
CA GLY A 3455 -24.05 2.99 -103.91
C GLY A 3455 -23.19 1.90 -104.51
N ASP A 3456 -23.81 0.81 -104.98
CA ASP A 3456 -23.07 -0.26 -105.63
C ASP A 3456 -22.68 0.09 -107.06
N ARG A 3457 -23.34 1.07 -107.68
CA ARG A 3457 -22.94 1.49 -109.02
C ARG A 3457 -21.50 1.99 -109.03
N TYR A 3458 -21.12 2.80 -108.05
CA TYR A 3458 -19.75 3.29 -107.92
C TYR A 3458 -19.10 2.58 -106.73
N SER A 3459 -18.04 1.82 -107.02
CA SER A 3459 -17.28 1.13 -105.99
C SER A 3459 -15.82 1.52 -106.10
N MET A 3460 -15.14 1.49 -104.94
CA MET A 3460 -13.72 1.84 -104.92
C MET A 3460 -12.88 0.83 -105.70
N GLN A 3461 -13.26 -0.44 -105.68
CA GLN A 3461 -12.55 -1.44 -106.47
C GLN A 3461 -12.74 -1.20 -107.96
N THR A 3462 -13.94 -0.74 -108.37
CA THR A 3462 -14.25 -0.52 -109.77
C THR A 3462 -13.71 0.80 -110.30
N SER A 3463 -13.11 1.64 -109.45
CA SER A 3463 -12.59 2.91 -109.89
C SER A 3463 -11.46 2.73 -110.90
N LEU A 3464 -11.52 3.50 -111.99
CA LEU A 3464 -10.54 3.34 -113.06
C LEU A 3464 -9.14 3.73 -112.62
N ILE A 3465 -9.00 4.68 -111.69
CA ILE A 3465 -7.68 5.10 -111.26
C ILE A 3465 -6.96 3.96 -110.56
N VAL A 3466 -7.61 3.34 -109.58
CA VAL A 3466 -6.99 2.24 -108.86
C VAL A 3466 -6.89 1.02 -109.74
N ALA A 3467 -7.82 0.83 -110.68
CA ALA A 3467 -7.69 -0.27 -111.64
C ALA A 3467 -6.45 -0.11 -112.50
N ALA A 3468 -6.20 1.11 -112.99
CA ALA A 3468 -4.99 1.37 -113.76
C ALA A 3468 -3.74 1.16 -112.91
N LEU A 3469 -3.80 1.56 -111.63
CA LEU A 3469 -2.68 1.28 -110.74
C LEU A 3469 -2.44 -0.22 -110.58
N LYS A 3470 -3.52 -1.01 -110.46
CA LYS A 3470 -3.35 -2.45 -110.38
C LYS A 3470 -2.73 -3.00 -111.65
N ARG A 3471 -3.16 -2.50 -112.81
CA ARG A 3471 -2.61 -2.97 -114.07
C ARG A 3471 -1.13 -2.62 -114.21
N LEU A 3472 -0.74 -1.44 -113.71
CA LEU A 3472 0.63 -0.95 -113.85
C LEU A 3472 1.52 -1.33 -112.66
N LEU A 3473 0.95 -1.95 -111.63
CA LEU A 3473 1.71 -2.21 -110.40
C LEU A 3473 2.92 -3.11 -110.61
N PRO A 3474 2.83 -4.24 -111.34
CA PRO A 3474 4.04 -5.03 -111.57
C PRO A 3474 5.14 -4.25 -112.27
N ILE A 3475 4.78 -3.34 -113.18
CA ILE A 3475 5.79 -2.48 -113.81
C ILE A 3475 6.43 -1.57 -112.77
N GLY A 3476 5.62 -0.98 -111.89
CA GLY A 3476 6.16 -0.13 -110.85
C GLY A 3476 7.08 -0.88 -109.91
N LEU A 3477 6.75 -2.12 -109.60
CA LEU A 3477 7.62 -2.94 -108.77
C LEU A 3477 8.90 -3.32 -109.51
N ASN A 3478 8.80 -3.52 -110.83
CA ASN A 3478 10.01 -3.76 -111.63
C ASN A 3478 10.90 -2.54 -111.69
N ILE A 3479 10.32 -1.34 -111.52
CA ILE A 3479 11.14 -0.12 -111.51
C ILE A 3479 12.20 -0.20 -110.43
N CYS A 3480 11.85 -0.71 -109.25
CA CYS A 3480 12.75 -0.74 -108.11
C CYS A 3480 13.26 -2.16 -107.87
N ALA A 3481 14.47 -2.24 -107.31
CA ALA A 3481 15.09 -3.51 -106.99
C ALA A 3481 14.39 -4.16 -105.79
N PRO A 3482 14.54 -5.48 -105.63
CA PRO A 3482 13.93 -6.14 -104.46
C PRO A 3482 14.38 -5.55 -103.13
N GLY A 3483 15.65 -5.17 -103.00
CA GLY A 3483 16.06 -4.43 -101.80
C GLY A 3483 15.42 -3.06 -101.75
N ASP A 3484 15.31 -2.40 -102.90
CA ASP A 3484 14.52 -1.18 -102.96
C ASP A 3484 13.07 -1.46 -102.57
N GLN A 3485 12.54 -2.62 -102.92
CA GLN A 3485 11.19 -2.99 -102.49
C GLN A 3485 11.12 -3.17 -100.97
N GLU A 3486 12.17 -3.72 -100.36
CA GLU A 3486 12.21 -3.79 -98.91
C GLU A 3486 12.14 -2.40 -98.30
N LEU A 3487 12.94 -1.47 -98.83
CA LEU A 3487 12.88 -0.09 -98.34
C LEU A 3487 11.52 0.53 -98.63
N ILE A 3488 10.88 0.15 -99.73
CA ILE A 3488 9.53 0.64 -100.02
C ILE A 3488 8.55 0.18 -98.95
N ALA A 3489 8.66 -1.10 -98.55
CA ALA A 3489 7.79 -1.62 -97.50
C ALA A 3489 8.04 -0.89 -96.18
N LEU A 3490 9.31 -0.66 -95.84
CA LEU A 3490 9.62 0.06 -94.61
C LEU A 3490 9.09 1.49 -94.66
N ALA A 3491 9.23 2.16 -95.80
CA ALA A 3491 8.76 3.54 -95.93
C ALA A 3491 7.23 3.60 -95.88
N LYS A 3492 6.56 2.60 -96.46
CA LYS A 3492 5.11 2.52 -96.35
C LYS A 3492 4.69 2.31 -94.90
N ASN A 3493 5.44 1.51 -94.16
CA ASN A 3493 5.20 1.38 -92.73
C ASN A 3493 5.38 2.72 -92.02
N ARG A 3494 6.38 3.50 -92.45
CA ARG A 3494 6.57 4.83 -91.87
C ARG A 3494 5.38 5.74 -92.17
N PHE A 3495 4.87 5.71 -93.40
CA PHE A 3495 3.66 6.46 -93.72
C PHE A 3495 2.49 6.03 -92.84
N SER A 3496 2.35 4.72 -92.62
CA SER A 3496 1.32 4.23 -91.72
C SER A 3496 1.52 4.78 -90.31
N LEU A 3497 2.77 4.92 -89.88
CA LEU A 3497 3.06 5.45 -88.56
C LEU A 3497 3.12 6.97 -88.58
N LYS A 3498 2.08 7.61 -89.14
CA LYS A 3498 1.87 9.06 -89.10
C LYS A 3498 3.16 9.85 -89.32
N ASP A 3499 3.77 9.63 -90.48
CA ASP A 3499 4.99 10.33 -90.86
C ASP A 3499 4.78 11.07 -92.18
N THR A 3500 5.32 12.28 -92.24
CA THR A 3500 5.20 13.12 -93.42
C THR A 3500 6.14 12.62 -94.52
N GLU A 3501 5.94 13.18 -95.73
CA GLU A 3501 6.67 12.70 -96.90
C GLU A 3501 8.16 12.95 -96.76
N GLU A 3502 8.57 14.15 -96.33
CA GLU A 3502 9.99 14.44 -96.18
C GLU A 3502 10.61 13.65 -95.04
N GLU A 3503 9.86 13.43 -93.95
CA GLU A 3503 10.36 12.59 -92.87
C GLU A 3503 10.61 11.16 -93.36
N VAL A 3504 9.68 10.62 -94.13
CA VAL A 3504 9.86 9.28 -94.68
C VAL A 3504 11.04 9.25 -95.64
N ARG A 3505 11.21 10.31 -96.43
CA ARG A 3505 12.36 10.39 -97.33
C ARG A 3505 13.68 10.38 -96.56
N ASP A 3506 13.74 11.13 -95.46
CA ASP A 3506 14.93 11.11 -94.62
C ASP A 3506 15.16 9.73 -94.01
N ILE A 3507 14.08 9.06 -93.61
CA ILE A 3507 14.21 7.70 -93.09
C ILE A 3507 14.78 6.77 -94.14
N ILE A 3508 14.30 6.88 -95.38
CA ILE A 3508 14.83 6.04 -96.45
C ILE A 3508 16.32 6.35 -96.69
N ARG A 3509 16.67 7.63 -96.67
CA ARG A 3509 18.08 8.00 -96.83
C ARG A 3509 18.93 7.39 -95.73
N SER A 3510 18.44 7.40 -94.49
CA SER A 3510 19.20 6.84 -93.39
C SER A 3510 19.31 5.31 -93.51
N ASN A 3511 18.24 4.65 -93.94
CA ASN A 3511 18.17 3.19 -93.93
C ASN A 3511 18.56 2.57 -95.27
N ILE A 3512 19.03 3.37 -96.22
CA ILE A 3512 19.47 2.86 -97.52
C ILE A 3512 20.56 1.80 -97.41
N HIS A 3513 21.18 1.64 -96.23
CA HIS A 3513 22.22 0.64 -96.07
C HIS A 3513 21.68 -0.79 -96.15
N LEU A 3514 20.37 -0.99 -95.90
CA LEU A 3514 19.82 -2.34 -95.88
C LEU A 3514 19.84 -2.99 -97.27
N GLN A 3515 19.74 -2.19 -98.33
CA GLN A 3515 19.83 -2.73 -99.67
C GLN A 3515 21.20 -3.40 -99.88
N GLY A 3516 21.18 -4.59 -100.46
CA GLY A 3516 22.40 -5.36 -100.62
C GLY A 3516 22.83 -6.12 -99.38
N LYS A 3517 22.79 -5.47 -98.22
CA LYS A 3517 23.12 -6.14 -96.98
C LYS A 3517 22.11 -7.25 -96.66
N LEU A 3518 20.82 -6.96 -96.86
CA LEU A 3518 19.78 -7.97 -96.64
C LEU A 3518 19.86 -9.00 -97.75
N GLU A 3519 20.39 -10.18 -97.44
CA GLU A 3519 20.57 -11.25 -98.41
C GLU A 3519 19.73 -12.47 -98.02
N ASP A 3520 19.25 -13.17 -99.03
CA ASP A 3520 18.39 -14.33 -98.82
C ASP A 3520 18.43 -15.18 -100.07
N PRO A 3521 18.32 -16.51 -99.96
CA PRO A 3521 18.37 -17.36 -101.16
C PRO A 3521 17.33 -16.99 -102.21
N ALA A 3522 16.11 -16.64 -101.79
CA ALA A 3522 15.11 -16.21 -102.77
C ALA A 3522 15.47 -14.85 -103.36
N ILE A 3523 15.99 -13.95 -102.52
CA ILE A 3523 16.43 -12.65 -102.99
C ILE A 3523 17.52 -12.81 -104.04
N ARG A 3524 18.30 -13.89 -103.97
CA ARG A 3524 19.34 -14.13 -104.98
C ARG A 3524 18.72 -14.27 -106.37
N TRP A 3525 17.72 -15.14 -106.53
CA TRP A 3525 17.11 -15.27 -107.85
C TRP A 3525 16.27 -14.04 -108.20
N GLN A 3526 15.74 -13.34 -107.20
CA GLN A 3526 15.04 -12.10 -107.50
C GLN A 3526 15.98 -11.09 -108.14
N MET A 3527 17.18 -10.92 -107.56
CA MET A 3527 18.18 -10.05 -108.15
C MET A 3527 18.62 -10.56 -109.52
N ALA A 3528 18.76 -11.88 -109.66
CA ALA A 3528 19.18 -12.45 -110.93
C ALA A 3528 18.19 -12.11 -112.04
N LEU A 3529 16.89 -12.31 -111.78
CA LEU A 3529 15.87 -11.98 -112.78
C LEU A 3529 15.80 -10.47 -113.01
N TYR A 3530 16.00 -9.67 -111.96
CA TYR A 3530 15.97 -8.23 -112.11
C TYR A 3530 17.08 -7.75 -113.04
N LYS A 3531 18.27 -8.33 -112.91
CA LYS A 3531 19.35 -7.99 -113.85
C LYS A 3531 19.08 -8.56 -115.24
N ASP A 3532 18.48 -9.75 -115.31
CA ASP A 3532 18.17 -10.35 -116.61
C ASP A 3532 17.19 -9.50 -117.39
N LEU A 3533 16.29 -8.80 -116.70
CA LEU A 3533 15.39 -7.88 -117.38
C LEU A 3533 16.22 -6.79 -118.08
N PRO A 3534 16.01 -6.56 -119.38
CA PRO A 3534 16.95 -5.71 -120.15
C PRO A 3534 17.03 -4.27 -119.70
N ASN A 3535 15.90 -3.56 -119.67
CA ASN A 3535 15.92 -2.14 -119.39
C ASN A 3535 16.24 -1.89 -117.92
N ARG A 3536 17.19 -0.99 -117.68
CA ARG A 3536 17.62 -0.60 -116.33
C ARG A 3536 17.72 0.91 -116.24
N THR A 3537 16.69 1.61 -116.70
CA THR A 3537 16.70 3.07 -116.72
C THR A 3537 16.83 3.65 -115.32
N GLU A 3538 16.38 2.92 -114.30
CA GLU A 3538 16.57 3.37 -112.93
C GLU A 3538 18.05 3.39 -112.58
N ASP A 3539 18.42 4.34 -111.73
CA ASP A 3539 19.82 4.50 -111.32
C ASP A 3539 19.96 4.05 -109.87
N PRO A 3540 20.47 2.84 -109.61
CA PRO A 3540 20.66 2.41 -108.22
C PRO A 3540 21.88 3.03 -107.56
N SER A 3541 22.86 3.48 -108.34
CA SER A 3541 24.04 4.13 -107.78
C SER A 3541 23.75 5.52 -107.24
N ASP A 3542 22.57 6.09 -107.54
CA ASP A 3542 22.20 7.40 -107.04
C ASP A 3542 21.33 7.23 -105.80
N PRO A 3543 21.84 7.51 -104.60
CA PRO A 3543 21.01 7.37 -103.40
C PRO A 3543 19.78 8.26 -103.42
N GLU A 3544 19.92 9.48 -103.95
CA GLU A 3544 18.77 10.39 -103.99
C GLU A 3544 17.67 9.85 -104.90
N ARG A 3545 18.04 9.37 -106.08
CA ARG A 3545 17.05 8.80 -106.99
C ARG A 3545 16.42 7.55 -106.41
N THR A 3546 17.23 6.69 -105.77
CA THR A 3546 16.68 5.49 -105.15
C THR A 3546 15.69 5.85 -104.05
N VAL A 3547 16.03 6.83 -103.22
CA VAL A 3547 15.15 7.25 -102.14
C VAL A 3547 13.86 7.84 -102.70
N GLU A 3548 13.96 8.63 -103.76
CA GLU A 3548 12.77 9.21 -104.37
C GLU A 3548 11.85 8.14 -104.93
N ARG A 3549 12.42 7.14 -105.61
CA ARG A 3549 11.60 6.05 -106.13
C ARG A 3549 10.94 5.26 -104.99
N VAL A 3550 11.70 4.99 -103.93
CA VAL A 3550 11.15 4.27 -102.79
C VAL A 3550 10.00 5.05 -102.18
N LEU A 3551 10.18 6.36 -102.00
CA LEU A 3551 9.14 7.21 -101.43
C LEU A 3551 7.88 7.20 -102.31
N GLY A 3552 8.08 7.35 -103.62
CA GLY A 3552 6.96 7.43 -104.54
C GLY A 3552 6.17 6.14 -104.64
N ILE A 3553 6.84 4.99 -104.51
CA ILE A 3553 6.09 3.74 -104.45
C ILE A 3553 5.43 3.57 -103.09
N ALA A 3554 6.13 3.96 -102.01
CA ALA A 3554 5.68 3.63 -100.66
C ALA A 3554 4.42 4.41 -100.28
N ASN A 3555 4.36 5.70 -100.60
CA ASN A 3555 3.17 6.46 -100.24
C ASN A 3555 1.95 5.93 -101.00
N VAL A 3556 2.15 5.56 -102.27
CA VAL A 3556 1.06 4.99 -103.06
C VAL A 3556 0.58 3.67 -102.46
N LEU A 3557 1.52 2.80 -102.07
CA LEU A 3557 1.11 1.54 -101.47
C LEU A 3557 0.42 1.75 -100.12
N PHE A 3558 0.85 2.76 -99.35
CA PHE A 3558 0.20 3.05 -98.08
C PHE A 3558 -1.23 3.54 -98.29
N HIS A 3559 -1.44 4.41 -99.28
CA HIS A 3559 -2.79 4.85 -99.61
C HIS A 3559 -3.64 3.68 -100.12
N LEU A 3560 -3.03 2.78 -100.90
CA LEU A 3560 -3.76 1.60 -101.35
C LEU A 3560 -4.13 0.70 -100.19
N GLU A 3561 -3.26 0.59 -99.19
CA GLU A 3561 -3.61 -0.15 -97.98
C GLU A 3561 -4.77 0.51 -97.25
N GLN A 3562 -4.78 1.84 -97.18
CA GLN A 3562 -5.92 2.54 -96.60
C GLN A 3562 -7.21 2.22 -97.35
N LYS A 3563 -7.16 2.21 -98.67
CA LYS A 3563 -8.34 1.94 -99.47
C LYS A 3563 -8.65 0.46 -99.62
N SER A 3564 -7.80 -0.42 -99.09
CA SER A 3564 -8.05 -1.85 -99.17
C SER A 3564 -7.91 -2.51 -97.80
N PRO A 3611 -57.34 24.66 -83.54
CA PRO A 3611 -58.48 25.57 -83.69
C PRO A 3611 -58.34 26.84 -82.86
N ARG A 3612 -59.28 27.77 -83.01
CA ARG A 3612 -59.18 29.05 -82.33
C ARG A 3612 -59.24 28.88 -80.81
N HIS A 3613 -60.20 28.07 -80.33
CA HIS A 3613 -60.34 27.88 -78.90
C HIS A 3613 -59.11 27.19 -78.30
N ARG A 3614 -58.58 26.18 -79.00
CA ARG A 3614 -57.37 25.52 -78.52
C ARG A 3614 -56.21 26.50 -78.47
N ALA A 3615 -56.07 27.32 -79.51
CA ALA A 3615 -54.97 28.29 -79.54
C ALA A 3615 -55.08 29.30 -78.41
N VAL A 3616 -56.28 29.81 -78.15
CA VAL A 3616 -56.42 30.83 -77.11
C VAL A 3616 -56.22 30.20 -75.73
N ASN A 3617 -56.66 28.96 -75.54
CA ASN A 3617 -56.40 28.29 -74.26
C ASN A 3617 -54.90 28.09 -74.04
N LEU A 3618 -54.19 27.64 -75.07
CA LEU A 3618 -52.74 27.50 -74.95
C LEU A 3618 -52.08 28.84 -74.67
N PHE A 3619 -52.58 29.91 -75.29
CA PHE A 3619 -52.00 31.22 -75.03
C PHE A 3619 -52.29 31.68 -73.60
N LEU A 3620 -53.47 31.37 -73.07
CA LEU A 3620 -53.75 31.69 -71.67
C LEU A 3620 -52.75 31.01 -70.75
N GLN A 3621 -52.53 29.70 -70.95
CA GLN A 3621 -51.61 28.98 -70.08
C GLN A 3621 -50.18 29.50 -70.24
N GLY A 3622 -49.75 29.74 -71.47
CA GLY A 3622 -48.41 30.26 -71.69
C GLY A 3622 -48.22 31.65 -71.13
N TYR A 3623 -49.22 32.51 -71.31
CA TYR A 3623 -49.16 33.85 -70.73
C TYR A 3623 -49.05 33.79 -69.23
N GLU A 3624 -49.81 32.90 -68.59
CA GLU A 3624 -49.64 32.71 -67.16
C GLU A 3624 -48.18 32.38 -66.88
N LYS A 3625 -47.73 31.22 -67.35
CA LYS A 3625 -46.44 30.68 -66.94
C LYS A 3625 -45.27 31.59 -67.33
N SER A 3626 -45.45 32.51 -68.27
CA SER A 3626 -44.36 33.38 -68.70
C SER A 3626 -44.48 34.79 -68.11
N TRP A 3627 -45.60 35.47 -68.34
CA TRP A 3627 -45.75 36.87 -68.02
C TRP A 3627 -46.45 37.14 -66.71
N ILE A 3628 -46.83 36.11 -65.93
CA ILE A 3628 -47.60 36.38 -64.72
C ILE A 3628 -46.89 35.73 -63.54
N GLU A 3629 -46.15 34.66 -63.80
CA GLU A 3629 -45.49 33.89 -62.77
C GLU A 3629 -44.04 34.31 -62.55
N THR A 3630 -43.59 35.38 -63.22
CA THR A 3630 -42.21 35.82 -63.11
C THR A 3630 -42.04 37.16 -62.42
N GLU A 3631 -43.08 37.99 -62.36
CA GLU A 3631 -42.96 39.28 -61.69
C GLU A 3631 -42.76 39.08 -60.18
N GLU A 3632 -41.78 39.78 -59.62
CA GLU A 3632 -41.45 39.70 -58.20
C GLU A 3632 -41.40 41.11 -57.65
N HIS A 3633 -42.55 41.63 -57.23
CA HIS A 3633 -42.63 42.95 -56.63
C HIS A 3633 -42.39 42.85 -55.13
N TYR A 3634 -41.49 43.70 -54.63
CA TYR A 3634 -41.06 43.64 -53.24
C TYR A 3634 -41.96 44.54 -52.40
N PHE A 3635 -42.78 43.90 -51.56
CA PHE A 3635 -43.65 44.62 -50.64
C PHE A 3635 -43.54 44.12 -49.21
N GLU A 3636 -42.72 43.09 -48.96
CA GLU A 3636 -42.69 42.44 -47.66
C GLU A 3636 -42.25 43.40 -46.56
N ASP A 3637 -41.19 44.18 -46.82
CA ASP A 3637 -40.66 45.06 -45.79
C ASP A 3637 -41.67 46.13 -45.42
N LYS A 3638 -42.27 46.78 -46.43
CA LYS A 3638 -43.26 47.82 -46.15
C LYS A 3638 -44.48 47.25 -45.46
N LEU A 3639 -44.95 46.08 -45.90
CA LEU A 3639 -46.11 45.46 -45.27
C LEU A 3639 -45.83 45.12 -43.80
N ILE A 3640 -44.66 44.55 -43.53
CA ILE A 3640 -44.31 44.22 -42.15
C ILE A 3640 -44.20 45.49 -41.31
N GLU A 3641 -43.63 46.55 -41.89
CA GLU A 3641 -43.49 47.80 -41.15
C GLU A 3641 -44.86 48.38 -40.77
N ASP A 3642 -45.77 48.47 -41.75
CA ASP A 3642 -47.07 49.06 -41.44
C ASP A 3642 -47.91 48.15 -40.55
N LEU A 3643 -47.68 46.83 -40.62
CA LEU A 3643 -48.41 45.92 -39.75
C LEU A 3643 -47.89 45.95 -38.32
N ALA A 3644 -46.58 46.17 -38.14
CA ALA A 3644 -46.00 46.24 -36.81
C ALA A 3644 -46.04 47.64 -36.22
N LYS A 3645 -46.43 48.65 -36.99
CA LYS A 3645 -46.57 49.98 -36.45
C LYS A 3645 -47.65 49.99 -35.38
N PRO A 3646 -47.34 50.45 -34.15
CA PRO A 3646 -48.35 50.39 -33.07
C PRO A 3646 -49.60 51.19 -33.36
N GLY A 3647 -49.49 52.31 -34.08
CA GLY A 3647 -50.63 53.14 -34.38
C GLY A 3647 -50.99 54.08 -33.24
N ALA A 3648 -51.94 54.97 -33.54
CA ALA A 3648 -52.37 55.94 -32.56
C ALA A 3648 -53.32 55.31 -31.55
N GLU A 3649 -53.48 55.98 -30.41
CA GLU A 3649 -54.38 55.52 -29.36
C GLU A 3649 -55.14 56.68 -28.73
N LYS A 3658 -50.51 50.38 -23.59
CA LYS A 3658 -50.99 50.22 -24.95
C LYS A 3658 -51.52 48.80 -25.14
N ARG A 3659 -51.92 48.45 -26.36
CA ARG A 3659 -52.49 47.16 -26.67
C ARG A 3659 -51.57 46.42 -27.64
N VAL A 3660 -52.04 45.28 -28.12
CA VAL A 3660 -51.24 44.40 -28.96
C VAL A 3660 -51.25 44.90 -30.40
N ASP A 3661 -50.07 44.96 -31.01
CA ASP A 3661 -49.94 45.38 -32.40
C ASP A 3661 -50.53 44.32 -33.33
N PRO A 3662 -50.95 44.73 -34.53
CA PRO A 3662 -51.55 43.75 -35.46
C PRO A 3662 -50.64 42.57 -35.79
N LEU A 3663 -49.34 42.83 -35.97
CA LEU A 3663 -48.43 41.74 -36.28
C LEU A 3663 -48.32 40.78 -35.11
N HIS A 3664 -48.30 41.31 -33.88
CA HIS A 3664 -48.26 40.45 -32.71
C HIS A 3664 -49.55 39.65 -32.58
N GLN A 3665 -50.69 40.26 -32.94
CA GLN A 3665 -51.95 39.53 -32.96
C GLN A 3665 -51.88 38.36 -33.94
N LEU A 3666 -51.32 38.61 -35.13
CA LEU A 3666 -51.19 37.55 -36.13
C LEU A 3666 -50.29 36.43 -35.62
N ILE A 3667 -49.17 36.78 -34.99
CA ILE A 3667 -48.26 35.77 -34.47
C ILE A 3667 -48.95 34.95 -33.38
N LEU A 3668 -49.71 35.62 -32.51
CA LEU A 3668 -50.45 34.89 -31.48
C LEU A 3668 -51.50 33.98 -32.09
N LEU A 3669 -52.14 34.42 -33.18
CA LEU A 3669 -53.10 33.56 -33.88
C LEU A 3669 -52.41 32.29 -34.39
N PHE A 3670 -51.26 32.44 -35.03
CA PHE A 3670 -50.54 31.27 -35.51
C PHE A 3670 -50.10 30.39 -34.36
N SER A 3671 -49.67 30.98 -33.25
CA SER A 3671 -49.24 30.20 -32.10
C SER A 3671 -50.38 29.39 -31.51
N ARG A 3672 -51.56 30.00 -31.38
CA ARG A 3672 -52.72 29.28 -30.88
C ARG A 3672 -53.14 28.18 -31.84
N THR A 3673 -53.08 28.45 -33.15
CA THR A 3673 -53.40 27.41 -34.11
C THR A 3673 -52.45 26.22 -33.98
N ALA A 3674 -51.15 26.49 -33.81
CA ALA A 3674 -50.18 25.43 -33.65
C ALA A 3674 -50.41 24.65 -32.35
N LEU A 3675 -50.70 25.36 -31.26
CA LEU A 3675 -50.89 24.71 -29.97
C LEU A 3675 -52.21 23.95 -29.89
N THR A 3676 -53.17 24.28 -30.75
CA THR A 3676 -54.44 23.56 -30.73
C THR A 3676 -54.22 22.08 -31.05
N GLU A 3677 -54.81 21.22 -30.23
CA GLU A 3677 -54.63 19.78 -30.40
C GLU A 3677 -55.21 19.34 -31.74
N LYS A 3678 -54.43 18.53 -32.47
CA LYS A 3678 -54.83 18.08 -33.79
C LYS A 3678 -53.92 16.92 -34.19
N CYS A 3679 -54.52 15.89 -34.77
CA CYS A 3679 -53.76 14.68 -35.09
C CYS A 3679 -52.68 14.96 -36.13
N LYS A 3680 -53.04 15.68 -37.19
CA LYS A 3680 -52.12 15.95 -38.29
C LYS A 3680 -52.19 17.42 -38.66
N LEU A 3681 -51.02 18.02 -38.88
CA LEU A 3681 -50.95 19.43 -39.26
C LEU A 3681 -51.70 19.65 -40.57
N GLU A 3682 -52.52 20.69 -40.61
CA GLU A 3682 -53.36 20.98 -41.76
C GLU A 3682 -52.78 22.15 -42.56
N GLU A 3683 -52.83 22.03 -43.88
CA GLU A 3683 -52.35 23.10 -44.75
C GLU A 3683 -53.15 24.37 -44.50
N ASP A 3684 -52.44 25.50 -44.43
CA ASP A 3684 -53.06 26.79 -44.16
C ASP A 3684 -52.42 27.81 -45.09
N PHE A 3685 -53.14 28.19 -46.15
CA PHE A 3685 -52.60 29.10 -47.14
C PHE A 3685 -52.22 30.44 -46.51
N LEU A 3686 -53.01 30.90 -45.54
CA LEU A 3686 -52.64 32.11 -44.81
C LEU A 3686 -51.30 31.95 -44.12
N TYR A 3687 -51.08 30.80 -43.48
CA TYR A 3687 -49.81 30.55 -42.82
C TYR A 3687 -48.67 30.57 -43.83
N MET A 3688 -48.85 29.89 -44.96
CA MET A 3688 -47.80 29.86 -45.97
C MET A 3688 -47.47 31.27 -46.43
N ALA A 3689 -48.49 32.05 -46.79
CA ALA A 3689 -48.27 33.37 -47.35
C ALA A 3689 -47.58 34.28 -46.35
N TYR A 3690 -48.07 34.33 -45.13
CA TYR A 3690 -47.48 35.28 -44.17
C TYR A 3690 -46.15 34.80 -43.63
N ALA A 3691 -45.91 33.49 -43.53
CA ALA A 3691 -44.59 33.01 -43.19
C ALA A 3691 -43.59 33.39 -44.28
N ASP A 3692 -43.99 33.27 -45.55
CA ASP A 3692 -43.11 33.70 -46.63
C ASP A 3692 -42.84 35.20 -46.56
N ILE A 3693 -43.88 36.00 -46.29
CA ILE A 3693 -43.69 37.44 -46.21
C ILE A 3693 -42.73 37.81 -45.08
N MET A 3694 -42.92 37.19 -43.91
CA MET A 3694 -42.07 37.51 -42.77
C MET A 3694 -40.65 37.03 -43.00
N ALA A 3695 -40.46 35.88 -43.65
CA ALA A 3695 -39.12 35.41 -43.97
C ALA A 3695 -38.44 36.35 -44.97
N LYS A 3696 -39.17 36.81 -45.98
CA LYS A 3696 -38.59 37.70 -46.97
C LYS A 3696 -38.36 39.11 -46.43
N SER A 3697 -39.03 39.48 -45.34
CA SER A 3697 -38.81 40.80 -44.76
C SER A 3697 -37.36 40.98 -44.33
N CYS A 3698 -36.78 39.96 -43.70
CA CYS A 3698 -35.36 40.02 -43.34
C CYS A 3698 -34.50 39.94 -44.59
N HIS A 3699 -33.41 40.71 -44.59
CA HIS A 3699 -32.44 40.72 -45.67
C HIS A 3699 -33.09 41.05 -47.02
N SER A 3712 -15.09 49.32 -45.71
CA SER A 3712 -16.27 48.47 -45.87
C SER A 3712 -16.71 47.92 -44.52
N PHE A 3713 -15.86 48.09 -43.50
CA PHE A 3713 -16.21 47.60 -42.16
C PHE A 3713 -17.45 48.34 -41.64
N GLU A 3714 -17.53 49.64 -41.87
CA GLU A 3714 -18.68 50.40 -41.40
C GLU A 3714 -19.97 49.94 -42.08
N GLU A 3715 -19.94 49.66 -43.38
CA GLU A 3715 -21.15 49.22 -44.05
C GLU A 3715 -21.51 47.79 -43.67
N LYS A 3716 -20.52 46.93 -43.43
CA LYS A 3716 -20.82 45.59 -42.92
C LYS A 3716 -21.50 45.68 -41.57
N GLU A 3717 -20.98 46.51 -40.67
CA GLU A 3717 -21.61 46.67 -39.37
C GLU A 3717 -23.01 47.26 -39.49
N MET A 3718 -23.20 48.22 -40.41
CA MET A 3718 -24.51 48.83 -40.58
C MET A 3718 -25.53 47.81 -41.06
N GLU A 3719 -25.16 46.98 -42.05
CA GLU A 3719 -26.10 45.98 -42.52
C GLU A 3719 -26.34 44.90 -41.47
N LYS A 3720 -25.34 44.60 -40.64
CA LYS A 3720 -25.55 43.69 -39.52
C LYS A 3720 -26.57 44.26 -38.54
N GLN A 3721 -26.45 45.54 -38.22
CA GLN A 3721 -27.41 46.18 -37.31
C GLN A 3721 -28.80 46.20 -37.93
N LYS A 3722 -28.90 46.45 -39.24
CA LYS A 3722 -30.21 46.42 -39.89
C LYS A 3722 -30.83 45.03 -39.82
N LEU A 3723 -30.02 43.99 -40.05
CA LEU A 3723 -30.53 42.63 -39.96
C LEU A 3723 -31.00 42.32 -38.55
N LEU A 3724 -30.23 42.71 -37.53
CA LEU A 3724 -30.64 42.49 -36.16
C LEU A 3724 -31.93 43.24 -35.85
N TYR A 3725 -32.07 44.47 -36.38
CA TYR A 3725 -33.30 45.23 -36.17
C TYR A 3725 -34.49 44.50 -36.75
N GLN A 3726 -34.39 44.02 -37.99
CA GLN A 3726 -35.53 43.34 -38.60
C GLN A 3726 -35.86 42.05 -37.86
N GLN A 3727 -34.83 41.27 -37.50
CA GLN A 3727 -35.08 40.03 -36.77
C GLN A 3727 -35.75 40.31 -35.43
N ALA A 3728 -35.27 41.33 -34.70
CA ALA A 3728 -35.90 41.67 -33.43
C ALA A 3728 -37.33 42.16 -33.63
N ARG A 3729 -37.56 42.93 -34.71
CA ARG A 3729 -38.90 43.45 -34.97
C ARG A 3729 -39.89 42.31 -35.15
N LEU A 3730 -39.53 41.32 -35.95
CA LEU A 3730 -40.46 40.21 -36.13
C LEU A 3730 -40.35 39.14 -35.04
N HIS A 3731 -39.37 39.25 -34.15
CA HIS A 3731 -39.06 38.20 -33.20
C HIS A 3731 -39.57 38.48 -31.79
N ASP A 3732 -39.49 39.73 -31.32
CA ASP A 3732 -39.95 40.04 -29.97
C ASP A 3732 -41.44 39.82 -29.78
N ARG A 3733 -42.15 39.44 -30.83
CA ARG A 3733 -43.57 39.17 -30.77
C ARG A 3733 -43.88 37.68 -30.72
N GLY A 3734 -42.87 36.85 -30.50
CA GLY A 3734 -43.08 35.43 -30.36
C GLY A 3734 -42.87 34.59 -31.60
N ALA A 3735 -42.11 35.09 -32.59
CA ALA A 3735 -41.88 34.30 -33.80
C ALA A 3735 -41.12 33.03 -33.49
N ALA A 3736 -40.15 33.10 -32.57
CA ALA A 3736 -39.39 31.91 -32.22
C ALA A 3736 -40.30 30.84 -31.62
N GLU A 3737 -41.17 31.23 -30.70
CA GLU A 3737 -42.10 30.28 -30.09
C GLU A 3737 -43.06 29.73 -31.13
N MET A 3738 -43.52 30.59 -32.04
CA MET A 3738 -44.41 30.13 -33.11
C MET A 3738 -43.73 29.08 -33.99
N VAL A 3739 -42.48 29.32 -34.35
CA VAL A 3739 -41.74 28.36 -35.17
C VAL A 3739 -41.56 27.04 -34.43
N LEU A 3740 -41.18 27.10 -33.15
CA LEU A 3740 -41.00 25.87 -32.38
C LEU A 3740 -42.30 25.10 -32.27
N GLN A 3741 -43.41 25.79 -32.00
CA GLN A 3741 -44.70 25.11 -31.89
C GLN A 3741 -45.11 24.48 -33.22
N THR A 3742 -44.87 25.18 -34.33
CA THR A 3742 -45.22 24.61 -35.63
C THR A 3742 -44.40 23.35 -35.92
N ILE A 3743 -43.09 23.40 -35.64
CA ILE A 3743 -42.25 22.23 -35.87
C ILE A 3743 -42.69 21.08 -34.98
N SER A 3744 -43.03 21.38 -33.72
CA SER A 3744 -43.49 20.33 -32.82
C SER A 3744 -44.79 19.71 -33.30
N ALA A 3745 -45.73 20.53 -33.76
CA ALA A 3745 -47.01 20.02 -34.25
C ALA A 3745 -46.86 19.30 -35.58
N SER A 3746 -45.78 19.54 -36.32
CA SER A 3746 -45.55 18.79 -37.55
C SER A 3746 -45.46 17.29 -37.29
N LYS A 3747 -44.96 16.89 -36.12
CA LYS A 3747 -44.87 15.49 -35.72
C LYS A 3747 -44.07 14.67 -36.72
N GLY A 3748 -42.96 15.24 -37.19
CA GLY A 3748 -42.07 14.50 -38.07
C GLY A 3748 -42.67 14.14 -39.41
N GLU A 3749 -43.51 15.01 -39.96
CA GLU A 3749 -44.13 14.81 -41.25
C GLU A 3749 -43.60 15.85 -42.23
N THR A 3750 -43.00 15.38 -43.32
CA THR A 3750 -42.50 16.29 -44.35
C THR A 3750 -43.67 16.97 -45.04
N GLY A 3751 -43.59 18.29 -45.16
CA GLY A 3751 -44.66 19.06 -45.77
C GLY A 3751 -44.27 20.48 -46.11
N PRO A 3752 -45.04 21.09 -47.00
CA PRO A 3752 -44.78 22.50 -47.34
C PRO A 3752 -44.90 23.44 -46.16
N MET A 3753 -45.79 23.14 -45.20
CA MET A 3753 -45.85 23.94 -43.98
C MET A 3753 -44.54 23.86 -43.21
N VAL A 3754 -43.96 22.66 -43.11
CA VAL A 3754 -42.69 22.50 -42.43
C VAL A 3754 -41.59 23.25 -43.19
N ALA A 3755 -41.62 23.18 -44.53
CA ALA A 3755 -40.64 23.91 -45.31
C ALA A 3755 -40.74 25.42 -45.06
N ALA A 3756 -41.97 25.94 -45.03
CA ALA A 3756 -42.16 27.36 -44.79
C ALA A 3756 -41.68 27.77 -43.41
N THR A 3757 -42.00 26.97 -42.39
CA THR A 3757 -41.58 27.34 -41.05
C THR A 3757 -40.07 27.19 -40.87
N LEU A 3758 -39.44 26.26 -41.59
CA LEU A 3758 -37.99 26.18 -41.56
C LEU A 3758 -37.34 27.38 -42.23
N LYS A 3759 -37.92 27.84 -43.34
CA LYS A 3759 -37.40 29.07 -43.96
C LYS A 3759 -37.57 30.25 -43.03
N LEU A 3760 -38.70 30.33 -42.34
CA LEU A 3760 -38.89 31.41 -41.36
C LEU A 3760 -37.87 31.31 -40.23
N GLY A 3761 -37.60 30.10 -39.75
CA GLY A 3761 -36.61 29.93 -38.70
C GLY A 3761 -35.22 30.34 -39.15
N ILE A 3762 -34.85 29.99 -40.38
CA ILE A 3762 -33.57 30.42 -40.92
C ILE A 3762 -33.52 31.94 -41.00
N ALA A 3763 -34.60 32.56 -41.47
CA ALA A 3763 -34.61 34.01 -41.60
C ALA A 3763 -34.46 34.70 -40.26
N ILE A 3764 -35.15 34.20 -39.23
CA ILE A 3764 -35.07 34.85 -37.93
C ILE A 3764 -33.74 34.58 -37.26
N LEU A 3765 -33.18 33.38 -37.44
CA LEU A 3765 -31.92 33.01 -36.79
C LEU A 3765 -30.69 33.37 -37.59
N ASN A 3766 -30.85 34.00 -38.76
CA ASN A 3766 -29.70 34.33 -39.59
C ASN A 3766 -28.72 35.19 -38.81
N GLY A 3767 -27.44 34.84 -38.89
CA GLY A 3767 -26.42 35.51 -38.14
C GLY A 3767 -26.20 34.98 -36.74
N GLY A 3768 -26.93 33.95 -36.32
CA GLY A 3768 -26.77 33.36 -35.01
C GLY A 3768 -27.12 34.31 -33.87
N ASN A 3769 -28.28 34.97 -33.98
CA ASN A 3769 -28.71 35.91 -32.96
C ASN A 3769 -28.87 35.25 -31.60
N SER A 3770 -28.02 35.65 -30.65
CA SER A 3770 -28.00 35.01 -29.34
C SER A 3770 -29.30 35.23 -28.58
N THR A 3771 -29.96 36.38 -28.78
CA THR A 3771 -31.22 36.64 -28.12
C THR A 3771 -32.27 35.61 -28.53
N VAL A 3772 -32.39 35.37 -29.83
CA VAL A 3772 -33.38 34.41 -30.32
C VAL A 3772 -33.00 33.00 -29.90
N GLN A 3773 -31.70 32.67 -29.96
CA GLN A 3773 -31.29 31.34 -29.52
C GLN A 3773 -31.64 31.12 -28.05
N GLN A 3774 -31.37 32.11 -27.20
CA GLN A 3774 -31.69 31.99 -25.78
C GLN A 3774 -33.18 31.89 -25.55
N LYS A 3775 -33.97 32.65 -26.31
CA LYS A 3775 -35.43 32.56 -26.14
C LYS A 3775 -35.94 31.19 -26.52
N MET A 3776 -35.46 30.63 -27.63
CA MET A 3776 -35.87 29.27 -27.99
C MET A 3776 -35.47 28.27 -26.92
N LEU A 3777 -34.23 28.37 -26.43
CA LEU A 3777 -33.79 27.43 -25.40
C LEU A 3777 -34.62 27.54 -24.13
N ASP A 3778 -34.92 28.77 -23.70
CA ASP A 3778 -35.72 28.96 -22.50
C ASP A 3778 -37.13 28.41 -22.69
N TYR A 3779 -37.72 28.64 -23.88
CA TYR A 3779 -39.05 28.10 -24.13
C TYR A 3779 -39.04 26.58 -24.07
N LEU A 3780 -38.05 25.95 -24.71
CA LEU A 3780 -37.98 24.49 -24.69
C LEU A 3780 -37.78 23.97 -23.28
N LYS A 3781 -36.95 24.64 -22.48
CA LYS A 3781 -36.70 24.18 -21.12
C LYS A 3781 -37.94 24.34 -20.24
N GLU A 3782 -38.63 25.47 -20.34
CA GLU A 3782 -39.81 25.69 -19.52
C GLU A 3782 -40.93 24.74 -19.91
N LYS A 3783 -41.25 24.65 -21.20
CA LYS A 3783 -42.27 23.73 -21.69
C LYS A 3783 -41.55 22.52 -22.25
N LYS A 3784 -41.39 21.49 -21.41
CA LYS A 3784 -40.71 20.27 -21.81
C LYS A 3784 -41.43 19.66 -23.01
N ASP A 3785 -40.78 19.68 -24.17
CA ASP A 3785 -41.40 19.28 -25.43
C ASP A 3785 -40.49 18.27 -26.10
N VAL A 3786 -40.66 16.99 -25.75
CA VAL A 3786 -39.96 15.93 -26.46
C VAL A 3786 -40.48 15.80 -27.88
N GLY A 3787 -41.71 16.24 -28.13
CA GLY A 3787 -42.28 16.14 -29.45
C GLY A 3787 -41.52 16.95 -30.49
N PHE A 3788 -40.94 18.08 -30.09
CA PHE A 3788 -40.15 18.88 -31.01
C PHE A 3788 -38.93 18.11 -31.50
N PHE A 3789 -38.19 17.49 -30.57
CA PHE A 3789 -37.02 16.72 -30.96
C PHE A 3789 -37.41 15.47 -31.74
N GLN A 3790 -38.53 14.84 -31.37
CA GLN A 3790 -39.00 13.70 -32.14
C GLN A 3790 -39.36 14.10 -33.56
N SER A 3791 -39.99 15.26 -33.72
CA SER A 3791 -40.32 15.75 -35.05
C SER A 3791 -39.06 16.04 -35.86
N LEU A 3792 -38.05 16.64 -35.22
CA LEU A 3792 -36.79 16.86 -35.93
C LEU A 3792 -36.17 15.55 -36.37
N ALA A 3793 -36.15 14.56 -35.48
CA ALA A 3793 -35.59 13.26 -35.85
C ALA A 3793 -36.36 12.63 -37.00
N GLY A 3794 -37.69 12.71 -36.96
CA GLY A 3794 -38.48 12.17 -38.05
C GLY A 3794 -38.22 12.87 -39.37
N LEU A 3795 -38.08 14.21 -39.33
CA LEU A 3795 -37.81 14.95 -40.56
C LEU A 3795 -36.46 14.57 -41.15
N MET A 3796 -35.42 14.54 -40.32
CA MET A 3796 -34.10 14.18 -40.84
C MET A 3796 -34.02 12.70 -41.23
N GLN A 3797 -34.91 11.86 -40.69
CA GLN A 3797 -34.98 10.49 -41.16
C GLN A 3797 -35.67 10.39 -42.51
N SER A 3798 -36.71 11.20 -42.72
CA SER A 3798 -37.47 11.16 -43.97
C SER A 3798 -36.86 12.02 -45.06
N CYS A 3799 -35.79 12.77 -44.78
CA CYS A 3799 -35.11 13.52 -45.83
C CYS A 3799 -34.64 12.59 -46.93
N SER A 3800 -34.89 12.97 -48.17
CA SER A 3800 -34.56 12.13 -49.31
C SER A 3800 -33.08 12.18 -49.64
N VAL A 3801 -32.58 11.13 -50.27
CA VAL A 3801 -31.21 11.04 -50.75
C VAL A 3801 -31.23 10.59 -52.21
N LEU A 3802 -30.06 10.60 -52.82
CA LEU A 3802 -29.94 10.17 -54.21
C LEU A 3802 -30.27 8.69 -54.32
N ASP A 3803 -31.10 8.33 -55.31
CA ASP A 3803 -31.44 6.95 -55.58
C ASP A 3803 -31.14 6.62 -57.04
N LEU A 3804 -30.37 5.57 -57.26
CA LEU A 3804 -29.91 5.24 -58.60
C LEU A 3804 -31.00 4.61 -59.45
N ASN A 3805 -31.93 3.88 -58.84
CA ASN A 3805 -32.98 3.21 -59.61
C ASN A 3805 -33.85 4.21 -60.35
N ALA A 3806 -34.27 5.27 -59.66
CA ALA A 3806 -35.11 6.28 -60.29
C ALA A 3806 -34.35 6.99 -61.41
N PHE A 3807 -33.06 7.24 -61.22
CA PHE A 3807 -32.28 7.89 -62.27
C PHE A 3807 -32.14 6.98 -63.49
N GLU A 3808 -31.97 5.67 -63.26
CA GLU A 3808 -31.91 4.75 -64.39
C GLU A 3808 -33.24 4.70 -65.13
N ARG A 3809 -34.35 4.71 -64.39
CA ARG A 3809 -35.66 4.76 -65.03
C ARG A 3809 -35.81 6.04 -65.85
N GLN A 3810 -35.34 7.16 -65.31
CA GLN A 3810 -35.41 8.42 -66.05
C GLN A 3810 -34.53 8.39 -67.30
N ASN A 3811 -33.37 7.75 -67.23
CA ASN A 3811 -32.53 7.63 -68.41
C ASN A 3811 -33.21 6.77 -69.48
N LYS A 3812 -33.81 5.66 -69.08
CA LYS A 3812 -34.55 4.86 -70.04
C LYS A 3812 -35.72 5.63 -70.62
N ALA A 3813 -36.38 6.45 -69.80
CA ALA A 3813 -37.51 7.26 -70.27
C ALA A 3813 -37.05 8.28 -71.29
N GLU A 3814 -35.96 9.00 -71.01
CA GLU A 3814 -35.49 10.01 -71.96
C GLU A 3814 -34.94 9.36 -73.22
N GLY A 3815 -34.43 8.13 -73.12
CA GLY A 3815 -34.06 7.40 -74.31
C GLY A 3815 -35.27 6.99 -75.16
N LEU A 3816 -36.35 6.59 -74.50
CA LEU A 3816 -37.55 6.15 -75.22
C LEU A 3816 -38.37 7.32 -75.74
N GLY A 3817 -38.20 8.52 -75.19
CA GLY A 3817 -38.86 9.70 -75.71
C GLY A 3817 -40.24 9.99 -75.14
N MET A 3818 -40.33 10.16 -73.83
CA MET A 3818 -41.58 10.54 -73.19
C MET A 3818 -41.88 12.02 -73.41
N VAL A 3819 -43.14 12.39 -73.17
CA VAL A 3819 -43.59 13.76 -73.39
C VAL A 3819 -43.00 14.70 -72.36
N THR A 3820 -42.87 14.24 -71.10
CA THR A 3820 -42.46 15.13 -70.02
C THR A 3820 -41.08 15.73 -70.26
N GLU A 3821 -40.18 14.99 -70.91
CA GLU A 3821 -38.83 15.45 -71.21
C GLU A 3821 -38.10 15.88 -69.93
N GLU A 3822 -38.21 15.03 -68.91
CA GLU A 3822 -37.56 15.26 -67.60
C GLU A 3822 -38.01 16.59 -67.01
N GLY A 3823 -39.30 16.90 -67.12
CA GLY A 3823 -39.82 18.11 -66.52
C GLY A 3823 -39.74 18.11 -65.01
N SER A 3824 -40.06 16.97 -64.40
CA SER A 3824 -39.99 16.79 -62.95
C SER A 3824 -38.88 15.78 -62.65
N GLY A 3825 -37.69 16.30 -62.42
CA GLY A 3825 -36.53 15.44 -62.16
C GLY A 3825 -36.28 15.21 -60.68
N GLU A 3826 -37.30 15.45 -59.85
CA GLU A 3826 -37.16 15.29 -58.41
C GLU A 3826 -37.18 13.85 -57.96
N LYS A 3827 -37.42 12.89 -58.87
CA LYS A 3827 -37.35 11.49 -58.50
C LYS A 3827 -35.97 11.10 -58.00
N VAL A 3828 -34.94 11.88 -58.33
CA VAL A 3828 -33.59 11.57 -57.88
C VAL A 3828 -33.27 12.26 -56.55
N LEU A 3829 -33.77 13.48 -56.34
CA LEU A 3829 -33.63 14.14 -55.04
C LEU A 3829 -34.86 15.05 -54.86
N GLN A 3830 -35.90 14.48 -54.25
CA GLN A 3830 -37.16 15.18 -53.98
C GLN A 3830 -36.99 16.59 -53.44
N ASP A 3831 -36.44 16.75 -52.24
CA ASP A 3831 -36.38 18.06 -51.60
C ASP A 3831 -34.96 18.33 -51.09
N ASP A 3832 -34.09 18.73 -52.01
CA ASP A 3832 -32.77 19.21 -51.61
C ASP A 3832 -32.90 20.54 -50.89
N GLU A 3833 -33.80 21.40 -51.35
CA GLU A 3833 -34.02 22.67 -50.67
C GLU A 3833 -34.52 22.45 -49.25
N PHE A 3834 -35.45 21.52 -49.06
CA PHE A 3834 -35.95 21.25 -47.72
C PHE A 3834 -34.87 20.67 -46.82
N THR A 3835 -34.07 19.74 -47.34
CA THR A 3835 -32.99 19.18 -46.54
C THR A 3835 -31.98 20.26 -46.15
N CYS A 3836 -31.60 21.10 -47.10
CA CYS A 3836 -30.66 22.18 -46.80
C CYS A 3836 -31.26 23.15 -45.79
N ASP A 3837 -32.55 23.46 -45.91
CA ASP A 3837 -33.19 24.36 -44.96
C ASP A 3837 -33.19 23.78 -43.55
N LEU A 3838 -33.49 22.48 -43.43
CA LEU A 3838 -33.52 21.85 -42.12
C LEU A 3838 -32.14 21.88 -41.47
N PHE A 3839 -31.12 21.48 -42.23
CA PHE A 3839 -29.79 21.44 -41.63
C PHE A 3839 -29.24 22.84 -41.40
N ARG A 3840 -29.64 23.82 -42.22
CA ARG A 3840 -29.25 25.20 -41.95
C ARG A 3840 -29.93 25.74 -40.72
N PHE A 3841 -31.18 25.32 -40.47
CA PHE A 3841 -31.85 25.70 -39.22
C PHE A 3841 -31.11 25.14 -38.02
N LEU A 3842 -30.68 23.88 -38.10
CA LEU A 3842 -29.90 23.32 -36.99
C LEU A 3842 -28.58 24.06 -36.82
N GLN A 3843 -27.90 24.37 -37.93
CA GLN A 3843 -26.64 25.09 -37.84
C GLN A 3843 -26.81 26.46 -37.23
N LEU A 3844 -27.88 27.17 -37.59
CA LEU A 3844 -28.14 28.47 -37.00
C LEU A 3844 -28.52 28.35 -35.53
N LEU A 3845 -29.14 27.23 -35.14
CA LEU A 3845 -29.37 26.99 -33.72
C LEU A 3845 -28.06 26.88 -32.96
N CYS A 3846 -27.09 26.17 -33.53
CA CYS A 3846 -25.79 25.97 -32.88
C CYS A 3846 -24.68 26.79 -33.52
N GLU A 3847 -24.99 28.01 -33.97
CA GLU A 3847 -24.02 28.81 -34.70
C GLU A 3847 -23.02 29.48 -33.77
N GLY A 3848 -23.50 30.32 -32.86
CA GLY A 3848 -22.60 31.15 -32.07
C GLY A 3848 -21.90 30.42 -30.95
N HIS A 3849 -21.42 29.20 -31.22
CA HIS A 3849 -20.73 28.38 -30.24
C HIS A 3849 -21.58 28.23 -28.97
N ASN A 3850 -22.88 28.03 -29.15
CA ASN A 3850 -23.83 27.99 -28.04
C ASN A 3850 -23.68 26.65 -27.35
N SER A 3851 -22.89 26.61 -26.29
CA SER A 3851 -22.59 25.35 -25.61
C SER A 3851 -23.83 24.73 -25.00
N ASP A 3852 -24.70 25.53 -24.40
CA ASP A 3852 -25.89 25.00 -23.77
C ASP A 3852 -26.81 24.34 -24.80
N PHE A 3853 -27.02 25.00 -25.94
CA PHE A 3853 -27.87 24.42 -26.97
C PHE A 3853 -27.23 23.18 -27.59
N GLN A 3854 -25.90 23.21 -27.77
CA GLN A 3854 -25.21 22.04 -28.30
C GLN A 3854 -25.38 20.84 -27.38
N ASN A 3855 -25.21 21.05 -26.08
CA ASN A 3855 -25.41 19.97 -25.12
C ASN A 3855 -26.86 19.52 -25.06
N TYR A 3856 -27.80 20.46 -25.20
CA TYR A 3856 -29.21 20.09 -25.22
C TYR A 3856 -29.54 19.20 -26.41
N LEU A 3857 -29.00 19.54 -27.58
CA LEU A 3857 -29.22 18.70 -28.76
C LEU A 3857 -28.56 17.33 -28.59
N ARG A 3858 -27.38 17.29 -27.98
CA ARG A 3858 -26.74 16.00 -27.74
C ARG A 3858 -27.59 15.13 -26.82
N THR A 3859 -27.97 15.68 -25.66
CA THR A 3859 -28.86 15.00 -24.73
C THR A 3859 -29.85 16.01 -24.19
N GLN A 3860 -31.13 15.64 -24.15
CA GLN A 3860 -32.19 16.54 -23.70
C GLN A 3860 -32.43 16.30 -22.21
N THR A 3861 -31.62 16.97 -21.39
CA THR A 3861 -31.75 16.83 -19.95
C THR A 3861 -33.08 17.40 -19.48
N GLY A 3862 -33.68 16.74 -18.49
CA GLY A 3862 -34.96 17.17 -17.95
C GLY A 3862 -36.12 16.43 -18.57
N ASN A 3863 -36.07 16.20 -19.88
CA ASN A 3863 -37.12 15.45 -20.55
C ASN A 3863 -37.07 13.98 -20.18
N ASN A 3864 -38.23 13.32 -20.23
CA ASN A 3864 -38.30 11.91 -19.90
C ASN A 3864 -37.51 11.05 -20.88
N THR A 3865 -37.59 11.38 -22.17
CA THR A 3865 -36.88 10.65 -23.21
C THR A 3865 -36.05 11.61 -24.04
N THR A 3866 -34.88 11.15 -24.48
CA THR A 3866 -33.95 11.98 -25.24
C THR A 3866 -33.61 11.30 -26.55
N VAL A 3867 -33.33 12.11 -27.57
CA VAL A 3867 -32.86 11.64 -28.86
C VAL A 3867 -31.57 12.37 -29.19
N ASN A 3868 -30.72 11.74 -29.97
CA ASN A 3868 -29.40 12.29 -30.29
C ASN A 3868 -29.43 12.80 -31.73
N ILE A 3869 -29.71 14.11 -31.86
CA ILE A 3869 -29.71 14.75 -33.17
C ILE A 3869 -28.35 14.64 -33.83
N ILE A 3870 -27.28 14.62 -33.02
CA ILE A 3870 -25.94 14.46 -33.58
C ILE A 3870 -25.81 13.11 -34.28
N ILE A 3871 -26.25 12.03 -33.61
CA ILE A 3871 -26.17 10.71 -34.20
C ILE A 3871 -27.06 10.62 -35.43
N SER A 3872 -28.25 11.22 -35.36
CA SER A 3872 -29.13 11.19 -36.52
C SER A 3872 -28.50 11.93 -37.71
N THR A 3873 -27.84 13.05 -37.46
CA THR A 3873 -27.16 13.78 -38.52
C THR A 3873 -26.03 12.95 -39.12
N VAL A 3874 -25.27 12.25 -38.27
CA VAL A 3874 -24.19 11.41 -38.78
C VAL A 3874 -24.76 10.27 -39.64
N ASP A 3875 -25.89 9.70 -39.21
CA ASP A 3875 -26.52 8.66 -40.01
C ASP A 3875 -26.98 9.19 -41.36
N TYR A 3876 -27.57 10.39 -41.39
CA TYR A 3876 -27.98 10.96 -42.66
C TYR A 3876 -26.77 11.24 -43.55
N LEU A 3877 -25.66 11.68 -42.94
CA LEU A 3877 -24.44 11.87 -43.71
C LEU A 3877 -23.96 10.56 -44.30
N LEU A 3878 -24.06 9.47 -43.53
CA LEU A 3878 -23.69 8.16 -44.06
C LEU A 3878 -24.57 7.78 -45.25
N ARG A 3879 -25.88 8.03 -45.13
CA ARG A 3879 -26.79 7.68 -46.23
C ARG A 3879 -26.46 8.47 -47.49
N VAL A 3880 -26.24 9.78 -47.35
CA VAL A 3880 -25.95 10.58 -48.55
C VAL A 3880 -24.58 10.20 -49.12
N GLN A 3881 -23.63 9.84 -48.27
CA GLN A 3881 -22.34 9.36 -48.76
C GLN A 3881 -22.50 8.08 -49.57
N GLU A 3882 -23.32 7.15 -49.08
CA GLU A 3882 -23.55 5.92 -49.81
C GLU A 3882 -24.24 6.20 -51.15
N SER A 3883 -25.19 7.14 -51.16
CA SER A 3883 -25.85 7.49 -52.42
C SER A 3883 -24.86 8.08 -53.41
N ILE A 3884 -23.98 8.96 -52.95
CA ILE A 3884 -22.98 9.54 -53.84
C ILE A 3884 -22.02 8.47 -54.35
N SER A 3885 -21.65 7.53 -53.49
CA SER A 3885 -20.78 6.44 -53.91
C SER A 3885 -21.44 5.58 -54.98
N ASP A 3886 -22.74 5.29 -54.82
CA ASP A 3886 -23.45 4.51 -55.83
C ASP A 3886 -23.52 5.27 -57.15
N PHE A 3887 -23.77 6.58 -57.09
CA PHE A 3887 -23.80 7.37 -58.32
C PHE A 3887 -22.43 7.36 -59.01
N TYR A 3888 -21.36 7.47 -58.21
CA TYR A 3888 -20.01 7.39 -58.76
C TYR A 3888 -19.76 6.04 -59.42
N TRP A 3889 -20.19 4.95 -58.78
CA TRP A 3889 -20.02 3.64 -59.39
C TRP A 3889 -20.80 3.54 -60.70
N TYR A 3890 -22.00 4.10 -60.73
CA TYR A 3890 -22.80 4.06 -61.95
C TYR A 3890 -22.13 4.82 -63.08
N TYR A 3891 -21.56 5.99 -62.79
CA TYR A 3891 -20.90 6.79 -63.82
C TYR A 3891 -19.41 6.49 -63.94
N SER A 3892 -18.93 5.43 -63.30
CA SER A 3892 -17.49 5.15 -63.34
C SER A 3892 -17.04 4.65 -64.71
N GLY A 3893 -17.90 3.91 -65.41
CA GLY A 3893 -17.49 3.27 -66.64
C GLY A 3893 -17.55 4.15 -67.87
N LYS A 3894 -18.63 4.92 -68.03
CA LYS A 3894 -18.82 5.69 -69.25
C LYS A 3894 -17.80 6.82 -69.41
N ASP A 3895 -17.19 7.26 -68.32
CA ASP A 3895 -16.14 8.28 -68.34
C ASP A 3895 -16.62 9.61 -68.92
N ILE A 3896 -17.92 9.81 -69.00
CA ILE A 3896 -18.50 11.06 -69.49
C ILE A 3896 -19.65 11.44 -68.58
N ILE A 3897 -19.71 12.72 -68.20
CA ILE A 3897 -20.72 13.23 -67.28
C ILE A 3897 -21.70 14.06 -68.08
N ASP A 3898 -22.96 13.64 -68.09
CA ASP A 3898 -24.00 14.40 -68.79
C ASP A 3898 -24.50 15.55 -67.93
N GLU A 3899 -25.37 16.37 -68.52
CA GLU A 3899 -25.89 17.53 -67.80
C GLU A 3899 -26.77 17.12 -66.62
N GLN A 3900 -27.58 16.07 -66.80
CA GLN A 3900 -28.39 15.57 -65.68
C GLN A 3900 -27.50 15.05 -64.56
N GLY A 3901 -26.43 14.34 -64.93
CA GLY A 3901 -25.47 13.91 -63.92
C GLY A 3901 -24.82 15.08 -63.20
N GLN A 3902 -24.51 16.14 -63.95
CA GLN A 3902 -23.94 17.34 -63.33
C GLN A 3902 -24.93 17.95 -62.33
N ARG A 3903 -26.20 18.04 -62.70
CA ARG A 3903 -27.19 18.62 -61.80
C ARG A 3903 -27.35 17.78 -60.54
N ASN A 3904 -27.45 16.46 -60.70
CA ASN A 3904 -27.59 15.58 -59.54
C ASN A 3904 -26.36 15.65 -58.65
N PHE A 3905 -25.18 15.66 -59.25
CA PHE A 3905 -23.95 15.78 -58.47
C PHE A 3905 -23.90 17.10 -57.73
N SER A 3906 -24.31 18.20 -58.37
CA SER A 3906 -24.29 19.50 -57.71
C SER A 3906 -25.24 19.52 -56.51
N LYS A 3907 -26.44 18.96 -56.68
CA LYS A 3907 -27.39 18.91 -55.56
C LYS A 3907 -26.83 18.06 -54.42
N ALA A 3908 -26.25 16.90 -54.74
CA ALA A 3908 -25.68 16.06 -53.71
C ALA A 3908 -24.53 16.76 -52.99
N ILE A 3909 -23.69 17.48 -53.74
CA ILE A 3909 -22.58 18.20 -53.15
C ILE A 3909 -23.09 19.28 -52.20
N GLN A 3910 -24.12 20.02 -52.61
CA GLN A 3910 -24.66 21.06 -51.73
C GLN A 3910 -25.24 20.45 -50.46
N VAL A 3911 -25.99 19.36 -50.58
CA VAL A 3911 -26.59 18.74 -49.41
C VAL A 3911 -25.51 18.23 -48.46
N ALA A 3912 -24.49 17.55 -49.00
CA ALA A 3912 -23.42 17.04 -48.17
C ALA A 3912 -22.62 18.16 -47.53
N LYS A 3913 -22.41 19.25 -48.27
CA LYS A 3913 -21.72 20.41 -47.70
C LYS A 3913 -22.49 21.00 -46.54
N GLN A 3914 -23.80 21.12 -46.68
CA GLN A 3914 -24.60 21.65 -45.58
C GLN A 3914 -24.55 20.73 -44.37
N VAL A 3915 -24.61 19.41 -44.60
CA VAL A 3915 -24.52 18.46 -43.49
C VAL A 3915 -23.17 18.59 -42.78
N PHE A 3916 -22.10 18.70 -43.57
CA PHE A 3916 -20.77 18.84 -42.98
C PHE A 3916 -20.66 20.12 -42.17
N ASN A 3917 -21.20 21.23 -42.69
CA ASN A 3917 -21.16 22.48 -41.94
C ASN A 3917 -21.94 22.36 -40.63
N THR A 3918 -23.09 21.68 -40.67
CA THR A 3918 -23.85 21.46 -39.44
C THR A 3918 -23.05 20.66 -38.43
N LEU A 3919 -22.36 19.62 -38.89
CA LEU A 3919 -21.53 18.82 -37.98
C LEU A 3919 -20.39 19.65 -37.40
N THR A 3920 -19.75 20.47 -38.25
CA THR A 3920 -18.69 21.35 -37.74
C THR A 3920 -19.23 22.26 -36.66
N GLU A 3921 -20.39 22.88 -36.91
CA GLU A 3921 -20.97 23.77 -35.91
C GLU A 3921 -21.32 23.02 -34.64
N TYR A 3922 -21.71 21.75 -34.75
CA TYR A 3922 -21.92 20.94 -33.56
C TYR A 3922 -20.63 20.76 -32.77
N ILE A 3923 -19.52 20.49 -33.45
CA ILE A 3923 -18.29 20.10 -32.76
C ILE A 3923 -17.34 21.25 -32.52
N GLN A 3924 -17.71 22.48 -32.88
CA GLN A 3924 -16.80 23.60 -32.68
C GLN A 3924 -16.59 23.86 -31.20
N GLY A 3925 -15.48 24.54 -30.90
CA GLY A 3925 -15.12 24.84 -29.53
C GLY A 3925 -14.73 23.59 -28.78
N PRO A 3926 -14.66 23.67 -27.46
CA PRO A 3926 -14.34 22.52 -26.63
C PRO A 3926 -15.58 21.71 -26.24
N CYS A 3927 -16.37 21.31 -27.23
CA CYS A 3927 -17.55 20.49 -26.98
C CYS A 3927 -17.10 19.03 -26.90
N THR A 3928 -16.67 18.65 -25.69
CA THR A 3928 -16.14 17.30 -25.49
C THR A 3928 -17.19 16.24 -25.76
N GLY A 3929 -18.43 16.47 -25.32
CA GLY A 3929 -19.46 15.48 -25.54
C GLY A 3929 -19.74 15.24 -27.02
N ASN A 3930 -19.87 16.33 -27.78
CA ASN A 3930 -20.11 16.20 -29.21
C ASN A 3930 -18.92 15.56 -29.91
N GLN A 3931 -17.70 15.93 -29.50
CA GLN A 3931 -16.52 15.33 -30.13
C GLN A 3931 -16.46 13.83 -29.88
N GLN A 3932 -16.74 13.40 -28.65
CA GLN A 3932 -16.75 11.97 -28.36
C GLN A 3932 -17.87 11.26 -29.09
N SER A 3933 -19.04 11.90 -29.20
CA SER A 3933 -20.15 11.27 -29.92
C SER A 3933 -19.80 11.05 -31.38
N LEU A 3934 -19.23 12.06 -32.03
CA LEU A 3934 -18.83 11.88 -33.43
C LEU A 3934 -17.67 10.90 -33.56
N ALA A 3935 -16.77 10.86 -32.58
CA ALA A 3935 -15.66 9.91 -32.63
C ALA A 3935 -16.17 8.47 -32.55
N HIS A 3936 -17.16 8.23 -31.69
CA HIS A 3936 -17.72 6.90 -31.54
C HIS A 3936 -18.81 6.57 -32.54
N SER A 3937 -19.23 7.54 -33.35
CA SER A 3937 -20.28 7.30 -34.32
C SER A 3937 -19.70 6.67 -35.59
N ARG A 3938 -20.50 6.61 -36.64
CA ARG A 3938 -20.13 5.97 -37.89
C ARG A 3938 -19.38 6.92 -38.82
N LEU A 3939 -19.07 8.12 -38.36
CA LEU A 3939 -18.47 9.14 -39.23
C LEU A 3939 -17.16 8.68 -39.84
N TRP A 3940 -16.44 7.79 -39.16
CA TRP A 3940 -15.12 7.37 -39.65
C TRP A 3940 -15.20 6.53 -40.91
N ASP A 3941 -16.35 5.94 -41.21
CA ASP A 3941 -16.53 5.24 -42.48
C ASP A 3941 -17.00 6.19 -43.57
N ALA A 3942 -17.88 7.13 -43.21
CA ALA A 3942 -18.36 8.10 -44.19
C ALA A 3942 -17.22 8.95 -44.71
N VAL A 3943 -16.30 9.36 -43.83
CA VAL A 3943 -15.18 10.19 -44.27
C VAL A 3943 -14.28 9.42 -45.23
N VAL A 3944 -14.04 8.14 -44.95
CA VAL A 3944 -13.21 7.32 -45.84
C VAL A 3944 -13.89 7.18 -47.20
N GLY A 3945 -15.19 6.91 -47.20
CA GLY A 3945 -15.92 6.84 -48.46
C GLY A 3945 -15.86 8.12 -49.24
N PHE A 3946 -15.99 9.26 -48.54
CA PHE A 3946 -15.87 10.56 -49.20
C PHE A 3946 -14.49 10.75 -49.81
N LEU A 3947 -13.43 10.37 -49.08
CA LEU A 3947 -12.09 10.50 -49.64
C LEU A 3947 -11.94 9.65 -50.90
N HIS A 3948 -12.44 8.41 -50.86
CA HIS A 3948 -12.34 7.54 -52.02
C HIS A 3948 -13.07 8.14 -53.22
N VAL A 3949 -14.32 8.54 -53.02
CA VAL A 3949 -15.12 9.05 -54.14
C VAL A 3949 -14.52 10.36 -54.65
N PHE A 3950 -13.99 11.20 -53.75
CA PHE A 3950 -13.43 12.46 -54.20
C PHE A 3950 -12.15 12.25 -55.00
N ALA A 3951 -11.31 11.31 -54.56
CA ALA A 3951 -10.11 11.00 -55.32
C ALA A 3951 -10.47 10.52 -56.72
N HIS A 3952 -11.40 9.58 -56.83
CA HIS A 3952 -11.74 9.06 -58.15
C HIS A 3952 -12.44 10.10 -59.02
N MET A 3953 -13.34 10.89 -58.44
CA MET A 3953 -14.02 11.93 -59.20
C MET A 3953 -13.05 12.98 -59.69
N GLN A 3954 -12.11 13.41 -58.85
CA GLN A 3954 -11.15 14.40 -59.33
C GLN A 3954 -10.20 13.80 -60.37
N MET A 3955 -9.86 12.53 -60.24
CA MET A 3955 -9.04 11.88 -61.26
C MET A 3955 -9.75 11.87 -62.61
N LYS A 3956 -11.05 11.56 -62.61
CA LYS A 3956 -11.81 11.57 -63.86
C LYS A 3956 -12.05 13.00 -64.36
N LEU A 3957 -12.24 13.94 -63.45
CA LEU A 3957 -12.63 15.31 -63.80
C LEU A 3957 -11.46 16.12 -64.35
N SER A 3958 -10.24 15.81 -63.91
CA SER A 3958 -9.08 16.56 -64.41
C SER A 3958 -8.94 16.43 -65.91
N GLN A 3959 -9.24 15.25 -66.46
CA GLN A 3959 -9.08 15.03 -67.90
C GLN A 3959 -10.06 15.88 -68.71
N ASP A 3960 -11.33 15.88 -68.32
CA ASP A 3960 -12.32 16.65 -69.06
C ASP A 3960 -12.24 18.13 -68.71
N SER A 3961 -12.82 18.96 -69.58
CA SER A 3961 -12.77 20.40 -69.41
C SER A 3961 -14.14 21.06 -69.37
N SER A 3962 -15.22 20.31 -69.60
CA SER A 3962 -16.56 20.89 -69.60
C SER A 3962 -17.27 20.75 -68.25
N GLN A 3963 -16.58 20.23 -67.23
CA GLN A 3963 -17.19 20.02 -65.92
C GLN A 3963 -16.36 20.68 -64.82
N ILE A 3964 -15.78 21.85 -65.15
CA ILE A 3964 -14.92 22.54 -64.19
C ILE A 3964 -15.72 23.00 -62.98
N GLU A 3965 -16.97 23.39 -63.19
CA GLU A 3965 -17.81 23.80 -62.06
C GLU A 3965 -18.04 22.64 -61.10
N LEU A 3966 -18.32 21.45 -61.64
CA LEU A 3966 -18.47 20.27 -60.80
C LEU A 3966 -17.18 19.95 -60.07
N LEU A 3967 -16.04 20.11 -60.75
CA LEU A 3967 -14.75 19.89 -60.09
C LEU A 3967 -14.56 20.85 -58.92
N LYS A 3968 -14.90 22.13 -59.12
CA LYS A 3968 -14.76 23.10 -58.04
C LYS A 3968 -15.68 22.78 -56.88
N GLU A 3969 -16.92 22.35 -57.16
CA GLU A 3969 -17.81 21.93 -56.09
C GLU A 3969 -17.23 20.74 -55.32
N LEU A 3970 -16.61 19.81 -56.04
CA LEU A 3970 -15.97 18.67 -55.40
C LEU A 3970 -14.87 19.13 -54.44
N MET A 3971 -14.02 20.04 -54.92
CA MET A 3971 -12.94 20.54 -54.06
C MET A 3971 -13.48 21.31 -52.86
N ASP A 3972 -14.56 22.06 -53.04
CA ASP A 3972 -15.15 22.77 -51.91
C ASP A 3972 -15.67 21.81 -50.87
N LEU A 3973 -16.31 20.72 -51.30
CA LEU A 3973 -16.79 19.74 -50.33
C LEU A 3973 -15.63 19.04 -49.63
N GLN A 3974 -14.53 18.79 -50.36
CA GLN A 3974 -13.35 18.23 -49.71
C GLN A 3974 -12.79 19.20 -48.66
N LYS A 3975 -12.77 20.48 -48.98
CA LYS A 3975 -12.31 21.49 -48.02
C LYS A 3975 -13.19 21.50 -46.78
N ASP A 3976 -14.51 21.39 -46.96
CA ASP A 3976 -15.40 21.34 -45.81
C ASP A 3976 -15.16 20.09 -44.98
N MET A 3977 -14.88 18.95 -45.63
CA MET A 3977 -14.60 17.74 -44.87
C MET A 3977 -13.35 17.90 -44.02
N VAL A 3978 -12.28 18.45 -44.61
CA VAL A 3978 -11.05 18.58 -43.82
C VAL A 3978 -11.21 19.64 -42.74
N VAL A 3979 -12.04 20.66 -42.97
CA VAL A 3979 -12.35 21.61 -41.90
C VAL A 3979 -13.09 20.90 -40.77
N MET A 3980 -13.98 19.97 -41.12
CA MET A 3980 -14.65 19.17 -40.11
C MET A 3980 -13.66 18.33 -39.31
N LEU A 3981 -12.67 17.75 -39.99
CA LEU A 3981 -11.64 16.99 -39.30
C LEU A 3981 -10.84 17.87 -38.35
N LEU A 3982 -10.49 19.08 -38.79
CA LEU A 3982 -9.79 20.02 -37.92
C LEU A 3982 -10.64 20.38 -36.71
N SER A 3983 -11.94 20.59 -36.92
CA SER A 3983 -12.83 20.90 -35.80
C SER A 3983 -12.93 19.73 -34.83
N MET A 3984 -12.84 18.50 -35.33
CA MET A 3984 -12.72 17.36 -34.44
C MET A 3984 -11.42 17.42 -33.64
N LEU A 3985 -10.32 17.77 -34.30
CA LEU A 3985 -9.03 17.93 -33.63
C LEU A 3985 -8.90 19.27 -32.91
N GLU A 3986 -10.01 19.99 -32.70
CA GLU A 3986 -9.96 21.28 -32.04
C GLU A 3986 -9.29 21.19 -30.67
N GLY A 3987 -9.67 20.19 -29.87
CA GLY A 3987 -9.11 20.05 -28.54
C GLY A 3987 -8.23 18.83 -28.39
N ASN A 3988 -7.42 18.53 -29.40
CA ASN A 3988 -6.61 17.33 -29.41
C ASN A 3988 -5.41 17.49 -28.48
N VAL A 3989 -5.22 16.51 -27.61
CA VAL A 3989 -4.03 16.42 -26.76
C VAL A 3989 -2.97 15.63 -27.54
N VAL A 3990 -1.71 15.66 -27.07
CA VAL A 3990 -0.65 14.96 -27.76
C VAL A 3990 -0.94 13.46 -27.82
N ASN A 3991 -1.31 12.88 -26.69
CA ASN A 3991 -1.74 11.48 -26.66
C ASN A 3991 -3.26 11.40 -26.82
N GLY A 3992 -3.72 11.84 -27.98
CA GLY A 3992 -5.13 12.00 -28.23
C GLY A 3992 -5.75 10.74 -28.80
N THR A 3993 -6.82 10.27 -28.15
CA THR A 3993 -7.58 9.15 -28.69
C THR A 3993 -8.19 9.52 -30.04
N ILE A 3994 -8.66 10.75 -30.17
CA ILE A 3994 -9.15 11.23 -31.46
C ILE A 3994 -8.02 11.21 -32.48
N GLY A 3995 -6.80 11.53 -32.05
CA GLY A 3995 -5.66 11.43 -32.95
C GLY A 3995 -5.40 10.01 -33.41
N LYS A 3996 -5.49 9.05 -32.49
CA LYS A 3996 -5.32 7.65 -32.86
C LYS A 3996 -6.41 7.22 -33.84
N GLN A 3997 -7.65 7.63 -33.59
CA GLN A 3997 -8.72 7.28 -34.52
C GLN A 3997 -8.50 7.90 -35.89
N MET A 3998 -8.01 9.14 -35.93
CA MET A 3998 -7.78 9.79 -37.20
C MET A 3998 -6.63 9.15 -37.97
N VAL A 3999 -5.56 8.75 -37.28
CA VAL A 3999 -4.46 8.09 -37.99
C VAL A 3999 -4.89 6.71 -38.45
N ASP A 4000 -5.75 6.02 -37.68
CA ASP A 4000 -6.31 4.77 -38.17
C ASP A 4000 -7.17 5.00 -39.41
N MET A 4001 -7.97 6.07 -39.40
CA MET A 4001 -8.70 6.48 -40.59
C MET A 4001 -7.77 6.64 -41.79
N LEU A 4002 -6.65 7.34 -41.58
CA LEU A 4002 -5.71 7.57 -42.67
C LEU A 4002 -5.12 6.27 -43.20
N VAL A 4003 -4.74 5.36 -42.30
CA VAL A 4003 -4.12 4.12 -42.80
C VAL A 4003 -5.16 3.25 -43.49
N GLU A 4004 -6.42 3.29 -43.05
CA GLU A 4004 -7.47 2.59 -43.79
C GLU A 4004 -7.66 3.19 -45.18
N SER A 4005 -7.59 4.51 -45.29
CA SER A 4005 -7.72 5.19 -46.57
C SER A 4005 -6.36 5.59 -47.14
N SER A 4006 -5.36 4.74 -46.94
CA SER A 4006 -3.99 5.08 -47.35
C SER A 4006 -3.91 5.43 -48.82
N ASN A 4007 -4.45 4.57 -49.68
CA ASN A 4007 -4.25 4.78 -51.12
C ASN A 4007 -4.92 6.07 -51.57
N ASN A 4008 -6.19 6.26 -51.18
CA ASN A 4008 -6.99 7.37 -51.69
C ASN A 4008 -6.33 8.71 -51.39
N VAL A 4009 -5.91 8.90 -50.14
CA VAL A 4009 -5.23 10.13 -49.78
C VAL A 4009 -3.94 10.28 -50.56
N GLU A 4010 -3.30 9.16 -50.94
CA GLU A 4010 -2.09 9.26 -51.74
C GLU A 4010 -2.38 9.82 -53.13
N MET A 4011 -3.41 9.32 -53.82
CA MET A 4011 -3.67 9.96 -55.12
C MET A 4011 -4.17 11.39 -54.95
N ILE A 4012 -4.88 11.69 -53.86
CA ILE A 4012 -5.29 13.07 -53.62
C ILE A 4012 -4.07 13.98 -53.49
N LEU A 4013 -3.11 13.57 -52.66
CA LEU A 4013 -1.91 14.37 -52.45
C LEU A 4013 -1.11 14.51 -53.75
N LYS A 4014 -0.99 13.43 -54.52
CA LYS A 4014 -0.28 13.51 -55.78
C LYS A 4014 -0.99 14.46 -56.75
N PHE A 4015 -2.32 14.42 -56.75
CA PHE A 4015 -3.09 15.31 -57.61
C PHE A 4015 -2.83 16.76 -57.25
N PHE A 4016 -2.76 17.08 -55.96
CA PHE A 4016 -2.41 18.44 -55.57
C PHE A 4016 -0.97 18.78 -55.93
N ASP A 4017 -0.04 17.84 -55.72
CA ASP A 4017 1.37 18.11 -56.01
C ASP A 4017 1.59 18.45 -57.46
N MET A 4018 0.85 17.79 -58.36
CA MET A 4018 1.02 18.08 -59.79
C MET A 4018 0.88 19.57 -60.09
N PHE A 4019 -0.23 20.17 -59.64
CA PHE A 4019 -0.46 21.58 -59.93
C PHE A 4019 0.39 22.50 -59.07
N LEU A 4020 0.68 22.10 -57.83
CA LEU A 4020 1.54 22.95 -57.00
C LEU A 4020 2.94 23.06 -57.58
N LYS A 4021 3.45 21.97 -58.17
CA LYS A 4021 4.72 22.04 -58.88
C LYS A 4021 4.58 22.72 -60.24
N LEU A 4022 3.42 22.60 -60.88
CA LEU A 4022 3.19 23.31 -62.14
C LEU A 4022 3.28 24.81 -61.95
N LYS A 4023 2.84 25.31 -60.80
CA LYS A 4023 2.88 26.74 -60.54
C LYS A 4023 4.32 27.26 -60.61
N ASP A 4024 5.26 26.55 -59.97
CA ASP A 4024 6.66 26.95 -60.03
C ASP A 4024 7.28 26.60 -61.38
N LEU A 4025 6.77 25.56 -62.05
CA LEU A 4025 7.24 25.20 -63.38
C LEU A 4025 7.02 26.33 -64.36
N THR A 4026 5.86 27.00 -64.26
CA THR A 4026 5.53 28.06 -65.20
C THR A 4026 6.52 29.22 -65.09
N SER A 4027 6.90 29.61 -63.86
CA SER A 4027 7.65 30.82 -63.62
C SER A 4027 9.16 30.66 -63.84
N SER A 4028 9.61 29.59 -64.49
CA SER A 4028 11.03 29.42 -64.76
C SER A 4028 11.48 30.35 -65.87
N ASP A 4029 12.75 30.77 -65.80
CA ASP A 4029 13.30 31.70 -66.77
C ASP A 4029 13.25 31.12 -68.18
N THR A 4030 13.74 29.88 -68.33
CA THR A 4030 13.69 29.23 -69.64
C THR A 4030 12.24 29.00 -70.07
N PHE A 4031 11.36 28.66 -69.13
CA PHE A 4031 9.96 28.49 -69.47
C PHE A 4031 9.33 29.80 -69.92
N LYS A 4032 9.70 30.92 -69.30
CA LYS A 4032 9.15 32.20 -69.70
C LYS A 4032 9.67 32.63 -71.07
N GLU A 4033 10.97 32.46 -71.33
CA GLU A 4033 11.48 32.79 -72.65
C GLU A 4033 11.02 31.81 -73.70
N TYR A 4034 10.54 30.64 -73.29
CA TYR A 4034 10.03 29.64 -74.22
C TYR A 4034 8.82 30.16 -74.99
N ASP A 4035 8.06 31.07 -74.39
CA ASP A 4035 6.91 31.73 -75.04
C ASP A 4035 7.18 33.23 -75.08
N PRO A 4036 7.74 33.73 -76.17
CA PRO A 4036 8.02 35.18 -76.25
C PRO A 4036 6.76 36.03 -76.24
N ASP A 4037 5.72 35.63 -76.97
CA ASP A 4037 4.50 36.41 -77.06
C ASP A 4037 3.57 36.18 -75.88
N GLY A 4038 3.78 35.13 -75.09
CA GLY A 4038 2.88 34.80 -74.02
C GLY A 4038 1.61 34.14 -74.52
N LYS A 4039 0.61 34.07 -73.63
CA LYS A 4039 -0.67 33.44 -73.91
C LYS A 4039 -0.50 31.98 -74.35
N GLY A 4040 0.49 31.31 -73.79
CA GLY A 4040 0.73 29.91 -74.11
C GLY A 4040 1.18 29.66 -75.52
N VAL A 4041 2.28 30.31 -75.93
CA VAL A 4041 2.88 30.02 -77.23
C VAL A 4041 3.30 28.55 -77.31
N ILE A 4042 3.55 27.92 -76.16
CA ILE A 4042 3.92 26.51 -76.11
C ILE A 4042 2.93 25.65 -76.88
N SER A 4043 3.44 24.93 -77.88
CA SER A 4043 2.67 23.83 -78.44
C SER A 4043 2.64 22.69 -77.43
N LYS A 4044 1.82 21.68 -77.71
CA LYS A 4044 1.73 20.55 -76.80
C LYS A 4044 3.07 19.81 -76.72
N ARG A 4045 3.62 19.44 -77.87
CA ARG A 4045 4.91 18.75 -77.90
C ARG A 4045 6.03 19.65 -77.40
N ASP A 4046 5.97 20.93 -77.75
CA ASP A 4046 7.02 21.88 -77.36
C ASP A 4046 7.04 22.04 -75.84
N PHE A 4047 5.86 22.19 -75.24
CA PHE A 4047 5.76 22.27 -73.79
C PHE A 4047 6.15 20.96 -73.13
N HIS A 4048 5.84 19.84 -73.77
CA HIS A 4048 6.27 18.54 -73.26
C HIS A 4048 7.78 18.46 -73.15
N LYS A 4049 8.50 18.79 -74.23
CA LYS A 4049 9.94 18.75 -74.15
C LYS A 4049 10.47 19.80 -73.18
N ALA A 4050 9.79 20.93 -73.06
CA ALA A 4050 10.22 21.97 -72.14
C ALA A 4050 10.22 21.47 -70.69
N MET A 4051 9.09 20.94 -70.23
CA MET A 4051 9.11 20.54 -68.82
C MET A 4051 9.69 19.15 -68.61
N GLU A 4052 9.92 18.38 -69.69
CA GLU A 4052 10.73 17.18 -69.55
C GLU A 4052 12.19 17.55 -69.31
N SER A 4053 12.68 18.58 -70.00
CA SER A 4053 13.99 19.13 -69.66
C SER A 4053 13.98 19.75 -68.27
N HIS A 4054 12.84 20.32 -67.86
CA HIS A 4054 12.72 20.84 -66.50
C HIS A 4054 12.89 19.73 -65.47
N LYS A 4055 12.32 18.55 -65.75
CA LYS A 4055 12.45 17.37 -64.90
C LYS A 4055 11.83 17.60 -63.53
N HIS A 4056 10.54 17.93 -63.53
CA HIS A 4056 9.78 18.07 -62.30
C HIS A 4056 8.89 16.87 -62.01
N TYR A 4057 8.62 16.03 -63.01
CA TYR A 4057 7.68 14.92 -62.85
C TYR A 4057 8.23 13.70 -63.57
N THR A 4058 7.54 12.58 -63.40
CA THR A 4058 7.79 11.38 -64.17
C THR A 4058 6.92 11.35 -65.42
N GLN A 4059 7.20 10.40 -66.31
CA GLN A 4059 6.53 10.35 -67.60
C GLN A 4059 5.02 10.20 -67.44
N SER A 4060 4.58 9.44 -66.44
CA SER A 4060 3.15 9.29 -66.20
C SER A 4060 2.51 10.64 -65.86
N GLU A 4061 3.15 11.42 -64.99
CA GLU A 4061 2.62 12.74 -64.68
C GLU A 4061 2.69 13.67 -65.88
N THR A 4062 3.73 13.55 -66.71
CA THR A 4062 3.81 14.38 -67.91
C THR A 4062 2.64 14.11 -68.85
N GLU A 4063 2.36 12.83 -69.10
CA GLU A 4063 1.25 12.51 -69.99
C GLU A 4063 -0.10 12.84 -69.35
N PHE A 4064 -0.20 12.74 -68.02
CA PHE A 4064 -1.42 13.16 -67.34
C PHE A 4064 -1.65 14.65 -67.52
N LEU A 4065 -0.59 15.45 -67.38
CA LEU A 4065 -0.70 16.89 -67.62
C LEU A 4065 -1.03 17.19 -69.08
N LEU A 4066 -0.49 16.41 -70.01
CA LEU A 4066 -0.87 16.59 -71.41
C LEU A 4066 -2.36 16.30 -71.61
N SER A 4067 -2.85 15.22 -71.00
CA SER A 4067 -4.26 14.87 -71.16
C SER A 4067 -5.16 15.95 -70.57
N CYS A 4068 -4.81 16.49 -69.41
CA CYS A 4068 -5.59 17.54 -68.81
C CYS A 4068 -5.33 18.91 -69.42
N ALA A 4069 -4.33 19.03 -70.29
CA ALA A 4069 -4.00 20.31 -70.88
C ALA A 4069 -5.13 20.80 -71.79
N GLU A 4070 -5.26 22.12 -71.87
CA GLU A 4070 -6.27 22.71 -72.74
C GLU A 4070 -6.03 22.28 -74.18
N THR A 4071 -7.07 21.75 -74.81
CA THR A 4071 -6.97 21.25 -76.18
C THR A 4071 -7.35 22.38 -77.14
N ASP A 4072 -6.32 23.04 -77.69
CA ASP A 4072 -6.54 24.08 -78.68
C ASP A 4072 -7.04 23.52 -80.01
N GLU A 4073 -6.99 22.19 -80.19
CA GLU A 4073 -7.30 21.51 -81.43
C GLU A 4073 -6.34 21.92 -82.53
N ASN A 4074 -5.35 22.74 -82.18
CA ASN A 4074 -4.32 23.22 -83.10
C ASN A 4074 -2.92 22.90 -82.58
N GLU A 4075 -2.80 21.87 -81.74
CA GLU A 4075 -1.52 21.45 -81.16
C GLU A 4075 -0.88 22.62 -80.41
N THR A 4076 -1.60 23.09 -79.39
CA THR A 4076 -1.14 24.22 -78.58
C THR A 4076 -1.87 24.18 -77.25
N LEU A 4077 -1.28 24.82 -76.24
CA LEU A 4077 -1.91 24.98 -74.94
C LEU A 4077 -1.48 26.32 -74.35
N ASP A 4078 -2.39 26.93 -73.58
CA ASP A 4078 -2.15 28.23 -72.96
C ASP A 4078 -1.91 28.00 -71.47
N TYR A 4079 -0.64 28.00 -71.07
CA TYR A 4079 -0.31 27.66 -69.69
C TYR A 4079 -0.85 28.70 -68.72
N GLU A 4080 -0.99 29.95 -69.17
CA GLU A 4080 -1.53 31.00 -68.30
C GLU A 4080 -2.92 30.63 -67.81
N GLU A 4081 -3.85 30.45 -68.74
CA GLU A 4081 -5.20 30.06 -68.37
C GLU A 4081 -5.21 28.69 -67.71
N PHE A 4082 -4.30 27.81 -68.11
CA PHE A 4082 -4.25 26.48 -67.50
C PHE A 4082 -3.96 26.57 -65.99
N VAL A 4083 -2.91 27.31 -65.62
CA VAL A 4083 -2.58 27.43 -64.20
C VAL A 4083 -3.65 28.21 -63.48
N LYS A 4084 -4.16 29.29 -64.10
CA LYS A 4084 -5.23 30.06 -63.46
C LYS A 4084 -6.44 29.19 -63.18
N ARG A 4085 -6.72 28.21 -64.04
CA ARG A 4085 -7.84 27.30 -63.79
C ARG A 4085 -7.52 26.29 -62.70
N PHE A 4086 -6.31 25.71 -62.71
CA PHE A 4086 -6.06 24.55 -61.87
C PHE A 4086 -5.37 24.87 -60.54
N HIS A 4087 -4.29 25.66 -60.57
CA HIS A 4087 -3.48 25.83 -59.36
C HIS A 4087 -4.23 26.51 -58.24
N GLU A 4088 -4.99 27.56 -58.54
CA GLU A 4088 -5.64 28.33 -57.48
C GLU A 4088 -6.62 27.50 -56.65
N PRO A 4089 -7.57 26.78 -57.24
CA PRO A 4089 -8.39 25.89 -56.40
C PRO A 4089 -7.57 24.83 -55.70
N ALA A 4090 -6.54 24.31 -56.38
CA ALA A 4090 -5.68 23.31 -55.75
C ALA A 4090 -5.02 23.86 -54.51
N LYS A 4091 -4.47 25.08 -54.60
CA LYS A 4091 -3.84 25.70 -53.44
C LYS A 4091 -4.85 25.96 -52.33
N ASP A 4092 -5.98 26.58 -52.68
CA ASP A 4092 -6.96 26.96 -51.66
C ASP A 4092 -7.53 25.76 -50.93
N ILE A 4093 -7.67 24.63 -51.62
CA ILE A 4093 -8.25 23.45 -50.97
C ILE A 4093 -7.16 22.63 -50.27
N GLY A 4094 -5.98 22.50 -50.85
CA GLY A 4094 -4.93 21.73 -50.22
C GLY A 4094 -4.23 22.40 -49.07
N PHE A 4095 -4.44 23.71 -48.87
CA PHE A 4095 -3.88 24.33 -47.67
C PHE A 4095 -4.45 23.70 -46.40
N ASN A 4096 -5.76 23.43 -46.38
CA ASN A 4096 -6.34 22.80 -45.21
C ASN A 4096 -5.80 21.39 -45.02
N VAL A 4097 -5.57 20.65 -46.11
CA VAL A 4097 -4.96 19.33 -46.00
C VAL A 4097 -3.56 19.44 -45.41
N ALA A 4098 -2.78 20.42 -45.87
CA ALA A 4098 -1.43 20.60 -45.35
C ALA A 4098 -1.44 20.93 -43.87
N VAL A 4099 -2.34 21.82 -43.43
CA VAL A 4099 -2.39 22.16 -42.01
C VAL A 4099 -2.90 20.98 -41.19
N LEU A 4100 -3.80 20.17 -41.75
CA LEU A 4100 -4.24 18.97 -41.05
C LEU A 4100 -3.09 17.99 -40.84
N LEU A 4101 -2.30 17.76 -41.89
CA LEU A 4101 -1.16 16.87 -41.76
C LEU A 4101 -0.13 17.43 -40.78
N THR A 4102 0.10 18.74 -40.82
CA THR A 4102 1.04 19.34 -39.88
C THR A 4102 0.56 19.18 -38.45
N ASN A 4103 -0.74 19.41 -38.21
CA ASN A 4103 -1.28 19.25 -36.87
C ASN A 4103 -1.16 17.81 -36.40
N LEU A 4104 -1.47 16.85 -37.27
CA LEU A 4104 -1.35 15.44 -36.90
C LEU A 4104 0.10 15.08 -36.60
N SER A 4105 1.04 15.61 -37.40
CA SER A 4105 2.45 15.30 -37.17
C SER A 4105 2.92 15.87 -35.85
N GLU A 4106 2.56 17.11 -35.54
CA GLU A 4106 3.03 17.73 -34.30
C GLU A 4106 2.39 17.09 -33.08
N HIS A 4107 1.11 16.72 -33.17
CA HIS A 4107 0.44 16.10 -32.04
C HIS A 4107 0.76 14.62 -31.89
N MET A 4108 1.22 13.96 -32.96
CA MET A 4108 1.43 12.52 -32.95
C MET A 4108 2.88 12.17 -33.27
N PRO A 4109 3.74 12.05 -32.28
CA PRO A 4109 5.11 11.62 -32.53
C PRO A 4109 5.22 10.10 -32.48
N ASN A 4110 6.32 9.59 -33.04
CA ASN A 4110 6.62 8.16 -33.03
C ASN A 4110 5.53 7.34 -33.68
N ASP A 4111 5.11 7.78 -34.87
CA ASP A 4111 4.10 7.07 -35.66
C ASP A 4111 4.68 6.85 -37.06
N THR A 4112 5.14 5.62 -37.32
CA THR A 4112 5.81 5.33 -38.59
C THR A 4112 4.88 5.53 -39.78
N ARG A 4113 3.62 5.13 -39.64
CA ARG A 4113 2.66 5.34 -40.71
C ARG A 4113 2.48 6.82 -41.00
N LEU A 4114 2.39 7.64 -39.94
CA LEU A 4114 2.28 9.08 -40.14
C LEU A 4114 3.53 9.63 -40.82
N GLN A 4115 4.71 9.09 -40.48
CA GLN A 4115 5.93 9.50 -41.16
C GLN A 4115 5.86 9.16 -42.65
N THR A 4116 5.31 7.99 -42.98
CA THR A 4116 5.13 7.65 -44.40
C THR A 4116 4.20 8.63 -45.09
N PHE A 4117 3.10 9.00 -44.43
CA PHE A 4117 2.21 10.00 -45.02
C PHE A 4117 2.93 11.33 -45.22
N LEU A 4118 3.73 11.74 -44.24
CA LEU A 4118 4.47 13.00 -44.36
C LEU A 4118 5.46 12.95 -45.52
N GLU A 4119 6.19 11.84 -45.65
CA GLU A 4119 7.18 11.75 -46.73
C GLU A 4119 6.51 11.66 -48.09
N LEU A 4120 5.29 11.11 -48.16
CA LEU A 4120 4.54 11.18 -49.41
C LEU A 4120 4.03 12.59 -49.68
N ALA A 4121 3.69 13.33 -48.63
CA ALA A 4121 3.17 14.69 -48.75
C ALA A 4121 4.25 15.74 -48.49
N GLU A 4122 5.51 15.42 -48.77
CA GLU A 4122 6.58 16.39 -48.58
C GLU A 4122 6.38 17.63 -49.43
N SER A 4123 5.87 17.46 -50.66
CA SER A 4123 5.77 18.58 -51.58
C SER A 4123 4.79 19.64 -51.07
N VAL A 4124 3.60 19.22 -50.63
CA VAL A 4124 2.60 20.18 -50.17
C VAL A 4124 3.10 20.91 -48.93
N LEU A 4125 3.72 20.17 -47.99
CA LEU A 4125 4.20 20.80 -46.78
C LEU A 4125 5.28 21.84 -47.08
N ASN A 4126 6.20 21.51 -48.00
CA ASN A 4126 7.23 22.47 -48.37
C ASN A 4126 6.63 23.68 -49.06
N TYR A 4127 5.63 23.47 -49.92
CA TYR A 4127 5.03 24.59 -50.63
C TYR A 4127 4.26 25.50 -49.68
N PHE A 4128 3.55 24.94 -48.71
CA PHE A 4128 2.71 25.71 -47.81
C PHE A 4128 3.43 26.12 -46.53
N GLN A 4129 4.72 25.78 -46.38
CA GLN A 4129 5.45 26.19 -45.19
C GLN A 4129 5.48 27.71 -45.03
N PRO A 4130 5.77 28.53 -46.05
CA PRO A 4130 5.72 29.98 -45.83
C PRO A 4130 4.34 30.49 -45.48
N PHE A 4131 3.27 29.89 -46.01
CA PHE A 4131 1.92 30.37 -45.74
C PHE A 4131 1.35 29.87 -44.43
N LEU A 4132 1.99 28.90 -43.78
CA LEU A 4132 1.45 28.32 -42.55
C LEU A 4132 2.04 29.06 -41.35
N GLY A 4133 1.16 29.61 -40.51
CA GLY A 4133 1.57 30.31 -39.30
C GLY A 4133 1.08 29.55 -38.08
N ARG A 4134 1.92 29.53 -37.04
CA ARG A 4134 1.67 28.76 -35.83
C ARG A 4134 1.71 29.69 -34.61
N ILE A 4135 0.71 29.55 -33.74
CA ILE A 4135 0.60 30.35 -32.53
C ILE A 4135 0.35 29.43 -31.35
N GLU A 4136 0.88 29.76 -30.19
CA GLU A 4136 0.62 29.02 -28.96
C GLU A 4136 -0.28 29.84 -28.06
N ILE A 4137 -1.32 29.21 -27.53
CA ILE A 4137 -2.32 29.85 -26.70
C ILE A 4137 -2.39 29.13 -25.37
N MET A 4138 -2.33 29.89 -24.27
CA MET A 4138 -2.34 29.32 -22.93
C MET A 4138 -3.75 29.08 -22.42
N GLY A 4139 -4.59 30.12 -22.45
CA GLY A 4139 -5.88 30.06 -21.79
C GLY A 4139 -6.84 29.05 -22.35
N SER A 4140 -6.56 28.47 -23.51
CA SER A 4140 -7.43 27.47 -24.10
C SER A 4140 -7.43 26.23 -23.23
N ALA A 4141 -8.50 26.03 -22.46
CA ALA A 4141 -8.68 24.85 -21.61
C ALA A 4141 -7.55 24.71 -20.59
N LYS A 4142 -6.96 25.83 -20.18
CA LYS A 4142 -5.89 25.88 -19.19
C LYS A 4142 -4.67 25.07 -19.61
N ARG A 4143 -4.47 24.86 -20.91
CA ARG A 4143 -3.31 24.15 -21.40
C ARG A 4143 -2.80 24.86 -22.65
N ILE A 4144 -1.49 24.70 -22.91
CA ILE A 4144 -0.90 25.30 -24.11
C ILE A 4144 -1.37 24.52 -25.33
N GLU A 4145 -1.90 25.25 -26.31
CA GLU A 4145 -2.45 24.64 -27.51
C GLU A 4145 -1.91 25.38 -28.73
N ARG A 4146 -1.61 24.62 -29.78
CA ARG A 4146 -1.06 25.18 -31.01
C ARG A 4146 -2.18 25.37 -32.01
N VAL A 4147 -2.25 26.58 -32.58
CA VAL A 4147 -3.22 26.91 -33.62
C VAL A 4147 -2.47 27.28 -34.89
N TYR A 4148 -3.05 26.89 -36.03
CA TYR A 4148 -2.45 27.10 -37.33
C TYR A 4148 -3.38 27.96 -38.18
N PHE A 4149 -2.79 28.81 -39.01
CA PHE A 4149 -3.57 29.72 -39.83
C PHE A 4149 -2.80 30.05 -41.10
N GLU A 4150 -3.44 30.81 -41.98
CA GLU A 4150 -2.88 31.19 -43.26
C GLU A 4150 -2.35 32.61 -43.22
N ILE A 4151 -1.19 32.83 -43.84
CA ILE A 4151 -0.55 34.12 -43.93
C ILE A 4151 -0.41 34.49 -45.40
N SER A 4152 -0.86 35.70 -45.74
CA SER A 4152 -0.79 36.15 -47.13
C SER A 4152 0.61 36.64 -47.46
N GLU A 4153 1.06 36.34 -48.69
CA GLU A 4153 2.33 36.86 -49.16
C GLU A 4153 2.33 38.39 -49.22
N SER A 4154 1.15 38.98 -49.47
CA SER A 4154 1.04 40.43 -49.40
C SER A 4154 1.32 40.94 -48.00
N SER A 4155 0.78 40.25 -46.99
CA SER A 4155 1.06 40.61 -45.60
C SER A 4155 2.54 40.45 -45.29
N ARG A 4156 3.16 39.38 -45.78
CA ARG A 4156 4.60 39.21 -45.56
C ARG A 4156 5.40 40.34 -46.18
N THR A 4157 5.05 40.74 -47.42
CA THR A 4157 5.78 41.83 -48.07
C THR A 4157 5.60 43.13 -47.31
N GLN A 4158 4.37 43.42 -46.88
CA GLN A 4158 4.14 44.64 -46.10
C GLN A 4158 4.89 44.60 -44.79
N TRP A 4159 5.05 43.43 -44.20
CA TRP A 4159 5.89 43.31 -43.00
C TRP A 4159 7.34 43.63 -43.33
N GLU A 4160 7.83 43.16 -44.48
CA GLU A 4160 9.19 43.46 -44.89
C GLU A 4160 9.39 44.89 -45.35
N LYS A 4161 8.33 45.68 -45.49
CA LYS A 4161 8.50 47.08 -45.82
C LYS A 4161 9.39 47.77 -44.79
N PRO A 4162 10.30 48.67 -45.23
CA PRO A 4162 11.29 49.24 -44.29
C PRO A 4162 10.69 49.99 -43.12
N GLN A 4163 9.63 50.78 -43.34
CA GLN A 4163 9.06 51.55 -42.24
C GLN A 4163 8.46 50.65 -41.18
N VAL A 4164 7.88 49.52 -41.59
CA VAL A 4164 7.36 48.55 -40.62
C VAL A 4164 8.48 48.01 -39.76
N LYS A 4165 9.62 47.69 -40.38
CA LYS A 4165 10.76 47.20 -39.62
C LYS A 4165 11.30 48.25 -38.65
N GLU A 4166 11.34 49.51 -39.09
CA GLU A 4166 11.77 50.57 -38.20
C GLU A 4166 10.83 50.71 -37.01
N SER A 4167 9.52 50.66 -37.26
CA SER A 4167 8.56 50.71 -36.17
C SER A 4167 8.76 49.52 -35.23
N LYS A 4168 9.03 48.35 -35.79
CA LYS A 4168 9.25 47.16 -34.97
C LYS A 4168 10.44 47.34 -34.04
N ARG A 4169 11.58 47.81 -34.59
CA ARG A 4169 12.75 47.94 -33.74
C ARG A 4169 12.56 49.02 -32.68
N GLN A 4170 11.90 50.13 -33.04
CA GLN A 4170 11.61 51.14 -32.03
C GLN A 4170 10.72 50.59 -30.93
N PHE A 4171 9.69 49.82 -31.29
CA PHE A 4171 8.82 49.23 -30.30
C PHE A 4171 9.56 48.26 -29.40
N ILE A 4172 10.42 47.42 -29.98
CA ILE A 4172 11.17 46.46 -29.17
C ILE A 4172 12.08 47.18 -28.20
N PHE A 4173 12.78 48.22 -28.66
CA PHE A 4173 13.64 48.98 -27.76
C PHE A 4173 12.84 49.61 -26.64
N ASP A 4174 11.68 50.20 -26.97
CA ASP A 4174 10.87 50.85 -25.94
C ASP A 4174 10.37 49.85 -24.91
N VAL A 4175 9.90 48.69 -25.35
CA VAL A 4175 9.31 47.73 -24.42
C VAL A 4175 10.38 47.05 -23.58
N VAL A 4176 11.56 46.79 -24.15
CA VAL A 4176 12.58 46.05 -23.40
C VAL A 4176 13.35 46.97 -22.48
N ASN A 4177 13.77 48.15 -22.99
CA ASN A 4177 14.58 49.05 -22.18
C ASN A 4177 13.81 49.57 -20.97
N GLU A 4178 12.54 49.91 -21.16
CA GLU A 4178 11.74 50.49 -20.08
C GLU A 4178 10.37 49.83 -20.05
N GLY A 4179 9.73 49.88 -18.89
CA GLY A 4179 8.40 49.35 -18.71
C GLY A 4179 8.35 47.92 -18.21
N GLY A 4180 9.47 47.20 -18.23
CA GLY A 4180 9.46 45.83 -17.75
C GLY A 4180 8.57 44.95 -18.59
N GLU A 4181 7.92 44.00 -17.93
CA GLU A 4181 6.99 43.08 -18.58
C GLU A 4181 5.60 43.12 -17.95
N LYS A 4182 5.35 44.07 -17.05
CA LYS A 4182 4.03 44.17 -16.42
C LYS A 4182 2.95 44.52 -17.44
N GLU A 4183 3.24 45.45 -18.35
CA GLU A 4183 2.31 45.87 -19.39
C GLU A 4183 2.80 45.44 -20.77
N LYS A 4184 3.68 44.43 -20.82
CA LYS A 4184 4.29 44.04 -22.08
C LYS A 4184 3.26 43.55 -23.08
N MET A 4185 2.28 42.76 -22.62
CA MET A 4185 1.28 42.24 -23.53
C MET A 4185 0.40 43.35 -24.10
N GLU A 4186 0.01 44.31 -23.25
CA GLU A 4186 -0.77 45.44 -23.74
C GLU A 4186 0.01 46.27 -24.74
N LEU A 4187 1.28 46.53 -24.45
CA LEU A 4187 2.11 47.27 -25.40
C LEU A 4187 2.26 46.50 -26.71
N PHE A 4188 2.40 45.19 -26.63
CA PHE A 4188 2.51 44.38 -27.84
C PHE A 4188 1.22 44.44 -28.66
N VAL A 4189 0.05 44.39 -28.00
CA VAL A 4189 -1.21 44.46 -28.73
C VAL A 4189 -1.37 45.81 -29.41
N ASN A 4190 -1.03 46.89 -28.69
CA ASN A 4190 -1.10 48.22 -29.30
C ASN A 4190 -0.15 48.32 -30.48
N PHE A 4191 1.06 47.76 -30.34
CA PHE A 4191 2.00 47.75 -31.44
C PHE A 4191 1.46 46.98 -32.63
N CYS A 4192 0.79 45.85 -32.37
CA CYS A 4192 0.21 45.07 -33.46
C CYS A 4192 -0.85 45.85 -34.20
N GLU A 4193 -1.72 46.55 -33.47
CA GLU A 4193 -2.75 47.35 -34.13
C GLU A 4193 -2.14 48.48 -34.97
N ASP A 4194 -1.20 49.22 -34.37
CA ASP A 4194 -0.56 50.30 -35.12
C ASP A 4194 0.18 49.76 -36.34
N THR A 4195 0.79 48.58 -36.21
CA THR A 4195 1.56 48.02 -37.30
C THR A 4195 0.67 47.54 -38.43
N ILE A 4196 -0.47 46.90 -38.12
CA ILE A 4196 -1.35 46.47 -39.20
C ILE A 4196 -1.93 47.68 -39.90
N PHE A 4197 -2.23 48.75 -39.16
CA PHE A 4197 -2.65 49.98 -39.82
C PHE A 4197 -1.56 50.53 -40.72
N GLU A 4198 -0.30 50.48 -40.25
CA GLU A 4198 0.80 51.00 -41.04
C GLU A 4198 1.01 50.19 -42.32
N MET A 4199 0.87 48.88 -42.24
CA MET A 4199 1.03 48.06 -43.45
C MET A 4199 -0.16 48.21 -44.39
N GLN A 4200 -1.36 48.44 -43.86
CA GLN A 4200 -2.47 48.77 -44.76
C GLN A 4200 -2.20 50.09 -45.48
N LEU A 4201 -1.67 51.08 -44.77
CA LEU A 4201 -1.30 52.34 -45.40
C LEU A 4201 -0.23 52.13 -46.46
N ALA A 4202 0.77 51.31 -46.17
CA ALA A 4202 1.84 51.05 -47.12
C ALA A 4202 1.31 50.33 -48.36
N ALA A 4203 0.41 49.37 -48.18
CA ALA A 4203 -0.20 48.70 -49.32
C ALA A 4203 -1.02 49.68 -50.14
N GLN A 4204 -1.69 50.63 -49.49
CA GLN A 4204 -2.35 51.70 -50.22
C GLN A 4204 -1.36 52.51 -51.03
N ILE A 4205 -0.20 52.82 -50.45
CA ILE A 4205 0.86 53.49 -51.18
C ILE A 4205 1.51 52.54 -52.17
N PHE A 4478 -11.33 66.40 -66.20
CA PHE A 4478 -9.91 66.64 -65.99
C PHE A 4478 -9.57 66.67 -64.50
N TRP A 4479 -10.58 66.96 -63.67
CA TRP A 4479 -10.35 66.96 -62.22
C TRP A 4479 -9.97 65.58 -61.72
N LYS A 4480 -10.63 64.54 -62.23
CA LYS A 4480 -10.26 63.18 -61.83
C LYS A 4480 -8.82 62.88 -62.23
N LYS A 4481 -8.41 63.32 -63.42
CA LYS A 4481 -7.05 63.07 -63.87
C LYS A 4481 -6.04 63.78 -62.99
N ILE A 4482 -6.29 65.05 -62.65
CA ILE A 4482 -5.31 65.79 -61.84
C ILE A 4482 -5.27 65.26 -60.42
N ILE A 4483 -6.42 64.85 -59.87
CA ILE A 4483 -6.43 64.25 -58.54
C ILE A 4483 -5.65 62.94 -58.54
N ALA A 4484 -5.85 62.11 -59.56
CA ALA A 4484 -5.09 60.87 -59.65
C ALA A 4484 -3.59 61.15 -59.77
N TYR A 4485 -3.22 62.14 -60.57
CA TYR A 4485 -1.81 62.48 -60.74
C TYR A 4485 -1.19 62.94 -59.43
N GLN A 4486 -1.89 63.82 -58.70
CA GLN A 4486 -1.32 64.33 -57.46
C GLN A 4486 -1.27 63.25 -56.39
N GLN A 4487 -2.26 62.35 -56.37
CA GLN A 4487 -2.21 61.22 -55.44
C GLN A 4487 -1.04 60.31 -55.76
N LYS A 4488 -0.79 60.05 -57.04
CA LYS A 4488 0.36 59.24 -57.43
C LYS A 4488 1.66 59.91 -57.04
N LEU A 4489 1.76 61.22 -57.22
CA LEU A 4489 2.96 61.95 -56.83
C LEU A 4489 3.19 61.89 -55.33
N LEU A 4490 2.13 62.05 -54.55
CA LEU A 4490 2.25 61.96 -53.09
C LEU A 4490 2.68 60.57 -52.67
N ASN A 4491 2.11 59.53 -53.30
CA ASN A 4491 2.51 58.17 -52.99
C ASN A 4491 3.97 57.93 -53.34
N TYR A 4492 4.42 58.47 -54.46
CA TYR A 4492 5.83 58.33 -54.84
C TYR A 4492 6.75 58.99 -53.83
N PHE A 4493 6.38 60.19 -53.38
CA PHE A 4493 7.19 60.85 -52.36
C PHE A 4493 7.23 60.03 -51.06
N ALA A 4494 6.07 59.52 -50.64
CA ALA A 4494 6.03 58.72 -49.42
C ALA A 4494 6.89 57.48 -49.56
N ARG A 4495 6.86 56.83 -50.73
CA ARG A 4495 7.68 55.65 -50.95
C ARG A 4495 9.16 55.99 -50.95
N ASN A 4496 9.55 57.10 -51.56
CA ASN A 4496 10.96 57.47 -51.71
C ASN A 4496 11.41 58.49 -50.66
N PHE A 4497 10.74 58.52 -49.51
CA PHE A 4497 11.12 59.46 -48.45
C PHE A 4497 12.56 59.25 -47.99
N TYR A 4498 12.95 58.00 -47.73
CA TYR A 4498 14.26 57.75 -47.14
C TYR A 4498 15.39 58.02 -48.12
N ASN A 4499 15.28 57.52 -49.35
CA ASN A 4499 16.34 57.72 -50.33
C ASN A 4499 16.51 59.21 -50.64
N MET A 4500 15.40 59.94 -50.71
CA MET A 4500 15.48 61.38 -50.93
C MET A 4500 16.06 62.09 -49.72
N ARG A 4501 15.84 61.56 -48.51
CA ARG A 4501 16.50 62.09 -47.33
C ARG A 4501 18.02 61.93 -47.44
N MET A 4502 18.47 60.76 -47.88
CA MET A 4502 19.90 60.56 -48.07
C MET A 4502 20.45 61.49 -49.15
N LEU A 4503 19.66 61.70 -50.21
CA LEU A 4503 20.07 62.65 -51.25
C LEU A 4503 20.20 64.06 -50.69
N ALA A 4504 19.28 64.45 -49.82
CA ALA A 4504 19.38 65.76 -49.17
C ALA A 4504 20.63 65.86 -48.33
N LEU A 4505 20.96 64.80 -47.59
CA LEU A 4505 22.20 64.80 -46.81
C LEU A 4505 23.43 64.96 -47.72
N PHE A 4506 23.45 64.23 -48.84
CA PHE A 4506 24.58 64.32 -49.75
C PHE A 4506 24.72 65.71 -50.35
N VAL A 4507 23.60 66.32 -50.75
CA VAL A 4507 23.68 67.65 -51.35
C VAL A 4507 24.05 68.69 -50.30
N ALA A 4508 23.64 68.49 -49.04
CA ALA A 4508 24.10 69.39 -47.98
C ALA A 4508 25.61 69.29 -47.78
N PHE A 4509 26.15 68.07 -47.80
CA PHE A 4509 27.60 67.92 -47.70
C PHE A 4509 28.31 68.57 -48.87
N ALA A 4510 27.76 68.42 -50.08
CA ALA A 4510 28.40 69.03 -51.24
C ALA A 4510 28.36 70.56 -51.16
N ILE A 4511 27.24 71.12 -50.73
CA ILE A 4511 27.15 72.58 -50.64
C ILE A 4511 28.08 73.12 -49.56
N ASN A 4512 28.24 72.37 -48.46
CA ASN A 4512 29.21 72.79 -47.44
C ASN A 4512 30.63 72.70 -47.96
N PHE A 4513 30.94 71.67 -48.75
CA PHE A 4513 32.26 71.58 -49.36
C PHE A 4513 32.53 72.76 -50.28
N ILE A 4514 31.54 73.18 -51.07
CA ILE A 4514 31.72 74.35 -51.92
C ILE A 4514 31.88 75.61 -51.07
N LEU A 4515 31.07 75.77 -50.02
CA LEU A 4515 31.18 76.93 -49.15
C LEU A 4515 32.52 76.98 -48.43
N LEU A 4516 33.20 75.85 -48.30
CA LEU A 4516 34.49 75.84 -47.63
C LEU A 4516 35.50 76.76 -48.31
N PHE A 4517 35.39 76.94 -49.63
CA PHE A 4517 36.30 77.82 -50.37
C PHE A 4517 35.73 79.23 -50.38
N TYR A 4518 35.88 79.91 -49.24
CA TYR A 4518 35.42 81.28 -49.07
C TYR A 4518 36.52 82.11 -48.44
N LYS A 4519 36.67 83.34 -48.94
CA LYS A 4519 37.70 84.24 -48.44
C LYS A 4519 37.17 85.66 -48.47
N VAL A 4520 37.53 86.45 -47.46
CA VAL A 4520 37.11 87.84 -47.37
C VAL A 4520 38.01 88.68 -48.27
N SER A 4521 37.42 89.69 -48.90
CA SER A 4521 38.17 90.61 -49.75
C SER A 4521 37.71 92.04 -49.54
N VAL A 4556 35.80 92.99 -47.12
CA VAL A 4556 34.47 92.81 -46.57
C VAL A 4556 33.65 91.85 -47.43
N HIS A 4557 33.86 91.92 -48.74
CA HIS A 4557 33.14 91.05 -49.66
C HIS A 4557 33.61 89.61 -49.51
N TYR A 4558 32.65 88.68 -49.46
CA TYR A 4558 32.95 87.26 -49.30
C TYR A 4558 33.05 86.63 -50.68
N VAL A 4559 34.20 86.83 -51.31
CA VAL A 4559 34.45 86.26 -52.63
C VAL A 4559 34.73 84.77 -52.48
N LEU A 4560 34.07 83.96 -53.32
CA LEU A 4560 34.26 82.52 -53.33
C LEU A 4560 35.10 82.05 -54.52
N GLU A 4561 35.60 82.96 -55.34
CA GLU A 4561 36.35 82.61 -56.54
C GLU A 4561 37.80 82.26 -56.19
N GLU A 4562 37.94 81.29 -55.28
CA GLU A 4562 39.27 80.81 -54.93
C GLU A 4562 39.88 80.00 -56.07
N SER A 4563 39.07 79.21 -56.75
CA SER A 4563 39.51 78.38 -57.87
C SER A 4563 39.32 79.15 -59.18
N SER A 4564 39.49 78.44 -60.30
CA SER A 4564 39.35 79.09 -61.61
C SER A 4564 37.91 79.56 -61.83
N GLY A 4565 36.93 78.75 -61.48
CA GLY A 4565 35.54 79.12 -61.68
C GLY A 4565 34.63 77.92 -61.53
N TYR A 4566 33.43 78.06 -62.09
CA TYR A 4566 32.40 77.02 -62.03
C TYR A 4566 32.06 76.64 -60.59
N MET A 4567 31.98 77.65 -59.72
CA MET A 4567 31.66 77.42 -58.32
C MET A 4567 30.41 78.15 -57.88
N GLU A 4568 30.26 79.44 -58.21
CA GLU A 4568 29.04 80.17 -57.83
C GLU A 4568 27.79 79.62 -58.51
N PRO A 4569 27.77 79.36 -59.82
CA PRO A 4569 26.54 78.81 -60.43
C PRO A 4569 26.15 77.47 -59.86
N THR A 4570 27.11 76.55 -59.70
CA THR A 4570 26.77 75.26 -59.13
C THR A 4570 26.39 75.38 -57.66
N LEU A 4571 26.94 76.36 -56.95
CA LEU A 4571 26.53 76.60 -55.56
C LEU A 4571 25.08 77.03 -55.50
N ARG A 4572 24.67 77.95 -56.39
CA ARG A 4572 23.28 78.37 -56.43
C ARG A 4572 22.36 77.21 -56.82
N ILE A 4573 22.78 76.41 -57.80
CA ILE A 4573 21.97 75.27 -58.23
C ILE A 4573 21.82 74.28 -57.07
N LEU A 4574 22.89 74.01 -56.35
CA LEU A 4574 22.80 73.08 -55.23
C LEU A 4574 21.94 73.64 -54.11
N ALA A 4575 21.98 74.95 -53.89
CA ALA A 4575 21.14 75.55 -52.86
C ALA A 4575 19.65 75.38 -53.21
N ILE A 4576 19.28 75.72 -54.44
CA ILE A 4576 17.87 75.61 -54.81
C ILE A 4576 17.44 74.14 -54.85
N LEU A 4577 18.32 73.25 -55.29
CA LEU A 4577 18.02 71.83 -55.30
C LEU A 4577 17.82 71.32 -53.87
N HIS A 4578 18.66 71.77 -52.94
CA HIS A 4578 18.50 71.37 -51.55
C HIS A 4578 17.17 71.84 -50.99
N THR A 4579 16.77 73.06 -51.30
CA THR A 4579 15.47 73.55 -50.81
C THR A 4579 14.33 72.72 -51.38
N ILE A 4580 14.39 72.42 -52.68
CA ILE A 4580 13.33 71.61 -53.30
C ILE A 4580 13.28 70.23 -52.66
N ILE A 4581 14.44 69.61 -52.43
CA ILE A 4581 14.47 68.27 -51.85
C ILE A 4581 13.96 68.30 -50.42
N SER A 4582 14.27 69.36 -49.66
CA SER A 4582 13.75 69.47 -48.30
C SER A 4582 12.22 69.61 -48.30
N PHE A 4583 11.69 70.41 -49.22
CA PHE A 4583 10.24 70.53 -49.32
C PHE A 4583 9.60 69.18 -49.66
N PHE A 4584 10.21 68.45 -50.59
CA PHE A 4584 9.69 67.14 -50.94
C PHE A 4584 9.80 66.16 -49.77
N CYS A 4585 10.86 66.27 -48.96
CA CYS A 4585 10.98 65.44 -47.77
C CYS A 4585 9.86 65.72 -46.79
N ILE A 4586 9.53 67.00 -46.59
CA ILE A 4586 8.46 67.32 -45.64
C ILE A 4586 7.12 66.84 -46.17
N ILE A 4587 6.92 66.92 -47.49
CA ILE A 4587 5.68 66.40 -48.07
C ILE A 4587 5.59 64.89 -47.89
N GLY A 4588 6.70 64.19 -48.15
CA GLY A 4588 6.70 62.75 -47.99
C GLY A 4588 6.45 62.32 -46.56
N TYR A 4589 7.06 63.02 -45.60
CA TYR A 4589 6.78 62.72 -44.20
C TYR A 4589 5.31 62.97 -43.87
N TYR A 4590 4.75 64.07 -44.37
CA TYR A 4590 3.35 64.36 -44.09
C TYR A 4590 2.43 63.26 -44.62
N CYS A 4591 2.71 62.76 -45.82
CA CYS A 4591 1.84 61.72 -46.40
C CYS A 4591 2.24 60.31 -45.97
N LEU A 4592 3.31 60.15 -45.20
CA LEU A 4592 3.75 58.82 -44.77
C LEU A 4592 3.51 58.57 -43.28
N LYS A 4593 4.03 59.42 -42.40
CA LYS A 4593 4.05 59.11 -40.97
C LYS A 4593 3.05 59.89 -40.14
N VAL A 4594 2.52 61.00 -40.66
CA VAL A 4594 1.46 61.72 -39.95
C VAL A 4594 0.22 60.85 -39.75
N PRO A 4595 -0.27 60.10 -40.75
CA PRO A 4595 -1.45 59.26 -40.49
C PRO A 4595 -1.27 58.30 -39.33
N LEU A 4596 -0.08 57.74 -39.16
CA LEU A 4596 0.14 56.80 -38.07
C LEU A 4596 -0.02 57.47 -36.71
N VAL A 4597 0.59 58.65 -36.55
CA VAL A 4597 0.54 59.32 -35.24
C VAL A 4597 -0.87 59.83 -34.96
N ILE A 4598 -1.56 60.35 -35.98
CA ILE A 4598 -2.93 60.79 -35.73
C ILE A 4598 -3.83 59.61 -35.44
N PHE A 4599 -3.59 58.46 -36.06
CA PHE A 4599 -4.36 57.26 -35.73
C PHE A 4599 -4.12 56.83 -34.29
N LYS A 4600 -2.86 56.88 -33.85
CA LYS A 4600 -2.56 56.54 -32.45
C LYS A 4600 -3.28 57.47 -31.49
N ARG A 4601 -3.24 58.78 -31.77
CA ARG A 4601 -3.89 59.74 -30.89
C ARG A 4601 -5.40 59.56 -30.88
N GLU A 4602 -6.00 59.33 -32.05
CA GLU A 4602 -7.44 59.10 -32.12
C GLU A 4602 -7.83 57.84 -31.36
N LYS A 4603 -7.04 56.78 -31.49
CA LYS A 4603 -7.31 55.56 -30.74
C LYS A 4603 -7.24 55.82 -29.25
N GLU A 4604 -6.23 56.58 -28.81
CA GLU A 4604 -6.08 56.87 -27.39
C GLU A 4604 -7.27 57.64 -26.85
N VAL A 4605 -7.69 58.69 -27.55
CA VAL A 4605 -8.78 59.52 -27.06
C VAL A 4605 -10.11 58.75 -27.10
N ALA A 4606 -10.31 57.93 -28.14
CA ALA A 4606 -11.53 57.15 -28.22
C ALA A 4606 -11.59 56.12 -27.09
N ARG A 4607 -10.47 55.47 -26.78
CA ARG A 4607 -10.48 54.51 -25.68
C ARG A 4607 -10.64 55.21 -24.34
N LYS A 4608 -10.11 56.42 -24.20
CA LYS A 4608 -10.36 57.19 -22.98
C LYS A 4608 -11.83 57.52 -22.83
N LEU A 4609 -12.48 57.89 -23.94
CA LEU A 4609 -13.92 58.16 -23.89
C LEU A 4609 -14.71 56.89 -23.54
N GLU A 4610 -14.31 55.75 -24.10
CA GLU A 4610 -15.07 54.53 -23.89
C GLU A 4610 -14.87 53.99 -22.47
N PHE A 4611 -13.64 53.63 -22.13
CA PHE A 4611 -13.40 52.96 -20.85
C PHE A 4611 -13.25 53.96 -19.71
N ASP A 4612 -12.33 54.91 -19.85
CA ASP A 4612 -12.11 55.89 -18.80
C ASP A 4612 -13.28 56.86 -18.68
N GLY A 4613 -13.94 57.17 -19.78
CA GLY A 4613 -15.04 58.12 -19.78
C GLY A 4613 -14.58 59.50 -19.36
N LEU A 4614 -13.47 59.96 -19.94
CA LEU A 4614 -12.88 61.22 -19.52
C LEU A 4614 -13.82 62.39 -19.75
N TYR A 4615 -14.16 62.67 -21.01
CA TYR A 4615 -14.95 63.85 -21.32
C TYR A 4615 -16.43 63.68 -20.99
N ILE A 4616 -16.79 62.67 -20.20
CA ILE A 4616 -18.17 62.43 -19.79
C ILE A 4616 -18.33 62.62 -18.29
N THR A 4617 -17.48 61.97 -17.49
CA THR A 4617 -17.64 61.99 -16.04
C THR A 4617 -16.82 63.10 -15.39
N GLU A 4618 -15.50 63.05 -15.53
CA GLU A 4618 -14.63 64.04 -14.91
C GLU A 4618 -13.69 64.62 -15.96
N GLN A 4619 -13.64 65.95 -16.04
CA GLN A 4619 -12.88 66.61 -17.08
C GLN A 4619 -11.38 66.41 -16.86
N PRO A 4620 -10.59 66.43 -17.93
CA PRO A 4620 -9.14 66.30 -17.78
C PRO A 4620 -8.54 67.45 -17.01
N SER A 4621 -7.44 67.18 -16.32
CA SER A 4621 -6.76 68.20 -15.54
C SER A 4621 -6.17 69.27 -16.45
N GLU A 4622 -6.04 70.49 -15.91
CA GLU A 4622 -5.50 71.59 -16.69
C GLU A 4622 -4.04 71.35 -17.09
N ASP A 4623 -3.29 70.62 -16.27
CA ASP A 4623 -1.91 70.30 -16.63
C ASP A 4623 -1.84 69.37 -17.83
N ASP A 4624 -2.92 68.65 -18.13
CA ASP A 4624 -2.97 67.74 -19.28
C ASP A 4624 -3.32 68.55 -20.52
N ILE A 4625 -2.31 69.27 -21.03
CA ILE A 4625 -2.51 70.07 -22.23
C ILE A 4625 -2.87 69.20 -23.42
N LYS A 4626 -2.35 67.97 -23.46
CA LYS A 4626 -2.73 67.05 -24.52
C LYS A 4626 -4.20 66.72 -24.46
N GLY A 4627 -4.73 66.47 -23.26
CA GLY A 4627 -6.17 66.24 -23.13
C GLY A 4627 -6.99 67.46 -23.46
N GLN A 4628 -6.51 68.65 -23.08
CA GLN A 4628 -7.23 69.88 -23.41
C GLN A 4628 -7.31 70.07 -24.92
N TRP A 4629 -6.19 69.80 -25.62
CA TRP A 4629 -6.22 69.88 -27.08
C TRP A 4629 -7.12 68.83 -27.68
N ASP A 4630 -7.09 67.60 -27.15
CA ASP A 4630 -7.93 66.53 -27.66
C ASP A 4630 -9.40 66.78 -27.40
N ARG A 4631 -9.73 67.65 -26.44
CA ARG A 4631 -11.12 68.03 -26.24
C ARG A 4631 -11.75 68.66 -27.48
N LEU A 4632 -10.92 69.21 -28.37
CA LEU A 4632 -11.45 69.88 -29.56
C LEU A 4632 -11.96 68.90 -30.60
N VAL A 4633 -11.40 67.69 -30.66
CA VAL A 4633 -11.75 66.76 -31.73
C VAL A 4633 -12.90 65.83 -31.34
N ILE A 4634 -13.26 65.75 -30.06
CA ILE A 4634 -14.33 64.84 -29.64
C ILE A 4634 -15.69 65.26 -30.16
N ASN A 4635 -15.81 66.45 -30.73
CA ASN A 4635 -17.11 66.97 -31.16
C ASN A 4635 -17.20 67.29 -32.64
N THR A 4636 -16.15 67.05 -33.42
CA THR A 4636 -16.20 67.37 -34.84
C THR A 4636 -16.96 66.27 -35.59
N GLN A 4637 -17.04 66.42 -36.90
CA GLN A 4637 -17.80 65.47 -37.72
C GLN A 4637 -17.10 64.12 -37.80
N SER A 4638 -15.90 64.10 -38.37
CA SER A 4638 -15.14 62.86 -38.55
C SER A 4638 -14.10 62.73 -37.45
N PHE A 4639 -14.58 62.40 -36.26
CA PHE A 4639 -13.65 62.13 -35.16
C PHE A 4639 -12.81 60.88 -35.39
N PRO A 4640 -13.39 59.71 -35.73
CA PRO A 4640 -12.55 58.53 -36.01
C PRO A 4640 -12.17 58.43 -37.49
N ASN A 4641 -11.42 59.41 -37.96
CA ASN A 4641 -11.05 59.43 -39.37
C ASN A 4641 -10.13 58.26 -39.72
N ASN A 4642 -9.17 57.96 -38.85
CA ASN A 4642 -8.25 56.85 -39.06
C ASN A 4642 -8.53 55.65 -38.17
N TYR A 4643 -9.20 55.84 -37.04
CA TYR A 4643 -9.58 54.72 -36.19
C TYR A 4643 -10.54 53.82 -36.93
N TRP A 4644 -10.37 52.51 -36.77
CA TRP A 4644 -11.16 51.56 -37.55
C TRP A 4644 -12.64 51.63 -37.18
N ASP A 4645 -12.95 51.79 -35.90
CA ASP A 4645 -14.34 51.80 -35.44
C ASP A 4645 -14.88 53.21 -35.55
N LYS A 4646 -15.88 53.40 -36.41
CA LYS A 4646 -16.53 54.69 -36.58
C LYS A 4646 -17.76 54.84 -35.71
N PHE A 4647 -18.05 53.86 -34.85
CA PHE A 4647 -19.23 53.88 -34.00
C PHE A 4647 -18.90 54.19 -32.55
N VAL A 4648 -17.74 54.79 -32.29
CA VAL A 4648 -17.34 55.10 -30.93
C VAL A 4648 -18.31 56.09 -30.29
N LYS A 4649 -18.80 57.05 -31.07
CA LYS A 4649 -19.78 58.00 -30.55
C LYS A 4649 -21.05 57.29 -30.11
N ARG A 4650 -21.55 56.38 -30.95
CA ARG A 4650 -22.74 55.64 -30.59
C ARG A 4650 -22.50 54.78 -29.36
N LYS A 4651 -21.31 54.16 -29.26
CA LYS A 4651 -21.00 53.33 -28.10
C LYS A 4651 -21.01 54.15 -26.82
N VAL A 4652 -20.31 55.29 -26.82
CA VAL A 4652 -20.23 56.08 -25.58
C VAL A 4652 -21.60 56.66 -25.23
N MET A 4653 -22.37 57.06 -26.24
CA MET A 4653 -23.70 57.58 -25.95
C MET A 4653 -24.61 56.51 -25.36
N ASP A 4654 -24.62 55.32 -25.97
CA ASP A 4654 -25.41 54.24 -25.39
C ASP A 4654 -24.90 53.85 -24.00
N LYS A 4655 -23.63 54.09 -23.73
CA LYS A 4655 -23.09 53.76 -22.41
C LYS A 4655 -23.55 54.75 -21.34
N TYR A 4656 -23.52 56.06 -21.64
CA TYR A 4656 -23.68 57.05 -20.60
C TYR A 4656 -24.92 57.95 -20.70
N GLY A 4657 -25.65 57.93 -21.81
CA GLY A 4657 -26.77 58.85 -21.97
C GLY A 4657 -27.93 58.55 -21.04
N GLU A 4658 -28.23 57.27 -20.82
CA GLU A 4658 -29.32 56.92 -19.93
C GLU A 4658 -29.08 57.43 -18.50
N PHE A 4659 -27.82 57.68 -18.14
CA PHE A 4659 -27.50 58.23 -16.84
C PHE A 4659 -27.32 59.74 -16.86
N TYR A 4660 -26.90 60.31 -17.98
CA TYR A 4660 -26.59 61.73 -18.05
C TYR A 4660 -27.59 62.52 -18.90
N GLY A 4661 -28.79 61.98 -19.13
CA GLY A 4661 -29.86 62.70 -19.79
C GLY A 4661 -29.83 62.65 -21.30
N ARG A 4662 -28.74 62.18 -21.90
CA ARG A 4662 -28.59 61.97 -23.34
C ARG A 4662 -28.47 63.29 -24.10
N ASP A 4663 -28.79 64.40 -23.43
CA ASP A 4663 -28.83 65.69 -24.11
C ASP A 4663 -27.49 66.40 -24.05
N ARG A 4664 -26.90 66.47 -22.85
CA ARG A 4664 -25.55 66.99 -22.72
C ARG A 4664 -24.57 66.14 -23.53
N ILE A 4665 -24.74 64.82 -23.49
CA ILE A 4665 -23.88 63.93 -24.26
C ILE A 4665 -24.08 64.13 -25.75
N SER A 4666 -25.34 64.21 -26.20
CA SER A 4666 -25.60 64.42 -27.61
C SER A 4666 -24.99 65.74 -28.09
N GLU A 4667 -25.12 66.80 -27.29
CA GLU A 4667 -24.55 68.09 -27.67
C GLU A 4667 -23.03 68.06 -27.69
N LEU A 4668 -22.41 67.43 -26.70
CA LEU A 4668 -20.95 67.45 -26.63
C LEU A 4668 -20.30 66.52 -27.65
N LEU A 4669 -21.04 65.52 -28.14
CA LEU A 4669 -20.50 64.65 -29.18
C LEU A 4669 -20.95 65.03 -30.59
N GLY A 4670 -21.93 65.93 -30.71
CA GLY A 4670 -22.45 66.23 -32.02
C GLY A 4670 -23.32 65.09 -32.53
N MET A 4671 -23.72 65.21 -33.80
CA MET A 4671 -24.46 64.18 -34.54
C MET A 4671 -25.87 63.99 -33.99
N ASP A 4672 -26.23 64.67 -32.90
CA ASP A 4672 -27.52 64.56 -32.22
C ASP A 4672 -27.68 63.17 -31.60
N LYS A 4673 -28.74 62.46 -31.98
CA LYS A 4673 -29.10 61.19 -31.34
C LYS A 4673 -28.62 60.03 -32.21
N ALA A 4674 -27.58 59.33 -31.74
CA ALA A 4674 -27.10 58.16 -32.46
C ALA A 4674 -28.14 57.05 -32.47
N ALA A 4675 -28.85 56.87 -31.35
CA ALA A 4675 -29.90 55.85 -31.31
C ALA A 4675 -31.01 56.16 -32.32
N LEU A 4676 -31.44 57.42 -32.38
CA LEU A 4676 -32.48 57.79 -33.35
C LEU A 4676 -31.99 57.62 -34.78
N ASP A 4677 -30.75 58.02 -35.05
CA ASP A 4677 -30.21 57.87 -36.40
C ASP A 4677 -30.11 56.39 -36.79
N PHE A 4678 -29.64 55.55 -35.87
CA PHE A 4678 -29.54 54.12 -36.15
C PHE A 4678 -30.91 53.51 -36.36
N SER A 4679 -31.89 53.90 -35.55
CA SER A 4679 -33.25 53.37 -35.71
C SER A 4679 -33.83 53.78 -37.07
N ASP A 4680 -33.64 55.04 -37.46
CA ASP A 4680 -34.14 55.49 -38.76
C ASP A 4680 -33.47 54.75 -39.90
N ALA A 4681 -32.14 54.58 -39.82
CA ALA A 4681 -31.43 53.88 -40.89
C ALA A 4681 -31.86 52.41 -40.97
N ARG A 4682 -32.03 51.76 -39.81
CA ARG A 4682 -32.44 50.36 -39.80
C ARG A 4682 -33.86 50.19 -40.32
N GLU A 4683 -34.77 51.10 -39.95
CA GLU A 4683 -36.13 51.05 -40.48
C GLU A 4683 -36.15 51.28 -41.98
N LYS A 4684 -35.37 52.24 -42.46
CA LYS A 4684 -35.29 52.53 -43.89
C LYS A 4684 -33.97 53.22 -44.17
N LYS A 4685 -33.06 52.53 -44.84
CA LYS A 4685 -31.78 53.12 -45.19
C LYS A 4685 -32.00 54.26 -46.19
N LYS A 4686 -31.14 55.28 -46.09
CA LYS A 4686 -31.24 56.45 -46.96
C LYS A 4686 -31.06 56.04 -48.42
N PRO A 4687 -32.12 56.05 -49.23
CA PRO A 4687 -32.02 55.67 -50.64
C PRO A 4687 -31.68 56.84 -51.54
N LYS A 4688 -30.60 57.55 -51.21
CA LYS A 4688 -30.15 58.69 -51.98
C LYS A 4688 -28.65 58.84 -51.83
N LYS A 4689 -28.04 59.53 -52.79
CA LYS A 4689 -26.61 59.79 -52.80
C LYS A 4689 -26.36 61.28 -52.98
N ASP A 4690 -25.41 61.81 -52.21
CA ASP A 4690 -25.05 63.22 -52.29
C ASP A 4690 -24.00 63.40 -53.38
N SER A 4691 -24.35 64.17 -54.42
CA SER A 4691 -23.43 64.40 -55.52
C SER A 4691 -22.20 65.17 -55.04
N SER A 4692 -21.04 64.81 -55.55
CA SER A 4692 -19.78 65.46 -55.19
C SER A 4692 -19.61 66.69 -56.05
N LEU A 4693 -19.95 67.86 -55.52
CA LEU A 4693 -19.80 69.10 -56.26
C LEU A 4693 -18.32 69.42 -56.46
N SER A 4694 -17.99 69.92 -57.65
CA SER A 4694 -16.61 70.27 -57.97
C SER A 4694 -16.11 71.39 -57.05
N ALA A 4695 -16.72 72.57 -57.16
CA ALA A 4695 -16.32 73.72 -56.35
C ALA A 4695 -17.08 73.74 -55.02
N VAL A 4696 -16.91 72.67 -54.26
CA VAL A 4696 -17.56 72.53 -52.97
C VAL A 4696 -16.84 73.43 -51.95
N LEU A 4697 -17.61 74.22 -51.22
CA LEU A 4697 -17.06 75.19 -50.28
C LEU A 4697 -16.91 74.56 -48.91
N ASN A 4698 -15.73 74.70 -48.32
CA ASN A 4698 -15.37 74.21 -46.99
C ASN A 4698 -15.97 72.82 -46.72
N SER A 4699 -15.63 71.88 -47.61
CA SER A 4699 -16.05 70.50 -47.43
C SER A 4699 -15.41 69.88 -46.20
N ILE A 4700 -14.12 70.17 -45.98
CA ILE A 4700 -13.41 69.58 -44.85
C ILE A 4700 -13.83 70.26 -43.55
N ASP A 4701 -13.65 69.54 -42.45
CA ASP A 4701 -13.98 70.06 -41.12
C ASP A 4701 -12.83 70.95 -40.67
N VAL A 4702 -13.10 72.25 -40.54
CA VAL A 4702 -12.05 73.20 -40.17
C VAL A 4702 -11.51 72.88 -38.78
N LYS A 4703 -12.39 72.54 -37.84
CA LYS A 4703 -11.95 72.22 -36.49
C LYS A 4703 -11.06 70.98 -36.48
N TYR A 4704 -11.46 69.94 -37.23
CA TYR A 4704 -10.64 68.73 -37.29
C TYR A 4704 -9.29 69.00 -37.94
N GLN A 4705 -9.27 69.82 -38.99
CA GLN A 4705 -8.01 70.17 -39.62
C GLN A 4705 -7.11 70.96 -38.67
N MET A 4706 -7.71 71.86 -37.87
CA MET A 4706 -6.94 72.59 -36.88
C MET A 4706 -6.35 71.66 -35.84
N TRP A 4707 -7.13 70.68 -35.38
CA TRP A 4707 -6.63 69.72 -34.41
C TRP A 4707 -5.50 68.88 -35.01
N LYS A 4708 -5.65 68.47 -36.26
CA LYS A 4708 -4.60 67.71 -36.94
C LYS A 4708 -3.33 68.54 -37.07
N LEU A 4709 -3.46 69.82 -37.44
CA LEU A 4709 -2.29 70.69 -37.52
C LEU A 4709 -1.63 70.82 -36.15
N GLY A 4710 -2.43 70.96 -35.10
CA GLY A 4710 -1.86 71.05 -33.76
C GLY A 4710 -1.05 69.83 -33.38
N VAL A 4711 -1.59 68.63 -33.66
CA VAL A 4711 -0.88 67.42 -33.26
C VAL A 4711 0.37 67.22 -34.10
N VAL A 4712 0.28 67.49 -35.42
CA VAL A 4712 1.47 67.30 -36.24
C VAL A 4712 2.54 68.33 -35.90
N PHE A 4713 2.16 69.52 -35.45
CA PHE A 4713 3.15 70.50 -35.03
C PHE A 4713 3.76 70.16 -33.68
N THR A 4714 2.96 69.58 -32.77
CA THR A 4714 3.54 69.12 -31.51
C THR A 4714 4.40 67.89 -31.70
N ASP A 4715 4.24 67.17 -32.81
CA ASP A 4715 5.12 66.05 -33.10
C ASP A 4715 6.57 66.52 -33.23
N ASN A 4716 7.50 65.67 -32.79
CA ASN A 4716 8.90 66.08 -32.71
C ASN A 4716 9.59 66.03 -34.07
N SER A 4717 9.41 64.93 -34.82
CA SER A 4717 10.10 64.80 -36.09
C SER A 4717 9.66 65.86 -37.09
N PHE A 4718 8.37 66.17 -37.12
CA PHE A 4718 7.89 67.24 -38.00
C PHE A 4718 8.49 68.58 -37.60
N LEU A 4719 8.72 68.80 -36.31
CA LEU A 4719 9.42 70.01 -35.88
C LEU A 4719 10.83 70.04 -36.45
N TYR A 4720 11.52 68.90 -36.44
CA TYR A 4720 12.86 68.84 -37.02
C TYR A 4720 12.84 69.16 -38.50
N LEU A 4721 11.84 68.63 -39.23
CA LEU A 4721 11.77 68.92 -40.66
C LEU A 4721 11.41 70.38 -40.91
N ALA A 4722 10.57 70.97 -40.07
CA ALA A 4722 10.28 72.40 -40.19
C ALA A 4722 11.54 73.22 -39.94
N TRP A 4723 12.34 72.82 -38.96
CA TRP A 4723 13.61 73.49 -38.72
C TRP A 4723 14.54 73.35 -39.91
N TYR A 4724 14.55 72.18 -40.55
CA TYR A 4724 15.34 71.98 -41.76
C TYR A 4724 14.90 72.92 -42.87
N MET A 4725 13.59 73.06 -43.08
CA MET A 4725 13.07 73.98 -44.08
C MET A 4725 13.46 75.42 -43.77
N THR A 4726 13.34 75.82 -42.49
CA THR A 4726 13.71 77.17 -42.10
C THR A 4726 15.19 77.40 -42.33
N MET A 4727 16.02 76.40 -42.05
CA MET A 4727 17.45 76.54 -42.27
C MET A 4727 17.76 76.66 -43.76
N SER A 4728 17.03 75.94 -44.61
CA SER A 4728 17.22 76.10 -46.05
C SER A 4728 16.85 77.50 -46.52
N VAL A 4729 15.73 78.04 -46.02
CA VAL A 4729 15.34 79.39 -46.40
C VAL A 4729 16.38 80.40 -45.93
N LEU A 4730 16.87 80.25 -44.69
CA LEU A 4730 17.92 81.14 -44.20
C LEU A 4730 19.21 80.97 -44.98
N GLY A 4731 19.47 79.77 -45.50
CA GLY A 4731 20.63 79.59 -46.36
C GLY A 4731 20.49 80.33 -47.67
N HIS A 4732 19.29 80.34 -48.24
CA HIS A 4732 19.06 81.18 -49.41
C HIS A 4732 19.27 82.66 -49.08
N TYR A 4733 18.81 83.09 -47.91
CA TYR A 4733 19.04 84.47 -47.49
C TYR A 4733 20.53 84.77 -47.36
N ASN A 4734 21.28 83.85 -46.75
CA ASN A 4734 22.74 83.93 -46.64
C ASN A 4734 23.28 82.52 -46.73
N ASN A 4735 23.99 82.22 -47.82
CA ASN A 4735 24.48 80.87 -48.11
C ASN A 4735 25.15 80.20 -46.92
N PHE A 4736 25.65 80.97 -45.95
CA PHE A 4736 26.43 80.38 -44.87
C PHE A 4736 25.58 79.59 -43.89
N PHE A 4737 24.25 79.77 -43.92
CA PHE A 4737 23.37 79.06 -43.01
C PHE A 4737 23.23 77.58 -43.36
N PHE A 4738 23.71 77.17 -44.53
CA PHE A 4738 23.67 75.76 -44.91
C PHE A 4738 24.58 74.88 -44.06
N ALA A 4739 25.49 75.48 -43.28
CA ALA A 4739 26.36 74.68 -42.43
C ALA A 4739 25.58 73.97 -41.34
N ALA A 4740 24.42 74.52 -40.96
CA ALA A 4740 23.60 73.89 -39.92
C ALA A 4740 23.09 72.53 -40.35
N HIS A 4741 22.94 72.29 -41.65
CA HIS A 4741 22.46 71.00 -42.13
C HIS A 4741 23.47 69.88 -41.93
N LEU A 4742 24.71 70.21 -41.61
CA LEU A 4742 25.73 69.19 -41.40
C LEU A 4742 25.50 68.38 -40.13
N LEU A 4743 24.57 68.81 -39.27
CA LEU A 4743 24.26 68.07 -38.06
C LEU A 4743 23.24 66.96 -38.28
N ASP A 4744 22.74 66.79 -39.52
CA ASP A 4744 21.82 65.71 -39.80
C ASP A 4744 22.48 64.34 -39.69
N ILE A 4745 23.81 64.28 -39.74
CA ILE A 4745 24.49 63.01 -39.56
C ILE A 4745 24.29 62.48 -38.15
N ALA A 4746 24.09 63.38 -37.18
CA ALA A 4746 23.83 62.94 -35.82
C ALA A 4746 22.51 62.18 -35.74
N MET A 4747 21.47 62.67 -36.41
CA MET A 4747 20.23 61.91 -36.53
C MET A 4747 20.44 60.64 -37.34
N GLY A 4748 21.26 60.71 -38.40
CA GLY A 4748 21.42 59.55 -39.26
C GLY A 4748 22.06 58.37 -38.57
N PHE A 4749 23.13 58.61 -37.82
CA PHE A 4749 23.89 57.55 -37.18
C PHE A 4749 23.44 57.36 -35.74
N LYS A 4750 23.50 56.11 -35.27
CA LYS A 4750 23.00 55.79 -33.94
C LYS A 4750 23.94 56.27 -32.85
N THR A 4751 25.25 56.09 -33.03
CA THR A 4751 26.20 56.48 -32.00
C THR A 4751 26.17 57.99 -31.76
N LEU A 4752 26.13 58.77 -32.83
CA LEU A 4752 26.05 60.22 -32.68
C LEU A 4752 24.76 60.62 -31.99
N ARG A 4753 23.65 59.96 -32.34
CA ARG A 4753 22.40 60.18 -31.63
C ARG A 4753 22.53 59.81 -30.16
N THR A 4754 23.29 58.75 -29.87
CA THR A 4754 23.52 58.37 -28.47
C THR A 4754 24.27 59.46 -27.72
N ILE A 4755 25.28 60.06 -28.35
CA ILE A 4755 26.01 61.15 -27.70
C ILE A 4755 25.08 62.35 -27.46
N LEU A 4756 24.27 62.70 -28.47
CA LEU A 4756 23.38 63.84 -28.31
C LEU A 4756 22.30 63.57 -27.27
N SER A 4757 21.91 62.31 -27.07
CA SER A 4757 20.97 61.99 -26.01
C SER A 4757 21.66 61.99 -24.65
N SER A 4758 22.94 61.58 -24.60
CA SER A 4758 23.67 61.55 -23.35
C SER A 4758 23.97 62.94 -22.84
N VAL A 4759 24.17 63.90 -23.74
CA VAL A 4759 24.44 65.27 -23.31
C VAL A 4759 23.27 65.89 -22.57
N THR A 4760 22.08 65.28 -22.64
CA THR A 4760 20.90 65.78 -21.94
C THR A 4760 20.27 64.75 -21.01
N HIS A 4761 20.76 63.51 -21.00
CA HIS A 4761 20.19 62.48 -20.14
C HIS A 4761 20.24 62.87 -18.67
N ASN A 4762 21.35 63.45 -18.22
CA ASN A 4762 21.51 63.92 -16.85
C ASN A 4762 21.36 65.42 -16.75
N GLY A 4763 20.41 65.99 -17.48
CA GLY A 4763 20.33 67.45 -17.59
C GLY A 4763 20.13 68.13 -16.24
N LYS A 4764 19.27 67.57 -15.38
CA LYS A 4764 18.99 68.20 -14.11
C LYS A 4764 20.24 68.24 -13.23
N GLN A 4765 20.92 67.11 -13.09
CA GLN A 4765 22.13 67.07 -12.26
C GLN A 4765 23.24 67.90 -12.88
N LEU A 4766 23.33 67.92 -14.22
CA LEU A 4766 24.32 68.75 -14.87
C LEU A 4766 24.09 70.23 -14.58
N VAL A 4767 22.82 70.66 -14.64
CA VAL A 4767 22.50 72.06 -14.33
C VAL A 4767 22.81 72.37 -12.88
N LEU A 4768 22.48 71.44 -11.97
CA LEU A 4768 22.78 71.67 -10.56
C LEU A 4768 24.29 71.78 -10.33
N THR A 4769 25.08 70.94 -10.99
CA THR A 4769 26.54 71.00 -10.82
C THR A 4769 27.09 72.30 -11.40
N VAL A 4770 26.57 72.75 -12.54
CA VAL A 4770 27.00 74.02 -13.10
C VAL A 4770 26.65 75.17 -12.16
N GLY A 4771 25.47 75.11 -11.54
CA GLY A 4771 25.11 76.11 -10.56
C GLY A 4771 26.03 76.12 -9.36
N LEU A 4772 26.41 74.93 -8.87
CA LEU A 4772 27.35 74.86 -7.77
C LEU A 4772 28.71 75.43 -8.16
N LEU A 4773 29.16 75.15 -9.38
CA LEU A 4773 30.40 75.73 -9.87
C LEU A 4773 30.32 77.25 -9.92
N ALA A 4774 29.20 77.78 -10.40
CA ALA A 4774 29.03 79.22 -10.44
C ALA A 4774 29.05 79.82 -9.03
N VAL A 4775 28.42 79.13 -8.08
CA VAL A 4775 28.37 79.63 -6.71
C VAL A 4775 29.76 79.65 -6.08
N VAL A 4776 30.53 78.58 -6.26
CA VAL A 4776 31.85 78.54 -5.65
C VAL A 4776 32.79 79.55 -6.33
N VAL A 4777 32.66 79.71 -7.65
CA VAL A 4777 33.46 80.73 -8.33
C VAL A 4777 33.08 82.11 -7.84
N TYR A 4778 31.80 82.34 -7.56
CA TYR A 4778 31.37 83.62 -6.99
C TYR A 4778 31.98 83.84 -5.62
N LEU A 4779 32.04 82.81 -4.78
CA LEU A 4779 32.64 82.95 -3.47
C LEU A 4779 34.12 83.29 -3.58
N TYR A 4780 34.84 82.59 -4.45
CA TYR A 4780 36.24 82.93 -4.66
C TYR A 4780 36.39 84.35 -5.20
N THR A 4781 35.45 84.77 -6.05
CA THR A 4781 35.48 86.12 -6.60
C THR A 4781 35.33 87.17 -5.50
N VAL A 4782 34.38 86.98 -4.59
CA VAL A 4782 34.19 87.97 -3.54
C VAL A 4782 35.38 87.98 -2.59
N VAL A 4783 35.97 86.81 -2.33
CA VAL A 4783 37.17 86.79 -1.49
C VAL A 4783 38.31 87.57 -2.13
N ALA A 4784 38.53 87.33 -3.43
CA ALA A 4784 39.60 88.03 -4.13
C ALA A 4784 39.33 89.52 -4.22
N PHE A 4785 38.07 89.89 -4.44
CA PHE A 4785 37.70 91.31 -4.52
C PHE A 4785 37.94 92.01 -3.19
N ASN A 4786 37.64 91.34 -2.08
CA ASN A 4786 37.85 91.96 -0.78
C ASN A 4786 39.32 92.01 -0.38
N PHE A 4787 40.12 91.02 -0.78
CA PHE A 4787 41.47 90.93 -0.23
C PHE A 4787 42.57 90.97 -1.28
N PHE A 4788 42.36 90.39 -2.46
CA PHE A 4788 43.43 90.20 -3.44
C PHE A 4788 43.15 90.98 -4.72
N ARG A 4789 42.69 92.23 -4.58
CA ARG A 4789 42.34 93.01 -5.77
C ARG A 4789 43.58 93.42 -6.54
N LYS A 4790 44.68 93.72 -5.85
CA LYS A 4790 45.86 94.28 -6.51
C LYS A 4790 46.59 93.26 -7.37
N PHE A 4791 46.41 91.96 -7.12
CA PHE A 4791 47.15 90.96 -7.87
C PHE A 4791 46.60 90.77 -9.28
N TYR A 4792 45.35 91.16 -9.53
CA TYR A 4792 44.73 90.94 -10.84
C TYR A 4792 45.07 92.10 -11.76
N ASN A 4793 46.34 92.13 -12.18
CA ASN A 4793 46.84 93.12 -13.13
C ASN A 4793 47.28 92.40 -14.39
N LYS A 4794 46.73 92.81 -15.53
CA LYS A 4794 47.06 92.22 -16.81
C LYS A 4794 47.87 93.15 -17.70
N SER A 4795 48.32 94.28 -17.18
CA SER A 4795 49.08 95.25 -17.95
C SER A 4795 50.55 94.83 -17.97
N GLU A 4796 51.01 94.31 -19.12
CA GLU A 4796 52.39 93.86 -19.23
C GLU A 4796 53.37 95.03 -19.18
N ASP A 4797 52.95 96.19 -19.67
CA ASP A 4797 53.80 97.38 -19.71
C ASP A 4797 53.45 98.29 -18.54
N GLY A 4798 54.34 99.26 -18.28
CA GLY A 4798 54.13 100.22 -17.22
C GLY A 4798 53.09 101.27 -17.55
N ASP A 4799 52.22 100.97 -18.50
CA ASP A 4799 51.14 101.88 -18.88
C ASP A 4799 50.01 101.77 -17.86
N THR A 4800 48.84 102.30 -18.21
CA THR A 4800 47.70 102.28 -17.30
C THR A 4800 47.35 100.84 -16.94
N PRO A 4801 47.35 100.48 -15.65
CA PRO A 4801 47.08 99.09 -15.27
C PRO A 4801 45.69 98.65 -15.70
N ASP A 4802 45.59 97.39 -16.10
CA ASP A 4802 44.31 96.78 -16.47
C ASP A 4802 43.84 95.91 -15.30
N MET A 4803 43.35 96.57 -14.25
CA MET A 4803 42.80 95.85 -13.11
C MET A 4803 41.51 95.16 -13.51
N LYS A 4804 41.50 93.83 -13.40
CA LYS A 4804 40.28 93.05 -13.61
C LYS A 4804 39.50 92.83 -12.32
N CYS A 4805 40.05 93.22 -11.17
CA CYS A 4805 39.40 93.02 -9.89
C CYS A 4805 38.81 94.29 -9.32
N ASP A 4806 38.87 95.41 -10.06
CA ASP A 4806 38.31 96.66 -9.55
C ASP A 4806 36.81 96.58 -9.37
N ASP A 4807 36.11 95.92 -10.30
CA ASP A 4807 34.67 95.78 -10.26
C ASP A 4807 34.32 94.32 -10.01
N MET A 4808 33.28 94.09 -9.19
CA MET A 4808 32.89 92.72 -8.88
C MET A 4808 32.38 91.99 -10.10
N LEU A 4809 31.56 92.64 -10.92
CA LEU A 4809 31.04 91.99 -12.11
C LEU A 4809 32.17 91.57 -13.04
N THR A 4810 33.12 92.48 -13.27
CA THR A 4810 34.27 92.16 -14.11
C THR A 4810 35.11 91.06 -13.50
N CYS A 4811 35.33 91.10 -12.19
CA CYS A 4811 36.14 90.07 -11.54
C CYS A 4811 35.50 88.70 -11.64
N TYR A 4812 34.19 88.62 -11.41
CA TYR A 4812 33.49 87.35 -11.49
C TYR A 4812 33.46 86.82 -12.92
N MET A 4813 33.19 87.71 -13.89
CA MET A 4813 33.19 87.28 -15.28
C MET A 4813 34.58 86.80 -15.68
N PHE A 4814 35.63 87.51 -15.26
CA PHE A 4814 36.99 87.09 -15.52
C PHE A 4814 37.29 85.73 -14.90
N HIS A 4815 36.88 85.53 -13.65
CA HIS A 4815 37.11 84.26 -12.99
C HIS A 4815 36.45 83.13 -13.77
N MET A 4816 35.15 83.28 -14.08
CA MET A 4816 34.44 82.23 -14.79
C MET A 4816 35.04 81.96 -16.16
N TYR A 4817 35.50 83.01 -16.84
CA TYR A 4817 36.01 82.85 -18.20
C TYR A 4817 37.40 82.22 -18.23
N VAL A 4818 38.25 82.57 -17.27
CA VAL A 4818 39.67 82.24 -17.34
C VAL A 4818 40.04 81.13 -16.37
N GLY A 4819 39.69 81.27 -15.09
CA GLY A 4819 40.14 80.32 -14.10
C GLY A 4819 39.65 78.91 -14.36
N VAL A 4820 38.39 78.78 -14.78
CA VAL A 4820 37.85 77.45 -15.06
C VAL A 4820 38.59 76.81 -16.23
N ARG A 4821 38.84 77.59 -17.29
CA ARG A 4821 39.50 77.02 -18.47
C ARG A 4821 40.97 76.72 -18.22
N ALA A 4822 41.63 77.50 -17.37
CA ALA A 4822 43.04 77.30 -17.11
C ALA A 4822 43.28 76.00 -16.36
N GLY A 4823 44.30 75.26 -16.77
CA GLY A 4823 44.62 74.00 -16.11
C GLY A 4823 45.11 74.19 -14.69
N GLY A 4824 45.97 75.19 -14.46
CA GLY A 4824 46.51 75.41 -13.14
C GLY A 4824 45.59 76.10 -12.16
N GLY A 4825 44.48 76.66 -12.65
CA GLY A 4825 43.56 77.36 -11.77
C GLY A 4825 43.60 78.85 -11.98
N ILE A 4826 43.38 79.62 -10.91
CA ILE A 4826 43.43 81.08 -11.01
C ILE A 4826 44.81 81.63 -10.71
N GLY A 4827 45.66 80.87 -10.01
CA GLY A 4827 46.98 81.36 -9.65
C GLY A 4827 47.94 81.49 -10.82
N ASP A 4828 47.68 80.78 -11.91
CA ASP A 4828 48.58 80.82 -13.05
C ASP A 4828 48.33 82.01 -13.98
N GLU A 4829 47.25 82.74 -13.79
CA GLU A 4829 46.92 83.88 -14.64
C GLU A 4829 46.98 85.21 -13.89
N ILE A 4830 47.55 85.22 -12.68
CA ILE A 4830 47.68 86.43 -11.88
C ILE A 4830 49.11 86.54 -11.38
N GLU A 4831 49.46 87.72 -10.90
CA GLU A 4831 50.82 87.97 -10.42
C GLU A 4831 51.13 87.08 -9.21
N ASP A 4832 52.34 86.54 -9.21
CA ASP A 4832 52.76 85.67 -8.11
C ASP A 4832 52.80 86.45 -6.81
N PRO A 4833 52.39 85.85 -5.69
CA PRO A 4833 52.35 86.57 -4.41
C PRO A 4833 53.70 86.57 -3.70
N ALA A 4834 54.65 87.34 -4.26
CA ALA A 4834 55.95 87.46 -3.63
C ALA A 4834 55.88 88.27 -2.34
N GLY A 4835 54.98 89.25 -2.26
CA GLY A 4835 54.87 90.04 -1.05
C GLY A 4835 54.42 89.19 0.12
N ASP A 4836 55.06 89.42 1.27
CA ASP A 4836 54.79 88.63 2.47
C ASP A 4836 53.47 89.02 3.15
N GLU A 4837 52.85 90.12 2.75
CA GLU A 4837 51.62 90.55 3.40
C GLU A 4837 50.47 89.57 3.14
N TYR A 4838 50.44 88.94 1.98
CA TYR A 4838 49.39 87.98 1.65
C TYR A 4838 49.96 86.77 0.91
N GLU A 4839 51.21 86.42 1.19
CA GLU A 4839 51.84 85.29 0.53
C GLU A 4839 51.07 84.00 0.77
N ILE A 4840 50.98 83.59 2.03
CA ILE A 4840 50.35 82.32 2.37
C ILE A 4840 48.86 82.35 2.08
N TYR A 4841 48.21 83.48 2.33
CA TYR A 4841 46.78 83.58 2.05
C TYR A 4841 46.49 83.41 0.57
N ARG A 4842 47.28 84.08 -0.27
CA ARG A 4842 47.08 83.96 -1.71
C ARG A 4842 47.39 82.56 -2.21
N ILE A 4843 48.43 81.93 -1.64
CA ILE A 4843 48.78 80.57 -2.05
C ILE A 4843 47.68 79.58 -1.68
N ILE A 4844 47.14 79.69 -0.47
CA ILE A 4844 46.02 78.84 -0.07
C ILE A 4844 44.81 79.11 -0.96
N PHE A 4845 44.56 80.37 -1.28
CA PHE A 4845 43.48 80.72 -2.19
C PHE A 4845 43.61 79.99 -3.52
N ASP A 4846 44.80 80.08 -4.13
CA ASP A 4846 45.02 79.45 -5.43
C ASP A 4846 44.90 77.94 -5.34
N ILE A 4847 45.48 77.33 -4.30
CA ILE A 4847 45.45 75.88 -4.19
C ILE A 4847 44.03 75.38 -3.99
N THR A 4848 43.25 76.06 -3.14
CA THR A 4848 41.87 75.66 -2.93
C THR A 4848 41.04 75.84 -4.20
N PHE A 4849 41.27 76.93 -4.94
CA PHE A 4849 40.58 77.12 -6.21
C PHE A 4849 40.89 75.97 -7.17
N PHE A 4850 42.17 75.62 -7.28
CA PHE A 4850 42.57 74.54 -8.17
C PHE A 4850 41.97 73.21 -7.75
N PHE A 4851 41.93 72.95 -6.43
CA PHE A 4851 41.43 71.66 -5.96
C PHE A 4851 39.92 71.55 -6.11
N PHE A 4852 39.17 72.59 -5.75
CA PHE A 4852 37.73 72.49 -5.71
C PHE A 4852 37.05 72.78 -7.04
N VAL A 4853 37.64 73.62 -7.89
CA VAL A 4853 36.99 74.05 -9.12
C VAL A 4853 37.52 73.29 -10.34
N ILE A 4854 38.81 73.01 -10.38
CA ILE A 4854 39.41 72.41 -11.57
C ILE A 4854 39.33 70.90 -11.55
N VAL A 4855 39.81 70.25 -10.47
CA VAL A 4855 39.98 68.81 -10.47
C VAL A 4855 38.83 68.10 -9.76
N ILE A 4856 37.79 68.81 -9.36
CA ILE A 4856 36.65 68.17 -8.73
C ILE A 4856 35.37 68.49 -9.49
N LEU A 4857 35.01 69.77 -9.53
CA LEU A 4857 33.71 70.14 -10.11
C LEU A 4857 33.69 69.93 -11.62
N LEU A 4858 34.73 70.39 -12.31
CA LEU A 4858 34.80 70.17 -13.75
C LEU A 4858 34.91 68.68 -14.06
N ALA A 4859 35.63 67.95 -13.23
CA ALA A 4859 35.71 66.50 -13.39
C ALA A 4859 34.35 65.84 -13.26
N ILE A 4860 33.55 66.28 -12.28
CA ILE A 4860 32.22 65.73 -12.11
C ILE A 4860 31.33 66.08 -13.30
N ILE A 4861 31.44 67.31 -13.80
CA ILE A 4861 30.64 67.72 -14.96
C ILE A 4861 30.96 66.85 -16.16
N GLN A 4862 32.26 66.62 -16.41
CA GLN A 4862 32.66 65.75 -17.51
C GLN A 4862 32.19 64.32 -17.28
N GLY A 4863 32.34 63.82 -16.06
CA GLY A 4863 31.97 62.45 -15.77
C GLY A 4863 30.49 62.19 -15.90
N LEU A 4864 29.66 63.19 -15.61
CA LEU A 4864 28.22 63.01 -15.79
C LEU A 4864 27.90 62.64 -17.23
N ILE A 4865 28.43 63.39 -18.19
CA ILE A 4865 28.14 63.14 -19.59
C ILE A 4865 28.80 61.85 -20.07
N ILE A 4866 30.04 61.60 -19.64
CA ILE A 4866 30.70 60.36 -20.08
C ILE A 4866 29.95 59.14 -19.54
N ASP A 4867 29.54 59.18 -18.27
CA ASP A 4867 28.78 58.08 -17.71
C ASP A 4867 27.40 57.95 -18.35
N ALA A 4868 26.77 59.07 -18.73
CA ALA A 4868 25.51 58.97 -19.45
C ALA A 4868 25.69 58.26 -20.78
N PHE A 4869 26.76 58.60 -21.51
CA PHE A 4869 27.04 57.93 -22.77
C PHE A 4869 27.28 56.44 -22.56
N GLY A 4870 28.09 56.10 -21.55
CA GLY A 4870 28.35 54.70 -21.25
C GLY A 4870 27.09 53.94 -20.85
N GLU A 4871 26.24 54.58 -20.05
CA GLU A 4871 25.00 53.95 -19.61
C GLU A 4871 24.05 53.73 -20.79
N LEU A 4872 23.96 54.69 -21.71
CA LEU A 4872 23.11 54.49 -22.87
C LEU A 4872 23.62 53.34 -23.75
N ARG A 4873 24.94 53.28 -23.95
CA ARG A 4873 25.50 52.17 -24.71
C ARG A 4873 25.21 50.84 -24.01
N ASP A 4874 25.35 50.81 -22.68
CA ASP A 4874 25.09 49.59 -21.94
C ASP A 4874 23.62 49.19 -22.02
N GLN A 4875 22.71 50.17 -22.00
CA GLN A 4875 21.30 49.85 -22.14
C GLN A 4875 21.00 49.25 -23.50
N GLN A 4876 21.56 49.81 -24.56
CA GLN A 4876 21.34 49.24 -25.89
C GLN A 4876 21.90 47.82 -25.97
N GLU A 4877 23.10 47.62 -25.44
CA GLU A 4877 23.71 46.28 -25.45
C GLU A 4877 22.87 45.30 -24.64
N GLN A 4878 22.34 45.75 -23.50
CA GLN A 4878 21.52 44.88 -22.67
C GLN A 4878 20.21 44.51 -23.36
N VAL A 4879 19.61 45.46 -24.09
CA VAL A 4879 18.41 45.16 -24.86
C VAL A 4879 18.72 44.10 -25.91
N LYS A 4880 19.83 44.26 -26.62
CA LYS A 4880 20.20 43.26 -27.62
C LYS A 4880 20.44 41.90 -26.98
N GLU A 4881 21.14 41.88 -25.84
CA GLU A 4881 21.43 40.62 -25.17
C GLU A 4881 20.16 39.94 -24.70
N ASP A 4882 19.21 40.70 -24.15
CA ASP A 4882 17.94 40.12 -23.74
C ASP A 4882 17.18 39.57 -24.93
N MET A 4883 17.16 40.30 -26.05
CA MET A 4883 16.47 39.79 -27.22
C MET A 4883 17.11 38.49 -27.70
N GLU A 4884 18.43 38.40 -27.62
CA GLU A 4884 19.10 37.18 -28.05
C GLU A 4884 18.95 36.02 -27.07
N THR A 4885 18.75 36.30 -25.78
CA THR A 4885 18.78 35.24 -24.77
C THR A 4885 17.46 35.02 -24.05
N LYS A 4886 16.35 35.57 -24.54
CA LYS A 4886 15.05 35.27 -23.96
C LYS A 4886 13.98 35.41 -25.04
N CYS A 4887 12.84 34.79 -24.80
CA CYS A 4887 11.72 34.84 -25.73
C CYS A 4887 10.77 35.95 -25.31
N PHE A 4888 10.37 36.77 -26.28
CA PHE A 4888 9.52 37.92 -25.98
C PHE A 4888 8.17 37.49 -25.44
N ILE A 4889 7.56 36.47 -26.05
CA ILE A 4889 6.20 36.11 -25.71
C ILE A 4889 6.12 35.46 -24.33
N CYS A 4890 6.99 34.48 -24.07
CA CYS A 4890 6.91 33.71 -22.84
C CYS A 4890 7.99 34.05 -21.83
N GLY A 4891 9.23 34.23 -22.27
CA GLY A 4891 10.31 34.55 -21.36
C GLY A 4891 11.08 33.38 -20.83
N ILE A 4892 10.89 32.18 -21.39
CA ILE A 4892 11.63 31.01 -20.94
C ILE A 4892 13.10 31.20 -21.25
N GLY A 4893 13.96 30.61 -20.40
CA GLY A 4893 15.38 30.79 -20.56
C GLY A 4893 15.90 30.22 -21.87
N ASN A 4894 17.00 30.79 -22.35
CA ASN A 4894 17.57 30.37 -23.62
C ASN A 4894 18.12 28.95 -23.54
N ASP A 4895 18.72 28.59 -22.41
CA ASP A 4895 19.39 27.29 -22.29
C ASP A 4895 18.42 26.14 -22.43
N TYR A 4896 17.19 26.30 -21.93
CA TYR A 4896 16.22 25.21 -21.98
C TYR A 4896 15.92 24.81 -23.42
N PHE A 4897 15.80 25.79 -24.31
CA PHE A 4897 15.68 25.46 -25.73
C PHE A 4897 17.02 25.05 -26.33
N ASP A 4898 18.14 25.57 -25.80
CA ASP A 4898 19.44 25.16 -26.30
C ASP A 4898 19.77 23.71 -25.96
N THR A 4899 18.98 23.06 -25.11
CA THR A 4899 19.20 21.64 -24.83
C THR A 4899 19.20 20.83 -26.12
N VAL A 4900 18.39 21.22 -27.10
CA VAL A 4900 18.40 20.60 -28.41
C VAL A 4900 19.08 21.54 -29.39
N PRO A 4901 19.72 21.05 -30.44
CA PRO A 4901 20.41 21.95 -31.38
C PRO A 4901 19.43 22.90 -32.06
N HIS A 4902 19.81 24.17 -32.13
CA HIS A 4902 19.00 25.23 -32.73
C HIS A 4902 17.60 25.30 -32.12
N GLY A 4903 17.44 24.83 -30.89
CA GLY A 4903 16.13 24.82 -30.27
C GLY A 4903 15.58 26.22 -30.06
N PHE A 4904 16.43 27.13 -29.59
CA PHE A 4904 15.99 28.52 -29.42
C PHE A 4904 15.67 29.15 -30.76
N GLU A 4905 16.46 28.85 -31.79
CA GLU A 4905 16.18 29.37 -33.12
C GLU A 4905 14.80 28.92 -33.60
N THR A 4906 14.50 27.64 -33.45
CA THR A 4906 13.18 27.15 -33.85
C THR A 4906 12.08 27.77 -33.02
N HIS A 4907 12.29 27.88 -31.70
CA HIS A 4907 11.26 28.44 -30.84
C HIS A 4907 10.94 29.88 -31.19
N THR A 4908 11.97 30.67 -31.47
CA THR A 4908 11.75 32.06 -31.84
C THR A 4908 11.32 32.23 -33.29
N LEU A 4909 11.51 31.21 -34.13
CA LEU A 4909 11.15 31.34 -35.53
C LEU A 4909 9.72 30.89 -35.82
N GLN A 4910 9.30 29.75 -35.27
CA GLN A 4910 7.99 29.22 -35.60
C GLN A 4910 7.08 29.04 -34.40
N GLU A 4911 7.61 28.68 -33.23
CA GLU A 4911 6.76 28.48 -32.07
C GLU A 4911 6.18 29.80 -31.57
N HIS A 4912 7.04 30.73 -31.19
CA HIS A 4912 6.63 32.05 -30.70
C HIS A 4912 7.29 33.09 -31.59
N ASN A 4913 6.52 33.69 -32.49
CA ASN A 4913 7.05 34.70 -33.40
C ASN A 4913 6.14 35.90 -33.41
N LEU A 4914 6.72 37.09 -33.24
CA LEU A 4914 5.94 38.31 -33.19
C LEU A 4914 5.19 38.54 -34.50
N ALA A 4915 5.86 38.28 -35.62
CA ALA A 4915 5.19 38.38 -36.90
C ALA A 4915 4.02 37.41 -36.98
N ASN A 4916 4.20 36.20 -36.45
CA ASN A 4916 3.12 35.23 -36.46
C ASN A 4916 1.93 35.69 -35.64
N TYR A 4917 2.18 36.28 -34.47
CA TYR A 4917 1.06 36.80 -33.67
C TYR A 4917 0.35 37.95 -34.37
N LEU A 4918 1.11 38.85 -35.00
CA LEU A 4918 0.51 39.95 -35.73
C LEU A 4918 -0.34 39.43 -36.89
N PHE A 4919 0.19 38.44 -37.63
CA PHE A 4919 -0.57 37.86 -38.74
C PHE A 4919 -1.80 37.11 -38.24
N PHE A 4920 -1.73 36.51 -37.06
CA PHE A 4920 -2.92 35.87 -36.50
C PHE A 4920 -3.99 36.89 -36.17
N LEU A 4921 -3.59 38.04 -35.61
CA LEU A 4921 -4.56 39.10 -35.36
C LEU A 4921 -5.17 39.59 -36.67
N MET A 4922 -4.36 39.77 -37.71
CA MET A 4922 -4.88 40.17 -39.00
C MET A 4922 -5.86 39.14 -39.55
N TYR A 4923 -5.53 37.85 -39.39
CA TYR A 4923 -6.40 36.79 -39.86
C TYR A 4923 -7.73 36.79 -39.12
N LEU A 4924 -7.70 37.01 -37.81
CA LEU A 4924 -8.94 37.12 -37.05
C LEU A 4924 -9.78 38.29 -37.53
N ILE A 4925 -9.14 39.44 -37.78
CA ILE A 4925 -9.89 40.61 -38.23
C ILE A 4925 -10.51 40.35 -39.60
N ASN A 4926 -9.75 39.76 -40.51
CA ASN A 4926 -10.24 39.57 -41.88
C ASN A 4926 -11.33 38.52 -41.95
N LYS A 4927 -11.20 37.44 -41.17
CA LYS A 4927 -12.20 36.38 -41.20
C LYS A 4927 -13.55 36.87 -40.71
N ASP A 4928 -14.61 36.32 -41.32
CA ASP A 4928 -15.95 36.60 -40.85
C ASP A 4928 -16.16 35.98 -39.48
N GLU A 4929 -16.92 36.68 -38.63
CA GLU A 4929 -17.08 36.24 -37.24
C GLU A 4929 -17.79 34.89 -37.19
N THR A 4930 -18.80 34.68 -38.04
CA THR A 4930 -19.54 33.43 -38.02
C THR A 4930 -18.65 32.25 -38.38
N GLU A 4931 -17.64 32.47 -39.21
CA GLU A 4931 -16.77 31.40 -39.67
C GLU A 4931 -15.65 31.09 -38.69
N HIS A 4932 -15.50 31.88 -37.63
CA HIS A 4932 -14.44 31.66 -36.65
C HIS A 4932 -14.59 30.28 -36.00
N THR A 4933 -13.48 29.58 -35.86
CA THR A 4933 -13.45 28.31 -35.15
C THR A 4933 -13.53 28.56 -33.65
N GLY A 4934 -13.42 27.50 -32.87
CA GLY A 4934 -13.52 27.65 -31.42
C GLY A 4934 -12.38 28.47 -30.85
N GLN A 4935 -11.14 28.09 -31.16
CA GLN A 4935 -9.99 28.81 -30.65
C GLN A 4935 -9.94 30.23 -31.17
N GLU A 4936 -10.22 30.42 -32.47
CA GLU A 4936 -10.21 31.76 -33.04
C GLU A 4936 -11.26 32.63 -32.40
N SER A 4937 -12.46 32.10 -32.18
CA SER A 4937 -13.52 32.87 -31.55
C SER A 4937 -13.16 33.22 -30.11
N TYR A 4938 -12.56 32.27 -29.38
CA TYR A 4938 -12.17 32.54 -28.01
C TYR A 4938 -11.12 33.65 -27.95
N VAL A 4939 -10.12 33.59 -28.83
CA VAL A 4939 -9.10 34.63 -28.85
C VAL A 4939 -9.70 35.97 -29.25
N TRP A 4940 -10.62 35.96 -30.21
CA TRP A 4940 -11.25 37.21 -30.63
C TRP A 4940 -12.07 37.82 -29.51
N LYS A 4941 -12.82 37.01 -28.77
CA LYS A 4941 -13.58 37.52 -27.64
C LYS A 4941 -12.66 38.07 -26.55
N MET A 4942 -11.56 37.37 -26.29
CA MET A 4942 -10.59 37.86 -25.32
C MET A 4942 -10.00 39.19 -25.74
N TYR A 4943 -9.66 39.33 -27.03
CA TYR A 4943 -9.13 40.59 -27.51
C TYR A 4943 -10.16 41.70 -27.40
N GLN A 4944 -11.43 41.38 -27.66
CA GLN A 4944 -12.49 42.37 -27.50
C GLN A 4944 -12.62 42.82 -26.06
N GLU A 4945 -12.55 41.87 -25.11
CA GLU A 4945 -12.70 42.22 -23.71
C GLU A 4945 -11.42 42.73 -23.08
N ARG A 4946 -10.31 42.74 -23.82
CA ARG A 4946 -9.03 43.32 -23.38
C ARG A 4946 -8.53 42.65 -22.11
N CYS A 4947 -8.43 41.32 -22.15
CA CYS A 4947 -7.90 40.56 -21.03
C CYS A 4947 -6.44 40.16 -21.23
N TRP A 4948 -6.12 39.58 -22.39
CA TRP A 4948 -4.75 39.29 -22.80
C TRP A 4948 -4.05 38.33 -21.81
N GLU A 4949 -4.65 37.16 -21.64
CA GLU A 4949 -3.93 36.06 -21.01
C GLU A 4949 -3.82 34.85 -21.93
N PHE A 4950 -4.27 34.95 -23.18
CA PHE A 4950 -4.07 33.85 -24.10
C PHE A 4950 -2.60 33.68 -24.47
N PHE A 4951 -1.80 34.71 -24.31
CA PHE A 4951 -0.37 34.58 -24.54
C PHE A 4951 0.22 33.56 -23.56
N PRO A 4952 1.06 32.65 -24.01
CA PRO A 4952 1.66 31.65 -23.12
C PRO A 4952 2.83 32.21 -22.32
N ALA A 4953 2.55 33.24 -21.51
CA ALA A 4953 3.61 33.89 -20.74
C ALA A 4953 4.22 32.94 -19.71
N GLY A 4954 3.43 32.01 -19.19
CA GLY A 4954 3.94 31.09 -18.19
C GLY A 4954 4.75 29.94 -18.77
N ASP A 4955 4.12 29.11 -19.60
CA ASP A 4955 4.75 27.90 -20.09
C ASP A 4955 4.75 27.84 -21.62
N CYS A 4956 5.17 26.71 -22.16
CA CYS A 4956 5.19 26.46 -23.59
C CYS A 4956 4.60 25.09 -23.88
N PHE A 4957 4.42 24.79 -25.16
CA PHE A 4957 3.88 23.49 -25.55
C PHE A 4957 4.80 22.36 -25.12
N ARG A 4958 6.12 22.57 -25.26
CA ARG A 4958 7.07 21.53 -24.89
C ARG A 4958 7.02 21.24 -23.40
N LYS A 4959 7.09 22.28 -22.57
CA LYS A 4959 6.98 22.04 -21.13
C LYS A 4959 5.61 21.50 -20.76
N GLN A 4960 4.60 21.78 -21.57
CA GLN A 4960 3.28 21.19 -21.32
C GLN A 4960 3.32 19.68 -21.52
N TYR A 4961 3.82 19.21 -22.67
CA TYR A 4961 3.83 17.79 -22.95
C TYR A 4961 5.23 17.21 -23.09
N GLU A 4962 6.05 17.71 -24.02
CA GLU A 4962 7.38 17.15 -24.25
C GLU A 4962 8.38 18.23 -24.67
N GLN B 1 -152.94 51.01 -14.17
CA GLN B 1 -153.36 51.20 -15.55
C GLN B 1 -154.88 51.21 -15.67
N VAL B 2 -155.41 52.33 -16.16
CA VAL B 2 -156.84 52.51 -16.38
C VAL B 2 -157.09 52.44 -17.88
N GLN B 3 -157.81 51.43 -18.32
CA GLN B 3 -158.12 51.22 -19.73
C GLN B 3 -159.58 51.54 -19.98
N LEU B 4 -159.83 52.30 -21.04
CA LEU B 4 -161.18 52.70 -21.43
C LEU B 4 -161.55 51.99 -22.72
N GLN B 5 -162.63 51.22 -22.68
CA GLN B 5 -163.16 50.54 -23.86
C GLN B 5 -164.41 51.27 -24.34
N GLU B 6 -164.39 51.69 -25.60
CA GLU B 6 -165.49 52.44 -26.19
C GLU B 6 -166.11 51.61 -27.30
N SER B 7 -167.43 51.45 -27.26
CA SER B 7 -168.17 50.67 -28.24
C SER B 7 -169.32 51.48 -28.79
N GLY B 8 -169.55 51.36 -30.09
CA GLY B 8 -170.63 52.07 -30.74
C GLY B 8 -170.19 52.86 -31.96
N GLY B 9 -170.87 53.95 -32.26
CA GLY B 9 -170.51 54.79 -33.38
C GLY B 9 -170.66 54.12 -34.73
N GLY B 10 -171.79 53.46 -34.95
CA GLY B 10 -172.05 52.82 -36.22
C GLY B 10 -172.28 53.82 -37.33
N LEU B 11 -172.50 53.28 -38.53
CA LEU B 11 -172.70 54.09 -39.74
C LEU B 11 -174.14 53.96 -40.19
N MET B 12 -174.82 55.10 -40.33
CA MET B 12 -176.16 55.16 -40.89
C MET B 12 -176.37 56.54 -41.50
N GLN B 13 -177.58 56.78 -42.00
CA GLN B 13 -177.89 58.07 -42.61
C GLN B 13 -178.02 59.15 -41.54
N ALA B 14 -178.03 60.40 -41.99
CA ALA B 14 -178.12 61.53 -41.08
C ALA B 14 -179.49 61.55 -40.39
N GLY B 15 -179.49 62.06 -39.16
CA GLY B 15 -180.70 62.15 -38.36
C GLY B 15 -180.98 60.93 -37.51
N GLY B 16 -180.20 59.86 -37.64
CA GLY B 16 -180.42 58.67 -36.85
C GLY B 16 -179.87 58.81 -35.43
N SER B 17 -180.27 57.86 -34.59
CA SER B 17 -179.84 57.84 -33.19
C SER B 17 -178.63 56.94 -33.04
N LEU B 18 -177.57 57.49 -32.44
CA LEU B 18 -176.32 56.76 -32.23
C LEU B 18 -176.05 56.65 -30.74
N ARG B 19 -175.75 55.43 -30.30
CA ARG B 19 -175.47 55.13 -28.90
C ARG B 19 -174.01 54.71 -28.76
N LEU B 20 -173.31 55.34 -27.81
CA LEU B 20 -171.91 55.03 -27.56
C LEU B 20 -171.73 54.74 -26.07
N SER B 21 -171.06 53.65 -25.75
CA SER B 21 -170.84 53.24 -24.37
C SER B 21 -169.35 53.16 -24.11
N CYS B 22 -168.87 53.90 -23.12
CA CYS B 22 -167.46 53.88 -22.73
C CYS B 22 -167.33 53.40 -21.30
N THR B 23 -166.56 52.34 -21.08
CA THR B 23 -166.36 51.75 -19.77
C THR B 23 -164.89 51.85 -19.39
N ALA B 24 -164.63 52.39 -18.19
CA ALA B 24 -163.28 52.54 -17.68
C ALA B 24 -163.02 51.51 -16.59
N SER B 25 -161.95 50.74 -16.75
CA SER B 25 -161.59 49.70 -15.79
C SER B 25 -160.13 49.86 -15.39
N GLY B 26 -159.86 49.83 -14.09
CA GLY B 26 -158.50 49.96 -13.61
C GLY B 26 -158.41 50.25 -12.13
N SER B 27 -157.50 51.15 -11.76
CA SER B 27 -157.32 51.51 -10.35
C SER B 27 -158.54 52.23 -9.82
N ILE B 28 -158.76 52.11 -8.51
CA ILE B 28 -159.90 52.75 -7.86
C ILE B 28 -159.65 54.21 -7.53
N PHE B 29 -158.43 54.70 -7.70
CA PHE B 29 -158.08 56.08 -7.40
C PHE B 29 -158.03 56.91 -8.68
N SER B 30 -158.30 58.20 -8.53
CA SER B 30 -158.23 59.18 -9.61
C SER B 30 -159.17 58.81 -10.77
N ILE B 31 -160.46 58.79 -10.47
CA ILE B 31 -161.51 58.63 -11.47
C ILE B 31 -162.23 59.97 -11.56
N ASN B 32 -162.05 60.65 -12.69
CA ASN B 32 -162.61 61.98 -12.92
C ASN B 32 -162.32 62.37 -14.36
N SER B 33 -163.11 63.31 -14.87
CA SER B 33 -162.86 63.95 -16.16
C SER B 33 -162.70 62.93 -17.28
N MET B 34 -163.83 62.28 -17.57
CA MET B 34 -163.99 61.57 -18.82
C MET B 34 -164.28 62.57 -19.93
N GLY B 35 -163.56 62.45 -21.04
CA GLY B 35 -163.79 63.30 -22.18
C GLY B 35 -163.72 62.50 -23.47
N TRP B 36 -164.26 63.11 -24.53
CA TRP B 36 -164.19 62.56 -25.88
C TRP B 36 -163.33 63.47 -26.74
N TYR B 37 -162.47 62.87 -27.54
CA TYR B 37 -161.63 63.61 -28.48
C TYR B 37 -161.93 63.12 -29.89
N ARG B 38 -162.30 64.05 -30.77
CA ARG B 38 -162.66 63.73 -32.14
C ARG B 38 -161.53 64.14 -33.08
N GLN B 39 -161.16 63.24 -33.99
CA GLN B 39 -160.12 63.48 -34.97
C GLN B 39 -160.63 63.02 -36.33
N ALA B 40 -160.71 63.95 -37.27
CA ALA B 40 -161.09 63.59 -38.63
C ALA B 40 -159.87 63.11 -39.41
N PRO B 41 -160.08 62.44 -40.54
CA PRO B 41 -158.93 61.93 -41.31
C PRO B 41 -158.04 63.06 -41.83
N GLY B 42 -156.81 63.11 -41.32
CA GLY B 42 -155.87 64.15 -41.72
C GLY B 42 -156.30 65.55 -41.33
N LYS B 43 -157.00 65.70 -40.21
CA LYS B 43 -157.46 67.00 -39.73
C LYS B 43 -157.11 67.16 -38.26
N GLN B 44 -157.26 68.39 -37.77
CA GLN B 44 -156.91 68.71 -36.40
C GLN B 44 -157.88 68.01 -35.43
N ARG B 45 -157.33 67.58 -34.29
CA ARG B 45 -158.13 66.93 -33.27
C ARG B 45 -158.84 67.98 -32.41
N GLU B 46 -160.13 67.77 -32.17
CA GLU B 46 -160.95 68.67 -31.38
C GLU B 46 -161.45 67.97 -30.13
N LEU B 47 -161.90 68.78 -29.17
CA LEU B 47 -162.37 68.27 -27.88
C LEU B 47 -163.90 68.27 -27.88
N VAL B 48 -164.49 67.07 -27.72
CA VAL B 48 -165.93 66.91 -27.63
C VAL B 48 -166.35 67.21 -26.20
N ALA B 49 -167.65 67.32 -25.95
CA ALA B 49 -168.15 67.64 -24.63
C ALA B 49 -167.62 66.66 -23.59
N THR B 50 -167.15 67.19 -22.47
CA THR B 50 -166.51 66.43 -21.41
C THR B 50 -167.37 66.49 -20.14
N ILE B 51 -167.73 65.32 -19.62
CA ILE B 51 -168.55 65.22 -18.42
C ILE B 51 -167.68 64.71 -17.28
N THR B 52 -167.93 65.23 -16.09
CA THR B 52 -167.21 64.84 -14.89
C THR B 52 -168.20 64.40 -13.82
N SER B 53 -167.66 63.86 -12.73
CA SER B 53 -168.50 63.42 -11.62
C SER B 53 -169.30 64.59 -11.06
N GLY B 54 -170.58 64.35 -10.82
CA GLY B 54 -171.50 65.41 -10.43
C GLY B 54 -172.30 66.00 -11.57
N ASN B 55 -172.29 65.36 -12.74
CA ASN B 55 -173.03 65.83 -13.92
C ASN B 55 -172.62 67.25 -14.31
N SER B 56 -171.31 67.42 -14.51
CA SER B 56 -170.73 68.67 -14.97
C SER B 56 -170.19 68.45 -16.38
N ILE B 57 -170.92 68.91 -17.38
CA ILE B 57 -170.57 68.72 -18.78
C ILE B 57 -169.90 69.99 -19.29
N ASN B 58 -168.67 69.86 -19.76
CA ASN B 58 -167.91 70.97 -20.32
C ASN B 58 -168.05 70.94 -21.84
N TYR B 59 -168.62 72.01 -22.40
CA TYR B 59 -168.91 72.07 -23.82
C TYR B 59 -167.80 72.80 -24.57
N ALA B 60 -167.86 72.72 -25.90
CA ALA B 60 -166.87 73.33 -26.78
C ALA B 60 -167.58 73.73 -28.07
N ASP B 61 -166.79 74.02 -29.11
CA ASP B 61 -167.36 74.41 -30.39
C ASP B 61 -167.94 73.22 -31.16
N SER B 62 -167.57 72.00 -30.80
CA SER B 62 -168.02 70.80 -31.52
C SER B 62 -169.30 70.21 -30.94
N VAL B 63 -169.88 70.82 -29.90
CA VAL B 63 -171.10 70.28 -29.31
C VAL B 63 -172.35 70.65 -30.08
N LYS B 64 -172.21 71.34 -31.21
CA LYS B 64 -173.37 71.70 -32.02
C LYS B 64 -174.08 70.44 -32.50
N GLY B 65 -175.41 70.44 -32.36
CA GLY B 65 -176.19 69.28 -32.70
C GLY B 65 -177.11 68.84 -31.58
N ARG B 66 -177.32 67.54 -31.44
CA ARG B 66 -178.19 66.97 -30.41
C ARG B 66 -177.39 65.94 -29.61
N PHE B 67 -176.77 66.42 -28.53
CA PHE B 67 -175.91 65.64 -27.65
C PHE B 67 -176.67 65.24 -26.40
N THR B 68 -176.39 64.04 -25.88
CA THR B 68 -176.93 63.63 -24.58
C THR B 68 -175.90 62.70 -23.94
N ILE B 69 -175.06 63.25 -23.07
CA ILE B 69 -173.97 62.51 -22.46
C ILE B 69 -174.21 62.40 -20.96
N SER B 70 -174.17 61.18 -20.44
CA SER B 70 -174.42 60.94 -19.02
C SER B 70 -173.46 59.88 -18.50
N ARG B 71 -172.92 60.11 -17.31
CA ARG B 71 -171.91 59.23 -16.73
C ARG B 71 -172.39 58.67 -15.39
N ASP B 72 -171.94 57.46 -15.09
CA ASP B 72 -172.18 56.81 -13.81
C ASP B 72 -170.84 56.36 -13.25
N ASN B 73 -170.55 56.79 -12.01
CA ASN B 73 -169.28 56.50 -11.36
C ASN B 73 -169.26 55.16 -10.65
N ALA B 74 -170.40 54.47 -10.53
CA ALA B 74 -170.42 53.18 -9.87
C ALA B 74 -169.59 52.16 -10.64
N LYS B 75 -169.68 52.17 -11.96
CA LYS B 75 -168.89 51.27 -12.81
C LYS B 75 -168.04 52.03 -13.82
N ASN B 76 -167.94 53.35 -13.70
CA ASN B 76 -167.22 54.20 -14.64
C ASN B 76 -167.73 53.98 -16.07
N THR B 77 -169.04 54.14 -16.22
CA THR B 77 -169.72 53.85 -17.49
C THR B 77 -170.40 55.11 -17.99
N VAL B 78 -170.13 55.48 -19.25
CA VAL B 78 -170.65 56.69 -19.85
C VAL B 78 -171.48 56.31 -21.08
N TYR B 79 -172.69 56.85 -21.15
CA TYR B 79 -173.59 56.68 -22.29
C TYR B 79 -173.69 58.00 -23.03
N LEU B 80 -173.40 57.97 -24.33
CA LEU B 80 -173.47 59.14 -25.19
C LEU B 80 -174.50 58.89 -26.28
N GLN B 81 -175.40 59.85 -26.47
CA GLN B 81 -176.49 59.74 -27.43
C GLN B 81 -176.36 60.88 -28.43
N MET B 82 -176.28 60.54 -29.71
CA MET B 82 -176.23 61.51 -30.79
C MET B 82 -177.52 61.41 -31.58
N ASN B 83 -178.31 62.49 -31.61
CA ASN B 83 -179.59 62.47 -32.30
C ASN B 83 -179.47 63.06 -33.70
N SER B 84 -178.88 64.26 -33.82
CA SER B 84 -178.72 64.93 -35.11
C SER B 84 -177.33 64.63 -35.65
N LEU B 85 -177.28 64.08 -36.86
CA LEU B 85 -176.01 63.69 -37.49
C LEU B 85 -175.77 64.54 -38.73
N LYS B 86 -174.50 64.90 -38.94
CA LYS B 86 -174.10 65.69 -40.09
C LYS B 86 -172.93 65.01 -40.79
N PRO B 87 -172.80 65.23 -42.11
CA PRO B 87 -171.68 64.60 -42.84
C PRO B 87 -170.31 64.99 -42.31
N GLU B 88 -170.17 66.22 -41.78
CA GLU B 88 -168.88 66.66 -41.26
C GLU B 88 -168.52 66.02 -39.92
N ASP B 89 -169.43 65.28 -39.31
CA ASP B 89 -169.18 64.65 -38.02
C ASP B 89 -168.43 63.33 -38.14
N THR B 90 -168.12 62.87 -39.36
CA THR B 90 -167.40 61.63 -39.55
C THR B 90 -165.97 61.78 -39.06
N ALA B 91 -165.62 61.03 -38.01
CA ALA B 91 -164.30 61.12 -37.40
C ALA B 91 -164.14 59.98 -36.41
N VAL B 92 -162.91 59.79 -35.94
CA VAL B 92 -162.64 58.83 -34.88
C VAL B 92 -162.78 59.53 -33.53
N TYR B 93 -163.50 58.89 -32.61
CA TYR B 93 -163.73 59.42 -31.28
C TYR B 93 -163.03 58.54 -30.27
N TYR B 94 -162.17 59.16 -29.45
CA TYR B 94 -161.42 58.47 -28.42
C TYR B 94 -161.96 58.86 -27.05
N CYS B 95 -162.12 57.86 -26.19
CA CYS B 95 -162.62 58.06 -24.83
C CYS B 95 -161.44 58.11 -23.88
N ASN B 96 -161.31 59.21 -23.13
CA ASN B 96 -160.21 59.42 -22.22
C ASN B 96 -160.74 59.70 -20.82
N ALA B 97 -159.98 59.30 -19.80
CA ALA B 97 -160.32 59.56 -18.41
C ALA B 97 -159.07 60.10 -17.73
N ASP B 98 -158.92 61.42 -17.69
CA ASP B 98 -157.74 62.05 -17.11
C ASP B 98 -158.06 62.63 -15.75
N ARG B 99 -157.14 62.46 -14.80
CA ARG B 99 -157.38 62.94 -13.44
C ARG B 99 -157.39 64.45 -13.33
N VAL B 100 -156.99 65.16 -14.39
CA VAL B 100 -157.11 66.62 -14.45
C VAL B 100 -158.58 66.97 -14.23
N PRO B 101 -158.94 67.54 -13.08
CA PRO B 101 -160.36 67.71 -12.74
C PRO B 101 -161.02 68.73 -13.65
N ASN B 102 -162.03 68.27 -14.40
CA ASN B 102 -162.92 69.14 -15.17
C ASN B 102 -162.18 69.91 -16.26
N GLY B 103 -160.88 69.67 -16.42
CA GLY B 103 -160.09 70.36 -17.42
C GLY B 103 -159.22 71.49 -16.92
N TYR B 104 -159.00 71.61 -15.61
CA TYR B 104 -158.13 72.62 -15.05
C TYR B 104 -157.05 71.94 -14.22
N ASN B 105 -155.89 72.57 -14.15
CA ASN B 105 -154.75 72.00 -13.42
C ASN B 105 -153.92 73.14 -12.83
N PRO B 106 -154.17 73.50 -11.57
CA PRO B 106 -153.34 74.54 -10.93
C PRO B 106 -151.88 74.14 -10.81
N TRP B 107 -151.59 72.85 -10.67
CA TRP B 107 -150.20 72.41 -10.55
C TRP B 107 -149.42 72.68 -11.84
N GLY B 108 -149.97 72.27 -12.97
CA GLY B 108 -149.32 72.51 -14.25
C GLY B 108 -148.81 71.27 -14.94
N THR B 109 -147.54 71.30 -15.35
CA THR B 109 -146.96 70.17 -16.07
C THR B 109 -147.02 68.84 -15.34
N PRO B 110 -146.80 68.74 -14.00
CA PRO B 110 -146.84 67.42 -13.36
C PRO B 110 -148.20 66.73 -13.41
N ASN B 111 -149.20 67.36 -14.02
CA ASN B 111 -150.49 66.71 -14.22
C ASN B 111 -151.12 66.94 -15.59
N ASP B 112 -150.64 67.90 -16.38
CA ASP B 112 -151.23 68.13 -17.70
C ASP B 112 -151.10 66.90 -18.59
N GLU B 113 -150.05 66.10 -18.38
CA GLU B 113 -149.85 64.86 -19.13
C GLU B 113 -150.36 63.64 -18.39
N TYR B 114 -151.02 63.83 -17.24
CA TYR B 114 -151.56 62.74 -16.44
C TYR B 114 -152.90 62.30 -17.03
N ASP B 115 -152.82 61.72 -18.23
CA ASP B 115 -154.00 61.30 -18.98
C ASP B 115 -153.96 59.80 -19.22
N TYR B 116 -155.11 59.15 -19.06
CA TYR B 116 -155.29 57.74 -19.39
C TYR B 116 -156.11 57.69 -20.67
N TRP B 117 -155.41 57.59 -21.81
CA TRP B 117 -156.04 57.62 -23.12
C TRP B 117 -156.44 56.20 -23.51
N GLY B 118 -157.74 55.90 -23.44
CA GLY B 118 -158.25 54.59 -23.77
C GLY B 118 -158.55 54.43 -25.25
N GLN B 119 -159.08 53.27 -25.59
CA GLN B 119 -159.41 52.95 -26.97
C GLN B 119 -160.66 53.73 -27.41
N GLY B 120 -160.77 53.90 -28.73
CA GLY B 120 -161.89 54.61 -29.30
C GLY B 120 -162.55 53.88 -30.45
N THR B 121 -163.43 54.57 -31.17
CA THR B 121 -164.12 53.97 -32.30
C THR B 121 -164.39 55.03 -33.37
N GLN B 122 -164.59 54.57 -34.59
CA GLN B 122 -164.81 55.47 -35.73
C GLN B 122 -166.30 55.68 -35.93
N VAL B 123 -166.74 56.94 -35.86
CA VAL B 123 -168.12 57.31 -36.15
C VAL B 123 -168.18 57.82 -37.58
N THR B 124 -169.06 57.23 -38.38
CA THR B 124 -169.21 57.57 -39.79
C THR B 124 -170.64 58.02 -40.06
N VAL B 125 -170.77 59.09 -40.84
CA VAL B 125 -172.06 59.64 -41.23
C VAL B 125 -172.13 59.67 -42.75
N SER B 126 -173.20 59.12 -43.31
CA SER B 126 -173.39 59.10 -44.75
C SER B 126 -173.79 60.46 -45.27
N ILE C 11 -18.57 -7.73 -28.54
CA ILE C 11 -18.17 -6.49 -29.20
C ILE C 11 -17.22 -6.80 -30.35
N GLN C 12 -16.79 -8.05 -30.43
CA GLN C 12 -15.90 -8.47 -31.51
C GLN C 12 -16.62 -8.42 -32.85
N PHE C 13 -15.85 -8.22 -33.91
CA PHE C 13 -16.39 -8.13 -35.26
C PHE C 13 -15.64 -9.07 -36.18
N LEU C 14 -16.37 -9.76 -37.04
CA LEU C 14 -15.76 -10.71 -37.96
C LEU C 14 -14.85 -10.00 -38.94
N ARG C 15 -13.69 -10.59 -39.20
CA ARG C 15 -12.67 -10.01 -40.06
C ARG C 15 -12.41 -10.95 -41.23
N THR C 16 -11.64 -10.45 -42.20
CA THR C 16 -11.23 -11.26 -43.32
C THR C 16 -10.26 -12.35 -42.87
N ASP C 17 -10.40 -13.54 -43.44
CA ASP C 17 -9.53 -14.68 -43.16
C ASP C 17 -9.65 -15.10 -41.69
N ASP C 18 -10.88 -15.42 -41.29
CA ASP C 18 -11.17 -15.94 -39.97
C ASP C 18 -12.01 -17.20 -40.10
N GLU C 19 -11.95 -18.05 -39.07
CA GLU C 19 -12.68 -19.30 -39.06
C GLU C 19 -14.08 -19.07 -38.52
N VAL C 20 -15.09 -19.46 -39.31
CA VAL C 20 -16.48 -19.28 -38.94
C VAL C 20 -17.22 -20.58 -39.16
N VAL C 21 -18.30 -20.77 -38.41
CA VAL C 21 -19.16 -21.94 -38.51
C VAL C 21 -20.60 -21.48 -38.70
N LEU C 22 -21.26 -22.03 -39.71
CA LEU C 22 -22.65 -21.71 -39.98
C LEU C 22 -23.54 -22.68 -39.20
N GLN C 23 -24.38 -22.14 -38.32
CA GLN C 23 -25.22 -22.94 -37.46
C GLN C 23 -26.68 -22.53 -37.61
N CYS C 24 -27.57 -23.52 -37.47
CA CYS C 24 -29.00 -23.30 -37.53
C CYS C 24 -29.68 -24.10 -36.42
N THR C 25 -30.77 -23.54 -35.91
CA THR C 25 -31.54 -24.17 -34.84
C THR C 25 -32.80 -24.80 -35.41
N ALA C 26 -33.11 -26.01 -34.93
CA ALA C 26 -34.28 -26.74 -35.37
C ALA C 26 -35.11 -27.16 -34.18
N THR C 27 -36.42 -27.26 -34.39
CA THR C 27 -37.38 -27.59 -33.34
C THR C 27 -38.09 -28.88 -33.72
N ILE C 28 -37.33 -29.91 -34.09
CA ILE C 28 -37.91 -31.11 -34.67
C ILE C 28 -38.59 -31.92 -33.57
N HIS C 29 -39.88 -32.20 -33.76
CA HIS C 29 -40.70 -32.91 -32.77
C HIS C 29 -40.66 -32.21 -31.42
N LYS C 30 -40.73 -30.87 -31.45
CA LYS C 30 -40.63 -30.03 -30.26
C LYS C 30 -39.33 -30.28 -29.50
N GLU C 31 -38.29 -30.68 -30.23
CA GLU C 31 -36.97 -30.93 -29.67
C GLU C 31 -35.99 -29.98 -30.32
N GLN C 32 -35.28 -29.21 -29.49
CA GLN C 32 -34.34 -28.20 -29.98
C GLN C 32 -33.00 -28.83 -30.28
N GLN C 33 -32.48 -28.56 -31.47
CA GLN C 33 -31.19 -29.09 -31.89
C GLN C 33 -30.43 -28.02 -32.65
N LYS C 34 -29.11 -28.09 -32.57
CA LYS C 34 -28.21 -27.17 -33.26
C LYS C 34 -27.46 -27.97 -34.32
N LEU C 35 -27.54 -27.52 -35.57
CA LEU C 35 -26.90 -28.22 -36.69
C LEU C 35 -25.98 -27.26 -37.41
N CYS C 36 -24.75 -27.70 -37.66
CA CYS C 36 -23.75 -26.90 -38.35
C CYS C 36 -23.55 -27.42 -39.76
N LEU C 37 -23.30 -26.50 -40.68
CA LEU C 37 -23.14 -26.82 -42.09
C LEU C 37 -21.76 -27.40 -42.34
N ALA C 38 -21.70 -28.67 -42.73
CA ALA C 38 -20.44 -29.36 -42.96
C ALA C 38 -20.42 -29.93 -44.38
N ALA C 39 -19.22 -30.32 -44.82
CA ALA C 39 -19.05 -30.91 -46.14
C ALA C 39 -17.82 -31.80 -46.13
N GLU C 40 -17.95 -33.01 -46.67
CA GLU C 40 -16.83 -33.94 -46.71
C GLU C 40 -15.70 -33.42 -47.58
N GLY C 41 -16.04 -32.88 -48.76
CA GLY C 41 -15.04 -32.33 -49.65
C GLY C 41 -14.43 -33.34 -50.58
N PHE C 42 -13.77 -34.36 -50.02
CA PHE C 42 -13.09 -35.38 -50.81
C PHE C 42 -14.11 -36.46 -51.20
N GLY C 43 -14.49 -36.48 -52.47
CA GLY C 43 -15.40 -37.47 -52.97
C GLY C 43 -16.87 -37.21 -52.70
N ASN C 44 -17.20 -36.08 -52.07
CA ASN C 44 -18.59 -35.75 -51.78
C ASN C 44 -18.72 -34.22 -51.83
N ARG C 45 -19.11 -33.70 -52.99
CA ARG C 45 -19.30 -32.26 -53.12
C ARG C 45 -20.49 -31.77 -52.32
N LEU C 46 -21.52 -32.60 -52.15
CA LEU C 46 -22.73 -32.18 -51.47
C LEU C 46 -22.46 -31.86 -50.00
N CYS C 47 -23.12 -30.81 -49.52
CA CYS C 47 -22.99 -30.37 -48.14
C CYS C 47 -24.17 -30.87 -47.31
N PHE C 48 -23.90 -31.17 -46.04
CA PHE C 48 -24.95 -31.66 -45.15
C PHE C 48 -24.89 -30.95 -43.81
N LEU C 49 -25.66 -31.43 -42.84
CA LEU C 49 -25.73 -30.85 -41.51
C LEU C 49 -25.23 -31.86 -40.49
N GLU C 50 -24.37 -31.40 -39.59
CA GLU C 50 -23.84 -32.21 -38.50
C GLU C 50 -24.38 -31.65 -37.18
N SER C 51 -24.98 -32.52 -36.37
CA SER C 51 -25.59 -32.09 -35.12
C SER C 51 -24.48 -31.71 -34.14
N THR C 52 -24.28 -30.40 -33.95
CA THR C 52 -23.27 -29.94 -33.02
C THR C 52 -23.76 -29.96 -31.57
N SER C 53 -25.05 -30.20 -31.36
CA SER C 53 -25.58 -30.34 -30.01
C SER C 53 -25.25 -31.74 -29.48
N ASN C 54 -25.58 -31.95 -28.20
CA ASN C 54 -25.29 -33.21 -27.52
C ASN C 54 -23.81 -33.55 -27.60
N SER C 55 -22.96 -32.54 -27.41
CA SER C 55 -21.51 -32.74 -27.48
C SER C 55 -21.00 -33.65 -26.38
N LYS C 56 -21.74 -33.77 -25.26
CA LYS C 56 -21.31 -34.65 -24.19
C LYS C 56 -21.34 -36.11 -24.62
N ASN C 57 -22.42 -36.53 -25.25
CA ASN C 57 -22.55 -37.93 -25.66
C ASN C 57 -21.70 -38.24 -26.88
N VAL C 58 -21.70 -37.35 -27.87
CA VAL C 58 -20.97 -37.58 -29.11
C VAL C 58 -20.12 -36.36 -29.43
N PRO C 59 -18.83 -36.54 -29.71
CA PRO C 59 -17.98 -35.39 -30.05
C PRO C 59 -18.27 -34.91 -31.46
N PRO C 60 -18.65 -33.64 -31.62
CA PRO C 60 -18.84 -33.10 -32.96
C PRO C 60 -17.53 -33.01 -33.72
N ASP C 61 -17.62 -33.14 -35.04
CA ASP C 61 -16.45 -33.12 -35.92
C ASP C 61 -16.43 -31.76 -36.62
N LEU C 62 -15.77 -30.79 -35.98
CA LEU C 62 -15.69 -29.44 -36.52
C LEU C 62 -14.71 -29.31 -37.66
N SER C 63 -13.88 -30.33 -37.92
CA SER C 63 -12.87 -30.23 -38.96
C SER C 63 -13.52 -30.05 -40.34
N ILE C 64 -14.58 -30.78 -40.62
CA ILE C 64 -15.28 -30.65 -41.90
C ILE C 64 -16.36 -29.58 -41.87
N CYS C 65 -16.58 -28.94 -40.71
CA CYS C 65 -17.63 -27.94 -40.59
C CYS C 65 -17.12 -26.52 -40.54
N THR C 66 -15.86 -26.30 -40.15
CA THR C 66 -15.33 -24.95 -40.09
C THR C 66 -15.13 -24.38 -41.49
N PHE C 67 -15.42 -23.10 -41.64
CA PHE C 67 -15.22 -22.38 -42.89
C PHE C 67 -14.40 -21.13 -42.63
N VAL C 68 -13.71 -20.67 -43.67
CA VAL C 68 -12.89 -19.45 -43.60
C VAL C 68 -13.36 -18.50 -44.68
N LEU C 69 -13.50 -17.22 -44.32
CA LEU C 69 -13.96 -16.19 -45.24
C LEU C 69 -12.74 -15.60 -45.95
N GLU C 70 -12.59 -15.91 -47.23
CA GLU C 70 -11.40 -15.48 -47.96
C GLU C 70 -11.42 -13.99 -48.25
N GLN C 71 -12.55 -13.46 -48.71
CA GLN C 71 -12.60 -12.07 -49.13
C GLN C 71 -14.04 -11.65 -49.30
N SER C 72 -14.30 -10.36 -49.06
CA SER C 72 -15.64 -9.78 -49.18
C SER C 72 -15.60 -8.61 -50.15
N LEU C 73 -16.51 -8.61 -51.12
CA LEU C 73 -16.67 -7.52 -52.06
C LEU C 73 -18.12 -7.05 -52.05
N SER C 74 -18.33 -5.78 -52.37
CA SER C 74 -19.68 -5.26 -52.52
C SER C 74 -20.32 -5.81 -53.80
N VAL C 75 -21.62 -5.54 -53.96
CA VAL C 75 -22.33 -6.05 -55.13
C VAL C 75 -21.77 -5.43 -56.41
N ARG C 76 -21.64 -4.10 -56.43
CA ARG C 76 -21.12 -3.43 -57.62
C ARG C 76 -19.67 -3.81 -57.88
N ALA C 77 -18.86 -3.91 -56.82
CA ALA C 77 -17.46 -4.29 -56.99
C ALA C 77 -17.35 -5.70 -57.55
N LEU C 78 -18.17 -6.62 -57.05
CA LEU C 78 -18.16 -7.98 -57.58
C LEU C 78 -18.61 -8.02 -59.03
N GLN C 79 -19.63 -7.22 -59.38
CA GLN C 79 -20.07 -7.15 -60.77
C GLN C 79 -18.94 -6.66 -61.68
N GLU C 80 -18.23 -5.61 -61.25
CA GLU C 80 -17.12 -5.10 -62.03
C GLU C 80 -16.00 -6.13 -62.15
N MET C 81 -15.70 -6.84 -61.06
CA MET C 81 -14.65 -7.85 -61.09
C MET C 81 -15.01 -8.99 -62.03
N LEU C 82 -16.28 -9.42 -62.01
CA LEU C 82 -16.73 -10.47 -62.92
C LEU C 82 -16.68 -9.99 -64.36
N ALA C 83 -17.06 -8.73 -64.62
CA ALA C 83 -16.99 -8.19 -65.97
C ALA C 83 -15.55 -8.15 -66.46
N ASN C 84 -14.61 -7.75 -65.60
CA ASN C 84 -13.21 -7.68 -65.97
C ASN C 84 -12.60 -9.06 -66.02
N HIS C 110 -6.97 -8.35 -42.82
CA HIS C 110 -8.22 -8.56 -42.09
C HIS C 110 -9.11 -7.34 -42.17
N ARG C 111 -10.23 -7.46 -42.89
CA ARG C 111 -11.19 -6.39 -43.06
C ARG C 111 -12.55 -6.85 -42.55
N THR C 112 -13.29 -5.92 -41.96
CA THR C 112 -14.62 -6.25 -41.45
C THR C 112 -15.58 -6.49 -42.60
N LEU C 113 -16.68 -7.17 -42.29
CA LEU C 113 -17.71 -7.50 -43.26
C LEU C 113 -18.87 -6.52 -43.12
N LEU C 114 -19.44 -6.13 -44.26
CA LEU C 114 -20.56 -5.20 -44.29
C LEU C 114 -21.76 -5.89 -44.92
N TYR C 115 -22.95 -5.53 -44.44
CA TYR C 115 -24.18 -6.10 -44.98
C TYR C 115 -24.31 -5.76 -46.46
N GLY C 116 -24.77 -6.74 -47.25
CA GLY C 116 -24.90 -6.58 -48.67
C GLY C 116 -23.65 -6.93 -49.46
N HIS C 117 -22.53 -7.17 -48.79
CA HIS C 117 -21.32 -7.59 -49.48
C HIS C 117 -21.37 -9.08 -49.77
N ALA C 118 -20.65 -9.49 -50.82
CA ALA C 118 -20.57 -10.88 -51.22
C ALA C 118 -19.30 -11.49 -50.64
N ILE C 119 -19.47 -12.57 -49.88
CA ILE C 119 -18.35 -13.22 -49.21
C ILE C 119 -17.94 -14.45 -50.00
N LEU C 120 -16.78 -15.00 -49.65
CA LEU C 120 -16.24 -16.20 -50.30
C LEU C 120 -15.91 -17.22 -49.21
N LEU C 121 -16.77 -18.22 -49.05
CA LEU C 121 -16.59 -19.22 -48.02
C LEU C 121 -15.76 -20.38 -48.54
N ARG C 122 -14.68 -20.70 -47.83
CA ARG C 122 -13.79 -21.79 -48.20
C ARG C 122 -13.78 -22.83 -47.08
N HIS C 123 -13.96 -24.09 -47.46
CA HIS C 123 -13.85 -25.17 -46.49
C HIS C 123 -12.43 -25.24 -45.94
N SER C 124 -12.32 -25.48 -44.63
CA SER C 124 -11.02 -25.46 -43.98
C SER C 124 -10.19 -26.67 -44.38
N TYR C 125 -10.67 -27.87 -44.07
CA TYR C 125 -9.92 -29.09 -44.39
C TYR C 125 -9.80 -29.28 -45.89
N SER C 126 -10.91 -29.21 -46.61
CA SER C 126 -10.89 -29.47 -48.04
C SER C 126 -10.12 -28.40 -48.80
N GLY C 127 -10.20 -27.15 -48.33
CA GLY C 127 -9.68 -26.04 -49.11
C GLY C 127 -10.52 -25.70 -50.32
N MET C 128 -11.65 -26.37 -50.51
CA MET C 128 -12.53 -26.17 -51.63
C MET C 128 -13.41 -24.95 -51.32
N TYR C 129 -14.30 -24.57 -52.25
CA TYR C 129 -15.08 -23.34 -52.09
C TYR C 129 -16.57 -23.62 -52.18
N LEU C 130 -17.32 -23.07 -51.23
CA LEU C 130 -18.77 -23.28 -51.18
C LEU C 130 -19.46 -22.55 -52.33
N CYS C 131 -20.51 -23.17 -52.87
CA CYS C 131 -21.22 -22.61 -54.01
C CYS C 131 -22.63 -23.22 -54.04
N CYS C 132 -23.32 -23.02 -55.16
CA CYS C 132 -24.63 -23.62 -55.42
C CYS C 132 -24.53 -24.50 -56.65
N LEU C 133 -24.54 -25.82 -56.44
CA LEU C 133 -24.49 -26.76 -57.55
C LEU C 133 -25.79 -26.70 -58.34
N SER C 134 -25.67 -26.82 -59.66
CA SER C 134 -26.85 -26.74 -60.53
C SER C 134 -27.80 -27.92 -60.31
N THR C 135 -27.27 -29.08 -59.93
CA THR C 135 -28.11 -30.25 -59.73
C THR C 135 -29.03 -30.06 -58.53
N SER C 136 -30.22 -30.64 -58.63
CA SER C 136 -31.22 -30.59 -57.56
C SER C 136 -31.43 -32.01 -57.05
N ARG C 137 -31.01 -32.27 -55.81
CA ARG C 137 -31.15 -33.61 -55.25
C ARG C 137 -32.60 -33.90 -54.87
N SER C 138 -33.29 -32.92 -54.28
CA SER C 138 -34.65 -33.12 -53.80
C SER C 138 -35.64 -32.69 -54.87
N SER C 139 -36.49 -33.63 -55.30
CA SER C 139 -37.50 -33.31 -56.31
C SER C 139 -38.61 -32.43 -55.72
N THR C 140 -38.93 -32.62 -54.44
CA THR C 140 -39.99 -31.83 -53.82
C THR C 140 -39.65 -30.36 -53.79
N ASP C 141 -38.39 -30.03 -53.49
CA ASP C 141 -37.93 -28.64 -53.43
C ASP C 141 -37.79 -28.12 -54.85
N LYS C 142 -38.90 -27.68 -55.42
CA LYS C 142 -38.89 -27.14 -56.77
C LYS C 142 -38.13 -25.82 -56.82
N LEU C 143 -37.42 -25.60 -57.93
CA LEU C 143 -36.58 -24.42 -58.12
C LEU C 143 -35.61 -24.23 -56.97
N ALA C 144 -35.09 -25.34 -56.45
CA ALA C 144 -34.12 -25.32 -55.37
C ALA C 144 -32.91 -26.13 -55.80
N PHE C 145 -31.74 -25.51 -55.80
CA PHE C 145 -30.50 -26.17 -56.18
C PHE C 145 -29.70 -26.55 -54.94
N ASP C 146 -28.93 -27.63 -55.06
CA ASP C 146 -28.09 -28.09 -53.97
C ASP C 146 -26.93 -27.13 -53.74
N VAL C 147 -26.41 -27.13 -52.51
CA VAL C 147 -25.26 -26.33 -52.14
C VAL C 147 -24.07 -27.26 -51.95
N GLY C 148 -22.98 -26.97 -52.65
CA GLY C 148 -21.82 -27.84 -52.61
C GLY C 148 -20.52 -27.09 -52.73
N LEU C 149 -19.46 -27.78 -53.13
CA LEU C 149 -18.13 -27.19 -53.22
C LEU C 149 -17.65 -27.23 -54.67
N GLN C 150 -17.10 -26.10 -55.13
CA GLN C 150 -16.49 -26.00 -56.45
C GLN C 150 -15.11 -25.38 -56.33
N GLU C 151 -14.25 -25.70 -57.29
CA GLU C 151 -12.88 -25.19 -57.33
C GLU C 151 -12.67 -24.14 -58.41
N ASP C 152 -13.67 -23.92 -59.28
CA ASP C 152 -13.51 -22.96 -60.37
C ASP C 152 -13.29 -21.56 -59.84
N THR C 153 -14.04 -21.17 -58.81
CA THR C 153 -13.87 -19.89 -58.11
C THR C 153 -13.89 -18.70 -59.07
N THR C 154 -14.81 -18.73 -60.03
CA THR C 154 -15.02 -17.57 -60.89
C THR C 154 -16.48 -17.30 -61.20
N GLY C 155 -17.41 -18.07 -60.64
CA GLY C 155 -18.83 -17.88 -60.89
C GLY C 155 -19.49 -17.14 -59.73
N GLU C 156 -20.58 -16.45 -60.04
CA GLU C 156 -21.31 -15.71 -59.01
C GLU C 156 -21.92 -16.65 -57.97
N ALA C 157 -22.20 -17.90 -58.36
CA ALA C 157 -22.75 -18.86 -57.41
C ALA C 157 -21.78 -19.18 -56.29
N CYS C 158 -20.48 -19.02 -56.51
CA CYS C 158 -19.51 -19.27 -55.45
C CYS C 158 -19.62 -18.23 -54.34
N TRP C 159 -19.94 -16.99 -54.69
CA TRP C 159 -20.02 -15.93 -53.70
C TRP C 159 -21.40 -15.92 -53.04
N TRP C 160 -21.43 -15.43 -51.81
CA TRP C 160 -22.65 -15.37 -51.02
C TRP C 160 -22.77 -13.99 -50.39
N THR C 161 -23.96 -13.41 -50.47
CA THR C 161 -24.23 -12.09 -49.92
C THR C 161 -24.88 -12.23 -48.55
N ILE C 162 -24.37 -11.48 -47.58
CA ILE C 162 -24.87 -11.48 -46.21
C ILE C 162 -25.87 -10.36 -46.06
N HIS C 163 -26.91 -10.60 -45.26
CA HIS C 163 -27.96 -9.61 -45.03
C HIS C 163 -28.40 -9.64 -43.58
N PRO C 164 -28.78 -8.47 -43.05
CA PRO C 164 -29.17 -8.38 -41.63
C PRO C 164 -30.54 -8.94 -41.35
N ALA C 165 -30.61 -10.24 -41.07
CA ALA C 165 -31.89 -10.87 -40.77
C ALA C 165 -32.66 -10.13 -39.69
N SER C 166 -31.96 -9.64 -38.66
CA SER C 166 -32.61 -8.89 -37.60
C SER C 166 -33.17 -7.57 -38.15
N LYS C 167 -34.43 -7.29 -37.84
CA LYS C 167 -35.05 -6.06 -38.32
C LYS C 167 -34.44 -4.83 -37.66
N GLN C 168 -33.99 -4.95 -36.41
CA GLN C 168 -33.40 -3.82 -35.73
C GLN C 168 -32.15 -3.33 -36.43
N ARG C 169 -31.31 -4.25 -36.91
CA ARG C 169 -30.14 -3.85 -37.67
C ARG C 169 -30.52 -3.54 -39.11
N SER C 170 -29.66 -2.78 -39.78
CA SER C 170 -29.92 -2.33 -41.14
C SER C 170 -28.68 -2.55 -42.00
N GLU C 171 -28.90 -2.50 -43.31
CA GLU C 171 -27.81 -2.68 -44.27
C GLU C 171 -26.79 -1.54 -44.12
N GLY C 172 -25.52 -1.87 -44.35
CA GLY C 172 -24.45 -0.92 -44.20
C GLY C 172 -23.81 -0.88 -42.84
N GLU C 173 -24.33 -1.64 -41.88
CA GLU C 173 -23.74 -1.73 -40.55
C GLU C 173 -22.65 -2.80 -40.54
N LYS C 174 -21.88 -2.83 -39.46
CA LYS C 174 -20.83 -3.81 -39.33
C LYS C 174 -21.41 -5.22 -39.18
N VAL C 175 -20.56 -6.22 -39.37
CA VAL C 175 -21.02 -7.60 -39.40
C VAL C 175 -21.47 -8.02 -38.02
N ARG C 176 -22.65 -8.64 -37.95
CA ARG C 176 -23.14 -9.23 -36.72
C ARG C 176 -22.25 -10.41 -36.30
N VAL C 177 -22.17 -10.62 -34.99
CA VAL C 177 -21.32 -11.65 -34.43
C VAL C 177 -22.16 -12.55 -33.53
N GLY C 178 -22.04 -13.86 -33.73
CA GLY C 178 -22.74 -14.83 -32.90
C GLY C 178 -24.24 -14.66 -32.92
N ASP C 179 -24.82 -14.38 -34.08
CA ASP C 179 -26.25 -14.15 -34.19
C ASP C 179 -26.68 -14.53 -35.61
N ASP C 180 -27.99 -14.47 -35.85
CA ASP C 180 -28.57 -15.00 -37.08
C ASP C 180 -28.61 -13.93 -38.17
N LEU C 181 -28.07 -14.27 -39.35
CA LEU C 181 -28.16 -13.41 -40.52
C LEU C 181 -28.73 -14.21 -41.70
N ILE C 182 -28.73 -13.63 -42.89
CA ILE C 182 -29.26 -14.29 -44.08
C ILE C 182 -28.16 -14.38 -45.13
N LEU C 183 -28.05 -15.54 -45.77
CA LEU C 183 -27.12 -15.75 -46.88
C LEU C 183 -27.91 -15.96 -48.17
N VAL C 184 -27.58 -15.19 -49.20
CA VAL C 184 -28.26 -15.26 -50.48
C VAL C 184 -27.24 -15.51 -51.57
N SER C 185 -27.53 -16.46 -52.45
CA SER C 185 -26.66 -16.71 -53.59
C SER C 185 -26.67 -15.53 -54.55
N VAL C 186 -25.49 -15.18 -55.06
CA VAL C 186 -25.38 -14.02 -55.95
C VAL C 186 -26.09 -14.30 -57.27
N SER C 187 -25.83 -15.45 -57.87
CA SER C 187 -26.41 -15.78 -59.17
C SER C 187 -27.78 -16.43 -59.04
N SER C 188 -27.87 -17.51 -58.27
CA SER C 188 -29.13 -18.25 -58.17
C SER C 188 -30.20 -17.44 -57.46
N GLU C 189 -29.83 -16.41 -56.70
CA GLU C 189 -30.78 -15.55 -56.00
C GLU C 189 -31.69 -16.35 -55.08
N ARG C 190 -31.13 -17.35 -54.41
CA ARG C 190 -31.86 -18.19 -53.47
C ARG C 190 -31.19 -18.15 -52.11
N TYR C 191 -32.00 -18.06 -51.06
CA TYR C 191 -31.48 -18.08 -49.70
C TYR C 191 -30.94 -19.46 -49.35
N LEU C 192 -30.04 -19.49 -48.37
CA LEU C 192 -29.50 -20.76 -47.87
C LEU C 192 -30.56 -21.43 -46.99
N HIS C 193 -31.60 -21.90 -47.65
CA HIS C 193 -32.74 -22.47 -46.94
C HIS C 193 -32.37 -23.81 -46.31
N LEU C 194 -32.95 -24.07 -45.15
CA LEU C 194 -32.81 -25.36 -44.48
C LEU C 194 -34.05 -26.18 -44.78
N SER C 195 -33.89 -27.22 -45.62
CA SER C 195 -34.99 -28.10 -45.94
C SER C 195 -35.24 -29.07 -44.78
N TYR C 196 -36.49 -29.19 -44.38
CA TYR C 196 -36.85 -30.08 -43.27
C TYR C 196 -36.75 -31.51 -43.76
N GLY C 197 -35.80 -32.27 -43.18
CA GLY C 197 -35.67 -33.68 -43.48
C GLY C 197 -36.30 -34.51 -42.38
N ASN C 198 -37.20 -35.40 -42.78
CA ASN C 198 -37.87 -36.25 -41.80
C ASN C 198 -36.87 -37.16 -41.08
N SER C 199 -35.92 -37.73 -41.82
CA SER C 199 -34.88 -38.54 -41.22
C SER C 199 -33.70 -37.68 -40.75
N SER C 200 -33.35 -36.66 -41.53
CA SER C 200 -32.24 -35.79 -41.18
C SER C 200 -32.39 -34.49 -41.95
N TRP C 201 -32.25 -33.37 -41.26
CA TRP C 201 -32.35 -32.07 -41.91
C TRP C 201 -31.21 -31.89 -42.91
N HIS C 202 -31.53 -31.30 -44.05
CA HIS C 202 -30.57 -31.09 -45.11
C HIS C 202 -30.68 -29.66 -45.64
N VAL C 203 -29.55 -29.11 -46.04
CA VAL C 203 -29.48 -27.76 -46.57
C VAL C 203 -29.77 -27.79 -48.06
N ASP C 204 -30.47 -26.77 -48.54
CA ASP C 204 -30.81 -26.68 -49.96
C ASP C 204 -31.14 -25.23 -50.27
N ALA C 205 -30.42 -24.65 -51.24
CA ALA C 205 -30.64 -23.25 -51.62
C ALA C 205 -32.02 -23.11 -52.23
N ALA C 206 -32.94 -22.46 -51.51
CA ALA C 206 -34.30 -22.27 -51.99
C ALA C 206 -34.75 -20.83 -51.79
N PHE C 207 -36.04 -20.57 -52.01
CA PHE C 207 -36.59 -19.22 -51.90
C PHE C 207 -37.26 -18.97 -50.54
N GLN C 208 -36.77 -19.62 -49.49
CA GLN C 208 -37.32 -19.45 -48.15
C GLN C 208 -36.21 -19.06 -47.19
N GLN C 209 -36.53 -18.14 -46.29
CA GLN C 209 -35.54 -17.63 -45.34
C GLN C 209 -35.12 -18.72 -44.36
N THR C 210 -33.86 -18.67 -43.94
CA THR C 210 -33.36 -19.56 -42.90
C THR C 210 -32.32 -18.81 -42.10
N LEU C 211 -32.45 -18.86 -40.78
CA LEU C 211 -31.61 -18.09 -39.87
C LEU C 211 -30.33 -18.86 -39.61
N TRP C 212 -29.19 -18.23 -39.93
CA TRP C 212 -27.88 -18.88 -39.79
C TRP C 212 -27.03 -18.07 -38.82
N SER C 213 -26.44 -18.76 -37.84
CA SER C 213 -25.60 -18.14 -36.83
C SER C 213 -24.14 -18.45 -37.12
N VAL C 214 -23.30 -17.43 -36.99
CA VAL C 214 -21.87 -17.59 -37.21
C VAL C 214 -21.18 -17.88 -35.88
N ALA C 215 -19.98 -18.44 -35.96
CA ALA C 215 -19.21 -18.77 -34.77
C ALA C 215 -17.73 -18.48 -35.00
N PRO C 216 -17.18 -17.46 -34.36
CA PRO C 216 -15.78 -17.10 -34.60
C PRO C 216 -14.79 -18.08 -33.97
N ILE C 217 -14.48 -19.17 -34.67
CA ILE C 217 -13.55 -20.16 -34.13
C ILE C 217 -12.17 -19.54 -33.92
N SER C 218 -11.67 -18.82 -34.92
CA SER C 218 -10.34 -18.24 -34.83
C SER C 218 -10.30 -16.97 -35.67
N SER C 219 -9.74 -15.90 -35.09
CA SER C 219 -9.58 -14.64 -35.81
C SER C 219 -8.35 -14.63 -36.72
N GLY C 220 -7.45 -15.58 -36.55
CA GLY C 220 -6.25 -15.65 -37.40
C GLY C 220 -5.14 -14.69 -37.08
N SER C 221 -5.44 -13.39 -37.03
CA SER C 221 -4.41 -12.39 -36.75
C SER C 221 -3.84 -12.56 -35.35
N GLU C 222 -4.71 -12.82 -34.36
CA GLU C 222 -4.26 -12.95 -32.98
C GLU C 222 -3.55 -14.27 -32.70
N ALA C 223 -3.58 -15.22 -33.62
CA ALA C 223 -2.88 -16.48 -33.42
C ALA C 223 -1.38 -16.26 -33.38
N ALA C 224 -0.70 -16.97 -32.48
CA ALA C 224 0.74 -16.85 -32.29
C ALA C 224 1.40 -18.19 -32.60
N GLN C 225 2.45 -18.14 -33.42
CA GLN C 225 3.18 -19.35 -33.76
C GLN C 225 3.95 -19.88 -32.55
N GLY C 226 4.16 -21.18 -32.54
CA GLY C 226 4.87 -21.82 -31.45
C GLY C 226 4.07 -22.02 -30.19
N TYR C 227 2.74 -21.87 -30.25
CA TYR C 227 1.89 -22.06 -29.09
C TYR C 227 0.80 -23.05 -29.43
N LEU C 228 0.38 -23.81 -28.42
CA LEU C 228 -0.64 -24.84 -28.64
C LEU C 228 -1.97 -24.18 -28.97
N ILE C 229 -2.58 -24.61 -30.06
CA ILE C 229 -3.83 -24.04 -30.56
C ILE C 229 -4.86 -25.16 -30.65
N GLY C 230 -6.08 -24.86 -30.19
CA GLY C 230 -7.14 -25.85 -30.25
C GLY C 230 -7.51 -26.20 -31.68
N GLY C 231 -8.09 -27.40 -31.83
CA GLY C 231 -8.43 -27.89 -33.15
C GLY C 231 -7.21 -28.15 -34.01
N ASP C 232 -6.19 -28.79 -33.47
CA ASP C 232 -4.94 -29.01 -34.17
C ASP C 232 -4.51 -30.46 -34.02
N VAL C 233 -3.78 -30.94 -35.02
CA VAL C 233 -3.21 -32.29 -35.02
C VAL C 233 -1.72 -32.19 -34.73
N LEU C 234 -1.22 -33.11 -33.92
CA LEU C 234 0.16 -33.05 -33.46
C LEU C 234 0.57 -34.43 -32.98
N ARG C 235 1.87 -34.59 -32.75
CA ARG C 235 2.40 -35.82 -32.18
C ARG C 235 2.80 -35.65 -30.72
N LEU C 236 2.58 -36.70 -29.95
CA LEU C 236 2.94 -36.78 -28.53
C LEU C 236 4.23 -37.60 -28.44
N LEU C 237 5.35 -36.91 -28.26
CA LEU C 237 6.65 -37.56 -28.16
C LEU C 237 7.16 -37.44 -26.74
N HIS C 238 8.10 -38.31 -26.39
CA HIS C 238 8.78 -38.16 -25.12
C HIS C 238 10.04 -37.31 -25.28
N GLY C 239 10.56 -36.84 -24.15
CA GLY C 239 11.75 -36.00 -24.17
C GLY C 239 12.99 -36.71 -24.67
N HIS C 240 13.21 -37.94 -24.22
CA HIS C 240 14.32 -38.78 -24.70
C HIS C 240 13.88 -40.07 -25.34
N MET C 241 12.94 -40.79 -24.71
CA MET C 241 12.47 -42.05 -25.27
C MET C 241 11.80 -41.83 -26.63
N ASP C 242 11.22 -40.64 -26.84
CA ASP C 242 10.71 -40.18 -28.14
C ASP C 242 9.78 -41.17 -28.81
N GLU C 243 9.09 -41.98 -28.02
CA GLU C 243 8.23 -43.03 -28.53
C GLU C 243 6.80 -42.52 -28.55
N CYS C 244 6.33 -42.16 -29.75
CA CYS C 244 5.02 -41.55 -29.89
C CYS C 244 3.91 -42.52 -29.51
N LEU C 245 2.79 -41.96 -29.06
CA LEU C 245 1.62 -42.75 -28.67
C LEU C 245 0.97 -43.31 -29.93
N THR C 246 1.49 -44.44 -30.40
CA THR C 246 1.04 -45.06 -31.64
C THR C 246 0.10 -46.22 -31.32
N VAL C 247 -0.63 -46.66 -32.34
CA VAL C 247 -1.52 -47.80 -32.22
C VAL C 247 -1.17 -48.77 -33.34
N PRO C 248 -1.56 -50.04 -33.20
CA PRO C 248 -1.26 -51.01 -34.26
C PRO C 248 -1.85 -50.56 -35.59
N SER C 249 -1.12 -50.85 -36.66
CA SER C 249 -1.54 -50.46 -38.00
C SER C 249 -2.57 -51.47 -38.53
N GLY C 250 -2.87 -51.39 -39.83
CA GLY C 250 -3.86 -52.26 -40.43
C GLY C 250 -3.42 -53.70 -40.55
N GLU C 251 -2.27 -54.04 -39.98
CA GLU C 251 -1.80 -55.41 -40.00
C GLU C 251 -2.74 -56.34 -39.23
N HIS C 252 -3.26 -55.88 -38.09
CA HIS C 252 -4.29 -56.58 -37.36
C HIS C 252 -5.62 -55.83 -37.47
N GLY C 253 -6.64 -56.36 -36.80
CA GLY C 253 -7.94 -55.74 -36.83
C GLY C 253 -8.04 -54.51 -35.95
N GLU C 254 -9.12 -53.75 -36.15
CA GLU C 254 -9.31 -52.52 -35.40
C GLU C 254 -9.44 -52.79 -33.91
N GLU C 255 -9.95 -53.96 -33.53
CA GLU C 255 -10.01 -54.30 -32.11
C GLU C 255 -8.61 -54.41 -31.52
N GLN C 256 -7.63 -54.85 -32.31
CA GLN C 256 -6.24 -54.83 -31.86
C GLN C 256 -5.65 -53.43 -31.93
N ARG C 257 -6.05 -52.64 -32.93
CA ARG C 257 -5.56 -51.27 -33.05
C ARG C 257 -6.13 -50.35 -31.98
N ARG C 258 -7.15 -50.77 -31.26
CA ARG C 258 -7.77 -49.93 -30.24
C ARG C 258 -6.87 -49.65 -29.05
N THR C 259 -5.73 -50.34 -28.93
CA THR C 259 -4.83 -50.15 -27.82
C THR C 259 -3.72 -49.18 -28.19
N VAL C 260 -3.41 -48.26 -27.28
CA VAL C 260 -2.31 -47.34 -27.47
C VAL C 260 -1.06 -47.92 -26.84
N HIS C 261 0.09 -47.46 -27.32
CA HIS C 261 1.39 -47.91 -26.83
C HIS C 261 2.44 -46.92 -27.30
N TYR C 262 3.71 -47.27 -27.12
CA TYR C 262 4.84 -46.43 -27.49
C TYR C 262 5.76 -47.23 -28.39
N GLU C 263 6.01 -46.71 -29.60
CA GLU C 263 6.92 -47.31 -30.55
C GLU C 263 7.92 -46.26 -31.01
N GLY C 264 9.20 -46.61 -31.01
CA GLY C 264 10.24 -45.69 -31.43
C GLY C 264 10.81 -46.02 -32.80
N GLY C 265 11.44 -45.04 -33.44
CA GLY C 265 12.07 -45.26 -34.72
C GLY C 265 11.35 -44.57 -35.87
N ALA C 266 11.17 -45.29 -36.97
CA ALA C 266 10.48 -44.72 -38.14
C ALA C 266 8.98 -44.55 -37.90
N VAL C 267 8.45 -45.06 -36.80
CA VAL C 267 7.03 -44.94 -36.53
C VAL C 267 6.61 -43.50 -36.29
N SER C 268 7.57 -42.64 -35.95
CA SER C 268 7.26 -41.23 -35.68
C SER C 268 6.68 -40.55 -36.92
N VAL C 269 7.28 -40.78 -38.09
CA VAL C 269 6.83 -40.12 -39.31
C VAL C 269 5.59 -40.75 -39.91
N HIS C 270 5.16 -41.91 -39.41
CA HIS C 270 3.96 -42.54 -39.93
C HIS C 270 2.72 -41.74 -39.59
N ALA C 271 1.67 -41.90 -40.40
CA ALA C 271 0.44 -41.15 -40.20
C ALA C 271 -0.41 -41.69 -39.06
N ARG C 272 -0.06 -42.83 -38.48
CA ARG C 272 -0.80 -43.39 -37.37
C ARG C 272 -0.30 -42.88 -36.02
N SER C 273 0.66 -41.97 -36.01
CA SER C 273 1.19 -41.38 -34.79
C SER C 273 0.69 -39.95 -34.59
N LEU C 274 -0.50 -39.64 -35.10
CA LEU C 274 -1.04 -38.29 -35.07
C LEU C 274 -2.27 -38.27 -34.19
N TRP C 275 -2.36 -37.27 -33.31
CA TRP C 275 -3.50 -37.08 -32.42
C TRP C 275 -4.06 -35.69 -32.64
N ARG C 276 -5.37 -35.58 -32.73
CA ARG C 276 -6.06 -34.32 -32.94
C ARG C 276 -6.75 -33.91 -31.66
N LEU C 277 -6.58 -32.63 -31.28
CA LEU C 277 -7.20 -32.07 -30.09
C LEU C 277 -8.51 -31.39 -30.47
N GLU C 278 -9.57 -31.72 -29.77
CA GLU C 278 -10.88 -31.10 -29.99
C GLU C 278 -11.33 -30.45 -28.68
N THR C 279 -11.56 -29.15 -28.73
CA THR C 279 -12.01 -28.43 -27.54
C THR C 279 -13.47 -28.78 -27.25
N LEU C 280 -13.80 -28.92 -25.96
CA LEU C 280 -15.16 -29.30 -25.58
C LEU C 280 -16.16 -28.24 -26.03
N ARG C 281 -15.83 -26.96 -25.84
CA ARG C 281 -16.71 -25.89 -26.27
C ARG C 281 -16.72 -25.78 -27.80
N VAL C 282 -17.85 -25.34 -28.34
CA VAL C 282 -18.01 -25.24 -29.79
C VAL C 282 -17.55 -23.88 -30.31
N ALA C 283 -17.93 -22.80 -29.63
CA ALA C 283 -17.52 -21.47 -30.05
C ALA C 283 -16.08 -21.21 -29.63
N TRP C 284 -15.33 -20.52 -30.50
CA TRP C 284 -13.94 -20.18 -30.24
C TRP C 284 -13.10 -21.41 -29.92
N SER C 285 -13.36 -22.50 -30.65
CA SER C 285 -12.60 -23.73 -30.44
C SER C 285 -11.17 -23.64 -30.93
N GLY C 286 -10.81 -22.58 -31.65
CA GLY C 286 -9.46 -22.42 -32.14
C GLY C 286 -8.59 -21.56 -31.25
N SER C 287 -9.03 -21.35 -30.00
CA SER C 287 -8.25 -20.57 -29.06
C SER C 287 -7.06 -21.38 -28.55
N HIS C 288 -6.12 -20.68 -27.93
CA HIS C 288 -4.95 -21.33 -27.36
C HIS C 288 -5.36 -22.22 -26.18
N ILE C 289 -4.78 -23.41 -26.14
CA ILE C 289 -5.11 -24.37 -25.08
C ILE C 289 -4.44 -23.92 -23.79
N ARG C 290 -5.21 -23.89 -22.71
CA ARG C 290 -4.73 -23.52 -21.39
C ARG C 290 -4.49 -24.76 -20.55
N TRP C 291 -3.64 -24.61 -19.54
CA TRP C 291 -3.37 -25.71 -18.63
C TRP C 291 -4.63 -26.09 -17.86
N GLY C 292 -4.91 -27.39 -17.80
CA GLY C 292 -6.08 -27.88 -17.12
C GLY C 292 -7.36 -27.80 -17.92
N GLN C 293 -7.32 -27.29 -19.13
CA GLN C 293 -8.51 -27.20 -19.96
C GLN C 293 -8.84 -28.57 -20.53
N PRO C 294 -10.06 -29.09 -20.33
CA PRO C 294 -10.39 -30.39 -20.89
C PRO C 294 -10.43 -30.36 -22.40
N PHE C 295 -10.12 -31.50 -23.00
CA PHE C 295 -10.13 -31.64 -24.46
C PHE C 295 -10.33 -33.10 -24.82
N ARG C 296 -10.52 -33.34 -26.11
CA ARG C 296 -10.78 -34.67 -26.65
C ARG C 296 -9.64 -35.06 -27.57
N LEU C 297 -9.09 -36.26 -27.37
CA LEU C 297 -8.04 -36.80 -28.23
C LEU C 297 -8.69 -37.70 -29.27
N ARG C 298 -8.36 -37.45 -30.55
CA ARG C 298 -8.89 -38.27 -31.64
C ARG C 298 -7.73 -38.78 -32.48
N HIS C 299 -7.88 -39.99 -33.02
CA HIS C 299 -6.89 -40.58 -33.89
C HIS C 299 -7.32 -40.35 -35.33
N VAL C 300 -6.62 -39.46 -36.02
CA VAL C 300 -7.03 -39.06 -37.37
C VAL C 300 -6.94 -40.24 -38.33
N THR C 301 -6.07 -41.20 -38.05
CA THR C 301 -5.92 -42.34 -38.96
C THR C 301 -7.16 -43.23 -38.93
N THR C 302 -7.69 -43.51 -37.74
CA THR C 302 -8.84 -44.40 -37.61
C THR C 302 -10.14 -43.67 -37.28
N GLY C 303 -10.07 -42.42 -36.85
CA GLY C 303 -11.28 -41.67 -36.56
C GLY C 303 -11.91 -41.94 -35.22
N LYS C 304 -11.23 -42.66 -34.33
CA LYS C 304 -11.77 -43.01 -33.03
C LYS C 304 -11.20 -42.08 -31.95
N TYR C 305 -12.03 -41.76 -30.97
CA TYR C 305 -11.62 -40.94 -29.85
C TYR C 305 -11.07 -41.82 -28.74
N LEU C 306 -10.05 -41.30 -28.05
CA LEU C 306 -9.39 -42.01 -26.98
C LEU C 306 -10.13 -41.79 -25.67
N SER C 307 -10.18 -42.82 -24.82
CA SER C 307 -10.89 -42.73 -23.56
C SER C 307 -10.23 -43.64 -22.54
N LEU C 308 -10.52 -43.35 -21.27
CA LEU C 308 -9.96 -44.05 -20.13
C LEU C 308 -11.07 -44.72 -19.33
N MET C 309 -11.00 -46.04 -19.22
CA MET C 309 -11.81 -46.80 -18.28
C MET C 309 -10.93 -47.25 -17.12
N GLU C 310 -11.45 -47.16 -15.90
CA GLU C 310 -10.65 -47.47 -14.72
C GLU C 310 -10.20 -48.92 -14.71
N ASP C 311 -10.98 -49.82 -15.28
CA ASP C 311 -10.68 -51.25 -15.25
C ASP C 311 -9.70 -51.67 -16.35
N LYS C 312 -9.27 -50.75 -17.20
CA LYS C 312 -8.35 -51.09 -18.29
C LYS C 312 -7.47 -49.88 -18.56
N ASN C 313 -6.80 -49.89 -19.71
CA ASN C 313 -5.93 -48.80 -20.11
C ASN C 313 -6.67 -47.95 -21.16
N LEU C 314 -5.97 -46.98 -21.74
CA LEU C 314 -6.57 -46.12 -22.74
C LEU C 314 -6.97 -46.93 -23.97
N LEU C 315 -8.21 -46.75 -24.41
CA LEU C 315 -8.71 -47.42 -25.60
C LEU C 315 -9.46 -46.43 -26.49
N LEU C 316 -9.52 -46.75 -27.77
CA LEU C 316 -10.16 -45.90 -28.76
C LEU C 316 -11.52 -46.48 -29.13
N MET C 317 -12.54 -45.63 -29.10
CA MET C 317 -13.88 -46.00 -29.52
C MET C 317 -14.46 -44.93 -30.43
N ASP C 318 -15.44 -45.31 -31.22
CA ASP C 318 -16.05 -44.39 -32.17
C ASP C 318 -16.79 -43.27 -31.43
N LYS C 319 -17.13 -42.23 -32.18
CA LYS C 319 -17.78 -41.06 -31.59
C LYS C 319 -19.16 -41.36 -31.05
N GLU C 320 -19.77 -42.48 -31.45
CA GLU C 320 -21.10 -42.81 -30.98
C GLU C 320 -21.13 -43.02 -29.47
N LYS C 321 -20.11 -43.70 -28.94
CA LYS C 321 -20.04 -44.00 -27.51
C LYS C 321 -18.86 -43.31 -26.83
N ALA C 322 -18.48 -42.13 -27.32
CA ALA C 322 -17.37 -41.37 -26.76
C ALA C 322 -17.95 -40.26 -25.87
N ASP C 323 -18.24 -40.62 -24.62
CA ASP C 323 -18.77 -39.67 -23.66
C ASP C 323 -17.67 -38.76 -23.15
N VAL C 324 -18.07 -37.56 -22.71
CA VAL C 324 -17.11 -36.58 -22.23
C VAL C 324 -16.42 -37.08 -20.96
N LYS C 325 -17.18 -37.69 -20.06
CA LYS C 325 -16.64 -38.12 -18.78
C LYS C 325 -15.54 -39.17 -18.94
N SER C 326 -15.46 -39.83 -20.09
CA SER C 326 -14.40 -40.79 -20.35
C SER C 326 -13.38 -40.30 -21.36
N THR C 327 -13.74 -39.38 -22.25
CA THR C 327 -12.85 -38.91 -23.30
C THR C 327 -12.23 -37.57 -23.01
N ALA C 328 -12.48 -36.98 -21.84
CA ALA C 328 -11.96 -35.66 -21.52
C ALA C 328 -10.60 -35.79 -20.82
N PHE C 329 -9.60 -35.10 -21.36
CA PHE C 329 -8.27 -35.09 -20.78
C PHE C 329 -7.74 -33.65 -20.79
N ALA C 330 -6.78 -33.40 -19.91
CA ALA C 330 -6.22 -32.06 -19.77
C ALA C 330 -4.71 -32.15 -19.60
N PHE C 331 -4.03 -31.07 -19.97
CA PHE C 331 -2.59 -30.96 -19.83
C PHE C 331 -2.24 -30.27 -18.52
N ARG C 332 -1.21 -30.76 -17.84
CA ARG C 332 -0.76 -30.19 -16.58
C ARG C 332 0.73 -29.92 -16.65
N SER C 333 1.14 -28.76 -16.11
CA SER C 333 2.55 -28.39 -16.15
C SER C 333 3.38 -29.25 -15.20
N SER C 334 2.82 -29.67 -14.08
CA SER C 334 3.52 -30.46 -13.09
C SER C 334 2.83 -31.79 -12.89
N LYS C 335 3.62 -32.80 -12.51
CA LYS C 335 3.07 -34.13 -12.27
C LYS C 335 2.08 -34.12 -11.10
N GLU C 336 2.40 -33.36 -10.05
CA GLU C 336 1.51 -33.28 -8.91
C GLU C 336 0.21 -32.57 -9.29
N LYS C 337 -0.85 -32.88 -8.57
CA LYS C 337 -2.19 -32.38 -8.87
C LYS C 337 -2.52 -31.20 -7.98
N LEU C 338 -2.90 -30.08 -8.60
CA LEU C 338 -3.32 -28.88 -7.90
C LEU C 338 -4.77 -28.59 -8.22
N ASP C 339 -5.36 -27.69 -7.44
CA ASP C 339 -6.75 -27.30 -7.66
C ASP C 339 -6.93 -26.59 -9.00
N VAL C 340 -8.11 -26.76 -9.59
CA VAL C 340 -8.42 -26.18 -10.89
C VAL C 340 -9.24 -24.91 -10.62
N GLY C 341 -8.55 -23.79 -10.51
CA GLY C 341 -9.17 -22.50 -10.34
C GLY C 341 -9.15 -21.61 -11.57
N VAL C 342 -8.85 -22.16 -12.74
CA VAL C 342 -8.72 -21.36 -13.96
C VAL C 342 -10.10 -20.95 -14.45
N ARG C 343 -10.14 -19.98 -15.37
CA ARG C 343 -11.39 -19.52 -15.94
C ARG C 343 -12.02 -20.63 -16.77
N LYS C 344 -13.33 -20.82 -16.59
CA LYS C 344 -14.04 -21.89 -17.30
C LYS C 344 -14.04 -21.64 -18.80
N GLU C 345 -14.31 -20.40 -19.22
CA GLU C 345 -14.39 -20.07 -20.64
C GLU C 345 -13.75 -18.71 -20.87
N VAL C 346 -12.74 -18.67 -21.74
CA VAL C 346 -12.05 -17.44 -22.09
C VAL C 346 -12.43 -17.09 -23.53
N ASP C 347 -13.05 -15.93 -23.71
CA ASP C 347 -13.44 -15.49 -25.04
C ASP C 347 -12.21 -15.12 -25.86
N GLY C 348 -12.32 -15.33 -27.18
CA GLY C 348 -11.21 -15.05 -28.06
C GLY C 348 -10.12 -16.10 -27.94
N MET C 349 -8.95 -15.75 -28.49
CA MET C 349 -7.80 -16.64 -28.39
C MET C 349 -7.37 -16.83 -26.94
N GLY C 350 -7.37 -15.75 -26.17
CA GLY C 350 -7.01 -15.83 -24.77
C GLY C 350 -5.50 -15.94 -24.58
N THR C 351 -5.13 -16.14 -23.31
CA THR C 351 -3.72 -16.26 -22.96
C THR C 351 -3.12 -17.53 -23.55
N SER C 352 -1.92 -17.40 -24.10
CA SER C 352 -1.22 -18.53 -24.72
C SER C 352 -0.36 -19.19 -23.64
N GLU C 353 -0.97 -20.10 -22.89
CA GLU C 353 -0.26 -20.76 -21.80
C GLU C 353 0.67 -21.86 -22.31
N ILE C 354 0.09 -22.87 -22.95
CA ILE C 354 0.87 -24.01 -23.42
C ILE C 354 1.53 -23.67 -24.74
N LYS C 355 2.84 -23.83 -24.81
CA LYS C 355 3.58 -23.61 -26.03
C LYS C 355 3.59 -24.88 -26.88
N TYR C 356 3.77 -24.70 -28.18
CA TYR C 356 3.82 -25.81 -29.11
C TYR C 356 5.21 -26.42 -29.23
N GLY C 357 6.25 -25.67 -28.88
CA GLY C 357 7.61 -26.12 -29.04
C GLY C 357 8.07 -27.07 -27.94
N ASP C 358 7.49 -28.27 -27.94
CA ASP C 358 7.89 -29.33 -27.01
C ASP C 358 7.77 -28.89 -25.56
N SER C 359 6.70 -28.17 -25.25
CA SER C 359 6.45 -27.75 -23.87
C SER C 359 6.08 -28.96 -23.03
N ILE C 360 6.74 -29.10 -21.88
CA ILE C 360 6.53 -30.26 -21.02
C ILE C 360 5.13 -30.22 -20.44
N CYS C 361 4.40 -31.33 -20.57
CA CYS C 361 3.04 -31.42 -20.08
C CYS C 361 2.73 -32.85 -19.67
N TYR C 362 1.71 -33.00 -18.83
CA TYR C 362 1.25 -34.29 -18.37
C TYR C 362 -0.25 -34.39 -18.58
N ILE C 363 -0.69 -35.50 -19.17
CA ILE C 363 -2.11 -35.71 -19.44
C ILE C 363 -2.75 -36.36 -18.24
N GLN C 364 -3.85 -35.77 -17.76
CA GLN C 364 -4.58 -36.28 -16.60
C GLN C 364 -6.06 -36.30 -16.93
N HIS C 365 -6.72 -37.41 -16.61
CA HIS C 365 -8.15 -37.53 -16.86
C HIS C 365 -8.92 -36.76 -15.80
N VAL C 366 -10.01 -36.09 -16.23
CA VAL C 366 -10.77 -35.25 -15.31
C VAL C 366 -11.52 -36.10 -14.29
N ASP C 367 -11.96 -37.30 -14.67
CA ASP C 367 -12.80 -38.11 -13.79
C ASP C 367 -11.98 -38.75 -12.67
N THR C 368 -11.02 -39.60 -13.03
CA THR C 368 -10.26 -40.33 -12.03
C THR C 368 -8.98 -39.62 -11.61
N GLY C 369 -8.51 -38.64 -12.38
CA GLY C 369 -7.33 -37.90 -12.01
C GLY C 369 -6.06 -38.72 -11.99
N LEU C 370 -5.90 -39.64 -12.93
CA LEU C 370 -4.68 -40.44 -13.03
C LEU C 370 -3.61 -39.66 -13.79
N TRP C 371 -2.48 -40.32 -14.06
CA TRP C 371 -1.37 -39.70 -14.76
C TRP C 371 -0.70 -40.72 -15.66
N LEU C 372 0.09 -40.22 -16.61
CA LEU C 372 0.73 -41.10 -17.58
C LEU C 372 1.87 -41.87 -16.94
N THR C 373 1.99 -43.15 -17.30
CA THR C 373 3.03 -44.02 -16.78
C THR C 373 3.61 -44.84 -17.92
N TYR C 374 4.93 -45.02 -17.91
CA TYR C 374 5.62 -45.78 -18.93
C TYR C 374 6.54 -46.80 -18.27
N GLN C 375 6.75 -47.92 -18.96
CA GLN C 375 7.59 -48.99 -18.43
C GLN C 375 8.06 -49.93 -19.55
N ILE C 387 10.62 -50.11 -30.51
CA ILE C 387 10.33 -50.58 -29.17
C ILE C 387 8.83 -50.77 -28.99
N GLN C 388 8.44 -51.36 -27.86
CA GLN C 388 7.03 -51.60 -27.53
C GLN C 388 6.86 -51.34 -26.05
N ARG C 389 6.44 -50.13 -25.69
CA ARG C 389 6.26 -49.75 -24.30
C ARG C 389 4.77 -49.54 -24.04
N LYS C 390 4.23 -50.24 -23.04
CA LYS C 390 2.82 -50.09 -22.73
C LYS C 390 2.58 -48.76 -22.03
N ALA C 391 1.57 -48.03 -22.49
CA ALA C 391 1.25 -46.71 -21.93
C ALA C 391 0.27 -46.89 -20.77
N ILE C 392 0.83 -47.29 -19.62
CA ILE C 392 0.02 -47.50 -18.43
C ILE C 392 -0.48 -46.16 -17.89
N MET C 393 -1.70 -46.15 -17.38
CA MET C 393 -2.37 -44.95 -16.88
C MET C 393 -2.55 -45.10 -15.38
N HIS C 394 -1.55 -44.69 -14.61
CA HIS C 394 -1.58 -44.87 -13.17
C HIS C 394 -1.20 -43.56 -12.46
N HIS C 395 -1.78 -43.35 -11.29
CA HIS C 395 -1.74 -42.01 -10.67
C HIS C 395 -0.33 -41.59 -10.29
N GLU C 396 0.49 -42.51 -9.77
CA GLU C 396 1.83 -42.12 -9.37
C GLU C 396 2.70 -41.73 -10.56
N GLY C 397 2.32 -42.17 -11.77
CA GLY C 397 3.03 -41.73 -12.96
C GLY C 397 4.45 -42.29 -13.00
N HIS C 398 5.40 -41.41 -13.29
CA HIS C 398 6.79 -41.80 -13.40
C HIS C 398 7.65 -40.55 -13.20
N MET C 399 8.93 -40.77 -12.95
CA MET C 399 9.85 -39.64 -12.74
C MET C 399 9.96 -38.78 -13.99
N ASP C 400 10.06 -39.42 -15.16
CA ASP C 400 10.19 -38.72 -16.44
C ASP C 400 8.95 -39.00 -17.28
N ASP C 401 8.02 -38.04 -17.29
CA ASP C 401 6.80 -38.14 -18.09
C ASP C 401 6.56 -36.89 -18.92
N GLY C 402 7.62 -36.14 -19.24
CA GLY C 402 7.46 -34.98 -20.09
C GLY C 402 7.03 -35.35 -21.49
N LEU C 403 6.23 -34.48 -22.09
CA LEU C 403 5.71 -34.67 -23.44
C LEU C 403 6.13 -33.52 -24.33
N ASN C 404 6.49 -33.86 -25.56
CA ASN C 404 6.88 -32.91 -26.58
C ASN C 404 5.81 -32.91 -27.67
N LEU C 405 5.44 -31.72 -28.10
CA LEU C 405 4.41 -31.54 -29.12
C LEU C 405 5.06 -31.26 -30.45
N SER C 406 4.81 -32.11 -31.44
CA SER C 406 5.33 -31.95 -32.79
C SER C 406 4.22 -31.50 -33.71
N ARG C 407 4.46 -30.40 -34.44
CA ARG C 407 3.43 -29.80 -35.27
C ARG C 407 2.98 -30.72 -36.39
N SER C 408 3.85 -31.62 -36.84
CA SER C 408 3.63 -32.41 -38.05
C SER C 408 3.49 -31.43 -39.21
N GLN C 409 2.68 -31.77 -40.21
CA GLN C 409 2.49 -30.92 -41.37
C GLN C 409 1.02 -30.85 -41.72
N HIS C 410 0.61 -29.72 -42.31
CA HIS C 410 -0.75 -29.60 -42.79
C HIS C 410 -1.02 -30.59 -43.91
N GLU C 411 -0.04 -30.76 -44.82
CA GLU C 411 -0.18 -31.76 -45.87
C GLU C 411 -0.27 -33.16 -45.28
N GLU C 412 0.51 -33.45 -44.24
CA GLU C 412 0.41 -34.75 -43.59
C GLU C 412 -0.97 -34.94 -42.96
N SER C 413 -1.52 -33.88 -42.37
CA SER C 413 -2.84 -33.98 -41.75
C SER C 413 -3.92 -34.27 -42.78
N ARG C 414 -3.92 -33.50 -43.88
CA ARG C 414 -4.94 -33.74 -44.90
C ARG C 414 -4.75 -35.10 -45.55
N THR C 415 -3.49 -35.54 -45.72
CA THR C 415 -3.25 -36.87 -46.26
C THR C 415 -3.79 -37.95 -45.33
N ALA C 416 -3.61 -37.77 -44.02
CA ALA C 416 -4.13 -38.74 -43.06
C ALA C 416 -5.65 -38.79 -43.09
N ARG C 417 -6.29 -37.62 -43.18
CA ARG C 417 -7.75 -37.62 -43.25
C ARG C 417 -8.25 -38.26 -44.53
N VAL C 418 -7.56 -38.00 -45.65
CA VAL C 418 -7.89 -38.66 -46.91
C VAL C 418 -7.74 -40.16 -46.79
N ILE C 419 -6.67 -40.60 -46.12
CA ILE C 419 -6.45 -42.04 -45.92
C ILE C 419 -7.60 -42.64 -45.13
N ARG C 420 -8.02 -41.97 -44.05
CA ARG C 420 -9.13 -42.49 -43.24
C ARG C 420 -10.42 -42.58 -44.06
N SER C 421 -10.74 -41.51 -44.79
CA SER C 421 -11.97 -41.52 -45.57
C SER C 421 -11.93 -42.60 -46.64
N THR C 422 -10.80 -42.73 -47.34
CA THR C 422 -10.69 -43.73 -48.40
C THR C 422 -10.75 -45.14 -47.84
N VAL C 423 -10.11 -45.40 -46.70
CA VAL C 423 -10.15 -46.75 -46.15
C VAL C 423 -11.55 -47.08 -45.68
N PHE C 424 -12.26 -46.10 -45.12
CA PHE C 424 -13.65 -46.34 -44.72
C PHE C 424 -14.50 -46.69 -45.94
N LEU C 425 -14.40 -45.87 -46.99
CA LEU C 425 -15.22 -46.10 -48.18
C LEU C 425 -14.87 -47.43 -48.83
N PHE C 426 -13.59 -47.75 -48.93
CA PHE C 426 -13.18 -49.00 -49.57
C PHE C 426 -13.61 -50.19 -48.74
N ASN C 427 -13.53 -50.09 -47.41
CA ASN C 427 -13.97 -51.20 -46.56
C ASN C 427 -15.46 -51.45 -46.71
N ARG C 428 -16.27 -50.39 -46.68
CA ARG C 428 -17.72 -50.60 -46.82
C ARG C 428 -18.05 -51.14 -48.21
N PHE C 429 -17.38 -50.61 -49.24
CA PHE C 429 -17.61 -51.12 -50.60
C PHE C 429 -17.24 -52.59 -50.71
N ILE C 430 -16.10 -52.97 -50.15
CA ILE C 430 -15.64 -54.35 -50.24
C ILE C 430 -16.58 -55.28 -49.47
N ARG C 431 -17.00 -54.87 -48.27
CA ARG C 431 -17.93 -55.71 -47.52
C ARG C 431 -19.24 -55.89 -48.25
N GLY C 432 -19.79 -54.81 -48.81
CA GLY C 432 -21.02 -54.93 -49.57
C GLY C 432 -20.87 -55.81 -50.79
N LEU C 433 -19.77 -55.63 -51.53
CA LEU C 433 -19.54 -56.43 -52.73
C LEU C 433 -19.38 -57.90 -52.41
N ASP C 434 -18.62 -58.21 -51.35
CA ASP C 434 -18.44 -59.60 -50.95
C ASP C 434 -19.74 -60.22 -50.48
N ALA C 435 -20.53 -59.47 -49.71
CA ALA C 435 -21.82 -59.98 -49.26
C ALA C 435 -22.73 -60.27 -50.45
N LEU C 436 -22.77 -59.36 -51.43
CA LEU C 436 -23.58 -59.59 -52.61
C LEU C 436 -23.09 -60.80 -53.40
N SER C 437 -21.76 -60.95 -53.52
CA SER C 437 -21.22 -62.04 -54.33
C SER C 437 -21.47 -63.40 -53.69
N LYS C 438 -21.33 -63.50 -52.36
CA LYS C 438 -21.44 -64.80 -51.70
C LYS C 438 -22.85 -65.12 -51.23
N LYS C 439 -23.71 -64.12 -51.06
CA LYS C 439 -25.07 -64.34 -50.58
C LYS C 439 -26.02 -63.41 -51.30
N VAL C 440 -27.30 -63.78 -51.30
CA VAL C 440 -28.35 -62.96 -51.88
C VAL C 440 -29.39 -62.66 -50.80
N LYS C 441 -28.95 -62.66 -49.55
CA LYS C 441 -29.86 -62.47 -48.43
C LYS C 441 -30.48 -61.08 -48.44
N LEU C 442 -29.66 -60.05 -48.58
CA LEU C 442 -30.13 -58.66 -48.50
C LEU C 442 -29.95 -57.96 -49.84
N PRO C 443 -31.02 -57.68 -50.58
CA PRO C 443 -30.87 -56.88 -51.81
C PRO C 443 -30.32 -55.49 -51.56
N THR C 444 -30.62 -54.90 -50.40
CA THR C 444 -30.11 -53.58 -50.06
C THR C 444 -28.64 -53.70 -49.68
N ILE C 445 -27.76 -53.22 -50.55
CA ILE C 445 -26.32 -53.33 -50.36
C ILE C 445 -25.72 -51.93 -50.46
N ASP C 446 -24.74 -51.66 -49.59
CA ASP C 446 -24.07 -50.36 -49.55
C ASP C 446 -22.95 -50.35 -50.59
N LEU C 447 -23.34 -50.14 -51.84
CA LEU C 447 -22.41 -50.05 -52.96
C LEU C 447 -22.54 -48.66 -53.58
N PRO C 448 -21.83 -47.68 -53.04
CA PRO C 448 -21.87 -46.32 -53.61
C PRO C 448 -20.97 -46.21 -54.84
N ILE C 449 -21.52 -46.61 -55.98
CA ILE C 449 -20.74 -46.65 -57.22
C ILE C 449 -20.31 -45.25 -57.62
N GLU C 450 -21.25 -44.30 -57.63
CA GLU C 450 -20.91 -42.93 -58.02
C GLU C 450 -19.94 -42.32 -57.02
N SER C 451 -20.17 -42.55 -55.72
CA SER C 451 -19.29 -41.98 -54.71
C SER C 451 -17.88 -42.53 -54.84
N VAL C 452 -17.74 -43.85 -55.04
CA VAL C 452 -16.41 -44.44 -55.14
C VAL C 452 -15.73 -44.01 -56.43
N SER C 453 -16.49 -43.83 -57.51
CA SER C 453 -15.89 -43.34 -58.75
C SER C 453 -15.38 -41.92 -58.56
N LEU C 454 -16.17 -41.06 -57.93
CA LEU C 454 -15.72 -39.69 -57.67
C LEU C 454 -14.50 -39.68 -56.76
N SER C 455 -14.49 -40.54 -55.74
CA SER C 455 -13.35 -40.61 -54.84
C SER C 455 -12.10 -41.06 -55.58
N LEU C 456 -12.24 -42.04 -56.48
CA LEU C 456 -11.09 -42.50 -57.25
C LEU C 456 -10.56 -41.41 -58.16
N GLN C 457 -11.46 -40.66 -58.81
CA GLN C 457 -11.00 -39.56 -59.66
C GLN C 457 -10.28 -38.50 -58.84
N ASP C 458 -10.83 -38.14 -57.68
CA ASP C 458 -10.18 -37.15 -56.83
C ASP C 458 -8.82 -37.64 -56.35
N LEU C 459 -8.72 -38.92 -55.99
CA LEU C 459 -7.47 -39.45 -55.49
C LEU C 459 -6.42 -39.55 -56.60
N ILE C 460 -6.85 -39.89 -57.82
CA ILE C 460 -5.93 -39.89 -58.96
C ILE C 460 -5.41 -38.48 -59.23
N GLY C 461 -6.30 -37.49 -59.19
CA GLY C 461 -5.84 -36.12 -59.33
C GLY C 461 -4.91 -35.71 -58.21
N TYR C 462 -5.16 -36.20 -57.00
CA TYR C 462 -4.31 -35.90 -55.86
C TYR C 462 -2.91 -36.48 -56.04
N PHE C 463 -2.82 -37.68 -56.61
CA PHE C 463 -1.55 -38.35 -56.85
C PHE C 463 -0.99 -38.04 -58.24
N HIS C 464 -1.61 -37.15 -58.99
CA HIS C 464 -1.12 -36.83 -60.33
C HIS C 464 0.28 -36.24 -60.26
N PRO C 465 1.22 -36.70 -61.08
CA PRO C 465 2.58 -36.19 -61.02
C PRO C 465 2.62 -34.73 -61.45
N PRO C 466 3.55 -33.94 -60.90
CA PRO C 466 3.63 -32.52 -61.25
C PRO C 466 4.10 -32.32 -62.68
N ASP C 467 3.72 -31.16 -63.23
CA ASP C 467 4.14 -30.80 -64.57
C ASP C 467 5.65 -30.52 -64.60
N GLU C 468 6.30 -30.95 -65.68
CA GLU C 468 7.73 -30.76 -65.83
C GLU C 468 8.10 -29.39 -66.38
N HIS C 469 7.12 -28.60 -66.80
CA HIS C 469 7.37 -27.26 -67.35
C HIS C 469 7.34 -26.17 -66.29
N LEU C 470 7.14 -26.53 -65.02
CA LEU C 470 7.09 -25.55 -63.94
C LEU C 470 8.50 -25.14 -63.55
N GLU C 471 8.59 -24.26 -62.55
CA GLU C 471 9.88 -23.86 -62.02
C GLU C 471 10.57 -25.05 -61.35
N HIS C 472 11.90 -24.97 -61.29
CA HIS C 472 12.68 -26.09 -60.74
C HIS C 472 12.34 -26.31 -59.27
N GLU C 473 12.36 -25.24 -58.47
CA GLU C 473 12.08 -25.40 -57.04
C GLU C 473 10.66 -25.86 -56.78
N ASP C 474 9.69 -25.29 -57.50
CA ASP C 474 8.30 -25.70 -57.33
C ASP C 474 8.12 -27.17 -57.72
N LYS C 475 8.73 -27.59 -58.82
CA LYS C 475 8.64 -28.98 -59.24
C LYS C 475 9.27 -29.91 -58.21
N GLN C 476 10.41 -29.51 -57.65
CA GLN C 476 11.04 -30.33 -56.62
C GLN C 476 10.16 -30.44 -55.39
N ASN C 477 9.53 -29.33 -54.98
CA ASN C 477 8.64 -29.37 -53.82
C ASN C 477 7.44 -30.27 -54.09
N ARG C 478 6.86 -30.19 -55.28
CA ARG C 478 5.72 -31.04 -55.61
C ARG C 478 6.11 -32.50 -55.66
N LEU C 479 7.29 -32.81 -56.22
CA LEU C 479 7.75 -34.19 -56.22
C LEU C 479 7.98 -34.71 -54.81
N ARG C 480 8.55 -33.87 -53.93
CA ARG C 480 8.73 -34.27 -52.55
C ARG C 480 7.40 -34.52 -51.86
N ALA C 481 6.41 -33.65 -52.10
CA ALA C 481 5.10 -33.85 -51.51
C ALA C 481 4.45 -35.13 -52.01
N LEU C 482 4.56 -35.40 -53.32
CA LEU C 482 3.99 -36.62 -53.87
C LEU C 482 4.66 -37.86 -53.29
N LYS C 483 5.98 -37.82 -53.14
CA LYS C 483 6.69 -38.94 -52.53
C LYS C 483 6.26 -39.15 -51.09
N ASN C 484 6.08 -38.06 -50.35
CA ASN C 484 5.62 -38.17 -48.97
C ASN C 484 4.22 -38.78 -48.91
N ARG C 485 3.33 -38.36 -49.81
CA ARG C 485 1.99 -38.94 -49.83
C ARG C 485 2.03 -40.43 -50.14
N GLN C 486 2.85 -40.82 -51.12
CA GLN C 486 2.96 -42.25 -51.44
C GLN C 486 3.52 -43.03 -50.25
N ASN C 487 4.52 -42.46 -49.56
CA ASN C 487 5.08 -43.13 -48.40
C ASN C 487 4.04 -43.30 -47.30
N LEU C 488 3.24 -42.26 -47.04
CA LEU C 488 2.21 -42.37 -46.03
C LEU C 488 1.17 -43.42 -46.40
N PHE C 489 0.76 -43.45 -47.67
CA PHE C 489 -0.21 -44.45 -48.10
C PHE C 489 0.36 -45.86 -47.96
N GLN C 490 1.63 -46.05 -48.30
CA GLN C 490 2.25 -47.36 -48.13
C GLN C 490 2.32 -47.76 -46.67
N GLU C 491 2.69 -46.82 -45.79
CA GLU C 491 2.75 -47.12 -44.36
C GLU C 491 1.39 -47.48 -43.81
N GLU C 492 0.34 -46.80 -44.27
CA GLU C 492 -1.01 -47.13 -43.83
C GLU C 492 -1.60 -48.31 -44.58
N GLY C 493 -0.90 -48.85 -45.57
CA GLY C 493 -1.33 -50.05 -46.25
C GLY C 493 -2.57 -49.88 -47.10
N MET C 494 -2.67 -48.78 -47.84
CA MET C 494 -3.78 -48.61 -48.77
C MET C 494 -3.62 -49.51 -49.99
N ILE C 495 -2.39 -49.84 -50.36
CA ILE C 495 -2.14 -50.59 -51.59
C ILE C 495 -2.75 -51.99 -51.49
N ASN C 496 -2.59 -52.65 -50.33
CA ASN C 496 -3.17 -53.97 -50.18
C ASN C 496 -4.69 -53.92 -50.28
N LEU C 497 -5.31 -52.87 -49.74
CA LEU C 497 -6.76 -52.73 -49.85
C LEU C 497 -7.18 -52.49 -51.29
N VAL C 498 -6.39 -51.72 -52.04
CA VAL C 498 -6.67 -51.51 -53.46
C VAL C 498 -6.61 -52.83 -54.20
N LEU C 499 -5.58 -53.63 -53.93
CA LEU C 499 -5.49 -54.95 -54.56
C LEU C 499 -6.68 -55.83 -54.17
N GLU C 500 -7.12 -55.73 -52.92
CA GLU C 500 -8.25 -56.55 -52.46
C GLU C 500 -9.52 -56.19 -53.24
N CYS C 501 -9.82 -54.89 -53.37
CA CYS C 501 -11.03 -54.52 -54.10
C CYS C 501 -10.89 -54.80 -55.58
N ILE C 502 -9.68 -54.71 -56.13
CA ILE C 502 -9.47 -55.08 -57.52
C ILE C 502 -9.75 -56.56 -57.73
N ASP C 503 -9.30 -57.39 -56.79
CA ASP C 503 -9.62 -58.82 -56.86
C ASP C 503 -11.11 -59.05 -56.78
N ARG C 504 -11.79 -58.33 -55.88
CA ARG C 504 -13.24 -58.50 -55.74
C ARG C 504 -13.96 -58.15 -57.04
N LEU C 505 -13.54 -57.05 -57.69
CA LEU C 505 -14.13 -56.70 -58.98
C LEU C 505 -13.80 -57.74 -60.04
N HIS C 506 -12.56 -58.25 -60.05
CA HIS C 506 -12.15 -59.23 -61.04
C HIS C 506 -12.86 -60.57 -60.85
N VAL C 507 -13.44 -60.81 -59.68
CA VAL C 507 -14.21 -62.04 -59.47
C VAL C 507 -15.31 -62.15 -60.54
N TYR C 508 -16.00 -61.06 -60.80
CA TYR C 508 -17.02 -61.05 -61.85
C TYR C 508 -16.36 -61.24 -63.22
N SER C 509 -17.00 -62.06 -64.06
CA SER C 509 -16.39 -62.43 -65.34
C SER C 509 -16.41 -61.26 -66.32
N SER C 510 -17.54 -60.57 -66.45
CA SER C 510 -17.68 -59.55 -67.47
C SER C 510 -18.58 -58.43 -66.97
N ALA C 511 -18.58 -57.33 -67.72
CA ALA C 511 -19.37 -56.16 -67.35
C ALA C 511 -20.86 -56.49 -67.34
N ALA C 512 -21.34 -57.22 -68.35
CA ALA C 512 -22.75 -57.60 -68.37
C ALA C 512 -23.09 -58.53 -67.21
N HIS C 513 -22.19 -59.44 -66.88
CA HIS C 513 -22.42 -60.34 -65.75
C HIS C 513 -22.56 -59.55 -64.46
N PHE C 514 -21.60 -58.65 -64.19
CA PHE C 514 -21.68 -57.87 -62.96
C PHE C 514 -22.88 -56.92 -62.99
N ALA C 515 -23.30 -56.50 -64.18
CA ALA C 515 -24.48 -55.66 -64.31
C ALA C 515 -25.74 -56.41 -63.90
N ASP C 516 -25.91 -57.63 -64.40
CA ASP C 516 -27.07 -58.40 -63.98
C ASP C 516 -26.97 -58.82 -62.51
N VAL C 517 -25.76 -58.89 -61.96
CA VAL C 517 -25.63 -59.17 -60.53
C VAL C 517 -26.07 -57.98 -59.70
N ALA C 518 -25.61 -56.78 -60.06
CA ALA C 518 -25.73 -55.61 -59.17
C ALA C 518 -26.25 -54.39 -59.93
N GLY C 519 -27.30 -54.56 -60.71
CA GLY C 519 -27.91 -53.44 -61.38
C GLY C 519 -27.12 -52.98 -62.60
N ARG C 520 -27.83 -52.31 -63.51
CA ARG C 520 -27.23 -51.94 -64.79
C ARG C 520 -26.18 -50.84 -64.64
N GLU C 521 -26.43 -49.86 -63.77
CA GLU C 521 -25.50 -48.74 -63.62
C GLU C 521 -24.15 -49.21 -63.09
N ALA C 522 -24.16 -50.09 -62.08
CA ALA C 522 -22.91 -50.60 -61.54
C ALA C 522 -22.14 -51.38 -62.59
N GLY C 523 -22.84 -52.19 -63.37
CA GLY C 523 -22.16 -52.92 -64.44
C GLY C 523 -21.58 -52.00 -65.49
N GLU C 524 -22.29 -50.91 -65.79
CA GLU C 524 -21.77 -49.93 -66.74
C GLU C 524 -20.51 -49.26 -66.21
N SER C 525 -20.48 -48.95 -64.92
CA SER C 525 -19.33 -48.28 -64.32
C SER C 525 -18.25 -49.25 -63.85
N TRP C 526 -18.47 -50.56 -64.00
CA TRP C 526 -17.51 -51.55 -63.52
C TRP C 526 -16.14 -51.37 -64.16
N LYS C 527 -16.10 -51.26 -65.49
CA LYS C 527 -14.82 -51.12 -66.16
C LYS C 527 -14.16 -49.77 -65.83
N SER C 528 -14.96 -48.73 -65.68
CA SER C 528 -14.41 -47.43 -65.30
C SER C 528 -13.77 -47.49 -63.92
N ILE C 529 -14.44 -48.15 -62.97
CA ILE C 529 -13.87 -48.30 -61.63
C ILE C 529 -12.60 -49.13 -61.68
N LEU C 530 -12.59 -50.19 -62.49
CA LEU C 530 -11.39 -51.01 -62.59
C LEU C 530 -10.22 -50.21 -63.15
N ASN C 531 -10.45 -49.44 -64.21
CA ASN C 531 -9.39 -48.62 -64.77
C ASN C 531 -8.91 -47.57 -63.77
N SER C 532 -9.85 -46.96 -63.04
CA SER C 532 -9.46 -45.97 -62.04
C SER C 532 -8.61 -46.61 -60.95
N LEU C 533 -8.98 -47.81 -60.50
CA LEU C 533 -8.20 -48.50 -59.49
C LEU C 533 -6.80 -48.84 -59.99
N TYR C 534 -6.69 -49.28 -61.25
CA TYR C 534 -5.37 -49.62 -61.77
C TYR C 534 -4.50 -48.38 -61.93
N GLU C 535 -5.08 -47.28 -62.41
CA GLU C 535 -4.32 -46.04 -62.50
C GLU C 535 -3.90 -45.56 -61.11
N LEU C 536 -4.79 -45.70 -60.13
CA LEU C 536 -4.45 -45.30 -58.76
C LEU C 536 -3.29 -46.14 -58.23
N LEU C 537 -3.32 -47.44 -58.44
CA LEU C 537 -2.23 -48.30 -57.97
C LEU C 537 -0.92 -47.94 -58.67
N ALA C 538 -0.99 -47.68 -59.98
CA ALA C 538 0.21 -47.25 -60.70
C ALA C 538 0.76 -45.95 -60.15
N ALA C 539 -0.13 -45.00 -59.85
CA ALA C 539 0.32 -43.75 -59.26
C ALA C 539 0.95 -43.95 -57.89
N LEU C 540 0.36 -44.83 -57.08
CA LEU C 540 0.89 -45.08 -55.75
C LEU C 540 2.30 -45.67 -55.81
N ILE C 541 2.49 -46.69 -56.66
CA ILE C 541 3.78 -47.36 -56.67
C ILE C 541 4.82 -46.63 -57.51
N ARG C 542 4.40 -45.80 -58.45
CA ARG C 542 5.33 -45.13 -59.34
C ARG C 542 5.98 -43.95 -58.65
N GLY C 543 7.28 -43.77 -58.87
CA GLY C 543 7.99 -42.62 -58.36
C GLY C 543 9.06 -42.96 -57.35
N ASN C 544 8.78 -43.91 -56.46
CA ASN C 544 9.71 -44.31 -55.43
C ASN C 544 10.05 -45.79 -55.55
N ARG C 545 11.11 -46.19 -54.87
CA ARG C 545 11.61 -47.56 -54.97
C ARG C 545 11.05 -48.48 -53.91
N LYS C 546 10.75 -47.97 -52.72
CA LYS C 546 10.29 -48.83 -51.63
C LYS C 546 8.94 -49.47 -51.95
N ASN C 547 8.01 -48.68 -52.50
CA ASN C 547 6.70 -49.22 -52.84
C ASN C 547 6.81 -50.29 -53.91
N CYS C 548 7.65 -50.05 -54.92
CA CYS C 548 7.87 -51.06 -55.94
C CYS C 548 8.48 -52.32 -55.36
N ALA C 549 9.42 -52.16 -54.43
CA ALA C 549 10.04 -53.33 -53.79
C ALA C 549 9.00 -54.14 -53.02
N GLN C 550 8.12 -53.48 -52.28
CA GLN C 550 7.07 -54.20 -51.58
C GLN C 550 6.09 -54.86 -52.55
N PHE C 551 5.76 -54.18 -53.64
CA PHE C 551 4.81 -54.73 -54.61
C PHE C 551 5.42 -55.84 -55.46
N SER C 552 6.75 -55.98 -55.43
CA SER C 552 7.39 -57.08 -56.14
C SER C 552 6.81 -58.42 -55.72
N GLY C 553 6.48 -58.58 -54.44
CA GLY C 553 5.85 -59.81 -53.99
C GLY C 553 4.50 -60.05 -54.63
N SER C 554 3.75 -58.99 -54.89
CA SER C 554 2.44 -59.09 -55.52
C SER C 554 2.51 -59.05 -57.03
N LEU C 555 3.70 -58.91 -57.62
CA LEU C 555 3.82 -58.89 -59.07
C LEU C 555 3.25 -60.14 -59.72
N ASP C 556 3.28 -61.28 -59.01
CA ASP C 556 2.82 -62.53 -59.60
C ASP C 556 1.35 -62.47 -59.97
N TRP C 557 0.54 -61.78 -59.16
CA TRP C 557 -0.90 -61.70 -59.43
C TRP C 557 -1.17 -60.90 -60.69
N LEU C 558 -0.40 -59.83 -60.92
CA LEU C 558 -0.51 -59.07 -62.16
C LEU C 558 -0.35 -59.98 -63.37
N ILE C 559 0.72 -60.76 -63.38
CA ILE C 559 1.01 -61.63 -64.51
C ILE C 559 -0.04 -62.73 -64.62
N SER C 560 -0.55 -63.21 -63.49
CA SER C 560 -1.59 -64.24 -63.52
C SER C 560 -2.85 -63.71 -64.18
N ARG C 561 -3.25 -62.48 -63.87
CA ARG C 561 -4.46 -61.89 -64.44
C ARG C 561 -4.15 -61.00 -65.65
N LEU C 562 -2.96 -61.15 -66.24
CA LEU C 562 -2.53 -60.29 -67.33
C LEU C 562 -3.43 -60.42 -68.57
N GLU C 563 -4.08 -61.57 -68.73
CA GLU C 563 -4.82 -61.89 -69.96
C GLU C 563 -6.31 -61.61 -69.85
N ARG C 564 -6.73 -60.76 -68.90
CA ARG C 564 -8.15 -60.50 -68.72
C ARG C 564 -8.75 -59.71 -69.87
N LEU C 565 -7.92 -59.07 -70.70
CA LEU C 565 -8.34 -58.41 -71.94
C LEU C 565 -9.10 -57.12 -71.66
N GLU C 566 -9.43 -56.87 -70.40
CA GLU C 566 -10.07 -55.63 -69.99
C GLU C 566 -9.24 -54.81 -69.04
N ALA C 567 -8.41 -55.43 -68.20
CA ALA C 567 -7.46 -54.74 -67.36
C ALA C 567 -6.03 -54.89 -67.88
N SER C 568 -5.88 -55.33 -69.13
CA SER C 568 -4.55 -55.62 -69.66
C SER C 568 -3.69 -54.36 -69.72
N SER C 569 -4.26 -53.25 -70.18
CA SER C 569 -3.49 -52.01 -70.28
C SER C 569 -3.05 -51.54 -68.90
N GLY C 570 -3.94 -51.58 -67.92
CA GLY C 570 -3.56 -51.17 -66.58
C GLY C 570 -2.50 -52.06 -65.97
N ILE C 571 -2.64 -53.37 -66.13
CA ILE C 571 -1.65 -54.29 -65.58
C ILE C 571 -0.30 -54.06 -66.26
N LEU C 572 -0.30 -53.86 -67.57
CA LEU C 572 0.94 -53.62 -68.28
C LEU C 572 1.60 -52.33 -67.82
N GLU C 573 0.82 -51.27 -67.61
CA GLU C 573 1.38 -50.02 -67.12
C GLU C 573 1.97 -50.19 -65.73
N VAL C 574 1.26 -50.91 -64.84
CA VAL C 574 1.77 -51.13 -63.50
C VAL C 574 3.06 -51.93 -63.54
N LEU C 575 3.10 -52.98 -64.38
CA LEU C 575 4.31 -53.78 -64.49
C LEU C 575 5.48 -52.95 -65.01
N HIS C 576 5.24 -52.13 -66.02
CA HIS C 576 6.30 -51.30 -66.56
C HIS C 576 6.83 -50.34 -65.50
N CYS C 577 5.92 -49.70 -64.76
CA CYS C 577 6.35 -48.69 -63.80
C CYS C 577 6.98 -49.31 -62.55
N VAL C 578 6.74 -50.60 -62.29
CA VAL C 578 7.43 -51.22 -61.17
C VAL C 578 8.79 -51.77 -61.59
N LEU C 579 8.91 -52.35 -62.79
CA LEU C 579 10.20 -52.86 -63.23
C LEU C 579 11.17 -51.76 -63.65
N VAL C 580 10.68 -50.59 -64.06
CA VAL C 580 11.60 -49.52 -64.39
C VAL C 580 12.28 -49.01 -63.13
N GLU C 581 11.62 -49.12 -61.98
CA GLU C 581 12.12 -48.54 -60.74
C GLU C 581 12.84 -49.54 -59.85
N SER C 582 12.28 -50.74 -59.65
CA SER C 582 12.84 -51.67 -58.69
C SER C 582 13.59 -52.78 -59.40
N PRO C 583 14.92 -52.84 -59.30
CA PRO C 583 15.65 -54.01 -59.82
C PRO C 583 15.26 -55.30 -59.11
N GLU C 584 14.90 -55.23 -57.84
CA GLU C 584 14.49 -56.43 -57.11
C GLU C 584 13.24 -57.04 -57.73
N ALA C 585 12.29 -56.19 -58.15
CA ALA C 585 11.09 -56.69 -58.80
C ALA C 585 11.43 -57.41 -60.10
N LEU C 586 12.38 -56.86 -60.87
CA LEU C 586 12.81 -57.52 -62.09
C LEU C 586 13.51 -58.84 -61.79
N ASN C 587 14.22 -58.91 -60.66
CA ASN C 587 15.01 -60.09 -60.35
C ASN C 587 14.17 -61.35 -60.25
N ILE C 588 12.90 -61.21 -59.86
CA ILE C 588 12.04 -62.37 -59.66
C ILE C 588 11.17 -62.67 -60.88
N ILE C 589 11.40 -62.00 -62.00
CA ILE C 589 10.68 -62.29 -63.23
C ILE C 589 11.25 -63.57 -63.84
N LYS C 590 10.36 -64.49 -64.21
CA LYS C 590 10.75 -65.83 -64.63
C LYS C 590 10.36 -66.08 -66.08
N GLU C 591 10.77 -67.26 -66.57
CA GLU C 591 10.50 -67.64 -67.95
C GLU C 591 9.01 -67.73 -68.23
N GLY C 592 8.25 -68.29 -67.29
CA GLY C 592 6.81 -68.34 -67.47
C GLY C 592 6.20 -66.96 -67.64
N HIS C 593 6.63 -66.01 -66.83
CA HIS C 593 6.11 -64.64 -66.94
C HIS C 593 6.51 -64.00 -68.26
N ILE C 594 7.76 -64.20 -68.70
CA ILE C 594 8.18 -63.60 -69.97
C ILE C 594 7.39 -64.19 -71.13
N LYS C 595 7.21 -65.51 -71.13
CA LYS C 595 6.41 -66.14 -72.16
C LYS C 595 4.96 -65.67 -72.10
N SER C 596 4.45 -65.40 -70.90
CA SER C 596 3.10 -64.87 -70.78
C SER C 596 3.00 -63.48 -71.40
N ILE C 597 4.02 -62.64 -71.20
CA ILE C 597 4.02 -61.32 -71.83
C ILE C 597 4.05 -61.44 -73.35
N ILE C 598 4.89 -62.34 -73.87
CA ILE C 598 4.96 -62.52 -75.32
C ILE C 598 3.63 -63.07 -75.85
N SER C 599 2.99 -63.96 -75.09
CA SER C 599 1.69 -64.47 -75.49
C SER C 599 0.65 -63.36 -75.50
N LEU C 600 0.72 -62.44 -74.54
CA LEU C 600 -0.16 -61.27 -74.56
C LEU C 600 0.06 -60.44 -75.81
N LEU C 601 1.32 -60.22 -76.17
CA LEU C 601 1.62 -59.49 -77.41
C LEU C 601 0.98 -60.18 -78.60
N ASP C 602 1.16 -61.50 -78.69
CA ASP C 602 0.61 -62.25 -79.82
C ASP C 602 -0.90 -62.17 -79.87
N LYS C 603 -1.57 -62.34 -78.72
CA LYS C 603 -3.03 -62.40 -78.72
C LYS C 603 -3.65 -61.02 -78.95
N HIS C 604 -3.13 -59.99 -78.29
CA HIS C 604 -3.70 -58.65 -78.39
C HIS C 604 -3.16 -57.86 -79.57
N GLY C 605 -2.23 -58.41 -80.33
CA GLY C 605 -1.72 -57.73 -81.50
C GLY C 605 -0.51 -56.89 -81.21
N ARG C 606 -0.01 -56.25 -82.26
CA ARG C 606 1.22 -55.48 -82.16
C ARG C 606 1.00 -54.22 -81.34
N ASN C 607 1.87 -54.00 -80.36
CA ASN C 607 1.78 -52.84 -79.48
C ASN C 607 3.17 -52.54 -78.93
N HIS C 608 3.53 -51.25 -78.91
CA HIS C 608 4.86 -50.85 -78.47
C HIS C 608 5.02 -50.85 -76.96
N LYS C 609 3.93 -50.84 -76.20
CA LYS C 609 4.06 -50.90 -74.75
C LYS C 609 4.67 -52.21 -74.29
N VAL C 610 4.26 -53.31 -74.90
CA VAL C 610 4.85 -54.61 -74.57
C VAL C 610 6.33 -54.61 -74.90
N LEU C 611 6.70 -54.01 -76.03
CA LEU C 611 8.12 -53.93 -76.40
C LEU C 611 8.90 -53.11 -75.38
N ASP C 612 8.31 -52.02 -74.88
CA ASP C 612 8.97 -51.24 -73.85
C ASP C 612 9.16 -52.06 -72.57
N VAL C 613 8.14 -52.85 -72.21
CA VAL C 613 8.27 -53.71 -71.04
C VAL C 613 9.39 -54.72 -71.24
N LEU C 614 9.49 -55.29 -72.44
CA LEU C 614 10.57 -56.23 -72.71
C LEU C 614 11.94 -55.55 -72.65
N CYS C 615 12.04 -54.32 -73.14
CA CYS C 615 13.29 -53.58 -73.03
C CYS C 615 13.66 -53.34 -71.57
N SER C 616 12.67 -53.00 -70.73
CA SER C 616 12.93 -52.81 -69.32
C SER C 616 13.40 -54.10 -68.67
N LEU C 617 12.80 -55.23 -69.06
CA LEU C 617 13.27 -56.52 -68.56
C LEU C 617 14.71 -56.78 -68.98
N CYS C 618 15.06 -56.47 -70.22
CA CYS C 618 16.39 -56.78 -70.72
C CYS C 618 17.46 -55.93 -70.02
N VAL C 619 17.24 -54.62 -69.94
CA VAL C 619 18.22 -53.71 -69.36
C VAL C 619 17.53 -52.82 -68.34
N CYS C 620 18.13 -52.68 -67.17
CA CYS C 620 17.60 -51.80 -66.13
C CYS C 620 18.75 -51.24 -65.31
N HIS C 621 18.74 -49.91 -65.09
CA HIS C 621 19.77 -49.22 -64.33
C HIS C 621 21.17 -49.48 -64.87
N GLY C 622 21.28 -49.61 -66.19
CA GLY C 622 22.58 -49.86 -66.79
C GLY C 622 23.16 -51.24 -66.50
N VAL C 623 22.32 -52.19 -66.10
CA VAL C 623 22.76 -53.55 -65.80
C VAL C 623 22.02 -54.50 -66.74
N ALA C 624 22.79 -55.32 -67.46
CA ALA C 624 22.23 -56.25 -68.42
C ALA C 624 21.92 -57.57 -67.74
N VAL C 625 20.69 -58.05 -67.93
CA VAL C 625 20.26 -59.35 -67.41
C VAL C 625 20.45 -60.34 -68.55
N ARG C 626 21.54 -61.11 -68.49
CA ARG C 626 21.88 -62.01 -69.60
C ARG C 626 20.82 -63.07 -69.80
N SER C 627 20.29 -63.63 -68.72
CA SER C 627 19.27 -64.67 -68.83
C SER C 627 18.03 -64.15 -69.55
N ASN C 628 17.55 -62.98 -69.15
CA ASN C 628 16.37 -62.41 -69.79
C ASN C 628 16.66 -62.02 -71.24
N GLN C 629 17.85 -61.50 -71.53
CA GLN C 629 18.19 -61.17 -72.90
C GLN C 629 18.16 -62.41 -73.78
N HIS C 630 18.78 -63.49 -73.31
CA HIS C 630 18.81 -64.72 -74.10
C HIS C 630 17.40 -65.30 -74.25
N LEU C 631 16.59 -65.21 -73.20
CA LEU C 631 15.23 -65.73 -73.27
C LEU C 631 14.40 -64.96 -74.29
N ILE C 632 14.49 -63.62 -74.25
CA ILE C 632 13.79 -62.80 -75.24
C ILE C 632 14.25 -63.13 -76.64
N CYS C 633 15.56 -63.26 -76.82
CA CYS C 633 16.11 -63.62 -78.12
C CYS C 633 15.51 -64.92 -78.63
N ASP C 634 15.74 -66.01 -77.91
CA ASP C 634 15.36 -67.33 -78.41
C ASP C 634 13.86 -67.59 -78.34
N ASN C 635 13.07 -66.71 -77.71
CA ASN C 635 11.63 -66.87 -77.70
C ASN C 635 10.90 -65.91 -78.61
N LEU C 636 11.57 -64.89 -79.15
CA LEU C 636 10.94 -63.96 -80.06
C LEU C 636 11.53 -64.03 -81.47
N LEU C 637 12.85 -63.92 -81.61
CA LEU C 637 13.44 -63.79 -82.93
C LEU C 637 13.20 -65.01 -83.83
N PRO C 638 13.43 -66.25 -83.39
CA PRO C 638 13.29 -67.39 -84.32
C PRO C 638 11.88 -67.57 -84.85
N GLY C 639 10.85 -67.04 -84.16
CA GLY C 639 9.50 -67.17 -84.67
C GLY C 639 9.30 -66.47 -85.99
N ARG C 640 9.97 -65.33 -86.18
CA ARG C 640 9.87 -64.54 -87.41
C ARG C 640 8.43 -64.19 -87.74
N ASP C 641 7.66 -63.85 -86.71
CA ASP C 641 6.27 -63.43 -86.88
C ASP C 641 5.94 -62.41 -85.79
N LEU C 642 4.89 -61.63 -86.04
CA LEU C 642 4.37 -60.63 -85.12
C LEU C 642 5.30 -59.43 -85.04
N LEU C 643 6.47 -59.53 -85.67
CA LEU C 643 7.43 -58.43 -85.74
C LEU C 643 7.71 -58.14 -87.21
N LEU C 644 7.62 -56.86 -87.58
CA LEU C 644 7.87 -56.47 -88.96
C LEU C 644 9.31 -56.80 -89.34
N GLN C 645 9.47 -57.47 -90.48
CA GLN C 645 10.77 -57.94 -90.93
C GLN C 645 11.13 -57.27 -92.24
N THR C 646 12.36 -56.75 -92.31
CA THR C 646 12.84 -56.00 -93.46
C THR C 646 13.90 -56.81 -94.21
N ARG C 647 14.03 -56.51 -95.50
CA ARG C 647 14.98 -57.19 -96.35
C ARG C 647 15.30 -56.30 -97.54
N LEU C 648 16.55 -56.33 -97.98
CA LEU C 648 17.01 -55.50 -99.09
C LEU C 648 16.78 -56.23 -100.40
N VAL C 649 15.90 -55.69 -101.24
CA VAL C 649 15.56 -56.30 -102.52
C VAL C 649 15.92 -55.33 -103.64
N ASN C 650 15.95 -55.86 -104.85
CA ASN C 650 16.37 -55.11 -106.03
C ASN C 650 15.16 -54.61 -106.80
N HIS C 651 15.24 -53.37 -107.28
CA HIS C 651 14.22 -52.85 -108.18
C HIS C 651 14.19 -53.65 -109.47
N VAL C 652 12.99 -53.96 -109.94
CA VAL C 652 12.80 -54.64 -111.22
C VAL C 652 11.81 -53.83 -112.05
N SER C 653 11.96 -53.93 -113.37
CA SER C 653 11.09 -53.21 -114.29
C SER C 653 10.77 -54.11 -115.47
N SER C 654 9.57 -53.96 -116.02
CA SER C 654 9.10 -54.74 -117.14
C SER C 654 8.65 -53.83 -118.27
N MET C 655 9.06 -54.16 -119.48
CA MET C 655 8.62 -53.45 -120.68
C MET C 655 7.87 -54.39 -121.61
N ARG C 656 7.00 -53.79 -122.42
CA ARG C 656 6.19 -54.52 -123.38
C ARG C 656 6.21 -53.79 -124.72
N PRO C 657 6.10 -54.51 -125.82
CA PRO C 657 5.90 -53.86 -127.12
C PRO C 657 4.47 -53.36 -127.26
N ASN C 658 4.29 -52.44 -128.19
CA ASN C 658 2.98 -51.83 -128.44
C ASN C 658 2.10 -52.85 -129.18
N ILE C 659 1.79 -53.93 -128.47
CA ILE C 659 1.01 -55.04 -129.01
C ILE C 659 -0.11 -55.36 -128.03
N PHE C 660 -1.34 -55.42 -128.53
CA PHE C 660 -2.50 -55.78 -127.73
C PHE C 660 -3.28 -56.86 -128.48
N LEU C 661 -3.54 -57.98 -127.79
CA LEU C 661 -4.17 -59.16 -128.40
C LEU C 661 -5.37 -59.56 -127.55
N GLY C 662 -6.54 -59.03 -127.90
CA GLY C 662 -7.75 -59.36 -127.19
C GLY C 662 -8.86 -59.74 -128.15
N VAL C 663 -9.74 -60.62 -127.68
CA VAL C 663 -10.85 -61.10 -128.50
C VAL C 663 -11.98 -60.08 -128.45
N SER C 664 -12.41 -59.63 -129.63
CA SER C 664 -13.50 -58.66 -129.74
C SER C 664 -14.03 -58.73 -131.17
N GLU C 665 -15.00 -57.84 -131.46
CA GLU C 665 -15.55 -57.77 -132.80
C GLU C 665 -14.52 -57.19 -133.76
N GLY C 666 -14.33 -57.87 -134.89
CA GLY C 666 -13.34 -57.47 -135.86
C GLY C 666 -11.95 -57.90 -135.46
N SER C 667 -11.01 -57.69 -136.38
CA SER C 667 -9.61 -58.07 -136.20
C SER C 667 -9.49 -59.54 -135.79
N ALA C 668 -10.18 -60.40 -136.54
CA ALA C 668 -10.20 -61.82 -136.25
C ALA C 668 -8.80 -62.42 -136.35
N GLN C 669 -8.25 -62.84 -135.21
CA GLN C 669 -6.92 -63.42 -135.15
C GLN C 669 -7.01 -64.80 -134.49
N TYR C 670 -6.27 -65.76 -135.05
CA TYR C 670 -6.20 -67.08 -134.44
C TYR C 670 -5.43 -67.06 -133.14
N LYS C 671 -4.76 -65.95 -132.81
CA LYS C 671 -4.12 -65.77 -131.52
C LYS C 671 -3.05 -66.82 -131.26
N LYS C 672 -2.22 -67.08 -132.27
CA LYS C 672 -1.09 -68.00 -132.16
C LYS C 672 0.15 -67.23 -132.60
N TRP C 673 0.98 -66.84 -131.64
CA TRP C 673 2.11 -65.97 -131.87
C TRP C 673 3.41 -66.62 -131.39
N TYR C 674 4.49 -66.32 -132.10
CA TYR C 674 5.81 -66.83 -131.79
C TYR C 674 6.71 -65.66 -131.42
N TYR C 675 7.57 -65.88 -130.41
CA TYR C 675 8.40 -64.82 -129.87
C TYR C 675 9.74 -65.43 -129.47
N GLU C 676 10.79 -64.62 -129.52
CA GLU C 676 12.10 -65.08 -129.06
C GLU C 676 12.97 -63.86 -128.78
N LEU C 677 14.03 -64.09 -128.01
CA LEU C 677 14.87 -63.01 -127.53
C LEU C 677 16.13 -63.60 -126.92
N MET C 678 17.27 -62.99 -127.22
CA MET C 678 18.56 -63.44 -126.70
C MET C 678 19.04 -62.46 -125.65
N VAL C 679 19.53 -62.97 -124.54
CA VAL C 679 20.25 -62.15 -123.57
C VAL C 679 21.72 -62.14 -123.99
N ASP C 680 22.28 -60.95 -124.16
CA ASP C 680 23.65 -60.83 -124.63
C ASP C 680 24.65 -61.06 -123.50
N HIS C 681 24.37 -60.53 -122.32
CA HIS C 681 25.24 -60.71 -121.16
C HIS C 681 24.43 -60.44 -119.92
N THR C 682 24.26 -61.45 -119.07
CA THR C 682 23.47 -61.34 -117.85
C THR C 682 24.39 -61.45 -116.64
N GLU C 683 24.43 -60.38 -115.84
CA GLU C 683 25.24 -60.41 -114.62
C GLU C 683 24.59 -61.35 -113.61
N PRO C 684 25.29 -62.39 -113.14
CA PRO C 684 24.66 -63.30 -112.18
C PRO C 684 24.49 -62.67 -110.81
N PHE C 685 25.48 -61.93 -110.33
CA PHE C 685 25.48 -61.36 -108.99
C PHE C 685 25.93 -59.91 -109.01
N VAL C 686 25.32 -59.10 -109.88
CA VAL C 686 25.62 -57.68 -109.92
C VAL C 686 25.28 -57.03 -108.58
N THR C 687 24.21 -57.49 -107.94
CA THR C 687 23.80 -57.03 -106.63
C THR C 687 23.88 -58.21 -105.64
N ALA C 688 23.38 -57.99 -104.44
CA ALA C 688 23.40 -59.04 -103.43
C ALA C 688 22.60 -60.26 -103.88
N GLU C 689 21.43 -60.03 -104.46
CA GLU C 689 20.60 -61.13 -104.96
C GLU C 689 20.92 -61.41 -106.43
N ALA C 690 20.44 -62.55 -106.90
CA ALA C 690 20.62 -62.91 -108.30
C ALA C 690 19.76 -62.02 -109.19
N THR C 691 20.13 -61.98 -110.47
CA THR C 691 19.40 -61.15 -111.43
C THR C 691 18.00 -61.69 -111.63
N HIS C 692 17.00 -60.82 -111.48
CA HIS C 692 15.60 -61.20 -111.65
C HIS C 692 15.25 -61.09 -113.13
N LEU C 693 15.43 -62.21 -113.84
CA LEU C 693 15.14 -62.29 -115.27
C LEU C 693 14.00 -63.26 -115.50
N ARG C 694 12.89 -62.75 -116.00
CA ARG C 694 11.71 -63.56 -116.32
C ARG C 694 11.14 -63.07 -117.64
N VAL C 695 10.68 -64.00 -118.47
CA VAL C 695 10.04 -63.68 -119.74
C VAL C 695 8.70 -64.40 -119.80
N GLY C 696 7.70 -63.75 -120.38
CA GLY C 696 6.40 -64.41 -120.47
C GLY C 696 5.34 -63.49 -121.05
N TRP C 697 4.11 -63.75 -120.65
CA TRP C 697 2.96 -63.01 -121.18
C TRP C 697 2.10 -62.51 -120.04
N ALA C 698 1.62 -61.27 -120.17
CA ALA C 698 0.79 -60.64 -119.16
C ALA C 698 -0.54 -60.23 -119.77
N SER C 699 -1.62 -60.44 -119.02
CA SER C 699 -2.96 -60.13 -119.47
C SER C 699 -3.45 -58.86 -118.80
N THR C 700 -3.92 -57.91 -119.61
CA THR C 700 -4.46 -56.67 -119.07
C THR C 700 -5.75 -56.94 -118.30
N GLU C 701 -5.89 -56.30 -117.15
CA GLU C 701 -7.07 -56.50 -116.32
C GLU C 701 -8.25 -55.67 -116.82
N GLY C 702 -9.43 -56.27 -116.80
CA GLY C 702 -10.63 -55.56 -117.18
C GLY C 702 -10.70 -55.11 -118.62
N TYR C 703 -9.88 -55.69 -119.49
CA TYR C 703 -9.81 -55.30 -120.90
C TYR C 703 -9.54 -53.80 -121.03
N SER C 704 -8.58 -53.33 -120.26
CA SER C 704 -8.22 -51.92 -120.17
C SER C 704 -6.73 -51.77 -120.42
N PRO C 705 -6.29 -50.61 -120.88
CA PRO C 705 -4.84 -50.39 -121.08
C PRO C 705 -4.00 -50.64 -119.84
N TYR C 706 -4.57 -50.55 -118.65
CA TYR C 706 -3.83 -50.89 -117.44
C TYR C 706 -3.51 -52.38 -117.47
N PRO C 707 -2.25 -52.78 -117.46
CA PRO C 707 -1.91 -54.20 -117.52
C PRO C 707 -1.87 -54.80 -116.11
N GLY C 708 -1.86 -56.13 -116.09
CA GLY C 708 -1.82 -56.89 -114.86
C GLY C 708 -0.46 -57.53 -114.66
N GLY C 709 0.09 -57.35 -113.45
CA GLY C 709 1.38 -57.91 -113.11
C GLY C 709 1.95 -57.29 -111.86
N GLY C 710 3.26 -57.07 -111.85
CA GLY C 710 3.90 -56.40 -110.73
C GLY C 710 3.36 -55.00 -110.52
N GLU C 711 3.06 -54.66 -109.27
CA GLU C 711 2.53 -53.33 -108.98
C GLU C 711 3.58 -52.27 -109.27
N GLU C 712 3.12 -51.07 -109.60
CA GLU C 712 4.02 -49.97 -109.89
C GLU C 712 4.89 -49.66 -108.69
N TRP C 713 6.16 -49.35 -108.96
CA TRP C 713 7.10 -48.93 -107.92
C TRP C 713 7.28 -50.03 -106.86
N GLY C 714 7.76 -51.18 -107.32
CA GLY C 714 8.01 -52.29 -106.43
C GLY C 714 8.92 -53.31 -107.09
N GLY C 715 9.45 -54.20 -106.26
CA GLY C 715 10.32 -55.25 -106.74
C GLY C 715 9.55 -56.47 -107.21
N ASN C 716 8.48 -56.23 -107.97
CA ASN C 716 7.61 -57.30 -108.47
C ASN C 716 7.69 -57.33 -109.99
N GLY C 717 8.06 -58.47 -110.54
CA GLY C 717 8.15 -58.68 -111.97
C GLY C 717 6.93 -59.38 -112.52
N VAL C 718 7.14 -60.13 -113.61
CA VAL C 718 6.05 -60.91 -114.19
C VAL C 718 5.90 -62.21 -113.44
N GLY C 719 4.71 -62.80 -113.51
CA GLY C 719 4.44 -64.03 -112.79
C GLY C 719 4.29 -63.86 -111.30
N ASP C 720 4.04 -62.63 -110.83
CA ASP C 720 3.82 -62.38 -109.42
C ASP C 720 2.33 -62.27 -109.07
N ASP C 721 1.45 -62.53 -110.04
CA ASP C 721 0.02 -62.57 -109.78
C ASP C 721 -0.62 -63.44 -110.85
N LEU C 722 -1.93 -63.67 -110.69
CA LEU C 722 -2.67 -64.47 -111.66
C LEU C 722 -2.79 -63.78 -113.01
N PHE C 723 -2.49 -62.48 -113.08
CA PHE C 723 -2.61 -61.75 -114.34
C PHE C 723 -1.47 -62.06 -115.30
N SER C 724 -0.27 -62.32 -114.79
CA SER C 724 0.91 -62.52 -115.61
C SER C 724 1.48 -63.92 -115.40
N TYR C 725 2.10 -64.44 -116.46
CA TYR C 725 2.71 -65.76 -116.43
C TYR C 725 4.12 -65.63 -116.97
N GLY C 726 5.10 -66.15 -116.21
CA GLY C 726 6.50 -65.95 -116.55
C GLY C 726 7.30 -67.24 -116.45
N PHE C 727 8.52 -67.17 -116.96
CA PHE C 727 9.44 -68.29 -116.98
C PHE C 727 10.84 -67.71 -116.87
N ASP C 728 11.66 -68.26 -115.96
CA ASP C 728 12.95 -67.66 -115.66
C ASP C 728 14.14 -68.54 -116.04
N GLY C 729 13.92 -69.59 -116.83
CA GLY C 729 14.96 -70.51 -117.21
C GLY C 729 14.94 -71.81 -116.41
N LEU C 730 14.53 -71.74 -115.15
CA LEU C 730 14.42 -72.93 -114.31
C LEU C 730 13.07 -73.05 -113.62
N HIS C 731 12.31 -71.97 -113.48
CA HIS C 731 11.04 -71.98 -112.77
C HIS C 731 9.97 -71.26 -113.60
N LEU C 732 8.74 -71.73 -113.45
CA LEU C 732 7.57 -71.05 -113.98
C LEU C 732 6.92 -70.24 -112.86
N TRP C 733 6.63 -68.98 -113.13
CA TRP C 733 6.18 -68.02 -112.14
C TRP C 733 4.75 -67.60 -112.42
N SER C 734 3.89 -67.71 -111.41
CA SER C 734 2.52 -67.23 -111.47
C SER C 734 2.02 -67.09 -110.03
N GLY C 735 1.52 -65.91 -109.68
CA GLY C 735 1.06 -65.70 -108.32
C GLY C 735 2.14 -65.81 -107.28
N CYS C 736 3.33 -65.29 -107.56
CA CYS C 736 4.44 -65.21 -106.62
C CYS C 736 4.92 -66.57 -106.13
N ILE C 737 4.62 -67.65 -106.87
CA ILE C 737 5.05 -68.99 -106.49
C ILE C 737 5.67 -69.66 -107.71
N ALA C 738 6.83 -70.27 -107.52
CA ALA C 738 7.55 -70.93 -108.60
C ALA C 738 7.18 -72.40 -108.67
N ARG C 739 7.44 -73.01 -109.83
CA ARG C 739 7.08 -74.40 -110.09
C ARG C 739 8.26 -75.31 -110.37
N THR C 740 9.46 -74.77 -110.57
CA THR C 740 10.66 -75.56 -110.85
C THR C 740 10.45 -76.43 -112.08
N VAL C 741 10.27 -75.76 -113.22
CA VAL C 741 10.08 -76.47 -114.48
C VAL C 741 11.39 -77.14 -114.89
N SER C 742 11.30 -78.39 -115.33
CA SER C 742 12.46 -79.14 -115.77
C SER C 742 12.59 -79.06 -117.30
N SER C 743 13.83 -79.10 -117.76
CA SER C 743 14.14 -79.01 -119.18
C SER C 743 15.57 -79.51 -119.39
N PRO C 744 15.90 -79.96 -120.60
CA PRO C 744 17.28 -80.35 -120.89
C PRO C 744 18.25 -79.24 -120.51
N ASN C 745 19.26 -79.59 -119.73
CA ASN C 745 20.23 -78.64 -119.19
C ASN C 745 19.52 -77.49 -118.49
N GLN C 746 18.75 -77.85 -117.46
CA GLN C 746 17.99 -76.87 -116.70
C GLN C 746 18.93 -75.96 -115.91
N HIS C 747 18.74 -74.66 -116.05
CA HIS C 747 19.59 -73.67 -115.41
C HIS C 747 18.97 -72.29 -115.57
N LEU C 748 19.42 -71.36 -114.74
CA LEU C 748 19.02 -69.97 -114.89
C LEU C 748 19.52 -69.41 -116.21
N LEU C 749 18.73 -68.52 -116.82
CA LEU C 749 19.05 -67.99 -118.13
C LEU C 749 20.42 -67.31 -118.14
N ARG C 750 21.37 -67.91 -118.87
CA ARG C 750 22.69 -67.33 -119.06
C ARG C 750 22.77 -66.72 -120.46
N THR C 751 23.96 -66.24 -120.81
CA THR C 751 24.14 -65.54 -122.07
C THR C 751 23.86 -66.45 -123.25
N ASP C 752 23.35 -65.87 -124.32
CA ASP C 752 23.08 -66.56 -125.59
C ASP C 752 22.05 -67.69 -125.39
N ASP C 753 20.86 -67.30 -124.98
CA ASP C 753 19.73 -68.21 -124.85
C ASP C 753 18.61 -67.77 -125.78
N VAL C 754 18.12 -68.71 -126.60
CA VAL C 754 17.11 -68.37 -127.59
C VAL C 754 15.79 -68.02 -126.91
N ILE C 755 15.33 -68.87 -125.98
CA ILE C 755 14.10 -68.66 -125.22
C ILE C 755 12.93 -68.34 -126.15
N SER C 756 12.47 -69.33 -126.90
CA SER C 756 11.36 -69.17 -127.84
C SER C 756 10.05 -69.43 -127.11
N CYS C 757 9.23 -68.38 -127.00
CA CYS C 757 7.94 -68.46 -126.32
C CYS C 757 6.83 -68.50 -127.37
N CYS C 758 5.99 -69.53 -127.32
CA CYS C 758 4.86 -69.65 -128.23
C CYS C 758 3.57 -69.48 -127.42
N LEU C 759 2.81 -68.44 -127.77
CA LEU C 759 1.56 -68.11 -127.11
C LEU C 759 0.41 -68.55 -128.00
N ASP C 760 -0.55 -69.27 -127.43
CA ASP C 760 -1.79 -69.56 -128.12
C ASP C 760 -2.95 -69.24 -127.17
N LEU C 761 -3.98 -68.59 -127.72
CA LEU C 761 -5.09 -68.13 -126.90
C LEU C 761 -6.43 -68.74 -127.30
N SER C 762 -6.59 -69.16 -128.55
CA SER C 762 -7.78 -69.93 -128.92
C SER C 762 -7.86 -71.20 -128.09
N ALA C 763 -6.74 -71.86 -127.90
CA ALA C 763 -6.55 -72.91 -126.93
C ALA C 763 -5.96 -72.34 -125.65
N PRO C 764 -6.21 -72.95 -124.50
CA PRO C 764 -5.58 -72.47 -123.25
C PRO C 764 -4.21 -73.11 -123.01
N SER C 765 -3.19 -72.55 -123.67
CA SER C 765 -1.84 -73.07 -123.51
C SER C 765 -0.82 -72.00 -123.87
N ILE C 766 0.21 -71.87 -123.05
CA ILE C 766 1.36 -71.01 -123.32
C ILE C 766 2.61 -71.85 -123.10
N SER C 767 3.39 -72.05 -124.16
CA SER C 767 4.53 -72.95 -124.08
C SER C 767 5.83 -72.19 -124.31
N PHE C 768 6.92 -72.76 -123.81
CA PHE C 768 8.24 -72.17 -123.94
C PHE C 768 9.23 -73.25 -124.34
N ARG C 769 10.31 -72.81 -125.01
CA ARG C 769 11.38 -73.71 -125.44
C ARG C 769 12.70 -72.99 -125.23
N ILE C 770 13.51 -73.48 -124.29
CA ILE C 770 14.81 -72.90 -124.03
C ILE C 770 15.82 -73.50 -124.99
N ASN C 771 16.36 -72.66 -125.88
CA ASN C 771 17.33 -73.09 -126.89
C ASN C 771 16.77 -74.20 -127.78
N GLY C 772 15.48 -74.12 -128.07
CA GLY C 772 14.84 -75.08 -128.95
C GLY C 772 14.11 -76.19 -128.23
N GLN C 773 14.70 -76.71 -127.16
CA GLN C 773 14.07 -77.80 -126.42
C GLN C 773 12.88 -77.27 -125.62
N PRO C 774 11.68 -77.78 -125.85
CA PRO C 774 10.51 -77.26 -125.14
C PRO C 774 10.58 -77.52 -123.65
N VAL C 775 9.99 -76.59 -122.88
CA VAL C 775 9.90 -76.78 -121.44
C VAL C 775 8.91 -77.91 -121.15
N GLN C 776 9.15 -78.62 -120.04
CA GLN C 776 8.35 -79.79 -119.70
C GLN C 776 7.18 -79.39 -118.81
N GLY C 777 6.30 -78.57 -119.37
CA GLY C 777 5.14 -78.08 -118.65
C GLY C 777 4.72 -76.68 -119.05
N MET C 778 3.43 -76.50 -119.30
CA MET C 778 2.87 -75.23 -119.75
C MET C 778 1.81 -74.74 -118.77
N PHE C 779 1.23 -73.59 -119.08
CA PHE C 779 0.07 -73.05 -118.37
C PHE C 779 -1.18 -73.30 -119.20
N GLU C 780 -2.29 -73.58 -118.51
CA GLU C 780 -3.55 -73.92 -119.16
C GLU C 780 -4.69 -73.38 -118.33
N ASN C 781 -5.85 -73.26 -119.00
CA ASN C 781 -7.09 -72.78 -118.40
C ASN C 781 -6.92 -71.41 -117.78
N PHE C 782 -5.93 -70.65 -118.23
CA PHE C 782 -5.80 -69.26 -117.81
C PHE C 782 -6.97 -68.45 -118.35
N ASN C 783 -7.31 -67.39 -117.64
CA ASN C 783 -8.47 -66.58 -117.99
C ASN C 783 -8.27 -65.96 -119.38
N ILE C 784 -9.07 -66.40 -120.35
CA ILE C 784 -8.86 -66.00 -121.74
C ILE C 784 -9.13 -64.51 -121.94
N ASP C 785 -10.02 -63.92 -121.15
CA ASP C 785 -10.39 -62.54 -121.36
C ASP C 785 -9.21 -61.60 -121.13
N GLY C 786 -9.30 -60.40 -121.70
CA GLY C 786 -8.24 -59.43 -121.62
C GLY C 786 -7.26 -59.54 -122.78
N LEU C 787 -6.48 -58.48 -122.95
CA LEU C 787 -5.51 -58.41 -124.04
C LEU C 787 -4.15 -58.85 -123.54
N PHE C 788 -3.54 -59.80 -124.25
CA PHE C 788 -2.26 -60.38 -123.87
C PHE C 788 -1.13 -59.75 -124.67
N PHE C 789 -0.01 -59.53 -124.00
CA PHE C 789 1.19 -58.98 -124.62
C PHE C 789 2.41 -59.66 -124.04
N PRO C 790 3.48 -59.81 -124.81
CA PRO C 790 4.74 -60.29 -124.25
C PRO C 790 5.33 -59.27 -123.30
N VAL C 791 6.07 -59.76 -122.31
CA VAL C 791 6.63 -58.89 -121.28
C VAL C 791 7.80 -59.61 -120.62
N VAL C 792 8.86 -58.85 -120.35
CA VAL C 792 10.06 -59.36 -119.71
C VAL C 792 10.42 -58.46 -118.53
N SER C 793 10.63 -59.07 -117.37
CA SER C 793 11.18 -58.38 -116.20
C SER C 793 12.65 -58.72 -116.13
N PHE C 794 13.50 -57.71 -116.35
CA PHE C 794 14.93 -57.95 -116.58
C PHE C 794 15.81 -57.45 -115.43
N SER C 795 15.22 -57.23 -114.25
CA SER C 795 15.94 -56.66 -113.11
C SER C 795 16.86 -55.51 -113.52
N ALA C 796 18.12 -55.58 -113.10
CA ALA C 796 19.13 -54.60 -113.45
C ALA C 796 20.43 -55.32 -113.78
N GLY C 797 21.32 -54.60 -114.45
CA GLY C 797 22.59 -55.18 -114.86
C GLY C 797 22.44 -56.30 -115.87
N ILE C 798 21.63 -56.07 -116.90
CA ILE C 798 21.35 -57.07 -117.92
C ILE C 798 21.28 -56.42 -119.30
N LYS C 799 21.46 -57.25 -120.32
CA LYS C 799 21.36 -56.87 -121.73
C LYS C 799 20.51 -57.90 -122.44
N VAL C 800 19.38 -57.48 -123.01
CA VAL C 800 18.47 -58.37 -123.71
C VAL C 800 18.15 -57.76 -125.06
N ARG C 801 17.85 -58.60 -126.04
CA ARG C 801 17.49 -58.13 -127.37
C ARG C 801 16.43 -59.05 -127.95
N PHE C 802 15.29 -58.49 -128.32
CA PHE C 802 14.16 -59.26 -128.82
C PHE C 802 14.40 -59.68 -130.26
N LEU C 803 13.45 -60.44 -130.82
CA LEU C 803 13.47 -60.80 -132.23
C LEU C 803 12.04 -60.77 -132.76
N LEU C 804 11.88 -60.23 -133.96
CA LEU C 804 10.59 -60.18 -134.63
C LEU C 804 10.81 -60.54 -136.09
N GLY C 805 9.80 -60.32 -136.92
CA GLY C 805 9.88 -60.59 -138.34
C GLY C 805 10.16 -59.34 -139.15
N GLY C 806 10.75 -59.54 -140.33
CA GLY C 806 11.06 -58.42 -141.20
C GLY C 806 12.21 -57.60 -140.68
N ARG C 807 12.13 -56.28 -140.87
CA ARG C 807 13.17 -55.38 -140.39
C ARG C 807 13.20 -55.25 -138.88
N HIS C 808 12.18 -55.75 -138.18
CA HIS C 808 12.13 -55.65 -136.73
C HIS C 808 12.96 -56.71 -136.02
N GLY C 809 13.54 -57.65 -136.75
CA GLY C 809 14.38 -58.66 -136.14
C GLY C 809 14.58 -59.83 -137.06
N GLU C 810 15.48 -60.72 -136.65
CA GLU C 810 15.79 -61.94 -137.37
C GLU C 810 15.33 -63.13 -136.55
N PHE C 811 14.49 -63.98 -137.15
CA PHE C 811 13.99 -65.16 -136.47
C PHE C 811 15.04 -66.26 -136.59
N LYS C 812 15.82 -66.45 -135.52
CA LYS C 812 16.83 -67.50 -135.52
C LYS C 812 16.20 -68.88 -135.65
N PHE C 813 15.11 -69.11 -134.92
CA PHE C 813 14.40 -70.38 -134.96
C PHE C 813 13.07 -70.20 -135.67
N LEU C 814 12.63 -71.26 -136.35
CA LEU C 814 11.40 -71.19 -137.13
C LEU C 814 10.19 -71.23 -136.19
N PRO C 815 9.14 -70.45 -136.49
CA PRO C 815 7.94 -70.49 -135.66
C PRO C 815 7.25 -71.84 -135.78
N PRO C 816 6.51 -72.26 -134.77
CA PRO C 816 5.76 -73.52 -134.86
C PRO C 816 4.64 -73.39 -135.90
N PRO C 817 4.18 -74.51 -136.45
CA PRO C 817 3.16 -74.45 -137.50
C PRO C 817 1.90 -73.75 -137.01
N GLY C 818 1.29 -72.98 -137.91
CA GLY C 818 0.08 -72.23 -137.58
C GLY C 818 0.30 -71.13 -136.57
N TYR C 819 1.43 -70.45 -136.64
CA TYR C 819 1.73 -69.34 -135.74
C TYR C 819 2.14 -68.12 -136.54
N ALA C 820 1.83 -66.94 -136.00
CA ALA C 820 2.14 -65.68 -136.64
C ALA C 820 3.44 -65.09 -136.10
N ALA C 821 3.95 -64.10 -136.82
CA ALA C 821 5.16 -63.42 -136.38
C ALA C 821 4.84 -62.47 -135.23
N CYS C 822 5.89 -62.09 -134.50
CA CYS C 822 5.73 -61.19 -133.38
C CYS C 822 5.24 -59.82 -133.82
N TYR C 823 5.77 -59.30 -134.93
CA TYR C 823 5.42 -57.97 -135.43
C TYR C 823 4.19 -57.98 -136.32
N GLU C 824 3.66 -59.15 -136.69
CA GLU C 824 2.53 -59.20 -137.59
C GLU C 824 1.29 -58.59 -136.97
N ALA C 825 1.18 -58.61 -135.65
CA ALA C 825 0.01 -58.10 -134.94
C ALA C 825 0.09 -56.60 -134.70
N VAL C 826 0.89 -55.87 -135.47
CA VAL C 826 1.01 -54.43 -135.28
C VAL C 826 -0.32 -53.76 -135.60
N LEU C 827 -0.70 -52.80 -134.76
CA LEU C 827 -1.93 -52.07 -134.99
C LEU C 827 -1.85 -51.27 -136.28
N PRO C 828 -2.94 -51.14 -137.02
CA PRO C 828 -2.91 -50.39 -138.29
C PRO C 828 -2.52 -48.94 -138.07
N LYS C 829 -1.74 -48.41 -139.01
CA LYS C 829 -1.29 -47.02 -139.01
C LYS C 829 -0.48 -46.67 -137.76
N GLU C 830 0.12 -47.67 -137.12
CA GLU C 830 0.91 -47.47 -135.92
C GLU C 830 2.29 -48.07 -136.11
N LYS C 831 3.30 -47.41 -135.56
CA LYS C 831 4.68 -47.90 -135.60
C LYS C 831 4.96 -48.67 -134.31
N LEU C 832 5.32 -49.94 -134.44
CA LEU C 832 5.56 -50.78 -133.27
C LEU C 832 6.74 -50.24 -132.48
N LYS C 833 6.58 -50.16 -131.16
CA LYS C 833 7.63 -49.69 -130.27
C LYS C 833 7.45 -50.34 -128.91
N VAL C 834 8.52 -50.33 -128.13
CA VAL C 834 8.55 -50.94 -126.80
C VAL C 834 8.66 -49.84 -125.76
N GLU C 835 7.95 -50.03 -124.65
CA GLU C 835 7.94 -49.06 -123.56
C GLU C 835 7.60 -49.79 -122.27
N HIS C 836 7.62 -49.06 -121.16
CA HIS C 836 7.31 -49.66 -119.87
C HIS C 836 5.89 -50.20 -119.85
N SER C 837 5.72 -51.37 -119.22
CA SER C 837 4.44 -52.07 -119.30
C SER C 837 3.33 -51.27 -118.63
N ARG C 838 3.53 -50.86 -117.39
CA ARG C 838 2.48 -50.16 -116.68
C ARG C 838 2.92 -48.83 -116.13
N GLU C 839 4.12 -48.74 -115.57
CA GLU C 839 4.58 -47.51 -114.96
C GLU C 839 4.91 -46.47 -116.03
N TYR C 840 4.58 -45.21 -115.73
CA TYR C 840 4.94 -44.09 -116.59
C TYR C 840 6.28 -43.48 -116.21
N LYS C 841 7.09 -44.20 -115.44
CA LYS C 841 8.39 -43.68 -115.03
C LYS C 841 9.29 -43.50 -116.24
N GLN C 842 9.95 -42.33 -116.30
CA GLN C 842 10.89 -42.04 -117.37
C GLN C 842 12.17 -41.40 -116.84
N GLU C 843 12.38 -41.40 -115.52
CA GLU C 843 13.56 -40.79 -114.90
C GLU C 843 13.69 -39.31 -115.31
N ARG C 844 12.59 -38.58 -115.18
CA ARG C 844 12.52 -37.18 -115.56
C ARG C 844 12.24 -36.33 -114.33
N THR C 845 12.95 -35.21 -114.22
CA THR C 845 12.83 -34.33 -113.06
C THR C 845 11.97 -33.12 -113.43
N TYR C 846 10.89 -32.93 -112.68
CA TYR C 846 10.00 -31.78 -112.82
C TYR C 846 9.38 -31.67 -114.21
N THR C 847 9.40 -32.77 -114.97
CA THR C 847 8.78 -32.82 -116.29
C THR C 847 8.05 -34.14 -116.49
N ARG C 848 7.55 -34.72 -115.40
CA ARG C 848 6.88 -36.01 -115.47
C ARG C 848 5.43 -35.81 -115.92
N ASP C 849 5.08 -36.46 -117.03
CA ASP C 849 3.72 -36.39 -117.56
C ASP C 849 2.84 -37.29 -116.70
N LEU C 850 2.27 -36.72 -115.65
CA LEU C 850 1.44 -37.46 -114.70
C LEU C 850 0.07 -37.72 -115.31
N LEU C 851 0.06 -38.55 -116.35
CA LEU C 851 -1.18 -38.84 -117.05
C LEU C 851 -2.15 -39.55 -116.14
N GLY C 852 -3.43 -39.21 -116.26
CA GLY C 852 -4.47 -39.80 -115.44
C GLY C 852 -5.05 -41.05 -116.06
N PRO C 853 -6.31 -41.32 -115.77
CA PRO C 853 -6.96 -42.52 -116.31
C PRO C 853 -7.05 -42.46 -117.84
N THR C 854 -7.03 -43.64 -118.45
CA THR C 854 -7.15 -43.78 -119.89
C THR C 854 -8.51 -44.38 -120.25
N VAL C 855 -8.77 -44.43 -121.55
CA VAL C 855 -10.00 -45.02 -122.06
C VAL C 855 -9.72 -46.48 -122.42
N SER C 856 -10.80 -47.26 -122.55
CA SER C 856 -10.66 -48.69 -122.81
C SER C 856 -9.96 -48.99 -124.13
N LEU C 857 -10.01 -48.07 -125.09
CA LEU C 857 -9.36 -48.23 -126.38
C LEU C 857 -9.81 -49.51 -127.09
N PRO C 876 -43.29 -52.82 -149.93
CA PRO C 876 -43.83 -53.26 -151.21
C PRO C 876 -43.89 -52.14 -152.25
N HIS C 877 -43.95 -50.90 -151.77
CA HIS C 877 -44.01 -49.74 -152.67
C HIS C 877 -42.68 -49.45 -153.33
N LEU C 878 -41.59 -50.11 -152.91
CA LEU C 878 -40.26 -49.82 -153.43
C LEU C 878 -39.71 -50.98 -154.26
N GLU C 879 -40.56 -51.91 -154.70
CA GLU C 879 -40.09 -53.00 -155.56
C GLU C 879 -39.59 -52.46 -156.90
N ARG C 880 -40.32 -51.51 -157.48
CA ARG C 880 -39.86 -50.86 -158.70
C ARG C 880 -38.52 -50.15 -158.46
N ILE C 881 -38.36 -49.56 -157.27
CA ILE C 881 -37.09 -48.94 -156.92
C ILE C 881 -35.98 -49.98 -156.88
N ARG C 882 -36.27 -51.16 -156.31
CA ARG C 882 -35.28 -52.24 -156.28
C ARG C 882 -34.85 -52.63 -157.68
N GLU C 883 -35.83 -52.89 -158.56
CA GLU C 883 -35.52 -53.32 -159.92
C GLU C 883 -34.73 -52.25 -160.68
N ARG C 884 -35.17 -50.99 -160.58
CA ARG C 884 -34.47 -49.93 -161.31
C ARG C 884 -33.08 -49.69 -160.75
N LEU C 885 -32.89 -49.84 -159.43
CA LEU C 885 -31.56 -49.67 -158.86
C LEU C 885 -30.63 -50.80 -159.31
N ALA C 886 -31.15 -52.02 -159.38
CA ALA C 886 -30.36 -53.12 -159.95
C ALA C 886 -29.99 -52.83 -161.40
N GLU C 887 -30.95 -52.29 -162.17
CA GLU C 887 -30.68 -51.93 -163.55
C GLU C 887 -29.55 -50.90 -163.65
N ASN C 888 -29.64 -49.83 -162.86
CA ASN C 888 -28.61 -48.80 -162.90
C ASN C 888 -27.26 -49.34 -162.46
N ILE C 889 -27.22 -50.16 -161.41
CA ILE C 889 -25.95 -50.71 -160.95
C ILE C 889 -25.31 -51.56 -162.04
N HIS C 890 -26.10 -52.42 -162.68
CA HIS C 890 -25.50 -53.30 -163.68
C HIS C 890 -25.08 -52.52 -164.91
N GLU C 891 -25.80 -51.44 -165.28
CA GLU C 891 -25.33 -50.69 -166.44
C GLU C 891 -24.07 -49.90 -166.13
N LEU C 892 -23.96 -49.37 -164.90
CA LEU C 892 -22.72 -48.72 -164.51
C LEU C 892 -21.54 -49.68 -164.56
N TRP C 893 -21.75 -50.92 -164.11
CA TRP C 893 -20.66 -51.90 -164.18
C TRP C 893 -20.35 -52.29 -165.63
N VAL C 894 -21.38 -52.45 -166.47
CA VAL C 894 -21.10 -52.87 -167.84
C VAL C 894 -20.51 -51.75 -168.67
N MET C 895 -20.64 -50.49 -168.26
CA MET C 895 -19.85 -49.44 -168.93
C MET C 895 -18.36 -49.73 -168.82
N ASN C 896 -17.89 -50.02 -167.60
CA ASN C 896 -16.49 -50.37 -167.42
C ASN C 896 -16.15 -51.67 -168.15
N LYS C 897 -17.09 -52.61 -168.15
CA LYS C 897 -16.85 -53.86 -168.89
C LYS C 897 -16.67 -53.62 -170.38
N ILE C 898 -17.50 -52.74 -170.97
CA ILE C 898 -17.40 -52.44 -172.40
C ILE C 898 -16.13 -51.66 -172.70
N GLU C 899 -15.73 -50.76 -171.79
CA GLU C 899 -14.51 -49.98 -172.03
C GLU C 899 -13.30 -50.88 -172.25
N LEU C 900 -13.32 -52.09 -171.69
CA LEU C 900 -12.30 -53.08 -172.01
C LEU C 900 -12.59 -53.77 -173.34
N GLY C 901 -13.87 -54.00 -173.67
CA GLY C 901 -14.22 -54.65 -174.91
C GLY C 901 -14.91 -55.99 -174.74
N TRP C 902 -15.69 -56.12 -173.66
CA TRP C 902 -16.33 -57.39 -173.32
C TRP C 902 -17.68 -57.53 -174.00
N GLN C 903 -18.07 -58.76 -174.28
CA GLN C 903 -19.38 -59.10 -174.82
C GLN C 903 -20.16 -59.90 -173.79
N TYR C 904 -21.35 -60.36 -174.19
CA TYR C 904 -22.23 -61.09 -173.30
C TYR C 904 -22.22 -62.58 -173.64
N GLY C 905 -22.57 -63.39 -172.63
CA GLY C 905 -22.60 -64.82 -172.78
C GLY C 905 -22.42 -65.51 -171.45
N PRO C 906 -23.15 -66.62 -171.23
CA PRO C 906 -23.06 -67.31 -169.93
C PRO C 906 -21.65 -67.76 -169.59
N VAL C 907 -20.86 -68.17 -170.58
CA VAL C 907 -19.47 -68.51 -170.33
C VAL C 907 -18.68 -67.23 -170.04
N ARG C 908 -17.73 -67.31 -169.12
CA ARG C 908 -16.92 -66.16 -168.70
C ARG C 908 -15.46 -66.53 -168.88
N ASP C 909 -14.92 -66.27 -170.07
CA ASP C 909 -13.53 -66.48 -170.38
C ASP C 909 -12.90 -65.16 -170.76
N ASP C 910 -11.72 -64.87 -170.20
CA ASP C 910 -11.05 -63.61 -170.50
C ASP C 910 -10.65 -63.53 -171.96
N ASN C 911 -10.22 -64.66 -172.54
CA ASN C 911 -9.82 -64.67 -173.94
C ASN C 911 -10.98 -64.32 -174.86
N LYS C 912 -12.17 -64.87 -174.58
CA LYS C 912 -13.34 -64.62 -175.41
C LYS C 912 -14.04 -63.32 -175.09
N ARG C 913 -13.69 -62.66 -173.97
CA ARG C 913 -14.26 -61.38 -173.57
C ARG C 913 -15.79 -61.45 -173.45
N GLN C 914 -16.29 -62.53 -172.85
CA GLN C 914 -17.71 -62.73 -172.67
C GLN C 914 -18.08 -62.49 -171.20
N HIS C 915 -19.06 -61.62 -170.98
CA HIS C 915 -19.47 -61.20 -169.64
C HIS C 915 -20.97 -61.44 -169.48
N PRO C 916 -21.37 -62.50 -168.76
CA PRO C 916 -22.80 -62.82 -168.65
C PRO C 916 -23.64 -61.72 -168.04
N CYS C 917 -23.08 -60.94 -167.12
CA CYS C 917 -23.83 -59.84 -166.51
C CYS C 917 -24.10 -58.71 -167.49
N LEU C 918 -23.46 -58.71 -168.66
CA LEU C 918 -23.67 -57.64 -169.63
C LEU C 918 -25.12 -57.54 -170.06
N VAL C 919 -25.78 -58.68 -170.28
CA VAL C 919 -27.17 -58.66 -170.69
C VAL C 919 -28.02 -58.03 -169.58
N GLU C 920 -29.10 -57.36 -169.99
CA GLU C 920 -29.91 -56.60 -169.05
C GLU C 920 -30.55 -57.51 -168.01
N PHE C 921 -31.02 -56.88 -166.92
CA PHE C 921 -31.58 -57.65 -165.81
C PHE C 921 -32.84 -58.42 -166.24
N CYS C 922 -33.55 -57.93 -167.26
CA CYS C 922 -34.72 -58.65 -167.74
C CYS C 922 -34.33 -60.01 -168.33
N LYS C 923 -33.24 -60.04 -169.10
CA LYS C 923 -32.76 -61.27 -169.71
C LYS C 923 -31.53 -61.84 -169.00
N LEU C 924 -31.24 -61.35 -167.79
CA LEU C 924 -30.06 -61.82 -167.07
C LEU C 924 -30.22 -63.29 -166.69
N PRO C 925 -29.19 -64.11 -166.88
CA PRO C 925 -29.28 -65.52 -166.51
C PRO C 925 -29.56 -65.69 -165.03
N GLU C 926 -30.26 -66.78 -164.69
CA GLU C 926 -30.87 -66.92 -163.38
C GLU C 926 -29.84 -66.89 -162.26
N GLN C 927 -28.68 -67.52 -162.47
CA GLN C 927 -27.65 -67.50 -161.44
C GLN C 927 -27.02 -66.11 -161.30
N GLU C 928 -26.67 -65.51 -162.44
CA GLU C 928 -26.18 -64.13 -162.42
C GLU C 928 -27.27 -63.16 -161.97
N ARG C 929 -28.53 -63.44 -162.31
CA ARG C 929 -29.62 -62.61 -161.81
C ARG C 929 -29.70 -62.67 -160.29
N ASN C 930 -29.57 -63.87 -159.71
CA ASN C 930 -29.56 -63.99 -158.26
C ASN C 930 -28.37 -63.28 -157.65
N TYR C 931 -27.19 -63.40 -158.29
CA TYR C 931 -26.00 -62.73 -157.78
C TYR C 931 -26.20 -61.21 -157.74
N ASN C 932 -26.72 -60.64 -158.82
CA ASN C 932 -26.95 -59.20 -158.86
C ASN C 932 -28.04 -58.80 -157.87
N LEU C 933 -29.12 -59.61 -157.80
CA LEU C 933 -30.25 -59.27 -156.94
C LEU C 933 -29.88 -59.34 -155.47
N GLN C 934 -28.91 -60.18 -155.09
CA GLN C 934 -28.49 -60.22 -153.70
C GLN C 934 -27.92 -58.88 -153.26
N MET C 935 -26.99 -58.32 -154.06
CA MET C 935 -26.42 -57.03 -153.71
C MET C 935 -27.44 -55.90 -153.89
N SER C 936 -28.35 -56.01 -154.86
CA SER C 936 -29.39 -55.00 -154.98
C SER C 936 -30.29 -55.00 -153.75
N LEU C 937 -30.69 -56.18 -153.28
CA LEU C 937 -31.50 -56.30 -152.07
C LEU C 937 -30.76 -55.75 -150.87
N GLU C 938 -29.47 -56.07 -150.74
CA GLU C 938 -28.69 -55.52 -149.64
C GLU C 938 -28.64 -53.99 -149.71
N THR C 939 -28.43 -53.45 -150.91
CA THR C 939 -28.33 -52.00 -151.07
C THR C 939 -29.62 -51.31 -150.66
N LEU C 940 -30.76 -51.76 -151.19
CA LEU C 940 -32.02 -51.10 -150.85
C LEU C 940 -32.43 -51.38 -149.40
N LYS C 941 -32.12 -52.56 -148.87
CA LYS C 941 -32.41 -52.84 -147.47
C LYS C 941 -31.65 -51.88 -146.57
N THR C 942 -30.37 -51.66 -146.84
CA THR C 942 -29.61 -50.71 -146.05
C THR C 942 -30.09 -49.28 -146.30
N LEU C 943 -30.50 -48.96 -147.53
CA LEU C 943 -31.06 -47.64 -147.79
C LEU C 943 -32.26 -47.36 -146.89
N LEU C 944 -33.18 -48.31 -146.79
CA LEU C 944 -34.35 -48.12 -145.95
C LEU C 944 -34.05 -48.27 -144.47
N ALA C 945 -32.95 -48.95 -144.10
CA ALA C 945 -32.57 -49.08 -142.71
C ALA C 945 -31.69 -47.96 -142.20
N LEU C 946 -31.22 -47.08 -143.09
CA LEU C 946 -30.39 -45.93 -142.70
C LEU C 946 -31.16 -44.87 -141.91
N GLY C 947 -32.41 -45.10 -141.52
CA GLY C 947 -33.18 -44.12 -140.78
C GLY C 947 -34.01 -43.19 -141.63
N CYS C 948 -33.87 -43.24 -142.95
CA CYS C 948 -34.67 -42.43 -143.87
C CYS C 948 -35.57 -43.35 -144.68
N HIS C 949 -36.86 -43.03 -144.72
CA HIS C 949 -37.82 -43.86 -145.43
C HIS C 949 -37.54 -43.84 -146.93
N VAL C 950 -37.63 -45.01 -147.55
CA VAL C 950 -37.39 -45.18 -148.97
C VAL C 950 -38.69 -45.69 -149.60
N GLY C 951 -39.22 -44.93 -150.55
CA GLY C 951 -40.45 -45.30 -151.23
C GLY C 951 -40.42 -44.84 -152.66
N ILE C 952 -41.56 -44.41 -153.18
CA ILE C 952 -41.69 -43.92 -154.54
C ILE C 952 -42.25 -42.50 -154.50
N ALA C 953 -41.58 -41.58 -155.19
CA ALA C 953 -42.01 -40.19 -155.22
C ALA C 953 -41.56 -39.51 -156.51
N TYR C 970 -23.01 -41.33 -178.91
CA TYR C 970 -22.76 -41.46 -177.47
C TYR C 970 -21.47 -42.23 -177.20
N GLN C 971 -21.45 -42.96 -176.08
CA GLN C 971 -20.26 -43.70 -175.69
C GLN C 971 -20.05 -44.91 -176.62
N LEU C 972 -18.81 -45.36 -176.68
CA LEU C 972 -18.48 -46.54 -177.48
C LEU C 972 -19.05 -47.79 -176.80
N THR C 973 -19.92 -48.49 -177.49
CA THR C 973 -20.64 -49.65 -176.93
C THR C 973 -20.40 -50.86 -177.82
N SER C 974 -19.52 -51.76 -177.36
CA SER C 974 -19.37 -53.04 -178.03
C SER C 974 -20.65 -53.88 -177.92
N GLY C 975 -21.31 -53.83 -176.76
CA GLY C 975 -22.57 -54.51 -176.58
C GLY C 975 -23.75 -53.56 -176.73
N TYR C 976 -24.49 -53.33 -175.65
CA TYR C 976 -25.61 -52.41 -175.67
C TYR C 976 -25.18 -51.07 -175.08
N LYS C 977 -26.11 -50.12 -175.07
CA LYS C 977 -25.80 -48.76 -174.61
C LYS C 977 -26.40 -48.54 -173.22
N PRO C 978 -25.58 -48.44 -172.18
CA PRO C 978 -26.12 -48.09 -170.86
C PRO C 978 -26.55 -46.64 -170.83
N ALA C 979 -27.64 -46.38 -170.09
CA ALA C 979 -28.22 -45.04 -169.99
C ALA C 979 -28.40 -44.69 -168.52
N PRO C 980 -27.37 -44.17 -167.87
CA PRO C 980 -27.47 -43.81 -166.46
C PRO C 980 -28.21 -42.49 -166.26
N MET C 981 -28.64 -42.27 -165.02
CA MET C 981 -29.26 -41.02 -164.63
C MET C 981 -28.19 -39.96 -164.37
N ASP C 982 -28.59 -38.85 -163.76
CA ASP C 982 -27.67 -37.77 -163.44
C ASP C 982 -27.11 -37.97 -162.03
N LEU C 983 -26.21 -38.94 -161.93
CA LEU C 983 -25.57 -39.23 -160.64
C LEU C 983 -24.71 -38.06 -160.18
N SER C 984 -23.82 -37.58 -161.04
CA SER C 984 -22.93 -36.50 -160.66
C SER C 984 -23.62 -35.13 -160.65
N PHE C 985 -24.62 -34.95 -161.53
CA PHE C 985 -25.27 -33.64 -161.65
C PHE C 985 -26.02 -33.27 -160.37
N ILE C 986 -26.71 -34.24 -159.75
CA ILE C 986 -27.46 -33.96 -158.55
C ILE C 986 -26.51 -33.68 -157.39
N LYS C 987 -26.90 -32.74 -156.53
CA LYS C 987 -26.09 -32.35 -155.38
C LYS C 987 -26.64 -33.03 -154.14
N LEU C 988 -25.76 -33.65 -153.36
CA LEU C 988 -26.12 -34.37 -152.15
C LEU C 988 -25.48 -33.70 -150.95
N THR C 989 -26.28 -33.47 -149.91
CA THR C 989 -25.83 -32.74 -148.74
C THR C 989 -24.82 -33.57 -147.95
N PRO C 990 -23.94 -32.90 -147.18
CA PRO C 990 -22.97 -33.66 -146.38
C PRO C 990 -23.58 -34.63 -145.38
N SER C 991 -24.77 -34.33 -144.84
CA SER C 991 -25.44 -35.31 -143.99
C SER C 991 -25.80 -36.56 -144.77
N GLN C 992 -26.28 -36.39 -146.00
CA GLN C 992 -26.55 -37.52 -146.88
C GLN C 992 -25.26 -38.27 -147.19
N GLU C 993 -24.16 -37.54 -147.37
CA GLU C 993 -22.87 -38.18 -147.60
C GLU C 993 -22.46 -39.04 -146.40
N ALA C 994 -22.65 -38.51 -145.19
CA ALA C 994 -22.30 -39.27 -143.99
C ALA C 994 -23.19 -40.50 -143.83
N MET C 995 -24.47 -40.37 -144.17
CA MET C 995 -25.37 -41.52 -144.07
C MET C 995 -25.00 -42.60 -145.08
N VAL C 996 -24.64 -42.20 -146.30
CA VAL C 996 -24.15 -43.16 -147.29
C VAL C 996 -22.83 -43.77 -146.83
N ASP C 997 -21.99 -42.99 -146.15
CA ASP C 997 -20.76 -43.54 -145.59
C ASP C 997 -21.07 -44.60 -144.54
N LYS C 998 -22.07 -44.36 -143.70
CA LYS C 998 -22.48 -45.37 -142.72
C LYS C 998 -22.99 -46.63 -143.43
N LEU C 999 -23.72 -46.46 -144.52
CA LEU C 999 -24.16 -47.60 -145.32
C LEU C 999 -22.95 -48.38 -145.86
N ALA C 1000 -21.94 -47.67 -146.36
CA ALA C 1000 -20.73 -48.33 -146.85
C ALA C 1000 -20.02 -49.07 -145.72
N GLU C 1001 -19.99 -48.47 -144.53
CA GLU C 1001 -19.41 -49.15 -143.37
C GLU C 1001 -20.16 -50.43 -143.06
N ASN C 1002 -21.49 -50.39 -143.12
CA ASN C 1002 -22.28 -51.60 -142.88
C ASN C 1002 -21.99 -52.67 -143.93
N ALA C 1003 -21.87 -52.26 -145.20
CA ALA C 1003 -21.54 -53.21 -146.25
C ALA C 1003 -20.17 -53.85 -146.04
N HIS C 1004 -19.17 -53.04 -145.68
CA HIS C 1004 -17.86 -53.60 -145.42
C HIS C 1004 -17.86 -54.45 -144.16
N ASN C 1005 -18.73 -54.14 -143.19
CA ASN C 1005 -18.83 -54.94 -141.98
C ASN C 1005 -19.39 -56.32 -142.27
N VAL C 1006 -20.45 -56.40 -143.07
CA VAL C 1006 -20.96 -57.71 -143.44
C VAL C 1006 -19.95 -58.46 -144.31
N TRP C 1007 -19.22 -57.73 -145.18
CA TRP C 1007 -18.14 -58.34 -145.94
C TRP C 1007 -17.12 -58.98 -145.01
N ALA C 1008 -16.67 -58.23 -144.00
CA ALA C 1008 -15.68 -58.75 -143.06
C ALA C 1008 -16.23 -59.92 -142.27
N ARG C 1009 -17.51 -59.85 -141.88
CA ARG C 1009 -18.12 -60.96 -141.15
C ARG C 1009 -18.12 -62.24 -141.99
N ASP C 1010 -18.39 -62.12 -143.29
CA ASP C 1010 -18.29 -63.28 -144.16
C ASP C 1010 -16.83 -63.72 -144.34
N ARG C 1011 -15.90 -62.78 -144.39
CA ARG C 1011 -14.51 -63.10 -144.72
C ARG C 1011 -13.79 -63.77 -143.56
N ILE C 1012 -14.07 -63.37 -142.32
CA ILE C 1012 -13.33 -63.87 -141.17
C ILE C 1012 -13.50 -65.36 -140.98
N ARG C 1013 -14.56 -65.94 -141.53
CA ARG C 1013 -14.73 -67.39 -141.47
C ARG C 1013 -13.61 -68.10 -142.21
N GLN C 1014 -13.23 -67.59 -143.37
CA GLN C 1014 -12.13 -68.17 -144.16
C GLN C 1014 -10.78 -67.84 -143.54
N ARG C 1027 -7.77 -64.55 -143.80
CA ARG C 1027 -6.43 -65.05 -143.53
C ARG C 1027 -5.54 -63.96 -142.97
N ARG C 1028 -6.00 -63.34 -141.87
CA ARG C 1028 -5.29 -62.24 -141.22
C ARG C 1028 -5.03 -61.10 -142.20
N ASN C 1029 -6.01 -60.84 -143.06
CA ASN C 1029 -5.92 -59.76 -144.03
C ASN C 1029 -6.26 -58.43 -143.38
N PRO C 1030 -5.75 -57.32 -143.91
CA PRO C 1030 -6.09 -56.01 -143.33
C PRO C 1030 -7.58 -55.73 -143.32
N ARG C 1031 -8.32 -56.23 -144.31
CA ARG C 1031 -9.77 -56.05 -144.32
C ARG C 1031 -10.44 -56.67 -143.11
N LEU C 1032 -9.77 -57.60 -142.44
CA LEU C 1032 -10.31 -58.19 -141.22
C LEU C 1032 -10.44 -57.16 -140.09
N VAL C 1033 -9.72 -56.05 -140.16
CA VAL C 1033 -9.80 -55.01 -139.13
C VAL C 1033 -11.15 -54.32 -139.29
N PRO C 1034 -11.76 -53.82 -138.21
CA PRO C 1034 -13.01 -53.07 -138.34
C PRO C 1034 -12.84 -51.82 -139.21
N TYR C 1035 -13.98 -51.25 -139.59
CA TYR C 1035 -13.96 -50.09 -140.49
C TYR C 1035 -13.30 -48.89 -139.86
N THR C 1036 -13.34 -48.79 -138.52
CA THR C 1036 -12.73 -47.64 -137.84
C THR C 1036 -11.24 -47.57 -138.09
N LEU C 1037 -10.56 -48.72 -138.05
CA LEU C 1037 -9.12 -48.79 -138.28
C LEU C 1037 -8.79 -49.25 -139.70
N LEU C 1038 -9.78 -49.34 -140.58
CA LEU C 1038 -9.55 -49.79 -141.95
C LEU C 1038 -8.76 -48.75 -142.72
N ASP C 1039 -7.98 -49.22 -143.70
CA ASP C 1039 -7.14 -48.34 -144.50
C ASP C 1039 -8.00 -47.35 -145.28
N ASP C 1040 -7.57 -46.08 -145.27
CA ASP C 1040 -8.38 -45.01 -145.83
C ASP C 1040 -8.63 -45.19 -147.31
N ARG C 1041 -7.68 -45.79 -148.04
CA ARG C 1041 -7.87 -46.02 -149.47
C ARG C 1041 -9.07 -46.95 -149.71
N THR C 1042 -9.09 -48.10 -149.03
CA THR C 1042 -10.21 -49.01 -149.15
C THR C 1042 -11.50 -48.39 -148.64
N LYS C 1043 -11.42 -47.64 -147.53
CA LYS C 1043 -12.60 -46.99 -146.99
C LYS C 1043 -13.22 -46.03 -147.99
N LYS C 1044 -12.40 -45.17 -148.62
CA LYS C 1044 -12.92 -44.21 -149.58
C LYS C 1044 -13.45 -44.90 -150.84
N SER C 1045 -12.77 -45.95 -151.30
CA SER C 1045 -13.26 -46.68 -152.46
C SER C 1045 -14.62 -47.29 -152.19
N ASN C 1046 -14.77 -47.95 -151.03
CA ASN C 1046 -16.06 -48.52 -150.66
C ASN C 1046 -17.12 -47.43 -150.51
N LYS C 1047 -16.73 -46.28 -149.93
CA LYS C 1047 -17.66 -45.19 -149.72
C LYS C 1047 -18.22 -44.70 -151.05
N ASP C 1048 -17.35 -44.44 -152.03
CA ASP C 1048 -17.84 -43.94 -153.31
C ASP C 1048 -18.62 -45.01 -154.07
N SER C 1049 -18.16 -46.26 -154.02
CA SER C 1049 -18.86 -47.33 -154.73
C SER C 1049 -20.27 -47.51 -154.19
N LEU C 1050 -20.43 -47.45 -152.87
CA LEU C 1050 -21.77 -47.59 -152.29
C LEU C 1050 -22.59 -46.31 -152.43
N ARG C 1051 -21.92 -45.14 -152.49
CA ARG C 1051 -22.62 -43.88 -152.64
C ARG C 1051 -23.11 -43.64 -154.06
N GLU C 1052 -22.56 -44.36 -155.04
CA GLU C 1052 -23.09 -44.25 -156.40
C GLU C 1052 -24.57 -44.62 -156.46
N ALA C 1053 -24.95 -45.72 -155.79
CA ALA C 1053 -26.36 -46.13 -155.77
C ALA C 1053 -27.21 -45.11 -155.02
N VAL C 1054 -26.67 -44.51 -153.96
CA VAL C 1054 -27.40 -43.48 -153.23
C VAL C 1054 -27.64 -42.26 -154.13
N ARG C 1055 -26.64 -41.91 -154.94
CA ARG C 1055 -26.81 -40.81 -155.89
C ARG C 1055 -27.86 -41.17 -156.95
N THR C 1056 -27.88 -42.42 -157.39
CA THR C 1056 -28.93 -42.84 -158.32
C THR C 1056 -30.31 -42.70 -157.69
N LEU C 1057 -30.44 -43.09 -156.42
CA LEU C 1057 -31.72 -42.91 -155.72
C LEU C 1057 -32.10 -41.44 -155.62
N LEU C 1058 -31.13 -40.58 -155.30
CA LEU C 1058 -31.42 -39.15 -155.16
C LEU C 1058 -31.83 -38.54 -156.49
N GLY C 1059 -31.19 -38.94 -157.58
CA GLY C 1059 -31.52 -38.37 -158.88
C GLY C 1059 -32.92 -38.72 -159.33
N TYR C 1060 -33.36 -39.96 -159.07
CA TYR C 1060 -34.70 -40.37 -159.46
C TYR C 1060 -35.78 -39.61 -158.69
N GLY C 1061 -35.48 -39.18 -157.47
CA GLY C 1061 -36.41 -38.42 -156.67
C GLY C 1061 -37.31 -39.24 -155.77
N TYR C 1062 -37.22 -40.57 -155.82
CA TYR C 1062 -38.03 -41.42 -154.95
C TYR C 1062 -37.63 -41.25 -153.48
N ARG C 1084 -11.91 -43.37 -113.04
CA ARG C 1084 -10.97 -43.47 -111.92
C ARG C 1084 -10.01 -42.28 -112.04
N PHE C 1085 -10.48 -41.11 -111.63
CA PHE C 1085 -9.64 -39.92 -111.69
C PHE C 1085 -8.49 -40.05 -110.69
N ARG C 1086 -7.31 -39.61 -111.10
CA ARG C 1086 -6.10 -39.81 -110.32
C ARG C 1086 -5.68 -38.51 -109.66
N ILE C 1087 -5.44 -38.56 -108.35
CA ILE C 1087 -5.06 -37.40 -107.56
C ILE C 1087 -3.60 -37.56 -107.15
N PHE C 1088 -2.77 -36.60 -107.54
CA PHE C 1088 -1.38 -36.52 -107.14
C PHE C 1088 -1.22 -35.39 -106.14
N ARG C 1089 -0.23 -35.50 -105.26
CA ARG C 1089 0.02 -34.44 -104.30
C ARG C 1089 1.46 -34.57 -103.79
N ALA C 1090 1.93 -33.49 -103.18
CA ALA C 1090 3.21 -33.55 -102.50
C ALA C 1090 3.05 -34.29 -101.17
N GLU C 1091 4.18 -34.73 -100.62
CA GLU C 1091 4.15 -35.48 -99.37
C GLU C 1091 3.66 -34.61 -98.23
N LYS C 1092 2.95 -35.23 -97.29
CA LYS C 1092 2.35 -34.48 -96.18
C LYS C 1092 3.40 -33.90 -95.24
N THR C 1093 4.62 -34.43 -95.26
CA THR C 1093 5.66 -33.85 -94.41
C THR C 1093 6.07 -32.46 -94.87
N TYR C 1094 5.94 -32.19 -96.17
CA TYR C 1094 6.27 -30.89 -96.73
C TYR C 1094 5.13 -29.89 -96.61
N ALA C 1095 4.12 -30.19 -95.79
CA ALA C 1095 3.01 -29.26 -95.60
C ALA C 1095 3.50 -27.98 -94.94
N VAL C 1096 2.98 -26.84 -95.40
CA VAL C 1096 3.41 -25.53 -94.92
C VAL C 1096 2.24 -24.89 -94.19
N LYS C 1097 2.50 -24.39 -92.98
CA LYS C 1097 1.48 -23.75 -92.16
C LYS C 1097 1.50 -22.23 -92.27
N ALA C 1098 2.52 -21.65 -92.90
CA ALA C 1098 2.63 -20.21 -93.01
C ALA C 1098 3.54 -19.86 -94.17
N GLY C 1099 3.44 -18.63 -94.64
CA GLY C 1099 4.32 -18.10 -95.65
C GLY C 1099 3.61 -17.91 -96.99
N ARG C 1100 4.42 -17.56 -97.99
CA ARG C 1100 3.96 -17.33 -99.35
C ARG C 1100 4.53 -18.42 -100.26
N TRP C 1101 3.67 -19.06 -101.04
CA TRP C 1101 4.05 -20.24 -101.80
C TRP C 1101 3.40 -20.22 -103.17
N TYR C 1102 4.04 -20.93 -104.10
CA TYR C 1102 3.63 -20.97 -105.49
C TYR C 1102 4.10 -22.27 -106.11
N PHE C 1103 3.29 -22.79 -107.04
CA PHE C 1103 3.72 -23.87 -107.91
C PHE C 1103 2.92 -23.79 -109.21
N GLU C 1104 3.46 -24.41 -110.25
CA GLU C 1104 2.87 -24.43 -111.58
C GLU C 1104 2.28 -25.80 -111.89
N PHE C 1105 1.15 -25.78 -112.58
CA PHE C 1105 0.53 -26.98 -113.12
C PHE C 1105 0.37 -26.81 -114.63
N GLU C 1106 0.89 -27.78 -115.38
CA GLU C 1106 0.78 -27.82 -116.83
C GLU C 1106 -0.51 -28.52 -117.23
N ALA C 1107 -1.02 -28.18 -118.41
CA ALA C 1107 -2.16 -28.86 -119.01
C ALA C 1107 -1.80 -29.18 -120.46
N VAL C 1108 -1.15 -30.33 -120.67
CA VAL C 1108 -0.80 -30.73 -122.03
C VAL C 1108 -2.06 -30.96 -122.86
N THR C 1109 -3.05 -31.63 -122.27
CA THR C 1109 -4.36 -31.83 -122.89
C THR C 1109 -5.42 -31.21 -121.98
N ALA C 1110 -6.17 -30.26 -122.52
CA ALA C 1110 -7.20 -29.60 -121.73
C ALA C 1110 -8.34 -30.56 -121.43
N GLY C 1111 -8.84 -30.51 -120.19
CA GLY C 1111 -9.92 -31.38 -119.78
C GLY C 1111 -10.20 -31.33 -118.29
N ASP C 1112 -10.47 -32.48 -117.70
CA ASP C 1112 -10.81 -32.56 -116.27
C ASP C 1112 -9.54 -32.38 -115.46
N MET C 1113 -9.14 -31.13 -115.28
CA MET C 1113 -7.95 -30.76 -114.52
C MET C 1113 -8.36 -29.91 -113.34
N ARG C 1114 -7.94 -30.30 -112.14
CA ARG C 1114 -8.12 -29.47 -110.96
C ARG C 1114 -6.78 -29.35 -110.25
N VAL C 1115 -6.47 -28.14 -109.79
CA VAL C 1115 -5.19 -27.87 -109.14
C VAL C 1115 -5.44 -27.01 -107.91
N GLY C 1116 -4.67 -27.22 -106.85
CA GLY C 1116 -4.83 -26.40 -105.68
C GLY C 1116 -4.08 -26.94 -104.47
N TRP C 1117 -4.61 -26.62 -103.29
CA TRP C 1117 -4.00 -26.98 -102.03
C TRP C 1117 -5.01 -27.71 -101.15
N SER C 1118 -4.58 -28.83 -100.56
CA SER C 1118 -5.45 -29.61 -99.70
C SER C 1118 -4.70 -30.02 -98.45
N ARG C 1119 -5.44 -30.15 -97.34
CA ARG C 1119 -4.85 -30.60 -96.10
C ARG C 1119 -4.57 -32.10 -96.17
N PRO C 1120 -3.71 -32.61 -95.28
CA PRO C 1120 -3.36 -34.04 -95.34
C PRO C 1120 -4.55 -34.97 -95.20
N GLY C 1121 -5.67 -34.51 -94.64
CA GLY C 1121 -6.83 -35.35 -94.44
C GLY C 1121 -7.63 -35.66 -95.68
N CYS C 1122 -7.25 -35.14 -96.84
CA CYS C 1122 -7.99 -35.39 -98.07
C CYS C 1122 -7.96 -36.87 -98.43
N GLN C 1123 -9.08 -37.35 -98.97
CA GLN C 1123 -9.22 -38.75 -99.31
C GLN C 1123 -9.13 -38.96 -100.82
N PRO C 1124 -8.41 -39.99 -101.27
CA PRO C 1124 -8.26 -40.20 -102.72
C PRO C 1124 -9.57 -40.43 -103.45
N ASP C 1125 -10.53 -41.12 -102.84
CA ASP C 1125 -11.76 -41.46 -103.54
C ASP C 1125 -12.59 -40.22 -103.84
N LEU C 1126 -12.68 -39.30 -102.89
CA LEU C 1126 -13.45 -38.08 -103.11
C LEU C 1126 -12.79 -37.19 -104.14
N GLU C 1127 -13.61 -36.51 -104.94
CA GLU C 1127 -13.08 -35.59 -105.95
C GLU C 1127 -12.40 -34.40 -105.28
N LEU C 1128 -11.34 -33.93 -105.92
CA LEU C 1128 -10.58 -32.82 -105.38
C LEU C 1128 -11.43 -31.55 -105.35
N GLY C 1129 -11.48 -30.91 -104.18
CA GLY C 1129 -12.29 -29.73 -104.00
C GLY C 1129 -13.75 -29.97 -103.71
N SER C 1130 -14.19 -31.23 -103.69
CA SER C 1130 -15.57 -31.55 -103.39
C SER C 1130 -15.84 -31.68 -101.90
N ASP C 1131 -14.83 -31.50 -101.07
CA ASP C 1131 -14.96 -31.57 -99.62
C ASP C 1131 -14.23 -30.39 -99.00
N ASP C 1132 -14.53 -30.12 -97.74
CA ASP C 1132 -13.92 -28.99 -97.04
C ASP C 1132 -12.42 -29.17 -96.83
N ARG C 1133 -11.89 -30.37 -97.03
CA ARG C 1133 -10.47 -30.62 -96.84
C ARG C 1133 -9.62 -30.23 -98.04
N ALA C 1134 -10.23 -29.82 -99.15
CA ALA C 1134 -9.50 -29.51 -100.36
C ALA C 1134 -9.98 -28.20 -100.95
N PHE C 1135 -9.02 -27.38 -101.41
CA PHE C 1135 -9.29 -26.15 -102.14
C PHE C 1135 -8.70 -26.31 -103.53
N ALA C 1136 -9.56 -26.49 -104.53
CA ALA C 1136 -9.11 -26.74 -105.89
C ALA C 1136 -9.72 -25.74 -106.84
N PHE C 1137 -9.17 -25.71 -108.06
CA PHE C 1137 -9.70 -24.89 -109.15
C PHE C 1137 -9.61 -25.68 -110.43
N ASP C 1138 -10.68 -25.63 -111.22
CA ASP C 1138 -10.75 -26.28 -112.53
C ASP C 1138 -10.82 -25.17 -113.57
N GLY C 1139 -9.76 -25.05 -114.38
CA GLY C 1139 -9.72 -24.02 -115.40
C GLY C 1139 -10.60 -24.32 -116.59
N PHE C 1140 -10.74 -25.60 -116.95
CA PHE C 1140 -11.55 -25.95 -118.12
C PHE C 1140 -13.01 -25.55 -117.90
N LYS C 1141 -13.54 -25.80 -116.71
CA LYS C 1141 -14.85 -25.29 -116.34
C LYS C 1141 -14.81 -23.92 -115.70
N ALA C 1142 -13.61 -23.40 -115.42
CA ALA C 1142 -13.41 -22.06 -114.88
C ALA C 1142 -14.21 -21.85 -113.59
N GLN C 1143 -13.88 -22.67 -112.59
CA GLN C 1143 -14.61 -22.59 -111.33
C GLN C 1143 -13.79 -23.18 -110.19
N ARG C 1144 -13.99 -22.61 -109.00
CA ARG C 1144 -13.34 -23.08 -107.79
C ARG C 1144 -14.17 -24.17 -107.12
N TRP C 1145 -13.51 -24.96 -106.29
CA TRP C 1145 -14.14 -26.08 -105.59
C TRP C 1145 -13.62 -26.13 -104.17
N HIS C 1146 -14.51 -25.86 -103.21
CA HIS C 1146 -14.24 -26.16 -101.80
C HIS C 1146 -15.60 -26.30 -101.11
N GLN C 1147 -16.00 -27.56 -100.87
CA GLN C 1147 -17.30 -27.91 -100.32
C GLN C 1147 -18.46 -27.48 -101.22
N GLY C 1148 -18.15 -26.98 -102.41
CA GLY C 1148 -19.16 -26.53 -103.34
C GLY C 1148 -18.50 -26.06 -104.61
N ASN C 1149 -19.33 -25.76 -105.60
CA ASN C 1149 -18.86 -25.31 -106.92
C ASN C 1149 -19.31 -23.87 -107.16
N GLU C 1150 -18.35 -23.01 -107.50
CA GLU C 1150 -18.62 -21.62 -107.80
C GLU C 1150 -17.71 -21.15 -108.91
N HIS C 1151 -18.27 -20.39 -109.85
CA HIS C 1151 -17.53 -19.94 -111.02
C HIS C 1151 -16.35 -19.05 -110.63
N TYR C 1152 -15.25 -19.17 -111.36
CA TYR C 1152 -14.04 -18.41 -111.04
C TYR C 1152 -13.20 -18.31 -112.31
N GLY C 1153 -13.03 -17.09 -112.81
CA GLY C 1153 -12.10 -16.85 -113.90
C GLY C 1153 -12.58 -17.38 -115.25
N ARG C 1154 -11.63 -17.42 -116.18
CA ARG C 1154 -11.88 -17.86 -117.55
C ARG C 1154 -11.34 -19.27 -117.76
N SER C 1155 -11.47 -19.76 -118.99
CA SER C 1155 -11.01 -21.08 -119.34
C SER C 1155 -9.60 -21.04 -119.91
N TRP C 1156 -8.94 -22.20 -119.88
CA TRP C 1156 -7.57 -22.34 -120.37
C TRP C 1156 -7.53 -23.23 -121.61
N GLN C 1157 -6.35 -23.31 -122.21
CA GLN C 1157 -6.12 -24.17 -123.36
C GLN C 1157 -4.93 -25.07 -123.11
N ALA C 1158 -4.51 -25.83 -124.13
CA ALA C 1158 -3.37 -26.71 -123.99
C ALA C 1158 -2.10 -25.90 -123.75
N GLY C 1159 -1.29 -26.34 -122.79
CA GLY C 1159 -0.05 -25.66 -122.46
C GLY C 1159 -0.20 -24.43 -121.59
N ASP C 1160 -1.42 -24.13 -121.13
CA ASP C 1160 -1.65 -22.96 -120.29
C ASP C 1160 -1.27 -23.30 -118.86
N VAL C 1161 -0.09 -22.85 -118.42
CA VAL C 1161 0.35 -23.11 -117.07
C VAL C 1161 -0.50 -22.30 -116.08
N VAL C 1162 -0.87 -22.93 -114.98
CA VAL C 1162 -1.62 -22.26 -113.92
C VAL C 1162 -0.76 -22.27 -112.67
N GLY C 1163 -0.51 -21.09 -112.10
CA GLY C 1163 0.29 -20.94 -110.90
C GLY C 1163 -0.60 -20.67 -109.71
N CYS C 1164 -0.15 -21.09 -108.53
CA CYS C 1164 -0.96 -21.03 -107.32
C CYS C 1164 -0.33 -20.12 -106.28
N MET C 1165 -0.75 -18.84 -106.25
CA MET C 1165 -0.39 -17.96 -105.15
C MET C 1165 -1.11 -18.40 -103.88
N VAL C 1166 -0.35 -18.60 -102.80
CA VAL C 1166 -0.94 -18.87 -101.50
C VAL C 1166 -0.18 -18.09 -100.43
N ASP C 1167 -0.87 -17.20 -99.73
CA ASP C 1167 -0.33 -16.46 -98.61
C ASP C 1167 -1.08 -16.92 -97.37
N MET C 1168 -0.44 -17.79 -96.59
CA MET C 1168 -1.11 -18.36 -95.42
C MET C 1168 -1.26 -17.35 -94.29
N ASN C 1169 -0.29 -16.44 -94.14
CA ASN C 1169 -0.40 -15.41 -93.11
C ASN C 1169 -1.59 -14.50 -93.38
N GLU C 1170 -1.81 -14.13 -94.64
CA GLU C 1170 -2.96 -13.32 -95.00
C GLU C 1170 -4.21 -14.16 -95.25
N HIS C 1171 -4.10 -15.49 -95.19
CA HIS C 1171 -5.21 -16.39 -95.47
C HIS C 1171 -5.83 -16.11 -96.83
N THR C 1172 -4.98 -15.86 -97.81
CA THR C 1172 -5.41 -15.62 -99.18
C THR C 1172 -4.83 -16.71 -100.08
N MET C 1173 -5.58 -17.08 -101.11
CA MET C 1173 -5.14 -18.12 -102.03
C MET C 1173 -5.88 -17.97 -103.34
N MET C 1174 -5.13 -17.85 -104.43
CA MET C 1174 -5.75 -17.72 -105.75
C MET C 1174 -4.76 -18.15 -106.83
N PHE C 1175 -5.21 -18.04 -108.08
CA PHE C 1175 -4.57 -18.69 -109.21
C PHE C 1175 -4.27 -17.67 -110.29
N THR C 1176 -3.18 -17.91 -111.01
CA THR C 1176 -2.80 -17.12 -112.16
C THR C 1176 -2.77 -18.03 -113.38
N LEU C 1177 -3.65 -17.75 -114.35
CA LEU C 1177 -3.75 -18.57 -115.55
C LEU C 1177 -2.86 -17.96 -116.63
N ASN C 1178 -1.85 -18.70 -117.05
CA ASN C 1178 -0.91 -18.27 -118.09
C ASN C 1178 -0.24 -16.94 -117.72
N GLY C 1179 -0.01 -16.73 -116.43
CA GLY C 1179 0.68 -15.54 -115.96
C GLY C 1179 -0.19 -14.35 -115.62
N GLU C 1180 -1.49 -14.42 -115.91
CA GLU C 1180 -2.40 -13.31 -115.60
C GLU C 1180 -3.41 -13.76 -114.55
N ILE C 1181 -3.74 -12.83 -113.65
CA ILE C 1181 -4.66 -13.11 -112.55
C ILE C 1181 -6.09 -13.15 -113.08
N LEU C 1182 -6.84 -14.17 -112.68
CA LEU C 1182 -8.24 -14.27 -113.05
C LEU C 1182 -9.07 -13.22 -112.32
N LEU C 1183 -10.23 -12.90 -112.90
CA LEU C 1183 -11.10 -11.85 -112.39
C LEU C 1183 -12.21 -12.40 -111.48
N ASP C 1184 -12.18 -13.69 -111.19
CA ASP C 1184 -13.17 -14.34 -110.31
C ASP C 1184 -14.54 -14.14 -110.92
N ASP C 1185 -15.49 -13.52 -110.23
CA ASP C 1185 -16.86 -13.38 -110.73
C ASP C 1185 -17.19 -11.94 -111.10
N SER C 1186 -17.07 -11.00 -110.16
CA SER C 1186 -17.41 -9.61 -110.40
C SER C 1186 -16.21 -8.68 -110.33
N GLY C 1187 -15.53 -8.63 -109.19
CA GLY C 1187 -14.38 -7.76 -109.07
C GLY C 1187 -13.28 -8.31 -108.18
N SER C 1188 -13.43 -9.56 -107.75
CA SER C 1188 -12.45 -10.18 -106.86
C SER C 1188 -11.35 -10.84 -107.68
N GLU C 1189 -10.27 -11.21 -106.97
CA GLU C 1189 -9.18 -11.96 -107.58
C GLU C 1189 -8.83 -13.22 -106.82
N LEU C 1190 -9.31 -13.39 -105.59
CA LEU C 1190 -8.93 -14.52 -104.74
C LEU C 1190 -10.03 -15.58 -104.76
N ALA C 1191 -9.62 -16.83 -104.98
CA ALA C 1191 -10.60 -17.92 -105.06
C ALA C 1191 -11.16 -18.27 -103.69
N PHE C 1192 -10.31 -18.36 -102.68
CA PHE C 1192 -10.73 -18.72 -101.33
C PHE C 1192 -10.07 -17.80 -100.32
N LYS C 1193 -10.70 -17.68 -99.16
CA LYS C 1193 -10.18 -16.84 -98.09
C LYS C 1193 -10.70 -17.38 -96.76
N ASP C 1194 -10.50 -16.60 -95.70
CA ASP C 1194 -10.99 -16.81 -94.33
C ASP C 1194 -11.09 -18.29 -93.95
N PHE C 1195 -9.99 -19.02 -94.09
CA PHE C 1195 -9.94 -20.44 -93.80
C PHE C 1195 -8.95 -20.70 -92.67
N ASP C 1196 -9.34 -21.59 -91.75
CA ASP C 1196 -8.45 -21.96 -90.67
C ASP C 1196 -7.23 -22.69 -91.21
N VAL C 1197 -6.06 -22.37 -90.66
CA VAL C 1197 -4.82 -22.99 -91.13
C VAL C 1197 -4.85 -24.49 -90.87
N GLY C 1198 -5.15 -24.88 -89.63
CA GLY C 1198 -5.19 -26.30 -89.29
C GLY C 1198 -3.87 -26.95 -89.61
N ASP C 1199 -3.94 -28.09 -90.30
CA ASP C 1199 -2.75 -28.73 -90.83
C ASP C 1199 -2.27 -27.99 -92.07
N GLY C 1200 -0.96 -28.07 -92.31
CA GLY C 1200 -0.39 -27.37 -93.44
C GLY C 1200 -0.98 -27.84 -94.75
N PHE C 1201 -1.21 -26.90 -95.67
CA PHE C 1201 -1.76 -27.24 -96.97
C PHE C 1201 -0.67 -27.78 -97.89
N ILE C 1202 -1.05 -28.68 -98.77
CA ILE C 1202 -0.10 -29.39 -99.61
C ILE C 1202 -0.50 -29.20 -101.07
N PRO C 1203 0.45 -28.99 -101.99
CA PRO C 1203 0.10 -28.95 -103.41
C PRO C 1203 -0.54 -30.26 -103.85
N VAL C 1204 -1.59 -30.14 -104.66
CA VAL C 1204 -2.39 -31.28 -105.07
C VAL C 1204 -3.02 -30.98 -106.42
N CYS C 1205 -3.18 -32.01 -107.23
CA CYS C 1205 -3.81 -31.88 -108.54
C CYS C 1205 -4.51 -33.18 -108.90
N SER C 1206 -5.75 -33.05 -109.38
CA SER C 1206 -6.57 -34.18 -109.79
C SER C 1206 -6.77 -34.15 -111.29
N LEU C 1207 -6.48 -35.27 -111.96
CA LEU C 1207 -6.59 -35.37 -113.40
C LEU C 1207 -7.56 -36.48 -113.77
N GLY C 1208 -8.43 -36.17 -114.75
CA GLY C 1208 -9.44 -37.10 -115.20
C GLY C 1208 -8.99 -37.94 -116.38
N VAL C 1209 -9.98 -38.49 -117.09
CA VAL C 1209 -9.71 -39.45 -118.15
C VAL C 1209 -9.03 -38.76 -119.32
N ALA C 1210 -7.97 -39.39 -119.83
CA ALA C 1210 -7.23 -38.89 -121.00
C ALA C 1210 -6.72 -37.47 -120.76
N GLN C 1211 -6.04 -37.28 -119.64
CA GLN C 1211 -5.54 -35.98 -119.24
C GLN C 1211 -4.05 -36.09 -118.90
N VAL C 1212 -3.28 -35.09 -119.32
CA VAL C 1212 -1.85 -35.05 -119.07
C VAL C 1212 -1.49 -33.70 -118.46
N GLY C 1213 -0.79 -33.73 -117.33
CA GLY C 1213 -0.33 -32.53 -116.68
C GLY C 1213 1.01 -32.74 -116.04
N ARG C 1214 1.69 -31.64 -115.75
CA ARG C 1214 3.01 -31.67 -115.12
C ARG C 1214 3.00 -30.77 -113.90
N MET C 1215 3.82 -31.13 -112.92
CA MET C 1215 3.94 -30.39 -111.67
C MET C 1215 5.29 -29.68 -111.64
N ASN C 1216 5.28 -28.41 -111.24
CA ASN C 1216 6.51 -27.62 -111.12
C ASN C 1216 6.47 -26.94 -109.75
N PHE C 1217 7.07 -27.58 -108.76
CA PHE C 1217 7.07 -27.01 -107.41
C PHE C 1217 7.98 -25.79 -107.32
N GLY C 1218 8.99 -25.71 -108.18
CA GLY C 1218 9.87 -24.57 -108.19
C GLY C 1218 11.22 -24.83 -107.55
N LYS C 1219 11.77 -26.02 -107.78
CA LYS C 1219 13.10 -26.32 -107.27
C LYS C 1219 14.14 -25.40 -107.90
N ASP C 1220 14.04 -25.17 -109.21
CA ASP C 1220 14.88 -24.23 -109.93
C ASP C 1220 14.01 -23.12 -110.49
N VAL C 1221 14.42 -21.88 -110.24
CA VAL C 1221 13.64 -20.73 -110.71
C VAL C 1221 13.65 -20.66 -112.23
N SER C 1222 14.77 -21.03 -112.85
CA SER C 1222 14.86 -21.01 -114.31
C SER C 1222 13.80 -21.89 -114.95
N THR C 1223 13.44 -23.00 -114.30
CA THR C 1223 12.36 -23.84 -114.80
C THR C 1223 11.03 -23.09 -114.78
N LEU C 1224 10.79 -22.30 -113.74
CA LEU C 1224 9.57 -21.50 -113.67
C LEU C 1224 9.57 -20.44 -114.77
N LYS C 1225 8.46 -20.36 -115.50
CA LYS C 1225 8.35 -19.46 -116.64
C LYS C 1225 7.69 -18.13 -116.27
N TYR C 1226 6.47 -18.18 -115.75
CA TYR C 1226 5.71 -16.97 -115.44
C TYR C 1226 5.87 -16.53 -113.98
N PHE C 1227 6.91 -17.02 -113.30
CA PHE C 1227 7.15 -16.57 -111.93
C PHE C 1227 7.46 -15.09 -111.86
N THR C 1228 8.29 -14.60 -112.79
CA THR C 1228 8.70 -13.20 -112.74
C THR C 1228 7.54 -12.23 -112.98
N ILE C 1229 6.41 -12.73 -113.48
CA ILE C 1229 5.28 -11.86 -113.76
C ILE C 1229 4.43 -11.64 -112.52
N CYS C 1230 4.21 -12.70 -111.73
CA CYS C 1230 3.36 -12.62 -110.54
C CYS C 1230 4.10 -12.89 -109.24
N GLY C 1231 4.77 -14.04 -109.13
CA GLY C 1231 5.37 -14.41 -107.86
C GLY C 1231 6.49 -13.47 -107.44
N LEU C 1232 7.31 -13.04 -108.40
CA LEU C 1232 8.42 -12.15 -108.08
C LEU C 1232 7.92 -10.80 -107.56
N GLN C 1233 6.88 -10.25 -108.17
CA GLN C 1233 6.41 -8.93 -107.79
C GLN C 1233 5.77 -8.93 -106.41
N GLU C 1234 4.95 -9.94 -106.11
CA GLU C 1234 4.22 -9.96 -104.85
C GLU C 1234 4.98 -10.66 -103.73
N GLY C 1235 6.21 -11.09 -103.98
CA GLY C 1235 7.02 -11.66 -102.91
C GLY C 1235 6.67 -13.07 -102.51
N TYR C 1236 6.07 -13.85 -103.42
CA TYR C 1236 5.76 -15.25 -103.15
C TYR C 1236 6.97 -16.10 -103.51
N GLU C 1237 7.45 -16.88 -102.54
CA GLU C 1237 8.61 -17.72 -102.81
C GLU C 1237 8.18 -19.08 -103.35
N PRO C 1238 9.05 -19.72 -104.15
CA PRO C 1238 8.71 -21.05 -104.68
C PRO C 1238 8.55 -22.06 -103.56
N PHE C 1239 7.70 -23.06 -103.82
CA PHE C 1239 7.40 -24.06 -102.80
C PHE C 1239 8.61 -24.89 -102.42
N ALA C 1240 9.50 -25.17 -103.38
CA ALA C 1240 10.62 -26.05 -103.14
C ALA C 1240 11.94 -25.44 -103.57
N VAL C 1241 12.07 -24.11 -103.47
CA VAL C 1241 13.33 -23.47 -103.81
C VAL C 1241 14.40 -23.78 -102.77
N ASN C 1242 14.05 -23.71 -101.48
CA ASN C 1242 14.98 -24.06 -100.41
C ASN C 1242 15.13 -25.57 -100.24
N THR C 1243 14.23 -26.36 -100.81
CA THR C 1243 14.26 -27.80 -100.65
C THR C 1243 15.49 -28.38 -101.35
N ASN C 1244 16.22 -29.24 -100.62
CA ASN C 1244 17.47 -29.77 -101.16
C ASN C 1244 17.24 -30.88 -102.18
N ARG C 1245 16.23 -31.72 -101.97
CA ARG C 1245 15.99 -32.89 -102.80
C ARG C 1245 14.56 -32.87 -103.30
N ASP C 1246 14.33 -33.62 -104.38
CA ASP C 1246 13.03 -33.59 -105.05
C ASP C 1246 11.93 -34.08 -104.11
N ILE C 1247 10.74 -33.48 -104.25
CA ILE C 1247 9.61 -33.84 -103.40
C ILE C 1247 9.07 -35.20 -103.79
N THR C 1248 8.93 -36.08 -102.81
CA THR C 1248 8.26 -37.35 -103.05
C THR C 1248 6.80 -37.11 -103.33
N MET C 1249 6.26 -37.78 -104.34
CA MET C 1249 4.87 -37.59 -104.76
C MET C 1249 4.01 -38.74 -104.26
N TRP C 1250 2.88 -38.40 -103.64
CA TRP C 1250 1.92 -39.38 -103.17
C TRP C 1250 0.65 -39.25 -103.99
N LEU C 1251 0.18 -40.36 -104.54
CA LEU C 1251 -0.95 -40.35 -105.45
C LEU C 1251 -1.96 -41.41 -105.04
N SER C 1252 -3.14 -41.33 -105.65
CA SER C 1252 -4.18 -42.33 -105.42
C SER C 1252 -3.83 -43.60 -106.17
N LYS C 1253 -3.70 -44.71 -105.44
CA LYS C 1253 -3.29 -45.97 -106.04
C LYS C 1253 -4.50 -46.73 -106.55
N ARG C 1254 -4.32 -47.44 -107.67
CA ARG C 1254 -5.44 -48.15 -108.29
C ARG C 1254 -5.82 -49.40 -107.51
N LEU C 1255 -4.84 -50.15 -107.03
CA LEU C 1255 -5.11 -51.43 -106.38
C LEU C 1255 -5.82 -51.20 -105.05
N PRO C 1256 -6.99 -51.79 -104.83
CA PRO C 1256 -7.65 -51.66 -103.53
C PRO C 1256 -7.22 -52.74 -102.55
N GLN C 1257 -6.85 -52.35 -101.34
CA GLN C 1257 -6.39 -53.29 -100.32
C GLN C 1257 -7.39 -53.37 -99.18
N PHE C 1258 -7.30 -54.45 -98.43
CA PHE C 1258 -8.19 -54.67 -97.30
C PHE C 1258 -7.71 -53.88 -96.09
N LEU C 1259 -8.60 -53.06 -95.53
CA LEU C 1259 -8.30 -52.26 -94.35
C LEU C 1259 -9.27 -52.63 -93.23
N GLN C 1260 -8.80 -52.50 -91.99
CA GLN C 1260 -9.64 -52.80 -90.85
C GLN C 1260 -10.84 -51.86 -90.82
N VAL C 1261 -11.99 -52.40 -90.45
CA VAL C 1261 -13.22 -51.61 -90.45
C VAL C 1261 -13.13 -50.53 -89.37
N PRO C 1262 -13.40 -49.27 -89.69
CA PRO C 1262 -13.44 -48.22 -88.67
C PRO C 1262 -14.85 -48.01 -88.13
N SER C 1263 -14.89 -47.55 -86.88
CA SER C 1263 -16.18 -47.35 -86.22
C SER C 1263 -16.99 -46.27 -86.90
N ASN C 1264 -16.35 -45.19 -87.35
CA ASN C 1264 -17.06 -44.06 -87.94
C ASN C 1264 -17.45 -44.30 -89.39
N HIS C 1265 -17.04 -45.40 -89.99
CA HIS C 1265 -17.35 -45.65 -91.39
C HIS C 1265 -18.85 -45.89 -91.57
N GLU C 1266 -19.42 -45.29 -92.61
CA GLU C 1266 -20.82 -45.49 -92.92
C GLU C 1266 -21.04 -46.90 -93.46
N HIS C 1267 -22.27 -47.39 -93.29
CA HIS C 1267 -22.70 -48.75 -93.68
C HIS C 1267 -21.70 -49.81 -93.24
N ILE C 1268 -20.92 -49.53 -92.20
CA ILE C 1268 -19.96 -50.48 -91.66
C ILE C 1268 -20.02 -50.43 -90.14
N GLU C 1269 -20.70 -51.40 -89.53
CA GLU C 1269 -20.76 -51.51 -88.08
C GLU C 1269 -20.61 -52.99 -87.72
N VAL C 1270 -19.47 -53.34 -87.14
CA VAL C 1270 -19.20 -54.70 -86.71
C VAL C 1270 -19.35 -54.77 -85.20
N THR C 1271 -20.29 -55.58 -84.74
CA THR C 1271 -20.57 -55.74 -83.32
C THR C 1271 -19.89 -57.01 -82.82
N ARG C 1272 -19.03 -56.85 -81.81
CA ARG C 1272 -18.30 -57.97 -81.22
C ARG C 1272 -18.99 -58.37 -79.94
N ILE C 1273 -19.67 -59.52 -79.97
CA ILE C 1273 -20.42 -60.03 -78.83
C ILE C 1273 -19.70 -61.26 -78.29
N ASP C 1274 -19.59 -61.33 -76.97
CA ASP C 1274 -18.93 -62.45 -76.29
C ASP C 1274 -17.49 -62.61 -76.75
N LYS C 1284 -22.31 -69.71 -75.90
CA LYS C 1284 -21.07 -69.26 -75.28
C LYS C 1284 -19.91 -69.32 -76.28
N VAL C 1285 -20.19 -68.91 -77.52
CA VAL C 1285 -19.20 -68.87 -78.59
C VAL C 1285 -19.18 -67.45 -79.14
N THR C 1286 -17.98 -66.93 -79.38
CA THR C 1286 -17.83 -65.57 -79.86
C THR C 1286 -18.41 -65.42 -81.26
N GLN C 1287 -19.02 -64.25 -81.51
CA GLN C 1287 -19.64 -63.96 -82.79
C GLN C 1287 -19.18 -62.59 -83.27
N LYS C 1288 -19.11 -62.42 -84.59
CA LYS C 1288 -18.84 -61.13 -85.21
C LYS C 1288 -19.95 -60.85 -86.24
N SER C 1289 -20.90 -60.01 -85.87
CA SER C 1289 -22.05 -59.68 -86.72
C SER C 1289 -21.85 -58.31 -87.34
N PHE C 1290 -22.24 -58.15 -88.60
CA PHE C 1290 -22.18 -56.84 -89.26
C PHE C 1290 -23.60 -56.31 -89.49
N GLY C 1291 -24.02 -55.43 -88.58
CA GLY C 1291 -25.28 -54.72 -88.71
C GLY C 1291 -25.16 -53.36 -89.37
N SER C 1292 -24.91 -53.34 -90.67
CA SER C 1292 -24.79 -52.07 -91.39
C SER C 1292 -26.11 -51.31 -91.37
N GLN C 1293 -26.02 -49.98 -91.40
CA GLN C 1293 -27.20 -49.13 -91.31
C GLN C 1293 -27.45 -48.29 -92.55
N ASN C 1294 -26.41 -47.69 -93.13
CA ASN C 1294 -26.62 -46.83 -94.30
C ASN C 1294 -26.96 -47.65 -95.54
N ASN C 1295 -26.19 -48.72 -95.78
CA ASN C 1295 -26.43 -49.64 -96.89
C ASN C 1295 -26.44 -48.94 -98.24
N ASN C 1296 -25.65 -47.87 -98.38
CA ASN C 1296 -25.58 -47.18 -99.67
C ASN C 1296 -24.76 -47.97 -100.68
N THR C 1297 -23.61 -48.50 -100.25
CA THR C 1297 -22.78 -49.30 -101.14
C THR C 1297 -23.44 -50.65 -101.42
N ASP C 1298 -23.19 -51.18 -102.62
CA ASP C 1298 -23.90 -52.38 -103.04
C ASP C 1298 -23.30 -53.64 -102.42
N ILE C 1299 -22.04 -53.95 -102.76
CA ILE C 1299 -21.42 -55.21 -102.36
C ILE C 1299 -20.16 -54.91 -101.57
N MET C 1300 -20.01 -55.58 -100.42
CA MET C 1300 -18.86 -55.45 -99.55
C MET C 1300 -18.13 -56.78 -99.46
N PHE C 1301 -16.81 -56.71 -99.49
CA PHE C 1301 -15.93 -57.86 -99.34
C PHE C 1301 -15.30 -57.79 -97.95
N TYR C 1302 -15.54 -58.81 -97.13
CA TYR C 1302 -15.06 -58.81 -95.75
C TYR C 1302 -14.06 -59.94 -95.57
N ARG C 1303 -12.95 -59.63 -94.89
CA ARG C 1303 -11.87 -60.59 -94.67
C ARG C 1303 -11.39 -60.48 -93.23
N LEU C 1304 -11.10 -61.63 -92.62
CA LEU C 1304 -10.54 -61.61 -91.27
C LEU C 1304 -9.10 -61.10 -91.30
N SER C 1305 -8.63 -60.65 -90.12
CA SER C 1305 -7.34 -60.00 -90.05
C SER C 1305 -6.20 -60.96 -90.36
N MET C 1306 -6.23 -62.16 -89.78
CA MET C 1306 -5.08 -63.04 -89.94
C MET C 1306 -5.50 -64.34 -90.62
N PRO C 1307 -4.59 -64.95 -91.40
CA PRO C 1307 -4.94 -66.15 -92.15
C PRO C 1307 -4.63 -67.43 -91.40
N ILE C 1308 -4.95 -68.55 -92.03
CA ILE C 1308 -4.47 -69.86 -91.60
C ILE C 1308 -3.59 -70.42 -92.72
N GLU C 1309 -2.39 -70.85 -92.37
CA GLU C 1309 -1.46 -71.37 -93.36
C GLU C 1309 -1.58 -72.89 -93.42
N CYS C 1310 -1.36 -73.43 -94.61
CA CYS C 1310 -1.36 -74.87 -94.79
C CYS C 1310 0.03 -75.44 -94.55
N ALA C 1311 0.12 -76.77 -94.51
CA ALA C 1311 1.40 -77.42 -94.28
C ALA C 1311 2.35 -77.16 -95.44
N GLU C 1312 3.63 -76.93 -95.12
CA GLU C 1312 4.62 -76.70 -96.16
C GLU C 1312 4.85 -77.95 -96.99
N VAL C 1313 4.62 -79.13 -96.42
CA VAL C 1313 4.63 -80.39 -97.14
C VAL C 1313 3.32 -81.12 -96.86
N PHE C 1314 2.55 -81.37 -97.90
CA PHE C 1314 1.25 -82.02 -97.73
C PHE C 1314 1.42 -83.51 -97.52
N SER C 1315 0.68 -84.05 -96.55
CA SER C 1315 0.73 -85.48 -96.25
C SER C 1315 -0.02 -86.28 -97.31
N ASP C 1416 -13.69 -87.85 -79.73
CA ASP C 1416 -12.41 -88.19 -79.12
C ASP C 1416 -11.49 -86.98 -79.04
N TYR C 1417 -11.24 -86.52 -77.80
CA TYR C 1417 -10.38 -85.37 -77.61
C TYR C 1417 -8.95 -85.66 -78.04
N GLU C 1418 -8.52 -86.92 -77.96
CA GLU C 1418 -7.19 -87.29 -78.43
C GLU C 1418 -7.04 -87.03 -79.92
N TYR C 1419 -7.96 -87.56 -80.73
CA TYR C 1419 -7.89 -87.32 -82.16
C TYR C 1419 -8.18 -85.85 -82.48
N LEU C 1420 -8.94 -85.17 -81.63
CA LEU C 1420 -9.12 -83.73 -81.80
C LEU C 1420 -7.80 -82.98 -81.66
N MET C 1421 -6.97 -83.39 -80.69
CA MET C 1421 -5.67 -82.74 -80.53
C MET C 1421 -4.69 -83.14 -81.63
N GLN C 1422 -4.79 -84.38 -82.12
CA GLN C 1422 -3.91 -84.77 -83.22
C GLN C 1422 -4.33 -84.14 -84.55
N THR C 1423 -5.60 -83.79 -84.70
CA THR C 1423 -6.10 -83.36 -86.01
C THR C 1423 -5.57 -81.97 -86.37
N SER C 1424 -5.58 -81.70 -87.67
CA SER C 1424 -5.16 -80.41 -88.21
C SER C 1424 -6.28 -79.65 -88.88
N THR C 1425 -7.49 -80.21 -88.91
CA THR C 1425 -8.61 -79.51 -89.53
C THR C 1425 -9.11 -78.40 -88.62
N TYR C 1426 -9.45 -77.27 -89.22
CA TYR C 1426 -9.97 -76.12 -88.50
C TYR C 1426 -11.29 -75.70 -89.12
N TYR C 1427 -12.25 -75.34 -88.27
CA TYR C 1427 -13.62 -75.07 -88.69
C TYR C 1427 -14.03 -73.67 -88.28
N TYR C 1428 -14.73 -72.98 -89.18
CA TYR C 1428 -15.46 -71.76 -88.81
C TYR C 1428 -16.78 -71.80 -89.54
N SER C 1429 -17.67 -70.86 -89.22
CA SER C 1429 -18.96 -70.84 -89.90
C SER C 1429 -19.41 -69.40 -90.10
N VAL C 1430 -20.34 -69.24 -91.03
CA VAL C 1430 -20.97 -67.95 -91.33
C VAL C 1430 -22.47 -68.14 -91.29
N ARG C 1431 -23.14 -67.34 -90.45
CA ARG C 1431 -24.59 -67.39 -90.31
C ARG C 1431 -25.18 -66.12 -90.91
N ILE C 1432 -26.12 -66.30 -91.85
CA ILE C 1432 -26.76 -65.20 -92.55
C ILE C 1432 -28.05 -64.84 -91.84
N PHE C 1433 -28.19 -63.58 -91.43
CA PHE C 1433 -29.38 -63.16 -90.72
C PHE C 1433 -30.58 -63.12 -91.66
N PRO C 1434 -31.79 -63.31 -91.14
CA PRO C 1434 -32.98 -63.19 -91.98
C PRO C 1434 -33.10 -61.80 -92.58
N GLY C 1435 -33.59 -61.75 -93.82
CA GLY C 1435 -33.67 -60.53 -94.58
C GLY C 1435 -32.55 -60.33 -95.58
N GLN C 1436 -31.46 -61.08 -95.45
CA GLN C 1436 -30.36 -61.04 -96.39
C GLN C 1436 -30.52 -62.16 -97.40
N GLU C 1437 -30.59 -61.78 -98.68
CA GLU C 1437 -30.81 -62.75 -99.74
C GLU C 1437 -29.57 -63.62 -99.94
N PRO C 1438 -29.67 -64.94 -99.80
CA PRO C 1438 -28.46 -65.78 -99.85
C PRO C 1438 -27.72 -65.75 -101.17
N ALA C 1439 -28.40 -65.47 -102.28
CA ALA C 1439 -27.77 -65.59 -103.59
C ALA C 1439 -26.67 -64.56 -103.82
N ASN C 1440 -26.59 -63.51 -103.00
CA ASN C 1440 -25.53 -62.52 -103.09
C ASN C 1440 -24.46 -62.71 -102.02
N VAL C 1441 -24.43 -63.88 -101.38
CA VAL C 1441 -23.47 -64.16 -100.32
C VAL C 1441 -22.58 -65.31 -100.78
N TRP C 1442 -21.27 -65.10 -100.72
CA TRP C 1442 -20.29 -66.13 -101.04
C TRP C 1442 -19.38 -66.31 -99.84
N VAL C 1443 -19.26 -67.55 -99.36
CA VAL C 1443 -18.54 -67.88 -98.14
C VAL C 1443 -17.40 -68.82 -98.49
N GLY C 1444 -16.20 -68.48 -98.04
CA GLY C 1444 -15.04 -69.32 -98.33
C GLY C 1444 -13.76 -68.67 -97.87
N TRP C 1445 -12.67 -69.02 -98.55
CA TRP C 1445 -11.33 -68.57 -98.20
C TRP C 1445 -10.71 -67.82 -99.37
N ILE C 1446 -9.84 -66.86 -99.05
CA ILE C 1446 -9.05 -66.16 -100.05
C ILE C 1446 -7.61 -66.09 -99.59
N THR C 1447 -6.72 -65.87 -100.54
CA THR C 1447 -5.32 -65.62 -100.25
C THR C 1447 -5.11 -64.11 -100.11
N SER C 1448 -3.86 -63.68 -100.04
CA SER C 1448 -3.56 -62.25 -99.97
C SER C 1448 -3.52 -61.58 -101.33
N ASP C 1449 -3.72 -62.35 -102.40
CA ASP C 1449 -3.62 -61.83 -103.76
C ASP C 1449 -4.96 -61.37 -104.33
N PHE C 1450 -6.03 -61.42 -103.55
CA PHE C 1450 -7.35 -61.02 -104.05
C PHE C 1450 -7.48 -59.50 -103.95
N HIS C 1451 -7.29 -58.84 -105.09
CA HIS C 1451 -7.51 -57.40 -105.19
C HIS C 1451 -8.55 -57.05 -106.24
N GLN C 1452 -9.30 -58.03 -106.72
CA GLN C 1452 -10.33 -57.79 -107.73
C GLN C 1452 -11.53 -57.08 -107.12
N TYR C 1453 -11.93 -55.97 -107.72
CA TYR C 1453 -13.09 -55.21 -107.26
C TYR C 1453 -14.04 -54.99 -108.42
N ASP C 1454 -15.32 -55.24 -108.18
CA ASP C 1454 -16.36 -55.00 -109.18
C ASP C 1454 -17.69 -54.85 -108.46
N THR C 1455 -18.63 -54.20 -109.13
CA THR C 1455 -19.98 -54.06 -108.57
C THR C 1455 -20.70 -55.40 -108.46
N GLY C 1456 -20.28 -56.39 -109.24
CA GLY C 1456 -20.84 -57.72 -109.13
C GLY C 1456 -19.74 -58.76 -109.12
N PHE C 1457 -19.98 -59.82 -108.36
CA PHE C 1457 -19.00 -60.90 -108.18
C PHE C 1457 -19.59 -62.20 -108.69
N ASP C 1458 -18.81 -62.91 -109.50
CA ASP C 1458 -19.20 -64.22 -110.01
C ASP C 1458 -18.01 -65.16 -109.85
N LEU C 1459 -18.31 -66.43 -109.56
CA LEU C 1459 -17.25 -67.43 -109.42
C LEU C 1459 -16.54 -67.70 -110.74
N ASP C 1460 -17.19 -67.44 -111.87
CA ASP C 1460 -16.55 -67.62 -113.16
C ASP C 1460 -15.52 -66.53 -113.45
N ARG C 1461 -15.67 -65.35 -112.83
CA ARG C 1461 -14.72 -64.26 -113.01
C ARG C 1461 -13.52 -64.37 -112.08
N VAL C 1462 -13.47 -65.39 -111.23
CA VAL C 1462 -12.34 -65.56 -110.32
C VAL C 1462 -11.09 -65.89 -111.14
N ARG C 1463 -10.00 -65.19 -110.86
CA ARG C 1463 -8.76 -65.37 -111.61
C ARG C 1463 -8.15 -66.72 -111.28
N THR C 1464 -8.22 -67.64 -112.23
CA THR C 1464 -7.69 -68.99 -112.04
C THR C 1464 -6.84 -69.38 -113.24
N VAL C 1465 -5.66 -69.92 -112.97
CA VAL C 1465 -4.79 -70.49 -114.00
C VAL C 1465 -4.18 -71.76 -113.43
N THR C 1466 -4.18 -72.83 -114.21
CA THR C 1466 -3.61 -74.10 -113.77
C THR C 1466 -2.41 -74.45 -114.64
N VAL C 1467 -1.26 -74.59 -114.02
CA VAL C 1467 -0.05 -74.98 -114.74
C VAL C 1467 0.01 -76.50 -114.75
N THR C 1468 0.09 -77.07 -115.96
CA THR C 1468 0.28 -78.50 -116.14
C THR C 1468 1.75 -78.72 -116.38
N LEU C 1469 2.47 -79.14 -115.34
CA LEU C 1469 3.87 -79.52 -115.43
C LEU C 1469 3.96 -81.00 -115.76
N GLY C 1470 4.73 -81.31 -116.81
CA GLY C 1470 4.91 -82.65 -117.29
C GLY C 1470 6.27 -83.23 -116.96
N ASP C 1471 6.67 -84.22 -117.75
CA ASP C 1471 7.87 -85.00 -117.50
C ASP C 1471 8.93 -84.69 -118.55
N GLU C 1472 10.13 -85.20 -118.30
CA GLU C 1472 11.20 -85.16 -119.31
C GLU C 1472 10.82 -85.93 -120.56
N LYS C 1473 9.85 -86.83 -120.46
CA LYS C 1473 9.32 -87.57 -121.60
C LYS C 1473 8.11 -86.90 -122.22
N GLY C 1474 7.70 -85.74 -121.70
CA GLY C 1474 6.50 -85.07 -122.17
C GLY C 1474 5.21 -85.55 -121.55
N LYS C 1475 5.27 -86.53 -120.64
CA LYS C 1475 4.07 -87.07 -120.03
C LYS C 1475 3.59 -86.14 -118.91
N VAL C 1476 2.27 -85.92 -118.88
CA VAL C 1476 1.68 -85.06 -117.86
C VAL C 1476 1.63 -85.81 -116.54
N HIS C 1477 2.22 -85.22 -115.50
CA HIS C 1477 2.05 -85.73 -114.14
C HIS C 1477 1.31 -84.78 -113.22
N GLU C 1478 1.58 -83.48 -113.26
CA GLU C 1478 1.02 -82.59 -112.25
C GLU C 1478 0.28 -81.44 -112.92
N SER C 1479 -0.92 -81.13 -112.43
CA SER C 1479 -1.71 -80.00 -112.92
C SER C 1479 -2.16 -79.18 -111.71
N ILE C 1480 -1.34 -78.19 -111.34
CA ILE C 1480 -1.63 -77.40 -110.14
C ILE C 1480 -2.48 -76.21 -110.53
N LYS C 1481 -3.59 -76.02 -109.84
CA LYS C 1481 -4.49 -74.91 -110.13
C LYS C 1481 -4.32 -73.82 -109.07
N ARG C 1482 -4.15 -72.58 -109.53
CA ARG C 1482 -4.03 -71.42 -108.66
C ARG C 1482 -5.30 -70.59 -108.69
N SER C 1483 -5.59 -69.95 -107.57
CA SER C 1483 -6.70 -69.01 -107.49
C SER C 1483 -6.49 -68.10 -106.30
N ASN C 1484 -6.97 -66.86 -106.43
CA ASN C 1484 -6.94 -65.90 -105.34
C ASN C 1484 -8.24 -65.88 -104.54
N CYS C 1485 -9.19 -66.77 -104.86
CA CYS C 1485 -10.50 -66.75 -104.22
C CYS C 1485 -11.08 -68.16 -104.25
N TYR C 1486 -11.44 -68.69 -103.09
CA TYR C 1486 -12.07 -70.00 -102.96
C TYR C 1486 -13.29 -69.85 -102.06
N MET C 1487 -14.45 -69.60 -102.65
CA MET C 1487 -15.72 -69.63 -101.92
C MET C 1487 -16.76 -70.41 -102.70
N VAL C 1488 -17.90 -70.61 -102.03
CA VAL C 1488 -19.09 -71.19 -102.62
C VAL C 1488 -20.23 -70.20 -102.44
N CYS C 1489 -21.21 -70.27 -103.33
CA CYS C 1489 -22.33 -69.35 -103.28
C CYS C 1489 -23.36 -69.85 -102.27
N ALA C 1490 -23.75 -68.97 -101.34
CA ALA C 1490 -24.74 -69.35 -100.34
C ALA C 1490 -26.11 -69.61 -100.97
N GLY C 1491 -26.43 -68.90 -102.05
CA GLY C 1491 -27.70 -69.16 -102.72
C GLY C 1491 -27.79 -70.55 -103.30
N GLU C 1492 -26.70 -71.02 -103.92
CA GLU C 1492 -26.69 -72.38 -104.46
C GLU C 1492 -26.53 -73.41 -103.34
N SER C 1493 -25.87 -73.04 -102.24
CA SER C 1493 -25.77 -73.93 -101.09
C SER C 1493 -27.09 -74.02 -100.34
N MET C 1494 -28.00 -73.09 -100.56
CA MET C 1494 -29.29 -73.09 -99.87
C MET C 1494 -30.14 -74.26 -100.35
N SER C 1495 -30.57 -75.10 -99.40
CA SER C 1495 -31.33 -76.30 -99.74
C SER C 1495 -32.76 -75.94 -100.15
N PRO C 1496 -33.32 -76.64 -101.13
CA PRO C 1496 -34.58 -76.19 -101.76
C PRO C 1496 -35.70 -75.96 -100.74
N GLY C 1497 -36.14 -74.71 -100.65
CA GLY C 1497 -37.15 -74.29 -99.71
C GLY C 1497 -36.63 -73.60 -98.47
N GLN C 1498 -35.32 -73.61 -98.26
CA GLN C 1498 -34.73 -72.98 -97.08
C GLN C 1498 -34.79 -71.46 -97.13
N GLY C 1499 -35.01 -70.87 -98.30
CA GLY C 1499 -35.13 -69.43 -98.40
C GLY C 1499 -36.41 -68.89 -97.79
N ARG C 1500 -37.44 -69.72 -97.69
CA ARG C 1500 -38.72 -69.33 -97.10
C ARG C 1500 -39.11 -70.14 -95.88
N ASN C 1501 -38.48 -71.29 -95.64
CA ASN C 1501 -38.87 -72.17 -94.54
C ASN C 1501 -37.94 -72.10 -93.35
N ASN C 1502 -36.71 -71.62 -93.52
CA ASN C 1502 -35.72 -71.61 -92.44
C ASN C 1502 -35.81 -70.29 -91.69
N SER C 1503 -36.34 -70.35 -90.46
CA SER C 1503 -36.45 -69.17 -89.63
C SER C 1503 -35.12 -68.74 -89.02
N ASN C 1504 -34.16 -69.65 -88.91
CA ASN C 1504 -32.86 -69.36 -88.32
C ASN C 1504 -31.82 -68.92 -89.34
N GLY C 1505 -32.19 -68.81 -90.61
CA GLY C 1505 -31.25 -68.42 -91.63
C GLY C 1505 -30.39 -69.57 -92.11
N LEU C 1506 -29.40 -69.22 -92.92
CA LEU C 1506 -28.50 -70.19 -93.53
C LEU C 1506 -27.13 -70.12 -92.85
N GLU C 1507 -26.63 -71.28 -92.45
CA GLU C 1507 -25.30 -71.40 -91.85
C GLU C 1507 -24.42 -72.20 -92.79
N ILE C 1508 -23.31 -71.60 -93.21
CA ILE C 1508 -22.33 -72.25 -94.07
C ILE C 1508 -21.05 -72.45 -93.27
N GLY C 1509 -20.69 -73.71 -93.04
CA GLY C 1509 -19.50 -74.04 -92.27
C GLY C 1509 -18.37 -74.45 -93.20
N CYS C 1510 -17.22 -73.80 -93.01
CA CYS C 1510 -16.03 -74.07 -93.79
C CYS C 1510 -15.01 -74.82 -92.94
N VAL C 1511 -14.48 -75.90 -93.50
CA VAL C 1511 -13.47 -76.72 -92.84
C VAL C 1511 -12.23 -76.73 -93.73
N VAL C 1512 -11.08 -76.43 -93.13
CA VAL C 1512 -9.81 -76.44 -93.82
C VAL C 1512 -8.93 -77.51 -93.19
N ASP C 1513 -8.49 -78.47 -93.99
CA ASP C 1513 -7.52 -79.48 -93.58
C ASP C 1513 -6.18 -79.05 -94.14
N ALA C 1514 -5.30 -78.54 -93.27
CA ALA C 1514 -4.01 -78.01 -93.69
C ALA C 1514 -3.03 -79.12 -94.04
N ALA C 1515 -3.15 -80.29 -93.40
CA ALA C 1515 -2.24 -81.39 -93.70
C ALA C 1515 -2.40 -81.87 -95.13
N SER C 1516 -3.61 -81.78 -95.68
CA SER C 1516 -3.88 -82.17 -97.06
C SER C 1516 -4.23 -81.00 -97.96
N GLY C 1517 -4.38 -79.81 -97.42
CA GLY C 1517 -4.76 -78.66 -98.24
C GLY C 1517 -6.14 -78.78 -98.85
N LEU C 1518 -7.12 -79.20 -98.05
CA LEU C 1518 -8.47 -79.47 -98.54
C LEU C 1518 -9.45 -78.51 -97.90
N LEU C 1519 -10.29 -77.87 -98.72
CA LEU C 1519 -11.33 -76.98 -98.26
C LEU C 1519 -12.68 -77.63 -98.54
N THR C 1520 -13.49 -77.80 -97.49
CA THR C 1520 -14.80 -78.41 -97.61
C THR C 1520 -15.85 -77.50 -96.99
N PHE C 1521 -17.09 -77.63 -97.48
CA PHE C 1521 -18.18 -76.76 -97.07
C PHE C 1521 -19.39 -77.60 -96.68
N ILE C 1522 -20.11 -77.14 -95.65
CA ILE C 1522 -21.32 -77.79 -95.17
C ILE C 1522 -22.42 -76.75 -95.06
N ALA C 1523 -23.61 -77.07 -95.54
CA ALA C 1523 -24.75 -76.16 -95.54
C ALA C 1523 -25.82 -76.69 -94.58
N ASN C 1524 -25.90 -76.06 -93.40
CA ASN C 1524 -26.92 -76.41 -92.40
C ASN C 1524 -26.91 -77.90 -92.07
N GLY C 1525 -25.71 -78.45 -91.91
CA GLY C 1525 -25.56 -79.86 -91.62
C GLY C 1525 -25.51 -80.76 -92.84
N LYS C 1526 -25.71 -80.21 -94.04
CA LYS C 1526 -25.65 -80.98 -95.28
C LYS C 1526 -24.35 -80.69 -95.99
N GLU C 1527 -23.60 -81.74 -96.33
CA GLU C 1527 -22.31 -81.57 -96.98
C GLU C 1527 -22.50 -81.14 -98.43
N LEU C 1528 -21.79 -80.10 -98.83
CA LEU C 1528 -21.85 -79.59 -100.19
C LEU C 1528 -20.90 -80.36 -101.09
N SER C 1529 -21.30 -80.57 -102.34
CA SER C 1529 -20.48 -81.29 -103.30
C SER C 1529 -19.27 -80.48 -103.76
N THR C 1530 -19.23 -79.18 -103.48
CA THR C 1530 -18.14 -78.33 -103.93
C THR C 1530 -17.03 -78.33 -102.89
N TYR C 1531 -15.83 -78.72 -103.32
CA TYR C 1531 -14.66 -78.72 -102.46
C TYR C 1531 -13.45 -78.28 -103.28
N TYR C 1532 -12.43 -77.78 -102.59
CA TYR C 1532 -11.25 -77.24 -103.25
C TYR C 1532 -9.98 -77.86 -102.70
N GLN C 1533 -8.95 -77.89 -103.54
CA GLN C 1533 -7.62 -78.32 -103.15
C GLN C 1533 -6.64 -77.18 -103.40
N VAL C 1534 -5.86 -76.84 -102.38
CA VAL C 1534 -4.94 -75.71 -102.44
C VAL C 1534 -3.51 -76.23 -102.48
N GLU C 1535 -2.58 -75.32 -102.76
CA GLU C 1535 -1.17 -75.64 -102.86
C GLU C 1535 -0.52 -75.67 -101.47
N PRO C 1536 0.63 -76.33 -101.35
CA PRO C 1536 1.39 -76.25 -100.10
C PRO C 1536 1.85 -74.82 -99.81
N SER C 1537 1.99 -74.52 -98.53
CA SER C 1537 2.47 -73.22 -98.04
C SER C 1537 1.53 -72.08 -98.42
N THR C 1538 0.25 -72.37 -98.65
CA THR C 1538 -0.72 -71.35 -98.99
C THR C 1538 -1.37 -70.81 -97.73
N LYS C 1539 -1.50 -69.48 -97.67
CA LYS C 1539 -2.16 -68.80 -96.57
C LYS C 1539 -3.57 -68.41 -97.01
N LEU C 1540 -4.57 -68.93 -96.33
CA LEU C 1540 -5.97 -68.68 -96.68
C LEU C 1540 -6.62 -67.80 -95.63
N PHE C 1541 -7.27 -66.74 -96.08
CA PHE C 1541 -7.96 -65.79 -95.22
C PHE C 1541 -9.45 -66.07 -95.25
N PRO C 1542 -10.09 -66.26 -94.09
CA PRO C 1542 -11.56 -66.33 -94.08
C PRO C 1542 -12.14 -65.04 -94.64
N ALA C 1543 -13.13 -65.18 -95.53
CA ALA C 1543 -13.67 -64.02 -96.21
C ALA C 1543 -15.06 -64.35 -96.73
N VAL C 1544 -15.94 -63.35 -96.69
CA VAL C 1544 -17.30 -63.45 -97.21
C VAL C 1544 -17.62 -62.19 -98.00
N PHE C 1545 -18.24 -62.36 -99.16
CA PHE C 1545 -18.66 -61.26 -100.02
C PHE C 1545 -20.18 -61.19 -99.97
N ALA C 1546 -20.73 -60.02 -99.67
CA ALA C 1546 -22.17 -59.93 -99.49
C ALA C 1546 -22.69 -58.58 -99.96
N GLN C 1547 -23.92 -58.60 -100.46
CA GLN C 1547 -24.62 -57.39 -100.88
C GLN C 1547 -25.64 -57.02 -99.80
N ALA C 1548 -25.54 -55.79 -99.31
CA ALA C 1548 -26.37 -55.35 -98.19
C ALA C 1548 -27.82 -55.20 -98.63
N THR C 1549 -28.68 -56.12 -98.18
CA THR C 1549 -30.12 -56.04 -98.43
C THR C 1549 -30.94 -55.90 -97.16
N SER C 1550 -30.35 -56.10 -95.99
CA SER C 1550 -31.02 -55.98 -94.71
C SER C 1550 -30.07 -55.31 -93.74
N PRO C 1551 -30.59 -54.70 -92.68
CA PRO C 1551 -29.68 -54.08 -91.69
C PRO C 1551 -28.67 -55.05 -91.11
N ASN C 1552 -29.08 -56.30 -90.85
CA ASN C 1552 -28.16 -57.34 -90.38
C ASN C 1552 -27.93 -58.30 -91.53
N VAL C 1553 -26.69 -58.34 -92.03
CA VAL C 1553 -26.38 -59.20 -93.16
C VAL C 1553 -25.97 -60.59 -92.68
N PHE C 1554 -24.86 -60.69 -91.94
CA PHE C 1554 -24.37 -61.99 -91.52
C PHE C 1554 -23.34 -61.81 -90.42
N GLN C 1555 -22.85 -62.95 -89.93
CA GLN C 1555 -21.94 -63.00 -88.79
C GLN C 1555 -21.00 -64.18 -88.94
N PHE C 1556 -19.77 -64.00 -88.47
CA PHE C 1556 -18.80 -65.07 -88.35
C PHE C 1556 -18.92 -65.73 -86.98
N GLU C 1557 -18.93 -67.06 -86.98
CA GLU C 1557 -18.93 -67.88 -85.77
C GLU C 1557 -17.65 -68.68 -85.72
N LEU C 1558 -16.94 -68.56 -84.60
CA LEU C 1558 -15.67 -69.24 -84.38
C LEU C 1558 -15.83 -70.56 -83.64
N GLY C 1559 -17.02 -71.14 -83.66
CA GLY C 1559 -17.24 -72.42 -83.02
C GLY C 1559 -16.56 -73.54 -83.76
N ARG C 1560 -16.63 -74.73 -83.17
CA ARG C 1560 -15.99 -75.90 -83.74
C ARG C 1560 -16.97 -77.06 -83.79
N ILE C 1561 -16.79 -77.92 -84.79
CA ILE C 1561 -17.60 -79.10 -84.94
C ILE C 1561 -16.82 -80.29 -84.37
N LYS C 1562 -17.52 -81.42 -84.22
CA LYS C 1562 -16.90 -82.59 -83.62
C LYS C 1562 -15.67 -83.03 -84.42
N ASN C 1563 -14.59 -83.32 -83.70
CA ASN C 1563 -13.33 -83.81 -84.23
C ASN C 1563 -12.61 -82.80 -85.11
N VAL C 1564 -13.01 -81.53 -85.08
CA VAL C 1564 -12.36 -80.48 -85.84
C VAL C 1564 -12.07 -79.32 -84.89
N MET C 1565 -10.83 -78.85 -84.89
CA MET C 1565 -10.43 -77.78 -83.98
C MET C 1565 -11.04 -76.45 -84.43
N PRO C 1566 -11.22 -75.51 -83.51
CA PRO C 1566 -11.75 -74.20 -83.87
C PRO C 1566 -10.75 -73.40 -84.69
N LEU C 1567 -11.26 -72.34 -85.32
CA LEU C 1567 -10.43 -71.53 -86.20
C LEU C 1567 -9.30 -70.84 -85.45
N SER C 1568 -9.57 -70.38 -84.23
CA SER C 1568 -8.55 -69.68 -83.45
C SER C 1568 -7.34 -70.56 -83.19
N ALA C 1569 -7.54 -71.88 -83.11
CA ALA C 1569 -6.43 -72.79 -82.90
C ALA C 1569 -5.42 -72.70 -84.03
N GLY C 1570 -5.89 -72.60 -85.28
CA GLY C 1570 -4.98 -72.43 -86.39
C GLY C 1570 -4.52 -71.00 -86.58
N LEU C 1571 -5.34 -70.03 -86.17
CA LEU C 1571 -4.96 -68.63 -86.33
C LEU C 1571 -3.81 -68.26 -85.39
N PHE C 1572 -4.01 -68.44 -84.08
CA PHE C 1572 -3.02 -68.05 -83.09
C PHE C 1572 -2.20 -69.26 -82.68
N LYS C 1573 -0.87 -69.11 -82.67
CA LYS C 1573 0.00 -70.20 -82.26
C LYS C 1573 -0.04 -70.43 -80.75
N SER C 1574 -0.25 -69.36 -79.97
CA SER C 1574 -0.30 -69.50 -78.52
C SER C 1574 -1.44 -70.42 -78.08
N GLU C 1575 -2.62 -70.25 -78.68
CA GLU C 1575 -3.77 -71.11 -78.41
C GLU C 1575 -3.85 -72.11 -79.56
N HIS C 1576 -3.25 -73.27 -79.36
CA HIS C 1576 -3.18 -74.30 -80.40
C HIS C 1576 -3.75 -75.63 -79.95
N LYS C 1577 -3.61 -76.00 -78.68
CA LYS C 1577 -4.17 -77.25 -78.17
C LYS C 1577 -5.52 -77.08 -77.48
N ASN C 1578 -5.84 -75.88 -77.02
CA ASN C 1578 -7.11 -75.65 -76.34
C ASN C 1578 -8.25 -75.61 -77.35
N PRO C 1579 -9.28 -76.46 -77.19
CA PRO C 1579 -10.39 -76.44 -78.13
C PRO C 1579 -11.47 -75.42 -77.81
N VAL C 1580 -11.35 -74.72 -76.69
CA VAL C 1580 -12.34 -73.68 -76.34
C VAL C 1580 -12.23 -72.55 -77.35
N PRO C 1581 -13.35 -72.02 -77.84
CA PRO C 1581 -13.28 -70.90 -78.79
C PRO C 1581 -13.05 -69.57 -78.08
N GLN C 1582 -11.98 -68.87 -78.46
CA GLN C 1582 -11.68 -67.55 -77.94
C GLN C 1582 -11.51 -66.58 -79.09
N CYS C 1583 -11.66 -65.29 -78.78
CA CYS C 1583 -11.58 -64.21 -79.75
C CYS C 1583 -10.58 -63.18 -79.27
N PRO C 1584 -9.30 -63.39 -79.53
CA PRO C 1584 -8.30 -62.40 -79.13
C PRO C 1584 -8.51 -61.10 -79.89
N PRO C 1585 -8.11 -59.97 -79.31
CA PRO C 1585 -8.32 -58.68 -79.98
C PRO C 1585 -7.62 -58.57 -81.33
N ARG C 1586 -6.58 -59.37 -81.58
CA ARG C 1586 -5.86 -59.29 -82.85
C ARG C 1586 -6.79 -59.62 -84.02
N LEU C 1587 -7.64 -60.63 -83.86
CA LEU C 1587 -8.54 -61.02 -84.93
C LEU C 1587 -9.63 -59.98 -85.12
N HIS C 1588 -9.81 -59.54 -86.36
CA HIS C 1588 -10.84 -58.57 -86.70
C HIS C 1588 -11.12 -58.63 -88.19
N VAL C 1589 -12.28 -58.15 -88.58
CA VAL C 1589 -12.71 -58.18 -89.97
C VAL C 1589 -12.14 -56.97 -90.70
N GLN C 1590 -11.75 -57.16 -91.95
CA GLN C 1590 -11.25 -56.09 -92.79
C GLN C 1590 -12.04 -56.06 -94.09
N PHE C 1591 -12.47 -54.87 -94.49
CA PHE C 1591 -13.21 -54.68 -95.73
C PHE C 1591 -12.29 -54.09 -96.79
N LEU C 1592 -12.46 -54.55 -98.02
CA LEU C 1592 -11.63 -54.06 -99.12
C LEU C 1592 -12.02 -52.62 -99.45
N SER C 1593 -11.01 -51.74 -99.53
CA SER C 1593 -11.25 -50.32 -99.74
C SER C 1593 -10.20 -49.77 -100.69
N HIS C 1594 -10.54 -48.66 -101.34
CA HIS C 1594 -9.67 -47.97 -102.26
C HIS C 1594 -9.02 -46.73 -101.65
N VAL C 1595 -9.20 -46.50 -100.36
CA VAL C 1595 -8.69 -45.27 -99.71
C VAL C 1595 -7.27 -45.58 -99.23
N LEU C 1596 -6.33 -45.46 -100.16
CA LEU C 1596 -4.92 -45.61 -99.83
C LEU C 1596 -4.11 -44.70 -100.74
N TRP C 1597 -2.89 -44.40 -100.29
CA TRP C 1597 -1.97 -43.55 -101.04
C TRP C 1597 -0.73 -44.36 -101.40
N SER C 1598 -0.09 -43.99 -102.51
CA SER C 1598 1.11 -44.67 -102.96
C SER C 1598 2.19 -43.64 -103.25
N ARG C 1599 3.44 -44.00 -102.97
CA ARG C 1599 4.56 -43.09 -103.07
C ARG C 1599 5.40 -43.43 -104.31
N MET C 1600 5.69 -42.41 -105.11
CA MET C 1600 6.58 -42.63 -106.26
C MET C 1600 8.03 -42.53 -105.81
N PRO C 1601 8.86 -43.54 -106.12
CA PRO C 1601 10.26 -43.47 -105.74
C PRO C 1601 10.97 -42.30 -106.43
N ASN C 1602 11.90 -41.69 -105.70
CA ASN C 1602 12.64 -40.56 -106.24
C ASN C 1602 13.58 -40.99 -107.35
N GLN C 1603 14.10 -42.20 -107.28
CA GLN C 1603 14.99 -42.74 -108.30
C GLN C 1603 14.36 -43.98 -108.89
N PHE C 1604 14.18 -43.98 -110.21
CA PHE C 1604 13.63 -45.12 -110.93
C PHE C 1604 14.74 -45.91 -111.60
N LEU C 1605 14.37 -47.10 -112.08
CA LEU C 1605 15.30 -47.98 -112.77
C LEU C 1605 15.46 -47.49 -114.20
N LYS C 1606 16.56 -46.79 -114.47
CA LYS C 1606 16.81 -46.30 -115.81
C LYS C 1606 17.07 -47.46 -116.77
N VAL C 1607 16.38 -47.45 -117.91
CA VAL C 1607 16.53 -48.47 -118.93
C VAL C 1607 17.11 -47.82 -120.18
N ASP C 1608 18.15 -48.45 -120.74
CA ASP C 1608 18.77 -47.96 -121.97
C ASP C 1608 18.21 -48.71 -123.18
N VAL C 1609 16.88 -48.64 -123.33
CA VAL C 1609 16.22 -49.28 -124.45
C VAL C 1609 16.56 -48.55 -125.74
N SER C 1610 16.65 -49.31 -126.83
CA SER C 1610 17.14 -48.76 -128.09
C SER C 1610 16.21 -47.68 -128.63
N ARG C 1611 14.90 -47.87 -128.50
CA ARG C 1611 13.88 -46.96 -129.01
C ARG C 1611 13.96 -46.79 -130.52
N ILE C 1612 14.55 -47.75 -131.22
CA ILE C 1612 14.71 -47.70 -132.67
C ILE C 1612 14.33 -49.05 -133.26
N SER C 1613 13.97 -49.03 -134.54
CA SER C 1613 13.68 -50.26 -135.28
C SER C 1613 14.96 -50.87 -135.84
N GLU C 1614 15.93 -51.07 -134.97
CA GLU C 1614 17.21 -51.63 -135.38
C GLU C 1614 17.06 -53.11 -135.75
N ARG C 1615 18.02 -53.60 -136.52
CA ARG C 1615 18.03 -55.01 -136.87
C ARG C 1615 18.39 -55.86 -135.65
N GLN C 1616 18.19 -57.17 -135.80
CA GLN C 1616 18.35 -58.15 -134.72
C GLN C 1616 17.40 -57.92 -133.56
N GLY C 1617 16.39 -57.08 -133.74
CA GLY C 1617 15.40 -56.85 -132.71
C GLY C 1617 15.74 -55.68 -131.80
N TRP C 1618 14.71 -55.18 -131.12
CA TRP C 1618 14.88 -54.07 -130.20
C TRP C 1618 15.68 -54.51 -128.98
N LEU C 1619 16.57 -53.63 -128.52
CA LEU C 1619 17.49 -53.96 -127.44
C LEU C 1619 17.06 -53.24 -126.17
N VAL C 1620 16.92 -53.99 -125.09
CA VAL C 1620 16.59 -53.47 -123.77
C VAL C 1620 17.76 -53.78 -122.85
N GLN C 1621 18.45 -52.74 -122.38
CA GLN C 1621 19.63 -52.94 -121.55
C GLN C 1621 19.57 -51.99 -120.36
N CYS C 1622 19.90 -52.51 -119.18
CA CYS C 1622 19.89 -51.71 -117.97
C CYS C 1622 21.02 -52.16 -117.07
N LEU C 1623 22.01 -51.29 -116.84
CA LEU C 1623 23.19 -51.64 -116.06
C LEU C 1623 23.28 -50.81 -114.77
N ASP C 1624 22.18 -50.24 -114.31
CA ASP C 1624 22.19 -49.43 -113.11
C ASP C 1624 21.61 -50.23 -111.95
N PRO C 1625 22.41 -50.64 -110.96
CA PRO C 1625 21.89 -51.42 -109.84
C PRO C 1625 21.15 -50.54 -108.85
N LEU C 1626 19.85 -50.79 -108.70
CA LEU C 1626 18.99 -50.04 -107.78
C LEU C 1626 18.31 -51.00 -106.84
N GLN C 1627 18.33 -50.68 -105.54
CA GLN C 1627 17.79 -51.54 -104.50
C GLN C 1627 16.95 -50.73 -103.53
N PHE C 1628 16.09 -51.44 -102.79
CA PHE C 1628 15.30 -50.80 -101.75
C PHE C 1628 14.94 -51.83 -100.69
N MET C 1629 14.69 -51.35 -99.48
CA MET C 1629 14.31 -52.21 -98.37
C MET C 1629 12.79 -52.33 -98.28
N SER C 1630 12.30 -53.56 -98.20
CA SER C 1630 10.87 -53.83 -98.12
C SER C 1630 10.54 -54.45 -96.77
N LEU C 1631 9.71 -53.76 -96.00
CA LEU C 1631 9.25 -54.26 -94.71
C LEU C 1631 8.02 -55.14 -94.92
N HIS C 1632 8.07 -56.35 -94.39
CA HIS C 1632 7.03 -57.34 -94.59
C HIS C 1632 6.20 -57.49 -93.31
N ILE C 1633 4.88 -57.42 -93.46
CA ILE C 1633 3.95 -57.67 -92.36
C ILE C 1633 3.62 -59.16 -92.36
N PRO C 1634 4.11 -59.94 -91.41
CA PRO C 1634 3.83 -61.39 -91.43
C PRO C 1634 2.36 -61.72 -91.31
N GLU C 1635 1.57 -60.89 -90.61
CA GLU C 1635 0.16 -61.19 -90.42
C GLU C 1635 -0.61 -61.11 -91.74
N GLU C 1636 -0.40 -60.04 -92.50
CA GLU C 1636 -1.16 -59.81 -93.73
C GLU C 1636 -0.48 -60.38 -94.96
N ASN C 1637 0.73 -60.91 -94.82
CA ASN C 1637 1.49 -61.45 -95.95
C ASN C 1637 1.64 -60.42 -97.06
N ARG C 1638 2.02 -59.20 -96.67
CA ARG C 1638 2.19 -58.10 -97.60
C ARG C 1638 3.51 -57.40 -97.32
N SER C 1639 3.97 -56.63 -98.31
CA SER C 1639 5.23 -55.90 -98.21
C SER C 1639 5.00 -54.44 -98.56
N VAL C 1640 5.65 -53.56 -97.82
CA VAL C 1640 5.57 -52.12 -98.06
C VAL C 1640 6.98 -51.56 -97.94
N ASP C 1641 7.34 -50.64 -98.84
CA ASP C 1641 8.66 -50.05 -98.79
C ASP C 1641 8.88 -49.35 -97.45
N ILE C 1642 10.08 -49.49 -96.90
CA ILE C 1642 10.39 -48.89 -95.61
C ILE C 1642 10.29 -47.38 -95.65
N LEU C 1643 10.38 -46.78 -96.85
CA LEU C 1643 10.23 -45.34 -96.98
C LEU C 1643 8.79 -44.91 -96.85
N GLU C 1644 7.85 -45.79 -97.18
CA GLU C 1644 6.42 -45.45 -97.12
C GLU C 1644 5.89 -45.41 -95.70
N LEU C 1645 6.68 -45.82 -94.70
CA LEU C 1645 6.23 -45.77 -93.32
C LEU C 1645 6.14 -44.36 -92.78
N THR C 1646 6.62 -43.36 -93.53
CA THR C 1646 6.55 -41.98 -93.06
C THR C 1646 5.11 -41.55 -92.80
N GLU C 1647 4.20 -41.91 -93.70
CA GLU C 1647 2.78 -41.59 -93.51
C GLU C 1647 2.05 -42.60 -92.65
N GLN C 1648 2.63 -43.77 -92.39
CA GLN C 1648 2.01 -44.80 -91.55
C GLN C 1648 2.57 -44.65 -90.15
N GLU C 1649 1.80 -43.99 -89.28
CA GLU C 1649 2.32 -43.66 -87.95
C GLU C 1649 2.41 -44.89 -87.06
N GLU C 1650 1.46 -45.82 -87.17
CA GLU C 1650 1.45 -46.99 -86.29
C GLU C 1650 2.62 -47.91 -86.61
N LEU C 1651 2.80 -48.24 -87.88
CA LEU C 1651 3.91 -49.09 -88.27
C LEU C 1651 5.25 -48.43 -87.97
N LEU C 1652 5.32 -47.11 -88.18
CA LEU C 1652 6.54 -46.37 -87.84
C LEU C 1652 6.90 -46.54 -86.38
N GLN C 1653 5.93 -46.30 -85.49
CA GLN C 1653 6.19 -46.41 -84.07
C GLN C 1653 6.54 -47.83 -83.66
N PHE C 1654 5.79 -48.81 -84.18
CA PHE C 1654 6.06 -50.19 -83.81
C PHE C 1654 7.44 -50.63 -84.26
N HIS C 1655 7.85 -50.26 -85.48
CA HIS C 1655 9.18 -50.64 -85.95
C HIS C 1655 10.28 -49.90 -85.20
N TYR C 1656 10.04 -48.63 -84.85
CA TYR C 1656 11.02 -47.92 -84.04
C TYR C 1656 11.22 -48.62 -82.70
N HIS C 1657 10.13 -49.04 -82.06
CA HIS C 1657 10.26 -49.75 -80.80
C HIS C 1657 10.86 -51.13 -80.97
N THR C 1658 10.62 -51.77 -82.13
CA THR C 1658 11.26 -53.05 -82.40
C THR C 1658 12.77 -52.91 -82.53
N LEU C 1659 13.22 -51.86 -83.22
CA LEU C 1659 14.65 -51.61 -83.30
C LEU C 1659 15.23 -51.28 -81.94
N ARG C 1660 14.48 -50.55 -81.12
CA ARG C 1660 14.92 -50.29 -79.75
C ARG C 1660 15.05 -51.59 -78.97
N LEU C 1661 14.11 -52.52 -79.16
CA LEU C 1661 14.18 -53.81 -78.48
C LEU C 1661 15.39 -54.61 -78.95
N TYR C 1662 15.69 -54.58 -80.25
CA TYR C 1662 16.89 -55.24 -80.74
C TYR C 1662 18.14 -54.67 -80.08
N SER C 1663 18.23 -53.34 -80.03
CA SER C 1663 19.39 -52.70 -79.42
C SER C 1663 19.50 -53.07 -77.95
N ALA C 1664 18.38 -53.09 -77.23
CA ALA C 1664 18.40 -53.43 -75.82
C ALA C 1664 18.82 -54.88 -75.61
N VAL C 1665 18.34 -55.80 -76.44
CA VAL C 1665 18.63 -57.21 -76.22
C VAL C 1665 20.06 -57.53 -76.61
N CYS C 1666 20.65 -56.77 -77.54
CA CYS C 1666 22.06 -56.98 -77.89
C CYS C 1666 23.00 -56.02 -77.17
N ALA C 1667 22.48 -55.21 -76.25
CA ALA C 1667 23.30 -54.20 -75.58
C ALA C 1667 24.23 -54.84 -74.55
N LEU C 1668 25.22 -54.06 -74.13
CA LEU C 1668 26.22 -54.45 -73.12
C LEU C 1668 26.96 -55.72 -73.54
N GLY C 1669 27.32 -55.80 -74.82
CA GLY C 1669 28.21 -56.84 -75.29
C GLY C 1669 27.70 -58.26 -75.14
N ASN C 1670 26.43 -58.48 -75.48
CA ASN C 1670 25.87 -59.83 -75.51
C ASN C 1670 26.17 -60.39 -76.90
N HIS C 1671 27.30 -61.09 -77.01
CA HIS C 1671 27.79 -61.48 -78.33
C HIS C 1671 26.91 -62.53 -78.99
N ARG C 1672 26.36 -63.46 -78.21
CA ARG C 1672 25.48 -64.47 -78.79
C ARG C 1672 24.24 -63.83 -79.39
N VAL C 1673 23.63 -62.89 -78.66
CA VAL C 1673 22.45 -62.21 -79.17
C VAL C 1673 22.82 -61.34 -80.36
N ALA C 1674 24.01 -60.75 -80.35
CA ALA C 1674 24.45 -59.96 -81.50
C ALA C 1674 24.58 -60.83 -82.75
N HIS C 1675 25.16 -62.02 -82.60
CA HIS C 1675 25.27 -62.94 -83.72
C HIS C 1675 23.89 -63.38 -84.21
N ALA C 1676 22.97 -63.62 -83.27
CA ALA C 1676 21.61 -63.98 -83.67
C ALA C 1676 20.94 -62.86 -84.45
N LEU C 1677 21.11 -61.62 -83.99
CA LEU C 1677 20.51 -60.47 -84.67
C LEU C 1677 21.19 -60.16 -85.99
N CYS C 1678 22.43 -60.62 -86.19
CA CYS C 1678 23.10 -60.36 -87.45
C CYS C 1678 22.36 -60.97 -88.63
N SER C 1679 21.60 -62.04 -88.40
CA SER C 1679 20.81 -62.63 -89.47
C SER C 1679 19.64 -61.74 -89.86
N HIS C 1680 18.89 -61.25 -88.86
CA HIS C 1680 17.73 -60.41 -89.17
C HIS C 1680 18.16 -59.07 -89.73
N VAL C 1681 19.17 -58.44 -89.13
CA VAL C 1681 19.66 -57.13 -89.57
C VAL C 1681 20.96 -57.38 -90.31
N ASP C 1682 20.91 -57.31 -91.63
CA ASP C 1682 22.05 -57.66 -92.46
C ASP C 1682 22.93 -56.45 -92.74
N GLU C 1683 24.18 -56.73 -93.10
CA GLU C 1683 25.13 -55.66 -93.41
C GLU C 1683 24.70 -54.79 -94.58
N PRO C 1684 24.27 -55.34 -95.73
CA PRO C 1684 23.75 -54.46 -96.78
C PRO C 1684 22.55 -53.64 -96.34
N GLN C 1685 21.68 -54.22 -95.51
CA GLN C 1685 20.54 -53.47 -94.99
C GLN C 1685 21.00 -52.28 -94.17
N LEU C 1686 21.96 -52.50 -93.27
CA LEU C 1686 22.47 -51.40 -92.45
C LEU C 1686 23.15 -50.34 -93.30
N LEU C 1687 23.94 -50.75 -94.29
CA LEU C 1687 24.62 -49.79 -95.14
C LEU C 1687 23.61 -48.95 -95.93
N TYR C 1688 22.59 -49.60 -96.50
CA TYR C 1688 21.59 -48.85 -97.24
C TYR C 1688 20.81 -47.91 -96.33
N ALA C 1689 20.49 -48.36 -95.12
CA ALA C 1689 19.75 -47.52 -94.19
C ALA C 1689 20.56 -46.29 -93.80
N ILE C 1690 21.85 -46.46 -93.52
CA ILE C 1690 22.65 -45.30 -93.10
C ILE C 1690 22.91 -44.37 -94.28
N GLU C 1691 23.09 -44.92 -95.48
CA GLU C 1691 23.42 -44.09 -96.64
C GLU C 1691 22.21 -43.35 -97.19
N ASN C 1692 21.02 -43.94 -97.10
CA ASN C 1692 19.85 -43.40 -97.79
C ASN C 1692 19.47 -42.03 -97.24
N LYS C 1693 19.28 -41.07 -98.15
CA LYS C 1693 18.86 -39.74 -97.73
C LYS C 1693 17.38 -39.71 -97.36
N TYR C 1694 16.54 -40.39 -98.15
CA TYR C 1694 15.11 -40.48 -97.85
C TYR C 1694 14.92 -41.57 -96.82
N MET C 1695 14.54 -41.19 -95.60
CA MET C 1695 14.33 -42.15 -94.53
C MET C 1695 13.63 -41.47 -93.36
N PRO C 1696 12.65 -42.14 -92.74
CA PRO C 1696 12.05 -41.58 -91.53
C PRO C 1696 13.11 -41.39 -90.45
N GLY C 1697 12.98 -40.30 -89.69
CA GLY C 1697 13.98 -40.00 -88.69
C GLY C 1697 14.08 -41.07 -87.62
N LEU C 1698 12.92 -41.57 -87.16
CA LEU C 1698 12.93 -42.58 -86.11
C LEU C 1698 13.61 -43.86 -86.58
N LEU C 1699 13.28 -44.29 -87.80
CA LEU C 1699 13.92 -45.50 -88.33
C LEU C 1699 15.40 -45.28 -88.57
N ARG C 1700 15.79 -44.09 -89.03
CA ARG C 1700 17.21 -43.82 -89.25
C ARG C 1700 17.98 -43.90 -87.93
N ALA C 1701 17.44 -43.27 -86.88
CA ALA C 1701 18.09 -43.33 -85.58
C ALA C 1701 18.13 -44.77 -85.06
N GLY C 1702 17.04 -45.51 -85.23
CA GLY C 1702 17.01 -46.89 -84.76
C GLY C 1702 18.04 -47.77 -85.46
N TYR C 1703 18.14 -47.63 -86.79
CA TYR C 1703 19.12 -48.42 -87.53
C TYR C 1703 20.54 -48.04 -87.17
N TYR C 1704 20.81 -46.75 -86.98
CA TYR C 1704 22.15 -46.34 -86.56
C TYR C 1704 22.49 -46.94 -85.20
N ASP C 1705 21.56 -46.84 -84.25
CA ASP C 1705 21.81 -47.40 -82.92
C ASP C 1705 22.00 -48.90 -82.99
N LEU C 1706 21.19 -49.59 -83.80
CA LEU C 1706 21.33 -51.03 -83.95
C LEU C 1706 22.69 -51.41 -84.51
N LEU C 1707 23.17 -50.65 -85.50
CA LEU C 1707 24.49 -50.89 -86.05
C LEU C 1707 25.57 -50.72 -84.98
N ILE C 1708 25.53 -49.58 -84.28
CA ILE C 1708 26.53 -49.31 -83.25
C ILE C 1708 26.45 -50.31 -82.10
N ASP C 1709 25.32 -50.99 -81.94
CA ASP C 1709 25.21 -51.97 -80.87
C ASP C 1709 25.69 -53.35 -81.30
N ILE C 1710 25.24 -53.86 -82.45
CA ILE C 1710 25.64 -55.20 -82.85
C ILE C 1710 27.13 -55.20 -83.23
N HIS C 1711 27.60 -54.14 -83.87
CA HIS C 1711 29.00 -54.01 -84.21
C HIS C 1711 29.52 -52.68 -83.67
N LEU C 1712 30.83 -52.57 -83.56
CA LEU C 1712 31.49 -51.34 -83.11
C LEU C 1712 31.11 -50.95 -81.69
N SER C 1713 30.68 -51.90 -80.86
CA SER C 1713 30.23 -51.62 -79.51
C SER C 1713 31.20 -52.13 -78.46
N SER C 1714 31.51 -53.42 -78.49
CA SER C 1714 32.38 -53.99 -77.46
C SER C 1714 33.77 -53.37 -77.49
N TYR C 1715 34.37 -53.28 -78.68
CA TYR C 1715 35.69 -52.68 -78.78
C TYR C 1715 35.66 -51.21 -78.40
N ALA C 1716 34.64 -50.47 -78.85
CA ALA C 1716 34.55 -49.05 -78.52
C ALA C 1716 34.47 -48.85 -77.01
N THR C 1717 33.61 -49.63 -76.35
CA THR C 1717 33.44 -49.49 -74.90
C THR C 1717 34.72 -49.89 -74.17
N ALA C 1718 35.34 -51.00 -74.56
CA ALA C 1718 36.57 -51.44 -73.89
C ALA C 1718 37.68 -50.42 -74.06
N ARG C 1719 37.85 -49.88 -75.27
CA ARG C 1719 38.90 -48.91 -75.51
C ARG C 1719 38.63 -47.61 -74.75
N LEU C 1720 37.38 -47.16 -74.73
CA LEU C 1720 37.05 -45.95 -73.99
C LEU C 1720 37.29 -46.13 -72.50
N MET C 1721 36.96 -47.30 -71.96
CA MET C 1721 37.19 -47.56 -70.55
C MET C 1721 38.68 -47.64 -70.24
N MET C 1722 39.47 -48.23 -71.13
CA MET C 1722 40.91 -48.35 -70.90
C MET C 1722 41.61 -47.01 -71.04
N ASN C 1723 41.04 -46.10 -71.83
CA ASN C 1723 41.65 -44.80 -72.16
C ASN C 1723 42.27 -44.10 -70.96
N ASN C 1724 41.65 -44.22 -69.78
CA ASN C 1724 42.18 -43.54 -68.61
C ASN C 1724 43.56 -44.06 -68.22
N GLU C 1725 43.76 -45.38 -68.29
CA GLU C 1725 45.05 -45.96 -67.93
C GLU C 1725 46.09 -45.63 -68.99
N PHE C 1726 47.35 -45.58 -68.55
CA PHE C 1726 48.49 -45.31 -69.42
C PHE C 1726 49.60 -46.30 -69.11
N ILE C 1727 49.84 -47.24 -70.01
CA ILE C 1727 50.96 -48.16 -69.90
C ILE C 1727 51.81 -48.01 -71.16
N VAL C 1728 53.08 -47.72 -70.97
CA VAL C 1728 54.00 -47.42 -72.07
C VAL C 1728 55.06 -48.50 -72.13
N PRO C 1729 55.18 -49.24 -73.23
CA PRO C 1729 56.26 -50.22 -73.35
C PRO C 1729 57.60 -49.53 -73.52
N MET C 1730 58.66 -50.26 -73.17
CA MET C 1730 60.02 -49.76 -73.24
C MET C 1730 60.65 -50.24 -74.56
N THR C 1731 60.31 -49.53 -75.63
CA THR C 1731 60.75 -49.89 -76.97
C THR C 1731 61.37 -48.69 -77.67
N GLU C 1732 61.91 -48.96 -78.87
CA GLU C 1732 62.60 -47.92 -79.63
C GLU C 1732 61.65 -46.83 -80.08
N GLU C 1733 60.43 -47.19 -80.48
CA GLU C 1733 59.45 -46.16 -80.82
C GLU C 1733 59.12 -45.30 -79.61
N THR C 1734 59.06 -45.91 -78.43
CA THR C 1734 58.88 -45.15 -77.20
C THR C 1734 60.03 -44.19 -76.97
N LYS C 1735 61.27 -44.65 -77.19
CA LYS C 1735 62.42 -43.76 -77.05
C LYS C 1735 62.45 -42.69 -78.13
N SER C 1736 61.76 -42.90 -79.24
CA SER C 1736 61.80 -41.98 -80.37
C SER C 1736 60.70 -40.93 -80.35
N ILE C 1737 59.56 -41.22 -79.74
CA ILE C 1737 58.45 -40.26 -79.76
C ILE C 1737 58.84 -39.02 -78.97
N THR C 1738 58.61 -37.84 -79.55
CA THR C 1738 58.86 -36.56 -78.92
C THR C 1738 57.54 -35.79 -78.80
N LEU C 1739 57.63 -34.56 -78.30
CA LEU C 1739 56.43 -33.76 -78.07
C LEU C 1739 56.10 -32.85 -79.25
N PHE C 1740 57.09 -32.09 -79.73
CA PHE C 1740 56.89 -31.22 -80.88
C PHE C 1740 57.46 -31.88 -82.13
N PRO C 1741 56.65 -32.13 -83.16
CA PRO C 1741 57.18 -32.81 -84.35
C PRO C 1741 58.28 -32.03 -85.04
N ASP C 1742 58.28 -30.70 -84.93
CA ASP C 1742 59.25 -29.84 -85.60
C ASP C 1742 59.94 -28.97 -84.55
N GLU C 1743 61.10 -28.43 -84.93
CA GLU C 1743 61.79 -27.49 -84.06
C GLU C 1743 60.94 -26.27 -83.76
N ASN C 1744 59.97 -25.95 -84.61
CA ASN C 1744 59.02 -24.89 -84.33
C ASN C 1744 58.04 -25.32 -83.25
N LYS C 1745 57.40 -24.33 -82.63
CA LYS C 1745 56.39 -24.59 -81.61
C LYS C 1745 55.10 -25.17 -82.17
N LYS C 1746 55.05 -25.50 -83.46
CA LYS C 1746 53.85 -26.09 -84.05
C LYS C 1746 53.53 -27.41 -83.37
N HIS C 1747 52.32 -27.51 -82.81
CA HIS C 1747 51.93 -28.70 -82.08
C HIS C 1747 51.59 -29.86 -83.01
N GLY C 1748 51.03 -29.57 -84.18
CA GLY C 1748 50.54 -30.60 -85.07
C GLY C 1748 49.09 -30.94 -84.82
N LEU C 1749 48.48 -31.57 -85.81
CA LEU C 1749 47.06 -31.93 -85.70
C LEU C 1749 46.89 -32.99 -84.62
N PRO C 1750 45.95 -32.81 -83.69
CA PRO C 1750 45.78 -33.78 -82.61
C PRO C 1750 45.36 -35.14 -83.14
N GLY C 1751 45.84 -36.18 -82.47
CA GLY C 1751 45.53 -37.54 -82.85
C GLY C 1751 46.34 -38.09 -84.00
N ILE C 1752 47.27 -37.31 -84.54
CA ILE C 1752 48.10 -37.73 -85.66
C ILE C 1752 49.54 -37.81 -85.18
N GLY C 1753 50.07 -39.02 -85.13
CA GLY C 1753 51.42 -39.23 -84.65
C GLY C 1753 51.60 -40.64 -84.16
N LEU C 1754 52.85 -40.96 -83.85
CA LEU C 1754 53.18 -42.30 -83.37
C LEU C 1754 52.68 -42.48 -81.94
N SER C 1755 52.00 -43.61 -81.71
CA SER C 1755 51.49 -43.96 -80.39
C SER C 1755 51.98 -45.36 -80.05
N THR C 1756 52.53 -45.52 -78.84
CA THR C 1756 53.13 -46.78 -78.43
C THR C 1756 52.38 -47.46 -77.29
N SER C 1757 51.40 -46.79 -76.69
CA SER C 1757 50.78 -47.31 -75.48
C SER C 1757 50.07 -48.64 -75.74
N LEU C 1758 50.12 -49.54 -74.76
CA LEU C 1758 49.43 -50.80 -74.87
C LEU C 1758 47.93 -50.58 -75.00
N ARG C 1759 47.33 -51.24 -75.99
CA ARG C 1759 45.91 -51.12 -76.26
C ARG C 1759 45.34 -52.49 -76.55
N PRO C 1760 44.08 -52.73 -76.24
CA PRO C 1760 43.47 -54.03 -76.52
C PRO C 1760 43.49 -54.34 -78.01
N ARG C 1761 43.78 -55.59 -78.34
CA ARG C 1761 43.85 -56.00 -79.74
C ARG C 1761 42.45 -56.12 -80.32
N MET C 1762 42.27 -55.53 -81.50
CA MET C 1762 40.98 -55.59 -82.18
C MET C 1762 40.78 -56.99 -82.74
N ARG C 1763 39.64 -57.59 -82.46
CA ARG C 1763 39.32 -58.90 -83.01
C ARG C 1763 37.81 -59.02 -83.12
N PHE C 1764 37.33 -59.43 -84.30
CA PHE C 1764 35.91 -59.63 -84.54
C PHE C 1764 35.69 -61.00 -85.13
N SER C 1765 34.91 -61.83 -84.44
CA SER C 1765 34.61 -63.16 -84.95
C SER C 1765 33.65 -63.08 -86.12
N SER C 1766 33.87 -63.94 -87.11
CA SER C 1766 33.00 -63.96 -88.29
C SER C 1766 31.62 -64.49 -87.90
N PRO C 1767 30.54 -63.78 -88.25
CA PRO C 1767 29.18 -64.21 -87.91
C PRO C 1767 28.71 -65.38 -88.76
N CYS C 1776 31.43 -69.89 -81.22
CA CYS C 1776 31.59 -69.72 -79.77
C CYS C 1776 31.12 -68.34 -79.35
N TYR C 1777 30.96 -67.44 -80.33
CA TYR C 1777 30.52 -66.07 -80.08
C TYR C 1777 31.42 -65.36 -79.07
N GLN C 1778 32.73 -65.49 -79.29
CA GLN C 1778 33.69 -64.84 -78.40
C GLN C 1778 33.69 -63.33 -78.58
N TYR C 1779 33.58 -62.87 -79.82
CA TYR C 1779 33.67 -61.44 -80.13
C TYR C 1779 32.49 -61.01 -80.99
N SER C 1780 32.42 -59.70 -81.22
CA SER C 1780 31.34 -59.13 -82.02
C SER C 1780 31.52 -59.50 -83.49
N PRO C 1781 30.42 -59.60 -84.24
CA PRO C 1781 30.52 -59.91 -85.67
C PRO C 1781 31.34 -58.88 -86.42
N GLU C 1782 32.08 -59.36 -87.43
CA GLU C 1782 32.94 -58.48 -88.22
C GLU C 1782 32.11 -57.60 -89.16
N PHE C 1783 32.69 -56.46 -89.53
CA PHE C 1783 32.04 -55.47 -90.37
C PHE C 1783 33.05 -54.90 -91.35
N PRO C 1784 32.60 -54.44 -92.53
CA PRO C 1784 33.52 -53.83 -93.49
C PRO C 1784 33.98 -52.44 -93.08
N LEU C 1785 35.05 -52.38 -92.28
CA LEU C 1785 35.48 -51.12 -91.68
C LEU C 1785 35.89 -50.09 -92.74
N ASP C 1786 36.56 -50.53 -93.81
CA ASP C 1786 36.98 -49.57 -94.83
C ASP C 1786 35.80 -48.98 -95.59
N ILE C 1787 34.83 -49.82 -95.94
CA ILE C 1787 33.61 -49.32 -96.57
C ILE C 1787 32.90 -48.36 -95.64
N LEU C 1788 32.85 -48.69 -94.36
CA LEU C 1788 32.22 -47.80 -93.39
C LEU C 1788 32.96 -46.47 -93.30
N LYS C 1789 34.31 -46.52 -93.35
CA LYS C 1789 35.11 -45.30 -93.39
C LYS C 1789 34.70 -44.41 -94.54
N ALA C 1790 34.71 -44.96 -95.75
CA ALA C 1790 34.40 -44.15 -96.93
C ALA C 1790 32.99 -43.61 -96.85
N LYS C 1791 32.05 -44.46 -96.43
CA LYS C 1791 30.65 -44.04 -96.33
C LYS C 1791 30.49 -42.90 -95.35
N THR C 1792 31.02 -43.05 -94.14
CA THR C 1792 30.83 -42.01 -93.13
C THR C 1792 31.53 -40.72 -93.54
N ILE C 1793 32.69 -40.80 -94.20
CA ILE C 1793 33.37 -39.59 -94.64
C ILE C 1793 32.52 -38.85 -95.68
N GLN C 1794 32.03 -39.57 -96.70
CA GLN C 1794 31.28 -38.89 -97.74
C GLN C 1794 29.98 -38.31 -97.21
N MET C 1795 29.25 -39.06 -96.38
CA MET C 1795 28.01 -38.50 -95.84
C MET C 1795 28.27 -37.37 -94.86
N LEU C 1796 29.39 -37.40 -94.12
CA LEU C 1796 29.68 -36.27 -93.23
C LEU C 1796 29.98 -35.02 -94.02
N THR C 1797 30.74 -35.14 -95.11
CA THR C 1797 31.00 -33.97 -95.95
C THR C 1797 29.72 -33.42 -96.56
N GLU C 1798 28.90 -34.31 -97.12
CA GLU C 1798 27.64 -33.85 -97.70
C GLU C 1798 26.73 -33.23 -96.64
N ALA C 1799 26.73 -33.80 -95.44
CA ALA C 1799 25.88 -33.28 -94.37
C ALA C 1799 26.34 -31.90 -93.92
N VAL C 1800 27.65 -31.69 -93.80
CA VAL C 1800 28.12 -30.37 -93.38
C VAL C 1800 27.85 -29.34 -94.47
N LYS C 1801 27.98 -29.73 -95.74
CA LYS C 1801 27.64 -28.81 -96.82
C LYS C 1801 26.15 -28.46 -96.81
N GLU C 1802 25.29 -29.47 -96.59
CA GLU C 1802 23.86 -29.23 -96.55
C GLU C 1802 23.47 -28.36 -95.36
N GLY C 1803 24.08 -28.59 -94.20
CA GLY C 1803 23.82 -27.74 -93.05
C GLY C 1803 24.30 -26.32 -93.29
N SER C 1804 25.41 -26.16 -94.01
CA SER C 1804 25.89 -24.83 -94.36
C SER C 1804 24.88 -24.11 -95.26
N LEU C 1805 24.31 -24.82 -96.23
CA LEU C 1805 23.34 -24.16 -97.11
C LEU C 1805 21.97 -24.02 -96.47
N HIS C 1806 21.71 -24.69 -95.33
CA HIS C 1806 20.47 -24.54 -94.58
C HIS C 1806 19.25 -24.91 -95.41
N ALA C 1807 19.19 -26.17 -95.81
CA ALA C 1807 18.02 -26.68 -96.52
C ALA C 1807 16.84 -26.79 -95.57
N ARG C 1808 15.63 -26.71 -96.14
CA ARG C 1808 14.41 -26.87 -95.37
C ARG C 1808 13.99 -28.32 -95.23
N ASP C 1809 14.75 -29.25 -95.80
CA ASP C 1809 14.44 -30.69 -95.76
C ASP C 1809 15.65 -31.48 -95.30
N PRO C 1810 16.00 -31.39 -94.01
CA PRO C 1810 17.09 -32.21 -93.51
C PRO C 1810 16.73 -33.69 -93.54
N VAL C 1811 17.76 -34.53 -93.68
CA VAL C 1811 17.54 -35.97 -93.75
C VAL C 1811 16.88 -36.43 -92.45
N GLY C 1812 15.74 -37.11 -92.59
CA GLY C 1812 14.96 -37.51 -91.44
C GLY C 1812 13.95 -36.50 -90.97
N GLY C 1813 13.91 -35.31 -91.57
CA GLY C 1813 12.96 -34.28 -91.20
C GLY C 1813 13.44 -33.28 -90.17
N THR C 1814 14.59 -33.53 -89.54
CA THR C 1814 15.12 -32.61 -88.55
C THR C 1814 16.64 -32.66 -88.61
N THR C 1815 17.27 -31.51 -88.37
CA THR C 1815 18.72 -31.46 -88.35
C THR C 1815 19.30 -32.35 -87.26
N GLU C 1816 18.56 -32.53 -86.16
CA GLU C 1816 19.00 -33.47 -85.12
C GLU C 1816 19.08 -34.89 -85.67
N PHE C 1817 18.03 -35.32 -86.39
CA PHE C 1817 18.09 -36.65 -86.99
C PHE C 1817 19.14 -36.72 -88.08
N LEU C 1818 19.43 -35.60 -88.73
CA LEU C 1818 20.47 -35.59 -89.76
C LEU C 1818 21.85 -35.82 -89.14
N PHE C 1819 22.15 -35.15 -88.03
CA PHE C 1819 23.51 -35.13 -87.50
C PHE C 1819 23.76 -36.13 -86.39
N VAL C 1820 22.87 -36.20 -85.39
CA VAL C 1820 23.18 -36.94 -84.17
C VAL C 1820 23.60 -38.38 -84.43
N PRO C 1821 22.85 -39.20 -85.19
CA PRO C 1821 23.35 -40.56 -85.44
C PRO C 1821 24.65 -40.61 -86.22
N LEU C 1822 24.81 -39.73 -87.20
CA LEU C 1822 26.03 -39.72 -88.00
C LEU C 1822 27.24 -39.35 -87.14
N ILE C 1823 27.11 -38.31 -86.32
CA ILE C 1823 28.23 -37.92 -85.48
C ILE C 1823 28.49 -38.96 -84.39
N LYS C 1824 27.44 -39.65 -83.93
CA LYS C 1824 27.66 -40.75 -82.99
C LYS C 1824 28.48 -41.86 -83.63
N LEU C 1825 28.14 -42.23 -84.87
CA LEU C 1825 28.91 -43.27 -85.57
C LEU C 1825 30.35 -42.83 -85.77
N PHE C 1826 30.55 -41.57 -86.20
CA PHE C 1826 31.90 -41.07 -86.41
C PHE C 1826 32.69 -41.04 -85.10
N TYR C 1827 32.03 -40.66 -84.00
CA TYR C 1827 32.68 -40.63 -82.71
C TYR C 1827 33.10 -42.02 -82.25
N THR C 1828 32.21 -43.02 -82.45
CA THR C 1828 32.56 -44.38 -82.08
C THR C 1828 33.74 -44.89 -82.90
N LEU C 1829 33.74 -44.61 -84.21
CA LEU C 1829 34.87 -45.01 -85.03
C LEU C 1829 36.15 -44.33 -84.57
N LEU C 1830 36.07 -43.05 -84.22
CA LEU C 1830 37.26 -42.34 -83.75
C LEU C 1830 37.77 -42.93 -82.44
N ILE C 1831 36.86 -43.29 -81.53
CA ILE C 1831 37.29 -43.94 -80.29
C ILE C 1831 37.98 -45.26 -80.60
N MET C 1832 37.40 -46.06 -81.49
CA MET C 1832 38.04 -47.31 -81.86
C MET C 1832 39.33 -47.09 -82.61
N GLY C 1833 39.58 -45.88 -83.10
CA GLY C 1833 40.86 -45.59 -83.74
C GLY C 1833 41.00 -46.19 -85.12
N ILE C 1834 39.88 -46.48 -85.80
CA ILE C 1834 39.95 -47.05 -87.13
C ILE C 1834 40.57 -46.06 -88.10
N PHE C 1835 40.18 -44.79 -88.01
CA PHE C 1835 40.64 -43.78 -88.97
C PHE C 1835 42.16 -43.66 -88.94
N HIS C 1836 42.75 -43.55 -90.12
CA HIS C 1836 44.18 -43.38 -90.25
C HIS C 1836 44.51 -41.89 -90.35
N ASN C 1837 45.79 -41.56 -90.57
CA ASN C 1837 46.23 -40.18 -90.49
C ASN C 1837 45.53 -39.29 -91.50
N GLU C 1838 45.39 -39.77 -92.74
CA GLU C 1838 44.73 -38.98 -93.77
C GLU C 1838 43.26 -38.75 -93.43
N ASP C 1839 42.60 -39.78 -92.90
CA ASP C 1839 41.20 -39.63 -92.50
C ASP C 1839 41.05 -38.62 -91.38
N LEU C 1840 41.97 -38.64 -90.41
CA LEU C 1840 41.93 -37.63 -89.36
C LEU C 1840 42.18 -36.24 -89.92
N LYS C 1841 43.09 -36.12 -90.89
CA LYS C 1841 43.33 -34.83 -91.52
C LYS C 1841 42.06 -34.30 -92.17
N HIS C 1842 41.38 -35.15 -92.95
CA HIS C 1842 40.15 -34.72 -93.60
C HIS C 1842 39.06 -34.37 -92.58
N ILE C 1843 38.98 -35.15 -91.50
CA ILE C 1843 37.98 -34.88 -90.47
C ILE C 1843 38.23 -33.52 -89.83
N LEU C 1844 39.49 -33.23 -89.50
CA LEU C 1844 39.80 -31.94 -88.90
C LEU C 1844 39.56 -30.80 -89.88
N GLN C 1845 39.88 -31.00 -91.15
CA GLN C 1845 39.61 -29.96 -92.15
C GLN C 1845 38.13 -29.68 -92.27
N LEU C 1846 37.30 -30.72 -92.24
CA LEU C 1846 35.86 -30.49 -92.40
C LEU C 1846 35.24 -29.88 -91.16
N ILE C 1847 35.69 -30.30 -89.97
CA ILE C 1847 35.11 -29.73 -88.76
C ILE C 1847 35.55 -28.28 -88.56
N GLU C 1848 36.81 -27.98 -88.86
CA GLU C 1848 37.33 -26.62 -88.70
C GLU C 1848 38.51 -26.44 -89.66
N PRO C 1849 38.30 -25.83 -90.82
CA PRO C 1849 39.39 -25.74 -91.79
C PRO C 1849 40.44 -24.71 -91.41
N SER C 1850 40.05 -23.60 -90.80
CA SER C 1850 40.99 -22.52 -90.55
C SER C 1850 42.03 -22.92 -89.49
N VAL C 1851 41.57 -23.48 -88.38
CA VAL C 1851 42.49 -23.82 -87.29
C VAL C 1851 43.37 -25.01 -87.69
N PHE C 1852 42.79 -26.04 -88.28
CA PHE C 1852 43.52 -27.25 -88.62
C PHE C 1852 44.05 -27.24 -90.05
N LYS C 1853 44.34 -26.06 -90.59
CA LYS C 1853 44.88 -25.95 -91.94
C LYS C 1853 46.32 -26.44 -91.95
N GLY C 1891 33.53 -26.05 -90.92
CA GLY C 1891 32.57 -25.08 -90.43
C GLY C 1891 31.50 -25.69 -89.55
N LEU C 1892 31.69 -26.97 -89.20
CA LEU C 1892 30.71 -27.68 -88.38
C LEU C 1892 30.54 -27.01 -87.03
N LEU C 1893 31.64 -26.55 -86.44
CA LEU C 1893 31.54 -25.79 -85.19
C LEU C 1893 30.76 -24.49 -85.39
N GLN C 1894 30.97 -23.83 -86.54
CA GLN C 1894 30.37 -22.52 -86.78
C GLN C 1894 28.90 -22.60 -87.16
N MET C 1895 28.40 -23.76 -87.60
CA MET C 1895 27.00 -23.85 -87.93
C MET C 1895 26.13 -23.72 -86.68
N LYS C 1896 24.85 -23.40 -86.89
CA LYS C 1896 23.88 -23.26 -85.81
C LYS C 1896 23.39 -24.65 -85.43
N LEU C 1897 24.09 -25.29 -84.54
CA LEU C 1897 23.86 -26.65 -84.09
C LEU C 1897 22.79 -26.69 -83.00
N PRO C 1898 22.03 -27.78 -82.93
CA PRO C 1898 21.16 -28.00 -81.78
C PRO C 1898 21.93 -28.59 -80.61
N GLU C 1899 21.24 -28.72 -79.48
CA GLU C 1899 21.87 -29.14 -78.24
C GLU C 1899 22.47 -30.55 -78.32
N PRO C 1900 21.75 -31.58 -78.80
CA PRO C 1900 22.39 -32.90 -78.88
C PRO C 1900 23.62 -32.92 -79.78
N VAL C 1901 23.57 -32.22 -80.91
CA VAL C 1901 24.71 -32.20 -81.83
C VAL C 1901 25.90 -31.54 -81.18
N LYS C 1902 25.67 -30.39 -80.54
CA LYS C 1902 26.78 -29.71 -79.88
C LYS C 1902 27.31 -30.53 -78.72
N LEU C 1903 26.45 -31.31 -78.04
CA LEU C 1903 26.93 -32.21 -77.01
C LEU C 1903 27.85 -33.29 -77.58
N GLN C 1904 27.46 -33.88 -78.71
CA GLN C 1904 28.31 -34.89 -79.33
C GLN C 1904 29.66 -34.31 -79.74
N MET C 1905 29.66 -33.11 -80.31
CA MET C 1905 30.97 -32.54 -80.67
C MET C 1905 31.75 -32.08 -79.45
N CYS C 1906 31.09 -31.75 -78.34
CA CYS C 1906 31.84 -31.55 -77.09
C CYS C 1906 32.55 -32.84 -76.68
N LEU C 1907 31.86 -33.98 -76.79
CA LEU C 1907 32.52 -35.25 -76.51
C LEU C 1907 33.68 -35.50 -77.47
N LEU C 1908 33.50 -35.13 -78.73
CA LEU C 1908 34.57 -35.30 -79.72
C LEU C 1908 35.80 -34.46 -79.34
N LEU C 1909 35.58 -33.20 -78.95
CA LEU C 1909 36.69 -32.36 -78.53
C LEU C 1909 37.34 -32.90 -77.28
N GLN C 1910 36.54 -33.47 -76.37
CA GLN C 1910 37.11 -34.08 -75.18
C GLN C 1910 38.01 -35.26 -75.55
N TYR C 1911 37.59 -36.06 -76.53
CA TYR C 1911 38.44 -37.16 -76.99
C TYR C 1911 39.74 -36.64 -77.59
N LEU C 1912 39.66 -35.55 -78.37
CA LEU C 1912 40.87 -34.97 -78.93
C LEU C 1912 41.82 -34.50 -77.82
N CYS C 1913 41.27 -33.87 -76.79
CA CYS C 1913 42.11 -33.45 -75.66
C CYS C 1913 42.75 -34.65 -74.98
N ASP C 1914 41.99 -35.74 -74.81
CA ASP C 1914 42.54 -36.93 -74.18
C ASP C 1914 43.69 -37.51 -75.01
N CYS C 1915 43.54 -37.56 -76.33
CA CYS C 1915 44.61 -38.09 -77.17
C CYS C 1915 45.83 -37.20 -77.11
N GLN C 1916 45.63 -35.88 -77.07
CA GLN C 1916 46.76 -34.96 -76.94
C GLN C 1916 47.49 -35.18 -75.62
N VAL C 1917 46.74 -35.37 -74.53
CA VAL C 1917 47.36 -35.64 -73.23
C VAL C 1917 48.14 -36.95 -73.28
N ARG C 1918 47.60 -37.96 -73.97
CA ARG C 1918 48.31 -39.23 -74.09
C ARG C 1918 49.63 -39.04 -74.83
N HIS C 1919 49.63 -38.26 -75.90
CA HIS C 1919 50.87 -37.99 -76.63
C HIS C 1919 51.87 -37.24 -75.75
N ARG C 1920 51.38 -36.29 -74.94
CA ARG C 1920 52.26 -35.61 -74.00
C ARG C 1920 52.89 -36.59 -73.03
N ILE C 1921 52.10 -37.53 -72.51
CA ILE C 1921 52.64 -38.52 -71.58
C ILE C 1921 53.67 -39.40 -72.28
N GLU C 1922 53.45 -39.72 -73.55
CA GLU C 1922 54.43 -40.50 -74.29
C GLU C 1922 55.76 -39.76 -74.39
N ALA C 1923 55.70 -38.47 -74.72
CA ALA C 1923 56.93 -37.66 -74.78
C ALA C 1923 57.62 -37.59 -73.43
N ILE C 1924 56.83 -37.42 -72.37
CA ILE C 1924 57.39 -37.38 -71.01
C ILE C 1924 58.08 -38.70 -70.69
N VAL C 1925 57.47 -39.82 -71.08
CA VAL C 1925 58.07 -41.13 -70.82
C VAL C 1925 59.39 -41.27 -71.55
N ALA C 1926 59.44 -40.84 -72.82
CA ALA C 1926 60.69 -40.92 -73.57
C ALA C 1926 61.80 -40.13 -72.92
N PHE C 1927 61.52 -38.85 -72.62
CA PHE C 1927 62.56 -38.03 -72.01
C PHE C 1927 62.91 -38.54 -70.62
N SER C 1928 61.94 -39.10 -69.89
CA SER C 1928 62.22 -39.67 -68.59
C SER C 1928 63.17 -40.84 -68.70
N ASP C 1929 62.96 -41.71 -69.69
CA ASP C 1929 63.89 -42.81 -69.92
C ASP C 1929 65.31 -42.29 -70.14
N ASP C 1930 65.46 -41.35 -71.08
CA ASP C 1930 66.80 -40.88 -71.41
C ASP C 1930 67.46 -40.20 -70.21
N PHE C 1931 66.71 -39.31 -69.54
CA PHE C 1931 67.26 -38.55 -68.43
C PHE C 1931 67.60 -39.46 -67.26
N VAL C 1932 66.76 -40.44 -66.96
CA VAL C 1932 67.04 -41.31 -65.83
C VAL C 1932 68.21 -42.23 -66.16
N ALA C 1933 68.39 -42.60 -67.42
CA ALA C 1933 69.58 -43.35 -67.78
C ALA C 1933 70.84 -42.53 -67.51
N LYS C 1934 70.87 -41.29 -67.99
CA LYS C 1934 72.03 -40.44 -67.75
C LYS C 1934 72.27 -40.24 -66.26
N LEU C 1935 71.20 -39.94 -65.52
CA LEU C 1935 71.32 -39.67 -64.08
C LEU C 1935 71.81 -40.91 -63.34
N GLN C 1936 71.29 -42.09 -63.69
CA GLN C 1936 71.69 -43.31 -63.01
C GLN C 1936 73.17 -43.60 -63.24
N ASP C 1937 73.63 -43.52 -64.50
CA ASP C 1937 75.04 -43.81 -64.75
C ASP C 1937 75.94 -42.78 -64.07
N ASN C 1938 75.56 -41.50 -64.12
CA ASN C 1938 76.39 -40.47 -63.49
C ASN C 1938 76.43 -40.64 -61.97
N GLN C 1939 75.29 -40.96 -61.36
CA GLN C 1939 75.25 -41.12 -59.91
C GLN C 1939 76.05 -42.34 -59.47
N ARG C 1940 75.97 -43.43 -60.23
CA ARG C 1940 76.78 -44.60 -59.89
C ARG C 1940 78.28 -44.29 -60.04
N PHE C 1941 78.64 -43.57 -61.10
CA PHE C 1941 80.04 -43.19 -61.28
C PHE C 1941 80.53 -42.30 -60.14
N ARG C 1942 79.72 -41.33 -59.74
CA ARG C 1942 80.16 -40.43 -58.67
C ARG C 1942 80.19 -41.13 -57.32
N TYR C 1943 79.28 -42.08 -57.09
CA TYR C 1943 79.33 -42.86 -55.85
C TYR C 1943 80.58 -43.73 -55.81
N ASN C 1944 80.95 -44.34 -56.94
CA ASN C 1944 82.20 -45.09 -57.00
C ASN C 1944 83.38 -44.17 -56.75
N GLU C 1945 83.37 -42.96 -57.33
CA GLU C 1945 84.46 -42.02 -57.12
C GLU C 1945 84.58 -41.62 -55.66
N VAL C 1946 83.46 -41.37 -55.00
CA VAL C 1946 83.48 -41.06 -53.57
C VAL C 1946 84.02 -42.24 -52.78
N MET C 1947 83.63 -43.45 -53.16
CA MET C 1947 84.14 -44.64 -52.46
C MET C 1947 85.65 -44.77 -52.61
N GLN C 1948 86.21 -44.27 -53.72
CA GLN C 1948 87.64 -44.38 -53.96
C GLN C 1948 88.47 -43.50 -53.03
N ALA C 1949 87.84 -42.61 -52.27
CA ALA C 1949 88.58 -41.75 -51.37
C ALA C 1949 89.32 -42.57 -50.32
N LEU C 1950 90.61 -42.24 -50.12
CA LEU C 1950 91.43 -43.00 -49.18
C LEU C 1950 91.01 -42.72 -47.74
N ASN C 1951 90.71 -41.47 -47.41
CA ASN C 1951 90.37 -41.08 -46.05
C ASN C 1951 88.86 -41.10 -45.87
N MET C 1952 88.40 -41.66 -44.76
CA MET C 1952 86.99 -41.71 -44.41
C MET C 1952 86.76 -40.78 -43.23
N SER C 1953 85.81 -39.85 -43.38
CA SER C 1953 85.58 -38.83 -42.37
C SER C 1953 84.08 -38.55 -42.30
N ALA C 1954 83.73 -37.45 -41.62
CA ALA C 1954 82.33 -37.07 -41.49
C ALA C 1954 81.72 -36.76 -42.85
N ALA C 1955 82.45 -36.05 -43.70
CA ALA C 1955 81.96 -35.78 -45.05
C ALA C 1955 81.80 -37.08 -45.83
N LEU C 1956 82.72 -38.03 -45.67
CA LEU C 1956 82.62 -39.29 -46.38
C LEU C 1956 81.40 -40.09 -45.94
N THR C 1957 81.13 -40.15 -44.64
CA THR C 1957 79.94 -40.87 -44.20
C THR C 1957 78.66 -40.11 -44.56
N ALA C 1958 78.74 -38.78 -44.65
CA ALA C 1958 77.61 -38.00 -45.14
C ALA C 1958 77.29 -38.37 -46.59
N ARG C 1959 78.31 -38.49 -47.44
CA ARG C 1959 78.08 -38.93 -48.81
C ARG C 1959 77.63 -40.38 -48.87
N LYS C 1960 78.11 -41.22 -47.96
CA LYS C 1960 77.66 -42.61 -47.92
C LYS C 1960 76.17 -42.69 -47.63
N THR C 1961 75.69 -41.92 -46.66
CA THR C 1961 74.25 -41.85 -46.41
C THR C 1961 73.53 -41.17 -47.57
N ARG C 1962 74.19 -40.21 -48.22
CA ARG C 1962 73.63 -39.49 -49.37
C ARG C 1962 73.31 -40.44 -50.51
N GLU C 1963 74.20 -41.39 -50.79
CA GLU C 1963 74.07 -42.29 -51.93
C GLU C 1963 73.38 -43.61 -51.57
N PHE C 1964 73.94 -44.34 -50.60
CA PHE C 1964 73.52 -45.72 -50.37
C PHE C 1964 72.36 -45.83 -49.39
N ARG C 1965 72.44 -45.15 -48.24
CA ARG C 1965 71.47 -45.36 -47.17
C ARG C 1965 70.07 -44.93 -47.59
N SER C 1966 69.95 -43.83 -48.31
CA SER C 1966 68.64 -43.31 -48.65
C SER C 1966 67.90 -44.26 -49.59
N PRO C 1967 66.61 -44.48 -49.37
CA PRO C 1967 65.83 -45.37 -50.26
C PRO C 1967 65.72 -44.77 -51.65
N PRO C 1968 65.46 -45.60 -52.66
CA PRO C 1968 65.48 -45.08 -54.04
C PRO C 1968 64.55 -43.91 -54.30
N GLN C 1969 63.34 -43.92 -53.71
CA GLN C 1969 62.43 -42.79 -53.90
C GLN C 1969 63.00 -41.53 -53.28
N GLU C 1970 63.62 -41.65 -52.10
CA GLU C 1970 64.30 -40.51 -51.50
C GLU C 1970 65.45 -40.04 -52.38
N GLN C 1971 66.16 -40.97 -53.01
CA GLN C 1971 67.23 -40.59 -53.93
C GLN C 1971 66.69 -39.79 -55.10
N ILE C 1972 65.55 -40.22 -55.65
CA ILE C 1972 64.96 -39.50 -56.79
C ILE C 1972 64.52 -38.11 -56.36
N ASN C 1973 63.85 -38.00 -55.21
CA ASN C 1973 63.42 -36.69 -54.73
C ASN C 1973 64.63 -35.79 -54.45
N MET C 1974 65.68 -36.35 -53.87
CA MET C 1974 66.92 -35.61 -53.64
C MET C 1974 67.55 -35.14 -54.94
N LEU C 1975 67.56 -36.01 -55.96
CA LEU C 1975 68.16 -35.62 -57.24
C LEU C 1975 67.29 -34.62 -57.98
N LEU C 1976 66.01 -34.54 -57.66
CA LEU C 1976 65.09 -33.60 -58.28
C LEU C 1976 64.78 -32.40 -57.38
N ASN C 1977 65.50 -32.22 -56.27
CA ASN C 1977 65.23 -31.08 -55.40
C ASN C 1977 65.63 -29.75 -56.01
N PHE C 1978 66.31 -29.74 -57.16
CA PHE C 1978 66.83 -28.51 -57.74
C PHE C 1978 65.80 -27.74 -58.56
N LYS C 1979 64.52 -27.96 -58.29
CA LYS C 1979 63.47 -27.18 -58.97
C LYS C 1979 63.71 -25.70 -58.80
N ASP C 1980 64.00 -25.26 -57.58
CA ASP C 1980 64.37 -23.87 -57.35
C ASP C 1980 65.79 -23.62 -57.86
N ASP C 1981 66.10 -22.34 -58.05
CA ASP C 1981 67.39 -21.94 -58.60
C ASP C 1981 68.50 -22.23 -57.61
N LYS C 1982 69.34 -23.23 -57.94
CA LYS C 1982 70.50 -23.59 -57.13
C LYS C 1982 70.11 -23.92 -55.69
N SER C 1983 69.10 -24.79 -55.56
CA SER C 1983 68.60 -25.19 -54.24
C SER C 1983 69.13 -26.59 -53.92
N GLU C 1984 70.37 -26.63 -53.43
CA GLU C 1984 71.04 -27.87 -53.05
C GLU C 1984 70.99 -28.90 -54.17
N CYS C 1985 71.40 -28.46 -55.36
CA CYS C 1985 71.37 -29.32 -56.53
C CYS C 1985 72.39 -30.43 -56.41
N PRO C 1986 72.17 -31.56 -57.10
CA PRO C 1986 73.19 -32.62 -57.13
C PRO C 1986 74.43 -32.20 -57.89
N CYS C 1987 75.43 -33.09 -57.95
CA CYS C 1987 76.68 -32.75 -58.63
C CYS C 1987 76.49 -32.37 -60.09
N PRO C 1988 75.75 -33.12 -60.91
CA PRO C 1988 75.59 -32.71 -62.31
C PRO C 1988 74.79 -31.42 -62.46
N GLU C 1989 75.12 -30.67 -63.51
CA GLU C 1989 74.40 -29.45 -63.87
C GLU C 1989 73.99 -29.43 -65.34
N GLU C 1990 74.68 -30.16 -66.22
CA GLU C 1990 74.22 -30.30 -67.59
C GLU C 1990 72.85 -30.96 -67.63
N ILE C 1991 72.64 -31.98 -66.79
CA ILE C 1991 71.33 -32.60 -66.73
C ILE C 1991 70.32 -31.63 -66.13
N ARG C 1992 70.74 -30.75 -65.21
CA ARG C 1992 69.84 -29.71 -64.73
C ARG C 1992 69.36 -28.84 -65.88
N ASP C 1993 70.29 -28.40 -66.72
CA ASP C 1993 69.93 -27.58 -67.87
C ASP C 1993 69.00 -28.34 -68.81
N GLN C 1994 69.30 -29.61 -69.07
CA GLN C 1994 68.47 -30.42 -69.98
C GLN C 1994 67.06 -30.58 -69.42
N LEU C 1995 66.94 -30.86 -68.12
CA LEU C 1995 65.62 -31.04 -67.52
C LEU C 1995 64.85 -29.74 -67.49
N LEU C 1996 65.53 -28.61 -67.25
CA LEU C 1996 64.86 -27.32 -67.31
C LEU C 1996 64.34 -27.04 -68.71
N ASP C 1997 65.14 -27.35 -69.73
CA ASP C 1997 64.68 -27.15 -71.10
C ASP C 1997 63.48 -28.04 -71.41
N PHE C 1998 63.53 -29.30 -70.97
CA PHE C 1998 62.40 -30.19 -71.22
C PHE C 1998 61.15 -29.70 -70.49
N HIS C 1999 61.29 -29.22 -69.26
CA HIS C 1999 60.13 -28.69 -68.55
C HIS C 1999 59.58 -27.47 -69.25
N GLU C 2000 60.46 -26.60 -69.76
CA GLU C 2000 59.99 -25.42 -70.49
C GLU C 2000 59.20 -25.82 -71.73
N ASP C 2001 59.73 -26.77 -72.52
CA ASP C 2001 59.01 -27.14 -73.74
C ASP C 2001 57.74 -27.92 -73.42
N LEU C 2002 57.72 -28.66 -72.31
CA LEU C 2002 56.49 -29.31 -71.87
C LEU C 2002 55.43 -28.29 -71.49
N MET C 2003 55.84 -27.23 -70.77
CA MET C 2003 54.90 -26.15 -70.46
C MET C 2003 54.39 -25.51 -71.74
N THR C 2004 55.27 -25.28 -72.71
CA THR C 2004 54.86 -24.68 -73.97
C THR C 2004 53.86 -25.57 -74.70
N HIS C 2005 54.11 -26.89 -74.71
CA HIS C 2005 53.15 -27.80 -75.32
C HIS C 2005 51.83 -27.81 -74.58
N CYS C 2006 51.86 -27.62 -73.27
CA CYS C 2006 50.65 -27.48 -72.48
C CYS C 2006 50.12 -26.05 -72.64
N GLY C 2007 49.14 -25.69 -71.81
CA GLY C 2007 48.56 -24.36 -71.89
C GLY C 2007 49.56 -23.26 -71.57
N ILE C 2008 50.50 -23.52 -70.66
CA ILE C 2008 51.47 -22.52 -70.24
C ILE C 2008 52.53 -22.30 -71.31
N SER C 2056 46.78 -24.73 -82.58
CA SER C 2056 46.01 -23.93 -81.62
C SER C 2056 44.63 -24.52 -81.40
N LEU C 2057 44.57 -25.58 -80.59
CA LEU C 2057 43.30 -26.26 -80.33
C LEU C 2057 42.58 -25.72 -79.10
N GLN C 2058 43.31 -25.45 -78.02
CA GLN C 2058 42.68 -25.00 -76.78
C GLN C 2058 41.99 -23.66 -76.96
N GLN C 2059 42.64 -22.72 -77.65
CA GLN C 2059 42.03 -21.42 -77.89
C GLN C 2059 40.77 -21.56 -78.71
N LEU C 2060 40.79 -22.40 -79.75
CA LEU C 2060 39.61 -22.61 -80.56
C LEU C 2060 38.47 -23.19 -79.73
N ILE C 2061 38.78 -24.19 -78.90
CA ILE C 2061 37.74 -24.83 -78.09
C ILE C 2061 37.13 -23.84 -77.11
N SER C 2062 37.99 -23.07 -76.43
CA SER C 2062 37.49 -22.08 -75.48
C SER C 2062 36.64 -21.02 -76.17
N GLU C 2063 37.08 -20.54 -77.34
CA GLU C 2063 36.33 -19.52 -78.05
C GLU C 2063 34.97 -20.05 -78.49
N THR C 2064 34.92 -21.27 -79.02
CA THR C 2064 33.65 -21.84 -79.42
C THR C 2064 32.72 -22.04 -78.22
N MET C 2065 33.27 -22.48 -77.09
CA MET C 2065 32.45 -22.71 -75.91
C MET C 2065 31.87 -21.40 -75.38
N VAL C 2066 32.69 -20.35 -75.27
CA VAL C 2066 32.17 -19.09 -74.77
C VAL C 2066 31.17 -18.49 -75.75
N ARG C 2067 31.41 -18.66 -77.06
CA ARG C 2067 30.46 -18.17 -78.05
C ARG C 2067 29.11 -18.86 -77.91
N TRP C 2068 29.12 -20.20 -77.81
CA TRP C 2068 27.88 -20.93 -77.66
C TRP C 2068 27.17 -20.55 -76.36
N ALA C 2069 27.92 -20.39 -75.27
CA ALA C 2069 27.30 -20.01 -74.00
C ALA C 2069 26.65 -18.64 -74.10
N GLN C 2070 27.31 -17.69 -74.77
CA GLN C 2070 26.75 -16.36 -74.92
C GLN C 2070 25.62 -16.29 -75.93
N GLU C 2071 25.51 -17.28 -76.83
CA GLU C 2071 24.46 -17.24 -77.83
C GLU C 2071 23.07 -17.21 -77.19
N SER C 2072 22.79 -18.14 -76.28
CA SER C 2072 21.46 -18.23 -75.69
C SER C 2072 21.53 -19.08 -74.43
N VAL C 2073 20.43 -19.05 -73.66
CA VAL C 2073 20.33 -19.85 -72.46
C VAL C 2073 20.23 -21.33 -72.84
N ILE C 2074 20.97 -22.17 -72.13
CA ILE C 2074 21.05 -23.60 -72.43
C ILE C 2074 20.22 -24.35 -71.40
N GLU C 2075 19.40 -25.29 -71.87
CA GLU C 2075 18.43 -25.96 -71.01
C GLU C 2075 18.88 -27.32 -70.52
N ASP C 2076 19.90 -27.93 -71.13
CA ASP C 2076 20.29 -29.29 -70.78
C ASP C 2076 21.37 -29.24 -69.70
N PRO C 2077 21.10 -29.70 -68.47
CA PRO C 2077 22.14 -29.70 -67.45
C PRO C 2077 23.34 -30.54 -67.82
N GLU C 2078 23.13 -31.67 -68.48
CA GLU C 2078 24.26 -32.50 -68.90
C GLU C 2078 25.11 -31.77 -69.94
N LEU C 2079 24.45 -31.09 -70.89
CA LEU C 2079 25.19 -30.30 -71.86
C LEU C 2079 26.01 -29.22 -71.19
N VAL C 2080 25.43 -28.53 -70.21
CA VAL C 2080 26.16 -27.47 -69.51
C VAL C 2080 27.34 -28.04 -68.75
N ARG C 2081 27.13 -29.19 -68.09
CA ARG C 2081 28.22 -29.82 -67.34
C ARG C 2081 29.37 -30.22 -68.26
N ALA C 2082 29.05 -30.86 -69.39
CA ALA C 2082 30.09 -31.24 -70.34
C ALA C 2082 30.80 -30.01 -70.88
N MET C 2083 30.02 -28.97 -71.19
CA MET C 2083 30.57 -27.72 -71.69
C MET C 2083 31.62 -27.16 -70.73
N PHE C 2084 31.26 -27.06 -69.45
CA PHE C 2084 32.14 -26.43 -68.49
C PHE C 2084 33.32 -27.31 -68.10
N VAL C 2085 33.15 -28.64 -68.05
CA VAL C 2085 34.31 -29.48 -67.78
C VAL C 2085 35.29 -29.41 -68.94
N LEU C 2086 34.79 -29.35 -70.18
CA LEU C 2086 35.69 -29.21 -71.31
C LEU C 2086 36.41 -27.86 -71.29
N LEU C 2087 35.67 -26.79 -70.97
CA LEU C 2087 36.30 -25.47 -70.87
C LEU C 2087 37.37 -25.45 -69.78
N HIS C 2088 37.07 -26.05 -68.63
CA HIS C 2088 38.05 -26.09 -67.55
C HIS C 2088 39.28 -26.89 -67.94
N ARG C 2089 39.10 -28.01 -68.64
CA ARG C 2089 40.27 -28.79 -69.04
C ARG C 2089 41.09 -28.07 -70.10
N GLN C 2090 40.45 -27.23 -70.93
CA GLN C 2090 41.23 -26.38 -71.83
C GLN C 2090 42.03 -25.34 -71.04
N TYR C 2091 41.39 -24.69 -70.06
CA TYR C 2091 42.10 -23.66 -69.31
C TYR C 2091 43.17 -24.21 -68.38
N ASP C 2092 43.05 -25.47 -67.98
CA ASP C 2092 44.00 -26.10 -67.07
C ASP C 2092 44.45 -27.42 -67.67
N GLY C 2093 45.54 -27.40 -68.44
CA GLY C 2093 46.13 -28.64 -68.92
C GLY C 2093 47.01 -29.33 -67.91
N ILE C 2094 47.38 -28.63 -66.83
CA ILE C 2094 48.20 -29.24 -65.79
C ILE C 2094 47.41 -30.28 -65.01
N GLY C 2095 46.10 -30.07 -64.86
CA GLY C 2095 45.28 -31.02 -64.15
C GLY C 2095 45.32 -32.40 -64.77
N GLY C 2096 45.30 -32.46 -66.11
CA GLY C 2096 45.45 -33.74 -66.78
C GLY C 2096 46.76 -34.43 -66.43
N LEU C 2097 47.85 -33.66 -66.37
CA LEU C 2097 49.14 -34.24 -66.04
C LEU C 2097 49.16 -34.77 -64.60
N VAL C 2098 48.68 -33.97 -63.65
CA VAL C 2098 48.74 -34.40 -62.26
C VAL C 2098 47.75 -35.53 -61.99
N ARG C 2099 46.72 -35.69 -62.82
CA ARG C 2099 45.79 -36.80 -62.64
C ARG C 2099 46.15 -38.02 -63.48
N ALA C 2100 47.09 -37.89 -64.43
CA ALA C 2100 47.47 -39.02 -65.27
C ALA C 2100 48.83 -39.60 -64.93
N LEU C 2101 49.81 -38.78 -64.54
CA LEU C 2101 51.11 -39.31 -64.16
C LEU C 2101 51.04 -40.34 -63.03
N PRO C 2102 50.20 -40.20 -62.00
CA PRO C 2102 50.06 -41.31 -61.05
C PRO C 2102 49.64 -42.61 -61.70
N LYS C 2103 48.86 -42.58 -62.77
CA LYS C 2103 48.39 -43.78 -63.43
C LYS C 2103 49.27 -44.24 -64.58
N THR C 2104 50.28 -43.47 -64.97
CA THR C 2104 51.17 -43.89 -66.04
C THR C 2104 52.19 -44.88 -65.51
N TYR C 2105 52.68 -45.73 -66.41
CA TYR C 2105 53.63 -46.77 -66.03
C TYR C 2105 54.42 -47.18 -67.27
N THR C 2106 55.64 -47.65 -67.04
CA THR C 2106 56.52 -48.11 -68.11
C THR C 2106 56.84 -49.58 -67.88
N ILE C 2107 56.57 -50.41 -68.88
CA ILE C 2107 56.84 -51.84 -68.81
C ILE C 2107 57.95 -52.16 -69.80
N ASN C 2108 58.75 -53.17 -69.45
CA ASN C 2108 59.83 -53.59 -70.32
C ASN C 2108 59.28 -54.23 -71.59
N GLY C 2109 60.07 -54.14 -72.66
CA GLY C 2109 59.64 -54.68 -73.94
C GLY C 2109 59.57 -56.19 -73.98
N VAL C 2110 60.20 -56.87 -73.03
CA VAL C 2110 60.18 -58.33 -73.02
C VAL C 2110 58.80 -58.85 -72.65
N SER C 2111 58.12 -58.21 -71.70
CA SER C 2111 56.86 -58.67 -71.18
C SER C 2111 55.66 -57.96 -71.79
N VAL C 2112 55.78 -57.51 -73.04
CA VAL C 2112 54.67 -56.80 -73.68
C VAL C 2112 53.48 -57.72 -73.86
N GLU C 2113 53.71 -58.96 -74.28
CA GLU C 2113 52.60 -59.90 -74.46
C GLU C 2113 51.94 -60.23 -73.13
N ASP C 2114 52.74 -60.38 -72.06
CA ASP C 2114 52.16 -60.65 -70.75
C ASP C 2114 51.33 -59.46 -70.27
N THR C 2115 51.81 -58.24 -70.50
CA THR C 2115 51.04 -57.05 -70.14
C THR C 2115 49.73 -57.00 -70.93
N ILE C 2116 49.79 -57.34 -72.22
CA ILE C 2116 48.58 -57.32 -73.04
C ILE C 2116 47.57 -58.35 -72.53
N ASN C 2117 48.04 -59.55 -72.18
CA ASN C 2117 47.14 -60.55 -71.64
C ASN C 2117 46.54 -60.11 -70.31
N LEU C 2118 47.35 -59.49 -69.45
CA LEU C 2118 46.83 -58.98 -68.18
C LEU C 2118 45.76 -57.93 -68.40
N LEU C 2119 46.00 -57.00 -69.35
CA LEU C 2119 45.02 -55.96 -69.64
C LEU C 2119 43.75 -56.56 -70.23
N ALA C 2120 43.88 -57.59 -71.08
CA ALA C 2120 42.71 -58.24 -71.63
C ALA C 2120 41.87 -58.90 -70.53
N SER C 2121 42.52 -59.59 -69.61
CA SER C 2121 41.79 -60.22 -68.51
C SER C 2121 41.12 -59.17 -67.64
N LEU C 2122 41.82 -58.06 -67.36
CA LEU C 2122 41.23 -56.98 -66.58
C LEU C 2122 40.02 -56.39 -67.29
N GLY C 2123 40.12 -56.20 -68.61
CA GLY C 2123 38.98 -55.70 -69.36
C GLY C 2123 37.81 -56.64 -69.31
N GLN C 2124 38.06 -57.95 -69.39
CA GLN C 2124 36.98 -58.91 -69.28
C GLN C 2124 36.31 -58.83 -67.91
N ILE C 2125 37.10 -58.72 -66.84
CA ILE C 2125 36.52 -58.61 -65.50
C ILE C 2125 35.68 -57.34 -65.38
N ARG C 2126 36.21 -56.21 -65.88
CA ARG C 2126 35.45 -54.97 -65.80
C ARG C 2126 34.16 -55.05 -66.60
N SER C 2127 34.19 -55.66 -67.78
CA SER C 2127 32.99 -55.80 -68.59
C SER C 2127 31.97 -56.69 -67.90
N LEU C 2128 32.41 -57.79 -67.32
CA LEU C 2128 31.49 -58.67 -66.59
C LEU C 2128 30.96 -58.02 -65.31
N LEU C 2129 31.66 -57.01 -64.79
CA LEU C 2129 31.16 -56.30 -63.63
C LEU C 2129 29.83 -55.61 -63.92
N SER C 2130 29.64 -55.11 -65.14
CA SER C 2130 28.45 -54.32 -65.43
C SER C 2130 27.19 -55.19 -65.50
N VAL C 2131 27.31 -56.40 -66.06
CA VAL C 2131 26.14 -57.23 -66.30
C VAL C 2131 25.63 -57.81 -64.98
N ARG C 2132 24.40 -58.33 -65.00
CA ARG C 2132 23.82 -58.95 -63.82
C ARG C 2132 24.59 -60.22 -63.48
N MET C 2133 24.44 -60.66 -62.23
CA MET C 2133 25.21 -61.78 -61.71
C MET C 2133 24.47 -63.09 -61.89
N GLY C 2134 25.23 -64.13 -62.24
CA GLY C 2134 24.70 -65.47 -62.45
C GLY C 2134 25.83 -66.48 -62.40
N LYS C 2135 25.47 -67.76 -62.61
CA LYS C 2135 26.47 -68.83 -62.50
C LYS C 2135 27.51 -68.73 -63.61
N GLU C 2136 27.08 -68.47 -64.84
CA GLU C 2136 28.04 -68.30 -65.92
C GLU C 2136 28.96 -67.12 -65.64
N GLU C 2137 28.39 -66.04 -65.10
CA GLU C 2137 29.20 -64.88 -64.75
C GLU C 2137 30.26 -65.23 -63.72
N GLU C 2138 29.88 -65.98 -62.67
CA GLU C 2138 30.87 -66.32 -61.65
C GLU C 2138 31.94 -67.25 -62.22
N LYS C 2139 31.56 -68.16 -63.12
CA LYS C 2139 32.57 -69.01 -63.74
C LYS C 2139 33.56 -68.19 -64.55
N LEU C 2140 33.07 -67.20 -65.30
CA LEU C 2140 33.95 -66.36 -66.07
C LEU C 2140 34.87 -65.53 -65.16
N MET C 2141 34.34 -64.99 -64.07
CA MET C 2141 35.19 -64.24 -63.14
C MET C 2141 36.24 -65.13 -62.50
N ILE C 2142 35.87 -66.37 -62.14
CA ILE C 2142 36.83 -67.28 -61.55
C ILE C 2142 37.95 -67.61 -62.54
N ARG C 2143 37.58 -67.84 -63.80
CA ARG C 2143 38.61 -68.10 -64.82
C ARG C 2143 39.51 -66.89 -65.00
N GLY C 2144 38.93 -65.69 -65.03
CA GLY C 2144 39.76 -64.49 -65.17
C GLY C 2144 40.71 -64.30 -64.00
N LEU C 2145 40.22 -64.52 -62.77
CA LEU C 2145 41.08 -64.39 -61.60
C LEU C 2145 42.18 -65.45 -61.62
N GLY C 2146 41.87 -66.66 -62.07
CA GLY C 2146 42.91 -67.67 -62.21
C GLY C 2146 43.98 -67.27 -63.19
N ASP C 2147 43.58 -66.70 -64.32
CA ASP C 2147 44.55 -66.18 -65.27
C ASP C 2147 45.37 -65.06 -64.65
N ILE C 2148 44.73 -64.22 -63.82
CA ILE C 2148 45.45 -63.15 -63.15
C ILE C 2148 46.52 -63.70 -62.23
N MET C 2149 46.18 -64.72 -61.44
CA MET C 2149 47.19 -65.35 -60.59
C MET C 2149 48.32 -65.94 -61.43
N ASN C 2150 47.96 -66.66 -62.49
CA ASN C 2150 48.98 -67.33 -63.30
C ASN C 2150 49.89 -66.35 -64.03
N ASN C 2151 49.41 -65.14 -64.32
CA ASN C 2151 50.23 -64.16 -65.01
C ASN C 2151 51.41 -63.75 -64.12
N LYS C 2152 52.60 -63.68 -64.71
CA LYS C 2152 53.79 -63.34 -63.95
C LYS C 2152 53.93 -61.85 -63.67
N VAL C 2153 53.18 -61.01 -64.40
CA VAL C 2153 53.25 -59.57 -64.17
C VAL C 2153 52.75 -59.21 -62.78
N PHE C 2154 51.80 -59.99 -62.26
CA PHE C 2154 51.28 -59.73 -60.92
C PHE C 2154 52.38 -59.80 -59.86
N TYR C 2155 53.26 -60.81 -59.97
CA TYR C 2155 54.37 -60.92 -59.03
C TYR C 2155 55.39 -59.81 -59.25
N GLN C 2156 55.71 -59.51 -60.51
CA GLN C 2156 56.87 -58.68 -60.80
C GLN C 2156 56.62 -57.20 -60.48
N HIS C 2157 55.43 -56.69 -60.80
CA HIS C 2157 55.16 -55.25 -60.70
C HIS C 2157 53.93 -55.01 -59.82
N PRO C 2158 54.08 -55.11 -58.50
CA PRO C 2158 52.98 -54.71 -57.62
C PRO C 2158 52.59 -53.25 -57.76
N ASN C 2159 53.55 -52.38 -58.09
CA ASN C 2159 53.23 -50.97 -58.28
C ASN C 2159 52.29 -50.77 -59.45
N LEU C 2160 52.60 -51.38 -60.60
CA LEU C 2160 51.66 -51.36 -61.73
C LEU C 2160 50.36 -52.05 -61.38
N MET C 2161 50.44 -53.10 -60.56
CA MET C 2161 49.25 -53.85 -60.18
C MET C 2161 48.27 -52.93 -59.45
N ARG C 2162 48.79 -52.17 -58.48
CA ARG C 2162 47.97 -51.22 -57.74
C ARG C 2162 47.57 -50.03 -58.61
N ALA C 2163 48.43 -49.60 -59.52
CA ALA C 2163 48.09 -48.48 -60.40
C ALA C 2163 46.90 -48.81 -61.28
N LEU C 2164 46.88 -50.02 -61.84
CA LEU C 2164 45.66 -50.50 -62.51
C LEU C 2164 44.52 -50.60 -61.51
N GLY C 2165 44.81 -51.06 -60.30
CA GLY C 2165 43.86 -50.95 -59.21
C GLY C 2165 42.57 -51.73 -59.35
N MET C 2166 42.67 -52.99 -59.77
CA MET C 2166 41.49 -53.85 -59.78
C MET C 2166 41.25 -54.56 -58.45
N HIS C 2167 42.03 -54.26 -57.42
CA HIS C 2167 41.58 -54.62 -56.07
C HIS C 2167 40.27 -53.92 -55.75
N GLU C 2168 40.13 -52.67 -56.22
CA GLU C 2168 38.86 -51.96 -56.06
C GLU C 2168 37.75 -52.66 -56.84
N THR C 2169 38.03 -53.13 -58.05
CA THR C 2169 37.00 -53.82 -58.83
C THR C 2169 36.61 -55.13 -58.17
N VAL C 2170 37.58 -55.86 -57.61
CA VAL C 2170 37.27 -57.10 -56.91
C VAL C 2170 36.44 -56.81 -55.67
N MET C 2171 36.74 -55.71 -54.96
CA MET C 2171 35.91 -55.31 -53.84
C MET C 2171 34.50 -54.95 -54.29
N GLU C 2172 34.38 -54.31 -55.46
CA GLU C 2172 33.07 -54.01 -56.02
C GLU C 2172 32.29 -55.28 -56.31
N VAL C 2173 32.94 -56.27 -56.90
CA VAL C 2173 32.30 -57.56 -57.14
C VAL C 2173 31.88 -58.18 -55.81
N MET C 2174 32.75 -58.06 -54.80
CA MET C 2174 32.45 -58.61 -53.48
C MET C 2174 31.18 -57.99 -52.90
N VAL C 2175 31.11 -56.65 -52.91
CA VAL C 2175 29.95 -55.98 -52.32
C VAL C 2175 28.70 -56.27 -53.13
N ASN C 2176 28.83 -56.36 -54.46
CA ASN C 2176 27.68 -56.71 -55.30
C ASN C 2176 27.17 -58.09 -54.94
N VAL C 2177 28.07 -59.05 -54.74
CA VAL C 2177 27.66 -60.42 -54.42
C VAL C 2177 26.99 -60.48 -53.05
N LEU C 2178 27.61 -59.87 -52.04
CA LEU C 2178 27.21 -60.10 -50.67
C LEU C 2178 26.36 -58.98 -50.07
N GLY C 2179 25.89 -58.01 -50.87
CA GLY C 2179 25.00 -57.00 -50.34
C GLY C 2179 23.71 -57.60 -49.79
N GLY C 2180 23.09 -58.49 -50.56
CA GLY C 2180 21.94 -59.21 -50.03
C GLY C 2180 22.32 -60.18 -48.92
N GLY C 2181 23.46 -60.86 -49.08
CA GLY C 2181 23.87 -61.86 -48.10
C GLY C 2181 24.13 -61.27 -46.73
N GLU C 2182 24.47 -59.98 -46.66
CA GLU C 2182 24.61 -59.31 -45.37
C GLU C 2182 23.31 -59.39 -44.58
N SER C 2183 22.19 -59.07 -45.24
CA SER C 2183 20.89 -59.23 -44.59
C SER C 2183 20.57 -60.71 -44.37
N LYS C 2184 20.67 -61.52 -45.43
CA LYS C 2184 20.38 -62.94 -45.37
C LYS C 2184 20.66 -63.58 -46.73
N GLU C 2185 20.78 -64.91 -46.73
CA GLU C 2185 20.81 -65.72 -47.95
C GLU C 2185 21.99 -65.28 -48.82
N ILE C 2186 23.17 -65.61 -48.33
CA ILE C 2186 24.41 -65.30 -49.04
C ILE C 2186 24.55 -66.22 -50.25
N THR C 2187 24.93 -65.65 -51.39
CA THR C 2187 25.09 -66.38 -52.63
C THR C 2187 26.55 -66.43 -53.08
N PHE C 2188 26.83 -67.32 -54.01
CA PHE C 2188 28.14 -67.49 -54.62
C PHE C 2188 29.26 -67.66 -53.58
N PRO C 2189 29.17 -68.69 -52.73
CA PRO C 2189 30.25 -68.92 -51.77
C PRO C 2189 31.58 -69.18 -52.45
N LYS C 2190 31.57 -69.86 -53.59
CA LYS C 2190 32.82 -70.13 -54.29
C LYS C 2190 33.48 -68.84 -54.77
N MET C 2191 32.69 -67.92 -55.34
CA MET C 2191 33.29 -66.67 -55.79
C MET C 2191 33.71 -65.79 -54.63
N VAL C 2192 32.94 -65.75 -53.54
CA VAL C 2192 33.42 -64.92 -52.44
C VAL C 2192 34.71 -65.50 -51.88
N ALA C 2193 34.84 -66.84 -51.84
CA ALA C 2193 36.11 -67.44 -51.44
C ALA C 2193 37.23 -67.06 -52.39
N ASN C 2194 36.97 -67.09 -53.70
CA ASN C 2194 37.99 -66.72 -54.67
C ASN C 2194 38.42 -65.26 -54.51
N CYS C 2195 37.46 -64.38 -54.27
CA CYS C 2195 37.78 -62.98 -54.03
C CYS C 2195 38.62 -62.82 -52.77
N CYS C 2196 38.28 -63.55 -51.71
CA CYS C 2196 39.09 -63.49 -50.50
C CYS C 2196 40.52 -63.94 -50.76
N ARG C 2197 40.67 -65.05 -51.49
CA ARG C 2197 42.02 -65.54 -51.79
C ARG C 2197 42.80 -64.54 -52.64
N PHE C 2198 42.13 -63.94 -53.63
CA PHE C 2198 42.81 -62.96 -54.47
C PHE C 2198 43.25 -61.75 -53.65
N LEU C 2199 42.39 -61.26 -52.76
CA LEU C 2199 42.75 -60.11 -51.95
C LEU C 2199 43.89 -60.46 -50.99
N CYS C 2200 43.85 -61.64 -50.38
CA CYS C 2200 44.93 -62.04 -49.48
C CYS C 2200 46.26 -62.14 -50.22
N TYR C 2201 46.24 -62.73 -51.41
CA TYR C 2201 47.46 -62.85 -52.20
C TYR C 2201 47.98 -61.48 -52.63
N PHE C 2202 47.05 -60.59 -53.01
CA PHE C 2202 47.43 -59.22 -53.38
C PHE C 2202 48.06 -58.49 -52.21
N CYS C 2203 47.52 -58.67 -51.01
CA CYS C 2203 48.13 -58.07 -49.83
C CYS C 2203 49.50 -58.67 -49.55
N ARG C 2204 49.64 -59.98 -49.74
CA ARG C 2204 50.88 -60.65 -49.36
C ARG C 2204 52.02 -60.36 -50.33
N ILE C 2205 51.74 -60.04 -51.58
CA ILE C 2205 52.84 -59.84 -52.53
C ILE C 2205 53.70 -58.65 -52.13
N SER C 2206 53.09 -57.57 -51.64
CA SER C 2206 53.84 -56.34 -51.40
C SER C 2206 53.33 -55.65 -50.13
N ARG C 2207 54.21 -54.84 -49.54
CA ARG C 2207 53.86 -54.13 -48.32
C ARG C 2207 52.89 -52.99 -48.59
N GLN C 2208 53.14 -52.20 -49.63
CA GLN C 2208 52.27 -51.06 -49.92
C GLN C 2208 50.87 -51.52 -50.34
N ASN C 2209 50.75 -52.71 -50.92
CA ASN C 2209 49.44 -53.25 -51.23
C ASN C 2209 48.64 -53.51 -49.95
N GLN C 2210 49.32 -53.93 -48.88
CA GLN C 2210 48.64 -54.11 -47.61
C GLN C 2210 48.07 -52.78 -47.11
N LYS C 2211 48.85 -51.70 -47.21
CA LYS C 2211 48.36 -50.40 -46.81
C LYS C 2211 47.19 -49.95 -47.70
N ALA C 2212 47.28 -50.24 -49.00
CA ALA C 2212 46.21 -49.88 -49.92
C ALA C 2212 44.91 -50.62 -49.57
N MET C 2213 45.02 -51.89 -49.19
CA MET C 2213 43.84 -52.67 -48.84
C MET C 2213 43.34 -52.38 -47.42
N PHE C 2214 44.17 -51.78 -46.57
CA PHE C 2214 43.76 -51.50 -45.21
C PHE C 2214 42.54 -50.57 -45.16
N ASP C 2215 42.41 -49.67 -46.14
CA ASP C 2215 41.33 -48.69 -46.08
C ASP C 2215 39.96 -49.35 -46.07
N HIS C 2216 39.83 -50.54 -46.67
CA HIS C 2216 38.58 -51.27 -46.66
C HIS C 2216 38.43 -52.18 -45.44
N LEU C 2217 39.22 -51.95 -44.40
CA LEU C 2217 39.14 -52.81 -43.21
C LEU C 2217 37.78 -52.71 -42.55
N SER C 2218 37.20 -51.50 -42.50
CA SER C 2218 35.92 -51.32 -41.81
C SER C 2218 34.82 -52.14 -42.47
N TYR C 2219 34.78 -52.17 -43.80
CA TYR C 2219 33.72 -52.91 -44.48
C TYR C 2219 33.87 -54.41 -44.26
N LEU C 2220 35.09 -54.93 -44.30
CA LEU C 2220 35.29 -56.37 -44.18
C LEU C 2220 34.82 -56.88 -42.82
N LEU C 2221 35.13 -56.14 -41.75
CA LEU C 2221 34.73 -56.58 -40.42
C LEU C 2221 33.22 -56.52 -40.21
N GLU C 2222 32.51 -55.68 -40.97
CA GLU C 2222 31.06 -55.63 -40.84
C GLU C 2222 30.42 -56.95 -41.23
N ASN C 2223 30.92 -57.56 -42.32
CA ASN C 2223 30.38 -58.83 -42.81
C ASN C 2223 31.36 -59.98 -42.62
N SER C 2224 32.29 -59.86 -41.69
CA SER C 2224 33.22 -60.95 -41.41
C SER C 2224 32.53 -62.18 -40.86
N SER C 2225 31.27 -62.07 -40.42
CA SER C 2225 30.55 -63.23 -39.92
C SER C 2225 30.36 -64.28 -41.00
N VAL C 2226 30.10 -63.84 -42.23
CA VAL C 2226 29.95 -64.78 -43.34
C VAL C 2226 31.29 -65.45 -43.64
N GLY C 2227 31.21 -66.64 -44.22
CA GLY C 2227 32.40 -67.40 -44.56
C GLY C 2227 33.03 -68.14 -43.41
N LEU C 2228 32.43 -68.10 -42.23
CA LEU C 2228 32.95 -68.78 -41.05
C LEU C 2228 32.33 -70.17 -40.91
N ALA C 2229 32.80 -70.92 -39.92
CA ALA C 2229 32.29 -72.26 -39.63
C ALA C 2229 32.40 -73.17 -40.84
N SER C 2230 33.50 -73.07 -41.57
CA SER C 2230 33.74 -73.90 -42.75
C SER C 2230 35.23 -74.23 -42.86
N PRO C 2231 35.59 -75.51 -42.78
CA PRO C 2231 37.02 -75.86 -42.88
C PRO C 2231 37.65 -75.47 -44.21
N ALA C 2232 36.89 -75.53 -45.32
CA ALA C 2232 37.43 -75.13 -46.60
C ALA C 2232 37.64 -73.63 -46.70
N MET C 2233 36.80 -72.85 -46.01
CA MET C 2233 36.95 -71.40 -45.96
C MET C 2233 37.97 -70.94 -44.93
N ARG C 2234 38.89 -71.81 -44.53
CA ARG C 2234 39.90 -71.41 -43.54
C ARG C 2234 40.78 -70.29 -44.06
N GLY C 2235 41.14 -70.34 -45.35
CA GLY C 2235 41.95 -69.33 -45.97
C GLY C 2235 41.21 -68.34 -46.87
N SER C 2236 39.88 -68.35 -46.85
CA SER C 2236 39.08 -67.49 -47.74
C SER C 2236 37.88 -66.99 -46.97
N THR C 2237 38.01 -65.79 -46.39
CA THR C 2237 36.96 -65.19 -45.59
C THR C 2237 37.23 -63.69 -45.50
N PRO C 2238 36.20 -62.85 -45.45
CA PRO C 2238 36.45 -61.43 -45.19
C PRO C 2238 37.27 -61.20 -43.93
N LEU C 2239 37.04 -62.00 -42.89
CA LEU C 2239 37.89 -61.91 -41.71
C LEU C 2239 39.33 -62.28 -42.05
N ASP C 2240 39.52 -63.27 -42.91
CA ASP C 2240 40.88 -63.68 -43.28
C ASP C 2240 41.61 -62.56 -44.02
N VAL C 2241 40.95 -61.92 -44.97
CA VAL C 2241 41.60 -60.84 -45.70
C VAL C 2241 41.83 -59.64 -44.78
N ALA C 2242 40.89 -59.38 -43.86
CA ALA C 2242 41.10 -58.33 -42.88
C ALA C 2242 42.32 -58.60 -42.03
N ALA C 2243 42.50 -59.85 -41.58
CA ALA C 2243 43.68 -60.19 -40.80
C ALA C 2243 44.95 -60.08 -41.63
N ALA C 2244 44.91 -60.53 -42.89
CA ALA C 2244 46.10 -60.45 -43.73
C ALA C 2244 46.48 -59.02 -44.06
N SER C 2245 45.50 -58.11 -44.04
CA SER C 2245 45.78 -56.71 -44.32
C SER C 2245 46.53 -56.00 -43.20
N VAL C 2246 46.71 -56.65 -42.05
CA VAL C 2246 47.37 -56.02 -40.91
C VAL C 2246 48.45 -56.95 -40.38
N MET C 2247 48.49 -58.18 -40.90
CA MET C 2247 49.44 -59.17 -40.40
C MET C 2247 50.86 -58.76 -40.73
N ASP C 2248 51.74 -58.82 -39.73
CA ASP C 2248 53.15 -58.45 -39.84
C ASP C 2248 53.32 -57.07 -40.47
N ASN C 2249 52.70 -56.08 -39.83
CA ASN C 2249 52.77 -54.70 -40.31
C ASN C 2249 52.61 -53.80 -39.09
N ASN C 2250 53.73 -53.30 -38.56
CA ASN C 2250 53.68 -52.48 -37.35
C ASN C 2250 52.94 -51.17 -37.60
N GLU C 2251 53.15 -50.56 -38.76
CA GLU C 2251 52.45 -49.32 -39.07
C GLU C 2251 50.94 -49.51 -39.01
N LEU C 2252 50.44 -50.55 -39.68
CA LEU C 2252 49.00 -50.78 -39.72
C LEU C 2252 48.47 -51.25 -38.38
N ALA C 2253 49.27 -52.02 -37.63
CA ALA C 2253 48.86 -52.42 -36.28
C ALA C 2253 48.69 -51.21 -35.38
N LEU C 2254 49.60 -50.24 -35.49
CA LEU C 2254 49.44 -48.99 -34.74
C LEU C 2254 48.26 -48.18 -35.26
N ALA C 2255 48.01 -48.22 -36.57
CA ALA C 2255 46.89 -47.51 -37.16
C ALA C 2255 45.55 -48.17 -36.88
N LEU C 2256 45.55 -49.37 -36.30
CA LEU C 2256 44.30 -50.05 -35.97
C LEU C 2256 43.42 -49.17 -35.07
N ARG C 2257 42.11 -49.43 -35.12
CA ARG C 2257 41.13 -48.56 -34.50
C ARG C 2257 40.36 -49.27 -33.40
N GLU C 2258 40.19 -48.56 -32.28
CA GLU C 2258 39.34 -49.05 -31.21
C GLU C 2258 37.90 -49.34 -31.65
N PRO C 2259 37.25 -48.51 -32.50
CA PRO C 2259 35.87 -48.85 -32.92
C PRO C 2259 35.72 -50.24 -33.52
N ASP C 2260 36.45 -50.54 -34.60
CA ASP C 2260 36.28 -51.85 -35.21
C ASP C 2260 36.92 -52.96 -34.39
N LEU C 2261 37.93 -52.64 -33.57
CA LEU C 2261 38.43 -53.65 -32.64
C LEU C 2261 37.33 -54.08 -31.67
N GLU C 2262 36.61 -53.10 -31.11
CA GLU C 2262 35.49 -53.40 -30.24
C GLU C 2262 34.36 -54.10 -30.99
N LYS C 2263 34.17 -53.77 -32.27
CA LYS C 2263 33.18 -54.48 -33.08
C LYS C 2263 33.53 -55.96 -33.20
N VAL C 2264 34.80 -56.27 -33.44
CA VAL C 2264 35.24 -57.66 -33.48
C VAL C 2264 35.03 -58.32 -32.12
N VAL C 2265 35.29 -57.60 -31.04
CA VAL C 2265 35.06 -58.15 -29.71
C VAL C 2265 33.59 -58.44 -29.48
N ARG C 2266 32.71 -57.57 -30.00
CA ARG C 2266 31.27 -57.82 -29.89
C ARG C 2266 30.87 -59.05 -30.67
N TYR C 2267 31.43 -59.23 -31.86
CA TYR C 2267 31.16 -60.47 -32.60
C TYR C 2267 31.64 -61.69 -31.82
N LEU C 2268 32.80 -61.57 -31.18
CA LEU C 2268 33.29 -62.66 -30.34
C LEU C 2268 32.33 -62.97 -29.20
N ALA C 2269 31.79 -61.92 -28.57
CA ALA C 2269 30.82 -62.13 -27.50
C ALA C 2269 29.56 -62.80 -28.03
N GLY C 2270 29.08 -62.38 -29.19
CA GLY C 2270 27.90 -62.99 -29.76
C GLY C 2270 28.09 -64.46 -30.07
N CYS C 2271 29.23 -64.80 -30.68
CA CYS C 2271 29.50 -66.19 -31.01
C CYS C 2271 29.82 -67.03 -29.78
N GLY C 2272 30.28 -66.40 -28.70
CA GLY C 2272 30.44 -67.10 -27.43
C GLY C 2272 29.19 -67.19 -26.60
N LEU C 2273 28.15 -66.45 -26.98
CA LEU C 2273 26.85 -66.58 -26.32
C LEU C 2273 25.85 -67.41 -27.12
N GLN C 2274 26.08 -67.62 -28.42
CA GLN C 2274 25.17 -68.38 -29.26
C GLN C 2274 25.93 -69.46 -30.02
N SER C 2275 25.25 -70.58 -30.25
CA SER C 2275 25.81 -71.68 -31.02
C SER C 2275 25.68 -71.38 -32.51
N CYS C 2276 25.94 -72.37 -33.35
CA CYS C 2276 25.88 -72.21 -34.81
C CYS C 2276 24.62 -72.88 -35.33
N GLN C 2277 23.78 -72.08 -36.00
CA GLN C 2277 22.53 -72.62 -36.55
C GLN C 2277 22.81 -73.66 -37.62
N MET C 2278 23.84 -73.43 -38.45
CA MET C 2278 24.19 -74.42 -39.46
C MET C 2278 24.62 -75.74 -38.82
N LEU C 2279 25.43 -75.67 -37.76
CA LEU C 2279 25.88 -76.89 -37.11
C LEU C 2279 24.72 -77.65 -36.47
N VAL C 2280 23.83 -76.94 -35.77
CA VAL C 2280 22.71 -77.64 -35.13
C VAL C 2280 21.77 -78.21 -36.18
N SER C 2281 21.58 -77.49 -37.30
CA SER C 2281 20.75 -78.02 -38.37
C SER C 2281 21.35 -79.28 -38.97
N LYS C 2282 22.67 -79.30 -39.17
CA LYS C 2282 23.32 -80.48 -39.70
C LYS C 2282 23.25 -81.64 -38.70
N GLY C 2283 23.30 -81.35 -37.41
CA GLY C 2283 23.16 -82.40 -36.41
C GLY C 2283 24.18 -82.31 -35.29
N TYR C 2284 25.00 -81.27 -35.31
CA TYR C 2284 25.99 -81.09 -34.25
C TYR C 2284 25.29 -80.74 -32.94
N PRO C 2285 25.81 -81.21 -31.81
CA PRO C 2285 25.13 -80.97 -30.53
C PRO C 2285 25.18 -79.51 -30.11
N ASP C 2286 24.22 -79.14 -29.28
CA ASP C 2286 24.10 -77.76 -28.80
C ASP C 2286 24.86 -77.60 -27.50
N ILE C 2287 25.75 -76.61 -27.45
CA ILE C 2287 26.50 -76.28 -26.25
C ILE C 2287 26.19 -74.88 -25.75
N GLY C 2288 25.48 -74.06 -26.52
CA GLY C 2288 25.20 -72.70 -26.13
C GLY C 2288 26.15 -71.66 -26.70
N TRP C 2289 27.19 -72.08 -27.42
CA TRP C 2289 28.16 -71.15 -27.97
C TRP C 2289 28.89 -71.80 -29.12
N ASN C 2290 29.25 -70.98 -30.11
CA ASN C 2290 29.92 -71.47 -31.31
C ASN C 2290 31.43 -71.33 -31.14
N PRO C 2291 32.18 -72.42 -31.14
CA PRO C 2291 33.62 -72.32 -30.89
C PRO C 2291 34.45 -71.95 -32.11
N VAL C 2292 33.99 -72.31 -33.31
CA VAL C 2292 34.80 -72.08 -34.51
C VAL C 2292 34.93 -70.60 -34.80
N GLU C 2293 33.81 -69.87 -34.77
CA GLU C 2293 33.85 -68.43 -34.99
C GLU C 2293 34.63 -67.74 -33.89
N GLY C 2294 34.48 -68.22 -32.65
CA GLY C 2294 35.26 -67.66 -31.56
C GLY C 2294 36.75 -67.83 -31.78
N GLU C 2295 37.17 -69.01 -32.22
CA GLU C 2295 38.57 -69.25 -32.50
C GLU C 2295 39.06 -68.35 -33.63
N ARG C 2296 38.23 -68.15 -34.66
CA ARG C 2296 38.62 -67.29 -35.77
C ARG C 2296 38.81 -65.85 -35.31
N TYR C 2297 37.88 -65.34 -34.50
CA TYR C 2297 38.01 -63.98 -33.99
C TYR C 2297 39.21 -63.85 -33.06
N LEU C 2298 39.48 -64.89 -32.25
CA LEU C 2298 40.65 -64.86 -31.39
C LEU C 2298 41.93 -64.83 -32.19
N ASP C 2299 41.97 -65.57 -33.31
CA ASP C 2299 43.13 -65.52 -34.19
C ASP C 2299 43.30 -64.13 -34.79
N PHE C 2300 42.19 -63.50 -35.19
CA PHE C 2300 42.25 -62.13 -35.69
C PHE C 2300 42.83 -61.19 -34.65
N LEU C 2301 42.34 -61.28 -33.41
CA LEU C 2301 42.85 -60.41 -32.35
C LEU C 2301 44.31 -60.68 -32.07
N ARG C 2302 44.73 -61.94 -32.14
CA ARG C 2302 46.13 -62.29 -31.95
C ARG C 2302 47.00 -61.65 -33.02
N PHE C 2303 46.56 -61.71 -34.28
CA PHE C 2303 47.29 -61.04 -35.35
C PHE C 2303 47.34 -59.54 -35.12
N ALA C 2304 46.24 -58.97 -34.62
CA ALA C 2304 46.19 -57.53 -34.35
C ALA C 2304 47.18 -57.13 -33.26
N VAL C 2305 47.29 -57.92 -32.21
CA VAL C 2305 48.07 -57.50 -31.04
C VAL C 2305 49.55 -57.83 -31.22
N PHE C 2306 49.86 -58.98 -31.81
CA PHE C 2306 51.25 -59.44 -31.93
C PHE C 2306 51.74 -59.24 -33.36
N CYS C 2307 52.87 -58.56 -33.50
CA CYS C 2307 53.47 -58.30 -34.80
C CYS C 2307 55.00 -58.34 -34.67
N ASN C 2308 55.64 -59.06 -35.60
CA ASN C 2308 57.10 -59.14 -35.67
C ASN C 2308 57.71 -59.61 -34.36
N GLY C 2309 57.07 -60.59 -33.72
CA GLY C 2309 57.59 -61.14 -32.48
C GLY C 2309 57.50 -60.24 -31.28
N GLU C 2310 56.71 -59.17 -31.34
CA GLU C 2310 56.56 -58.24 -30.23
C GLU C 2310 55.08 -57.94 -30.03
N SER C 2311 54.74 -57.52 -28.82
CA SER C 2311 53.38 -57.19 -28.46
C SER C 2311 53.17 -55.69 -28.59
N VAL C 2312 52.07 -55.30 -29.25
CA VAL C 2312 51.72 -53.89 -29.42
C VAL C 2312 50.93 -53.48 -28.19
N GLU C 2313 51.51 -52.58 -27.38
CA GLU C 2313 50.86 -52.18 -26.13
C GLU C 2313 49.55 -51.45 -26.39
N GLU C 2314 49.52 -50.61 -27.42
CA GLU C 2314 48.32 -49.81 -27.67
C GLU C 2314 47.11 -50.68 -27.96
N ASN C 2315 47.29 -51.72 -28.77
CA ASN C 2315 46.18 -52.63 -29.05
C ASN C 2315 45.95 -53.60 -27.89
N ALA C 2316 47.02 -54.02 -27.22
CA ALA C 2316 46.87 -54.98 -26.12
C ALA C 2316 46.03 -54.39 -25.00
N ASN C 2317 46.28 -53.12 -24.65
CA ASN C 2317 45.54 -52.50 -23.56
C ASN C 2317 44.04 -52.46 -23.86
N VAL C 2318 43.68 -52.00 -25.05
CA VAL C 2318 42.25 -51.88 -25.37
C VAL C 2318 41.61 -53.26 -25.49
N VAL C 2319 42.33 -54.24 -26.03
CA VAL C 2319 41.79 -55.60 -26.10
C VAL C 2319 41.52 -56.12 -24.69
N VAL C 2320 42.46 -55.93 -23.76
CA VAL C 2320 42.26 -56.38 -22.39
C VAL C 2320 41.08 -55.67 -21.76
N ARG C 2321 40.96 -54.35 -21.99
CA ARG C 2321 39.82 -53.62 -21.44
C ARG C 2321 38.50 -54.19 -21.95
N LEU C 2322 38.40 -54.44 -23.25
CA LEU C 2322 37.16 -54.97 -23.80
C LEU C 2322 36.85 -56.36 -23.23
N LEU C 2323 37.88 -57.22 -23.14
CA LEU C 2323 37.66 -58.56 -22.64
C LEU C 2323 37.21 -58.54 -21.18
N ILE C 2324 37.84 -57.69 -20.34
CA ILE C 2324 37.44 -57.67 -18.94
C ILE C 2324 36.06 -57.04 -18.77
N ARG C 2325 35.72 -56.04 -19.60
CA ARG C 2325 34.38 -55.46 -19.51
C ARG C 2325 33.32 -56.47 -19.90
N ARG C 2326 33.56 -57.27 -20.93
CA ARG C 2326 32.60 -58.30 -21.37
C ARG C 2326 33.24 -59.67 -21.26
N PRO C 2327 33.03 -60.37 -20.14
CA PRO C 2327 33.56 -61.74 -20.02
C PRO C 2327 32.82 -62.76 -20.86
N GLU C 2328 31.69 -62.38 -21.48
CA GLU C 2328 30.95 -63.31 -22.31
C GLU C 2328 31.77 -63.76 -23.52
N CYS C 2329 32.77 -62.99 -23.92
CA CYS C 2329 33.67 -63.42 -24.99
C CYS C 2329 34.44 -64.67 -24.63
N PHE C 2330 34.58 -64.95 -23.35
CA PHE C 2330 35.38 -66.09 -22.89
C PHE C 2330 34.55 -67.37 -22.98
N GLY C 2331 35.22 -68.49 -22.74
CA GLY C 2331 34.54 -69.77 -22.68
C GLY C 2331 33.65 -69.85 -21.46
N PRO C 2332 32.57 -70.64 -21.56
CA PRO C 2332 31.67 -70.77 -20.41
C PRO C 2332 32.37 -71.31 -19.18
N ALA C 2333 33.32 -72.23 -19.35
CA ALA C 2333 34.07 -72.72 -18.21
C ALA C 2333 34.91 -71.61 -17.58
N LEU C 2334 35.53 -70.76 -18.40
CA LEU C 2334 36.36 -69.69 -17.87
C LEU C 2334 35.52 -68.62 -17.19
N ARG C 2335 34.31 -68.36 -17.68
CA ARG C 2335 33.44 -67.38 -17.05
C ARG C 2335 33.06 -67.81 -15.64
N GLY C 2336 32.90 -66.82 -14.76
CA GLY C 2336 32.55 -67.10 -13.38
C GLY C 2336 31.14 -67.57 -13.15
N GLU C 2337 30.27 -67.44 -14.16
CA GLU C 2337 28.90 -67.94 -14.03
C GLU C 2337 28.88 -69.45 -13.83
N GLY C 2338 29.71 -70.17 -14.58
CA GLY C 2338 29.80 -71.61 -14.43
C GLY C 2338 30.95 -72.01 -13.52
N GLY C 2339 32.11 -71.39 -13.73
CA GLY C 2339 33.27 -71.69 -12.90
C GLY C 2339 33.80 -73.09 -13.09
N ASN C 2340 33.57 -73.70 -14.25
CA ASN C 2340 34.02 -75.07 -14.47
C ASN C 2340 35.54 -75.16 -14.46
N GLY C 2341 36.21 -74.20 -15.05
CA GLY C 2341 37.66 -74.17 -15.07
C GLY C 2341 38.24 -74.59 -16.40
N LEU C 2342 39.43 -74.09 -16.71
CA LEU C 2342 40.08 -74.41 -17.97
C LEU C 2342 40.46 -75.89 -18.05
N LEU C 2343 41.04 -76.43 -16.98
CA LEU C 2343 41.46 -77.83 -17.00
C LEU C 2343 40.24 -78.74 -17.16
N ALA C 2344 39.16 -78.44 -16.44
CA ALA C 2344 37.94 -79.23 -16.60
C ALA C 2344 37.33 -79.04 -17.98
N ALA C 2345 37.50 -77.87 -18.58
CA ALA C 2345 37.03 -77.66 -19.94
C ALA C 2345 37.76 -78.57 -20.92
N MET C 2346 39.09 -78.67 -20.78
CA MET C 2346 39.83 -79.57 -21.68
C MET C 2346 39.51 -81.04 -21.38
N GLU C 2347 39.29 -81.39 -20.10
CA GLU C 2347 38.88 -82.75 -19.80
C GLU C 2347 37.54 -83.08 -20.44
N GLU C 2348 36.60 -82.15 -20.37
CA GLU C 2348 35.30 -82.36 -21.02
C GLU C 2348 35.44 -82.39 -22.54
N ALA C 2349 36.37 -81.63 -23.10
CA ALA C 2349 36.63 -81.71 -24.53
C ALA C 2349 37.18 -83.08 -24.92
N ILE C 2350 38.06 -83.64 -24.10
CA ILE C 2350 38.54 -85.00 -24.32
C ILE C 2350 37.37 -85.97 -24.28
N LYS C 2351 36.46 -85.80 -23.31
CA LYS C 2351 35.29 -86.66 -23.24
C LYS C 2351 34.40 -86.50 -24.46
N ILE C 2352 34.27 -85.28 -24.97
CA ILE C 2352 33.54 -85.04 -26.21
C ILE C 2352 34.17 -85.84 -27.34
N ALA C 2353 35.50 -85.81 -27.42
CA ALA C 2353 36.19 -86.55 -28.48
C ALA C 2353 35.95 -88.05 -28.35
N GLU C 2354 36.00 -88.58 -27.13
CA GLU C 2354 35.76 -90.01 -26.94
C GLU C 2354 34.33 -90.40 -27.30
N ASP C 2355 33.35 -89.58 -26.90
CA ASP C 2355 31.95 -89.94 -27.08
C ASP C 2355 31.48 -89.54 -28.47
N PRO C 2356 31.07 -90.48 -29.33
CA PRO C 2356 30.55 -90.09 -30.65
C PRO C 2356 29.31 -89.20 -30.56
N SER C 2357 28.43 -89.45 -29.60
CA SER C 2357 27.24 -88.61 -29.44
C SER C 2357 27.63 -87.20 -29.02
N ARG C 2358 28.63 -87.08 -28.14
CA ARG C 2358 29.11 -85.77 -27.75
C ARG C 2358 29.70 -85.02 -28.94
N ASP C 2359 30.40 -85.74 -29.82
CA ASP C 2359 30.87 -85.16 -31.09
C ASP C 2359 29.87 -85.50 -32.20
N GLY C 2360 28.66 -84.96 -32.05
CA GLY C 2360 27.56 -85.28 -32.93
C GLY C 2360 27.75 -84.76 -34.34
N PRO C 2361 26.99 -85.33 -35.29
CA PRO C 2361 27.00 -84.97 -36.71
C PRO C 2361 26.91 -83.46 -36.95
N ASP C 2379 35.82 -82.87 -43.71
CA ASP C 2379 34.55 -82.19 -43.86
C ASP C 2379 33.85 -82.03 -42.51
N THR C 2380 33.77 -83.12 -41.77
CA THR C 2380 33.15 -83.08 -40.44
C THR C 2380 34.01 -82.29 -39.47
N ILE C 2381 33.36 -81.73 -38.44
CA ILE C 2381 34.02 -80.92 -37.44
C ILE C 2381 33.99 -81.69 -36.12
N HIS C 2382 35.17 -81.92 -35.54
CA HIS C 2382 35.26 -82.52 -34.23
C HIS C 2382 34.90 -81.46 -33.19
N MET C 2383 33.79 -81.69 -32.47
CA MET C 2383 33.25 -80.65 -31.62
C MET C 2383 34.20 -80.35 -30.45
N GLY C 2384 34.73 -81.40 -29.82
CA GLY C 2384 35.68 -81.19 -28.74
C GLY C 2384 36.97 -80.55 -29.21
N ASN C 2385 37.42 -80.91 -30.42
CA ASN C 2385 38.58 -80.24 -31.00
C ASN C 2385 38.30 -78.75 -31.21
N ALA C 2386 37.07 -78.42 -31.62
CA ALA C 2386 36.72 -77.02 -31.81
C ALA C 2386 36.76 -76.25 -30.48
N ILE C 2387 36.17 -76.84 -29.44
CA ILE C 2387 36.25 -76.23 -28.11
C ILE C 2387 37.71 -76.05 -27.69
N MET C 2388 38.52 -77.08 -27.90
CA MET C 2388 39.89 -77.07 -27.41
C MET C 2388 40.72 -76.04 -28.15
N THR C 2389 40.54 -75.93 -29.46
CA THR C 2389 41.22 -74.91 -30.24
C THR C 2389 40.75 -73.52 -29.84
N PHE C 2390 39.47 -73.36 -29.53
CA PHE C 2390 38.99 -72.06 -29.06
C PHE C 2390 39.70 -71.66 -27.77
N TYR C 2391 39.78 -72.59 -26.82
CA TYR C 2391 40.43 -72.27 -25.55
C TYR C 2391 41.92 -72.00 -25.74
N ALA C 2392 42.57 -72.77 -26.61
CA ALA C 2392 43.99 -72.52 -26.90
C ALA C 2392 44.19 -71.15 -27.53
N ALA C 2393 43.31 -70.76 -28.46
CA ALA C 2393 43.42 -69.45 -29.08
C ALA C 2393 43.20 -68.34 -28.07
N LEU C 2394 42.24 -68.51 -27.16
CA LEU C 2394 42.03 -67.51 -26.12
C LEU C 2394 43.25 -67.39 -25.22
N ILE C 2395 43.83 -68.53 -24.83
CA ILE C 2395 45.02 -68.50 -23.97
C ILE C 2395 46.17 -67.82 -24.69
N ASP C 2396 46.38 -68.14 -25.97
CA ASP C 2396 47.44 -67.51 -26.73
C ASP C 2396 47.22 -66.01 -26.87
N LEU C 2397 45.97 -65.59 -27.10
CA LEU C 2397 45.68 -64.17 -27.19
C LEU C 2397 46.00 -63.46 -25.89
N LEU C 2398 45.61 -64.05 -24.76
CA LEU C 2398 45.91 -63.43 -23.47
C LEU C 2398 47.41 -63.35 -23.24
N GLY C 2399 48.13 -64.43 -23.56
CA GLY C 2399 49.57 -64.43 -23.36
C GLY C 2399 50.28 -63.40 -24.23
N ARG C 2400 49.80 -63.22 -25.45
CA ARG C 2400 50.43 -62.25 -26.34
C ARG C 2400 50.05 -60.82 -25.98
N CYS C 2401 48.84 -60.59 -25.47
CA CYS C 2401 48.46 -59.26 -25.04
C CYS C 2401 48.95 -58.93 -23.63
N ALA C 2402 49.58 -59.89 -22.95
CA ALA C 2402 50.26 -59.62 -21.69
C ALA C 2402 51.34 -58.56 -21.89
N PRO C 2403 51.87 -57.98 -20.82
CA PRO C 2403 52.93 -56.97 -20.98
C PRO C 2403 54.10 -57.49 -21.80
N GLU C 2404 54.67 -56.61 -22.63
CA GLU C 2404 55.64 -57.04 -23.63
C GLU C 2404 56.85 -57.69 -22.99
N MET C 2405 57.61 -56.95 -22.19
CA MET C 2405 58.82 -57.49 -21.59
C MET C 2405 58.97 -56.92 -20.18
N HIS C 2406 59.91 -57.51 -19.43
CA HIS C 2406 59.91 -57.36 -17.99
C HIS C 2406 60.11 -55.91 -17.55
N LEU C 2407 60.99 -55.18 -18.23
CA LEU C 2407 61.22 -53.79 -17.85
C LEU C 2407 59.99 -52.94 -18.18
N ILE C 2408 59.30 -53.23 -19.28
CA ILE C 2408 58.04 -52.55 -19.57
C ILE C 2408 57.04 -52.80 -18.46
N HIS C 2409 56.94 -54.06 -18.01
CA HIS C 2409 56.03 -54.37 -16.92
C HIS C 2409 56.41 -53.64 -15.64
N ALA C 2410 57.70 -53.59 -15.32
CA ALA C 2410 58.15 -52.97 -14.09
C ALA C 2410 57.91 -51.47 -14.11
N GLY C 2411 58.31 -50.79 -15.18
CA GLY C 2411 58.14 -49.35 -15.26
C GLY C 2411 56.69 -48.93 -15.36
N LYS C 2412 55.90 -49.65 -16.15
CA LYS C 2412 54.51 -49.27 -16.41
C LYS C 2412 53.62 -49.91 -15.34
N GLY C 2413 53.04 -49.08 -14.48
CA GLY C 2413 52.09 -49.58 -13.50
C GLY C 2413 50.85 -50.17 -14.14
N GLU C 2414 50.42 -49.62 -15.28
CA GLU C 2414 49.31 -50.19 -16.02
C GLU C 2414 49.62 -51.62 -16.44
N ALA C 2415 50.88 -51.87 -16.85
CA ALA C 2415 51.27 -53.24 -17.18
C ALA C 2415 51.19 -54.14 -15.96
N ILE C 2416 51.54 -53.60 -14.78
CA ILE C 2416 51.40 -54.38 -13.54
C ILE C 2416 49.94 -54.74 -13.32
N ARG C 2417 49.04 -53.77 -13.53
CA ARG C 2417 47.61 -54.05 -13.37
C ARG C 2417 47.15 -55.12 -14.36
N ILE C 2418 47.61 -55.04 -15.61
CA ILE C 2418 47.22 -56.03 -16.61
C ILE C 2418 47.71 -57.41 -16.21
N ARG C 2419 48.95 -57.51 -15.76
CA ARG C 2419 49.49 -58.80 -15.35
C ARG C 2419 48.73 -59.36 -14.16
N SER C 2420 48.37 -58.50 -13.20
CA SER C 2420 47.59 -58.95 -12.06
C SER C 2420 46.21 -59.44 -12.50
N ILE C 2421 45.59 -58.73 -13.43
CA ILE C 2421 44.28 -59.14 -13.93
C ILE C 2421 44.37 -60.50 -14.61
N LEU C 2422 45.41 -60.72 -15.43
CA LEU C 2422 45.56 -62.00 -16.10
C LEU C 2422 45.86 -63.12 -15.09
N ARG C 2423 46.65 -62.81 -14.06
CA ARG C 2423 46.93 -63.82 -13.03
C ARG C 2423 45.66 -64.23 -12.30
N SER C 2424 44.83 -63.24 -11.94
CA SER C 2424 43.54 -63.57 -11.32
C SER C 2424 42.62 -64.30 -12.28
N LEU C 2425 42.75 -64.01 -13.57
CA LEU C 2425 41.92 -64.66 -14.58
C LEU C 2425 42.24 -66.14 -14.68
N ILE C 2426 43.51 -66.47 -14.83
CA ILE C 2426 43.95 -67.84 -15.09
C ILE C 2426 44.76 -68.34 -13.90
N PRO C 2427 44.31 -69.37 -13.18
CA PRO C 2427 45.14 -69.95 -12.12
C PRO C 2427 46.37 -70.64 -12.69
N LEU C 2428 47.44 -70.65 -11.89
CA LEU C 2428 48.67 -71.30 -12.31
C LEU C 2428 48.52 -72.81 -12.32
N GLY C 2429 47.86 -73.38 -11.31
CA GLY C 2429 47.67 -74.81 -11.26
C GLY C 2429 46.88 -75.35 -12.43
N ASP C 2430 45.92 -74.58 -12.93
CA ASP C 2430 45.19 -74.98 -14.12
C ASP C 2430 46.13 -75.05 -15.32
N LEU C 2431 47.04 -74.07 -15.44
CA LEU C 2431 48.03 -74.13 -16.51
C LEU C 2431 48.92 -75.36 -16.38
N VAL C 2432 49.32 -75.70 -15.16
CA VAL C 2432 50.14 -76.89 -14.95
C VAL C 2432 49.38 -78.14 -15.37
N GLY C 2433 48.09 -78.22 -15.01
CA GLY C 2433 47.30 -79.37 -15.41
C GLY C 2433 47.17 -79.51 -16.90
N VAL C 2434 46.91 -78.39 -17.59
CA VAL C 2434 46.75 -78.45 -19.04
C VAL C 2434 48.07 -78.77 -19.71
N ILE C 2435 49.18 -78.26 -19.18
CA ILE C 2435 50.49 -78.60 -19.74
C ILE C 2435 50.85 -80.04 -19.43
N SER C 2436 50.24 -80.64 -18.41
CA SER C 2436 50.47 -82.04 -18.09
C SER C 2436 49.61 -83.00 -18.91
N ILE C 2437 48.46 -82.55 -19.41
CA ILE C 2437 47.61 -83.44 -20.20
C ILE C 2437 48.36 -83.89 -21.43
N ALA C 2438 48.73 -85.18 -21.46
CA ALA C 2438 49.58 -85.72 -22.50
C ALA C 2438 48.76 -86.27 -23.66
N PHE C 2439 49.47 -86.67 -24.71
CA PHE C 2439 48.87 -87.11 -25.96
C PHE C 2439 48.83 -88.64 -26.03
N GLN C 2440 48.17 -89.14 -27.07
CA GLN C 2440 48.08 -90.57 -27.36
C GLN C 2440 49.03 -90.91 -28.50
N MET C 2441 50.00 -91.76 -28.20
CA MET C 2441 50.94 -92.22 -29.21
C MET C 2441 50.23 -93.21 -30.13
N PRO C 2442 50.12 -92.94 -31.44
CA PRO C 2442 49.41 -93.71 -32.45
C PRO C 2442 49.53 -95.23 -32.30
N GLU C 2452 49.94 -98.07 -37.71
CA GLU C 2452 48.79 -97.83 -36.84
C GLU C 2452 48.54 -96.34 -36.59
N PRO C 2453 47.99 -95.65 -37.60
CA PRO C 2453 47.75 -94.20 -37.45
C PRO C 2453 46.68 -93.90 -36.42
N ASP C 2454 46.77 -92.71 -35.84
CA ASP C 2454 45.69 -92.11 -35.07
C ASP C 2454 45.31 -90.77 -35.69
N MET C 2455 44.02 -90.47 -35.63
CA MET C 2455 43.49 -89.26 -36.23
C MET C 2455 43.74 -88.09 -35.29
N SER C 2456 43.95 -86.91 -35.87
CA SER C 2456 44.47 -85.74 -35.16
C SER C 2456 43.60 -85.26 -34.00
N ALA C 2457 42.44 -85.89 -33.79
CA ALA C 2457 41.51 -85.43 -32.77
C ALA C 2457 42.11 -85.61 -31.36
N GLY C 2458 41.79 -84.65 -30.49
CA GLY C 2458 42.24 -84.67 -29.11
C GLY C 2458 43.10 -83.46 -28.79
N PHE C 2459 43.72 -83.52 -27.61
CA PHE C 2459 44.69 -82.49 -27.22
C PHE C 2459 45.85 -82.46 -28.20
N CYS C 2460 46.37 -81.27 -28.46
CA CYS C 2460 47.39 -81.11 -29.48
C CYS C 2460 48.57 -80.26 -29.01
N PRO C 2461 49.73 -80.46 -29.63
CA PRO C 2461 50.92 -79.69 -29.24
C PRO C 2461 50.74 -78.19 -29.35
N ASP C 2462 49.91 -77.69 -30.27
CA ASP C 2462 49.67 -76.25 -30.31
C ASP C 2462 48.95 -75.80 -29.06
N HIS C 2463 48.01 -76.61 -28.56
CA HIS C 2463 47.36 -76.31 -27.29
C HIS C 2463 48.39 -76.23 -26.16
N LYS C 2464 49.25 -77.25 -26.06
CA LYS C 2464 50.28 -77.18 -25.03
C LYS C 2464 51.17 -75.96 -25.20
N ALA C 2465 51.51 -75.61 -26.44
CA ALA C 2465 52.35 -74.43 -26.68
C ALA C 2465 51.66 -73.17 -26.20
N ALA C 2466 50.36 -73.04 -26.46
CA ALA C 2466 49.63 -71.87 -26.00
C ALA C 2466 49.65 -71.77 -24.48
N MET C 2467 49.36 -72.89 -23.80
CA MET C 2467 49.35 -72.84 -22.33
C MET C 2467 50.73 -72.55 -21.75
N VAL C 2468 51.78 -73.16 -22.31
CA VAL C 2468 53.11 -72.90 -21.79
C VAL C 2468 53.55 -71.48 -22.09
N LEU C 2469 53.12 -70.91 -23.23
CA LEU C 2469 53.42 -69.52 -23.53
C LEU C 2469 52.75 -68.60 -22.52
N PHE C 2470 51.49 -68.87 -22.19
CA PHE C 2470 50.81 -68.07 -21.18
C PHE C 2470 51.52 -68.17 -19.84
N LEU C 2471 51.89 -69.39 -19.44
CA LEU C 2471 52.56 -69.57 -18.15
C LEU C 2471 53.90 -68.85 -18.12
N ASP C 2472 54.62 -68.87 -19.24
CA ASP C 2472 55.93 -68.23 -19.30
C ASP C 2472 55.81 -66.70 -19.27
N ARG C 2473 54.88 -66.15 -20.04
CA ARG C 2473 54.82 -64.70 -20.19
C ARG C 2473 54.08 -64.04 -19.03
N VAL C 2474 52.88 -64.52 -18.71
CA VAL C 2474 52.05 -63.84 -17.72
C VAL C 2474 52.58 -64.09 -16.32
N TYR C 2475 52.58 -65.35 -15.88
CA TYR C 2475 52.97 -65.65 -14.51
C TYR C 2475 54.46 -65.53 -14.31
N GLY C 2476 55.24 -65.88 -15.32
CA GLY C 2476 56.66 -65.95 -15.08
C GLY C 2476 57.08 -67.26 -14.46
N ILE C 2477 58.30 -67.69 -14.79
CA ILE C 2477 58.82 -68.99 -14.38
C ILE C 2477 60.16 -68.70 -13.72
N GLU C 2478 60.16 -68.51 -12.39
CA GLU C 2478 61.37 -68.11 -11.68
C GLU C 2478 61.78 -69.08 -10.58
N VAL C 2479 60.85 -69.48 -9.71
CA VAL C 2479 61.23 -70.23 -8.52
C VAL C 2479 61.75 -71.60 -8.89
N GLN C 2480 62.83 -72.03 -8.23
CA GLN C 2480 63.51 -73.27 -8.60
C GLN C 2480 62.62 -74.49 -8.38
N ASP C 2481 61.95 -74.55 -7.23
CA ASP C 2481 61.03 -75.66 -6.99
C ASP C 2481 59.91 -75.64 -8.02
N PHE C 2482 59.49 -74.46 -8.45
CA PHE C 2482 58.50 -74.35 -9.50
C PHE C 2482 59.02 -74.92 -10.81
N LEU C 2483 60.30 -74.64 -11.14
CA LEU C 2483 60.89 -75.19 -12.36
C LEU C 2483 60.90 -76.71 -12.30
N LEU C 2484 61.36 -77.26 -11.18
CA LEU C 2484 61.45 -78.71 -11.04
C LEU C 2484 60.07 -79.35 -11.09
N HIS C 2485 59.08 -78.73 -10.46
CA HIS C 2485 57.72 -79.26 -10.49
C HIS C 2485 57.17 -79.26 -11.91
N LEU C 2486 57.37 -78.17 -12.65
CA LEU C 2486 56.91 -78.15 -14.04
C LEU C 2486 57.65 -79.19 -14.87
N LEU C 2487 58.95 -79.35 -14.65
CA LEU C 2487 59.72 -80.32 -15.40
C LEU C 2487 59.19 -81.73 -15.17
N GLU C 2488 58.87 -82.06 -13.93
CA GLU C 2488 58.38 -83.40 -13.63
C GLU C 2488 56.93 -83.58 -14.08
N VAL C 2489 56.13 -82.52 -14.06
CA VAL C 2489 54.71 -82.60 -14.40
C VAL C 2489 54.57 -82.19 -15.86
N GLY C 2490 54.43 -83.17 -16.75
CA GLY C 2490 54.09 -82.91 -18.13
C GLY C 2490 55.26 -82.61 -19.04
N PHE C 2491 56.24 -81.86 -18.55
CA PHE C 2491 57.36 -81.46 -19.39
C PHE C 2491 58.21 -82.67 -19.76
N LEU C 2492 58.72 -83.38 -18.76
CA LEU C 2492 59.47 -84.61 -19.01
C LEU C 2492 58.64 -85.67 -19.71
N PRO C 2493 57.36 -85.90 -19.38
CA PRO C 2493 56.56 -86.89 -20.14
C PRO C 2493 56.53 -86.62 -21.64
N ASP C 2494 56.47 -85.35 -22.04
CA ASP C 2494 56.51 -85.03 -23.47
C ASP C 2494 57.86 -85.45 -24.07
N LEU C 2495 58.94 -85.28 -23.30
CA LEU C 2495 60.24 -85.74 -23.75
C LEU C 2495 60.29 -87.25 -23.87
N ARG C 2496 59.66 -87.96 -22.92
CA ARG C 2496 59.59 -89.42 -23.02
C ARG C 2496 58.82 -89.84 -24.26
N ALA C 2497 57.72 -89.16 -24.55
CA ALA C 2497 56.96 -89.41 -25.77
C ALA C 2497 57.83 -89.16 -26.99
N ALA C 2498 58.64 -88.10 -26.97
CA ALA C 2498 59.58 -87.86 -28.06
C ALA C 2498 60.59 -88.98 -28.20
N ALA C 2499 61.09 -89.48 -27.07
CA ALA C 2499 62.04 -90.60 -27.09
C ALA C 2499 61.39 -91.81 -27.74
N SER C 2500 60.11 -92.07 -27.44
CA SER C 2500 59.37 -93.13 -28.10
C SER C 2500 59.23 -92.85 -29.59
N LEU C 2501 58.78 -91.64 -29.93
CA LEU C 2501 58.48 -91.24 -31.30
C LEU C 2501 59.71 -91.18 -32.19
N ASP C 2502 60.90 -91.24 -31.61
CA ASP C 2502 62.14 -91.14 -32.37
C ASP C 2502 62.20 -92.13 -33.54
N THR C 2503 61.65 -93.34 -33.37
CA THR C 2503 61.84 -94.39 -34.37
C THR C 2503 61.20 -94.01 -35.71
N ALA C 2504 61.71 -94.66 -36.78
CA ALA C 2504 61.49 -94.20 -38.15
C ALA C 2504 60.00 -94.09 -38.50
N ALA C 2505 59.24 -95.16 -38.29
CA ALA C 2505 57.79 -95.07 -38.48
C ALA C 2505 57.17 -94.16 -37.44
N LEU C 2506 57.68 -94.19 -36.21
CA LEU C 2506 57.11 -93.36 -35.17
C LEU C 2506 57.42 -91.90 -35.42
N SER C 2507 58.58 -91.60 -36.02
CA SER C 2507 58.84 -90.27 -36.55
C SER C 2507 58.01 -90.00 -37.80
N ALA C 2508 57.73 -91.03 -38.60
CA ALA C 2508 56.84 -90.87 -39.75
C ALA C 2508 55.47 -90.39 -39.30
N THR C 2509 55.11 -90.64 -38.04
CA THR C 2509 53.88 -90.09 -37.49
C THR C 2509 53.90 -88.56 -37.41
N ASP C 2510 52.81 -87.96 -37.87
CA ASP C 2510 52.65 -86.52 -37.76
C ASP C 2510 52.58 -86.05 -36.31
N MET C 2511 52.17 -86.93 -35.39
CA MET C 2511 52.25 -86.60 -33.97
C MET C 2511 53.68 -86.30 -33.56
N ALA C 2512 54.62 -87.15 -33.99
CA ALA C 2512 56.03 -86.88 -33.73
C ALA C 2512 56.45 -85.56 -34.36
N LEU C 2513 56.04 -85.32 -35.60
CA LEU C 2513 56.44 -84.08 -36.26
C LEU C 2513 55.95 -82.85 -35.49
N ALA C 2514 54.65 -82.78 -35.22
CA ALA C 2514 54.07 -81.63 -34.53
C ALA C 2514 54.66 -81.49 -33.13
N LEU C 2515 54.80 -82.61 -32.42
CA LEU C 2515 55.42 -82.58 -31.11
C LEU C 2515 56.84 -82.07 -31.17
N ASN C 2516 57.56 -82.33 -32.27
CA ASN C 2516 58.88 -81.72 -32.42
C ASN C 2516 58.79 -80.20 -32.42
N ARG C 2517 57.80 -79.65 -33.13
CA ARG C 2517 57.63 -78.19 -33.12
C ARG C 2517 57.35 -77.68 -31.71
N TYR C 2518 56.34 -78.27 -31.06
CA TYR C 2518 56.03 -77.86 -29.69
C TYR C 2518 57.21 -78.10 -28.75
N LEU C 2519 58.04 -79.08 -29.09
CA LEU C 2519 59.17 -79.45 -28.24
C LEU C 2519 60.27 -78.42 -28.33
N CYS C 2520 60.50 -77.87 -29.52
CA CYS C 2520 61.38 -76.70 -29.61
C CYS C 2520 60.82 -75.53 -28.83
N THR C 2521 59.52 -75.26 -29.00
CA THR C 2521 58.90 -74.14 -28.30
C THR C 2521 58.86 -74.33 -26.79
N ALA C 2522 59.04 -75.56 -26.30
CA ALA C 2522 59.09 -75.83 -24.87
C ALA C 2522 60.50 -76.00 -24.33
N VAL C 2523 61.47 -76.35 -25.18
CA VAL C 2523 62.84 -76.53 -24.74
C VAL C 2523 63.60 -75.21 -24.72
N LEU C 2524 63.36 -74.35 -25.71
CA LEU C 2524 63.95 -73.01 -25.66
C LEU C 2524 63.67 -72.29 -24.34
N PRO C 2525 62.45 -72.36 -23.75
CA PRO C 2525 62.23 -71.80 -22.42
C PRO C 2525 63.31 -72.13 -21.42
N LEU C 2526 63.55 -73.41 -21.09
CA LEU C 2526 64.50 -73.77 -20.04
C LEU C 2526 65.76 -72.90 -20.10
N LEU C 2527 66.47 -73.01 -21.24
CA LEU C 2527 67.75 -72.34 -21.37
C LEU C 2527 67.57 -70.83 -21.31
N THR C 2528 66.78 -70.25 -22.23
CA THR C 2528 66.65 -68.79 -22.30
C THR C 2528 66.19 -68.23 -20.98
N ARG C 2529 65.11 -68.77 -20.45
CA ARG C 2529 64.57 -68.46 -19.13
C ARG C 2529 64.80 -69.70 -18.27
N CYS C 2530 65.77 -69.60 -17.37
CA CYS C 2530 66.14 -70.49 -16.26
C CYS C 2530 67.14 -71.58 -16.61
N ALA C 2531 68.00 -71.31 -17.58
CA ALA C 2531 69.26 -72.07 -17.63
C ALA C 2531 70.02 -72.04 -16.30
N PRO C 2532 70.20 -70.89 -15.62
CA PRO C 2532 71.05 -70.90 -14.41
C PRO C 2532 70.50 -71.69 -13.23
N LEU C 2533 69.18 -71.74 -13.09
CA LEU C 2533 68.59 -72.16 -11.80
C LEU C 2533 68.54 -73.68 -11.65
N PHE C 2534 67.93 -74.38 -12.62
CA PHE C 2534 67.89 -75.83 -12.53
C PHE C 2534 69.29 -76.42 -12.59
N ALA C 2535 70.23 -75.69 -13.18
CA ALA C 2535 71.63 -76.09 -13.17
C ALA C 2535 72.34 -75.66 -11.90
N GLY C 2536 71.76 -74.75 -11.12
CA GLY C 2536 72.33 -74.40 -9.84
C GLY C 2536 71.83 -75.22 -8.68
N THR C 2537 70.73 -75.95 -8.86
CA THR C 2537 70.25 -76.85 -7.81
C THR C 2537 70.16 -78.27 -8.33
N GLU C 2538 69.99 -79.22 -7.40
CA GLU C 2538 69.83 -80.63 -7.74
C GLU C 2538 68.71 -81.30 -6.95
N HIS C 2539 67.74 -80.54 -6.45
CA HIS C 2539 66.72 -81.09 -5.56
C HIS C 2539 66.04 -82.33 -6.13
N HIS C 2540 66.06 -82.50 -7.45
CA HIS C 2540 65.49 -83.66 -8.13
C HIS C 2540 66.52 -84.22 -9.12
N ALA C 2541 67.72 -84.49 -8.62
CA ALA C 2541 68.81 -85.06 -9.42
C ALA C 2541 68.31 -86.17 -10.34
N SER C 2542 67.32 -86.92 -9.88
CA SER C 2542 66.62 -87.87 -10.74
C SER C 2542 66.06 -87.16 -11.98
N LEU C 2543 65.32 -86.07 -11.76
CA LEU C 2543 64.78 -85.30 -12.87
C LEU C 2543 65.89 -84.73 -13.73
N ILE C 2544 67.00 -84.32 -13.10
CA ILE C 2544 68.12 -83.74 -13.85
C ILE C 2544 68.67 -84.76 -14.84
N ASP C 2545 69.00 -85.96 -14.35
CA ASP C 2545 69.57 -86.97 -15.23
C ASP C 2545 68.58 -87.42 -16.28
N SER C 2546 67.30 -87.58 -15.89
CA SER C 2546 66.29 -87.97 -16.85
C SER C 2546 66.19 -86.96 -17.97
N LEU C 2547 66.19 -85.66 -17.62
CA LEU C 2547 66.15 -84.61 -18.62
C LEU C 2547 67.37 -84.69 -19.54
N LEU C 2548 68.56 -84.84 -18.96
CA LEU C 2548 69.77 -84.84 -19.77
C LEU C 2548 69.77 -85.99 -20.79
N HIS C 2549 69.55 -87.22 -20.33
CA HIS C 2549 69.63 -88.33 -21.28
C HIS C 2549 68.42 -88.41 -22.19
N THR C 2550 67.25 -87.96 -21.76
CA THR C 2550 66.12 -87.92 -22.69
C THR C 2550 66.37 -86.91 -23.81
N VAL C 2551 66.92 -85.74 -23.46
CA VAL C 2551 67.26 -84.76 -24.48
C VAL C 2551 68.36 -85.30 -25.39
N TYR C 2552 69.30 -86.06 -24.84
CA TYR C 2552 70.36 -86.63 -25.66
C TYR C 2552 69.80 -87.68 -26.64
N ARG C 2553 68.91 -88.54 -26.17
CA ARG C 2553 68.27 -89.50 -27.07
C ARG C 2553 67.46 -88.77 -28.14
N LEU C 2554 66.80 -87.68 -27.76
CA LEU C 2554 66.14 -86.83 -28.73
C LEU C 2554 67.11 -86.31 -29.78
N SER C 2555 68.27 -85.81 -29.33
CA SER C 2555 69.28 -85.30 -30.25
C SER C 2555 69.74 -86.39 -31.21
N LYS C 2556 69.78 -87.64 -30.75
CA LYS C 2556 69.95 -88.77 -31.65
C LYS C 2556 68.64 -89.08 -32.39
N GLY C 2557 68.15 -88.07 -33.10
CA GLY C 2557 66.92 -88.19 -33.87
C GLY C 2557 67.19 -88.49 -35.34
N CYS C 2558 66.10 -88.67 -36.07
CA CYS C 2558 66.18 -88.97 -37.50
C CYS C 2558 65.52 -87.92 -38.37
N SER C 2559 64.28 -87.53 -38.07
CA SER C 2559 63.54 -86.59 -38.91
C SER C 2559 63.62 -85.15 -38.41
N LEU C 2560 64.46 -84.89 -37.42
CA LEU C 2560 64.59 -83.52 -36.90
C LEU C 2560 65.18 -82.60 -37.96
N THR C 2561 64.62 -81.40 -38.06
CA THR C 2561 65.16 -80.40 -38.95
C THR C 2561 66.47 -79.84 -38.40
N LYS C 2562 67.21 -79.15 -39.26
CA LYS C 2562 68.50 -78.59 -38.87
C LYS C 2562 68.34 -77.60 -37.73
N ALA C 2563 67.34 -76.72 -37.82
CA ALA C 2563 67.08 -75.77 -36.74
C ALA C 2563 66.70 -76.48 -35.45
N GLN C 2564 65.91 -77.55 -35.56
CA GLN C 2564 65.53 -78.31 -34.37
C GLN C 2564 66.76 -78.90 -33.70
N ARG C 2565 67.65 -79.50 -34.49
CA ARG C 2565 68.87 -80.08 -33.93
C ARG C 2565 69.75 -79.01 -33.31
N ASP C 2566 69.84 -77.84 -33.95
CA ASP C 2566 70.61 -76.74 -33.38
C ASP C 2566 70.03 -76.31 -32.03
N SER C 2567 68.71 -76.22 -31.94
CA SER C 2567 68.07 -75.83 -30.67
C SER C 2567 68.37 -76.85 -29.59
N ILE C 2568 68.27 -78.14 -29.91
CA ILE C 2568 68.57 -79.18 -28.94
C ILE C 2568 70.02 -79.07 -28.49
N GLU C 2569 70.94 -78.84 -29.44
CA GLU C 2569 72.35 -78.74 -29.11
C GLU C 2569 72.62 -77.55 -28.20
N VAL C 2570 72.01 -76.40 -28.48
CA VAL C 2570 72.19 -75.24 -27.61
C VAL C 2570 71.68 -75.53 -26.21
N CYS C 2571 70.51 -76.17 -26.11
CA CYS C 2571 69.97 -76.52 -24.80
C CYS C 2571 70.94 -77.40 -24.02
N LEU C 2572 71.43 -78.46 -24.67
CA LEU C 2572 72.34 -79.38 -24.00
C LEU C 2572 73.62 -78.67 -23.56
N LEU C 2573 74.19 -77.83 -24.43
CA LEU C 2573 75.42 -77.13 -24.07
C LEU C 2573 75.20 -76.20 -22.89
N SER C 2574 74.10 -75.46 -22.87
CA SER C 2574 73.85 -74.55 -21.75
C SER C 2574 73.69 -75.32 -20.44
N ILE C 2575 72.84 -76.34 -20.46
CA ILE C 2575 72.58 -77.10 -19.23
C ILE C 2575 73.86 -77.74 -18.71
N CYS C 2576 74.66 -78.33 -19.61
CA CYS C 2576 75.90 -78.95 -19.17
C CYS C 2576 76.90 -77.91 -18.69
N GLY C 2577 77.10 -76.85 -19.45
CA GLY C 2577 78.11 -75.86 -19.15
C GLY C 2577 77.84 -75.04 -17.91
N GLN C 2578 76.62 -75.11 -17.36
CA GLN C 2578 76.45 -74.52 -16.03
C GLN C 2578 75.72 -75.41 -15.04
N LEU C 2579 75.65 -76.72 -15.30
CA LEU C 2579 75.25 -77.72 -14.32
C LEU C 2579 76.46 -78.29 -13.58
N ARG C 2580 76.21 -78.80 -12.38
CA ARG C 2580 77.27 -79.37 -11.55
C ARG C 2580 77.96 -80.52 -12.28
N PRO C 2581 79.29 -80.56 -12.30
CA PRO C 2581 80.00 -81.67 -12.98
C PRO C 2581 79.65 -83.05 -12.43
N SER C 2582 79.46 -83.17 -11.12
CA SER C 2582 79.29 -84.49 -10.52
C SER C 2582 77.94 -85.11 -10.84
N MET C 2583 76.97 -84.32 -11.28
CA MET C 2583 75.60 -84.78 -11.35
C MET C 2583 75.16 -85.18 -12.76
N MET C 2584 76.07 -85.13 -13.72
CA MET C 2584 75.83 -85.64 -15.06
C MET C 2584 76.85 -86.68 -15.49
N GLN C 2585 77.56 -87.30 -14.55
CA GLN C 2585 78.48 -88.41 -14.81
C GLN C 2585 77.88 -89.52 -15.67
N HIS C 2586 76.59 -89.81 -15.49
CA HIS C 2586 75.95 -90.81 -16.36
C HIS C 2586 75.98 -90.35 -17.80
N LEU C 2587 75.68 -89.08 -18.02
CA LEU C 2587 75.79 -88.51 -19.36
C LEU C 2587 77.23 -88.57 -19.85
N LEU C 2588 78.19 -88.30 -18.94
CA LEU C 2588 79.59 -88.52 -19.31
C LEU C 2588 79.79 -89.91 -19.87
N ARG C 2589 79.27 -90.93 -19.18
CA ARG C 2589 79.40 -92.30 -19.65
C ARG C 2589 78.85 -92.45 -21.07
N ARG C 2590 77.62 -91.98 -21.28
CA ARG C 2590 76.98 -92.17 -22.58
C ARG C 2590 77.80 -91.52 -23.69
N LEU C 2591 78.25 -90.28 -23.47
CA LEU C 2591 79.13 -89.65 -24.44
C LEU C 2591 80.43 -90.42 -24.61
N VAL C 2592 80.93 -91.06 -23.56
CA VAL C 2592 82.16 -91.84 -23.69
C VAL C 2592 81.96 -92.99 -24.67
N PHE C 2593 80.82 -93.69 -24.60
CA PHE C 2593 80.62 -94.72 -25.62
C PHE C 2593 80.35 -94.11 -26.99
N ASP C 2594 79.66 -92.98 -27.06
CA ASP C 2594 79.18 -92.50 -28.36
C ASP C 2594 80.20 -91.69 -29.16
N VAL C 2595 81.10 -90.96 -28.51
CA VAL C 2595 82.03 -90.10 -29.25
C VAL C 2595 82.96 -90.87 -30.17
N PRO C 2596 83.58 -91.98 -29.76
CA PRO C 2596 84.52 -92.67 -30.67
C PRO C 2596 83.91 -93.09 -32.01
N LEU C 2597 82.58 -93.12 -32.12
CA LEU C 2597 81.97 -93.42 -33.42
C LEU C 2597 82.33 -92.37 -34.46
N LEU C 2598 82.51 -91.12 -34.04
CA LEU C 2598 82.88 -90.02 -34.94
C LEU C 2598 81.91 -89.90 -36.11
N ASN C 2599 80.64 -90.05 -35.82
CA ASN C 2599 79.60 -89.92 -36.84
C ASN C 2599 79.22 -88.45 -36.99
N GLU C 2600 78.21 -88.18 -37.81
CA GLU C 2600 77.73 -86.80 -37.97
C GLU C 2600 77.14 -86.27 -36.68
N HIS C 2601 76.44 -87.13 -35.92
CA HIS C 2601 75.86 -86.73 -34.65
C HIS C 2601 76.92 -86.45 -33.58
N ALA C 2602 78.17 -86.85 -33.79
CA ALA C 2602 79.20 -86.70 -32.79
C ALA C 2602 79.62 -85.26 -32.56
N LYS C 2603 79.20 -84.33 -33.41
CA LYS C 2603 79.62 -82.93 -33.25
C LYS C 2603 79.11 -82.34 -31.94
N MET C 2604 77.83 -82.56 -31.63
CA MET C 2604 77.27 -82.00 -30.39
C MET C 2604 77.94 -82.55 -29.15
N PRO C 2605 78.12 -83.87 -28.97
CA PRO C 2605 78.87 -84.34 -27.79
C PRO C 2605 80.30 -83.84 -27.75
N LEU C 2606 80.95 -83.62 -28.90
CA LEU C 2606 82.29 -83.07 -28.86
C LEU C 2606 82.30 -81.70 -28.21
N LYS C 2607 81.35 -80.84 -28.59
CA LYS C 2607 81.20 -79.56 -27.92
C LYS C 2607 80.88 -79.76 -26.45
N LEU C 2608 80.05 -80.76 -26.13
CA LEU C 2608 79.61 -80.97 -24.76
C LEU C 2608 80.80 -81.30 -23.87
N LEU C 2609 81.62 -82.27 -24.27
CA LEU C 2609 82.80 -82.61 -23.49
C LEU C 2609 83.80 -81.46 -23.48
N THR C 2610 83.97 -80.77 -24.60
CA THR C 2610 84.89 -79.64 -24.65
C THR C 2610 84.54 -78.64 -23.57
N ASN C 2611 83.28 -78.21 -23.53
CA ASN C 2611 82.83 -77.24 -22.54
C ASN C 2611 82.90 -77.82 -21.13
N HIS C 2612 82.53 -79.09 -20.96
CA HIS C 2612 82.55 -79.71 -19.63
C HIS C 2612 83.96 -79.67 -19.03
N TYR C 2613 84.95 -80.16 -19.78
CA TYR C 2613 86.32 -80.21 -19.28
C TYR C 2613 86.93 -78.82 -19.15
N GLU C 2614 86.76 -77.96 -20.16
CA GLU C 2614 87.31 -76.61 -20.06
C GLU C 2614 86.71 -75.86 -18.87
N ARG C 2615 85.39 -75.98 -18.68
CA ARG C 2615 84.71 -75.40 -17.54
C ARG C 2615 85.26 -75.85 -16.20
N CYS C 2616 85.18 -77.16 -15.92
CA CYS C 2616 85.51 -77.69 -14.61
C CYS C 2616 86.91 -78.31 -14.55
N TRP C 2617 87.84 -77.76 -15.33
CA TRP C 2617 89.20 -78.30 -15.40
C TRP C 2617 89.76 -78.71 -14.05
N LYS C 2618 89.59 -77.86 -13.02
CA LYS C 2618 90.09 -78.20 -11.69
C LYS C 2618 89.41 -79.47 -11.16
N TYR C 2619 88.11 -79.62 -11.40
CA TYR C 2619 87.37 -80.77 -10.89
C TYR C 2619 88.00 -82.09 -11.34
N TYR C 2620 88.56 -82.14 -12.55
CA TYR C 2620 89.13 -83.39 -13.03
C TYR C 2620 90.64 -83.47 -12.83
N CYS C 2621 91.30 -82.38 -12.44
CA CYS C 2621 92.74 -82.39 -12.26
C CYS C 2621 93.17 -82.09 -10.82
N LEU C 2622 92.67 -81.00 -10.25
CA LEU C 2622 93.14 -80.58 -8.93
C LEU C 2622 92.71 -81.58 -7.85
N PRO C 2623 93.52 -81.74 -6.81
CA PRO C 2623 93.16 -82.70 -5.75
C PRO C 2623 91.84 -82.38 -5.08
N GLY C 2624 91.59 -81.12 -4.76
CA GLY C 2624 90.30 -80.72 -4.26
C GLY C 2624 89.31 -80.40 -5.36
N GLY C 2625 89.74 -80.48 -6.61
CA GLY C 2625 88.86 -80.26 -7.74
C GLY C 2625 88.39 -78.83 -7.82
N TRP C 2626 87.17 -78.66 -8.33
CA TRP C 2626 86.53 -77.35 -8.42
C TRP C 2626 85.86 -76.98 -7.09
N GLY C 2627 86.69 -76.85 -6.06
CA GLY C 2627 86.26 -76.40 -4.76
C GLY C 2627 85.15 -77.23 -4.13
N ASN C 2628 84.03 -76.58 -3.82
CA ASN C 2628 82.90 -77.29 -3.24
C ASN C 2628 82.22 -78.20 -4.26
N PHE C 2629 82.45 -77.97 -5.56
CA PHE C 2629 81.89 -78.84 -6.58
C PHE C 2629 82.40 -80.26 -6.48
N GLY C 2630 83.54 -80.47 -5.82
CA GLY C 2630 84.11 -81.79 -5.67
C GLY C 2630 85.25 -82.03 -6.64
N ALA C 2631 85.62 -83.30 -6.74
CA ALA C 2631 86.69 -83.74 -7.62
C ALA C 2631 86.27 -84.99 -8.37
N ALA C 2632 86.88 -85.20 -9.52
CA ALA C 2632 86.55 -86.38 -10.32
C ALA C 2632 86.96 -87.65 -9.58
N SER C 2633 86.00 -88.55 -9.39
CA SER C 2633 86.28 -89.82 -8.76
C SER C 2633 87.24 -90.64 -9.63
N GLU C 2634 87.73 -91.74 -9.07
CA GLU C 2634 88.62 -92.60 -9.84
C GLU C 2634 87.89 -93.16 -11.07
N GLU C 2635 86.61 -93.47 -10.92
CA GLU C 2635 85.82 -93.93 -12.06
C GLU C 2635 85.69 -92.82 -13.11
N GLU C 2636 85.44 -91.59 -12.67
CA GLU C 2636 85.33 -90.49 -13.63
C GLU C 2636 86.65 -90.27 -14.36
N LEU C 2637 87.77 -90.34 -13.66
CA LEU C 2637 89.07 -90.21 -14.30
C LEU C 2637 89.33 -91.35 -15.27
N HIS C 2638 88.94 -92.57 -14.91
CA HIS C 2638 89.11 -93.70 -15.81
C HIS C 2638 88.27 -93.51 -17.07
N LEU C 2639 87.03 -93.07 -16.92
CA LEU C 2639 86.18 -92.81 -18.08
C LEU C 2639 86.75 -91.70 -18.94
N SER C 2640 87.25 -90.63 -18.31
CA SER C 2640 87.83 -89.53 -19.06
C SER C 2640 89.07 -89.99 -19.83
N ARG C 2641 89.90 -90.83 -19.21
CA ARG C 2641 91.08 -91.36 -19.88
C ARG C 2641 90.70 -92.27 -21.04
N LYS C 2642 89.70 -93.14 -20.81
CA LYS C 2642 89.24 -94.03 -21.87
C LYS C 2642 88.72 -93.22 -23.05
N LEU C 2643 87.92 -92.19 -22.78
CA LEU C 2643 87.44 -91.31 -23.85
C LEU C 2643 88.61 -90.57 -24.51
N PHE C 2644 89.59 -90.14 -23.72
CA PHE C 2644 90.72 -89.41 -24.27
C PHE C 2644 91.47 -90.24 -25.30
N TRP C 2645 91.86 -91.46 -24.92
CA TRP C 2645 92.56 -92.30 -25.88
C TRP C 2645 91.63 -92.79 -26.98
N GLY C 2646 90.34 -92.95 -26.70
CA GLY C 2646 89.42 -93.31 -27.76
C GLY C 2646 89.34 -92.27 -28.86
N ILE C 2647 89.16 -91.00 -28.46
CA ILE C 2647 89.14 -89.93 -29.45
C ILE C 2647 90.51 -89.76 -30.10
N PHE C 2648 91.59 -89.96 -29.33
CA PHE C 2648 92.93 -89.84 -29.89
C PHE C 2648 93.14 -90.83 -31.03
N ASP C 2649 92.88 -92.11 -30.75
CA ASP C 2649 93.04 -93.14 -31.78
C ASP C 2649 92.02 -92.98 -32.90
N ALA C 2650 90.79 -92.57 -32.57
CA ALA C 2650 89.77 -92.40 -33.59
C ALA C 2650 90.13 -91.29 -34.56
N LEU C 2651 90.64 -90.16 -34.06
CA LEU C 2651 91.10 -89.10 -34.94
C LEU C 2651 92.36 -89.51 -35.68
N SER C 2652 93.20 -90.35 -35.08
CA SER C 2652 94.36 -90.89 -35.78
C SER C 2652 93.94 -91.68 -37.01
N GLN C 2653 92.96 -92.58 -36.84
CA GLN C 2653 92.50 -93.38 -37.97
C GLN C 2653 91.62 -92.58 -38.93
N LYS C 2654 90.96 -91.55 -38.43
CA LYS C 2654 90.02 -90.79 -39.25
C LYS C 2654 90.74 -89.99 -40.32
N LYS C 2655 90.14 -89.93 -41.51
CA LYS C 2655 90.64 -89.04 -42.55
C LYS C 2655 90.56 -87.59 -42.07
N TYR C 2656 91.62 -86.83 -42.35
CA TYR C 2656 91.69 -85.47 -41.84
C TYR C 2656 90.59 -84.62 -42.46
N GLU C 2657 89.74 -84.04 -41.61
CA GLU C 2657 88.71 -83.12 -42.01
C GLU C 2657 88.96 -81.79 -41.32
N GLN C 2658 88.96 -80.70 -42.08
CA GLN C 2658 89.23 -79.40 -41.48
C GLN C 2658 88.19 -79.05 -40.42
N GLU C 2659 86.91 -79.20 -40.75
CA GLU C 2659 85.86 -78.82 -39.81
C GLU C 2659 85.82 -79.77 -38.63
N LEU C 2660 85.76 -81.08 -38.90
CA LEU C 2660 85.63 -82.06 -37.83
C LEU C 2660 86.84 -82.04 -36.90
N PHE C 2661 88.04 -81.99 -37.45
CA PHE C 2661 89.22 -82.03 -36.61
C PHE C 2661 89.46 -80.70 -35.90
N LYS C 2662 89.14 -79.58 -36.56
CA LYS C 2662 89.21 -78.29 -35.88
C LYS C 2662 88.21 -78.21 -34.73
N LEU C 2663 87.07 -78.91 -34.86
CA LEU C 2663 86.11 -78.94 -33.76
C LEU C 2663 86.57 -79.89 -32.66
N ALA C 2664 87.17 -81.02 -33.03
CA ALA C 2664 87.57 -82.02 -32.05
C ALA C 2664 88.83 -81.64 -31.28
N LEU C 2665 89.70 -80.83 -31.87
CA LEU C 2665 90.94 -80.46 -31.19
C LEU C 2665 90.70 -79.79 -29.84
N PRO C 2666 89.78 -78.83 -29.69
CA PRO C 2666 89.51 -78.30 -28.34
C PRO C 2666 89.05 -79.36 -27.37
N CYS C 2667 88.28 -80.35 -27.82
CA CYS C 2667 87.82 -81.41 -26.92
C CYS C 2667 89.01 -82.22 -26.38
N LEU C 2668 89.87 -82.68 -27.28
CA LEU C 2668 91.04 -83.46 -26.86
C LEU C 2668 91.96 -82.62 -25.97
N SER C 2669 92.13 -81.34 -26.33
CA SER C 2669 92.95 -80.45 -25.50
C SER C 2669 92.37 -80.30 -24.10
N ALA C 2670 91.05 -80.14 -24.01
CA ALA C 2670 90.40 -80.01 -22.72
C ALA C 2670 90.56 -81.26 -21.88
N VAL C 2671 90.38 -82.43 -22.50
CA VAL C 2671 90.52 -83.68 -21.74
C VAL C 2671 91.96 -83.87 -21.29
N ALA C 2672 92.92 -83.53 -22.15
CA ALA C 2672 94.33 -83.61 -21.75
C ALA C 2672 94.63 -82.68 -20.59
N GLY C 2673 94.11 -81.45 -20.64
CA GLY C 2673 94.30 -80.54 -19.53
C GLY C 2673 93.66 -81.03 -18.24
N ALA C 2674 92.50 -81.68 -18.34
CA ALA C 2674 91.80 -82.14 -17.16
C ALA C 2674 92.48 -83.36 -16.55
N LEU C 2675 93.00 -84.25 -17.37
CA LEU C 2675 93.62 -85.47 -16.84
C LEU C 2675 94.92 -85.12 -16.12
N PRO C 2676 95.08 -85.49 -14.85
CA PRO C 2676 96.32 -85.17 -14.13
C PRO C 2676 97.51 -85.85 -14.76
N PRO C 2677 98.68 -85.19 -14.78
CA PRO C 2677 99.87 -85.82 -15.37
C PRO C 2677 100.30 -87.10 -14.66
N ASP C 2678 99.98 -87.23 -13.37
CA ASP C 2678 100.40 -88.39 -12.58
C ASP C 2678 99.28 -89.40 -12.36
N TYR C 2679 98.16 -89.27 -13.07
CA TYR C 2679 97.01 -90.14 -12.82
C TYR C 2679 97.26 -91.57 -13.28
N MET C 2680 97.00 -92.50 -12.36
CA MET C 2680 96.99 -93.94 -12.62
C MET C 2680 95.68 -94.57 -12.16
N PRO C 2713 78.86 -121.57 -7.37
CA PRO C 2713 79.83 -122.42 -6.66
C PRO C 2713 79.38 -122.77 -5.24
N GLU C 2714 80.19 -123.57 -4.55
CA GLU C 2714 79.84 -124.00 -3.20
C GLU C 2714 79.81 -122.82 -2.22
N LYS C 2715 80.75 -121.88 -2.38
CA LYS C 2715 80.75 -120.71 -1.51
C LYS C 2715 79.50 -119.87 -1.71
N LEU C 2716 79.07 -119.70 -2.97
CA LEU C 2716 77.85 -118.94 -3.22
C LEU C 2716 76.61 -119.70 -2.71
N GLU C 2717 76.61 -121.02 -2.81
CA GLU C 2717 75.48 -121.79 -2.26
C GLU C 2717 75.41 -121.65 -0.74
N TYR C 2718 76.56 -121.70 -0.07
CA TYR C 2718 76.58 -121.47 1.38
C TYR C 2718 76.13 -120.06 1.71
N PHE C 2719 76.52 -119.08 0.88
CA PHE C 2719 76.03 -117.72 1.06
C PHE C 2719 74.52 -117.66 0.92
N ILE C 2720 73.97 -118.39 -0.05
CA ILE C 2720 72.51 -118.42 -0.22
C ILE C 2720 71.84 -118.98 1.03
N ASN C 2721 72.39 -120.07 1.58
CA ASN C 2721 71.80 -120.66 2.78
C ASN C 2721 71.87 -119.71 3.96
N LYS C 2722 73.04 -119.11 4.18
CA LYS C 2722 73.21 -118.19 5.30
C LYS C 2722 72.32 -116.96 5.14
N TYR C 2723 72.22 -116.44 3.92
CA TYR C 2723 71.34 -115.30 3.65
C TYR C 2723 69.89 -115.67 3.87
N ALA C 2724 69.50 -116.90 3.52
CA ALA C 2724 68.13 -117.34 3.77
C ALA C 2724 67.83 -117.38 5.25
N GLU C 2725 68.76 -117.91 6.05
CA GLU C 2725 68.56 -117.95 7.50
C GLU C 2725 68.47 -116.53 8.08
N HIS C 2726 69.41 -115.66 7.69
CA HIS C 2726 69.41 -114.29 8.21
C HIS C 2726 68.18 -113.53 7.75
N SER C 2727 67.72 -113.76 6.52
CA SER C 2727 66.52 -113.10 6.03
C SER C 2727 65.28 -113.60 6.74
N HIS C 2728 65.22 -114.89 7.08
CA HIS C 2728 64.12 -115.39 7.88
C HIS C 2728 64.10 -114.72 9.25
N ASP C 2729 65.28 -114.56 9.87
CA ASP C 2729 65.35 -113.85 11.14
C ASP C 2729 64.90 -112.40 10.97
N LYS C 2730 65.32 -111.75 9.89
CA LYS C 2730 64.94 -110.35 9.65
C LYS C 2730 63.44 -110.22 9.45
N TRP C 2731 62.83 -111.14 8.68
CA TRP C 2731 61.38 -111.10 8.50
C TRP C 2731 60.66 -111.31 9.82
N SER C 2732 61.14 -112.26 10.64
CA SER C 2732 60.51 -112.47 11.93
C SER C 2732 60.56 -111.22 12.79
N MET C 2733 61.74 -110.58 12.84
CA MET C 2733 61.90 -109.38 13.65
C MET C 2733 61.01 -108.24 13.14
N ASP C 2734 60.99 -108.04 11.82
CA ASP C 2734 60.19 -106.95 11.26
C ASP C 2734 58.70 -107.19 11.49
N LYS C 2735 58.23 -108.42 11.29
CA LYS C 2735 56.82 -108.71 11.47
C LYS C 2735 56.41 -108.58 12.94
N LEU C 2736 57.26 -109.03 13.87
CA LEU C 2736 56.90 -108.87 15.27
C LEU C 2736 56.95 -107.40 15.69
N ALA C 2737 57.85 -106.62 15.10
CA ALA C 2737 57.87 -105.18 15.38
C ALA C 2737 56.60 -104.51 14.87
N ASN C 2738 56.15 -104.89 13.68
CA ASN C 2738 54.89 -104.34 13.15
C ASN C 2738 53.69 -104.80 13.96
N GLY C 2739 53.72 -106.02 14.49
CA GLY C 2739 52.61 -106.54 15.26
C GLY C 2739 51.96 -107.75 14.61
N TRP C 2740 52.75 -108.53 13.87
CA TRP C 2740 52.23 -109.71 13.19
C TRP C 2740 52.04 -110.86 14.16
N ILE C 2741 51.20 -111.80 13.76
CA ILE C 2741 50.93 -113.01 14.53
C ILE C 2741 51.11 -114.21 13.62
N TYR C 2742 51.42 -115.36 14.22
CA TYR C 2742 51.57 -116.58 13.45
C TYR C 2742 50.23 -117.04 12.90
N GLY C 2743 50.24 -117.49 11.64
CA GLY C 2743 49.03 -117.96 11.01
C GLY C 2743 49.34 -118.57 9.67
N GLU C 2744 48.44 -119.45 9.23
CA GLU C 2744 48.63 -120.13 7.95
C GLU C 2744 48.59 -119.16 6.78
N ILE C 2745 47.65 -118.22 6.80
CA ILE C 2745 47.51 -117.25 5.72
C ILE C 2745 48.53 -116.14 5.91
N TYR C 2746 49.00 -115.57 4.79
CA TYR C 2746 49.96 -114.49 4.80
C TYR C 2746 49.32 -113.13 4.55
N SER C 2747 48.00 -113.04 4.65
CA SER C 2747 47.31 -111.77 4.43
C SER C 2747 47.68 -110.75 5.49
N ASP C 2748 47.89 -109.50 5.07
CA ASP C 2748 48.26 -108.42 5.96
C ASP C 2748 47.07 -107.72 6.60
N SER C 2749 45.85 -108.04 6.18
CA SER C 2749 44.68 -107.40 6.77
C SER C 2749 44.55 -107.74 8.25
N SER C 2750 44.74 -109.00 8.61
CA SER C 2750 44.73 -109.43 9.99
C SER C 2750 46.13 -109.57 10.58
N LYS C 2751 47.16 -109.26 9.80
CA LYS C 2751 48.56 -109.35 10.24
C LYS C 2751 48.90 -110.75 10.73
N ILE C 2752 48.80 -111.72 9.81
CA ILE C 2752 49.13 -113.10 10.08
C ILE C 2752 50.15 -113.56 9.04
N GLN C 2753 51.22 -114.23 9.50
CA GLN C 2753 52.27 -114.72 8.63
C GLN C 2753 52.69 -116.13 9.04
N PRO C 2754 52.95 -117.01 8.09
CA PRO C 2754 53.52 -118.32 8.40
C PRO C 2754 55.05 -118.36 8.43
N LEU C 2755 55.71 -117.23 8.25
CA LEU C 2755 57.17 -117.16 8.20
C LEU C 2755 57.73 -116.46 9.44
N MET C 2756 57.12 -116.71 10.59
CA MET C 2756 57.59 -116.12 11.85
C MET C 2756 58.09 -117.23 12.76
N LEU C 2761 54.09 -110.88 6.20
CA LEU C 2761 53.67 -110.41 4.88
C LEU C 2761 54.03 -111.41 3.80
N LEU C 2762 55.24 -111.96 3.87
CA LEU C 2762 55.71 -112.95 2.93
C LEU C 2762 55.68 -114.34 3.57
N SER C 2763 55.21 -115.32 2.81
CA SER C 2763 55.05 -116.68 3.32
C SER C 2763 56.27 -117.52 2.96
N GLU C 2764 56.21 -118.81 3.28
CA GLU C 2764 57.29 -119.72 2.91
C GLU C 2764 57.43 -119.83 1.40
N LYS C 2765 56.31 -119.87 0.68
CA LYS C 2765 56.34 -119.87 -0.77
C LYS C 2765 56.97 -118.59 -1.29
N GLU C 2766 56.64 -117.45 -0.69
CA GLU C 2766 57.25 -116.19 -1.09
C GLU C 2766 58.75 -116.20 -0.86
N LYS C 2767 59.19 -116.75 0.27
CA LYS C 2767 60.63 -116.83 0.54
C LYS C 2767 61.33 -117.73 -0.46
N GLU C 2768 60.73 -118.88 -0.78
CA GLU C 2768 61.41 -119.81 -1.68
C GLU C 2768 61.39 -119.31 -3.12
N ILE C 2769 60.42 -118.48 -3.50
CA ILE C 2769 60.48 -117.91 -4.84
C ILE C 2769 61.43 -116.72 -4.88
N TYR C 2770 61.50 -115.93 -3.81
CA TYR C 2770 62.47 -114.84 -3.73
C TYR C 2770 63.90 -115.35 -3.61
N ARG C 2771 64.07 -116.62 -3.24
CA ARG C 2771 65.41 -117.21 -3.30
C ARG C 2771 65.96 -117.23 -4.73
N TRP C 2772 65.07 -117.38 -5.72
CA TRP C 2772 65.53 -117.51 -7.10
C TRP C 2772 66.26 -116.28 -7.64
N PRO C 2773 65.77 -115.05 -7.46
CA PRO C 2773 66.53 -113.89 -7.98
C PRO C 2773 67.92 -113.77 -7.39
N ILE C 2774 68.13 -114.22 -6.15
CA ILE C 2774 69.45 -114.19 -5.56
C ILE C 2774 70.41 -115.07 -6.36
N LYS C 2775 69.99 -116.30 -6.64
CA LYS C 2775 70.82 -117.21 -7.43
C LYS C 2775 71.01 -116.68 -8.85
N GLU C 2776 69.96 -116.06 -9.42
CA GLU C 2776 70.09 -115.49 -10.76
C GLU C 2776 71.13 -114.38 -10.79
N SER C 2777 71.11 -113.50 -9.79
CA SER C 2777 72.09 -112.43 -9.72
C SER C 2777 73.50 -112.97 -9.52
N LEU C 2778 73.65 -113.99 -8.66
CA LEU C 2778 74.96 -114.61 -8.48
C LEU C 2778 75.48 -115.21 -9.78
N LYS C 2779 74.62 -115.92 -10.51
CA LYS C 2779 75.03 -116.49 -11.80
C LYS C 2779 75.40 -115.40 -12.79
N THR C 2780 74.62 -114.31 -12.83
CA THR C 2780 74.88 -113.23 -13.78
C THR C 2780 76.22 -112.57 -13.49
N MET C 2781 76.47 -112.21 -12.24
CA MET C 2781 77.73 -111.54 -11.92
C MET C 2781 78.90 -112.50 -11.81
N LEU C 2782 78.66 -113.81 -11.81
CA LEU C 2782 79.76 -114.76 -11.98
C LEU C 2782 80.11 -114.92 -13.45
N ALA C 2783 79.11 -114.95 -14.34
CA ALA C 2783 79.38 -115.00 -15.77
C ALA C 2783 80.01 -113.71 -16.26
N TRP C 2784 79.66 -112.59 -15.65
CA TRP C 2784 80.25 -111.31 -16.01
C TRP C 2784 81.74 -111.28 -15.69
N ASP C 2835 83.76 -101.27 -6.35
CA ASP C 2835 83.95 -102.60 -5.79
C ASP C 2835 82.61 -103.30 -5.58
N LEU C 2836 82.31 -103.63 -4.32
CA LEU C 2836 81.05 -104.30 -4.02
C LEU C 2836 79.85 -103.41 -4.35
N HIS C 2837 79.94 -102.12 -4.04
CA HIS C 2837 78.85 -101.20 -4.39
C HIS C 2837 78.67 -101.07 -5.89
N ALA C 2838 79.78 -100.99 -6.64
CA ALA C 2838 79.69 -100.91 -8.09
C ALA C 2838 79.07 -102.16 -8.68
N MET C 2839 79.47 -103.34 -8.18
CA MET C 2839 78.88 -104.58 -8.67
C MET C 2839 77.41 -104.68 -8.27
N ALA C 2840 77.04 -104.12 -7.10
CA ALA C 2840 75.64 -104.09 -6.73
C ALA C 2840 74.83 -103.22 -7.67
N GLU C 2841 75.37 -102.06 -8.06
CA GLU C 2841 74.70 -101.22 -9.04
C GLU C 2841 74.57 -101.93 -10.39
N MET C 2842 75.62 -102.64 -10.80
CA MET C 2842 75.56 -103.39 -12.04
C MET C 2842 74.49 -104.47 -11.99
N MET C 2843 74.41 -105.20 -10.87
CA MET C 2843 73.38 -106.23 -10.73
C MET C 2843 71.98 -105.63 -10.70
N ALA C 2844 71.83 -104.47 -10.06
CA ALA C 2844 70.54 -103.78 -10.05
C ALA C 2844 70.13 -103.38 -11.46
N GLU C 2845 71.08 -102.87 -12.25
CA GLU C 2845 70.78 -102.55 -13.64
C GLU C 2845 70.41 -103.79 -14.43
N ASN C 2846 71.11 -104.90 -14.20
CA ASN C 2846 70.78 -106.14 -14.90
C ASN C 2846 69.37 -106.61 -14.56
N TYR C 2847 68.99 -106.56 -13.28
CA TYR C 2847 67.66 -107.00 -12.90
C TYR C 2847 66.59 -106.05 -13.43
N HIS C 2848 66.88 -104.74 -13.44
CA HIS C 2848 65.95 -103.79 -14.03
C HIS C 2848 65.77 -104.05 -15.52
N ASN C 2849 66.86 -104.37 -16.22
CA ASN C 2849 66.78 -104.67 -17.64
C ASN C 2849 65.95 -105.93 -17.90
N ILE C 2850 66.17 -106.98 -17.09
CA ILE C 2850 65.41 -108.21 -17.32
C ILE C 2850 63.94 -108.01 -16.98
N TRP C 2851 63.65 -107.21 -15.94
CA TRP C 2851 62.25 -106.89 -15.63
C TRP C 2851 61.61 -106.08 -16.75
N ALA C 2852 62.36 -105.13 -17.32
CA ALA C 2852 61.85 -104.35 -18.44
C ALA C 2852 61.57 -105.25 -19.64
N LYS C 2853 62.46 -106.21 -19.90
CA LYS C 2853 62.23 -107.14 -21.00
C LYS C 2853 60.99 -107.98 -20.75
N LYS C 2854 60.80 -108.46 -19.51
CA LYS C 2854 59.62 -109.26 -19.20
C LYS C 2854 58.35 -108.45 -19.36
N LYS C 2855 58.34 -107.20 -18.88
CA LYS C 2855 57.14 -106.39 -19.00
C LYS C 2855 56.89 -105.97 -20.45
N LYS C 2856 57.95 -105.80 -21.24
CA LYS C 2856 57.77 -105.53 -22.66
C LYS C 2856 57.16 -106.73 -23.38
N LEU C 2857 57.62 -107.93 -23.03
CA LEU C 2857 57.02 -109.14 -23.59
C LEU C 2857 55.55 -109.26 -23.20
N GLU C 2858 55.23 -108.94 -21.93
CA GLU C 2858 53.84 -108.96 -21.49
C GLU C 2858 53.00 -107.95 -22.26
N LEU C 2859 53.53 -106.75 -22.47
CA LEU C 2859 52.81 -105.73 -23.23
C LEU C 2859 52.60 -106.17 -24.68
N GLU C 2860 53.61 -106.78 -25.29
CA GLU C 2860 53.46 -107.29 -26.65
C GLU C 2860 52.40 -108.38 -26.72
N SER C 2861 52.37 -109.27 -25.72
CA SER C 2861 51.35 -110.31 -25.70
C SER C 2861 49.95 -109.72 -25.53
N LYS C 2862 49.82 -108.70 -24.67
CA LYS C 2862 48.52 -108.08 -24.42
C LYS C 2862 48.11 -107.08 -25.48
N GLY C 2863 49.01 -106.74 -26.41
CA GLY C 2863 48.69 -105.77 -27.45
C GLY C 2863 48.46 -104.36 -26.93
N GLY C 2864 49.30 -103.90 -25.99
CA GLY C 2864 49.19 -102.57 -25.43
C GLY C 2864 50.43 -101.74 -25.72
N GLY C 2865 50.34 -100.46 -25.36
CA GLY C 2865 51.44 -99.55 -25.57
C GLY C 2865 52.60 -99.81 -24.65
N ASN C 2866 53.78 -99.34 -25.06
CA ASN C 2866 55.00 -99.54 -24.29
C ASN C 2866 55.12 -98.46 -23.22
N HIS C 2867 55.30 -98.89 -21.97
CA HIS C 2867 55.47 -97.96 -20.87
C HIS C 2867 56.85 -97.29 -20.95
N PRO C 2868 56.99 -96.09 -20.39
CA PRO C 2868 58.31 -95.43 -20.41
C PRO C 2868 59.36 -96.16 -19.61
N LEU C 2869 58.99 -97.10 -18.74
CA LEU C 2869 59.95 -97.83 -17.93
C LEU C 2869 60.83 -98.77 -18.75
N LEU C 2870 60.51 -98.99 -20.03
CA LEU C 2870 61.32 -99.89 -20.85
C LEU C 2870 62.73 -99.35 -21.06
N VAL C 2871 62.89 -98.03 -21.04
CA VAL C 2871 64.21 -97.41 -21.23
C VAL C 2871 65.08 -97.76 -20.02
N PRO C 2872 66.41 -97.77 -20.15
CA PRO C 2872 67.26 -98.22 -19.05
C PRO C 2872 67.18 -97.35 -17.80
N TYR C 2873 67.88 -97.76 -16.74
CA TYR C 2873 67.84 -97.02 -15.48
C TYR C 2873 68.35 -95.60 -15.66
N ASP C 2874 69.44 -95.44 -16.42
CA ASP C 2874 70.03 -94.13 -16.63
C ASP C 2874 69.06 -93.19 -17.35
N THR C 2875 68.40 -93.69 -18.38
CA THR C 2875 67.40 -92.89 -19.08
C THR C 2875 66.24 -92.56 -18.15
N LEU C 2876 65.83 -93.52 -17.31
CA LEU C 2876 64.80 -93.26 -16.32
C LEU C 2876 65.34 -92.38 -15.20
N THR C 2877 64.46 -92.01 -14.28
CA THR C 2877 64.84 -91.21 -13.13
C THR C 2877 65.66 -92.04 -12.15
N ALA C 2878 66.33 -91.34 -11.22
CA ALA C 2878 67.13 -92.01 -10.21
C ALA C 2878 66.27 -92.64 -9.12
N LYS C 2879 65.03 -92.19 -8.94
CA LYS C 2879 64.18 -92.72 -7.87
C LYS C 2879 63.85 -94.18 -8.11
N GLU C 2880 63.57 -94.56 -9.36
CA GLU C 2880 63.25 -95.96 -9.64
C GLU C 2880 64.45 -96.87 -9.43
N LYS C 2881 65.67 -96.34 -9.63
CA LYS C 2881 66.86 -97.15 -9.40
C LYS C 2881 66.97 -97.56 -7.93
N ALA C 2882 66.62 -96.67 -7.01
CA ALA C 2882 66.84 -96.92 -5.59
C ALA C 2882 66.12 -98.18 -5.11
N LYS C 2883 64.97 -98.50 -5.70
CA LYS C 2883 64.23 -99.69 -5.28
C LYS C 2883 65.06 -100.95 -5.50
N ASP C 2884 65.72 -101.06 -6.66
CA ASP C 2884 66.60 -102.18 -6.93
C ASP C 2884 67.93 -102.05 -6.21
N ARG C 2885 68.40 -100.81 -6.02
CA ARG C 2885 69.68 -100.58 -5.34
C ARG C 2885 69.62 -101.01 -3.89
N GLU C 2886 68.48 -100.84 -3.23
CA GLU C 2886 68.34 -101.31 -1.85
C GLU C 2886 68.51 -102.82 -1.77
N LYS C 2887 67.85 -103.55 -2.68
CA LYS C 2887 67.98 -105.01 -2.70
C LYS C 2887 69.40 -105.42 -3.03
N ALA C 2888 70.05 -104.75 -3.98
CA ALA C 2888 71.42 -105.06 -4.33
C ALA C 2888 72.36 -104.82 -3.15
N GLN C 2889 72.18 -103.71 -2.45
CA GLN C 2889 73.00 -103.42 -1.29
C GLN C 2889 72.77 -104.46 -0.20
N ASP C 2890 71.52 -104.89 -0.01
CA ASP C 2890 71.24 -105.91 1.00
C ASP C 2890 71.92 -107.23 0.66
N ILE C 2891 71.79 -107.69 -0.59
CA ILE C 2891 72.38 -108.98 -0.96
C ILE C 2891 73.91 -108.89 -0.89
N PHE C 2892 74.48 -107.73 -1.23
CA PHE C 2892 75.93 -107.61 -1.14
C PHE C 2892 76.41 -107.49 0.31
N LYS C 2893 75.60 -106.90 1.19
CA LYS C 2893 75.92 -106.95 2.61
C LYS C 2893 75.92 -108.38 3.13
N PHE C 2894 74.93 -109.18 2.72
CA PHE C 2894 74.93 -110.58 3.10
C PHE C 2894 76.13 -111.32 2.54
N LEU C 2895 76.52 -110.99 1.30
CA LEU C 2895 77.67 -111.62 0.67
C LEU C 2895 78.96 -111.31 1.44
N GLN C 2896 79.16 -110.04 1.81
CA GLN C 2896 80.38 -109.69 2.54
C GLN C 2896 80.35 -110.22 3.97
N ILE C 2897 79.17 -110.35 4.56
CA ILE C 2897 79.07 -111.00 5.86
C ILE C 2897 79.47 -112.47 5.75
N SER C 2898 79.01 -113.15 4.70
CA SER C 2898 79.40 -114.54 4.49
C SER C 2898 80.91 -114.66 4.25
N GLY C 2899 81.47 -113.74 3.46
CA GLY C 2899 82.90 -113.73 3.25
C GLY C 2899 83.34 -114.00 1.82
N TYR C 2900 82.51 -113.62 0.86
CA TYR C 2900 82.82 -113.80 -0.56
C TYR C 2900 82.87 -112.44 -1.25
N VAL C 2901 83.91 -112.22 -2.04
CA VAL C 2901 84.10 -110.98 -2.78
C VAL C 2901 84.16 -111.32 -4.27
N VAL C 2902 83.35 -110.62 -5.06
CA VAL C 2902 83.28 -110.84 -6.50
C VAL C 2902 83.36 -109.50 -7.21
N SER C 2903 83.82 -109.54 -8.46
CA SER C 2903 83.94 -108.34 -9.28
C SER C 2903 83.72 -108.73 -10.73
N ARG C 2904 83.97 -107.79 -11.65
CA ARG C 2904 83.81 -108.07 -13.07
C ARG C 2904 84.77 -109.14 -13.54
N GLY C 2905 86.03 -109.08 -13.09
CA GLY C 2905 87.03 -110.05 -13.47
C GLY C 2905 87.54 -109.86 -14.90
N ILE C 2916 102.83 -96.53 -14.04
CA ILE C 2916 103.19 -95.58 -13.00
C ILE C 2916 102.89 -94.15 -13.48
N GLU C 2917 102.91 -93.22 -12.53
CA GLU C 2917 102.73 -91.81 -12.89
C GLU C 2917 103.64 -91.43 -14.04
N LYS C 2918 104.79 -92.10 -14.16
CA LYS C 2918 105.59 -91.96 -15.36
C LYS C 2918 104.86 -92.58 -16.57
N ARG C 2919 104.06 -93.64 -16.35
CA ARG C 2919 103.41 -94.31 -17.46
C ARG C 2919 102.31 -93.46 -18.08
N PHE C 2920 101.62 -92.64 -17.27
CA PHE C 2920 100.60 -91.76 -17.86
C PHE C 2920 101.17 -90.90 -18.98
N ALA C 2921 102.11 -90.02 -18.62
CA ALA C 2921 102.78 -89.21 -19.62
C ALA C 2921 103.46 -90.10 -20.64
N TYR C 2922 104.22 -91.10 -20.19
CA TYR C 2922 104.98 -91.94 -21.11
C TYR C 2922 104.07 -92.52 -22.19
N SER C 2923 102.83 -92.88 -21.83
CA SER C 2923 101.90 -93.37 -22.82
C SER C 2923 101.52 -92.28 -23.82
N PHE C 2924 101.12 -91.11 -23.33
CA PHE C 2924 100.56 -90.19 -24.32
C PHE C 2924 101.71 -89.51 -25.09
N LEU C 2925 102.76 -89.11 -24.39
CA LEU C 2925 104.02 -88.71 -25.02
C LEU C 2925 104.62 -89.81 -25.90
N GLN C 2926 104.32 -91.09 -25.63
CA GLN C 2926 104.83 -92.15 -26.47
C GLN C 2926 104.05 -92.24 -27.76
N GLN C 2927 102.74 -92.00 -27.69
CA GLN C 2927 101.98 -91.74 -28.90
C GLN C 2927 102.59 -90.59 -29.68
N LEU C 2928 103.02 -89.54 -28.96
CA LEU C 2928 103.65 -88.40 -29.64
C LEU C 2928 104.99 -88.78 -30.27
N ILE C 2929 105.81 -89.56 -29.58
CA ILE C 2929 107.12 -89.92 -30.10
C ILE C 2929 106.99 -90.89 -31.27
N ARG C 2930 106.04 -91.82 -31.18
CA ARG C 2930 105.73 -92.68 -32.32
C ARG C 2930 105.23 -91.86 -33.50
N TYR C 2931 104.40 -90.85 -33.21
CA TYR C 2931 103.94 -89.93 -34.25
C TYR C 2931 105.12 -89.23 -34.91
N VAL C 2932 106.08 -88.76 -34.12
CA VAL C 2932 107.19 -88.00 -34.67
C VAL C 2932 108.12 -88.92 -35.47
N ASP C 2933 108.36 -90.14 -34.98
CA ASP C 2933 109.16 -91.09 -35.73
C ASP C 2933 108.48 -91.47 -37.04
N GLU C 2934 107.16 -91.69 -37.01
CA GLU C 2934 106.42 -91.97 -38.22
C GLU C 2934 106.47 -90.79 -39.18
N ALA C 2935 106.36 -89.58 -38.67
CA ALA C 2935 106.45 -88.39 -39.51
C ALA C 2935 107.83 -88.26 -40.12
N HIS C 2936 108.87 -88.56 -39.35
CA HIS C 2936 110.22 -88.58 -39.90
C HIS C 2936 110.32 -89.57 -41.04
N GLN C 2937 109.75 -90.77 -40.85
CA GLN C 2937 109.77 -91.77 -41.91
C GLN C 2937 109.01 -91.29 -43.14
N TYR C 2938 107.84 -90.68 -42.94
CA TYR C 2938 107.07 -90.17 -44.08
C TYR C 2938 107.83 -89.08 -44.83
N ILE C 2939 108.45 -88.15 -44.11
CA ILE C 2939 109.20 -87.08 -44.77
C ILE C 2939 110.41 -87.65 -45.51
N LEU C 2940 111.12 -88.61 -44.90
CA LEU C 2940 112.26 -89.21 -45.57
C LEU C 2940 111.83 -89.95 -46.84
N GLU C 2941 110.74 -90.72 -46.76
CA GLU C 2941 110.25 -91.43 -47.93
C GLU C 2941 109.76 -90.46 -49.01
N PHE C 2942 109.08 -89.39 -48.60
CA PHE C 2942 108.56 -88.41 -49.55
C PHE C 2942 109.69 -87.66 -50.23
N ASP C 2943 110.78 -87.38 -49.52
CA ASP C 2943 111.93 -86.73 -50.13
C ASP C 2943 112.68 -87.68 -51.05
N GLY C 2944 112.80 -88.95 -50.65
CA GLY C 2944 113.48 -89.92 -51.48
C GLY C 2944 112.75 -90.20 -52.78
N GLY C 2945 111.43 -90.36 -52.70
CA GLY C 2945 110.64 -90.60 -53.90
C GLY C 2945 110.34 -89.29 -54.61
N SER C 2946 110.38 -89.35 -55.95
CA SER C 2946 110.12 -88.16 -56.75
C SER C 2946 108.66 -87.75 -56.62
N ARG C 2947 108.43 -86.45 -56.49
CA ARG C 2947 107.08 -85.92 -56.40
C ARG C 2947 106.33 -86.14 -57.71
N SER C 2948 105.07 -86.55 -57.61
CA SER C 2948 104.24 -86.80 -58.77
C SER C 2948 103.24 -85.65 -58.91
N LYS C 2949 103.23 -85.01 -60.08
CA LYS C 2949 102.32 -83.91 -60.33
C LYS C 2949 100.89 -84.42 -60.44
N GLY C 2950 99.97 -83.81 -59.70
CA GLY C 2950 98.60 -84.21 -59.69
C GLY C 2950 98.25 -85.35 -58.76
N GLU C 2951 99.24 -85.93 -58.08
CA GLU C 2951 99.03 -87.02 -57.13
C GLU C 2951 99.61 -86.60 -55.78
N HIS C 2952 98.75 -86.43 -54.80
CA HIS C 2952 99.19 -86.03 -53.46
C HIS C 2952 99.68 -87.26 -52.70
N PHE C 2953 100.85 -87.12 -52.06
CA PHE C 2953 101.44 -88.24 -51.35
C PHE C 2953 100.61 -88.58 -50.12
N PRO C 2954 100.28 -89.85 -49.88
CA PRO C 2954 99.67 -90.22 -48.59
C PRO C 2954 100.56 -89.90 -47.41
N TYR C 2955 101.88 -90.00 -47.58
CA TYR C 2955 102.79 -89.57 -46.53
C TYR C 2955 102.64 -88.07 -46.28
N GLU C 2956 102.50 -87.28 -47.34
CA GLU C 2956 102.29 -85.84 -47.17
C GLU C 2956 100.96 -85.55 -46.48
N GLN C 2957 99.92 -86.35 -46.80
CA GLN C 2957 98.64 -86.19 -46.10
C GLN C 2957 98.79 -86.48 -44.61
N GLU C 2958 99.54 -87.54 -44.27
CA GLU C 2958 99.78 -87.84 -42.86
C GLU C 2958 100.57 -86.74 -42.19
N ILE C 2959 101.55 -86.17 -42.89
CA ILE C 2959 102.32 -85.04 -42.35
C ILE C 2959 101.40 -83.86 -42.06
N LYS C 2960 100.51 -83.55 -43.00
CA LYS C 2960 99.57 -82.45 -42.81
C LYS C 2960 98.67 -82.71 -41.62
N PHE C 2961 98.14 -83.94 -41.51
CA PHE C 2961 97.27 -84.27 -40.38
C PHE C 2961 98.01 -84.13 -39.06
N PHE C 2962 99.25 -84.62 -39.00
CA PHE C 2962 100.07 -84.46 -37.81
C PHE C 2962 100.25 -82.98 -37.46
N ALA C 2963 100.75 -82.20 -38.42
CA ALA C 2963 101.08 -80.80 -38.15
C ALA C 2963 99.85 -79.96 -37.84
N LYS C 2964 98.66 -80.41 -38.25
CA LYS C 2964 97.44 -79.65 -37.98
C LYS C 2964 96.66 -80.16 -36.78
N VAL C 2965 96.98 -81.34 -36.25
CA VAL C 2965 96.25 -81.85 -35.10
C VAL C 2965 97.19 -82.09 -33.92
N VAL C 2966 98.16 -82.99 -34.10
CA VAL C 2966 99.02 -83.37 -32.99
C VAL C 2966 99.97 -82.23 -32.64
N LEU C 2967 100.47 -81.52 -33.65
CA LEU C 2967 101.42 -80.43 -33.41
C LEU C 2967 100.83 -79.34 -32.53
N PRO C 2968 99.60 -78.85 -32.75
CA PRO C 2968 99.01 -77.93 -31.77
C PRO C 2968 98.80 -78.55 -30.40
N LEU C 2969 98.62 -79.87 -30.33
CA LEU C 2969 98.22 -80.51 -29.09
C LEU C 2969 99.34 -80.58 -28.07
N ILE C 2970 100.59 -80.70 -28.52
CA ILE C 2970 101.70 -80.88 -27.59
C ILE C 2970 101.90 -79.63 -26.73
N ASP C 2971 101.80 -78.45 -27.34
CA ASP C 2971 101.96 -77.21 -26.58
C ASP C 2971 100.88 -77.09 -25.51
N GLN C 2972 99.64 -77.42 -25.87
CA GLN C 2972 98.57 -77.45 -24.87
C GLN C 2972 98.87 -78.47 -23.80
N TYR C 2973 99.54 -79.58 -24.15
CA TYR C 2973 99.97 -80.53 -23.13
C TYR C 2973 100.87 -79.85 -22.13
N PHE C 2974 102.03 -79.35 -22.59
CA PHE C 2974 102.99 -78.79 -21.64
C PHE C 2974 102.43 -77.58 -20.91
N LYS C 2975 101.39 -76.93 -21.45
CA LYS C 2975 100.65 -75.96 -20.67
C LYS C 2975 99.71 -76.67 -19.70
N ASN C 2976 99.71 -76.22 -18.45
CA ASN C 2976 98.84 -76.76 -17.40
C ASN C 2976 99.11 -78.23 -17.12
N HIS C 2977 100.37 -78.66 -17.24
CA HIS C 2977 100.76 -80.01 -16.87
C HIS C 2977 102.17 -79.99 -16.32
N ARG C 2978 102.42 -80.81 -15.30
CA ARG C 2978 103.76 -80.98 -14.74
C ARG C 2978 104.44 -82.12 -15.47
N LEU C 2979 105.38 -81.78 -16.35
CA LEU C 2979 106.14 -82.79 -17.09
C LEU C 2979 107.62 -82.80 -16.79
N TYR C 2980 108.16 -81.73 -16.20
CA TYR C 2980 109.54 -81.74 -15.73
C TYR C 2980 109.63 -82.08 -14.25
N PHE C 2981 108.51 -82.44 -13.63
CA PHE C 2981 108.47 -83.11 -12.34
C PHE C 2981 109.26 -82.37 -11.26
N LEU C 2982 109.27 -81.05 -11.35
CA LEU C 2982 109.82 -80.19 -10.29
C LEU C 2982 108.70 -79.21 -9.94
N SER C 2983 107.83 -79.62 -9.03
CA SER C 2983 106.65 -78.85 -8.68
C SER C 2983 106.28 -79.05 -7.21
N SER C 2996 109.08 -89.58 -12.79
CA SER C 2996 108.81 -88.74 -13.97
C SER C 2996 110.11 -88.13 -14.52
N ASN C 2997 111.23 -88.52 -13.92
CA ASN C 2997 112.52 -88.16 -14.51
C ASN C 2997 112.65 -88.77 -15.90
N LYS C 2998 112.17 -90.01 -16.05
CA LYS C 2998 112.13 -90.61 -17.38
C LYS C 2998 111.18 -89.85 -18.29
N GLU C 2999 110.11 -89.26 -17.73
CA GLU C 2999 109.27 -88.36 -18.52
C GLU C 2999 110.08 -87.17 -19.04
N LYS C 3000 110.91 -86.59 -18.18
CA LYS C 3000 111.77 -85.49 -18.60
C LYS C 3000 112.70 -85.96 -19.73
N GLU C 3001 113.20 -87.19 -19.61
CA GLU C 3001 114.06 -87.73 -20.67
C GLU C 3001 113.31 -87.85 -21.98
N MET C 3002 112.07 -88.33 -21.96
CA MET C 3002 111.30 -88.42 -23.19
C MET C 3002 111.01 -87.03 -23.77
N VAL C 3003 110.75 -86.06 -22.90
CA VAL C 3003 110.55 -84.69 -23.39
C VAL C 3003 111.81 -84.19 -24.10
N THR C 3004 112.97 -84.43 -23.50
CA THR C 3004 114.22 -84.01 -24.12
C THR C 3004 114.45 -84.72 -25.46
N SER C 3005 114.19 -86.04 -25.50
CA SER C 3005 114.39 -86.79 -26.74
C SER C 3005 113.44 -86.32 -27.83
N LEU C 3006 112.18 -86.05 -27.47
CA LEU C 3006 111.22 -85.52 -28.42
C LEU C 3006 111.67 -84.14 -28.92
N PHE C 3007 112.23 -83.33 -28.02
CA PHE C 3007 112.77 -82.04 -28.42
C PHE C 3007 113.89 -82.24 -29.44
N CYS C 3008 114.79 -83.19 -29.19
CA CYS C 3008 115.88 -83.44 -30.13
C CYS C 3008 115.34 -83.87 -31.49
N LYS C 3009 114.37 -84.78 -31.50
CA LYS C 3009 113.81 -85.26 -32.76
C LYS C 3009 113.15 -84.12 -33.52
N LEU C 3010 112.34 -83.31 -32.82
CA LEU C 3010 111.65 -82.20 -33.47
C LEU C 3010 112.64 -81.17 -33.99
N GLY C 3011 113.71 -80.89 -33.22
CA GLY C 3011 114.70 -79.93 -33.67
C GLY C 3011 115.44 -80.41 -34.90
N VAL C 3012 115.78 -81.71 -34.94
CA VAL C 3012 116.40 -82.28 -36.14
C VAL C 3012 115.45 -82.16 -37.33
N LEU C 3013 114.16 -82.44 -37.11
CA LEU C 3013 113.19 -82.36 -38.18
C LEU C 3013 113.07 -80.93 -38.72
N VAL C 3014 113.02 -79.95 -37.82
CA VAL C 3014 112.91 -78.55 -38.26
C VAL C 3014 114.20 -78.12 -38.95
N ARG C 3015 115.35 -78.57 -38.47
CA ARG C 3015 116.61 -78.20 -39.10
C ARG C 3015 116.70 -78.73 -40.51
N HIS C 3016 116.25 -79.97 -40.73
CA HIS C 3016 116.42 -80.58 -42.05
C HIS C 3016 115.29 -80.26 -43.02
N ARG C 3017 114.05 -80.14 -42.55
CA ARG C 3017 112.90 -80.03 -43.44
C ARG C 3017 111.95 -78.92 -42.97
N ILE C 3018 112.50 -77.74 -42.67
CA ILE C 3018 111.65 -76.62 -42.29
C ILE C 3018 110.78 -76.18 -43.46
N SER C 3019 111.30 -76.25 -44.68
CA SER C 3019 110.56 -75.76 -45.84
C SER C 3019 109.28 -76.56 -46.07
N LEU C 3020 109.25 -77.83 -45.68
CA LEU C 3020 108.05 -78.63 -45.86
C LEU C 3020 106.89 -78.10 -45.02
N PHE C 3021 107.17 -77.66 -43.79
CA PHE C 3021 106.15 -77.09 -42.92
C PHE C 3021 105.93 -75.64 -43.34
N GLY C 3022 105.21 -75.47 -44.45
CA GLY C 3022 104.98 -74.15 -44.98
C GLY C 3022 104.10 -73.30 -44.08
N ASN C 3023 103.04 -73.89 -43.53
CA ASN C 3023 102.08 -73.16 -42.71
C ASN C 3023 102.15 -73.49 -41.24
N ASP C 3024 102.69 -74.64 -40.86
CA ASP C 3024 102.80 -75.05 -39.47
C ASP C 3024 104.19 -74.76 -38.89
N ALA C 3025 105.02 -74.01 -39.62
CA ALA C 3025 106.34 -73.68 -39.11
C ALA C 3025 106.24 -72.87 -37.81
N THR C 3026 105.35 -71.88 -37.78
CA THR C 3026 105.18 -71.10 -36.56
C THR C 3026 104.72 -71.97 -35.40
N SER C 3027 103.79 -72.89 -35.67
CA SER C 3027 103.30 -73.78 -34.62
C SER C 3027 104.41 -74.66 -34.08
N ILE C 3028 105.23 -75.24 -34.97
CA ILE C 3028 106.27 -76.15 -34.50
C ILE C 3028 107.38 -75.37 -33.78
N VAL C 3029 107.65 -74.14 -34.21
CA VAL C 3029 108.64 -73.33 -33.49
C VAL C 3029 108.11 -72.94 -32.12
N ASN C 3030 106.83 -72.63 -32.00
CA ASN C 3030 106.24 -72.37 -30.69
C ASN C 3030 106.32 -73.60 -29.81
N CYS C 3031 106.10 -74.78 -30.39
CA CYS C 3031 106.26 -76.01 -29.62
C CYS C 3031 107.71 -76.22 -29.20
N LEU C 3032 108.68 -75.82 -30.03
CA LEU C 3032 110.07 -75.83 -29.60
C LEU C 3032 110.30 -74.88 -28.44
N HIS C 3033 109.68 -73.70 -28.49
CA HIS C 3033 109.81 -72.75 -27.38
C HIS C 3033 109.29 -73.35 -26.08
N ILE C 3034 108.10 -73.96 -26.13
CA ILE C 3034 107.53 -74.50 -24.89
C ILE C 3034 108.30 -75.75 -24.47
N LEU C 3035 108.85 -76.50 -25.41
CA LEU C 3035 109.72 -77.62 -25.06
C LEU C 3035 110.95 -77.13 -24.30
N GLY C 3036 111.55 -76.04 -24.75
CA GLY C 3036 112.67 -75.46 -24.01
C GLY C 3036 112.25 -74.93 -22.66
N GLN C 3037 111.07 -74.32 -22.59
CA GLN C 3037 110.58 -73.79 -21.32
C GLN C 3037 110.35 -74.92 -20.31
N THR C 3038 109.82 -76.04 -20.76
CA THR C 3038 109.54 -77.18 -19.89
C THR C 3038 110.74 -78.12 -19.75
N LEU C 3039 111.82 -77.88 -20.49
CA LEU C 3039 112.97 -78.77 -20.47
C LEU C 3039 113.76 -78.58 -19.19
N ASP C 3040 114.18 -79.69 -18.59
CA ASP C 3040 115.00 -79.70 -17.38
C ASP C 3040 116.40 -80.15 -17.81
N ALA C 3041 117.28 -79.18 -18.06
CA ALA C 3041 118.65 -79.52 -18.46
C ALA C 3041 119.42 -80.17 -17.31
N ARG C 3042 119.05 -79.86 -16.06
CA ARG C 3042 119.63 -80.57 -14.94
C ARG C 3042 119.32 -82.06 -15.04
N THR C 3043 118.11 -82.40 -15.47
CA THR C 3043 117.78 -83.80 -15.72
C THR C 3043 118.41 -84.31 -17.01
N VAL C 3044 118.66 -83.43 -17.97
CA VAL C 3044 119.43 -83.84 -19.14
C VAL C 3044 120.82 -84.30 -18.71
N MET C 3045 121.34 -83.71 -17.62
CA MET C 3045 122.68 -84.07 -17.16
C MET C 3045 122.65 -85.28 -16.21
N LYS C 3046 121.72 -85.30 -15.25
CA LYS C 3046 121.53 -86.44 -14.35
C LYS C 3046 120.15 -87.05 -14.54
N THR C 3047 120.08 -88.38 -14.41
CA THR C 3047 118.83 -89.11 -14.64
C THR C 3047 118.27 -88.81 -16.02
N GLY C 3048 119.15 -88.69 -16.99
CA GLY C 3048 118.75 -88.52 -18.37
C GLY C 3048 119.57 -89.43 -19.25
N LEU C 3049 118.92 -90.03 -20.25
CA LEU C 3049 119.58 -91.03 -21.07
C LEU C 3049 120.75 -90.40 -21.82
N ASP C 3050 121.91 -91.04 -21.73
CA ASP C 3050 123.15 -90.45 -22.22
C ASP C 3050 123.11 -90.26 -23.73
N SER C 3051 122.50 -91.20 -24.46
CA SER C 3051 122.38 -91.02 -25.90
C SER C 3051 121.48 -89.83 -26.22
N VAL C 3052 120.42 -89.63 -25.41
CA VAL C 3052 119.55 -88.48 -25.63
C VAL C 3052 120.29 -87.18 -25.38
N LYS C 3053 121.07 -87.10 -24.29
CA LYS C 3053 121.78 -85.86 -24.02
C LYS C 3053 122.90 -85.61 -25.04
N SER C 3054 123.54 -86.68 -25.52
CA SER C 3054 124.52 -86.52 -26.59
C SER C 3054 123.85 -86.09 -27.88
N ALA C 3055 122.62 -86.55 -28.14
CA ALA C 3055 121.88 -86.08 -29.30
C ALA C 3055 121.50 -84.61 -29.15
N LEU C 3056 121.21 -84.18 -27.92
CA LEU C 3056 120.97 -82.75 -27.69
C LEU C 3056 122.24 -81.94 -27.97
N ARG C 3057 123.39 -82.45 -27.53
CA ARG C 3057 124.65 -81.79 -27.85
C ARG C 3057 124.87 -81.73 -29.37
N ALA C 3058 124.56 -82.83 -30.06
CA ALA C 3058 124.72 -82.86 -31.51
C ALA C 3058 123.77 -81.89 -32.20
N PHE C 3059 122.54 -81.75 -31.68
CA PHE C 3059 121.61 -80.79 -32.24
C PHE C 3059 122.08 -79.36 -32.01
N LEU C 3060 122.64 -79.07 -30.84
CA LEU C 3060 123.21 -77.75 -30.61
C LEU C 3060 124.40 -77.49 -31.51
N ASP C 3061 125.21 -78.52 -31.76
CA ASP C 3061 126.32 -78.39 -32.70
C ASP C 3061 125.82 -78.17 -34.12
N ASN C 3062 124.71 -78.81 -34.49
CA ASN C 3062 124.10 -78.57 -35.80
C ASN C 3062 123.59 -77.14 -35.91
N ALA C 3063 123.03 -76.62 -34.82
CA ALA C 3063 122.63 -75.21 -34.79
C ALA C 3063 123.84 -74.31 -34.97
N ALA C 3064 124.96 -74.65 -34.33
CA ALA C 3064 126.19 -73.89 -34.51
C ALA C 3064 126.68 -73.94 -35.96
N GLU C 3065 126.59 -75.11 -36.58
CA GLU C 3065 126.99 -75.25 -37.99
C GLU C 3065 126.10 -74.43 -38.90
N ASP C 3066 124.78 -74.43 -38.65
CA ASP C 3066 123.87 -73.60 -39.42
C ASP C 3066 124.18 -72.11 -39.23
N LEU C 3067 124.53 -71.74 -37.99
CA LEU C 3067 124.90 -70.34 -37.73
C LEU C 3067 126.17 -69.97 -38.47
N GLU C 3068 127.14 -70.88 -38.53
CA GLU C 3068 128.37 -70.62 -39.29
C GLU C 3068 128.08 -70.51 -40.79
N LYS C 3069 127.20 -71.37 -41.31
CA LYS C 3069 126.82 -71.26 -42.71
C LYS C 3069 126.12 -69.94 -43.00
N THR C 3070 125.26 -69.50 -42.08
CA THR C 3070 124.61 -68.20 -42.23
C THR C 3070 125.64 -67.07 -42.18
N MET C 3071 126.62 -67.20 -41.29
CA MET C 3071 127.75 -66.27 -41.24
C MET C 3071 128.40 -66.15 -42.61
N GLU C 3072 128.76 -67.30 -43.19
CA GLU C 3072 129.46 -67.30 -44.47
C GLU C 3072 128.59 -66.71 -45.58
N ASN C 3073 127.31 -67.09 -45.62
CA ASN C 3073 126.42 -66.60 -46.67
C ASN C 3073 126.22 -65.09 -46.57
N LEU C 3074 126.03 -64.58 -45.35
CA LEU C 3074 125.80 -63.14 -45.20
C LEU C 3074 127.08 -62.35 -45.46
N LYS C 3075 128.24 -62.91 -45.09
CA LYS C 3075 129.50 -62.25 -45.42
C LYS C 3075 129.73 -62.22 -46.92
N GLN C 3076 129.38 -63.30 -47.62
CA GLN C 3076 129.49 -63.33 -49.07
C GLN C 3076 128.42 -62.46 -49.74
N GLY C 3077 127.35 -62.13 -49.03
CA GLY C 3077 126.30 -61.29 -49.56
C GLY C 3077 125.02 -62.03 -49.94
N GLN C 3078 124.86 -63.29 -49.56
CA GLN C 3078 123.69 -64.07 -49.89
C GLN C 3078 122.69 -63.99 -48.74
N PHE C 3079 121.57 -63.34 -48.98
CA PHE C 3079 120.48 -63.25 -48.00
C PHE C 3079 119.16 -63.20 -48.75
N THR C 3080 118.08 -62.93 -48.01
CA THR C 3080 116.75 -62.92 -48.63
C THR C 3080 116.64 -61.83 -49.68
N HIS C 3081 117.20 -60.65 -49.42
CA HIS C 3081 117.14 -59.56 -50.39
C HIS C 3081 117.98 -59.85 -51.63
N THR C 3082 118.93 -60.78 -51.55
CA THR C 3082 119.74 -61.14 -52.71
C THR C 3082 118.95 -62.10 -53.59
N ARG C 3083 118.65 -61.65 -54.82
CA ARG C 3083 117.90 -62.50 -55.74
C ARG C 3083 118.70 -63.73 -56.15
N SER C 3084 120.00 -63.57 -56.39
CA SER C 3084 120.85 -64.68 -56.80
C SER C 3084 121.36 -65.40 -55.56
N GLN C 3085 120.48 -66.21 -54.98
CA GLN C 3085 120.79 -66.97 -53.78
C GLN C 3085 120.39 -68.43 -54.00
N PRO C 3086 121.25 -69.39 -53.69
CA PRO C 3086 120.90 -70.80 -53.88
C PRO C 3086 119.72 -71.20 -53.00
N LYS C 3087 119.02 -72.25 -53.44
CA LYS C 3087 117.85 -72.73 -52.70
C LYS C 3087 118.24 -73.22 -51.32
N GLY C 3088 119.29 -74.03 -51.23
CA GLY C 3088 119.73 -74.53 -49.94
C GLY C 3088 120.23 -73.43 -49.02
N VAL C 3089 120.98 -72.48 -49.56
CA VAL C 3089 121.45 -71.36 -48.77
C VAL C 3089 120.27 -70.54 -48.26
N THR C 3090 119.28 -70.29 -49.12
CA THR C 3090 118.09 -69.56 -48.71
C THR C 3090 117.36 -70.30 -47.59
N GLN C 3091 117.24 -71.62 -47.72
CA GLN C 3091 116.60 -72.41 -46.68
C GLN C 3091 117.36 -72.29 -45.36
N ILE C 3092 118.69 -72.34 -45.41
CA ILE C 3092 119.49 -72.24 -44.19
C ILE C 3092 119.29 -70.89 -43.53
N ILE C 3093 119.36 -69.81 -44.33
CA ILE C 3093 119.23 -68.47 -43.76
C ILE C 3093 117.83 -68.27 -43.18
N ASN C 3094 116.80 -68.71 -43.90
CA ASN C 3094 115.44 -68.56 -43.40
C ASN C 3094 115.24 -69.35 -42.12
N TYR C 3095 115.67 -70.62 -42.10
CA TYR C 3095 115.57 -71.43 -40.90
C TYR C 3095 116.25 -70.74 -39.72
N THR C 3096 117.51 -70.33 -39.90
CA THR C 3096 118.24 -69.67 -38.84
C THR C 3096 117.47 -68.47 -38.33
N THR C 3097 117.31 -67.45 -39.18
CA THR C 3097 116.79 -66.17 -38.74
C THR C 3097 115.39 -66.29 -38.16
N VAL C 3098 114.53 -67.10 -38.77
CA VAL C 3098 113.15 -67.20 -38.30
C VAL C 3098 113.08 -68.05 -37.03
N ALA C 3099 113.46 -69.32 -37.13
CA ALA C 3099 113.21 -70.25 -36.04
C ALA C 3099 114.37 -70.34 -35.05
N LEU C 3100 115.60 -70.48 -35.56
CA LEU C 3100 116.69 -70.93 -34.71
C LEU C 3100 117.05 -69.89 -33.67
N LEU C 3101 116.95 -68.60 -34.02
CA LEU C 3101 117.30 -67.55 -33.06
C LEU C 3101 116.33 -67.51 -31.89
N PRO C 3102 115.03 -67.28 -32.10
CA PRO C 3102 114.11 -67.24 -30.96
C PRO C 3102 114.05 -68.55 -30.17
N MET C 3103 114.19 -69.69 -30.85
CA MET C 3103 114.11 -70.98 -30.18
C MET C 3103 115.28 -71.15 -29.21
N LEU C 3104 116.51 -70.92 -29.69
CA LEU C 3104 117.66 -70.99 -28.81
C LEU C 3104 117.59 -69.90 -27.74
N SER C 3105 117.00 -68.75 -28.08
CA SER C 3105 116.79 -67.70 -27.08
C SER C 3105 115.96 -68.23 -25.93
N SER C 3106 114.86 -68.90 -26.24
CA SER C 3106 114.01 -69.46 -25.20
C SER C 3106 114.76 -70.51 -24.39
N LEU C 3107 115.51 -71.39 -25.07
CA LEU C 3107 116.23 -72.44 -24.36
C LEU C 3107 117.23 -71.85 -23.37
N PHE C 3108 118.07 -70.92 -23.86
CA PHE C 3108 119.08 -70.34 -22.99
C PHE C 3108 118.47 -69.45 -21.91
N GLU C 3109 117.35 -68.79 -22.19
CA GLU C 3109 116.68 -68.02 -21.14
C GLU C 3109 116.21 -68.94 -20.02
N HIS C 3110 115.59 -70.06 -20.39
CA HIS C 3110 115.17 -71.04 -19.38
C HIS C 3110 116.37 -71.59 -18.61
N ILE C 3111 117.46 -71.89 -19.32
CA ILE C 3111 118.65 -72.45 -18.68
C ILE C 3111 119.23 -71.46 -17.69
N GLY C 3112 119.32 -70.18 -18.07
CA GLY C 3112 119.84 -69.17 -17.17
C GLY C 3112 118.93 -68.93 -15.99
N GLN C 3113 117.61 -68.95 -16.21
CA GLN C 3113 116.67 -68.76 -15.10
C GLN C 3113 116.76 -69.89 -14.10
N HIS C 3114 116.92 -71.13 -14.57
CA HIS C 3114 116.95 -72.28 -13.69
C HIS C 3114 118.36 -72.75 -13.36
N GLN C 3115 119.37 -71.96 -13.70
CA GLN C 3115 120.77 -72.28 -13.40
C GLN C 3115 121.18 -73.64 -13.96
N PHE C 3116 120.72 -73.93 -15.18
CA PHE C 3116 121.03 -75.18 -15.84
C PHE C 3116 122.32 -75.15 -16.64
N GLY C 3117 123.00 -74.01 -16.69
CA GLY C 3117 124.23 -73.92 -17.47
C GLY C 3117 125.35 -74.76 -16.88
N GLU C 3118 125.46 -74.78 -15.54
CA GLU C 3118 126.56 -75.48 -14.89
C GLU C 3118 126.48 -77.00 -15.06
N ASP C 3119 125.31 -77.53 -15.41
CA ASP C 3119 125.12 -78.97 -15.54
C ASP C 3119 125.04 -79.45 -16.98
N LEU C 3120 124.32 -78.73 -17.84
CA LEU C 3120 124.21 -79.15 -19.24
C LEU C 3120 125.41 -78.72 -20.05
N ILE C 3121 125.89 -77.49 -19.85
CA ILE C 3121 126.96 -76.92 -20.66
C ILE C 3121 128.29 -77.21 -19.98
N LEU C 3122 129.08 -78.11 -20.57
CA LEU C 3122 130.41 -78.41 -20.08
C LEU C 3122 131.20 -79.08 -21.20
N GLU C 3123 132.51 -78.85 -21.18
CA GLU C 3123 133.44 -79.57 -22.05
C GLU C 3123 133.17 -79.32 -23.53
N ASP C 3124 132.75 -80.38 -24.25
CA ASP C 3124 132.43 -80.23 -25.65
C ASP C 3124 131.25 -79.29 -25.86
N VAL C 3125 130.29 -79.30 -24.93
CA VAL C 3125 129.19 -78.34 -24.99
C VAL C 3125 129.73 -76.93 -24.86
N GLN C 3126 130.71 -76.72 -23.98
CA GLN C 3126 131.34 -75.42 -23.85
C GLN C 3126 132.01 -75.01 -25.16
N VAL C 3127 132.72 -75.93 -25.80
CA VAL C 3127 133.41 -75.60 -27.05
C VAL C 3127 132.39 -75.21 -28.12
N SER C 3128 131.33 -75.99 -28.26
CA SER C 3128 130.30 -75.66 -29.24
C SER C 3128 129.60 -74.35 -28.90
N CYS C 3129 129.47 -74.05 -27.60
CA CYS C 3129 128.86 -72.78 -27.20
C CYS C 3129 129.76 -71.60 -27.53
N TYR C 3130 131.09 -71.77 -27.40
CA TYR C 3130 132.00 -70.73 -27.87
C TYR C 3130 131.88 -70.55 -29.38
N ARG C 3131 131.71 -71.66 -30.11
CA ARG C 3131 131.46 -71.54 -31.55
C ARG C 3131 130.19 -70.76 -31.85
N ILE C 3132 129.12 -71.03 -31.10
CA ILE C 3132 127.86 -70.31 -31.26
C ILE C 3132 128.06 -68.84 -30.95
N LEU C 3133 128.80 -68.54 -29.88
CA LEU C 3133 129.10 -67.16 -29.51
C LEU C 3133 129.83 -66.42 -30.63
N THR C 3134 130.86 -67.05 -31.19
CA THR C 3134 131.59 -66.42 -32.29
C THR C 3134 130.69 -66.19 -33.49
N SER C 3135 129.85 -67.18 -33.83
CA SER C 3135 128.94 -67.03 -34.96
C SER C 3135 127.98 -65.87 -34.75
N LEU C 3136 127.35 -65.81 -33.57
CA LEU C 3136 126.41 -64.72 -33.28
C LEU C 3136 127.10 -63.37 -33.30
N TYR C 3137 128.30 -63.30 -32.71
CA TYR C 3137 129.04 -62.05 -32.71
C TYR C 3137 129.34 -61.57 -34.13
N ALA C 3138 129.80 -62.47 -35.00
CA ALA C 3138 130.14 -62.06 -36.35
C ALA C 3138 128.89 -61.71 -37.16
N LEU C 3139 127.79 -62.45 -36.95
CA LEU C 3139 126.54 -62.12 -37.63
C LEU C 3139 126.05 -60.74 -37.22
N GLY C 3140 126.12 -60.42 -35.92
CA GLY C 3140 125.74 -59.09 -35.48
C GLY C 3140 126.67 -58.02 -36.03
N THR C 3141 127.98 -58.30 -36.06
CA THR C 3141 128.94 -57.33 -36.57
C THR C 3141 128.70 -57.03 -38.04
N SER C 3142 128.36 -58.05 -38.83
CA SER C 3142 128.06 -57.84 -40.24
C SER C 3142 126.91 -56.85 -40.39
N LYS C 3143 127.08 -55.88 -41.29
CA LYS C 3143 126.14 -54.79 -41.46
C LYS C 3143 125.17 -55.01 -42.62
N SER C 3144 124.80 -56.27 -42.87
CA SER C 3144 123.87 -56.56 -43.95
C SER C 3144 122.48 -56.05 -43.63
N ILE C 3145 121.71 -55.78 -44.68
CA ILE C 3145 120.35 -55.28 -44.50
C ILE C 3145 119.46 -56.32 -43.84
N TYR C 3146 119.60 -57.59 -44.24
CA TYR C 3146 118.83 -58.65 -43.60
C TYR C 3146 119.27 -58.86 -42.15
N VAL C 3147 120.56 -58.68 -41.87
CA VAL C 3147 121.03 -58.70 -40.49
C VAL C 3147 120.36 -57.60 -39.69
N GLU C 3148 120.26 -56.41 -40.27
CA GLU C 3148 119.58 -55.30 -39.60
C GLU C 3148 118.12 -55.64 -39.34
N ARG C 3149 117.46 -56.27 -40.32
CA ARG C 3149 116.06 -56.67 -40.15
C ARG C 3149 115.89 -57.67 -39.02
N GLN C 3150 116.82 -58.64 -38.92
CA GLN C 3150 116.74 -59.69 -37.92
C GLN C 3150 117.59 -59.40 -36.69
N ARG C 3151 117.96 -58.14 -36.46
CA ARG C 3151 118.88 -57.81 -35.38
C ARG C 3151 118.31 -58.14 -34.01
N SER C 3152 116.99 -57.99 -33.84
CA SER C 3152 116.38 -58.23 -32.53
C SER C 3152 116.63 -59.66 -32.06
N ALA C 3153 116.36 -60.64 -32.92
CA ALA C 3153 116.55 -62.05 -32.54
C ALA C 3153 118.03 -62.38 -32.33
N LEU C 3154 118.91 -61.81 -33.16
CA LEU C 3154 120.34 -62.01 -32.99
C LEU C 3154 120.78 -61.65 -31.57
N GLY C 3155 120.46 -60.42 -31.16
CA GLY C 3155 120.79 -59.99 -29.81
C GLY C 3155 120.07 -60.79 -28.74
N GLU C 3156 118.78 -61.06 -28.94
CA GLU C 3156 118.03 -61.81 -27.95
C GLU C 3156 118.71 -63.15 -27.66
N CYS C 3157 119.07 -63.87 -28.71
CA CYS C 3157 119.77 -65.14 -28.56
C CYS C 3157 121.13 -64.97 -27.90
N LEU C 3158 121.90 -63.95 -28.31
CA LEU C 3158 123.24 -63.80 -27.74
C LEU C 3158 123.16 -63.51 -26.25
N ALA C 3159 122.25 -62.62 -25.85
CA ALA C 3159 122.05 -62.34 -24.43
C ALA C 3159 121.60 -63.58 -23.67
N ALA C 3160 120.68 -64.34 -24.26
CA ALA C 3160 120.21 -65.56 -23.61
C ALA C 3160 121.37 -66.52 -23.38
N PHE C 3161 122.24 -66.67 -24.37
CA PHE C 3161 123.43 -67.50 -24.24
C PHE C 3161 124.34 -66.99 -23.13
N ALA C 3162 124.59 -65.68 -23.11
CA ALA C 3162 125.48 -65.11 -22.09
C ALA C 3162 124.94 -65.37 -20.70
N GLY C 3163 123.63 -65.18 -20.51
CA GLY C 3163 123.01 -65.44 -19.23
C GLY C 3163 123.07 -66.89 -18.82
N ALA C 3164 122.69 -67.79 -19.73
CA ALA C 3164 122.70 -69.22 -19.46
C ALA C 3164 124.08 -69.75 -19.10
N PHE C 3165 125.11 -69.22 -19.77
CA PHE C 3165 126.46 -69.76 -19.60
C PHE C 3165 126.94 -69.51 -18.17
N PRO C 3166 127.55 -70.50 -17.52
CA PRO C 3166 128.08 -70.29 -16.17
C PRO C 3166 129.57 -69.97 -16.13
N ILE C 3167 130.26 -70.08 -17.27
CA ILE C 3167 131.70 -69.88 -17.33
C ILE C 3167 132.00 -68.59 -18.09
N ALA C 3168 133.24 -68.13 -17.98
CA ALA C 3168 133.68 -66.91 -18.62
C ALA C 3168 134.19 -67.21 -20.02
N PHE C 3169 133.72 -66.42 -21.00
CA PHE C 3169 134.17 -66.55 -22.38
C PHE C 3169 134.60 -65.24 -23.02
N LEU C 3170 134.44 -64.11 -22.33
CA LEU C 3170 135.01 -62.85 -22.79
C LEU C 3170 136.12 -62.33 -21.89
N GLU C 3171 136.27 -62.89 -20.69
CA GLU C 3171 137.35 -62.51 -19.78
C GLU C 3171 138.63 -63.14 -20.32
N THR C 3172 139.19 -62.49 -21.34
CA THR C 3172 140.33 -63.06 -22.04
C THR C 3172 141.55 -63.17 -21.13
N HIS C 3173 141.87 -62.10 -20.41
CA HIS C 3173 143.03 -62.06 -19.53
C HIS C 3173 142.67 -62.31 -18.07
N LEU C 3174 141.43 -62.70 -17.78
CA LEU C 3174 141.00 -62.95 -16.42
C LEU C 3174 140.40 -64.35 -16.23
N ASP C 3175 140.31 -65.16 -17.29
CA ASP C 3175 139.69 -66.47 -17.17
C ASP C 3175 140.49 -67.42 -16.30
N LYS C 3176 141.79 -67.15 -16.09
CA LYS C 3176 142.62 -68.03 -15.28
C LYS C 3176 142.16 -68.07 -13.82
N HIS C 3177 141.63 -66.95 -13.32
CA HIS C 3177 141.22 -66.90 -11.91
C HIS C 3177 139.97 -67.73 -11.66
N ASN C 3178 139.13 -67.92 -12.67
CA ASN C 3178 137.84 -68.58 -12.49
C ASN C 3178 138.07 -70.09 -12.34
N VAL C 3179 137.43 -70.68 -11.33
CA VAL C 3179 137.58 -72.11 -11.09
C VAL C 3179 136.88 -72.91 -12.17
N TYR C 3180 135.71 -72.47 -12.61
CA TYR C 3180 134.92 -73.16 -13.64
C TYR C 3180 135.55 -73.08 -15.02
N SER C 3181 136.71 -72.42 -15.16
CA SER C 3181 137.27 -72.16 -16.47
C SER C 3181 137.58 -73.44 -17.22
N ILE C 3182 137.29 -73.44 -18.53
CA ILE C 3182 137.62 -74.59 -19.36
C ILE C 3182 139.13 -74.77 -19.45
N TYR C 3183 139.89 -73.69 -19.39
CA TYR C 3183 141.34 -73.82 -19.35
C TYR C 3183 141.81 -74.42 -18.03
N ASN C 3184 141.12 -74.10 -16.93
CA ASN C 3184 141.48 -74.68 -15.64
C ASN C 3184 141.15 -76.17 -15.58
N THR C 3185 140.00 -76.57 -16.15
CA THR C 3185 139.59 -77.96 -16.08
C THR C 3185 140.29 -78.81 -17.15
N ARG C 3186 140.04 -78.50 -18.42
CA ARG C 3186 140.68 -79.21 -19.52
C ARG C 3186 142.16 -78.86 -19.59
N SER C 3187 142.96 -79.81 -20.08
CA SER C 3187 144.37 -79.59 -20.28
C SER C 3187 144.61 -78.99 -21.67
N SER C 3188 145.87 -78.62 -21.92
CA SER C 3188 146.22 -78.04 -23.22
C SER C 3188 146.01 -79.03 -24.35
N ARG C 3189 146.44 -80.28 -24.16
CA ARG C 3189 146.24 -81.29 -25.20
C ARG C 3189 144.76 -81.58 -25.42
N GLU C 3190 143.99 -81.64 -24.34
CA GLU C 3190 142.56 -81.87 -24.47
C GLU C 3190 141.87 -80.73 -25.21
N ARG C 3191 142.26 -79.48 -24.93
CA ARG C 3191 141.68 -78.35 -25.65
C ARG C 3191 142.10 -78.37 -27.11
N ALA C 3192 143.35 -78.76 -27.39
CA ALA C 3192 143.78 -78.87 -28.78
C ALA C 3192 142.97 -79.93 -29.52
N ALA C 3193 142.69 -81.06 -28.86
CA ALA C 3193 141.83 -82.08 -29.45
C ALA C 3193 140.43 -81.54 -29.68
N LEU C 3194 139.91 -80.77 -28.73
CA LEU C 3194 138.61 -80.12 -28.87
C LEU C 3194 138.66 -78.87 -29.73
N SER C 3195 139.79 -78.62 -30.40
CA SER C 3195 139.94 -77.52 -31.35
C SER C 3195 139.90 -76.16 -30.65
N LEU C 3196 140.65 -76.04 -29.56
CA LEU C 3196 140.82 -74.79 -28.86
C LEU C 3196 142.29 -74.51 -28.65
N PRO C 3197 142.74 -73.28 -28.90
CA PRO C 3197 144.16 -72.93 -28.72
C PRO C 3197 144.49 -72.80 -27.25
N ALA C 3198 145.74 -72.42 -26.99
CA ALA C 3198 146.26 -72.29 -25.63
C ALA C 3198 146.03 -70.91 -25.03
N ASN C 3199 145.37 -70.01 -25.73
CA ASN C 3199 145.10 -68.67 -25.24
C ASN C 3199 143.61 -68.37 -25.37
N VAL C 3200 143.02 -67.83 -24.30
CA VAL C 3200 141.63 -67.39 -24.38
C VAL C 3200 141.48 -66.23 -25.35
N GLU C 3201 142.51 -65.38 -25.44
CA GLU C 3201 142.51 -64.32 -26.44
C GLU C 3201 142.43 -64.90 -27.84
N ASP C 3202 143.17 -65.98 -28.11
CA ASP C 3202 143.06 -66.63 -29.42
C ASP C 3202 141.73 -67.36 -29.58
N VAL C 3203 141.14 -67.82 -28.46
CA VAL C 3203 139.81 -68.42 -28.53
C VAL C 3203 138.78 -67.40 -28.99
N CYS C 3204 138.86 -66.18 -28.46
CA CYS C 3204 137.93 -65.11 -28.81
C CYS C 3204 138.71 -63.87 -29.23
N PRO C 3205 139.34 -63.90 -30.41
CA PRO C 3205 140.12 -62.75 -30.87
C PRO C 3205 139.26 -61.65 -31.48
N ASN C 3206 138.21 -62.05 -32.19
CA ASN C 3206 137.35 -61.07 -32.84
C ASN C 3206 136.62 -60.21 -31.82
N ILE C 3207 136.13 -60.83 -30.75
CA ILE C 3207 135.40 -60.10 -29.72
C ILE C 3207 136.39 -59.26 -28.92
N PRO C 3208 136.12 -57.98 -28.69
CA PRO C 3208 137.00 -57.18 -27.82
C PRO C 3208 137.02 -57.72 -26.41
N SER C 3209 138.16 -57.54 -25.74
CA SER C 3209 138.29 -57.97 -24.35
C SER C 3209 137.37 -57.13 -23.46
N LEU C 3210 137.30 -57.50 -22.18
CA LEU C 3210 136.40 -56.80 -21.27
C LEU C 3210 136.84 -55.36 -21.06
N GLU C 3211 138.14 -55.12 -20.92
CA GLU C 3211 138.63 -53.75 -20.77
C GLU C 3211 138.40 -52.93 -22.03
N LYS C 3212 138.60 -53.55 -23.20
CA LYS C 3212 138.29 -52.86 -24.45
C LYS C 3212 136.81 -52.54 -24.55
N LEU C 3213 135.95 -53.41 -24.01
CA LEU C 3213 134.53 -53.10 -23.94
C LEU C 3213 134.27 -51.91 -23.02
N MET C 3214 134.97 -51.85 -21.89
CA MET C 3214 134.89 -50.64 -21.05
C MET C 3214 135.20 -49.39 -21.87
N THR C 3215 136.31 -49.43 -22.59
CA THR C 3215 136.74 -48.26 -23.35
C THR C 3215 135.71 -47.89 -24.41
N GLU C 3216 135.16 -48.90 -25.10
CA GLU C 3216 134.15 -48.64 -26.11
C GLU C 3216 132.88 -48.05 -25.51
N ILE C 3217 132.45 -48.54 -24.35
CA ILE C 3217 131.25 -48.00 -23.72
C ILE C 3217 131.47 -46.56 -23.27
N ILE C 3218 132.66 -46.26 -22.74
CA ILE C 3218 132.97 -44.88 -22.38
C ILE C 3218 132.95 -44.00 -23.62
N GLU C 3219 133.44 -44.51 -24.75
CA GLU C 3219 133.38 -43.75 -26.00
C GLU C 3219 131.94 -43.55 -26.45
N LEU C 3220 131.08 -44.54 -26.25
CA LEU C 3220 129.65 -44.35 -26.52
C LEU C 3220 129.10 -43.19 -25.72
N ALA C 3221 129.38 -43.19 -24.41
CA ALA C 3221 128.87 -42.12 -23.54
C ALA C 3221 129.41 -40.77 -23.97
N GLU C 3222 130.67 -40.73 -24.42
CA GLU C 3222 131.27 -39.45 -24.82
C GLU C 3222 130.68 -38.95 -26.13
N SER C 3223 130.58 -39.82 -27.13
CA SER C 3223 130.18 -39.42 -28.47
C SER C 3223 128.67 -39.33 -28.66
N GLY C 3224 127.89 -39.83 -27.72
CA GLY C 3224 126.45 -39.76 -27.87
C GLY C 3224 125.95 -40.55 -29.05
N ILE C 3225 126.38 -41.81 -29.15
CA ILE C 3225 125.97 -42.66 -30.28
C ILE C 3225 124.44 -42.74 -30.36
N ARG C 3226 123.93 -43.15 -31.51
CA ARG C 3226 122.50 -43.31 -31.66
C ARG C 3226 122.25 -44.43 -32.67
N TYR C 3227 121.04 -45.01 -32.62
CA TYR C 3227 120.71 -46.11 -33.50
C TYR C 3227 120.72 -45.68 -34.95
N THR C 3228 120.62 -44.38 -35.19
CA THR C 3228 120.79 -43.85 -36.53
C THR C 3228 122.24 -43.98 -36.99
N GLN C 3229 123.21 -43.62 -36.14
CA GLN C 3229 124.61 -43.66 -36.56
C GLN C 3229 125.29 -44.99 -36.27
N MET C 3230 125.12 -45.54 -35.07
CA MET C 3230 125.76 -46.80 -34.68
C MET C 3230 124.75 -47.65 -33.94
N PRO C 3231 123.83 -48.28 -34.67
CA PRO C 3231 122.83 -49.12 -34.01
C PRO C 3231 123.41 -50.38 -33.39
N TYR C 3232 124.58 -50.83 -33.86
CA TYR C 3232 125.08 -52.15 -33.52
C TYR C 3232 125.21 -52.37 -32.02
N MET C 3233 125.55 -51.32 -31.28
CA MET C 3233 125.73 -51.43 -29.84
C MET C 3233 124.99 -50.39 -29.00
N MET C 3234 124.06 -49.63 -29.60
CA MET C 3234 123.06 -48.93 -28.78
C MET C 3234 121.84 -49.78 -28.49
N GLU C 3235 121.19 -50.35 -29.51
CA GLU C 3235 119.97 -51.11 -29.27
C GLU C 3235 120.13 -52.60 -29.52
N VAL C 3236 121.29 -53.04 -30.00
CA VAL C 3236 121.56 -54.45 -30.25
C VAL C 3236 122.58 -55.01 -29.26
N VAL C 3237 123.66 -54.27 -29.01
CA VAL C 3237 124.69 -54.77 -28.11
C VAL C 3237 124.72 -54.09 -26.74
N LEU C 3238 124.24 -52.86 -26.62
CA LEU C 3238 124.00 -52.32 -25.28
C LEU C 3238 123.15 -53.26 -24.44
N PRO C 3239 122.07 -53.87 -24.95
CA PRO C 3239 121.45 -54.95 -24.19
C PRO C 3239 122.40 -56.10 -23.91
N MET C 3240 123.31 -56.40 -24.83
CA MET C 3240 124.19 -57.55 -24.62
C MET C 3240 125.12 -57.28 -23.46
N LEU C 3241 125.79 -56.12 -23.47
CA LEU C 3241 126.65 -55.76 -22.36
C LEU C 3241 125.85 -55.52 -21.08
N CYS C 3242 124.59 -55.10 -21.18
CA CYS C 3242 123.74 -55.00 -20.00
C CYS C 3242 123.52 -56.37 -19.35
N SER C 3243 123.10 -57.36 -20.12
CA SER C 3243 122.93 -58.71 -19.59
C SER C 3243 124.26 -59.29 -19.15
N TYR C 3244 125.31 -59.03 -19.93
CA TYR C 3244 126.65 -59.48 -19.62
C TYR C 3244 127.06 -59.02 -18.23
N MET C 3245 126.90 -57.71 -17.99
CA MET C 3245 127.29 -57.11 -16.73
C MET C 3245 126.33 -57.47 -15.62
N SER C 3246 125.07 -57.75 -15.94
CA SER C 3246 124.17 -58.24 -14.90
C SER C 3246 124.62 -59.59 -14.37
N ARG C 3247 124.89 -60.52 -15.29
CA ARG C 3247 125.40 -61.84 -14.90
C ARG C 3247 126.71 -61.71 -14.12
N TRP C 3248 127.67 -60.98 -14.68
CA TRP C 3248 128.95 -60.89 -14.00
C TRP C 3248 128.91 -59.95 -12.80
N TRP C 3249 127.86 -59.15 -12.64
CA TRP C 3249 127.68 -58.37 -11.43
C TRP C 3249 127.13 -59.25 -10.30
N GLU C 3250 126.26 -60.20 -10.66
CA GLU C 3250 125.87 -61.22 -9.69
C GLU C 3250 127.07 -62.05 -9.27
N HIS C 3251 127.97 -62.35 -10.19
CA HIS C 3251 129.15 -63.17 -9.87
C HIS C 3251 130.42 -62.36 -9.64
N GLY C 3252 130.31 -61.04 -9.44
CA GLY C 3252 131.47 -60.20 -9.26
C GLY C 3252 131.95 -60.01 -7.84
N PRO C 3253 133.07 -59.27 -7.69
CA PRO C 3253 133.66 -59.10 -6.36
C PRO C 3253 132.78 -58.36 -5.37
N GLU C 3254 131.97 -57.40 -5.82
CA GLU C 3254 131.14 -56.65 -4.88
C GLU C 3254 130.04 -57.53 -4.30
N ASN C 3255 129.51 -58.47 -5.08
CA ASN C 3255 128.55 -59.43 -4.54
C ASN C 3255 129.23 -60.56 -3.78
N HIS C 3256 130.47 -60.87 -4.14
CA HIS C 3256 131.22 -61.96 -3.50
C HIS C 3256 132.59 -61.42 -3.08
N PRO C 3257 132.64 -60.63 -2.01
CA PRO C 3257 133.94 -60.13 -1.54
C PRO C 3257 134.91 -61.23 -1.16
N GLU C 3258 134.41 -62.35 -0.64
CA GLU C 3258 135.27 -63.47 -0.30
C GLU C 3258 135.90 -64.08 -1.55
N ARG C 3259 135.15 -64.14 -2.65
CA ARG C 3259 135.61 -64.71 -3.91
C ARG C 3259 136.14 -63.66 -4.87
N ALA C 3260 136.46 -62.46 -4.37
CA ALA C 3260 136.84 -61.36 -5.25
C ALA C 3260 138.00 -61.73 -6.17
N GLU C 3261 139.02 -62.41 -5.62
CA GLU C 3261 140.09 -62.92 -6.47
C GLU C 3261 139.58 -64.02 -7.39
N MET C 3262 138.70 -64.88 -6.89
CA MET C 3262 138.15 -65.95 -7.72
C MET C 3262 137.22 -65.42 -8.79
N CYS C 3263 136.52 -64.32 -8.52
CA CYS C 3263 135.65 -63.70 -9.52
C CYS C 3263 136.50 -63.16 -10.66
N CYS C 3264 136.42 -63.81 -11.82
CA CYS C 3264 137.16 -63.35 -12.98
C CYS C 3264 136.72 -61.95 -13.40
N THR C 3265 135.42 -61.68 -13.31
CA THR C 3265 134.89 -60.38 -13.70
C THR C 3265 135.34 -59.29 -12.73
N ALA C 3266 135.47 -58.07 -13.26
CA ALA C 3266 135.78 -56.90 -12.46
C ALA C 3266 134.61 -55.93 -12.39
N LEU C 3267 133.41 -56.38 -12.77
CA LEU C 3267 132.23 -55.51 -12.79
C LEU C 3267 131.66 -55.40 -11.38
N ASN C 3268 131.59 -54.18 -10.86
CA ASN C 3268 131.13 -53.90 -9.51
C ASN C 3268 129.92 -52.97 -9.56
N SER C 3269 129.50 -52.50 -8.39
CA SER C 3269 128.42 -51.52 -8.35
C SER C 3269 128.81 -50.20 -9.00
N GLU C 3270 130.10 -49.83 -8.94
CA GLU C 3270 130.55 -48.64 -9.65
C GLU C 3270 130.38 -48.80 -11.16
N HIS C 3271 130.76 -49.97 -11.70
CA HIS C 3271 130.50 -50.24 -13.11
C HIS C 3271 129.01 -50.29 -13.40
N MET C 3272 128.22 -50.78 -12.45
CA MET C 3272 126.78 -50.82 -12.63
C MET C 3272 126.22 -49.41 -12.79
N ASN C 3273 126.65 -48.49 -11.92
CA ASN C 3273 126.27 -47.10 -12.05
C ASN C 3273 126.79 -46.49 -13.34
N THR C 3274 128.02 -46.83 -13.73
CA THR C 3274 128.58 -46.28 -14.95
C THR C 3274 127.76 -46.69 -16.16
N LEU C 3275 127.38 -47.97 -16.24
CA LEU C 3275 126.60 -48.43 -17.37
C LEU C 3275 125.20 -47.84 -17.37
N LEU C 3276 124.55 -47.81 -16.20
CA LEU C 3276 123.22 -47.19 -16.14
C LEU C 3276 123.29 -45.73 -16.51
N GLY C 3277 124.31 -45.01 -16.03
CA GLY C 3277 124.47 -43.61 -16.36
C GLY C 3277 124.74 -43.39 -17.83
N ASN C 3278 125.48 -44.31 -18.46
CA ASN C 3278 125.67 -44.24 -19.91
C ASN C 3278 124.36 -44.44 -20.64
N ILE C 3279 123.55 -45.39 -20.17
CA ILE C 3279 122.23 -45.60 -20.76
C ILE C 3279 121.39 -44.32 -20.67
N LEU C 3280 121.36 -43.69 -19.50
CA LEU C 3280 120.54 -42.48 -19.37
C LEU C 3280 121.14 -41.29 -20.10
N LYS C 3281 122.47 -41.21 -20.21
CA LYS C 3281 123.07 -40.16 -21.02
C LYS C 3281 122.66 -40.31 -22.48
N ILE C 3282 122.68 -41.55 -22.98
CA ILE C 3282 122.20 -41.84 -24.32
C ILE C 3282 120.72 -41.52 -24.47
N ILE C 3283 119.93 -41.86 -23.46
CA ILE C 3283 118.50 -41.55 -23.51
C ILE C 3283 118.28 -40.05 -23.55
N TYR C 3284 119.09 -39.29 -22.81
CA TYR C 3284 119.00 -37.84 -22.84
C TYR C 3284 119.37 -37.29 -24.21
N ASN C 3285 120.41 -37.85 -24.84
CA ASN C 3285 120.72 -37.48 -26.22
C ASN C 3285 119.54 -37.77 -27.14
N ASN C 3286 118.86 -38.90 -26.91
CA ASN C 3286 117.68 -39.22 -27.70
C ASN C 3286 116.51 -38.28 -27.41
N LEU C 3287 116.43 -37.74 -26.19
CA LEU C 3287 115.29 -36.89 -25.85
C LEU C 3287 115.20 -35.72 -26.83
N GLY C 3288 114.02 -35.57 -27.44
CA GLY C 3288 113.80 -34.54 -28.44
C GLY C 3288 113.79 -35.00 -29.89
N ILE C 3289 113.79 -36.31 -30.16
CA ILE C 3289 113.62 -36.83 -31.50
C ILE C 3289 112.33 -37.64 -31.53
N ASP C 3290 111.85 -37.94 -32.73
CA ASP C 3290 110.60 -38.68 -32.91
C ASP C 3290 110.82 -40.07 -33.50
N GLU C 3291 112.05 -40.56 -33.50
CA GLU C 3291 112.36 -41.86 -34.06
C GLU C 3291 112.80 -42.85 -32.99
N GLY C 3292 112.72 -42.46 -31.73
CA GLY C 3292 113.32 -43.22 -30.66
C GLY C 3292 112.47 -44.39 -30.22
N ALA C 3293 111.99 -45.17 -31.19
CA ALA C 3293 111.30 -46.41 -30.87
C ALA C 3293 112.22 -47.37 -30.11
N TRP C 3294 113.54 -47.14 -30.17
CA TRP C 3294 114.49 -48.01 -29.50
C TRP C 3294 114.62 -47.71 -28.02
N MET C 3295 114.27 -46.48 -27.58
CA MET C 3295 114.42 -46.15 -26.16
C MET C 3295 113.56 -47.06 -25.27
N LYS C 3296 112.33 -47.36 -25.68
CA LYS C 3296 111.51 -48.29 -24.90
C LYS C 3296 112.18 -49.66 -24.82
N ARG C 3297 112.78 -50.09 -25.93
CA ARG C 3297 113.56 -51.34 -25.90
C ARG C 3297 114.72 -51.24 -24.93
N LEU C 3298 115.42 -50.09 -24.90
CA LEU C 3298 116.52 -49.91 -23.96
C LEU C 3298 116.02 -49.96 -22.52
N ALA C 3299 114.84 -49.40 -22.29
CA ALA C 3299 114.21 -49.49 -20.98
C ALA C 3299 113.98 -50.94 -20.60
N VAL C 3300 113.49 -51.74 -21.54
CA VAL C 3300 113.29 -53.16 -21.26
C VAL C 3300 114.63 -53.82 -20.95
N PHE C 3301 115.65 -53.51 -21.74
CA PHE C 3301 116.98 -54.10 -21.54
C PHE C 3301 117.53 -53.75 -20.16
N SER C 3302 117.35 -52.51 -19.71
CA SER C 3302 117.89 -52.06 -18.43
C SER C 3302 116.96 -52.35 -17.26
N GLN C 3303 115.74 -52.83 -17.53
CA GLN C 3303 114.82 -53.16 -16.45
C GLN C 3303 115.38 -54.19 -15.47
N PRO C 3304 116.06 -55.26 -15.89
CA PRO C 3304 116.70 -56.14 -14.91
C PRO C 3304 117.78 -55.48 -14.08
N ILE C 3305 118.33 -54.35 -14.52
CA ILE C 3305 119.50 -53.75 -13.87
C ILE C 3305 119.20 -52.33 -13.40
N ILE C 3306 117.98 -52.09 -12.94
CA ILE C 3306 117.61 -50.75 -12.49
C ILE C 3306 117.62 -50.69 -10.97
N ASN C 3307 117.41 -51.82 -10.31
CA ASN C 3307 117.25 -51.87 -8.86
C ASN C 3307 118.51 -52.32 -8.11
N LYS C 3308 119.66 -52.34 -8.78
CA LYS C 3308 120.90 -52.77 -8.15
C LYS C 3308 122.01 -51.74 -8.37
N VAL C 3309 121.69 -50.46 -8.25
CA VAL C 3309 122.64 -49.38 -8.47
C VAL C 3309 122.82 -48.61 -7.17
N LYS C 3310 123.86 -47.77 -7.14
CA LYS C 3310 123.99 -46.86 -6.01
C LYS C 3310 123.01 -45.70 -6.17
N PRO C 3311 122.61 -45.08 -5.06
CA PRO C 3311 121.70 -43.92 -5.16
C PRO C 3311 122.34 -42.68 -5.74
N GLN C 3312 123.66 -42.68 -5.97
CA GLN C 3312 124.35 -41.48 -6.45
C GLN C 3312 123.94 -41.09 -7.85
N LEU C 3313 123.36 -42.01 -8.62
CA LEU C 3313 123.03 -41.71 -10.02
C LEU C 3313 121.84 -40.76 -10.16
N LEU C 3314 121.03 -40.60 -9.11
CA LEU C 3314 119.80 -39.83 -9.25
C LEU C 3314 120.10 -38.39 -9.66
N LYS C 3315 120.86 -37.67 -8.83
CA LYS C 3315 121.14 -36.26 -9.14
C LYS C 3315 121.97 -36.13 -10.41
N THR C 3316 122.81 -37.10 -10.71
CA THR C 3316 123.67 -37.01 -11.89
C THR C 3316 122.86 -37.10 -13.17
N HIS C 3317 121.97 -38.10 -13.27
CA HIS C 3317 121.30 -38.29 -14.56
C HIS C 3317 119.79 -38.37 -14.48
N PHE C 3318 119.22 -38.94 -13.40
CA PHE C 3318 117.78 -39.15 -13.38
C PHE C 3318 117.05 -37.82 -13.45
N LEU C 3319 117.52 -36.82 -12.70
CA LEU C 3319 116.86 -35.52 -12.72
C LEU C 3319 116.92 -34.84 -14.09
N PRO C 3320 118.08 -34.72 -14.76
CA PRO C 3320 118.08 -34.02 -16.07
C PRO C 3320 117.14 -34.65 -17.09
N LEU C 3321 117.13 -35.98 -17.21
CA LEU C 3321 116.28 -36.63 -18.20
C LEU C 3321 114.80 -36.34 -17.93
N MET C 3322 114.37 -36.48 -16.68
CA MET C 3322 112.96 -36.31 -16.38
C MET C 3322 112.57 -34.84 -16.41
N GLU C 3323 113.49 -33.93 -16.10
CA GLU C 3323 113.23 -32.52 -16.28
C GLU C 3323 113.00 -32.19 -17.74
N LYS C 3324 113.83 -32.73 -18.62
CA LYS C 3324 113.62 -32.49 -20.05
C LYS C 3324 112.35 -33.17 -20.53
N LEU C 3325 111.98 -34.31 -19.93
CA LEU C 3325 110.70 -34.94 -20.24
C LEU C 3325 109.54 -34.04 -19.84
N LYS C 3326 109.63 -33.42 -18.66
CA LYS C 3326 108.64 -32.43 -18.26
C LYS C 3326 108.59 -31.28 -19.25
N LYS C 3327 109.75 -30.83 -19.73
CA LYS C 3327 109.75 -29.78 -20.75
C LYS C 3327 109.01 -30.25 -22.00
N LYS C 3328 109.29 -31.48 -22.45
CA LYS C 3328 108.60 -32.02 -23.62
C LYS C 3328 107.09 -32.02 -23.42
N ALA C 3329 106.64 -32.53 -22.27
CA ALA C 3329 105.20 -32.56 -21.98
C ALA C 3329 104.63 -31.15 -21.99
N ALA C 3330 105.34 -30.21 -21.35
CA ALA C 3330 104.87 -28.83 -21.30
C ALA C 3330 104.72 -28.22 -22.68
N MET C 3331 105.73 -28.34 -23.53
CA MET C 3331 105.65 -27.81 -24.89
C MET C 3331 104.51 -28.44 -25.69
N VAL C 3332 104.42 -29.77 -25.70
CA VAL C 3332 103.37 -30.39 -26.53
C VAL C 3332 101.99 -29.96 -26.03
N VAL C 3333 101.78 -29.98 -24.72
CA VAL C 3333 100.48 -29.59 -24.18
C VAL C 3333 100.17 -28.13 -24.46
N SER C 3334 101.19 -27.27 -24.38
CA SER C 3334 100.98 -25.83 -24.61
C SER C 3334 100.65 -25.54 -26.07
N GLU C 3335 101.38 -26.18 -27.01
CA GLU C 3335 101.03 -26.01 -28.42
C GLU C 3335 99.63 -26.55 -28.69
N GLU C 3336 99.27 -27.68 -28.06
CA GLU C 3336 97.91 -28.19 -28.17
C GLU C 3336 96.88 -27.17 -27.68
N ASP C 3337 97.15 -26.54 -26.54
CA ASP C 3337 96.22 -25.56 -25.99
C ASP C 3337 96.09 -24.34 -26.90
N HIS C 3338 97.23 -23.86 -27.43
CA HIS C 3338 97.19 -22.74 -28.38
C HIS C 3338 96.41 -23.11 -29.62
N LEU C 3339 96.62 -24.32 -30.14
CA LEU C 3339 95.86 -24.81 -31.28
C LEU C 3339 94.36 -24.79 -30.98
N LYS C 3340 93.97 -25.39 -29.84
CA LYS C 3340 92.56 -25.46 -29.49
C LYS C 3340 91.95 -24.08 -29.32
N ALA C 3341 92.71 -23.14 -28.75
CA ALA C 3341 92.22 -21.77 -28.64
C ALA C 3341 92.00 -21.15 -30.02
N GLU C 3342 92.93 -21.38 -30.95
CA GLU C 3342 92.79 -20.87 -32.31
C GLU C 3342 91.96 -21.85 -33.14
N ALA C 3343 90.64 -21.74 -32.96
CA ALA C 3343 89.69 -22.68 -33.56
C ALA C 3343 89.52 -22.48 -35.06
N ARG C 3344 90.01 -21.38 -35.62
CA ARG C 3344 89.73 -21.06 -37.02
C ARG C 3344 90.54 -21.92 -37.96
N GLY C 3345 89.93 -22.28 -39.09
CA GLY C 3345 90.61 -23.00 -40.14
C GLY C 3345 90.73 -24.49 -39.87
N ASP C 3346 91.23 -25.21 -40.88
CA ASP C 3346 91.45 -26.64 -40.74
C ASP C 3346 92.58 -26.85 -39.72
N MET C 3347 92.24 -27.46 -38.58
CA MET C 3347 93.16 -27.61 -37.48
C MET C 3347 93.62 -29.05 -37.25
N SER C 3348 92.84 -30.04 -37.71
CA SER C 3348 93.18 -31.43 -37.43
C SER C 3348 94.48 -31.84 -38.09
N GLU C 3349 94.96 -31.11 -39.09
CA GLU C 3349 96.29 -31.37 -39.66
C GLU C 3349 97.39 -31.07 -38.63
N ALA C 3350 97.36 -29.87 -38.05
CA ALA C 3350 98.28 -29.56 -36.97
C ALA C 3350 98.04 -30.48 -35.77
N GLU C 3351 96.81 -30.93 -35.57
CA GLU C 3351 96.55 -31.93 -34.54
C GLU C 3351 97.21 -33.26 -34.86
N LEU C 3352 97.26 -33.65 -36.13
CA LEU C 3352 97.99 -34.86 -36.51
C LEU C 3352 99.48 -34.71 -36.22
N LEU C 3353 100.04 -33.54 -36.54
CA LEU C 3353 101.45 -33.31 -36.22
C LEU C 3353 101.68 -33.38 -34.72
N ILE C 3354 100.82 -32.75 -33.93
CA ILE C 3354 100.97 -32.77 -32.48
C ILE C 3354 100.64 -34.15 -31.90
N LEU C 3355 99.83 -34.95 -32.58
CA LEU C 3355 99.58 -36.31 -32.13
C LEU C 3355 100.78 -37.21 -32.39
N ASP C 3356 101.48 -36.99 -33.51
CA ASP C 3356 102.76 -37.66 -33.71
C ASP C 3356 103.75 -37.25 -32.63
N GLU C 3357 103.77 -35.95 -32.30
CA GLU C 3357 104.63 -35.48 -31.21
C GLU C 3357 104.23 -36.12 -29.88
N PHE C 3358 102.93 -36.29 -29.64
CA PHE C 3358 102.45 -36.88 -28.41
C PHE C 3358 102.76 -38.37 -28.35
N THR C 3359 102.70 -39.06 -29.48
CA THR C 3359 103.15 -40.45 -29.52
C THR C 3359 104.63 -40.54 -29.19
N THR C 3360 105.42 -39.61 -29.73
CA THR C 3360 106.84 -39.53 -29.36
C THR C 3360 107.01 -39.32 -27.87
N LEU C 3361 106.23 -38.39 -27.31
CA LEU C 3361 106.35 -38.06 -25.89
C LEU C 3361 105.94 -39.23 -25.00
N ALA C 3362 104.85 -39.92 -25.35
CA ALA C 3362 104.42 -41.09 -24.59
C ALA C 3362 105.45 -42.22 -24.72
N ARG C 3363 106.08 -42.35 -25.88
CA ARG C 3363 107.16 -43.32 -26.02
C ARG C 3363 108.33 -42.97 -25.11
N ASP C 3364 108.67 -41.69 -25.03
CA ASP C 3364 109.72 -41.26 -24.10
C ASP C 3364 109.34 -41.56 -22.65
N LEU C 3365 108.06 -41.35 -22.31
CA LEU C 3365 107.59 -41.67 -20.96
C LEU C 3365 107.70 -43.16 -20.68
N TYR C 3366 107.22 -44.00 -21.60
CA TYR C 3366 107.32 -45.43 -21.40
C TYR C 3366 108.75 -45.95 -21.53
N ALA C 3367 109.67 -45.11 -21.96
CA ALA C 3367 111.09 -45.46 -21.93
C ALA C 3367 111.76 -45.08 -20.60
N PHE C 3368 111.43 -43.92 -20.04
CA PHE C 3368 112.13 -43.48 -18.83
C PHE C 3368 111.38 -43.80 -17.56
N TYR C 3369 110.06 -43.55 -17.54
CA TYR C 3369 109.27 -43.75 -16.33
C TYR C 3369 109.28 -45.18 -15.78
N PRO C 3370 109.41 -46.25 -16.57
CA PRO C 3370 109.59 -47.58 -15.93
C PRO C 3370 110.84 -47.63 -15.06
N LEU C 3371 111.98 -47.18 -15.59
CA LEU C 3371 113.20 -47.13 -14.79
C LEU C 3371 113.04 -46.17 -13.62
N LEU C 3372 112.36 -45.04 -13.85
CA LEU C 3372 112.13 -44.09 -12.76
C LEU C 3372 111.29 -44.71 -11.64
N ILE C 3373 110.22 -45.44 -12.00
CA ILE C 3373 109.38 -46.06 -10.99
C ILE C 3373 110.15 -47.14 -10.23
N ARG C 3374 110.94 -47.94 -10.95
CA ARG C 3374 111.74 -48.95 -10.28
C ARG C 3374 112.76 -48.32 -9.34
N PHE C 3375 113.37 -47.20 -9.75
CA PHE C 3375 114.32 -46.52 -8.89
C PHE C 3375 113.63 -45.87 -7.69
N VAL C 3376 112.41 -45.36 -7.89
CA VAL C 3376 111.65 -44.78 -6.80
C VAL C 3376 111.28 -45.85 -5.77
N ASP C 3377 110.92 -47.04 -6.24
CA ASP C 3377 110.73 -48.16 -5.31
C ASP C 3377 112.05 -48.60 -4.70
N TYR C 3378 113.15 -48.41 -5.43
CA TYR C 3378 114.47 -48.78 -4.94
C TYR C 3378 114.85 -47.97 -3.70
N ASN C 3379 114.70 -46.65 -3.77
CA ASN C 3379 115.09 -45.80 -2.65
C ASN C 3379 113.89 -45.12 -2.00
N ARG C 3380 112.72 -45.73 -2.12
CA ARG C 3380 111.51 -45.10 -1.59
C ARG C 3380 111.51 -45.10 -0.06
N ALA C 3381 111.97 -46.20 0.55
CA ALA C 3381 112.07 -46.24 2.00
C ALA C 3381 113.07 -45.20 2.49
N LYS C 3382 114.26 -45.15 1.88
CA LYS C 3382 115.24 -44.12 2.21
C LYS C 3382 114.66 -42.73 2.02
N TRP C 3383 113.92 -42.54 0.93
CA TRP C 3383 113.44 -41.21 0.58
C TRP C 3383 112.37 -40.76 1.56
N LEU C 3384 111.65 -41.72 2.15
CA LEU C 3384 110.73 -41.41 3.25
C LEU C 3384 111.47 -41.15 4.55
N LYS C 3385 112.50 -41.96 4.85
CA LYS C 3385 113.24 -41.77 6.10
C LYS C 3385 113.85 -40.38 6.15
N GLU C 3386 114.42 -39.92 5.04
CA GLU C 3386 114.97 -38.58 4.95
C GLU C 3386 114.48 -37.93 3.65
N PRO C 3387 113.60 -36.93 3.74
CA PRO C 3387 113.09 -36.28 2.52
C PRO C 3387 114.16 -35.44 1.84
N ASN C 3388 114.97 -36.10 1.01
CA ASN C 3388 116.05 -35.44 0.30
C ASN C 3388 115.50 -34.31 -0.57
N PRO C 3389 116.25 -33.21 -0.72
CA PRO C 3389 115.82 -32.16 -1.65
C PRO C 3389 115.56 -32.68 -3.05
N GLU C 3390 116.41 -33.60 -3.53
CA GLU C 3390 116.16 -34.23 -4.82
C GLU C 3390 114.89 -35.05 -4.81
N ALA C 3391 114.63 -35.76 -3.70
CA ALA C 3391 113.39 -36.53 -3.57
C ALA C 3391 112.18 -35.61 -3.74
N GLU C 3392 112.14 -34.53 -2.97
CA GLU C 3392 111.02 -33.61 -3.03
C GLU C 3392 110.87 -33.00 -4.41
N GLU C 3393 111.98 -32.54 -4.99
CA GLU C 3393 111.91 -31.89 -6.30
C GLU C 3393 111.44 -32.85 -7.37
N LEU C 3394 111.92 -34.11 -7.33
CA LEU C 3394 111.48 -35.10 -8.30
C LEU C 3394 109.99 -35.38 -8.16
N PHE C 3395 109.51 -35.50 -6.92
CA PHE C 3395 108.08 -35.68 -6.74
C PHE C 3395 107.30 -34.51 -7.33
N ARG C 3396 107.80 -33.28 -7.11
CA ARG C 3396 107.12 -32.11 -7.64
C ARG C 3396 107.05 -32.13 -9.16
N MET C 3397 108.18 -32.39 -9.84
CA MET C 3397 108.06 -32.29 -11.29
C MET C 3397 107.37 -33.50 -11.90
N VAL C 3398 107.41 -34.67 -11.25
CA VAL C 3398 106.55 -35.77 -11.69
C VAL C 3398 105.09 -35.37 -11.56
N ALA C 3399 104.74 -34.67 -10.48
CA ALA C 3399 103.39 -34.16 -10.33
C ALA C 3399 103.04 -33.19 -11.45
N GLU C 3400 103.98 -32.32 -11.84
CA GLU C 3400 103.73 -31.39 -12.93
C GLU C 3400 103.48 -32.14 -14.24
N VAL C 3401 104.27 -33.17 -14.52
CA VAL C 3401 104.05 -33.97 -15.72
C VAL C 3401 102.66 -34.60 -15.69
N PHE C 3402 102.26 -35.11 -14.52
CA PHE C 3402 100.92 -35.70 -14.42
C PHE C 3402 99.84 -34.66 -14.64
N ILE C 3403 100.05 -33.44 -14.13
CA ILE C 3403 99.06 -32.37 -14.33
C ILE C 3403 98.93 -32.05 -15.81
N TYR C 3404 100.06 -31.97 -16.52
CA TYR C 3404 99.99 -31.74 -17.96
C TYR C 3404 99.24 -32.88 -18.65
N TRP C 3405 99.54 -34.12 -18.28
CA TRP C 3405 98.89 -35.28 -18.88
C TRP C 3405 97.38 -35.27 -18.64
N SER C 3406 96.97 -34.90 -17.42
CA SER C 3406 95.55 -34.85 -17.09
C SER C 3406 94.85 -33.72 -17.83
N LYS C 3407 95.48 -32.54 -17.88
CA LYS C 3407 94.84 -31.40 -18.53
C LYS C 3407 94.74 -31.60 -20.04
N SER C 3408 95.72 -32.27 -20.63
CA SER C 3408 95.71 -32.51 -22.08
C SER C 3408 94.89 -33.77 -22.36
N HIS C 3409 93.72 -33.59 -22.99
CA HIS C 3409 92.93 -34.74 -23.40
C HIS C 3409 93.63 -35.52 -24.51
N ASN C 3410 94.32 -34.81 -25.42
CA ASN C 3410 95.07 -35.49 -26.46
C ASN C 3410 96.19 -36.33 -25.89
N PHE C 3411 96.74 -35.93 -24.73
CA PHE C 3411 97.78 -36.73 -24.08
C PHE C 3411 97.26 -38.12 -23.75
N LYS C 3412 96.12 -38.19 -23.06
CA LYS C 3412 95.56 -39.48 -22.66
C LYS C 3412 95.19 -40.33 -23.87
N ARG C 3413 94.55 -39.70 -24.87
CA ARG C 3413 94.14 -40.44 -26.06
C ARG C 3413 95.35 -40.99 -26.81
N GLU C 3414 96.38 -40.18 -26.99
CA GLU C 3414 97.56 -40.64 -27.71
C GLU C 3414 98.32 -41.70 -26.93
N GLU C 3415 98.38 -41.57 -25.60
CA GLU C 3415 99.02 -42.61 -24.79
C GLU C 3415 98.25 -43.91 -24.90
N GLN C 3416 96.91 -43.85 -24.88
CA GLN C 3416 96.10 -45.06 -25.03
C GLN C 3416 96.32 -45.70 -26.39
N ASN C 3417 96.34 -44.89 -27.45
CA ASN C 3417 96.58 -45.44 -28.79
C ASN C 3417 97.96 -46.07 -28.89
N PHE C 3418 98.97 -45.42 -28.33
CA PHE C 3418 100.33 -45.94 -28.37
C PHE C 3418 100.43 -47.27 -27.64
N VAL C 3419 99.82 -47.35 -26.45
CA VAL C 3419 99.85 -48.58 -25.67
C VAL C 3419 99.10 -49.69 -26.38
N VAL C 3420 97.94 -49.36 -26.98
CA VAL C 3420 97.18 -50.37 -27.71
C VAL C 3420 97.98 -50.88 -28.91
N GLN C 3421 98.64 -49.97 -29.63
CA GLN C 3421 99.41 -50.38 -30.80
C GLN C 3421 100.57 -51.28 -30.42
N ASN C 3422 101.29 -50.96 -29.35
CA ASN C 3422 102.48 -51.73 -29.00
C ASN C 3422 102.21 -52.88 -28.04
N GLU C 3423 100.98 -53.03 -27.55
CA GLU C 3423 100.62 -54.08 -26.60
C GLU C 3423 101.56 -54.08 -25.39
N ILE C 3424 101.79 -52.89 -24.84
CA ILE C 3424 102.71 -52.74 -23.72
C ILE C 3424 102.09 -53.32 -22.47
N ASN C 3425 102.85 -54.15 -21.76
CA ASN C 3425 102.41 -54.74 -20.49
C ASN C 3425 102.88 -53.81 -19.38
N ASN C 3426 102.01 -52.85 -19.04
CA ASN C 3426 102.36 -51.86 -18.02
C ASN C 3426 102.50 -52.49 -16.64
N MET C 3427 101.64 -53.47 -16.32
CA MET C 3427 101.74 -54.14 -15.03
C MET C 3427 103.05 -54.87 -14.84
N SER C 3428 103.72 -55.26 -15.93
CA SER C 3428 105.06 -55.85 -15.79
C SER C 3428 106.04 -54.87 -15.18
N PHE C 3429 106.01 -53.61 -15.63
CA PHE C 3429 106.85 -52.59 -15.02
C PHE C 3429 106.34 -52.21 -13.64
N LEU C 3430 105.02 -52.24 -13.44
CA LEU C 3430 104.46 -51.89 -12.13
C LEU C 3430 104.92 -52.86 -11.06
N ILE C 3431 104.92 -54.15 -11.36
CA ILE C 3431 105.35 -55.17 -10.40
C ILE C 3431 106.87 -55.28 -10.44
N THR C 3432 107.50 -55.13 -9.28
CA THR C 3432 108.94 -55.25 -9.19
C THR C 3432 109.39 -56.68 -9.49
N ASP C 3433 110.48 -56.81 -10.24
CA ASP C 3433 111.01 -58.12 -10.62
C ASP C 3433 111.82 -58.69 -9.46
N THR C 3434 111.23 -59.62 -8.74
CA THR C 3434 111.86 -60.27 -7.59
C THR C 3434 111.93 -61.78 -7.84
N LYS C 3435 112.53 -62.49 -6.88
CA LYS C 3435 112.68 -63.93 -6.98
C LYS C 3435 111.34 -64.59 -6.65
N SER C 3436 110.67 -65.10 -7.68
CA SER C 3436 109.37 -65.75 -7.49
C SER C 3436 109.13 -66.71 -8.65
N LYS C 3437 108.80 -67.96 -8.32
CA LYS C 3437 108.52 -68.98 -9.30
C LYS C 3437 107.24 -69.71 -8.94
N MET C 3438 106.56 -70.24 -9.96
CA MET C 3438 105.31 -70.96 -9.77
C MET C 3438 105.47 -72.48 -9.79
N SER C 3439 106.54 -72.99 -10.43
CA SER C 3439 106.77 -74.42 -10.55
C SER C 3439 105.57 -75.13 -11.18
N LYS C 3440 104.98 -74.50 -12.20
CA LYS C 3440 103.80 -75.01 -12.89
C LYS C 3440 102.65 -75.29 -11.92
N ALA C 3441 102.43 -74.36 -10.99
CA ALA C 3441 101.32 -74.44 -10.05
C ALA C 3441 100.45 -73.20 -10.23
N ALA C 3442 99.13 -73.43 -10.36
CA ALA C 3442 98.14 -72.36 -10.53
C ALA C 3442 98.48 -71.50 -11.75
N ILE C 3443 98.48 -72.14 -12.92
CA ILE C 3443 98.71 -71.46 -14.18
C ILE C 3443 97.37 -70.98 -14.72
N SER C 3444 97.22 -69.66 -14.83
CA SER C 3444 95.97 -69.06 -15.30
C SER C 3444 96.00 -68.82 -16.80
N ASP C 3445 96.30 -69.87 -17.57
CA ASP C 3445 96.25 -69.75 -19.02
C ASP C 3445 94.84 -69.43 -19.51
N GLN C 3446 93.83 -69.96 -18.83
CA GLN C 3446 92.46 -69.61 -19.16
C GLN C 3446 92.22 -68.11 -18.97
N GLU C 3447 92.75 -67.54 -17.88
CA GLU C 3447 92.61 -66.11 -17.67
C GLU C 3447 93.36 -65.31 -18.73
N ARG C 3448 94.59 -65.74 -19.08
CA ARG C 3448 95.35 -65.04 -20.10
C ARG C 3448 94.62 -65.06 -21.43
N LYS C 3449 93.91 -66.15 -21.73
CA LYS C 3449 93.05 -66.14 -22.90
C LYS C 3449 91.82 -65.26 -22.69
N LYS C 3450 91.36 -65.14 -21.44
CA LYS C 3450 90.18 -64.32 -21.17
C LYS C 3450 90.43 -62.84 -21.45
N MET C 3451 91.56 -62.30 -21.01
CA MET C 3451 91.85 -60.91 -21.34
C MET C 3451 92.12 -60.80 -22.83
N LYS C 3452 91.15 -60.25 -23.58
CA LYS C 3452 91.28 -59.96 -25.01
C LYS C 3452 90.69 -58.60 -25.33
N ARG C 3453 90.92 -57.60 -24.47
CA ARG C 3453 90.32 -56.29 -24.62
C ARG C 3453 91.41 -55.25 -24.85
N LYS C 3454 91.37 -54.61 -26.03
CA LYS C 3454 92.29 -53.51 -26.31
C LYS C 3454 92.08 -52.36 -25.33
N GLY C 3455 90.83 -52.09 -24.97
CA GLY C 3455 90.56 -51.09 -23.95
C GLY C 3455 91.13 -51.47 -22.60
N ASP C 3456 91.15 -52.76 -22.27
CA ASP C 3456 91.75 -53.21 -21.02
C ASP C 3456 93.27 -53.23 -21.07
N ARG C 3457 93.86 -53.24 -22.27
CA ARG C 3457 95.33 -53.18 -22.36
C ARG C 3457 95.86 -51.90 -21.72
N TYR C 3458 95.23 -50.77 -21.99
CA TYR C 3458 95.60 -49.50 -21.39
C TYR C 3458 94.55 -49.10 -20.37
N SER C 3459 94.94 -49.00 -19.11
CA SER C 3459 94.06 -48.60 -18.03
C SER C 3459 94.66 -47.41 -17.29
N MET C 3460 93.79 -46.56 -16.75
CA MET C 3460 94.25 -45.40 -16.02
C MET C 3460 95.01 -45.79 -14.75
N GLN C 3461 94.60 -46.88 -14.10
CA GLN C 3461 95.34 -47.34 -12.93
C GLN C 3461 96.72 -47.83 -13.32
N THR C 3462 96.84 -48.47 -14.48
CA THR C 3462 98.11 -49.04 -14.94
C THR C 3462 99.05 -47.99 -15.53
N SER C 3463 98.61 -46.74 -15.68
CA SER C 3463 99.45 -45.71 -16.26
C SER C 3463 100.67 -45.46 -15.39
N LEU C 3464 101.84 -45.37 -16.03
CA LEU C 3464 103.09 -45.21 -15.29
C LEU C 3464 103.17 -43.88 -14.59
N ILE C 3465 102.55 -42.83 -15.13
CA ILE C 3465 102.62 -41.51 -14.49
C ILE C 3465 101.94 -41.54 -13.14
N VAL C 3466 100.70 -42.03 -13.10
CA VAL C 3466 99.96 -42.08 -11.84
C VAL C 3466 100.55 -43.15 -10.93
N ALA C 3467 101.12 -44.22 -11.49
CA ALA C 3467 101.80 -45.21 -10.66
C ALA C 3467 103.01 -44.59 -9.96
N ALA C 3468 103.79 -43.79 -10.68
CA ALA C 3468 104.92 -43.09 -10.07
C ALA C 3468 104.44 -42.11 -9.01
N LEU C 3469 103.32 -41.43 -9.27
CA LEU C 3469 102.76 -40.56 -8.25
C LEU C 3469 102.36 -41.33 -7.01
N LYS C 3470 101.77 -42.51 -7.18
CA LYS C 3470 101.42 -43.33 -6.02
C LYS C 3470 102.67 -43.74 -5.26
N ARG C 3471 103.73 -44.10 -5.98
CA ARG C 3471 104.98 -44.51 -5.32
C ARG C 3471 105.60 -43.34 -4.55
N LEU C 3472 105.52 -42.14 -5.10
CA LEU C 3472 106.13 -40.96 -4.51
C LEU C 3472 105.21 -40.19 -3.57
N LEU C 3473 103.95 -40.60 -3.46
CA LEU C 3473 102.97 -39.83 -2.69
C LEU C 3473 103.32 -39.71 -1.22
N PRO C 3474 103.72 -40.77 -0.51
CA PRO C 3474 104.12 -40.57 0.90
C PRO C 3474 105.26 -39.58 1.05
N ILE C 3475 106.21 -39.55 0.12
CA ILE C 3475 107.27 -38.54 0.17
C ILE C 3475 106.69 -37.15 0.00
N GLY C 3476 105.75 -36.98 -0.94
CA GLY C 3476 105.13 -35.68 -1.13
C GLY C 3476 104.36 -35.23 0.10
N LEU C 3477 103.70 -36.17 0.78
CA LEU C 3477 103.00 -35.84 2.02
C LEU C 3477 103.99 -35.51 3.13
N ASN C 3478 105.14 -36.17 3.15
CA ASN C 3478 106.19 -35.83 4.11
C ASN C 3478 106.76 -34.44 3.84
N ILE C 3479 106.70 -33.98 2.59
CA ILE C 3479 107.19 -32.63 2.28
C ILE C 3479 106.47 -31.59 3.13
N CYS C 3480 105.16 -31.74 3.31
CA CYS C 3480 104.35 -30.76 4.01
C CYS C 3480 103.97 -31.26 5.40
N ALA C 3481 103.78 -30.31 6.31
CA ALA C 3481 103.39 -30.64 7.68
C ALA C 3481 101.94 -31.10 7.72
N PRO C 3482 101.54 -31.82 8.79
CA PRO C 3482 100.13 -32.23 8.89
C PRO C 3482 99.14 -31.07 8.86
N GLY C 3483 99.47 -29.93 9.47
CA GLY C 3483 98.64 -28.75 9.27
C GLY C 3483 98.69 -28.24 7.84
N ASP C 3484 99.87 -28.29 7.23
CA ASP C 3484 99.98 -28.04 5.81
C ASP C 3484 99.14 -29.03 5.02
N GLN C 3485 99.05 -30.28 5.48
CA GLN C 3485 98.17 -31.26 4.83
C GLN C 3485 96.70 -30.88 4.97
N GLU C 3486 96.33 -30.33 6.13
CA GLU C 3486 94.96 -29.83 6.30
C GLU C 3486 94.67 -28.74 5.27
N LEU C 3487 95.60 -27.79 5.13
CA LEU C 3487 95.42 -26.75 4.12
C LEU C 3487 95.43 -27.32 2.71
N ILE C 3488 96.18 -28.40 2.48
CA ILE C 3488 96.17 -29.07 1.18
C ILE C 3488 94.79 -29.65 0.90
N ALA C 3489 94.18 -30.27 1.90
CA ALA C 3489 92.83 -30.80 1.73
C ALA C 3489 91.83 -29.69 1.45
N LEU C 3490 91.93 -28.58 2.18
CA LEU C 3490 91.03 -27.46 1.94
C LEU C 3490 91.22 -26.88 0.53
N ALA C 3491 92.47 -26.76 0.09
CA ALA C 3491 92.75 -26.21 -1.23
C ALA C 3491 92.29 -27.16 -2.33
N LYS C 3492 92.41 -28.47 -2.10
CA LYS C 3492 91.87 -29.45 -3.04
C LYS C 3492 90.36 -29.33 -3.12
N ASN C 3493 89.70 -29.10 -1.97
CA ASN C 3493 88.27 -28.83 -1.98
C ASN C 3493 87.96 -27.58 -2.79
N ARG C 3494 88.81 -26.55 -2.68
CA ARG C 3494 88.62 -25.35 -3.48
C ARG C 3494 88.73 -25.64 -4.97
N PHE C 3495 89.74 -26.44 -5.36
CA PHE C 3495 89.84 -26.85 -6.76
C PHE C 3495 88.60 -27.60 -7.21
N SER C 3496 88.07 -28.47 -6.35
CA SER C 3496 86.82 -29.16 -6.68
C SER C 3496 85.68 -28.16 -6.87
N LEU C 3497 85.68 -27.09 -6.07
CA LEU C 3497 84.65 -26.06 -6.19
C LEU C 3497 85.01 -25.03 -7.25
N LYS C 3498 85.36 -25.50 -8.45
CA LYS C 3498 85.58 -24.67 -9.63
C LYS C 3498 86.32 -23.37 -9.32
N ASP C 3499 87.54 -23.54 -8.81
CA ASP C 3499 88.40 -22.40 -8.47
C ASP C 3499 89.72 -22.52 -9.22
N THR C 3500 90.20 -21.38 -9.71
CA THR C 3500 91.45 -21.34 -10.46
C THR C 3500 92.64 -21.43 -9.52
N GLU C 3501 93.82 -21.64 -10.11
CA GLU C 3501 95.03 -21.88 -9.32
C GLU C 3501 95.38 -20.69 -8.45
N GLU C 3502 95.36 -19.48 -9.02
CA GLU C 3502 95.70 -18.29 -8.23
C GLU C 3502 94.64 -17.99 -7.18
N GLU C 3503 93.36 -18.25 -7.49
CA GLU C 3503 92.32 -18.08 -6.48
C GLU C 3503 92.54 -19.03 -5.31
N VAL C 3504 92.87 -20.29 -5.61
CA VAL C 3504 93.15 -21.24 -4.53
C VAL C 3504 94.38 -20.83 -3.74
N ARG C 3505 95.39 -20.29 -4.43
CA ARG C 3505 96.59 -19.81 -3.73
C ARG C 3505 96.25 -18.67 -2.78
N ASP C 3506 95.39 -17.74 -3.22
CA ASP C 3506 94.96 -16.67 -2.34
C ASP C 3506 94.16 -17.20 -1.16
N ILE C 3507 93.34 -18.23 -1.40
CA ILE C 3507 92.58 -18.84 -0.32
C ILE C 3507 93.53 -19.46 0.71
N ILE C 3508 94.57 -20.14 0.24
CA ILE C 3508 95.56 -20.73 1.15
C ILE C 3508 96.27 -19.64 1.93
N ARG C 3509 96.63 -18.54 1.27
CA ARG C 3509 97.26 -17.43 1.97
C ARG C 3509 96.36 -16.88 3.06
N SER C 3510 95.06 -16.74 2.77
CA SER C 3510 94.13 -16.23 3.76
C SER C 3510 93.94 -17.20 4.92
N ASN C 3511 93.88 -18.50 4.63
CA ASN C 3511 93.55 -19.50 5.64
C ASN C 3511 94.78 -20.14 6.29
N ILE C 3512 95.98 -19.64 5.99
CA ILE C 3512 97.20 -20.15 6.60
C ILE C 3512 97.19 -20.08 8.12
N HIS C 3513 96.23 -19.36 8.72
CA HIS C 3513 96.16 -19.28 10.17
C HIS C 3513 95.78 -20.61 10.82
N LEU C 3514 95.13 -21.51 10.08
CA LEU C 3514 94.66 -22.76 10.66
C LEU C 3514 95.81 -23.67 11.08
N GLN C 3515 96.94 -23.59 10.38
CA GLN C 3515 98.11 -24.37 10.77
C GLN C 3515 98.55 -23.98 12.18
N GLY C 3516 98.83 -24.99 12.99
CA GLY C 3516 99.18 -24.75 14.40
C GLY C 3516 97.99 -24.53 15.29
N LYS C 3517 97.03 -23.70 14.85
CA LYS C 3517 95.82 -23.49 15.63
C LYS C 3517 94.99 -24.77 15.74
N LEU C 3518 94.87 -25.51 14.64
CA LEU C 3518 94.14 -26.78 14.66
C LEU C 3518 94.98 -27.81 15.39
N GLU C 3519 94.59 -28.12 16.62
CA GLU C 3519 95.32 -29.05 17.48
C GLU C 3519 94.44 -30.27 17.79
N ASP C 3520 95.09 -31.42 17.90
CA ASP C 3520 94.40 -32.68 18.15
C ASP C 3520 95.41 -33.66 18.73
N PRO C 3521 94.97 -34.56 19.62
CA PRO C 3521 95.92 -35.53 20.20
C PRO C 3521 96.68 -36.35 19.17
N ALA C 3522 96.01 -36.78 18.10
CA ALA C 3522 96.72 -37.50 17.04
C ALA C 3522 97.67 -36.57 16.29
N ILE C 3523 97.24 -35.33 16.04
CA ILE C 3523 98.08 -34.35 15.39
C ILE C 3523 99.35 -34.11 16.20
N ARG C 3524 99.27 -34.29 17.52
CA ARG C 3524 100.46 -34.13 18.36
C ARG C 3524 101.55 -35.12 17.97
N TRP C 3525 101.22 -36.41 17.89
CA TRP C 3525 102.25 -37.37 17.50
C TRP C 3525 102.60 -37.23 16.03
N GLN C 3526 101.67 -36.78 15.19
CA GLN C 3526 102.00 -36.52 13.80
C GLN C 3526 103.09 -35.46 13.70
N MET C 3527 102.94 -34.36 14.43
CA MET C 3527 103.96 -33.33 14.47
C MET C 3527 105.25 -33.86 15.07
N ALA C 3528 105.14 -34.69 16.12
CA ALA C 3528 106.34 -35.25 16.75
C ALA C 3528 107.15 -36.07 15.76
N LEU C 3529 106.49 -36.97 15.03
CA LEU C 3529 107.19 -37.77 14.04
C LEU C 3529 107.71 -36.92 12.88
N TYR C 3530 106.96 -35.88 12.50
CA TYR C 3530 107.40 -35.01 11.43
C TYR C 3530 108.70 -34.29 11.80
N LYS C 3531 108.80 -33.84 13.06
CA LYS C 3531 110.05 -33.24 13.52
C LYS C 3531 111.15 -34.29 13.68
N ASP C 3532 110.79 -35.50 14.11
CA ASP C 3532 111.79 -36.55 14.26
C ASP C 3532 112.42 -36.93 12.93
N LEU C 3533 111.67 -36.81 11.84
CA LEU C 3533 112.23 -37.03 10.52
C LEU C 3533 113.35 -36.02 10.27
N PRO C 3534 114.56 -36.48 9.90
CA PRO C 3534 115.73 -35.58 9.90
C PRO C 3534 115.64 -34.41 8.94
N ASN C 3535 115.45 -34.68 7.65
CA ASN C 3535 115.49 -33.62 6.65
C ASN C 3535 114.26 -32.72 6.77
N ARG C 3536 114.51 -31.41 6.80
CA ARG C 3536 113.46 -30.39 6.88
C ARG C 3536 113.74 -29.28 5.86
N THR C 3537 114.00 -29.68 4.62
CA THR C 3537 114.35 -28.70 3.58
C THR C 3537 113.21 -27.75 3.32
N GLU C 3538 111.97 -28.16 3.59
CA GLU C 3538 110.84 -27.25 3.46
C GLU C 3538 110.95 -26.13 4.48
N ASP C 3539 110.46 -24.95 4.10
CA ASP C 3539 110.53 -23.78 4.97
C ASP C 3539 109.12 -23.46 5.47
N PRO C 3540 108.77 -23.83 6.71
CA PRO C 3540 107.43 -23.49 7.22
C PRO C 3540 107.30 -22.04 7.64
N SER C 3541 108.41 -21.37 7.97
CA SER C 3541 108.37 -19.96 8.34
C SER C 3541 108.09 -19.05 7.16
N ASP C 3542 108.14 -19.56 5.93
CA ASP C 3542 107.85 -18.75 4.75
C ASP C 3542 106.41 -19.00 4.33
N PRO C 3543 105.50 -18.04 4.55
CA PRO C 3543 104.10 -18.26 4.13
C PRO C 3543 103.96 -18.48 2.64
N GLU C 3544 104.75 -17.79 1.82
CA GLU C 3544 104.66 -17.96 0.38
C GLU C 3544 105.06 -19.36 -0.05
N ARG C 3545 106.17 -19.86 0.51
CA ARG C 3545 106.61 -21.22 0.19
C ARG C 3545 105.62 -22.26 0.67
N THR C 3546 105.08 -22.06 1.88
CA THR C 3546 104.08 -22.99 2.39
C THR C 3546 102.83 -23.01 1.50
N VAL C 3547 102.38 -21.83 1.08
CA VAL C 3547 101.19 -21.75 0.21
C VAL C 3547 101.47 -22.42 -1.13
N GLU C 3548 102.67 -22.20 -1.68
CA GLU C 3548 103.01 -22.83 -2.96
C GLU C 3548 103.04 -24.35 -2.84
N ARG C 3549 103.62 -24.87 -1.76
CA ARG C 3549 103.63 -26.33 -1.57
C ARG C 3549 102.22 -26.87 -1.42
N VAL C 3550 101.39 -26.17 -0.64
CA VAL C 3550 100.01 -26.61 -0.44
C VAL C 3550 99.26 -26.63 -1.77
N LEU C 3551 99.43 -25.58 -2.57
CA LEU C 3551 98.79 -25.51 -3.88
C LEU C 3551 99.24 -26.65 -4.78
N GLY C 3552 100.55 -26.89 -4.83
CA GLY C 3552 101.09 -27.91 -5.70
C GLY C 3552 100.69 -29.32 -5.32
N ILE C 3553 100.51 -29.58 -4.03
CA ILE C 3553 99.97 -30.89 -3.65
C ILE C 3553 98.47 -30.94 -3.91
N ALA C 3554 97.76 -29.85 -3.65
CA ALA C 3554 96.30 -29.88 -3.67
C ALA C 3554 95.75 -30.06 -5.07
N ASN C 3555 96.30 -29.35 -6.05
CA ASN C 3555 95.78 -29.52 -7.41
C ASN C 3555 96.02 -30.94 -7.91
N VAL C 3556 97.18 -31.51 -7.57
CA VAL C 3556 97.49 -32.88 -7.96
C VAL C 3556 96.51 -33.85 -7.32
N LEU C 3557 96.22 -33.68 -6.02
CA LEU C 3557 95.27 -34.56 -5.35
C LEU C 3557 93.86 -34.38 -5.92
N PHE C 3558 93.48 -33.17 -6.31
CA PHE C 3558 92.18 -32.95 -6.91
C PHE C 3558 92.06 -33.65 -8.27
N HIS C 3559 93.11 -33.56 -9.09
CA HIS C 3559 93.11 -34.29 -10.35
C HIS C 3559 93.09 -35.79 -10.13
N LEU C 3560 93.80 -36.27 -9.10
CA LEU C 3560 93.77 -37.69 -8.77
C LEU C 3560 92.38 -38.12 -8.32
N GLU C 3561 91.67 -37.26 -7.60
CA GLU C 3561 90.29 -37.54 -7.24
C GLU C 3561 89.41 -37.62 -8.48
N GLN C 3562 89.64 -36.72 -9.44
CA GLN C 3562 88.90 -36.80 -10.70
C GLN C 3562 89.16 -38.12 -11.41
N LYS C 3563 90.41 -38.57 -11.43
CA LYS C 3563 90.76 -39.82 -12.10
C LYS C 3563 90.47 -41.06 -11.26
N SER C 3564 90.04 -40.89 -10.02
CA SER C 3564 89.74 -42.02 -9.14
C SER C 3564 88.37 -41.88 -8.52
N PRO C 3611 66.57 -51.49 -61.60
CA PRO C 3611 66.58 -51.69 -63.05
C PRO C 3611 66.10 -50.46 -63.82
N ARG C 3612 66.18 -50.52 -65.15
CA ARG C 3612 65.84 -49.36 -65.97
C ARG C 3612 64.39 -48.98 -65.82
N HIS C 3613 63.48 -49.97 -65.87
CA HIS C 3613 62.06 -49.67 -65.75
C HIS C 3613 61.71 -49.11 -64.38
N ARG C 3614 62.30 -49.67 -63.32
CA ARG C 3614 62.06 -49.13 -61.99
C ARG C 3614 62.57 -47.70 -61.88
N ALA C 3615 63.75 -47.43 -62.43
CA ALA C 3615 64.31 -46.09 -62.37
C ALA C 3615 63.44 -45.09 -63.12
N VAL C 3616 62.97 -45.46 -64.30
CA VAL C 3616 62.17 -44.51 -65.08
C VAL C 3616 60.81 -44.29 -64.42
N ASN C 3617 60.22 -45.34 -63.82
CA ASN C 3617 58.97 -45.15 -63.10
C ASN C 3617 59.15 -44.21 -61.91
N LEU C 3618 60.23 -44.40 -61.14
CA LEU C 3618 60.51 -43.50 -60.03
C LEU C 3618 60.71 -42.08 -60.53
N PHE C 3619 61.39 -41.92 -61.67
CA PHE C 3619 61.59 -40.57 -62.19
C PHE C 3619 60.29 -39.95 -62.66
N LEU C 3620 59.38 -40.75 -63.23
CA LEU C 3620 58.06 -40.22 -63.58
C LEU C 3620 57.35 -39.68 -62.35
N GLN C 3621 57.31 -40.47 -61.27
CA GLN C 3621 56.61 -40.02 -60.08
C GLN C 3621 57.29 -38.79 -59.46
N GLY C 3622 58.62 -38.79 -59.40
CA GLY C 3622 59.32 -37.64 -58.85
C GLY C 3622 59.15 -36.39 -59.69
N TYR C 3623 59.20 -36.55 -61.02
CA TYR C 3623 58.98 -35.43 -61.91
C TYR C 3623 57.59 -34.85 -61.72
N GLU C 3624 56.58 -35.72 -61.57
CA GLU C 3624 55.27 -35.22 -61.24
C GLU C 3624 55.36 -34.37 -59.99
N LYS C 3625 55.68 -35.01 -58.86
CA LYS C 3625 55.56 -34.36 -57.56
C LYS C 3625 56.44 -33.14 -57.41
N SER C 3626 57.46 -32.98 -58.25
CA SER C 3626 58.36 -31.84 -58.15
C SER C 3626 58.11 -30.78 -59.21
N TRP C 3627 58.13 -31.16 -60.49
CA TRP C 3627 58.09 -30.22 -61.59
C TRP C 3627 56.72 -30.04 -62.20
N ILE C 3628 55.67 -30.68 -61.69
CA ILE C 3628 54.37 -30.57 -62.35
C ILE C 3628 53.33 -30.11 -61.34
N GLU C 3629 53.57 -30.42 -60.07
CA GLU C 3629 52.62 -30.13 -59.00
C GLU C 3629 52.93 -28.81 -58.30
N THR C 3630 53.91 -28.06 -58.78
CA THR C 3630 54.32 -26.81 -58.14
C THR C 3630 54.01 -25.56 -58.95
N GLU C 3631 53.83 -25.67 -60.26
CA GLU C 3631 53.50 -24.51 -61.08
C GLU C 3631 52.13 -23.98 -60.71
N GLU C 3632 52.03 -22.67 -60.52
CA GLU C 3632 50.79 -21.99 -60.16
C GLU C 3632 50.60 -20.83 -61.13
N HIS C 3633 49.99 -21.10 -62.26
CA HIS C 3633 49.69 -20.06 -63.25
C HIS C 3633 48.34 -19.43 -62.93
N TYR C 3634 48.31 -18.10 -62.89
CA TYR C 3634 47.13 -17.35 -62.48
C TYR C 3634 46.27 -17.06 -63.70
N PHE C 3635 45.11 -17.71 -63.78
CA PHE C 3635 44.15 -17.48 -64.85
C PHE C 3635 42.75 -17.24 -64.33
N GLU C 3636 42.54 -17.29 -63.02
CA GLU C 3636 41.19 -17.23 -62.48
C GLU C 3636 40.51 -15.91 -62.80
N ASP C 3637 41.22 -14.80 -62.64
CA ASP C 3637 40.60 -13.49 -62.86
C ASP C 3637 40.19 -13.32 -64.32
N LYS C 3638 41.10 -13.64 -65.24
CA LYS C 3638 40.78 -13.50 -66.66
C LYS C 3638 39.65 -14.44 -67.07
N LEU C 3639 39.67 -15.68 -66.56
CA LEU C 3639 38.62 -16.64 -66.90
C LEU C 3639 37.27 -16.14 -66.39
N ILE C 3640 37.21 -15.66 -65.15
CA ILE C 3640 35.96 -15.15 -64.61
C ILE C 3640 35.49 -13.94 -65.40
N GLU C 3641 36.42 -13.07 -65.80
CA GLU C 3641 36.04 -11.89 -66.57
C GLU C 3641 35.42 -12.28 -67.90
N ASP C 3642 36.07 -13.17 -68.65
CA ASP C 3642 35.54 -13.53 -69.95
C ASP C 3642 34.28 -14.37 -69.84
N LEU C 3643 34.12 -15.10 -68.74
CA LEU C 3643 32.90 -15.88 -68.55
C LEU C 3643 31.73 -15.00 -68.14
N ALA C 3644 31.99 -13.94 -67.39
CA ALA C 3644 30.94 -13.02 -66.96
C ALA C 3644 30.67 -11.92 -67.97
N LYS C 3645 31.50 -11.79 -69.00
CA LYS C 3645 31.24 -10.80 -70.04
C LYS C 3645 29.92 -11.12 -70.73
N PRO C 3646 28.97 -10.18 -70.79
CA PRO C 3646 27.66 -10.49 -71.40
C PRO C 3646 27.74 -10.89 -72.85
N GLY C 3647 28.68 -10.33 -73.61
CA GLY C 3647 28.81 -10.66 -75.01
C GLY C 3647 27.85 -9.87 -75.88
N ALA C 3648 28.03 -10.01 -77.19
CA ALA C 3648 27.20 -9.31 -78.15
C ALA C 3648 25.85 -9.99 -78.30
N GLU C 3649 24.89 -9.24 -78.84
CA GLU C 3649 23.56 -9.76 -79.07
C GLU C 3649 23.00 -9.27 -80.40
N LYS C 3658 18.19 -8.53 -72.41
CA LYS C 3658 19.29 -9.44 -72.69
C LYS C 3658 18.99 -10.81 -72.05
N ARG C 3659 19.94 -11.73 -72.14
CA ARG C 3659 19.79 -13.07 -71.61
C ARG C 3659 20.80 -13.30 -70.49
N VAL C 3660 20.88 -14.54 -70.02
CA VAL C 3660 21.70 -14.89 -68.87
C VAL C 3660 23.14 -15.08 -69.32
N ASP C 3661 24.07 -14.48 -68.58
CA ASP C 3661 25.48 -14.62 -68.86
C ASP C 3661 25.95 -16.04 -68.55
N PRO C 3662 27.04 -16.48 -69.19
CA PRO C 3662 27.52 -17.85 -68.95
C PRO C 3662 27.84 -18.14 -67.49
N LEU C 3663 28.45 -17.18 -66.78
CA LEU C 3663 28.76 -17.40 -65.38
C LEU C 3663 27.49 -17.55 -64.55
N HIS C 3664 26.48 -16.74 -64.85
CA HIS C 3664 25.21 -16.88 -64.15
C HIS C 3664 24.54 -18.21 -64.48
N GLN C 3665 24.68 -18.68 -65.72
CA GLN C 3665 24.17 -20.01 -66.05
C GLN C 3665 24.86 -21.07 -65.23
N LEU C 3666 26.18 -20.97 -65.07
CA LEU C 3666 26.91 -21.94 -64.27
C LEU C 3666 26.47 -21.91 -62.81
N ILE C 3667 26.28 -20.71 -62.27
CA ILE C 3667 25.84 -20.59 -60.88
C ILE C 3667 24.45 -21.19 -60.71
N LEU C 3668 23.55 -20.95 -61.68
CA LEU C 3668 22.22 -21.55 -61.61
C LEU C 3668 22.29 -23.06 -61.71
N LEU C 3669 23.23 -23.58 -62.52
CA LEU C 3669 23.40 -25.03 -62.61
C LEU C 3669 23.81 -25.60 -61.25
N PHE C 3670 24.77 -24.96 -60.59
CA PHE C 3670 25.19 -25.43 -59.27
C PHE C 3670 24.04 -25.32 -58.26
N SER C 3671 23.26 -24.24 -58.35
CA SER C 3671 22.15 -24.07 -57.42
C SER C 3671 21.09 -25.14 -57.61
N ARG C 3672 20.77 -25.46 -58.86
CA ARG C 3672 19.80 -26.53 -59.12
C ARG C 3672 20.33 -27.88 -58.67
N THR C 3673 21.63 -28.14 -58.88
CA THR C 3673 22.21 -29.38 -58.40
C THR C 3673 22.11 -29.48 -56.88
N ALA C 3674 22.38 -28.39 -56.18
CA ALA C 3674 22.29 -28.40 -54.73
C ALA C 3674 20.85 -28.58 -54.26
N LEU C 3675 19.90 -27.92 -54.92
CA LEU C 3675 18.50 -28.01 -54.52
C LEU C 3675 17.88 -29.35 -54.88
N THR C 3676 18.47 -30.09 -55.83
CA THR C 3676 17.93 -31.39 -56.18
C THR C 3676 17.97 -32.33 -54.99
N GLU C 3677 16.85 -33.00 -54.73
CA GLU C 3677 16.76 -33.89 -53.58
C GLU C 3677 17.74 -35.05 -53.73
N LYS C 3678 18.47 -35.31 -52.65
CA LYS C 3678 19.49 -36.36 -52.66
C LYS C 3678 19.88 -36.67 -51.22
N CYS C 3679 20.02 -37.96 -50.91
CA CYS C 3679 20.28 -38.36 -49.54
C CYS C 3679 21.62 -37.84 -49.05
N LYS C 3680 22.67 -37.98 -49.87
CA LYS C 3680 24.02 -37.59 -49.47
C LYS C 3680 24.66 -36.80 -50.60
N LEU C 3681 25.33 -35.71 -50.24
CA LEU C 3681 26.01 -34.87 -51.22
C LEU C 3681 27.07 -35.68 -51.96
N GLU C 3682 27.08 -35.56 -53.28
CA GLU C 3682 27.98 -36.32 -54.13
C GLU C 3682 29.13 -35.46 -54.61
N GLU C 3683 30.33 -36.05 -54.61
CA GLU C 3683 31.50 -35.33 -55.10
C GLU C 3683 31.32 -34.94 -56.56
N ASP C 3684 31.70 -33.70 -56.87
CA ASP C 3684 31.55 -33.15 -58.22
C ASP C 3684 32.83 -32.38 -58.55
N PHE C 3685 33.68 -33.00 -59.37
CA PHE C 3685 34.96 -32.39 -59.71
C PHE C 3685 34.77 -31.03 -60.37
N LEU C 3686 33.74 -30.90 -61.21
CA LEU C 3686 33.42 -29.60 -61.79
C LEU C 3686 33.14 -28.58 -60.71
N TYR C 3687 32.35 -28.96 -59.70
CA TYR C 3687 32.05 -28.04 -58.61
C TYR C 3687 33.32 -27.64 -57.88
N MET C 3688 34.18 -28.61 -57.57
CA MET C 3688 35.43 -28.31 -56.88
C MET C 3688 36.26 -27.32 -57.68
N ALA C 3689 36.47 -27.61 -58.96
CA ALA C 3689 37.34 -26.79 -59.79
C ALA C 3689 36.80 -25.37 -59.91
N TYR C 3690 35.51 -25.22 -60.24
CA TYR C 3690 35.01 -23.88 -60.46
C TYR C 3690 34.80 -23.11 -59.17
N ALA C 3691 34.47 -23.79 -58.06
CA ALA C 3691 34.44 -23.11 -56.78
C ALA C 3691 35.82 -22.58 -56.41
N ASP C 3692 36.86 -23.38 -56.67
CA ASP C 3692 38.22 -22.91 -56.42
C ASP C 3692 38.57 -21.72 -57.30
N ILE C 3693 38.18 -21.76 -58.58
CA ILE C 3693 38.47 -20.67 -59.49
C ILE C 3693 37.77 -19.39 -59.03
N MET C 3694 36.50 -19.50 -58.67
CA MET C 3694 35.75 -18.33 -58.26
C MET C 3694 36.28 -17.77 -56.93
N ALA C 3695 36.69 -18.65 -56.01
CA ALA C 3695 37.28 -18.19 -54.77
C ALA C 3695 38.60 -17.48 -55.00
N LYS C 3696 39.43 -18.02 -55.90
CA LYS C 3696 40.72 -17.40 -56.18
C LYS C 3696 40.58 -16.13 -57.01
N SER C 3697 39.45 -15.93 -57.69
CA SER C 3697 39.26 -14.70 -58.45
C SER C 3697 39.32 -13.48 -57.56
N CYS C 3698 38.68 -13.53 -56.39
CA CYS C 3698 38.77 -12.44 -55.44
C CYS C 3698 40.17 -12.36 -54.85
N HIS C 3699 40.65 -11.14 -54.65
CA HIS C 3699 41.95 -10.88 -54.03
C HIS C 3699 43.08 -11.57 -54.78
N SER C 3712 48.87 6.24 -48.22
CA SER C 3712 48.48 4.85 -48.43
C SER C 3712 46.98 4.67 -48.27
N PHE C 3713 46.31 5.71 -47.75
CA PHE C 3713 44.87 5.63 -47.59
C PHE C 3713 44.17 5.49 -48.93
N GLU C 3714 44.64 6.22 -49.94
CA GLU C 3714 44.04 6.12 -51.27
C GLU C 3714 44.19 4.73 -51.86
N GLU C 3715 45.36 4.10 -51.69
CA GLU C 3715 45.54 2.76 -52.24
C GLU C 3715 44.76 1.72 -51.46
N LYS C 3716 44.65 1.89 -50.14
CA LYS C 3716 43.81 0.99 -49.36
C LYS C 3716 42.35 1.07 -49.82
N GLU C 3717 41.86 2.30 -50.03
CA GLU C 3717 40.49 2.45 -50.51
C GLU C 3717 40.33 1.88 -51.90
N MET C 3718 41.32 2.05 -52.77
CA MET C 3718 41.24 1.53 -54.13
C MET C 3718 41.18 0.00 -54.13
N GLU C 3719 42.02 -0.64 -53.32
CA GLU C 3719 41.97 -2.10 -53.28
C GLU C 3719 40.69 -2.59 -52.62
N LYS C 3720 40.16 -1.83 -51.66
CA LYS C 3720 38.85 -2.18 -51.10
C LYS C 3720 37.76 -2.12 -52.17
N GLN C 3721 37.77 -1.06 -52.99
CA GLN C 3721 36.79 -0.96 -54.06
C GLN C 3721 36.95 -2.09 -55.08
N LYS C 3722 38.19 -2.46 -55.39
CA LYS C 3722 38.42 -3.57 -56.30
C LYS C 3722 37.87 -4.88 -55.73
N LEU C 3723 38.11 -5.12 -54.44
CA LEU C 3723 37.58 -6.32 -53.80
C LEU C 3723 36.06 -6.33 -53.83
N LEU C 3724 35.43 -5.20 -53.53
CA LEU C 3724 33.97 -5.13 -53.60
C LEU C 3724 33.48 -5.37 -55.02
N TYR C 3725 34.20 -4.84 -56.01
CA TYR C 3725 33.81 -5.07 -57.40
C TYR C 3725 33.84 -6.55 -57.74
N GLN C 3726 34.92 -7.24 -57.39
CA GLN C 3726 35.01 -8.66 -57.71
C GLN C 3726 33.95 -9.47 -56.98
N GLN C 3727 33.75 -9.18 -55.68
CA GLN C 3727 32.73 -9.89 -54.93
C GLN C 3727 31.35 -9.66 -55.53
N ALA C 3728 31.02 -8.43 -55.89
CA ALA C 3728 29.73 -8.16 -56.52
C ALA C 3728 29.62 -8.84 -57.86
N ARG C 3729 30.70 -8.88 -58.63
CA ARG C 3729 30.68 -9.52 -59.94
C ARG C 3729 30.31 -10.98 -59.83
N LEU C 3730 30.94 -11.69 -58.90
CA LEU C 3730 30.60 -13.10 -58.76
C LEU C 3730 29.40 -13.35 -57.86
N HIS C 3731 28.87 -12.31 -57.21
CA HIS C 3731 27.84 -12.46 -56.19
C HIS C 3731 26.44 -12.10 -56.66
N ASP C 3732 26.30 -11.06 -57.50
CA ASP C 3732 24.98 -10.67 -57.97
C ASP C 3732 24.32 -11.73 -58.84
N ARG C 3733 25.01 -12.83 -59.11
CA ARG C 3733 24.49 -13.93 -59.90
C ARG C 3733 24.02 -15.09 -59.04
N GLY C 3734 23.94 -14.90 -57.73
CA GLY C 3734 23.44 -15.93 -56.83
C GLY C 3734 24.48 -16.78 -56.15
N ALA C 3735 25.72 -16.31 -56.04
CA ALA C 3735 26.75 -17.10 -55.37
C ALA C 3735 26.42 -17.33 -53.91
N ALA C 3736 25.85 -16.32 -53.25
CA ALA C 3736 25.48 -16.48 -51.84
C ALA C 3736 24.43 -17.57 -51.66
N GLU C 3737 23.40 -17.54 -52.51
CA GLU C 3737 22.37 -18.58 -52.44
C GLU C 3737 22.94 -19.94 -52.76
N MET C 3738 23.84 -20.01 -53.75
CA MET C 3738 24.47 -21.28 -54.08
C MET C 3738 25.26 -21.84 -52.91
N VAL C 3739 26.02 -20.99 -52.22
CA VAL C 3739 26.79 -21.43 -51.07
C VAL C 3739 25.87 -21.92 -49.96
N LEU C 3740 24.80 -21.17 -49.67
CA LEU C 3740 23.87 -21.58 -48.62
C LEU C 3740 23.21 -22.91 -48.96
N GLN C 3741 22.80 -23.09 -50.22
CA GLN C 3741 22.18 -24.35 -50.60
C GLN C 3741 23.15 -25.51 -50.51
N THR C 3742 24.41 -25.30 -50.90
CA THR C 3742 25.40 -26.36 -50.79
C THR C 3742 25.64 -26.75 -49.34
N ILE C 3743 25.76 -25.76 -48.46
CA ILE C 3743 25.98 -26.06 -47.04
C ILE C 3743 24.77 -26.78 -46.47
N SER C 3744 23.56 -26.37 -46.87
CA SER C 3744 22.36 -27.04 -46.37
C SER C 3744 22.29 -28.48 -46.86
N ALA C 3745 22.63 -28.72 -48.13
CA ALA C 3745 22.61 -30.08 -48.66
C ALA C 3745 23.73 -30.94 -48.11
N SER C 3746 24.78 -30.33 -47.57
CA SER C 3746 25.84 -31.11 -46.93
C SER C 3746 25.31 -31.94 -45.77
N LYS C 3747 24.27 -31.46 -45.09
CA LYS C 3747 23.62 -32.18 -44.00
C LYS C 3747 24.61 -32.55 -42.90
N GLY C 3748 25.49 -31.62 -42.57
CA GLY C 3748 26.42 -31.83 -41.46
C GLY C 3748 27.41 -32.95 -41.69
N GLU C 3749 27.87 -33.12 -42.93
CA GLU C 3749 28.85 -34.13 -43.27
C GLU C 3749 30.14 -33.43 -43.69
N THR C 3750 31.23 -33.74 -43.00
CA THR C 3750 32.52 -33.17 -43.35
C THR C 3750 32.98 -33.75 -44.69
N GLY C 3751 33.40 -32.87 -45.59
CA GLY C 3751 33.83 -33.29 -46.91
C GLY C 3751 34.56 -32.22 -47.68
N PRO C 3752 35.30 -32.63 -48.70
CA PRO C 3752 36.00 -31.65 -49.55
C PRO C 3752 35.06 -30.70 -50.26
N MET C 3753 33.85 -31.13 -50.61
CA MET C 3753 32.87 -30.21 -51.16
C MET C 3753 32.51 -29.13 -50.16
N VAL C 3754 32.32 -29.50 -48.90
CA VAL C 3754 32.03 -28.52 -47.87
C VAL C 3754 33.21 -27.58 -47.67
N ALA C 3755 34.43 -28.12 -47.72
CA ALA C 3755 35.61 -27.25 -47.61
C ALA C 3755 35.66 -26.25 -48.74
N ALA C 3756 35.39 -26.70 -49.97
CA ALA C 3756 35.43 -25.80 -51.12
C ALA C 3756 34.36 -24.73 -51.01
N THR C 3757 33.14 -25.10 -50.61
CA THR C 3757 32.09 -24.09 -50.51
C THR C 3757 32.34 -23.14 -49.34
N LEU C 3758 33.00 -23.59 -48.28
CA LEU C 3758 33.36 -22.67 -47.20
C LEU C 3758 34.44 -21.69 -47.66
N LYS C 3759 35.41 -22.17 -48.44
CA LYS C 3759 36.40 -21.24 -49.01
C LYS C 3759 35.74 -20.23 -49.92
N LEU C 3760 34.78 -20.68 -50.73
CA LEU C 3760 34.05 -19.75 -51.58
C LEU C 3760 33.27 -18.73 -50.76
N GLY C 3761 32.64 -19.18 -49.68
CA GLY C 3761 31.91 -18.26 -48.81
C GLY C 3761 32.82 -17.24 -48.18
N ILE C 3762 34.00 -17.67 -47.72
CA ILE C 3762 34.96 -16.73 -47.18
C ILE C 3762 35.38 -15.72 -48.23
N ALA C 3763 35.65 -16.19 -49.45
CA ALA C 3763 36.07 -15.29 -50.51
C ALA C 3763 35.01 -14.25 -50.84
N ILE C 3764 33.74 -14.67 -50.91
CA ILE C 3764 32.69 -13.73 -51.26
C ILE C 3764 32.39 -12.78 -50.10
N LEU C 3765 32.47 -13.26 -48.86
CA LEU C 3765 32.15 -12.45 -47.69
C LEU C 3765 33.34 -11.69 -47.14
N ASN C 3766 34.51 -11.79 -47.76
CA ASN C 3766 35.69 -11.12 -47.24
C ASN C 3766 35.44 -9.62 -47.14
N GLY C 3767 35.81 -9.04 -46.01
CA GLY C 3767 35.54 -7.64 -45.74
C GLY C 3767 34.18 -7.35 -45.14
N GLY C 3768 33.36 -8.38 -44.89
CA GLY C 3768 32.06 -8.18 -44.29
C GLY C 3768 31.10 -7.38 -45.16
N ASN C 3769 31.00 -7.74 -46.43
CA ASN C 3769 30.13 -7.04 -47.36
C ASN C 3769 28.68 -7.10 -46.94
N SER C 3770 28.13 -5.93 -46.58
CA SER C 3770 26.77 -5.87 -46.05
C SER C 3770 25.74 -6.31 -47.07
N THR C 3771 25.98 -6.06 -48.35
CA THR C 3771 25.05 -6.49 -49.39
C THR C 3771 24.91 -8.00 -49.40
N VAL C 3772 26.04 -8.71 -49.38
CA VAL C 3772 25.99 -10.17 -49.39
C VAL C 3772 25.41 -10.70 -48.09
N GLN C 3773 25.77 -10.09 -46.96
CA GLN C 3773 25.19 -10.52 -45.68
C GLN C 3773 23.67 -10.38 -45.70
N GLN C 3774 23.17 -9.25 -46.19
CA GLN C 3774 21.73 -9.02 -46.25
C GLN C 3774 21.07 -10.00 -47.20
N LYS C 3775 21.71 -10.29 -48.34
CA LYS C 3775 21.10 -11.24 -49.27
C LYS C 3775 21.02 -12.63 -48.66
N MET C 3776 22.07 -13.08 -47.98
CA MET C 3776 22.00 -14.38 -47.30
C MET C 3776 20.90 -14.39 -46.24
N LEU C 3777 20.81 -13.32 -45.44
CA LEU C 3777 19.79 -13.29 -44.40
C LEU C 3777 18.38 -13.32 -45.00
N ASP C 3778 18.17 -12.54 -46.06
CA ASP C 3778 16.85 -12.52 -46.70
C ASP C 3778 16.51 -13.88 -47.30
N TYR C 3779 17.48 -14.54 -47.92
CA TYR C 3779 17.21 -15.87 -48.46
C TYR C 3779 16.84 -16.84 -47.36
N LEU C 3780 17.59 -16.84 -46.25
CA LEU C 3780 17.27 -17.74 -45.16
C LEU C 3780 15.90 -17.45 -44.57
N LYS C 3781 15.55 -16.17 -44.44
CA LYS C 3781 14.25 -15.82 -43.86
C LYS C 3781 13.11 -16.23 -44.80
N GLU C 3782 13.25 -15.96 -46.10
CA GLU C 3782 12.19 -16.31 -47.04
C GLU C 3782 12.01 -17.83 -47.14
N LYS C 3783 13.11 -18.55 -47.37
CA LYS C 3783 13.07 -20.01 -47.43
C LYS C 3783 13.54 -20.53 -46.09
N LYS C 3784 12.58 -20.80 -45.20
CA LYS C 3784 12.89 -21.30 -43.87
C LYS C 3784 13.67 -22.61 -43.97
N ASP C 3785 14.94 -22.58 -43.61
CA ASP C 3785 15.85 -23.71 -43.82
C ASP C 3785 16.53 -24.01 -42.49
N VAL C 3786 15.87 -24.85 -41.67
CA VAL C 3786 16.51 -25.33 -40.46
C VAL C 3786 17.66 -26.28 -40.78
N GLY C 3787 17.62 -26.89 -41.97
CA GLY C 3787 18.68 -27.80 -42.36
C GLY C 3787 20.04 -27.14 -42.46
N PHE C 3788 20.07 -25.86 -42.86
CA PHE C 3788 21.33 -25.15 -42.94
C PHE C 3788 21.98 -25.02 -41.55
N PHE C 3789 21.19 -24.61 -40.56
CA PHE C 3789 21.72 -24.48 -39.21
C PHE C 3789 22.08 -25.85 -38.62
N GLN C 3790 21.27 -26.87 -38.92
CA GLN C 3790 21.60 -28.21 -38.46
C GLN C 3790 22.91 -28.69 -39.08
N SER C 3791 23.12 -28.40 -40.36
CA SER C 3791 24.38 -28.76 -41.01
C SER C 3791 25.56 -28.03 -40.38
N LEU C 3792 25.38 -26.74 -40.08
CA LEU C 3792 26.46 -26.02 -39.40
C LEU C 3792 26.77 -26.63 -38.05
N ALA C 3793 25.73 -26.96 -37.27
CA ALA C 3793 25.96 -27.57 -35.97
C ALA C 3793 26.67 -28.90 -36.10
N GLY C 3794 26.27 -29.72 -37.08
CA GLY C 3794 26.94 -30.99 -37.30
C GLY C 3794 28.39 -30.82 -37.68
N LEU C 3795 28.69 -29.84 -38.54
CA LEU C 3795 30.06 -29.61 -38.95
C LEU C 3795 30.92 -29.18 -37.77
N MET C 3796 30.45 -28.21 -36.99
CA MET C 3796 31.25 -27.77 -35.85
C MET C 3796 31.30 -28.82 -34.75
N GLN C 3797 30.37 -29.77 -34.73
CA GLN C 3797 30.49 -30.90 -33.81
C GLN C 3797 31.53 -31.91 -34.29
N SER C 3798 31.60 -32.14 -35.60
CA SER C 3798 32.53 -33.11 -36.17
C SER C 3798 33.91 -32.53 -36.42
N CYS C 3799 34.12 -31.23 -36.20
CA CYS C 3799 35.46 -30.66 -36.32
C CYS C 3799 36.43 -31.36 -35.37
N SER C 3800 37.60 -31.71 -35.89
CA SER C 3800 38.57 -32.46 -35.11
C SER C 3800 39.32 -31.55 -34.14
N VAL C 3801 39.83 -32.16 -33.07
CA VAL C 3801 40.64 -31.48 -32.08
C VAL C 3801 41.89 -32.31 -31.84
N LEU C 3802 42.82 -31.75 -31.07
CA LEU C 3802 44.05 -32.45 -30.75
C LEU C 3802 43.74 -33.70 -29.91
N ASP C 3803 44.34 -34.82 -30.28
CA ASP C 3803 44.20 -36.06 -29.52
C ASP C 3803 45.57 -36.60 -29.16
N LEU C 3804 45.78 -36.86 -27.88
CA LEU C 3804 47.10 -37.26 -27.39
C LEU C 3804 47.44 -38.70 -27.74
N ASN C 3805 46.44 -39.58 -27.83
CA ASN C 3805 46.72 -40.98 -28.09
C ASN C 3805 47.36 -41.17 -29.47
N ALA C 3806 46.81 -40.49 -30.48
CA ALA C 3806 47.39 -40.60 -31.82
C ALA C 3806 48.80 -40.05 -31.86
N PHE C 3807 49.05 -38.95 -31.15
CA PHE C 3807 50.39 -38.39 -31.12
C PHE C 3807 51.37 -39.33 -30.43
N GLU C 3808 50.94 -40.00 -29.36
CA GLU C 3808 51.80 -40.98 -28.70
C GLU C 3808 52.10 -42.16 -29.64
N ARG C 3809 51.09 -42.62 -30.36
CA ARG C 3809 51.32 -43.68 -31.34
C ARG C 3809 52.31 -43.23 -32.42
N GLN C 3810 52.20 -41.98 -32.86
CA GLN C 3810 53.13 -41.46 -33.85
C GLN C 3810 54.54 -41.36 -33.29
N ASN C 3811 54.67 -40.97 -32.02
CA ASN C 3811 55.99 -40.93 -31.40
C ASN C 3811 56.61 -42.31 -31.32
N LYS C 3812 55.82 -43.31 -30.91
CA LYS C 3812 56.34 -44.68 -30.89
C LYS C 3812 56.70 -45.14 -32.30
N ALA C 3813 55.91 -44.74 -33.30
CA ALA C 3813 56.20 -45.11 -34.67
C ALA C 3813 57.52 -44.51 -35.15
N GLU C 3814 57.72 -43.21 -34.90
CA GLU C 3814 58.96 -42.58 -35.34
C GLU C 3814 60.15 -43.10 -34.55
N GLY C 3815 59.94 -43.54 -33.31
CA GLY C 3815 61.01 -44.21 -32.59
C GLY C 3815 61.35 -45.56 -33.18
N LEU C 3816 60.34 -46.32 -33.61
CA LEU C 3816 60.56 -47.65 -34.16
C LEU C 3816 61.06 -47.60 -35.60
N GLY C 3817 60.87 -46.50 -36.30
CA GLY C 3817 61.41 -46.35 -37.64
C GLY C 3817 60.55 -46.87 -38.78
N MET C 3818 59.32 -46.34 -38.90
CA MET C 3818 58.46 -46.69 -40.01
C MET C 3818 58.89 -45.99 -41.29
N VAL C 3819 58.38 -46.50 -42.41
CA VAL C 3819 58.75 -45.97 -43.72
C VAL C 3819 58.15 -44.58 -43.94
N THR C 3820 56.94 -44.35 -43.46
CA THR C 3820 56.24 -43.11 -43.76
C THR C 3820 56.98 -41.88 -43.25
N GLU C 3821 57.70 -42.02 -42.13
CA GLU C 3821 58.46 -40.92 -41.53
C GLU C 3821 57.57 -39.71 -41.28
N GLU C 3822 56.41 -39.96 -40.69
CA GLU C 3822 55.42 -38.93 -40.35
C GLU C 3822 55.03 -38.12 -41.58
N GLY C 3823 54.82 -38.81 -42.70
CA GLY C 3823 54.38 -38.14 -43.91
C GLY C 3823 52.98 -37.56 -43.78
N SER C 3824 52.07 -38.29 -43.14
CA SER C 3824 50.71 -37.85 -42.91
C SER C 3824 50.53 -37.68 -41.40
N GLY C 3825 50.78 -36.46 -40.92
CA GLY C 3825 50.69 -36.16 -39.50
C GLY C 3825 49.33 -35.64 -39.09
N GLU C 3826 48.32 -35.84 -39.91
CA GLU C 3826 46.98 -35.33 -39.64
C GLU C 3826 46.24 -36.15 -38.59
N LYS C 3827 46.81 -37.26 -38.12
CA LYS C 3827 46.19 -38.01 -37.04
C LYS C 3827 46.04 -37.18 -35.77
N VAL C 3828 46.80 -36.10 -35.64
CA VAL C 3828 46.72 -35.25 -34.45
C VAL C 3828 45.73 -34.10 -34.67
N LEU C 3829 45.64 -33.56 -35.88
CA LEU C 3829 44.61 -32.57 -36.20
C LEU C 3829 44.28 -32.71 -37.68
N GLN C 3830 43.29 -33.56 -37.97
CA GLN C 3830 42.83 -33.84 -39.33
C GLN C 3830 42.68 -32.60 -40.20
N ASP C 3831 41.74 -31.70 -39.87
CA ASP C 3831 41.45 -30.57 -40.75
C ASP C 3831 41.44 -29.27 -39.94
N ASP C 3832 42.64 -28.76 -39.67
CA ASP C 3832 42.76 -27.43 -39.08
C ASP C 3832 42.33 -26.37 -40.08
N GLU C 3833 42.68 -26.56 -41.35
CA GLU C 3833 42.26 -25.63 -42.39
C GLU C 3833 40.75 -25.60 -42.51
N PHE C 3834 40.09 -26.76 -42.48
CA PHE C 3834 38.64 -26.78 -42.56
C PHE C 3834 37.99 -26.13 -41.35
N THR C 3835 38.51 -26.41 -40.14
CA THR C 3835 37.96 -25.77 -38.95
C THR C 3835 38.11 -24.25 -39.02
N CYS C 3836 39.29 -23.78 -39.40
CA CYS C 3836 39.52 -22.35 -39.52
C CYS C 3836 38.61 -21.74 -40.57
N ASP C 3837 38.42 -22.44 -41.69
CA ASP C 3837 37.54 -21.91 -42.75
C ASP C 3837 36.11 -21.81 -42.26
N LEU C 3838 35.62 -22.82 -41.53
CA LEU C 3838 34.25 -22.78 -41.03
C LEU C 3838 34.05 -21.62 -40.06
N PHE C 3839 34.97 -21.48 -39.11
CA PHE C 3839 34.80 -20.41 -38.13
C PHE C 3839 35.04 -19.04 -38.74
N ARG C 3840 35.89 -18.96 -39.76
CA ARG C 3840 36.06 -17.70 -40.48
C ARG C 3840 34.83 -17.34 -41.28
N PHE C 3841 34.14 -18.34 -41.82
CA PHE C 3841 32.88 -18.09 -42.49
C PHE C 3841 31.85 -17.54 -41.52
N LEU C 3842 31.76 -18.12 -40.32
CA LEU C 3842 30.84 -17.59 -39.33
C LEU C 3842 31.22 -16.16 -38.93
N GLN C 3843 32.52 -15.91 -38.75
CA GLN C 3843 32.97 -14.57 -38.38
C GLN C 3843 32.63 -13.56 -39.46
N LEU C 3844 32.81 -13.93 -40.73
CA LEU C 3844 32.46 -13.02 -41.82
C LEU C 3844 30.96 -12.83 -41.92
N LEU C 3845 30.18 -13.84 -41.53
CA LEU C 3845 28.74 -13.65 -41.44
C LEU C 3845 28.38 -12.58 -40.42
N CYS C 3846 29.04 -12.61 -39.26
CA CYS C 3846 28.77 -11.65 -38.19
C CYS C 3846 29.87 -10.61 -38.04
N GLU C 3847 30.45 -10.17 -39.16
CA GLU C 3847 31.59 -9.26 -39.09
C GLU C 3847 31.17 -7.81 -38.84
N GLY C 3848 30.35 -7.25 -39.72
CA GLY C 3848 30.06 -5.84 -39.66
C GLY C 3848 29.06 -5.45 -38.59
N HIS C 3849 29.18 -6.04 -37.40
CA HIS C 3849 28.28 -5.78 -36.28
C HIS C 3849 26.83 -5.98 -36.70
N ASN C 3850 26.59 -7.03 -37.47
CA ASN C 3850 25.27 -7.29 -38.04
C ASN C 3850 24.37 -7.84 -36.94
N SER C 3851 23.60 -6.95 -36.31
CA SER C 3851 22.79 -7.34 -35.16
C SER C 3851 21.72 -8.36 -35.55
N ASP C 3852 21.09 -8.18 -36.69
CA ASP C 3852 20.03 -9.11 -37.11
C ASP C 3852 20.59 -10.51 -37.32
N PHE C 3853 21.73 -10.63 -38.00
CA PHE C 3853 22.33 -11.93 -38.22
C PHE C 3853 22.82 -12.54 -36.92
N GLN C 3854 23.37 -11.71 -36.02
CA GLN C 3854 23.82 -12.22 -34.73
C GLN C 3854 22.65 -12.80 -33.94
N ASN C 3855 21.53 -12.07 -33.90
CA ASN C 3855 20.35 -12.57 -33.21
C ASN C 3855 19.79 -13.81 -33.89
N TYR C 3856 19.85 -13.86 -35.23
CA TYR C 3856 19.37 -15.05 -35.94
C TYR C 3856 20.19 -16.27 -35.59
N LEU C 3857 21.52 -16.12 -35.52
CA LEU C 3857 22.36 -17.24 -35.12
C LEU C 3857 22.10 -17.64 -33.67
N ARG C 3858 21.87 -16.67 -32.79
CA ARG C 3858 21.56 -17.02 -31.41
C ARG C 3858 20.26 -17.82 -31.33
N THR C 3859 19.19 -17.30 -31.93
CA THR C 3859 17.91 -18.00 -32.01
C THR C 3859 17.34 -17.80 -33.40
N GLN C 3860 16.86 -18.87 -34.02
CA GLN C 3860 16.32 -18.82 -35.37
C GLN C 3860 14.81 -18.60 -35.30
N THR C 3861 14.43 -17.34 -35.17
CA THR C 3861 13.02 -16.99 -35.10
C THR C 3861 12.31 -17.33 -36.40
N GLY C 3862 11.07 -17.80 -36.29
CA GLY C 3862 10.30 -18.17 -37.46
C GLY C 3862 10.37 -19.65 -37.78
N ASN C 3863 11.56 -20.24 -37.63
CA ASN C 3863 11.72 -21.66 -37.86
C ASN C 3863 11.07 -22.46 -36.74
N ASN C 3864 10.64 -23.68 -37.08
CA ASN C 3864 10.01 -24.54 -36.09
C ASN C 3864 10.97 -24.94 -34.97
N THR C 3865 12.22 -25.24 -35.32
CA THR C 3865 13.23 -25.62 -34.36
C THR C 3865 14.45 -24.74 -34.53
N THR C 3866 15.11 -24.43 -33.40
CA THR C 3866 16.26 -23.55 -33.39
C THR C 3866 17.44 -24.24 -32.73
N VAL C 3867 18.65 -23.88 -33.18
CA VAL C 3867 19.88 -24.34 -32.57
C VAL C 3867 20.72 -23.12 -32.21
N ASN C 3868 21.57 -23.26 -31.21
CA ASN C 3868 22.37 -22.14 -30.71
C ASN C 3868 23.80 -22.33 -31.17
N ILE C 3869 24.13 -21.70 -32.31
CA ILE C 3869 25.49 -21.75 -32.84
C ILE C 3869 26.47 -21.16 -31.84
N ILE C 3870 26.03 -20.18 -31.06
CA ILE C 3870 26.90 -19.59 -30.04
C ILE C 3870 27.29 -20.65 -29.00
N ILE C 3871 26.32 -21.41 -28.51
CA ILE C 3871 26.61 -22.44 -27.53
C ILE C 3871 27.47 -23.54 -28.14
N SER C 3872 27.20 -23.90 -29.39
CA SER C 3872 28.02 -24.92 -30.05
C SER C 3872 29.47 -24.44 -30.19
N THR C 3873 29.66 -23.17 -30.53
CA THR C 3873 31.01 -22.62 -30.64
C THR C 3873 31.71 -22.63 -29.28
N VAL C 3874 30.99 -22.28 -28.21
CA VAL C 3874 31.59 -22.32 -26.89
C VAL C 3874 31.98 -23.75 -26.51
N ASP C 3875 31.14 -24.72 -26.86
CA ASP C 3875 31.47 -26.11 -26.58
C ASP C 3875 32.72 -26.54 -27.34
N TYR C 3876 32.83 -26.15 -28.62
CA TYR C 3876 34.02 -26.50 -29.38
C TYR C 3876 35.26 -25.83 -28.78
N LEU C 3877 35.12 -24.60 -28.30
CA LEU C 3877 36.23 -23.94 -27.64
C LEU C 3877 36.64 -24.71 -26.39
N LEU C 3878 35.66 -25.21 -25.64
CA LEU C 3878 35.97 -26.03 -24.47
C LEU C 3878 36.74 -27.27 -24.86
N ARG C 3879 36.31 -27.94 -25.94
CA ARG C 3879 36.99 -29.16 -26.37
C ARG C 3879 38.43 -28.87 -26.79
N VAL C 3880 38.65 -27.82 -27.56
CA VAL C 3880 40.01 -27.52 -27.99
C VAL C 3880 40.87 -27.07 -26.80
N GLN C 3881 40.27 -26.37 -25.83
CA GLN C 3881 41.01 -26.02 -24.63
C GLN C 3881 41.43 -27.26 -23.86
N GLU C 3882 40.53 -28.24 -23.73
CA GLU C 3882 40.90 -29.47 -23.04
C GLU C 3882 42.00 -30.21 -23.78
N SER C 3883 41.93 -30.22 -25.12
CA SER C 3883 42.99 -30.88 -25.90
C SER C 3883 44.34 -30.20 -25.67
N ILE C 3884 44.35 -28.86 -25.68
CA ILE C 3884 45.60 -28.14 -25.44
C ILE C 3884 46.12 -28.40 -24.04
N SER C 3885 45.21 -28.46 -23.06
CA SER C 3885 45.63 -28.76 -21.70
C SER C 3885 46.25 -30.15 -21.59
N ASP C 3886 45.65 -31.14 -22.27
CA ASP C 3886 46.22 -32.48 -22.26
C ASP C 3886 47.60 -32.50 -22.92
N PHE C 3887 47.76 -31.78 -24.03
CA PHE C 3887 49.06 -31.72 -24.67
C PHE C 3887 50.09 -31.07 -23.76
N TYR C 3888 49.69 -30.01 -23.06
CA TYR C 3888 50.58 -29.37 -22.10
C TYR C 3888 50.98 -30.32 -20.98
N TRP C 3889 50.02 -31.09 -20.47
CA TRP C 3889 50.36 -32.06 -19.42
C TRP C 3889 51.33 -33.12 -19.95
N TYR C 3890 51.13 -33.55 -21.20
CA TYR C 3890 52.03 -34.54 -21.78
C TYR C 3890 53.45 -33.99 -21.91
N TYR C 3891 53.59 -32.75 -22.36
CA TYR C 3891 54.90 -32.16 -22.53
C TYR C 3891 55.39 -31.41 -21.29
N SER C 3892 54.70 -31.56 -20.16
CA SER C 3892 55.10 -30.82 -18.95
C SER C 3892 56.40 -31.34 -18.36
N GLY C 3893 56.64 -32.65 -18.44
CA GLY C 3893 57.78 -33.24 -17.77
C GLY C 3893 59.10 -33.13 -18.50
N LYS C 3894 59.09 -33.39 -19.81
CA LYS C 3894 60.34 -33.45 -20.56
C LYS C 3894 61.02 -32.09 -20.68
N ASP C 3895 60.28 -31.00 -20.51
CA ASP C 3895 60.83 -29.64 -20.52
C ASP C 3895 61.51 -29.29 -21.83
N ILE C 3896 61.25 -30.05 -22.90
CA ILE C 3896 61.81 -29.78 -24.21
C ILE C 3896 60.71 -29.96 -25.24
N ILE C 3897 60.61 -29.02 -26.18
CA ILE C 3897 59.57 -29.03 -27.19
C ILE C 3897 60.21 -29.41 -28.52
N ASP C 3898 59.76 -30.51 -29.10
CA ASP C 3898 60.28 -30.96 -30.38
C ASP C 3898 59.59 -30.21 -31.52
N GLU C 3899 60.05 -30.46 -32.75
CA GLU C 3899 59.49 -29.79 -33.91
C GLU C 3899 58.04 -30.22 -34.17
N GLN C 3900 57.74 -31.51 -33.97
CA GLN C 3900 56.37 -31.96 -34.12
C GLN C 3900 55.46 -31.33 -33.07
N GLY C 3901 55.96 -31.22 -31.83
CA GLY C 3901 55.21 -30.51 -30.81
C GLY C 3901 54.99 -29.06 -31.18
N GLN C 3902 56.00 -28.41 -31.76
CA GLN C 3902 55.84 -27.03 -32.21
C GLN C 3902 54.76 -26.92 -33.26
N ARG C 3903 54.75 -27.82 -34.24
CA ARG C 3903 53.75 -27.78 -35.30
C ARG C 3903 52.35 -27.99 -34.74
N ASN C 3904 52.18 -28.98 -33.86
CA ASN C 3904 50.87 -29.24 -33.28
C ASN C 3904 50.41 -28.06 -32.43
N PHE C 3905 51.31 -27.49 -31.64
CA PHE C 3905 50.97 -26.32 -30.84
C PHE C 3905 50.57 -25.15 -31.73
N SER C 3906 51.30 -24.93 -32.82
CA SER C 3906 50.96 -23.82 -33.71
C SER C 3906 49.58 -24.01 -34.33
N LYS C 3907 49.26 -25.22 -34.77
CA LYS C 3907 47.93 -25.48 -35.32
C LYS C 3907 46.84 -25.27 -34.28
N ALA C 3908 47.07 -25.76 -33.06
CA ALA C 3908 46.09 -25.57 -32.00
C ALA C 3908 45.91 -24.09 -31.68
N ILE C 3909 47.01 -23.34 -31.65
CA ILE C 3909 46.93 -21.91 -31.37
C ILE C 3909 46.13 -21.19 -32.45
N GLN C 3910 46.38 -21.53 -33.71
CA GLN C 3910 45.62 -20.89 -34.79
C GLN C 3910 44.13 -21.22 -34.70
N VAL C 3911 43.80 -22.48 -34.44
CA VAL C 3911 42.39 -22.86 -34.35
C VAL C 3911 41.71 -22.14 -33.19
N ALA C 3912 42.37 -22.12 -32.02
CA ALA C 3912 41.79 -21.45 -30.87
C ALA C 3912 41.66 -19.95 -31.10
N LYS C 3913 42.65 -19.36 -31.77
CA LYS C 3913 42.58 -17.94 -32.09
C LYS C 3913 41.39 -17.63 -33.00
N GLN C 3914 41.17 -18.47 -34.00
CA GLN C 3914 40.02 -18.26 -34.87
C GLN C 3914 38.71 -18.40 -34.12
N VAL C 3915 38.63 -19.39 -33.22
CA VAL C 3915 37.41 -19.56 -32.42
C VAL C 3915 37.18 -18.34 -31.54
N PHE C 3916 38.25 -17.83 -30.92
CA PHE C 3916 38.11 -16.65 -30.08
C PHE C 3916 37.66 -15.44 -30.88
N ASN C 3917 38.22 -15.25 -32.08
CA ASN C 3917 37.81 -14.14 -32.91
C ASN C 3917 36.34 -14.27 -33.31
N THR C 3918 35.90 -15.49 -33.61
CA THR C 3918 34.48 -15.69 -33.92
C THR C 3918 33.59 -15.33 -32.74
N LEU C 3919 34.00 -15.73 -31.54
CA LEU C 3919 33.22 -15.38 -30.35
C LEU C 3919 33.20 -13.87 -30.11
N THR C 3920 34.34 -13.20 -30.31
CA THR C 3920 34.37 -11.75 -30.19
C THR C 3920 33.40 -11.12 -31.16
N GLU C 3921 33.42 -11.56 -32.42
CA GLU C 3921 32.52 -11.00 -33.41
C GLU C 3921 31.07 -11.27 -33.05
N TYR C 3922 30.79 -12.41 -32.41
CA TYR C 3922 29.43 -12.66 -31.91
C TYR C 3922 29.04 -11.63 -30.86
N ILE C 3923 29.94 -11.33 -29.93
CA ILE C 3923 29.58 -10.53 -28.76
C ILE C 3923 29.87 -9.05 -28.92
N GLN C 3924 30.37 -8.61 -30.08
CA GLN C 3924 30.69 -7.21 -30.24
C GLN C 3924 29.42 -6.36 -30.21
N GLY C 3925 29.61 -5.07 -29.92
CA GLY C 3925 28.51 -4.15 -29.82
C GLY C 3925 27.65 -4.45 -28.60
N PRO C 3926 26.46 -3.88 -28.56
CA PRO C 3926 25.53 -4.13 -27.46
C PRO C 3926 24.62 -5.33 -27.72
N CYS C 3927 25.23 -6.48 -28.03
CA CYS C 3927 24.48 -7.72 -28.24
C CYS C 3927 24.22 -8.35 -26.88
N THR C 3928 23.14 -7.89 -26.25
CA THR C 3928 22.81 -8.35 -24.90
C THR C 3928 22.54 -9.85 -24.88
N GLY C 3929 21.81 -10.35 -25.87
CA GLY C 3929 21.50 -11.77 -25.89
C GLY C 3929 22.75 -12.63 -25.98
N ASN C 3930 23.66 -12.28 -26.90
CA ASN C 3930 24.89 -13.03 -27.04
C ASN C 3930 25.75 -12.91 -25.78
N GLN C 3931 25.82 -11.72 -25.19
CA GLN C 3931 26.61 -11.56 -23.98
C GLN C 3931 26.07 -12.43 -22.84
N GLN C 3932 24.75 -12.45 -22.66
CA GLN C 3932 24.17 -13.29 -21.62
C GLN C 3932 24.37 -14.78 -21.92
N SER C 3933 24.26 -15.17 -23.20
CA SER C 3933 24.47 -16.56 -23.55
C SER C 3933 25.89 -17.01 -23.22
N LEU C 3934 26.89 -16.19 -23.58
CA LEU C 3934 28.27 -16.55 -23.25
C LEU C 3934 28.52 -16.47 -21.74
N ALA C 3935 27.85 -15.55 -21.05
CA ALA C 3935 28.02 -15.48 -19.60
C ALA C 3935 27.49 -16.73 -18.92
N HIS C 3936 26.35 -17.24 -19.39
CA HIS C 3936 25.75 -18.42 -18.80
C HIS C 3936 26.30 -19.72 -19.38
N SER C 3937 27.14 -19.65 -20.40
CA SER C 3937 27.70 -20.85 -21.01
C SER C 3937 28.90 -21.33 -20.20
N ARG C 3938 29.64 -22.28 -20.78
CA ARG C 3938 30.78 -22.91 -20.11
C ARG C 3938 32.07 -22.12 -20.33
N LEU C 3939 31.99 -20.95 -20.95
CA LEU C 3939 33.19 -20.19 -21.32
C LEU C 3939 34.04 -19.85 -20.11
N TRP C 3940 33.43 -19.73 -18.93
CA TRP C 3940 34.18 -19.30 -17.75
C TRP C 3940 35.14 -20.37 -17.26
N ASP C 3941 34.96 -21.62 -17.64
CA ASP C 3941 35.94 -22.65 -17.32
C ASP C 3941 37.03 -22.74 -18.39
N ALA C 3942 36.65 -22.56 -19.66
CA ALA C 3942 37.63 -22.60 -20.73
C ALA C 3942 38.62 -21.46 -20.59
N VAL C 3943 38.16 -20.27 -20.20
CA VAL C 3943 39.07 -19.13 -20.05
C VAL C 3943 40.06 -19.39 -18.92
N VAL C 3944 39.60 -19.97 -17.81
CA VAL C 3944 40.49 -20.29 -16.70
C VAL C 3944 41.54 -21.32 -17.12
N GLY C 3945 41.09 -22.36 -17.84
CA GLY C 3945 42.04 -23.33 -18.35
C GLY C 3945 43.06 -22.72 -19.27
N PHE C 3946 42.62 -21.81 -20.14
CA PHE C 3946 43.55 -21.12 -21.04
C PHE C 3946 44.56 -20.29 -20.25
N LEU C 3947 44.10 -19.59 -19.20
CA LEU C 3947 45.04 -18.82 -18.39
C LEU C 3947 46.08 -19.72 -17.74
N HIS C 3948 45.63 -20.85 -17.19
CA HIS C 3948 46.55 -21.80 -16.55
C HIS C 3948 47.59 -22.30 -17.55
N VAL C 3949 47.13 -22.79 -18.70
CA VAL C 3949 48.04 -23.38 -19.66
C VAL C 3949 48.98 -22.30 -20.23
N PHE C 3950 48.48 -21.08 -20.41
CA PHE C 3950 49.33 -20.03 -20.95
C PHE C 3950 50.40 -19.62 -19.96
N ALA C 3951 50.03 -19.52 -18.68
CA ALA C 3951 51.02 -19.21 -17.66
C ALA C 3951 52.12 -20.26 -17.63
N HIS C 3952 51.75 -21.54 -17.61
CA HIS C 3952 52.77 -22.58 -17.53
C HIS C 3952 53.60 -22.67 -18.81
N MET C 3953 52.96 -22.53 -19.98
CA MET C 3953 53.70 -22.56 -21.23
C MET C 3953 54.67 -21.40 -21.34
N GLN C 3954 54.26 -20.20 -20.95
CA GLN C 3954 55.18 -19.08 -21.02
C GLN C 3954 56.31 -19.23 -20.00
N MET C 3955 56.01 -19.79 -18.82
CA MET C 3955 57.06 -20.05 -17.85
C MET C 3955 58.11 -21.00 -18.39
N LYS C 3956 57.67 -22.07 -19.07
CA LYS C 3956 58.62 -23.00 -19.67
C LYS C 3956 59.32 -22.41 -20.88
N LEU C 3957 58.61 -21.58 -21.66
CA LEU C 3957 59.13 -21.06 -22.92
C LEU C 3957 60.15 -19.95 -22.72
N SER C 3958 60.04 -19.20 -21.63
CA SER C 3958 60.99 -18.11 -21.40
C SER C 3958 62.41 -18.64 -21.28
N GLN C 3959 62.58 -19.82 -20.67
CA GLN C 3959 63.92 -20.37 -20.47
C GLN C 3959 64.57 -20.75 -21.80
N ASP C 3960 63.84 -21.44 -22.66
CA ASP C 3960 64.40 -21.86 -23.94
C ASP C 3960 64.42 -20.70 -24.92
N SER C 3961 65.25 -20.85 -25.96
CA SER C 3961 65.42 -19.81 -26.97
C SER C 3961 65.12 -20.26 -28.38
N SER C 3962 64.86 -21.55 -28.61
CA SER C 3962 64.59 -22.06 -29.95
C SER C 3962 63.11 -22.12 -30.27
N GLN C 3963 62.23 -21.65 -29.38
CA GLN C 3963 60.79 -21.72 -29.58
C GLN C 3963 60.16 -20.34 -29.44
N ILE C 3964 60.87 -19.31 -29.88
CA ILE C 3964 60.38 -17.94 -29.73
C ILE C 3964 59.12 -17.73 -30.56
N GLU C 3965 59.03 -18.38 -31.72
CA GLU C 3965 57.83 -18.25 -32.53
C GLU C 3965 56.62 -18.83 -31.81
N LEU C 3966 56.79 -20.00 -31.18
CA LEU C 3966 55.70 -20.57 -30.40
C LEU C 3966 55.33 -19.67 -29.23
N LEU C 3967 56.33 -19.05 -28.59
CA LEU C 3967 56.04 -18.11 -27.51
C LEU C 3967 55.20 -16.94 -28.01
N LYS C 3968 55.58 -16.38 -29.17
CA LYS C 3968 54.81 -15.26 -29.73
C LYS C 3968 53.39 -15.67 -30.08
N GLU C 3969 53.21 -16.87 -30.63
CA GLU C 3969 51.85 -17.35 -30.90
C GLU C 3969 51.05 -17.47 -29.60
N LEU C 3970 51.70 -17.95 -28.54
CA LEU C 3970 51.04 -18.04 -27.25
C LEU C 3970 50.58 -16.67 -26.75
N MET C 3971 51.46 -15.67 -26.85
CA MET C 3971 51.08 -14.33 -26.41
C MET C 3971 49.97 -13.76 -27.28
N ASP C 3972 49.99 -14.03 -28.58
CA ASP C 3972 48.92 -13.55 -29.46
C ASP C 3972 47.58 -14.15 -29.07
N LEU C 3973 47.57 -15.45 -28.76
CA LEU C 3973 46.31 -16.06 -28.33
C LEU C 3973 45.84 -15.51 -26.99
N GLN C 3974 46.79 -15.21 -26.08
CA GLN C 3974 46.40 -14.56 -24.83
C GLN C 3974 45.79 -13.18 -25.09
N LYS C 3975 46.38 -12.43 -26.02
CA LYS C 3975 45.83 -11.12 -26.37
C LYS C 3975 44.42 -11.26 -26.93
N ASP C 3976 44.19 -12.26 -27.77
CA ASP C 3976 42.84 -12.47 -28.30
C ASP C 3976 41.87 -12.84 -27.19
N MET C 3977 42.31 -13.64 -26.22
CA MET C 3977 41.43 -13.98 -25.11
C MET C 3977 41.03 -12.75 -24.30
N VAL C 3978 42.00 -11.89 -24.00
CA VAL C 3978 41.66 -10.71 -23.20
C VAL C 3978 40.83 -9.72 -24.02
N VAL C 3979 41.02 -9.68 -25.34
CA VAL C 3979 40.14 -8.88 -26.18
C VAL C 3979 38.73 -9.43 -26.14
N MET C 3980 38.59 -10.76 -26.10
CA MET C 3980 37.28 -11.37 -25.93
C MET C 3980 36.64 -10.97 -24.60
N LEU C 3981 37.44 -10.95 -23.53
CA LEU C 3981 36.92 -10.54 -22.24
C LEU C 3981 36.47 -9.08 -22.27
N LEU C 3982 37.24 -8.21 -22.93
CA LEU C 3982 36.83 -6.82 -23.07
C LEU C 3982 35.53 -6.70 -23.85
N SER C 3983 35.40 -7.50 -24.92
CA SER C 3983 34.16 -7.48 -25.70
C SER C 3983 32.98 -7.97 -24.88
N MET C 3984 33.21 -8.91 -23.97
CA MET C 3984 32.17 -9.26 -23.01
C MET C 3984 31.81 -8.08 -22.12
N LEU C 3985 32.82 -7.35 -21.64
CA LEU C 3985 32.60 -6.16 -20.83
C LEU C 3985 32.27 -4.93 -21.67
N GLU C 3986 31.90 -5.12 -22.93
CA GLU C 3986 31.57 -3.99 -23.80
C GLU C 3986 30.47 -3.11 -23.21
N GLY C 3987 29.41 -3.74 -22.72
CA GLY C 3987 28.29 -2.98 -22.16
C GLY C 3987 28.14 -3.15 -20.66
N ASN C 3988 29.26 -3.18 -19.94
CA ASN C 3988 29.24 -3.44 -18.51
C ASN C 3988 28.75 -2.21 -17.74
N VAL C 3989 27.78 -2.42 -16.86
CA VAL C 3989 27.32 -1.40 -15.93
C VAL C 3989 28.18 -1.50 -14.67
N VAL C 3990 28.12 -0.47 -13.82
CA VAL C 3990 28.93 -0.48 -12.60
C VAL C 3990 28.57 -1.67 -11.72
N ASN C 3991 27.28 -1.90 -11.50
CA ASN C 3991 26.83 -3.10 -10.79
C ASN C 3991 26.52 -4.21 -11.80
N GLY C 3992 27.57 -4.64 -12.49
CA GLY C 3992 27.42 -5.57 -13.60
C GLY C 3992 27.49 -7.01 -13.14
N THR C 3993 26.48 -7.79 -13.51
CA THR C 3993 26.53 -9.23 -13.26
C THR C 3993 27.68 -9.87 -14.01
N ILE C 3994 27.94 -9.41 -15.24
CA ILE C 3994 29.10 -9.88 -15.98
C ILE C 3994 30.38 -9.51 -15.23
N GLY C 3995 30.40 -8.34 -14.60
CA GLY C 3995 31.55 -7.97 -13.78
C GLY C 3995 31.75 -8.90 -12.60
N LYS C 3996 30.65 -9.27 -11.93
CA LYS C 3996 30.75 -10.21 -10.82
C LYS C 3996 31.26 -11.57 -11.32
N GLN C 3997 30.74 -12.03 -12.45
CA GLN C 3997 31.22 -13.31 -12.99
C GLN C 3997 32.70 -13.23 -13.35
N MET C 3998 33.15 -12.10 -13.90
CA MET C 3998 34.55 -11.98 -14.28
C MET C 3998 35.45 -11.92 -13.05
N VAL C 3999 35.03 -11.22 -12.00
CA VAL C 3999 35.87 -11.19 -10.80
C VAL C 3999 35.88 -12.55 -10.12
N ASP C 4000 34.77 -13.29 -10.19
CA ASP C 4000 34.79 -14.67 -9.70
C ASP C 4000 35.75 -15.53 -10.52
N MET C 4001 35.74 -15.35 -11.84
CA MET C 4001 36.74 -15.99 -12.70
C MET C 4001 38.15 -15.69 -12.23
N LEU C 4002 38.42 -14.42 -11.95
CA LEU C 4002 39.76 -14.03 -11.52
C LEU C 4002 40.15 -14.69 -10.20
N VAL C 4003 39.23 -14.72 -9.24
CA VAL C 4003 39.60 -15.31 -7.95
C VAL C 4003 39.77 -16.82 -8.08
N GLU C 4004 38.99 -17.47 -8.95
CA GLU C 4004 39.23 -18.89 -9.21
C GLU C 4004 40.59 -19.12 -9.84
N SER C 4005 41.00 -18.23 -10.75
CA SER C 4005 42.31 -18.33 -11.40
C SER C 4005 43.32 -17.38 -10.77
N SER C 4006 43.24 -17.19 -9.45
CA SER C 4006 44.09 -16.22 -8.77
C SER C 4006 45.56 -16.47 -9.03
N ASN C 4007 46.03 -17.70 -8.84
CA ASN C 4007 47.46 -17.94 -8.92
C ASN C 4007 47.97 -17.68 -10.33
N ASN C 4008 47.28 -18.26 -11.33
CA ASN C 4008 47.76 -18.25 -12.71
C ASN C 4008 47.96 -16.81 -13.20
N VAL C 4009 46.95 -15.96 -12.99
CA VAL C 4009 47.08 -14.57 -13.39
C VAL C 4009 48.22 -13.90 -12.64
N GLU C 4010 48.51 -14.36 -11.41
CA GLU C 4010 49.64 -13.78 -10.68
C GLU C 4010 50.98 -14.10 -11.35
N MET C 4011 51.21 -15.35 -11.73
CA MET C 4011 52.48 -15.56 -12.44
C MET C 4011 52.48 -14.90 -13.81
N ILE C 4012 51.32 -14.77 -14.46
CA ILE C 4012 51.28 -14.05 -15.73
C ILE C 4012 51.71 -12.59 -15.54
N LEU C 4013 51.13 -11.93 -14.53
CA LEU C 4013 51.46 -10.54 -14.26
C LEU C 4013 52.92 -10.39 -13.88
N LYS C 4014 53.44 -11.29 -13.05
CA LYS C 4014 54.85 -11.22 -12.68
C LYS C 4014 55.75 -11.41 -13.89
N PHE C 4015 55.35 -12.32 -14.80
CA PHE C 4015 56.12 -12.55 -16.01
C PHE C 4015 56.18 -11.29 -16.86
N PHE C 4016 55.06 -10.58 -16.96
CA PHE C 4016 55.09 -9.29 -17.69
C PHE C 4016 55.92 -8.25 -16.96
N ASP C 4017 55.80 -8.19 -15.62
CA ASP C 4017 56.52 -7.18 -14.86
C ASP C 4017 58.02 -7.33 -15.03
N MET C 4018 58.50 -8.57 -15.11
CA MET C 4018 59.95 -8.79 -15.27
C MET C 4018 60.49 -8.01 -16.45
N PHE C 4019 59.89 -8.18 -17.63
CA PHE C 4019 60.40 -7.50 -18.82
C PHE C 4019 60.04 -6.03 -18.84
N LEU C 4020 58.88 -5.65 -18.30
CA LEU C 4020 58.54 -4.22 -18.28
C LEU C 4020 59.52 -3.44 -17.41
N LYS C 4021 59.98 -4.03 -16.31
CA LYS C 4021 61.02 -3.40 -15.52
C LYS C 4021 62.39 -3.53 -16.16
N LEU C 4022 62.63 -4.60 -16.92
CA LEU C 4022 63.88 -4.74 -17.65
C LEU C 4022 64.06 -3.62 -18.64
N LYS C 4023 62.96 -3.18 -19.27
CA LYS C 4023 63.06 -2.10 -20.25
C LYS C 4023 63.64 -0.84 -19.63
N ASP C 4024 63.17 -0.46 -18.44
CA ASP C 4024 63.72 0.71 -17.76
C ASP C 4024 65.08 0.41 -17.13
N LEU C 4025 65.32 -0.85 -16.78
CA LEU C 4025 66.63 -1.26 -16.26
C LEU C 4025 67.72 -1.01 -17.28
N THR C 4026 67.44 -1.30 -18.55
CA THR C 4026 68.44 -1.14 -19.59
C THR C 4026 68.88 0.31 -19.74
N SER C 4027 67.93 1.25 -19.70
CA SER C 4027 68.19 2.63 -20.03
C SER C 4027 68.79 3.45 -18.88
N SER C 4028 69.30 2.81 -17.83
CA SER C 4028 69.91 3.53 -16.74
C SER C 4028 71.29 4.05 -17.15
N ASP C 4029 71.69 5.19 -16.56
CA ASP C 4029 72.95 5.82 -16.92
C ASP C 4029 74.13 4.90 -16.59
N THR C 4030 74.15 4.35 -15.37
CA THR C 4030 75.20 3.42 -15.01
C THR C 4030 75.14 2.16 -15.86
N PHE C 4031 73.93 1.69 -16.19
CA PHE C 4031 73.81 0.53 -17.04
C PHE C 4031 74.33 0.81 -18.45
N LYS C 4032 74.09 2.03 -18.96
CA LYS C 4032 74.59 2.36 -20.29
C LYS C 4032 76.11 2.50 -20.30
N GLU C 4033 76.68 3.16 -19.30
CA GLU C 4033 78.14 3.24 -19.25
C GLU C 4033 78.78 1.90 -18.91
N TYR C 4034 77.99 0.96 -18.38
CA TYR C 4034 78.50 -0.37 -18.07
C TYR C 4034 78.99 -1.10 -19.31
N ASP C 4035 78.39 -0.79 -20.47
CA ASP C 4035 78.81 -1.34 -21.76
C ASP C 4035 79.25 -0.19 -22.66
N PRO C 4036 80.55 0.12 -22.69
CA PRO C 4036 81.01 1.23 -23.55
C PRO C 4036 80.81 0.97 -25.02
N ASP C 4037 81.11 -0.25 -25.49
CA ASP C 4037 81.00 -0.57 -26.91
C ASP C 4037 79.58 -0.91 -27.33
N GLY C 4038 78.69 -1.18 -26.38
CA GLY C 4038 77.35 -1.61 -26.72
C GLY C 4038 77.31 -3.06 -27.15
N LYS C 4039 76.17 -3.45 -27.74
CA LYS C 4039 75.94 -4.82 -28.19
C LYS C 4039 76.07 -5.82 -27.05
N GLY C 4040 75.69 -5.41 -25.84
CA GLY C 4040 75.75 -6.29 -24.69
C GLY C 4040 77.16 -6.67 -24.27
N VAL C 4041 77.99 -5.66 -23.99
CA VAL C 4041 79.31 -5.91 -23.43
C VAL C 4041 79.20 -6.62 -22.09
N ILE C 4042 78.06 -6.48 -21.41
CA ILE C 4042 77.81 -7.14 -20.13
C ILE C 4042 78.07 -8.64 -20.23
N SER C 4043 78.99 -9.14 -19.43
CA SER C 4043 79.05 -10.57 -19.19
C SER C 4043 77.86 -10.98 -18.34
N LYS C 4044 77.66 -12.29 -18.19
CA LYS C 4044 76.54 -12.77 -17.39
C LYS C 4044 76.69 -12.35 -15.93
N ARG C 4045 77.85 -12.65 -15.33
CA ARG C 4045 78.10 -12.26 -13.95
C ARG C 4045 78.15 -10.74 -13.80
N ASP C 4046 78.75 -10.06 -14.78
CA ASP C 4046 78.89 -8.61 -14.71
C ASP C 4046 77.51 -7.94 -14.75
N PHE C 4047 76.64 -8.40 -15.64
CA PHE C 4047 75.28 -7.88 -15.70
C PHE C 4047 74.49 -8.27 -14.45
N HIS C 4048 74.75 -9.45 -13.88
CA HIS C 4048 74.12 -9.83 -12.62
C HIS C 4048 74.44 -8.85 -11.52
N LYS C 4049 75.73 -8.55 -11.32
CA LYS C 4049 76.07 -7.59 -10.27
C LYS C 4049 75.54 -6.20 -10.61
N ALA C 4050 75.48 -5.86 -11.91
CA ALA C 4050 74.96 -4.55 -12.31
C ALA C 4050 73.51 -4.38 -11.88
N MET C 4051 72.63 -5.30 -12.25
CA MET C 4051 71.24 -5.05 -11.88
C MET C 4051 70.92 -5.52 -10.47
N GLU C 4052 71.82 -6.25 -9.82
CA GLU C 4052 71.67 -6.45 -8.37
C GLU C 4052 71.95 -5.17 -7.62
N SER C 4053 72.96 -4.40 -8.06
CA SER C 4053 73.14 -3.06 -7.53
C SER C 4053 71.97 -2.15 -7.91
N HIS C 4054 71.38 -2.38 -9.09
CA HIS C 4054 70.19 -1.64 -9.49
C HIS C 4054 69.04 -1.89 -8.52
N LYS C 4055 68.89 -3.15 -8.08
CA LYS C 4055 67.88 -3.54 -7.09
C LYS C 4055 66.46 -3.29 -7.62
N HIS C 4056 66.17 -3.93 -8.76
CA HIS C 4056 64.83 -3.91 -9.32
C HIS C 4056 64.03 -5.18 -9.05
N TYR C 4057 64.71 -6.27 -8.70
CA TYR C 4057 64.05 -7.56 -8.54
C TYR C 4057 64.61 -8.26 -7.30
N THR C 4058 64.02 -9.40 -6.98
CA THR C 4058 64.55 -10.30 -5.96
C THR C 4058 65.45 -11.34 -6.62
N GLN C 4059 66.16 -12.11 -5.78
CA GLN C 4059 67.16 -13.04 -6.28
C GLN C 4059 66.54 -14.08 -7.21
N SER C 4060 65.32 -14.52 -6.92
CA SER C 4060 64.65 -15.47 -7.79
C SER C 4060 64.44 -14.89 -9.18
N GLU C 4061 63.99 -13.63 -9.25
CA GLU C 4061 63.82 -13.01 -10.56
C GLU C 4061 65.16 -12.77 -11.24
N THR C 4062 66.20 -12.46 -10.48
CA THR C 4062 67.53 -12.29 -11.08
C THR C 4062 68.00 -13.57 -11.73
N GLU C 4063 67.88 -14.70 -11.03
CA GLU C 4063 68.32 -15.96 -11.61
C GLU C 4063 67.41 -16.41 -12.74
N PHE C 4064 66.12 -16.06 -12.68
CA PHE C 4064 65.22 -16.35 -13.79
C PHE C 4064 65.63 -15.57 -15.03
N LEU C 4065 65.99 -14.30 -14.87
CA LEU C 4065 66.49 -13.51 -15.99
C LEU C 4065 67.82 -14.04 -16.52
N LEU C 4066 68.69 -14.53 -15.62
CA LEU C 4066 69.91 -15.18 -16.08
C LEU C 4066 69.61 -16.41 -16.91
N SER C 4067 68.66 -17.23 -16.46
CA SER C 4067 68.32 -18.46 -17.18
C SER C 4067 67.75 -18.13 -18.55
N CYS C 4068 66.89 -17.13 -18.63
CA CYS C 4068 66.31 -16.73 -19.91
C CYS C 4068 67.26 -15.88 -20.74
N ALA C 4069 68.39 -15.45 -20.18
CA ALA C 4069 69.32 -14.60 -20.89
C ALA C 4069 69.93 -15.34 -22.07
N GLU C 4070 70.26 -14.59 -23.12
CA GLU C 4070 70.90 -15.18 -24.29
C GLU C 4070 72.22 -15.81 -23.89
N THR C 4071 72.39 -17.08 -24.26
CA THR C 4071 73.59 -17.84 -23.90
C THR C 4071 74.62 -17.68 -25.01
N ASP C 4072 75.57 -16.77 -24.81
CA ASP C 4072 76.66 -16.58 -25.75
C ASP C 4072 77.63 -17.75 -25.76
N GLU C 4073 77.52 -18.66 -24.79
CA GLU C 4073 78.44 -19.76 -24.57
C GLU C 4073 79.84 -19.25 -24.25
N ASN C 4074 79.98 -17.92 -24.14
CA ASN C 4074 81.23 -17.26 -23.81
C ASN C 4074 81.09 -16.36 -22.59
N GLU C 4075 80.11 -16.66 -21.73
CA GLU C 4075 79.86 -15.89 -20.51
C GLU C 4075 79.59 -14.41 -20.86
N THR C 4076 78.54 -14.21 -21.66
CA THR C 4076 78.17 -12.88 -22.12
C THR C 4076 76.69 -12.91 -22.52
N LEU C 4077 76.07 -11.73 -22.52
CA LEU C 4077 74.71 -11.58 -23.02
C LEU C 4077 74.57 -10.21 -23.65
N ASP C 4078 73.73 -10.13 -24.68
CA ASP C 4078 73.49 -8.89 -25.42
C ASP C 4078 72.11 -8.35 -25.01
N TYR C 4079 72.11 -7.37 -24.12
CA TYR C 4079 70.85 -6.89 -23.58
C TYR C 4079 70.02 -6.21 -24.65
N GLU C 4080 70.66 -5.62 -25.67
CA GLU C 4080 69.92 -4.99 -26.75
C GLU C 4080 68.98 -5.97 -27.42
N GLU C 4081 69.55 -7.04 -27.98
CA GLU C 4081 68.72 -8.06 -28.62
C GLU C 4081 67.80 -8.73 -27.62
N PHE C 4082 68.25 -8.85 -26.36
CA PHE C 4082 67.41 -9.48 -25.34
C PHE C 4082 66.11 -8.69 -25.13
N VAL C 4083 66.22 -7.37 -24.93
CA VAL C 4083 65.03 -6.57 -24.71
C VAL C 4083 64.21 -6.50 -25.98
N LYS C 4084 64.88 -6.35 -27.13
CA LYS C 4084 64.14 -6.31 -28.40
C LYS C 4084 63.33 -7.59 -28.60
N ARG C 4085 63.84 -8.73 -28.12
CA ARG C 4085 63.10 -9.97 -28.23
C ARG C 4085 61.95 -10.04 -27.23
N PHE C 4086 62.18 -9.63 -25.99
CA PHE C 4086 61.22 -9.92 -24.92
C PHE C 4086 60.25 -8.79 -24.62
N HIS C 4087 60.75 -7.57 -24.45
CA HIS C 4087 59.91 -6.48 -23.93
C HIS C 4087 58.79 -6.12 -24.90
N GLU C 4088 59.07 -6.04 -26.20
CA GLU C 4088 58.06 -5.58 -27.15
C GLU C 4088 56.83 -6.49 -27.17
N PRO C 4089 56.95 -7.81 -27.35
CA PRO C 4089 55.73 -8.63 -27.24
C PRO C 4089 55.09 -8.54 -25.87
N ALA C 4090 55.91 -8.44 -24.83
CA ALA C 4090 55.36 -8.31 -23.48
C ALA C 4090 54.51 -7.05 -23.36
N LYS C 4091 55.01 -5.93 -23.85
CA LYS C 4091 54.25 -4.69 -23.80
C LYS C 4091 52.97 -4.80 -24.63
N ASP C 4092 53.11 -5.25 -25.88
CA ASP C 4092 51.96 -5.28 -26.78
C ASP C 4092 50.85 -6.19 -26.28
N ILE C 4093 51.21 -7.28 -25.59
CA ILE C 4093 50.19 -8.20 -25.11
C ILE C 4093 49.67 -7.78 -23.74
N GLY C 4094 50.53 -7.29 -22.85
CA GLY C 4094 50.09 -6.88 -21.53
C GLY C 4094 49.36 -5.56 -21.48
N PHE C 4095 49.38 -4.77 -22.56
CA PHE C 4095 48.57 -3.56 -22.57
C PHE C 4095 47.09 -3.90 -22.43
N ASN C 4096 46.63 -4.93 -23.14
CA ASN C 4096 45.23 -5.31 -23.04
C ASN C 4096 44.90 -5.82 -21.64
N VAL C 4097 45.83 -6.54 -21.01
CA VAL C 4097 45.62 -6.97 -19.63
C VAL C 4097 45.50 -5.76 -18.70
N ALA C 4098 46.36 -4.76 -18.90
CA ALA C 4098 46.31 -3.56 -18.07
C ALA C 4098 44.99 -2.82 -18.24
N VAL C 4099 44.52 -2.68 -19.48
CA VAL C 4099 43.26 -1.97 -19.69
C VAL C 4099 42.09 -2.80 -19.15
N LEU C 4100 42.17 -4.12 -19.22
CA LEU C 4100 41.14 -4.96 -18.63
C LEU C 4100 41.07 -4.77 -17.12
N LEU C 4101 42.22 -4.78 -16.46
CA LEU C 4101 42.25 -4.57 -15.01
C LEU C 4101 41.75 -3.17 -14.66
N THR C 4102 42.13 -2.16 -15.44
CA THR C 4102 41.66 -0.82 -15.18
C THR C 4102 40.15 -0.72 -15.33
N ASN C 4103 39.60 -1.34 -16.37
CA ASN C 4103 38.15 -1.33 -16.57
C ASN C 4103 37.44 -2.03 -15.43
N LEU C 4104 37.96 -3.18 -15.00
CA LEU C 4104 37.35 -3.89 -13.88
C LEU C 4104 37.42 -3.07 -12.60
N SER C 4105 38.54 -2.39 -12.37
CA SER C 4105 38.67 -1.57 -11.16
C SER C 4105 37.69 -0.41 -11.17
N GLU C 4106 37.58 0.28 -12.31
CA GLU C 4106 36.69 1.43 -12.36
C GLU C 4106 35.22 1.02 -12.28
N HIS C 4107 34.85 -0.09 -12.91
CA HIS C 4107 33.47 -0.54 -12.87
C HIS C 4107 33.12 -1.26 -11.58
N MET C 4108 34.10 -1.76 -10.83
CA MET C 4108 33.84 -2.58 -9.65
C MET C 4108 34.48 -1.97 -8.42
N PRO C 4109 33.78 -1.12 -7.68
CA PRO C 4109 34.32 -0.58 -6.44
C PRO C 4109 33.98 -1.50 -5.27
N ASN C 4110 34.71 -1.31 -4.17
CA ASN C 4110 34.48 -2.04 -2.93
C ASN C 4110 34.60 -3.56 -3.13
N ASP C 4111 35.68 -3.96 -3.79
CA ASP C 4111 35.98 -5.38 -4.02
C ASP C 4111 37.40 -5.64 -3.53
N THR C 4112 37.51 -6.24 -2.34
CA THR C 4112 38.81 -6.45 -1.73
C THR C 4112 39.70 -7.35 -2.57
N ARG C 4113 39.12 -8.40 -3.15
CA ARG C 4113 39.89 -9.28 -4.02
C ARG C 4113 40.43 -8.52 -5.23
N LEU C 4114 39.59 -7.66 -5.82
CA LEU C 4114 40.05 -6.85 -6.95
C LEU C 4114 41.16 -5.91 -6.51
N GLN C 4115 41.07 -5.38 -5.29
CA GLN C 4115 42.15 -4.53 -4.78
C GLN C 4115 43.45 -5.33 -4.65
N THR C 4116 43.35 -6.59 -4.21
CA THR C 4116 44.54 -7.44 -4.15
C THR C 4116 45.12 -7.65 -5.54
N PHE C 4117 44.27 -7.91 -6.53
CA PHE C 4117 44.77 -8.05 -7.90
C PHE C 4117 45.46 -6.76 -8.37
N LEU C 4118 44.87 -5.61 -8.06
CA LEU C 4118 45.46 -4.34 -8.46
C LEU C 4118 46.82 -4.12 -7.80
N GLU C 4119 46.92 -4.43 -6.50
CA GLU C 4119 48.19 -4.23 -5.80
C GLU C 4119 49.25 -5.21 -6.27
N LEU C 4120 48.84 -6.40 -6.72
CA LEU C 4120 49.80 -7.30 -7.36
C LEU C 4120 50.20 -6.80 -8.74
N ALA C 4121 49.29 -6.17 -9.45
CA ALA C 4121 49.54 -5.65 -10.80
C ALA C 4121 49.83 -4.15 -10.79
N GLU C 4122 50.39 -3.63 -9.70
CA GLU C 4122 50.74 -2.22 -9.64
C GLU C 4122 51.74 -1.83 -10.72
N SER C 4123 52.70 -2.72 -11.01
CA SER C 4123 53.77 -2.38 -11.94
C SER C 4123 53.24 -2.14 -13.35
N VAL C 4124 52.41 -3.05 -13.84
CA VAL C 4124 51.89 -2.91 -15.21
C VAL C 4124 51.02 -1.66 -15.33
N LEU C 4125 50.18 -1.40 -14.33
CA LEU C 4125 49.32 -0.23 -14.38
C LEU C 4125 50.14 1.06 -14.40
N ASN C 4126 51.19 1.12 -13.57
CA ASN C 4126 52.04 2.30 -13.57
C ASN C 4126 52.77 2.45 -14.89
N TYR C 4127 53.24 1.34 -15.46
CA TYR C 4127 53.97 1.44 -16.72
C TYR C 4127 53.06 1.88 -17.87
N PHE C 4128 51.82 1.38 -17.91
CA PHE C 4128 50.91 1.67 -19.00
C PHE C 4128 50.01 2.86 -18.73
N GLN C 4129 50.17 3.54 -17.59
CA GLN C 4129 49.37 4.72 -17.32
C GLN C 4129 49.54 5.81 -18.37
N PRO C 4130 50.75 6.17 -18.81
CA PRO C 4130 50.85 7.17 -19.89
C PRO C 4130 50.23 6.73 -21.20
N PHE C 4131 50.28 5.44 -21.52
CA PHE C 4131 49.75 4.96 -22.79
C PHE C 4131 48.25 4.72 -22.77
N LEU C 4132 47.63 4.73 -21.60
CA LEU C 4132 46.20 4.44 -21.49
C LEU C 4132 45.41 5.74 -21.55
N GLY C 4133 44.49 5.82 -22.52
CA GLY C 4133 43.62 6.98 -22.68
C GLY C 4133 42.19 6.60 -22.41
N ARG C 4134 41.45 7.51 -21.76
CA ARG C 4134 40.08 7.27 -21.32
C ARG C 4134 39.17 8.35 -21.90
N ILE C 4135 38.03 7.92 -22.45
CA ILE C 4135 37.04 8.80 -23.04
C ILE C 4135 35.68 8.44 -22.48
N GLU C 4136 34.82 9.44 -22.31
CA GLU C 4136 33.44 9.21 -21.89
C GLU C 4136 32.51 9.48 -23.06
N ILE C 4137 31.58 8.56 -23.30
CA ILE C 4137 30.66 8.63 -24.42
C ILE C 4137 29.23 8.58 -23.88
N MET C 4138 28.40 9.52 -24.34
CA MET C 4138 27.02 9.62 -23.86
C MET C 4138 26.09 8.70 -24.64
N GLY C 4139 26.10 8.82 -25.97
CA GLY C 4139 25.08 8.18 -26.79
C GLY C 4139 25.11 6.66 -26.76
N SER C 4140 26.16 6.06 -26.21
CA SER C 4140 26.24 4.60 -26.12
C SER C 4140 25.16 4.10 -25.17
N ALA C 4141 24.09 3.54 -25.74
CA ALA C 4141 22.99 2.95 -24.97
C ALA C 4141 22.33 3.96 -24.04
N LYS C 4142 22.36 5.24 -24.42
CA LYS C 4142 21.77 6.33 -23.66
C LYS C 4142 22.33 6.46 -22.25
N ARG C 4143 23.55 5.99 -22.03
CA ARG C 4143 24.20 6.11 -20.74
C ARG C 4143 25.67 6.47 -20.95
N ILE C 4144 26.26 7.13 -19.95
CA ILE C 4144 27.66 7.48 -20.03
C ILE C 4144 28.50 6.23 -19.86
N GLU C 4145 29.41 6.00 -20.79
CA GLU C 4145 30.25 4.82 -20.80
C GLU C 4145 31.69 5.22 -21.01
N ARG C 4146 32.61 4.54 -20.32
CA ARG C 4146 34.03 4.82 -20.40
C ARG C 4146 34.69 3.86 -21.37
N VAL C 4147 35.46 4.40 -22.31
CA VAL C 4147 36.21 3.61 -23.27
C VAL C 4147 37.70 3.89 -23.08
N TYR C 4148 38.50 2.85 -23.26
CA TYR C 4148 39.94 2.92 -23.06
C TYR C 4148 40.64 2.56 -24.34
N PHE C 4149 41.77 3.22 -24.60
CA PHE C 4149 42.50 3.00 -25.83
C PHE C 4149 43.98 3.28 -25.60
N GLU C 4150 44.78 3.06 -26.64
CA GLU C 4150 46.22 3.21 -26.59
C GLU C 4150 46.64 4.51 -27.24
N ILE C 4151 47.60 5.19 -26.63
CA ILE C 4151 48.15 6.45 -27.12
C ILE C 4151 49.64 6.26 -27.36
N SER C 4152 50.11 6.63 -28.55
CA SER C 4152 51.51 6.48 -28.90
C SER C 4152 52.33 7.61 -28.30
N GLU C 4153 53.53 7.27 -27.84
CA GLU C 4153 54.45 8.29 -27.35
C GLU C 4153 54.83 9.26 -28.46
N SER C 4154 54.87 8.80 -29.70
CA SER C 4154 55.07 9.70 -30.83
C SER C 4154 53.94 10.72 -30.92
N SER C 4155 52.70 10.28 -30.75
CA SER C 4155 51.57 11.19 -30.76
C SER C 4155 51.67 12.17 -29.60
N ARG C 4156 52.09 11.70 -28.43
CA ARG C 4156 52.26 12.61 -27.29
C ARG C 4156 53.32 13.67 -27.59
N THR C 4157 54.45 13.27 -28.17
CA THR C 4157 55.51 14.23 -28.48
C THR C 4157 55.02 15.25 -29.50
N GLN C 4158 54.33 14.78 -30.55
CA GLN C 4158 53.81 15.70 -31.54
C GLN C 4158 52.79 16.65 -30.94
N TRP C 4159 52.03 16.19 -29.95
CA TRP C 4159 51.14 17.10 -29.23
C TRP C 4159 51.93 18.15 -28.46
N GLU C 4160 53.05 17.75 -27.85
CA GLU C 4160 53.88 18.69 -27.14
C GLU C 4160 54.68 19.61 -28.04
N LYS C 4161 54.68 19.38 -29.36
CA LYS C 4161 55.34 20.30 -30.27
C LYS C 4161 54.78 21.72 -30.10
N PRO C 4162 55.64 22.75 -30.14
CA PRO C 4162 55.17 24.11 -29.81
C PRO C 4162 54.07 24.64 -30.72
N GLN C 4163 54.14 24.37 -32.01
CA GLN C 4163 53.12 24.90 -32.92
C GLN C 4163 51.76 24.28 -32.63
N VAL C 4164 51.73 23.02 -32.24
CA VAL C 4164 50.47 22.38 -31.87
C VAL C 4164 49.88 23.07 -30.64
N LYS C 4165 50.72 23.40 -29.67
CA LYS C 4165 50.24 24.09 -28.47
C LYS C 4165 49.71 25.48 -28.82
N GLU C 4166 50.40 26.19 -29.72
CA GLU C 4166 49.93 27.50 -30.14
C GLU C 4166 48.57 27.40 -30.83
N SER C 4167 48.42 26.41 -31.72
CA SER C 4167 47.13 26.18 -32.36
C SER C 4167 46.06 25.87 -31.33
N LYS C 4168 46.40 25.07 -30.32
CA LYS C 4168 45.45 24.74 -29.27
C LYS C 4168 44.97 25.97 -28.53
N ARG C 4169 45.91 26.83 -28.11
CA ARG C 4169 45.49 28.01 -27.35
C ARG C 4169 44.67 28.95 -28.20
N GLN C 4170 45.05 29.13 -29.48
CA GLN C 4170 44.25 29.97 -30.36
C GLN C 4170 42.85 29.41 -30.51
N PHE C 4171 42.72 28.10 -30.70
CA PHE C 4171 41.41 27.48 -30.83
C PHE C 4171 40.57 27.67 -29.57
N ILE C 4172 41.19 27.46 -28.40
CA ILE C 4172 40.45 27.61 -27.15
C ILE C 4172 39.95 29.04 -26.99
N PHE C 4173 40.82 30.02 -27.28
CA PHE C 4173 40.39 31.41 -27.18
C PHE C 4173 39.25 31.69 -28.14
N ASP C 4174 39.35 31.21 -29.38
CA ASP C 4174 38.29 31.48 -30.35
C ASP C 4174 36.97 30.85 -29.93
N VAL C 4175 37.00 29.61 -29.44
CA VAL C 4175 35.75 28.93 -29.12
C VAL C 4175 35.13 29.48 -27.85
N VAL C 4176 35.95 29.89 -26.87
CA VAL C 4176 35.39 30.34 -25.59
C VAL C 4176 34.95 31.79 -25.69
N ASN C 4177 35.79 32.66 -26.25
CA ASN C 4177 35.47 34.07 -26.31
C ASN C 4177 34.24 34.35 -27.16
N GLU C 4178 34.12 33.67 -28.28
CA GLU C 4178 33.01 33.90 -29.21
C GLU C 4178 32.45 32.57 -29.68
N GLY C 4179 31.19 32.60 -30.10
CA GLY C 4179 30.52 31.44 -30.63
C GLY C 4179 29.72 30.64 -29.62
N GLY C 4180 29.91 30.90 -28.32
CA GLY C 4180 29.17 30.16 -27.31
C GLY C 4180 29.50 28.69 -27.34
N GLU C 4181 28.49 27.86 -27.07
CA GLU C 4181 28.63 26.42 -27.10
C GLU C 4181 27.65 25.75 -28.05
N LYS C 4182 26.94 26.53 -28.86
CA LYS C 4182 25.99 25.95 -29.81
C LYS C 4182 26.70 25.10 -30.86
N GLU C 4183 27.84 25.59 -31.38
CA GLU C 4183 28.63 24.88 -32.37
C GLU C 4183 29.97 24.43 -31.80
N LYS C 4184 30.05 24.31 -30.47
CA LYS C 4184 31.32 24.01 -29.82
C LYS C 4184 31.84 22.65 -30.23
N MET C 4185 30.96 21.65 -30.32
CA MET C 4185 31.41 20.31 -30.69
C MET C 4185 31.92 20.26 -32.12
N GLU C 4186 31.23 20.95 -33.04
CA GLU C 4186 31.71 20.99 -34.42
C GLU C 4186 33.05 21.70 -34.53
N LEU C 4187 33.19 22.82 -33.81
CA LEU C 4187 34.48 23.52 -33.82
C LEU C 4187 35.57 22.64 -33.23
N PHE C 4188 35.26 21.88 -32.18
CA PHE C 4188 36.26 20.99 -31.59
C PHE C 4188 36.65 19.89 -32.57
N VAL C 4189 35.69 19.32 -33.30
CA VAL C 4189 36.01 18.27 -34.26
C VAL C 4189 36.89 18.82 -35.38
N ASN C 4190 36.55 20.01 -35.89
CA ASN C 4190 37.38 20.62 -36.92
C ASN C 4190 38.78 20.90 -36.39
N PHE C 4191 38.88 21.38 -35.15
CA PHE C 4191 40.19 21.60 -34.54
C PHE C 4191 40.96 20.31 -34.42
N CYS C 4192 40.29 19.21 -34.06
CA CYS C 4192 40.97 17.92 -33.95
C CYS C 4192 41.52 17.47 -35.29
N GLU C 4193 40.74 17.63 -36.35
CA GLU C 4193 41.22 17.23 -37.68
C GLU C 4193 42.42 18.08 -38.11
N ASP C 4194 42.31 19.40 -37.96
CA ASP C 4194 43.42 20.28 -38.33
C ASP C 4194 44.65 19.96 -37.49
N THR C 4195 44.45 19.64 -36.21
CA THR C 4195 45.58 19.39 -35.33
C THR C 4195 46.27 18.07 -35.66
N ILE C 4196 45.51 17.02 -35.96
CA ILE C 4196 46.16 15.77 -36.32
C ILE C 4196 46.91 15.92 -37.63
N PHE C 4197 46.36 16.70 -38.57
CA PHE C 4197 47.13 17.00 -39.79
C PHE C 4197 48.40 17.76 -39.46
N GLU C 4198 48.31 18.72 -38.54
CA GLU C 4198 49.49 19.52 -38.18
C GLU C 4198 50.57 18.66 -37.53
N MET C 4199 50.16 17.73 -36.65
CA MET C 4199 51.17 16.87 -36.03
C MET C 4199 51.73 15.84 -37.01
N GLN C 4200 50.94 15.39 -37.98
CA GLN C 4200 51.52 14.55 -39.03
C GLN C 4200 52.56 15.34 -39.82
N LEU C 4201 52.26 16.60 -40.14
CA LEU C 4201 53.23 17.44 -40.82
C LEU C 4201 54.48 17.64 -39.99
N ALA C 4202 54.32 17.86 -38.68
CA ALA C 4202 55.47 18.06 -37.80
C ALA C 4202 56.31 16.79 -37.72
N ALA C 4203 55.68 15.62 -37.63
CA ALA C 4203 56.42 14.37 -37.64
C ALA C 4203 57.16 14.18 -38.95
N GLN C 4204 56.56 14.60 -40.06
CA GLN C 4204 57.28 14.61 -41.33
C GLN C 4204 58.50 15.51 -41.27
N ILE C 4205 58.36 16.68 -40.65
CA ILE C 4205 59.49 17.57 -40.44
C ILE C 4205 60.40 17.02 -39.36
N PHE C 4478 72.73 12.66 -58.92
CA PHE C 4478 73.00 13.83 -58.09
C PHE C 4478 71.72 14.62 -57.81
N TRP C 4479 70.72 14.43 -58.67
CA TRP C 4479 69.44 15.11 -58.44
C TRP C 4479 68.77 14.62 -57.16
N LYS C 4480 68.83 13.31 -56.90
CA LYS C 4480 68.29 12.81 -55.64
C LYS C 4480 69.00 13.43 -54.45
N LYS C 4481 70.33 13.55 -54.53
CA LYS C 4481 71.10 14.13 -53.43
C LYS C 4481 70.70 15.58 -53.20
N ILE C 4482 70.60 16.37 -54.27
CA ILE C 4482 70.29 17.79 -54.09
C ILE C 4482 68.86 17.97 -53.61
N ILE C 4483 67.92 17.15 -54.09
CA ILE C 4483 66.55 17.23 -53.59
C ILE C 4483 66.49 16.87 -52.11
N ALA C 4484 67.22 15.82 -51.70
CA ALA C 4484 67.25 15.47 -50.28
C ALA C 4484 67.85 16.61 -49.46
N TYR C 4485 68.92 17.23 -49.96
CA TYR C 4485 69.57 18.31 -49.23
C TYR C 4485 68.62 19.51 -49.08
N GLN C 4486 67.93 19.88 -50.15
CA GLN C 4486 67.04 21.04 -50.06
C GLN C 4486 65.83 20.74 -49.20
N GLN C 4487 65.34 19.49 -49.23
CA GLN C 4487 64.24 19.12 -48.34
C GLN C 4487 64.69 19.18 -46.88
N LYS C 4488 65.89 18.70 -46.59
CA LYS C 4488 66.41 18.79 -45.23
C LYS C 4488 66.57 20.24 -44.78
N LEU C 4489 67.05 21.10 -45.69
CA LEU C 4489 67.20 22.51 -45.35
C LEU C 4489 65.85 23.16 -45.07
N LEU C 4490 64.84 22.85 -45.89
CA LEU C 4490 63.51 23.39 -45.66
C LEU C 4490 62.93 22.91 -44.35
N ASN C 4491 63.13 21.62 -44.02
CA ASN C 4491 62.66 21.10 -42.75
C ASN C 4491 63.36 21.78 -41.58
N TYR C 4492 64.67 22.03 -41.71
CA TYR C 4492 65.40 22.73 -40.66
C TYR C 4492 64.86 24.14 -40.46
N PHE C 4493 64.58 24.86 -41.55
CA PHE C 4493 64.00 26.19 -41.41
C PHE C 4493 62.64 26.13 -40.74
N ALA C 4494 61.80 25.19 -41.15
CA ALA C 4494 60.48 25.06 -40.53
C ALA C 4494 60.59 24.76 -39.04
N ARG C 4495 61.53 23.90 -38.67
CA ARG C 4495 61.73 23.58 -37.26
C ARG C 4495 62.23 24.78 -36.47
N ASN C 4496 63.15 25.55 -37.04
CA ASN C 4496 63.76 26.68 -36.34
C ASN C 4496 63.15 28.02 -36.71
N PHE C 4497 61.88 28.02 -37.13
CA PHE C 4497 61.21 29.26 -37.49
C PHE C 4497 61.15 30.24 -36.33
N TYR C 4498 60.76 29.76 -35.15
CA TYR C 4498 60.52 30.67 -34.02
C TYR C 4498 61.83 31.26 -33.48
N ASN C 4499 62.84 30.40 -33.26
CA ASN C 4499 64.10 30.89 -32.73
C ASN C 4499 64.75 31.87 -33.69
N MET C 4500 64.67 31.59 -34.98
CA MET C 4500 65.20 32.52 -35.98
C MET C 4500 64.39 33.81 -36.02
N ARG C 4501 63.09 33.74 -35.74
CA ARG C 4501 62.30 34.95 -35.60
C ARG C 4501 62.79 35.81 -34.44
N MET C 4502 63.09 35.18 -33.30
CA MET C 4502 63.65 35.92 -32.18
C MET C 4502 65.01 36.51 -32.53
N LEU C 4503 65.81 35.76 -33.28
CA LEU C 4503 67.10 36.27 -33.73
C LEU C 4503 66.92 37.50 -34.62
N ALA C 4504 65.92 37.46 -35.50
CA ALA C 4504 65.64 38.62 -36.35
C ALA C 4504 65.23 39.82 -35.51
N LEU C 4505 64.42 39.59 -34.48
CA LEU C 4505 64.05 40.69 -33.59
C LEU C 4505 65.28 41.28 -32.90
N PHE C 4506 66.18 40.42 -32.41
CA PHE C 4506 67.37 40.89 -31.73
C PHE C 4506 68.27 41.69 -32.67
N VAL C 4507 68.45 41.21 -33.91
CA VAL C 4507 69.32 41.93 -34.83
C VAL C 4507 68.67 43.24 -35.27
N ALA C 4508 67.34 43.29 -35.35
CA ALA C 4508 66.67 44.55 -35.62
C ALA C 4508 66.91 45.55 -34.50
N PHE C 4509 66.81 45.10 -33.25
CA PHE C 4509 67.11 45.99 -32.14
C PHE C 4509 68.55 46.48 -32.17
N ALA C 4510 69.48 45.59 -32.50
CA ALA C 4510 70.89 45.99 -32.56
C ALA C 4510 71.13 47.01 -33.66
N ILE C 4511 70.52 46.79 -34.84
CA ILE C 4511 70.73 47.72 -35.95
C ILE C 4511 70.09 49.07 -35.63
N ASN C 4512 68.96 49.09 -34.92
CA ASN C 4512 68.38 50.35 -34.51
C ASN C 4512 69.27 51.06 -33.48
N PHE C 4513 69.86 50.30 -32.57
CA PHE C 4513 70.80 50.88 -31.62
C PHE C 4513 71.99 51.53 -32.33
N ILE C 4514 72.52 50.86 -33.35
CA ILE C 4514 73.62 51.45 -34.11
C ILE C 4514 73.16 52.69 -34.86
N LEU C 4515 71.97 52.63 -35.49
CA LEU C 4515 71.45 53.79 -36.20
C LEU C 4515 71.17 54.97 -35.28
N LEU C 4516 70.99 54.71 -33.99
CA LEU C 4516 70.75 55.81 -33.05
C LEU C 4516 71.88 56.83 -33.05
N PHE C 4517 73.12 56.41 -33.32
CA PHE C 4517 74.26 57.32 -33.36
C PHE C 4517 74.41 57.88 -34.78
N TYR C 4518 73.53 58.82 -35.11
CA TYR C 4518 73.53 59.48 -36.40
C TYR C 4518 73.45 60.99 -36.21
N LYS C 4519 74.22 61.73 -37.01
CA LYS C 4519 74.25 63.17 -36.93
C LYS C 4519 74.43 63.76 -38.32
N VAL C 4520 73.76 64.87 -38.57
CA VAL C 4520 73.85 65.55 -39.86
C VAL C 4520 75.13 66.38 -39.90
N SER C 4521 75.77 66.42 -41.06
CA SER C 4521 76.97 67.21 -41.24
C SER C 4521 76.96 67.94 -42.58
N VAL C 4556 74.36 68.16 -44.47
CA VAL C 4556 73.40 67.37 -45.23
C VAL C 4556 73.77 65.89 -45.15
N HIS C 4557 75.07 65.60 -45.12
CA HIS C 4557 75.53 64.22 -45.04
C HIS C 4557 75.20 63.63 -43.67
N TYR C 4558 74.69 62.41 -43.66
CA TYR C 4558 74.32 61.73 -42.43
C TYR C 4558 75.51 60.88 -41.97
N VAL C 4559 76.46 61.54 -41.34
CA VAL C 4559 77.64 60.86 -40.82
C VAL C 4559 77.27 60.11 -39.55
N LEU C 4560 77.68 58.85 -39.47
CA LEU C 4560 77.44 58.02 -38.30
C LEU C 4560 78.68 57.84 -37.45
N GLU C 4561 79.79 58.48 -37.80
CA GLU C 4561 81.06 58.30 -37.07
C GLU C 4561 81.09 59.15 -35.80
N GLU C 4562 80.06 58.94 -34.97
CA GLU C 4562 80.02 59.63 -33.68
C GLU C 4562 81.08 59.09 -32.74
N SER C 4563 81.31 57.77 -32.77
CA SER C 4563 82.30 57.13 -31.92
C SER C 4563 83.63 57.05 -32.66
N SER C 4564 84.58 56.29 -32.09
CA SER C 4564 85.89 56.15 -32.72
C SER C 4564 85.79 55.44 -34.06
N GLY C 4565 85.00 54.38 -34.14
CA GLY C 4565 84.87 53.63 -35.38
C GLY C 4565 84.20 52.29 -35.15
N TYR C 4566 84.41 51.39 -36.11
CA TYR C 4566 83.82 50.04 -36.06
C TYR C 4566 82.30 50.09 -35.96
N MET C 4567 81.69 51.02 -36.69
CA MET C 4567 80.24 51.15 -36.69
C MET C 4567 79.62 50.96 -38.06
N GLU C 4568 80.16 51.59 -39.10
CA GLU C 4568 79.62 51.41 -40.44
C GLU C 4568 79.76 49.98 -40.95
N PRO C 4569 80.94 49.32 -40.84
CA PRO C 4569 81.01 47.94 -41.34
C PRO C 4569 80.08 46.99 -40.61
N THR C 4570 80.01 47.08 -39.28
CA THR C 4570 79.10 46.20 -38.56
C THR C 4570 77.65 46.56 -38.83
N LEU C 4571 77.36 47.83 -39.12
CA LEU C 4571 76.01 48.20 -39.50
C LEU C 4571 75.61 47.55 -40.83
N ARG C 4572 76.51 47.57 -41.80
CA ARG C 4572 76.24 46.92 -43.08
C ARG C 4572 76.09 45.41 -42.90
N ILE C 4573 76.96 44.81 -42.09
CA ILE C 4573 76.87 43.37 -41.84
C ILE C 4573 75.55 43.01 -41.18
N LEU C 4574 75.13 43.81 -40.19
CA LEU C 4574 73.85 43.54 -39.53
C LEU C 4574 72.68 43.74 -40.48
N ALA C 4575 72.77 44.71 -41.39
CA ALA C 4575 71.70 44.91 -42.36
C ALA C 4575 71.55 43.70 -43.27
N ILE C 4576 72.67 43.23 -43.84
CA ILE C 4576 72.58 42.10 -44.76
C ILE C 4576 72.17 40.83 -44.01
N LEU C 4577 72.65 40.67 -42.77
CA LEU C 4577 72.25 39.53 -41.96
C LEU C 4577 70.76 39.58 -41.66
N HIS C 4578 70.23 40.76 -41.35
CA HIS C 4578 68.80 40.89 -41.10
C HIS C 4578 67.99 40.52 -42.34
N THR C 4579 68.43 40.96 -43.51
CA THR C 4579 67.71 40.59 -44.73
C THR C 4579 67.73 39.09 -44.96
N ILE C 4580 68.89 38.46 -44.75
CA ILE C 4580 68.98 37.01 -44.94
C ILE C 4580 68.08 36.28 -43.95
N ILE C 4581 68.08 36.72 -42.69
CA ILE C 4581 67.24 36.08 -41.68
C ILE C 4581 65.77 36.27 -41.99
N SER C 4582 65.39 37.44 -42.50
CA SER C 4582 63.98 37.65 -42.87
C SER C 4582 63.57 36.74 -44.02
N PHE C 4583 64.45 36.59 -45.02
CA PHE C 4583 64.15 35.67 -46.11
C PHE C 4583 63.99 34.25 -45.60
N PHE C 4584 64.88 33.83 -44.70
CA PHE C 4584 64.77 32.49 -44.13
C PHE C 4584 63.50 32.34 -43.30
N CYS C 4585 63.08 33.40 -42.60
CA CYS C 4585 61.82 33.36 -41.86
C CYS C 4585 60.64 33.15 -42.80
N ILE C 4586 60.62 33.86 -43.93
CA ILE C 4586 59.51 33.70 -44.85
C ILE C 4586 59.50 32.31 -45.46
N ILE C 4587 60.70 31.75 -45.73
CA ILE C 4587 60.77 30.38 -46.24
C ILE C 4587 60.25 29.40 -45.21
N GLY C 4588 60.66 29.57 -43.95
CA GLY C 4588 60.21 28.68 -42.90
C GLY C 4588 58.70 28.73 -42.70
N TYR C 4589 58.14 29.95 -42.73
CA TYR C 4589 56.69 30.07 -42.64
C TYR C 4589 56.01 29.38 -43.80
N TYR C 4590 56.55 29.55 -45.02
CA TYR C 4590 55.95 28.92 -46.18
C TYR C 4590 55.94 27.40 -46.05
N CYS C 4591 57.03 26.82 -45.56
CA CYS C 4591 57.08 25.37 -45.44
C CYS C 4591 56.50 24.84 -44.14
N LEU C 4592 56.07 25.72 -43.23
CA LEU C 4592 55.50 25.29 -41.96
C LEU C 4592 53.99 25.49 -41.86
N LYS C 4593 53.50 26.72 -42.08
CA LYS C 4593 52.11 27.03 -41.76
C LYS C 4593 51.21 27.19 -42.98
N VAL C 4594 51.78 27.38 -44.17
CA VAL C 4594 50.97 27.42 -45.39
C VAL C 4594 50.23 26.10 -45.62
N PRO C 4595 50.86 24.92 -45.46
CA PRO C 4595 50.09 23.68 -45.67
C PRO C 4595 48.85 23.58 -44.80
N LEU C 4596 48.92 24.06 -43.55
CA LEU C 4596 47.77 23.97 -42.68
C LEU C 4596 46.60 24.80 -43.20
N VAL C 4597 46.88 26.03 -43.61
CA VAL C 4597 45.79 26.91 -44.06
C VAL C 4597 45.23 26.42 -45.40
N ILE C 4598 46.10 25.93 -46.29
CA ILE C 4598 45.56 25.41 -47.56
C ILE C 4598 44.77 24.14 -47.32
N PHE C 4599 45.17 23.32 -46.35
CA PHE C 4599 44.38 22.14 -46.00
C PHE C 4599 43.02 22.53 -45.46
N LYS C 4600 42.98 23.55 -44.60
CA LYS C 4600 41.69 24.01 -44.08
C LYS C 4600 40.79 24.51 -45.20
N ARG C 4601 41.35 25.30 -46.13
CA ARG C 4601 40.53 25.82 -47.23
C ARG C 4601 40.04 24.70 -48.14
N GLU C 4602 40.92 23.74 -48.45
CA GLU C 4602 40.51 22.61 -49.28
C GLU C 4602 39.42 21.80 -48.61
N LYS C 4603 39.55 21.57 -47.31
CA LYS C 4603 38.51 20.86 -46.58
C LYS C 4603 37.19 21.61 -46.64
N GLU C 4604 37.24 22.94 -46.47
CA GLU C 4604 36.02 23.73 -46.49
C GLU C 4604 35.34 23.65 -47.85
N VAL C 4605 36.10 23.81 -48.94
CA VAL C 4605 35.49 23.81 -50.26
C VAL C 4605 34.99 22.42 -50.62
N ALA C 4606 35.73 21.37 -50.23
CA ALA C 4606 35.28 20.02 -50.51
C ALA C 4606 33.98 19.70 -49.77
N ARG C 4607 33.88 20.12 -48.51
CA ARG C 4607 32.65 19.88 -47.77
C ARG C 4607 31.49 20.72 -48.31
N LYS C 4608 31.78 21.92 -48.81
CA LYS C 4608 30.74 22.70 -49.47
C LYS C 4608 30.24 21.99 -50.72
N LEU C 4609 31.16 21.41 -51.50
CA LEU C 4609 30.76 20.64 -52.69
C LEU C 4609 29.93 19.43 -52.30
N GLU C 4610 30.33 18.73 -51.24
CA GLU C 4610 29.64 17.50 -50.87
C GLU C 4610 28.27 17.78 -50.28
N PHE C 4611 28.22 18.48 -49.15
CA PHE C 4611 26.97 18.65 -48.43
C PHE C 4611 26.16 19.82 -48.99
N ASP C 4612 26.76 21.01 -49.05
CA ASP C 4612 26.04 22.17 -49.54
C ASP C 4612 25.81 22.08 -51.05
N GLY C 4613 26.72 21.45 -51.79
CA GLY C 4613 26.59 21.37 -53.23
C GLY C 4613 26.63 22.73 -53.88
N LEU C 4614 27.60 23.55 -53.48
CA LEU C 4614 27.65 24.93 -53.94
C LEU C 4614 27.84 25.00 -55.45
N TYR C 4615 28.97 24.52 -55.95
CA TYR C 4615 29.29 24.64 -57.36
C TYR C 4615 28.51 23.69 -58.25
N ILE C 4616 27.46 23.06 -57.73
CA ILE C 4616 26.62 22.14 -58.49
C ILE C 4616 25.21 22.69 -58.67
N THR C 4617 24.57 23.10 -57.57
CA THR C 4617 23.18 23.54 -57.63
C THR C 4617 23.04 25.04 -57.82
N GLU C 4618 23.55 25.84 -56.88
CA GLU C 4618 23.45 27.29 -56.96
C GLU C 4618 24.83 27.91 -56.78
N GLN C 4619 25.19 28.79 -57.71
CA GLN C 4619 26.53 29.36 -57.71
C GLN C 4619 26.71 30.30 -56.52
N PRO C 4620 27.95 30.45 -56.04
CA PRO C 4620 28.20 31.36 -54.92
C PRO C 4620 27.91 32.81 -55.31
N SER C 4621 27.52 33.60 -54.31
CA SER C 4621 27.22 35.01 -54.53
C SER C 4621 28.47 35.77 -54.94
N GLU C 4622 28.25 36.85 -55.70
CA GLU C 4622 29.38 37.67 -56.17
C GLU C 4622 30.12 38.32 -55.00
N ASP C 4623 29.42 38.63 -53.92
CA ASP C 4623 30.09 39.20 -52.74
C ASP C 4623 31.02 38.20 -52.09
N ASP C 4624 30.83 36.90 -52.33
CA ASP C 4624 31.70 35.87 -51.76
C ASP C 4624 32.93 35.73 -52.66
N ILE C 4625 33.86 36.68 -52.50
CA ILE C 4625 35.09 36.65 -53.28
C ILE C 4625 35.91 35.41 -52.96
N LYS C 4626 35.83 34.93 -51.71
CA LYS C 4626 36.51 33.69 -51.37
C LYS C 4626 35.95 32.51 -52.14
N GLY C 4627 34.63 32.44 -52.27
CA GLY C 4627 34.04 31.39 -53.10
C GLY C 4627 34.37 31.53 -54.56
N GLN C 4628 34.41 32.76 -55.06
CA GLN C 4628 34.78 32.98 -56.45
C GLN C 4628 36.20 32.52 -56.72
N TRP C 4629 37.12 32.83 -55.80
CA TRP C 4629 38.49 32.34 -55.95
C TRP C 4629 38.57 30.82 -55.83
N ASP C 4630 37.81 30.24 -54.91
CA ASP C 4630 37.81 28.79 -54.75
C ASP C 4630 37.20 28.08 -55.93
N ARG C 4631 36.40 28.78 -56.75
CA ARG C 4631 35.88 28.17 -57.97
C ARG C 4631 37.00 27.74 -58.91
N LEU C 4632 38.18 28.33 -58.78
CA LEU C 4632 39.28 28.00 -59.69
C LEU C 4632 39.89 26.63 -59.39
N VAL C 4633 39.84 26.18 -58.13
CA VAL C 4633 40.54 24.95 -57.76
C VAL C 4633 39.66 23.73 -57.86
N ILE C 4634 38.34 23.89 -57.99
CA ILE C 4634 37.45 22.73 -58.05
C ILE C 4634 37.62 21.93 -59.33
N ASN C 4635 38.38 22.43 -60.31
CA ASN C 4635 38.51 21.77 -61.59
C ASN C 4635 39.93 21.39 -61.96
N THR C 4636 40.91 21.65 -61.10
CA THR C 4636 42.29 21.31 -61.44
C THR C 4636 42.52 19.81 -61.21
N GLN C 4637 43.77 19.39 -61.44
CA GLN C 4637 44.10 17.97 -61.32
C GLN C 4637 44.08 17.52 -59.87
N SER C 4638 44.97 18.09 -59.05
CA SER C 4638 45.09 17.70 -57.65
C SER C 4638 44.34 18.70 -56.77
N PHE C 4639 43.01 18.59 -56.80
CA PHE C 4639 42.20 19.42 -55.92
C PHE C 4639 42.40 19.06 -54.45
N PRO C 4640 42.28 17.79 -54.02
CA PRO C 4640 42.54 17.47 -52.61
C PRO C 4640 44.01 17.12 -52.35
N ASN C 4641 44.88 18.09 -52.56
CA ASN C 4641 46.31 17.86 -52.38
C ASN C 4641 46.64 17.56 -50.92
N ASN C 4642 46.04 18.31 -49.99
CA ASN C 4642 46.27 18.11 -48.57
C ASN C 4642 45.10 17.45 -47.85
N TYR C 4643 43.89 17.54 -48.40
CA TYR C 4643 42.75 16.86 -47.81
C TYR C 4643 42.97 15.35 -47.87
N TRP C 4644 42.58 14.66 -46.79
CA TRP C 4644 42.87 13.24 -46.70
C TRP C 4644 42.12 12.44 -47.75
N ASP C 4645 40.86 12.79 -48.02
CA ASP C 4645 40.04 12.05 -48.96
C ASP C 4645 40.28 12.58 -50.37
N LYS C 4646 40.85 11.74 -51.23
CA LYS C 4646 41.10 12.09 -52.62
C LYS C 4646 39.95 11.70 -53.54
N PHE C 4647 38.85 11.16 -52.99
CA PHE C 4647 37.73 10.70 -53.78
C PHE C 4647 36.54 11.65 -53.70
N VAL C 4648 36.76 12.91 -53.33
CA VAL C 4648 35.67 13.86 -53.20
C VAL C 4648 35.00 14.09 -54.55
N LYS C 4649 35.80 14.13 -55.62
CA LYS C 4649 35.23 14.30 -56.96
C LYS C 4649 34.30 13.15 -57.31
N ARG C 4650 34.74 11.92 -57.04
CA ARG C 4650 33.90 10.77 -57.30
C ARG C 4650 32.64 10.81 -56.46
N LYS C 4651 32.76 11.21 -55.20
CA LYS C 4651 31.59 11.28 -54.33
C LYS C 4651 30.57 12.27 -54.86
N VAL C 4652 31.01 13.50 -55.20
CA VAL C 4652 30.06 14.51 -55.64
C VAL C 4652 29.46 14.12 -56.98
N MET C 4653 30.26 13.51 -57.86
CA MET C 4653 29.72 13.09 -59.15
C MET C 4653 28.68 11.98 -58.97
N ASP C 4654 28.98 10.97 -58.16
CA ASP C 4654 27.98 9.94 -57.90
C ASP C 4654 26.75 10.52 -57.20
N LYS C 4655 26.91 11.62 -56.47
CA LYS C 4655 25.78 12.23 -55.80
C LYS C 4655 24.86 12.96 -56.77
N TYR C 4656 25.42 13.72 -57.71
CA TYR C 4656 24.62 14.66 -58.49
C TYR C 4656 24.54 14.39 -59.99
N GLY C 4657 25.37 13.50 -60.54
CA GLY C 4657 25.39 13.31 -61.98
C GLY C 4657 24.12 12.69 -62.53
N GLU C 4658 23.55 11.73 -61.80
CA GLU C 4658 22.32 11.09 -62.26
C GLU C 4658 21.19 12.09 -62.39
N PHE C 4659 21.26 13.21 -61.69
CA PHE C 4659 20.25 14.26 -61.79
C PHE C 4659 20.65 15.37 -62.76
N TYR C 4660 21.95 15.62 -62.93
CA TYR C 4660 22.41 16.74 -63.74
C TYR C 4660 23.08 16.30 -65.05
N GLY C 4661 22.83 15.06 -65.50
CA GLY C 4661 23.29 14.61 -66.79
C GLY C 4661 24.70 14.04 -66.81
N ARG C 4662 25.47 14.23 -65.75
CA ARG C 4662 26.81 13.68 -65.56
C ARG C 4662 27.84 14.36 -66.46
N ASP C 4663 27.37 15.12 -67.45
CA ASP C 4663 28.26 15.71 -68.44
C ASP C 4663 28.74 17.08 -68.02
N ARG C 4664 27.81 17.94 -67.61
CA ARG C 4664 28.19 19.22 -67.04
C ARG C 4664 29.05 19.02 -65.79
N ILE C 4665 28.68 18.06 -64.95
CA ILE C 4665 29.46 17.76 -63.75
C ILE C 4665 30.83 17.22 -64.11
N SER C 4666 30.90 16.28 -65.06
CA SER C 4666 32.20 15.75 -65.47
C SER C 4666 33.09 16.86 -66.01
N GLU C 4667 32.54 17.76 -66.82
CA GLU C 4667 33.33 18.83 -67.39
C GLU C 4667 33.79 19.81 -66.30
N LEU C 4668 32.91 20.16 -65.36
CA LEU C 4668 33.27 21.17 -64.37
C LEU C 4668 34.21 20.61 -63.31
N LEU C 4669 34.25 19.29 -63.12
CA LEU C 4669 35.19 18.70 -62.17
C LEU C 4669 36.44 18.16 -62.83
N GLY C 4670 36.47 18.05 -64.17
CA GLY C 4670 37.61 17.43 -64.81
C GLY C 4670 37.58 15.93 -64.60
N MET C 4671 38.67 15.28 -65.04
CA MET C 4671 38.93 13.86 -64.85
C MET C 4671 37.96 13.00 -65.66
N ASP C 4672 36.99 13.61 -66.34
CA ASP C 4672 35.96 12.92 -67.12
C ASP C 4672 35.04 12.12 -66.21
N LYS C 4673 34.93 10.81 -66.44
CA LYS C 4673 33.96 9.97 -65.75
C LYS C 4673 34.65 9.21 -64.62
N ALA C 4674 34.36 9.60 -63.38
CA ALA C 4674 34.92 8.89 -62.23
C ALA C 4674 34.39 7.47 -62.16
N ALA C 4675 33.11 7.27 -62.47
CA ALA C 4675 32.55 5.92 -62.46
C ALA C 4675 33.22 5.03 -63.50
N LEU C 4676 33.43 5.56 -64.71
CA LEU C 4676 34.11 4.78 -65.74
C LEU C 4676 35.55 4.47 -65.35
N ASP C 4677 36.26 5.45 -64.79
CA ASP C 4677 37.64 5.22 -64.37
C ASP C 4677 37.71 4.17 -63.27
N PHE C 4678 36.81 4.26 -62.29
CA PHE C 4678 36.80 3.29 -61.20
C PHE C 4678 36.46 1.89 -61.72
N SER C 4679 35.49 1.80 -62.64
CA SER C 4679 35.15 0.50 -63.21
C SER C 4679 36.32 -0.09 -63.97
N ASP C 4680 37.02 0.71 -64.77
CA ASP C 4680 38.17 0.23 -65.50
C ASP C 4680 39.28 -0.23 -64.56
N ALA C 4681 39.56 0.55 -63.52
CA ALA C 4681 40.60 0.18 -62.57
C ALA C 4681 40.23 -1.09 -61.82
N ARG C 4682 38.97 -1.22 -61.40
CA ARG C 4682 38.54 -2.42 -60.69
C ARG C 4682 38.58 -3.65 -61.58
N GLU C 4683 38.17 -3.52 -62.84
CA GLU C 4683 38.25 -4.64 -63.76
C GLU C 4683 39.70 -5.04 -64.02
N LYS C 4684 40.57 -4.06 -64.20
CA LYS C 4684 41.99 -4.34 -64.41
C LYS C 4684 42.78 -3.10 -64.02
N LYS C 4685 43.52 -3.19 -62.91
CA LYS C 4685 44.36 -2.09 -62.49
C LYS C 4685 45.47 -1.84 -63.49
N LYS C 4686 45.84 -0.56 -63.64
CA LYS C 4686 46.87 -0.17 -64.59
C LYS C 4686 48.20 -0.84 -64.24
N PRO C 4687 48.64 -1.83 -65.03
CA PRO C 4687 49.91 -2.52 -64.76
C PRO C 4687 51.11 -1.83 -65.41
N LYS C 4688 51.26 -0.54 -65.15
CA LYS C 4688 52.36 0.23 -65.70
C LYS C 4688 52.69 1.38 -64.75
N LYS C 4689 53.91 1.89 -64.88
CA LYS C 4689 54.38 3.00 -64.07
C LYS C 4689 54.95 4.09 -64.98
N ASP C 4690 54.62 5.34 -64.67
CA ASP C 4690 55.10 6.48 -65.44
C ASP C 4690 56.46 6.90 -64.90
N SER C 4691 57.49 6.81 -65.74
CA SER C 4691 58.84 7.17 -65.32
C SER C 4691 58.91 8.67 -65.01
N SER C 4692 59.65 9.01 -63.96
CA SER C 4692 59.81 10.40 -63.55
C SER C 4692 60.95 11.02 -64.36
N LEU C 4693 60.59 11.75 -65.41
CA LEU C 4693 61.59 12.41 -66.23
C LEU C 4693 62.28 13.52 -65.44
N SER C 4694 63.59 13.64 -65.64
CA SER C 4694 64.35 14.68 -64.95
C SER C 4694 63.88 16.07 -65.37
N ALA C 4695 64.07 16.41 -66.64
CA ALA C 4695 63.68 17.73 -67.15
C ALA C 4695 62.23 17.71 -67.62
N VAL C 4696 61.34 17.39 -66.69
CA VAL C 4696 59.91 17.34 -66.99
C VAL C 4696 59.37 18.75 -67.08
N LEU C 4697 58.63 19.04 -68.15
CA LEU C 4697 58.13 20.38 -68.41
C LEU C 4697 56.75 20.56 -67.80
N ASN C 4698 56.58 21.64 -67.05
CA ASN C 4698 55.33 22.02 -66.39
C ASN C 4698 54.61 20.81 -65.78
N SER C 4699 55.34 20.09 -64.92
CA SER C 4699 54.74 18.97 -64.21
C SER C 4699 53.65 19.44 -63.25
N ILE C 4700 53.88 20.55 -62.55
CA ILE C 4700 52.90 21.03 -61.59
C ILE C 4700 51.72 21.67 -62.30
N ASP C 4701 50.59 21.70 -61.61
CA ASP C 4701 49.38 22.31 -62.14
C ASP C 4701 49.47 23.82 -61.97
N VAL C 4702 49.56 24.54 -63.08
CA VAL C 4702 49.72 25.99 -63.01
C VAL C 4702 48.51 26.64 -62.35
N LYS C 4703 47.31 26.17 -62.67
CA LYS C 4703 46.11 26.73 -62.07
C LYS C 4703 46.09 26.50 -60.56
N TYR C 4704 46.45 25.29 -60.12
CA TYR C 4704 46.48 25.01 -58.69
C TYR C 4704 47.53 25.84 -57.98
N GLN C 4705 48.70 26.02 -58.61
CA GLN C 4705 49.73 26.86 -58.01
C GLN C 4705 49.27 28.31 -57.92
N MET C 4706 48.55 28.79 -58.94
CA MET C 4706 48.01 30.15 -58.88
C MET C 4706 47.01 30.29 -57.74
N TRP C 4707 46.14 29.29 -57.57
CA TRP C 4707 45.17 29.34 -56.47
C TRP C 4707 45.88 29.32 -55.12
N LYS C 4708 46.93 28.50 -54.99
CA LYS C 4708 47.69 28.45 -53.75
C LYS C 4708 48.37 29.79 -53.47
N LEU C 4709 48.95 30.41 -54.50
CA LEU C 4709 49.54 31.73 -54.32
C LEU C 4709 48.49 32.74 -53.89
N GLY C 4710 47.30 32.68 -54.48
CA GLY C 4710 46.24 33.59 -54.09
C GLY C 4710 45.86 33.46 -52.64
N VAL C 4711 45.70 32.22 -52.17
CA VAL C 4711 45.27 32.03 -50.79
C VAL C 4711 46.38 32.42 -49.82
N VAL C 4712 47.64 32.07 -50.13
CA VAL C 4712 48.71 32.43 -49.22
C VAL C 4712 48.93 33.94 -49.20
N PHE C 4713 48.65 34.64 -50.30
CA PHE C 4713 48.77 36.09 -50.29
C PHE C 4713 47.60 36.74 -49.57
N THR C 4714 46.40 36.17 -49.66
CA THR C 4714 45.29 36.69 -48.86
C THR C 4714 45.45 36.39 -47.38
N ASP C 4715 46.29 35.41 -47.04
CA ASP C 4715 46.58 35.14 -45.63
C ASP C 4715 47.21 36.36 -44.98
N ASN C 4716 46.89 36.58 -43.70
CA ASN C 4716 47.31 37.81 -43.01
C ASN C 4716 48.77 37.73 -42.57
N SER C 4717 49.18 36.63 -41.95
CA SER C 4717 50.54 36.54 -41.43
C SER C 4717 51.57 36.60 -42.55
N PHE C 4718 51.29 35.92 -43.67
CA PHE C 4718 52.20 36.00 -44.81
C PHE C 4718 52.29 37.42 -45.35
N LEU C 4719 51.20 38.19 -45.28
CA LEU C 4719 51.27 39.60 -45.64
C LEU C 4719 52.20 40.36 -44.71
N TYR C 4720 52.16 40.05 -43.42
CA TYR C 4720 53.08 40.70 -42.48
C TYR C 4720 54.53 40.36 -42.79
N LEU C 4721 54.80 39.10 -43.13
CA LEU C 4721 56.17 38.71 -43.47
C LEU C 4721 56.62 39.36 -44.78
N ALA C 4722 55.71 39.50 -45.75
CA ALA C 4722 56.06 40.20 -46.97
C ALA C 4722 56.36 41.66 -46.69
N TRP C 4723 55.59 42.29 -45.79
CA TRP C 4723 55.88 43.65 -45.39
C TRP C 4723 57.23 43.75 -44.70
N TYR C 4724 57.58 42.75 -43.89
CA TYR C 4724 58.89 42.71 -43.26
C TYR C 4724 60.01 42.64 -44.29
N MET C 4725 59.84 41.79 -45.31
CA MET C 4725 60.84 41.70 -46.37
C MET C 4725 60.95 43.01 -47.13
N THR C 4726 59.82 43.65 -47.44
CA THR C 4726 59.85 44.94 -48.13
C THR C 4726 60.55 45.98 -47.29
N MET C 4727 60.31 45.97 -45.97
CA MET C 4727 60.96 46.92 -45.08
C MET C 4727 62.46 46.68 -45.04
N SER C 4728 62.89 45.42 -45.08
CA SER C 4728 64.32 45.12 -45.13
C SER C 4728 64.95 45.64 -46.42
N VAL C 4729 64.28 45.45 -47.55
CA VAL C 4729 64.80 45.94 -48.82
C VAL C 4729 64.89 47.47 -48.79
N LEU C 4730 63.85 48.12 -48.29
CA LEU C 4730 63.88 49.57 -48.17
C LEU C 4730 64.96 50.04 -47.20
N GLY C 4731 65.25 49.24 -46.18
CA GLY C 4731 66.35 49.56 -45.29
C GLY C 4731 67.70 49.51 -45.97
N HIS C 4732 67.87 48.52 -46.86
CA HIS C 4732 69.09 48.50 -47.67
C HIS C 4732 69.15 49.73 -48.58
N TYR C 4733 68.01 50.12 -49.15
CA TYR C 4733 67.99 51.35 -49.96
C TYR C 4733 68.36 52.57 -49.13
N ASN C 4734 67.82 52.68 -47.93
CA ASN C 4734 68.16 53.73 -46.98
C ASN C 4734 68.09 53.13 -45.58
N ASN C 4735 69.25 53.02 -44.93
CA ASN C 4735 69.37 52.35 -43.64
C ASN C 4735 68.31 52.77 -42.63
N PHE C 4736 67.72 53.96 -42.79
CA PHE C 4736 66.82 54.46 -41.78
C PHE C 4736 65.49 53.73 -41.75
N PHE C 4737 65.16 52.97 -42.79
CA PHE C 4737 63.90 52.24 -42.84
C PHE C 4737 63.88 51.05 -41.89
N PHE C 4738 65.02 50.67 -41.31
CA PHE C 4738 65.06 49.57 -40.35
C PHE C 4738 64.35 49.90 -39.06
N ALA C 4739 64.02 51.17 -38.81
CA ALA C 4739 63.30 51.53 -37.60
C ALA C 4739 61.90 50.93 -37.58
N ALA C 4740 61.32 50.67 -38.75
CA ALA C 4740 59.98 50.09 -38.81
C ALA C 4740 59.93 48.70 -38.21
N HIS C 4741 61.05 47.97 -38.20
CA HIS C 4741 61.09 46.63 -37.64
C HIS C 4741 60.96 46.63 -36.13
N LEU C 4742 61.09 47.79 -35.48
CA LEU C 4742 60.97 47.86 -34.02
C LEU C 4742 59.55 47.62 -33.55
N LEU C 4743 58.56 47.61 -34.45
CA LEU C 4743 57.18 47.34 -34.07
C LEU C 4743 56.86 45.85 -34.00
N ASP C 4744 57.83 44.98 -34.28
CA ASP C 4744 57.59 43.54 -34.16
C ASP C 4744 57.38 43.13 -32.71
N ILE C 4745 57.81 43.95 -31.75
CA ILE C 4745 57.56 43.62 -30.34
C ILE C 4745 56.08 43.63 -30.04
N ALA C 4746 55.31 44.45 -30.76
CA ALA C 4746 53.87 44.47 -30.57
C ALA C 4746 53.24 43.13 -30.93
N MET C 4747 53.68 42.53 -32.05
CA MET C 4747 53.27 41.16 -32.36
C MET C 4747 53.80 40.17 -31.33
N GLY C 4748 55.04 40.37 -30.88
CA GLY C 4748 55.65 39.41 -29.97
C GLY C 4748 54.94 39.31 -28.64
N PHE C 4749 54.61 40.44 -28.04
CA PHE C 4749 54.00 40.47 -26.72
C PHE C 4749 52.48 40.56 -26.83
N LYS C 4750 51.80 39.95 -25.86
CA LYS C 4750 50.33 39.87 -25.91
C LYS C 4750 49.70 41.20 -25.55
N THR C 4751 50.21 41.88 -24.52
CA THR C 4751 49.60 43.15 -24.09
C THR C 4751 49.69 44.20 -25.18
N LEU C 4752 50.85 44.31 -25.84
CA LEU C 4752 51.00 45.27 -26.92
C LEU C 4752 50.07 44.93 -28.08
N ARG C 4753 49.93 43.63 -28.38
CA ARG C 4753 48.95 43.21 -29.37
C ARG C 4753 47.54 43.57 -28.94
N THR C 4754 47.25 43.49 -27.64
CA THR C 4754 45.94 43.88 -27.14
C THR C 4754 45.69 45.36 -27.36
N ILE C 4755 46.71 46.20 -27.13
CA ILE C 4755 46.54 47.63 -27.38
C ILE C 4755 46.32 47.90 -28.87
N LEU C 4756 47.09 47.24 -29.72
CA LEU C 4756 46.93 47.45 -31.16
C LEU C 4756 45.59 46.94 -31.66
N SER C 4757 45.02 45.92 -31.02
CA SER C 4757 43.68 45.47 -31.38
C SER C 4757 42.62 46.42 -30.84
N SER C 4758 42.85 46.99 -29.66
CA SER C 4758 41.89 47.90 -29.07
C SER C 4758 41.81 49.21 -29.84
N VAL C 4759 42.92 49.66 -30.44
CA VAL C 4759 42.89 50.89 -31.21
C VAL C 4759 41.99 50.79 -32.43
N THR C 4760 41.57 49.58 -32.81
CA THR C 4760 40.68 49.37 -33.95
C THR C 4760 39.42 48.61 -33.60
N HIS C 4761 39.28 48.13 -32.37
CA HIS C 4761 38.10 47.37 -31.98
C HIS C 4761 36.82 48.19 -32.16
N ASN C 4762 36.85 49.47 -31.79
CA ASN C 4762 35.71 50.38 -31.94
C ASN C 4762 35.90 51.32 -33.12
N GLY C 4763 36.43 50.80 -34.23
CA GLY C 4763 36.82 51.66 -35.34
C GLY C 4763 35.66 52.47 -35.90
N LYS C 4764 34.49 51.84 -36.05
CA LYS C 4764 33.35 52.53 -36.63
C LYS C 4764 32.91 53.69 -35.76
N GLN C 4765 32.73 53.44 -34.46
CA GLN C 4765 32.29 54.51 -33.56
C GLN C 4765 33.38 55.56 -33.41
N LEU C 4766 34.64 55.16 -33.44
CA LEU C 4766 35.73 56.14 -33.38
C LEU C 4766 35.71 57.05 -34.59
N VAL C 4767 35.50 56.49 -35.78
CA VAL C 4767 35.41 57.29 -36.99
C VAL C 4767 34.21 58.23 -36.93
N LEU C 4768 33.08 57.74 -36.45
CA LEU C 4768 31.89 58.59 -36.32
C LEU C 4768 32.13 59.75 -35.35
N THR C 4769 32.80 59.46 -34.23
CA THR C 4769 33.08 60.53 -33.27
C THR C 4769 34.06 61.55 -33.84
N VAL C 4770 35.07 61.09 -34.59
CA VAL C 4770 35.99 62.02 -35.23
C VAL C 4770 35.26 62.88 -36.25
N GLY C 4771 34.33 62.27 -36.99
CA GLY C 4771 33.52 63.05 -37.92
C GLY C 4771 32.66 64.10 -37.23
N LEU C 4772 32.07 63.73 -36.09
CA LEU C 4772 31.30 64.71 -35.32
C LEU C 4772 32.19 65.84 -34.81
N LEU C 4773 33.39 65.51 -34.36
CA LEU C 4773 34.33 66.54 -33.94
C LEU C 4773 34.67 67.48 -35.09
N ALA C 4774 34.92 66.91 -36.27
CA ALA C 4774 35.22 67.75 -37.44
C ALA C 4774 34.04 68.65 -37.78
N VAL C 4775 32.81 68.12 -37.68
CA VAL C 4775 31.63 68.91 -38.01
C VAL C 4775 31.47 70.07 -37.02
N VAL C 4776 31.61 69.80 -35.73
CA VAL C 4776 31.43 70.87 -34.75
C VAL C 4776 32.55 71.90 -34.86
N VAL C 4777 33.77 71.46 -35.14
CA VAL C 4777 34.86 72.41 -35.35
C VAL C 4777 34.59 73.26 -36.58
N TYR C 4778 34.01 72.66 -37.62
CA TYR C 4778 33.63 73.42 -38.81
C TYR C 4778 32.58 74.47 -38.49
N LEU C 4779 31.59 74.12 -37.65
CA LEU C 4779 30.56 75.08 -37.28
C LEU C 4779 31.17 76.25 -36.49
N TYR C 4780 32.04 75.94 -35.54
CA TYR C 4780 32.72 77.02 -34.81
C TYR C 4780 33.56 77.86 -35.77
N THR C 4781 34.18 77.22 -36.76
CA THR C 4781 34.99 77.92 -37.75
C THR C 4781 34.15 78.91 -38.54
N VAL C 4782 32.98 78.48 -39.02
CA VAL C 4782 32.16 79.39 -39.82
C VAL C 4782 31.63 80.52 -38.95
N VAL C 4783 31.31 80.24 -37.69
CA VAL C 4783 30.86 81.32 -36.79
C VAL C 4783 31.97 82.35 -36.60
N ALA C 4784 33.19 81.88 -36.34
CA ALA C 4784 34.30 82.80 -36.13
C ALA C 4784 34.62 83.57 -37.40
N PHE C 4785 34.54 82.90 -38.56
CA PHE C 4785 34.81 83.56 -39.83
C PHE C 4785 33.80 84.66 -40.11
N ASN C 4786 32.53 84.42 -39.77
CA ASN C 4786 31.52 85.43 -40.01
C ASN C 4786 31.58 86.57 -39.01
N PHE C 4787 31.96 86.31 -37.77
CA PHE C 4787 31.84 87.34 -36.75
C PHE C 4787 33.15 87.72 -36.06
N PHE C 4788 34.05 86.77 -35.84
CA PHE C 4788 35.23 87.00 -35.02
C PHE C 4788 36.51 86.88 -35.84
N ARG C 4789 36.52 87.44 -37.04
CA ARG C 4789 37.69 87.31 -37.91
C ARG C 4789 38.87 88.13 -37.39
N LYS C 4790 38.60 89.29 -36.80
CA LYS C 4790 39.68 90.19 -36.42
C LYS C 4790 40.47 89.70 -35.22
N PHE C 4791 39.90 88.81 -34.41
CA PHE C 4791 40.61 88.37 -33.21
C PHE C 4791 41.72 87.38 -33.52
N TYR C 4792 41.68 86.72 -34.68
CA TYR C 4792 42.67 85.70 -35.01
C TYR C 4792 43.89 86.36 -35.66
N ASN C 4793 44.64 87.07 -34.82
CA ASN C 4793 45.88 87.72 -35.23
C ASN C 4793 47.03 87.08 -34.47
N LYS C 4794 48.02 86.58 -35.21
CA LYS C 4794 49.19 85.94 -34.62
C LYS C 4794 50.46 86.77 -34.77
N SER C 4795 50.33 88.01 -35.25
CA SER C 4795 51.50 88.87 -35.46
C SER C 4795 51.84 89.56 -34.13
N GLU C 4796 52.94 89.10 -33.50
CA GLU C 4796 53.34 89.69 -32.23
C GLU C 4796 53.84 91.12 -32.39
N ASP C 4797 54.43 91.44 -33.53
CA ASP C 4797 54.95 92.76 -33.81
C ASP C 4797 53.96 93.56 -34.65
N GLY C 4798 54.19 94.87 -34.71
CA GLY C 4798 53.34 95.75 -35.50
C GLY C 4798 53.57 95.64 -37.00
N ASP C 4799 54.14 94.52 -37.44
CA ASP C 4799 54.38 94.28 -38.84
C ASP C 4799 53.08 93.83 -39.50
N THR C 4800 53.18 93.28 -40.71
CA THR C 4800 52.00 92.84 -41.44
C THR C 4800 51.24 91.78 -40.63
N PRO C 4801 49.97 92.00 -40.31
CA PRO C 4801 49.24 91.05 -39.48
C PRO C 4801 49.14 89.68 -40.14
N ASP C 4802 49.22 88.63 -39.32
CA ASP C 4802 49.04 87.27 -39.79
C ASP C 4802 47.64 86.80 -39.42
N MET C 4803 46.66 87.28 -40.19
CA MET C 4803 45.29 86.86 -40.01
C MET C 4803 45.13 85.39 -40.41
N LYS C 4804 44.75 84.55 -39.46
CA LYS C 4804 44.41 83.16 -39.74
C LYS C 4804 42.95 82.96 -40.07
N CYS C 4805 42.12 83.99 -39.91
CA CYS C 4805 40.68 83.89 -40.15
C CYS C 4805 40.25 84.54 -41.46
N ASP C 4806 41.20 85.05 -42.26
CA ASP C 4806 40.83 85.70 -43.51
C ASP C 4806 40.21 84.71 -44.49
N ASP C 4807 40.73 83.50 -44.54
CA ASP C 4807 40.25 82.46 -45.43
C ASP C 4807 39.59 81.36 -44.62
N MET C 4808 38.49 80.82 -45.13
CA MET C 4808 37.79 79.76 -44.39
C MET C 4808 38.62 78.50 -44.29
N LEU C 4809 39.29 78.10 -45.37
CA LEU C 4809 40.10 76.89 -45.31
C LEU C 4809 41.22 77.04 -44.28
N THR C 4810 41.90 78.18 -44.28
CA THR C 4810 42.95 78.42 -43.30
C THR C 4810 42.39 78.47 -41.89
N CYS C 4811 41.23 79.11 -41.70
CA CYS C 4811 40.64 79.21 -40.37
C CYS C 4811 40.26 77.84 -39.84
N TYR C 4812 39.65 77.01 -40.68
CA TYR C 4812 39.24 75.67 -40.24
C TYR C 4812 40.45 74.79 -39.96
N MET C 4813 41.47 74.85 -40.83
CA MET C 4813 42.68 74.07 -40.59
C MET C 4813 43.35 74.52 -39.31
N PHE C 4814 43.40 75.84 -39.08
CA PHE C 4814 43.96 76.37 -37.84
C PHE C 4814 43.18 75.90 -36.63
N HIS C 4815 41.85 75.94 -36.70
CA HIS C 4815 41.03 75.48 -35.59
C HIS C 4815 41.31 74.03 -35.27
N MET C 4816 41.25 73.16 -36.28
CA MET C 4816 41.48 71.74 -36.06
C MET C 4816 42.89 71.47 -35.52
N TYR C 4817 43.88 72.22 -35.99
CA TYR C 4817 45.25 71.96 -35.60
C TYR C 4817 45.56 72.46 -34.20
N VAL C 4818 44.99 73.60 -33.79
CA VAL C 4818 45.39 74.30 -32.58
C VAL C 4818 44.35 74.16 -31.47
N GLY C 4819 43.09 74.46 -31.77
CA GLY C 4819 42.09 74.50 -30.71
C GLY C 4819 41.88 73.14 -30.05
N VAL C 4820 41.88 72.08 -30.84
CA VAL C 4820 41.71 70.74 -30.29
C VAL C 4820 42.88 70.38 -29.37
N ARG C 4821 44.10 70.69 -29.80
CA ARG C 4821 45.26 70.33 -29.00
C ARG C 4821 45.39 71.19 -27.75
N ALA C 4822 44.96 72.44 -27.81
CA ALA C 4822 45.10 73.34 -26.68
C ALA C 4822 44.18 72.91 -25.54
N GLY C 4823 44.71 72.95 -24.32
CA GLY C 4823 43.91 72.57 -23.16
C GLY C 4823 42.76 73.51 -22.90
N GLY C 4824 43.02 74.82 -23.00
CA GLY C 4824 41.99 75.80 -22.73
C GLY C 4824 40.97 76.00 -23.81
N GLY C 4825 41.20 75.46 -25.00
CA GLY C 4825 40.27 75.63 -26.09
C GLY C 4825 40.80 76.57 -27.16
N ILE C 4826 39.90 77.31 -27.80
CA ILE C 4826 40.33 78.27 -28.82
C ILE C 4826 40.57 79.65 -28.25
N GLY C 4827 40.00 79.97 -27.08
CA GLY C 4827 40.16 81.29 -26.51
C GLY C 4827 41.54 81.59 -25.98
N ASP C 4828 42.34 80.55 -25.71
CA ASP C 4828 43.68 80.77 -25.17
C ASP C 4828 44.72 81.07 -26.24
N GLU C 4829 44.39 80.89 -27.53
CA GLU C 4829 45.33 81.12 -28.61
C GLU C 4829 44.92 82.31 -29.49
N ILE C 4830 43.97 83.13 -29.03
CA ILE C 4830 43.52 84.29 -29.77
C ILE C 4830 43.49 85.49 -28.83
N GLU C 4831 43.40 86.68 -29.42
CA GLU C 4831 43.40 87.91 -28.64
C GLU C 4831 42.19 87.96 -27.73
N ASP C 4832 42.41 88.41 -26.49
CA ASP C 4832 41.32 88.49 -25.53
C ASP C 4832 40.28 89.51 -26.00
N PRO C 4833 39.00 89.24 -25.79
CA PRO C 4833 37.94 90.15 -26.27
C PRO C 4833 37.68 91.30 -25.30
N ALA C 4834 38.63 92.23 -25.23
CA ALA C 4834 38.45 93.39 -24.38
C ALA C 4834 37.40 94.34 -24.94
N GLY C 4835 37.28 94.43 -26.27
CA GLY C 4835 36.29 95.30 -26.86
C GLY C 4835 34.88 94.87 -26.51
N ASP C 4836 34.05 95.85 -26.16
CA ASP C 4836 32.68 95.59 -25.74
C ASP C 4836 31.75 95.21 -26.88
N GLU C 4837 32.19 95.38 -28.13
CA GLU C 4837 31.31 95.09 -29.25
C GLU C 4837 31.00 93.59 -29.37
N TYR C 4838 31.95 92.74 -28.99
CA TYR C 4838 31.74 91.29 -29.04
C TYR C 4838 32.32 90.61 -27.82
N GLU C 4839 32.36 91.30 -26.67
CA GLU C 4839 32.92 90.74 -25.45
C GLU C 4839 32.19 89.46 -25.05
N ILE C 4840 30.89 89.59 -24.77
CA ILE C 4840 30.12 88.45 -24.26
C ILE C 4840 29.98 87.38 -25.34
N TYR C 4841 29.79 87.79 -26.59
CA TYR C 4841 29.65 86.81 -27.66
C TYR C 4841 30.92 85.98 -27.80
N ARG C 4842 32.08 86.63 -27.78
CA ARG C 4842 33.34 85.91 -27.91
C ARG C 4842 33.59 85.02 -26.71
N ILE C 4843 33.23 85.48 -25.51
CA ILE C 4843 33.43 84.67 -24.31
C ILE C 4843 32.55 83.42 -24.35
N ILE C 4844 31.28 83.58 -24.73
CA ILE C 4844 30.40 82.42 -24.87
C ILE C 4844 30.93 81.48 -25.95
N PHE C 4845 31.43 82.03 -27.06
CA PHE C 4845 32.05 81.23 -28.10
C PHE C 4845 33.17 80.36 -27.54
N ASP C 4846 34.09 80.98 -26.82
CA ASP C 4846 35.24 80.25 -26.29
C ASP C 4846 34.80 79.19 -25.27
N ILE C 4847 33.87 79.55 -24.38
CA ILE C 4847 33.44 78.61 -23.35
C ILE C 4847 32.72 77.41 -23.97
N THR C 4848 31.86 77.66 -24.96
CA THR C 4848 31.17 76.55 -25.62
C THR C 4848 32.16 75.68 -26.37
N PHE C 4849 33.15 76.28 -27.03
CA PHE C 4849 34.17 75.49 -27.72
C PHE C 4849 34.91 74.60 -26.72
N PHE C 4850 35.31 75.17 -25.59
CA PHE C 4850 36.03 74.40 -24.58
C PHE C 4850 35.16 73.28 -24.02
N PHE C 4851 33.88 73.55 -23.79
CA PHE C 4851 33.01 72.54 -23.18
C PHE C 4851 32.69 71.41 -24.16
N PHE C 4852 32.37 71.74 -25.40
CA PHE C 4852 31.88 70.73 -26.33
C PHE C 4852 32.99 70.00 -27.08
N VAL C 4853 34.13 70.64 -27.32
CA VAL C 4853 35.18 70.05 -28.14
C VAL C 4853 36.30 69.47 -27.29
N ILE C 4854 36.65 70.12 -26.18
CA ILE C 4854 37.82 69.69 -25.40
C ILE C 4854 37.45 68.65 -24.36
N VAL C 4855 36.45 68.92 -23.51
CA VAL C 4855 36.17 68.08 -22.35
C VAL C 4855 35.03 67.11 -22.61
N ILE C 4856 34.51 67.05 -23.83
CA ILE C 4856 33.45 66.08 -24.12
C ILE C 4856 33.87 65.18 -25.27
N LEU C 4857 34.08 65.77 -26.45
CA LEU C 4857 34.31 64.95 -27.64
C LEU C 4857 35.67 64.26 -27.58
N LEU C 4858 36.71 65.00 -27.23
CA LEU C 4858 38.03 64.39 -27.09
C LEU C 4858 38.03 63.37 -25.96
N ALA C 4859 37.30 63.65 -24.88
CA ALA C 4859 37.17 62.70 -23.79
C ALA C 4859 36.51 61.42 -24.27
N ILE C 4860 35.45 61.53 -25.08
CA ILE C 4860 34.80 60.34 -25.60
C ILE C 4860 35.72 59.56 -26.52
N ILE C 4861 36.49 60.26 -27.36
CA ILE C 4861 37.41 59.59 -28.26
C ILE C 4861 38.45 58.81 -27.48
N GLN C 4862 39.02 59.42 -26.43
CA GLN C 4862 39.97 58.72 -25.57
C GLN C 4862 39.31 57.54 -24.86
N GLY C 4863 38.10 57.75 -24.33
CA GLY C 4863 37.43 56.70 -23.59
C GLY C 4863 37.07 55.50 -24.43
N LEU C 4864 36.77 55.72 -25.71
CA LEU C 4864 36.48 54.59 -26.60
C LEU C 4864 37.65 53.61 -26.62
N ILE C 4865 38.87 54.13 -26.84
CA ILE C 4865 40.03 53.26 -26.93
C ILE C 4865 40.38 52.67 -25.58
N ILE C 4866 40.30 53.47 -24.51
CA ILE C 4866 40.63 52.94 -23.18
C ILE C 4866 39.66 51.83 -22.79
N ASP C 4867 38.36 52.03 -23.04
CA ASP C 4867 37.37 51.01 -22.75
C ASP C 4867 37.53 49.80 -23.65
N ALA C 4868 37.96 49.98 -24.90
CA ALA C 4868 38.24 48.82 -25.75
C ALA C 4868 39.37 48.00 -25.17
N PHE C 4869 40.44 48.66 -24.71
CA PHE C 4869 41.55 47.95 -24.10
C PHE C 4869 41.11 47.21 -22.85
N GLY C 4870 40.32 47.88 -21.99
CA GLY C 4870 39.83 47.23 -20.79
C GLY C 4870 38.92 46.05 -21.10
N GLU C 4871 38.07 46.19 -22.11
CA GLU C 4871 37.17 45.11 -22.49
C GLU C 4871 37.93 43.92 -23.05
N LEU C 4872 38.97 44.16 -23.85
CA LEU C 4872 39.77 43.05 -24.35
C LEU C 4872 40.49 42.32 -23.22
N ARG C 4873 41.05 43.08 -22.27
CA ARG C 4873 41.67 42.44 -21.11
C ARG C 4873 40.66 41.63 -20.32
N ASP C 4874 39.45 42.17 -20.14
CA ASP C 4874 38.42 41.46 -19.40
C ASP C 4874 37.99 40.20 -20.14
N GLN C 4875 37.92 40.25 -21.47
CA GLN C 4875 37.56 39.05 -22.23
C GLN C 4875 38.61 37.97 -22.07
N GLN C 4876 39.89 38.34 -22.14
CA GLN C 4876 40.94 37.33 -21.94
C GLN C 4876 40.88 36.75 -20.54
N GLU C 4877 40.68 37.60 -19.53
CA GLU C 4877 40.59 37.11 -18.16
C GLU C 4877 39.37 36.20 -17.99
N GLN C 4878 38.26 36.55 -18.62
CA GLN C 4878 37.05 35.73 -18.52
C GLN C 4878 37.24 34.38 -19.20
N VAL C 4879 37.94 34.36 -20.33
CA VAL C 4879 38.24 33.08 -20.98
C VAL C 4879 39.08 32.21 -20.06
N LYS C 4880 40.11 32.79 -19.44
CA LYS C 4880 40.94 32.03 -18.52
C LYS C 4880 40.12 31.51 -17.34
N GLU C 4881 39.25 32.37 -16.78
CA GLU C 4881 38.43 31.97 -15.64
C GLU C 4881 37.48 30.84 -16.01
N ASP C 4882 36.87 30.92 -17.19
CA ASP C 4882 35.98 29.85 -17.64
C ASP C 4882 36.76 28.55 -17.82
N MET C 4883 37.95 28.62 -18.41
CA MET C 4883 38.74 27.41 -18.58
C MET C 4883 39.08 26.80 -17.23
N GLU C 4884 39.37 27.64 -16.24
CA GLU C 4884 39.71 27.12 -14.92
C GLU C 4884 38.50 26.61 -14.14
N THR C 4885 37.30 27.12 -14.42
CA THR C 4885 36.14 26.80 -13.59
C THR C 4885 35.03 26.05 -14.31
N LYS C 4886 35.29 25.51 -15.50
CA LYS C 4886 34.31 24.65 -16.15
C LYS C 4886 35.03 23.66 -17.05
N CYS C 4887 34.34 22.57 -17.38
CA CYS C 4887 34.90 21.54 -18.23
C CYS C 4887 34.47 21.79 -19.67
N PHE C 4888 35.44 21.73 -20.59
CA PHE C 4888 35.16 22.03 -21.99
C PHE C 4888 34.17 21.04 -22.58
N ILE C 4889 34.34 19.76 -22.30
CA ILE C 4889 33.55 18.73 -22.99
C ILE C 4889 32.11 18.75 -22.50
N CYS C 4890 31.91 18.76 -21.18
CA CYS C 4890 30.56 18.65 -20.62
C CYS C 4890 30.01 19.96 -20.07
N GLY C 4891 30.82 20.74 -19.35
CA GLY C 4891 30.35 21.99 -18.79
C GLY C 4891 29.82 21.90 -17.38
N ILE C 4892 30.03 20.79 -16.68
CA ILE C 4892 29.58 20.66 -15.31
C ILE C 4892 30.34 21.65 -14.44
N GLY C 4893 29.67 22.14 -13.38
CA GLY C 4893 30.28 23.14 -12.53
C GLY C 4893 31.51 22.62 -11.82
N ASN C 4894 32.41 23.56 -11.50
CA ASN C 4894 33.67 23.20 -10.86
C ASN C 4894 33.44 22.66 -9.45
N ASP C 4895 32.48 23.23 -8.72
CA ASP C 4895 32.29 22.86 -7.33
C ASP C 4895 31.88 21.40 -7.18
N TYR C 4896 31.11 20.88 -8.12
CA TYR C 4896 30.63 19.50 -8.02
C TYR C 4896 31.80 18.52 -7.99
N PHE C 4897 32.82 18.77 -8.83
CA PHE C 4897 34.03 17.97 -8.74
C PHE C 4897 34.88 18.36 -7.55
N ASP C 4898 34.83 19.63 -7.13
CA ASP C 4898 35.58 20.04 -5.96
C ASP C 4898 35.06 19.43 -4.66
N THR C 4899 33.89 18.79 -4.70
CA THR C 4899 33.39 18.09 -3.51
C THR C 4899 34.42 17.10 -2.99
N VAL C 4900 35.18 16.46 -3.88
CA VAL C 4900 36.27 15.58 -3.49
C VAL C 4900 37.58 16.32 -3.75
N PRO C 4901 38.65 16.04 -3.00
CA PRO C 4901 39.91 16.75 -3.22
C PRO C 4901 40.47 16.48 -4.61
N HIS C 4902 40.92 17.55 -5.28
CA HIS C 4902 41.47 17.50 -6.63
C HIS C 4902 40.52 16.84 -7.62
N GLY C 4903 39.21 16.87 -7.32
CA GLY C 4903 38.26 16.21 -8.20
C GLY C 4903 38.20 16.85 -9.57
N PHE C 4904 38.21 18.18 -9.62
CA PHE C 4904 38.22 18.86 -10.91
C PHE C 4904 39.51 18.59 -11.66
N GLU C 4905 40.64 18.55 -10.95
CA GLU C 4905 41.91 18.23 -11.58
C GLU C 4905 41.86 16.85 -12.24
N THR C 4906 41.35 15.85 -11.51
CA THR C 4906 41.24 14.52 -12.09
C THR C 4906 40.27 14.50 -13.27
N HIS C 4907 39.14 15.19 -13.13
CA HIS C 4907 38.14 15.17 -14.20
C HIS C 4907 38.69 15.79 -15.47
N THR C 4908 39.43 16.90 -15.35
CA THR C 4908 40.00 17.54 -16.52
C THR C 4908 41.27 16.85 -17.01
N LEU C 4909 41.88 15.99 -16.19
CA LEU C 4909 43.11 15.34 -16.60
C LEU C 4909 42.88 14.00 -17.28
N GLN C 4910 42.00 13.17 -16.72
CA GLN C 4910 41.81 11.83 -17.26
C GLN C 4910 40.39 11.54 -17.71
N GLU C 4911 39.37 12.07 -17.02
CA GLU C 4911 37.99 11.79 -17.41
C GLU C 4911 37.64 12.45 -18.73
N HIS C 4912 37.74 13.78 -18.79
CA HIS C 4912 37.45 14.55 -19.99
C HIS C 4912 38.70 15.35 -20.33
N ASN C 4913 39.45 14.93 -21.34
CA ASN C 4913 40.66 15.61 -21.74
C ASN C 4913 40.66 15.80 -23.25
N LEU C 4914 40.94 17.04 -23.69
CA LEU C 4914 40.92 17.35 -25.11
C LEU C 4914 41.97 16.53 -25.85
N ALA C 4915 43.16 16.40 -25.26
CA ALA C 4915 44.18 15.57 -25.86
C ALA C 4915 43.71 14.13 -25.98
N ASN C 4916 43.00 13.63 -24.95
CA ASN C 4916 42.50 12.27 -25.00
C ASN C 4916 41.48 12.09 -26.12
N TYR C 4917 40.59 13.06 -26.32
CA TYR C 4917 39.63 12.96 -27.42
C TYR C 4917 40.33 12.99 -28.78
N LEU C 4918 41.33 13.87 -28.92
CA LEU C 4918 42.08 13.93 -30.17
C LEU C 4918 42.80 12.60 -30.43
N PHE C 4919 43.42 12.03 -29.40
CA PHE C 4919 44.11 10.76 -29.57
C PHE C 4919 43.14 9.63 -29.85
N PHE C 4920 41.92 9.70 -29.31
CA PHE C 4920 40.91 8.70 -29.65
C PHE C 4920 40.51 8.78 -31.11
N LEU C 4921 40.35 10.00 -31.63
CA LEU C 4921 40.08 10.15 -33.06
C LEU C 4921 41.22 9.60 -33.90
N MET C 4922 42.47 9.89 -33.50
CA MET C 4922 43.60 9.34 -34.22
C MET C 4922 43.61 7.82 -34.18
N TYR C 4923 43.28 7.25 -33.03
CA TYR C 4923 43.23 5.80 -32.88
C TYR C 4923 42.17 5.18 -33.77
N LEU C 4924 40.99 5.82 -33.85
CA LEU C 4924 39.95 5.35 -34.75
C LEU C 4924 40.41 5.39 -36.20
N ILE C 4925 41.07 6.47 -36.59
CA ILE C 4925 41.52 6.61 -37.97
C ILE C 4925 42.56 5.53 -38.29
N ASN C 4926 43.50 5.31 -37.37
CA ASN C 4926 44.60 4.38 -37.65
C ASN C 4926 44.13 2.93 -37.65
N LYS C 4927 43.20 2.59 -36.75
CA LYS C 4927 42.71 1.22 -36.67
C LYS C 4927 41.96 0.82 -37.94
N ASP C 4928 42.11 -0.45 -38.32
CA ASP C 4928 41.35 -0.99 -39.42
C ASP C 4928 39.87 -1.04 -39.05
N GLU C 4929 39.01 -0.78 -40.04
CA GLU C 4929 37.58 -0.69 -39.76
C GLU C 4929 37.02 -2.02 -39.28
N THR C 4930 37.49 -3.13 -39.87
CA THR C 4930 36.97 -4.43 -39.48
C THR C 4930 37.33 -4.76 -38.04
N GLU C 4931 38.44 -4.24 -37.53
CA GLU C 4931 38.89 -4.55 -36.18
C GLU C 4931 38.22 -3.66 -35.13
N HIS C 4932 37.46 -2.65 -35.55
CA HIS C 4932 36.80 -1.76 -34.61
C HIS C 4932 35.86 -2.52 -33.69
N THR C 4933 35.91 -2.20 -32.39
CA THR C 4933 34.97 -2.77 -31.44
C THR C 4933 33.60 -2.11 -31.60
N GLY C 4934 32.67 -2.46 -30.72
CA GLY C 4934 31.33 -1.91 -30.82
C GLY C 4934 31.30 -0.42 -30.59
N GLN C 4935 31.88 0.04 -29.48
CA GLN C 4935 31.89 1.46 -29.17
C GLN C 4935 32.69 2.25 -30.19
N GLU C 4936 33.86 1.71 -30.58
CA GLU C 4936 34.69 2.40 -31.55
C GLU C 4936 33.97 2.52 -32.90
N SER C 4937 33.31 1.45 -33.34
CA SER C 4937 32.57 1.49 -34.59
C SER C 4937 31.40 2.46 -34.51
N TYR C 4938 30.70 2.50 -33.38
CA TYR C 4938 29.59 3.43 -33.24
C TYR C 4938 30.08 4.88 -33.31
N VAL C 4939 31.17 5.18 -32.61
CA VAL C 4939 31.72 6.54 -32.65
C VAL C 4939 32.21 6.88 -34.06
N TRP C 4940 32.84 5.91 -34.74
CA TRP C 4940 33.31 6.17 -36.10
C TRP C 4940 32.16 6.45 -37.05
N LYS C 4941 31.08 5.68 -36.94
CA LYS C 4941 29.92 5.91 -37.79
C LYS C 4941 29.28 7.26 -37.48
N MET C 4942 29.22 7.63 -36.20
CA MET C 4942 28.69 8.94 -35.84
C MET C 4942 29.54 10.07 -36.41
N TYR C 4943 30.87 9.92 -36.33
CA TYR C 4943 31.75 10.93 -36.91
C TYR C 4943 31.58 11.01 -38.41
N GLN C 4944 31.38 9.87 -39.07
CA GLN C 4944 31.14 9.88 -40.51
C GLN C 4944 29.85 10.61 -40.85
N GLU C 4945 28.80 10.37 -40.08
CA GLU C 4945 27.51 11.01 -40.36
C GLU C 4945 27.41 12.42 -39.81
N ARG C 4946 28.43 12.89 -39.09
CA ARG C 4946 28.51 14.28 -38.60
C ARG C 4946 27.33 14.62 -37.70
N CYS C 4947 27.11 13.79 -36.67
CA CYS C 4947 26.05 14.04 -35.71
C CYS C 4947 26.59 14.67 -34.43
N TRP C 4948 27.62 14.07 -33.84
CA TRP C 4948 28.33 14.65 -32.69
C TRP C 4948 27.43 14.83 -31.48
N GLU C 4949 26.83 13.72 -31.04
CA GLU C 4949 26.21 13.70 -29.72
C GLU C 4949 26.84 12.65 -28.82
N PHE C 4950 27.91 11.96 -29.27
CA PHE C 4950 28.59 11.03 -28.38
C PHE C 4950 29.31 11.76 -27.26
N PHE C 4951 29.63 13.04 -27.44
CA PHE C 4951 30.22 13.81 -26.36
C PHE C 4951 29.26 13.89 -25.18
N PRO C 4952 29.73 13.68 -23.96
CA PRO C 4952 28.85 13.73 -22.79
C PRO C 4952 28.57 15.16 -22.33
N ALA C 4953 27.96 15.94 -23.23
CA ALA C 4953 27.69 17.33 -22.92
C ALA C 4953 26.70 17.48 -21.77
N GLY C 4954 25.78 16.53 -21.61
CA GLY C 4954 24.80 16.62 -20.55
C GLY C 4954 25.33 16.20 -19.20
N ASP C 4955 25.74 14.94 -19.09
CA ASP C 4955 26.13 14.38 -17.79
C ASP C 4955 27.54 13.80 -17.82
N CYS C 4956 27.92 13.12 -16.75
CA CYS C 4956 29.20 12.46 -16.63
C CYS C 4956 29.00 11.07 -16.07
N PHE C 4957 30.08 10.29 -16.03
CA PHE C 4957 30.01 8.93 -15.48
C PHE C 4957 29.64 8.95 -14.01
N ARG C 4958 30.19 9.90 -13.26
CA ARG C 4958 29.90 9.98 -11.83
C ARG C 4958 28.43 10.28 -11.59
N LYS C 4959 27.90 11.33 -12.24
CA LYS C 4959 26.48 11.61 -12.09
C LYS C 4959 25.62 10.47 -12.62
N GLN C 4960 26.15 9.69 -13.57
CA GLN C 4960 25.40 8.53 -14.04
C GLN C 4960 25.27 7.48 -12.95
N TYR C 4961 26.39 7.11 -12.31
CA TYR C 4961 26.35 6.07 -11.29
C TYR C 4961 26.76 6.57 -9.91
N GLU C 4962 27.96 7.10 -9.76
CA GLU C 4962 28.46 7.52 -8.44
C GLU C 4962 29.36 8.74 -8.55
N GLN D 1 -20.19 -72.38 -143.35
CA GLN D 1 -18.98 -73.02 -143.84
C GLN D 1 -19.30 -74.05 -144.92
N VAL D 2 -18.76 -73.84 -146.11
CA VAL D 2 -18.94 -74.75 -147.23
C VAL D 2 -17.62 -75.49 -147.45
N GLN D 3 -17.64 -76.81 -147.22
CA GLN D 3 -16.46 -77.65 -147.35
C GLN D 3 -16.58 -78.48 -148.62
N LEU D 4 -15.50 -78.53 -149.39
CA LEU D 4 -15.45 -79.29 -150.64
C LEU D 4 -14.49 -80.47 -150.44
N GLN D 5 -15.00 -81.68 -150.64
CA GLN D 5 -14.22 -82.89 -150.56
C GLN D 5 -13.97 -83.41 -151.98
N GLU D 6 -12.71 -83.57 -152.34
CA GLU D 6 -12.31 -84.01 -153.67
C GLU D 6 -11.63 -85.37 -153.55
N SER D 7 -12.09 -86.33 -154.35
CA SER D 7 -11.56 -87.69 -154.34
C SER D 7 -11.20 -88.12 -155.76
N GLY D 8 -10.08 -88.81 -155.89
CA GLY D 8 -9.64 -89.29 -157.20
C GLY D 8 -8.21 -88.91 -157.50
N GLY D 9 -7.89 -88.74 -158.78
CA GLY D 9 -6.55 -88.35 -159.19
C GLY D 9 -5.49 -89.37 -158.87
N GLY D 10 -5.75 -90.64 -159.20
CA GLY D 10 -4.78 -91.69 -158.98
C GLY D 10 -3.60 -91.58 -159.91
N LEU D 11 -2.66 -92.51 -159.75
CA LEU D 11 -1.42 -92.53 -160.51
C LEU D 11 -1.43 -93.73 -161.46
N MET D 12 -1.26 -93.47 -162.75
CA MET D 12 -1.11 -94.52 -163.74
C MET D 12 -0.31 -93.96 -164.91
N GLN D 13 -0.14 -94.78 -165.95
CA GLN D 13 0.61 -94.36 -167.12
C GLN D 13 -0.20 -93.36 -167.94
N ALA D 14 0.49 -92.70 -168.87
CA ALA D 14 -0.14 -91.69 -169.70
C ALA D 14 -1.17 -92.32 -170.62
N GLY D 15 -2.21 -91.54 -170.93
CA GLY D 15 -3.29 -92.00 -171.79
C GLY D 15 -4.43 -92.69 -171.07
N GLY D 16 -4.31 -92.92 -169.77
CA GLY D 16 -5.36 -93.57 -169.02
C GLY D 16 -6.50 -92.61 -168.67
N SER D 17 -7.61 -93.20 -168.22
CA SER D 17 -8.79 -92.44 -167.85
C SER D 17 -8.76 -92.17 -166.35
N LEU D 18 -8.91 -90.90 -165.97
CA LEU D 18 -8.89 -90.48 -164.58
C LEU D 18 -10.22 -89.84 -164.23
N ARG D 19 -10.82 -90.29 -163.12
CA ARG D 19 -12.11 -89.80 -162.65
C ARG D 19 -11.90 -89.06 -161.33
N LEU D 20 -12.44 -87.85 -161.24
CA LEU D 20 -12.34 -87.02 -160.04
C LEU D 20 -13.73 -86.58 -159.64
N SER D 21 -14.08 -86.74 -158.36
CA SER D 21 -15.38 -86.37 -157.85
C SER D 21 -15.22 -85.34 -156.74
N CYS D 22 -15.85 -84.18 -156.91
CA CYS D 22 -15.80 -83.12 -155.90
C CYS D 22 -17.21 -82.85 -155.40
N THR D 23 -17.40 -82.97 -154.09
CA THR D 23 -18.70 -82.75 -153.47
C THR D 23 -18.61 -81.57 -152.50
N ALA D 24 -19.52 -80.62 -152.64
CA ALA D 24 -19.57 -79.45 -151.79
C ALA D 24 -20.74 -79.56 -150.81
N SER D 25 -20.45 -79.42 -149.52
CA SER D 25 -21.47 -79.53 -148.47
C SER D 25 -21.38 -78.32 -147.56
N GLY D 26 -22.52 -77.69 -147.28
CA GLY D 26 -22.55 -76.54 -146.41
C GLY D 26 -23.84 -75.75 -146.48
N SER D 27 -23.73 -74.42 -146.49
CA SER D 27 -24.91 -73.57 -146.55
C SER D 27 -25.61 -73.71 -147.89
N ILE D 28 -26.91 -73.46 -147.89
CA ILE D 28 -27.71 -73.56 -149.11
C ILE D 28 -27.64 -72.32 -149.97
N PHE D 29 -27.02 -71.25 -149.48
CA PHE D 29 -26.89 -70.00 -150.22
C PHE D 29 -25.52 -69.88 -150.85
N SER D 30 -25.46 -69.15 -151.96
CA SER D 30 -24.21 -68.84 -152.67
C SER D 30 -23.48 -70.12 -153.10
N ILE D 31 -24.15 -70.88 -153.97
CA ILE D 31 -23.55 -72.03 -154.64
C ILE D 31 -23.39 -71.66 -156.10
N ASN D 32 -22.13 -71.50 -156.52
CA ASN D 32 -21.80 -71.07 -157.87
C ASN D 32 -20.28 -71.14 -158.02
N SER D 33 -19.84 -71.21 -159.27
CA SER D 33 -18.42 -71.08 -159.63
C SER D 33 -17.55 -72.07 -158.84
N MET D 34 -17.74 -73.34 -159.17
CA MET D 34 -16.78 -74.36 -158.83
C MET D 34 -15.62 -74.28 -159.81
N GLY D 35 -14.40 -74.29 -159.27
CA GLY D 35 -13.22 -74.30 -160.10
C GLY D 35 -12.17 -75.23 -159.55
N TRP D 36 -11.20 -75.57 -160.41
CA TRP D 36 -10.05 -76.36 -160.03
C TRP D 36 -8.80 -75.50 -160.14
N TYR D 37 -7.93 -75.62 -159.14
CA TYR D 37 -6.66 -74.91 -159.14
C TYR D 37 -5.53 -75.93 -159.07
N ARG D 38 -4.62 -75.88 -160.03
CA ARG D 38 -3.51 -76.82 -160.12
C ARG D 38 -2.22 -76.14 -159.67
N GLN D 39 -1.47 -76.81 -158.82
CA GLN D 39 -0.18 -76.32 -158.33
C GLN D 39 0.83 -77.45 -158.40
N ALA D 40 1.89 -77.23 -159.19
CA ALA D 40 2.97 -78.20 -159.26
C ALA D 40 3.94 -77.99 -158.10
N PRO D 41 4.79 -78.98 -157.82
CA PRO D 41 5.74 -78.83 -156.71
C PRO D 41 6.71 -77.68 -156.92
N GLY D 42 6.61 -76.66 -156.08
CA GLY D 42 7.47 -75.49 -156.20
C GLY D 42 7.29 -74.71 -157.48
N LYS D 43 6.08 -74.67 -158.01
CA LYS D 43 5.78 -73.95 -159.25
C LYS D 43 4.54 -73.08 -159.05
N GLN D 44 4.32 -72.19 -160.02
CA GLN D 44 3.19 -71.26 -159.94
C GLN D 44 1.87 -72.01 -160.05
N ARG D 45 0.87 -71.53 -159.31
CA ARG D 45 -0.47 -72.12 -159.35
C ARG D 45 -1.24 -71.59 -160.54
N GLU D 46 -1.89 -72.49 -161.28
CA GLU D 46 -2.66 -72.16 -162.46
C GLU D 46 -4.13 -72.50 -162.24
N LEU D 47 -4.98 -71.92 -163.07
CA LEU D 47 -6.42 -72.11 -162.98
C LEU D 47 -6.87 -73.12 -164.04
N VAL D 48 -7.45 -74.24 -163.57
CA VAL D 48 -7.98 -75.27 -164.45
C VAL D 48 -9.37 -74.82 -164.88
N ALA D 49 -9.96 -75.53 -165.85
CA ALA D 49 -11.27 -75.17 -166.37
C ALA D 49 -12.30 -75.11 -165.24
N THR D 50 -13.09 -74.04 -165.25
CA THR D 50 -14.06 -73.74 -164.21
C THR D 50 -15.47 -73.81 -164.78
N ILE D 51 -16.32 -74.64 -164.16
CA ILE D 51 -17.70 -74.82 -164.60
C ILE D 51 -18.62 -74.17 -163.57
N THR D 52 -19.69 -73.56 -164.06
CA THR D 52 -20.68 -72.92 -163.21
C THR D 52 -22.06 -73.48 -163.53
N SER D 53 -23.05 -73.10 -162.72
CA SER D 53 -24.41 -73.54 -162.93
C SER D 53 -24.91 -73.10 -164.30
N GLY D 54 -25.56 -74.01 -165.01
CA GLY D 54 -25.97 -73.79 -166.37
C GLY D 54 -25.00 -74.33 -167.41
N ASN D 55 -24.04 -75.17 -167.01
CA ASN D 55 -23.07 -75.77 -167.91
C ASN D 55 -22.27 -74.70 -168.67
N SER D 56 -21.67 -73.80 -167.89
CA SER D 56 -20.81 -72.75 -168.42
C SER D 56 -19.37 -73.04 -167.95
N ILE D 57 -18.56 -73.58 -168.85
CA ILE D 57 -17.19 -73.97 -168.54
C ILE D 57 -16.25 -72.88 -169.01
N ASN D 58 -15.47 -72.31 -168.08
CA ASN D 58 -14.50 -71.28 -168.39
C ASN D 58 -13.14 -71.93 -168.54
N TYR D 59 -12.54 -71.80 -169.72
CA TYR D 59 -11.29 -72.46 -170.05
C TYR D 59 -10.11 -71.51 -169.84
N ALA D 60 -8.91 -72.08 -169.88
CA ALA D 60 -7.68 -71.34 -169.69
C ALA D 60 -6.59 -72.01 -170.53
N ASP D 61 -5.33 -71.67 -170.24
CA ASP D 61 -4.21 -72.25 -170.97
C ASP D 61 -3.92 -73.69 -170.56
N SER D 62 -4.41 -74.13 -169.41
CA SER D 62 -4.13 -75.47 -168.89
C SER D 62 -5.16 -76.50 -169.33
N VAL D 63 -6.17 -76.11 -170.11
CA VAL D 63 -7.20 -77.05 -170.55
C VAL D 63 -6.76 -77.91 -171.72
N LYS D 64 -5.51 -77.77 -172.17
CA LYS D 64 -5.02 -78.59 -173.27
C LYS D 64 -5.05 -80.06 -172.88
N GLY D 65 -5.56 -80.88 -173.79
CA GLY D 65 -5.72 -82.30 -173.52
C GLY D 65 -7.13 -82.78 -173.79
N ARG D 66 -7.60 -83.74 -172.99
CA ARG D 66 -8.94 -84.32 -173.13
C ARG D 66 -9.68 -84.18 -171.80
N PHE D 67 -10.39 -83.07 -171.66
CA PHE D 67 -11.13 -82.71 -170.45
C PHE D 67 -12.61 -83.02 -170.64
N THR D 68 -13.26 -83.44 -169.55
CA THR D 68 -14.72 -83.60 -169.56
C THR D 68 -15.23 -83.31 -168.15
N ILE D 69 -15.67 -82.08 -167.92
CA ILE D 69 -16.08 -81.63 -166.59
C ILE D 69 -17.58 -81.33 -166.62
N SER D 70 -18.32 -81.92 -165.69
CA SER D 70 -19.76 -81.73 -165.61
C SER D 70 -20.19 -81.61 -164.16
N ARG D 71 -21.10 -80.68 -163.89
CA ARG D 71 -21.54 -80.40 -162.53
C ARG D 71 -23.04 -80.60 -162.39
N ASP D 72 -23.46 -80.98 -161.19
CA ASP D 72 -24.86 -81.11 -160.83
C ASP D 72 -25.10 -80.33 -159.55
N ASN D 73 -26.07 -79.41 -159.60
CA ASN D 73 -26.36 -78.53 -158.47
C ASN D 73 -27.31 -79.15 -157.46
N ALA D 74 -27.90 -80.31 -157.75
CA ALA D 74 -28.80 -80.95 -156.80
C ALA D 74 -28.06 -81.34 -155.53
N LYS D 75 -26.85 -81.86 -155.66
CA LYS D 75 -26.03 -82.24 -154.52
C LYS D 75 -24.67 -81.54 -154.53
N ASN D 76 -24.48 -80.56 -155.41
CA ASN D 76 -23.20 -79.86 -155.57
C ASN D 76 -22.07 -80.85 -155.82
N THR D 77 -22.27 -81.68 -156.85
CA THR D 77 -21.35 -82.76 -157.18
C THR D 77 -20.80 -82.56 -158.59
N VAL D 78 -19.48 -82.59 -158.72
CA VAL D 78 -18.80 -82.35 -159.98
C VAL D 78 -17.99 -83.59 -160.35
N TYR D 79 -18.15 -84.06 -161.58
CA TYR D 79 -17.39 -85.17 -162.13
C TYR D 79 -16.44 -84.64 -163.20
N LEU D 80 -15.15 -84.92 -163.03
CA LEU D 80 -14.10 -84.50 -163.96
C LEU D 80 -13.46 -85.74 -164.55
N GLN D 81 -13.33 -85.77 -165.88
CA GLN D 81 -12.77 -86.91 -166.60
C GLN D 81 -11.56 -86.42 -167.38
N MET D 82 -10.41 -87.04 -167.14
CA MET D 82 -9.19 -86.76 -167.86
C MET D 82 -8.85 -87.97 -168.73
N ASN D 83 -8.81 -87.78 -170.04
CA ASN D 83 -8.55 -88.89 -170.94
C ASN D 83 -7.07 -88.92 -171.37
N SER D 84 -6.54 -87.80 -171.82
CA SER D 84 -5.15 -87.70 -172.26
C SER D 84 -4.30 -87.17 -171.10
N LEU D 85 -3.27 -87.93 -170.73
CA LEU D 85 -2.41 -87.59 -169.61
C LEU D 85 -1.00 -87.31 -170.11
N LYS D 86 -0.36 -86.31 -169.50
CA LYS D 86 1.00 -85.92 -169.85
C LYS D 86 1.86 -85.85 -168.59
N PRO D 87 3.16 -86.09 -168.72
CA PRO D 87 4.03 -86.03 -167.53
C PRO D 87 4.02 -84.67 -166.84
N GLU D 88 3.83 -83.59 -167.58
CA GLU D 88 3.83 -82.26 -166.99
C GLU D 88 2.54 -81.96 -166.23
N ASP D 89 1.54 -82.84 -166.28
CA ASP D 89 0.28 -82.62 -165.60
C ASP D 89 0.32 -83.05 -164.13
N THR D 90 1.45 -83.57 -163.66
CA THR D 90 1.57 -84.00 -162.26
C THR D 90 1.56 -82.77 -161.35
N ALA D 91 0.52 -82.65 -160.53
CA ALA D 91 0.36 -81.50 -159.65
C ALA D 91 -0.76 -81.80 -158.66
N VAL D 92 -0.89 -80.95 -157.65
CA VAL D 92 -2.01 -81.03 -156.72
C VAL D 92 -3.15 -80.18 -157.25
N TYR D 93 -4.36 -80.74 -157.24
CA TYR D 93 -5.55 -80.07 -157.73
C TYR D 93 -6.48 -79.82 -156.55
N TYR D 94 -6.86 -78.56 -156.36
CA TYR D 94 -7.76 -78.15 -155.30
C TYR D 94 -9.10 -77.75 -155.89
N CYS D 95 -10.17 -78.21 -155.24
CA CYS D 95 -11.54 -77.93 -155.65
C CYS D 95 -12.06 -76.77 -154.82
N ASN D 96 -12.49 -75.70 -155.49
CA ASN D 96 -12.98 -74.50 -154.83
C ASN D 96 -14.37 -74.16 -155.33
N ALA D 97 -15.19 -73.56 -154.47
CA ALA D 97 -16.53 -73.11 -154.82
C ALA D 97 -16.69 -71.68 -154.31
N ASP D 98 -16.40 -70.71 -155.17
CA ASP D 98 -16.46 -69.31 -154.76
C ASP D 98 -17.71 -68.64 -155.34
N ARG D 99 -18.36 -67.80 -154.53
CA ARG D 99 -19.60 -67.17 -154.96
C ARG D 99 -19.37 -66.13 -156.06
N VAL D 100 -18.11 -65.78 -156.34
CA VAL D 100 -17.78 -64.92 -157.48
C VAL D 100 -18.34 -65.58 -158.74
N PRO D 101 -19.38 -65.02 -159.35
CA PRO D 101 -20.08 -65.74 -160.43
C PRO D 101 -19.21 -65.83 -161.67
N ASN D 102 -18.91 -67.06 -162.08
CA ASN D 102 -18.24 -67.35 -163.36
C ASN D 102 -16.85 -66.74 -163.45
N GLY D 103 -16.38 -66.10 -162.39
CA GLY D 103 -15.07 -65.48 -162.39
C GLY D 103 -15.04 -63.98 -162.58
N TYR D 104 -16.18 -63.30 -162.45
CA TYR D 104 -16.22 -61.84 -162.53
C TYR D 104 -16.84 -61.29 -161.25
N ASN D 105 -16.43 -60.07 -160.90
CA ASN D 105 -16.90 -59.43 -159.67
C ASN D 105 -16.96 -57.93 -159.88
N PRO D 106 -18.13 -57.40 -160.25
CA PRO D 106 -18.26 -55.94 -160.39
C PRO D 106 -18.03 -55.19 -159.09
N TRP D 107 -18.35 -55.81 -157.95
CA TRP D 107 -18.16 -55.14 -156.67
C TRP D 107 -16.68 -54.90 -156.39
N GLY D 108 -15.86 -55.94 -156.53
CA GLY D 108 -14.43 -55.81 -156.32
C GLY D 108 -13.92 -56.54 -155.10
N THR D 109 -13.16 -55.83 -154.26
CA THR D 109 -12.55 -56.44 -153.08
C THR D 109 -13.55 -57.11 -152.13
N PRO D 110 -14.76 -56.55 -151.85
CA PRO D 110 -15.64 -57.23 -150.89
C PRO D 110 -16.13 -58.60 -151.34
N ASN D 111 -15.73 -59.05 -152.52
CA ASN D 111 -16.06 -60.41 -152.95
C ASN D 111 -14.91 -61.15 -153.61
N ASP D 112 -13.83 -60.49 -154.02
CA ASP D 112 -12.72 -61.20 -154.65
C ASP D 112 -12.11 -62.24 -153.72
N GLU D 113 -12.18 -62.01 -152.41
CA GLU D 113 -11.69 -62.96 -151.43
C GLU D 113 -12.80 -63.84 -150.86
N TYR D 114 -14.01 -63.74 -151.40
CA TYR D 114 -15.15 -64.53 -150.94
C TYR D 114 -15.08 -65.92 -151.58
N ASP D 115 -14.07 -66.68 -151.18
CA ASP D 115 -13.79 -68.00 -151.72
C ASP D 115 -13.88 -69.05 -150.62
N TYR D 116 -14.51 -70.18 -150.95
CA TYR D 116 -14.55 -71.35 -150.07
C TYR D 116 -13.60 -72.39 -150.66
N TRP D 117 -12.37 -72.38 -150.17
CA TRP D 117 -11.32 -73.26 -150.69
C TRP D 117 -11.38 -74.60 -149.96
N GLY D 118 -11.87 -75.62 -150.65
CA GLY D 118 -12.00 -76.94 -150.08
C GLY D 118 -10.74 -77.78 -150.24
N GLN D 119 -10.84 -79.03 -149.79
CA GLN D 119 -9.72 -79.94 -149.87
C GLN D 119 -9.49 -80.41 -151.30
N GLY D 120 -8.26 -80.85 -151.58
CA GLY D 120 -7.90 -81.32 -152.90
C GLY D 120 -7.17 -82.65 -152.88
N THR D 121 -6.61 -83.03 -154.02
CA THR D 121 -5.88 -84.29 -154.12
C THR D 121 -4.74 -84.15 -155.12
N GLN D 122 -3.75 -85.02 -154.99
CA GLN D 122 -2.57 -84.98 -155.85
C GLN D 122 -2.77 -85.90 -157.05
N VAL D 123 -2.70 -85.33 -158.25
CA VAL D 123 -2.74 -86.10 -159.49
C VAL D 123 -1.31 -86.32 -159.96
N THR D 124 -0.96 -87.57 -160.20
CA THR D 124 0.39 -87.95 -160.60
C THR D 124 0.33 -88.70 -161.93
N VAL D 125 1.24 -88.35 -162.84
CA VAL D 125 1.36 -88.98 -164.14
C VAL D 125 2.76 -89.55 -164.29
N SER D 126 2.85 -90.83 -164.66
CA SER D 126 4.13 -91.48 -164.84
C SER D 126 4.80 -91.03 -166.14
N ILE E 11 7.86 -8.41 32.96
CA ILE E 11 8.94 -7.43 33.00
C ILE E 11 8.55 -6.28 33.93
N GLN E 12 7.29 -6.27 34.35
CA GLN E 12 6.81 -5.24 35.26
C GLN E 12 7.48 -5.37 36.62
N PHE E 13 7.58 -4.25 37.32
CA PHE E 13 8.21 -4.20 38.63
C PHE E 13 7.29 -3.52 39.62
N LEU E 14 7.21 -4.07 40.82
CA LEU E 14 6.34 -3.50 41.85
C LEU E 14 6.81 -2.12 42.26
N ARG E 15 5.86 -1.20 42.41
CA ARG E 15 6.16 0.19 42.75
C ARG E 15 5.51 0.54 44.08
N THR E 16 5.86 1.72 44.58
CA THR E 16 5.24 2.23 45.79
C THR E 16 3.78 2.57 45.54
N ASP E 17 2.93 2.26 46.53
CA ASP E 17 1.49 2.55 46.48
C ASP E 17 0.83 1.78 45.33
N ASP E 18 0.97 0.47 45.38
CA ASP E 18 0.31 -0.43 44.45
C ASP E 18 -0.41 -1.53 45.22
N GLU E 19 -1.42 -2.11 44.59
CA GLU E 19 -2.22 -3.16 45.21
C GLU E 19 -1.55 -4.51 44.99
N VAL E 20 -1.27 -5.23 46.07
CA VAL E 20 -0.63 -6.52 46.00
C VAL E 20 -1.41 -7.52 46.86
N VAL E 21 -1.29 -8.79 46.50
CA VAL E 21 -1.94 -9.89 47.21
C VAL E 21 -0.88 -10.92 47.57
N LEU E 22 -0.85 -11.32 48.84
CA LEU E 22 0.09 -12.35 49.30
C LEU E 22 -0.57 -13.71 49.16
N GLN E 23 0.04 -14.59 48.37
CA GLN E 23 -0.52 -15.89 48.08
C GLN E 23 0.48 -16.98 48.43
N CYS E 24 -0.05 -18.12 48.87
CA CYS E 24 0.76 -19.28 49.20
C CYS E 24 0.09 -20.53 48.63
N THR E 25 0.90 -21.50 48.24
CA THR E 25 0.42 -22.76 47.69
C THR E 25 0.54 -23.87 48.73
N ALA E 26 -0.50 -24.69 48.81
CA ALA E 26 -0.55 -25.79 49.76
C ALA E 26 -0.85 -27.09 49.02
N THR E 27 -0.34 -28.19 49.58
CA THR E 27 -0.48 -29.51 48.99
C THR E 27 -1.22 -30.41 49.96
N ILE E 28 -2.34 -29.93 50.47
CA ILE E 28 -3.02 -30.62 51.58
C ILE E 28 -3.70 -31.88 51.04
N HIS E 29 -3.36 -33.03 51.62
CA HIS E 29 -3.88 -34.33 51.18
C HIS E 29 -3.60 -34.56 49.70
N LYS E 30 -2.40 -34.18 49.26
CA LYS E 30 -1.99 -34.26 47.86
C LYS E 30 -2.93 -33.47 46.96
N GLU E 31 -3.54 -32.41 47.51
CA GLU E 31 -4.45 -31.55 46.77
C GLU E 31 -3.88 -30.15 46.78
N GLN E 32 -3.70 -29.58 45.59
CA GLN E 32 -3.09 -28.27 45.44
C GLN E 32 -4.14 -27.18 45.61
N GLN E 33 -3.84 -26.21 46.47
CA GLN E 33 -4.74 -25.10 46.73
C GLN E 33 -3.94 -23.81 46.84
N LYS E 34 -4.58 -22.70 46.47
CA LYS E 34 -3.97 -21.38 46.56
C LYS E 34 -4.73 -20.59 47.61
N LEU E 35 -4.01 -20.07 48.60
CA LEU E 35 -4.62 -19.33 49.70
C LEU E 35 -3.99 -17.95 49.78
N CYS E 36 -4.84 -16.92 49.87
CA CYS E 36 -4.39 -15.55 49.96
C CYS E 36 -4.59 -15.02 51.39
N LEU E 37 -3.67 -14.18 51.81
CA LEU E 37 -3.67 -13.64 53.17
C LEU E 37 -4.71 -12.52 53.27
N ALA E 38 -5.75 -12.73 54.06
CA ALA E 38 -6.83 -11.76 54.23
C ALA E 38 -7.00 -11.42 55.70
N ALA E 39 -7.73 -10.34 55.95
CA ALA E 39 -8.01 -9.90 57.31
C ALA E 39 -9.31 -9.11 57.33
N GLU E 40 -10.18 -9.43 58.28
CA GLU E 40 -11.45 -8.73 58.39
C GLU E 40 -11.25 -7.25 58.72
N GLY E 41 -10.37 -6.94 59.66
CA GLY E 41 -10.08 -5.58 60.02
C GLY E 41 -11.01 -5.03 61.09
N PHE E 42 -12.31 -4.98 60.79
CA PHE E 42 -13.30 -4.44 61.71
C PHE E 42 -13.72 -5.53 62.69
N GLY E 43 -13.27 -5.39 63.94
CA GLY E 43 -13.64 -6.34 64.97
C GLY E 43 -12.86 -7.64 64.97
N ASN E 44 -11.88 -7.79 64.07
CA ASN E 44 -11.07 -9.01 64.04
C ASN E 44 -9.68 -8.61 63.56
N ARG E 45 -8.78 -8.37 64.51
CA ARG E 45 -7.40 -8.02 64.15
C ARG E 45 -6.67 -9.21 63.53
N LEU E 46 -7.01 -10.42 63.92
CA LEU E 46 -6.29 -11.60 63.45
C LEU E 46 -6.47 -11.79 61.96
N CYS E 47 -5.40 -12.20 61.29
CA CYS E 47 -5.40 -12.46 59.86
C CYS E 47 -5.54 -13.94 59.58
N PHE E 48 -6.21 -14.27 58.48
CA PHE E 48 -6.42 -15.66 58.10
C PHE E 48 -6.15 -15.87 56.62
N LEU E 49 -6.48 -17.05 56.12
CA LEU E 49 -6.25 -17.40 54.72
C LEU E 49 -7.60 -17.65 54.04
N GLU E 50 -7.77 -17.07 52.86
CA GLU E 50 -8.96 -17.27 52.04
C GLU E 50 -8.56 -18.04 50.79
N SER E 51 -9.27 -19.14 50.51
CA SER E 51 -8.94 -19.99 49.37
C SER E 51 -9.30 -19.25 48.10
N THR E 52 -8.29 -18.73 47.41
CA THR E 52 -8.54 -18.02 46.15
C THR E 52 -8.69 -18.98 44.98
N SER E 53 -8.41 -20.27 45.18
CA SER E 53 -8.64 -21.27 44.14
C SER E 53 -10.13 -21.62 44.09
N ASN E 54 -10.48 -22.44 43.10
CA ASN E 54 -11.87 -22.83 42.86
C ASN E 54 -12.78 -21.61 42.70
N SER E 55 -12.28 -20.62 41.96
CA SER E 55 -13.04 -19.39 41.75
C SER E 55 -14.33 -19.64 40.97
N LYS E 56 -14.39 -20.72 40.19
CA LYS E 56 -15.60 -21.02 39.43
C LYS E 56 -16.75 -21.35 40.35
N ASN E 57 -16.52 -22.22 41.34
CA ASN E 57 -17.60 -22.63 42.23
C ASN E 57 -17.93 -21.53 43.23
N VAL E 58 -16.92 -20.89 43.81
CA VAL E 58 -17.13 -19.88 44.84
C VAL E 58 -16.34 -18.62 44.48
N PRO E 59 -16.97 -17.45 44.49
CA PRO E 59 -16.24 -16.23 44.18
C PRO E 59 -15.36 -15.80 45.34
N PRO E 60 -14.05 -15.67 45.11
CA PRO E 60 -13.17 -15.19 46.18
C PRO E 60 -13.45 -13.73 46.51
N ASP E 61 -13.23 -13.37 47.78
CA ASP E 61 -13.48 -12.03 48.29
C ASP E 61 -12.14 -11.31 48.41
N LEU E 62 -11.72 -10.66 47.32
CA LEU E 62 -10.43 -9.98 47.31
C LEU E 62 -10.46 -8.65 48.06
N SER E 63 -11.64 -8.16 48.45
CA SER E 63 -11.72 -6.87 49.13
C SER E 63 -10.96 -6.87 50.44
N ILE E 64 -11.10 -7.94 51.22
CA ILE E 64 -10.37 -8.05 52.49
C ILE E 64 -9.00 -8.66 52.34
N CYS E 65 -8.62 -9.06 51.12
CA CYS E 65 -7.33 -9.72 50.90
C CYS E 65 -6.31 -8.83 50.21
N THR E 66 -6.75 -7.80 49.48
CA THR E 66 -5.79 -6.92 48.81
C THR E 66 -5.05 -6.05 49.82
N PHE E 67 -3.77 -5.84 49.56
CA PHE E 67 -2.92 -4.98 50.38
C PHE E 67 -2.24 -3.96 49.49
N VAL E 68 -1.87 -2.83 50.10
CA VAL E 68 -1.17 -1.76 49.40
C VAL E 68 0.14 -1.47 50.15
N LEU E 69 1.21 -1.31 49.39
CA LEU E 69 2.52 -1.05 49.96
C LEU E 69 2.70 0.46 50.09
N GLU E 70 2.68 0.96 51.32
CA GLU E 70 2.73 2.40 51.54
C GLU E 70 4.12 2.97 51.26
N GLN E 71 5.17 2.31 51.75
CA GLN E 71 6.50 2.87 51.64
C GLN E 71 7.52 1.80 51.99
N SER E 72 8.69 1.89 51.37
CA SER E 72 9.79 0.96 51.59
C SER E 72 11.03 1.72 52.03
N LEU E 73 11.65 1.27 53.12
CA LEU E 73 12.90 1.82 53.61
C LEU E 73 13.91 0.70 53.77
N SER E 74 15.19 1.03 53.66
CA SER E 74 16.25 0.08 53.93
C SER E 74 16.34 -0.19 55.43
N VAL E 75 17.17 -1.18 55.80
CA VAL E 75 17.30 -1.56 57.21
C VAL E 75 17.91 -0.40 58.00
N ARG E 76 19.02 0.14 57.51
CA ARG E 76 19.68 1.25 58.21
C ARG E 76 18.79 2.48 58.23
N ALA E 77 18.12 2.79 57.12
CA ALA E 77 17.24 3.95 57.08
C ALA E 77 16.09 3.80 58.06
N LEU E 78 15.51 2.60 58.15
CA LEU E 78 14.44 2.36 59.11
C LEU E 78 14.94 2.48 60.54
N GLN E 79 16.16 1.98 60.80
CA GLN E 79 16.73 2.12 62.14
C GLN E 79 16.91 3.59 62.51
N GLU E 80 17.43 4.39 61.57
CA GLU E 80 17.60 5.81 61.83
C GLU E 80 16.26 6.50 62.04
N MET E 81 15.25 6.14 61.24
CA MET E 81 13.93 6.75 61.39
C MET E 81 13.31 6.41 62.74
N LEU E 82 13.45 5.15 63.17
CA LEU E 82 12.95 4.75 64.48
C LEU E 82 13.69 5.47 65.59
N ALA E 83 15.01 5.63 65.46
CA ALA E 83 15.78 6.36 66.46
C ALA E 83 15.33 7.81 66.55
N ASN E 84 15.09 8.44 65.39
CA ASN E 84 14.64 9.83 65.37
C ASN E 84 13.18 9.95 65.78
N HIS E 110 5.89 6.71 43.27
CA HIS E 110 6.04 5.28 42.98
C HIS E 110 7.51 4.91 42.82
N ARG E 111 8.04 4.17 43.79
CA ARG E 111 9.43 3.73 43.78
C ARG E 111 9.47 2.21 43.82
N THR E 112 10.45 1.64 43.13
CA THR E 112 10.61 0.19 43.10
C THR E 112 11.07 -0.31 44.46
N LEU E 113 10.85 -1.61 44.69
CA LEU E 113 11.24 -2.26 45.93
C LEU E 113 12.55 -3.01 45.72
N LEU E 114 13.40 -2.98 46.74
CA LEU E 114 14.69 -3.65 46.71
C LEU E 114 14.74 -4.70 47.81
N TYR E 115 15.45 -5.80 47.53
CA TYR E 115 15.59 -6.85 48.52
C TYR E 115 16.30 -6.33 49.76
N GLY E 116 15.82 -6.76 50.94
CA GLY E 116 16.36 -6.31 52.19
C GLY E 116 15.72 -5.04 52.74
N HIS E 117 14.87 -4.38 51.95
CA HIS E 117 14.16 -3.21 52.43
C HIS E 117 12.95 -3.62 53.25
N ALA E 118 12.54 -2.74 54.16
CA ALA E 118 11.38 -2.97 55.01
C ALA E 118 10.18 -2.27 54.40
N ILE E 119 9.13 -3.03 54.14
CA ILE E 119 7.93 -2.51 53.50
C ILE E 119 6.86 -2.26 54.57
N LEU E 120 5.81 -1.54 54.18
CA LEU E 120 4.69 -1.22 55.07
C LEU E 120 3.41 -1.65 54.37
N LEU E 121 2.85 -2.77 54.79
CA LEU E 121 1.65 -3.31 54.18
C LEU E 121 0.41 -2.77 54.88
N ARG E 122 -0.50 -2.20 54.10
CA ARG E 122 -1.74 -1.63 54.61
C ARG E 122 -2.91 -2.35 53.98
N HIS E 123 -3.85 -2.78 54.81
CA HIS E 123 -5.08 -3.37 54.30
C HIS E 123 -5.86 -2.36 53.48
N SER E 124 -6.43 -2.82 52.37
CA SER E 124 -7.13 -1.91 51.47
C SER E 124 -8.44 -1.42 52.07
N TYR E 125 -9.36 -2.34 52.34
CA TYR E 125 -10.66 -1.95 52.88
C TYR E 125 -10.52 -1.36 54.29
N SER E 126 -9.82 -2.06 55.17
CA SER E 126 -9.71 -1.61 56.54
C SER E 126 -8.91 -0.32 56.65
N GLY E 127 -7.90 -0.16 55.81
CA GLY E 127 -6.97 0.94 55.98
C GLY E 127 -6.03 0.75 57.15
N MET E 128 -6.09 -0.39 57.82
CA MET E 128 -5.27 -0.69 58.99
C MET E 128 -3.91 -1.18 58.47
N TYR E 129 -2.99 -1.50 59.38
CA TYR E 129 -1.63 -1.85 58.98
C TYR E 129 -1.21 -3.21 59.52
N LEU E 130 -0.65 -4.04 58.65
CA LEU E 130 -0.24 -5.38 59.03
C LEU E 130 0.97 -5.35 59.95
N CYS E 131 0.99 -6.25 60.92
CA CYS E 131 2.06 -6.30 61.92
C CYS E 131 2.12 -7.70 62.51
N CYS E 132 2.85 -7.85 63.61
CA CYS E 132 2.95 -9.09 64.37
C CYS E 132 2.43 -8.85 65.78
N LEU E 133 1.22 -9.34 66.06
CA LEU E 133 0.65 -9.20 67.39
C LEU E 133 1.44 -10.04 68.39
N SER E 134 1.60 -9.50 69.61
CA SER E 134 2.37 -10.19 70.63
C SER E 134 1.68 -11.47 71.09
N THR E 135 0.36 -11.52 71.05
CA THR E 135 -0.36 -12.70 71.50
C THR E 135 -0.10 -13.88 70.57
N SER E 136 -0.08 -15.07 71.15
CA SER E 136 0.11 -16.31 70.40
C SER E 136 -1.16 -17.14 70.50
N ARG E 137 -1.85 -17.31 69.38
CA ARG E 137 -3.10 -18.07 69.40
C ARG E 137 -2.84 -19.56 69.50
N SER E 138 -1.84 -20.07 68.79
CA SER E 138 -1.56 -21.50 68.75
C SER E 138 -0.51 -21.84 69.80
N SER E 139 -0.87 -22.73 70.73
CA SER E 139 0.08 -23.15 71.76
C SER E 139 1.16 -24.05 71.18
N THR E 140 0.82 -24.85 70.17
CA THR E 140 1.82 -25.76 69.59
C THR E 140 2.96 -24.98 68.94
N ASP E 141 2.65 -23.89 68.26
CA ASP E 141 3.65 -23.07 67.58
C ASP E 141 4.39 -22.25 68.65
N LYS E 142 5.39 -22.88 69.26
CA LYS E 142 6.17 -22.21 70.28
C LYS E 142 7.02 -21.11 69.67
N LEU E 143 7.18 -20.01 70.41
CA LEU E 143 7.92 -18.83 69.96
C LEU E 143 7.39 -18.33 68.61
N ALA E 144 6.08 -18.44 68.43
CA ALA E 144 5.43 -17.96 67.21
C ALA E 144 4.31 -17.01 67.61
N PHE E 145 4.36 -15.78 67.10
CA PHE E 145 3.35 -14.78 67.38
C PHE E 145 2.39 -14.64 66.21
N ASP E 146 1.16 -14.27 66.53
CA ASP E 146 0.14 -14.08 65.51
C ASP E 146 0.43 -12.84 64.68
N VAL E 147 -0.08 -12.84 63.46
CA VAL E 147 0.06 -11.70 62.55
C VAL E 147 -1.32 -11.03 62.43
N GLY E 148 -1.35 -9.73 62.69
CA GLY E 148 -2.60 -9.00 62.70
C GLY E 148 -2.46 -7.57 62.22
N LEU E 149 -3.42 -6.73 62.58
CA LEU E 149 -3.45 -5.34 62.13
C LEU E 149 -3.33 -4.40 63.32
N GLN E 150 -2.46 -3.40 63.21
CA GLN E 150 -2.31 -2.36 64.21
C GLN E 150 -2.37 -0.99 63.54
N GLU E 151 -2.79 0.00 64.32
CA GLU E 151 -2.91 1.38 63.85
C GLU E 151 -1.80 2.29 64.39
N ASP E 152 -0.99 1.81 65.33
CA ASP E 152 0.04 2.64 65.93
C ASP E 152 1.06 3.10 64.90
N THR E 153 1.47 2.19 64.00
CA THR E 153 2.34 2.50 62.87
C THR E 153 3.63 3.21 63.31
N THR E 154 4.21 2.74 64.40
CA THR E 154 5.52 3.24 64.81
C THR E 154 6.44 2.16 65.34
N GLY E 155 6.03 0.90 65.34
CA GLY E 155 6.85 -0.20 65.82
C GLY E 155 7.49 -0.95 64.68
N GLU E 156 8.63 -1.58 64.97
CA GLU E 156 9.33 -2.35 63.95
C GLU E 156 8.51 -3.56 63.50
N ALA E 157 7.64 -4.07 64.37
CA ALA E 157 6.80 -5.20 64.00
C ALA E 157 5.84 -4.86 62.87
N CYS E 158 5.50 -3.59 62.69
CA CYS E 158 4.61 -3.20 61.60
C CYS E 158 5.30 -3.36 60.25
N TRP E 159 6.60 -3.12 60.19
CA TRP E 159 7.33 -3.21 58.94
C TRP E 159 7.76 -4.65 58.67
N TRP E 160 7.90 -4.97 57.39
CA TRP E 160 8.28 -6.31 56.95
C TRP E 160 9.39 -6.19 55.91
N THR E 161 10.42 -7.03 56.06
CA THR E 161 11.55 -7.04 55.15
C THR E 161 11.38 -8.15 54.12
N ILE E 162 11.59 -7.80 52.86
CA ILE E 162 11.46 -8.75 51.74
C ILE E 162 12.84 -9.32 51.43
N HIS E 163 12.86 -10.59 51.05
CA HIS E 163 14.11 -11.28 50.75
C HIS E 163 13.93 -12.19 49.55
N PRO E 164 14.98 -12.35 48.74
CA PRO E 164 14.89 -13.16 47.52
C PRO E 164 14.90 -14.66 47.80
N ALA E 165 13.72 -15.24 48.03
CA ALA E 165 13.63 -16.67 48.31
C ALA E 165 14.34 -17.49 47.25
N SER E 166 14.24 -17.09 45.98
CA SER E 166 14.91 -17.81 44.91
C SER E 166 16.43 -17.67 45.05
N LYS E 167 17.13 -18.81 44.97
CA LYS E 167 18.58 -18.78 45.11
C LYS E 167 19.25 -18.08 43.93
N GLN E 168 18.65 -18.18 42.75
CA GLN E 168 19.24 -17.54 41.57
C GLN E 168 19.31 -16.03 41.73
N ARG E 169 18.27 -15.42 42.28
CA ARG E 169 18.30 -14.00 42.56
C ARG E 169 19.08 -13.71 43.83
N SER E 170 19.55 -12.48 43.95
CA SER E 170 20.38 -12.06 45.07
C SER E 170 19.87 -10.75 45.63
N GLU E 171 20.32 -10.44 46.85
CA GLU E 171 19.94 -9.19 47.51
C GLU E 171 20.47 -8.00 46.72
N GLY E 172 19.71 -6.91 46.74
CA GLY E 172 20.06 -5.72 46.01
C GLY E 172 19.49 -5.64 44.62
N GLU E 173 18.81 -6.69 44.15
CA GLU E 173 18.17 -6.68 42.85
C GLU E 173 16.77 -6.07 42.96
N LYS E 174 16.16 -5.80 41.81
CA LYS E 174 14.83 -5.24 41.80
C LYS E 174 13.82 -6.25 42.31
N VAL E 175 12.62 -5.75 42.64
CA VAL E 175 11.61 -6.59 43.28
C VAL E 175 11.10 -7.63 42.29
N ARG E 176 11.04 -8.87 42.75
CA ARG E 176 10.43 -9.94 41.97
C ARG E 176 8.94 -9.70 41.80
N VAL E 177 8.40 -10.16 40.68
CA VAL E 177 6.99 -9.94 40.33
C VAL E 177 6.35 -11.30 40.06
N GLY E 178 5.20 -11.54 40.68
CA GLY E 178 4.46 -12.77 40.45
C GLY E 178 5.23 -14.02 40.76
N ASP E 179 5.99 -14.02 41.85
CA ASP E 179 6.83 -15.15 42.21
C ASP E 179 7.02 -15.13 43.72
N ASP E 180 7.66 -16.17 44.23
CA ASP E 180 7.76 -16.41 45.67
C ASP E 180 8.96 -15.70 46.27
N LEU E 181 8.72 -14.93 47.33
CA LEU E 181 9.78 -14.30 48.11
C LEU E 181 9.61 -14.63 49.59
N ILE E 182 10.40 -14.01 50.46
CA ILE E 182 10.33 -14.25 51.89
C ILE E 182 10.05 -12.95 52.61
N LEU E 183 9.13 -12.99 53.58
CA LEU E 183 8.83 -11.84 54.43
C LEU E 183 9.29 -12.14 55.85
N VAL E 184 10.08 -11.22 56.42
CA VAL E 184 10.60 -11.38 57.77
C VAL E 184 10.21 -10.16 58.60
N SER E 185 9.72 -10.40 59.80
CA SER E 185 9.40 -9.31 60.71
C SER E 185 10.67 -8.60 61.15
N VAL E 186 10.61 -7.27 61.20
CA VAL E 186 11.79 -6.49 61.55
C VAL E 186 12.16 -6.71 63.02
N SER E 187 11.18 -6.64 63.91
CA SER E 187 11.45 -6.77 65.34
C SER E 187 11.42 -8.23 65.79
N SER E 188 10.33 -8.94 65.51
CA SER E 188 10.19 -10.32 65.98
C SER E 188 11.19 -11.26 65.32
N GLU E 189 11.75 -10.87 64.17
CA GLU E 189 12.73 -11.68 63.45
C GLU E 189 12.19 -13.08 63.13
N ARG E 190 10.91 -13.13 62.75
CA ARG E 190 10.25 -14.38 62.39
C ARG E 190 9.68 -14.28 60.98
N TYR E 191 9.86 -15.34 60.20
CA TYR E 191 9.31 -15.38 58.86
C TYR E 191 7.79 -15.48 58.92
N LEU E 192 7.14 -15.06 57.83
CA LEU E 192 5.68 -15.17 57.70
C LEU E 192 5.33 -16.62 57.40
N HIS E 193 5.51 -17.45 58.43
CA HIS E 193 5.32 -18.88 58.27
C HIS E 193 3.84 -19.22 58.09
N LEU E 194 3.58 -20.24 57.29
CA LEU E 194 2.23 -20.77 57.11
C LEU E 194 2.10 -22.01 57.99
N SER E 195 1.33 -21.89 59.06
CA SER E 195 1.08 -23.03 59.94
C SER E 195 0.07 -23.97 59.31
N TYR E 196 0.40 -25.26 59.29
CA TYR E 196 -0.49 -26.26 58.70
C TYR E 196 -1.68 -26.45 59.62
N GLY E 197 -2.87 -26.07 59.16
CA GLY E 197 -4.10 -26.30 59.90
C GLY E 197 -4.83 -27.51 59.36
N ASN E 198 -5.13 -28.44 60.25
CA ASN E 198 -5.83 -29.66 59.85
C ASN E 198 -7.21 -29.34 59.29
N SER E 199 -7.93 -28.42 59.94
CA SER E 199 -9.23 -27.98 59.43
C SER E 199 -9.09 -26.85 58.43
N SER E 200 -8.15 -25.93 58.66
CA SER E 200 -7.93 -24.81 57.77
C SER E 200 -6.55 -24.24 58.03
N TRP E 201 -5.79 -24.01 56.96
CA TRP E 201 -4.46 -23.44 57.11
C TRP E 201 -4.53 -22.03 57.67
N HIS E 202 -3.60 -21.71 58.57
CA HIS E 202 -3.57 -20.41 59.22
C HIS E 202 -2.15 -19.87 59.20
N VAL E 203 -2.05 -18.55 59.09
CA VAL E 203 -0.76 -17.87 59.06
C VAL E 203 -0.32 -17.59 60.49
N ASP E 204 0.98 -17.70 60.72
CA ASP E 204 1.55 -17.46 62.04
C ASP E 204 3.03 -17.16 61.89
N ALA E 205 3.47 -16.01 62.37
CA ALA E 205 4.88 -15.62 62.25
C ALA E 205 5.74 -16.55 63.09
N ALA E 206 6.50 -17.41 62.42
CA ALA E 206 7.35 -18.37 63.11
C ALA E 206 8.76 -18.38 62.52
N PHE E 207 9.59 -19.33 62.93
CA PHE E 207 10.97 -19.44 62.48
C PHE E 207 11.13 -20.43 61.33
N GLN E 208 10.12 -20.59 60.50
CA GLN E 208 10.19 -21.49 59.36
C GLN E 208 9.82 -20.75 58.08
N GLN E 209 10.55 -21.05 57.01
CA GLN E 209 10.35 -20.38 55.74
C GLN E 209 8.99 -20.72 55.16
N THR E 210 8.40 -19.75 54.45
CA THR E 210 7.16 -19.96 53.73
C THR E 210 7.19 -19.11 52.47
N LEU E 211 6.88 -19.71 51.33
CA LEU E 211 6.99 -19.06 50.04
C LEU E 211 5.71 -18.26 49.77
N TRP E 212 5.85 -16.96 49.57
CA TRP E 212 4.71 -16.08 49.35
C TRP E 212 4.83 -15.42 47.99
N SER E 213 3.75 -15.48 47.22
CA SER E 213 3.70 -14.91 45.88
C SER E 213 2.88 -13.63 45.89
N VAL E 214 3.38 -12.61 45.21
CA VAL E 214 2.69 -11.33 45.12
C VAL E 214 1.84 -11.31 43.86
N ALA E 215 0.86 -10.40 43.85
CA ALA E 215 -0.04 -10.27 42.71
C ALA E 215 -0.35 -8.79 42.47
N PRO E 216 0.15 -8.21 41.38
CA PRO E 216 -0.06 -6.78 41.14
C PRO E 216 -1.47 -6.46 40.68
N ILE E 217 -2.39 -6.28 41.64
CA ILE E 217 -3.78 -5.98 41.28
C ILE E 217 -3.88 -4.66 40.55
N SER E 218 -3.21 -3.62 41.06
CA SER E 218 -3.27 -2.30 40.45
C SER E 218 -1.98 -1.55 40.73
N SER E 219 -1.43 -0.94 39.70
CA SER E 219 -0.22 -0.13 39.85
C SER E 219 -0.51 1.27 40.37
N GLY E 220 -1.75 1.71 40.34
CA GLY E 220 -2.12 3.04 40.85
C GLY E 220 -1.81 4.21 39.94
N SER E 221 -0.55 4.34 39.50
CA SER E 221 -0.18 5.46 38.64
C SER E 221 -0.90 5.40 37.30
N GLU E 222 -1.01 4.20 36.72
CA GLU E 222 -1.65 4.04 35.42
C GLU E 222 -3.16 4.14 35.47
N ALA E 223 -3.76 4.15 36.65
CA ALA E 223 -5.21 4.28 36.75
C ALA E 223 -5.66 5.66 36.29
N ALA E 224 -6.78 5.69 35.56
CA ALA E 224 -7.32 6.92 35.01
C ALA E 224 -8.69 7.18 35.61
N GLN E 225 -8.89 8.41 36.08
CA GLN E 225 -10.18 8.80 36.65
C GLN E 225 -11.25 8.85 35.57
N GLY E 226 -12.49 8.62 35.98
CA GLY E 226 -13.61 8.64 35.05
C GLY E 226 -13.74 7.42 34.18
N TYR E 227 -13.04 6.34 34.49
CA TYR E 227 -13.12 5.11 33.73
C TYR E 227 -13.46 3.95 34.66
N LEU E 228 -14.19 2.98 34.12
CA LEU E 228 -14.61 1.84 34.94
C LEU E 228 -13.40 1.00 35.31
N ILE E 229 -13.26 0.72 36.60
CA ILE E 229 -12.12 -0.01 37.14
C ILE E 229 -12.63 -1.23 37.87
N GLY E 230 -11.98 -2.38 37.65
CA GLY E 230 -12.38 -3.60 38.31
C GLY E 230 -12.20 -3.52 39.81
N GLY E 231 -12.96 -4.35 40.52
CA GLY E 231 -12.94 -4.33 41.97
C GLY E 231 -13.47 -3.04 42.55
N ASP E 232 -14.58 -2.53 42.04
CA ASP E 232 -15.13 -1.27 42.46
C ASP E 232 -16.62 -1.41 42.74
N VAL E 233 -17.11 -0.56 43.64
CA VAL E 233 -18.52 -0.50 43.99
C VAL E 233 -19.13 0.74 43.35
N LEU E 234 -20.34 0.59 42.83
CA LEU E 234 -20.98 1.65 42.06
C LEU E 234 -22.47 1.39 42.02
N ARG E 235 -23.22 2.39 41.56
CA ARG E 235 -24.65 2.25 41.37
C ARG E 235 -25.02 2.14 39.89
N LEU E 236 -26.04 1.33 39.63
CA LEU E 236 -26.60 1.10 38.31
C LEU E 236 -27.86 1.93 38.20
N LEU E 237 -27.78 3.07 37.51
CA LEU E 237 -28.92 3.96 37.37
C LEU E 237 -29.37 3.94 35.92
N HIS E 238 -30.60 4.36 35.69
CA HIS E 238 -31.07 4.54 34.32
C HIS E 238 -30.82 5.98 33.86
N GLY E 239 -30.90 6.17 32.54
CA GLY E 239 -30.66 7.49 31.97
C GLY E 239 -31.67 8.53 32.39
N HIS E 240 -32.95 8.16 32.38
CA HIS E 240 -34.04 9.05 32.83
C HIS E 240 -34.82 8.48 33.99
N MET E 241 -35.21 7.20 33.91
CA MET E 241 -35.98 6.58 34.99
C MET E 241 -35.19 6.55 36.29
N ASP E 242 -33.85 6.51 36.19
CA ASP E 242 -32.92 6.68 37.32
C ASP E 242 -33.24 5.78 38.50
N GLU E 243 -33.85 4.63 38.24
CA GLU E 243 -34.29 3.73 39.30
C GLU E 243 -33.23 2.65 39.47
N CYS E 244 -32.43 2.78 40.53
CA CYS E 244 -31.31 1.89 40.76
C CYS E 244 -31.80 0.47 41.03
N LEU E 245 -30.93 -0.50 40.68
CA LEU E 245 -31.23 -1.91 40.91
C LEU E 245 -31.14 -2.21 42.40
N THR E 246 -32.25 -1.95 43.10
CA THR E 246 -32.30 -2.10 44.54
C THR E 246 -32.99 -3.40 44.91
N VAL E 247 -32.82 -3.81 46.15
CA VAL E 247 -33.49 -5.00 46.68
C VAL E 247 -34.21 -4.60 47.95
N PRO E 248 -35.19 -5.39 48.38
CA PRO E 248 -35.91 -5.06 49.62
C PRO E 248 -34.96 -4.95 50.80
N SER E 249 -35.26 -4.02 51.69
CA SER E 249 -34.42 -3.78 52.86
C SER E 249 -34.75 -4.80 53.95
N GLY E 250 -34.24 -4.58 55.15
CA GLY E 250 -34.44 -5.50 56.25
C GLY E 250 -35.86 -5.54 56.78
N GLU E 251 -36.77 -4.84 56.11
CA GLU E 251 -38.18 -4.87 56.50
C GLU E 251 -38.76 -6.27 56.38
N HIS E 252 -38.42 -6.98 55.31
CA HIS E 252 -38.78 -8.38 55.15
C HIS E 252 -37.53 -9.26 55.30
N GLY E 253 -37.73 -10.56 55.13
CA GLY E 253 -36.63 -11.51 55.24
C GLY E 253 -35.73 -11.51 54.03
N GLU E 254 -34.56 -12.14 54.20
CA GLU E 254 -33.58 -12.18 53.12
C GLU E 254 -34.12 -12.92 51.90
N GLU E 255 -35.03 -13.89 52.10
CA GLU E 255 -35.65 -14.55 50.96
C GLU E 255 -36.46 -13.57 50.14
N GLN E 256 -37.07 -12.57 50.78
CA GLN E 256 -37.74 -11.51 50.03
C GLN E 256 -36.75 -10.52 49.45
N ARG E 257 -35.65 -10.26 50.16
CA ARG E 257 -34.63 -9.35 49.65
C ARG E 257 -33.84 -9.93 48.49
N ARG E 258 -33.96 -11.24 48.24
CA ARG E 258 -33.20 -11.87 47.17
C ARG E 258 -33.63 -11.42 45.77
N THR E 259 -34.73 -10.69 45.65
CA THR E 259 -35.22 -10.24 44.35
C THR E 259 -34.74 -8.82 44.08
N VAL E 260 -34.28 -8.59 42.84
CA VAL E 260 -33.88 -7.26 42.42
C VAL E 260 -35.07 -6.57 41.77
N HIS E 261 -35.04 -5.24 41.76
CA HIS E 261 -36.09 -4.43 41.16
C HIS E 261 -35.55 -3.02 40.99
N TYR E 262 -36.44 -2.10 40.65
CA TYR E 262 -36.08 -0.70 40.39
C TYR E 262 -36.96 0.17 41.28
N GLU E 263 -36.32 0.99 42.11
CA GLU E 263 -37.01 1.95 42.97
C GLU E 263 -36.38 3.32 42.76
N GLY E 264 -37.24 4.33 42.58
CA GLY E 264 -36.76 5.69 42.38
C GLY E 264 -36.97 6.57 43.60
N GLY E 265 -36.21 7.67 43.66
CA GLY E 265 -36.35 8.61 44.76
C GLY E 265 -35.18 8.62 45.71
N ALA E 266 -35.46 8.63 47.01
CA ALA E 266 -34.41 8.64 48.02
C ALA E 266 -33.68 7.30 48.11
N VAL E 267 -34.18 6.26 47.42
CA VAL E 267 -33.54 4.95 47.48
C VAL E 267 -32.16 4.98 46.84
N SER E 268 -31.88 5.97 45.98
CA SER E 268 -30.59 6.04 45.32
C SER E 268 -29.45 6.21 46.32
N VAL E 269 -29.63 7.08 47.31
CA VAL E 269 -28.56 7.34 48.28
C VAL E 269 -28.45 6.27 49.36
N HIS E 270 -29.40 5.34 49.42
CA HIS E 270 -29.33 4.27 50.42
C HIS E 270 -28.19 3.32 50.10
N ALA E 271 -27.70 2.65 51.15
CA ALA E 271 -26.57 1.74 51.00
C ALA E 271 -26.96 0.41 50.36
N ARG E 272 -28.25 0.14 50.18
CA ARG E 272 -28.68 -1.10 49.55
C ARG E 272 -28.78 -0.99 48.03
N SER E 273 -28.40 0.15 47.46
CA SER E 273 -28.38 0.35 46.02
C SER E 273 -26.97 0.31 45.45
N LEU E 274 -26.08 -0.45 46.08
CA LEU E 274 -24.68 -0.50 45.69
C LEU E 274 -24.35 -1.90 45.18
N TRP E 275 -23.65 -1.96 44.05
CA TRP E 275 -23.22 -3.22 43.46
C TRP E 275 -21.72 -3.19 43.28
N ARG E 276 -21.05 -4.27 43.64
CA ARG E 276 -19.61 -4.38 43.54
C ARG E 276 -19.26 -5.33 42.39
N LEU E 277 -18.31 -4.91 41.56
CA LEU E 277 -17.84 -5.70 40.43
C LEU E 277 -16.60 -6.48 40.85
N GLU E 278 -16.61 -7.79 40.58
CA GLU E 278 -15.48 -8.65 40.87
C GLU E 278 -15.03 -9.31 39.57
N THR E 279 -13.78 -9.07 39.18
CA THR E 279 -13.26 -9.67 37.97
C THR E 279 -13.02 -11.17 38.18
N LEU E 280 -13.31 -11.96 37.16
CA LEU E 280 -13.15 -13.41 37.27
C LEU E 280 -11.69 -13.78 37.54
N ARG E 281 -10.76 -13.16 36.82
CA ARG E 281 -9.35 -13.43 37.04
C ARG E 281 -8.89 -12.85 38.37
N VAL E 282 -7.89 -13.50 38.97
CA VAL E 282 -7.40 -13.09 40.27
C VAL E 282 -6.27 -12.06 40.14
N ALA E 283 -5.33 -12.29 39.23
CA ALA E 283 -4.24 -11.35 39.04
C ALA E 283 -4.71 -10.17 38.22
N TRP E 284 -4.23 -8.97 38.57
CA TRP E 284 -4.57 -7.74 37.88
C TRP E 284 -6.08 -7.52 37.83
N SER E 285 -6.75 -7.82 38.95
CA SER E 285 -8.18 -7.63 39.03
C SER E 285 -8.59 -6.16 39.08
N GLY E 286 -7.64 -5.25 39.27
CA GLY E 286 -7.95 -3.84 39.33
C GLY E 286 -7.78 -3.13 38.00
N SER E 287 -7.72 -3.90 36.91
CA SER E 287 -7.58 -3.31 35.59
C SER E 287 -8.91 -2.71 35.14
N HIS E 288 -8.84 -1.88 34.11
CA HIS E 288 -10.05 -1.27 33.55
C HIS E 288 -10.92 -2.34 32.91
N ILE E 289 -12.22 -2.24 33.16
CA ILE E 289 -13.18 -3.21 32.64
C ILE E 289 -13.38 -2.96 31.15
N ARG E 290 -13.29 -4.01 30.35
CA ARG E 290 -13.48 -3.95 28.91
C ARG E 290 -14.86 -4.44 28.53
N TRP E 291 -15.33 -4.02 27.36
CA TRP E 291 -16.64 -4.45 26.88
C TRP E 291 -16.63 -5.96 26.63
N GLY E 292 -17.66 -6.64 27.12
CA GLY E 292 -17.76 -8.07 26.96
C GLY E 292 -16.96 -8.88 27.96
N GLN E 293 -16.23 -8.23 28.86
CA GLN E 293 -15.46 -8.95 29.86
C GLN E 293 -16.39 -9.47 30.95
N PRO E 294 -16.38 -10.77 31.24
CA PRO E 294 -17.24 -11.30 32.30
C PRO E 294 -16.83 -10.77 33.67
N PHE E 295 -17.82 -10.63 34.54
CA PHE E 295 -17.59 -10.17 35.90
C PHE E 295 -18.70 -10.67 36.80
N ARG E 296 -18.53 -10.45 38.10
CA ARG E 296 -19.45 -10.91 39.13
C ARG E 296 -20.04 -9.70 39.83
N LEU E 297 -21.37 -9.69 39.95
CA LEU E 297 -22.07 -8.63 40.66
C LEU E 297 -22.35 -9.10 42.09
N ARG E 298 -21.96 -8.28 43.07
CA ARG E 298 -22.18 -8.60 44.46
C ARG E 298 -22.92 -7.45 45.14
N HIS E 299 -23.78 -7.78 46.09
CA HIS E 299 -24.51 -6.78 46.85
C HIS E 299 -23.78 -6.57 48.17
N VAL E 300 -23.12 -5.41 48.31
CA VAL E 300 -22.28 -5.16 49.48
C VAL E 300 -23.12 -5.11 50.75
N THR E 301 -24.40 -4.76 50.64
CA THR E 301 -25.23 -4.67 51.83
C THR E 301 -25.51 -6.04 52.43
N THR E 302 -25.81 -7.03 51.58
CA THR E 302 -26.15 -8.37 52.06
C THR E 302 -25.04 -9.39 51.80
N GLY E 303 -24.07 -9.09 50.96
CA GLY E 303 -22.98 -10.01 50.71
C GLY E 303 -23.28 -11.14 49.75
N LYS E 304 -24.40 -11.09 49.05
CA LYS E 304 -24.80 -12.14 48.12
C LYS E 304 -24.48 -11.74 46.70
N TYR E 305 -24.08 -12.72 45.89
CA TYR E 305 -23.81 -12.50 44.48
C TYR E 305 -25.08 -12.70 43.66
N LEU E 306 -25.21 -11.90 42.62
CA LEU E 306 -26.38 -11.92 41.75
C LEU E 306 -26.17 -12.97 40.66
N SER E 307 -27.27 -13.65 40.30
CA SER E 307 -27.20 -14.70 39.29
C SER E 307 -28.52 -14.78 38.54
N LEU E 308 -28.44 -15.41 37.37
CA LEU E 308 -29.56 -15.56 36.46
C LEU E 308 -29.88 -17.03 36.25
N MET E 309 -31.09 -17.44 36.61
CA MET E 309 -31.63 -18.73 36.22
C MET E 309 -32.68 -18.52 35.14
N GLU E 310 -32.67 -19.39 34.13
CA GLU E 310 -33.57 -19.21 32.99
C GLU E 310 -35.03 -19.29 33.38
N ASP E 311 -35.35 -20.06 34.42
CA ASP E 311 -36.73 -20.26 34.84
C ASP E 311 -37.25 -19.15 35.75
N LYS E 312 -36.42 -18.16 36.08
CA LYS E 312 -36.84 -17.07 36.95
C LYS E 312 -36.08 -15.81 36.55
N ASN E 313 -36.10 -14.81 37.43
CA ASN E 313 -35.41 -13.56 37.19
C ASN E 313 -34.11 -13.55 37.99
N LEU E 314 -33.42 -12.41 38.00
CA LEU E 314 -32.17 -12.31 38.74
C LEU E 314 -32.41 -12.47 40.24
N LEU E 315 -31.63 -13.35 40.87
CA LEU E 315 -31.72 -13.57 42.30
C LEU E 315 -30.34 -13.58 42.92
N LEU E 316 -30.28 -13.27 44.22
CA LEU E 316 -29.03 -13.21 44.95
C LEU E 316 -28.87 -14.45 45.81
N MET E 317 -27.71 -15.09 45.73
CA MET E 317 -27.37 -16.22 46.57
C MET E 317 -25.97 -16.04 47.12
N ASP E 318 -25.70 -16.75 48.22
CA ASP E 318 -24.42 -16.64 48.88
C ASP E 318 -23.30 -17.20 47.99
N LYS E 319 -22.06 -16.89 48.37
CA LYS E 319 -20.91 -17.29 47.56
C LYS E 319 -20.72 -18.81 47.53
N GLU E 320 -21.36 -19.55 48.43
CA GLU E 320 -21.20 -21.00 48.45
C GLU E 320 -21.73 -21.62 47.17
N LYS E 321 -22.88 -21.14 46.68
CA LYS E 321 -23.51 -21.70 45.50
C LYS E 321 -23.57 -20.68 44.36
N ALA E 322 -22.58 -19.81 44.28
CA ALA E 322 -22.52 -18.80 43.22
C ALA E 322 -21.52 -19.26 42.16
N ASP E 323 -22.01 -20.09 41.26
CA ASP E 323 -21.18 -20.59 40.17
C ASP E 323 -20.97 -19.51 39.11
N VAL E 324 -19.85 -19.64 38.38
CA VAL E 324 -19.52 -18.67 37.35
C VAL E 324 -20.55 -18.68 36.24
N LYS E 325 -20.98 -19.87 35.83
CA LYS E 325 -21.90 -20.00 34.69
C LYS E 325 -23.23 -19.31 34.95
N SER E 326 -23.57 -19.04 36.20
CA SER E 326 -24.79 -18.32 36.53
C SER E 326 -24.56 -16.89 37.02
N THR E 327 -23.38 -16.60 37.59
CA THR E 327 -23.09 -15.30 38.16
C THR E 327 -22.24 -14.42 37.24
N ALA E 328 -21.90 -14.88 36.05
CA ALA E 328 -21.06 -14.11 35.14
C ALA E 328 -21.89 -13.22 34.25
N PHE E 329 -21.58 -11.94 34.24
CA PHE E 329 -22.26 -10.96 33.40
C PHE E 329 -21.23 -10.05 32.76
N ALA E 330 -21.61 -9.44 31.63
CA ALA E 330 -20.72 -8.57 30.89
C ALA E 330 -21.47 -7.35 30.41
N PHE E 331 -20.72 -6.26 30.20
CA PHE E 331 -21.27 -5.02 29.68
C PHE E 331 -21.12 -4.97 28.16
N ARG E 332 -22.15 -4.47 27.49
CA ARG E 332 -22.14 -4.34 26.04
C ARG E 332 -22.51 -2.92 25.64
N SER E 333 -21.80 -2.39 24.64
CA SER E 333 -22.05 -1.03 24.19
C SER E 333 -23.38 -0.92 23.46
N SER E 334 -23.78 -1.95 22.74
CA SER E 334 -25.01 -1.94 21.96
C SER E 334 -25.94 -3.05 22.42
N LYS E 335 -27.24 -2.82 22.26
CA LYS E 335 -28.23 -3.83 22.66
C LYS E 335 -28.08 -5.10 21.83
N GLU E 336 -27.81 -4.97 20.55
CA GLU E 336 -27.63 -6.13 19.70
C GLU E 336 -26.38 -6.89 20.09
N LYS E 337 -26.37 -8.19 19.82
CA LYS E 337 -25.31 -9.09 20.24
C LYS E 337 -24.35 -9.32 19.07
N LEU E 338 -23.07 -9.07 19.32
CA LEU E 338 -22.00 -9.31 18.35
C LEU E 338 -21.05 -10.38 18.89
N ASP E 339 -20.20 -10.89 18.00
CA ASP E 339 -19.24 -11.90 18.39
C ASP E 339 -18.23 -11.34 19.38
N VAL E 340 -17.72 -12.21 20.25
CA VAL E 340 -16.78 -11.82 21.30
C VAL E 340 -15.40 -12.24 20.79
N GLY E 341 -14.73 -11.31 20.12
CA GLY E 341 -13.38 -11.50 19.65
C GLY E 341 -12.31 -10.75 20.43
N VAL E 342 -12.63 -10.24 21.62
CA VAL E 342 -11.70 -9.44 22.39
C VAL E 342 -10.63 -10.33 23.00
N ARG E 343 -9.56 -9.72 23.49
CA ARG E 343 -8.49 -10.47 24.14
C ARG E 343 -9.00 -11.07 25.44
N LYS E 344 -8.66 -12.35 25.66
CA LYS E 344 -9.13 -13.04 26.87
C LYS E 344 -8.54 -12.43 28.14
N GLU E 345 -7.25 -12.12 28.13
CA GLU E 345 -6.59 -11.56 29.30
C GLU E 345 -5.61 -10.49 28.86
N VAL E 346 -5.79 -9.28 29.39
CA VAL E 346 -4.91 -8.15 29.10
C VAL E 346 -4.11 -7.85 30.35
N ASP E 347 -2.79 -7.95 30.25
CA ASP E 347 -1.92 -7.68 31.38
C ASP E 347 -1.92 -6.19 31.69
N GLY E 348 -1.73 -5.87 32.98
CA GLY E 348 -1.75 -4.49 33.40
C GLY E 348 -3.16 -3.91 33.41
N MET E 349 -3.21 -2.58 33.51
CA MET E 349 -4.49 -1.89 33.46
C MET E 349 -5.18 -2.10 32.12
N GLY E 350 -4.43 -2.05 31.04
CA GLY E 350 -4.99 -2.26 29.72
C GLY E 350 -5.76 -1.04 29.23
N THR E 351 -6.39 -1.24 28.07
CA THR E 351 -7.17 -0.17 27.46
C THR E 351 -8.39 0.17 28.30
N SER E 352 -8.65 1.46 28.46
CA SER E 352 -9.79 1.93 29.26
C SER E 352 -10.98 2.08 28.33
N GLU E 353 -11.71 0.99 28.12
CA GLU E 353 -12.84 1.00 27.20
C GLU E 353 -14.07 1.64 27.84
N ILE E 354 -14.57 1.05 28.93
CA ILE E 354 -15.78 1.54 29.57
C ILE E 354 -15.43 2.70 30.48
N LYS E 355 -16.11 3.82 30.28
CA LYS E 355 -15.94 4.99 31.13
C LYS E 355 -16.84 4.89 32.35
N TYR E 356 -16.45 5.58 33.41
CA TYR E 356 -17.22 5.60 34.64
C TYR E 356 -18.31 6.66 34.64
N GLY E 357 -18.17 7.69 33.80
CA GLY E 357 -19.10 8.79 33.77
C GLY E 357 -20.38 8.49 33.03
N ASP E 358 -21.20 7.60 33.60
CA ASP E 358 -22.52 7.28 33.05
C ASP E 358 -22.43 6.79 31.60
N SER E 359 -21.42 5.97 31.32
CA SER E 359 -21.28 5.39 30.00
C SER E 359 -22.39 4.37 29.76
N ILE E 360 -23.06 4.49 28.61
CA ILE E 360 -24.19 3.62 28.31
C ILE E 360 -23.70 2.20 28.12
N CYS E 361 -24.35 1.25 28.80
CA CYS E 361 -23.97 -0.14 28.72
C CYS E 361 -25.19 -1.02 28.94
N TYR E 362 -25.09 -2.27 28.50
CA TYR E 362 -26.15 -3.25 28.65
C TYR E 362 -25.55 -4.52 29.24
N ILE E 363 -26.19 -5.05 30.27
CA ILE E 363 -25.71 -6.26 30.94
C ILE E 363 -26.31 -7.47 30.24
N GLN E 364 -25.45 -8.41 29.86
CA GLN E 364 -25.86 -9.63 29.18
C GLN E 364 -25.17 -10.82 29.83
N HIS E 365 -25.95 -11.87 30.11
CA HIS E 365 -25.40 -13.07 30.71
C HIS E 365 -24.64 -13.88 29.66
N VAL E 366 -23.51 -14.45 30.07
CA VAL E 366 -22.68 -15.19 29.13
C VAL E 366 -23.34 -16.49 28.69
N ASP E 367 -24.12 -17.11 29.58
CA ASP E 367 -24.69 -18.43 29.28
C ASP E 367 -25.86 -18.33 28.31
N THR E 368 -26.92 -17.63 28.70
CA THR E 368 -28.13 -17.55 27.89
C THR E 368 -28.15 -16.36 26.94
N GLY E 369 -27.29 -15.36 27.17
CA GLY E 369 -27.23 -14.22 26.28
C GLY E 369 -28.49 -13.38 26.26
N LEU E 370 -29.14 -13.19 27.40
CA LEU E 370 -30.31 -12.35 27.48
C LEU E 370 -29.90 -10.88 27.64
N TRP E 371 -30.89 -10.02 27.84
CA TRP E 371 -30.64 -8.59 27.98
C TRP E 371 -31.60 -8.00 29.00
N LEU E 372 -31.26 -6.81 29.49
CA LEU E 372 -32.07 -6.18 30.52
C LEU E 372 -33.38 -5.65 29.95
N THR E 373 -34.46 -5.83 30.72
CA THR E 373 -35.79 -5.40 30.31
C THR E 373 -36.48 -4.74 31.50
N TYR E 374 -37.19 -3.65 31.23
CA TYR E 374 -37.91 -2.91 32.27
C TYR E 374 -39.34 -2.68 31.81
N GLN E 375 -40.24 -2.59 32.79
CA GLN E 375 -41.66 -2.39 32.51
C GLN E 375 -42.40 -1.88 33.74
N ILE E 387 -41.01 4.27 43.07
CA ILE E 387 -41.62 3.38 42.09
C ILE E 387 -41.20 1.94 42.36
N GLN E 388 -41.83 1.01 41.65
CA GLN E 388 -41.52 -0.42 41.78
C GLN E 388 -41.58 -1.03 40.39
N ARG E 389 -40.43 -1.14 39.74
CA ARG E 389 -40.36 -1.68 38.38
C ARG E 389 -39.61 -3.00 38.42
N LYS E 390 -40.24 -4.06 37.92
CA LYS E 390 -39.59 -5.37 37.91
C LYS E 390 -38.49 -5.39 36.85
N ALA E 391 -37.32 -5.89 37.25
CA ALA E 391 -36.16 -5.95 36.35
C ALA E 391 -36.19 -7.28 35.60
N ILE E 392 -37.04 -7.33 34.58
CA ILE E 392 -37.17 -8.55 33.78
C ILE E 392 -35.92 -8.74 32.92
N MET E 393 -35.52 -10.00 32.76
CA MET E 393 -34.31 -10.37 32.04
C MET E 393 -34.73 -11.12 30.78
N HIS E 394 -34.97 -10.39 29.69
CA HIS E 394 -35.47 -11.00 28.46
C HIS E 394 -34.65 -10.50 27.28
N HIS E 395 -34.50 -11.37 26.27
CA HIS E 395 -33.50 -11.14 25.23
C HIS E 395 -33.81 -9.89 24.39
N GLU E 396 -35.08 -9.67 24.06
CA GLU E 396 -35.40 -8.50 23.23
C GLU E 396 -35.13 -7.20 23.96
N GLY E 397 -35.07 -7.22 25.28
CA GLY E 397 -34.70 -6.03 26.04
C GLY E 397 -35.77 -4.97 25.94
N HIS E 398 -35.34 -3.74 25.66
CA HIS E 398 -36.24 -2.60 25.55
C HIS E 398 -35.54 -1.54 24.72
N MET E 399 -36.33 -0.56 24.26
CA MET E 399 -35.79 0.52 23.46
C MET E 399 -34.78 1.35 24.24
N ASP E 400 -35.09 1.65 25.50
CA ASP E 400 -34.24 2.46 26.37
C ASP E 400 -33.76 1.59 27.52
N ASP E 401 -32.52 1.08 27.40
CA ASP E 401 -31.91 0.27 28.45
C ASP E 401 -30.51 0.77 28.82
N GLY E 402 -30.22 2.03 28.58
CA GLY E 402 -28.93 2.57 28.95
C GLY E 402 -28.74 2.60 30.46
N LEU E 403 -27.50 2.39 30.88
CA LEU E 403 -27.14 2.36 32.28
C LEU E 403 -26.09 3.42 32.57
N ASN E 404 -26.24 4.08 33.71
CA ASN E 404 -25.33 5.09 34.20
C ASN E 404 -24.62 4.54 35.43
N LEU E 405 -23.31 4.76 35.49
CA LEU E 405 -22.47 4.28 36.58
C LEU E 405 -22.19 5.43 37.52
N SER E 406 -22.59 5.29 38.78
CA SER E 406 -22.35 6.29 39.81
C SER E 406 -21.26 5.79 40.74
N ARG E 407 -20.23 6.61 40.95
CA ARG E 407 -19.07 6.21 41.73
C ARG E 407 -19.42 5.92 43.18
N SER E 408 -20.47 6.56 43.69
CA SER E 408 -20.78 6.56 45.13
C SER E 408 -19.57 7.16 45.86
N GLN E 409 -19.29 6.71 47.07
CA GLN E 409 -18.20 7.24 47.85
C GLN E 409 -17.43 6.09 48.50
N HIS E 410 -16.13 6.31 48.71
CA HIS E 410 -15.33 5.33 49.44
C HIS E 410 -15.82 5.19 50.87
N GLU E 411 -16.17 6.32 51.50
CA GLU E 411 -16.73 6.27 52.84
C GLU E 411 -18.06 5.51 52.85
N GLU E 412 -18.88 5.73 51.83
CA GLU E 412 -20.14 4.99 51.73
C GLU E 412 -19.88 3.49 51.58
N SER E 413 -18.87 3.13 50.78
CA SER E 413 -18.56 1.73 50.58
C SER E 413 -18.09 1.06 51.87
N ARG E 414 -17.17 1.70 52.58
CA ARG E 414 -16.70 1.10 53.83
C ARG E 414 -17.81 1.07 54.86
N THR E 415 -18.67 2.08 54.88
CA THR E 415 -19.82 2.07 55.78
C THR E 415 -20.76 0.91 55.46
N ALA E 416 -21.00 0.65 54.18
CA ALA E 416 -21.86 -0.46 53.79
C ALA E 416 -21.25 -1.80 54.20
N ARG E 417 -19.94 -1.96 54.01
CA ARG E 417 -19.31 -3.21 54.42
C ARG E 417 -19.35 -3.38 55.94
N VAL E 418 -19.16 -2.28 56.68
CA VAL E 418 -19.28 -2.33 58.13
C VAL E 418 -20.70 -2.73 58.53
N ILE E 419 -21.69 -2.17 57.83
CA ILE E 419 -23.08 -2.51 58.11
C ILE E 419 -23.32 -4.00 57.90
N ARG E 420 -22.82 -4.54 56.80
CA ARG E 420 -23.01 -5.97 56.52
C ARG E 420 -22.34 -6.83 57.58
N SER E 421 -21.09 -6.50 57.94
CA SER E 421 -20.39 -7.31 58.94
C SER E 421 -21.10 -7.23 60.29
N THR E 422 -21.52 -6.03 60.69
CA THR E 422 -22.19 -5.87 61.98
C THR E 422 -23.53 -6.58 62.00
N VAL E 423 -24.31 -6.50 60.92
CA VAL E 423 -25.61 -7.17 60.93
C VAL E 423 -25.43 -8.68 60.95
N PHE E 424 -24.41 -9.20 60.25
CA PHE E 424 -24.12 -10.63 60.32
C PHE E 424 -23.77 -11.04 61.75
N LEU E 425 -22.85 -10.32 62.38
CA LEU E 425 -22.42 -10.67 63.73
C LEU E 425 -23.58 -10.56 64.72
N PHE E 426 -24.37 -9.49 64.62
CA PHE E 426 -25.48 -9.31 65.53
C PHE E 426 -26.55 -10.38 65.32
N ASN E 427 -26.81 -10.75 64.06
CA ASN E 427 -27.80 -11.79 63.81
C ASN E 427 -27.36 -13.13 64.40
N ARG E 428 -26.09 -13.51 64.18
CA ARG E 428 -25.65 -14.79 64.72
C ARG E 428 -25.64 -14.75 66.25
N PHE E 429 -25.21 -13.63 66.84
CA PHE E 429 -25.23 -13.50 68.30
C PHE E 429 -26.65 -13.61 68.84
N ILE E 430 -27.60 -12.93 68.19
CA ILE E 430 -28.98 -12.94 68.66
C ILE E 430 -29.58 -14.34 68.54
N ARG E 431 -29.33 -15.01 67.41
CA ARG E 431 -29.86 -16.36 67.25
C ARG E 431 -29.29 -17.30 68.30
N GLY E 432 -27.98 -17.24 68.54
CA GLY E 432 -27.39 -18.08 69.57
C GLY E 432 -27.93 -17.78 70.95
N LEU E 433 -28.05 -16.50 71.29
CA LEU E 433 -28.56 -16.12 72.60
C LEU E 433 -29.99 -16.57 72.80
N ASP E 434 -30.83 -16.39 71.77
CA ASP E 434 -32.23 -16.81 71.88
C ASP E 434 -32.33 -18.32 71.99
N ALA E 435 -31.53 -19.06 71.22
CA ALA E 435 -31.55 -20.51 71.31
C ALA E 435 -31.12 -20.98 72.69
N LEU E 436 -30.08 -20.36 73.25
CA LEU E 436 -29.66 -20.71 74.60
C LEU E 436 -30.74 -20.39 75.63
N SER E 437 -31.40 -19.23 75.48
CA SER E 437 -32.38 -18.82 76.47
C SER E 437 -33.62 -19.70 76.44
N LYS E 438 -34.09 -20.08 75.25
CA LYS E 438 -35.33 -20.83 75.17
C LYS E 438 -35.14 -22.34 75.18
N LYS E 439 -33.94 -22.84 74.88
CA LYS E 439 -33.69 -24.27 74.85
C LYS E 439 -32.29 -24.55 75.38
N VAL E 440 -32.09 -25.78 75.83
CA VAL E 440 -30.78 -26.24 76.31
C VAL E 440 -30.35 -27.43 75.48
N LYS E 441 -30.83 -27.50 74.24
CA LYS E 441 -30.55 -28.66 73.38
C LYS E 441 -29.06 -28.75 73.04
N LEU E 442 -28.48 -27.64 72.59
CA LEU E 442 -27.08 -27.64 72.13
C LEU E 442 -26.23 -26.77 73.04
N PRO E 443 -25.36 -27.35 73.87
CA PRO E 443 -24.43 -26.52 74.65
C PRO E 443 -23.50 -25.69 73.79
N THR E 444 -23.13 -26.18 72.61
CA THR E 444 -22.27 -25.43 71.70
C THR E 444 -23.08 -24.32 71.04
N ILE E 445 -22.83 -23.08 71.45
CA ILE E 445 -23.57 -21.92 70.97
C ILE E 445 -22.58 -20.91 70.40
N ASP E 446 -22.96 -20.27 69.29
CA ASP E 446 -22.11 -19.29 68.62
C ASP E 446 -22.33 -17.93 69.28
N LEU E 447 -21.68 -17.76 70.44
CA LEU E 447 -21.72 -16.50 71.19
C LEU E 447 -20.30 -15.96 71.26
N PRO E 448 -19.86 -15.20 70.26
CA PRO E 448 -18.52 -14.60 70.28
C PRO E 448 -18.50 -13.34 71.15
N ILE E 449 -18.36 -13.54 72.45
CA ILE E 449 -18.42 -12.41 73.38
C ILE E 449 -17.28 -11.44 73.14
N GLU E 450 -16.05 -11.97 73.04
CA GLU E 450 -14.90 -11.09 72.81
C GLU E 450 -15.00 -10.40 71.46
N SER E 451 -15.42 -11.14 70.43
CA SER E 451 -15.55 -10.56 69.09
C SER E 451 -16.59 -9.45 69.07
N VAL E 452 -17.74 -9.68 69.69
CA VAL E 452 -18.80 -8.67 69.68
C VAL E 452 -18.39 -7.47 70.52
N SER E 453 -17.67 -7.69 71.61
CA SER E 453 -17.18 -6.56 72.41
C SER E 453 -16.19 -5.71 71.60
N LEU E 454 -15.26 -6.36 70.91
CA LEU E 454 -14.32 -5.63 70.08
C LEU E 454 -15.04 -4.88 68.96
N SER E 455 -16.04 -5.52 68.35
CA SER E 455 -16.80 -4.86 67.30
C SER E 455 -17.54 -3.65 67.83
N LEU E 456 -18.12 -3.76 69.01
CA LEU E 456 -18.82 -2.63 69.61
C LEU E 456 -17.87 -1.48 69.91
N GLN E 457 -16.68 -1.79 70.44
CA GLN E 457 -15.72 -0.73 70.69
C GLN E 457 -15.28 -0.06 69.39
N ASP E 458 -15.02 -0.84 68.35
CA ASP E 458 -14.62 -0.27 67.07
C ASP E 458 -15.74 0.59 66.50
N LEU E 459 -16.99 0.14 66.62
CA LEU E 459 -18.11 0.89 66.05
C LEU E 459 -18.35 2.18 66.83
N ILE E 460 -18.17 2.13 68.16
CA ILE E 460 -18.29 3.35 68.96
C ILE E 460 -17.22 4.35 68.57
N GLY E 461 -15.99 3.88 68.39
CA GLY E 461 -14.93 4.77 67.91
C GLY E 461 -15.23 5.32 66.52
N TYR E 462 -15.86 4.49 65.68
CA TYR E 462 -16.23 4.93 64.34
C TYR E 462 -17.28 6.03 64.38
N PHE E 463 -18.24 5.92 65.30
CA PHE E 463 -19.28 6.91 65.47
C PHE E 463 -18.94 8.00 66.47
N HIS E 464 -17.71 8.03 66.96
CA HIS E 464 -17.30 9.02 67.94
C HIS E 464 -17.39 10.43 67.33
N PRO E 465 -18.00 11.39 68.01
CA PRO E 465 -18.13 12.73 67.43
C PRO E 465 -16.77 13.39 67.29
N PRO E 466 -16.60 14.26 66.29
CA PRO E 466 -15.31 14.89 66.08
C PRO E 466 -14.98 15.90 67.17
N ASP E 467 -13.68 16.14 67.34
CA ASP E 467 -13.22 17.11 68.32
C ASP E 467 -13.60 18.53 67.88
N GLU E 468 -13.99 19.35 68.85
CA GLU E 468 -14.38 20.73 68.57
C GLU E 468 -13.20 21.68 68.49
N HIS E 469 -12.00 21.23 68.81
CA HIS E 469 -10.81 22.08 68.76
C HIS E 469 -10.09 22.01 67.42
N LEU E 470 -10.63 21.26 66.45
CA LEU E 470 -10.01 21.14 65.14
C LEU E 470 -10.33 22.37 64.30
N GLU E 471 -9.85 22.37 63.06
CA GLU E 471 -10.16 23.43 62.13
C GLU E 471 -11.65 23.42 61.79
N HIS E 472 -12.16 24.58 61.39
CA HIS E 472 -13.59 24.70 61.11
C HIS E 472 -14.00 23.81 59.96
N GLU E 473 -13.27 23.87 58.84
CA GLU E 473 -13.62 23.07 57.67
C GLU E 473 -13.50 21.59 57.95
N ASP E 474 -12.42 21.18 58.62
CA ASP E 474 -12.24 19.77 58.96
C ASP E 474 -13.36 19.27 59.88
N LYS E 475 -13.71 20.08 60.87
CA LYS E 475 -14.79 19.70 61.77
C LYS E 475 -16.11 19.58 61.03
N GLN E 476 -16.38 20.51 60.11
CA GLN E 476 -17.61 20.43 59.32
C GLN E 476 -17.63 19.17 58.47
N ASN E 477 -16.50 18.83 57.85
CA ASN E 477 -16.43 17.62 57.04
C ASN E 477 -16.65 16.38 57.89
N ARG E 478 -16.05 16.32 59.08
CA ARG E 478 -16.23 15.17 59.94
C ARG E 478 -17.67 15.06 60.43
N LEU E 479 -18.30 16.19 60.76
CA LEU E 479 -19.70 16.16 61.16
C LEU E 479 -20.58 15.67 60.01
N ARG E 480 -20.30 16.14 58.79
CA ARG E 480 -21.06 15.67 57.64
C ARG E 480 -20.89 14.17 57.43
N ALA E 481 -19.66 13.68 57.57
CA ALA E 481 -19.42 12.25 57.42
C ALA E 481 -20.15 11.45 58.49
N LEU E 482 -20.11 11.93 59.74
CA LEU E 482 -20.81 11.23 60.81
C LEU E 482 -22.32 11.21 60.58
N LYS E 483 -22.88 12.34 60.11
CA LYS E 483 -24.29 12.38 59.81
C LYS E 483 -24.64 11.41 58.68
N ASN E 484 -23.79 11.33 57.66
CA ASN E 484 -24.02 10.39 56.57
C ASN E 484 -23.99 8.96 57.07
N ARG E 485 -23.04 8.63 57.95
CA ARG E 485 -22.98 7.28 58.51
C ARG E 485 -24.22 6.95 59.31
N GLN E 486 -24.68 7.89 60.14
CA GLN E 486 -25.90 7.66 60.91
C GLN E 486 -27.10 7.47 59.99
N ASN E 487 -27.18 8.27 58.92
CA ASN E 487 -28.29 8.13 57.98
C ASN E 487 -28.26 6.77 57.30
N LEU E 488 -27.08 6.31 56.88
CA LEU E 488 -26.98 4.99 56.25
C LEU E 488 -27.37 3.89 57.23
N PHE E 489 -26.92 3.99 58.48
CA PHE E 489 -27.29 2.97 59.46
C PHE E 489 -28.80 2.96 59.70
N GLN E 490 -29.42 4.14 59.78
CA GLN E 490 -30.86 4.20 59.95
C GLN E 490 -31.59 3.60 58.75
N GLU E 491 -31.13 3.91 57.54
CA GLU E 491 -31.77 3.36 56.35
C GLU E 491 -31.65 1.84 56.31
N GLU E 492 -30.50 1.31 56.72
CA GLU E 492 -30.33 -0.13 56.77
C GLU E 492 -30.93 -0.75 58.03
N GLY E 493 -31.47 0.05 58.93
CA GLY E 493 -32.17 -0.49 60.08
C GLY E 493 -31.30 -1.21 61.09
N MET E 494 -30.11 -0.67 61.38
CA MET E 494 -29.27 -1.25 62.42
C MET E 494 -29.83 -0.96 63.81
N ILE E 495 -30.55 0.16 63.97
CA ILE E 495 -31.02 0.57 65.28
C ILE E 495 -32.01 -0.45 65.84
N ASN E 496 -32.93 -0.94 65.01
CA ASN E 496 -33.89 -1.93 65.49
C ASN E 496 -33.18 -3.20 65.93
N LEU E 497 -32.13 -3.60 65.21
CA LEU E 497 -31.37 -4.79 65.60
C LEU E 497 -30.64 -4.56 66.91
N VAL E 498 -30.12 -3.34 67.11
CA VAL E 498 -29.48 -3.01 68.39
C VAL E 498 -30.49 -3.11 69.52
N LEU E 499 -31.68 -2.57 69.32
CA LEU E 499 -32.72 -2.69 70.35
C LEU E 499 -33.09 -4.15 70.58
N GLU E 500 -33.12 -4.96 69.54
CA GLU E 500 -33.46 -6.37 69.69
C GLU E 500 -32.43 -7.09 70.57
N CYS E 501 -31.14 -6.88 70.28
CA CYS E 501 -30.14 -7.56 71.09
C CYS E 501 -30.07 -6.99 72.51
N ILE E 502 -30.37 -5.70 72.67
CA ILE E 502 -30.45 -5.14 74.01
C ILE E 502 -31.58 -5.78 74.80
N ASP E 503 -32.73 -6.00 74.15
CA ASP E 503 -33.82 -6.70 74.81
C ASP E 503 -33.42 -8.12 75.18
N ARG E 504 -32.72 -8.81 74.27
CA ARG E 504 -32.30 -10.18 74.55
C ARG E 504 -31.37 -10.22 75.76
N LEU E 505 -30.44 -9.27 75.86
CA LEU E 505 -29.57 -9.21 77.03
C LEU E 505 -30.36 -8.87 78.29
N HIS E 506 -31.33 -7.95 78.18
CA HIS E 506 -32.13 -7.55 79.33
C HIS E 506 -33.04 -8.66 79.81
N VAL E 507 -33.29 -9.67 78.98
CA VAL E 507 -34.09 -10.82 79.43
C VAL E 507 -33.47 -11.42 80.68
N TYR E 508 -32.16 -11.59 80.70
CA TYR E 508 -31.48 -12.09 81.89
C TYR E 508 -31.59 -11.08 83.03
N SER E 509 -31.84 -11.60 84.23
CA SER E 509 -32.10 -10.73 85.37
C SER E 509 -30.84 -10.02 85.84
N SER E 510 -29.73 -10.73 85.97
CA SER E 510 -28.53 -10.16 86.55
C SER E 510 -27.29 -10.77 85.92
N ALA E 511 -26.16 -10.15 86.20
CA ALA E 511 -24.89 -10.60 85.63
C ALA E 511 -24.55 -12.01 86.10
N ALA E 512 -24.75 -12.30 87.39
CA ALA E 512 -24.48 -13.65 87.89
C ALA E 512 -25.43 -14.67 87.27
N HIS E 513 -26.70 -14.29 87.08
CA HIS E 513 -27.65 -15.19 86.43
C HIS E 513 -27.21 -15.52 85.02
N PHE E 514 -26.89 -14.50 84.22
CA PHE E 514 -26.47 -14.76 82.85
C PHE E 514 -25.13 -15.48 82.82
N ALA E 515 -24.29 -15.29 83.84
CA ALA E 515 -23.04 -16.01 83.93
C ALA E 515 -23.26 -17.50 84.14
N ASP E 516 -24.14 -17.86 85.07
CA ASP E 516 -24.43 -19.28 85.25
C ASP E 516 -25.18 -19.86 84.06
N VAL E 517 -25.89 -19.02 83.30
CA VAL E 517 -26.54 -19.51 82.08
C VAL E 517 -25.51 -19.82 81.00
N ALA E 518 -24.55 -18.90 80.78
CA ALA E 518 -23.70 -18.95 79.59
C ALA E 518 -22.23 -18.73 79.95
N GLY E 519 -21.75 -19.43 80.97
CA GLY E 519 -20.35 -19.36 81.32
C GLY E 519 -20.00 -18.09 82.06
N ARG E 520 -18.88 -18.15 82.81
CA ARG E 520 -18.51 -17.06 83.68
C ARG E 520 -18.02 -15.85 82.89
N GLU E 521 -17.26 -16.05 81.82
CA GLU E 521 -16.72 -14.94 81.06
C GLU E 521 -17.82 -14.10 80.42
N ALA E 522 -18.83 -14.76 79.84
CA ALA E 522 -19.93 -14.02 79.24
C ALA E 522 -20.69 -13.22 80.27
N GLY E 523 -20.92 -13.80 81.45
CA GLY E 523 -21.58 -13.06 82.50
C GLY E 523 -20.77 -11.87 82.98
N GLU E 524 -19.44 -12.04 83.02
CA GLU E 524 -18.57 -10.92 83.41
C GLU E 524 -18.65 -9.79 82.39
N SER E 525 -18.69 -10.14 81.10
CA SER E 525 -18.73 -9.14 80.04
C SER E 525 -20.15 -8.67 79.71
N TRP E 526 -21.17 -9.23 80.37
CA TRP E 526 -22.55 -8.88 80.06
C TRP E 526 -22.81 -7.39 80.25
N LYS E 527 -22.41 -6.83 81.40
CA LYS E 527 -22.67 -5.43 81.65
C LYS E 527 -21.85 -4.54 80.71
N SER E 528 -20.63 -4.96 80.38
CA SER E 528 -19.82 -4.21 79.44
C SER E 528 -20.47 -4.16 78.06
N ILE E 529 -20.99 -5.30 77.60
CA ILE E 529 -21.68 -5.33 76.31
C ILE E 529 -22.94 -4.47 76.35
N LEU E 530 -23.67 -4.50 77.47
CA LEU E 530 -24.87 -3.68 77.57
C LEU E 530 -24.52 -2.20 77.50
N ASN E 531 -23.49 -1.77 78.23
CA ASN E 531 -23.09 -0.38 78.19
C ASN E 531 -22.61 0.02 76.80
N SER E 532 -21.86 -0.87 76.14
CA SER E 532 -21.40 -0.57 74.79
C SER E 532 -22.57 -0.43 73.83
N LEU E 533 -23.58 -1.31 73.95
CA LEU E 533 -24.75 -1.20 73.10
C LEU E 533 -25.51 0.09 73.34
N TYR E 534 -25.65 0.49 74.61
CA TYR E 534 -26.37 1.73 74.89
C TYR E 534 -25.62 2.95 74.37
N GLU E 535 -24.29 2.97 74.54
CA GLU E 535 -23.50 4.07 73.98
C GLU E 535 -23.59 4.08 72.47
N LEU E 536 -23.59 2.91 71.84
CA LEU E 536 -23.70 2.84 70.40
C LEU E 536 -25.04 3.39 69.93
N LEU E 537 -26.13 3.03 70.60
CA LEU E 537 -27.45 3.54 70.22
C LEU E 537 -27.51 5.05 70.42
N ALA E 538 -26.94 5.55 71.51
CA ALA E 538 -26.91 6.99 71.73
C ALA E 538 -26.12 7.69 70.63
N ALA E 539 -24.99 7.12 70.22
CA ALA E 539 -24.22 7.69 69.13
C ALA E 539 -25.00 7.68 67.82
N LEU E 540 -25.71 6.59 67.55
CA LEU E 540 -26.48 6.50 66.31
C LEU E 540 -27.57 7.55 66.26
N ILE E 541 -28.33 7.70 67.34
CA ILE E 541 -29.47 8.62 67.27
C ILE E 541 -29.06 10.07 67.51
N ARG E 542 -27.92 10.31 68.16
CA ARG E 542 -27.51 11.66 68.51
C ARG E 542 -26.91 12.36 67.29
N GLY E 543 -27.26 13.63 67.13
CA GLY E 543 -26.67 14.44 66.08
C GLY E 543 -27.66 14.91 65.03
N ASN E 544 -28.59 14.03 64.65
CA ASN E 544 -29.58 14.35 63.64
C ASN E 544 -30.98 14.20 64.20
N ARG E 545 -31.95 14.77 63.48
CA ARG E 545 -33.33 14.81 63.95
C ARG E 545 -34.16 13.63 63.45
N LYS E 546 -33.86 13.11 62.26
CA LYS E 546 -34.69 12.03 61.71
C LYS E 546 -34.59 10.77 62.55
N ASN E 547 -33.39 10.40 62.98
CA ASN E 547 -33.22 9.20 63.79
C ASN E 547 -33.94 9.34 65.12
N CYS E 548 -33.87 10.52 65.74
CA CYS E 548 -34.59 10.76 66.98
C CYS E 548 -36.10 10.68 66.77
N ALA E 549 -36.58 11.22 65.64
CA ALA E 549 -37.99 11.15 65.34
C ALA E 549 -38.47 9.71 65.20
N GLN E 550 -37.68 8.88 64.50
CA GLN E 550 -38.05 7.47 64.37
C GLN E 550 -37.98 6.76 65.72
N PHE E 551 -36.98 7.08 66.54
CA PHE E 551 -36.83 6.43 67.84
C PHE E 551 -37.86 6.91 68.86
N SER E 552 -38.55 8.01 68.56
CA SER E 552 -39.61 8.48 69.44
C SER E 552 -40.65 7.39 69.70
N GLY E 553 -40.95 6.58 68.67
CA GLY E 553 -41.87 5.48 68.86
C GLY E 553 -41.37 4.45 69.85
N SER E 554 -40.06 4.23 69.88
CA SER E 554 -39.45 3.27 70.80
C SER E 554 -39.07 3.89 72.14
N LEU E 555 -39.30 5.20 72.33
CA LEU E 555 -38.99 5.83 73.60
C LEU E 555 -39.70 5.17 74.77
N ASP E 556 -40.87 4.58 74.54
CA ASP E 556 -41.63 3.98 75.63
C ASP E 556 -40.87 2.85 76.30
N TRP E 557 -40.13 2.06 75.51
CA TRP E 557 -39.39 0.93 76.08
C TRP E 557 -38.27 1.41 76.99
N LEU E 558 -37.60 2.51 76.61
CA LEU E 558 -36.59 3.11 77.48
C LEU E 558 -37.16 3.39 78.86
N ILE E 559 -38.29 4.09 78.90
CA ILE E 559 -38.91 4.46 80.16
C ILE E 559 -39.41 3.24 80.91
N SER E 560 -39.88 2.22 80.19
CA SER E 560 -40.34 0.99 80.84
C SER E 560 -39.19 0.29 81.55
N ARG E 561 -38.02 0.22 80.91
CA ARG E 561 -36.86 -0.42 81.50
C ARG E 561 -35.93 0.55 82.20
N LEU E 562 -36.41 1.76 82.50
CA LEU E 562 -35.57 2.81 83.07
C LEU E 562 -35.02 2.43 84.45
N GLU E 563 -35.71 1.56 85.17
CA GLU E 563 -35.38 1.26 86.56
C GLU E 563 -34.53 0.00 86.72
N ARG E 564 -33.85 -0.45 85.65
CA ARG E 564 -33.06 -1.67 85.74
C ARG E 564 -31.84 -1.53 86.64
N LEU E 565 -31.44 -0.30 86.96
CA LEU E 565 -30.39 0.00 87.94
C LEU E 565 -29.00 -0.36 87.40
N GLU E 566 -28.96 -1.02 86.25
CA GLU E 566 -27.69 -1.33 85.59
C GLU E 566 -27.55 -0.68 84.24
N ALA E 567 -28.64 -0.46 83.51
CA ALA E 567 -28.64 0.30 82.27
C ALA E 567 -29.25 1.68 82.45
N SER E 568 -29.40 2.12 83.69
CA SER E 568 -30.07 3.39 83.97
C SER E 568 -29.32 4.56 83.36
N SER E 569 -28.00 4.59 83.51
CA SER E 569 -27.22 5.70 82.96
C SER E 569 -27.31 5.74 81.44
N GLY E 570 -27.22 4.59 80.79
CA GLY E 570 -27.33 4.56 79.34
C GLY E 570 -28.70 4.99 78.86
N ILE E 571 -29.76 4.50 79.51
CA ILE E 571 -31.11 4.88 79.11
C ILE E 571 -31.32 6.37 79.32
N LEU E 572 -30.82 6.91 80.43
CA LEU E 572 -30.96 8.34 80.68
C LEU E 572 -30.21 9.16 79.64
N GLU E 573 -29.01 8.74 79.26
CA GLU E 573 -28.27 9.45 78.22
C GLU E 573 -29.01 9.41 76.89
N VAL E 574 -29.54 8.24 76.53
CA VAL E 574 -30.28 8.12 75.28
C VAL E 574 -31.51 9.03 75.30
N LEU E 575 -32.24 9.03 76.41
CA LEU E 575 -33.43 9.86 76.51
C LEU E 575 -33.07 11.34 76.41
N HIS E 576 -32.00 11.76 77.08
CA HIS E 576 -31.60 13.16 77.01
C HIS E 576 -31.23 13.53 75.58
N CYS E 577 -30.46 12.68 74.90
CA CYS E 577 -30.00 13.03 73.56
C CYS E 577 -31.10 12.93 72.52
N VAL E 578 -32.19 12.21 72.79
CA VAL E 578 -33.30 12.21 71.85
C VAL E 578 -34.25 13.38 72.11
N LEU E 579 -34.52 13.73 73.37
CA LEU E 579 -35.40 14.87 73.64
C LEU E 579 -34.74 16.21 73.39
N VAL E 580 -33.41 16.31 73.46
CA VAL E 580 -32.77 17.58 73.14
C VAL E 580 -32.92 17.89 71.65
N GLU E 581 -33.01 16.86 70.82
CA GLU E 581 -33.01 17.01 69.37
C GLU E 581 -34.41 17.01 68.75
N SER E 582 -35.26 16.06 69.15
CA SER E 582 -36.55 15.91 68.48
C SER E 582 -37.67 16.47 69.34
N PRO E 583 -38.30 17.58 68.96
CA PRO E 583 -39.50 18.02 69.68
C PRO E 583 -40.64 17.02 69.60
N GLU E 584 -40.74 16.26 68.50
CA GLU E 584 -41.79 15.26 68.39
C GLU E 584 -41.65 14.19 69.46
N ALA E 585 -40.42 13.79 69.76
CA ALA E 585 -40.19 12.80 70.81
C ALA E 585 -40.65 13.34 72.17
N LEU E 586 -40.38 14.63 72.43
CA LEU E 586 -40.84 15.24 73.67
C LEU E 586 -42.36 15.32 73.71
N ASN E 587 -42.99 15.50 72.54
CA ASN E 587 -44.43 15.71 72.50
C ASN E 587 -45.20 14.53 73.06
N ILE E 588 -44.65 13.33 72.98
CA ILE E 588 -45.34 12.12 73.42
C ILE E 588 -44.95 11.71 74.84
N ILE E 589 -44.20 12.54 75.55
CA ILE E 589 -43.85 12.26 76.93
C ILE E 589 -45.06 12.56 77.81
N LYS E 590 -45.40 11.62 78.69
CA LYS E 590 -46.64 11.69 79.46
C LYS E 590 -46.35 11.79 80.95
N GLU E 591 -47.44 11.95 81.71
CA GLU E 591 -47.32 12.10 83.16
C GLU E 591 -46.72 10.86 83.80
N GLY E 592 -47.11 9.68 83.34
CA GLY E 592 -46.51 8.46 83.87
C GLY E 592 -45.00 8.43 83.67
N HIS E 593 -44.54 8.82 82.49
CA HIS E 593 -43.11 8.84 82.22
C HIS E 593 -42.39 9.87 83.08
N ILE E 594 -42.98 11.07 83.25
CA ILE E 594 -42.34 12.09 84.07
C ILE E 594 -42.24 11.63 85.53
N LYS E 595 -43.32 11.04 86.05
CA LYS E 595 -43.28 10.51 87.40
C LYS E 595 -42.28 9.37 87.52
N SER E 596 -42.12 8.57 86.46
CA SER E 596 -41.11 7.53 86.48
C SER E 596 -39.70 8.11 86.57
N ILE E 597 -39.45 9.19 85.84
CA ILE E 597 -38.14 9.84 85.93
C ILE E 597 -37.90 10.38 87.33
N ILE E 598 -38.91 11.02 87.92
CA ILE E 598 -38.76 11.55 89.27
C ILE E 598 -38.55 10.40 90.27
N SER E 599 -39.23 9.28 90.06
CA SER E 599 -39.04 8.12 90.92
C SER E 599 -37.63 7.58 90.78
N LEU E 600 -37.09 7.58 89.56
CA LEU E 600 -35.69 7.19 89.37
C LEU E 600 -34.77 8.11 90.15
N LEU E 601 -35.01 9.41 90.09
CA LEU E 601 -34.20 10.35 90.86
C LEU E 601 -34.25 10.01 92.35
N ASP E 602 -35.46 9.76 92.86
CA ASP E 602 -35.61 9.46 94.28
C ASP E 602 -34.89 8.17 94.66
N LYS E 603 -35.04 7.12 93.85
CA LYS E 603 -34.47 5.82 94.21
C LYS E 603 -32.96 5.80 94.07
N HIS E 604 -32.42 6.35 92.98
CA HIS E 604 -31.00 6.31 92.72
C HIS E 604 -30.24 7.46 93.37
N GLY E 605 -30.94 8.39 94.02
CA GLY E 605 -30.27 9.47 94.71
C GLY E 605 -30.12 10.70 93.85
N ARG E 606 -29.51 11.72 94.45
CA ARG E 606 -29.37 13.01 93.79
C ARG E 606 -28.37 12.92 92.65
N ASN E 607 -28.78 13.40 91.47
CA ASN E 607 -27.94 13.37 90.28
C ASN E 607 -28.40 14.48 89.36
N HIS E 608 -27.43 15.19 88.78
CA HIS E 608 -27.74 16.34 87.93
C HIS E 608 -28.17 15.94 86.51
N LYS E 609 -27.89 14.71 86.10
CA LYS E 609 -28.33 14.28 84.77
C LYS E 609 -29.85 14.23 84.69
N VAL E 610 -30.50 13.73 85.75
CA VAL E 610 -31.96 13.71 85.77
C VAL E 610 -32.50 15.13 85.71
N LEU E 611 -31.86 16.06 86.42
CA LEU E 611 -32.30 17.45 86.39
C LEU E 611 -32.15 18.04 84.99
N ASP E 612 -31.07 17.70 84.29
CA ASP E 612 -30.91 18.15 82.90
C ASP E 612 -32.01 17.57 82.01
N VAL E 613 -32.37 16.31 82.22
CA VAL E 613 -33.45 15.72 81.44
C VAL E 613 -34.76 16.46 81.71
N LEU E 614 -35.02 16.80 82.97
CA LEU E 614 -36.23 17.54 83.31
C LEU E 614 -36.22 18.93 82.68
N CYS E 615 -35.07 19.58 82.65
CA CYS E 615 -34.97 20.88 81.98
C CYS E 615 -35.27 20.75 80.50
N SER E 616 -34.74 19.70 79.86
CA SER E 616 -35.03 19.46 78.45
C SER E 616 -36.51 19.23 78.21
N LEU E 617 -37.15 18.48 79.12
CA LEU E 617 -38.60 18.30 79.03
C LEU E 617 -39.34 19.63 79.14
N CYS E 618 -38.92 20.48 80.08
CA CYS E 618 -39.62 21.73 80.31
C CYS E 618 -39.49 22.68 79.12
N VAL E 619 -38.27 22.88 78.63
CA VAL E 619 -38.03 23.83 77.55
C VAL E 619 -37.20 23.13 76.47
N CYS E 620 -37.62 23.28 75.21
CA CYS E 620 -36.88 22.72 74.09
C CYS E 620 -37.06 23.61 72.86
N HIS E 621 -35.95 23.94 72.21
CA HIS E 621 -35.95 24.80 71.02
C HIS E 621 -36.64 26.14 71.27
N GLY E 622 -36.49 26.67 72.47
CA GLY E 622 -37.12 27.94 72.78
C GLY E 622 -38.62 27.90 72.89
N VAL E 623 -39.21 26.72 73.07
CA VAL E 623 -40.65 26.56 73.20
C VAL E 623 -40.95 25.96 74.55
N ALA E 624 -41.81 26.62 75.31
CA ALA E 624 -42.16 26.17 76.65
C ALA E 624 -43.35 25.23 76.59
N VAL E 625 -43.21 24.07 77.22
CA VAL E 625 -44.29 23.10 77.34
C VAL E 625 -44.97 23.35 78.68
N ARG E 626 -46.11 24.05 78.64
CA ARG E 626 -46.77 24.45 79.87
C ARG E 626 -47.21 23.26 80.70
N SER E 627 -47.73 22.22 80.05
CA SER E 627 -48.20 21.05 80.79
C SER E 627 -47.05 20.39 81.54
N ASN E 628 -45.91 20.19 80.86
CA ASN E 628 -44.77 19.58 81.53
C ASN E 628 -44.20 20.48 82.62
N GLN E 629 -44.18 21.79 82.39
CA GLN E 629 -43.70 22.69 83.43
C GLN E 629 -44.56 22.58 84.69
N HIS E 630 -45.89 22.61 84.51
CA HIS E 630 -46.78 22.51 85.66
C HIS E 630 -46.66 21.17 86.34
N LEU E 631 -46.49 20.10 85.55
CA LEU E 631 -46.36 18.76 86.13
C LEU E 631 -45.09 18.66 86.97
N ILE E 632 -43.97 19.15 86.43
CA ILE E 632 -42.72 19.14 87.19
C ILE E 632 -42.87 19.96 88.46
N CYS E 633 -43.49 21.14 88.36
CA CYS E 633 -43.72 21.97 89.53
C CYS E 633 -44.48 21.21 90.60
N ASP E 634 -45.71 20.80 90.29
CA ASP E 634 -46.58 20.23 91.31
C ASP E 634 -46.20 18.81 91.70
N ASN E 635 -45.25 18.17 91.01
CA ASN E 635 -44.80 16.86 91.39
C ASN E 635 -43.42 16.85 92.04
N LEU E 636 -42.68 17.96 92.00
CA LEU E 636 -41.38 18.04 92.64
C LEU E 636 -41.35 19.03 93.79
N LEU E 637 -41.78 20.27 93.56
CA LEU E 637 -41.60 21.32 94.57
C LEU E 637 -42.35 21.04 95.86
N PRO E 638 -43.64 20.69 95.87
CA PRO E 638 -44.34 20.54 97.15
C PRO E 638 -43.78 19.43 98.03
N GLY E 639 -43.06 18.46 97.47
CA GLY E 639 -42.48 17.41 98.29
C GLY E 639 -41.47 17.94 99.28
N ARG E 640 -40.70 18.96 98.87
CA ARG E 640 -39.67 19.57 99.72
C ARG E 640 -38.69 18.54 100.24
N ASP E 641 -38.31 17.61 99.37
CA ASP E 641 -37.33 16.58 99.70
C ASP E 641 -36.56 16.24 98.44
N LEU E 642 -35.38 15.65 98.64
CA LEU E 642 -34.50 15.18 97.57
C LEU E 642 -33.86 16.35 96.84
N LEU E 643 -34.28 17.57 97.16
CA LEU E 643 -33.71 18.78 96.60
C LEU E 643 -33.21 19.65 97.75
N LEU E 644 -31.97 20.12 97.63
CA LEU E 644 -31.40 20.97 98.67
C LEU E 644 -32.21 22.25 98.79
N GLN E 645 -32.58 22.60 100.03
CA GLN E 645 -33.44 23.75 100.29
C GLN E 645 -32.69 24.76 101.14
N THR E 646 -32.72 26.02 100.72
CA THR E 646 -32.00 27.10 101.38
C THR E 646 -32.97 28.03 102.08
N ARG E 647 -32.45 28.71 103.11
CA ARG E 647 -33.26 29.64 103.89
C ARG E 647 -32.31 30.62 104.56
N LEU E 648 -32.76 31.87 104.67
CA LEU E 648 -31.96 32.94 105.25
C LEU E 648 -32.19 32.98 106.76
N VAL E 649 -31.15 32.70 107.53
CA VAL E 649 -31.23 32.66 108.99
C VAL E 649 -30.27 33.69 109.56
N ASN E 650 -30.44 33.99 110.85
CA ASN E 650 -29.68 35.02 111.52
C ASN E 650 -28.55 34.39 112.33
N HIS E 651 -27.38 35.04 112.30
CA HIS E 651 -26.28 34.63 113.16
C HIS E 651 -26.67 34.82 114.62
N VAL E 652 -26.32 33.84 115.45
CA VAL E 652 -26.52 33.93 116.88
C VAL E 652 -25.21 33.61 117.58
N SER E 653 -25.04 34.19 118.77
CA SER E 653 -23.83 33.99 119.55
C SER E 653 -24.20 33.85 121.02
N SER E 654 -23.43 33.04 121.73
CA SER E 654 -23.65 32.79 123.14
C SER E 654 -22.39 33.11 123.94
N MET E 655 -22.56 33.79 125.07
CA MET E 655 -21.46 34.06 125.98
C MET E 655 -21.75 33.45 127.34
N ARG E 656 -20.67 33.16 128.07
CA ARG E 656 -20.73 32.58 129.39
C ARG E 656 -19.78 33.31 130.32
N PRO E 657 -20.10 33.37 131.61
CA PRO E 657 -19.14 33.88 132.58
C PRO E 657 -18.06 32.84 132.87
N ASN E 658 -16.96 33.32 133.43
CA ASN E 658 -15.82 32.45 133.75
C ASN E 658 -16.17 31.63 134.99
N ILE E 659 -17.15 30.74 134.82
CA ILE E 659 -17.66 29.90 135.89
C ILE E 659 -17.71 28.46 135.39
N PHE E 660 -17.12 27.55 136.16
CA PHE E 660 -17.14 26.13 135.85
C PHE E 660 -17.59 25.38 137.10
N LEU E 661 -18.62 24.54 136.94
CA LEU E 661 -19.25 23.84 138.06
C LEU E 661 -19.30 22.34 137.74
N GLY E 662 -18.26 21.62 138.14
CA GLY E 662 -18.21 20.19 137.92
C GLY E 662 -17.84 19.45 139.19
N VAL E 663 -18.36 18.23 139.29
CA VAL E 663 -18.13 17.39 140.46
C VAL E 663 -16.76 16.71 140.32
N SER E 664 -15.91 16.90 141.33
CA SER E 664 -14.57 16.31 141.34
C SER E 664 -14.06 16.33 142.77
N GLU E 665 -12.82 15.88 142.94
CA GLU E 665 -12.20 15.90 144.26
C GLU E 665 -11.90 17.33 144.67
N GLY E 666 -12.30 17.69 145.89
CA GLY E 666 -12.12 19.04 146.38
C GLY E 666 -13.19 19.98 145.84
N SER E 667 -13.17 21.20 146.37
CA SER E 667 -14.14 22.23 146.01
C SER E 667 -15.57 21.72 146.15
N ALA E 668 -15.86 21.12 147.30
CA ALA E 668 -17.17 20.54 147.55
C ALA E 668 -18.25 21.61 147.52
N GLN E 669 -19.12 21.54 146.52
CA GLN E 669 -20.21 22.49 146.35
C GLN E 669 -21.53 21.74 146.28
N TYR E 670 -22.54 22.28 146.95
CA TYR E 670 -23.88 21.69 146.87
C TYR E 670 -24.51 21.91 145.50
N LYS E 671 -23.89 22.73 144.65
CA LYS E 671 -24.30 22.89 143.26
C LYS E 671 -25.74 23.39 143.15
N LYS E 672 -26.07 24.40 143.95
CA LYS E 672 -27.38 25.05 143.92
C LYS E 672 -27.12 26.54 143.74
N TRP E 673 -27.36 27.05 142.54
CA TRP E 673 -27.01 28.40 142.16
C TRP E 673 -28.25 29.15 141.66
N TYR E 674 -28.26 30.45 141.92
CA TYR E 674 -29.33 31.34 141.51
C TYR E 674 -28.78 32.36 140.53
N TYR E 675 -29.57 32.68 139.50
CA TYR E 675 -29.12 33.55 138.43
C TYR E 675 -30.31 34.39 137.97
N GLU E 676 -30.03 35.58 137.47
CA GLU E 676 -31.09 36.41 136.91
C GLU E 676 -30.46 37.47 136.01
N LEU E 677 -31.29 38.04 135.14
CA LEU E 677 -30.81 38.95 134.11
C LEU E 677 -32.00 39.64 133.48
N MET E 678 -31.88 40.95 133.26
CA MET E 678 -32.93 41.74 132.64
C MET E 678 -32.53 42.10 131.22
N VAL E 679 -33.45 41.96 130.28
CA VAL E 679 -33.26 42.50 128.95
C VAL E 679 -33.79 43.94 128.97
N ASP E 680 -32.93 44.87 128.55
CA ASP E 680 -33.30 46.29 128.61
C ASP E 680 -34.18 46.67 127.44
N HIS E 681 -33.86 46.17 126.25
CA HIS E 681 -34.68 46.46 125.07
C HIS E 681 -34.39 45.38 124.04
N THR E 682 -35.41 44.61 123.67
CA THR E 682 -35.28 43.51 122.72
C THR E 682 -36.05 43.85 121.45
N GLU E 683 -35.33 43.94 120.34
CA GLU E 683 -35.98 44.19 119.06
C GLU E 683 -36.78 42.96 118.65
N PRO E 684 -38.09 43.07 118.44
CA PRO E 684 -38.86 41.88 118.04
C PRO E 684 -38.57 41.43 116.62
N PHE E 685 -38.45 42.37 115.69
CA PHE E 685 -38.27 42.06 114.27
C PHE E 685 -37.19 42.93 113.66
N VAL E 686 -36.02 42.96 114.30
CA VAL E 686 -34.88 43.69 113.75
C VAL E 686 -34.50 43.13 112.39
N THR E 687 -34.60 41.81 112.24
CA THR E 687 -34.34 41.11 110.98
C THR E 687 -35.64 40.46 110.50
N ALA E 688 -35.52 39.65 109.45
CA ALA E 688 -36.69 38.97 108.91
C ALA E 688 -37.31 38.04 109.96
N GLU E 689 -36.49 37.30 110.68
CA GLU E 689 -36.98 36.41 111.73
C GLU E 689 -37.01 37.13 113.08
N ALA E 690 -37.70 36.51 114.03
CA ALA E 690 -37.76 37.05 115.38
C ALA E 690 -36.40 36.92 116.06
N THR E 691 -36.21 37.72 117.12
CA THR E 691 -34.95 37.69 117.84
C THR E 691 -34.79 36.36 118.57
N HIS E 692 -33.65 35.71 118.36
CA HIS E 692 -33.34 34.42 118.98
C HIS E 692 -32.75 34.69 120.35
N LEU E 693 -33.63 34.75 121.36
CA LEU E 693 -33.23 34.98 122.74
C LEU E 693 -33.55 33.75 123.58
N ARG E 694 -32.52 33.12 124.11
CA ARG E 694 -32.66 31.96 124.97
C ARG E 694 -31.67 32.08 126.13
N VAL E 695 -32.10 31.68 127.32
CA VAL E 695 -31.24 31.68 128.50
C VAL E 695 -31.30 30.31 129.13
N GLY E 696 -30.16 29.85 129.67
CA GLY E 696 -30.17 28.54 130.29
C GLY E 696 -28.79 28.11 130.73
N TRP E 697 -28.60 26.80 130.77
CA TRP E 697 -27.34 26.22 131.25
C TRP E 697 -26.81 25.21 130.25
N ALA E 698 -25.51 25.25 130.03
CA ALA E 698 -24.84 24.35 129.09
C ALA E 698 -23.78 23.54 129.82
N SER E 699 -23.69 22.26 129.48
CA SER E 699 -22.74 21.34 130.09
C SER E 699 -21.59 21.08 129.14
N THR E 700 -20.37 21.27 129.64
CA THR E 700 -19.19 21.00 128.83
C THR E 700 -19.07 19.50 128.55
N GLU E 701 -18.72 19.17 127.32
CA GLU E 701 -18.60 17.78 126.91
C GLU E 701 -17.26 17.20 127.36
N GLY E 702 -17.29 15.96 127.85
CA GLY E 702 -16.08 15.26 128.21
C GLY E 702 -15.31 15.87 129.35
N TYR E 703 -15.95 16.71 130.17
CA TYR E 703 -15.30 17.41 131.27
C TYR E 703 -14.07 18.17 130.78
N SER E 704 -14.24 18.89 129.69
CA SER E 704 -13.18 19.62 129.01
C SER E 704 -13.63 21.07 128.83
N PRO E 705 -12.68 22.00 128.70
CA PRO E 705 -13.04 23.40 128.47
C PRO E 705 -13.91 23.61 127.24
N TYR E 706 -13.88 22.71 126.27
CA TYR E 706 -14.77 22.82 125.13
C TYR E 706 -16.21 22.62 125.62
N PRO E 707 -17.08 23.60 125.45
CA PRO E 707 -18.46 23.45 125.92
C PRO E 707 -19.35 22.80 124.88
N GLY E 708 -20.52 22.36 125.34
CA GLY E 708 -21.50 21.71 124.49
C GLY E 708 -22.67 22.63 124.21
N GLY E 709 -23.04 22.72 122.93
CA GLY E 709 -24.15 23.56 122.52
C GLY E 709 -24.15 23.80 121.03
N GLY E 710 -24.51 25.01 120.62
CA GLY E 710 -24.45 25.38 119.22
C GLY E 710 -23.06 25.28 118.66
N GLU E 711 -22.92 24.67 117.48
CA GLU E 711 -21.62 24.54 116.85
C GLU E 711 -21.06 25.91 116.48
N GLU E 712 -19.73 25.99 116.45
CA GLU E 712 -19.07 27.25 116.11
C GLU E 712 -19.46 27.67 114.71
N TRP E 713 -19.65 28.98 114.53
CA TRP E 713 -19.93 29.56 113.23
C TRP E 713 -21.22 28.99 112.63
N GLY E 714 -22.32 29.21 113.34
CA GLY E 714 -23.61 28.75 112.88
C GLY E 714 -24.72 29.45 113.61
N GLY E 715 -25.93 29.33 113.06
CA GLY E 715 -27.10 29.93 113.67
C GLY E 715 -27.72 29.05 114.72
N ASN E 716 -26.89 28.45 115.58
CA ASN E 716 -27.34 27.54 116.62
C ASN E 716 -27.03 28.15 117.98
N GLY E 717 -28.06 28.29 118.80
CA GLY E 717 -27.93 28.82 120.13
C GLY E 717 -27.91 27.73 121.19
N VAL E 718 -28.38 28.07 122.39
CA VAL E 718 -28.47 27.07 123.44
C VAL E 718 -29.75 26.26 123.28
N GLY E 719 -29.73 25.05 123.84
CA GLY E 719 -30.86 24.16 123.71
C GLY E 719 -31.01 23.54 122.34
N ASP E 720 -29.95 23.55 121.53
CA ASP E 720 -29.97 22.92 120.22
C ASP E 720 -29.33 21.54 120.23
N ASP E 721 -28.96 21.03 121.40
CA ASP E 721 -28.47 19.67 121.53
C ASP E 721 -28.69 19.21 122.96
N LEU E 722 -28.39 17.94 123.20
CA LEU E 722 -28.54 17.38 124.55
C LEU E 722 -27.57 17.99 125.55
N PHE E 723 -26.53 18.69 125.07
CA PHE E 723 -25.55 19.27 125.97
C PHE E 723 -26.06 20.52 126.67
N SER E 724 -26.92 21.30 126.01
CA SER E 724 -27.39 22.57 126.54
C SER E 724 -28.90 22.55 126.72
N TYR E 725 -29.37 23.31 127.71
CA TYR E 725 -30.78 23.41 128.03
C TYR E 725 -31.14 24.89 128.12
N GLY E 726 -32.17 25.30 127.39
CA GLY E 726 -32.51 26.71 127.29
C GLY E 726 -34.00 26.95 127.48
N PHE E 727 -34.32 28.23 127.62
CA PHE E 727 -35.70 28.69 127.82
C PHE E 727 -35.80 30.06 127.17
N ASP E 728 -36.84 30.27 126.36
CA ASP E 728 -36.92 31.48 125.56
C ASP E 728 -38.10 32.38 125.94
N GLY E 729 -38.74 32.13 127.08
CA GLY E 729 -39.90 32.88 127.51
C GLY E 729 -41.21 32.18 127.27
N LEU E 730 -41.29 31.37 126.21
CA LEU E 730 -42.47 30.60 125.91
C LEU E 730 -42.18 29.12 125.65
N HIS E 731 -40.95 28.76 125.31
CA HIS E 731 -40.60 27.39 124.98
C HIS E 731 -39.33 26.98 125.72
N LEU E 732 -39.25 25.70 126.06
CA LEU E 732 -38.04 25.08 126.57
C LEU E 732 -37.33 24.37 125.42
N TRP E 733 -36.04 24.62 125.28
CA TRP E 733 -35.25 24.16 124.14
C TRP E 733 -34.21 23.15 124.59
N SER E 734 -34.19 22.00 123.93
CA SER E 734 -33.18 20.98 124.13
C SER E 734 -33.20 20.06 122.91
N GLY E 735 -32.04 19.88 122.29
CA GLY E 735 -31.98 19.05 121.10
C GLY E 735 -32.79 19.58 119.93
N CYS E 736 -32.75 20.89 119.72
CA CYS E 736 -33.38 21.56 118.57
C CYS E 736 -34.89 21.35 118.51
N ILE E 737 -35.53 21.02 119.63
CA ILE E 737 -36.98 20.82 119.67
C ILE E 737 -37.53 21.59 120.88
N ALA E 738 -38.59 22.35 120.64
CA ALA E 738 -39.22 23.16 121.68
C ALA E 738 -40.34 22.39 122.36
N ARG E 739 -40.69 22.84 123.57
CA ARG E 739 -41.70 22.17 124.39
C ARG E 739 -42.92 23.02 124.69
N THR E 740 -42.91 24.31 124.39
CA THR E 740 -44.04 25.21 124.64
C THR E 740 -44.42 25.20 126.12
N VAL E 741 -43.48 25.66 126.94
CA VAL E 741 -43.72 25.72 128.38
C VAL E 741 -44.76 26.80 128.67
N SER E 742 -45.71 26.49 129.55
CA SER E 742 -46.74 27.42 129.95
C SER E 742 -46.36 28.11 131.25
N SER E 743 -46.81 29.36 131.38
CA SER E 743 -46.52 30.17 132.56
C SER E 743 -47.51 31.32 132.59
N PRO E 744 -47.75 31.90 133.76
CA PRO E 744 -48.60 33.10 133.83
C PRO E 744 -48.12 34.18 132.86
N ASN E 745 -49.04 34.66 132.03
CA ASN E 745 -48.75 35.62 130.98
C ASN E 745 -47.61 35.11 130.09
N GLN E 746 -47.85 33.95 129.48
CA GLN E 746 -46.85 33.32 128.63
C GLN E 746 -46.64 34.14 127.36
N HIS E 747 -45.39 34.46 127.06
CA HIS E 747 -45.03 35.29 125.92
C HIS E 747 -43.53 35.24 125.72
N LEU E 748 -43.10 35.63 124.52
CA LEU E 748 -41.68 35.78 124.25
C LEU E 748 -41.09 36.88 125.13
N LEU E 749 -39.84 36.69 125.54
CA LEU E 749 -39.18 37.62 126.45
C LEU E 749 -39.15 39.03 125.88
N ARG E 750 -39.90 39.94 126.51
CA ARG E 750 -39.90 41.35 126.17
C ARG E 750 -39.08 42.12 127.20
N THR E 751 -39.06 43.44 127.05
CA THR E 751 -38.22 44.28 127.88
C THR E 751 -38.63 44.18 129.35
N ASP E 752 -37.63 44.30 130.23
CA ASP E 752 -37.83 44.29 131.68
C ASP E 752 -38.44 42.97 132.16
N ASP E 753 -37.69 41.89 131.94
CA ASP E 753 -38.05 40.56 132.42
C ASP E 753 -36.97 40.07 133.37
N VAL E 754 -37.39 39.63 134.56
CA VAL E 754 -36.43 39.21 135.58
C VAL E 754 -35.73 37.92 135.15
N ILE E 755 -36.50 36.92 134.73
CA ILE E 755 -35.98 35.63 134.26
C ILE E 755 -35.00 35.05 135.27
N SER E 756 -35.50 34.59 136.42
CA SER E 756 -34.66 34.02 137.46
C SER E 756 -34.51 32.52 137.22
N CYS E 757 -33.28 32.10 136.93
CA CYS E 757 -32.97 30.70 136.66
C CYS E 757 -32.28 30.10 137.88
N CYS E 758 -32.84 29.01 138.41
CA CYS E 758 -32.26 28.31 139.53
C CYS E 758 -31.76 26.95 139.07
N LEU E 759 -30.45 26.74 139.19
CA LEU E 759 -29.79 25.50 138.78
C LEU E 759 -29.48 24.69 140.01
N ASP E 760 -29.85 23.41 139.99
CA ASP E 760 -29.42 22.47 141.01
C ASP E 760 -28.88 21.22 140.32
N LEU E 761 -27.75 20.72 140.82
CA LEU E 761 -27.06 19.61 140.19
C LEU E 761 -26.94 18.39 141.08
N SER E 762 -26.94 18.56 142.41
CA SER E 762 -27.03 17.40 143.30
C SER E 762 -28.32 16.63 143.03
N ALA E 763 -29.41 17.34 142.84
CA ALA E 763 -30.64 16.80 142.29
C ALA E 763 -30.68 17.04 140.79
N PRO E 764 -31.40 16.22 140.04
CA PRO E 764 -31.55 16.46 138.59
C PRO E 764 -32.74 17.38 138.27
N SER E 765 -32.52 18.69 138.43
CA SER E 765 -33.58 19.64 138.15
C SER E 765 -32.98 21.02 137.84
N ILE E 766 -33.50 21.66 136.80
CA ILE E 766 -33.16 23.04 136.45
C ILE E 766 -34.47 23.78 136.27
N SER E 767 -34.73 24.78 137.10
CA SER E 767 -36.01 25.47 137.08
C SER E 767 -35.83 26.93 136.70
N PHE E 768 -36.91 27.52 136.20
CA PHE E 768 -36.91 28.91 135.79
C PHE E 768 -38.18 29.59 136.30
N ARG E 769 -38.09 30.89 136.49
CA ARG E 769 -39.22 31.71 136.94
C ARG E 769 -39.19 33.02 136.17
N ILE E 770 -40.18 33.23 135.32
CA ILE E 770 -40.28 34.46 134.55
C ILE E 770 -41.00 35.50 135.40
N ASN E 771 -40.28 36.57 135.76
CA ASN E 771 -40.82 37.65 136.60
C ASN E 771 -41.34 37.12 137.93
N GLY E 772 -40.66 36.11 138.48
CA GLY E 772 -41.03 35.57 139.77
C GLY E 772 -41.87 34.31 139.69
N GLN E 773 -42.83 34.27 138.78
CA GLN E 773 -43.69 33.11 138.65
C GLN E 773 -42.92 31.95 138.03
N PRO E 774 -42.81 30.81 138.71
CA PRO E 774 -42.03 29.70 138.17
C PRO E 774 -42.65 29.13 136.90
N VAL E 775 -41.77 28.64 136.01
CA VAL E 775 -42.25 27.98 134.80
C VAL E 775 -42.89 26.64 135.19
N GLN E 776 -43.88 26.23 134.39
CA GLN E 776 -44.65 25.03 134.69
C GLN E 776 -44.02 23.81 134.03
N GLY E 777 -42.80 23.51 134.44
CA GLY E 777 -42.05 22.39 133.90
C GLY E 777 -40.55 22.61 133.86
N MET E 778 -39.80 21.64 134.32
CA MET E 778 -38.34 21.71 134.40
C MET E 778 -37.70 20.59 133.59
N PHE E 779 -36.37 20.57 133.60
CA PHE E 779 -35.60 19.46 133.05
C PHE E 779 -35.08 18.58 134.19
N GLU E 780 -35.04 17.28 133.93
CA GLU E 780 -34.65 16.30 134.94
C GLU E 780 -33.89 15.17 134.28
N ASN E 781 -33.15 14.44 135.11
CA ASN E 781 -32.34 13.29 134.70
C ASN E 781 -31.35 13.65 133.59
N PHE E 782 -31.00 14.93 133.49
CA PHE E 782 -29.94 15.34 132.58
C PHE E 782 -28.62 14.77 133.05
N ASN E 783 -27.71 14.55 132.10
CA ASN E 783 -26.43 13.92 132.41
C ASN E 783 -25.64 14.80 133.39
N ILE E 784 -25.46 14.31 134.62
CA ILE E 784 -24.86 15.13 135.67
C ILE E 784 -23.40 15.44 135.38
N ASP E 785 -22.70 14.57 134.67
CA ASP E 785 -21.27 14.75 134.44
C ASP E 785 -21.01 16.01 133.62
N GLY E 786 -19.79 16.51 133.71
CA GLY E 786 -19.40 17.72 133.04
C GLY E 786 -19.64 18.96 133.88
N LEU E 787 -18.98 20.05 133.47
CA LEU E 787 -19.07 21.32 134.19
C LEU E 787 -20.16 22.19 133.58
N PHE E 788 -21.07 22.67 134.42
CA PHE E 788 -22.21 23.46 133.98
C PHE E 788 -21.93 24.94 134.20
N PHE E 789 -22.37 25.77 133.24
CA PHE E 789 -22.24 27.21 133.32
C PHE E 789 -23.50 27.85 132.75
N PRO E 790 -23.88 29.02 133.24
CA PRO E 790 -24.97 29.76 132.61
C PRO E 790 -24.55 30.26 131.24
N VAL E 791 -25.52 30.39 130.35
CA VAL E 791 -25.24 30.80 128.97
C VAL E 791 -26.52 31.36 128.36
N VAL E 792 -26.36 32.43 127.58
CA VAL E 792 -27.48 33.09 126.91
C VAL E 792 -27.12 33.27 125.43
N SER E 793 -28.02 32.84 124.56
CA SER E 793 -27.93 33.10 123.12
C SER E 793 -28.86 34.26 122.82
N PHE E 794 -28.29 35.41 122.45
CA PHE E 794 -29.03 36.66 122.40
C PHE E 794 -29.24 37.17 120.98
N SER E 795 -29.10 36.31 119.97
CA SER E 795 -29.16 36.70 118.58
C SER E 795 -28.44 38.02 118.31
N ALA E 796 -29.14 38.95 117.65
CA ALA E 796 -28.61 40.28 117.37
C ALA E 796 -29.71 41.31 117.61
N GLY E 797 -29.30 42.57 117.75
CA GLY E 797 -30.24 43.63 118.02
C GLY E 797 -30.92 43.51 119.37
N ILE E 798 -30.12 43.25 120.41
CA ILE E 798 -30.64 43.05 121.76
C ILE E 798 -29.71 43.70 122.78
N LYS E 799 -30.26 43.96 123.96
CA LYS E 799 -29.54 44.50 125.11
C LYS E 799 -29.93 43.68 126.33
N VAL E 800 -28.95 43.03 126.96
CA VAL E 800 -29.18 42.21 128.13
C VAL E 800 -28.19 42.62 129.21
N ARG E 801 -28.57 42.44 130.47
CA ARG E 801 -27.67 42.74 131.58
C ARG E 801 -27.90 41.73 132.69
N PHE E 802 -26.85 41.05 133.09
CA PHE E 802 -26.92 39.99 134.09
C PHE E 802 -27.05 40.59 135.49
N LEU E 803 -27.18 39.73 136.49
CA LEU E 803 -27.16 40.13 137.88
C LEU E 803 -26.42 39.08 138.70
N LEU E 804 -25.58 39.54 139.62
CA LEU E 804 -24.83 38.68 140.51
C LEU E 804 -24.90 39.29 141.91
N GLY E 805 -24.07 38.77 142.82
CA GLY E 805 -24.01 39.27 144.17
C GLY E 805 -22.84 40.21 144.38
N GLY E 806 -22.98 41.08 145.38
CA GLY E 806 -21.91 42.02 145.69
C GLY E 806 -21.82 43.11 144.64
N ARG E 807 -20.58 43.53 144.35
CA ARG E 807 -20.34 44.56 143.36
C ARG E 807 -20.59 44.08 141.93
N HIS E 808 -20.78 42.77 141.73
CA HIS E 808 -21.01 42.24 140.40
C HIS E 808 -22.46 42.36 139.95
N GLY E 809 -23.35 42.83 140.81
CA GLY E 809 -24.73 43.03 140.42
C GLY E 809 -25.63 43.17 141.63
N GLU E 810 -26.88 43.51 141.35
CA GLU E 810 -27.91 43.66 142.37
C GLU E 810 -28.95 42.58 142.19
N PHE E 811 -29.19 41.78 143.23
CA PHE E 811 -30.19 40.72 143.17
C PHE E 811 -31.56 41.33 143.41
N LYS E 812 -32.31 41.57 142.33
CA LYS E 812 -33.65 42.12 142.48
C LYS E 812 -34.56 41.16 143.24
N PHE E 813 -34.48 39.88 142.92
CA PHE E 813 -35.29 38.86 143.59
C PHE E 813 -34.40 38.01 144.48
N LEU E 814 -34.97 37.54 145.59
CA LEU E 814 -34.22 36.76 146.55
C LEU E 814 -33.96 35.35 146.01
N PRO E 815 -32.78 34.80 146.25
CA PRO E 815 -32.51 33.43 145.80
C PRO E 815 -33.37 32.44 146.57
N PRO E 816 -33.67 31.28 145.99
CA PRO E 816 -34.42 30.25 146.70
C PRO E 816 -33.60 29.70 147.86
N PRO E 817 -34.25 29.14 148.88
CA PRO E 817 -33.52 28.64 150.04
C PRO E 817 -32.50 27.58 149.65
N GLY E 818 -31.35 27.61 150.33
CA GLY E 818 -30.28 26.68 150.05
C GLY E 818 -29.64 26.86 148.69
N TYR E 819 -29.50 28.10 148.24
CA TYR E 819 -28.88 28.39 146.95
C TYR E 819 -27.78 29.42 147.14
N ALA E 820 -26.75 29.34 146.30
CA ALA E 820 -25.63 30.24 146.34
C ALA E 820 -25.79 31.37 145.33
N ALA E 821 -24.96 32.40 145.50
CA ALA E 821 -24.96 33.52 144.57
C ALA E 821 -24.29 33.13 143.26
N CYS E 822 -24.57 33.92 142.22
CA CYS E 822 -23.97 33.65 140.91
C CYS E 822 -22.46 33.82 140.94
N TYR E 823 -21.98 34.85 141.63
CA TYR E 823 -20.56 35.15 141.67
C TYR E 823 -19.82 34.38 142.77
N GLU E 824 -20.54 33.70 143.65
CA GLU E 824 -19.89 33.01 144.77
C GLU E 824 -18.98 31.89 144.29
N ALA E 825 -19.27 31.31 143.13
CA ALA E 825 -18.50 30.19 142.58
C ALA E 825 -17.28 30.65 141.80
N VAL E 826 -16.80 31.87 142.03
CA VAL E 826 -15.63 32.37 141.32
C VAL E 826 -14.42 31.53 141.68
N LEU E 827 -13.61 31.21 140.67
CA LEU E 827 -12.39 30.43 140.90
C LEU E 827 -11.42 31.25 141.76
N PRO E 828 -10.67 30.58 142.65
CA PRO E 828 -9.74 31.32 143.51
C PRO E 828 -8.67 32.05 142.69
N LYS E 829 -8.30 33.24 143.16
CA LYS E 829 -7.28 34.08 142.54
C LYS E 829 -7.62 34.45 141.11
N GLU E 830 -8.90 34.42 140.74
CA GLU E 830 -9.35 34.75 139.39
C GLU E 830 -10.41 35.83 139.46
N LYS E 831 -10.38 36.73 138.48
CA LYS E 831 -11.38 37.78 138.37
C LYS E 831 -12.47 37.31 137.41
N LEU E 832 -13.71 37.27 137.91
CA LEU E 832 -14.82 36.80 137.10
C LEU E 832 -15.05 37.72 135.90
N LYS E 833 -15.21 37.11 134.73
CA LYS E 833 -15.45 37.87 133.51
C LYS E 833 -16.27 37.01 132.55
N VAL E 834 -16.90 37.67 131.59
CA VAL E 834 -17.77 37.03 130.62
C VAL E 834 -17.11 37.10 129.24
N GLU E 835 -17.23 36.01 128.48
CA GLU E 835 -16.65 35.93 127.15
C GLU E 835 -17.46 34.91 126.35
N HIS E 836 -17.09 34.77 125.08
CA HIS E 836 -17.81 33.84 124.20
C HIS E 836 -17.68 32.42 124.72
N SER E 837 -18.78 31.67 124.62
CA SER E 837 -18.84 30.35 125.24
C SER E 837 -17.83 29.39 124.63
N ARG E 838 -17.85 29.25 123.31
CA ARG E 838 -16.97 28.29 122.67
C ARG E 838 -16.11 28.91 121.58
N GLU E 839 -16.68 29.79 120.77
CA GLU E 839 -15.94 30.36 119.65
C GLU E 839 -14.91 31.37 120.16
N TYR E 840 -13.75 31.38 119.51
CA TYR E 840 -12.71 32.36 119.80
C TYR E 840 -12.83 33.60 118.92
N LYS E 841 -13.98 33.80 118.29
CA LYS E 841 -14.17 34.95 117.42
C LYS E 841 -14.10 36.24 118.22
N GLN E 842 -13.34 37.21 117.71
CA GLN E 842 -13.22 38.52 118.33
C GLN E 842 -13.33 39.66 117.31
N GLU E 843 -13.73 39.35 116.08
CA GLU E 843 -13.83 40.36 115.02
C GLU E 843 -12.51 41.09 114.82
N ARG E 844 -11.43 40.32 114.71
CA ARG E 844 -10.08 40.83 114.55
C ARG E 844 -9.52 40.42 113.20
N THR E 845 -8.86 41.35 112.53
CA THR E 845 -8.31 41.13 111.19
C THR E 845 -6.82 40.89 111.29
N TYR E 846 -6.36 39.73 110.81
CA TYR E 846 -4.95 39.37 110.74
C TYR E 846 -4.28 39.37 112.11
N THR E 847 -5.06 39.32 113.18
CA THR E 847 -4.52 39.23 114.53
C THR E 847 -5.33 38.23 115.36
N ARG E 848 -5.88 37.22 114.72
CA ARG E 848 -6.72 36.24 115.40
C ARG E 848 -5.83 35.21 116.08
N ASP E 849 -5.98 35.09 117.41
CA ASP E 849 -5.22 34.11 118.17
C ASP E 849 -5.84 32.74 117.95
N LEU E 850 -5.37 32.05 116.92
CA LEU E 850 -5.89 30.74 116.53
C LEU E 850 -5.40 29.68 117.50
N LEU E 851 -5.87 29.78 118.75
CA LEU E 851 -5.43 28.86 119.79
C LEU E 851 -5.88 27.44 119.45
N GLY E 852 -5.00 26.48 119.74
CA GLY E 852 -5.28 25.09 119.46
C GLY E 852 -5.99 24.41 120.61
N PRO E 853 -5.77 23.10 120.75
CA PRO E 853 -6.41 22.35 121.84
C PRO E 853 -5.96 22.84 123.20
N THR E 854 -6.84 22.70 124.18
CA THR E 854 -6.58 23.07 125.56
C THR E 854 -6.44 21.83 126.43
N VAL E 855 -6.06 22.04 127.67
CA VAL E 855 -5.95 20.97 128.65
C VAL E 855 -7.25 20.87 129.42
N SER E 856 -7.45 19.72 130.09
CA SER E 856 -8.70 19.48 130.80
C SER E 856 -8.94 20.48 131.92
N LEU E 857 -7.88 21.07 132.47
CA LEU E 857 -7.98 22.06 133.55
C LEU E 857 -8.75 21.52 134.75
N PRO E 876 7.88 -0.60 164.55
CA PRO E 876 8.02 -0.75 166.00
C PRO E 876 9.28 -0.07 166.54
N HIS E 877 10.29 0.10 165.68
CA HIS E 877 11.53 0.75 166.09
C HIS E 877 11.39 2.25 166.26
N LEU E 878 10.26 2.83 165.85
CA LEU E 878 10.07 4.27 165.90
C LEU E 878 9.03 4.69 166.93
N GLU E 879 8.67 3.81 167.87
CA GLU E 879 7.73 4.18 168.92
C GLU E 879 8.31 5.27 169.82
N ARG E 880 9.59 5.14 170.16
CA ARG E 880 10.26 6.21 170.93
C ARG E 880 10.26 7.51 170.13
N ILE E 881 10.43 7.42 168.81
CA ILE E 881 10.35 8.60 167.96
C ILE E 881 8.97 9.22 168.04
N ARG E 882 7.92 8.39 168.02
CA ARG E 882 6.56 8.89 168.13
C ARG E 882 6.37 9.65 169.45
N GLU E 883 6.77 9.02 170.57
CA GLU E 883 6.58 9.66 171.87
C GLU E 883 7.37 10.96 171.98
N ARG E 884 8.63 10.95 171.54
CA ARG E 884 9.44 12.15 171.65
C ARG E 884 8.94 13.25 170.72
N LEU E 885 8.42 12.89 169.54
CA LEU E 885 7.86 13.90 168.65
C LEU E 885 6.60 14.52 169.24
N ALA E 886 5.75 13.70 169.87
CA ALA E 886 4.60 14.25 170.59
C ALA E 886 5.06 15.18 171.70
N GLU E 887 6.11 14.80 172.43
CA GLU E 887 6.64 15.64 173.48
C GLU E 887 7.08 17.00 172.93
N ASN E 888 7.87 16.98 171.85
CA ASN E 888 8.36 18.23 171.26
C ASN E 888 7.21 19.08 170.75
N ILE E 889 6.23 18.47 170.08
CA ILE E 889 5.10 19.24 169.56
C ILE E 889 4.35 19.92 170.69
N HIS E 890 4.07 19.18 171.77
CA HIS E 890 3.30 19.79 172.84
C HIS E 890 4.10 20.86 173.58
N GLU E 891 5.42 20.70 173.69
CA GLU E 891 6.17 21.77 174.36
C GLU E 891 6.25 23.01 173.48
N LEU E 892 6.38 22.84 172.16
CA LEU E 892 6.35 24.00 171.27
C LEU E 892 5.01 24.73 171.39
N TRP E 893 3.90 23.99 171.48
CA TRP E 893 2.61 24.65 171.64
C TRP E 893 2.49 25.33 173.01
N VAL E 894 2.98 24.68 174.07
CA VAL E 894 2.83 25.28 175.38
C VAL E 894 3.76 26.47 175.59
N MET E 895 4.82 26.62 174.79
CA MET E 895 5.56 27.87 174.84
C MET E 895 4.66 29.05 174.48
N ASN E 896 3.91 28.92 173.38
CA ASN E 896 2.97 29.97 172.99
C ASN E 896 1.87 30.11 174.04
N LYS E 897 1.44 28.99 174.62
CA LYS E 897 0.43 29.07 175.68
C LYS E 897 0.93 29.86 176.89
N ILE E 898 2.17 29.61 177.31
CA ILE E 898 2.74 30.31 178.45
C ILE E 898 2.96 31.79 178.13
N GLU E 899 3.37 32.09 176.90
CA GLU E 899 3.60 33.49 176.54
C GLU E 899 2.35 34.35 176.77
N LEU E 900 1.16 33.73 176.70
CA LEU E 900 -0.05 34.43 177.12
C LEU E 900 -0.21 34.44 178.63
N GLY E 901 0.20 33.37 179.31
CA GLY E 901 0.07 33.30 180.76
C GLY E 901 -0.85 32.20 181.25
N TRP E 902 -0.90 31.09 180.51
CA TRP E 902 -1.82 30.00 180.81
C TRP E 902 -1.20 29.02 181.81
N GLN E 903 -2.07 28.38 182.60
CA GLN E 903 -1.68 27.32 183.52
C GLN E 903 -2.30 26.01 183.07
N TYR E 904 -2.10 24.97 183.88
CA TYR E 904 -2.58 23.63 183.55
C TYR E 904 -3.81 23.29 184.39
N GLY E 905 -4.62 22.36 183.87
CA GLY E 905 -5.82 21.92 184.52
C GLY E 905 -6.83 21.39 183.53
N PRO E 906 -7.54 20.32 183.91
CA PRO E 906 -8.49 19.70 182.98
C PRO E 906 -9.57 20.66 182.49
N VAL E 907 -10.02 21.59 183.33
CA VAL E 907 -10.96 22.61 182.90
C VAL E 907 -10.23 23.60 181.99
N ARG E 908 -10.92 24.07 180.96
CA ARG E 908 -10.36 24.99 179.97
C ARG E 908 -11.25 26.22 179.91
N ASP E 909 -10.97 27.20 180.76
CA ASP E 909 -11.66 28.48 180.79
C ASP E 909 -10.67 29.59 180.50
N ASP E 910 -11.05 30.51 179.61
CA ASP E 910 -10.16 31.61 179.26
C ASP E 910 -9.91 32.52 180.45
N ASN E 911 -10.93 32.73 181.28
CA ASN E 911 -10.77 33.59 182.45
C ASN E 911 -9.77 33.01 183.44
N LYS E 912 -9.81 31.70 183.66
CA LYS E 912 -8.90 31.06 184.60
C LYS E 912 -7.54 30.74 183.99
N ARG E 913 -7.39 30.85 182.68
CA ARG E 913 -6.13 30.62 181.99
C ARG E 913 -5.57 29.22 182.28
N GLN E 914 -6.45 28.22 182.24
CA GLN E 914 -6.07 26.83 182.49
C GLN E 914 -6.06 26.07 181.18
N HIS E 915 -4.94 25.41 180.90
CA HIS E 915 -4.72 24.70 179.64
C HIS E 915 -4.34 23.26 179.94
N PRO E 916 -5.27 22.30 179.77
CA PRO E 916 -4.98 20.91 180.13
C PRO E 916 -3.81 20.30 179.38
N CYS E 917 -3.58 20.70 178.13
CA CYS E 917 -2.45 20.18 177.37
C CYS E 917 -1.12 20.66 177.91
N LEU E 918 -1.10 21.65 178.81
CA LEU E 918 0.15 22.16 179.35
C LEU E 918 0.96 21.06 180.04
N VAL E 919 0.28 20.21 180.82
CA VAL E 919 0.99 19.14 181.50
C VAL E 919 1.64 18.21 180.48
N GLU E 920 2.77 17.62 180.87
CA GLU E 920 3.55 16.81 179.94
C GLU E 920 2.77 15.58 179.48
N PHE E 921 3.25 14.98 178.39
CA PHE E 921 2.56 13.84 177.80
C PHE E 921 2.51 12.65 178.76
N CYS E 922 3.47 12.55 179.68
CA CYS E 922 3.45 11.48 180.66
C CYS E 922 2.24 11.60 181.58
N LYS E 923 1.94 12.81 182.03
CA LYS E 923 0.81 13.06 182.92
C LYS E 923 -0.36 13.70 182.17
N LEU E 924 -0.36 13.67 180.85
CA LEU E 924 -1.42 14.30 180.08
C LEU E 924 -2.74 13.55 180.31
N PRO E 925 -3.85 14.27 180.52
CA PRO E 925 -5.14 13.59 180.73
C PRO E 925 -5.53 12.75 179.51
N GLU E 926 -6.27 11.67 179.79
CA GLU E 926 -6.45 10.61 178.79
C GLU E 926 -7.13 11.13 177.53
N GLN E 927 -8.11 12.01 177.66
CA GLN E 927 -8.77 12.55 176.48
C GLN E 927 -7.85 13.50 175.72
N GLU E 928 -7.19 14.41 176.43
CA GLU E 928 -6.20 15.27 175.80
C GLU E 928 -5.00 14.47 175.30
N ARG E 929 -4.64 13.41 176.01
CA ARG E 929 -3.58 12.52 175.53
C ARG E 929 -3.96 11.88 174.20
N ASN E 930 -5.21 11.42 174.08
CA ASN E 930 -5.67 10.85 172.81
C ASN E 930 -5.69 11.91 171.72
N TYR E 931 -6.13 13.12 172.05
CA TYR E 931 -6.16 14.19 171.06
C TYR E 931 -4.76 14.50 170.53
N ASN E 932 -3.78 14.62 171.42
CA ASN E 932 -2.41 14.89 170.99
C ASN E 932 -1.85 13.70 170.22
N LEU E 933 -2.11 12.48 170.70
CA LEU E 933 -1.56 11.28 170.08
C LEU E 933 -2.13 11.05 168.68
N GLN E 934 -3.36 11.49 168.42
CA GLN E 934 -3.91 11.35 167.08
C GLN E 934 -3.07 12.13 166.07
N MET E 935 -2.79 13.40 166.36
CA MET E 935 -1.97 14.18 165.45
C MET E 935 -0.52 13.72 165.44
N SER E 936 0.00 13.24 166.57
CA SER E 936 1.36 12.69 166.56
C SER E 936 1.44 11.46 165.67
N LEU E 937 0.45 10.57 165.77
CA LEU E 937 0.41 9.38 164.92
C LEU E 937 0.28 9.77 163.46
N GLU E 938 -0.56 10.75 163.15
CA GLU E 938 -0.68 11.21 161.76
C GLU E 938 0.65 11.77 161.27
N THR E 939 1.33 12.55 162.11
CA THR E 939 2.59 13.17 161.70
C THR E 939 3.64 12.12 161.39
N LEU E 940 3.85 11.16 162.31
CA LEU E 940 4.87 10.14 162.06
C LEU E 940 4.46 9.18 160.95
N LYS E 941 3.17 8.87 160.83
CA LYS E 941 2.71 8.03 159.74
C LYS E 941 3.01 8.66 158.39
N THR E 942 2.73 9.97 158.26
CA THR E 942 3.06 10.65 157.02
C THR E 942 4.56 10.78 156.83
N LEU E 943 5.32 10.96 157.93
CA LEU E 943 6.78 10.99 157.83
C LEU E 943 7.30 9.71 157.20
N LEU E 944 6.83 8.56 157.67
CA LEU E 944 7.29 7.29 157.12
C LEU E 944 6.67 6.98 155.77
N ALA E 945 5.54 7.59 155.43
CA ALA E 945 4.91 7.36 154.12
C ALA E 945 5.42 8.32 153.05
N LEU E 946 6.20 9.33 153.42
CA LEU E 946 6.76 10.28 152.46
C LEU E 946 7.83 9.67 151.55
N GLY E 947 8.06 8.36 151.58
CA GLY E 947 9.07 7.73 150.75
C GLY E 947 10.43 7.61 151.37
N CYS E 948 10.64 8.19 152.55
CA CYS E 948 11.90 8.08 153.27
C CYS E 948 11.67 7.29 154.55
N HIS E 949 12.51 6.28 154.78
CA HIS E 949 12.35 5.43 155.95
C HIS E 949 12.61 6.22 157.23
N VAL E 950 11.76 6.00 158.22
CA VAL E 950 11.87 6.66 159.52
C VAL E 950 12.11 5.60 160.57
N GLY E 951 13.24 5.71 161.28
CA GLY E 951 13.60 4.76 162.32
C GLY E 951 14.32 5.45 163.45
N ILE E 952 15.30 4.77 164.02
CA ILE E 952 16.11 5.32 165.11
C ILE E 952 17.57 5.27 164.68
N ALA E 953 18.26 6.40 164.82
CA ALA E 953 19.67 6.48 164.44
C ALA E 953 20.39 7.56 165.26
N TYR E 970 16.38 31.32 181.64
CA TYR E 970 15.82 30.97 180.34
C TYR E 970 14.54 31.75 180.06
N GLN E 971 13.63 31.14 179.31
CA GLN E 971 12.38 31.80 178.95
C GLN E 971 11.46 31.93 180.16
N LEU E 972 10.56 32.89 180.09
CA LEU E 972 9.57 33.09 181.15
C LEU E 972 8.56 31.95 181.12
N THR E 973 8.47 31.21 182.22
CA THR E 973 7.64 30.01 182.30
C THR E 973 6.68 30.15 183.48
N SER E 974 5.42 30.46 183.19
CA SER E 974 4.39 30.43 184.22
C SER E 974 4.17 29.01 184.73
N GLY E 975 4.21 28.03 183.83
CA GLY E 975 4.10 26.63 184.21
C GLY E 975 5.46 25.96 184.29
N TYR E 976 5.72 25.00 183.41
CA TYR E 976 7.00 24.32 183.36
C TYR E 976 7.84 24.91 182.23
N LYS E 977 9.08 24.40 182.10
CA LYS E 977 10.01 24.93 181.13
C LYS E 977 10.12 23.99 179.94
N PRO E 978 9.62 24.35 178.77
CA PRO E 978 9.84 23.52 177.58
C PRO E 978 11.28 23.58 177.14
N ALA E 979 11.79 22.46 176.64
CA ALA E 979 13.18 22.34 176.20
C ALA E 979 13.21 21.76 174.78
N PRO E 980 13.08 22.60 173.76
CA PRO E 980 13.10 22.11 172.39
C PRO E 980 14.52 21.82 171.91
N MET E 981 14.59 21.07 170.81
CA MET E 981 15.85 20.77 170.17
C MET E 981 16.26 21.96 169.28
N ASP E 982 17.27 21.74 168.44
CA ASP E 982 17.75 22.78 167.53
C ASP E 982 17.00 22.70 166.20
N LEU E 983 15.74 23.14 166.24
CA LEU E 983 14.91 23.13 165.05
C LEU E 983 15.46 24.10 163.99
N SER E 984 15.72 25.34 164.38
CA SER E 984 16.21 26.34 163.43
C SER E 984 17.68 26.16 163.11
N PHE E 985 18.48 25.67 164.07
CA PHE E 985 19.92 25.55 163.85
C PHE E 985 20.24 24.56 162.75
N ILE E 986 19.55 23.42 162.71
CA ILE E 986 19.83 22.41 161.70
C ILE E 986 19.39 22.92 160.33
N LYS E 987 20.17 22.57 159.30
CA LYS E 987 19.89 22.99 157.93
C LYS E 987 19.23 21.84 157.19
N LEU E 988 18.13 22.13 156.50
CA LEU E 988 17.37 21.14 155.77
C LEU E 988 17.39 21.48 154.28
N THR E 989 17.69 20.48 153.47
CA THR E 989 17.85 20.68 152.04
C THR E 989 16.51 21.02 151.37
N PRO E 990 16.54 21.73 150.23
CA PRO E 990 15.27 22.05 149.55
C PRO E 990 14.45 20.83 149.14
N SER E 991 15.07 19.70 148.84
CA SER E 991 14.30 18.49 148.58
C SER E 991 13.54 18.05 149.83
N GLN E 992 14.19 18.14 151.00
CA GLN E 992 13.52 17.86 152.25
C GLN E 992 12.39 18.85 152.50
N GLU E 993 12.62 20.11 152.14
CA GLU E 993 11.57 21.12 152.26
C GLU E 993 10.37 20.77 151.40
N ALA E 994 10.60 20.35 150.16
CA ALA E 994 9.51 19.97 149.27
C ALA E 994 8.77 18.74 149.79
N MET E 995 9.50 17.77 150.35
CA MET E 995 8.86 16.59 150.89
C MET E 995 7.99 16.94 152.10
N VAL E 996 8.49 17.82 152.97
CA VAL E 996 7.68 18.30 154.09
C VAL E 996 6.48 19.09 153.59
N ASP E 997 6.65 19.82 152.49
CA ASP E 997 5.52 20.53 151.88
C ASP E 997 4.46 19.54 151.39
N LYS E 998 4.89 18.43 150.79
CA LYS E 998 3.94 17.39 150.38
C LYS E 998 3.23 16.81 151.59
N LEU E 999 3.95 16.62 152.69
CA LEU E 999 3.32 16.16 153.93
C LEU E 999 2.26 17.15 154.40
N ALA E 1000 2.58 18.45 154.36
CA ALA E 1000 1.61 19.46 154.75
C ALA E 1000 0.40 19.46 153.83
N GLU E 1001 0.62 19.24 152.52
CA GLU E 1001 -0.50 19.11 151.60
C GLU E 1001 -1.38 17.92 151.95
N ASN E 1002 -0.77 16.79 152.32
CA ASN E 1002 -1.56 15.63 152.73
C ASN E 1002 -2.36 15.93 153.99
N ALA E 1003 -1.75 16.63 154.95
CA ALA E 1003 -2.47 16.98 156.17
C ALA E 1003 -3.66 17.90 155.87
N HIS E 1004 -3.45 18.90 155.03
CA HIS E 1004 -4.56 19.78 154.67
C HIS E 1004 -5.60 19.05 153.84
N ASN E 1005 -5.19 18.04 153.07
CA ASN E 1005 -6.14 17.26 152.29
C ASN E 1005 -7.05 16.43 153.19
N VAL E 1006 -6.48 15.77 154.19
CA VAL E 1006 -7.33 15.03 155.13
C VAL E 1006 -8.19 16.00 155.94
N TRP E 1007 -7.65 17.17 156.28
CA TRP E 1007 -8.46 18.21 156.92
C TRP E 1007 -9.67 18.56 156.08
N ALA E 1008 -9.44 18.83 154.78
CA ALA E 1008 -10.54 19.19 153.89
C ALA E 1008 -11.53 18.04 153.73
N ARG E 1009 -11.02 16.80 153.67
CA ARG E 1009 -11.91 15.65 153.56
C ARG E 1009 -12.82 15.54 154.77
N ASP E 1010 -12.29 15.81 155.97
CA ASP E 1010 -13.15 15.85 157.14
C ASP E 1010 -14.11 17.05 157.12
N ARG E 1011 -13.66 18.18 156.60
CA ARG E 1011 -14.44 19.41 156.68
C ARG E 1011 -15.61 19.42 155.71
N ILE E 1012 -15.44 18.85 154.51
CA ILE E 1012 -16.46 18.93 153.48
C ILE E 1012 -17.75 18.23 153.89
N ARG E 1013 -17.68 17.30 154.85
CA ARG E 1013 -18.89 16.67 155.36
C ARG E 1013 -19.81 17.69 156.02
N GLN E 1014 -19.24 18.62 156.78
CA GLN E 1014 -20.01 19.66 157.44
C GLN E 1014 -20.45 20.73 156.44
N ARG E 1027 -18.76 24.52 154.76
CA ARG E 1027 -19.83 25.43 154.38
C ARG E 1027 -19.38 26.37 153.26
N ARG E 1028 -18.92 25.76 152.15
CA ARG E 1028 -18.40 26.50 151.00
C ARG E 1028 -17.27 27.44 151.42
N ASN E 1029 -16.43 26.99 152.33
CA ASN E 1029 -15.29 27.76 152.79
C ASN E 1029 -14.14 27.65 151.79
N PRO E 1030 -13.26 28.65 151.76
CA PRO E 1030 -12.10 28.55 150.85
C PRO E 1030 -11.24 27.34 151.08
N ARG E 1031 -11.12 26.89 152.34
CA ARG E 1031 -10.35 25.68 152.63
C ARG E 1031 -10.91 24.46 151.93
N LEU E 1032 -12.17 24.51 151.49
CA LEU E 1032 -12.74 23.40 150.74
C LEU E 1032 -12.06 23.21 149.39
N VAL E 1033 -11.38 24.22 148.87
CA VAL E 1033 -10.68 24.10 147.59
C VAL E 1033 -9.47 23.21 147.80
N PRO E 1034 -9.04 22.45 146.79
CA PRO E 1034 -7.82 21.64 146.95
C PRO E 1034 -6.60 22.50 147.23
N TYR E 1035 -5.52 21.83 147.64
CA TYR E 1035 -4.30 22.54 148.04
C TYR E 1035 -3.67 23.28 146.86
N THR E 1036 -3.90 22.79 145.64
CA THR E 1036 -3.30 23.44 144.47
C THR E 1036 -3.81 24.86 144.30
N LEU E 1037 -5.12 25.07 144.52
CA LEU E 1037 -5.72 26.39 144.41
C LEU E 1037 -5.92 27.05 145.78
N LEU E 1038 -5.37 26.47 146.84
CA LEU E 1038 -5.54 27.02 148.17
C LEU E 1038 -4.78 28.34 148.31
N ASP E 1039 -5.29 29.22 149.17
CA ASP E 1039 -4.66 30.52 149.37
C ASP E 1039 -3.25 30.36 149.92
N ASP E 1040 -2.33 31.15 149.35
CA ASP E 1040 -0.91 30.98 149.66
C ASP E 1040 -0.60 31.24 151.13
N ARG E 1041 -1.36 32.15 151.77
CA ARG E 1041 -1.14 32.42 153.19
C ARG E 1041 -1.39 31.16 154.03
N THR E 1042 -2.55 30.52 153.83
CA THR E 1042 -2.85 29.30 154.56
C THR E 1042 -1.89 28.18 154.16
N LYS E 1043 -1.54 28.10 152.88
CA LYS E 1043 -0.59 27.08 152.43
C LYS E 1043 0.74 27.21 153.15
N LYS E 1044 1.29 28.42 153.20
CA LYS E 1044 2.59 28.62 153.85
C LYS E 1044 2.51 28.39 155.35
N SER E 1045 1.41 28.82 155.98
CA SER E 1045 1.26 28.58 157.42
C SER E 1045 1.23 27.08 157.71
N ASN E 1046 0.45 26.33 156.95
CA ASN E 1046 0.40 24.88 157.13
C ASN E 1046 1.76 24.26 156.85
N LYS E 1047 2.45 24.74 155.81
CA LYS E 1047 3.76 24.20 155.47
C LYS E 1047 4.74 24.35 156.62
N ASP E 1048 4.83 25.55 157.19
CA ASP E 1048 5.80 25.75 158.28
C ASP E 1048 5.37 25.00 159.54
N SER E 1049 4.06 24.98 159.84
CA SER E 1049 3.59 24.29 161.03
C SER E 1049 3.90 22.80 160.95
N LEU E 1050 3.69 22.19 159.78
CA LEU E 1050 4.00 20.77 159.62
C LEU E 1050 5.50 20.52 159.48
N ARG E 1051 6.25 21.49 158.97
CA ARG E 1051 7.69 21.34 158.81
C ARG E 1051 8.44 21.50 160.11
N GLU E 1052 7.82 22.10 161.13
CA GLU E 1052 8.46 22.17 162.44
C GLU E 1052 8.77 20.77 162.98
N ALA E 1053 7.81 19.85 162.87
CA ALA E 1053 8.04 18.48 163.33
C ALA E 1053 9.11 17.78 162.50
N VAL E 1054 9.14 18.06 161.19
CA VAL E 1054 10.19 17.50 160.34
C VAL E 1054 11.56 17.99 160.77
N ARG E 1055 11.65 19.29 161.13
CA ARG E 1055 12.91 19.82 161.64
C ARG E 1055 13.29 19.18 162.96
N THR E 1056 12.31 18.92 163.83
CA THR E 1056 12.60 18.20 165.06
C THR E 1056 13.16 16.81 164.77
N LEU E 1057 12.57 16.11 163.80
CA LEU E 1057 13.08 14.80 163.41
C LEU E 1057 14.51 14.90 162.88
N LEU E 1058 14.78 15.91 162.05
CA LEU E 1058 16.12 16.06 161.48
C LEU E 1058 17.15 16.37 162.55
N GLY E 1059 16.79 17.21 163.53
CA GLY E 1059 17.74 17.57 164.57
C GLY E 1059 18.13 16.39 165.44
N TYR E 1060 17.17 15.52 165.76
CA TYR E 1060 17.46 14.35 166.58
C TYR E 1060 18.40 13.38 165.87
N GLY E 1061 18.36 13.34 164.54
CA GLY E 1061 19.22 12.47 163.78
C GLY E 1061 18.66 11.09 163.47
N TYR E 1062 17.47 10.77 163.98
CA TYR E 1062 16.86 9.47 163.70
C TYR E 1062 16.49 9.35 162.22
N ARG E 1084 -5.87 16.56 120.38
CA ARG E 1084 -6.60 16.94 119.18
C ARG E 1084 -5.95 18.21 118.62
N PHE E 1085 -4.81 18.03 117.95
CA PHE E 1085 -4.12 19.16 117.36
C PHE E 1085 -4.95 19.76 116.24
N ARG E 1086 -4.96 21.09 116.16
CA ARG E 1086 -5.84 21.80 115.24
C ARG E 1086 -5.02 22.34 114.08
N ILE E 1087 -5.49 22.07 112.87
CA ILE E 1087 -4.82 22.49 111.63
C ILE E 1087 -5.66 23.56 110.98
N PHE E 1088 -5.09 24.73 110.79
CA PHE E 1088 -5.70 25.84 110.05
C PHE E 1088 -5.01 25.97 108.70
N ARG E 1089 -5.74 26.50 107.72
CA ARG E 1089 -5.15 26.70 106.41
C ARG E 1089 -5.98 27.74 105.66
N ALA E 1090 -5.38 28.27 104.61
CA ALA E 1090 -6.14 29.13 103.70
C ALA E 1090 -7.05 28.27 102.82
N GLU E 1091 -8.03 28.93 102.21
CA GLU E 1091 -8.97 28.21 101.36
C GLU E 1091 -8.26 27.64 100.13
N LYS E 1092 -8.73 26.47 99.68
CA LYS E 1092 -8.10 25.80 98.56
C LYS E 1092 -8.26 26.55 97.24
N THR E 1093 -9.23 27.46 97.15
CA THR E 1093 -9.37 28.25 95.93
C THR E 1093 -8.21 29.23 95.75
N TYR E 1094 -7.61 29.67 96.85
CA TYR E 1094 -6.47 30.57 96.81
C TYR E 1094 -5.15 29.85 96.61
N ALA E 1095 -5.18 28.58 96.23
CA ALA E 1095 -3.95 27.84 95.98
C ALA E 1095 -3.20 28.43 94.81
N VAL E 1096 -1.87 28.51 94.94
CA VAL E 1096 -1.01 29.13 93.94
C VAL E 1096 -0.14 28.05 93.32
N LYS E 1097 -0.10 27.99 91.98
CA LYS E 1097 0.69 27.01 91.26
C LYS E 1097 2.04 27.56 90.80
N ALA E 1098 2.27 28.86 90.91
CA ALA E 1098 3.52 29.46 90.48
C ALA E 1098 3.71 30.79 91.17
N GLY E 1099 4.95 31.26 91.17
CA GLY E 1099 5.29 32.57 91.68
C GLY E 1099 6.06 32.50 92.99
N ARG E 1100 6.27 33.68 93.57
CA ARG E 1100 6.99 33.84 94.82
C ARG E 1100 6.02 34.32 95.89
N TRP E 1101 6.01 33.64 97.03
CA TRP E 1101 5.00 33.87 98.05
C TRP E 1101 5.62 33.82 99.43
N TYR E 1102 4.95 34.47 100.38
CA TYR E 1102 5.42 34.61 101.75
C TYR E 1102 4.23 34.83 102.67
N PHE E 1103 4.34 34.29 103.88
CA PHE E 1103 3.43 34.63 104.95
C PHE E 1103 4.14 34.43 106.29
N GLU E 1104 3.62 35.08 107.32
CA GLU E 1104 4.17 35.03 108.66
C GLU E 1104 3.30 34.19 109.59
N PHE E 1105 3.96 33.46 110.48
CA PHE E 1105 3.29 32.72 111.54
C PHE E 1105 3.87 33.19 112.88
N GLU E 1106 2.99 33.61 113.77
CA GLU E 1106 3.34 34.02 115.12
C GLU E 1106 3.36 32.81 116.05
N ALA E 1107 4.16 32.90 117.11
CA ALA E 1107 4.19 31.90 118.17
C ALA E 1107 4.10 32.64 119.50
N VAL E 1108 2.87 32.91 119.96
CA VAL E 1108 2.70 33.58 121.24
C VAL E 1108 3.23 32.71 122.37
N THR E 1109 2.91 31.41 122.32
CA THR E 1109 3.44 30.42 123.26
C THR E 1109 4.20 29.38 122.48
N ALA E 1110 5.48 29.21 122.80
CA ALA E 1110 6.30 28.24 122.09
C ALA E 1110 5.86 26.82 122.45
N GLY E 1111 5.82 25.95 121.43
CA GLY E 1111 5.41 24.58 121.64
C GLY E 1111 5.23 23.81 120.35
N ASP E 1112 4.19 22.98 120.28
CA ASP E 1112 3.92 22.15 119.12
C ASP E 1112 3.34 23.04 118.01
N MET E 1113 4.24 23.72 117.30
CA MET E 1113 3.87 24.60 116.21
C MET E 1113 4.50 24.09 114.93
N ARG E 1114 3.70 23.89 113.89
CA ARG E 1114 4.22 23.58 112.57
C ARG E 1114 3.59 24.53 111.56
N VAL E 1115 4.41 25.03 110.63
CA VAL E 1115 3.95 25.99 109.64
C VAL E 1115 4.52 25.60 108.28
N GLY E 1116 3.75 25.83 107.22
CA GLY E 1116 4.27 25.54 105.90
C GLY E 1116 3.19 25.57 104.84
N TRP E 1117 3.40 24.78 103.79
CA TRP E 1117 2.52 24.75 102.63
C TRP E 1117 2.10 23.32 102.35
N SER E 1118 0.81 23.11 102.12
CA SER E 1118 0.27 21.79 101.83
C SER E 1118 -0.69 21.86 100.67
N ARG E 1119 -0.76 20.78 99.91
CA ARG E 1119 -1.70 20.70 98.81
C ARG E 1119 -3.12 20.49 99.35
N PRO E 1120 -4.14 20.76 98.52
CA PRO E 1120 -5.52 20.62 99.00
C PRO E 1120 -5.87 19.23 99.49
N GLY E 1121 -5.14 18.21 99.10
CA GLY E 1121 -5.43 16.85 99.50
C GLY E 1121 -5.07 16.49 100.93
N CYS E 1122 -4.49 17.43 101.69
CA CYS E 1122 -4.11 17.14 103.06
C CYS E 1122 -5.33 16.82 103.91
N GLN E 1123 -5.16 15.88 104.85
CA GLN E 1123 -6.25 15.43 105.69
C GLN E 1123 -6.10 15.98 107.11
N PRO E 1124 -7.20 16.44 107.72
CA PRO E 1124 -7.09 17.04 109.06
C PRO E 1124 -6.56 16.08 110.12
N ASP E 1125 -6.93 14.80 110.04
CA ASP E 1125 -6.53 13.86 111.10
C ASP E 1125 -5.02 13.64 111.12
N LEU E 1126 -4.40 13.53 109.95
CA LEU E 1126 -2.97 13.31 109.88
C LEU E 1126 -2.22 14.55 110.33
N GLU E 1127 -1.09 14.34 111.00
CA GLU E 1127 -0.26 15.45 111.45
C GLU E 1127 0.34 16.19 110.26
N LEU E 1128 0.46 17.51 110.41
CA LEU E 1128 0.99 18.34 109.33
C LEU E 1128 2.44 17.98 109.05
N GLY E 1129 2.74 17.72 107.79
CA GLY E 1129 4.08 17.33 107.39
C GLY E 1129 4.40 15.86 107.56
N SER E 1130 3.48 15.07 108.11
CA SER E 1130 3.70 13.64 108.30
C SER E 1130 3.35 12.84 107.06
N ASP E 1131 2.88 13.48 106.00
CA ASP E 1131 2.52 12.81 104.76
C ASP E 1131 3.11 13.61 103.60
N ASP E 1132 3.17 12.97 102.42
CA ASP E 1132 3.73 13.61 101.25
C ASP E 1132 2.91 14.79 100.77
N ARG E 1133 1.67 14.94 101.25
CA ARG E 1133 0.81 16.04 100.83
C ARG E 1133 1.09 17.34 101.56
N ALA E 1134 1.97 17.33 102.56
CA ALA E 1134 2.21 18.52 103.37
C ALA E 1134 3.72 18.74 103.54
N PHE E 1135 4.14 19.99 103.43
CA PHE E 1135 5.50 20.42 103.70
C PHE E 1135 5.45 21.39 104.87
N ALA E 1136 5.89 20.94 106.04
CA ALA E 1136 5.81 21.76 107.24
C ALA E 1136 7.18 21.89 107.90
N PHE E 1137 7.26 22.81 108.85
CA PHE E 1137 8.45 23.00 109.66
C PHE E 1137 8.04 23.30 111.08
N ASP E 1138 8.71 22.65 112.03
CA ASP E 1138 8.50 22.86 113.46
C ASP E 1138 9.75 23.54 114.00
N GLY E 1139 9.60 24.79 114.44
CA GLY E 1139 10.73 25.52 114.97
C GLY E 1139 11.12 25.09 116.37
N PHE E 1140 10.15 24.69 117.19
CA PHE E 1140 10.45 24.29 118.57
C PHE E 1140 11.36 23.06 118.58
N LYS E 1141 11.09 22.09 117.72
CA LYS E 1141 11.99 20.96 117.52
C LYS E 1141 13.03 21.22 116.43
N ALA E 1142 12.90 22.33 115.70
CA ALA E 1142 13.87 22.74 114.69
C ALA E 1142 14.08 21.64 113.64
N GLN E 1143 12.99 21.30 112.95
CA GLN E 1143 13.06 20.22 111.97
C GLN E 1143 11.93 20.35 110.97
N ARG E 1144 12.22 19.92 109.74
CA ARG E 1144 11.24 19.91 108.65
C ARG E 1144 10.48 18.60 108.64
N TRP E 1145 9.30 18.61 108.02
CA TRP E 1145 8.43 17.45 107.95
C TRP E 1145 7.82 17.38 106.56
N HIS E 1146 8.20 16.34 105.81
CA HIS E 1146 7.49 15.97 104.58
C HIS E 1146 7.76 14.48 104.34
N GLN E 1147 6.79 13.64 104.68
CA GLN E 1147 6.88 12.18 104.61
C GLN E 1147 7.96 11.64 105.55
N GLY E 1148 8.56 12.51 106.38
CA GLY E 1148 9.60 12.10 107.29
C GLY E 1148 10.03 13.29 108.10
N ASN E 1149 10.90 13.01 109.08
CA ASN E 1149 11.39 14.04 109.99
C ASN E 1149 12.89 14.20 109.80
N GLU E 1150 13.34 15.44 109.57
CA GLU E 1150 14.74 15.75 109.39
C GLU E 1150 15.03 17.11 110.01
N HIS E 1151 16.17 17.20 110.71
CA HIS E 1151 16.52 18.42 111.43
C HIS E 1151 16.71 19.58 110.47
N TYR E 1152 16.33 20.78 110.91
CA TYR E 1152 16.41 21.97 110.07
C TYR E 1152 16.45 23.20 110.96
N GLY E 1153 17.56 23.92 110.93
CA GLY E 1153 17.64 25.19 111.61
C GLY E 1153 17.70 25.09 113.13
N ARG E 1154 17.49 26.25 113.75
CA ARG E 1154 17.55 26.39 115.20
C ARG E 1154 16.13 26.49 115.77
N SER E 1155 16.06 26.66 117.09
CA SER E 1155 14.78 26.76 117.78
C SER E 1155 14.36 28.22 117.94
N TRP E 1156 13.07 28.42 118.17
CA TRP E 1156 12.50 29.75 118.34
C TRP E 1156 11.98 29.94 119.76
N GLN E 1157 11.57 31.17 120.04
CA GLN E 1157 11.00 31.51 121.35
C GLN E 1157 9.64 32.17 121.16
N ALA E 1158 9.05 32.66 122.25
CA ALA E 1158 7.77 33.33 122.16
C ALA E 1158 7.89 34.63 121.35
N GLY E 1159 6.94 34.84 120.46
CA GLY E 1159 6.93 36.02 119.61
C GLY E 1159 7.86 35.97 118.43
N ASP E 1160 8.53 34.84 118.19
CA ASP E 1160 9.45 34.71 117.06
C ASP E 1160 8.64 34.41 115.80
N VAL E 1161 8.43 35.42 114.97
CA VAL E 1161 7.70 35.24 113.73
C VAL E 1161 8.52 34.41 112.77
N VAL E 1162 7.87 33.47 112.09
CA VAL E 1162 8.52 32.65 111.07
C VAL E 1162 7.84 32.94 109.73
N GLY E 1163 8.64 33.34 108.74
CA GLY E 1163 8.15 33.65 107.41
C GLY E 1163 8.47 32.53 106.45
N CYS E 1164 7.63 32.37 105.44
CA CYS E 1164 7.73 31.23 104.52
C CYS E 1164 8.01 31.70 103.10
N MET E 1165 9.30 31.73 102.72
CA MET E 1165 9.65 31.94 101.32
C MET E 1165 9.27 30.71 100.50
N VAL E 1166 8.53 30.92 99.42
CA VAL E 1166 8.21 29.84 98.49
C VAL E 1166 8.33 30.37 97.06
N ASP E 1167 9.23 29.79 96.28
CA ASP E 1167 9.39 30.11 94.86
C ASP E 1167 9.00 28.85 94.09
N MET E 1168 7.77 28.84 93.55
CA MET E 1168 7.28 27.65 92.86
C MET E 1168 7.97 27.44 91.53
N ASN E 1169 8.31 28.52 90.83
CA ASN E 1169 9.02 28.38 89.55
C ASN E 1169 10.36 27.72 89.74
N GLU E 1170 11.09 28.11 90.80
CA GLU E 1170 12.37 27.50 91.11
C GLU E 1170 12.22 26.22 91.94
N HIS E 1171 10.99 25.88 92.34
CA HIS E 1171 10.73 24.71 93.18
C HIS E 1171 11.57 24.75 94.46
N THR E 1172 11.67 25.93 95.04
CA THR E 1172 12.38 26.13 96.30
C THR E 1172 11.40 26.60 97.36
N MET E 1173 11.64 26.20 98.60
CA MET E 1173 10.76 26.59 99.70
C MET E 1173 11.52 26.47 101.01
N MET E 1174 11.58 27.56 101.77
CA MET E 1174 12.26 27.53 103.05
C MET E 1174 11.73 28.65 103.94
N PHE E 1175 12.31 28.75 105.13
CA PHE E 1175 11.75 29.50 106.24
C PHE E 1175 12.77 30.48 106.77
N THR E 1176 12.28 31.63 107.25
CA THR E 1176 13.09 32.64 107.90
C THR E 1176 12.58 32.80 109.32
N LEU E 1177 13.41 32.48 110.31
CA LEU E 1177 13.03 32.55 111.71
C LEU E 1177 13.46 33.92 112.25
N ASN E 1178 12.47 34.72 112.66
CA ASN E 1178 12.72 36.06 113.21
C ASN E 1178 13.51 36.94 112.24
N GLY E 1179 13.29 36.75 110.93
CA GLY E 1179 13.92 37.57 109.93
C GLY E 1179 15.24 37.06 109.40
N GLU E 1180 15.80 36.00 109.98
CA GLU E 1180 17.07 35.44 109.53
C GLU E 1180 16.87 34.04 108.98
N ILE E 1181 17.60 33.71 107.92
CA ILE E 1181 17.47 32.43 107.26
C ILE E 1181 18.17 31.35 108.08
N LEU E 1182 17.49 30.22 108.27
CA LEU E 1182 18.08 29.10 108.98
C LEU E 1182 19.18 28.44 108.14
N LEU E 1183 20.07 27.74 108.83
CA LEU E 1183 21.24 27.13 108.20
C LEU E 1183 21.01 25.66 107.84
N ASP E 1184 19.79 25.16 108.04
CA ASP E 1184 19.43 23.77 107.72
C ASP E 1184 20.32 22.84 108.53
N ASP E 1185 21.11 21.96 107.90
CA ASP E 1185 21.92 21.00 108.63
C ASP E 1185 23.41 21.29 108.52
N SER E 1186 23.95 21.37 107.31
CA SER E 1186 25.37 21.60 107.11
C SER E 1186 25.67 22.93 106.42
N GLY E 1187 25.15 23.13 105.21
CA GLY E 1187 25.39 24.37 104.50
C GLY E 1187 24.23 24.83 103.65
N SER E 1188 23.11 24.14 103.75
CA SER E 1188 21.95 24.48 102.94
C SER E 1188 21.09 25.53 103.65
N GLU E 1189 20.15 26.10 102.88
CA GLU E 1189 19.19 27.03 103.44
C GLU E 1189 17.75 26.66 103.12
N LEU E 1190 17.50 25.74 102.20
CA LEU E 1190 16.16 25.41 101.75
C LEU E 1190 15.70 24.11 102.41
N ALA E 1191 14.48 24.15 102.97
CA ALA E 1191 13.96 22.98 103.66
C ALA E 1191 13.56 21.88 102.69
N PHE E 1192 12.88 22.23 101.61
CA PHE E 1192 12.41 21.25 100.63
C PHE E 1192 12.71 21.77 99.23
N LYS E 1193 12.80 20.83 98.29
CA LYS E 1193 13.06 21.17 96.89
C LYS E 1193 12.48 20.05 96.03
N ASP E 1194 12.82 20.10 94.72
CA ASP E 1194 12.52 19.11 93.70
C ASP E 1194 11.17 18.41 93.91
N PHE E 1195 10.11 19.19 94.04
CA PHE E 1195 8.77 18.67 94.28
C PHE E 1195 7.86 19.04 93.13
N ASP E 1196 7.02 18.09 92.71
CA ASP E 1196 6.07 18.36 91.65
C ASP E 1196 5.04 19.39 92.11
N VAL E 1197 4.70 20.31 91.21
CA VAL E 1197 3.75 21.37 91.56
C VAL E 1197 2.39 20.77 91.88
N GLY E 1198 1.88 19.93 90.98
CA GLY E 1198 0.57 19.33 91.19
C GLY E 1198 -0.49 20.38 91.40
N ASP E 1199 -1.28 20.20 92.45
CA ASP E 1199 -2.21 21.23 92.88
C ASP E 1199 -1.47 22.34 93.61
N GLY E 1200 -2.03 23.55 93.54
CA GLY E 1200 -1.38 24.68 94.17
C GLY E 1200 -1.23 24.49 95.67
N PHE E 1201 -0.10 24.92 96.21
CA PHE E 1201 0.15 24.81 97.63
C PHE E 1201 -0.56 25.92 98.39
N ILE E 1202 -0.98 25.61 99.61
CA ILE E 1202 -1.80 26.51 100.40
C ILE E 1202 -1.12 26.76 101.73
N PRO E 1203 -1.11 27.99 102.25
CA PRO E 1203 -0.59 28.21 103.60
C PRO E 1203 -1.36 27.39 104.63
N VAL E 1204 -0.62 26.80 105.57
CA VAL E 1204 -1.19 25.88 106.54
C VAL E 1204 -0.33 25.92 107.80
N CYS E 1205 -0.98 25.74 108.94
CA CYS E 1205 -0.28 25.70 110.23
C CYS E 1205 -1.03 24.80 111.19
N SER E 1206 -0.30 23.93 111.87
CA SER E 1206 -0.84 23.00 112.84
C SER E 1206 -0.36 23.37 114.25
N LEU E 1207 -1.30 23.51 115.18
CA LEU E 1207 -1.01 23.91 116.54
C LEU E 1207 -1.46 22.83 117.51
N GLY E 1208 -0.62 22.53 118.48
CA GLY E 1208 -0.88 21.51 119.47
C GLY E 1208 -1.53 22.06 120.72
N VAL E 1209 -1.43 21.28 121.80
CA VAL E 1209 -2.13 21.58 123.03
C VAL E 1209 -1.53 22.83 123.68
N ALA E 1210 -2.40 23.75 124.12
CA ALA E 1210 -1.99 24.97 124.81
C ALA E 1210 -1.02 25.78 123.96
N GLN E 1211 -1.42 26.03 122.71
CA GLN E 1211 -0.58 26.75 121.76
C GLN E 1211 -1.37 27.89 121.14
N VAL E 1212 -0.72 29.03 120.96
CA VAL E 1212 -1.34 30.21 120.40
C VAL E 1212 -0.46 30.74 119.26
N GLY E 1213 -1.06 30.93 118.09
CA GLY E 1213 -0.35 31.48 116.96
C GLY E 1213 -1.26 32.36 116.14
N ARG E 1214 -0.65 33.21 115.31
CA ARG E 1214 -1.37 34.11 114.44
C ARG E 1214 -0.88 33.96 113.01
N MET E 1215 -1.77 34.21 112.07
CA MET E 1215 -1.48 34.09 110.65
C MET E 1215 -1.43 35.50 110.04
N ASN E 1216 -0.40 35.75 109.23
CA ASN E 1216 -0.26 37.03 108.54
C ASN E 1216 0.03 36.72 107.08
N PHE E 1217 -1.03 36.68 106.25
CA PHE E 1217 -0.85 36.38 104.84
C PHE E 1217 -0.19 37.54 104.10
N GLY E 1218 -0.33 38.76 104.60
CA GLY E 1218 0.30 39.90 103.98
C GLY E 1218 -0.65 40.75 103.18
N LYS E 1219 -1.87 40.94 103.69
CA LYS E 1219 -2.81 41.84 103.01
C LYS E 1219 -2.28 43.26 103.00
N ASP E 1220 -1.73 43.71 104.12
CA ASP E 1220 -1.09 45.01 104.22
C ASP E 1220 0.38 44.82 104.54
N VAL E 1221 1.24 45.48 103.76
CA VAL E 1221 2.69 45.34 103.96
C VAL E 1221 3.11 45.92 105.30
N SER E 1222 2.46 47.01 105.73
CA SER E 1222 2.79 47.62 107.01
C SER E 1222 2.62 46.64 108.16
N THR E 1223 1.64 45.73 108.06
CA THR E 1223 1.48 44.70 109.08
C THR E 1223 2.69 43.77 109.11
N LEU E 1224 3.23 43.44 107.95
CA LEU E 1224 4.42 42.60 107.88
C LEU E 1224 5.60 43.33 108.49
N LYS E 1225 6.33 42.65 109.38
CA LYS E 1225 7.44 43.26 110.11
C LYS E 1225 8.79 42.97 109.46
N TYR E 1226 9.14 41.70 109.30
CA TYR E 1226 10.43 41.31 108.76
C TYR E 1226 10.40 41.07 107.26
N PHE E 1227 9.38 41.57 106.56
CA PHE E 1227 9.33 41.43 105.11
C PHE E 1227 10.48 42.16 104.43
N THR E 1228 10.79 43.37 104.89
CA THR E 1228 11.83 44.17 104.26
C THR E 1228 13.22 43.54 104.40
N ILE E 1229 13.38 42.58 105.30
CA ILE E 1229 14.69 41.96 105.51
C ILE E 1229 14.94 40.84 104.51
N CYS E 1230 13.91 40.02 104.23
CA CYS E 1230 14.06 38.87 103.34
C CYS E 1230 13.20 38.97 102.10
N GLY E 1231 11.88 39.14 102.25
CA GLY E 1231 11.00 39.09 101.09
C GLY E 1231 11.24 40.22 100.11
N LEU E 1232 11.52 41.42 100.62
CA LEU E 1232 11.76 42.56 99.74
C LEU E 1232 13.02 42.37 98.91
N GLN E 1233 14.08 41.86 99.51
CA GLN E 1233 15.35 41.73 98.80
C GLN E 1233 15.29 40.67 97.70
N GLU E 1234 14.68 39.52 98.00
CA GLU E 1234 14.65 38.42 97.05
C GLU E 1234 13.46 38.45 96.10
N GLY E 1235 12.62 39.49 96.19
CA GLY E 1235 11.53 39.64 95.25
C GLY E 1235 10.34 38.73 95.48
N TYR E 1236 10.13 38.27 96.72
CA TYR E 1236 8.97 37.46 97.06
C TYR E 1236 7.81 38.39 97.40
N GLU E 1237 6.69 38.20 96.70
CA GLU E 1237 5.53 39.04 96.96
C GLU E 1237 4.65 38.43 98.05
N PRO E 1238 3.91 39.27 98.78
CA PRO E 1238 3.02 38.74 99.82
C PRO E 1238 1.94 37.87 99.21
N PHE E 1239 1.48 36.90 100.02
CA PHE E 1239 0.49 35.94 99.53
C PHE E 1239 -0.84 36.60 99.20
N ALA E 1240 -1.23 37.63 99.95
CA ALA E 1240 -2.54 38.25 99.80
C ALA E 1240 -2.44 39.77 99.64
N VAL E 1241 -1.35 40.26 99.04
CA VAL E 1241 -1.24 41.70 98.82
C VAL E 1241 -2.22 42.15 97.74
N ASN E 1242 -2.32 41.41 96.64
CA ASN E 1242 -3.26 41.72 95.57
C ASN E 1242 -4.68 41.31 95.92
N THR E 1243 -4.86 40.47 96.94
CA THR E 1243 -6.18 39.98 97.30
C THR E 1243 -7.04 41.11 97.85
N ASN E 1244 -8.27 41.23 97.34
CA ASN E 1244 -9.13 42.33 97.71
C ASN E 1244 -9.76 42.15 99.09
N ARG E 1245 -10.12 40.92 99.44
CA ARG E 1245 -10.85 40.65 100.67
C ARG E 1245 -10.11 39.57 101.46
N ASP E 1246 -10.41 39.52 102.76
CA ASP E 1246 -9.68 38.63 103.66
C ASP E 1246 -9.87 37.17 103.26
N ILE E 1247 -8.81 36.37 103.45
CA ILE E 1247 -8.85 34.97 103.08
C ILE E 1247 -9.72 34.20 104.06
N THR E 1248 -10.68 33.43 103.53
CA THR E 1248 -11.45 32.54 104.36
C THR E 1248 -10.54 31.42 104.88
N MET E 1249 -10.67 31.10 106.16
CA MET E 1249 -9.82 30.11 106.80
C MET E 1249 -10.59 28.80 106.97
N TRP E 1250 -9.97 27.70 106.57
CA TRP E 1250 -10.54 26.38 106.73
C TRP E 1250 -9.69 25.61 107.73
N LEU E 1251 -10.34 25.03 108.74
CA LEU E 1251 -9.63 24.37 109.82
C LEU E 1251 -10.24 23.00 110.08
N SER E 1252 -9.52 22.21 110.87
CA SER E 1252 -10.02 20.90 111.29
C SER E 1252 -11.10 21.07 112.34
N LYS E 1253 -12.30 20.57 112.06
CA LYS E 1253 -13.43 20.73 112.94
C LYS E 1253 -13.46 19.62 113.98
N ARG E 1254 -13.90 19.96 115.19
CA ARG E 1254 -13.91 18.98 116.28
C ARG E 1254 -15.01 17.96 116.12
N LEU E 1255 -16.20 18.40 115.72
CA LEU E 1255 -17.36 17.52 115.66
C LEU E 1255 -17.19 16.49 114.56
N PRO E 1256 -17.27 15.20 114.85
CA PRO E 1256 -17.18 14.19 113.78
C PRO E 1256 -18.55 13.87 113.20
N GLN E 1257 -18.65 13.88 111.87
CA GLN E 1257 -19.90 13.61 111.19
C GLN E 1257 -19.83 12.30 110.43
N PHE E 1258 -21.00 11.76 110.12
CA PHE E 1258 -21.09 10.50 109.39
C PHE E 1258 -20.89 10.74 107.91
N LEU E 1259 -19.93 10.02 107.32
CA LEU E 1259 -19.65 10.11 105.90
C LEU E 1259 -19.83 8.74 105.25
N GLN E 1260 -20.20 8.74 103.97
CA GLN E 1260 -20.39 7.50 103.25
C GLN E 1260 -19.07 6.74 103.18
N VAL E 1261 -19.15 5.43 103.32
CA VAL E 1261 -17.94 4.60 103.32
C VAL E 1261 -17.29 4.64 101.93
N PRO E 1262 -16.00 4.92 101.84
CA PRO E 1262 -15.31 4.86 100.55
C PRO E 1262 -14.67 3.50 100.32
N SER E 1263 -14.55 3.15 99.04
CA SER E 1263 -13.99 1.84 98.68
C SER E 1263 -12.53 1.72 99.10
N ASN E 1264 -11.75 2.79 98.96
CA ASN E 1264 -10.33 2.75 99.24
C ASN E 1264 -10.01 2.86 100.73
N HIS E 1265 -11.02 3.08 101.58
CA HIS E 1265 -10.76 3.23 103.00
C HIS E 1265 -10.31 1.91 103.60
N GLU E 1266 -9.29 1.99 104.47
CA GLU E 1266 -8.81 0.80 105.15
C GLU E 1266 -9.82 0.35 106.20
N HIS E 1267 -9.77 -0.95 106.53
CA HIS E 1267 -10.68 -1.61 107.47
C HIS E 1267 -12.14 -1.23 107.22
N ILE E 1268 -12.47 -0.84 105.99
CA ILE E 1268 -13.84 -0.50 105.62
C ILE E 1268 -14.13 -1.08 104.24
N GLU E 1269 -14.84 -2.21 104.21
CA GLU E 1269 -15.26 -2.83 102.96
C GLU E 1269 -16.70 -3.30 103.13
N VAL E 1270 -17.63 -2.62 102.46
CA VAL E 1270 -19.04 -2.97 102.50
C VAL E 1270 -19.39 -3.68 101.21
N THR E 1271 -19.82 -4.93 101.31
CA THR E 1271 -20.19 -5.74 100.16
C THR E 1271 -21.70 -5.72 100.00
N ARG E 1272 -22.17 -5.29 98.83
CA ARG E 1272 -23.59 -5.21 98.53
C ARG E 1272 -23.96 -6.43 97.68
N ILE E 1273 -24.68 -7.37 98.29
CA ILE E 1273 -25.08 -8.60 97.63
C ILE E 1273 -26.59 -8.56 97.41
N ASP E 1274 -27.02 -8.97 96.22
CA ASP E 1274 -28.43 -9.01 95.85
C ASP E 1274 -29.06 -7.62 95.99
N LYS E 1284 -33.47 -14.42 98.94
CA LYS E 1284 -33.75 -13.41 97.92
C LYS E 1284 -34.03 -12.06 98.56
N VAL E 1285 -33.27 -11.73 99.60
CA VAL E 1285 -33.39 -10.46 100.31
C VAL E 1285 -32.03 -9.79 100.30
N THR E 1286 -32.02 -8.49 100.03
CA THR E 1286 -30.77 -7.74 99.93
C THR E 1286 -30.05 -7.70 101.28
N GLN E 1287 -28.73 -7.76 101.23
CA GLN E 1287 -27.89 -7.75 102.42
C GLN E 1287 -26.78 -6.73 102.25
N LYS E 1288 -26.35 -6.14 103.37
CA LYS E 1288 -25.17 -5.28 103.39
C LYS E 1288 -24.22 -5.77 104.48
N SER E 1289 -23.17 -6.48 104.07
CA SER E 1289 -22.21 -7.06 105.00
C SER E 1289 -20.93 -6.22 105.01
N PHE E 1290 -20.33 -6.06 106.19
CA PHE E 1290 -19.05 -5.36 106.29
C PHE E 1290 -17.93 -6.35 106.64
N GLY E 1291 -17.20 -6.77 105.61
CA GLY E 1291 -16.02 -7.58 105.77
C GLY E 1291 -14.73 -6.81 105.84
N SER E 1292 -14.49 -6.10 106.95
CA SER E 1292 -13.27 -5.34 107.11
C SER E 1292 -12.05 -6.26 107.14
N GLN E 1293 -10.92 -5.74 106.66
CA GLN E 1293 -9.70 -6.54 106.55
C GLN E 1293 -8.56 -6.04 107.43
N ASN E 1294 -8.33 -4.73 107.49
CA ASN E 1294 -7.21 -4.21 108.27
C ASN E 1294 -7.50 -4.32 109.76
N ASN E 1295 -8.69 -3.91 110.19
CA ASN E 1295 -9.14 -4.01 111.58
C ASN E 1295 -8.19 -3.30 112.55
N ASN E 1296 -7.54 -2.22 112.09
CA ASN E 1296 -6.67 -1.47 112.99
C ASN E 1296 -7.47 -0.63 113.98
N THR E 1297 -8.52 0.04 113.51
CA THR E 1297 -9.35 0.83 114.41
C THR E 1297 -10.18 -0.08 115.31
N ASP E 1298 -10.47 0.41 116.52
CA ASP E 1298 -11.12 -0.44 117.51
C ASP E 1298 -12.62 -0.55 117.26
N ILE E 1299 -13.34 0.57 117.37
CA ILE E 1299 -14.79 0.58 117.32
C ILE E 1299 -15.26 1.49 116.19
N MET E 1300 -16.17 0.98 115.37
CA MET E 1300 -16.76 1.72 114.26
C MET E 1300 -18.26 1.90 114.48
N PHE E 1301 -18.74 3.09 114.16
CA PHE E 1301 -20.15 3.43 114.24
C PHE E 1301 -20.68 3.51 112.82
N TYR E 1302 -21.67 2.68 112.50
CA TYR E 1302 -22.21 2.60 111.15
C TYR E 1302 -23.66 3.05 111.15
N ARG E 1303 -24.02 3.87 110.17
CA ARG E 1303 -25.35 4.42 110.05
C ARG E 1303 -25.81 4.36 108.60
N LEU E 1304 -27.08 4.03 108.39
CA LEU E 1304 -27.63 4.04 107.04
C LEU E 1304 -27.78 5.47 106.54
N SER E 1305 -27.87 5.60 105.20
CA SER E 1305 -27.85 6.92 104.58
C SER E 1305 -29.10 7.72 104.94
N MET E 1306 -30.27 7.10 104.86
CA MET E 1306 -31.49 7.87 105.04
C MET E 1306 -32.29 7.35 106.23
N PRO E 1307 -33.01 8.23 106.93
CA PRO E 1307 -33.74 7.81 108.13
C PRO E 1307 -35.17 7.40 107.84
N ILE E 1308 -35.87 6.98 108.89
CA ILE E 1308 -37.32 6.83 108.87
C ILE E 1308 -37.89 7.83 109.87
N GLU E 1309 -38.86 8.61 109.41
CA GLU E 1309 -39.48 9.61 110.27
C GLU E 1309 -40.75 9.05 110.91
N CYS E 1310 -41.03 9.49 112.13
CA CYS E 1310 -42.25 9.10 112.81
C CYS E 1310 -43.38 10.05 112.46
N ALA E 1311 -44.59 9.68 112.88
CA ALA E 1311 -45.76 10.52 112.60
C ALA E 1311 -45.65 11.85 113.32
N GLU E 1312 -46.06 12.92 112.64
CA GLU E 1312 -46.03 14.24 113.26
C GLU E 1312 -47.01 14.35 114.42
N VAL E 1313 -48.09 13.55 114.38
CA VAL E 1313 -49.03 13.43 115.48
C VAL E 1313 -49.18 11.94 115.80
N PHE E 1314 -48.82 11.56 117.03
CA PHE E 1314 -48.89 10.16 117.41
C PHE E 1314 -50.33 9.74 117.72
N SER E 1315 -50.71 8.58 117.23
CA SER E 1315 -52.05 8.06 117.46
C SER E 1315 -52.18 7.53 118.87
N ASP E 1416 -52.05 -11.31 106.89
CA ASP E 1416 -53.03 -10.51 106.16
C ASP E 1416 -52.38 -9.35 105.42
N TYR E 1417 -52.37 -9.44 104.08
CA TYR E 1417 -51.77 -8.37 103.28
C TYR E 1417 -52.53 -7.06 103.44
N GLU E 1418 -53.83 -7.12 103.71
CA GLU E 1418 -54.60 -5.91 103.95
C GLU E 1418 -54.07 -5.15 105.16
N TYR E 1419 -53.95 -5.84 106.30
CA TYR E 1419 -53.43 -5.18 107.49
C TYR E 1419 -51.95 -4.84 107.32
N LEU E 1420 -51.24 -5.59 106.49
CA LEU E 1420 -49.86 -5.24 106.16
C LEU E 1420 -49.80 -3.89 105.45
N MET E 1421 -50.73 -3.64 104.54
CA MET E 1421 -50.74 -2.36 103.84
C MET E 1421 -51.24 -1.23 104.73
N GLN E 1422 -52.17 -1.53 105.65
CA GLN E 1422 -52.62 -0.49 106.58
C GLN E 1422 -51.57 -0.18 107.65
N THR E 1423 -50.69 -1.12 107.96
CA THR E 1423 -49.79 -0.95 109.09
C THR E 1423 -48.71 0.09 108.79
N SER E 1424 -48.16 0.64 109.88
CA SER E 1424 -47.09 1.62 109.79
C SER E 1424 -45.78 1.11 110.39
N THR E 1425 -45.75 -0.11 110.91
CA THR E 1425 -44.53 -0.65 111.48
C THR E 1425 -43.56 -1.06 110.38
N TYR E 1426 -42.29 -0.76 110.59
CA TYR E 1426 -41.23 -1.12 109.65
C TYR E 1426 -40.16 -1.92 110.38
N TYR E 1427 -39.66 -2.95 109.71
CA TYR E 1427 -38.74 -3.91 110.32
C TYR E 1427 -37.43 -3.97 109.53
N TYR E 1428 -36.32 -4.03 110.26
CA TYR E 1428 -35.05 -4.41 109.67
C TYR E 1428 -34.34 -5.33 110.66
N SER E 1429 -33.23 -5.91 110.24
CA SER E 1429 -32.50 -6.78 111.16
C SER E 1429 -31.01 -6.65 110.93
N VAL E 1430 -30.25 -7.08 111.93
CA VAL E 1430 -28.79 -7.10 111.88
C VAL E 1430 -28.33 -8.49 112.27
N ARG E 1431 -27.55 -9.13 111.39
CA ARG E 1431 -27.02 -10.46 111.63
C ARG E 1431 -25.52 -10.36 111.86
N ILE E 1432 -25.05 -10.90 112.98
CA ILE E 1432 -23.65 -10.84 113.38
C ILE E 1432 -22.98 -12.12 112.91
N PHE E 1433 -21.91 -11.98 112.13
CA PHE E 1433 -21.21 -13.14 111.62
C PHE E 1433 -20.45 -13.85 112.74
N PRO E 1434 -20.23 -15.16 112.62
CA PRO E 1434 -19.42 -15.86 113.62
C PRO E 1434 -18.01 -15.30 113.69
N GLY E 1435 -17.47 -15.27 114.91
CA GLY E 1435 -16.18 -14.67 115.17
C GLY E 1435 -16.23 -13.27 115.73
N GLN E 1436 -17.38 -12.61 115.63
CA GLN E 1436 -17.58 -11.28 116.19
C GLN E 1436 -18.24 -11.41 117.55
N GLU E 1437 -17.59 -10.90 118.58
CA GLU E 1437 -18.09 -11.02 119.94
C GLU E 1437 -19.31 -10.13 120.13
N PRO E 1438 -20.47 -10.69 120.51
CA PRO E 1438 -21.70 -9.89 120.57
C PRO E 1438 -21.66 -8.74 121.58
N ALA E 1439 -20.87 -8.85 122.65
CA ALA E 1439 -20.92 -7.86 123.71
C ALA E 1439 -20.44 -6.49 123.28
N ASN E 1440 -19.75 -6.38 122.14
CA ASN E 1440 -19.31 -5.10 121.61
C ASN E 1440 -20.17 -4.62 120.46
N VAL E 1441 -21.35 -5.19 120.29
CA VAL E 1441 -22.27 -4.83 119.21
C VAL E 1441 -23.53 -4.25 119.82
N TRP E 1442 -23.91 -3.06 119.38
CA TRP E 1442 -25.14 -2.41 119.81
C TRP E 1442 -25.98 -2.11 118.57
N VAL E 1443 -27.23 -2.59 118.57
CA VAL E 1443 -28.11 -2.49 117.41
C VAL E 1443 -29.33 -1.67 117.79
N GLY E 1444 -29.64 -0.67 116.98
CA GLY E 1444 -30.79 0.18 117.25
C GLY E 1444 -30.87 1.35 116.30
N TRP E 1445 -31.48 2.43 116.79
CA TRP E 1445 -31.73 3.62 115.99
C TRP E 1445 -31.05 4.83 116.63
N ILE E 1446 -30.65 5.77 115.78
CA ILE E 1446 -30.13 7.05 116.24
C ILE E 1446 -30.78 8.17 115.45
N THR E 1447 -30.74 9.37 116.01
CA THR E 1447 -31.17 10.57 115.32
C THR E 1447 -29.97 11.18 114.61
N SER E 1448 -30.13 12.38 114.07
CA SER E 1448 -29.03 13.09 113.43
C SER E 1448 -28.14 13.83 114.41
N ASP E 1449 -28.46 13.80 115.70
CA ASP E 1449 -27.73 14.54 116.71
C ASP E 1449 -26.62 13.73 117.37
N PHE E 1450 -26.40 12.49 116.95
CA PHE E 1450 -25.38 11.64 117.57
C PHE E 1450 -24.03 11.97 116.97
N HIS E 1451 -23.25 12.77 117.70
CA HIS E 1451 -21.87 13.07 117.32
C HIS E 1451 -20.88 12.66 118.39
N GLN E 1452 -21.30 11.86 119.36
CA GLN E 1452 -20.42 11.40 120.44
C GLN E 1452 -19.45 10.36 119.91
N TYR E 1453 -18.16 10.58 120.14
CA TYR E 1453 -17.12 9.64 119.74
C TYR E 1453 -16.25 9.29 120.93
N ASP E 1454 -15.99 8.01 121.10
CA ASP E 1454 -15.11 7.54 122.17
C ASP E 1454 -14.59 6.16 121.79
N THR E 1455 -13.46 5.78 122.39
CA THR E 1455 -12.90 4.45 122.16
C THR E 1455 -13.81 3.36 122.70
N GLY E 1456 -14.65 3.68 123.66
CA GLY E 1456 -15.61 2.72 124.19
C GLY E 1456 -16.98 3.35 124.29
N PHE E 1457 -18.00 2.53 124.04
CA PHE E 1457 -19.39 2.97 124.04
C PHE E 1457 -20.16 2.22 125.11
N ASP E 1458 -20.92 2.97 125.91
CA ASP E 1458 -21.79 2.40 126.94
C ASP E 1458 -23.14 3.08 126.86
N LEU E 1459 -24.20 2.30 127.12
CA LEU E 1459 -25.55 2.86 127.10
C LEU E 1459 -25.77 3.86 128.22
N ASP E 1460 -24.99 3.79 129.30
CA ASP E 1460 -25.12 4.77 130.37
C ASP E 1460 -24.52 6.12 129.99
N ARG E 1461 -23.58 6.15 129.05
CA ARG E 1461 -22.98 7.39 128.59
C ARG E 1461 -23.80 8.07 127.50
N VAL E 1462 -24.91 7.48 127.08
CA VAL E 1462 -25.76 8.09 126.06
C VAL E 1462 -26.38 9.37 126.62
N ARG E 1463 -26.28 10.45 125.85
CA ARG E 1463 -26.78 11.75 126.29
C ARG E 1463 -28.30 11.73 126.34
N THR E 1464 -28.86 11.71 127.54
CA THR E 1464 -30.31 11.68 127.74
C THR E 1464 -30.71 12.73 128.75
N VAL E 1465 -31.75 13.50 128.42
CA VAL E 1465 -32.36 14.45 129.35
C VAL E 1465 -33.87 14.38 129.14
N THR E 1466 -34.62 14.30 130.24
CA THR E 1466 -36.07 14.23 130.16
C THR E 1466 -36.66 15.49 130.79
N VAL E 1467 -37.42 16.24 130.00
CA VAL E 1467 -38.10 17.42 130.50
C VAL E 1467 -39.45 17.00 131.04
N THR E 1468 -39.70 17.32 132.32
CA THR E 1468 -40.98 17.09 132.95
C THR E 1468 -41.74 18.40 132.90
N LEU E 1469 -42.66 18.52 131.94
CA LEU E 1469 -43.55 19.65 131.82
C LEU E 1469 -44.81 19.38 132.64
N GLY E 1470 -45.16 20.33 133.51
CA GLY E 1470 -46.29 20.23 134.38
C GLY E 1470 -47.44 21.12 133.97
N ASP E 1471 -48.29 21.42 134.94
CA ASP E 1471 -49.54 22.14 134.71
C ASP E 1471 -49.45 23.54 135.29
N GLU E 1472 -50.47 24.36 134.96
CA GLU E 1472 -50.63 25.65 135.59
C GLU E 1472 -50.85 25.53 137.10
N LYS E 1473 -51.27 24.36 137.57
CA LYS E 1473 -51.41 24.08 138.98
C LYS E 1473 -50.17 23.45 139.59
N GLY E 1474 -49.11 23.28 138.81
CA GLY E 1474 -47.90 22.62 139.27
C GLY E 1474 -47.93 21.11 139.20
N LYS E 1475 -49.02 20.52 138.72
CA LYS E 1475 -49.14 19.07 138.65
C LYS E 1475 -48.40 18.54 137.43
N VAL E 1476 -47.66 17.46 137.63
CA VAL E 1476 -46.90 16.83 136.54
C VAL E 1476 -47.85 16.08 135.63
N HIS E 1477 -47.84 16.41 134.35
CA HIS E 1477 -48.54 15.61 133.35
C HIS E 1477 -47.62 14.93 132.35
N GLU E 1478 -46.58 15.60 131.85
CA GLU E 1478 -45.81 15.02 130.75
C GLU E 1478 -44.34 14.99 131.12
N SER E 1479 -43.68 13.86 130.85
CA SER E 1479 -42.24 13.70 131.08
C SER E 1479 -41.61 13.14 129.79
N ILE E 1480 -41.18 14.03 128.91
CA ILE E 1480 -40.67 13.60 127.61
C ILE E 1480 -39.17 13.39 127.74
N LYS E 1481 -38.69 12.21 127.32
CA LYS E 1481 -37.28 11.88 127.38
C LYS E 1481 -36.65 12.02 126.00
N ARG E 1482 -35.53 12.71 125.92
CA ARG E 1482 -34.78 12.88 124.69
C ARG E 1482 -33.51 12.04 124.72
N SER E 1483 -33.09 11.59 123.55
CA SER E 1483 -31.82 10.88 123.41
C SER E 1483 -31.39 10.94 121.95
N ASN E 1484 -30.09 10.96 121.74
CA ASN E 1484 -29.52 10.90 120.40
C ASN E 1484 -29.15 9.48 119.99
N CYS E 1485 -29.45 8.48 120.82
CA CYS E 1485 -29.04 7.11 120.56
C CYS E 1485 -30.02 6.16 121.23
N TYR E 1486 -30.61 5.25 120.45
CA TYR E 1486 -31.53 4.23 120.97
C TYR E 1486 -31.10 2.88 120.39
N MET E 1487 -30.25 2.17 121.11
CA MET E 1487 -29.93 0.79 120.78
C MET E 1487 -29.97 -0.10 122.00
N VAL E 1488 -29.84 -1.40 121.75
CA VAL E 1488 -29.70 -2.41 122.79
C VAL E 1488 -28.40 -3.16 122.54
N CYS E 1489 -27.84 -3.71 123.60
CA CYS E 1489 -26.57 -4.42 123.48
C CYS E 1489 -26.82 -5.85 123.00
N ALA E 1490 -26.11 -6.24 121.94
CA ALA E 1490 -26.27 -7.59 121.41
C ALA E 1490 -25.77 -8.64 122.40
N GLY E 1491 -24.75 -8.32 123.19
CA GLY E 1491 -24.28 -9.25 124.19
C GLY E 1491 -25.33 -9.58 125.24
N GLU E 1492 -26.05 -8.55 125.71
CA GLU E 1492 -27.12 -8.78 126.68
C GLU E 1492 -28.35 -9.38 126.02
N SER E 1493 -28.58 -9.07 124.73
CA SER E 1493 -29.66 -9.69 123.99
C SER E 1493 -29.38 -11.16 123.66
N MET E 1494 -28.13 -11.58 123.75
CA MET E 1494 -27.74 -12.94 123.43
C MET E 1494 -28.31 -13.89 124.49
N SER E 1495 -29.08 -14.89 124.04
CA SER E 1495 -29.74 -15.81 124.96
C SER E 1495 -28.72 -16.80 125.55
N PRO E 1496 -28.86 -17.16 126.82
CA PRO E 1496 -27.79 -17.89 127.52
C PRO E 1496 -27.36 -19.16 126.79
N GLY E 1497 -26.11 -19.18 126.36
CA GLY E 1497 -25.53 -20.28 125.61
C GLY E 1497 -25.45 -20.05 124.12
N GLN E 1498 -26.06 -18.98 123.61
CA GLN E 1498 -26.04 -18.68 122.18
C GLN E 1498 -24.67 -18.22 121.69
N GLY E 1499 -23.78 -17.81 122.59
CA GLY E 1499 -22.45 -17.42 122.18
C GLY E 1499 -21.58 -18.58 121.74
N ARG E 1500 -21.90 -19.79 122.21
CA ARG E 1500 -21.15 -20.99 121.84
C ARG E 1500 -22.00 -22.03 121.12
N ASN E 1501 -23.33 -21.95 121.17
CA ASN E 1501 -24.19 -22.97 120.60
C ASN E 1501 -24.82 -22.56 119.27
N ASN E 1502 -24.87 -21.26 118.96
CA ASN E 1502 -25.53 -20.79 117.75
C ASN E 1502 -24.52 -20.72 116.61
N SER E 1503 -24.65 -21.64 115.66
CA SER E 1503 -23.76 -21.66 114.50
C SER E 1503 -24.10 -20.58 113.48
N ASN E 1504 -25.32 -20.07 113.49
CA ASN E 1504 -25.75 -19.06 112.53
C ASN E 1504 -25.57 -17.64 113.04
N GLY E 1505 -25.01 -17.47 114.24
CA GLY E 1505 -24.81 -16.15 114.79
C GLY E 1505 -26.06 -15.59 115.44
N LEU E 1506 -25.98 -14.32 115.79
CA LEU E 1506 -27.06 -13.62 116.48
C LEU E 1506 -27.74 -12.65 115.52
N GLU E 1507 -29.06 -12.73 115.45
CA GLU E 1507 -29.86 -11.81 114.64
C GLU E 1507 -30.71 -10.96 115.56
N ILE E 1508 -30.55 -9.64 115.46
CA ILE E 1508 -31.34 -8.69 116.24
C ILE E 1508 -32.23 -7.93 115.28
N GLY E 1509 -33.53 -8.09 115.44
CA GLY E 1509 -34.51 -7.43 114.59
C GLY E 1509 -35.12 -6.23 115.29
N CYS E 1510 -35.08 -5.09 114.62
CA CYS E 1510 -35.63 -3.84 115.13
C CYS E 1510 -36.91 -3.50 114.39
N VAL E 1511 -37.96 -3.19 115.16
CA VAL E 1511 -39.25 -2.80 114.62
C VAL E 1511 -39.57 -1.40 115.12
N VAL E 1512 -39.93 -0.52 114.20
CA VAL E 1512 -40.31 0.86 114.53
C VAL E 1512 -41.77 1.05 114.13
N ASP E 1513 -42.59 1.42 115.10
CA ASP E 1513 -43.98 1.79 114.86
C ASP E 1513 -44.03 3.32 114.89
N ALA E 1514 -44.16 3.92 113.71
CA ALA E 1514 -44.14 5.37 113.59
C ALA E 1514 -45.44 6.01 114.06
N ALA E 1515 -46.57 5.29 113.94
CA ALA E 1515 -47.84 5.84 114.38
C ALA E 1515 -47.86 6.07 115.89
N SER E 1516 -47.13 5.24 116.65
CA SER E 1516 -47.04 5.37 118.09
C SER E 1516 -45.65 5.77 118.57
N GLY E 1517 -44.67 5.82 117.68
CA GLY E 1517 -43.31 6.15 118.09
C GLY E 1517 -42.69 5.13 119.02
N LEU E 1518 -42.84 3.85 118.69
CA LEU E 1518 -42.39 2.77 119.55
C LEU E 1518 -41.28 1.97 118.87
N LEU E 1519 -40.18 1.75 119.57
CA LEU E 1519 -39.08 0.95 119.08
C LEU E 1519 -39.01 -0.34 119.89
N THR E 1520 -39.06 -1.48 119.21
CA THR E 1520 -39.02 -2.78 119.84
C THR E 1520 -37.93 -3.63 119.21
N PHE E 1521 -37.41 -4.59 119.99
CA PHE E 1521 -36.30 -5.42 119.57
C PHE E 1521 -36.62 -6.88 119.81
N ILE E 1522 -36.16 -7.73 118.90
CA ILE E 1522 -36.33 -9.18 119.00
C ILE E 1522 -34.98 -9.84 118.77
N ALA E 1523 -34.66 -10.83 119.62
CA ALA E 1523 -33.38 -11.52 119.55
C ALA E 1523 -33.63 -12.97 119.13
N ASN E 1524 -33.33 -13.28 117.87
CA ASN E 1524 -33.44 -14.63 117.33
C ASN E 1524 -34.82 -15.23 117.58
N GLY E 1525 -35.85 -14.41 117.35
CA GLY E 1525 -37.22 -14.84 117.56
C GLY E 1525 -37.73 -14.64 118.97
N LYS E 1526 -36.90 -14.20 119.90
CA LYS E 1526 -37.29 -13.96 121.27
C LYS E 1526 -37.40 -12.45 121.50
N GLU E 1527 -38.56 -12.02 122.00
CA GLU E 1527 -38.79 -10.59 122.22
C GLU E 1527 -37.99 -10.10 123.42
N LEU E 1528 -37.28 -8.99 123.24
CA LEU E 1528 -36.48 -8.40 124.29
C LEU E 1528 -37.33 -7.48 125.15
N SER E 1529 -37.04 -7.46 126.45
CA SER E 1529 -37.79 -6.62 127.37
C SER E 1529 -37.48 -5.14 127.22
N THR E 1530 -36.43 -4.79 126.47
CA THR E 1530 -36.04 -3.40 126.31
C THR E 1530 -36.76 -2.80 125.10
N TYR E 1531 -37.49 -1.72 125.34
CA TYR E 1531 -38.19 -1.00 124.29
C TYR E 1531 -38.12 0.49 124.58
N TYR E 1532 -38.28 1.29 123.53
CA TYR E 1532 -38.14 2.73 123.65
C TYR E 1532 -39.35 3.45 123.08
N GLN E 1533 -39.59 4.65 123.59
CA GLN E 1533 -40.64 5.54 123.09
C GLN E 1533 -39.99 6.85 122.66
N VAL E 1534 -40.26 7.27 121.43
CA VAL E 1534 -39.64 8.45 120.86
C VAL E 1534 -40.69 9.56 120.74
N GLU E 1535 -40.22 10.76 120.44
CA GLU E 1535 -41.06 11.93 120.30
C GLU E 1535 -41.70 11.99 118.91
N PRO E 1536 -42.79 12.75 118.76
CA PRO E 1536 -43.33 12.98 117.42
C PRO E 1536 -42.34 13.74 116.54
N SER E 1537 -42.44 13.49 115.24
CA SER E 1537 -41.63 14.15 114.22
C SER E 1537 -40.14 13.84 114.37
N THR E 1538 -39.81 12.71 114.99
CA THR E 1538 -38.42 12.30 115.16
C THR E 1538 -37.98 11.45 113.98
N LYS E 1539 -36.78 11.75 113.48
CA LYS E 1539 -36.16 10.98 112.41
C LYS E 1539 -35.12 10.05 112.99
N LEU E 1540 -35.33 8.74 112.81
CA LEU E 1540 -34.44 7.73 113.38
C LEU E 1540 -33.65 7.06 112.26
N PHE E 1541 -32.34 7.00 112.44
CA PHE E 1541 -31.42 6.39 111.49
C PHE E 1541 -31.03 5.00 111.96
N PRO E 1542 -31.21 3.96 111.15
CA PRO E 1542 -30.66 2.65 111.52
C PRO E 1542 -29.14 2.76 111.70
N ALA E 1543 -28.65 2.17 112.78
CA ALA E 1543 -27.24 2.31 113.11
C ALA E 1543 -26.81 1.17 114.03
N VAL E 1544 -25.58 0.71 113.84
CA VAL E 1544 -24.98 -0.32 114.68
C VAL E 1544 -23.55 0.09 115.01
N PHE E 1545 -23.17 -0.09 116.26
CA PHE E 1545 -21.81 0.20 116.73
C PHE E 1545 -21.13 -1.12 117.03
N ALA E 1546 -19.94 -1.34 116.47
CA ALA E 1546 -19.30 -2.63 116.62
C ALA E 1546 -17.80 -2.49 116.68
N GLN E 1547 -17.17 -3.39 117.44
CA GLN E 1547 -15.72 -3.46 117.55
C GLN E 1547 -15.22 -4.62 116.68
N ALA E 1548 -14.30 -4.33 115.77
CA ALA E 1548 -13.85 -5.32 114.80
C ALA E 1548 -13.00 -6.38 115.49
N THR E 1549 -13.56 -7.59 115.63
CA THR E 1549 -12.82 -8.72 116.16
C THR E 1549 -12.64 -9.86 115.16
N SER E 1550 -13.37 -9.83 114.05
CA SER E 1550 -13.29 -10.85 113.01
C SER E 1550 -13.33 -10.14 111.66
N PRO E 1551 -12.83 -10.79 110.60
CA PRO E 1551 -12.90 -10.17 109.27
C PRO E 1551 -14.32 -9.79 108.86
N ASN E 1552 -15.30 -10.64 109.17
CA ASN E 1552 -16.71 -10.35 108.91
C ASN E 1552 -17.38 -10.03 110.24
N VAL E 1553 -17.80 -8.78 110.41
CA VAL E 1553 -18.42 -8.36 111.67
C VAL E 1553 -19.92 -8.63 111.64
N PHE E 1554 -20.65 -7.96 110.74
CA PHE E 1554 -22.10 -8.10 110.72
C PHE E 1554 -22.64 -7.53 109.42
N GLN E 1555 -23.96 -7.65 109.26
CA GLN E 1555 -24.65 -7.29 108.05
C GLN E 1555 -26.05 -6.79 108.38
N PHE E 1556 -26.51 -5.82 107.59
CA PHE E 1556 -27.89 -5.35 107.64
C PHE E 1556 -28.74 -6.17 106.67
N GLU E 1557 -29.91 -6.61 107.15
CA GLU E 1557 -30.91 -7.31 106.36
C GLU E 1557 -32.17 -6.45 106.30
N LEU E 1558 -32.63 -6.21 105.07
CA LEU E 1558 -33.81 -5.39 104.82
C LEU E 1558 -35.07 -6.21 104.66
N GLY E 1559 -35.08 -7.43 105.18
CA GLY E 1559 -36.25 -8.28 105.11
C GLY E 1559 -37.35 -7.76 106.03
N ARG E 1560 -38.50 -8.43 105.95
CA ARG E 1560 -39.66 -8.03 106.73
C ARG E 1560 -40.24 -9.25 107.43
N ILE E 1561 -40.83 -9.01 108.59
CA ILE E 1561 -41.50 -10.05 109.35
C ILE E 1561 -43.00 -9.95 109.10
N LYS E 1562 -43.73 -10.97 109.52
CA LYS E 1562 -45.17 -11.02 109.26
C LYS E 1562 -45.87 -9.80 109.84
N ASN E 1563 -46.75 -9.21 109.04
CA ASN E 1563 -47.59 -8.06 109.40
C ASN E 1563 -46.79 -6.79 109.64
N VAL E 1564 -45.51 -6.76 109.27
CA VAL E 1564 -44.68 -5.56 109.40
C VAL E 1564 -44.01 -5.29 108.06
N MET E 1565 -44.13 -4.05 107.59
CA MET E 1565 -43.57 -3.68 106.30
C MET E 1565 -42.05 -3.63 106.36
N PRO E 1566 -41.38 -3.82 105.23
CA PRO E 1566 -39.91 -3.73 105.21
C PRO E 1566 -39.45 -2.30 105.43
N LEU E 1567 -38.15 -2.18 105.73
CA LEU E 1567 -37.57 -0.87 106.03
C LEU E 1567 -37.63 0.06 104.84
N SER E 1568 -37.40 -0.47 103.63
CA SER E 1568 -37.40 0.37 102.44
C SER E 1568 -38.75 1.05 102.23
N ALA E 1569 -39.84 0.42 102.69
CA ALA E 1569 -41.15 1.03 102.55
C ALA E 1569 -41.22 2.35 103.30
N GLY E 1570 -40.64 2.42 104.49
CA GLY E 1570 -40.60 3.67 105.22
C GLY E 1570 -39.49 4.60 104.76
N LEU E 1571 -38.40 4.05 104.24
CA LEU E 1571 -37.30 4.88 103.78
C LEU E 1571 -37.69 5.67 102.53
N PHE E 1572 -38.07 4.97 101.47
CA PHE E 1572 -38.38 5.60 100.19
C PHE E 1572 -39.88 5.78 100.06
N LYS E 1573 -40.31 6.99 99.68
CA LYS E 1573 -41.73 7.25 99.50
C LYS E 1573 -42.27 6.60 98.23
N SER E 1574 -41.43 6.47 97.19
CA SER E 1574 -41.89 5.86 95.95
C SER E 1574 -42.31 4.42 96.16
N GLU E 1575 -41.53 3.65 96.92
CA GLU E 1575 -41.87 2.27 97.27
C GLU E 1575 -42.43 2.28 98.68
N HIS E 1576 -43.75 2.37 98.78
CA HIS E 1576 -44.43 2.47 100.06
C HIS E 1576 -45.47 1.39 100.29
N LYS E 1577 -46.15 0.93 99.23
CA LYS E 1577 -47.13 -0.14 99.36
C LYS E 1577 -46.59 -1.51 99.00
N ASN E 1578 -45.50 -1.58 98.24
CA ASN E 1578 -44.94 -2.85 97.84
C ASN E 1578 -44.19 -3.48 99.02
N PRO E 1579 -44.53 -4.70 99.42
CA PRO E 1579 -43.82 -5.35 100.54
C PRO E 1579 -42.55 -6.07 100.12
N VAL E 1580 -42.26 -6.16 98.83
CA VAL E 1580 -41.03 -6.80 98.39
C VAL E 1580 -39.83 -5.99 98.86
N PRO E 1581 -38.77 -6.61 99.37
CA PRO E 1581 -37.59 -5.85 99.82
C PRO E 1581 -36.71 -5.49 98.63
N GLN E 1582 -36.45 -4.19 98.47
CA GLN E 1582 -35.55 -3.69 97.44
C GLN E 1582 -34.48 -2.81 98.08
N CYS E 1583 -33.37 -2.65 97.38
CA CYS E 1583 -32.23 -1.87 97.85
C CYS E 1583 -31.86 -0.84 96.80
N PRO E 1584 -32.52 0.31 96.80
CA PRO E 1584 -32.17 1.36 95.85
C PRO E 1584 -30.76 1.86 96.11
N PRO E 1585 -30.08 2.37 95.08
CA PRO E 1585 -28.70 2.84 95.27
C PRO E 1585 -28.57 3.98 96.28
N ARG E 1586 -29.65 4.72 96.54
CA ARG E 1586 -29.58 5.82 97.49
C ARG E 1586 -29.20 5.34 98.88
N LEU E 1587 -29.76 4.22 99.31
CA LEU E 1587 -29.47 3.69 100.63
C LEU E 1587 -28.06 3.13 100.70
N HIS E 1588 -27.30 3.56 101.69
CA HIS E 1588 -25.94 3.09 101.89
C HIS E 1588 -25.51 3.37 103.32
N VAL E 1589 -24.51 2.65 103.78
CA VAL E 1589 -24.02 2.77 105.14
C VAL E 1589 -23.02 3.92 105.23
N GLN E 1590 -23.06 4.65 106.33
CA GLN E 1590 -22.13 5.74 106.58
C GLN E 1590 -21.46 5.53 107.93
N PHE E 1591 -20.14 5.67 107.97
CA PHE E 1591 -19.37 5.53 109.19
C PHE E 1591 -18.98 6.91 109.71
N LEU E 1592 -19.02 7.06 111.03
CA LEU E 1592 -18.67 8.34 111.64
C LEU E 1592 -17.17 8.59 111.50
N SER E 1593 -16.81 9.78 111.02
CA SER E 1593 -15.42 10.10 110.75
C SER E 1593 -15.14 11.54 111.17
N HIS E 1594 -13.87 11.82 111.42
CA HIS E 1594 -13.41 13.15 111.79
C HIS E 1594 -12.75 13.89 110.63
N VAL E 1595 -12.78 13.34 109.43
CA VAL E 1595 -12.07 13.94 108.28
C VAL E 1595 -13.05 14.91 107.63
N LEU E 1596 -13.12 16.12 108.19
CA LEU E 1596 -13.92 17.19 107.62
C LEU E 1596 -13.24 18.51 107.91
N TRP E 1597 -13.60 19.52 107.11
CA TRP E 1597 -13.07 20.86 107.26
C TRP E 1597 -14.21 21.81 107.57
N SER E 1598 -13.89 22.88 108.29
CA SER E 1598 -14.87 23.89 108.64
C SER E 1598 -14.36 25.27 108.27
N ARG E 1599 -15.27 26.14 107.85
CA ARG E 1599 -14.93 27.46 107.35
C ARG E 1599 -15.27 28.53 108.38
N MET E 1600 -14.31 29.41 108.66
CA MET E 1600 -14.59 30.53 109.56
C MET E 1600 -15.22 31.67 108.79
N PRO E 1601 -16.38 32.18 109.23
CA PRO E 1601 -17.00 33.31 108.52
C PRO E 1601 -16.10 34.53 108.55
N ASN E 1602 -16.14 35.29 107.45
CA ASN E 1602 -15.33 36.48 107.34
C ASN E 1602 -15.83 37.58 108.28
N GLN E 1603 -17.14 37.62 108.53
CA GLN E 1603 -17.74 38.60 109.42
C GLN E 1603 -18.41 37.86 110.57
N PHE E 1604 -18.02 38.18 111.79
CA PHE E 1604 -18.61 37.59 112.98
C PHE E 1604 -19.61 38.55 113.62
N LEU E 1605 -20.38 38.02 114.56
CA LEU E 1605 -21.39 38.81 115.27
C LEU E 1605 -20.68 39.62 116.35
N LYS E 1606 -20.46 40.90 116.08
CA LYS E 1606 -19.80 41.76 117.06
C LYS E 1606 -20.70 41.97 118.27
N VAL E 1607 -20.14 41.78 119.45
CA VAL E 1607 -20.84 41.95 120.71
C VAL E 1607 -20.21 43.12 121.47
N ASP E 1608 -21.07 44.03 121.95
CA ASP E 1608 -20.61 45.17 122.73
C ASP E 1608 -20.75 44.88 124.22
N VAL E 1609 -20.08 43.80 124.64
CA VAL E 1609 -20.10 43.42 126.05
C VAL E 1609 -19.30 44.42 126.86
N SER E 1610 -19.73 44.65 128.11
CA SER E 1610 -19.15 45.70 128.92
C SER E 1610 -17.69 45.43 129.24
N ARG E 1611 -17.35 44.17 129.50
CA ARG E 1611 -15.99 43.76 129.88
C ARG E 1611 -15.51 44.43 131.16
N ILE E 1612 -16.44 44.90 132.00
CA ILE E 1612 -16.10 45.56 133.25
C ILE E 1612 -16.99 45.03 134.36
N SER E 1613 -16.51 45.17 135.59
CA SER E 1613 -17.28 44.80 136.77
C SER E 1613 -18.22 45.92 137.19
N GLU E 1614 -19.03 46.40 136.24
CA GLU E 1614 -19.95 47.49 136.51
C GLU E 1614 -21.09 47.01 137.41
N ARG E 1615 -21.74 47.98 138.05
CA ARG E 1615 -22.89 47.65 138.88
C ARG E 1615 -24.08 47.25 138.00
N GLN E 1616 -25.11 46.72 138.65
CA GLN E 1616 -26.29 46.16 138.01
C GLN E 1616 -25.98 44.98 137.10
N GLY E 1617 -24.77 44.42 137.19
CA GLY E 1617 -24.40 43.26 136.42
C GLY E 1617 -23.73 43.61 135.11
N TRP E 1618 -23.04 42.62 134.56
CA TRP E 1618 -22.35 42.79 133.29
C TRP E 1618 -23.36 42.90 132.16
N LEU E 1619 -23.08 43.80 131.20
CA LEU E 1619 -24.01 44.11 130.12
C LEU E 1619 -23.50 43.50 128.82
N VAL E 1620 -24.36 42.75 128.15
CA VAL E 1620 -24.09 42.14 126.85
C VAL E 1620 -25.07 42.76 125.86
N GLN E 1621 -24.56 43.52 124.90
CA GLN E 1621 -25.42 44.18 123.95
C GLN E 1621 -24.86 43.99 122.55
N CYS E 1622 -25.73 43.70 121.60
CA CYS E 1622 -25.31 43.50 120.21
C CYS E 1622 -26.41 44.03 119.29
N LEU E 1623 -26.12 45.08 118.54
CA LEU E 1623 -27.09 45.72 117.67
C LEU E 1623 -26.72 45.61 116.19
N ASP E 1624 -25.87 44.66 115.84
CA ASP E 1624 -25.46 44.50 114.45
C ASP E 1624 -26.19 43.31 113.84
N PRO E 1625 -27.12 43.53 112.91
CA PRO E 1625 -27.85 42.40 112.30
C PRO E 1625 -27.00 41.68 111.27
N LEU E 1626 -26.72 40.41 111.54
CA LEU E 1626 -25.92 39.57 110.65
C LEU E 1626 -26.71 38.33 110.30
N GLN E 1627 -26.74 37.98 109.02
CA GLN E 1627 -27.52 36.85 108.53
C GLN E 1627 -26.70 36.03 107.55
N PHE E 1628 -27.12 34.79 107.34
CA PHE E 1628 -26.48 33.91 106.37
C PHE E 1628 -27.49 32.89 105.88
N MET E 1629 -27.25 32.37 104.67
CA MET E 1629 -28.13 31.37 104.07
C MET E 1629 -27.61 29.97 104.40
N SER E 1630 -28.50 29.12 104.88
CA SER E 1630 -28.15 27.75 105.26
C SER E 1630 -28.87 26.78 104.34
N LEU E 1631 -28.11 25.99 103.60
CA LEU E 1631 -28.66 24.96 102.73
C LEU E 1631 -28.87 23.69 103.54
N HIS E 1632 -30.08 23.15 103.47
CA HIS E 1632 -30.46 21.98 104.27
C HIS E 1632 -30.55 20.75 103.38
N ILE E 1633 -29.90 19.67 103.80
CA ILE E 1633 -29.99 18.39 103.11
C ILE E 1633 -31.15 17.62 103.73
N PRO E 1634 -32.28 17.45 103.04
CA PRO E 1634 -33.42 16.75 103.65
C PRO E 1634 -33.11 15.31 104.02
N GLU E 1635 -32.24 14.64 103.27
CA GLU E 1635 -31.95 13.23 103.55
C GLU E 1635 -31.24 13.06 104.90
N GLU E 1636 -30.21 13.86 105.14
CA GLU E 1636 -29.41 13.71 106.34
C GLU E 1636 -29.88 14.57 107.50
N ASN E 1637 -30.88 15.42 107.28
CA ASN E 1637 -31.41 16.32 108.31
C ASN E 1637 -30.30 17.18 108.90
N ARG E 1638 -29.50 17.76 108.02
CA ARG E 1638 -28.37 18.60 108.42
C ARG E 1638 -28.37 19.88 107.59
N SER E 1639 -27.67 20.89 108.09
CA SER E 1639 -27.58 22.18 107.44
C SER E 1639 -26.12 22.58 107.29
N VAL E 1640 -25.79 23.15 106.14
CA VAL E 1640 -24.45 23.65 105.85
C VAL E 1640 -24.58 25.01 105.21
N ASP E 1641 -23.71 25.94 105.60
CA ASP E 1641 -23.76 27.28 105.02
C ASP E 1641 -23.55 27.20 103.51
N ILE E 1642 -24.32 28.01 102.77
CA ILE E 1642 -24.23 28.01 101.33
C ILE E 1642 -22.85 28.43 100.85
N LEU E 1643 -22.09 29.12 101.68
CA LEU E 1643 -20.73 29.50 101.32
C LEU E 1643 -19.78 28.32 101.39
N GLU E 1644 -20.07 27.33 102.23
CA GLU E 1644 -19.20 26.18 102.39
C GLU E 1644 -19.27 25.22 101.23
N LEU E 1645 -20.20 25.41 100.29
CA LEU E 1645 -20.31 24.53 99.13
C LEU E 1645 -19.16 24.72 98.15
N THR E 1646 -18.30 25.72 98.36
CA THR E 1646 -17.18 25.94 97.45
C THR E 1646 -16.27 24.72 97.40
N GLU E 1647 -15.99 24.12 98.56
CA GLU E 1647 -15.15 22.93 98.61
C GLU E 1647 -15.93 21.65 98.37
N GLN E 1648 -17.27 21.69 98.44
CA GLN E 1648 -18.11 20.52 98.21
C GLN E 1648 -18.55 20.54 96.75
N GLU E 1649 -17.86 19.77 95.90
CA GLU E 1649 -18.10 19.85 94.47
C GLU E 1649 -19.43 19.20 94.09
N GLU E 1650 -19.82 18.11 94.76
CA GLU E 1650 -21.04 17.42 94.38
C GLU E 1650 -22.27 18.25 94.72
N LEU E 1651 -22.33 18.78 95.95
CA LEU E 1651 -23.46 19.62 96.34
C LEU E 1651 -23.49 20.89 95.50
N LEU E 1652 -22.32 21.46 95.20
CA LEU E 1652 -22.27 22.64 94.34
C LEU E 1652 -22.91 22.36 92.99
N GLN E 1653 -22.52 21.27 92.34
CA GLN E 1653 -23.06 20.95 91.02
C GLN E 1653 -24.54 20.65 91.10
N PHE E 1654 -24.97 19.88 92.10
CA PHE E 1654 -26.39 19.53 92.20
C PHE E 1654 -27.25 20.77 92.44
N HIS E 1655 -26.79 21.68 93.30
CA HIS E 1655 -27.56 22.89 93.55
C HIS E 1655 -27.56 23.81 92.34
N TYR E 1656 -26.44 23.89 91.62
CA TYR E 1656 -26.42 24.68 90.39
C TYR E 1656 -27.44 24.15 89.40
N HIS E 1657 -27.50 22.83 89.24
CA HIS E 1657 -28.47 22.26 88.32
C HIS E 1657 -29.90 22.40 88.84
N THR E 1658 -30.08 22.41 90.16
CA THR E 1658 -31.41 22.65 90.73
C THR E 1658 -31.89 24.07 90.43
N LEU E 1659 -30.99 25.05 90.56
CA LEU E 1659 -31.35 26.42 90.20
C LEU E 1659 -31.63 26.53 88.72
N ARG E 1660 -30.87 25.83 87.89
CA ARG E 1660 -31.16 25.79 86.46
C ARG E 1660 -32.54 25.20 86.20
N LEU E 1661 -32.91 24.15 86.93
CA LEU E 1661 -34.24 23.56 86.77
C LEU E 1661 -35.33 24.54 87.18
N TYR E 1662 -35.12 25.27 88.27
CA TYR E 1662 -36.09 26.29 88.67
C TYR E 1662 -36.27 27.32 87.57
N SER E 1663 -35.15 27.81 87.02
CA SER E 1663 -35.23 28.80 85.95
C SER E 1663 -35.95 28.26 84.74
N ALA E 1664 -35.67 27.01 84.37
CA ALA E 1664 -36.31 26.41 83.21
C ALA E 1664 -37.81 26.22 83.44
N VAL E 1665 -38.20 25.81 84.65
CA VAL E 1665 -39.62 25.54 84.89
C VAL E 1665 -40.41 26.84 85.02
N CYS E 1666 -39.77 27.93 85.44
CA CYS E 1666 -40.46 29.21 85.49
C CYS E 1666 -40.18 30.09 84.27
N ALA E 1667 -39.48 29.57 83.26
CA ALA E 1667 -39.11 30.36 82.11
C ALA E 1667 -40.30 30.60 81.19
N LEU E 1668 -40.13 31.57 80.28
CA LEU E 1668 -41.13 31.95 79.29
C LEU E 1668 -42.46 32.35 79.94
N GLY E 1669 -42.36 33.10 81.04
CA GLY E 1669 -43.54 33.72 81.62
C GLY E 1669 -44.60 32.76 82.13
N ASN E 1670 -44.18 31.70 82.81
CA ASN E 1670 -45.13 30.80 83.46
C ASN E 1670 -45.41 31.36 84.85
N HIS E 1671 -46.47 32.17 84.93
CA HIS E 1671 -46.70 32.97 86.13
C HIS E 1671 -47.08 32.09 87.32
N ARG E 1672 -47.86 31.03 87.09
CA ARG E 1672 -48.24 30.15 88.19
C ARG E 1672 -47.01 29.47 88.79
N VAL E 1673 -46.10 28.98 87.94
CA VAL E 1673 -44.89 28.36 88.44
C VAL E 1673 -44.01 29.39 89.12
N ALA E 1674 -43.98 30.62 88.60
CA ALA E 1674 -43.20 31.67 89.25
C ALA E 1674 -43.73 31.95 90.66
N HIS E 1675 -45.06 32.02 90.81
CA HIS E 1675 -45.62 32.23 92.14
C HIS E 1675 -45.32 31.05 93.05
N ALA E 1676 -45.36 29.83 92.53
CA ALA E 1676 -45.02 28.67 93.34
C ALA E 1676 -43.57 28.73 93.80
N LEU E 1677 -42.65 29.11 92.89
CA LEU E 1677 -41.24 29.20 93.23
C LEU E 1677 -40.93 30.37 94.14
N CYS E 1678 -41.80 31.38 94.19
CA CYS E 1678 -41.57 32.51 95.08
C CYS E 1678 -41.49 32.09 96.53
N SER E 1679 -42.17 31.00 96.90
CA SER E 1679 -42.11 30.51 98.27
C SER E 1679 -40.74 29.90 98.58
N HIS E 1680 -40.24 29.05 97.69
CA HIS E 1680 -38.94 28.42 97.93
C HIS E 1680 -37.80 29.42 97.85
N VAL E 1681 -37.82 30.30 96.84
CA VAL E 1681 -36.78 31.30 96.65
C VAL E 1681 -37.37 32.63 97.09
N ASP E 1682 -36.97 33.09 98.27
CA ASP E 1682 -37.56 34.27 98.87
C ASP E 1682 -36.80 35.53 98.47
N GLU E 1683 -37.48 36.67 98.60
CA GLU E 1683 -36.87 37.95 98.25
C GLU E 1683 -35.65 38.27 99.10
N PRO E 1684 -35.67 38.14 100.44
CA PRO E 1684 -34.43 38.34 101.19
C PRO E 1684 -33.32 37.39 100.77
N GLN E 1685 -33.66 36.15 100.46
CA GLN E 1685 -32.65 35.20 99.98
C GLN E 1685 -32.00 35.69 98.71
N LEU E 1686 -32.80 36.14 97.75
CA LEU E 1686 -32.26 36.64 96.49
C LEU E 1686 -31.41 37.88 96.70
N LEU E 1687 -31.86 38.79 97.55
CA LEU E 1687 -31.10 40.01 97.81
C LEU E 1687 -29.76 39.68 98.46
N TYR E 1688 -29.76 38.78 99.45
CA TYR E 1688 -28.51 38.41 100.10
C TYR E 1688 -27.58 37.71 99.12
N ALA E 1689 -28.13 36.84 98.26
CA ALA E 1689 -27.30 36.13 97.30
C ALA E 1689 -26.66 37.08 96.31
N ILE E 1690 -27.41 38.06 95.82
CA ILE E 1690 -26.83 38.98 94.83
C ILE E 1690 -25.85 39.94 95.49
N GLU E 1691 -26.11 40.36 96.74
CA GLU E 1691 -25.24 41.33 97.39
C GLU E 1691 -23.96 40.70 97.91
N ASN E 1692 -24.00 39.44 98.34
CA ASN E 1692 -22.87 38.83 99.03
C ASN E 1692 -21.64 38.75 98.13
N LYS E 1693 -20.51 39.22 98.64
CA LYS E 1693 -19.26 39.12 97.89
C LYS E 1693 -18.71 37.70 97.91
N TYR E 1694 -18.76 37.04 99.06
CA TYR E 1694 -18.31 35.65 99.17
C TYR E 1694 -19.43 34.75 98.68
N MET E 1695 -19.23 34.10 97.54
CA MET E 1695 -20.24 33.24 96.96
C MET E 1695 -19.63 32.40 95.84
N PRO E 1696 -19.95 31.12 95.76
CA PRO E 1696 -19.50 30.33 94.61
C PRO E 1696 -20.03 30.93 93.32
N GLY E 1697 -19.21 30.89 92.27
CA GLY E 1697 -19.61 31.50 91.02
C GLY E 1697 -20.84 30.85 90.41
N LEU E 1698 -20.91 29.52 90.45
CA LEU E 1698 -22.05 28.82 89.88
C LEU E 1698 -23.33 29.18 90.60
N LEU E 1699 -23.30 29.18 91.93
CA LEU E 1699 -24.48 29.56 92.70
C LEU E 1699 -24.86 31.01 92.48
N ARG E 1700 -23.87 31.89 92.37
CA ARG E 1700 -24.18 33.30 92.12
C ARG E 1700 -24.88 33.47 90.79
N ALA E 1701 -24.37 32.83 89.74
CA ALA E 1701 -25.00 32.90 88.43
C ALA E 1701 -26.40 32.29 88.47
N GLY E 1702 -26.55 31.16 89.16
CA GLY E 1702 -27.86 30.53 89.24
C GLY E 1702 -28.88 31.39 89.94
N TYR E 1703 -28.50 32.00 91.06
CA TYR E 1703 -29.42 32.88 91.79
C TYR E 1703 -29.77 34.12 90.97
N TYR E 1704 -28.79 34.70 90.28
CA TYR E 1704 -29.10 35.84 89.42
C TYR E 1704 -30.09 35.46 88.33
N ASP E 1705 -29.86 34.33 87.67
CA ASP E 1705 -30.76 33.90 86.61
C ASP E 1705 -32.14 33.60 87.17
N LEU E 1706 -32.21 32.97 88.35
CA LEU E 1706 -33.50 32.68 88.96
C LEU E 1706 -34.25 33.96 89.30
N LEU E 1707 -33.55 34.97 89.80
CA LEU E 1707 -34.19 36.26 90.06
C LEU E 1707 -34.75 36.86 88.78
N ILE E 1708 -33.91 36.95 87.73
CA ILE E 1708 -34.33 37.54 86.48
C ILE E 1708 -35.45 36.73 85.82
N ASP E 1709 -35.61 35.46 86.19
CA ASP E 1709 -36.68 34.67 85.60
C ASP E 1709 -37.99 34.80 86.37
N ILE E 1710 -37.96 34.65 87.70
CA ILE E 1710 -39.22 34.73 88.45
C ILE E 1710 -39.75 36.16 88.44
N HIS E 1711 -38.86 37.15 88.52
CA HIS E 1711 -39.26 38.54 88.44
C HIS E 1711 -38.44 39.22 87.35
N LEU E 1712 -38.92 40.37 86.89
CA LEU E 1712 -38.22 41.18 85.89
C LEU E 1712 -38.06 40.45 84.56
N SER E 1713 -38.92 39.48 84.27
CA SER E 1713 -38.80 38.68 83.05
C SER E 1713 -39.91 38.99 82.06
N SER E 1714 -41.17 38.85 82.47
CA SER E 1714 -42.28 39.06 81.54
C SER E 1714 -42.30 40.49 81.02
N TYR E 1715 -42.19 41.47 81.91
CA TYR E 1715 -42.20 42.85 81.47
C TYR E 1715 -40.98 43.17 80.60
N ALA E 1716 -39.81 42.66 80.99
CA ALA E 1716 -38.61 42.93 80.19
C ALA E 1716 -38.77 42.37 78.79
N THR E 1717 -39.24 41.13 78.67
CA THR E 1717 -39.40 40.52 77.36
C THR E 1717 -40.45 41.23 76.54
N ALA E 1718 -41.60 41.57 77.14
CA ALA E 1718 -42.65 42.25 76.41
C ALA E 1718 -42.18 43.62 75.92
N ARG E 1719 -41.50 44.37 76.77
CA ARG E 1719 -41.03 45.69 76.39
C ARG E 1719 -39.97 45.60 75.30
N LEU E 1720 -39.04 44.64 75.42
CA LEU E 1720 -38.02 44.47 74.40
C LEU E 1720 -38.64 44.09 73.05
N MET E 1721 -39.66 43.22 73.08
CA MET E 1721 -40.33 42.83 71.84
C MET E 1721 -41.09 44.00 71.23
N MET E 1722 -41.73 44.83 72.07
CA MET E 1722 -42.49 45.96 71.55
C MET E 1722 -41.57 47.06 71.03
N ASN E 1723 -40.34 47.14 71.55
CA ASN E 1723 -39.39 48.19 71.22
C ASN E 1723 -39.33 48.55 69.74
N ASN E 1724 -39.45 47.54 68.87
CA ASN E 1724 -39.36 47.79 67.43
C ASN E 1724 -40.49 48.69 66.95
N GLU E 1725 -41.71 48.46 67.44
CA GLU E 1725 -42.84 49.27 67.02
C GLU E 1725 -42.75 50.68 67.60
N PHE E 1726 -43.33 51.64 66.89
CA PHE E 1726 -43.36 53.04 67.30
C PHE E 1726 -44.76 53.58 67.10
N ILE E 1727 -45.47 53.81 68.20
CA ILE E 1727 -46.78 54.46 68.17
C ILE E 1727 -46.70 55.71 69.04
N VAL E 1728 -47.03 56.85 68.47
CA VAL E 1728 -46.88 58.14 69.12
C VAL E 1728 -48.26 58.75 69.32
N PRO E 1729 -48.68 59.01 70.55
CA PRO E 1729 -49.97 59.69 70.75
C PRO E 1729 -49.90 61.15 70.34
N MET E 1730 -51.07 61.71 70.04
CA MET E 1730 -51.17 63.09 69.58
C MET E 1730 -51.54 63.96 70.79
N THR E 1731 -50.53 64.29 71.59
CA THR E 1731 -50.72 65.03 72.83
C THR E 1731 -49.76 66.22 72.87
N GLU E 1732 -49.93 67.03 73.91
CA GLU E 1732 -49.12 68.25 74.06
C GLU E 1732 -47.66 67.93 74.29
N GLU E 1733 -47.36 66.90 75.08
CA GLU E 1733 -45.97 66.49 75.25
C GLU E 1733 -45.37 66.03 73.92
N THR E 1734 -46.16 65.36 73.09
CA THR E 1734 -45.71 65.00 71.76
C THR E 1734 -45.41 66.24 70.93
N LYS E 1735 -46.28 67.25 70.99
CA LYS E 1735 -46.02 68.48 70.27
C LYS E 1735 -44.84 69.25 70.85
N SER E 1736 -44.46 68.98 72.09
CA SER E 1736 -43.41 69.72 72.77
C SER E 1736 -42.03 69.09 72.64
N ILE E 1737 -41.95 67.77 72.46
CA ILE E 1737 -40.64 67.12 72.40
C ILE E 1737 -39.90 67.56 71.14
N THR E 1738 -38.64 67.95 71.30
CA THR E 1738 -37.77 68.35 70.20
C THR E 1738 -36.58 67.41 70.13
N LEU E 1739 -35.66 67.69 69.22
CA LEU E 1739 -34.51 66.81 69.01
C LEU E 1739 -33.28 67.26 69.82
N PHE E 1740 -32.92 68.53 69.74
CA PHE E 1740 -31.80 69.05 70.51
C PHE E 1740 -32.32 69.78 71.74
N PRO E 1741 -31.95 69.37 72.95
CA PRO E 1741 -32.47 70.06 74.15
C PRO E 1741 -32.09 71.52 74.22
N ASP E 1742 -30.96 71.90 73.64
CA ASP E 1742 -30.45 73.26 73.70
C ASP E 1742 -30.23 73.77 72.28
N GLU E 1743 -30.16 75.10 72.15
CA GLU E 1743 -29.83 75.69 70.86
C GLU E 1743 -28.47 75.22 70.34
N ASN E 1744 -27.59 74.78 71.24
CA ASN E 1744 -26.33 74.19 70.82
C ASN E 1744 -26.55 72.80 70.24
N LYS E 1745 -25.57 72.34 69.47
CA LYS E 1745 -25.61 71.00 68.89
C LYS E 1745 -25.45 69.89 69.92
N LYS E 1746 -25.40 70.21 71.21
CA LYS E 1746 -25.28 69.18 72.24
C LYS E 1746 -26.46 68.23 72.18
N HIS E 1747 -26.17 66.94 72.01
CA HIS E 1747 -27.23 65.94 71.88
C HIS E 1747 -27.87 65.62 73.22
N GLY E 1748 -27.11 65.64 74.30
CA GLY E 1748 -27.59 65.21 75.59
C GLY E 1748 -27.34 63.73 75.84
N LEU E 1749 -27.39 63.36 77.10
CA LEU E 1749 -27.15 61.97 77.47
C LEU E 1749 -28.26 61.08 76.93
N PRO E 1750 -27.92 59.98 76.25
CA PRO E 1750 -28.96 59.13 75.66
C PRO E 1750 -29.86 58.52 76.73
N GLY E 1751 -31.13 58.36 76.39
CA GLY E 1751 -32.10 57.79 77.30
C GLY E 1751 -32.64 58.74 78.33
N ILE E 1752 -32.22 60.01 78.32
CA ILE E 1752 -32.66 61.00 79.30
C ILE E 1752 -33.45 62.05 78.54
N GLY E 1753 -34.76 62.11 78.80
CA GLY E 1753 -35.62 63.06 78.12
C GLY E 1753 -37.05 62.59 78.14
N LEU E 1754 -37.92 63.48 77.68
CA LEU E 1754 -39.35 63.17 77.65
C LEU E 1754 -39.63 62.14 76.56
N SER E 1755 -40.39 61.10 76.91
CA SER E 1755 -40.81 60.06 75.98
C SER E 1755 -42.32 59.93 76.06
N THR E 1756 -42.98 59.91 74.90
CA THR E 1756 -44.42 59.88 74.84
C THR E 1756 -44.98 58.60 74.24
N SER E 1757 -44.14 57.74 73.69
CA SER E 1757 -44.63 56.59 72.93
C SER E 1757 -45.42 55.64 73.82
N LEU E 1758 -46.47 55.04 73.24
CA LEU E 1758 -47.26 54.07 73.97
C LEU E 1758 -46.39 52.88 74.37
N ARG E 1759 -46.49 52.50 75.64
CA ARG E 1759 -45.72 51.40 76.18
C ARG E 1759 -46.62 50.57 77.08
N PRO E 1760 -46.36 49.26 77.19
CA PRO E 1760 -47.19 48.42 78.05
C PRO E 1760 -47.10 48.88 79.50
N ARG E 1761 -48.25 48.84 80.18
CA ARG E 1761 -48.30 49.28 81.57
C ARG E 1761 -47.67 48.23 82.49
N MET E 1762 -46.80 48.68 83.37
CA MET E 1762 -46.15 47.78 84.31
C MET E 1762 -47.15 47.37 85.38
N ARG E 1763 -47.28 46.07 85.61
CA ARG E 1763 -48.15 45.57 86.66
C ARG E 1763 -47.60 44.25 87.17
N PHE E 1764 -47.48 44.12 88.49
CA PHE E 1764 -46.98 42.91 89.12
C PHE E 1764 -47.96 42.49 90.20
N SER E 1765 -48.52 41.28 90.07
CA SER E 1765 -49.45 40.78 91.07
C SER E 1765 -48.69 40.39 92.33
N SER E 1766 -49.30 40.67 93.48
CA SER E 1766 -48.67 40.33 94.75
C SER E 1766 -48.65 38.81 94.92
N PRO E 1767 -47.49 38.22 95.25
CA PRO E 1767 -47.37 36.77 95.42
C PRO E 1767 -48.01 36.28 96.72
N CYS E 1776 -54.89 34.49 90.91
CA CYS E 1776 -55.15 34.17 89.51
C CYS E 1776 -53.85 34.04 88.73
N TYR E 1777 -52.77 34.54 89.33
CA TYR E 1777 -51.44 34.50 88.72
C TYR E 1777 -51.44 35.16 87.34
N GLN E 1778 -52.05 36.35 87.27
CA GLN E 1778 -52.10 37.07 86.01
C GLN E 1778 -50.74 37.62 85.63
N TYR E 1779 -49.98 38.12 86.60
CA TYR E 1779 -48.70 38.77 86.33
C TYR E 1779 -47.62 38.19 87.23
N SER E 1780 -46.39 38.62 87.00
CA SER E 1780 -45.25 38.15 87.77
C SER E 1780 -45.30 38.71 89.18
N PRO E 1781 -44.73 37.99 90.15
CA PRO E 1781 -44.71 38.51 91.53
C PRO E 1781 -43.96 39.84 91.64
N GLU E 1782 -44.45 40.69 92.55
CA GLU E 1782 -43.86 42.00 92.74
C GLU E 1782 -42.52 41.90 93.46
N PHE E 1783 -41.68 42.91 93.25
CA PHE E 1783 -40.33 42.95 93.80
C PHE E 1783 -40.01 44.38 94.22
N PRO E 1784 -39.15 44.56 95.23
CA PRO E 1784 -38.76 45.92 95.66
C PRO E 1784 -37.84 46.61 94.67
N LEU E 1785 -38.43 47.27 93.68
CA LEU E 1785 -37.65 47.84 92.58
C LEU E 1785 -36.67 48.91 93.05
N ASP E 1786 -37.07 49.74 94.02
CA ASP E 1786 -36.17 50.79 94.49
C ASP E 1786 -34.97 50.22 95.24
N ILE E 1787 -35.22 49.23 96.10
CA ILE E 1787 -34.12 48.55 96.79
C ILE E 1787 -33.20 47.89 95.77
N LEU E 1788 -33.78 47.28 94.74
CA LEU E 1788 -32.97 46.67 93.69
C LEU E 1788 -32.14 47.72 92.96
N LYS E 1789 -32.73 48.88 92.70
CA LYS E 1789 -31.99 50.00 92.09
C LYS E 1789 -30.75 50.34 92.91
N ALA E 1790 -30.96 50.62 94.20
CA ALA E 1790 -29.84 51.02 95.04
C ALA E 1790 -28.79 49.93 95.12
N LYS E 1791 -29.23 48.68 95.27
CA LYS E 1791 -28.31 47.56 95.37
C LYS E 1791 -27.48 47.42 94.10
N THR E 1792 -28.12 47.41 92.94
CA THR E 1792 -27.37 47.21 91.70
C THR E 1792 -26.44 48.38 91.44
N ILE E 1793 -26.85 49.61 91.79
CA ILE E 1793 -25.96 50.75 91.58
C ILE E 1793 -24.71 50.63 92.45
N GLN E 1794 -24.90 50.34 93.75
CA GLN E 1794 -23.73 50.27 94.62
C GLN E 1794 -22.80 49.13 94.23
N MET E 1795 -23.35 47.95 93.93
CA MET E 1795 -22.47 46.84 93.55
C MET E 1795 -21.83 47.09 92.20
N LEU E 1796 -22.49 47.78 91.27
CA LEU E 1796 -21.84 48.07 90.00
C LEU E 1796 -20.68 49.04 90.17
N THR E 1797 -20.84 50.04 91.03
CA THR E 1797 -19.74 50.96 91.29
C THR E 1797 -18.58 50.23 91.96
N GLU E 1798 -18.87 49.42 92.97
CA GLU E 1798 -17.79 48.68 93.63
C GLU E 1798 -17.13 47.71 92.68
N ALA E 1799 -17.91 47.08 91.80
CA ALA E 1799 -17.36 46.12 90.84
C ALA E 1799 -16.45 46.80 89.83
N VAL E 1800 -16.85 47.98 89.34
CA VAL E 1800 -16.00 48.66 88.37
C VAL E 1800 -14.72 49.14 89.04
N LYS E 1801 -14.81 49.59 90.30
CA LYS E 1801 -13.59 49.98 91.01
C LYS E 1801 -12.68 48.78 91.24
N GLU E 1802 -13.25 47.64 91.61
CA GLU E 1802 -12.45 46.43 91.83
C GLU E 1802 -11.80 45.95 90.54
N GLY E 1803 -12.55 45.99 89.43
CA GLY E 1803 -11.96 45.63 88.15
C GLY E 1803 -10.86 46.58 87.74
N SER E 1804 -11.02 47.86 88.06
CA SER E 1804 -9.96 48.83 87.78
C SER E 1804 -8.70 48.50 88.57
N LEU E 1805 -8.84 48.14 89.84
CA LEU E 1805 -7.66 47.81 90.63
C LEU E 1805 -7.10 46.42 90.32
N HIS E 1806 -7.86 45.58 89.61
CA HIS E 1806 -7.39 44.26 89.17
C HIS E 1806 -7.00 43.38 90.35
N ALA E 1807 -7.99 43.07 91.18
CA ALA E 1807 -7.77 42.14 92.28
C ALA E 1807 -7.60 40.72 91.75
N ARG E 1808 -6.88 39.90 92.52
CA ARG E 1808 -6.69 38.50 92.18
C ARG E 1808 -7.83 37.62 92.68
N ASP E 1809 -8.83 38.19 93.35
CA ASP E 1809 -9.96 37.43 93.90
C ASP E 1809 -11.26 38.08 93.48
N PRO E 1810 -11.64 37.95 92.21
CA PRO E 1810 -12.95 38.46 91.79
C PRO E 1810 -14.07 37.68 92.44
N VAL E 1811 -15.21 38.36 92.62
CA VAL E 1811 -16.36 37.74 93.25
C VAL E 1811 -16.80 36.54 92.42
N GLY E 1812 -16.88 35.38 93.05
CA GLY E 1812 -17.18 34.15 92.36
C GLY E 1812 -15.98 33.42 91.80
N GLY E 1813 -14.78 33.98 91.93
CA GLY E 1813 -13.58 33.34 91.45
C GLY E 1813 -13.15 33.71 90.05
N THR E 1814 -14.00 34.41 89.29
CA THR E 1814 -13.66 34.81 87.94
C THR E 1814 -14.32 36.15 87.65
N THR E 1815 -13.63 36.98 86.86
CA THR E 1815 -14.20 38.26 86.48
C THR E 1815 -15.49 38.09 85.68
N GLU E 1816 -15.61 36.99 84.94
CA GLU E 1816 -16.85 36.70 84.23
C GLU E 1816 -18.00 36.51 85.22
N PHE E 1817 -17.77 35.71 86.28
CA PHE E 1817 -18.81 35.55 87.28
C PHE E 1817 -19.05 36.84 88.04
N LEU E 1818 -18.04 37.69 88.16
CA LEU E 1818 -18.22 38.97 88.82
C LEU E 1818 -19.14 39.90 88.02
N PHE E 1819 -18.95 39.97 86.71
CA PHE E 1819 -19.63 40.98 85.91
C PHE E 1819 -20.88 40.47 85.19
N VAL E 1820 -20.81 39.31 84.54
CA VAL E 1820 -21.88 38.89 83.63
C VAL E 1820 -23.26 38.89 84.28
N PRO E 1821 -23.47 38.26 85.44
CA PRO E 1821 -24.82 38.34 86.04
C PRO E 1821 -25.21 39.75 86.45
N LEU E 1822 -24.27 40.52 86.98
CA LEU E 1822 -24.59 41.88 87.40
C LEU E 1822 -24.97 42.75 86.21
N ILE E 1823 -24.21 42.67 85.12
CA ILE E 1823 -24.55 43.49 83.96
C ILE E 1823 -25.82 42.98 83.29
N LYS E 1824 -26.09 41.68 83.36
CA LYS E 1824 -27.38 41.18 82.87
C LYS E 1824 -28.53 41.77 83.66
N LEU E 1825 -28.42 41.80 84.98
CA LEU E 1825 -29.48 42.39 85.80
C LEU E 1825 -29.65 43.87 85.48
N PHE E 1826 -28.54 44.60 85.37
CA PHE E 1826 -28.62 46.02 85.05
C PHE E 1826 -29.23 46.24 83.67
N TYR E 1827 -28.88 45.39 82.70
CA TYR E 1827 -29.44 45.51 81.36
C TYR E 1827 -30.94 45.25 81.37
N THR E 1828 -31.40 44.24 82.11
CA THR E 1828 -32.83 43.98 82.18
C THR E 1828 -33.57 45.13 82.84
N LEU E 1829 -33.01 45.70 83.90
CA LEU E 1829 -33.64 46.86 84.52
C LEU E 1829 -33.69 48.04 83.55
N LEU E 1830 -32.62 48.24 82.79
CA LEU E 1830 -32.62 49.34 81.83
C LEU E 1830 -33.66 49.13 80.74
N ILE E 1831 -33.81 47.88 80.27
CA ILE E 1831 -34.86 47.59 79.29
C ILE E 1831 -36.23 47.89 79.87
N MET E 1832 -36.47 47.45 81.10
CA MET E 1832 -37.74 47.74 81.74
C MET E 1832 -37.92 49.23 82.03
N GLY E 1833 -36.84 50.01 81.96
CA GLY E 1833 -36.97 51.44 82.14
C GLY E 1833 -37.23 51.87 83.56
N ILE E 1834 -36.85 51.05 84.54
CA ILE E 1834 -37.05 51.40 85.94
C ILE E 1834 -36.22 52.63 86.30
N PHE E 1835 -34.95 52.65 85.86
CA PHE E 1835 -34.05 53.72 86.23
C PHE E 1835 -34.58 55.08 85.80
N HIS E 1836 -34.46 56.07 86.69
CA HIS E 1836 -34.87 57.43 86.40
C HIS E 1836 -33.68 58.21 85.87
N ASN E 1837 -33.88 59.52 85.65
CA ASN E 1837 -32.87 60.32 84.96
C ASN E 1837 -31.56 60.37 85.73
N GLU E 1838 -31.62 60.54 87.05
CA GLU E 1838 -30.40 60.58 87.85
C GLU E 1838 -29.67 59.24 87.81
N ASP E 1839 -30.42 58.14 87.87
CA ASP E 1839 -29.80 56.82 87.80
C ASP E 1839 -29.12 56.62 86.45
N LEU E 1840 -29.75 57.05 85.36
CA LEU E 1840 -29.11 56.97 84.06
C LEU E 1840 -27.86 57.83 84.00
N LYS E 1841 -27.91 59.01 84.61
CA LYS E 1841 -26.71 59.87 84.65
C LYS E 1841 -25.56 59.17 85.36
N HIS E 1842 -25.83 58.58 86.52
CA HIS E 1842 -24.78 57.87 87.25
C HIS E 1842 -24.28 56.67 86.47
N ILE E 1843 -25.19 55.95 85.80
CA ILE E 1843 -24.78 54.78 85.01
C ILE E 1843 -23.84 55.21 83.89
N LEU E 1844 -24.19 56.28 83.18
CA LEU E 1844 -23.34 56.76 82.09
C LEU E 1844 -22.00 57.26 82.62
N GLN E 1845 -22.02 57.94 83.77
CA GLN E 1845 -20.75 58.41 84.35
C GLN E 1845 -19.84 57.24 84.71
N LEU E 1846 -20.41 56.17 85.26
CA LEU E 1846 -19.57 55.05 85.67
C LEU E 1846 -19.08 54.24 84.48
N ILE E 1847 -19.92 54.07 83.45
CA ILE E 1847 -19.47 53.30 82.29
C ILE E 1847 -18.43 54.09 81.49
N GLU E 1848 -18.62 55.39 81.34
CA GLU E 1848 -17.69 56.23 80.59
C GLU E 1848 -17.81 57.66 81.10
N PRO E 1849 -16.90 58.09 81.98
CA PRO E 1849 -17.05 59.43 82.56
C PRO E 1849 -16.68 60.55 81.60
N SER E 1850 -15.68 60.33 80.73
CA SER E 1850 -15.20 61.42 79.88
C SER E 1850 -16.24 61.82 78.84
N VAL E 1851 -16.80 60.83 78.14
CA VAL E 1851 -17.75 61.14 77.06
C VAL E 1851 -19.05 61.67 77.63
N PHE E 1852 -19.57 61.04 78.68
CA PHE E 1852 -20.87 61.41 79.26
C PHE E 1852 -20.73 62.40 80.41
N LYS E 1853 -19.70 63.22 80.41
CA LYS E 1853 -19.50 64.22 81.46
C LYS E 1853 -20.53 65.34 81.30
N GLY E 1891 -15.07 53.89 83.29
CA GLY E 1891 -13.93 53.18 82.73
C GLY E 1891 -14.24 51.73 82.41
N LEU E 1892 -15.52 51.37 82.52
CA LEU E 1892 -15.92 49.98 82.27
C LEU E 1892 -15.59 49.56 80.85
N LEU E 1893 -15.77 50.46 79.88
CA LEU E 1893 -15.38 50.16 78.51
C LEU E 1893 -13.87 49.96 78.41
N GLN E 1894 -13.10 50.78 79.15
CA GLN E 1894 -11.65 50.76 79.04
C GLN E 1894 -11.01 49.58 79.76
N MET E 1895 -11.70 48.94 80.70
CA MET E 1895 -11.11 47.79 81.37
C MET E 1895 -10.93 46.62 80.39
N LYS E 1896 -10.08 45.68 80.79
CA LYS E 1896 -9.81 44.49 79.98
C LYS E 1896 -10.90 43.47 80.27
N LEU E 1897 -11.98 43.56 79.53
CA LEU E 1897 -13.17 42.75 79.67
C LEU E 1897 -13.02 41.42 78.96
N PRO E 1898 -13.67 40.37 79.47
CA PRO E 1898 -13.78 39.12 78.72
C PRO E 1898 -14.90 39.20 77.69
N GLU E 1899 -14.98 38.13 76.90
CA GLU E 1899 -15.93 38.11 75.78
C GLU E 1899 -17.38 38.20 76.22
N PRO E 1900 -17.87 37.41 77.19
CA PRO E 1900 -19.28 37.59 77.59
C PRO E 1900 -19.60 38.98 78.11
N VAL E 1901 -18.69 39.57 78.90
CA VAL E 1901 -18.93 40.90 79.44
C VAL E 1901 -19.01 41.92 78.32
N LYS E 1902 -18.05 41.87 77.38
CA LYS E 1902 -18.10 42.82 76.28
C LYS E 1902 -19.31 42.59 75.40
N LEU E 1903 -19.79 41.36 75.29
CA LEU E 1903 -21.03 41.11 74.57
C LEU E 1903 -22.22 41.78 75.26
N GLN E 1904 -22.29 41.66 76.58
CA GLN E 1904 -23.40 42.29 77.30
C GLN E 1904 -23.36 43.81 77.14
N MET E 1905 -22.17 44.41 77.21
CA MET E 1905 -22.13 45.85 77.01
C MET E 1905 -22.35 46.25 75.56
N CYS E 1906 -22.06 45.38 74.60
CA CYS E 1906 -22.49 45.64 73.23
C CYS E 1906 -24.01 45.70 73.15
N LEU E 1907 -24.70 44.77 73.82
CA LEU E 1907 -26.15 44.84 73.88
C LEU E 1907 -26.62 46.13 74.55
N LEU E 1908 -25.93 46.55 75.61
CA LEU E 1908 -26.29 47.78 76.29
C LEU E 1908 -26.16 48.99 75.35
N LEU E 1909 -25.05 49.07 74.61
CA LEU E 1909 -24.88 50.15 73.66
C LEU E 1909 -25.94 50.10 72.56
N GLN E 1910 -26.32 48.89 72.14
CA GLN E 1910 -27.38 48.76 71.16
C GLN E 1910 -28.69 49.30 71.70
N TYR E 1911 -28.99 49.03 72.97
CA TYR E 1911 -30.19 49.58 73.58
C TYR E 1911 -30.14 51.11 73.62
N LEU E 1912 -28.97 51.67 73.95
CA LEU E 1912 -28.83 53.13 73.95
C LEU E 1912 -29.08 53.70 72.56
N CYS E 1913 -28.55 53.05 71.52
CA CYS E 1913 -28.80 53.51 70.16
C CYS E 1913 -30.29 53.43 69.82
N ASP E 1914 -30.96 52.37 70.25
CA ASP E 1914 -32.40 52.24 69.99
C ASP E 1914 -33.19 53.35 70.67
N CYS E 1915 -32.84 53.68 71.91
CA CYS E 1915 -33.56 54.76 72.60
C CYS E 1915 -33.30 56.10 71.93
N GLN E 1916 -32.07 56.33 71.47
CA GLN E 1916 -31.77 57.56 70.75
C GLN E 1916 -32.59 57.65 69.46
N VAL E 1917 -32.70 56.54 68.73
CA VAL E 1917 -33.52 56.52 67.51
C VAL E 1917 -34.97 56.82 67.84
N ARG E 1918 -35.46 56.26 68.95
CA ARG E 1918 -36.84 56.53 69.35
C ARG E 1918 -37.06 58.00 69.64
N HIS E 1919 -36.11 58.64 70.31
CA HIS E 1919 -36.22 60.07 70.57
C HIS E 1919 -36.20 60.87 69.28
N ARG E 1920 -35.36 60.45 68.32
CA ARG E 1920 -35.35 61.10 67.01
C ARG E 1920 -36.71 60.99 66.34
N ILE E 1921 -37.33 59.81 66.40
CA ILE E 1921 -38.64 59.63 65.80
C ILE E 1921 -39.67 60.50 66.49
N GLU E 1922 -39.56 60.66 67.81
CA GLU E 1922 -40.48 61.54 68.52
C GLU E 1922 -40.36 62.99 68.02
N ALA E 1923 -39.12 63.47 67.87
CA ALA E 1923 -38.92 64.82 67.35
C ALA E 1923 -39.47 64.95 65.93
N ILE E 1924 -39.25 63.94 65.10
CA ILE E 1924 -39.77 63.95 63.73
C ILE E 1924 -41.29 64.01 63.75
N VAL E 1925 -41.93 63.26 64.65
CA VAL E 1925 -43.39 63.27 64.75
C VAL E 1925 -43.89 64.65 65.15
N ALA E 1926 -43.23 65.29 66.12
CA ALA E 1926 -43.65 66.63 66.53
C ALA E 1926 -43.57 67.62 65.38
N PHE E 1927 -42.41 67.68 64.72
CA PHE E 1927 -42.27 68.63 63.63
C PHE E 1927 -43.20 68.26 62.48
N SER E 1928 -43.45 66.98 62.25
CA SER E 1928 -44.39 66.57 61.22
C SER E 1928 -45.78 67.06 61.51
N ASP E 1929 -46.22 66.96 62.77
CA ASP E 1929 -47.51 67.51 63.15
C ASP E 1929 -47.60 68.99 62.82
N ASP E 1930 -46.62 69.77 63.29
CA ASP E 1930 -46.69 71.21 63.09
C ASP E 1930 -46.66 71.57 61.61
N PHE E 1931 -45.72 70.96 60.87
CA PHE E 1931 -45.55 71.28 59.47
C PHE E 1931 -46.77 70.87 58.66
N VAL E 1932 -47.36 69.70 58.95
CA VAL E 1932 -48.51 69.25 58.17
C VAL E 1932 -49.72 70.10 58.52
N ALA E 1933 -49.82 70.60 59.75
CA ALA E 1933 -50.89 71.54 60.06
C ALA E 1933 -50.77 72.80 59.21
N LYS E 1934 -49.57 73.40 59.19
CA LYS E 1934 -49.37 74.61 58.38
C LYS E 1934 -49.66 74.33 56.92
N LEU E 1935 -49.12 73.22 56.40
CA LEU E 1935 -49.29 72.91 54.98
C LEU E 1935 -50.75 72.66 54.63
N GLN E 1936 -51.48 71.97 55.51
CA GLN E 1936 -52.88 71.68 55.24
C GLN E 1936 -53.70 72.96 55.20
N ASP E 1937 -53.52 73.84 56.19
CA ASP E 1937 -54.31 75.08 56.19
C ASP E 1937 -53.95 75.94 54.98
N ASN E 1938 -52.66 76.04 54.65
CA ASN E 1938 -52.25 76.86 53.52
C ASN E 1938 -52.78 76.30 52.20
N GLN E 1939 -52.73 74.97 52.04
CA GLN E 1939 -53.20 74.37 50.80
C GLN E 1939 -54.71 74.52 50.66
N ARG E 1940 -55.45 74.38 51.75
CA ARG E 1940 -56.89 74.60 51.67
C ARG E 1940 -57.22 76.05 51.34
N PHE E 1941 -56.48 76.98 51.95
CA PHE E 1941 -56.70 78.40 51.63
C PHE E 1941 -56.40 78.69 50.17
N ARG E 1942 -55.30 78.15 49.64
CA ARG E 1942 -54.95 78.44 48.25
C ARG E 1942 -55.91 77.75 47.28
N TYR E 1943 -56.41 76.57 47.64
CA TYR E 1943 -57.40 75.92 46.79
C TYR E 1943 -58.70 76.72 46.77
N ASN E 1944 -59.12 77.25 47.92
CA ASN E 1944 -60.28 78.14 47.94
C ASN E 1944 -60.03 79.38 47.10
N GLU E 1945 -58.84 79.95 47.20
CA GLU E 1945 -58.52 81.14 46.40
C GLU E 1945 -58.57 80.85 44.92
N VAL E 1946 -58.04 79.69 44.50
CA VAL E 1946 -58.12 79.30 43.09
C VAL E 1946 -59.57 79.11 42.68
N MET E 1947 -60.38 78.51 43.55
CA MET E 1947 -61.79 78.33 43.23
C MET E 1947 -62.51 79.67 43.05
N GLN E 1948 -62.05 80.72 43.74
CA GLN E 1948 -62.68 82.02 43.65
C GLN E 1948 -62.48 82.69 42.29
N ALA E 1949 -61.62 82.15 41.43
CA ALA E 1949 -61.38 82.76 40.13
C ALA E 1949 -62.67 82.76 39.31
N LEU E 1950 -62.97 83.91 38.71
CA LEU E 1950 -64.20 84.05 37.93
C LEU E 1950 -64.14 83.26 36.64
N ASN E 1951 -63.00 83.28 35.96
CA ASN E 1951 -62.84 82.61 34.67
C ASN E 1951 -62.26 81.21 34.88
N MET E 1952 -62.84 80.24 34.20
CA MET E 1952 -62.37 78.86 34.23
C MET E 1952 -61.74 78.52 32.89
N SER E 1953 -60.49 78.06 32.92
CA SER E 1953 -59.74 77.80 31.70
C SER E 1953 -58.88 76.56 31.89
N ALA E 1954 -57.94 76.35 30.97
CA ALA E 1954 -57.05 75.20 31.04
C ALA E 1954 -56.19 75.26 32.30
N ALA E 1955 -55.67 76.45 32.64
CA ALA E 1955 -54.91 76.59 33.88
C ALA E 1955 -55.79 76.30 35.09
N LEU E 1956 -57.04 76.75 35.06
CA LEU E 1956 -57.94 76.51 36.19
C LEU E 1956 -58.22 75.03 36.37
N THR E 1957 -58.48 74.31 35.28
CA THR E 1957 -58.71 72.87 35.43
C THR E 1957 -57.42 72.13 35.79
N ALA E 1958 -56.27 72.66 35.37
CA ALA E 1958 -55.01 72.09 35.80
C ALA E 1958 -54.85 72.21 37.32
N ARG E 1959 -55.17 73.38 37.88
CA ARG E 1959 -55.13 73.54 39.33
C ARG E 1959 -56.20 72.70 40.02
N LYS E 1960 -57.36 72.52 39.38
CA LYS E 1960 -58.39 71.67 39.96
C LYS E 1960 -57.91 70.23 40.09
N THR E 1961 -57.27 69.70 39.04
CA THR E 1961 -56.66 68.38 39.14
C THR E 1961 -55.48 68.39 40.12
N ARG E 1962 -54.77 69.51 40.19
CA ARG E 1962 -53.63 69.66 41.10
C ARG E 1962 -54.05 69.48 42.56
N GLU E 1963 -55.19 70.07 42.93
CA GLU E 1963 -55.65 70.07 44.32
C GLU E 1963 -56.60 68.92 44.63
N PHE E 1964 -57.70 68.82 43.89
CA PHE E 1964 -58.79 67.94 44.28
C PHE E 1964 -58.64 66.52 43.72
N ARG E 1965 -58.34 66.40 42.42
CA ARG E 1965 -58.39 65.09 41.76
C ARG E 1965 -57.33 64.15 42.32
N SER E 1966 -56.13 64.66 42.60
CA SER E 1966 -55.05 63.80 43.04
C SER E 1966 -55.34 63.20 44.40
N PRO E 1967 -55.05 61.91 44.59
CA PRO E 1967 -55.27 61.27 45.89
C PRO E 1967 -54.38 61.87 46.96
N PRO E 1968 -54.74 61.74 48.24
CA PRO E 1968 -53.98 62.42 49.30
C PRO E 1968 -52.50 62.07 49.33
N GLN E 1969 -52.14 60.81 49.10
CA GLN E 1969 -50.73 60.44 49.06
C GLN E 1969 -50.01 61.12 47.91
N GLU E 1970 -50.66 61.20 46.74
CA GLU E 1970 -50.09 61.94 45.63
C GLU E 1970 -49.95 63.42 45.97
N GLN E 1971 -50.91 63.96 46.71
CA GLN E 1971 -50.81 65.36 47.15
C GLN E 1971 -49.60 65.56 48.04
N ILE E 1972 -49.36 64.63 48.97
CA ILE E 1972 -48.21 64.75 49.87
C ILE E 1972 -46.91 64.66 49.08
N ASN E 1973 -46.82 63.69 48.17
CA ASN E 1973 -45.60 63.56 47.36
C ASN E 1973 -45.38 64.81 46.50
N MET E 1974 -46.46 65.34 45.93
CA MET E 1974 -46.39 66.57 45.15
C MET E 1974 -45.93 67.74 46.01
N LEU E 1975 -46.44 67.85 47.24
CA LEU E 1975 -46.05 68.95 48.10
C LEU E 1975 -44.63 68.79 48.62
N LEU E 1976 -44.11 67.57 48.61
CA LEU E 1976 -42.74 67.30 49.05
C LEU E 1976 -41.78 67.08 47.88
N ASN E 1977 -42.19 67.37 46.64
CA ASN E 1977 -41.30 67.19 45.50
C ASN E 1977 -40.14 68.18 45.48
N PHE E 1978 -40.15 69.19 46.35
CA PHE E 1978 -39.16 70.26 46.30
C PHE E 1978 -37.85 69.89 47.01
N LYS E 1979 -37.57 68.60 47.15
CA LYS E 1979 -36.30 68.19 47.73
C LYS E 1979 -35.12 68.80 46.99
N ASP E 1980 -35.17 68.76 45.66
CA ASP E 1980 -34.15 69.45 44.87
C ASP E 1980 -34.40 70.95 44.89
N ASP E 1981 -33.36 71.70 44.52
CA ASP E 1981 -33.42 73.16 44.57
C ASP E 1981 -34.38 73.68 43.52
N LYS E 1982 -35.52 74.21 43.97
CA LYS E 1982 -36.53 74.82 43.10
C LYS E 1982 -37.00 73.85 42.00
N SER E 1983 -37.37 72.64 42.44
CA SER E 1983 -37.82 71.60 41.52
C SER E 1983 -39.35 71.51 41.62
N GLU E 1984 -40.02 72.40 40.89
CA GLU E 1984 -41.48 72.44 40.83
C GLU E 1984 -42.09 72.48 42.24
N CYS E 1985 -41.60 73.41 43.05
CA CYS E 1985 -42.05 73.52 44.42
C CYS E 1985 -43.49 74.03 44.47
N PRO E 1986 -44.22 73.72 45.56
CA PRO E 1986 -45.56 74.27 45.71
C PRO E 1986 -45.54 75.78 45.95
N CYS E 1987 -46.71 76.38 46.09
CA CYS E 1987 -46.78 77.83 46.27
C CYS E 1987 -46.02 78.33 47.50
N PRO E 1988 -46.17 77.74 48.69
CA PRO E 1988 -45.40 78.24 49.84
C PRO E 1988 -43.91 78.01 49.69
N GLU E 1989 -43.14 78.91 50.28
CA GLU E 1989 -41.68 78.80 50.36
C GLU E 1989 -41.13 78.97 51.76
N GLU E 1990 -41.85 79.67 52.65
CA GLU E 1990 -41.45 79.72 54.06
C GLU E 1990 -41.45 78.32 54.66
N ILE E 1991 -42.45 77.51 54.32
CA ILE E 1991 -42.46 76.13 54.80
C ILE E 1991 -41.34 75.33 54.15
N ARG E 1992 -40.96 75.67 52.91
CA ARG E 1992 -39.79 75.03 52.32
C ARG E 1992 -38.55 75.31 53.14
N ASP E 1993 -38.35 76.57 53.53
CA ASP E 1993 -37.20 76.93 54.35
C ASP E 1993 -37.25 76.21 55.69
N GLN E 1994 -38.43 76.17 56.32
CA GLN E 1994 -38.57 75.51 57.62
C GLN E 1994 -38.25 74.01 57.52
N LEU E 1995 -38.76 73.35 56.48
CA LEU E 1995 -38.52 71.93 56.33
C LEU E 1995 -37.05 71.66 56.00
N LEU E 1996 -36.42 72.53 55.21
CA LEU E 1996 -34.99 72.37 54.96
C LEU E 1996 -34.19 72.51 56.25
N ASP E 1997 -34.55 73.48 57.08
CA ASP E 1997 -33.86 73.64 58.36
C ASP E 1997 -34.05 72.43 59.26
N PHE E 1998 -35.28 71.90 59.30
CA PHE E 1998 -35.53 70.71 60.10
C PHE E 1998 -34.74 69.52 59.58
N HIS E 1999 -34.69 69.34 58.26
CA HIS E 1999 -33.91 68.25 57.72
C HIS E 1999 -32.44 68.40 58.04
N GLU E 2000 -31.92 69.63 57.97
CA GLU E 2000 -30.52 69.87 58.31
C GLU E 2000 -30.24 69.50 59.77
N ASP E 2001 -31.10 69.94 60.69
CA ASP E 2001 -30.84 69.63 62.09
C ASP E 2001 -31.06 68.15 62.40
N LEU E 2002 -31.97 67.50 61.67
CA LEU E 2002 -32.13 66.05 61.80
C LEU E 2002 -30.87 65.32 61.34
N MET E 2003 -30.29 65.75 60.22
CA MET E 2003 -29.02 65.17 59.77
C MET E 2003 -27.94 65.39 60.81
N THR E 2004 -27.88 66.59 61.39
CA THR E 2004 -26.88 66.87 62.41
C THR E 2004 -27.07 65.98 63.63
N HIS E 2005 -28.32 65.78 64.06
CA HIS E 2005 -28.58 64.86 65.17
C HIS E 2005 -28.20 63.44 64.82
N CYS E 2006 -28.37 63.05 63.56
CA CYS E 2006 -27.92 61.74 63.09
C CYS E 2006 -26.42 61.80 62.83
N GLY E 2007 -25.89 60.75 62.19
CA GLY E 2007 -24.46 60.72 61.92
C GLY E 2007 -23.98 61.82 61.00
N ILE E 2008 -24.83 62.22 60.05
CA ILE E 2008 -24.46 63.25 59.08
C ILE E 2008 -24.46 64.64 59.71
N SER E 2056 -21.47 62.89 72.11
CA SER E 2056 -20.67 62.14 71.15
C SER E 2056 -20.67 60.65 71.50
N LEU E 2057 -21.76 59.97 71.16
CA LEU E 2057 -21.89 58.55 71.48
C LEU E 2057 -21.41 57.64 70.35
N GLN E 2058 -21.74 57.99 69.10
CA GLN E 2058 -21.38 57.11 67.99
C GLN E 2058 -19.87 57.01 67.82
N GLN E 2059 -19.16 58.14 67.94
CA GLN E 2059 -17.71 58.10 67.83
C GLN E 2059 -17.10 57.25 68.93
N LEU E 2060 -17.60 57.38 70.16
CA LEU E 2060 -17.09 56.56 71.26
C LEU E 2060 -17.32 55.08 70.99
N ILE E 2061 -18.53 54.73 70.54
CA ILE E 2061 -18.85 53.33 70.29
C ILE E 2061 -17.96 52.76 69.19
N SER E 2062 -17.80 53.51 68.09
CA SER E 2062 -16.96 53.04 66.99
C SER E 2062 -15.51 52.89 67.44
N GLU E 2063 -14.99 53.86 68.20
CA GLU E 2063 -13.61 53.78 68.66
C GLU E 2063 -13.41 52.57 69.57
N THR E 2064 -14.33 52.33 70.51
CA THR E 2064 -14.19 51.18 71.38
C THR E 2064 -14.27 49.88 70.59
N MET E 2065 -15.16 49.81 69.60
CA MET E 2065 -15.28 48.58 68.82
C MET E 2065 -14.03 48.30 68.01
N VAL E 2066 -13.48 49.32 67.33
CA VAL E 2066 -12.28 49.09 66.55
C VAL E 2066 -11.10 48.76 67.46
N ARG E 2067 -11.04 49.38 68.64
CA ARG E 2067 -9.97 49.07 69.58
C ARG E 2067 -10.04 47.62 70.03
N TRP E 2068 -11.24 47.16 70.42
CA TRP E 2068 -11.39 45.78 70.84
C TRP E 2068 -11.07 44.81 69.71
N ALA E 2069 -11.51 45.12 68.49
CA ALA E 2069 -11.22 44.26 67.36
C ALA E 2069 -9.72 44.16 67.10
N GLN E 2070 -9.02 45.29 67.21
CA GLN E 2070 -7.58 45.28 66.99
C GLN E 2070 -6.81 44.67 68.15
N GLU E 2071 -7.40 44.58 69.34
CA GLU E 2071 -6.69 44.02 70.49
C GLU E 2071 -6.22 42.60 70.23
N SER E 2072 -7.15 41.72 69.82
CA SER E 2072 -6.80 40.32 69.63
C SER E 2072 -7.88 39.65 68.79
N VAL E 2073 -7.58 38.43 68.35
CA VAL E 2073 -8.53 37.64 67.59
C VAL E 2073 -9.69 37.22 68.49
N ILE E 2074 -10.91 37.35 67.97
CA ILE E 2074 -12.12 37.05 68.73
C ILE E 2074 -12.68 35.72 68.28
N GLU E 2075 -13.04 34.87 69.24
CA GLU E 2075 -13.43 33.50 68.94
C GLU E 2075 -14.93 33.27 68.88
N ASP E 2076 -15.73 34.20 69.41
CA ASP E 2076 -17.18 33.98 69.48
C ASP E 2076 -17.85 34.55 68.25
N PRO E 2077 -18.42 33.72 67.37
CA PRO E 2077 -19.11 34.26 66.19
C PRO E 2077 -20.27 35.18 66.55
N GLU E 2078 -21.02 34.87 67.60
CA GLU E 2078 -22.11 35.74 68.02
C GLU E 2078 -21.57 37.09 68.48
N LEU E 2079 -20.47 37.08 69.24
CA LEU E 2079 -19.86 38.33 69.66
C LEU E 2079 -19.42 39.15 68.46
N VAL E 2080 -18.80 38.51 67.46
CA VAL E 2080 -18.35 39.23 66.28
C VAL E 2080 -19.53 39.81 65.52
N ARG E 2081 -20.61 39.03 65.39
CA ARG E 2081 -21.79 39.50 64.68
C ARG E 2081 -22.40 40.72 65.38
N ALA E 2082 -22.56 40.64 66.70
CA ALA E 2082 -23.10 41.77 67.45
C ALA E 2082 -22.19 42.98 67.32
N MET E 2083 -20.88 42.75 67.41
CA MET E 2083 -19.89 43.81 67.27
C MET E 2083 -20.08 44.55 65.96
N PHE E 2084 -20.15 43.81 64.86
CA PHE E 2084 -20.20 44.44 63.55
C PHE E 2084 -21.55 45.04 63.24
N VAL E 2085 -22.66 44.45 63.71
CA VAL E 2085 -23.95 45.09 63.50
C VAL E 2085 -24.02 46.41 64.28
N LEU E 2086 -23.46 46.43 65.49
CA LEU E 2086 -23.45 47.68 66.25
C LEU E 2086 -22.56 48.72 65.57
N LEU E 2087 -21.40 48.31 65.06
CA LEU E 2087 -20.53 49.25 64.35
C LEU E 2087 -21.22 49.79 63.10
N HIS E 2088 -21.90 48.93 62.36
CA HIS E 2088 -22.60 49.38 61.17
C HIS E 2088 -23.73 50.35 61.51
N ARG E 2089 -24.46 50.08 62.59
CA ARG E 2089 -25.54 50.99 62.95
C ARG E 2089 -24.99 52.33 63.44
N GLN E 2090 -23.80 52.34 64.05
CA GLN E 2090 -23.17 53.62 64.36
C GLN E 2090 -22.78 54.37 63.09
N TYR E 2091 -22.18 53.66 62.12
CA TYR E 2091 -21.75 54.34 60.91
C TYR E 2091 -22.90 54.75 60.01
N ASP E 2092 -24.06 54.11 60.12
CA ASP E 2092 -25.23 54.41 59.31
C ASP E 2092 -26.43 54.59 60.23
N GLY E 2093 -26.68 55.84 60.64
CA GLY E 2093 -27.89 56.14 61.38
C GLY E 2093 -29.12 56.32 60.51
N ILE E 2094 -28.92 56.47 59.20
CA ILE E 2094 -30.05 56.62 58.29
C ILE E 2094 -30.81 55.32 58.15
N GLY E 2095 -30.10 54.18 58.25
CA GLY E 2095 -30.77 52.89 58.16
C GLY E 2095 -31.85 52.72 59.20
N GLY E 2096 -31.57 53.17 60.43
CA GLY E 2096 -32.60 53.13 61.47
C GLY E 2096 -33.82 53.93 61.08
N LEU E 2097 -33.62 55.11 60.49
CA LEU E 2097 -34.76 55.93 60.09
C LEU E 2097 -35.56 55.26 58.98
N VAL E 2098 -34.89 54.76 57.95
CA VAL E 2098 -35.64 54.16 56.84
C VAL E 2098 -36.28 52.84 57.25
N ARG E 2099 -35.78 52.18 58.30
CA ARG E 2099 -36.41 50.96 58.76
C ARG E 2099 -37.42 51.19 59.87
N ALA E 2100 -37.48 52.38 60.45
CA ALA E 2100 -38.41 52.67 61.53
C ALA E 2100 -39.58 53.55 61.11
N LEU E 2101 -39.37 54.52 60.22
CA LEU E 2101 -40.47 55.35 59.76
C LEU E 2101 -41.61 54.55 59.13
N PRO E 2102 -41.38 53.49 58.36
CA PRO E 2102 -42.52 52.66 57.93
C PRO E 2102 -43.34 52.12 59.09
N LYS E 2103 -42.71 51.83 60.23
CA LYS E 2103 -43.43 51.27 61.37
C LYS E 2103 -43.91 52.32 62.36
N THR E 2104 -43.56 53.59 62.19
CA THR E 2104 -44.05 54.61 63.11
C THR E 2104 -45.48 55.01 62.74
N TYR E 2105 -46.22 55.48 63.73
CA TYR E 2105 -47.61 55.85 63.54
C TYR E 2105 -48.00 56.85 64.61
N THR E 2106 -48.98 57.69 64.29
CA THR E 2106 -49.50 58.70 65.21
C THR E 2106 -50.97 58.43 65.45
N ILE E 2107 -51.34 58.28 66.72
CA ILE E 2107 -52.73 58.04 67.11
C ILE E 2107 -53.24 59.26 67.85
N ASN E 2108 -54.54 59.52 67.71
CA ASN E 2108 -55.15 60.64 68.39
C ASN E 2108 -55.18 60.42 69.89
N GLY E 2109 -55.18 61.52 70.65
CA GLY E 2109 -55.16 61.44 72.10
C GLY E 2109 -56.43 60.90 72.69
N VAL E 2110 -57.53 60.90 71.93
CA VAL E 2110 -58.81 60.41 72.45
C VAL E 2110 -58.78 58.89 72.64
N SER E 2111 -58.14 58.17 71.71
CA SER E 2111 -58.16 56.71 71.71
C SER E 2111 -56.87 56.12 72.29
N VAL E 2112 -56.23 56.82 73.22
CA VAL E 2112 -54.99 56.31 73.81
C VAL E 2112 -55.25 55.03 74.59
N GLU E 2113 -56.35 54.99 75.37
CA GLU E 2113 -56.65 53.79 76.14
C GLU E 2113 -56.98 52.62 75.21
N ASP E 2114 -57.70 52.88 74.12
CA ASP E 2114 -58.00 51.82 73.16
C ASP E 2114 -56.73 51.30 72.51
N THR E 2115 -55.82 52.19 72.16
CA THR E 2115 -54.54 51.76 71.59
C THR E 2115 -53.75 50.93 72.59
N ILE E 2116 -53.76 51.33 73.86
CA ILE E 2116 -53.05 50.58 74.88
C ILE E 2116 -53.65 49.18 75.03
N ASN E 2117 -54.98 49.08 75.04
CA ASN E 2117 -55.61 47.78 75.14
C ASN E 2117 -55.28 46.91 73.93
N LEU E 2118 -55.29 47.51 72.73
CA LEU E 2118 -54.93 46.76 71.52
C LEU E 2118 -53.50 46.24 71.61
N LEU E 2119 -52.58 47.09 72.05
CA LEU E 2119 -51.18 46.66 72.18
C LEU E 2119 -51.03 45.57 73.24
N ALA E 2120 -51.78 45.67 74.33
CA ALA E 2120 -51.72 44.63 75.36
C ALA E 2120 -52.21 43.29 74.81
N SER E 2121 -53.32 43.31 74.07
CA SER E 2121 -53.82 42.08 73.47
C SER E 2121 -52.83 41.50 72.47
N LEU E 2122 -52.23 42.36 71.66
CA LEU E 2122 -51.22 41.91 70.71
C LEU E 2122 -50.01 41.31 71.42
N GLY E 2123 -49.58 41.93 72.51
CA GLY E 2123 -48.49 41.36 73.28
C GLY E 2123 -48.82 40.01 73.86
N GLN E 2124 -50.06 39.85 74.35
CA GLN E 2124 -50.48 38.55 74.85
C GLN E 2124 -50.45 37.49 73.75
N ILE E 2125 -50.94 37.84 72.55
CA ILE E 2125 -50.93 36.88 71.45
C ILE E 2125 -49.49 36.51 71.08
N ARG E 2126 -48.60 37.50 71.00
CA ARG E 2126 -47.22 37.22 70.66
C ARG E 2126 -46.56 36.34 71.72
N SER E 2127 -46.82 36.62 72.99
CA SER E 2127 -46.24 35.80 74.06
C SER E 2127 -46.75 34.37 74.00
N LEU E 2128 -48.05 34.19 73.77
CA LEU E 2128 -48.60 32.85 73.66
C LEU E 2128 -48.12 32.14 72.40
N LEU E 2129 -47.66 32.88 71.40
CA LEU E 2129 -47.10 32.24 70.21
C LEU E 2129 -45.87 31.41 70.54
N SER E 2130 -45.06 31.84 71.50
CA SER E 2130 -43.80 31.16 71.78
C SER E 2130 -44.02 29.81 72.44
N VAL E 2131 -44.98 29.72 73.36
CA VAL E 2131 -45.18 28.51 74.15
C VAL E 2131 -45.78 27.41 73.31
N ARG E 2132 -45.71 26.18 73.81
CA ARG E 2132 -46.29 25.05 73.09
C ARG E 2132 -47.81 25.18 73.07
N MET E 2133 -48.43 24.47 72.13
CA MET E 2133 -49.85 24.59 71.89
C MET E 2133 -50.66 23.58 72.71
N GLY E 2134 -51.80 24.05 73.22
CA GLY E 2134 -52.71 23.23 74.02
C GLY E 2134 -54.08 23.88 74.07
N LYS E 2135 -54.99 23.24 74.80
CA LYS E 2135 -56.37 23.72 74.85
C LYS E 2135 -56.46 25.07 75.56
N GLU E 2136 -55.76 25.21 76.68
CA GLU E 2136 -55.75 26.50 77.37
C GLU E 2136 -55.17 27.58 76.47
N GLU E 2137 -54.12 27.24 75.72
CA GLU E 2137 -53.52 28.20 74.80
C GLU E 2137 -54.53 28.63 73.74
N GLU E 2138 -55.27 27.68 73.16
CA GLU E 2138 -56.22 28.07 72.13
C GLU E 2138 -57.35 28.90 72.71
N LYS E 2139 -57.77 28.61 73.95
CA LYS E 2139 -58.80 29.45 74.57
C LYS E 2139 -58.30 30.87 74.76
N LEU E 2140 -57.05 31.03 75.21
CA LEU E 2140 -56.49 32.37 75.38
C LEU E 2140 -56.37 33.09 74.05
N MET E 2141 -55.93 32.40 72.99
CA MET E 2141 -55.86 33.05 71.69
C MET E 2141 -57.24 33.46 71.17
N ILE E 2142 -58.25 32.61 71.38
CA ILE E 2142 -59.60 32.94 70.95
C ILE E 2142 -60.10 34.17 71.69
N ARG E 2143 -59.86 34.24 73.00
CA ARG E 2143 -60.27 35.41 73.77
C ARG E 2143 -59.56 36.67 73.27
N GLY E 2144 -58.25 36.55 73.01
CA GLY E 2144 -57.52 37.71 72.50
C GLY E 2144 -58.02 38.17 71.15
N LEU E 2145 -58.30 37.23 70.24
CA LEU E 2145 -58.83 37.61 68.94
C LEU E 2145 -60.21 38.24 69.07
N GLY E 2146 -61.04 37.75 69.99
CA GLY E 2146 -62.33 38.37 70.22
C GLY E 2146 -62.19 39.80 70.71
N ASP E 2147 -61.25 40.04 71.63
CA ASP E 2147 -60.97 41.41 72.06
C ASP E 2147 -60.49 42.26 70.89
N ILE E 2148 -59.69 41.66 70.00
CA ILE E 2148 -59.20 42.39 68.84
C ILE E 2148 -60.37 42.82 67.95
N MET E 2149 -61.31 41.91 67.69
CA MET E 2149 -62.48 42.28 66.91
C MET E 2149 -63.27 43.38 67.61
N ASN E 2150 -63.49 43.24 68.91
CA ASN E 2150 -64.31 44.20 69.64
C ASN E 2150 -63.66 45.57 69.72
N ASN E 2151 -62.33 45.65 69.66
CA ASN E 2151 -61.65 46.93 69.73
C ASN E 2151 -62.00 47.77 68.50
N LYS E 2152 -62.30 49.05 68.71
CA LYS E 2152 -62.69 49.92 67.61
C LYS E 2152 -61.50 50.42 66.80
N VAL E 2153 -60.28 50.30 67.33
CA VAL E 2153 -59.10 50.74 66.58
C VAL E 2153 -58.92 49.91 65.33
N PHE E 2154 -59.34 48.64 65.36
CA PHE E 2154 -59.20 47.79 64.19
C PHE E 2154 -59.98 48.35 63.01
N TYR E 2155 -61.20 48.83 63.25
CA TYR E 2155 -61.98 49.43 62.17
C TYR E 2155 -61.39 50.76 61.72
N GLN E 2156 -60.96 51.58 62.67
CA GLN E 2156 -60.65 52.97 62.36
C GLN E 2156 -59.34 53.12 61.60
N HIS E 2157 -58.31 52.35 61.98
CA HIS E 2157 -56.96 52.53 61.45
C HIS E 2157 -56.45 51.23 60.86
N PRO E 2158 -56.91 50.85 59.66
CA PRO E 2158 -56.31 49.69 58.99
C PRO E 2158 -54.84 49.87 58.68
N ASN E 2159 -54.39 51.11 58.45
CA ASN E 2159 -52.98 51.36 58.17
C ASN E 2159 -52.12 51.01 59.39
N LEU E 2160 -52.51 51.50 60.57
CA LEU E 2160 -51.84 51.10 61.80
C LEU E 2160 -51.98 49.61 62.04
N MET E 2161 -53.12 49.05 61.66
CA MET E 2161 -53.38 47.62 61.88
C MET E 2161 -52.34 46.80 61.13
N ARG E 2162 -52.12 47.15 59.87
CA ARG E 2162 -51.12 46.47 59.04
C ARG E 2162 -49.70 46.81 59.49
N ALA E 2163 -49.47 48.04 59.96
CA ALA E 2163 -48.13 48.41 60.41
C ALA E 2163 -47.71 47.57 61.62
N LEU E 2164 -48.63 47.37 62.57
CA LEU E 2164 -48.37 46.40 63.62
C LEU E 2164 -48.23 45.00 63.03
N GLY E 2165 -49.05 44.67 62.04
CA GLY E 2165 -48.81 43.48 61.24
C GLY E 2165 -48.92 42.16 61.96
N MET E 2166 -49.96 41.98 62.78
CA MET E 2166 -50.22 40.69 63.38
C MET E 2166 -51.05 39.77 62.50
N HIS E 2167 -51.37 40.17 61.27
CA HIS E 2167 -51.81 39.18 60.30
C HIS E 2167 -50.73 38.14 60.08
N GLU E 2168 -49.47 38.58 60.07
CA GLU E 2168 -48.35 37.64 59.98
C GLU E 2168 -48.30 36.72 61.20
N THR E 2169 -48.55 37.26 62.39
CA THR E 2169 -48.54 36.42 63.59
C THR E 2169 -49.67 35.42 63.57
N VAL E 2170 -50.85 35.84 63.09
CA VAL E 2170 -51.97 34.92 62.98
C VAL E 2170 -51.67 33.83 61.95
N MET E 2171 -51.00 34.19 60.86
CA MET E 2171 -50.57 33.18 59.89
C MET E 2171 -49.55 32.23 60.52
N GLU E 2172 -48.67 32.76 61.36
CA GLU E 2172 -47.72 31.90 62.07
C GLU E 2172 -48.43 30.92 62.98
N VAL E 2173 -49.43 31.39 63.72
CA VAL E 2173 -50.25 30.50 64.55
C VAL E 2173 -50.93 29.46 63.68
N MET E 2174 -51.43 29.88 62.52
CA MET E 2174 -52.09 28.97 61.60
C MET E 2174 -51.16 27.85 61.15
N VAL E 2175 -49.97 28.21 60.70
CA VAL E 2175 -49.03 27.20 60.20
C VAL E 2175 -48.57 26.30 61.34
N ASN E 2176 -48.38 26.87 62.54
CA ASN E 2176 -48.00 26.06 63.68
C ASN E 2176 -49.08 25.03 63.98
N VAL E 2177 -50.35 25.45 63.94
CA VAL E 2177 -51.44 24.54 64.25
C VAL E 2177 -51.55 23.44 63.20
N LEU E 2178 -51.51 23.81 61.92
CA LEU E 2178 -51.87 22.87 60.86
C LEU E 2178 -50.68 22.27 60.12
N GLY E 2179 -49.46 22.48 60.60
CA GLY E 2179 -48.31 21.82 59.97
C GLY E 2179 -48.43 20.31 60.00
N GLY E 2180 -48.77 19.75 61.15
CA GLY E 2180 -49.04 18.33 61.22
C GLY E 2180 -50.32 17.95 60.49
N GLY E 2181 -51.36 18.78 60.60
CA GLY E 2181 -52.63 18.47 59.98
C GLY E 2181 -52.55 18.39 58.47
N GLU E 2182 -51.59 19.08 57.86
CA GLU E 2182 -51.38 18.94 56.42
C GLU E 2182 -51.09 17.50 56.05
N SER E 2183 -50.17 16.86 56.80
CA SER E 2183 -49.93 15.43 56.59
C SER E 2183 -51.14 14.60 57.00
N LYS E 2184 -51.64 14.82 58.22
CA LYS E 2184 -52.77 14.07 58.76
C LYS E 2184 -53.12 14.62 60.14
N GLU E 2185 -54.34 14.28 60.59
CA GLU E 2185 -54.77 14.49 61.98
C GLU E 2185 -54.67 15.98 62.32
N ILE E 2186 -55.57 16.75 61.71
CA ILE E 2186 -55.65 18.18 61.95
C ILE E 2186 -56.23 18.44 63.34
N THR E 2187 -55.61 19.38 64.07
CA THR E 2187 -56.03 19.73 65.41
C THR E 2187 -56.57 21.15 65.47
N PHE E 2188 -57.24 21.44 66.58
CA PHE E 2188 -57.78 22.77 66.86
C PHE E 2188 -58.66 23.30 65.72
N PRO E 2189 -59.72 22.59 65.36
CA PRO E 2189 -60.62 23.12 64.32
C PRO E 2189 -61.24 24.45 64.70
N LYS E 2190 -61.56 24.63 65.98
CA LYS E 2190 -62.15 25.89 66.41
C LYS E 2190 -61.18 27.05 66.21
N MET E 2191 -59.91 26.87 66.59
CA MET E 2191 -58.96 27.96 66.39
C MET E 2191 -58.63 28.19 64.92
N VAL E 2192 -58.55 27.13 64.12
CA VAL E 2192 -58.28 27.41 62.72
C VAL E 2192 -59.47 28.15 62.10
N ALA E 2193 -60.69 27.84 62.53
CA ALA E 2193 -61.85 28.60 62.07
C ALA E 2193 -61.77 30.06 62.53
N ASN E 2194 -61.36 30.29 63.78
CA ASN E 2194 -61.24 31.65 64.28
C ASN E 2194 -60.19 32.43 63.50
N CYS E 2195 -59.06 31.79 63.19
CA CYS E 2195 -58.03 32.44 62.40
C CYS E 2195 -58.54 32.78 61.00
N CYS E 2196 -59.29 31.86 60.40
CA CYS E 2196 -59.87 32.14 59.08
C CYS E 2196 -60.81 33.34 59.15
N ARG E 2197 -61.66 33.39 60.16
CA ARG E 2197 -62.59 34.52 60.29
C ARG E 2197 -61.84 35.82 60.51
N PHE E 2198 -60.79 35.79 61.34
CA PHE E 2198 -60.01 37.00 61.58
C PHE E 2198 -59.34 37.48 60.29
N LEU E 2199 -58.76 36.56 59.53
CA LEU E 2199 -58.11 36.95 58.28
C LEU E 2199 -59.11 37.49 57.28
N CYS E 2200 -60.28 36.85 57.16
CA CYS E 2200 -61.30 37.35 56.24
C CYS E 2200 -61.76 38.74 56.63
N TYR E 2201 -61.99 38.97 57.92
CA TYR E 2201 -62.42 40.29 58.37
C TYR E 2201 -61.32 41.34 58.15
N PHE E 2202 -60.07 40.95 58.38
CA PHE E 2202 -58.95 41.85 58.14
C PHE E 2202 -58.84 42.21 56.66
N CYS E 2203 -59.07 41.25 55.77
CA CYS E 2203 -59.09 41.54 54.35
C CYS E 2203 -60.25 42.45 53.98
N ARG E 2204 -61.41 42.22 54.60
CA ARG E 2204 -62.60 42.96 54.20
C ARG E 2204 -62.61 44.40 54.69
N ILE E 2205 -61.89 44.71 55.78
CA ILE E 2205 -61.96 46.09 56.30
C ILE E 2205 -61.38 47.08 55.30
N SER E 2206 -60.29 46.71 54.62
CA SER E 2206 -59.59 47.66 53.78
C SER E 2206 -59.08 46.99 52.51
N ARG E 2207 -58.87 47.80 51.47
CA ARG E 2207 -58.40 47.28 50.19
C ARG E 2207 -56.93 46.89 50.26
N GLN E 2208 -56.09 47.75 50.86
CA GLN E 2208 -54.66 47.45 50.91
C GLN E 2208 -54.37 46.23 51.78
N ASN E 2209 -55.23 45.96 52.76
CA ASN E 2209 -55.07 44.74 53.55
C ASN E 2209 -55.28 43.50 52.70
N GLN E 2210 -56.18 43.57 51.72
CA GLN E 2210 -56.35 42.47 50.80
C GLN E 2210 -55.09 42.21 50.01
N LYS E 2211 -54.44 43.27 49.52
CA LYS E 2211 -53.18 43.11 48.81
C LYS E 2211 -52.10 42.56 49.73
N ALA E 2212 -52.08 43.01 50.98
CA ALA E 2212 -51.09 42.52 51.93
C ALA E 2212 -51.27 41.03 52.19
N MET E 2213 -52.52 40.57 52.28
CA MET E 2213 -52.79 39.17 52.53
C MET E 2213 -52.67 38.31 51.27
N PHE E 2214 -52.70 38.92 50.09
CA PHE E 2214 -52.60 38.15 48.85
C PHE E 2214 -51.29 37.37 48.78
N ASP E 2215 -50.21 37.90 49.35
CA ASP E 2215 -48.91 37.26 49.21
C ASP E 2215 -48.92 35.83 49.77
N HIS E 2216 -49.75 35.56 50.77
CA HIS E 2216 -49.88 34.22 51.34
C HIS E 2216 -50.90 33.35 50.60
N LEU E 2217 -51.29 33.74 49.38
CA LEU E 2217 -52.28 32.97 48.64
C LEU E 2217 -51.79 31.56 48.34
N SER E 2218 -50.50 31.44 47.99
CA SER E 2218 -49.97 30.14 47.62
C SER E 2218 -50.08 29.14 48.76
N TYR E 2219 -49.76 29.57 49.99
CA TYR E 2219 -49.80 28.66 51.13
C TYR E 2219 -51.23 28.22 51.44
N LEU E 2220 -52.19 29.15 51.36
CA LEU E 2220 -53.57 28.81 51.72
C LEU E 2220 -54.14 27.75 50.80
N LEU E 2221 -53.87 27.86 49.50
CA LEU E 2221 -54.42 26.89 48.55
C LEU E 2221 -53.78 25.52 48.70
N GLU E 2222 -52.56 25.44 49.25
CA GLU E 2222 -51.94 24.14 49.46
C GLU E 2222 -52.73 23.30 50.45
N ASN E 2223 -53.22 23.92 51.53
CA ASN E 2223 -53.98 23.23 52.56
C ASN E 2223 -55.44 23.65 52.58
N SER E 2224 -55.96 24.17 51.47
CA SER E 2224 -57.37 24.53 51.39
C SER E 2224 -58.30 23.33 51.49
N SER E 2225 -57.77 22.10 51.36
CA SER E 2225 -58.60 20.92 51.49
C SER E 2225 -59.18 20.82 52.90
N VAL E 2226 -58.39 21.16 53.92
CA VAL E 2226 -58.89 21.13 55.28
C VAL E 2226 -59.96 22.20 55.49
N GLY E 2227 -60.83 21.97 56.46
CA GLY E 2227 -61.91 22.88 56.75
C GLY E 2227 -63.10 22.79 55.83
N LEU E 2228 -63.10 21.84 54.90
CA LEU E 2228 -64.20 21.66 53.96
C LEU E 2228 -65.18 20.62 54.49
N ALA E 2229 -66.27 20.42 53.75
CA ALA E 2229 -67.31 19.45 54.09
C ALA E 2229 -67.86 19.69 55.50
N SER E 2230 -68.06 20.95 55.85
CA SER E 2230 -68.60 21.31 57.15
C SER E 2230 -69.49 22.55 57.01
N PRO E 2231 -70.78 22.43 57.32
CA PRO E 2231 -71.67 23.61 57.20
C PRO E 2231 -71.27 24.77 58.10
N ALA E 2232 -70.73 24.47 59.30
CA ALA E 2232 -70.31 25.55 60.19
C ALA E 2232 -69.06 26.24 59.67
N MET E 2233 -68.18 25.52 58.97
CA MET E 2233 -66.99 26.09 58.38
C MET E 2233 -67.26 26.76 57.03
N ARG E 2234 -68.50 27.15 56.77
CA ARG E 2234 -68.81 27.79 55.49
C ARG E 2234 -68.08 29.11 55.35
N GLY E 2235 -67.97 29.88 56.43
CA GLY E 2235 -67.27 31.14 56.43
C GLY E 2235 -65.89 31.12 57.07
N SER E 2236 -65.34 29.95 57.37
CA SER E 2236 -64.04 29.85 58.05
C SER E 2236 -63.27 28.68 57.46
N THR E 2237 -62.42 28.97 56.48
CA THR E 2237 -61.64 27.95 55.78
C THR E 2237 -60.47 28.65 55.10
N PRO E 2238 -59.31 27.99 55.00
CA PRO E 2238 -58.23 28.56 54.19
C PRO E 2238 -58.67 28.90 52.77
N LEU E 2239 -59.53 28.08 52.18
CA LEU E 2239 -60.10 28.42 50.89
C LEU E 2239 -60.95 29.68 50.96
N ASP E 2240 -61.69 29.84 52.07
CA ASP E 2240 -62.52 31.03 52.22
C ASP E 2240 -61.67 32.30 52.30
N VAL E 2241 -60.60 32.27 53.09
CA VAL E 2241 -59.76 33.45 53.19
C VAL E 2241 -59.03 33.70 51.88
N ALA E 2242 -58.63 32.63 51.19
CA ALA E 2242 -58.02 32.80 49.87
C ALA E 2242 -58.99 33.47 48.90
N ALA E 2243 -60.25 33.06 48.92
CA ALA E 2243 -61.24 33.70 48.05
C ALA E 2243 -61.48 35.15 48.45
N ALA E 2244 -61.55 35.43 49.75
CA ALA E 2244 -61.77 36.80 50.21
C ALA E 2244 -60.60 37.71 49.89
N SER E 2245 -59.40 37.14 49.78
CA SER E 2245 -58.22 37.93 49.46
C SER E 2245 -58.20 38.42 48.01
N VAL E 2246 -59.11 37.94 47.17
CA VAL E 2246 -59.10 38.32 45.76
C VAL E 2246 -60.50 38.78 45.36
N MET E 2247 -61.48 38.60 46.25
CA MET E 2247 -62.85 38.93 45.94
C MET E 2247 -63.02 40.43 45.75
N ASP E 2248 -63.68 40.81 44.66
CA ASP E 2248 -63.92 42.20 44.28
C ASP E 2248 -62.63 43.02 44.32
N ASN E 2249 -61.65 42.57 43.53
CA ASN E 2249 -60.37 43.26 43.44
C ASN E 2249 -59.80 42.96 42.05
N ASN E 2250 -59.96 43.91 41.14
CA ASN E 2250 -59.51 43.69 39.76
C ASN E 2250 -57.99 43.55 39.68
N GLU E 2251 -57.26 44.35 40.46
CA GLU E 2251 -55.81 44.25 40.47
C GLU E 2251 -55.36 42.84 40.84
N LEU E 2252 -55.91 42.31 41.93
CA LEU E 2252 -55.49 40.99 42.39
C LEU E 2252 -56.01 39.89 41.48
N ALA E 2253 -57.19 40.07 40.90
CA ALA E 2253 -57.69 39.10 39.92
C ALA E 2253 -56.78 39.01 38.72
N LEU E 2254 -56.29 40.16 38.24
CA LEU E 2254 -55.30 40.14 37.16
C LEU E 2254 -53.97 39.56 37.62
N ALA E 2255 -53.59 39.80 38.87
CA ALA E 2255 -52.35 39.26 39.42
C ALA E 2255 -52.44 37.77 39.73
N LEU E 2256 -53.62 37.18 39.64
CA LEU E 2256 -53.78 35.75 39.88
C LEU E 2256 -52.87 34.94 38.97
N ARG E 2257 -52.53 33.73 39.42
CA ARG E 2257 -51.50 32.92 38.78
C ARG E 2257 -52.07 31.62 38.22
N GLU E 2258 -51.64 31.30 37.00
CA GLU E 2258 -51.97 30.00 36.42
C GLU E 2258 -51.51 28.82 37.27
N PRO E 2259 -50.31 28.81 37.90
CA PRO E 2259 -49.92 27.66 38.71
C PRO E 2259 -50.93 27.30 39.80
N ASP E 2260 -51.23 28.23 40.71
CA ASP E 2260 -52.17 27.87 41.78
C ASP E 2260 -53.60 27.79 41.28
N LEU E 2261 -53.95 28.48 40.19
CA LEU E 2261 -55.26 28.25 39.60
C LEU E 2261 -55.42 26.81 39.14
N GLU E 2262 -54.38 26.29 38.46
CA GLU E 2262 -54.39 24.89 38.05
C GLU E 2262 -54.34 23.96 39.25
N LYS E 2263 -53.68 24.36 40.32
CA LYS E 2263 -53.69 23.55 41.54
C LYS E 2263 -55.10 23.42 42.11
N VAL E 2264 -55.84 24.54 42.13
CA VAL E 2264 -57.23 24.48 42.57
C VAL E 2264 -58.06 23.59 41.63
N VAL E 2265 -57.79 23.67 40.33
CA VAL E 2265 -58.50 22.81 39.38
C VAL E 2265 -58.18 21.34 39.65
N ARG E 2266 -56.93 21.04 40.01
CA ARG E 2266 -56.56 19.66 40.33
C ARG E 2266 -57.30 19.19 41.59
N TYR E 2267 -57.41 20.05 42.59
CA TYR E 2267 -58.19 19.69 43.77
C TYR E 2267 -59.65 19.44 43.40
N LEU E 2268 -60.19 20.26 42.49
CA LEU E 2268 -61.55 20.05 42.02
C LEU E 2268 -61.68 18.69 41.33
N ALA E 2269 -60.70 18.33 40.50
CA ALA E 2269 -60.73 17.02 39.86
C ALA E 2269 -60.67 15.90 40.88
N GLY E 2270 -59.81 16.04 41.88
CA GLY E 2270 -59.71 14.99 42.90
C GLY E 2270 -61.00 14.81 43.67
N CYS E 2271 -61.63 15.92 44.07
CA CYS E 2271 -62.88 15.82 44.81
C CYS E 2271 -64.05 15.39 43.92
N GLY E 2272 -63.95 15.61 42.61
CA GLY E 2272 -64.95 15.07 41.69
C GLY E 2272 -64.69 13.64 41.27
N LEU E 2273 -63.52 13.10 41.58
CA LEU E 2273 -63.25 11.69 41.36
C LEU E 2273 -63.36 10.84 42.62
N GLN E 2274 -63.34 11.45 43.80
CA GLN E 2274 -63.42 10.71 45.06
C GLN E 2274 -64.50 11.30 45.95
N SER E 2275 -65.14 10.42 46.73
CA SER E 2275 -66.14 10.84 47.69
C SER E 2275 -65.47 11.36 48.95
N CYS E 2276 -66.25 11.58 50.01
CA CYS E 2276 -65.73 12.11 51.27
C CYS E 2276 -65.66 10.97 52.29
N GLN E 2277 -64.45 10.73 52.80
CA GLN E 2277 -64.26 9.68 53.79
C GLN E 2277 -65.04 9.97 55.06
N MET E 2278 -65.07 11.24 55.48
CA MET E 2278 -65.84 11.59 56.67
C MET E 2278 -67.33 11.32 56.46
N LEU E 2279 -67.86 11.67 55.29
CA LEU E 2279 -69.27 11.44 55.03
C LEU E 2279 -69.60 9.95 55.01
N VAL E 2280 -68.78 9.15 54.33
CA VAL E 2280 -69.08 7.71 54.28
C VAL E 2280 -68.92 7.08 55.66
N SER E 2281 -67.96 7.55 56.46
CA SER E 2281 -67.81 7.04 57.81
C SER E 2281 -69.02 7.38 58.67
N LYS E 2282 -69.54 8.61 58.53
CA LYS E 2282 -70.73 8.98 59.28
C LYS E 2282 -71.95 8.19 58.82
N GLY E 2283 -72.03 7.86 57.54
CA GLY E 2283 -73.12 7.05 57.05
C GLY E 2283 -73.74 7.55 55.76
N TYR E 2284 -73.17 8.62 55.21
CA TYR E 2284 -73.68 9.16 53.95
C TYR E 2284 -73.40 8.18 52.81
N PRO E 2285 -74.30 8.07 51.84
CA PRO E 2285 -74.12 7.09 50.76
C PRO E 2285 -72.95 7.45 49.86
N ASP E 2286 -72.42 6.44 49.19
CA ASP E 2286 -71.29 6.60 48.29
C ASP E 2286 -71.77 6.84 46.88
N ILE E 2287 -71.28 7.92 46.27
CA ILE E 2287 -71.60 8.25 44.88
C ILE E 2287 -70.37 8.25 44.00
N GLY E 2288 -69.17 8.17 44.57
CA GLY E 2288 -67.95 8.22 43.80
C GLY E 2288 -67.31 9.58 43.70
N TRP E 2289 -67.93 10.61 44.25
CA TRP E 2289 -67.40 11.96 44.18
C TRP E 2289 -67.99 12.82 45.28
N ASN E 2290 -67.19 13.74 45.78
CA ASN E 2290 -67.61 14.62 46.88
C ASN E 2290 -68.16 15.91 46.32
N PRO E 2291 -69.44 16.23 46.53
CA PRO E 2291 -70.02 17.43 45.93
C PRO E 2291 -69.75 18.71 46.70
N VAL E 2292 -69.58 18.63 48.01
CA VAL E 2292 -69.44 19.85 48.82
C VAL E 2292 -68.12 20.54 48.52
N GLU E 2293 -67.02 19.78 48.49
CA GLU E 2293 -65.72 20.37 48.16
C GLU E 2293 -65.71 20.87 46.72
N GLY E 2294 -66.36 20.13 45.82
CA GLY E 2294 -66.46 20.60 44.45
C GLY E 2294 -67.18 21.93 44.34
N GLU E 2295 -68.28 22.07 45.07
CA GLU E 2295 -69.01 23.33 45.08
C GLU E 2295 -68.15 24.46 45.65
N ARG E 2296 -67.40 24.16 46.71
CA ARG E 2296 -66.55 25.19 47.30
C ARG E 2296 -65.47 25.64 46.32
N TYR E 2297 -64.83 24.70 45.64
CA TYR E 2297 -63.81 25.07 44.65
C TYR E 2297 -64.43 25.83 43.48
N LEU E 2298 -65.64 25.43 43.07
CA LEU E 2298 -66.31 26.15 41.98
C LEU E 2298 -66.63 27.58 42.40
N ASP E 2299 -67.03 27.78 43.65
CA ASP E 2299 -67.26 29.13 44.16
C ASP E 2299 -65.97 29.94 44.16
N PHE E 2300 -64.86 29.31 44.56
CA PHE E 2300 -63.56 29.99 44.50
C PHE E 2300 -63.23 30.42 43.07
N LEU E 2301 -63.41 29.51 42.11
CA LEU E 2301 -63.10 29.85 40.72
C LEU E 2301 -64.02 30.95 40.21
N ARG E 2302 -65.29 30.93 40.64
CA ARG E 2302 -66.23 31.98 40.25
C ARG E 2302 -65.78 33.34 40.77
N PHE E 2303 -65.34 33.38 42.04
CA PHE E 2303 -64.80 34.63 42.58
C PHE E 2303 -63.56 35.06 41.83
N ALA E 2304 -62.72 34.10 41.42
CA ALA E 2304 -61.51 34.42 40.68
C ALA E 2304 -61.84 35.03 39.32
N VAL E 2305 -62.83 34.49 38.63
CA VAL E 2305 -63.07 34.88 37.25
C VAL E 2305 -63.93 36.14 37.16
N PHE E 2306 -64.93 36.26 38.03
CA PHE E 2306 -65.88 37.37 37.98
C PHE E 2306 -65.57 38.38 39.07
N CYS E 2307 -65.42 39.64 38.67
CA CYS E 2307 -65.13 40.72 39.61
C CYS E 2307 -65.84 41.98 39.15
N ASN E 2308 -66.52 42.65 40.09
CA ASN E 2308 -67.18 43.93 39.84
C ASN E 2308 -68.16 43.85 38.67
N GLY E 2309 -68.90 42.74 38.60
CA GLY E 2309 -69.90 42.58 37.57
C GLY E 2309 -69.36 42.35 36.17
N GLU E 2310 -68.09 42.03 36.04
CA GLU E 2310 -67.47 41.78 34.75
C GLU E 2310 -66.63 40.52 34.81
N SER E 2311 -66.41 39.92 33.64
CA SER E 2311 -65.64 38.70 33.52
C SER E 2311 -64.20 39.04 33.15
N VAL E 2312 -63.25 38.45 33.86
CA VAL E 2312 -61.83 38.65 33.59
C VAL E 2312 -61.42 37.64 32.52
N GLU E 2313 -61.08 38.15 31.33
CA GLU E 2313 -60.76 37.26 30.21
C GLU E 2313 -59.51 36.44 30.50
N GLU E 2314 -58.50 37.05 31.13
CA GLU E 2314 -57.25 36.35 31.35
C GLU E 2314 -57.44 35.11 32.22
N ASN E 2315 -58.22 35.23 33.29
CA ASN E 2315 -58.50 34.08 34.13
C ASN E 2315 -59.51 33.14 33.49
N ALA E 2316 -60.50 33.69 32.78
CA ALA E 2316 -61.53 32.87 32.18
C ALA E 2316 -60.94 31.91 31.15
N ASN E 2317 -60.01 32.41 30.33
CA ASN E 2317 -59.42 31.56 29.29
C ASN E 2317 -58.68 30.38 29.90
N VAL E 2318 -57.84 30.63 30.91
CA VAL E 2318 -57.06 29.54 31.48
C VAL E 2318 -57.97 28.58 32.25
N VAL E 2319 -59.01 29.09 32.91
CA VAL E 2319 -59.95 28.20 33.59
C VAL E 2319 -60.64 27.29 32.59
N VAL E 2320 -61.07 27.85 31.46
CA VAL E 2320 -61.72 27.03 30.43
C VAL E 2320 -60.75 26.00 29.88
N ARG E 2321 -59.49 26.39 29.65
CA ARG E 2321 -58.50 25.43 29.16
C ARG E 2321 -58.34 24.27 30.14
N LEU E 2322 -58.20 24.58 31.42
CA LEU E 2322 -58.01 23.52 32.41
C LEU E 2322 -59.22 22.61 32.48
N LEU E 2323 -60.43 23.20 32.46
CA LEU E 2323 -61.65 22.39 32.54
C LEU E 2323 -61.79 21.47 31.32
N ILE E 2324 -61.51 21.99 30.12
CA ILE E 2324 -61.64 21.15 28.94
C ILE E 2324 -60.56 20.08 28.90
N ARG E 2325 -59.35 20.41 29.36
CA ARG E 2325 -58.30 19.39 29.40
C ARG E 2325 -58.65 18.27 30.36
N ARG E 2326 -59.21 18.60 31.52
CA ARG E 2326 -59.58 17.59 32.51
C ARG E 2326 -61.09 17.66 32.77
N PRO E 2327 -61.88 16.86 32.06
CA PRO E 2327 -63.33 16.83 32.31
C PRO E 2327 -63.71 16.16 33.62
N GLU E 2328 -62.76 15.52 34.30
CA GLU E 2328 -63.06 14.88 35.58
C GLU E 2328 -63.51 15.88 36.63
N CYS E 2329 -63.17 17.16 36.47
CA CYS E 2329 -63.64 18.19 37.38
C CYS E 2329 -65.16 18.34 37.33
N PHE E 2330 -65.78 17.91 36.24
CA PHE E 2330 -67.21 18.06 36.05
C PHE E 2330 -67.97 16.97 36.79
N GLY E 2331 -69.29 17.11 36.81
CA GLY E 2331 -70.14 16.09 37.38
C GLY E 2331 -70.12 14.84 36.53
N PRO E 2332 -70.34 13.69 37.16
CA PRO E 2332 -70.36 12.43 36.39
C PRO E 2332 -71.41 12.41 35.30
N ALA E 2333 -72.56 13.03 35.56
CA ALA E 2333 -73.60 13.12 34.54
C ALA E 2333 -73.13 13.97 33.37
N LEU E 2334 -72.45 15.09 33.66
CA LEU E 2334 -71.98 15.96 32.58
C LEU E 2334 -70.86 15.31 31.78
N ARG E 2335 -70.01 14.52 32.43
CA ARG E 2335 -68.93 13.86 31.71
C ARG E 2335 -69.49 12.88 30.68
N GLY E 2336 -68.77 12.72 29.57
CA GLY E 2336 -69.20 11.84 28.51
C GLY E 2336 -69.06 10.36 28.82
N GLU E 2337 -68.35 10.01 29.90
CA GLU E 2337 -68.24 8.60 30.28
C GLU E 2337 -69.60 8.03 30.65
N GLY E 2338 -70.41 8.79 31.39
CA GLY E 2338 -71.74 8.36 31.75
C GLY E 2338 -72.79 8.91 30.81
N GLY E 2339 -72.68 10.20 30.48
CA GLY E 2339 -73.63 10.82 29.58
C GLY E 2339 -75.04 10.90 30.12
N ASN E 2340 -75.19 10.92 31.45
CA ASN E 2340 -76.53 10.96 32.03
C ASN E 2340 -77.25 12.26 31.70
N GLY E 2341 -76.54 13.37 31.71
CA GLY E 2341 -77.12 14.65 31.36
C GLY E 2341 -77.41 15.50 32.58
N LEU E 2342 -77.40 16.82 32.39
CA LEU E 2342 -77.65 17.74 33.49
C LEU E 2342 -79.08 17.62 34.01
N LEU E 2343 -80.06 17.58 33.10
CA LEU E 2343 -81.46 17.49 33.52
C LEU E 2343 -81.71 16.21 34.29
N ALA E 2344 -81.16 15.09 33.79
CA ALA E 2344 -81.30 13.83 34.51
C ALA E 2344 -80.55 13.86 35.83
N ALA E 2345 -79.45 14.60 35.91
CA ALA E 2345 -78.75 14.75 37.17
C ALA E 2345 -79.62 15.45 38.20
N MET E 2346 -80.30 16.53 37.81
CA MET E 2346 -81.18 17.21 38.76
C MET E 2346 -82.40 16.36 39.10
N GLU E 2347 -82.91 15.58 38.13
CA GLU E 2347 -84.02 14.68 38.45
C GLU E 2347 -83.58 13.63 39.47
N GLU E 2348 -82.39 13.07 39.29
CA GLU E 2348 -81.88 12.11 40.26
C GLU E 2348 -81.60 12.77 41.60
N ALA E 2349 -81.18 14.04 41.61
CA ALA E 2349 -81.02 14.76 42.87
C ALA E 2349 -82.36 14.93 43.59
N ILE E 2350 -83.41 15.24 42.83
CA ILE E 2350 -84.76 15.29 43.41
C ILE E 2350 -85.12 13.95 44.01
N LYS E 2351 -84.82 12.86 43.29
CA LYS E 2351 -85.11 11.53 43.81
C LYS E 2351 -84.30 11.24 45.07
N ILE E 2352 -83.05 11.71 45.12
CA ILE E 2352 -82.24 11.59 46.34
C ILE E 2352 -82.93 12.29 47.50
N ALA E 2353 -83.45 13.50 47.24
CA ALA E 2353 -84.13 14.25 48.28
C ALA E 2353 -85.37 13.51 48.77
N GLU E 2354 -86.15 12.94 47.85
CA GLU E 2354 -87.35 12.20 48.25
C GLU E 2354 -87.01 10.96 49.06
N ASP E 2355 -85.97 10.22 48.65
CA ASP E 2355 -85.66 8.94 49.28
C ASP E 2355 -84.76 9.16 50.49
N PRO E 2356 -85.22 8.82 51.70
CA PRO E 2356 -84.34 8.96 52.87
C PRO E 2356 -83.07 8.13 52.77
N SER E 2357 -83.15 6.92 52.20
CA SER E 2357 -81.95 6.10 52.04
C SER E 2357 -80.97 6.74 51.06
N ARG E 2358 -81.50 7.34 49.99
CA ARG E 2358 -80.64 8.04 49.04
C ARG E 2358 -79.95 9.23 49.70
N ASP E 2359 -80.66 9.92 50.59
CA ASP E 2359 -80.06 10.97 51.42
C ASP E 2359 -79.66 10.40 52.77
N GLY E 2360 -78.72 9.45 52.73
CA GLY E 2360 -78.33 8.71 53.90
C GLY E 2360 -77.62 9.55 54.94
N PRO E 2361 -77.57 9.05 56.18
CA PRO E 2361 -76.91 9.69 57.33
C PRO E 2361 -75.50 10.18 57.02
N ASP E 2379 -77.10 20.61 60.76
CA ASP E 2379 -75.92 19.76 60.96
C ASP E 2379 -75.82 18.73 59.85
N THR E 2380 -76.92 18.03 59.59
CA THR E 2380 -76.95 17.02 58.54
C THR E 2380 -76.85 17.68 57.16
N ILE E 2381 -76.34 16.93 56.20
CA ILE E 2381 -76.14 17.40 54.84
C ILE E 2381 -77.11 16.65 53.93
N HIS E 2382 -77.96 17.39 53.22
CA HIS E 2382 -78.83 16.80 52.23
C HIS E 2382 -78.00 16.45 50.99
N MET E 2383 -77.91 15.15 50.69
CA MET E 2383 -76.97 14.70 49.68
C MET E 2383 -77.39 15.21 48.29
N GLY E 2384 -78.68 15.11 47.98
CA GLY E 2384 -79.17 15.61 46.72
C GLY E 2384 -79.02 17.12 46.60
N ASN E 2385 -79.24 17.84 47.69
CA ASN E 2385 -78.99 19.27 47.70
C ASN E 2385 -77.53 19.58 47.42
N ALA E 2386 -76.63 18.76 47.96
CA ALA E 2386 -75.20 18.97 47.71
C ALA E 2386 -74.88 18.78 46.23
N ILE E 2387 -75.39 17.68 45.64
CA ILE E 2387 -75.20 17.47 44.20
C ILE E 2387 -75.76 18.65 43.41
N MET E 2388 -76.95 19.11 43.78
CA MET E 2388 -77.64 20.13 43.00
C MET E 2388 -76.90 21.46 43.09
N THR E 2389 -76.42 21.81 44.29
CA THR E 2389 -75.62 23.02 44.45
C THR E 2389 -74.30 22.91 43.70
N PHE E 2390 -73.70 21.73 43.68
CA PHE E 2390 -72.48 21.55 42.89
C PHE E 2390 -72.73 21.84 41.43
N TYR E 2391 -73.80 21.26 40.88
CA TYR E 2391 -74.10 21.48 39.46
C TYR E 2391 -74.45 22.94 39.18
N ALA E 2392 -75.19 23.58 40.09
CA ALA E 2392 -75.49 25.00 39.92
C ALA E 2392 -74.23 25.84 39.93
N ALA E 2393 -73.30 25.53 40.84
CA ALA E 2393 -72.05 26.27 40.91
C ALA E 2393 -71.23 26.07 39.64
N LEU E 2394 -71.19 24.85 39.12
CA LEU E 2394 -70.47 24.61 37.87
C LEU E 2394 -71.10 25.39 36.72
N ILE E 2395 -72.42 25.39 36.64
CA ILE E 2395 -73.11 26.12 35.58
C ILE E 2395 -72.84 27.62 35.69
N ASP E 2396 -72.89 28.15 36.93
CA ASP E 2396 -72.60 29.57 37.12
C ASP E 2396 -71.17 29.90 36.75
N LEU E 2397 -70.22 29.03 37.11
CA LEU E 2397 -68.82 29.26 36.76
C LEU E 2397 -68.65 29.30 35.25
N LEU E 2398 -69.26 28.35 34.53
CA LEU E 2398 -69.16 28.36 33.08
C LEU E 2398 -69.78 29.61 32.48
N GLY E 2399 -70.96 30.01 32.98
CA GLY E 2399 -71.61 31.20 32.47
C GLY E 2399 -70.80 32.46 32.70
N ARG E 2400 -70.13 32.55 33.86
CA ARG E 2400 -69.34 33.73 34.15
C ARG E 2400 -68.01 33.72 33.40
N CYS E 2401 -67.43 32.55 33.14
CA CYS E 2401 -66.20 32.49 32.37
C CYS E 2401 -66.45 32.51 30.87
N ALA E 2402 -67.72 32.52 30.45
CA ALA E 2402 -68.08 32.74 29.06
C ALA E 2402 -67.56 34.10 28.59
N PRO E 2403 -67.54 34.37 27.28
CA PRO E 2403 -67.05 35.67 26.81
C PRO E 2403 -67.80 36.82 27.46
N GLU E 2404 -67.08 37.89 27.75
CA GLU E 2404 -67.60 38.98 28.57
C GLU E 2404 -68.85 39.60 27.95
N MET E 2405 -68.70 40.22 26.78
CA MET E 2405 -69.83 40.88 26.14
C MET E 2405 -69.73 40.68 24.63
N HIS E 2406 -70.82 41.04 23.95
CA HIS E 2406 -71.05 40.57 22.58
C HIS E 2406 -69.96 41.05 21.63
N LEU E 2407 -69.52 42.31 21.75
CA LEU E 2407 -68.49 42.82 20.86
C LEU E 2407 -67.16 42.13 21.13
N ILE E 2408 -66.86 41.84 22.40
CA ILE E 2408 -65.66 41.06 22.71
C ILE E 2408 -65.73 39.69 22.04
N HIS E 2409 -66.89 39.04 22.13
CA HIS E 2409 -67.04 37.74 21.48
C HIS E 2409 -66.87 37.85 19.96
N ALA E 2410 -67.46 38.89 19.35
CA ALA E 2410 -67.39 39.03 17.90
C ALA E 2410 -65.97 39.31 17.43
N GLY E 2411 -65.29 40.26 18.07
CA GLY E 2411 -63.94 40.59 17.65
C GLY E 2411 -62.93 39.50 17.94
N LYS E 2412 -63.04 38.87 19.10
CA LYS E 2412 -62.07 37.86 19.52
C LYS E 2412 -62.51 36.50 19.02
N GLY E 2413 -61.74 35.94 18.07
CA GLY E 2413 -62.02 34.59 17.60
C GLY E 2413 -61.87 33.56 18.68
N GLU E 2414 -60.94 33.77 19.62
CA GLU E 2414 -60.79 32.88 20.75
C GLU E 2414 -62.07 32.85 21.59
N ALA E 2415 -62.72 34.01 21.74
CA ALA E 2415 -64.00 34.04 22.43
C ALA E 2415 -65.05 33.24 21.68
N ILE E 2416 -65.02 33.29 20.35
CA ILE E 2416 -65.93 32.47 19.55
C ILE E 2416 -65.68 30.99 19.82
N ARG E 2417 -64.41 30.60 19.88
CA ARG E 2417 -64.09 29.20 20.19
C ARG E 2417 -64.59 28.81 21.56
N ILE E 2418 -64.42 29.69 22.55
CA ILE E 2418 -64.88 29.39 23.90
C ILE E 2418 -66.39 29.23 23.93
N ARG E 2419 -67.11 30.13 23.26
CA ARG E 2419 -68.56 30.04 23.24
C ARG E 2419 -69.02 28.76 22.54
N SER E 2420 -68.35 28.37 21.45
CA SER E 2420 -68.68 27.13 20.77
C SER E 2420 -68.43 25.93 21.67
N ILE E 2421 -67.32 25.95 22.41
CA ILE E 2421 -67.01 24.85 23.33
C ILE E 2421 -68.09 24.74 24.40
N LEU E 2422 -68.51 25.87 24.97
CA LEU E 2422 -69.54 25.84 26.00
C LEU E 2422 -70.88 25.38 25.43
N ARG E 2423 -71.20 25.79 24.20
CA ARG E 2423 -72.43 25.35 23.57
C ARG E 2423 -72.44 23.84 23.36
N SER E 2424 -71.32 23.29 22.89
CA SER E 2424 -71.21 21.85 22.74
C SER E 2424 -71.23 21.15 24.10
N LEU E 2425 -70.72 21.82 25.13
CA LEU E 2425 -70.70 21.25 26.47
C LEU E 2425 -72.11 21.09 27.03
N ILE E 2426 -72.90 22.16 26.97
CA ILE E 2426 -74.22 22.18 27.60
C ILE E 2426 -75.27 22.31 26.50
N PRO E 2427 -76.16 21.33 26.34
CA PRO E 2427 -77.27 21.48 25.39
C PRO E 2427 -78.25 22.55 25.86
N LEU E 2428 -78.90 23.19 24.89
CA LEU E 2428 -79.89 24.22 25.21
C LEU E 2428 -81.15 23.60 25.81
N GLY E 2429 -81.60 22.47 25.25
CA GLY E 2429 -82.79 21.83 25.77
C GLY E 2429 -82.66 21.40 27.21
N ASP E 2430 -81.46 20.97 27.61
CA ASP E 2430 -81.22 20.64 29.01
C ASP E 2430 -81.39 21.88 29.89
N LEU E 2431 -80.89 23.02 29.43
CA LEU E 2431 -81.09 24.27 30.17
C LEU E 2431 -82.57 24.61 30.29
N VAL E 2432 -83.33 24.39 29.21
CA VAL E 2432 -84.77 24.66 29.26
C VAL E 2432 -85.44 23.74 30.26
N GLY E 2433 -85.06 22.46 30.28
CA GLY E 2433 -85.64 21.54 31.25
C GLY E 2433 -85.35 21.93 32.68
N VAL E 2434 -84.10 22.30 32.95
CA VAL E 2434 -83.72 22.67 34.31
C VAL E 2434 -84.40 23.97 34.73
N ILE E 2435 -84.55 24.92 33.80
CA ILE E 2435 -85.26 26.14 34.10
C ILE E 2435 -86.75 25.90 34.26
N SER E 2436 -87.26 24.79 33.70
CA SER E 2436 -88.67 24.44 33.87
C SER E 2436 -88.94 23.68 35.16
N ILE E 2437 -87.95 22.99 35.72
CA ILE E 2437 -88.17 22.25 36.96
C ILE E 2437 -88.61 23.21 38.05
N ALA E 2438 -89.87 23.12 38.46
CA ALA E 2438 -90.46 24.07 39.39
C ALA E 2438 -90.32 23.60 40.83
N PHE E 2439 -90.71 24.48 41.75
CA PHE E 2439 -90.54 24.26 43.18
C PHE E 2439 -91.85 23.75 43.80
N GLN E 2440 -91.76 23.39 45.08
CA GLN E 2440 -92.90 22.96 45.87
C GLN E 2440 -93.32 24.09 46.80
N MET E 2441 -94.54 24.57 46.60
CA MET E 2441 -95.10 25.61 47.45
C MET E 2441 -95.46 25.00 48.81
N PRO E 2442 -94.85 25.47 49.91
CA PRO E 2442 -95.00 24.97 51.28
C PRO E 2442 -96.41 24.54 51.67
N GLU E 2452 -97.76 25.94 57.47
CA GLU E 2452 -97.28 24.69 56.88
C GLU E 2452 -95.92 24.85 56.18
N PRO E 2453 -94.85 24.96 56.96
CA PRO E 2453 -93.53 25.16 56.36
C PRO E 2453 -93.06 23.95 55.58
N ASP E 2454 -92.20 24.20 54.61
CA ASP E 2454 -91.40 23.17 53.95
C ASP E 2454 -89.92 23.48 54.12
N MET E 2455 -89.13 22.43 54.27
CA MET E 2455 -87.69 22.58 54.50
C MET E 2455 -87.00 22.83 53.17
N SER E 2456 -85.91 23.61 53.22
CA SER E 2456 -85.29 24.18 52.02
C SER E 2456 -84.78 23.14 51.01
N ALA E 2457 -84.89 21.86 51.33
CA ALA E 2457 -84.36 20.81 50.47
C ALA E 2457 -85.08 20.78 49.13
N GLY E 2458 -84.34 20.48 48.07
CA GLY E 2458 -84.86 20.38 46.72
C GLY E 2458 -84.24 21.40 45.79
N PHE E 2459 -84.84 21.51 44.60
CA PHE E 2459 -84.44 22.53 43.65
C PHE E 2459 -84.67 23.91 44.24
N CYS E 2460 -83.78 24.84 43.91
CA CYS E 2460 -83.83 26.16 44.54
C CYS E 2460 -83.69 27.29 43.52
N PRO E 2461 -84.20 28.48 43.87
CA PRO E 2461 -84.11 29.62 42.96
C PRO E 2461 -82.71 29.98 42.56
N ASP E 2462 -81.71 29.75 43.41
CA ASP E 2462 -80.33 30.01 42.98
C ASP E 2462 -79.93 29.06 41.86
N HIS E 2463 -80.36 27.81 41.93
CA HIS E 2463 -80.13 26.87 40.83
C HIS E 2463 -80.77 27.39 39.54
N LYS E 2464 -82.04 27.79 39.61
CA LYS E 2464 -82.66 28.35 38.41
C LYS E 2464 -81.93 29.58 37.91
N ALA E 2465 -81.46 30.43 38.81
CA ALA E 2465 -80.73 31.62 38.41
C ALA E 2465 -79.44 31.26 37.68
N ALA E 2466 -78.73 30.25 38.18
CA ALA E 2466 -77.50 29.82 37.51
C ALA E 2466 -77.79 29.32 36.11
N MET E 2467 -78.82 28.47 35.96
CA MET E 2467 -79.12 27.94 34.63
C MET E 2467 -79.58 29.03 33.67
N VAL E 2468 -80.43 29.96 34.14
CA VAL E 2468 -80.89 31.01 33.26
C VAL E 2468 -79.75 31.96 32.91
N LEU E 2469 -78.81 32.18 33.83
CA LEU E 2469 -77.64 33.00 33.53
C LEU E 2469 -76.79 32.35 32.46
N PHE E 2470 -76.58 31.03 32.56
CA PHE E 2470 -75.83 30.33 31.52
C PHE E 2470 -76.54 30.44 30.18
N LEU E 2471 -77.86 30.22 30.17
CA LEU E 2471 -78.61 30.28 28.92
C LEU E 2471 -78.54 31.68 28.30
N ASP E 2472 -78.59 32.71 29.15
CA ASP E 2472 -78.57 34.08 28.64
C ASP E 2472 -77.19 34.45 28.11
N ARG E 2473 -76.13 34.09 28.83
CA ARG E 2473 -74.80 34.56 28.45
C ARG E 2473 -74.19 33.70 27.34
N VAL E 2474 -74.18 32.39 27.52
CA VAL E 2474 -73.48 31.52 26.57
C VAL E 2474 -74.26 31.40 25.27
N TYR E 2475 -75.46 30.82 25.34
CA TYR E 2475 -76.22 30.57 24.12
C TYR E 2475 -76.79 31.86 23.53
N GLY E 2476 -77.18 32.79 24.39
CA GLY E 2476 -77.89 33.93 23.86
C GLY E 2476 -79.37 33.64 23.67
N ILE E 2477 -80.17 34.69 23.83
CA ILE E 2477 -81.63 34.58 23.80
C ILE E 2477 -82.10 35.62 22.78
N GLU E 2478 -82.25 35.20 21.52
CA GLU E 2478 -82.58 36.12 20.44
C GLU E 2478 -83.87 35.77 19.71
N VAL E 2479 -84.04 34.52 19.29
CA VAL E 2479 -85.13 34.17 18.38
C VAL E 2479 -86.47 34.33 19.10
N GLN E 2480 -87.45 34.90 18.40
CA GLN E 2480 -88.74 35.23 19.01
C GLN E 2480 -89.47 33.99 19.47
N ASP E 2481 -89.53 32.96 18.63
CA ASP E 2481 -90.16 31.72 19.03
C ASP E 2481 -89.44 31.11 20.22
N PHE E 2482 -88.12 31.28 20.28
CA PHE E 2482 -87.36 30.82 21.43
C PHE E 2482 -87.76 31.58 22.69
N LEU E 2483 -87.97 32.89 22.57
CA LEU E 2483 -88.42 33.68 23.73
C LEU E 2483 -89.77 33.18 24.23
N LEU E 2484 -90.71 33.00 23.29
CA LEU E 2484 -92.04 32.56 23.68
C LEU E 2484 -92.02 31.17 24.29
N HIS E 2485 -91.21 30.27 23.73
CA HIS E 2485 -91.09 28.92 24.27
C HIS E 2485 -90.52 28.95 25.69
N LEU E 2486 -89.47 29.75 25.91
CA LEU E 2486 -88.93 29.86 27.27
C LEU E 2486 -89.95 30.47 28.22
N LEU E 2487 -90.69 31.48 27.76
CA LEU E 2487 -91.69 32.12 28.61
C LEU E 2487 -92.75 31.13 29.04
N GLU E 2488 -93.20 30.28 28.11
CA GLU E 2488 -94.25 29.31 28.45
C GLU E 2488 -93.69 28.15 29.26
N VAL E 2489 -92.43 27.78 29.05
CA VAL E 2489 -91.82 26.64 29.73
C VAL E 2489 -91.05 27.17 30.93
N GLY E 2490 -91.64 27.05 32.11
CA GLY E 2490 -90.93 27.34 33.35
C GLY E 2490 -90.94 28.79 33.78
N PHE E 2491 -90.81 29.71 32.83
CA PHE E 2491 -90.74 31.13 33.19
C PHE E 2491 -92.06 31.62 33.75
N LEU E 2492 -93.13 31.49 32.97
CA LEU E 2492 -94.47 31.83 33.47
C LEU E 2492 -94.88 31.01 34.70
N PRO E 2493 -94.62 29.69 34.77
CA PRO E 2493 -94.97 28.96 36.01
C PRO E 2493 -94.37 29.56 37.27
N ASP E 2494 -93.14 30.06 37.19
CA ASP E 2494 -92.53 30.71 38.35
C ASP E 2494 -93.31 31.97 38.72
N LEU E 2495 -93.79 32.69 37.70
CA LEU E 2495 -94.65 33.86 37.96
C LEU E 2495 -95.96 33.46 38.60
N ARG E 2496 -96.55 32.33 38.17
CA ARG E 2496 -97.76 31.83 38.79
C ARG E 2496 -97.52 31.49 40.25
N ALA E 2497 -96.38 30.84 40.52
CA ALA E 2497 -95.99 30.54 41.89
C ALA E 2497 -95.85 31.82 42.70
N ALA E 2498 -95.27 32.86 42.10
CA ALA E 2498 -95.18 34.15 42.77
C ALA E 2498 -96.56 34.72 43.06
N ALA E 2499 -97.48 34.61 42.10
CA ALA E 2499 -98.85 35.06 42.30
C ALA E 2499 -99.49 34.36 43.48
N SER E 2500 -99.24 33.05 43.60
CA SER E 2500 -99.71 32.30 44.77
C SER E 2500 -99.04 32.81 46.04
N LEU E 2501 -97.72 32.92 46.02
CA LEU E 2501 -96.90 33.28 47.19
C LEU E 2501 -97.15 34.70 47.67
N ASP E 2502 -97.86 35.51 46.87
CA ASP E 2502 -98.10 36.91 47.23
C ASP E 2502 -98.71 37.06 48.62
N THR E 2503 -99.58 36.13 49.04
CA THR E 2503 -100.34 36.32 50.27
C THR E 2503 -99.42 36.38 51.50
N ALA E 2504 -99.94 36.99 52.58
CA ALA E 2504 -99.12 37.45 53.70
C ALA E 2504 -98.32 36.31 54.33
N ALA E 2505 -98.98 35.21 54.71
CA ALA E 2505 -98.25 34.06 55.20
C ALA E 2505 -97.44 33.42 54.09
N LEU E 2506 -97.98 33.42 52.86
CA LEU E 2506 -97.26 32.80 51.76
C LEU E 2506 -96.05 33.63 51.38
N SER E 2507 -96.13 34.95 51.54
CA SER E 2507 -94.94 35.80 51.47
C SER E 2507 -94.06 35.61 52.69
N ALA E 2508 -94.67 35.33 53.86
CA ALA E 2508 -93.87 35.02 55.05
C ALA E 2508 -92.98 33.81 54.79
N THR E 2509 -93.36 32.96 53.84
CA THR E 2509 -92.49 31.86 53.44
C THR E 2509 -91.18 32.34 52.82
N ASP E 2510 -90.08 31.74 53.27
CA ASP E 2510 -88.78 32.02 52.68
C ASP E 2510 -88.69 31.58 51.23
N MET E 2511 -89.52 30.62 50.82
CA MET E 2511 -89.58 30.27 49.40
C MET E 2511 -90.04 31.48 48.58
N ALA E 2512 -91.07 32.18 49.05
CA ALA E 2512 -91.48 33.40 48.37
C ALA E 2512 -90.36 34.43 48.37
N LEU E 2513 -89.67 34.59 49.50
CA LEU E 2513 -88.60 35.58 49.55
C LEU E 2513 -87.49 35.27 48.53
N ALA E 2514 -86.96 34.05 48.56
CA ALA E 2514 -85.87 33.68 47.67
C ALA E 2514 -86.33 33.73 46.21
N LEU E 2515 -87.53 33.24 45.95
CA LEU E 2515 -88.09 33.30 44.61
C LEU E 2515 -88.22 34.73 44.14
N ASN E 2516 -88.48 35.67 45.05
CA ASN E 2516 -88.48 37.09 44.65
C ASN E 2516 -87.11 37.50 44.11
N ARG E 2517 -86.04 37.07 44.79
CA ARG E 2517 -84.70 37.38 44.30
C ARG E 2517 -84.47 36.78 42.91
N TYR E 2518 -84.70 35.48 42.78
CA TYR E 2518 -84.56 34.84 41.48
C TYR E 2518 -85.49 35.45 40.44
N LEU E 2519 -86.61 35.99 40.89
CA LEU E 2519 -87.61 36.55 40.00
C LEU E 2519 -87.14 37.88 39.43
N CYS E 2520 -86.47 38.69 40.25
CA CYS E 2520 -85.80 39.87 39.70
C CYS E 2520 -84.72 39.46 38.70
N THR E 2521 -83.91 38.47 39.08
CA THR E 2521 -82.83 38.03 38.19
C THR E 2521 -83.35 37.40 36.90
N ALA E 2522 -84.61 36.98 36.87
CA ALA E 2522 -85.22 36.43 35.67
C ALA E 2522 -86.08 37.41 34.90
N VAL E 2523 -86.58 38.45 35.56
CA VAL E 2523 -87.43 39.43 34.90
C VAL E 2523 -86.60 40.52 34.23
N LEU E 2524 -85.51 40.94 34.86
CA LEU E 2524 -84.59 41.88 34.19
C LEU E 2524 -84.16 41.39 32.81
N PRO E 2525 -83.85 40.07 32.60
CA PRO E 2525 -83.59 39.58 31.24
C PRO E 2525 -84.58 40.06 30.20
N LEU E 2526 -85.87 39.74 30.32
CA LEU E 2526 -86.83 40.08 29.27
C LEU E 2526 -86.60 41.48 28.71
N LEU E 2527 -86.71 42.48 29.60
CA LEU E 2527 -86.64 43.86 29.18
C LEU E 2527 -85.25 44.17 28.61
N THR E 2528 -84.20 44.00 29.43
CA THR E 2528 -82.85 44.37 28.99
C THR E 2528 -82.48 43.67 27.70
N ARG E 2529 -82.62 42.35 27.69
CA ARG E 2529 -82.44 41.51 26.52
C ARG E 2529 -83.82 41.00 26.13
N CYS E 2530 -84.36 41.56 25.05
CA CYS E 2530 -85.56 41.19 24.28
C CYS E 2530 -86.85 41.84 24.75
N ALA E 2531 -86.76 43.05 25.33
CA ALA E 2531 -87.93 43.91 25.33
C ALA E 2531 -88.54 44.11 23.95
N PRO E 2532 -87.78 44.40 22.88
CA PRO E 2532 -88.44 44.70 21.59
C PRO E 2532 -89.16 43.53 20.95
N LEU E 2533 -88.70 42.31 21.14
CA LEU E 2533 -89.12 41.19 20.29
C LEU E 2533 -90.47 40.60 20.71
N PHE E 2534 -90.59 40.19 21.98
CA PHE E 2534 -91.87 39.66 22.44
C PHE E 2534 -92.96 40.73 22.37
N ALA E 2535 -92.57 41.99 22.41
CA ALA E 2535 -93.50 43.09 22.21
C ALA E 2535 -93.74 43.38 20.74
N GLY E 2536 -92.88 42.89 19.85
CA GLY E 2536 -93.11 43.04 18.43
C GLY E 2536 -93.92 41.92 17.80
N THR E 2537 -94.05 40.79 18.48
CA THR E 2537 -94.88 39.70 17.98
C THR E 2537 -95.96 39.36 18.99
N GLU E 2538 -96.95 38.57 18.54
CA GLU E 2538 -98.03 38.09 19.39
C GLU E 2538 -98.35 36.61 19.20
N HIS E 2539 -97.38 35.83 18.70
CA HIS E 2539 -97.66 34.43 18.34
C HIS E 2539 -98.32 33.65 19.47
N HIS E 2540 -98.16 34.09 20.71
CA HIS E 2540 -98.77 33.47 21.88
C HIS E 2540 -99.45 34.55 22.73
N ALA E 2541 -100.31 35.34 22.09
CA ALA E 2541 -101.07 36.39 22.75
C ALA E 2541 -101.62 35.93 24.10
N SER E 2542 -101.98 34.65 24.20
CA SER E 2542 -102.30 34.05 25.49
C SER E 2542 -101.15 34.23 26.47
N LEU E 2543 -99.94 33.86 26.06
CA LEU E 2543 -98.77 34.03 26.91
C LEU E 2543 -98.54 35.50 27.22
N ILE E 2544 -98.79 36.37 26.23
CA ILE E 2544 -98.58 37.80 26.44
C ILE E 2544 -99.46 38.32 27.56
N ASP E 2545 -100.76 38.05 27.47
CA ASP E 2545 -101.68 38.55 28.49
C ASP E 2545 -101.40 37.90 29.84
N SER E 2546 -101.09 36.60 29.84
CA SER E 2546 -100.79 35.93 31.10
C SER E 2546 -99.58 36.58 31.77
N LEU E 2547 -98.54 36.87 30.99
CA LEU E 2547 -97.36 37.54 31.52
C LEU E 2547 -97.72 38.91 32.09
N LEU E 2548 -98.49 39.70 31.33
CA LEU E 2548 -98.81 41.04 31.77
C LEU E 2548 -99.56 41.03 33.10
N HIS E 2549 -100.67 40.29 33.19
CA HIS E 2549 -101.45 40.34 34.42
C HIS E 2549 -100.79 39.59 35.57
N THR E 2550 -100.00 38.55 35.29
CA THR E 2550 -99.27 37.93 36.39
C THR E 2550 -98.22 38.86 36.96
N VAL E 2551 -97.52 39.60 36.10
CA VAL E 2551 -96.56 40.58 36.58
C VAL E 2551 -97.26 41.70 37.33
N TYR E 2552 -98.46 42.08 36.89
CA TYR E 2552 -99.21 43.11 37.59
C TYR E 2552 -99.65 42.65 38.97
N ARG E 2553 -100.16 41.41 39.08
CA ARG E 2553 -100.50 40.87 40.39
C ARG E 2553 -99.27 40.78 41.28
N LEU E 2554 -98.13 40.43 40.70
CA LEU E 2554 -96.87 40.46 41.42
C LEU E 2554 -96.57 41.87 41.95
N SER E 2555 -96.74 42.87 41.09
CA SER E 2555 -96.50 44.25 41.50
C SER E 2555 -97.40 44.66 42.64
N LYS E 2556 -98.63 44.13 42.67
CA LYS E 2556 -99.48 44.24 43.85
C LYS E 2556 -99.02 43.26 44.94
N GLY E 2557 -97.76 43.41 45.34
CA GLY E 2557 -97.17 42.58 46.36
C GLY E 2557 -97.19 43.25 47.73
N CYS E 2558 -96.71 42.51 48.72
CA CYS E 2558 -96.67 42.99 50.10
C CYS E 2558 -95.26 43.07 50.66
N SER E 2559 -94.47 42.00 50.55
CA SER E 2559 -93.14 41.96 51.14
C SER E 2559 -92.03 42.31 50.15
N LEU E 2560 -92.38 42.77 48.96
CA LEU E 2560 -91.37 43.13 47.97
C LEU E 2560 -90.56 44.32 48.45
N THR E 2561 -89.25 44.25 48.23
CA THR E 2561 -88.38 45.37 48.55
C THR E 2561 -88.57 46.50 47.54
N LYS E 2562 -88.07 47.68 47.89
CA LYS E 2562 -88.23 48.84 47.02
C LYS E 2562 -87.56 48.60 45.67
N ALA E 2563 -86.35 48.05 45.67
CA ALA E 2563 -85.66 47.74 44.42
C ALA E 2563 -86.44 46.71 43.60
N GLN E 2564 -87.02 45.72 44.27
CA GLN E 2564 -87.81 44.71 43.58
C GLN E 2564 -89.01 45.35 42.89
N ARG E 2565 -89.71 46.23 43.61
CA ARG E 2565 -90.86 46.90 43.02
C ARG E 2565 -90.45 47.80 41.86
N ASP E 2566 -89.31 48.48 41.99
CA ASP E 2566 -88.81 49.30 40.89
C ASP E 2566 -88.51 48.44 39.67
N SER E 2567 -87.89 47.28 39.87
CA SER E 2567 -87.59 46.39 38.74
C SER E 2567 -88.88 45.93 38.05
N ILE E 2568 -89.88 45.54 38.84
CA ILE E 2568 -91.15 45.12 38.26
C ILE E 2568 -91.77 46.26 37.47
N GLU E 2569 -91.73 47.48 38.03
CA GLU E 2569 -92.31 48.64 37.36
C GLU E 2569 -91.60 48.93 36.03
N VAL E 2570 -90.27 48.86 36.02
CA VAL E 2570 -89.53 49.08 34.78
C VAL E 2570 -89.91 48.02 33.74
N CYS E 2571 -90.00 46.76 34.16
CA CYS E 2571 -90.40 45.70 33.24
C CYS E 2571 -91.76 45.99 32.62
N LEU E 2572 -92.74 46.32 33.47
CA LEU E 2572 -94.09 46.58 32.98
C LEU E 2572 -94.12 47.76 32.02
N LEU E 2573 -93.41 48.84 32.37
CA LEU E 2573 -93.39 50.02 31.50
C LEU E 2573 -92.78 49.69 30.15
N SER E 2574 -91.66 48.96 30.13
CA SER E 2574 -91.03 48.63 28.85
C SER E 2574 -91.96 47.78 27.99
N ILE E 2575 -92.49 46.71 28.57
CA ILE E 2575 -93.34 45.79 27.80
C ILE E 2575 -94.56 46.52 27.26
N CYS E 2576 -95.20 47.34 28.10
CA CYS E 2576 -96.37 48.08 27.62
C CYS E 2576 -95.99 49.11 26.57
N GLY E 2577 -94.95 49.91 26.83
CA GLY E 2577 -94.58 51.00 25.96
C GLY E 2577 -94.07 50.57 24.61
N GLN E 2578 -93.74 49.29 24.42
CA GLN E 2578 -93.46 48.85 23.07
C GLN E 2578 -94.19 47.56 22.67
N LEU E 2579 -95.24 47.17 23.40
CA LEU E 2579 -96.18 46.15 22.96
C LEU E 2579 -97.36 46.76 22.21
N ARG E 2580 -97.99 45.95 21.37
CA ARG E 2580 -99.13 46.39 20.59
C ARG E 2580 -100.26 46.88 21.50
N PRO E 2581 -100.85 48.05 21.20
CA PRO E 2581 -101.95 48.55 22.05
C PRO E 2581 -103.14 47.62 22.14
N SER E 2582 -103.49 46.93 21.05
CA SER E 2582 -104.71 46.15 21.02
C SER E 2582 -104.61 44.88 21.86
N MET E 2583 -103.41 44.44 22.21
CA MET E 2583 -103.23 43.11 22.76
C MET E 2583 -103.05 43.12 24.28
N MET E 2584 -103.15 44.27 24.91
CA MET E 2584 -103.18 44.39 26.36
C MET E 2584 -104.42 45.11 26.88
N GLN E 2585 -105.49 45.18 26.09
CA GLN E 2585 -106.77 45.72 26.49
C GLN E 2585 -107.29 45.16 27.82
N HIS E 2586 -107.05 43.87 28.08
CA HIS E 2586 -107.45 43.31 29.37
C HIS E 2586 -106.71 44.00 30.50
N LEU E 2587 -105.41 44.23 30.31
CA LEU E 2587 -104.64 44.98 31.28
C LEU E 2587 -105.18 46.41 31.40
N LEU E 2588 -105.57 47.01 30.25
CA LEU E 2588 -106.26 48.30 30.32
C LEU E 2588 -107.43 48.23 31.29
N ARG E 2589 -108.26 47.19 31.16
CA ARG E 2589 -109.41 47.04 32.05
C ARG E 2589 -108.96 47.03 33.51
N ARG E 2590 -107.99 46.17 33.83
CA ARG E 2590 -107.57 46.03 35.22
C ARG E 2590 -107.08 47.34 35.79
N LEU E 2591 -106.24 48.06 35.04
CA LEU E 2591 -105.83 49.38 35.47
C LEU E 2591 -107.00 50.34 35.59
N VAL E 2592 -108.03 50.19 34.75
CA VAL E 2592 -109.19 51.06 34.86
C VAL E 2592 -109.88 50.88 36.20
N PHE E 2593 -110.03 49.63 36.67
CA PHE E 2593 -110.60 49.49 38.01
C PHE E 2593 -109.63 49.95 39.09
N ASP E 2594 -108.33 49.73 38.91
CA ASP E 2594 -107.40 49.93 40.02
C ASP E 2594 -106.93 51.37 40.20
N VAL E 2595 -106.82 52.17 39.14
CA VAL E 2595 -106.28 53.53 39.27
C VAL E 2595 -107.12 54.42 40.16
N PRO E 2596 -108.46 54.46 40.05
CA PRO E 2596 -109.23 55.39 40.89
C PRO E 2596 -109.03 55.21 42.39
N LEU E 2597 -108.47 54.07 42.82
CA LEU E 2597 -108.16 53.91 44.24
C LEU E 2597 -107.14 54.94 44.72
N LEU E 2598 -106.23 55.35 43.84
CA LEU E 2598 -105.21 56.35 44.16
C LEU E 2598 -104.41 55.96 45.41
N ASN E 2599 -104.08 54.69 45.51
CA ASN E 2599 -103.28 54.20 46.62
C ASN E 2599 -101.80 54.39 46.32
N GLU E 2600 -100.94 53.88 47.20
CA GLU E 2600 -99.50 53.97 46.96
C GLU E 2600 -99.09 53.16 45.75
N HIS E 2601 -99.73 52.00 45.54
CA HIS E 2601 -99.45 51.15 44.39
C HIS E 2601 -99.89 51.79 43.08
N ALA E 2602 -100.72 52.83 43.12
CA ALA E 2602 -101.27 53.41 41.90
C ALA E 2602 -100.24 54.16 41.07
N LYS E 2603 -99.04 54.40 41.60
CA LYS E 2603 -98.04 55.15 40.86
C LYS E 2603 -97.61 54.43 39.59
N MET E 2604 -97.35 53.12 39.70
CA MET E 2604 -96.92 52.37 38.52
C MET E 2604 -97.98 52.32 37.43
N PRO E 2605 -99.25 51.99 37.71
CA PRO E 2605 -100.26 52.07 36.63
C PRO E 2605 -100.44 53.47 36.07
N LEU E 2606 -100.24 54.52 36.87
CA LEU E 2606 -100.33 55.86 36.31
C LEU E 2606 -99.29 56.07 35.22
N LYS E 2607 -98.05 55.66 35.49
CA LYS E 2607 -97.02 55.69 34.46
C LYS E 2607 -97.42 54.81 33.27
N LEU E 2608 -98.02 53.66 33.56
CA LEU E 2608 -98.34 52.71 32.50
C LEU E 2608 -99.35 53.32 31.53
N LEU E 2609 -100.45 53.87 32.06
CA LEU E 2609 -101.44 54.52 31.20
C LEU E 2609 -100.85 55.75 30.52
N THR E 2610 -100.05 56.54 31.25
CA THR E 2610 -99.43 57.71 30.65
C THR E 2610 -98.66 57.34 29.39
N ASN E 2611 -97.77 56.35 29.51
CA ASN E 2611 -96.97 55.92 28.39
C ASN E 2611 -97.84 55.29 27.31
N HIS E 2612 -98.84 54.49 27.70
CA HIS E 2612 -99.71 53.83 26.73
C HIS E 2612 -100.41 54.85 25.83
N TYR E 2613 -101.07 55.83 26.44
CA TYR E 2613 -101.81 56.84 25.68
C TYR E 2613 -100.88 57.77 24.92
N GLU E 2614 -99.82 58.26 25.57
CA GLU E 2614 -98.90 59.14 24.85
C GLU E 2614 -98.28 58.43 23.66
N ARG E 2615 -97.87 57.18 23.83
CA ARG E 2615 -97.34 56.35 22.76
C ARG E 2615 -98.30 56.19 21.59
N CYS E 2616 -99.47 55.60 21.83
CA CYS E 2616 -100.38 55.25 20.75
C CYS E 2616 -101.52 56.26 20.59
N TRP E 2617 -101.26 57.54 20.87
CA TRP E 2617 -102.27 58.58 20.81
C TRP E 2617 -103.20 58.44 19.59
N LYS E 2618 -102.63 58.20 18.42
CA LYS E 2618 -103.46 58.03 17.22
C LYS E 2618 -104.41 56.86 17.36
N TYR E 2619 -103.94 55.74 17.93
CA TYR E 2619 -104.77 54.55 18.08
C TYR E 2619 -106.07 54.83 18.80
N TYR E 2620 -106.06 55.75 19.77
CA TYR E 2620 -107.28 56.02 20.52
C TYR E 2620 -108.03 57.24 20.02
N CYS E 2621 -107.44 58.03 19.11
CA CYS E 2621 -108.10 59.23 18.60
C CYS E 2621 -108.36 59.17 17.10
N LEU E 2622 -107.34 58.88 16.30
CA LEU E 2622 -107.48 58.95 14.86
C LEU E 2622 -108.43 57.86 14.35
N PRO E 2623 -109.18 58.15 13.27
CA PRO E 2623 -110.11 57.14 12.75
C PRO E 2623 -109.44 55.84 12.35
N GLY E 2624 -108.31 55.91 11.65
CA GLY E 2624 -107.53 54.73 11.38
C GLY E 2624 -106.58 54.36 12.49
N GLY E 2625 -106.53 55.17 13.55
CA GLY E 2625 -105.70 54.88 14.70
C GLY E 2625 -104.22 54.95 14.36
N TRP E 2626 -103.44 54.12 15.06
CA TRP E 2626 -102.01 54.02 14.81
C TRP E 2626 -101.73 53.06 13.65
N GLY E 2627 -102.20 53.47 12.48
CA GLY E 2627 -101.94 52.76 11.24
C GLY E 2627 -102.35 51.31 11.23
N ASN E 2628 -101.39 50.42 10.99
CA ASN E 2628 -101.67 48.98 11.00
C ASN E 2628 -101.93 48.47 12.40
N PHE E 2629 -101.52 49.21 13.43
CA PHE E 2629 -101.79 48.81 14.81
C PHE E 2629 -103.29 48.77 15.11
N GLY E 2630 -104.10 49.45 14.32
CA GLY E 2630 -105.53 49.48 14.53
C GLY E 2630 -105.99 50.75 15.21
N ALA E 2631 -107.24 50.70 15.67
CA ALA E 2631 -107.85 51.83 16.36
C ALA E 2631 -108.59 51.31 17.59
N ALA E 2632 -108.76 52.20 18.56
CA ALA E 2632 -109.47 51.83 19.79
C ALA E 2632 -110.92 51.52 19.49
N SER E 2633 -111.36 50.31 19.87
CA SER E 2633 -112.74 49.92 19.68
C SER E 2633 -113.65 50.81 20.54
N GLU E 2634 -114.95 50.69 20.32
CA GLU E 2634 -115.89 51.47 21.11
C GLU E 2634 -115.78 51.10 22.59
N GLU E 2635 -115.55 49.82 22.88
CA GLU E 2635 -115.35 49.40 24.26
C GLU E 2635 -114.07 50.02 24.84
N GLU E 2636 -112.98 50.04 24.05
CA GLU E 2636 -111.75 50.65 24.55
C GLU E 2636 -111.94 52.13 24.82
N LEU E 2637 -112.65 52.82 23.93
CA LEU E 2637 -112.92 54.24 24.15
C LEU E 2637 -113.79 54.46 25.38
N HIS E 2638 -114.78 53.59 25.59
CA HIS E 2638 -115.63 53.71 26.77
C HIS E 2638 -114.81 53.49 28.04
N LEU E 2639 -113.93 52.49 28.04
CA LEU E 2639 -113.08 52.24 29.19
C LEU E 2639 -112.13 53.41 29.43
N SER E 2640 -111.56 53.97 28.36
CA SER E 2640 -110.66 55.10 28.50
C SER E 2640 -111.40 56.31 29.06
N ARG E 2641 -112.63 56.55 28.60
CA ARG E 2641 -113.42 57.65 29.12
C ARG E 2641 -113.79 57.44 30.58
N LYS E 2642 -114.18 56.22 30.93
CA LYS E 2642 -114.51 55.90 32.32
C LYS E 2642 -113.31 56.14 33.22
N LEU E 2643 -112.13 55.67 32.79
CA LEU E 2643 -110.92 55.92 33.55
C LEU E 2643 -110.59 57.42 33.59
N PHE E 2644 -110.82 58.13 32.49
CA PHE E 2644 -110.51 59.55 32.45
C PHE E 2644 -111.31 60.31 33.50
N TRP E 2645 -112.63 60.13 33.51
CA TRP E 2645 -113.43 60.82 34.51
C TRP E 2645 -113.21 60.25 35.90
N GLY E 2646 -112.87 58.97 36.01
CA GLY E 2646 -112.55 58.42 37.32
C GLY E 2646 -111.34 59.08 37.95
N ILE E 2647 -110.25 59.20 37.18
CA ILE E 2647 -109.07 59.88 37.68
C ILE E 2647 -109.35 61.36 37.88
N PHE E 2648 -110.15 61.96 37.00
CA PHE E 2648 -110.47 63.38 37.14
C PHE E 2648 -111.15 63.65 38.47
N ASP E 2649 -112.23 62.92 38.75
CA ASP E 2649 -112.95 63.11 40.01
C ASP E 2649 -112.11 62.67 41.21
N ALA E 2650 -111.32 61.61 41.05
CA ALA E 2650 -110.50 61.13 42.15
C ALA E 2650 -109.45 62.17 42.55
N LEU E 2651 -108.80 62.78 41.57
CA LEU E 2651 -107.85 63.84 41.85
C LEU E 2651 -108.56 65.08 42.38
N SER E 2652 -109.79 65.32 41.94
CA SER E 2652 -110.57 66.42 42.48
C SER E 2652 -110.80 66.25 43.98
N GLN E 2653 -111.21 65.04 44.39
CA GLN E 2653 -111.45 64.79 45.81
C GLN E 2653 -110.16 64.63 46.60
N LYS E 2654 -109.09 64.21 45.93
CA LYS E 2654 -107.84 63.91 46.62
C LYS E 2654 -107.19 65.19 47.12
N LYS E 2655 -106.59 65.11 48.31
CA LYS E 2655 -105.77 66.21 48.81
C LYS E 2655 -104.59 66.44 47.88
N TYR E 2656 -104.30 67.70 47.59
CA TYR E 2656 -103.25 68.02 46.62
C TYR E 2656 -101.90 67.55 47.14
N GLU E 2657 -101.26 66.69 46.36
CA GLU E 2657 -99.91 66.22 46.64
C GLU E 2657 -99.02 66.61 45.47
N GLN E 2658 -97.89 67.24 45.76
CA GLN E 2658 -97.00 67.69 44.69
C GLN E 2658 -96.51 66.50 43.85
N GLU E 2659 -96.02 65.45 44.52
CA GLU E 2659 -95.48 64.30 43.79
C GLU E 2659 -96.58 63.54 43.08
N LEU E 2660 -97.64 63.17 43.81
CA LEU E 2660 -98.70 62.35 43.23
C LEU E 2660 -99.41 63.07 42.10
N PHE E 2661 -99.74 64.35 42.29
CA PHE E 2661 -100.47 65.06 41.25
C PHE E 2661 -99.57 65.44 40.09
N LYS E 2662 -98.29 65.76 40.35
CA LYS E 2662 -97.36 65.98 39.25
C LYS E 2662 -97.15 64.72 38.44
N LEU E 2663 -97.25 63.54 39.07
CA LEU E 2663 -97.14 62.30 38.32
C LEU E 2663 -98.43 61.99 37.56
N ALA E 2664 -99.58 62.30 38.15
CA ALA E 2664 -100.86 61.97 37.54
C ALA E 2664 -101.23 62.91 36.41
N LEU E 2665 -100.76 64.16 36.44
CA LEU E 2665 -101.11 65.11 35.39
C LEU E 2665 -100.75 64.63 34.00
N PRO E 2666 -99.55 64.07 33.74
CA PRO E 2666 -99.31 63.53 32.40
C PRO E 2666 -100.28 62.43 32.01
N CYS E 2667 -100.71 61.60 32.96
CA CYS E 2667 -101.67 60.54 32.64
C CYS E 2667 -102.99 61.12 32.16
N LEU E 2668 -103.55 62.07 32.93
CA LEU E 2668 -104.81 62.67 32.55
C LEU E 2668 -104.69 63.43 31.24
N SER E 2669 -103.56 64.12 31.04
CA SER E 2669 -103.32 64.82 29.79
C SER E 2669 -103.27 63.85 28.61
N ALA E 2670 -102.60 62.72 28.79
CA ALA E 2670 -102.52 61.73 27.72
C ALA E 2670 -103.89 61.16 27.39
N VAL E 2671 -104.69 60.85 28.41
CA VAL E 2671 -106.02 60.29 28.15
C VAL E 2671 -106.90 61.33 27.47
N ALA E 2672 -106.80 62.59 27.88
CA ALA E 2672 -107.56 63.65 27.22
C ALA E 2672 -107.15 63.80 25.77
N GLY E 2673 -105.85 63.75 25.48
CA GLY E 2673 -105.39 63.81 24.10
C GLY E 2673 -105.85 62.63 23.28
N ALA E 2674 -105.92 61.45 23.89
CA ALA E 2674 -106.31 60.25 23.16
C ALA E 2674 -107.81 60.23 22.88
N LEU E 2675 -108.62 60.69 23.82
CA LEU E 2675 -110.07 60.67 23.64
C LEU E 2675 -110.48 61.66 22.56
N PRO E 2676 -111.18 61.23 21.51
CA PRO E 2676 -111.59 62.15 20.45
C PRO E 2676 -112.54 63.20 20.98
N PRO E 2677 -112.43 64.43 20.47
CA PRO E 2677 -113.35 65.49 20.94
C PRO E 2677 -114.81 65.20 20.65
N ASP E 2678 -115.12 64.41 19.63
CA ASP E 2678 -116.49 64.13 19.23
C ASP E 2678 -116.96 62.74 19.67
N TYR E 2679 -116.21 62.06 20.54
CA TYR E 2679 -116.54 60.69 20.89
C TYR E 2679 -117.79 60.60 21.76
N MET E 2680 -118.72 59.75 21.34
CA MET E 2680 -119.92 59.37 22.09
C MET E 2680 -120.03 57.85 22.22
N PRO E 2713 -137.75 32.76 31.70
CA PRO E 2713 -139.07 33.06 31.14
C PRO E 2713 -139.52 32.05 30.09
N GLU E 2714 -140.74 32.25 29.57
CA GLU E 2714 -141.29 31.32 28.58
C GLU E 2714 -140.48 31.32 27.30
N LYS E 2715 -140.01 32.49 26.87
CA LYS E 2715 -139.20 32.56 25.65
C LYS E 2715 -137.89 31.79 25.84
N LEU E 2716 -137.26 31.94 27.00
CA LEU E 2716 -136.03 31.20 27.26
C LEU E 2716 -136.28 29.70 27.37
N GLU E 2717 -137.42 29.29 27.94
CA GLU E 2717 -137.75 27.88 27.99
C GLU E 2717 -137.96 27.31 26.59
N TYR E 2718 -138.66 28.05 25.72
CA TYR E 2718 -138.81 27.62 24.34
C TYR E 2718 -137.46 27.56 23.63
N PHE E 2719 -136.57 28.51 23.94
CA PHE E 2719 -135.23 28.46 23.39
C PHE E 2719 -134.49 27.21 23.87
N ILE E 2720 -134.67 26.84 25.13
CA ILE E 2720 -134.05 25.61 25.65
C ILE E 2720 -134.56 24.40 24.88
N ASN E 2721 -135.87 24.33 24.65
CA ASN E 2721 -136.43 23.19 23.93
C ASN E 2721 -135.92 23.14 22.50
N LYS E 2722 -135.92 24.27 21.80
CA LYS E 2722 -135.46 24.31 20.42
C LYS E 2722 -133.97 23.97 20.33
N TYR E 2723 -133.18 24.49 21.27
CA TYR E 2723 -131.76 24.19 21.30
C TYR E 2723 -131.52 22.72 21.59
N ALA E 2724 -132.34 22.11 22.45
CA ALA E 2724 -132.22 20.69 22.72
C ALA E 2724 -132.49 19.87 21.46
N GLU E 2725 -133.53 20.23 20.71
CA GLU E 2725 -133.82 19.51 19.47
C GLU E 2725 -132.69 19.68 18.45
N HIS E 2726 -132.23 20.92 18.26
CA HIS E 2726 -131.16 21.18 17.31
C HIS E 2726 -129.86 20.51 17.73
N SER E 2727 -129.58 20.47 19.03
CA SER E 2727 -128.37 19.82 19.52
C SER E 2727 -128.46 18.31 19.37
N HIS E 2728 -129.65 17.72 19.54
CA HIS E 2728 -129.82 16.31 19.26
C HIS E 2728 -129.54 16.02 17.79
N ASP E 2729 -130.06 16.86 16.90
CA ASP E 2729 -129.76 16.70 15.48
C ASP E 2729 -128.27 16.83 15.20
N LYS E 2730 -127.61 17.80 15.85
CA LYS E 2730 -126.18 18.00 15.66
C LYS E 2730 -125.38 16.81 16.15
N TRP E 2731 -125.74 16.26 17.31
CA TRP E 2731 -125.05 15.06 17.81
C TRP E 2731 -125.25 13.89 16.87
N SER E 2732 -126.48 13.71 16.37
CA SER E 2732 -126.72 12.61 15.43
C SER E 2732 -125.84 12.76 14.19
N MET E 2733 -125.80 13.97 13.63
CA MET E 2733 -125.00 14.21 12.42
C MET E 2733 -123.52 13.97 12.68
N ASP E 2734 -123.01 14.50 13.80
CA ASP E 2734 -121.60 14.35 14.11
C ASP E 2734 -121.22 12.89 14.34
N LYS E 2735 -122.06 12.16 15.08
CA LYS E 2735 -121.77 10.76 15.35
C LYS E 2735 -121.84 9.91 14.09
N LEU E 2736 -122.81 10.16 13.21
CA LEU E 2736 -122.86 9.41 11.97
C LEU E 2736 -121.69 9.76 11.06
N ALA E 2737 -121.24 11.02 11.09
CA ALA E 2737 -120.05 11.39 10.32
C ALA E 2737 -118.81 10.69 10.83
N ASN E 2738 -118.67 10.59 12.16
CA ASN E 2738 -117.53 9.86 12.73
C ASN E 2738 -117.62 8.37 12.45
N GLY E 2739 -118.83 7.82 12.41
CA GLY E 2739 -119.01 6.40 12.17
C GLY E 2739 -119.65 5.68 13.34
N TRP E 2740 -120.48 6.39 14.11
CA TRP E 2740 -121.13 5.81 15.27
C TRP E 2740 -122.29 4.92 14.87
N ILE E 2741 -122.67 4.01 15.77
CA ILE E 2741 -123.79 3.11 15.57
C ILE E 2741 -124.71 3.23 16.78
N TYR E 2742 -125.99 2.90 16.58
CA TYR E 2742 -126.94 2.93 17.68
C TYR E 2742 -126.64 1.80 18.67
N GLY E 2743 -126.72 2.12 19.96
CA GLY E 2743 -126.48 1.14 20.99
C GLY E 2743 -126.83 1.70 22.35
N GLU E 2744 -127.12 0.79 23.28
CA GLU E 2744 -127.49 1.20 24.64
C GLU E 2744 -126.34 1.90 25.33
N ILE E 2745 -125.13 1.37 25.21
CA ILE E 2745 -123.96 1.96 25.87
C ILE E 2745 -123.45 3.13 25.05
N TYR E 2746 -122.89 4.12 25.75
CA TYR E 2746 -122.34 5.32 25.11
C TYR E 2746 -120.82 5.28 25.00
N SER E 2747 -120.21 4.11 25.18
CA SER E 2747 -118.77 4.00 25.10
C SER E 2747 -118.28 4.26 23.67
N ASP E 2748 -117.18 5.00 23.56
CA ASP E 2748 -116.61 5.35 22.27
C ASP E 2748 -115.65 4.31 21.73
N SER E 2749 -115.31 3.28 22.52
CA SER E 2749 -114.40 2.25 22.04
C SER E 2749 -114.99 1.49 20.86
N SER E 2750 -116.27 1.12 20.95
CA SER E 2750 -116.97 0.48 19.85
C SER E 2750 -117.82 1.44 19.04
N LYS E 2751 -117.80 2.73 19.38
CA LYS E 2751 -118.56 3.77 18.69
C LYS E 2751 -120.06 3.44 18.67
N ILE E 2752 -120.63 3.37 19.87
CA ILE E 2752 -122.05 3.13 20.05
C ILE E 2752 -122.63 4.25 20.91
N GLN E 2753 -123.78 4.79 20.48
CA GLN E 2753 -124.44 5.88 21.19
C GLN E 2753 -125.94 5.64 21.22
N PRO E 2754 -126.60 5.93 22.34
CA PRO E 2754 -128.06 5.90 22.40
C PRO E 2754 -128.74 7.20 22.02
N LEU E 2755 -127.99 8.23 21.62
CA LEU E 2755 -128.53 9.54 21.28
C LEU E 2755 -128.44 9.80 19.78
N MET E 2756 -128.70 8.78 18.97
CA MET E 2756 -128.67 8.93 17.52
C MET E 2756 -130.06 8.67 16.98
N LEU E 2761 -121.25 9.58 21.56
CA LEU E 2761 -120.35 9.84 22.67
C LEU E 2761 -121.12 10.22 23.92
N LEU E 2762 -122.13 11.08 23.76
CA LEU E 2762 -122.97 11.53 24.86
C LEU E 2762 -124.32 10.82 24.79
N SER E 2763 -124.81 10.37 25.94
CA SER E 2763 -126.04 9.61 26.02
C SER E 2763 -127.21 10.54 26.35
N GLU E 2764 -128.39 9.95 26.55
CA GLU E 2764 -129.56 10.74 26.94
C GLU E 2764 -129.34 11.37 28.32
N LYS E 2765 -128.73 10.63 29.24
CA LYS E 2765 -128.40 11.19 30.54
C LYS E 2765 -127.42 12.35 30.40
N GLU E 2766 -126.43 12.19 29.52
CA GLU E 2766 -125.47 13.28 29.28
C GLU E 2766 -126.17 14.51 28.72
N LYS E 2767 -127.11 14.31 27.79
CA LYS E 2767 -127.85 15.44 27.24
C LYS E 2767 -128.70 16.13 28.29
N GLU E 2768 -129.37 15.36 29.14
CA GLU E 2768 -130.26 15.97 30.13
C GLU E 2768 -129.47 16.65 31.24
N ILE E 2769 -128.24 16.20 31.52
CA ILE E 2769 -127.45 16.91 32.52
C ILE E 2769 -126.79 18.14 31.89
N TYR E 2770 -126.38 18.06 30.61
CA TYR E 2770 -125.86 19.23 29.93
C TYR E 2770 -126.93 20.28 29.65
N ARG E 2771 -128.21 19.90 29.73
CA ARG E 2771 -129.26 20.90 29.69
C ARG E 2771 -129.17 21.89 30.85
N TRP E 2772 -128.69 21.43 32.01
CA TRP E 2772 -128.67 22.28 33.20
C TRP E 2772 -127.77 23.51 33.06
N PRO E 2773 -126.52 23.41 32.57
CA PRO E 2773 -125.71 24.63 32.43
C PRO E 2773 -126.33 25.67 31.52
N ILE E 2774 -127.11 25.26 30.52
CA ILE E 2774 -127.78 26.23 29.65
C ILE E 2774 -128.75 27.07 30.47
N LYS E 2775 -129.59 26.41 31.26
CA LYS E 2775 -130.54 27.13 32.10
C LYS E 2775 -129.82 27.98 33.15
N GLU E 2776 -128.71 27.47 33.70
CA GLU E 2776 -127.94 28.24 34.66
C GLU E 2776 -127.39 29.52 34.04
N SER E 2777 -126.86 29.42 32.82
CA SER E 2777 -126.35 30.60 32.13
C SER E 2777 -127.47 31.59 31.82
N LEU E 2778 -128.62 31.08 31.39
CA LEU E 2778 -129.75 31.97 31.13
C LEU E 2778 -130.18 32.70 32.39
N LYS E 2779 -130.27 31.98 33.51
CA LYS E 2779 -130.64 32.62 34.77
C LYS E 2779 -129.59 33.65 35.19
N THR E 2780 -128.31 33.34 35.02
CA THR E 2780 -127.25 34.26 35.42
C THR E 2780 -127.30 35.54 34.60
N MET E 2781 -127.39 35.42 33.27
CA MET E 2781 -127.40 36.62 32.45
C MET E 2781 -128.76 37.31 32.41
N LEU E 2782 -129.81 36.67 32.95
CA LEU E 2782 -131.06 37.39 33.18
C LEU E 2782 -131.00 38.19 34.48
N ALA E 2783 -130.40 37.61 35.53
CA ALA E 2783 -130.22 38.34 36.77
C ALA E 2783 -129.22 39.48 36.60
N TRP E 2784 -128.24 39.33 35.73
CA TRP E 2784 -127.28 40.39 35.45
C TRP E 2784 -127.96 41.58 34.78
N ASP E 2835 -122.29 43.18 22.27
CA ASP E 2835 -123.66 42.71 22.19
C ASP E 2835 -123.76 41.24 22.59
N LEU E 2836 -124.22 40.41 21.64
CA LEU E 2836 -124.35 38.98 21.91
C LEU E 2836 -122.99 38.35 22.18
N HIS E 2837 -121.97 38.72 21.41
CA HIS E 2837 -120.64 38.19 21.65
C HIS E 2837 -120.09 38.62 23.00
N ALA E 2838 -120.30 39.89 23.38
CA ALA E 2838 -119.84 40.36 24.68
C ALA E 2838 -120.53 39.63 25.82
N MET E 2839 -121.86 39.42 25.69
CA MET E 2839 -122.58 38.68 26.72
C MET E 2839 -122.14 37.22 26.75
N ALA E 2840 -121.78 36.65 25.60
CA ALA E 2840 -121.25 35.29 25.57
C ALA E 2840 -119.92 35.21 26.31
N GLU E 2841 -119.05 36.20 26.11
CA GLU E 2841 -117.79 36.23 26.84
C GLU E 2841 -118.03 36.38 28.34
N MET E 2842 -119.00 37.22 28.72
CA MET E 2842 -119.33 37.38 30.13
C MET E 2842 -119.83 36.07 30.74
N MET E 2843 -120.70 35.36 30.01
CA MET E 2843 -121.22 34.08 30.50
C MET E 2843 -120.10 33.04 30.59
N ALA E 2844 -119.18 33.04 29.62
CA ALA E 2844 -118.05 32.13 29.68
C ALA E 2844 -117.18 32.41 30.91
N GLU E 2845 -116.94 33.70 31.20
CA GLU E 2845 -116.20 34.04 32.41
C GLU E 2845 -116.95 33.60 33.67
N ASN E 2846 -118.27 33.77 33.68
CA ASN E 2846 -119.05 33.33 34.84
C ASN E 2846 -118.94 31.83 35.05
N TYR E 2847 -119.05 31.05 33.97
CA TYR E 2847 -118.96 29.61 34.10
C TYR E 2847 -117.55 29.17 34.49
N HIS E 2848 -116.54 29.84 33.95
CA HIS E 2848 -115.17 29.55 34.37
C HIS E 2848 -114.97 29.84 35.84
N ASN E 2849 -115.54 30.96 36.33
CA ASN E 2849 -115.42 31.30 37.75
C ASN E 2849 -116.12 30.28 38.62
N ILE E 2850 -117.32 29.83 38.23
CA ILE E 2850 -118.03 28.85 39.05
C ILE E 2850 -117.32 27.50 39.03
N TRP E 2851 -116.74 27.13 37.89
CA TRP E 2851 -115.96 25.90 37.82
C TRP E 2851 -114.70 26.00 38.68
N ALA E 2852 -114.05 27.17 38.67
CA ALA E 2852 -112.88 27.37 39.53
C ALA E 2852 -113.27 27.29 41.00
N LYS E 2853 -114.42 27.86 41.37
CA LYS E 2853 -114.89 27.75 42.75
C LYS E 2853 -115.15 26.29 43.13
N LYS E 2854 -115.79 25.53 42.23
CA LYS E 2854 -116.07 24.13 42.52
C LYS E 2854 -114.79 23.33 42.67
N LYS E 2855 -113.80 23.55 41.80
CA LYS E 2855 -112.56 22.80 41.89
C LYS E 2855 -111.75 23.24 43.11
N LYS E 2856 -111.84 24.52 43.50
CA LYS E 2856 -111.20 24.95 44.73
C LYS E 2856 -111.82 24.30 45.96
N LEU E 2857 -113.15 24.18 45.97
CA LEU E 2857 -113.82 23.47 47.06
C LEU E 2857 -113.40 22.00 47.09
N GLU E 2858 -113.28 21.37 45.92
CA GLU E 2858 -112.83 19.98 45.86
C GLU E 2858 -111.40 19.86 46.39
N LEU E 2859 -110.52 20.79 46.03
CA LEU E 2859 -109.15 20.76 46.51
C LEU E 2859 -109.10 20.95 48.02
N GLU E 2860 -109.92 21.86 48.54
CA GLU E 2860 -109.97 22.06 49.99
C GLU E 2860 -110.45 20.80 50.71
N SER E 2861 -111.46 20.14 50.14
CA SER E 2861 -111.95 18.90 50.73
C SER E 2861 -110.89 17.81 50.70
N LYS E 2862 -110.15 17.71 49.60
CA LYS E 2862 -109.12 16.68 49.46
C LYS E 2862 -107.82 17.02 50.16
N GLY E 2863 -107.67 18.26 50.65
CA GLY E 2863 -106.45 18.66 51.31
C GLY E 2863 -105.23 18.73 50.39
N GLY E 2864 -105.41 19.27 49.18
CA GLY E 2864 -104.34 19.39 48.21
C GLY E 2864 -104.06 20.85 47.88
N GLY E 2865 -102.99 21.05 47.11
CA GLY E 2865 -102.60 22.38 46.72
C GLY E 2865 -103.54 22.98 45.69
N ASN E 2866 -103.52 24.31 45.61
CA ASN E 2866 -104.39 25.04 44.70
C ASN E 2866 -103.76 25.10 43.31
N HIS E 2867 -104.51 24.67 42.31
CA HIS E 2867 -104.03 24.72 40.94
C HIS E 2867 -104.00 26.17 40.43
N PRO E 2868 -103.15 26.48 39.46
CA PRO E 2868 -103.11 27.85 38.92
C PRO E 2868 -104.39 28.26 38.21
N LEU E 2869 -105.26 27.30 37.87
CA LEU E 2869 -106.50 27.61 37.17
C LEU E 2869 -107.49 28.39 38.03
N LEU E 2870 -107.25 28.49 39.34
CA LEU E 2870 -108.17 29.21 40.22
C LEU E 2870 -108.24 30.70 39.87
N VAL E 2871 -107.17 31.26 39.34
CA VAL E 2871 -107.14 32.67 38.97
C VAL E 2871 -108.09 32.88 37.79
N PRO E 2872 -108.62 34.10 37.59
CA PRO E 2872 -109.65 34.30 36.56
C PRO E 2872 -109.13 34.05 35.14
N TYR E 2873 -110.05 34.16 34.16
CA TYR E 2873 -109.69 33.90 32.77
C TYR E 2873 -108.62 34.88 32.30
N ASP E 2874 -108.75 36.15 32.67
CA ASP E 2874 -107.80 37.16 32.23
C ASP E 2874 -106.41 36.88 32.78
N THR E 2875 -106.32 36.50 34.06
CA THR E 2875 -105.02 36.14 34.62
C THR E 2875 -104.47 34.89 33.94
N LEU E 2876 -105.33 33.93 33.64
CA LEU E 2876 -104.92 32.75 32.89
C LEU E 2876 -104.65 33.10 31.44
N THR E 2877 -104.17 32.12 30.69
CA THR E 2877 -103.91 32.29 29.27
C THR E 2877 -105.22 32.39 28.49
N ALA E 2878 -105.10 32.86 27.25
CA ALA E 2878 -106.27 32.97 26.38
C ALA E 2878 -106.72 31.63 25.83
N LYS E 2879 -105.85 30.62 25.81
CA LYS E 2879 -106.22 29.33 25.24
C LYS E 2879 -107.30 28.64 26.06
N GLU E 2880 -107.22 28.74 27.39
CA GLU E 2880 -108.24 28.10 28.22
C GLU E 2880 -109.59 28.80 28.08
N LYS E 2881 -109.59 30.09 27.77
CA LYS E 2881 -110.85 30.80 27.57
C LYS E 2881 -111.61 30.25 26.37
N ALA E 2882 -110.90 29.88 25.30
CA ALA E 2882 -111.55 29.47 24.07
C ALA E 2882 -112.46 28.27 24.25
N LYS E 2883 -112.13 27.37 25.18
CA LYS E 2883 -112.96 26.20 25.41
C LYS E 2883 -114.36 26.60 25.87
N ASP E 2884 -114.45 27.55 26.80
CA ASP E 2884 -115.75 28.07 27.23
C ASP E 2884 -116.35 29.01 26.21
N ARG E 2885 -115.51 29.75 25.48
CA ARG E 2885 -116.01 30.70 24.48
C ARG E 2885 -116.71 29.99 23.35
N GLU E 2886 -116.24 28.80 22.96
CA GLU E 2886 -116.93 28.03 21.92
C GLU E 2886 -118.34 27.66 22.36
N LYS E 2887 -118.49 27.19 23.60
CA LYS E 2887 -119.81 26.84 24.11
C LYS E 2887 -120.70 28.07 24.22
N ALA E 2888 -120.14 29.19 24.68
CA ALA E 2888 -120.91 30.43 24.78
C ALA E 2888 -121.37 30.91 23.41
N GLN E 2889 -120.49 30.84 22.42
CA GLN E 2889 -120.86 31.23 21.06
C GLN E 2889 -121.93 30.31 20.50
N ASP E 2890 -121.83 29.01 20.79
CA ASP E 2890 -122.85 28.07 20.32
C ASP E 2890 -124.21 28.36 20.94
N ILE E 2891 -124.26 28.55 22.27
CA ILE E 2891 -125.55 28.79 22.92
C ILE E 2891 -126.12 30.13 22.46
N PHE E 2892 -125.28 31.13 22.22
CA PHE E 2892 -125.80 32.40 21.74
C PHE E 2892 -126.25 32.34 20.28
N LYS E 2893 -125.60 31.50 19.47
CA LYS E 2893 -126.12 31.26 18.13
C LYS E 2893 -127.49 30.61 18.18
N PHE E 2894 -127.67 29.63 19.07
CA PHE E 2894 -128.99 29.04 19.24
C PHE E 2894 -130.01 30.06 19.73
N LEU E 2895 -129.58 30.95 20.63
CA LEU E 2895 -130.47 31.99 21.14
C LEU E 2895 -130.92 32.93 20.04
N GLN E 2896 -129.99 33.38 19.19
CA GLN E 2896 -130.36 34.30 18.12
C GLN E 2896 -131.16 33.60 17.03
N ILE E 2897 -130.92 32.30 16.82
CA ILE E 2897 -131.76 31.54 15.91
C ILE E 2897 -133.19 31.46 16.43
N SER E 2898 -133.33 31.21 17.75
CA SER E 2898 -134.67 31.19 18.36
C SER E 2898 -135.34 32.55 18.25
N GLY E 2899 -134.59 33.63 18.49
CA GLY E 2899 -135.14 34.97 18.33
C GLY E 2899 -135.21 35.77 19.61
N TYR E 2900 -134.30 35.52 20.55
CA TYR E 2900 -134.25 36.24 21.81
C TYR E 2900 -132.91 36.96 21.93
N VAL E 2901 -132.97 38.24 22.32
CA VAL E 2901 -131.78 39.07 22.48
C VAL E 2901 -131.74 39.55 23.92
N VAL E 2902 -130.60 39.36 24.59
CA VAL E 2902 -130.43 39.74 25.98
C VAL E 2902 -129.11 40.50 26.12
N SER E 2903 -129.04 41.35 27.15
CA SER E 2903 -127.84 42.13 27.42
C SER E 2903 -127.74 42.33 28.93
N ARG E 2904 -126.80 43.18 29.35
CA ARG E 2904 -126.63 43.47 30.77
C ARG E 2904 -127.88 44.14 31.35
N GLY E 2905 -128.45 45.10 30.62
CA GLY E 2905 -129.63 45.81 31.08
C GLY E 2905 -129.33 46.81 32.17
N ILE E 2916 -124.28 64.17 22.91
CA ILE E 2916 -123.86 64.40 21.54
C ILE E 2916 -122.38 64.78 21.53
N GLU E 2917 -121.77 64.76 20.33
CA GLU E 2917 -120.38 65.18 20.18
C GLU E 2917 -120.16 66.52 20.86
N LYS E 2918 -121.20 67.35 20.94
CA LYS E 2918 -121.13 68.53 21.79
C LYS E 2918 -121.07 68.12 23.27
N ARG E 2919 -121.72 67.02 23.64
CA ARG E 2919 -121.75 66.63 25.05
C ARG E 2919 -120.41 66.15 25.56
N PHE E 2920 -119.59 65.53 24.70
CA PHE E 2920 -118.26 65.13 25.16
C PHE E 2920 -117.48 66.32 25.72
N ALA E 2921 -117.18 67.28 24.85
CA ALA E 2921 -116.52 68.49 25.30
C ALA E 2921 -117.34 69.17 26.38
N TYR E 2922 -118.64 69.36 26.15
CA TYR E 2922 -119.47 70.07 27.10
C TYR E 2922 -119.35 69.49 28.50
N SER E 2923 -119.23 68.17 28.61
CA SER E 2923 -119.03 67.54 29.91
C SER E 2923 -117.68 67.92 30.49
N PHE E 2924 -116.60 67.76 29.73
CA PHE E 2924 -115.32 67.94 30.43
C PHE E 2924 -115.01 69.43 30.59
N LEU E 2925 -115.28 70.24 29.55
CA LEU E 2925 -115.31 71.69 29.69
C LEU E 2925 -116.32 72.17 30.72
N GLN E 2926 -117.37 71.41 31.02
CA GLN E 2926 -118.31 71.82 32.05
C GLN E 2926 -117.74 71.58 33.43
N GLN E 2927 -117.00 70.48 33.58
CA GLN E 2927 -116.17 70.34 34.77
C GLN E 2927 -115.23 71.53 34.91
N LEU E 2928 -114.66 71.97 33.78
CA LEU E 2928 -113.77 73.14 33.82
C LEU E 2928 -114.51 74.41 34.21
N ILE E 2929 -115.71 74.64 33.66
CA ILE E 2929 -116.45 75.86 33.96
C ILE E 2929 -116.95 75.86 35.39
N ARG E 2930 -117.40 74.70 35.88
CA ARG E 2930 -117.75 74.57 37.29
C ARG E 2930 -116.53 74.80 38.17
N TYR E 2931 -115.37 74.31 37.75
CA TYR E 2931 -114.12 74.57 38.45
C TYR E 2931 -113.84 76.07 38.53
N VAL E 2932 -114.02 76.76 37.40
CA VAL E 2932 -113.71 78.19 37.36
C VAL E 2932 -114.70 78.99 38.18
N ASP E 2933 -115.98 78.63 38.13
CA ASP E 2933 -116.98 79.30 38.97
C ASP E 2933 -116.70 79.06 40.44
N GLU E 2934 -116.36 77.82 40.80
CA GLU E 2934 -116.01 77.52 42.19
C GLU E 2934 -114.76 78.29 42.62
N ALA E 2935 -113.76 78.39 41.73
CA ALA E 2935 -112.57 79.15 42.04
C ALA E 2935 -112.89 80.63 42.22
N HIS E 2936 -113.77 81.17 41.38
CA HIS E 2936 -114.22 82.55 41.55
C HIS E 2936 -114.87 82.73 42.92
N GLN E 2937 -115.71 81.78 43.32
CA GLN E 2937 -116.35 81.85 44.63
C GLN E 2937 -115.31 81.79 45.75
N TYR E 2938 -114.33 80.89 45.63
CA TYR E 2938 -113.29 80.78 46.66
C TYR E 2938 -112.47 82.06 46.75
N ILE E 2939 -112.09 82.66 45.62
CA ILE E 2939 -111.32 83.89 45.65
C ILE E 2939 -112.15 85.03 46.23
N LEU E 2940 -113.43 85.12 45.86
CA LEU E 2940 -114.27 86.18 46.41
C LEU E 2940 -114.42 86.03 47.91
N GLU E 2941 -114.66 84.80 48.38
CA GLU E 2941 -114.81 84.56 49.82
C GLU E 2941 -113.50 84.83 50.55
N PHE E 2942 -112.37 84.44 49.96
CA PHE E 2942 -111.07 84.63 50.58
C PHE E 2942 -110.71 86.12 50.66
N ASP E 2943 -111.09 86.89 49.65
CA ASP E 2943 -110.86 88.33 49.69
C ASP E 2943 -111.80 89.01 50.68
N GLY E 2944 -113.06 88.57 50.75
CA GLY E 2944 -113.99 89.16 51.69
C GLY E 2944 -113.61 88.89 53.14
N GLY E 2945 -113.23 87.66 53.44
CA GLY E 2945 -112.81 87.33 54.79
C GLY E 2945 -111.37 87.74 55.05
N SER E 2946 -111.11 88.23 56.25
CA SER E 2946 -109.78 88.68 56.62
C SER E 2946 -108.83 87.48 56.69
N ARG E 2947 -107.62 87.66 56.17
CA ARG E 2947 -106.62 86.61 56.21
C ARG E 2947 -106.18 86.37 57.66
N SER E 2948 -106.04 85.09 58.01
CA SER E 2948 -105.62 84.69 59.35
C SER E 2948 -104.17 84.25 59.29
N LYS E 2949 -103.34 84.86 60.12
CA LYS E 2949 -101.92 84.51 60.16
C LYS E 2949 -101.74 83.14 60.80
N GLY E 2950 -101.00 82.27 60.12
CA GLY E 2950 -100.77 80.91 60.60
C GLY E 2950 -101.85 79.92 60.24
N GLU E 2951 -102.93 80.35 59.61
CA GLU E 2951 -104.03 79.48 59.19
C GLU E 2951 -104.23 79.63 57.70
N HIS E 2952 -103.96 78.57 56.94
CA HIS E 2952 -104.12 78.61 55.50
C HIS E 2952 -105.58 78.37 55.14
N PHE E 2953 -106.10 79.20 54.24
CA PHE E 2953 -107.50 79.10 53.85
C PHE E 2953 -107.74 77.82 53.06
N PRO E 2954 -108.78 77.05 53.39
CA PRO E 2954 -109.15 75.92 52.51
C PRO E 2954 -109.52 76.38 51.11
N TYR E 2955 -110.12 77.55 50.99
CA TYR E 2955 -110.37 78.12 49.67
C TYR E 2955 -109.07 78.38 48.93
N GLU E 2956 -108.06 78.89 49.64
CA GLU E 2956 -106.75 79.10 49.02
C GLU E 2956 -106.11 77.78 48.62
N GLN E 2957 -106.29 76.74 49.42
CA GLN E 2957 -105.79 75.42 49.06
C GLN E 2957 -106.46 74.91 47.78
N GLU E 2958 -107.78 75.10 47.68
CA GLU E 2958 -108.50 74.71 46.47
C GLU E 2958 -108.01 75.51 45.26
N ILE E 2959 -107.75 76.80 45.45
CA ILE E 2959 -107.23 77.64 44.38
C ILE E 2959 -105.88 77.12 43.92
N LYS E 2960 -105.00 76.77 44.86
CA LYS E 2960 -103.69 76.24 44.51
C LYS E 2960 -103.82 74.92 43.75
N PHE E 2961 -104.70 74.03 44.22
CA PHE E 2961 -104.89 72.76 43.54
C PHE E 2961 -105.40 72.98 42.12
N PHE E 2962 -106.37 73.88 41.94
CA PHE E 2962 -106.86 74.22 40.61
C PHE E 2962 -105.73 74.72 39.73
N ALA E 2963 -105.02 75.75 40.18
CA ALA E 2963 -104.00 76.39 39.36
C ALA E 2963 -102.82 75.48 39.07
N LYS E 2964 -102.61 74.44 39.89
CA LYS E 2964 -101.51 73.52 39.66
C LYS E 2964 -101.91 72.23 38.95
N VAL E 2965 -103.21 71.95 38.82
CA VAL E 2965 -103.62 70.73 38.14
C VAL E 2965 -104.50 71.05 36.94
N VAL E 2966 -105.66 71.68 37.20
CA VAL E 2966 -106.63 71.91 36.13
C VAL E 2966 -106.11 72.98 35.17
N LEU E 2967 -105.45 74.01 35.71
CA LEU E 2967 -104.96 75.10 34.87
C LEU E 2967 -103.95 74.62 33.82
N PRO E 2968 -102.96 73.77 34.14
CA PRO E 2968 -102.14 73.20 33.06
C PRO E 2968 -102.92 72.32 32.11
N LEU E 2969 -104.03 71.72 32.57
CA LEU E 2969 -104.71 70.70 31.78
C LEU E 2969 -105.49 71.30 30.61
N ILE E 2970 -106.01 72.52 30.76
CA ILE E 2970 -106.86 73.10 29.73
C ILE E 2970 -106.06 73.36 28.46
N ASP E 2971 -104.83 73.87 28.60
CA ASP E 2971 -104.00 74.14 27.43
C ASP E 2971 -103.70 72.85 26.68
N GLN E 2972 -103.38 71.78 27.42
CA GLN E 2972 -103.20 70.48 26.79
C GLN E 2972 -104.48 70.03 26.11
N TYR E 2973 -105.64 70.38 26.67
CA TYR E 2973 -106.90 70.07 26.00
C TYR E 2973 -106.93 70.73 24.62
N PHE E 2974 -106.85 72.07 24.59
CA PHE E 2974 -107.00 72.74 23.29
C PHE E 2974 -105.88 72.38 22.34
N LYS E 2975 -104.75 71.88 22.83
CA LYS E 2975 -103.78 71.25 21.97
C LYS E 2975 -104.24 69.85 21.57
N ASN E 2976 -104.14 69.54 20.28
CA ASN E 2976 -104.49 68.23 19.74
C ASN E 2976 -105.97 67.90 19.95
N HIS E 2977 -106.84 68.91 19.92
CA HIS E 2977 -108.28 68.68 19.98
C HIS E 2977 -108.99 69.72 19.13
N ARG E 2978 -110.06 69.30 18.46
CA ARG E 2978 -110.89 70.22 17.68
C ARG E 2978 -112.01 70.71 18.59
N LEU E 2979 -111.89 71.97 19.04
CA LEU E 2979 -112.90 72.57 19.89
C LEU E 2979 -113.61 73.76 19.27
N TYR E 2980 -113.05 74.36 18.23
CA TYR E 2980 -113.74 75.40 17.47
C TYR E 2980 -114.44 74.84 16.25
N PHE E 2981 -114.42 73.51 16.08
CA PHE E 2981 -115.32 72.79 15.17
C PHE E 2981 -115.26 73.33 13.74
N LEU E 2982 -114.08 73.80 13.34
CA LEU E 2982 -113.81 74.17 11.95
C LEU E 2982 -112.57 73.38 11.55
N SER E 2983 -112.79 72.15 11.07
CA SER E 2983 -111.70 71.24 10.76
C SER E 2983 -112.07 70.33 9.61
N SER E 2996 -121.11 71.42 17.77
CA SER E 2996 -119.99 71.88 18.59
C SER E 2996 -119.87 73.40 18.55
N ASN E 2997 -120.82 74.05 17.89
CA ASN E 2997 -120.91 75.51 17.98
C ASN E 2997 -121.16 75.92 19.42
N LYS E 2998 -122.01 75.17 20.12
CA LYS E 2998 -122.20 75.42 21.55
C LYS E 2998 -120.92 75.15 22.33
N GLU E 2999 -120.09 74.21 21.86
CA GLU E 2999 -118.76 74.05 22.45
C GLU E 2999 -117.94 75.32 22.29
N LYS E 3000 -117.99 75.92 21.10
CA LYS E 3000 -117.28 77.18 20.89
C LYS E 3000 -117.80 78.25 21.84
N GLU E 3001 -119.12 78.27 22.07
CA GLU E 3001 -119.70 79.22 23.01
C GLU E 3001 -119.18 79.00 24.42
N MET E 3002 -119.09 77.75 24.86
CA MET E 3002 -118.54 77.49 26.19
C MET E 3002 -117.08 77.89 26.27
N VAL E 3003 -116.31 77.67 25.20
CA VAL E 3003 -114.92 78.11 25.18
C VAL E 3003 -114.83 79.61 25.35
N THR E 3004 -115.68 80.35 24.63
CA THR E 3004 -115.68 81.80 24.73
C THR E 3004 -116.09 82.26 26.13
N SER E 3005 -117.12 81.62 26.71
CA SER E 3005 -117.56 82.00 28.06
C SER E 3005 -116.49 81.71 29.09
N LEU E 3006 -115.82 80.57 28.97
CA LEU E 3006 -114.71 80.25 29.87
C LEU E 3006 -113.58 81.26 29.71
N PHE E 3007 -113.33 81.68 28.48
CA PHE E 3007 -112.33 82.72 28.24
C PHE E 3007 -112.72 84.00 28.96
N CYS E 3008 -113.99 84.39 28.86
CA CYS E 3008 -114.44 85.61 29.54
C CYS E 3008 -114.26 85.50 31.05
N LYS E 3009 -114.66 84.35 31.62
CA LYS E 3009 -114.53 84.17 33.06
C LYS E 3009 -113.08 84.22 33.50
N LEU E 3010 -112.19 83.52 32.77
CA LEU E 3010 -110.78 83.52 33.12
C LEU E 3010 -110.17 84.90 32.96
N GLY E 3011 -110.55 85.64 31.93
CA GLY E 3011 -110.03 86.98 31.74
C GLY E 3011 -110.47 87.92 32.85
N VAL E 3012 -111.73 87.82 33.27
CA VAL E 3012 -112.20 88.60 34.41
C VAL E 3012 -111.41 88.25 35.66
N LEU E 3013 -111.18 86.95 35.87
CA LEU E 3013 -110.43 86.52 37.05
C LEU E 3013 -109.01 87.05 37.05
N VAL E 3014 -108.34 87.01 35.89
CA VAL E 3014 -106.97 87.52 35.81
C VAL E 3014 -106.96 89.03 35.97
N ARG E 3015 -107.95 89.72 35.41
CA ARG E 3015 -108.01 91.17 35.54
C ARG E 3015 -108.17 91.59 36.99
N HIS E 3016 -109.01 90.89 37.75
CA HIS E 3016 -109.30 91.31 39.11
C HIS E 3016 -108.32 90.78 40.14
N ARG E 3017 -107.80 89.56 39.97
CA ARG E 3017 -107.01 88.92 41.01
C ARG E 3017 -105.76 88.27 40.41
N ILE E 3018 -105.02 89.02 39.59
CA ILE E 3018 -103.78 88.50 39.04
C ILE E 3018 -102.75 88.29 40.14
N SER E 3019 -102.74 89.17 41.14
CA SER E 3019 -101.72 89.09 42.19
C SER E 3019 -101.82 87.80 43.00
N LEU E 3020 -103.02 87.23 43.10
CA LEU E 3020 -103.18 85.98 43.85
C LEU E 3020 -102.43 84.83 43.18
N PHE E 3021 -102.46 84.77 41.85
CA PHE E 3021 -101.74 83.75 41.10
C PHE E 3021 -100.26 84.17 41.00
N GLY E 3022 -99.56 84.00 42.12
CA GLY E 3022 -98.17 84.42 42.17
C GLY E 3022 -97.27 83.59 41.27
N ASN E 3023 -97.48 82.27 41.24
CA ASN E 3023 -96.63 81.37 40.47
C ASN E 3023 -97.30 80.80 39.24
N ASP E 3024 -98.63 80.77 39.19
CA ASP E 3024 -99.37 80.23 38.05
C ASP E 3024 -99.83 81.32 37.10
N ALA E 3025 -99.35 82.56 37.28
CA ALA E 3025 -99.74 83.64 36.38
C ALA E 3025 -99.30 83.34 34.95
N THR E 3026 -98.08 82.86 34.77
CA THR E 3026 -97.61 82.52 33.42
C THR E 3026 -98.46 81.42 32.81
N SER E 3027 -98.80 80.41 33.61
CA SER E 3027 -99.63 79.32 33.11
C SER E 3027 -101.00 79.82 32.67
N ILE E 3028 -101.63 80.67 33.49
CA ILE E 3028 -102.97 81.11 33.14
C ILE E 3028 -102.94 82.07 31.95
N VAL E 3029 -101.86 82.86 31.82
CA VAL E 3029 -101.74 83.73 30.65
C VAL E 3029 -101.51 82.90 29.39
N ASN E 3030 -100.73 81.82 29.49
CA ASN E 3030 -100.57 80.92 28.36
C ASN E 3030 -101.89 80.28 27.98
N CYS E 3031 -102.70 79.92 28.98
CA CYS E 3031 -104.02 79.39 28.70
C CYS E 3031 -104.91 80.44 28.05
N LEU E 3032 -104.76 81.71 28.42
CA LEU E 3032 -105.47 82.76 27.71
C LEU E 3032 -105.01 82.86 26.26
N HIS E 3033 -103.71 82.72 26.02
CA HIS E 3033 -103.19 82.73 24.65
C HIS E 3033 -103.81 81.61 23.83
N ILE E 3034 -103.83 80.39 24.37
CA ILE E 3034 -104.37 79.28 23.59
C ILE E 3034 -105.88 79.39 23.48
N LEU E 3035 -106.56 79.97 24.46
CA LEU E 3035 -107.98 80.25 24.34
C LEU E 3035 -108.26 81.20 23.18
N GLY E 3036 -107.44 82.25 23.06
CA GLY E 3036 -107.58 83.14 21.92
C GLY E 3036 -107.26 82.46 20.60
N GLN E 3037 -106.25 81.60 20.59
CA GLN E 3037 -105.89 80.87 19.38
C GLN E 3037 -107.02 79.95 18.92
N THR E 3038 -107.67 79.28 19.87
CA THR E 3038 -108.76 78.37 19.56
C THR E 3038 -110.12 79.06 19.49
N LEU E 3039 -110.18 80.35 19.81
CA LEU E 3039 -111.44 81.07 19.85
C LEU E 3039 -111.93 81.35 18.43
N ASP E 3040 -113.21 81.15 18.20
CA ASP E 3040 -113.85 81.44 16.91
C ASP E 3040 -114.73 82.67 17.12
N ALA E 3041 -114.19 83.84 16.79
CA ALA E 3041 -114.97 85.07 16.94
C ALA E 3041 -116.14 85.12 15.97
N ARG E 3042 -116.01 84.45 14.81
CA ARG E 3042 -117.15 84.32 13.92
C ARG E 3042 -118.30 83.61 14.61
N THR E 3043 -117.98 82.59 15.43
CA THR E 3043 -119.01 81.94 16.24
C THR E 3043 -119.42 82.79 17.43
N VAL E 3044 -118.52 83.65 17.91
CA VAL E 3044 -118.92 84.62 18.93
C VAL E 3044 -120.01 85.54 18.37
N MET E 3045 -119.97 85.78 17.05
CA MET E 3045 -120.96 86.67 16.44
C MET E 3045 -122.23 85.91 16.05
N LYS E 3046 -122.09 84.74 15.40
CA LYS E 3046 -123.21 83.89 15.05
C LYS E 3046 -123.13 82.56 15.78
N THR E 3047 -124.29 82.02 16.15
CA THR E 3047 -124.37 80.77 16.92
C THR E 3047 -123.53 80.87 18.19
N GLY E 3048 -123.57 82.04 18.81
CA GLY E 3048 -122.92 82.24 20.10
C GLY E 3048 -123.85 82.99 21.02
N LEU E 3049 -123.86 82.58 22.29
CA LEU E 3049 -124.82 83.14 23.24
C LEU E 3049 -124.57 84.63 23.40
N ASP E 3050 -125.65 85.41 23.27
CA ASP E 3050 -125.52 86.87 23.21
C ASP E 3050 -124.98 87.44 24.51
N SER E 3051 -125.38 86.87 25.64
CA SER E 3051 -124.81 87.33 26.91
C SER E 3051 -123.32 87.04 26.97
N VAL E 3052 -122.89 85.90 26.44
CA VAL E 3052 -121.47 85.57 26.42
C VAL E 3052 -120.70 86.55 25.55
N LYS E 3053 -121.22 86.86 24.36
CA LYS E 3053 -120.50 87.79 23.50
C LYS E 3053 -120.51 89.21 24.05
N SER E 3054 -121.60 89.61 24.71
CA SER E 3054 -121.62 90.90 25.39
C SER E 3054 -120.64 90.92 26.56
N ALA E 3055 -120.48 89.80 27.25
CA ALA E 3055 -119.47 89.71 28.31
C ALA E 3055 -118.06 89.80 27.73
N LEU E 3056 -117.85 89.24 26.54
CA LEU E 3056 -116.56 89.41 25.87
C LEU E 3056 -116.32 90.87 25.52
N ARG E 3057 -117.35 91.56 25.04
CA ARG E 3057 -117.22 92.99 24.79
C ARG E 3057 -116.90 93.75 26.07
N ALA E 3058 -117.56 93.38 27.17
CA ALA E 3058 -117.31 94.03 28.45
C ALA E 3058 -115.90 93.76 28.94
N PHE E 3059 -115.39 92.55 28.73
CA PHE E 3059 -114.01 92.24 29.10
C PHE E 3059 -113.02 93.03 28.28
N LEU E 3060 -113.28 93.18 26.98
CA LEU E 3060 -112.41 94.02 26.15
C LEU E 3060 -112.47 95.48 26.59
N ASP E 3061 -113.66 95.95 26.99
CA ASP E 3061 -113.79 97.30 27.52
C ASP E 3061 -113.04 97.44 28.84
N ASN E 3062 -113.05 96.40 29.68
CA ASN E 3062 -112.27 96.42 30.91
C ASN E 3062 -110.77 96.48 30.61
N ALA E 3063 -110.34 95.75 29.58
CA ALA E 3063 -108.95 95.85 29.15
C ALA E 3063 -108.62 97.27 28.68
N ALA E 3064 -109.54 97.89 27.97
CA ALA E 3064 -109.36 99.28 27.56
C ALA E 3064 -109.25 100.21 28.77
N GLU E 3065 -110.09 99.98 29.78
CA GLU E 3065 -110.05 100.80 30.98
C GLU E 3065 -108.72 100.62 31.73
N ASP E 3066 -108.24 99.38 31.81
CA ASP E 3066 -106.95 99.13 32.43
C ASP E 3066 -105.84 99.80 31.65
N LEU E 3067 -105.93 99.77 30.32
CA LEU E 3067 -104.94 100.44 29.48
C LEU E 3067 -104.96 101.95 29.72
N GLU E 3068 -106.15 102.53 29.87
CA GLU E 3068 -106.26 103.96 30.16
C GLU E 3068 -105.69 104.29 31.53
N LYS E 3069 -105.94 103.43 32.53
CA LYS E 3069 -105.35 103.64 33.85
C LYS E 3069 -103.83 103.56 33.79
N THR E 3070 -103.30 102.61 33.01
CA THR E 3070 -101.86 102.51 32.83
C THR E 3070 -101.32 103.75 32.13
N MET E 3071 -102.05 104.25 31.14
CA MET E 3071 -101.72 105.52 30.48
C MET E 3071 -101.57 106.63 31.52
N GLU E 3072 -102.58 106.78 32.38
CA GLU E 3072 -102.57 107.85 33.37
C GLU E 3072 -101.43 107.69 34.36
N ASN E 3073 -101.21 106.46 34.83
CA ASN E 3073 -100.16 106.21 35.82
C ASN E 3073 -98.78 106.49 35.23
N LEU E 3074 -98.53 106.04 33.99
CA LEU E 3074 -97.22 106.26 33.39
C LEU E 3074 -97.00 107.72 33.04
N LYS E 3075 -98.05 108.42 32.63
CA LYS E 3075 -97.92 109.86 32.38
C LYS E 3075 -97.64 110.62 33.67
N GLN E 3076 -98.28 110.21 34.78
CA GLN E 3076 -97.99 110.81 36.06
C GLN E 3076 -96.62 110.41 36.60
N GLY E 3077 -96.06 109.31 36.10
CA GLY E 3077 -94.77 108.85 36.54
C GLY E 3077 -94.77 107.64 37.44
N GLN E 3078 -95.90 106.95 37.60
CA GLN E 3078 -96.03 105.80 38.47
C GLN E 3078 -95.82 104.53 37.64
N PHE E 3079 -94.71 103.84 37.88
CA PHE E 3079 -94.41 102.58 37.23
C PHE E 3079 -93.64 101.70 38.21
N THR E 3080 -93.12 100.57 37.70
CA THR E 3080 -92.41 99.63 38.57
C THR E 3080 -91.15 100.27 39.16
N HIS E 3081 -90.42 101.04 38.35
CA HIS E 3081 -89.21 101.70 38.85
C HIS E 3081 -89.52 102.78 39.87
N THR E 3082 -90.74 103.29 39.91
CA THR E 3082 -91.13 104.31 40.89
C THR E 3082 -91.42 103.62 42.23
N ARG E 3083 -90.61 103.94 43.23
CA ARG E 3083 -90.80 103.35 44.56
C ARG E 3083 -92.12 103.80 45.17
N SER E 3084 -92.46 105.08 45.03
CA SER E 3084 -93.70 105.63 45.60
C SER E 3084 -94.84 105.39 44.60
N GLN E 3085 -95.33 104.14 44.59
CA GLN E 3085 -96.41 103.75 43.71
C GLN E 3085 -97.45 103.00 44.53
N PRO E 3086 -98.74 103.34 44.39
CA PRO E 3086 -99.78 102.64 45.16
C PRO E 3086 -99.84 101.16 44.80
N LYS E 3087 -100.36 100.38 45.73
CA LYS E 3087 -100.47 98.93 45.52
C LYS E 3087 -101.40 98.61 44.37
N GLY E 3088 -102.57 99.25 44.32
CA GLY E 3088 -103.51 99.00 43.24
C GLY E 3088 -102.97 99.45 41.89
N VAL E 3089 -102.32 100.62 41.87
CA VAL E 3089 -101.72 101.11 40.62
C VAL E 3089 -100.64 100.15 40.15
N THR E 3090 -99.80 99.67 41.08
CA THR E 3090 -98.76 98.71 40.72
C THR E 3090 -99.36 97.44 40.17
N GLN E 3091 -100.45 96.95 40.79
CA GLN E 3091 -101.12 95.76 40.28
C GLN E 3091 -101.64 95.98 38.87
N ILE E 3092 -102.24 97.15 38.62
CA ILE E 3092 -102.78 97.44 37.29
C ILE E 3092 -101.66 97.47 36.25
N ILE E 3093 -100.56 98.17 36.56
CA ILE E 3093 -99.46 98.27 35.60
C ILE E 3093 -98.85 96.90 35.33
N ASN E 3094 -98.63 96.12 36.39
CA ASN E 3094 -98.05 94.79 36.22
C ASN E 3094 -98.96 93.90 35.39
N TYR E 3095 -100.25 93.87 35.74
CA TYR E 3095 -101.22 93.09 34.96
C TYR E 3095 -101.17 93.47 33.50
N THR E 3096 -101.30 94.77 33.21
CA THR E 3096 -101.30 95.24 31.84
C THR E 3096 -100.03 94.77 31.12
N THR E 3097 -98.87 95.26 31.58
CA THR E 3097 -97.63 95.06 30.82
C THR E 3097 -97.29 93.58 30.68
N VAL E 3098 -97.49 92.79 31.73
CA VAL E 3098 -97.12 91.38 31.67
C VAL E 3098 -98.13 90.59 30.86
N ALA E 3099 -99.39 90.55 31.31
CA ALA E 3099 -100.36 89.64 30.73
C ALA E 3099 -101.16 90.26 29.59
N LEU E 3100 -101.68 91.47 29.81
CA LEU E 3100 -102.74 92.00 28.95
C LEU E 3100 -102.22 92.26 27.54
N LEU E 3101 -100.97 92.71 27.41
CA LEU E 3101 -100.43 93.01 26.09
C LEU E 3101 -100.25 91.75 25.25
N PRO E 3102 -99.47 90.75 25.67
CA PRO E 3102 -99.32 89.54 24.84
C PRO E 3102 -100.62 88.79 24.63
N MET E 3103 -101.52 88.80 25.63
CA MET E 3103 -102.78 88.07 25.49
C MET E 3103 -103.65 88.70 24.40
N LEU E 3104 -103.86 90.01 24.46
CA LEU E 3104 -104.60 90.68 23.41
C LEU E 3104 -103.87 90.59 22.08
N SER E 3105 -102.54 90.56 22.10
CA SER E 3105 -101.78 90.36 20.89
C SER E 3105 -102.16 89.04 20.23
N SER E 3106 -102.21 87.97 21.02
CA SER E 3106 -102.60 86.67 20.48
C SER E 3106 -104.03 86.70 19.95
N LEU E 3107 -104.95 87.32 20.71
CA LEU E 3107 -106.35 87.35 20.27
C LEU E 3107 -106.48 88.07 18.94
N PHE E 3108 -105.91 89.26 18.83
CA PHE E 3108 -106.02 90.03 17.59
C PHE E 3108 -105.26 89.38 16.45
N GLU E 3109 -104.13 88.73 16.73
CA GLU E 3109 -103.43 88.01 15.68
C GLU E 3109 -104.30 86.89 15.11
N HIS E 3110 -104.94 86.12 15.99
CA HIS E 3110 -105.86 85.07 15.53
C HIS E 3110 -107.03 85.67 14.75
N ILE E 3111 -107.58 86.78 15.25
CA ILE E 3111 -108.72 87.42 14.59
C ILE E 3111 -108.34 87.89 13.19
N GLY E 3112 -107.17 88.52 13.06
CA GLY E 3112 -106.73 88.96 11.75
C GLY E 3112 -106.41 87.81 10.81
N GLN E 3113 -105.82 86.73 11.34
CA GLN E 3113 -105.52 85.57 10.50
C GLN E 3113 -106.79 84.92 9.98
N HIS E 3114 -107.83 84.83 10.82
CA HIS E 3114 -109.07 84.17 10.44
C HIS E 3114 -110.15 85.14 9.96
N GLN E 3115 -109.80 86.41 9.75
CA GLN E 3115 -110.74 87.41 9.25
C GLN E 3115 -111.96 87.54 10.16
N PHE E 3116 -111.73 87.48 11.47
CA PHE E 3116 -112.80 87.59 12.44
C PHE E 3116 -113.12 89.03 12.84
N GLY E 3117 -112.39 90.00 12.31
CA GLY E 3117 -112.65 91.38 12.68
C GLY E 3117 -114.00 91.90 12.19
N GLU E 3118 -114.38 91.49 10.97
CA GLU E 3118 -115.61 92.00 10.37
C GLU E 3118 -116.86 91.50 11.10
N ASP E 3119 -116.75 90.44 11.88
CA ASP E 3119 -117.91 89.85 12.56
C ASP E 3119 -117.94 90.15 14.05
N LEU E 3120 -116.80 90.06 14.74
CA LEU E 3120 -116.78 90.33 16.18
C LEU E 3120 -116.72 91.83 16.47
N ILE E 3121 -115.90 92.56 15.73
CA ILE E 3121 -115.65 93.97 16.00
C ILE E 3121 -116.62 94.80 15.17
N LEU E 3122 -117.60 95.42 15.84
CA LEU E 3122 -118.54 96.31 15.18
C LEU E 3122 -119.20 97.18 16.24
N GLU E 3123 -119.55 98.41 15.84
CA GLU E 3123 -120.36 99.31 16.65
C GLU E 3123 -119.67 99.67 17.96
N ASP E 3124 -120.25 99.23 19.08
CA ASP E 3124 -119.64 99.51 20.38
C ASP E 3124 -118.28 98.85 20.50
N VAL E 3125 -118.11 97.67 19.90
CA VAL E 3125 -116.80 97.04 19.87
C VAL E 3125 -115.82 97.91 19.11
N GLN E 3126 -116.27 98.53 18.01
CA GLN E 3126 -115.41 99.44 17.28
C GLN E 3126 -115.02 100.64 18.13
N VAL E 3127 -115.97 101.20 18.89
CA VAL E 3127 -115.68 102.35 19.73
C VAL E 3127 -114.64 101.98 20.79
N SER E 3128 -114.85 100.85 21.46
CA SER E 3128 -113.89 100.40 22.47
C SER E 3128 -112.54 100.08 21.85
N CYS E 3129 -112.53 99.60 20.60
CA CYS E 3129 -111.25 99.33 19.93
C CYS E 3129 -110.53 100.62 19.58
N TYR E 3130 -111.26 101.68 19.21
CA TYR E 3130 -110.63 102.98 19.04
C TYR E 3130 -110.05 103.48 20.36
N ARG E 3131 -110.76 103.23 21.47
CA ARG E 3131 -110.23 103.58 22.78
C ARG E 3131 -108.92 102.83 23.06
N ILE E 3132 -108.91 101.53 22.75
CA ILE E 3132 -107.70 100.72 22.94
C ILE E 3132 -106.56 101.25 22.07
N LEU E 3133 -106.88 101.60 20.82
CA LEU E 3133 -105.88 102.18 19.92
C LEU E 3133 -105.27 103.45 20.50
N THR E 3134 -106.12 104.36 20.99
CA THR E 3134 -105.62 105.60 21.56
C THR E 3134 -104.75 105.31 22.77
N SER E 3135 -105.19 104.39 23.64
CA SER E 3135 -104.41 104.05 24.82
C SER E 3135 -103.03 103.50 24.44
N LEU E 3136 -102.99 102.54 23.51
CA LEU E 3136 -101.72 101.96 23.09
C LEU E 3136 -100.82 103.01 22.45
N TYR E 3137 -101.40 103.88 21.60
CA TYR E 3137 -100.61 104.93 20.97
C TYR E 3137 -99.98 105.84 22.00
N ALA E 3138 -100.76 106.27 23.00
CA ALA E 3138 -100.22 107.20 23.99
C ALA E 3138 -99.19 106.50 24.89
N LEU E 3139 -99.43 105.24 25.23
CA LEU E 3139 -98.45 104.50 26.02
C LEU E 3139 -97.13 104.36 25.28
N GLY E 3140 -97.20 104.04 23.97
CA GLY E 3140 -95.98 103.98 23.19
C GLY E 3140 -95.30 105.33 23.07
N THR E 3141 -96.09 106.40 22.89
CA THR E 3141 -95.52 107.73 22.76
C THR E 3141 -94.80 108.16 24.03
N SER E 3142 -95.37 107.82 25.20
CA SER E 3142 -94.71 108.13 26.46
C SER E 3142 -93.32 107.50 26.52
N LYS E 3143 -92.34 108.29 26.94
CA LYS E 3143 -90.94 107.88 26.92
C LYS E 3143 -90.45 107.37 28.28
N SER E 3144 -91.33 106.74 29.05
CA SER E 3144 -90.94 106.22 30.35
C SER E 3144 -89.99 105.05 30.21
N ILE E 3145 -89.17 104.84 31.24
CA ILE E 3145 -88.21 103.74 31.23
C ILE E 3145 -88.92 102.39 31.22
N TYR E 3146 -89.99 102.26 32.01
CA TYR E 3146 -90.75 101.01 32.00
C TYR E 3146 -91.45 100.80 30.67
N VAL E 3147 -91.91 101.89 30.04
CA VAL E 3147 -92.46 101.79 28.69
C VAL E 3147 -91.41 101.27 27.73
N GLU E 3148 -90.18 101.77 27.84
CA GLU E 3148 -89.08 101.29 27.00
C GLU E 3148 -88.83 99.81 27.25
N ARG E 3149 -88.88 99.39 28.51
CA ARG E 3149 -88.68 97.98 28.84
C ARG E 3149 -89.76 97.10 28.22
N GLN E 3150 -91.01 97.56 28.25
CA GLN E 3150 -92.14 96.79 27.76
C GLN E 3150 -92.54 97.18 26.34
N ARG E 3151 -91.64 97.82 25.58
CA ARG E 3151 -92.01 98.36 24.28
C ARG E 3151 -92.39 97.25 23.30
N SER E 3152 -91.73 96.08 23.40
CA SER E 3152 -92.01 94.99 22.46
C SER E 3152 -93.47 94.58 22.49
N ALA E 3153 -94.02 94.35 23.69
CA ALA E 3153 -95.41 93.93 23.80
C ALA E 3153 -96.37 95.04 23.39
N LEU E 3154 -96.04 96.29 23.71
CA LEU E 3154 -96.86 97.42 23.29
C LEU E 3154 -97.07 97.40 21.78
N GLY E 3155 -95.96 97.37 21.04
CA GLY E 3155 -96.05 97.31 19.59
C GLY E 3155 -96.71 96.04 19.09
N GLU E 3156 -96.36 94.90 19.68
CA GLU E 3156 -96.93 93.63 19.23
C GLU E 3156 -98.45 93.69 19.29
N CYS E 3157 -98.98 94.16 20.42
CA CYS E 3157 -100.43 94.31 20.56
C CYS E 3157 -101.01 95.32 19.59
N LEU E 3158 -100.34 96.47 19.41
CA LEU E 3158 -100.91 97.48 18.52
C LEU E 3158 -100.98 96.97 17.08
N ALA E 3159 -99.92 96.30 16.62
CA ALA E 3159 -99.92 95.72 15.29
C ALA E 3159 -101.00 94.65 15.17
N ALA E 3160 -101.14 93.80 16.19
CA ALA E 3160 -102.16 92.78 16.16
C ALA E 3160 -103.56 93.39 16.02
N PHE E 3161 -103.80 94.47 16.76
CA PHE E 3161 -105.06 95.20 16.65
C PHE E 3161 -105.27 95.75 15.25
N ALA E 3162 -104.23 96.38 14.69
CA ALA E 3162 -104.35 96.98 13.37
C ALA E 3162 -104.68 95.91 12.33
N GLY E 3163 -104.02 94.76 12.40
CA GLY E 3163 -104.29 93.67 11.50
C GLY E 3163 -105.69 93.12 11.64
N ALA E 3164 -106.10 92.83 12.88
CA ALA E 3164 -107.41 92.27 13.15
C ALA E 3164 -108.54 93.20 12.68
N PHE E 3165 -108.35 94.50 12.85
CA PHE E 3165 -109.43 95.44 12.56
C PHE E 3165 -109.76 95.44 11.07
N PRO E 3166 -111.03 95.41 10.70
CA PRO E 3166 -111.40 95.46 9.28
C PRO E 3166 -111.76 96.85 8.78
N ILE E 3167 -111.86 97.82 9.67
CA ILE E 3167 -112.28 99.17 9.31
C ILE E 3167 -111.09 100.12 9.45
N ALA E 3168 -111.24 101.32 8.89
CA ALA E 3168 -110.20 102.34 8.92
C ALA E 3168 -110.34 103.19 10.17
N PHE E 3169 -109.22 103.38 10.88
CA PHE E 3169 -109.19 104.23 12.06
C PHE E 3169 -108.07 105.26 12.06
N LEU E 3170 -107.17 105.23 11.08
CA LEU E 3170 -106.20 106.31 10.89
C LEU E 3170 -106.43 107.11 9.63
N GLU E 3171 -107.26 106.62 8.70
CA GLU E 3171 -107.61 107.37 7.49
C GLU E 3171 -108.57 108.49 7.90
N THR E 3172 -107.99 109.55 8.45
CA THR E 3172 -108.80 110.62 9.02
C THR E 3172 -109.62 111.33 7.94
N HIS E 3173 -108.99 111.69 6.83
CA HIS E 3173 -109.66 112.40 5.75
C HIS E 3173 -110.07 111.47 4.60
N LEU E 3174 -109.96 110.16 4.79
CA LEU E 3174 -110.34 109.21 3.75
C LEU E 3174 -111.34 108.17 4.23
N ASP E 3175 -111.76 108.21 5.49
CA ASP E 3175 -112.69 107.21 6.02
C ASP E 3175 -114.06 107.29 5.38
N LYS E 3176 -114.42 108.44 4.78
CA LYS E 3176 -115.74 108.58 4.18
C LYS E 3176 -115.92 107.65 2.99
N HIS E 3177 -114.84 107.36 2.25
CA HIS E 3177 -114.96 106.51 1.07
C HIS E 3177 -115.23 105.05 1.44
N ASN E 3178 -114.80 104.63 2.62
CA ASN E 3178 -114.88 103.22 3.00
C ASN E 3178 -116.32 102.88 3.36
N VAL E 3179 -116.82 101.77 2.81
CA VAL E 3179 -118.19 101.35 3.08
C VAL E 3179 -118.35 100.88 4.52
N TYR E 3180 -117.35 100.15 5.03
CA TYR E 3180 -117.39 99.61 6.39
C TYR E 3180 -117.26 100.69 7.46
N SER E 3181 -117.12 101.96 7.07
CA SER E 3181 -116.81 103.01 8.02
C SER E 3181 -117.89 103.14 9.09
N ILE E 3182 -117.45 103.36 10.33
CA ILE E 3182 -118.38 103.58 11.43
C ILE E 3182 -119.17 104.87 11.20
N TYR E 3183 -118.55 105.87 10.57
CA TYR E 3183 -119.29 107.08 10.24
C TYR E 3183 -120.32 106.83 9.15
N ASN E 3184 -120.02 105.93 8.22
CA ASN E 3184 -120.99 105.59 7.18
C ASN E 3184 -122.16 104.80 7.75
N THR E 3185 -121.90 103.88 8.67
CA THR E 3185 -122.97 103.05 9.21
C THR E 3185 -123.74 103.77 10.31
N ARG E 3186 -123.06 104.11 11.41
CA ARG E 3186 -123.68 104.84 12.50
C ARG E 3186 -123.98 106.28 12.09
N SER E 3187 -125.03 106.84 12.67
CA SER E 3187 -125.38 108.23 12.45
C SER E 3187 -124.63 109.13 13.42
N SER E 3188 -124.77 110.45 13.22
CA SER E 3188 -124.10 111.41 14.08
C SER E 3188 -124.60 111.31 15.52
N ARG E 3189 -125.93 111.22 15.70
CA ARG E 3189 -126.48 111.10 17.04
C ARG E 3189 -126.06 109.79 17.70
N GLU E 3190 -126.04 108.70 16.93
CA GLU E 3190 -125.62 107.41 17.48
C GLU E 3190 -124.15 107.46 17.90
N ARG E 3191 -123.29 108.08 17.09
CA ARG E 3191 -121.89 108.22 17.47
C ARG E 3191 -121.73 109.11 18.69
N ALA E 3192 -122.52 110.16 18.79
CA ALA E 3192 -122.48 111.02 19.98
C ALA E 3192 -122.89 110.24 21.22
N ALA E 3193 -123.91 109.40 21.10
CA ALA E 3193 -124.30 108.53 22.22
C ALA E 3193 -123.18 107.55 22.57
N LEU E 3194 -122.52 106.99 21.55
CA LEU E 3194 -121.37 106.11 21.75
C LEU E 3194 -120.08 106.87 22.07
N SER E 3195 -120.19 108.19 22.31
CA SER E 3195 -119.06 109.02 22.73
C SER E 3195 -118.02 109.16 21.61
N LEU E 3196 -118.50 109.46 20.41
CA LEU E 3196 -117.63 109.75 19.28
C LEU E 3196 -118.06 111.07 18.64
N PRO E 3197 -117.12 111.94 18.32
CA PRO E 3197 -117.45 113.22 17.69
C PRO E 3197 -117.83 113.03 16.23
N ALA E 3198 -118.07 114.16 15.56
CA ALA E 3198 -118.51 114.15 14.17
C ALA E 3198 -117.35 114.17 13.18
N ASN E 3199 -116.11 114.14 13.65
CA ASN E 3199 -114.94 114.15 12.78
C ASN E 3199 -114.03 112.99 13.15
N VAL E 3200 -113.55 112.26 12.14
CA VAL E 3200 -112.58 111.21 12.38
C VAL E 3200 -111.26 111.80 12.86
N GLU E 3201 -110.93 113.02 12.40
CA GLU E 3201 -109.76 113.72 12.91
C GLU E 3201 -109.90 113.97 14.41
N ASP E 3202 -111.08 114.36 14.87
CA ASP E 3202 -111.30 114.53 16.30
C ASP E 3202 -111.34 113.19 17.02
N VAL E 3203 -111.75 112.12 16.33
CA VAL E 3203 -111.71 110.79 16.92
C VAL E 3203 -110.28 110.39 17.22
N CYS E 3204 -109.37 110.65 16.29
CA CYS E 3204 -107.96 110.31 16.42
C CYS E 3204 -107.11 111.55 16.18
N PRO E 3205 -107.11 112.52 17.10
CA PRO E 3205 -106.32 113.73 16.91
C PRO E 3205 -104.85 113.55 17.27
N ASN E 3206 -104.59 112.76 18.30
CA ASN E 3206 -103.21 112.55 18.74
C ASN E 3206 -102.40 111.82 17.69
N ILE E 3207 -102.99 110.80 17.06
CA ILE E 3207 -102.28 110.03 16.04
C ILE E 3207 -102.17 110.88 14.78
N PRO E 3208 -100.99 110.97 14.18
CA PRO E 3208 -100.87 111.68 12.90
C PRO E 3208 -101.68 111.01 11.81
N SER E 3209 -102.17 111.83 10.87
CA SER E 3209 -102.93 111.31 9.74
C SER E 3209 -102.02 110.45 8.86
N LEU E 3210 -102.62 109.80 7.86
CA LEU E 3210 -101.86 108.91 7.00
C LEU E 3210 -100.83 109.68 6.18
N GLU E 3211 -101.19 110.85 5.66
CA GLU E 3211 -100.24 111.66 4.91
C GLU E 3211 -99.13 112.17 5.81
N LYS E 3212 -99.47 112.57 7.04
CA LYS E 3212 -98.43 112.97 7.98
C LYS E 3212 -97.51 111.81 8.31
N LEU E 3213 -98.04 110.59 8.35
CA LEU E 3213 -97.19 109.42 8.52
C LEU E 3213 -96.26 109.24 7.32
N MET E 3214 -96.77 109.47 6.11
CA MET E 3214 -95.88 109.48 4.93
C MET E 3214 -94.72 110.44 5.15
N THR E 3215 -95.05 111.67 5.54
CA THR E 3215 -94.01 112.69 5.70
C THR E 3215 -93.01 112.29 6.78
N GLU E 3216 -93.50 111.73 7.89
CA GLU E 3216 -92.60 111.30 8.96
C GLU E 3216 -91.69 110.17 8.50
N ILE E 3217 -92.22 109.21 7.73
CA ILE E 3217 -91.40 108.10 7.26
C ILE E 3217 -90.34 108.59 6.28
N ILE E 3218 -90.70 109.53 5.41
CA ILE E 3218 -89.72 110.14 4.51
C ILE E 3218 -88.64 110.83 5.31
N GLU E 3219 -89.02 111.52 6.40
CA GLU E 3219 -88.03 112.15 7.25
C GLU E 3219 -87.13 111.13 7.94
N LEU E 3220 -87.69 109.97 8.33
CA LEU E 3220 -86.86 108.89 8.85
C LEU E 3220 -85.80 108.48 7.83
N ALA E 3221 -86.24 108.25 6.60
CA ALA E 3221 -85.30 107.84 5.54
C ALA E 3221 -84.23 108.91 5.31
N GLU E 3222 -84.62 110.18 5.39
CA GLU E 3222 -83.66 111.25 5.15
C GLU E 3222 -82.66 111.38 6.29
N SER E 3223 -83.14 111.37 7.53
CA SER E 3223 -82.30 111.64 8.69
C SER E 3223 -81.55 110.42 9.19
N GLY E 3224 -81.88 109.22 8.71
CA GLY E 3224 -81.17 108.04 9.17
C GLY E 3224 -81.38 107.78 10.64
N ILE E 3225 -82.64 107.79 11.08
CA ILE E 3225 -82.94 107.56 12.51
C ILE E 3225 -82.34 106.23 12.97
N ARG E 3226 -82.22 106.08 14.29
CA ARG E 3226 -81.72 104.82 14.81
C ARG E 3226 -82.35 104.60 16.18
N TYR E 3227 -82.36 103.35 16.64
CA TYR E 3227 -82.98 103.02 17.91
C TYR E 3227 -82.26 103.69 19.06
N THR E 3228 -81.02 104.11 18.82
CA THR E 3228 -80.31 104.92 19.80
C THR E 3228 -80.92 106.30 19.92
N GLN E 3229 -81.21 106.96 18.79
CA GLN E 3229 -81.73 108.32 18.85
C GLN E 3229 -83.26 108.39 18.90
N MET E 3230 -83.95 107.64 18.07
CA MET E 3230 -85.41 107.65 18.02
C MET E 3230 -85.92 106.22 17.90
N PRO E 3231 -85.90 105.47 19.00
CA PRO E 3231 -86.38 104.10 18.96
C PRO E 3231 -87.88 103.97 18.71
N TYR E 3232 -88.64 105.02 19.02
CA TYR E 3232 -90.09 104.92 19.07
C TYR E 3232 -90.69 104.41 17.76
N MET E 3233 -90.10 104.78 16.64
CA MET E 3233 -90.62 104.39 15.33
C MET E 3233 -89.60 103.77 14.38
N MET E 3234 -88.41 103.41 14.86
CA MET E 3234 -87.56 102.47 14.12
C MET E 3234 -87.87 101.01 14.45
N GLU E 3235 -87.85 100.63 15.74
CA GLU E 3235 -88.06 99.25 16.09
C GLU E 3235 -89.37 98.99 16.82
N VAL E 3236 -90.14 100.03 17.12
CA VAL E 3236 -91.42 99.91 17.80
C VAL E 3236 -92.57 100.27 16.87
N VAL E 3237 -92.44 101.36 16.11
CA VAL E 3237 -93.52 101.77 15.24
C VAL E 3237 -93.28 101.52 13.75
N LEU E 3238 -92.02 101.46 13.30
CA LEU E 3238 -91.77 100.94 11.96
C LEU E 3238 -92.43 99.59 11.75
N PRO E 3239 -92.39 98.64 12.69
CA PRO E 3239 -93.27 97.46 12.55
C PRO E 3239 -94.73 97.83 12.47
N MET E 3240 -95.16 98.86 13.20
CA MET E 3240 -96.58 99.20 13.22
C MET E 3240 -97.01 99.67 11.85
N LEU E 3241 -96.28 100.63 11.28
CA LEU E 3241 -96.59 101.09 9.94
C LEU E 3241 -96.36 100.01 8.90
N CYS E 3242 -95.43 99.08 9.14
CA CYS E 3242 -95.27 97.93 8.24
C CYS E 3242 -96.53 97.07 8.19
N SER E 3243 -97.04 96.67 9.36
CA SER E 3243 -98.27 95.89 9.40
C SER E 3243 -99.46 96.71 8.90
N TYR E 3244 -99.47 98.00 9.25
CA TYR E 3244 -100.51 98.93 8.82
C TYR E 3244 -100.60 98.92 7.30
N MET E 3245 -99.45 99.12 6.65
CA MET E 3245 -99.39 99.20 5.20
C MET E 3245 -99.57 97.84 4.56
N SER E 3246 -99.21 96.75 5.25
CA SER E 3246 -99.50 95.42 4.72
C SER E 3246 -101.00 95.21 4.61
N ARG E 3247 -101.72 95.47 5.72
CA ARG E 3247 -103.17 95.36 5.72
C ARG E 3247 -103.79 96.26 4.66
N TRP E 3248 -103.43 97.54 4.67
CA TRP E 3248 -104.04 98.44 3.71
C TRP E 3248 -103.50 98.27 2.31
N TRP E 3249 -102.40 97.55 2.13
CA TRP E 3249 -101.94 97.21 0.79
C TRP E 3249 -102.74 96.05 0.24
N GLU E 3250 -103.12 95.11 1.10
CA GLU E 3250 -104.08 94.08 0.69
C GLU E 3250 -105.41 94.71 0.32
N HIS E 3251 -105.84 95.75 1.05
CA HIS E 3251 -107.12 96.39 0.77
C HIS E 3251 -106.99 97.69 -0.04
N GLY E 3252 -105.85 97.94 -0.66
CA GLY E 3252 -105.64 99.16 -1.41
C GLY E 3252 -106.02 99.13 -2.88
N PRO E 3253 -105.88 100.28 -3.54
CA PRO E 3253 -106.28 100.38 -4.95
C PRO E 3253 -105.51 99.49 -5.90
N GLU E 3254 -104.22 99.24 -5.65
CA GLU E 3254 -103.44 98.42 -6.56
C GLU E 3254 -103.89 96.97 -6.51
N ASN E 3255 -104.30 96.48 -5.33
CA ASN E 3255 -104.87 95.14 -5.24
C ASN E 3255 -106.33 95.11 -5.68
N HIS E 3256 -107.05 96.21 -5.54
CA HIS E 3256 -108.46 96.29 -5.90
C HIS E 3256 -108.67 97.51 -6.80
N PRO E 3257 -108.26 97.42 -8.06
CA PRO E 3257 -108.47 98.55 -8.98
C PRO E 3257 -109.93 98.91 -9.16
N GLU E 3258 -110.83 97.92 -9.10
CA GLU E 3258 -112.26 98.20 -9.20
C GLU E 3258 -112.74 99.01 -8.01
N ARG E 3259 -112.21 98.72 -6.82
CA ARG E 3259 -112.61 99.40 -5.60
C ARG E 3259 -111.68 100.54 -5.23
N ALA E 3260 -110.89 101.04 -6.19
CA ALA E 3260 -109.87 102.04 -5.89
C ALA E 3260 -110.47 103.26 -5.20
N GLU E 3261 -111.61 103.74 -5.70
CA GLU E 3261 -112.31 104.82 -5.00
C GLU E 3261 -112.84 104.36 -3.66
N MET E 3262 -113.35 103.13 -3.58
CA MET E 3262 -113.85 102.61 -2.32
C MET E 3262 -112.73 102.35 -1.32
N CYS E 3263 -111.55 101.99 -1.80
CA CYS E 3263 -110.40 101.78 -0.91
C CYS E 3263 -110.01 103.11 -0.28
N CYS E 3264 -110.26 103.25 1.02
CA CYS E 3264 -109.89 104.47 1.72
C CYS E 3264 -108.39 104.69 1.70
N THR E 3265 -107.62 103.60 1.83
CA THR E 3265 -106.17 103.70 1.84
C THR E 3265 -105.64 104.09 0.46
N ALA E 3266 -104.50 104.79 0.47
CA ALA E 3266 -103.80 105.14 -0.75
C ALA E 3266 -102.47 104.40 -0.88
N LEU E 3267 -102.27 103.35 -0.09
CA LEU E 3267 -101.01 102.61 -0.11
C LEU E 3267 -101.01 101.62 -1.28
N ASN E 3268 -100.04 101.77 -2.17
CA ASN E 3268 -99.92 100.97 -3.38
C ASN E 3268 -98.59 100.22 -3.38
N SER E 3269 -98.28 99.59 -4.51
CA SER E 3269 -96.98 98.94 -4.65
C SER E 3269 -95.84 99.95 -4.63
N GLU E 3270 -96.07 101.16 -5.11
CA GLU E 3270 -95.04 102.19 -5.02
C GLU E 3270 -94.76 102.55 -3.57
N HIS E 3271 -95.80 102.70 -2.75
CA HIS E 3271 -95.59 102.90 -1.31
C HIS E 3271 -94.94 101.68 -0.67
N MET E 3272 -95.26 100.49 -1.18
CA MET E 3272 -94.65 99.28 -0.64
C MET E 3272 -93.15 99.29 -0.87
N ASN E 3273 -92.73 99.64 -2.08
CA ASN E 3273 -91.32 99.81 -2.38
C ASN E 3273 -90.71 100.92 -1.57
N THR E 3274 -91.42 102.04 -1.39
CA THR E 3274 -90.88 103.15 -0.62
C THR E 3274 -90.61 102.73 0.81
N LEU E 3275 -91.54 102.02 1.44
CA LEU E 3275 -91.35 101.61 2.81
C LEU E 3275 -90.25 100.56 2.93
N LEU E 3276 -90.22 99.58 2.02
CA LEU E 3276 -89.14 98.60 2.06
C LEU E 3276 -87.80 99.26 1.85
N GLY E 3277 -87.72 100.20 0.91
CA GLY E 3277 -86.47 100.91 0.67
C GLY E 3277 -86.04 101.75 1.85
N ASN E 3278 -87.01 102.34 2.56
CA ASN E 3278 -86.68 103.05 3.80
C ASN E 3278 -86.13 102.10 4.85
N ILE E 3279 -86.73 100.90 4.96
CA ILE E 3279 -86.22 99.89 5.88
C ILE E 3279 -84.77 99.54 5.55
N LEU E 3280 -84.49 99.30 4.27
CA LEU E 3280 -83.13 98.92 3.90
C LEU E 3280 -82.15 100.10 4.00
N LYS E 3281 -82.61 101.32 3.75
CA LYS E 3281 -81.75 102.48 3.95
C LYS E 3281 -81.36 102.60 5.42
N ILE E 3282 -82.34 102.41 6.31
CA ILE E 3282 -82.07 102.38 7.75
C ILE E 3282 -81.13 101.24 8.11
N ILE E 3283 -81.33 100.06 7.51
CA ILE E 3283 -80.46 98.93 7.79
C ILE E 3283 -79.04 99.23 7.34
N TYR E 3284 -78.90 99.92 6.20
CA TYR E 3284 -77.57 100.32 5.73
C TYR E 3284 -76.92 101.31 6.68
N ASN E 3285 -77.70 102.27 7.19
CA ASN E 3285 -77.17 103.16 8.22
C ASN E 3285 -76.71 102.36 9.44
N ASN E 3286 -77.47 101.33 9.81
CA ASN E 3286 -77.07 100.47 10.92
C ASN E 3286 -75.82 99.65 10.60
N LEU E 3287 -75.60 99.31 9.33
CA LEU E 3287 -74.46 98.47 8.98
C LEU E 3287 -73.16 99.11 9.47
N GLY E 3288 -72.40 98.35 10.24
CA GLY E 3288 -71.17 98.84 10.83
C GLY E 3288 -71.21 99.21 12.31
N ILE E 3289 -72.30 98.89 13.02
CA ILE E 3289 -72.35 99.06 14.46
C ILE E 3289 -72.52 97.68 15.08
N ASP E 3290 -72.30 97.60 16.39
CA ASP E 3290 -72.37 96.34 17.12
C ASP E 3290 -73.54 96.29 18.10
N GLU E 3291 -74.48 97.22 17.98
CA GLU E 3291 -75.62 97.28 18.89
C GLU E 3291 -76.93 96.95 18.17
N GLY E 3292 -76.85 96.55 16.90
CA GLY E 3292 -78.03 96.45 16.09
C GLY E 3292 -78.81 95.17 16.30
N ALA E 3293 -79.05 94.86 17.57
CA ALA E 3293 -79.92 93.74 17.89
C ALA E 3293 -81.33 93.97 17.35
N TRP E 3294 -81.66 95.21 17.00
CA TRP E 3294 -82.99 95.52 16.50
C TRP E 3294 -83.13 95.19 15.01
N MET E 3295 -82.03 95.12 14.26
CA MET E 3295 -82.14 94.84 12.82
C MET E 3295 -82.78 93.48 12.56
N LYS E 3296 -82.43 92.45 13.32
CA LYS E 3296 -83.08 91.17 13.16
C LYS E 3296 -84.58 91.28 13.42
N ARG E 3297 -84.96 92.07 14.43
CA ARG E 3297 -86.36 92.34 14.67
C ARG E 3297 -87.01 93.03 13.48
N LEU E 3298 -86.30 94.00 12.87
CA LEU E 3298 -86.84 94.68 11.70
C LEU E 3298 -87.02 93.72 10.54
N ALA E 3299 -86.08 92.77 10.41
CA ALA E 3299 -86.22 91.71 9.42
C ALA E 3299 -87.48 90.92 9.65
N VAL E 3300 -87.74 90.56 10.90
CA VAL E 3300 -88.98 89.84 11.22
C VAL E 3300 -90.19 90.68 10.85
N PHE E 3301 -90.15 91.97 11.20
CA PHE E 3301 -91.27 92.87 10.92
C PHE E 3301 -91.54 92.96 9.42
N SER E 3302 -90.48 93.04 8.61
CA SER E 3302 -90.62 93.19 7.17
C SER E 3302 -90.77 91.86 6.44
N GLN E 3303 -90.61 90.74 7.15
CA GLN E 3303 -90.78 89.44 6.51
C GLN E 3303 -92.14 89.25 5.87
N PRO E 3304 -93.27 89.65 6.48
CA PRO E 3304 -94.55 89.56 5.76
C PRO E 3304 -94.61 90.43 4.50
N ILE E 3305 -93.74 91.43 4.37
CA ILE E 3305 -93.87 92.41 3.29
C ILE E 3305 -92.62 92.44 2.42
N ILE E 3306 -92.00 91.28 2.21
CA ILE E 3306 -90.78 91.21 1.40
C ILE E 3306 -91.09 90.70 0.00
N ASN E 3307 -92.16 89.91 -0.13
CA ASN E 3307 -92.48 89.23 -1.37
C ASN E 3307 -93.58 89.92 -2.18
N LYS E 3308 -93.92 91.16 -1.85
CA LYS E 3308 -94.97 91.89 -2.56
C LYS E 3308 -94.48 93.26 -3.00
N VAL E 3309 -93.26 93.35 -3.49
CA VAL E 3309 -92.65 94.61 -3.91
C VAL E 3309 -92.37 94.55 -5.41
N LYS E 3310 -92.07 95.71 -5.99
CA LYS E 3310 -91.60 95.71 -7.36
C LYS E 3310 -90.14 95.28 -7.41
N PRO E 3311 -89.68 94.72 -8.54
CA PRO E 3311 -88.27 94.33 -8.65
C PRO E 3311 -87.32 95.51 -8.73
N GLN E 3312 -87.82 96.74 -8.85
CA GLN E 3312 -86.94 97.90 -9.01
C GLN E 3312 -86.09 98.18 -7.78
N LEU E 3313 -86.47 97.65 -6.61
CA LEU E 3313 -85.73 97.97 -5.39
C LEU E 3313 -84.37 97.29 -5.31
N LEU E 3314 -84.14 96.25 -6.13
CA LEU E 3314 -82.91 95.47 -5.99
C LEU E 3314 -81.68 96.34 -6.21
N LYS E 3315 -81.57 96.93 -7.40
CA LYS E 3315 -80.38 97.74 -7.71
C LYS E 3315 -80.30 98.97 -6.80
N THR E 3316 -81.45 99.51 -6.38
CA THR E 3316 -81.43 100.71 -5.55
C THR E 3316 -80.87 100.43 -4.17
N HIS E 3317 -81.34 99.38 -3.51
CA HIS E 3317 -80.93 99.20 -2.12
C HIS E 3317 -80.37 97.82 -1.81
N PHE E 3318 -80.89 96.75 -2.43
CA PHE E 3318 -80.49 95.41 -2.04
C PHE E 3318 -78.99 95.22 -2.27
N LEU E 3319 -78.49 95.69 -3.42
CA LEU E 3319 -77.07 95.53 -3.71
C LEU E 3319 -76.18 96.30 -2.74
N PRO E 3320 -76.39 97.60 -2.46
CA PRO E 3320 -75.47 98.28 -1.53
C PRO E 3320 -75.38 97.63 -0.16
N LEU E 3321 -76.51 97.24 0.43
CA LEU E 3321 -76.49 96.64 1.76
C LEU E 3321 -75.68 95.35 1.76
N MET E 3322 -75.93 94.47 0.79
CA MET E 3322 -75.25 93.18 0.81
C MET E 3322 -73.79 93.32 0.39
N GLU E 3323 -73.46 94.31 -0.44
CA GLU E 3323 -72.07 94.60 -0.73
C GLU E 3323 -71.33 95.03 0.53
N LYS E 3324 -71.95 95.90 1.32
CA LYS E 3324 -71.31 96.31 2.56
C LYS E 3324 -71.25 95.15 3.56
N LEU E 3325 -72.24 94.25 3.51
CA LEU E 3325 -72.17 93.04 4.33
C LEU E 3325 -71.00 92.16 3.92
N LYS E 3326 -70.77 92.02 2.61
CA LYS E 3326 -69.60 91.32 2.12
C LYS E 3326 -68.33 92.00 2.62
N LYS E 3327 -68.31 93.33 2.61
CA LYS E 3327 -67.15 94.04 3.15
C LYS E 3327 -66.95 93.70 4.62
N LYS E 3328 -68.03 93.70 5.40
CA LYS E 3328 -67.93 93.36 6.82
C LYS E 3328 -67.34 91.97 7.00
N ALA E 3329 -67.88 90.99 6.27
CA ALA E 3329 -67.37 89.62 6.35
C ALA E 3329 -65.89 89.58 5.98
N ALA E 3330 -65.52 90.26 4.90
CA ALA E 3330 -64.13 90.28 4.46
C ALA E 3330 -63.20 90.83 5.54
N MET E 3331 -63.54 92.01 6.09
CA MET E 3331 -62.70 92.59 7.15
C MET E 3331 -62.59 91.68 8.37
N VAL E 3332 -63.71 91.18 8.88
CA VAL E 3332 -63.61 90.36 10.10
C VAL E 3332 -62.78 89.11 9.84
N VAL E 3333 -63.02 88.44 8.70
CA VAL E 3333 -62.27 87.23 8.39
C VAL E 3333 -60.79 87.53 8.19
N SER E 3334 -60.48 88.67 7.56
CA SER E 3334 -59.09 89.03 7.31
C SER E 3334 -58.34 89.36 8.58
N GLU E 3335 -58.97 90.13 9.49
CA GLU E 3335 -58.34 90.39 10.79
C GLU E 3335 -58.17 89.09 11.56
N GLU E 3336 -59.15 88.19 11.49
CA GLU E 3336 -59.00 86.87 12.09
C GLU E 3336 -57.80 86.12 11.53
N ASP E 3337 -57.63 86.14 10.20
CA ASP E 3337 -56.51 85.45 9.58
C ASP E 3337 -55.18 86.05 10.00
N HIS E 3338 -55.10 87.39 10.03
CA HIS E 3338 -53.88 88.06 10.49
C HIS E 3338 -53.58 87.71 11.93
N LEU E 3339 -54.61 87.69 12.78
CA LEU E 3339 -54.43 87.28 14.17
C LEU E 3339 -53.87 85.87 14.24
N LYS E 3340 -54.49 84.93 13.53
CA LYS E 3340 -54.05 83.53 13.58
C LYS E 3340 -52.62 83.39 13.08
N ALA E 3341 -52.26 84.15 12.04
CA ALA E 3341 -50.88 84.11 11.56
C ALA E 3341 -49.92 84.62 12.63
N GLU E 3342 -50.29 85.70 13.33
CA GLU E 3342 -49.45 86.23 14.41
C GLU E 3342 -49.75 85.48 15.71
N ALA E 3343 -49.16 84.30 15.81
CA ALA E 3343 -49.44 83.39 16.92
C ALA E 3343 -48.83 83.85 18.25
N ARG E 3344 -47.94 84.83 18.24
CA ARG E 3344 -47.20 85.19 19.44
C ARG E 3344 -48.07 85.97 20.42
N GLY E 3345 -47.86 85.73 21.71
CA GLY E 3345 -48.52 86.48 22.76
C GLY E 3345 -49.94 86.01 23.01
N ASP E 3346 -50.54 86.58 24.07
CA ASP E 3346 -51.92 86.27 24.40
C ASP E 3346 -52.82 86.81 23.30
N MET E 3347 -53.49 85.91 22.58
CA MET E 3347 -54.28 86.27 21.41
C MET E 3347 -55.77 86.13 21.62
N SER E 3348 -56.21 85.30 22.58
CA SER E 3348 -57.63 85.04 22.75
C SER E 3348 -58.38 86.30 23.17
N GLU E 3349 -57.70 87.31 23.70
CA GLU E 3349 -58.35 88.59 23.98
C GLU E 3349 -58.80 89.28 22.69
N ALA E 3350 -57.88 89.42 21.73
CA ALA E 3350 -58.25 89.94 20.43
C ALA E 3350 -59.24 89.01 19.74
N GLU E 3351 -59.16 87.70 20.03
CA GLU E 3351 -60.17 86.79 19.50
C GLU E 3351 -61.54 87.06 20.13
N LEU E 3352 -61.60 87.43 21.40
CA LEU E 3352 -62.87 87.83 22.01
C LEU E 3352 -63.43 89.07 21.32
N LEU E 3353 -62.57 90.05 21.06
CA LEU E 3353 -63.03 91.25 20.35
C LEU E 3353 -63.56 90.89 18.96
N ILE E 3354 -62.84 90.04 18.23
CA ILE E 3354 -63.26 89.64 16.90
C ILE E 3354 -64.47 88.71 16.95
N LEU E 3355 -64.66 87.98 18.05
CA LEU E 3355 -65.87 87.16 18.19
C LEU E 3355 -67.09 88.02 18.47
N ASP E 3356 -66.92 89.10 19.24
CA ASP E 3356 -68.00 90.08 19.35
C ASP E 3356 -68.31 90.70 17.99
N GLU E 3357 -67.26 91.00 17.21
CA GLU E 3357 -67.47 91.52 15.86
C GLU E 3357 -68.18 90.49 14.99
N PHE E 3358 -67.84 89.20 15.14
CA PHE E 3358 -68.45 88.14 14.36
C PHE E 3358 -69.91 87.92 14.77
N THR E 3359 -70.22 88.05 16.07
CA THR E 3359 -71.61 88.02 16.50
C THR E 3359 -72.38 89.17 15.86
N THR E 3360 -71.78 90.36 15.83
CA THR E 3360 -72.39 91.48 15.13
C THR E 3360 -72.64 91.16 13.67
N LEU E 3361 -71.63 90.58 13.01
CA LEU E 3361 -71.73 90.27 11.59
C LEU E 3361 -72.80 89.22 11.31
N ALA E 3362 -72.86 88.18 12.13
CA ALA E 3362 -73.89 87.16 11.97
C ALA E 3362 -75.27 87.72 12.25
N ARG E 3363 -75.38 88.66 13.20
CA ARG E 3363 -76.64 89.35 13.41
C ARG E 3363 -77.05 90.15 12.19
N ASP E 3364 -76.09 90.84 11.56
CA ASP E 3364 -76.38 91.55 10.33
C ASP E 3364 -76.82 90.60 9.22
N LEU E 3365 -76.19 89.43 9.14
CA LEU E 3365 -76.60 88.42 8.16
C LEU E 3365 -78.02 87.93 8.42
N TYR E 3366 -78.32 87.58 9.66
CA TYR E 3366 -79.67 87.13 9.98
C TYR E 3366 -80.69 88.26 9.94
N ALA E 3367 -80.24 89.51 9.80
CA ALA E 3367 -81.15 90.62 9.55
C ALA E 3367 -81.42 90.84 8.07
N PHE E 3368 -80.39 90.73 7.22
CA PHE E 3368 -80.59 91.05 5.81
C PHE E 3368 -80.86 89.82 4.95
N TYR E 3369 -80.10 88.74 5.16
CA TYR E 3369 -80.24 87.55 4.34
C TYR E 3369 -81.62 86.90 4.36
N PRO E 3370 -82.42 86.96 5.43
CA PRO E 3370 -83.81 86.47 5.28
C PRO E 3370 -84.60 87.22 4.22
N LEU E 3371 -84.55 88.56 4.26
CA LEU E 3371 -85.21 89.35 3.23
C LEU E 3371 -84.58 89.09 1.87
N LEU E 3372 -83.25 88.93 1.82
CA LEU E 3372 -82.59 88.65 0.55
C LEU E 3372 -83.05 87.32 -0.03
N ILE E 3373 -83.15 86.29 0.80
CA ILE E 3373 -83.59 84.97 0.33
C ILE E 3373 -85.03 85.03 -0.15
N ARG E 3374 -85.88 85.72 0.60
CA ARG E 3374 -87.27 85.86 0.18
C ARG E 3374 -87.37 86.60 -1.15
N PHE E 3375 -86.55 87.65 -1.32
CA PHE E 3375 -86.56 88.40 -2.59
C PHE E 3375 -85.99 87.56 -3.73
N VAL E 3376 -84.99 86.72 -3.44
CA VAL E 3376 -84.42 85.84 -4.45
C VAL E 3376 -85.44 84.82 -4.90
N ASP E 3377 -86.22 84.29 -3.96
CA ASP E 3377 -87.34 83.43 -4.36
C ASP E 3377 -88.43 84.22 -5.06
N TYR E 3378 -88.54 85.52 -4.73
CA TYR E 3378 -89.55 86.37 -5.36
C TYR E 3378 -89.29 86.51 -6.86
N ASN E 3379 -88.06 86.84 -7.23
CA ASN E 3379 -87.75 87.05 -8.65
C ASN E 3379 -86.80 85.98 -9.19
N ARG E 3380 -86.82 84.79 -8.58
CA ARG E 3380 -85.90 83.75 -8.99
C ARG E 3380 -86.26 83.19 -10.37
N ALA E 3381 -87.56 83.02 -10.63
CA ALA E 3381 -87.97 82.58 -11.95
C ALA E 3381 -87.61 83.60 -13.01
N LYS E 3382 -87.92 84.88 -12.76
CA LYS E 3382 -87.51 85.95 -13.66
C LYS E 3382 -86.01 85.96 -13.87
N TRP E 3383 -85.27 85.77 -12.78
CA TRP E 3383 -83.81 85.90 -12.82
C TRP E 3383 -83.20 84.75 -13.60
N LEU E 3384 -83.88 83.60 -13.63
CA LEU E 3384 -83.50 82.50 -14.50
C LEU E 3384 -83.89 82.77 -15.95
N LYS E 3385 -85.09 83.29 -16.17
CA LYS E 3385 -85.54 83.55 -17.54
C LYS E 3385 -84.59 84.51 -18.24
N GLU E 3386 -84.17 85.56 -17.54
CA GLU E 3386 -83.19 86.50 -18.08
C GLU E 3386 -82.12 86.75 -17.03
N PRO E 3387 -80.89 86.26 -17.25
CA PRO E 3387 -79.82 86.47 -16.27
C PRO E 3387 -79.36 87.92 -16.21
N ASN E 3388 -80.09 88.72 -15.43
CA ASN E 3388 -79.79 90.14 -15.28
C ASN E 3388 -78.35 90.33 -14.78
N PRO E 3389 -77.68 91.40 -15.21
CA PRO E 3389 -76.35 91.70 -14.65
C PRO E 3389 -76.38 91.81 -13.14
N GLU E 3390 -77.41 92.41 -12.58
CA GLU E 3390 -77.54 92.48 -11.13
C GLU E 3390 -77.74 91.09 -10.54
N ALA E 3391 -78.52 90.23 -11.23
CA ALA E 3391 -78.69 88.86 -10.77
C ALA E 3391 -77.35 88.15 -10.64
N GLU E 3392 -76.57 88.20 -11.73
CA GLU E 3392 -75.28 87.52 -11.74
C GLU E 3392 -74.36 88.09 -10.68
N GLU E 3393 -74.27 89.42 -10.59
CA GLU E 3393 -73.37 90.04 -9.62
C GLU E 3393 -73.75 89.70 -8.19
N LEU E 3394 -75.06 89.71 -7.90
CA LEU E 3394 -75.52 89.35 -6.56
C LEU E 3394 -75.17 87.91 -6.23
N PHE E 3395 -75.37 87.00 -7.18
CA PHE E 3395 -74.97 85.62 -6.93
C PHE E 3395 -73.47 85.54 -6.65
N ARG E 3396 -72.66 86.29 -7.41
CA ARG E 3396 -71.21 86.25 -7.19
C ARG E 3396 -70.85 86.73 -5.79
N MET E 3397 -71.38 87.88 -5.36
CA MET E 3397 -70.89 88.34 -4.06
C MET E 3397 -71.52 87.57 -2.90
N VAL E 3398 -72.72 87.00 -3.09
CA VAL E 3398 -73.22 86.05 -2.09
C VAL E 3398 -72.28 84.85 -1.99
N ALA E 3399 -71.78 84.38 -3.13
CA ALA E 3399 -70.80 83.31 -3.13
C ALA E 3399 -69.53 83.71 -2.39
N GLU E 3400 -69.09 84.96 -2.59
CA GLU E 3400 -67.90 85.43 -1.87
C GLU E 3400 -68.13 85.45 -0.36
N VAL E 3401 -69.31 85.91 0.07
CA VAL E 3401 -69.62 85.90 1.49
C VAL E 3401 -69.61 84.47 2.02
N PHE E 3402 -70.15 83.52 1.26
CA PHE E 3402 -70.14 82.13 1.69
C PHE E 3402 -68.71 81.59 1.78
N ILE E 3403 -67.86 81.97 0.83
CA ILE E 3403 -66.47 81.53 0.87
C ILE E 3403 -65.77 82.06 2.11
N TYR E 3404 -66.01 83.33 2.45
CA TYR E 3404 -65.44 83.87 3.68
C TYR E 3404 -65.95 83.10 4.90
N TRP E 3405 -67.26 82.82 4.93
CA TRP E 3405 -67.84 82.10 6.06
C TRP E 3405 -67.27 80.70 6.19
N SER E 3406 -67.06 80.02 5.06
CA SER E 3406 -66.50 78.67 5.09
C SER E 3406 -65.04 78.68 5.52
N LYS E 3407 -64.26 79.63 4.98
CA LYS E 3407 -62.84 79.67 5.31
C LYS E 3407 -62.60 80.06 6.76
N SER E 3408 -63.46 80.92 7.31
CA SER E 3408 -63.33 81.35 8.69
C SER E 3408 -64.01 80.34 9.61
N HIS E 3409 -63.21 79.60 10.38
CA HIS E 3409 -63.79 78.69 11.37
C HIS E 3409 -64.50 79.45 12.48
N ASN E 3410 -63.95 80.61 12.87
CA ASN E 3410 -64.61 81.44 13.88
C ASN E 3410 -65.96 81.94 13.40
N PHE E 3411 -66.12 82.13 12.08
CA PHE E 3411 -67.41 82.54 11.54
C PHE E 3411 -68.49 81.52 11.85
N LYS E 3412 -68.23 80.24 11.54
CA LYS E 3412 -69.23 79.20 11.77
C LYS E 3412 -69.51 79.04 13.26
N ARG E 3413 -68.47 79.05 14.08
CA ARG E 3413 -68.66 78.88 15.52
C ARG E 3413 -69.46 80.03 16.12
N GLU E 3414 -69.14 81.27 15.73
CA GLU E 3414 -69.87 82.41 16.27
C GLU E 3414 -71.30 82.45 15.77
N GLU E 3415 -71.53 82.07 14.51
CA GLU E 3415 -72.90 82.01 14.01
C GLU E 3415 -73.70 80.95 14.76
N GLN E 3416 -73.09 79.79 15.03
CA GLN E 3416 -73.76 78.75 15.80
C GLN E 3416 -74.09 79.23 17.20
N ASN E 3417 -73.15 79.89 17.86
CA ASN E 3417 -73.39 80.40 19.21
C ASN E 3417 -74.50 81.44 19.20
N PHE E 3418 -74.50 82.33 18.21
CA PHE E 3418 -75.51 83.39 18.12
C PHE E 3418 -76.90 82.78 17.91
N VAL E 3419 -76.99 81.79 17.02
CA VAL E 3419 -78.27 81.14 16.75
C VAL E 3419 -78.76 80.37 17.97
N VAL E 3420 -77.84 79.68 18.67
CA VAL E 3420 -78.22 78.96 19.88
C VAL E 3420 -78.72 79.93 20.95
N GLN E 3421 -78.03 81.05 21.11
CA GLN E 3421 -78.42 82.03 22.13
C GLN E 3421 -79.80 82.61 21.85
N ASN E 3422 -80.07 82.96 20.58
CA ASN E 3422 -81.33 83.63 20.26
C ASN E 3422 -82.45 82.68 19.87
N GLU E 3423 -82.18 81.38 19.78
CA GLU E 3423 -83.19 80.37 19.40
C GLU E 3423 -83.87 80.76 18.08
N ILE E 3424 -83.05 81.15 17.10
CA ILE E 3424 -83.58 81.60 15.82
C ILE E 3424 -84.12 80.42 15.04
N ASN E 3425 -85.34 80.56 14.53
CA ASN E 3425 -85.98 79.53 13.70
C ASN E 3425 -85.63 79.83 12.25
N ASN E 3426 -84.50 79.25 11.80
CA ASN E 3426 -84.03 79.52 10.45
C ASN E 3426 -84.98 78.94 9.40
N MET E 3427 -85.55 77.76 9.67
CA MET E 3427 -86.47 77.15 8.73
C MET E 3427 -87.72 78.01 8.51
N SER E 3428 -88.08 78.86 9.47
CA SER E 3428 -89.19 79.79 9.24
C SER E 3428 -88.88 80.74 8.09
N PHE E 3429 -87.66 81.28 8.05
CA PHE E 3429 -87.27 82.13 6.92
C PHE E 3429 -87.05 81.29 5.67
N LEU E 3430 -86.57 80.06 5.81
CA LEU E 3430 -86.35 79.21 4.65
C LEU E 3430 -87.65 78.91 3.92
N ILE E 3431 -88.71 78.61 4.67
CA ILE E 3431 -90.01 78.32 4.07
C ILE E 3431 -90.73 79.62 3.77
N THR E 3432 -91.15 79.80 2.53
CA THR E 3432 -91.88 81.00 2.14
C THR E 3432 -93.24 81.04 2.82
N ASP E 3433 -93.63 82.22 3.28
CA ASP E 3433 -94.91 82.40 3.97
C ASP E 3433 -96.02 82.51 2.93
N THR E 3434 -96.77 81.43 2.76
CA THR E 3434 -97.88 81.37 1.82
C THR E 3434 -99.17 81.04 2.57
N LYS E 3435 -100.27 80.98 1.82
CA LYS E 3435 -101.57 80.68 2.40
C LYS E 3435 -101.67 79.19 2.66
N SER E 3436 -101.58 78.80 3.93
CA SER E 3436 -101.65 77.39 4.31
C SER E 3436 -102.12 77.29 5.75
N LYS E 3437 -103.15 76.48 5.98
CA LYS E 3437 -103.69 76.27 7.32
C LYS E 3437 -103.87 74.78 7.56
N MET E 3438 -103.81 74.39 8.83
CA MET E 3438 -103.97 73.00 9.22
C MET E 3438 -105.36 72.66 9.75
N SER E 3439 -106.09 73.65 10.25
CA SER E 3439 -107.43 73.44 10.83
C SER E 3439 -107.39 72.39 11.94
N LYS E 3440 -106.34 72.45 12.76
CA LYS E 3440 -106.13 71.50 13.85
C LYS E 3440 -106.13 70.06 13.35
N ALA E 3441 -105.44 69.82 12.24
CA ALA E 3441 -105.27 68.49 11.68
C ALA E 3441 -103.78 68.18 11.60
N ALA E 3442 -103.39 67.01 12.12
CA ALA E 3442 -102.00 66.55 12.12
C ALA E 3442 -101.09 67.56 12.83
N ILE E 3443 -101.38 67.77 14.11
CA ILE E 3443 -100.58 68.66 14.95
C ILE E 3443 -99.47 67.83 15.58
N SER E 3444 -98.23 68.15 15.24
CA SER E 3444 -97.06 67.43 15.74
C SER E 3444 -96.50 68.07 17.00
N ASP E 3445 -97.36 68.27 18.01
CA ASP E 3445 -96.89 68.79 19.28
C ASP E 3445 -95.89 67.84 19.94
N GLN E 3446 -96.10 66.53 19.78
CA GLN E 3446 -95.13 65.57 20.27
C GLN E 3446 -93.78 65.77 19.62
N GLU E 3447 -93.76 66.02 18.30
CA GLU E 3447 -92.49 66.29 17.61
C GLU E 3447 -91.86 67.58 18.11
N ARG E 3448 -92.67 68.64 18.28
CA ARG E 3448 -92.13 69.90 18.77
C ARG E 3448 -91.51 69.75 20.15
N LYS E 3449 -92.10 68.89 20.99
CA LYS E 3449 -91.45 68.55 22.25
C LYS E 3449 -90.21 67.69 22.03
N LYS E 3450 -90.21 66.87 20.97
CA LYS E 3450 -89.07 65.99 20.72
C LYS E 3450 -87.81 66.79 20.37
N MET E 3451 -87.93 67.79 19.50
CA MET E 3451 -86.74 68.62 19.23
C MET E 3451 -86.39 69.43 20.47
N LYS E 3452 -85.33 69.03 21.17
CA LYS E 3452 -84.79 69.75 22.32
C LYS E 3452 -83.27 69.78 22.27
N ARG E 3453 -82.71 70.00 21.08
CA ARG E 3453 -81.26 69.94 20.89
C ARG E 3453 -80.76 71.31 20.45
N LYS E 3454 -79.90 71.91 21.29
CA LYS E 3454 -79.26 73.17 20.93
C LYS E 3454 -78.39 73.00 19.69
N GLY E 3455 -77.73 71.85 19.55
CA GLY E 3455 -76.98 71.57 18.34
C GLY E 3455 -77.87 71.46 17.12
N ASP E 3456 -79.09 70.95 17.29
CA ASP E 3456 -80.03 70.88 16.18
C ASP E 3456 -80.68 72.22 15.87
N ARG E 3457 -80.65 73.17 16.81
CA ARG E 3457 -81.19 74.50 16.52
C ARG E 3457 -80.45 75.14 15.35
N TYR E 3458 -79.13 75.05 15.33
CA TYR E 3458 -78.32 75.57 14.24
C TYR E 3458 -77.77 74.40 13.44
N SER E 3459 -78.16 74.33 12.17
CA SER E 3459 -77.69 73.29 11.27
C SER E 3459 -77.08 73.94 10.03
N MET E 3460 -76.10 73.24 9.44
CA MET E 3460 -75.45 73.76 8.25
C MET E 3460 -76.40 73.84 7.07
N GLN E 3461 -77.35 72.90 6.97
CA GLN E 3461 -78.35 72.97 5.91
C GLN E 3461 -79.27 74.16 6.11
N THR E 3462 -79.60 74.49 7.36
CA THR E 3462 -80.51 75.58 7.66
C THR E 3462 -79.85 76.95 7.60
N SER E 3463 -78.53 77.01 7.38
CA SER E 3463 -77.84 78.30 7.33
C SER E 3463 -78.34 79.14 6.16
N LEU E 3464 -78.61 80.42 6.44
CA LEU E 3464 -79.17 81.29 5.42
C LEU E 3464 -78.19 81.53 4.27
N ILE E 3465 -76.89 81.53 4.53
CA ILE E 3465 -75.93 81.78 3.47
C ILE E 3465 -75.98 80.68 2.42
N VAL E 3466 -75.91 79.42 2.86
CA VAL E 3466 -75.94 78.32 1.92
C VAL E 3466 -77.34 78.16 1.34
N ALA E 3467 -78.38 78.52 2.10
CA ALA E 3467 -79.73 78.50 1.55
C ALA E 3467 -79.87 79.49 0.40
N ALA E 3468 -79.32 80.71 0.57
CA ALA E 3468 -79.34 81.69 -0.50
C ALA E 3468 -78.53 81.20 -1.70
N LEU E 3469 -77.40 80.54 -1.44
CA LEU E 3469 -76.64 79.95 -2.54
C LEU E 3469 -77.45 78.90 -3.27
N LYS E 3470 -78.19 78.06 -2.56
CA LYS E 3470 -79.04 77.09 -3.22
C LYS E 3470 -80.11 77.77 -4.06
N ARG E 3471 -80.70 78.85 -3.54
CA ARG E 3471 -81.73 79.56 -4.29
C ARG E 3471 -81.17 80.20 -5.55
N LEU E 3472 -79.93 80.72 -5.47
CA LEU E 3472 -79.30 81.43 -6.57
C LEU E 3472 -78.47 80.52 -7.47
N LEU E 3473 -78.33 79.24 -7.13
CA LEU E 3473 -77.43 78.36 -7.86
C LEU E 3473 -77.82 78.16 -9.32
N PRO E 3474 -79.09 77.93 -9.67
CA PRO E 3474 -79.42 77.83 -11.10
C PRO E 3474 -79.08 79.09 -11.88
N ILE E 3475 -79.21 80.27 -11.27
CA ILE E 3475 -78.79 81.50 -11.93
C ILE E 3475 -77.28 81.50 -12.15
N GLY E 3476 -76.53 81.07 -11.14
CA GLY E 3476 -75.08 81.01 -11.29
C GLY E 3476 -74.65 80.03 -12.37
N LEU E 3477 -75.36 78.92 -12.49
CA LEU E 3477 -75.07 77.97 -13.55
C LEU E 3477 -75.47 78.53 -14.92
N ASN E 3478 -76.54 79.33 -14.97
CA ASN E 3478 -76.90 79.99 -16.21
C ASN E 3478 -75.87 81.04 -16.61
N ILE E 3479 -75.13 81.59 -15.63
CA ILE E 3479 -74.09 82.55 -15.96
C ILE E 3479 -73.07 81.96 -16.93
N CYS E 3480 -72.70 80.70 -16.71
CA CYS E 3480 -71.67 80.06 -17.51
C CYS E 3480 -72.29 79.05 -18.49
N ALA E 3481 -71.60 78.85 -19.61
CA ALA E 3481 -72.05 77.92 -20.63
C ALA E 3481 -71.85 76.49 -20.15
N PRO E 3482 -72.57 75.52 -20.76
CA PRO E 3482 -72.36 74.12 -20.37
C PRO E 3482 -70.92 73.64 -20.51
N GLY E 3483 -70.21 74.07 -21.56
CA GLY E 3483 -68.78 73.79 -21.61
C GLY E 3483 -68.02 74.52 -20.52
N ASP E 3484 -68.41 75.75 -20.24
CA ASP E 3484 -67.89 76.44 -19.06
C ASP E 3484 -68.21 75.68 -17.80
N GLN E 3485 -69.38 75.03 -17.74
CA GLN E 3485 -69.71 74.18 -16.58
C GLN E 3485 -68.81 72.97 -16.50
N GLU E 3486 -68.44 72.39 -17.66
CA GLU E 3486 -67.46 71.30 -17.65
C GLU E 3486 -66.14 71.76 -17.06
N LEU E 3487 -65.67 72.93 -17.49
CA LEU E 3487 -64.44 73.48 -16.92
C LEU E 3487 -64.61 73.81 -15.44
N ILE E 3488 -65.81 74.20 -15.03
CA ILE E 3488 -66.09 74.46 -13.62
C ILE E 3488 -65.94 73.16 -12.82
N ALA E 3489 -66.47 72.06 -13.35
CA ALA E 3489 -66.33 70.77 -12.68
C ALA E 3489 -64.87 70.36 -12.59
N LEU E 3490 -64.12 70.53 -13.67
CA LEU E 3490 -62.69 70.20 -13.64
C LEU E 3490 -61.94 71.06 -12.64
N ALA E 3491 -62.25 72.35 -12.59
CA ALA E 3491 -61.57 73.25 -11.66
C ALA E 3491 -61.94 72.93 -10.21
N LYS E 3492 -63.19 72.55 -9.96
CA LYS E 3492 -63.59 72.09 -8.64
C LYS E 3492 -62.85 70.83 -8.25
N ASN E 3493 -62.65 69.92 -9.21
CA ASN E 3493 -61.80 68.76 -8.96
C ASN E 3493 -60.38 69.19 -8.61
N ARG E 3494 -59.87 70.21 -9.29
CA ARG E 3494 -58.53 70.72 -8.95
C ARG E 3494 -58.49 71.27 -7.53
N PHE E 3495 -59.52 72.03 -7.13
CA PHE E 3495 -59.59 72.49 -5.75
C PHE E 3495 -59.61 71.32 -4.77
N SER E 3496 -60.36 70.28 -5.10
CA SER E 3496 -60.35 69.08 -4.26
C SER E 3496 -58.96 68.47 -4.17
N LEU E 3497 -58.21 68.52 -5.27
CA LEU E 3497 -56.85 67.99 -5.30
C LEU E 3497 -55.84 69.02 -4.81
N LYS E 3498 -56.11 69.62 -3.64
CA LYS E 3498 -55.19 70.50 -2.92
C LYS E 3498 -54.45 71.45 -3.85
N ASP E 3499 -55.22 72.28 -4.56
CA ASP E 3499 -54.67 73.27 -5.47
C ASP E 3499 -55.15 74.67 -5.07
N THR E 3500 -54.23 75.63 -5.14
CA THR E 3500 -54.53 77.01 -4.79
C THR E 3500 -55.35 77.68 -5.89
N GLU E 3501 -55.89 78.86 -5.57
CA GLU E 3501 -56.79 79.55 -6.48
C GLU E 3501 -56.10 79.94 -7.79
N GLU E 3502 -54.90 80.51 -7.70
CA GLU E 3502 -54.19 80.90 -8.91
C GLU E 3502 -53.73 79.68 -9.72
N GLU E 3503 -53.36 78.60 -9.04
CA GLU E 3503 -53.02 77.37 -9.76
C GLU E 3503 -54.22 76.84 -10.53
N VAL E 3504 -55.38 76.83 -9.89
CA VAL E 3504 -56.59 76.37 -10.57
C VAL E 3504 -56.94 77.30 -11.73
N ARG E 3505 -56.73 78.61 -11.55
CA ARG E 3505 -56.97 79.56 -12.63
C ARG E 3505 -56.06 79.28 -13.82
N ASP E 3506 -54.79 79.00 -13.56
CA ASP E 3506 -53.86 78.64 -14.63
C ASP E 3506 -54.29 77.34 -15.32
N ILE E 3507 -54.79 76.38 -14.53
CA ILE E 3507 -55.27 75.12 -15.11
C ILE E 3507 -56.45 75.38 -16.03
N ILE E 3508 -57.37 76.25 -15.61
CA ILE E 3508 -58.51 76.60 -16.45
C ILE E 3508 -58.05 77.29 -17.73
N ARG E 3509 -57.08 78.19 -17.61
CA ARG E 3509 -56.54 78.86 -18.80
C ARG E 3509 -55.94 77.84 -19.76
N SER E 3510 -55.21 76.86 -19.24
CA SER E 3510 -54.60 75.84 -20.08
C SER E 3510 -55.65 74.95 -20.75
N ASN E 3511 -56.70 74.59 -20.00
CA ASN E 3511 -57.68 73.62 -20.46
C ASN E 3511 -58.91 74.26 -21.11
N ILE E 3512 -58.90 75.58 -21.31
CA ILE E 3512 -60.00 76.25 -21.97
C ILE E 3512 -60.31 75.71 -23.37
N HIS E 3513 -59.42 74.89 -23.94
CA HIS E 3513 -59.67 74.33 -25.26
C HIS E 3513 -60.82 73.33 -25.26
N LEU E 3514 -61.16 72.74 -24.11
CA LEU E 3514 -62.21 71.72 -24.07
C LEU E 3514 -63.58 72.30 -24.40
N GLN E 3515 -63.82 73.56 -24.07
CA GLN E 3515 -65.09 74.19 -24.42
C GLN E 3515 -65.27 74.19 -25.94
N GLY E 3516 -66.47 73.82 -26.37
CA GLY E 3516 -66.73 73.69 -27.80
C GLY E 3516 -66.25 72.40 -28.40
N LYS E 3517 -65.02 71.98 -28.07
CA LYS E 3517 -64.52 70.70 -28.56
C LYS E 3517 -65.32 69.53 -28.00
N LEU E 3518 -65.64 69.58 -26.71
CA LEU E 3518 -66.46 68.53 -26.09
C LEU E 3518 -67.89 68.68 -26.58
N GLU E 3519 -68.29 67.78 -27.49
CA GLU E 3519 -69.62 67.82 -28.09
C GLU E 3519 -70.39 66.56 -27.73
N ASP E 3520 -71.70 66.71 -27.57
CA ASP E 3520 -72.57 65.61 -27.17
C ASP E 3520 -73.99 65.96 -27.58
N PRO E 3521 -74.82 64.98 -27.96
CA PRO E 3521 -76.20 65.29 -28.36
C PRO E 3521 -76.98 66.06 -27.31
N ALA E 3522 -76.82 65.73 -26.03
CA ALA E 3522 -77.50 66.50 -24.98
C ALA E 3522 -76.91 67.90 -24.87
N ILE E 3523 -75.59 68.00 -24.98
CA ILE E 3523 -74.92 69.30 -24.96
C ILE E 3523 -75.44 70.19 -26.08
N ARG E 3524 -75.88 69.58 -27.19
CA ARG E 3524 -76.44 70.37 -28.28
C ARG E 3524 -77.66 71.16 -27.84
N TRP E 3525 -78.64 70.48 -27.23
CA TRP E 3525 -79.82 71.21 -26.77
C TRP E 3525 -79.50 72.09 -25.57
N GLN E 3526 -78.50 71.72 -24.77
CA GLN E 3526 -78.08 72.61 -23.68
C GLN E 3526 -77.59 73.94 -24.23
N MET E 3527 -76.72 73.89 -25.26
CA MET E 3527 -76.27 75.10 -25.91
C MET E 3527 -77.42 75.85 -26.58
N ALA E 3528 -78.35 75.10 -27.19
CA ALA E 3528 -79.50 75.74 -27.84
C ALA E 3528 -80.32 76.55 -26.85
N LEU E 3529 -80.65 75.95 -25.70
CA LEU E 3529 -81.41 76.66 -24.68
C LEU E 3529 -80.61 77.81 -24.09
N TYR E 3530 -79.30 77.62 -23.93
CA TYR E 3530 -78.45 78.68 -23.39
C TYR E 3530 -78.45 79.90 -24.31
N LYS E 3531 -78.40 79.69 -25.62
CA LYS E 3531 -78.52 80.80 -26.55
C LYS E 3531 -79.93 81.38 -26.57
N ASP E 3532 -80.95 80.51 -26.44
CA ASP E 3532 -82.33 81.00 -26.44
C ASP E 3532 -82.59 81.91 -25.25
N LEU E 3533 -81.91 81.67 -24.13
CA LEU E 3533 -82.04 82.58 -22.99
C LEU E 3533 -81.56 83.98 -23.41
N PRO E 3534 -82.37 85.03 -23.19
CA PRO E 3534 -82.08 86.33 -23.80
C PRO E 3534 -80.79 86.98 -23.34
N ASN E 3535 -80.64 87.19 -22.03
CA ASN E 3535 -79.49 87.93 -21.53
C ASN E 3535 -78.21 87.10 -21.67
N ARG E 3536 -77.17 87.73 -22.22
CA ARG E 3536 -75.86 87.10 -22.41
C ARG E 3536 -74.76 88.06 -21.96
N THR E 3537 -74.92 88.63 -20.77
CA THR E 3537 -73.97 89.61 -20.27
C THR E 3537 -72.58 89.02 -20.10
N GLU E 3538 -72.48 87.71 -19.90
CA GLU E 3538 -71.19 87.06 -19.84
C GLU E 3538 -70.50 87.15 -21.20
N ASP E 3539 -69.17 87.23 -21.17
CA ASP E 3539 -68.39 87.35 -22.39
C ASP E 3539 -67.64 86.04 -22.61
N PRO E 3540 -68.10 85.15 -23.50
CA PRO E 3540 -67.37 83.92 -23.77
C PRO E 3540 -66.15 84.11 -24.65
N SER E 3541 -66.10 85.18 -25.44
CA SER E 3541 -64.94 85.46 -26.28
C SER E 3541 -63.74 85.93 -25.48
N ASP E 3542 -63.91 86.26 -24.20
CA ASP E 3542 -62.81 86.69 -23.37
C ASP E 3542 -62.31 85.50 -22.55
N PRO E 3543 -61.15 84.94 -22.87
CA PRO E 3543 -60.66 83.79 -22.08
C PRO E 3543 -60.42 84.14 -20.62
N GLU E 3544 -59.96 85.35 -20.33
CA GLU E 3544 -59.72 85.73 -18.94
C GLU E 3544 -61.02 85.79 -18.16
N ARG E 3545 -62.06 86.41 -18.73
CA ARG E 3545 -63.35 86.47 -18.06
C ARG E 3545 -63.96 85.09 -17.88
N THR E 3546 -63.85 84.24 -18.91
CA THR E 3546 -64.37 82.88 -18.80
C THR E 3546 -63.65 82.11 -17.70
N VAL E 3547 -62.32 82.24 -17.62
CA VAL E 3547 -61.55 81.55 -16.60
C VAL E 3547 -61.93 82.06 -15.21
N GLU E 3548 -62.12 83.38 -15.07
CA GLU E 3548 -62.50 83.94 -13.78
C GLU E 3548 -63.86 83.43 -13.34
N ARG E 3549 -64.83 83.38 -14.26
CA ARG E 3549 -66.16 82.86 -13.92
C ARG E 3549 -66.07 81.40 -13.52
N VAL E 3550 -65.30 80.60 -14.27
CA VAL E 3550 -65.15 79.19 -13.96
C VAL E 3550 -64.54 79.01 -12.58
N LEU E 3551 -63.50 79.78 -12.27
CA LEU E 3551 -62.85 79.72 -10.97
C LEU E 3551 -63.82 80.07 -9.85
N GLY E 3552 -64.57 81.16 -10.04
CA GLY E 3552 -65.48 81.63 -9.01
C GLY E 3552 -66.64 80.68 -8.74
N ILE E 3553 -67.11 79.97 -9.78
CA ILE E 3553 -68.11 78.94 -9.52
C ILE E 3553 -67.47 77.71 -8.90
N ALA E 3554 -66.27 77.34 -9.35
CA ALA E 3554 -65.69 76.06 -8.98
C ALA E 3554 -65.27 76.02 -7.52
N ASN E 3555 -64.65 77.09 -7.02
CA ASN E 3555 -64.25 77.07 -5.62
C ASN E 3555 -65.48 77.01 -4.71
N VAL E 3556 -66.54 77.72 -5.09
CA VAL E 3556 -67.77 77.69 -4.32
C VAL E 3556 -68.37 76.29 -4.31
N LEU E 3557 -68.41 75.62 -5.47
CA LEU E 3557 -68.94 74.27 -5.52
C LEU E 3557 -68.06 73.30 -4.73
N PHE E 3558 -66.75 73.50 -4.73
CA PHE E 3558 -65.86 72.64 -3.96
C PHE E 3558 -66.10 72.80 -2.46
N HIS E 3559 -66.27 74.05 -2.00
CA HIS E 3559 -66.60 74.27 -0.59
C HIS E 3559 -67.97 73.70 -0.26
N LEU E 3560 -68.93 73.79 -1.18
CA LEU E 3560 -70.24 73.19 -0.95
C LEU E 3560 -70.14 71.67 -0.86
N GLU E 3561 -69.25 71.06 -1.67
CA GLU E 3561 -69.01 69.63 -1.55
C GLU E 3561 -68.41 69.29 -0.19
N GLN E 3562 -67.49 70.12 0.29
CA GLN E 3562 -66.95 69.91 1.63
C GLN E 3562 -68.05 69.97 2.69
N LYS E 3563 -68.96 70.93 2.57
CA LYS E 3563 -70.03 71.07 3.54
C LYS E 3563 -71.20 70.13 3.30
N SER E 3564 -71.17 69.35 2.22
CA SER E 3564 -72.25 68.42 1.92
C SER E 3564 -71.70 67.03 1.63
N PRO E 3611 -58.23 64.07 58.15
CA PRO E 3611 -58.06 64.52 59.53
C PRO E 3611 -56.60 64.79 59.89
N ARG E 3612 -56.37 65.32 61.09
CA ARG E 3612 -55.02 65.69 61.49
C ARG E 3612 -54.11 64.47 61.58
N HIS E 3613 -54.59 63.39 62.19
CA HIS E 3613 -53.76 62.19 62.33
C HIS E 3613 -53.45 61.58 60.97
N ARG E 3614 -54.44 61.52 60.07
CA ARG E 3614 -54.19 61.01 58.73
C ARG E 3614 -53.17 61.87 58.00
N ALA E 3615 -53.30 63.20 58.11
CA ALA E 3615 -52.38 64.10 57.44
C ALA E 3615 -50.96 63.91 57.96
N VAL E 3616 -50.79 63.81 59.28
CA VAL E 3616 -49.43 63.69 59.82
C VAL E 3616 -48.84 62.34 59.47
N ASN E 3617 -49.65 61.28 59.45
CA ASN E 3617 -49.13 59.98 59.03
C ASN E 3617 -48.67 60.02 57.58
N LEU E 3618 -49.48 60.61 56.70
CA LEU E 3618 -49.08 60.74 55.31
C LEU E 3618 -47.80 61.56 55.19
N PHE E 3619 -47.66 62.62 56.00
CA PHE E 3619 -46.45 63.41 55.93
C PHE E 3619 -45.24 62.63 56.44
N LEU E 3620 -45.42 61.79 57.45
CA LEU E 3620 -44.32 60.93 57.90
C LEU E 3620 -43.84 60.04 56.77
N GLN E 3621 -44.78 59.37 56.10
CA GLN E 3621 -44.39 58.47 55.02
C GLN E 3621 -43.74 59.23 53.86
N GLY E 3622 -44.31 60.37 53.48
CA GLY E 3622 -43.73 61.15 52.40
C GLY E 3622 -42.36 61.71 52.76
N TYR E 3623 -42.20 62.19 54.00
CA TYR E 3623 -40.91 62.68 54.45
C TYR E 3623 -39.87 61.57 54.40
N GLU E 3624 -40.25 60.36 54.82
CA GLU E 3624 -39.33 59.25 54.66
C GLU E 3624 -38.92 59.14 53.20
N LYS E 3625 -39.90 58.81 52.34
CA LYS E 3625 -39.59 58.44 50.96
C LYS E 3625 -38.92 59.56 50.17
N SER E 3626 -39.01 60.81 50.63
CA SER E 3626 -38.41 61.93 49.91
C SER E 3626 -37.13 62.42 50.54
N TRP E 3627 -37.16 62.78 51.82
CA TRP E 3627 -36.05 63.46 52.48
C TRP E 3627 -35.18 62.52 53.30
N ILE E 3628 -35.43 61.22 53.32
CA ILE E 3628 -34.63 60.36 54.19
C ILE E 3628 -34.03 59.23 53.36
N GLU E 3629 -34.71 58.88 52.28
CA GLU E 3629 -34.30 57.76 51.43
C GLU E 3629 -33.46 58.19 50.24
N THR E 3630 -33.08 59.47 50.18
CA THR E 3630 -32.31 59.99 49.05
C THR E 3630 -30.90 60.41 49.40
N GLU E 3631 -30.61 60.69 50.67
CA GLU E 3631 -29.26 61.08 51.05
C GLU E 3631 -28.30 59.91 50.87
N GLU E 3632 -27.16 60.18 50.25
CA GLU E 3632 -26.14 59.17 49.98
C GLU E 3632 -24.81 59.73 50.46
N HIS E 3633 -24.51 59.52 51.74
CA HIS E 3633 -23.25 59.94 52.32
C HIS E 3633 -22.20 58.85 52.13
N TYR E 3634 -21.04 59.24 51.62
CA TYR E 3634 -19.98 58.29 51.26
C TYR E 3634 -19.07 58.08 52.46
N PHE E 3635 -19.14 56.89 53.05
CA PHE E 3635 -18.28 56.51 54.15
C PHE E 3635 -17.59 55.17 53.94
N GLU E 3636 -17.87 54.49 52.83
CA GLU E 3636 -17.39 53.14 52.64
C GLU E 3636 -15.86 53.08 52.62
N ASP E 3637 -15.22 54.00 51.90
CA ASP E 3637 -13.77 53.96 51.77
C ASP E 3637 -13.10 54.18 53.12
N LYS E 3638 -13.54 55.20 53.86
CA LYS E 3638 -12.95 55.49 55.16
C LYS E 3638 -13.19 54.34 56.13
N LEU E 3639 -14.41 53.78 56.12
CA LEU E 3639 -14.72 52.68 57.02
C LEU E 3639 -13.85 51.46 56.71
N ILE E 3640 -13.70 51.12 55.43
CA ILE E 3640 -12.86 49.99 55.06
C ILE E 3640 -11.41 50.26 55.44
N GLU E 3641 -10.95 51.49 55.27
CA GLU E 3641 -9.56 51.82 55.63
C GLU E 3641 -9.32 51.63 57.12
N ASP E 3642 -10.21 52.19 57.95
CA ASP E 3642 -9.98 52.08 59.39
C ASP E 3642 -10.20 50.67 59.89
N LEU E 3643 -11.05 49.89 59.21
CA LEU E 3643 -11.27 48.51 59.60
C LEU E 3643 -10.10 47.62 59.20
N ALA E 3644 -9.46 47.90 58.08
CA ALA E 3644 -8.32 47.13 57.61
C ALA E 3644 -7.00 47.62 58.18
N LYS E 3645 -6.98 48.75 58.87
CA LYS E 3645 -5.76 49.22 59.51
C LYS E 3645 -5.33 48.21 60.56
N PRO E 3646 -4.09 47.70 60.50
CA PRO E 3646 -3.68 46.67 61.47
C PRO E 3646 -3.71 47.14 62.91
N GLY E 3647 -3.42 48.41 63.17
CA GLY E 3647 -3.43 48.94 64.52
C GLY E 3647 -2.13 48.66 65.25
N ALA E 3648 -2.01 49.25 66.43
CA ALA E 3648 -0.82 49.10 67.24
C ALA E 3648 -0.81 47.75 67.95
N GLU E 3649 0.37 47.35 68.39
CA GLU E 3649 0.54 46.08 69.12
C GLU E 3649 1.52 46.24 70.27
N LYS E 3658 2.26 39.38 63.96
CA LYS E 3658 1.07 40.15 64.28
C LYS E 3658 -0.14 39.22 64.26
N ARG E 3659 -1.33 39.79 64.45
CA ARG E 3659 -2.57 39.04 64.49
C ARG E 3659 -3.46 39.44 63.32
N VAL E 3660 -4.69 38.94 63.34
CA VAL E 3660 -5.62 39.13 62.23
C VAL E 3660 -6.29 40.49 62.34
N ASP E 3661 -6.33 41.23 61.23
CA ASP E 3661 -6.97 42.53 61.21
C ASP E 3661 -8.49 42.38 61.33
N PRO E 3662 -9.18 43.42 61.80
CA PRO E 3662 -10.65 43.31 61.97
C PRO E 3662 -11.38 42.97 60.68
N LEU E 3663 -10.97 43.55 59.56
CA LEU E 3663 -11.63 43.25 58.29
C LEU E 3663 -11.42 41.79 57.90
N HIS E 3664 -10.21 41.27 58.13
CA HIS E 3664 -9.96 39.85 57.85
C HIS E 3664 -10.76 38.97 58.78
N GLN E 3665 -10.94 39.38 60.04
CA GLN E 3665 -11.81 38.64 60.95
C GLN E 3665 -13.24 38.60 60.42
N LEU E 3666 -13.73 39.73 59.92
CA LEU E 3666 -15.08 39.78 59.38
C LEU E 3666 -15.22 38.87 58.16
N ILE E 3667 -14.22 38.89 57.28
CA ILE E 3667 -14.27 38.03 56.10
C ILE E 3667 -14.25 36.57 56.50
N LEU E 3668 -13.43 36.21 57.49
CA LEU E 3668 -13.42 34.83 57.97
C LEU E 3668 -14.75 34.45 58.58
N LEU E 3669 -15.40 35.38 59.28
CA LEU E 3669 -16.72 35.11 59.83
C LEU E 3669 -17.71 34.78 58.73
N PHE E 3670 -17.72 35.61 57.67
CA PHE E 3670 -18.62 35.33 56.55
C PHE E 3670 -18.28 34.00 55.88
N SER E 3671 -16.99 33.70 55.75
CA SER E 3671 -16.59 32.45 55.12
C SER E 3671 -17.05 31.24 55.94
N ARG E 3672 -16.90 31.31 57.26
CA ARG E 3672 -17.36 30.21 58.11
C ARG E 3672 -18.88 30.08 58.06
N THR E 3673 -19.59 31.21 58.03
CA THR E 3673 -21.04 31.16 57.91
C THR E 3673 -21.45 30.49 56.60
N ALA E 3674 -20.77 30.82 55.51
CA ALA E 3674 -21.09 30.20 54.22
C ALA E 3674 -20.76 28.71 54.22
N LEU E 3675 -19.62 28.34 54.80
CA LEU E 3675 -19.21 26.94 54.81
C LEU E 3675 -20.04 26.09 55.76
N THR E 3676 -20.70 26.71 56.75
CA THR E 3676 -21.54 25.97 57.67
C THR E 3676 -22.66 25.26 56.92
N GLU E 3677 -22.83 23.98 57.20
CA GLU E 3677 -23.85 23.19 56.50
C GLU E 3677 -25.24 23.72 56.82
N LYS E 3678 -26.05 23.90 55.78
CA LYS E 3678 -27.38 24.45 55.92
C LYS E 3678 -28.16 24.19 54.64
N CYS E 3679 -29.42 23.78 54.80
CA CYS E 3679 -30.21 23.38 53.63
C CYS E 3679 -30.44 24.54 52.68
N LYS E 3680 -30.81 25.70 53.22
CA LYS E 3680 -31.12 26.87 52.41
C LYS E 3680 -30.43 28.10 52.98
N LEU E 3681 -29.84 28.90 52.09
CA LEU E 3681 -29.16 30.12 52.52
C LEU E 3681 -30.13 31.05 53.22
N GLU E 3682 -29.71 31.58 54.37
CA GLU E 3682 -30.56 32.43 55.19
C GLU E 3682 -30.17 33.89 55.03
N GLU E 3683 -31.18 34.75 54.96
CA GLU E 3683 -30.94 36.19 54.86
C GLU E 3683 -30.16 36.68 56.07
N ASP E 3684 -29.16 37.52 55.82
CA ASP E 3684 -28.30 38.05 56.87
C ASP E 3684 -28.08 39.54 56.58
N PHE E 3685 -28.78 40.38 57.34
CA PHE E 3685 -28.70 41.82 57.12
C PHE E 3685 -27.28 42.33 57.28
N LEU E 3686 -26.52 41.77 58.22
CA LEU E 3686 -25.12 42.12 58.36
C LEU E 3686 -24.36 41.81 57.08
N TYR E 3687 -24.61 40.63 56.50
CA TYR E 3687 -23.94 40.27 55.26
C TYR E 3687 -24.30 41.25 54.15
N MET E 3688 -25.59 41.57 54.02
CA MET E 3688 -26.01 42.52 52.98
C MET E 3688 -25.29 43.85 53.14
N ALA E 3689 -25.33 44.40 54.36
CA ALA E 3689 -24.78 45.72 54.59
C ALA E 3689 -23.28 45.75 54.33
N TYR E 3690 -22.54 44.79 54.88
CA TYR E 3690 -21.09 44.86 54.71
C TYR E 3690 -20.64 44.45 53.31
N ALA E 3691 -21.37 43.56 52.65
CA ALA E 3691 -21.07 43.28 51.25
C ALA E 3691 -21.27 44.53 50.40
N ASP E 3692 -22.34 45.27 50.67
CA ASP E 3692 -22.56 46.53 49.95
C ASP E 3692 -21.45 47.53 50.23
N ILE E 3693 -21.03 47.63 51.49
CA ILE E 3693 -19.97 48.57 51.84
C ILE E 3693 -18.67 48.21 51.13
N MET E 3694 -18.31 46.92 51.16
CA MET E 3694 -17.07 46.49 50.52
C MET E 3694 -17.13 46.65 49.02
N ALA E 3695 -18.29 46.40 48.41
CA ALA E 3695 -18.43 46.61 46.98
C ALA E 3695 -18.31 48.08 46.62
N LYS E 3696 -18.91 48.96 47.42
CA LYS E 3696 -18.84 50.39 47.14
C LYS E 3696 -17.47 50.97 47.46
N SER E 3697 -16.67 50.29 48.27
CA SER E 3697 -15.32 50.80 48.56
C SER E 3697 -14.49 50.92 47.30
N CYS E 3698 -14.55 49.92 46.42
CA CYS E 3698 -13.86 50.00 45.15
C CYS E 3698 -14.53 51.04 44.25
N HIS E 3699 -13.70 51.78 43.52
CA HIS E 3699 -14.17 52.78 42.55
C HIS E 3699 -15.07 53.82 43.21
N SER E 3712 -3.48 62.21 29.45
CA SER E 3712 -4.49 61.51 30.25
C SER E 3712 -4.05 60.08 30.52
N PHE E 3713 -2.99 59.64 29.85
CA PHE E 3713 -2.48 58.29 30.06
C PHE E 3713 -2.00 58.12 31.51
N GLU E 3714 -1.32 59.14 32.04
CA GLU E 3714 -0.81 59.06 33.41
C GLU E 3714 -1.97 58.95 34.41
N GLU E 3715 -3.04 59.71 34.20
CA GLU E 3715 -4.15 59.65 35.15
C GLU E 3715 -4.94 58.35 35.00
N LYS E 3716 -5.06 57.83 33.78
CA LYS E 3716 -5.68 56.51 33.60
C LYS E 3716 -4.88 55.44 34.34
N GLU E 3717 -3.55 55.47 34.20
CA GLU E 3717 -2.72 54.50 34.90
C GLU E 3717 -2.83 54.68 36.41
N MET E 3718 -2.88 55.92 36.88
CA MET E 3718 -2.98 56.16 38.32
C MET E 3718 -4.28 55.63 38.88
N GLU E 3719 -5.41 55.87 38.19
CA GLU E 3719 -6.68 55.34 38.69
C GLU E 3719 -6.72 53.83 38.57
N LYS E 3720 -6.06 53.25 37.57
CA LYS E 3720 -5.95 51.79 37.51
C LYS E 3720 -5.19 51.25 38.70
N GLN E 3721 -4.07 51.88 39.06
CA GLN E 3721 -3.32 51.45 40.23
C GLN E 3721 -4.13 51.60 41.51
N LYS E 3722 -4.89 52.69 41.62
CA LYS E 3722 -5.74 52.85 42.80
C LYS E 3722 -6.79 51.75 42.88
N LEU E 3723 -7.41 51.41 41.75
CA LEU E 3723 -8.39 50.34 41.74
C LEU E 3723 -7.76 49.01 42.14
N LEU E 3724 -6.57 48.71 41.61
CA LEU E 3724 -5.89 47.48 41.99
C LEU E 3724 -5.55 47.49 43.48
N TYR E 3725 -5.16 48.64 44.01
CA TYR E 3725 -4.85 48.73 45.43
C TYR E 3725 -6.08 48.41 46.27
N GLN E 3726 -7.22 49.00 45.94
CA GLN E 3726 -8.44 48.74 46.72
C GLN E 3726 -8.88 47.29 46.61
N GLN E 3727 -8.84 46.75 45.39
CA GLN E 3727 -9.22 45.35 45.21
C GLN E 3727 -8.30 44.43 46.00
N ALA E 3728 -6.98 44.68 45.96
CA ALA E 3728 -6.06 43.86 46.73
C ALA E 3728 -6.29 44.02 48.22
N ARG E 3729 -6.59 45.24 48.67
CA ARG E 3729 -6.83 45.49 50.09
C ARG E 3729 -7.98 44.65 50.60
N LEU E 3730 -9.09 44.64 49.87
CA LEU E 3730 -10.23 43.84 50.33
C LEU E 3730 -10.14 42.39 49.90
N HIS E 3731 -9.16 42.03 49.07
CA HIS E 3731 -9.11 40.71 48.45
C HIS E 3731 -8.09 39.77 49.08
N ASP E 3732 -6.93 40.28 49.49
CA ASP E 3732 -5.92 39.41 50.09
C ASP E 3732 -6.36 38.82 51.41
N ARG E 3733 -7.55 39.17 51.89
CA ARG E 3733 -8.10 38.64 53.13
C ARG E 3733 -9.13 37.54 52.88
N GLY E 3734 -9.25 37.07 51.65
CA GLY E 3734 -10.15 35.98 51.34
C GLY E 3734 -11.50 36.36 50.78
N ALA E 3735 -11.63 37.56 50.21
CA ALA E 3735 -12.92 37.96 49.66
C ALA E 3735 -13.33 37.06 48.50
N ALA E 3736 -12.37 36.66 47.67
CA ALA E 3736 -12.69 35.78 46.55
C ALA E 3736 -13.24 34.45 47.03
N GLU E 3737 -12.58 33.86 48.04
CA GLU E 3737 -13.07 32.60 48.59
C GLU E 3737 -14.43 32.77 49.24
N MET E 3738 -14.63 33.89 49.94
CA MET E 3738 -15.93 34.16 50.55
C MET E 3738 -17.03 34.24 49.50
N VAL E 3739 -16.77 34.93 48.39
CA VAL E 3739 -17.76 35.05 47.32
C VAL E 3739 -18.06 33.68 46.73
N LEU E 3740 -17.02 32.90 46.46
CA LEU E 3740 -17.24 31.57 45.88
C LEU E 3740 -18.05 30.69 46.83
N GLN E 3741 -17.74 30.71 48.12
CA GLN E 3741 -18.49 29.91 49.08
C GLN E 3741 -19.94 30.36 49.17
N THR E 3742 -20.18 31.67 49.15
CA THR E 3742 -21.56 32.16 49.21
C THR E 3742 -22.34 31.72 47.97
N ILE E 3743 -21.74 31.82 46.79
CA ILE E 3743 -22.44 31.40 45.57
C ILE E 3743 -22.70 29.91 45.61
N SER E 3744 -21.73 29.13 46.10
CA SER E 3744 -21.93 27.69 46.19
C SER E 3744 -23.05 27.34 47.17
N ALA E 3745 -23.10 28.02 48.31
CA ALA E 3745 -24.15 27.75 49.29
C ALA E 3745 -25.51 28.26 48.84
N SER E 3746 -25.55 29.18 47.88
CA SER E 3746 -26.83 29.62 47.33
C SER E 3746 -27.60 28.47 46.73
N LYS E 3747 -26.91 27.47 46.18
CA LYS E 3747 -27.54 26.27 45.61
C LYS E 3747 -28.54 26.63 44.52
N GLY E 3748 -28.17 27.58 43.67
CA GLY E 3748 -29.00 27.93 42.53
C GLY E 3748 -30.35 28.51 42.90
N GLU E 3749 -30.39 29.30 43.96
CA GLU E 3749 -31.61 29.97 44.40
C GLU E 3749 -31.44 31.48 44.22
N THR E 3750 -32.34 32.08 43.45
CA THR E 3750 -32.29 33.52 43.26
C THR E 3750 -32.66 34.22 44.56
N GLY E 3751 -31.86 35.20 44.95
CA GLY E 3751 -32.09 35.91 46.18
C GLY E 3751 -31.27 37.18 46.31
N PRO E 3752 -31.71 38.06 47.22
CA PRO E 3752 -30.94 39.29 47.45
C PRO E 3752 -29.53 39.03 47.97
N MET E 3753 -29.32 37.96 48.73
CA MET E 3753 -27.97 37.59 49.13
C MET E 3753 -27.11 37.27 47.92
N VAL E 3754 -27.66 36.52 46.97
CA VAL E 3754 -26.93 36.21 45.74
C VAL E 3754 -26.64 37.48 44.95
N ALA E 3755 -27.62 38.39 44.90
CA ALA E 3755 -27.38 39.66 44.20
C ALA E 3755 -26.25 40.44 44.85
N ALA E 3756 -26.24 40.50 46.18
CA ALA E 3756 -25.19 41.24 46.88
C ALA E 3756 -23.83 40.60 46.65
N THR E 3757 -23.74 39.27 46.72
CA THR E 3757 -22.44 38.64 46.52
C THR E 3757 -21.99 38.74 45.06
N LEU E 3758 -22.92 38.79 44.11
CA LEU E 3758 -22.53 39.02 42.72
C LEU E 3758 -22.02 40.44 42.52
N LYS E 3759 -22.64 41.43 43.17
CA LYS E 3759 -22.13 42.78 43.10
C LYS E 3759 -20.74 42.86 43.72
N LEU E 3760 -20.52 42.17 44.84
CA LEU E 3760 -19.20 42.14 45.45
C LEU E 3760 -18.18 41.48 44.53
N GLY E 3761 -18.57 40.39 43.87
CA GLY E 3761 -17.67 39.75 42.93
C GLY E 3761 -17.31 40.64 41.76
N ILE E 3762 -18.29 41.37 41.23
CA ILE E 3762 -18.00 42.32 40.15
C ILE E 3762 -17.04 43.38 40.65
N ALA E 3763 -17.27 43.90 41.86
CA ALA E 3763 -16.40 44.96 42.38
C ALA E 3763 -14.97 44.46 42.55
N ILE E 3764 -14.80 43.25 43.07
CA ILE E 3764 -13.44 42.76 43.30
C ILE E 3764 -12.76 42.39 41.98
N LEU E 3765 -13.51 41.85 41.02
CA LEU E 3765 -12.94 41.40 39.76
C LEU E 3765 -12.92 42.49 38.69
N ASN E 3766 -13.34 43.71 39.02
CA ASN E 3766 -13.38 44.76 38.02
C ASN E 3766 -11.99 44.99 37.45
N GLY E 3767 -11.90 45.09 36.13
CA GLY E 3767 -10.64 45.20 35.45
C GLY E 3767 -9.96 43.89 35.12
N GLY E 3768 -10.57 42.76 35.46
CA GLY E 3768 -9.98 41.47 35.17
C GLY E 3768 -8.68 41.20 35.89
N ASN E 3769 -8.64 41.46 37.20
CA ASN E 3769 -7.44 41.26 37.99
C ASN E 3769 -7.00 39.80 37.97
N SER E 3770 -5.82 39.57 37.36
CA SER E 3770 -5.33 38.21 37.19
C SER E 3770 -5.04 37.53 38.52
N THR E 3771 -4.61 38.29 39.52
CA THR E 3771 -4.35 37.71 40.83
C THR E 3771 -5.61 37.11 41.41
N VAL E 3772 -6.72 37.86 41.38
CA VAL E 3772 -7.96 37.36 41.94
C VAL E 3772 -8.50 36.20 41.09
N GLN E 3773 -8.38 36.31 39.77
CA GLN E 3773 -8.83 35.21 38.92
C GLN E 3773 -8.06 33.93 39.24
N GLN E 3774 -6.74 34.03 39.40
CA GLN E 3774 -5.93 32.86 39.71
C GLN E 3774 -6.28 32.31 41.08
N LYS E 3775 -6.53 33.18 42.07
CA LYS E 3775 -6.88 32.69 43.39
C LYS E 3775 -8.21 31.94 43.37
N MET E 3776 -9.20 32.48 42.66
CA MET E 3776 -10.47 31.76 42.54
C MET E 3776 -10.28 30.42 41.85
N LEU E 3777 -9.50 30.39 40.76
CA LEU E 3777 -9.29 29.13 40.05
C LEU E 3777 -8.59 28.11 40.94
N ASP E 3778 -7.55 28.54 41.67
CA ASP E 3778 -6.83 27.63 42.56
C ASP E 3778 -7.74 27.11 43.66
N TYR E 3779 -8.58 27.98 44.23
CA TYR E 3779 -9.49 27.52 45.27
C TYR E 3779 -10.46 26.47 44.72
N LEU E 3780 -11.02 26.73 43.54
CA LEU E 3780 -11.95 25.77 42.95
C LEU E 3780 -11.26 24.45 42.64
N LYS E 3781 -10.02 24.50 42.15
CA LYS E 3781 -9.32 23.27 41.82
C LYS E 3781 -8.96 22.48 43.08
N GLU E 3782 -8.48 23.15 44.12
CA GLU E 3782 -8.11 22.45 45.35
C GLU E 3782 -9.34 21.86 46.04
N LYS E 3783 -10.38 22.66 46.24
CA LYS E 3783 -11.62 22.18 46.83
C LYS E 3783 -12.60 21.94 45.69
N LYS E 3784 -12.64 20.69 45.22
CA LYS E 3784 -13.54 20.32 44.13
C LYS E 3784 -14.99 20.63 44.51
N ASP E 3785 -15.58 21.62 43.87
CA ASP E 3785 -16.90 22.13 44.24
C ASP E 3785 -17.77 22.14 42.99
N VAL E 3786 -18.42 21.01 42.72
CA VAL E 3786 -19.41 20.96 41.65
C VAL E 3786 -20.63 21.78 42.02
N GLY E 3787 -20.87 21.99 43.31
CA GLY E 3787 -22.02 22.76 43.74
C GLY E 3787 -21.98 24.20 43.26
N PHE E 3788 -20.79 24.78 43.15
CA PHE E 3788 -20.66 26.15 42.66
C PHE E 3788 -21.16 26.25 41.21
N PHE E 3789 -20.71 25.34 40.35
CA PHE E 3789 -21.15 25.36 38.97
C PHE E 3789 -22.63 25.01 38.85
N GLN E 3790 -23.11 24.09 39.68
CA GLN E 3790 -24.54 23.78 39.68
C GLN E 3790 -25.36 24.99 40.09
N SER E 3791 -24.88 25.75 41.08
CA SER E 3791 -25.57 26.96 41.49
C SER E 3791 -25.58 28.00 40.38
N LEU E 3792 -24.45 28.16 39.69
CA LEU E 3792 -24.42 29.08 38.55
C LEU E 3792 -25.42 28.66 37.48
N ALA E 3793 -25.46 27.37 37.16
CA ALA E 3793 -26.40 26.89 36.15
C ALA E 3793 -27.84 27.15 36.58
N GLY E 3794 -28.14 26.88 37.85
CA GLY E 3794 -29.48 27.14 38.34
C GLY E 3794 -29.86 28.61 38.29
N LEU E 3795 -28.92 29.49 38.63
CA LEU E 3795 -29.20 30.92 38.59
C LEU E 3795 -29.47 31.38 37.17
N MET E 3796 -28.60 30.99 36.23
CA MET E 3796 -28.82 31.42 34.85
C MET E 3796 -30.04 30.73 34.22
N GLN E 3797 -30.48 29.60 34.78
CA GLN E 3797 -31.74 29.02 34.32
C GLN E 3797 -32.93 29.78 34.87
N SER E 3798 -32.85 30.24 36.11
CA SER E 3798 -33.96 30.95 36.75
C SER E 3798 -33.97 32.43 36.44
N CYS E 3799 -32.98 32.96 35.72
CA CYS E 3799 -33.01 34.35 35.31
C CYS E 3799 -34.25 34.63 34.47
N SER E 3800 -34.93 35.72 34.78
CA SER E 3800 -36.18 36.06 34.12
C SER E 3800 -35.94 36.65 32.74
N VAL E 3801 -36.94 36.52 31.87
CA VAL E 3801 -36.92 37.09 30.53
C VAL E 3801 -38.23 37.84 30.32
N LEU E 3802 -38.31 38.55 29.20
CA LEU E 3802 -39.53 39.28 28.88
C LEU E 3802 -40.68 38.32 28.64
N ASP E 3803 -41.83 38.62 29.23
CA ASP E 3803 -43.04 37.81 29.04
C ASP E 3803 -44.17 38.72 28.58
N LEU E 3804 -44.80 38.34 27.47
CA LEU E 3804 -45.81 39.20 26.85
C LEU E 3804 -47.13 39.16 27.61
N ASN E 3805 -47.46 38.03 28.24
CA ASN E 3805 -48.74 37.92 28.94
C ASN E 3805 -48.84 38.93 30.07
N ALA E 3806 -47.78 39.04 30.88
CA ALA E 3806 -47.80 39.98 31.99
C ALA E 3806 -47.90 41.41 31.49
N PHE E 3807 -47.21 41.72 30.39
CA PHE E 3807 -47.29 43.07 29.84
C PHE E 3807 -48.69 43.38 29.32
N GLU E 3808 -49.34 42.40 28.70
CA GLU E 3808 -50.73 42.60 28.26
C GLU E 3808 -51.66 42.82 29.45
N ARG E 3809 -51.47 42.05 30.53
CA ARG E 3809 -52.26 42.27 31.72
C ARG E 3809 -52.02 43.66 32.29
N GLN E 3810 -50.77 44.12 32.28
CA GLN E 3810 -50.47 45.48 32.75
C GLN E 3810 -51.11 46.54 31.87
N ASN E 3811 -51.13 46.32 30.55
CA ASN E 3811 -51.80 47.26 29.66
C ASN E 3811 -53.29 47.33 29.94
N LYS E 3812 -53.93 46.17 30.13
CA LYS E 3812 -55.34 46.17 30.48
C LYS E 3812 -55.57 46.86 31.83
N ALA E 3813 -54.65 46.66 32.77
CA ALA E 3813 -54.77 47.29 34.08
C ALA E 3813 -54.67 48.81 33.97
N GLU E 3814 -53.68 49.31 33.23
CA GLU E 3814 -53.53 50.75 33.10
C GLU E 3814 -54.68 51.35 32.29
N GLY E 3815 -55.28 50.57 31.38
CA GLY E 3815 -56.48 51.03 30.72
C GLY E 3815 -57.67 51.12 31.66
N LEU E 3816 -57.81 50.13 32.55
CA LEU E 3816 -58.93 50.10 33.48
C LEU E 3816 -58.77 51.07 34.65
N GLY E 3817 -57.54 51.52 34.93
CA GLY E 3817 -57.32 52.53 35.95
C GLY E 3817 -57.12 52.01 37.37
N MET E 3818 -56.14 51.15 37.58
CA MET E 3818 -55.82 50.68 38.91
C MET E 3818 -55.06 51.75 39.71
N VAL E 3819 -55.03 51.55 41.02
CA VAL E 3819 -54.41 52.52 41.93
C VAL E 3819 -52.89 52.52 41.77
N THR E 3820 -52.29 51.35 41.53
CA THR E 3820 -50.83 51.24 41.53
C THR E 3820 -50.20 52.10 40.45
N GLU E 3821 -50.89 52.29 39.32
CA GLU E 3821 -50.39 53.09 38.21
C GLU E 3821 -49.01 52.60 37.74
N GLU E 3822 -48.90 51.29 37.58
CA GLU E 3822 -47.66 50.64 37.14
C GLU E 3822 -46.48 51.00 38.06
N GLY E 3823 -46.74 51.00 39.36
CA GLY E 3823 -45.67 51.26 40.31
C GLY E 3823 -44.61 50.18 40.32
N SER E 3824 -45.03 48.93 40.23
CA SER E 3824 -44.12 47.77 40.18
C SER E 3824 -44.26 47.14 38.80
N GLY E 3825 -43.42 47.57 37.87
CA GLY E 3825 -43.46 47.07 36.51
C GLY E 3825 -42.51 45.91 36.27
N GLU E 3826 -42.08 45.25 37.34
CA GLU E 3826 -41.14 44.14 37.22
C GLU E 3826 -41.80 42.85 36.76
N LYS E 3827 -43.12 42.83 36.59
CA LYS E 3827 -43.77 41.64 36.04
C LYS E 3827 -43.28 41.33 34.62
N VAL E 3828 -42.70 42.30 33.94
CA VAL E 3828 -42.20 42.07 32.59
C VAL E 3828 -40.73 41.64 32.59
N LEU E 3829 -39.92 42.18 33.51
CA LEU E 3829 -38.55 41.71 33.69
C LEU E 3829 -38.18 41.91 35.16
N GLN E 3830 -38.45 40.88 35.97
CA GLN E 3830 -38.16 40.88 37.39
C GLN E 3830 -36.81 41.46 37.77
N ASP E 3831 -35.71 40.81 37.38
CA ASP E 3831 -34.37 41.23 37.82
C ASP E 3831 -33.43 41.35 36.63
N ASP E 3832 -33.55 42.46 35.91
CA ASP E 3832 -32.57 42.77 34.87
C ASP E 3832 -31.24 43.10 35.49
N GLU E 3833 -31.25 43.81 36.62
CA GLU E 3833 -30.01 44.12 37.33
C GLU E 3833 -29.30 42.84 37.78
N PHE E 3834 -30.07 41.89 38.32
CA PHE E 3834 -29.45 40.63 38.76
C PHE E 3834 -28.91 39.84 37.58
N THR E 3835 -29.65 39.77 36.48
CA THR E 3835 -29.15 39.06 35.31
C THR E 3835 -27.87 39.70 34.78
N CYS E 3836 -27.86 41.03 34.67
CA CYS E 3836 -26.67 41.73 34.21
C CYS E 3836 -25.50 41.51 35.15
N ASP E 3837 -25.76 41.53 36.46
CA ASP E 3837 -24.69 41.30 37.42
C ASP E 3837 -24.11 39.90 37.30
N LEU E 3838 -24.96 38.90 37.13
CA LEU E 3838 -24.48 37.53 36.99
C LEU E 3838 -23.61 37.37 35.74
N PHE E 3839 -24.09 37.87 34.61
CA PHE E 3839 -23.32 37.71 33.39
C PHE E 3839 -22.08 38.59 33.38
N ARG E 3840 -22.12 39.74 34.06
CA ARG E 3840 -20.92 40.54 34.21
C ARG E 3840 -19.90 39.86 35.11
N PHE E 3841 -20.36 39.14 36.12
CA PHE E 3841 -19.45 38.35 36.94
C PHE E 3841 -18.76 37.27 36.11
N LEU E 3842 -19.52 36.58 35.27
CA LEU E 3842 -18.91 35.58 34.39
C LEU E 3842 -17.91 36.23 33.43
N GLN E 3843 -18.28 37.38 32.86
CA GLN E 3843 -17.39 38.07 31.94
C GLN E 3843 -16.10 38.49 32.63
N LEU E 3844 -16.19 38.99 33.86
CA LEU E 3844 -14.99 39.37 34.60
C LEU E 3844 -14.17 38.15 34.98
N LEU E 3845 -14.82 37.00 35.17
CA LEU E 3845 -14.06 35.76 35.38
C LEU E 3845 -13.23 35.44 34.15
N CYS E 3846 -13.81 35.58 32.97
CA CYS E 3846 -13.11 35.26 31.71
C CYS E 3846 -12.70 36.51 30.94
N GLU E 3847 -12.29 37.55 31.65
CA GLU E 3847 -11.99 38.82 30.98
C GLU E 3847 -10.61 38.83 30.34
N GLY E 3848 -9.56 38.61 31.13
CA GLY E 3848 -8.21 38.78 30.64
C GLY E 3848 -7.71 37.64 29.77
N HIS E 3849 -8.56 37.14 28.88
CA HIS E 3849 -8.22 36.03 27.99
C HIS E 3849 -7.69 34.84 28.79
N ASN E 3850 -8.32 34.58 29.93
CA ASN E 3850 -7.86 33.55 30.84
C ASN E 3850 -8.23 32.18 30.27
N SER E 3851 -7.27 31.56 29.56
CA SER E 3851 -7.55 30.31 28.87
C SER E 3851 -7.91 29.19 29.83
N ASP E 3852 -7.21 29.11 30.96
CA ASP E 3852 -7.48 28.04 31.92
C ASP E 3852 -8.89 28.15 32.49
N PHE E 3853 -9.31 29.36 32.87
CA PHE E 3853 -10.65 29.53 33.39
C PHE E 3853 -11.70 29.31 32.32
N GLN E 3854 -11.42 29.73 31.08
CA GLN E 3854 -12.37 29.50 30.00
C GLN E 3854 -12.56 28.00 29.76
N ASN E 3855 -11.48 27.24 29.74
CA ASN E 3855 -11.59 25.79 29.59
C ASN E 3855 -12.27 25.15 30.78
N TYR E 3856 -12.03 25.67 31.99
CA TYR E 3856 -12.68 25.12 33.17
C TYR E 3856 -14.18 25.34 33.10
N LEU E 3857 -14.62 26.52 32.65
CA LEU E 3857 -16.06 26.75 32.51
C LEU E 3857 -16.64 25.88 31.42
N ARG E 3858 -15.90 25.67 30.32
CA ARG E 3858 -16.41 24.77 29.28
C ARG E 3858 -16.59 23.36 29.81
N THR E 3859 -15.55 22.80 30.42
CA THR E 3859 -15.60 21.49 31.05
C THR E 3859 -14.84 21.56 32.36
N GLN E 3860 -15.44 21.01 33.43
CA GLN E 3860 -14.85 21.05 34.76
C GLN E 3860 -14.03 19.77 34.97
N THR E 3861 -12.80 19.79 34.49
CA THR E 3861 -11.92 18.63 34.64
C THR E 3861 -11.60 18.39 36.10
N GLY E 3862 -11.53 17.11 36.47
CA GLY E 3862 -11.25 16.74 37.85
C GLY E 3862 -12.49 16.44 38.65
N ASN E 3863 -13.54 17.24 38.44
CA ASN E 3863 -14.80 17.01 39.12
C ASN E 3863 -15.50 15.77 38.56
N ASN E 3864 -16.31 15.13 39.41
CA ASN E 3864 -17.03 13.94 38.98
C ASN E 3864 -18.05 14.26 37.89
N THR E 3865 -18.75 15.38 38.02
CA THR E 3865 -19.75 15.80 37.05
C THR E 3865 -19.44 17.21 36.57
N THR E 3866 -19.71 17.47 35.31
CA THR E 3866 -19.43 18.77 34.69
C THR E 3866 -20.69 19.33 34.07
N VAL E 3867 -20.77 20.66 34.05
CA VAL E 3867 -21.84 21.38 33.37
C VAL E 3867 -21.21 22.39 32.41
N ASN E 3868 -21.93 22.72 31.35
CA ASN E 3868 -21.40 23.59 30.31
C ASN E 3868 -22.06 24.96 30.45
N ILE E 3869 -21.37 25.86 31.17
CA ILE E 3869 -21.86 27.22 31.34
C ILE E 3869 -22.00 27.91 29.99
N ILE E 3870 -21.14 27.54 29.03
CA ILE E 3870 -21.24 28.13 27.70
C ILE E 3870 -22.58 27.77 27.05
N ILE E 3871 -22.95 26.48 27.11
CA ILE E 3871 -24.21 26.06 26.53
C ILE E 3871 -25.38 26.69 27.27
N SER E 3872 -25.29 26.78 28.60
CA SER E 3872 -26.36 27.42 29.36
C SER E 3872 -26.52 28.88 28.97
N THR E 3873 -25.41 29.59 28.77
CA THR E 3873 -25.47 30.98 28.35
C THR E 3873 -26.10 31.10 26.96
N VAL E 3874 -25.75 30.19 26.05
CA VAL E 3874 -26.35 30.23 24.71
C VAL E 3874 -27.86 29.98 24.80
N ASP E 3875 -28.27 29.05 25.67
CA ASP E 3875 -29.69 28.80 25.84
C ASP E 3875 -30.41 30.03 26.39
N TYR E 3876 -29.81 30.71 27.37
CA TYR E 3876 -30.43 31.92 27.89
C TYR E 3876 -30.51 33.01 26.82
N LEU E 3877 -29.48 33.10 25.97
CA LEU E 3877 -29.53 34.04 24.86
C LEU E 3877 -30.67 33.70 23.92
N LEU E 3878 -30.88 32.40 23.66
CA LEU E 3878 -32.01 31.99 22.83
C LEU E 3878 -33.33 32.41 23.45
N ARG E 3879 -33.48 32.22 24.76
CA ARG E 3879 -34.72 32.58 25.44
C ARG E 3879 -34.98 34.08 25.35
N VAL E 3880 -33.95 34.89 25.62
CA VAL E 3880 -34.17 36.34 25.58
C VAL E 3880 -34.43 36.79 24.14
N GLN E 3881 -33.79 36.15 23.16
CA GLN E 3881 -34.07 36.46 21.76
C GLN E 3881 -35.53 36.17 21.42
N GLU E 3882 -36.04 35.02 21.87
CA GLU E 3882 -37.44 34.70 21.61
C GLU E 3882 -38.37 35.69 22.28
N SER E 3883 -38.03 36.11 23.50
CA SER E 3883 -38.86 37.11 24.19
C SER E 3883 -38.88 38.42 23.41
N ILE E 3884 -37.72 38.86 22.94
CA ILE E 3884 -37.66 40.11 22.16
C ILE E 3884 -38.45 39.97 20.87
N SER E 3885 -38.36 38.80 20.23
CA SER E 3885 -39.12 38.57 19.01
C SER E 3885 -40.62 38.64 19.26
N ASP E 3886 -41.08 38.04 20.38
CA ASP E 3886 -42.49 38.11 20.71
C ASP E 3886 -42.93 39.54 20.98
N PHE E 3887 -42.10 40.32 21.68
CA PHE E 3887 -42.44 41.71 21.93
C PHE E 3887 -42.52 42.50 20.63
N TYR E 3888 -41.59 42.23 19.71
CA TYR E 3888 -41.63 42.86 18.38
C TYR E 3888 -42.90 42.50 17.64
N TRP E 3889 -43.30 41.23 17.69
CA TRP E 3889 -44.55 40.84 17.02
C TRP E 3889 -45.74 41.53 17.64
N TYR E 3890 -45.74 41.68 18.97
CA TYR E 3890 -46.85 42.36 19.64
C TYR E 3890 -46.93 43.82 19.22
N TYR E 3891 -45.80 44.51 19.14
CA TYR E 3891 -45.79 45.91 18.75
C TYR E 3891 -45.63 46.13 17.25
N SER E 3892 -45.75 45.07 16.45
CA SER E 3892 -45.55 45.21 15.01
C SER E 3892 -46.70 45.96 14.35
N GLY E 3893 -47.93 45.79 14.84
CA GLY E 3893 -49.08 46.36 14.18
C GLY E 3893 -49.37 47.81 14.48
N LYS E 3894 -49.27 48.19 15.76
CA LYS E 3894 -49.67 49.54 16.16
C LYS E 3894 -48.74 50.62 15.60
N ASP E 3895 -47.51 50.26 15.24
CA ASP E 3895 -46.55 51.17 14.62
C ASP E 3895 -46.21 52.36 15.51
N ILE E 3896 -46.51 52.27 16.81
CA ILE E 3896 -46.21 53.33 17.76
C ILE E 3896 -45.64 52.67 19.02
N ILE E 3897 -44.56 53.23 19.54
CA ILE E 3897 -43.88 52.68 20.71
C ILE E 3897 -44.17 53.60 21.89
N ASP E 3898 -44.81 53.07 22.92
CA ASP E 3898 -45.11 53.84 24.12
C ASP E 3898 -43.89 53.89 25.04
N GLU E 3899 -44.01 54.66 26.12
CA GLU E 3899 -42.90 54.79 27.06
C GLU E 3899 -42.62 53.49 27.78
N GLN E 3900 -43.66 52.74 28.15
CA GLN E 3900 -43.45 51.44 28.78
C GLN E 3900 -42.77 50.48 27.82
N GLY E 3901 -43.18 50.50 26.55
CA GLY E 3901 -42.48 49.71 25.55
C GLY E 3901 -41.03 50.11 25.41
N GLN E 3902 -40.75 51.41 25.46
CA GLN E 3902 -39.37 51.87 25.40
C GLN E 3902 -38.56 51.35 26.57
N ARG E 3903 -39.12 51.40 27.78
CA ARG E 3903 -38.40 50.92 28.96
C ARG E 3903 -38.13 49.43 28.86
N ASN E 3904 -39.15 48.64 28.47
CA ASN E 3904 -38.96 47.20 28.35
C ASN E 3904 -37.94 46.87 27.28
N PHE E 3905 -38.00 47.56 26.14
CA PHE E 3905 -37.03 47.34 25.08
C PHE E 3905 -35.63 47.69 25.55
N SER E 3906 -35.48 48.79 26.28
CA SER E 3906 -34.15 49.17 26.77
C SER E 3906 -33.58 48.12 27.72
N LYS E 3907 -34.42 47.61 28.63
CA LYS E 3907 -33.94 46.58 29.54
C LYS E 3907 -33.55 45.31 28.79
N ALA E 3908 -34.38 44.91 27.81
CA ALA E 3908 -34.05 43.73 27.02
C ALA E 3908 -32.76 43.93 26.24
N ILE E 3909 -32.56 45.12 25.67
CA ILE E 3909 -31.34 45.41 24.93
C ILE E 3909 -30.13 45.33 25.83
N GLN E 3910 -30.22 45.90 27.04
CA GLN E 3910 -29.09 45.83 27.96
C GLN E 3910 -28.77 44.38 28.35
N VAL E 3911 -29.81 43.59 28.65
CA VAL E 3911 -29.56 42.21 29.05
C VAL E 3911 -28.93 41.42 27.90
N ALA E 3912 -29.46 41.58 26.69
CA ALA E 3912 -28.91 40.88 25.54
C ALA E 3912 -27.50 41.33 25.23
N LYS E 3913 -27.22 42.62 25.40
CA LYS E 3913 -25.88 43.14 25.19
C LYS E 3913 -24.90 42.52 26.17
N GLN E 3914 -25.29 42.42 27.44
CA GLN E 3914 -24.41 41.80 28.42
C GLN E 3914 -24.17 40.33 28.10
N VAL E 3915 -25.22 39.62 27.68
CA VAL E 3915 -25.05 38.21 27.31
C VAL E 3915 -24.10 38.08 26.14
N PHE E 3916 -24.25 38.95 25.13
CA PHE E 3916 -23.36 38.91 23.97
C PHE E 3916 -21.92 39.19 24.37
N ASN E 3917 -21.70 40.17 25.25
CA ASN E 3917 -20.35 40.47 25.70
C ASN E 3917 -19.75 39.29 26.45
N THR E 3918 -20.56 38.62 27.28
CA THR E 3918 -20.06 37.43 27.96
C THR E 3918 -19.66 36.34 26.98
N LEU E 3919 -20.47 36.13 25.93
CA LEU E 3919 -20.12 35.12 24.93
C LEU E 3919 -18.86 35.51 24.18
N THR E 3920 -18.70 36.79 23.84
CA THR E 3920 -17.47 37.24 23.20
C THR E 3920 -16.28 36.95 24.09
N GLU E 3921 -16.37 37.28 25.37
CA GLU E 3921 -15.26 37.03 26.27
C GLU E 3921 -14.98 35.54 26.40
N TYR E 3922 -16.01 34.70 26.29
CA TYR E 3922 -15.77 33.26 26.27
C TYR E 3922 -14.97 32.86 25.04
N ILE E 3923 -15.31 33.40 23.88
CA ILE E 3923 -14.74 32.91 22.63
C ILE E 3923 -13.52 33.71 22.16
N GLN E 3924 -13.07 34.70 22.92
CA GLN E 3924 -11.93 35.50 22.48
C GLN E 3924 -10.66 34.65 22.46
N GLY E 3925 -9.69 35.11 21.69
CA GLY E 3925 -8.45 34.40 21.53
C GLY E 3925 -8.64 33.12 20.74
N PRO E 3926 -7.65 32.25 20.78
CA PRO E 3926 -7.74 30.96 20.10
C PRO E 3926 -8.36 29.87 20.98
N CYS E 3927 -9.53 30.15 21.54
CA CYS E 3927 -10.26 29.17 22.35
C CYS E 3927 -11.03 28.24 21.43
N THR E 3928 -10.33 27.22 20.94
CA THR E 3928 -10.90 26.30 19.98
C THR E 3928 -12.11 25.57 20.56
N GLY E 3929 -12.01 25.14 21.81
CA GLY E 3929 -13.12 24.42 22.43
C GLY E 3929 -14.37 25.26 22.52
N ASN E 3930 -14.22 26.50 22.99
CA ASN E 3930 -15.37 27.40 23.10
C ASN E 3930 -15.93 27.73 21.72
N GLN E 3931 -15.06 27.96 20.74
CA GLN E 3931 -15.53 28.25 19.39
C GLN E 3931 -16.34 27.10 18.82
N GLN E 3932 -15.85 25.86 18.99
CA GLN E 3932 -16.60 24.72 18.48
C GLN E 3932 -17.90 24.52 19.25
N SER E 3933 -17.90 24.77 20.56
CA SER E 3933 -19.12 24.64 21.34
C SER E 3933 -20.19 25.62 20.85
N LEU E 3934 -19.80 26.88 20.65
CA LEU E 3934 -20.77 27.85 20.14
C LEU E 3934 -21.18 27.55 18.71
N ALA E 3935 -20.26 27.01 17.90
CA ALA E 3935 -20.60 26.65 16.53
C ALA E 3935 -21.64 25.54 16.50
N HIS E 3936 -21.50 24.55 17.38
CA HIS E 3936 -22.43 23.44 17.42
C HIS E 3936 -23.66 23.71 18.28
N SER E 3937 -23.70 24.84 18.97
CA SER E 3937 -24.83 25.17 19.82
C SER E 3937 -25.96 25.77 18.99
N ARG E 3938 -26.96 26.32 19.66
CA ARG E 3938 -28.15 26.88 19.02
C ARG E 3938 -27.95 28.33 18.62
N LEU E 3939 -26.74 28.87 18.78
CA LEU E 3939 -26.49 30.29 18.55
C LEU E 3939 -26.84 30.71 17.13
N TRP E 3940 -26.76 29.79 16.17
CA TRP E 3940 -26.98 30.15 14.77
C TRP E 3940 -28.44 30.49 14.48
N ASP E 3941 -29.37 30.06 15.33
CA ASP E 3941 -30.76 30.47 15.18
C ASP E 3941 -31.02 31.78 15.91
N ALA E 3942 -30.41 31.96 17.08
CA ALA E 3942 -30.59 33.20 17.82
C ALA E 3942 -30.06 34.38 17.05
N VAL E 3943 -28.91 34.21 16.37
CA VAL E 3943 -28.34 35.32 15.61
C VAL E 3943 -29.26 35.70 14.44
N VAL E 3944 -29.84 34.71 13.76
CA VAL E 3944 -30.75 34.99 12.66
C VAL E 3944 -31.99 35.72 13.17
N GLY E 3945 -32.53 35.26 14.30
CA GLY E 3945 -33.68 35.96 14.88
C GLY E 3945 -33.34 37.39 15.25
N PHE E 3946 -32.14 37.61 15.81
CA PHE E 3946 -31.71 38.96 16.13
C PHE E 3946 -31.61 39.82 14.89
N LEU E 3947 -31.05 39.27 13.81
CA LEU E 3947 -30.96 40.05 12.57
C LEU E 3947 -32.35 40.43 12.06
N HIS E 3948 -33.28 39.48 12.08
CA HIS E 3948 -34.64 39.76 11.63
C HIS E 3948 -35.29 40.86 12.46
N VAL E 3949 -35.24 40.72 13.79
CA VAL E 3949 -35.91 41.68 14.65
C VAL E 3949 -35.23 43.04 14.54
N PHE E 3950 -33.90 43.08 14.39
CA PHE E 3950 -33.20 44.34 14.29
C PHE E 3950 -33.53 45.06 12.98
N ALA E 3951 -33.60 44.30 11.89
CA ALA E 3951 -33.99 44.89 10.62
C ALA E 3951 -35.37 45.52 10.71
N HIS E 3952 -36.35 44.77 11.25
CA HIS E 3952 -37.70 45.30 11.30
C HIS E 3952 -37.82 46.46 12.28
N MET E 3953 -37.16 46.37 13.44
CA MET E 3953 -37.21 47.46 14.41
C MET E 3953 -36.56 48.72 13.86
N GLN E 3954 -35.43 48.60 13.16
CA GLN E 3954 -34.82 49.80 12.60
C GLN E 3954 -35.66 50.37 11.47
N MET E 3955 -36.32 49.50 10.68
CA MET E 3955 -37.21 49.99 9.63
C MET E 3955 -38.36 50.79 10.23
N LYS E 3956 -38.94 50.32 11.34
CA LYS E 3956 -40.02 51.06 11.97
C LYS E 3956 -39.50 52.31 12.70
N LEU E 3957 -38.29 52.23 13.26
CA LEU E 3957 -37.76 53.30 14.09
C LEU E 3957 -37.25 54.48 13.26
N SER E 3958 -36.81 54.24 12.03
CA SER E 3958 -36.30 55.33 11.20
C SER E 3958 -37.40 56.37 10.95
N GLN E 3959 -38.65 55.92 10.78
CA GLN E 3959 -39.74 56.83 10.47
C GLN E 3959 -40.03 57.76 11.65
N ASP E 3960 -40.12 57.22 12.85
CA ASP E 3960 -40.42 58.03 14.02
C ASP E 3960 -39.17 58.77 14.49
N SER E 3961 -39.40 59.83 15.28
CA SER E 3961 -38.32 60.68 15.76
C SER E 3961 -38.25 60.79 17.28
N SER E 3962 -39.20 60.23 18.01
CA SER E 3962 -39.22 60.31 19.46
C SER E 3962 -38.58 59.10 20.14
N GLN E 3963 -38.02 58.18 19.37
CA GLN E 3963 -37.44 56.95 19.91
C GLN E 3963 -35.99 56.79 19.45
N ILE E 3964 -35.28 57.91 19.30
CA ILE E 3964 -33.91 57.87 18.79
C ILE E 3964 -33.00 57.12 19.76
N GLU E 3965 -33.24 57.27 21.07
CA GLU E 3965 -32.43 56.54 22.04
C GLU E 3965 -32.61 55.04 21.90
N LEU E 3966 -33.86 54.59 21.70
CA LEU E 3966 -34.09 53.16 21.46
C LEU E 3966 -33.42 52.71 20.18
N LEU E 3967 -33.45 53.55 19.14
CA LEU E 3967 -32.78 53.20 17.90
C LEU E 3967 -31.28 53.03 18.13
N LYS E 3968 -30.66 53.95 18.88
CA LYS E 3968 -29.23 53.85 19.15
C LYS E 3968 -28.91 52.60 19.95
N GLU E 3969 -29.74 52.25 20.93
CA GLU E 3969 -29.53 51.01 21.67
C GLU E 3969 -29.62 49.80 20.74
N LEU E 3970 -30.56 49.84 19.80
CA LEU E 3970 -30.68 48.75 18.83
C LEU E 3970 -29.40 48.62 18.01
N MET E 3971 -28.87 49.74 17.51
CA MET E 3971 -27.64 49.68 16.73
C MET E 3971 -26.46 49.20 17.57
N ASP E 3972 -26.40 49.61 18.84
CA ASP E 3972 -25.32 49.14 19.70
C ASP E 3972 -25.39 47.64 19.89
N LEU E 3973 -26.59 47.10 20.08
CA LEU E 3973 -26.70 45.64 20.22
C LEU E 3973 -26.34 44.92 18.93
N GLN E 3974 -26.69 45.51 17.78
CA GLN E 3974 -26.26 44.94 16.51
C GLN E 3974 -24.74 44.94 16.38
N LYS E 3975 -24.10 46.03 16.81
CA LYS E 3975 -22.64 46.10 16.79
C LYS E 3975 -22.04 45.02 17.68
N ASP E 3976 -22.62 44.80 18.85
CA ASP E 3976 -22.11 43.74 19.73
C ASP E 3976 -22.29 42.38 19.11
N MET E 3977 -23.41 42.15 18.41
CA MET E 3977 -23.60 40.87 17.74
C MET E 3977 -22.55 40.63 16.67
N VAL E 3978 -22.27 41.64 15.84
CA VAL E 3978 -21.29 41.43 14.78
C VAL E 3978 -19.88 41.32 15.35
N VAL E 3979 -19.61 41.99 16.49
CA VAL E 3979 -18.34 41.76 17.18
C VAL E 3979 -18.24 40.33 17.67
N MET E 3980 -19.35 39.77 18.15
CA MET E 3980 -19.37 38.37 18.54
C MET E 3980 -19.09 37.46 17.34
N LEU E 3981 -19.66 37.77 16.18
CA LEU E 3981 -19.38 36.99 14.99
C LEU E 3981 -17.91 37.07 14.60
N LEU E 3982 -17.32 38.26 14.69
CA LEU E 3982 -15.90 38.40 14.41
C LEU E 3982 -15.06 37.59 15.40
N SER E 3983 -15.44 37.61 16.67
CA SER E 3983 -14.72 36.81 17.67
C SER E 3983 -14.84 35.32 17.39
N MET E 3984 -15.99 34.88 16.84
CA MET E 3984 -16.08 33.51 16.36
C MET E 3984 -15.12 33.26 15.22
N LEU E 3985 -15.02 34.20 14.29
CA LEU E 3985 -14.08 34.10 13.17
C LEU E 3985 -12.66 34.51 13.55
N GLU E 3986 -12.36 34.58 14.86
CA GLU E 3986 -11.03 34.97 15.31
C GLU E 3986 -9.95 34.07 14.72
N GLY E 3987 -10.16 32.76 14.76
CA GLY E 3987 -9.17 31.83 14.25
C GLY E 3987 -9.62 31.09 13.01
N ASN E 3988 -10.28 31.81 12.10
CA ASN E 3988 -10.84 31.18 10.90
C ASN E 3988 -9.75 30.88 9.88
N VAL E 3989 -9.73 29.64 9.40
CA VAL E 3989 -8.86 29.23 8.30
C VAL E 3989 -9.61 29.49 7.00
N VAL E 3990 -8.91 29.45 5.87
CA VAL E 3990 -9.54 29.73 4.57
C VAL E 3990 -10.64 28.71 4.30
N ASN E 3991 -10.35 27.43 4.51
CA ASN E 3991 -11.39 26.39 4.40
C ASN E 3991 -11.99 26.13 5.78
N GLY E 3992 -12.64 27.17 6.32
CA GLY E 3992 -13.13 27.14 7.68
C GLY E 3992 -14.53 26.58 7.77
N THR E 3993 -14.69 25.57 8.64
CA THR E 3993 -16.03 25.06 8.91
C THR E 3993 -16.90 26.14 9.55
N ILE E 3994 -16.30 26.95 10.43
CA ILE E 3994 -17.03 28.09 10.98
C ILE E 3994 -17.42 29.05 9.88
N GLY E 3995 -16.55 29.22 8.88
CA GLY E 3995 -16.91 30.05 7.74
C GLY E 3995 -18.09 29.49 6.96
N LYS E 3996 -18.12 28.17 6.75
CA LYS E 3996 -19.25 27.57 6.06
C LYS E 3996 -20.52 27.75 6.87
N GLN E 3997 -20.45 27.57 8.19
CA GLN E 3997 -21.63 27.77 9.02
C GLN E 3997 -22.11 29.21 8.97
N MET E 3998 -21.17 30.16 8.95
CA MET E 3998 -21.56 31.57 8.91
C MET E 3998 -22.18 31.94 7.56
N VAL E 3999 -21.65 31.41 6.46
CA VAL E 3999 -22.25 31.73 5.17
C VAL E 3999 -23.62 31.05 5.05
N ASP E 4000 -23.79 29.86 5.64
CA ASP E 4000 -25.11 29.26 5.70
C ASP E 4000 -26.07 30.13 6.52
N MET E 4001 -25.60 30.65 7.64
CA MET E 4001 -26.36 31.62 8.41
C MET E 4001 -26.81 32.79 7.54
N LEU E 4002 -25.88 33.34 6.75
CA LEU E 4002 -26.20 34.48 5.92
C LEU E 4002 -27.26 34.13 4.87
N VAL E 4003 -27.14 32.96 4.23
CA VAL E 4003 -28.11 32.64 3.20
C VAL E 4003 -29.48 32.35 3.82
N GLU E 4004 -29.51 31.77 5.03
CA GLU E 4004 -30.79 31.62 5.72
C GLU E 4004 -31.41 32.97 6.04
N SER E 4005 -30.59 33.94 6.44
CA SER E 4005 -31.07 35.29 6.75
C SER E 4005 -30.80 36.25 5.60
N SER E 4006 -30.93 35.76 4.36
CA SER E 4006 -30.60 36.56 3.19
C SER E 4006 -31.36 37.87 3.16
N ASN E 4007 -32.69 37.82 3.32
CA ASN E 4007 -33.48 39.03 3.14
C ASN E 4007 -33.13 40.07 4.20
N ASN E 4008 -33.11 39.64 5.46
CA ASN E 4008 -32.97 40.56 6.58
C ASN E 4008 -31.68 41.37 6.47
N VAL E 4009 -30.56 40.69 6.21
CA VAL E 4009 -29.30 41.39 6.04
C VAL E 4009 -29.38 42.32 4.84
N GLU E 4010 -30.19 41.99 3.84
CA GLU E 4010 -30.33 42.91 2.70
C GLU E 4010 -31.01 44.21 3.09
N MET E 4011 -32.12 44.15 3.84
CA MET E 4011 -32.66 45.46 4.24
C MET E 4011 -31.75 46.16 5.24
N ILE E 4012 -30.99 45.43 6.06
CA ILE E 4012 -30.04 46.08 6.95
C ILE E 4012 -29.00 46.85 6.14
N LEU E 4013 -28.41 46.18 5.15
CA LEU E 4013 -27.40 46.82 4.32
C LEU E 4013 -27.97 48.02 3.57
N LYS E 4014 -29.18 47.88 3.02
CA LYS E 4014 -29.79 49.01 2.32
C LYS E 4014 -30.05 50.18 3.28
N PHE E 4015 -30.47 49.87 4.51
CA PHE E 4015 -30.70 50.91 5.50
C PHE E 4015 -29.41 51.67 5.80
N PHE E 4016 -28.29 50.95 5.91
CA PHE E 4016 -27.02 51.65 6.09
C PHE E 4016 -26.62 52.45 4.85
N ASP E 4017 -26.83 51.87 3.65
CA ASP E 4017 -26.44 52.56 2.42
C ASP E 4017 -27.16 53.88 2.27
N MET E 4018 -28.43 53.94 2.69
CA MET E 4018 -29.18 55.18 2.56
C MET E 4018 -28.44 56.34 3.20
N PHE E 4019 -28.06 56.19 4.47
CA PHE E 4019 -27.40 57.28 5.18
C PHE E 4019 -25.94 57.45 4.75
N LEU E 4020 -25.26 56.35 4.40
CA LEU E 4020 -23.88 56.50 3.96
C LEU E 4020 -23.80 57.30 2.66
N LYS E 4021 -24.78 57.11 1.76
CA LYS E 4021 -24.85 57.94 0.56
C LYS E 4021 -25.39 59.33 0.87
N LEU E 4022 -26.26 59.47 1.88
CA LEU E 4022 -26.73 60.79 2.29
C LEU E 4022 -25.57 61.67 2.74
N LYS E 4023 -24.58 61.07 3.40
CA LYS E 4023 -23.44 61.84 3.87
C LYS E 4023 -22.73 62.55 2.72
N ASP E 4024 -22.49 61.82 1.63
CA ASP E 4024 -21.86 62.43 0.46
C ASP E 4024 -22.84 63.29 -0.31
N LEU E 4025 -24.13 62.98 -0.24
CA LEU E 4025 -25.16 63.80 -0.88
C LEU E 4025 -25.16 65.21 -0.31
N THR E 4026 -24.99 65.33 1.01
CA THR E 4026 -25.02 66.64 1.65
C THR E 4026 -23.89 67.54 1.15
N SER E 4027 -22.69 66.99 1.00
CA SER E 4027 -21.50 67.79 0.73
C SER E 4027 -21.32 68.15 -0.74
N SER E 4028 -22.35 68.02 -1.56
CA SER E 4028 -22.22 68.40 -2.97
C SER E 4028 -22.25 69.91 -3.12
N ASP E 4029 -21.57 70.41 -4.15
CA ASP E 4029 -21.46 71.84 -4.36
C ASP E 4029 -22.84 72.47 -4.61
N THR E 4030 -23.61 71.86 -5.50
CA THR E 4030 -24.96 72.36 -5.75
C THR E 4030 -25.83 72.20 -4.51
N PHE E 4031 -25.66 71.12 -3.76
CA PHE E 4031 -26.43 70.95 -2.54
C PHE E 4031 -26.05 72.00 -1.50
N LYS E 4032 -24.77 72.37 -1.43
CA LYS E 4032 -24.36 73.40 -0.46
C LYS E 4032 -24.87 74.77 -0.86
N GLU E 4033 -24.79 75.12 -2.15
CA GLU E 4033 -25.33 76.41 -2.58
C GLU E 4033 -26.86 76.41 -2.55
N TYR E 4034 -27.47 75.23 -2.50
CA TYR E 4034 -28.93 75.14 -2.42
C TYR E 4034 -29.47 75.78 -1.15
N ASP E 4035 -28.67 75.78 -0.08
CA ASP E 4035 -29.01 76.43 1.19
C ASP E 4035 -27.99 77.51 1.47
N PRO E 4036 -28.25 78.76 1.07
CA PRO E 4036 -27.26 79.83 1.34
C PRO E 4036 -27.06 80.11 2.82
N ASP E 4037 -28.14 80.15 3.60
CA ASP E 4037 -28.03 80.46 5.02
C ASP E 4037 -27.63 79.26 5.86
N GLY E 4038 -27.72 78.05 5.33
CA GLY E 4038 -27.45 76.86 6.10
C GLY E 4038 -28.61 76.52 7.03
N LYS E 4039 -28.32 75.61 7.97
CA LYS E 4039 -29.32 75.13 8.92
C LYS E 4039 -30.52 74.52 8.23
N GLY E 4040 -30.30 73.88 7.09
CA GLY E 4040 -31.37 73.23 6.35
C GLY E 4040 -32.39 74.19 5.78
N VAL E 4041 -31.92 75.14 4.96
CA VAL E 4041 -32.83 76.01 4.23
C VAL E 4041 -33.73 75.20 3.31
N ILE E 4042 -33.29 74.00 2.91
CA ILE E 4042 -34.07 73.11 2.05
C ILE E 4042 -35.47 72.89 2.63
N SER E 4043 -36.49 73.25 1.86
CA SER E 4043 -37.82 72.76 2.15
C SER E 4043 -37.89 71.28 1.82
N LYS E 4044 -38.99 70.63 2.21
CA LYS E 4044 -39.12 69.20 1.93
C LYS E 4044 -39.17 68.95 0.42
N ARG E 4045 -40.06 69.65 -0.28
CA ARG E 4045 -40.15 69.49 -1.73
C ARG E 4045 -38.88 69.97 -2.43
N ASP E 4046 -38.31 71.06 -1.94
CA ASP E 4046 -37.10 71.62 -2.55
C ASP E 4046 -35.94 70.65 -2.43
N PHE E 4047 -35.76 70.06 -1.25
CA PHE E 4047 -34.72 69.05 -1.06
C PHE E 4047 -35.03 67.79 -1.86
N HIS E 4048 -36.31 67.44 -2.00
CA HIS E 4048 -36.68 66.30 -2.84
C HIS E 4048 -36.22 66.51 -4.28
N LYS E 4049 -36.55 67.65 -4.88
CA LYS E 4049 -36.10 67.88 -6.25
C LYS E 4049 -34.57 67.98 -6.31
N ALA E 4050 -33.94 68.52 -5.26
CA ALA E 4050 -32.49 68.61 -5.24
C ALA E 4050 -31.83 67.25 -5.35
N MET E 4051 -32.17 66.32 -4.46
CA MET E 4051 -31.46 65.05 -4.56
C MET E 4051 -32.07 64.11 -5.58
N GLU E 4052 -33.25 64.42 -6.13
CA GLU E 4052 -33.71 63.71 -7.30
C GLU E 4052 -32.88 64.09 -8.53
N SER E 4053 -32.53 65.37 -8.65
CA SER E 4053 -31.55 65.78 -9.65
C SER E 4053 -30.19 65.17 -9.35
N HIS E 4054 -29.85 65.02 -8.07
CA HIS E 4054 -28.61 64.36 -7.70
C HIS E 4054 -28.58 62.91 -8.21
N LYS E 4055 -29.71 62.22 -8.10
CA LYS E 4055 -29.87 60.85 -8.61
C LYS E 4055 -28.95 59.88 -7.88
N HIS E 4056 -29.11 59.83 -6.56
CA HIS E 4056 -28.38 58.87 -5.74
C HIS E 4056 -29.23 57.68 -5.33
N TYR E 4057 -30.55 57.78 -5.41
CA TYR E 4057 -31.45 56.75 -4.94
C TYR E 4057 -32.59 56.57 -5.93
N THR E 4058 -33.42 55.56 -5.66
CA THR E 4058 -34.67 55.37 -6.38
C THR E 4058 -35.80 56.07 -5.63
N GLN E 4059 -36.97 56.14 -6.29
CA GLN E 4059 -38.09 56.90 -5.73
C GLN E 4059 -38.52 56.36 -4.37
N SER E 4060 -38.46 55.03 -4.19
CA SER E 4060 -38.80 54.45 -2.89
C SER E 4060 -37.87 54.96 -1.80
N GLU E 4061 -36.57 54.99 -2.07
CA GLU E 4061 -35.63 55.53 -1.09
C GLU E 4061 -35.83 57.02 -0.88
N THR E 4062 -36.18 57.75 -1.93
CA THR E 4062 -36.43 59.18 -1.78
C THR E 4062 -37.60 59.43 -0.83
N GLU E 4063 -38.71 58.71 -1.02
CA GLU E 4063 -39.86 58.90 -0.16
C GLU E 4063 -39.59 58.36 1.24
N PHE E 4064 -38.77 57.32 1.37
CA PHE E 4064 -38.36 56.85 2.69
C PHE E 4064 -37.56 57.92 3.44
N LEU E 4065 -36.63 58.57 2.74
CA LEU E 4065 -35.89 59.67 3.35
C LEU E 4065 -36.79 60.84 3.68
N LEU E 4066 -37.80 61.12 2.86
CA LEU E 4066 -38.77 62.16 3.21
C LEU E 4066 -39.52 61.80 4.48
N SER E 4067 -39.96 60.54 4.59
CA SER E 4067 -40.70 60.11 5.77
C SER E 4067 -39.85 60.21 7.03
N CYS E 4068 -38.58 59.81 6.93
CA CYS E 4068 -37.70 59.90 8.09
C CYS E 4068 -37.14 61.30 8.29
N ALA E 4069 -37.37 62.21 7.36
CA ALA E 4069 -36.85 63.57 7.48
C ALA E 4069 -37.48 64.28 8.66
N GLU E 4070 -36.71 65.19 9.26
CA GLU E 4070 -37.21 65.99 10.36
C GLU E 4070 -38.42 66.80 9.91
N THR E 4071 -39.51 66.67 10.66
CA THR E 4071 -40.76 67.35 10.33
C THR E 4071 -40.79 68.71 11.04
N ASP E 4072 -40.43 69.76 10.29
CA ASP E 4072 -40.50 71.12 10.82
C ASP E 4072 -41.94 71.59 11.01
N GLU E 4073 -42.91 70.85 10.48
CA GLU E 4073 -44.33 71.23 10.47
C GLU E 4073 -44.53 72.50 9.66
N ASN E 4074 -43.46 73.00 9.05
CA ASN E 4074 -43.48 74.20 8.22
C ASN E 4074 -42.93 73.92 6.82
N GLU E 4075 -42.99 72.66 6.39
CA GLU E 4075 -42.50 72.25 5.08
C GLU E 4075 -41.01 72.61 4.93
N THR E 4076 -40.20 72.04 5.81
CA THR E 4076 -38.76 72.30 5.83
C THR E 4076 -38.08 71.15 6.57
N LEU E 4077 -36.78 70.98 6.29
CA LEU E 4077 -35.97 70.02 7.01
C LEU E 4077 -34.55 70.56 7.12
N ASP E 4078 -33.88 70.22 8.22
CA ASP E 4078 -32.52 70.67 8.48
C ASP E 4078 -31.57 69.50 8.26
N TYR E 4079 -30.93 69.49 7.09
CA TYR E 4079 -30.10 68.34 6.73
C TYR E 4079 -28.90 68.22 7.66
N GLU E 4080 -28.42 69.34 8.21
CA GLU E 4080 -27.28 69.30 9.13
C GLU E 4080 -27.59 68.40 10.31
N GLU E 4081 -28.63 68.74 11.08
CA GLU E 4081 -29.02 67.94 12.22
C GLU E 4081 -29.47 66.55 11.77
N PHE E 4082 -30.07 66.45 10.59
CA PHE E 4082 -30.50 65.14 10.09
C PHE E 4082 -29.32 64.18 9.93
N VAL E 4083 -28.27 64.63 9.24
CA VAL E 4083 -27.11 63.76 9.03
C VAL E 4083 -26.40 63.53 10.35
N LYS E 4084 -26.26 64.57 11.18
CA LYS E 4084 -25.63 64.39 12.49
C LYS E 4084 -26.36 63.36 13.32
N ARG E 4085 -27.68 63.26 13.18
CA ARG E 4085 -28.43 62.25 13.91
C ARG E 4085 -28.26 60.86 13.31
N PHE E 4086 -28.29 60.75 11.98
CA PHE E 4086 -28.40 59.42 11.36
C PHE E 4086 -27.07 58.83 10.90
N HIS E 4087 -26.25 59.60 10.18
CA HIS E 4087 -25.07 59.03 9.54
C HIS E 4087 -24.06 58.50 10.55
N GLU E 4088 -23.80 59.26 11.62
CA GLU E 4088 -22.74 58.86 12.55
C GLU E 4088 -23.00 57.50 13.20
N PRO E 4089 -24.17 57.24 13.82
CA PRO E 4089 -24.41 55.87 14.30
C PRO E 4089 -24.39 54.85 13.19
N ALA E 4090 -24.89 55.22 12.00
CA ALA E 4090 -24.87 54.29 10.87
C ALA E 4090 -23.45 53.90 10.51
N LYS E 4091 -22.56 54.89 10.44
CA LYS E 4091 -21.16 54.60 10.13
C LYS E 4091 -20.52 53.75 11.22
N ASP E 4092 -20.67 54.17 12.48
CA ASP E 4092 -20.00 53.49 13.57
C ASP E 4092 -20.46 52.05 13.71
N ILE E 4093 -21.72 51.76 13.41
CA ILE E 4093 -22.21 50.39 13.55
C ILE E 4093 -21.95 49.58 12.29
N GLY E 4094 -22.10 50.17 11.10
CA GLY E 4094 -21.88 49.43 9.88
C GLY E 4094 -20.42 49.20 9.53
N PHE E 4095 -19.49 49.87 10.20
CA PHE E 4095 -18.08 49.54 9.97
C PHE E 4095 -17.79 48.09 10.33
N ASN E 4096 -18.32 47.61 11.45
CA ASN E 4096 -18.10 46.22 11.83
C ASN E 4096 -18.73 45.27 10.83
N VAL E 4097 -19.91 45.62 10.30
CA VAL E 4097 -20.54 44.80 9.26
C VAL E 4097 -19.65 44.75 8.02
N ALA E 4098 -19.08 45.90 7.63
CA ALA E 4098 -18.22 45.93 6.46
C ALA E 4098 -16.97 45.08 6.66
N VAL E 4099 -16.35 45.16 7.84
CA VAL E 4099 -15.16 44.36 8.07
C VAL E 4099 -15.52 42.87 8.16
N LEU E 4100 -16.70 42.55 8.68
CA LEU E 4100 -17.14 41.16 8.71
C LEU E 4100 -17.31 40.61 7.30
N LEU E 4101 -17.96 41.38 6.42
CA LEU E 4101 -18.13 40.94 5.04
C LEU E 4101 -16.78 40.83 4.33
N THR E 4102 -15.87 41.77 4.59
CA THR E 4102 -14.54 41.70 3.98
C THR E 4102 -13.79 40.45 4.44
N ASN E 4103 -13.85 40.16 5.74
CA ASN E 4103 -13.20 38.97 6.26
C ASN E 4103 -13.79 37.70 5.65
N LEU E 4104 -15.12 37.64 5.56
CA LEU E 4104 -15.76 36.47 4.95
C LEU E 4104 -15.36 36.33 3.49
N SER E 4105 -15.30 37.44 2.75
CA SER E 4105 -14.93 37.39 1.35
C SER E 4105 -13.50 36.91 1.16
N GLU E 4106 -12.58 37.43 1.97
CA GLU E 4106 -11.17 37.05 1.82
C GLU E 4106 -10.94 35.60 2.24
N HIS E 4107 -11.61 35.15 3.31
CA HIS E 4107 -11.43 33.79 3.75
C HIS E 4107 -12.22 32.77 2.94
N MET E 4108 -13.25 33.21 2.22
CA MET E 4108 -14.14 32.29 1.51
C MET E 4108 -14.18 32.61 0.03
N PRO E 4109 -13.32 32.00 -0.77
CA PRO E 4109 -13.38 32.19 -2.22
C PRO E 4109 -14.31 31.17 -2.86
N ASN E 4110 -14.71 31.47 -4.10
CA ASN E 4110 -15.56 30.59 -4.90
C ASN E 4110 -16.88 30.29 -4.19
N ASP E 4111 -17.54 31.34 -3.71
CA ASP E 4111 -18.84 31.22 -3.06
C ASP E 4111 -19.78 32.20 -3.75
N THR E 4112 -20.64 31.68 -4.64
CA THR E 4112 -21.52 32.54 -5.43
C THR E 4112 -22.48 33.33 -4.55
N ARG E 4113 -23.01 32.70 -3.50
CA ARG E 4113 -23.90 33.40 -2.59
C ARG E 4113 -23.17 34.55 -1.90
N LEU E 4114 -21.93 34.31 -1.47
CA LEU E 4114 -21.14 35.38 -0.87
C LEU E 4114 -20.88 36.50 -1.87
N GLN E 4115 -20.67 36.15 -3.14
CA GLN E 4115 -20.52 37.18 -4.16
C GLN E 4115 -21.79 38.00 -4.31
N THR E 4116 -22.95 37.36 -4.22
CA THR E 4116 -24.20 38.11 -4.25
C THR E 4116 -24.31 39.06 -3.06
N PHE E 4117 -23.93 38.58 -1.87
CA PHE E 4117 -23.93 39.48 -0.71
C PHE E 4117 -22.98 40.65 -0.92
N LEU E 4118 -21.81 40.39 -1.48
CA LEU E 4118 -20.85 41.48 -1.71
C LEU E 4118 -21.39 42.49 -2.72
N GLU E 4119 -22.01 42.00 -3.81
CA GLU E 4119 -22.53 42.93 -4.81
C GLU E 4119 -23.72 43.71 -4.28
N LEU E 4120 -24.48 43.13 -3.34
CA LEU E 4120 -25.52 43.92 -2.68
C LEU E 4120 -24.93 44.93 -1.72
N ALA E 4121 -23.81 44.59 -1.07
CA ALA E 4121 -23.14 45.46 -0.12
C ALA E 4121 -21.96 46.20 -0.74
N GLU E 4122 -22.01 46.46 -2.04
CA GLU E 4122 -20.92 47.19 -2.69
C GLU E 4122 -20.74 48.59 -2.09
N SER E 4123 -21.85 49.25 -1.75
CA SER E 4123 -21.78 50.63 -1.29
C SER E 4123 -21.01 50.75 0.03
N VAL E 4124 -21.33 49.90 1.01
CA VAL E 4124 -20.67 49.99 2.30
C VAL E 4124 -19.19 49.67 2.17
N LEU E 4125 -18.85 48.66 1.38
CA LEU E 4125 -17.44 48.30 1.21
C LEU E 4125 -16.66 49.44 0.56
N ASN E 4126 -17.24 50.07 -0.46
CA ASN E 4126 -16.57 51.20 -1.10
C ASN E 4126 -16.43 52.37 -0.13
N TYR E 4127 -17.45 52.63 0.68
CA TYR E 4127 -17.37 53.76 1.61
C TYR E 4127 -16.33 53.51 2.69
N PHE E 4128 -16.25 52.29 3.20
CA PHE E 4128 -15.34 51.97 4.30
C PHE E 4128 -13.98 51.47 3.84
N GLN E 4129 -13.74 51.42 2.53
CA GLN E 4129 -12.43 50.99 2.05
C GLN E 4129 -11.30 51.87 2.57
N PRO E 4130 -11.38 53.21 2.54
CA PRO E 4130 -10.29 54.01 3.12
C PRO E 4130 -10.10 53.80 4.62
N PHE E 4131 -11.18 53.54 5.36
CA PHE E 4131 -11.07 53.39 6.81
C PHE E 4131 -10.66 51.99 7.23
N LEU E 4132 -10.67 51.02 6.33
CA LEU E 4132 -10.35 49.64 6.67
C LEU E 4132 -8.86 49.39 6.46
N GLY E 4133 -8.17 48.95 7.50
CA GLY E 4133 -6.76 48.63 7.44
C GLY E 4133 -6.55 47.14 7.67
N ARG E 4134 -5.60 46.57 6.95
CA ARG E 4134 -5.34 45.14 6.97
C ARG E 4134 -3.88 44.88 7.32
N ILE E 4135 -3.65 43.95 8.24
CA ILE E 4135 -2.31 43.59 8.68
C ILE E 4135 -2.19 42.07 8.65
N GLU E 4136 -1.00 41.58 8.33
CA GLU E 4136 -0.72 40.15 8.37
C GLU E 4136 0.19 39.84 9.55
N ILE E 4137 -0.17 38.81 10.31
CA ILE E 4137 0.55 38.43 11.52
C ILE E 4137 0.98 36.98 11.40
N MET E 4138 2.25 36.71 11.66
CA MET E 4138 2.80 35.37 11.53
C MET E 4138 2.58 34.54 12.79
N GLY E 4139 3.01 35.07 13.94
CA GLY E 4139 3.05 34.27 15.16
C GLY E 4139 1.71 33.80 15.67
N SER E 4140 0.61 34.32 15.13
CA SER E 4140 -0.72 33.89 15.56
C SER E 4140 -0.93 32.44 15.15
N ALA E 4141 -0.84 31.53 16.13
CA ALA E 4141 -1.07 30.10 15.92
C ALA E 4141 -0.13 29.51 14.86
N LYS E 4142 1.06 30.09 14.74
CA LYS E 4142 2.09 29.64 13.81
C LYS E 4142 1.62 29.66 12.35
N ARG E 4143 0.64 30.50 12.03
CA ARG E 4143 0.17 30.64 10.66
C ARG E 4143 -0.08 32.12 10.37
N ILE E 4144 0.01 32.49 9.10
CA ILE E 4144 -0.25 33.86 8.70
C ILE E 4144 -1.75 34.14 8.80
N GLU E 4145 -2.10 35.19 9.51
CA GLU E 4145 -3.49 35.55 9.73
C GLU E 4145 -3.70 37.02 9.44
N ARG E 4146 -4.84 37.35 8.84
CA ARG E 4146 -5.17 38.71 8.47
C ARG E 4146 -6.05 39.33 9.54
N VAL E 4147 -5.67 40.53 9.99
CA VAL E 4147 -6.45 41.27 10.97
C VAL E 4147 -6.87 42.59 10.34
N TYR E 4148 -8.08 43.02 10.69
CA TYR E 4148 -8.67 44.24 10.13
C TYR E 4148 -8.97 45.21 11.26
N PHE E 4149 -8.80 46.50 10.97
CA PHE E 4149 -9.01 47.52 11.99
C PHE E 4149 -9.44 48.82 11.33
N GLU E 4150 -9.73 49.82 12.16
CA GLU E 4150 -10.21 51.10 11.70
C GLU E 4150 -9.09 52.14 11.72
N ILE E 4151 -9.04 52.97 10.69
CA ILE E 4151 -8.06 54.03 10.55
C ILE E 4151 -8.79 55.36 10.48
N SER E 4152 -8.36 56.31 11.31
CA SER E 4152 -9.01 57.62 11.34
C SER E 4152 -8.50 58.49 10.20
N GLU E 4153 -9.42 59.27 9.61
CA GLU E 4153 -9.03 60.21 8.57
C GLU E 4153 -8.07 61.27 9.13
N SER E 4154 -8.19 61.59 10.42
CA SER E 4154 -7.22 62.47 11.05
C SER E 4154 -5.83 61.86 11.04
N SER E 4155 -5.74 60.55 11.35
CA SER E 4155 -4.46 59.87 11.29
C SER E 4155 -3.92 59.84 9.86
N ARG E 4156 -4.79 59.62 8.88
CA ARG E 4156 -4.34 59.67 7.49
C ARG E 4156 -3.79 61.04 7.12
N THR E 4157 -4.48 62.11 7.50
CA THR E 4157 -4.00 63.45 7.19
C THR E 4157 -2.66 63.73 7.86
N GLN E 4158 -2.53 63.35 9.14
CA GLN E 4158 -1.26 63.54 9.84
C GLN E 4158 -0.15 62.75 9.18
N TRP E 4159 -0.47 61.57 8.64
CA TRP E 4159 0.52 60.81 7.88
C TRP E 4159 0.92 61.57 6.61
N GLU E 4160 -0.04 62.20 5.95
CA GLU E 4160 0.27 62.98 4.75
C GLU E 4160 0.96 64.30 5.05
N LYS E 4161 1.07 64.69 6.33
CA LYS E 4161 1.82 65.90 6.66
C LYS E 4161 3.24 65.80 6.13
N PRO E 4162 3.79 66.90 5.57
CA PRO E 4162 5.10 66.82 4.90
C PRO E 4162 6.25 66.35 5.78
N GLN E 4163 6.30 66.79 7.04
CA GLN E 4163 7.41 66.39 7.90
C GLN E 4163 7.38 64.90 8.20
N VAL E 4164 6.17 64.32 8.32
CA VAL E 4164 6.06 62.88 8.50
C VAL E 4164 6.61 62.14 7.29
N LYS E 4165 6.32 62.63 6.09
CA LYS E 4165 6.84 62.00 4.88
C LYS E 4165 8.36 62.11 4.82
N GLU E 4166 8.91 63.26 5.22
CA GLU E 4166 10.36 63.42 5.23
C GLU E 4166 11.00 62.46 6.22
N SER E 4167 10.41 62.33 7.41
CA SER E 4167 10.91 61.35 8.37
C SER E 4167 10.84 59.95 7.81
N LYS E 4168 9.75 59.62 7.10
CA LYS E 4168 9.60 58.29 6.52
C LYS E 4168 10.71 58.01 5.52
N ARG E 4169 10.97 58.96 4.60
CA ARG E 4169 11.99 58.69 3.60
C ARG E 4169 13.37 58.59 4.22
N GLN E 4170 13.67 59.43 5.21
CA GLN E 4170 14.96 59.32 5.89
C GLN E 4170 15.09 57.97 6.57
N PHE E 4171 14.03 57.51 7.23
CA PHE E 4171 14.08 56.21 7.89
C PHE E 4171 14.28 55.08 6.90
N ILE E 4172 13.57 55.13 5.77
CA ILE E 4172 13.72 54.08 4.76
C ILE E 4172 15.13 54.05 4.23
N PHE E 4173 15.69 55.22 3.93
CA PHE E 4173 17.07 55.25 3.44
C PHE E 4173 18.03 54.69 4.47
N ASP E 4174 17.86 55.08 5.74
CA ASP E 4174 18.77 54.58 6.77
C ASP E 4174 18.67 53.07 6.94
N VAL E 4175 17.45 52.52 6.93
CA VAL E 4175 17.31 51.10 7.19
C VAL E 4175 17.75 50.27 5.99
N VAL E 4176 17.53 50.76 4.77
CA VAL E 4176 17.85 49.96 3.59
C VAL E 4176 19.32 50.08 3.25
N ASN E 4177 19.86 51.30 3.26
CA ASN E 4177 21.26 51.49 2.85
C ASN E 4177 22.21 50.80 3.82
N GLU E 4178 21.94 50.88 5.12
CA GLU E 4178 22.84 50.32 6.13
C GLU E 4178 22.02 49.57 7.18
N GLY E 4179 22.68 48.63 7.85
CA GLY E 4179 22.06 47.86 8.90
C GLY E 4179 21.45 46.55 8.46
N GLY E 4180 21.29 46.32 7.16
CA GLY E 4180 20.71 45.08 6.70
C GLY E 4180 19.29 44.91 7.17
N GLU E 4181 18.93 43.65 7.47
CA GLU E 4181 17.60 43.33 7.98
C GLU E 4181 17.66 42.60 9.32
N LYS E 4182 18.84 42.53 9.94
CA LYS E 4182 18.95 41.85 11.23
C LYS E 4182 18.17 42.59 12.32
N GLU E 4183 18.25 43.91 12.33
CA GLU E 4183 17.53 44.74 13.30
C GLU E 4183 16.43 45.56 12.62
N LYS E 4184 15.98 45.12 11.44
CA LYS E 4184 15.03 45.90 10.66
C LYS E 4184 13.71 46.06 11.40
N MET E 4185 13.23 45.01 12.05
CA MET E 4185 11.96 45.10 12.76
C MET E 4185 12.05 46.05 13.95
N GLU E 4186 13.16 46.00 14.69
CA GLU E 4186 13.33 46.93 15.81
C GLU E 4186 13.42 48.37 15.32
N LEU E 4187 14.16 48.60 14.24
CA LEU E 4187 14.23 49.95 13.69
C LEU E 4187 12.87 50.42 13.21
N PHE E 4188 12.09 49.52 12.61
CA PHE E 4188 10.75 49.89 12.17
C PHE E 4188 9.84 50.23 13.35
N VAL E 4189 9.93 49.48 14.45
CA VAL E 4189 9.10 49.77 15.61
C VAL E 4189 9.48 51.12 16.21
N ASN E 4190 10.79 51.38 16.33
CA ASN E 4190 11.22 52.69 16.83
C ASN E 4190 10.75 53.82 15.92
N PHE E 4191 10.83 53.60 14.60
CA PHE E 4191 10.34 54.59 13.65
C PHE E 4191 8.85 54.82 13.84
N CYS E 4192 8.09 53.75 14.07
CA CYS E 4192 6.65 53.89 14.28
C CYS E 4192 6.34 54.71 15.51
N GLU E 4193 7.06 54.46 16.61
CA GLU E 4193 6.83 55.24 17.82
C GLU E 4193 7.16 56.71 17.61
N ASP E 4194 8.34 56.98 17.03
CA ASP E 4194 8.72 58.37 16.78
C ASP E 4194 7.74 59.04 15.84
N THR E 4195 7.23 58.30 14.86
CA THR E 4195 6.32 58.88 13.88
C THR E 4195 4.96 59.20 14.49
N ILE E 4196 4.43 58.30 15.32
CA ILE E 4196 3.14 58.60 15.94
C ILE E 4196 3.28 59.78 16.89
N PHE E 4197 4.42 59.89 17.58
CA PHE E 4197 4.65 61.09 18.39
C PHE E 4197 4.71 62.34 17.52
N GLU E 4198 5.36 62.24 16.35
CA GLU E 4198 5.48 63.38 15.46
C GLU E 4198 4.12 63.82 14.93
N MET E 4199 3.26 62.86 14.58
CA MET E 4199 1.94 63.22 14.08
C MET E 4199 1.03 63.75 15.20
N GLN E 4200 1.21 63.26 16.43
CA GLN E 4200 0.49 63.89 17.54
C GLN E 4200 0.93 65.33 17.72
N LEU E 4201 2.24 65.58 17.62
CA LEU E 4201 2.73 66.96 17.70
C LEU E 4201 2.17 67.81 16.58
N ALA E 4202 2.12 67.27 15.36
CA ALA E 4202 1.59 68.02 14.22
C ALA E 4202 0.12 68.32 14.40
N ALA E 4203 -0.66 67.36 14.90
CA ALA E 4203 -2.07 67.61 15.18
C ALA E 4203 -2.23 68.67 16.24
N GLN E 4204 -1.34 68.69 17.24
CA GLN E 4204 -1.33 69.77 18.21
C GLN E 4204 -1.07 71.11 17.53
N ILE E 4205 -0.13 71.14 16.59
CA ILE E 4205 0.12 72.33 15.81
C ILE E 4205 -1.01 72.57 14.82
N PHE E 4478 -5.30 89.05 31.06
CA PHE E 4478 -4.58 89.35 29.82
C PHE E 4478 -3.43 88.37 29.59
N TRP E 4479 -2.96 87.75 30.67
CA TRP E 4479 -1.90 86.77 30.54
C TRP E 4479 -2.34 85.57 29.71
N LYS E 4480 -3.57 85.10 29.93
CA LYS E 4480 -4.09 84.01 29.11
C LYS E 4480 -4.14 84.40 27.65
N LYS E 4481 -4.56 85.63 27.36
CA LYS E 4481 -4.64 86.10 25.97
C LYS E 4481 -3.26 86.14 25.34
N ILE E 4482 -2.27 86.68 26.04
CA ILE E 4482 -0.94 86.81 25.44
C ILE E 4482 -0.29 85.43 25.27
N ILE E 4483 -0.51 84.52 26.23
CA ILE E 4483 0.01 83.16 26.09
C ILE E 4483 -0.63 82.46 24.90
N ALA E 4484 -1.95 82.61 24.73
CA ALA E 4484 -2.61 82.02 23.57
C ALA E 4484 -2.06 82.61 22.28
N TYR E 4485 -1.86 83.93 22.25
CA TYR E 4485 -1.34 84.57 21.04
C TYR E 4485 0.05 84.07 20.70
N GLN E 4486 0.94 83.98 21.70
CA GLN E 4486 2.30 83.54 21.41
C GLN E 4486 2.34 82.07 21.03
N GLN E 4487 1.46 81.25 21.63
CA GLN E 4487 1.38 79.86 21.23
C GLN E 4487 0.90 79.73 19.78
N LYS E 4488 -0.10 80.53 19.40
CA LYS E 4488 -0.56 80.52 18.02
C LYS E 4488 0.53 80.96 17.06
N LEU E 4489 1.30 81.99 17.45
CA LEU E 4489 2.39 82.45 16.60
C LEU E 4489 3.46 81.37 16.43
N LEU E 4490 3.81 80.69 17.53
CA LEU E 4490 4.78 79.61 17.44
C LEU E 4490 4.28 78.47 16.56
N ASN E 4491 3.00 78.11 16.70
CA ASN E 4491 2.43 77.08 15.85
C ASN E 4491 2.45 77.49 14.39
N TYR E 4492 2.16 78.76 14.10
CA TYR E 4492 2.21 79.24 12.73
C TYR E 4492 3.61 79.15 12.16
N PHE E 4493 4.62 79.53 12.95
CA PHE E 4493 6.00 79.40 12.49
C PHE E 4493 6.36 77.95 12.23
N ALA E 4494 5.98 77.06 13.13
CA ALA E 4494 6.28 75.64 12.94
C ALA E 4494 5.62 75.11 11.69
N ARG E 4495 4.38 75.51 11.43
CA ARG E 4495 3.68 75.07 10.23
C ARG E 4495 4.34 75.60 8.96
N ASN E 4496 4.76 76.86 8.97
CA ASN E 4496 5.32 77.51 7.79
C ASN E 4496 6.84 77.53 7.79
N PHE E 4497 7.47 76.58 8.48
CA PHE E 4497 8.93 76.53 8.51
C PHE E 4497 9.53 76.36 7.11
N TYR E 4498 8.99 75.43 6.32
CA TYR E 4498 9.61 75.12 5.03
C TYR E 4498 9.45 76.25 4.03
N ASN E 4499 8.23 76.78 3.89
CA ASN E 4499 8.00 77.85 2.93
C ASN E 4499 8.82 79.09 3.29
N MET E 4500 8.91 79.39 4.58
CA MET E 4500 9.74 80.51 5.00
C MET E 4500 11.22 80.23 4.78
N ARG E 4501 11.64 78.96 4.86
CA ARG E 4501 13.01 78.62 4.49
C ARG E 4501 13.26 78.91 3.01
N MET E 4502 12.32 78.55 2.15
CA MET E 4502 12.46 78.87 0.73
C MET E 4502 12.48 80.37 0.50
N LEU E 4503 11.67 81.11 1.27
CA LEU E 4503 11.69 82.57 1.17
C LEU E 4503 13.05 83.12 1.57
N ALA E 4504 13.65 82.55 2.63
CA ALA E 4504 14.98 82.98 3.03
C ALA E 4504 16.01 82.71 1.93
N LEU E 4505 15.90 81.56 1.28
CA LEU E 4505 16.81 81.27 0.17
C LEU E 4505 16.64 82.28 -0.96
N PHE E 4506 15.39 82.61 -1.30
CA PHE E 4506 15.14 83.57 -2.37
C PHE E 4506 15.69 84.94 -2.02
N VAL E 4507 15.48 85.39 -0.78
CA VAL E 4507 15.98 86.72 -0.42
C VAL E 4507 17.50 86.73 -0.34
N ALA E 4508 18.12 85.61 0.03
CA ALA E 4508 19.58 85.53 -0.02
C ALA E 4508 20.08 85.65 -1.45
N PHE E 4509 19.42 84.97 -2.39
CA PHE E 4509 19.81 85.11 -3.78
C PHE E 4509 19.65 86.54 -4.26
N ALA E 4510 18.55 87.19 -3.88
CA ALA E 4510 18.33 88.57 -4.31
C ALA E 4510 19.39 89.52 -3.73
N ILE E 4511 19.73 89.34 -2.46
CA ILE E 4511 20.72 90.22 -1.85
C ILE E 4511 22.10 89.99 -2.46
N ASN E 4512 22.42 88.74 -2.83
CA ASN E 4512 23.67 88.49 -3.53
C ASN E 4512 23.67 89.12 -4.91
N PHE E 4513 22.53 89.07 -5.61
CA PHE E 4513 22.43 89.73 -6.91
C PHE E 4513 22.66 91.22 -6.78
N ILE E 4514 22.10 91.85 -5.75
CA ILE E 4514 22.33 93.28 -5.54
C ILE E 4514 23.80 93.54 -5.20
N LEU E 4515 24.40 92.71 -4.34
CA LEU E 4515 25.80 92.87 -3.97
C LEU E 4515 26.73 92.68 -5.17
N LEU E 4516 26.26 91.98 -6.20
CA LEU E 4516 27.10 91.77 -7.38
C LEU E 4516 27.52 93.09 -8.02
N PHE E 4517 26.70 94.13 -7.92
CA PHE E 4517 27.03 95.44 -8.49
C PHE E 4517 27.79 96.26 -7.45
N TYR E 4518 29.07 95.92 -7.29
CA TYR E 4518 29.96 96.61 -6.36
C TYR E 4518 31.26 96.94 -7.06
N LYS E 4519 31.77 98.14 -6.79
CA LYS E 4519 33.02 98.60 -7.40
C LYS E 4519 33.77 99.44 -6.39
N VAL E 4520 35.10 99.31 -6.41
CA VAL E 4520 35.95 100.07 -5.51
C VAL E 4520 36.15 101.47 -6.08
N SER E 4521 36.21 102.46 -5.21
CA SER E 4521 36.44 103.84 -5.63
C SER E 4521 37.40 104.55 -4.68
N VAL E 4556 39.14 103.01 -2.43
CA VAL E 4556 39.03 102.21 -1.22
C VAL E 4556 37.56 102.02 -0.85
N HIS E 4557 36.76 103.06 -1.09
CA HIS E 4557 35.33 102.99 -0.77
C HIS E 4557 34.63 102.03 -1.71
N TYR E 4558 33.77 101.18 -1.15
CA TYR E 4558 33.03 100.19 -1.93
C TYR E 4558 31.69 100.78 -2.32
N VAL E 4559 31.71 101.62 -3.36
CA VAL E 4559 30.50 102.25 -3.86
C VAL E 4559 29.69 101.22 -4.64
N LEU E 4560 28.39 101.14 -4.36
CA LEU E 4560 27.49 100.25 -5.06
C LEU E 4560 26.60 100.96 -6.06
N GLU E 4561 26.78 102.27 -6.24
CA GLU E 4561 25.92 103.06 -7.13
C GLU E 4561 26.36 102.89 -8.59
N GLU E 4562 26.40 101.63 -9.02
CA GLU E 4562 26.71 101.34 -10.42
C GLU E 4562 25.56 101.75 -11.32
N SER E 4563 24.33 101.55 -10.88
CA SER E 4563 23.15 101.90 -11.66
C SER E 4563 22.68 103.31 -11.26
N SER E 4564 21.49 103.69 -11.73
CA SER E 4564 20.97 105.02 -11.44
C SER E 4564 20.71 105.19 -9.94
N GLY E 4565 20.13 104.19 -9.30
CA GLY E 4565 19.84 104.28 -7.89
C GLY E 4565 18.89 103.18 -7.45
N TYR E 4566 18.23 103.42 -6.31
CA TYR E 4566 17.29 102.46 -5.72
C TYR E 4566 17.94 101.11 -5.46
N MET E 4567 19.19 101.13 -4.99
CA MET E 4567 19.92 99.90 -4.70
C MET E 4567 20.34 99.80 -3.25
N GLU E 4568 20.91 100.86 -2.67
CA GLU E 4568 21.30 100.80 -1.26
C GLU E 4568 20.11 100.66 -0.32
N PRO E 4569 19.02 101.43 -0.45
CA PRO E 4569 17.89 101.23 0.46
C PRO E 4569 17.28 99.85 0.37
N THR E 4570 17.06 99.34 -0.83
CA THR E 4570 16.51 98.00 -0.95
C THR E 4570 17.50 96.94 -0.48
N LEU E 4571 18.80 97.20 -0.61
CA LEU E 4571 19.78 96.27 -0.08
C LEU E 4571 19.69 96.20 1.44
N ARG E 4572 19.57 97.35 2.10
CA ARG E 4572 19.42 97.36 3.55
C ARG E 4572 18.12 96.68 3.97
N ILE E 4573 17.03 96.95 3.25
CA ILE E 4573 15.75 96.33 3.56
C ILE E 4573 15.84 94.81 3.42
N LEU E 4574 16.48 94.34 2.35
CA LEU E 4574 16.62 92.91 2.16
C LEU E 4574 17.51 92.28 3.22
N ALA E 4575 18.54 93.00 3.66
CA ALA E 4575 19.40 92.48 4.72
C ALA E 4575 18.62 92.29 6.02
N ILE E 4576 17.88 93.32 6.43
CA ILE E 4576 17.14 93.21 7.69
C ILE E 4576 16.02 92.19 7.56
N LEU E 4577 15.38 92.10 6.39
CA LEU E 4577 14.36 91.10 6.17
C LEU E 4577 14.95 89.69 6.24
N HIS E 4578 16.14 89.49 5.66
CA HIS E 4578 16.79 88.20 5.73
C HIS E 4578 17.10 87.82 7.17
N THR E 4579 17.58 88.77 7.97
CA THR E 4579 17.86 88.46 9.38
C THR E 4579 16.58 88.08 10.12
N ILE E 4580 15.50 88.82 9.89
CA ILE E 4580 14.23 88.50 10.55
C ILE E 4580 13.75 87.12 10.14
N ILE E 4581 13.83 86.80 8.85
CA ILE E 4581 13.37 85.51 8.37
C ILE E 4581 14.23 84.39 8.94
N SER E 4582 15.53 84.61 9.06
CA SER E 4582 16.40 83.58 9.65
C SER E 4582 16.06 83.35 11.12
N PHE E 4583 15.80 84.43 11.86
CA PHE E 4583 15.38 84.27 13.25
C PHE E 4583 14.07 83.49 13.34
N PHE E 4584 13.11 83.81 12.47
CA PHE E 4584 11.86 83.07 12.46
C PHE E 4584 12.06 81.61 12.07
N CYS E 4585 12.99 81.33 11.17
CA CYS E 4585 13.31 79.95 10.82
C CYS E 4585 13.84 79.20 12.01
N ILE E 4586 14.74 79.82 12.78
CA ILE E 4586 15.30 79.12 13.94
C ILE E 4586 14.21 78.89 14.99
N ILE E 4587 13.30 79.85 15.16
CA ILE E 4587 12.20 79.65 16.10
C ILE E 4587 11.30 78.52 15.65
N GLY E 4588 10.97 78.48 14.35
CA GLY E 4588 10.13 77.41 13.83
C GLY E 4588 10.77 76.05 13.99
N TYR E 4589 12.07 75.95 13.71
CA TYR E 4589 12.77 74.68 13.94
C TYR E 4589 12.72 74.29 15.40
N TYR E 4590 12.94 75.25 16.30
CA TYR E 4590 12.92 74.95 17.73
C TYR E 4590 11.57 74.41 18.16
N CYS E 4591 10.48 75.00 17.66
CA CYS E 4591 9.16 74.54 18.07
C CYS E 4591 8.63 73.39 17.22
N LEU E 4592 9.36 72.96 16.19
CA LEU E 4592 8.93 71.87 15.34
C LEU E 4592 9.71 70.58 15.54
N LYS E 4593 11.04 70.62 15.41
CA LYS E 4593 11.82 69.39 15.34
C LYS E 4593 12.62 69.10 16.60
N VAL E 4594 12.85 70.08 17.46
CA VAL E 4594 13.50 69.82 18.75
C VAL E 4594 12.71 68.83 19.61
N PRO E 4595 11.38 68.95 19.74
CA PRO E 4595 10.67 67.96 20.56
C PRO E 4595 10.89 66.53 20.11
N LEU E 4596 10.97 66.29 18.80
CA LEU E 4596 11.17 64.93 18.31
C LEU E 4596 12.52 64.37 18.77
N VAL E 4597 13.58 65.15 18.63
CA VAL E 4597 14.91 64.65 18.98
C VAL E 4597 15.04 64.49 20.50
N ILE E 4598 14.46 65.40 21.27
CA ILE E 4598 14.54 65.23 22.72
C ILE E 4598 13.70 64.04 23.16
N PHE E 4599 12.58 63.77 22.48
CA PHE E 4599 11.79 62.59 22.79
C PHE E 4599 12.58 61.32 22.48
N LYS E 4600 13.28 61.30 21.35
CA LYS E 4600 14.10 60.14 21.02
C LYS E 4600 15.19 59.91 22.07
N ARG E 4601 15.86 60.99 22.48
CA ARG E 4601 16.93 60.84 23.48
C ARG E 4601 16.37 60.38 24.82
N GLU E 4602 15.22 60.95 25.24
CA GLU E 4602 14.62 60.54 26.50
C GLU E 4602 14.20 59.08 26.45
N LYS E 4603 13.64 58.64 25.33
CA LYS E 4603 13.27 57.24 25.18
C LYS E 4603 14.50 56.36 25.28
N GLU E 4604 15.60 56.76 24.63
CA GLU E 4604 16.81 55.95 24.66
C GLU E 4604 17.35 55.82 26.08
N VAL E 4605 17.43 56.94 26.81
CA VAL E 4605 18.01 56.88 28.15
C VAL E 4605 17.08 56.12 29.10
N ALA E 4606 15.77 56.29 28.95
CA ALA E 4606 14.84 55.56 29.81
C ALA E 4606 14.92 54.06 29.56
N ARG E 4607 15.03 53.64 28.29
CA ARG E 4607 15.16 52.22 28.00
C ARG E 4607 16.51 51.68 28.47
N LYS E 4608 17.56 52.49 28.42
CA LYS E 4608 18.84 52.07 28.99
C LYS E 4608 18.73 51.87 30.49
N LEU E 4609 18.02 52.77 31.18
CA LEU E 4609 17.81 52.60 32.61
C LEU E 4609 17.00 51.35 32.91
N GLU E 4610 15.96 51.08 32.11
CA GLU E 4610 15.08 49.95 32.38
C GLU E 4610 15.77 48.63 32.08
N PHE E 4611 16.13 48.40 30.81
CA PHE E 4611 16.63 47.09 30.41
C PHE E 4611 18.12 46.97 30.69
N ASP E 4612 18.93 47.90 30.16
CA ASP E 4612 20.37 47.83 30.36
C ASP E 4612 20.75 48.13 31.81
N GLY E 4613 19.99 48.99 32.49
CA GLY E 4613 20.31 49.37 33.85
C GLY E 4613 21.65 50.09 33.93
N LEU E 4614 21.87 51.05 33.03
CA LEU E 4614 23.16 51.71 32.94
C LEU E 4614 23.50 52.43 34.24
N TYR E 4615 22.72 53.45 34.59
CA TYR E 4615 23.05 54.29 35.74
C TYR E 4615 22.74 53.62 37.07
N ILE E 4616 22.51 52.31 37.08
CA ILE E 4616 22.24 51.55 38.30
C ILE E 4616 23.36 50.56 38.60
N THR E 4617 23.72 49.74 37.61
CA THR E 4617 24.70 48.68 37.84
C THR E 4617 26.12 49.12 37.50
N GLU E 4618 26.38 49.48 36.25
CA GLU E 4618 27.71 49.87 35.82
C GLU E 4618 27.63 51.21 35.10
N GLN E 4619 28.48 52.15 35.53
CA GLN E 4619 28.41 53.50 35.01
C GLN E 4619 28.88 53.54 33.55
N PRO E 4620 28.37 54.49 32.76
CA PRO E 4620 28.80 54.61 31.37
C PRO E 4620 30.28 54.94 31.27
N SER E 4621 30.90 54.50 30.17
CA SER E 4621 32.31 54.77 29.94
C SER E 4621 32.56 56.26 29.73
N GLU E 4622 33.77 56.69 30.06
CA GLU E 4622 34.13 58.10 29.93
C GLU E 4622 34.10 58.54 28.46
N ASP E 4623 34.41 57.64 27.53
CA ASP E 4623 34.35 57.97 26.12
C ASP E 4623 32.92 58.24 25.65
N ASP E 4624 31.92 57.75 26.39
CA ASP E 4624 30.52 57.97 26.05
C ASP E 4624 30.10 59.32 26.61
N ILE E 4625 30.50 60.38 25.91
CA ILE E 4625 30.14 61.73 26.33
C ILE E 4625 28.63 61.93 26.29
N LYS E 4626 27.95 61.26 25.36
CA LYS E 4626 26.49 61.34 25.32
C LYS E 4626 25.88 60.76 26.59
N GLY E 4627 26.41 59.62 27.05
CA GLY E 4627 25.93 59.06 28.30
C GLY E 4627 26.27 59.92 29.50
N GLN E 4628 27.46 60.54 29.50
CA GLN E 4628 27.83 61.43 30.58
C GLN E 4628 26.89 62.63 30.65
N TRP E 4629 26.54 63.20 29.50
CA TRP E 4629 25.59 64.30 29.47
C TRP E 4629 24.20 63.83 29.90
N ASP E 4630 23.77 62.65 29.45
CA ASP E 4630 22.47 62.13 29.83
C ASP E 4630 22.39 61.79 31.31
N ARG E 4631 23.53 61.61 31.97
CA ARG E 4631 23.52 61.41 33.42
C ARG E 4631 22.89 62.58 34.16
N LEU E 4632 22.88 63.76 33.55
CA LEU E 4632 22.35 64.95 34.22
C LEU E 4632 20.82 64.94 34.30
N VAL E 4633 20.15 64.31 33.33
CA VAL E 4633 18.68 64.38 33.27
C VAL E 4633 18.01 63.25 34.03
N ILE E 4634 18.74 62.20 34.40
CA ILE E 4634 18.12 61.06 35.09
C ILE E 4634 17.64 61.42 36.49
N ASN E 4635 18.00 62.60 37.01
CA ASN E 4635 17.67 62.96 38.37
C ASN E 4635 16.83 64.22 38.50
N THR E 4636 16.44 64.85 37.40
CA THR E 4636 15.64 66.06 37.50
C THR E 4636 14.18 65.71 37.77
N GLN E 4637 13.34 66.75 37.83
CA GLN E 4637 11.94 66.54 38.17
C GLN E 4637 11.20 65.86 37.02
N SER E 4638 11.14 66.52 35.86
CA SER E 4638 10.41 66.00 34.71
C SER E 4638 11.39 65.34 33.74
N PHE E 4639 11.86 64.15 34.13
CA PHE E 4639 12.71 63.39 33.23
C PHE E 4639 11.97 62.92 31.99
N PRO E 4640 10.79 62.26 32.08
CA PRO E 4640 10.06 61.87 30.87
C PRO E 4640 9.07 62.94 30.41
N ASN E 4641 9.61 64.10 30.04
CA ASN E 4641 8.77 65.20 29.62
C ASN E 4641 8.02 64.88 28.33
N ASN E 4642 8.71 64.26 27.37
CA ASN E 4642 8.08 63.87 26.11
C ASN E 4642 7.83 62.38 25.98
N TYR E 4643 8.55 61.55 26.73
CA TYR E 4643 8.29 60.12 26.72
C TYR E 4643 6.90 59.85 27.26
N TRP E 4644 6.19 58.90 26.64
CA TRP E 4644 4.80 58.67 27.00
C TRP E 4644 4.66 58.13 28.41
N ASP E 4645 5.57 57.24 28.83
CA ASP E 4645 5.49 56.62 30.15
C ASP E 4645 6.19 57.51 31.16
N LYS E 4646 5.43 58.05 32.11
CA LYS E 4646 5.98 58.88 33.17
C LYS E 4646 6.32 58.08 34.42
N PHE E 4647 6.18 56.76 34.38
CA PHE E 4647 6.44 55.91 35.53
C PHE E 4647 7.74 55.13 35.40
N VAL E 4648 8.66 55.61 34.55
CA VAL E 4648 9.93 54.91 34.35
C VAL E 4648 10.74 54.89 35.64
N LYS E 4649 10.69 55.98 36.41
CA LYS E 4649 11.40 56.03 37.69
C LYS E 4649 10.86 54.97 38.65
N ARG E 4650 9.54 54.87 38.74
CA ARG E 4650 8.94 53.85 39.61
C ARG E 4650 9.31 52.46 39.13
N LYS E 4651 9.31 52.24 37.81
CA LYS E 4651 9.65 50.92 37.28
C LYS E 4651 11.09 50.54 37.64
N VAL E 4652 12.03 51.43 37.40
CA VAL E 4652 13.44 51.09 37.67
C VAL E 4652 13.67 50.93 39.17
N MET E 4653 13.01 51.75 39.98
CA MET E 4653 13.17 51.61 41.43
C MET E 4653 12.60 50.27 41.91
N ASP E 4654 11.39 49.92 41.47
CA ASP E 4654 10.85 48.62 41.85
C ASP E 4654 11.70 47.48 41.30
N LYS E 4655 12.42 47.71 40.22
CA LYS E 4655 13.27 46.66 39.66
C LYS E 4655 14.53 46.45 40.49
N TYR E 4656 15.19 47.53 40.92
CA TYR E 4656 16.53 47.40 41.48
C TYR E 4656 16.69 47.80 42.95
N GLY E 4657 15.69 48.43 43.57
CA GLY E 4657 15.87 48.90 44.93
C GLY E 4657 15.99 47.80 45.95
N GLU E 4658 15.20 46.73 45.79
CA GLU E 4658 15.28 45.62 46.73
C GLU E 4658 16.66 44.98 46.75
N PHE E 4659 17.44 45.15 45.69
CA PHE E 4659 18.81 44.65 45.66
C PHE E 4659 19.84 45.70 46.02
N TYR E 4660 19.55 46.98 45.78
CA TYR E 4660 20.54 48.03 45.99
C TYR E 4660 20.19 48.95 47.17
N GLY E 4661 19.32 48.50 48.08
CA GLY E 4661 19.03 49.22 49.29
C GLY E 4661 17.95 50.28 49.18
N ARG E 4662 17.54 50.64 47.97
CA ARG E 4662 16.45 51.57 47.68
C ARG E 4662 16.83 53.01 48.00
N ASP E 4663 17.93 53.19 48.73
CA ASP E 4663 18.31 54.53 49.20
C ASP E 4663 19.20 55.23 48.20
N ARG E 4664 20.26 54.55 47.75
CA ARG E 4664 21.08 55.10 46.68
C ARG E 4664 20.24 55.32 45.42
N ILE E 4665 19.35 54.39 45.10
CA ILE E 4665 18.48 54.53 43.94
C ILE E 4665 17.51 55.70 44.13
N SER E 4666 16.90 55.80 45.31
CA SER E 4666 15.98 56.92 45.56
C SER E 4666 16.70 58.25 45.43
N GLU E 4667 17.92 58.34 45.97
CA GLU E 4667 18.67 59.58 45.89
C GLU E 4667 19.07 59.91 44.46
N LEU E 4668 19.53 58.92 43.70
CA LEU E 4668 20.01 59.19 42.35
C LEU E 4668 18.88 59.45 41.37
N LEU E 4669 17.66 58.99 41.67
CA LEU E 4669 16.52 59.28 40.80
C LEU E 4669 15.68 60.45 41.30
N GLY E 4670 15.90 60.92 42.52
CA GLY E 4670 15.03 61.95 43.06
C GLY E 4670 13.67 61.37 43.42
N MET E 4671 12.76 62.27 43.78
CA MET E 4671 11.36 61.98 44.07
C MET E 4671 11.20 61.15 45.34
N ASP E 4672 12.30 60.73 45.97
CA ASP E 4672 12.32 59.90 47.17
C ASP E 4672 11.79 58.50 46.85
N LYS E 4673 10.75 58.07 47.57
CA LYS E 4673 10.25 56.70 47.48
C LYS E 4673 9.02 56.66 46.58
N ALA E 4674 9.19 56.08 45.38
CA ALA E 4674 8.05 55.92 44.47
C ALA E 4674 7.01 54.98 45.05
N ALA E 4675 7.46 53.90 45.71
CA ALA E 4675 6.51 52.98 46.31
C ALA E 4675 5.69 53.67 47.41
N LEU E 4676 6.36 54.46 48.26
CA LEU E 4676 5.64 55.17 49.31
C LEU E 4676 4.67 56.19 48.72
N ASP E 4677 5.11 56.93 47.70
CA ASP E 4677 4.23 57.91 47.07
C ASP E 4677 3.01 57.23 46.44
N PHE E 4678 3.22 56.11 45.74
CA PHE E 4678 2.12 55.39 45.12
C PHE E 4678 1.17 54.84 46.17
N SER E 4679 1.71 54.30 47.26
CA SER E 4679 0.86 53.79 48.33
C SER E 4679 0.01 54.90 48.95
N ASP E 4680 0.63 56.06 49.20
CA ASP E 4680 -0.12 57.18 49.77
C ASP E 4680 -1.20 57.66 48.82
N ALA E 4681 -0.87 57.78 47.53
CA ALA E 4681 -1.87 58.23 46.56
C ALA E 4681 -3.02 57.23 46.43
N ARG E 4682 -2.70 55.93 46.42
CA ARG E 4682 -3.73 54.92 46.29
C ARG E 4682 -4.62 54.88 47.54
N GLU E 4683 -4.02 55.02 48.73
CA GLU E 4683 -4.82 55.06 49.95
C GLU E 4683 -5.71 56.29 49.98
N LYS E 4684 -5.18 57.45 49.58
CA LYS E 4684 -5.97 58.67 49.53
C LYS E 4684 -5.31 59.61 48.53
N LYS E 4685 -5.96 59.83 47.40
CA LYS E 4685 -5.46 60.76 46.40
C LYS E 4685 -5.46 62.18 46.97
N LYS E 4686 -4.47 62.97 46.54
CA LYS E 4686 -4.33 64.35 47.01
C LYS E 4686 -5.54 65.16 46.61
N PRO E 4687 -6.42 65.52 47.57
CA PRO E 4687 -7.62 66.31 47.27
C PRO E 4687 -7.36 67.81 47.33
N LYS E 4688 -6.36 68.26 46.59
CA LYS E 4688 -6.00 69.68 46.54
C LYS E 4688 -5.37 69.99 45.21
N LYS E 4689 -5.40 71.27 44.83
CA LYS E 4689 -4.82 71.74 43.59
C LYS E 4689 -3.89 72.92 43.88
N ASP E 4690 -2.73 72.92 43.23
CA ASP E 4690 -1.75 73.98 43.39
C ASP E 4690 -2.08 75.11 42.43
N SER E 4691 -2.39 76.29 42.97
CA SER E 4691 -2.74 77.43 42.14
C SER E 4691 -1.54 77.87 41.31
N SER E 4692 -1.80 78.24 40.05
CA SER E 4692 -0.75 78.67 39.14
C SER E 4692 -0.49 80.16 39.37
N LEU E 4693 0.55 80.46 40.15
CA LEU E 4693 0.91 81.85 40.41
C LEU E 4693 1.40 82.53 39.13
N SER E 4694 1.01 83.78 38.94
CA SER E 4694 1.43 84.54 37.77
C SER E 4694 2.95 84.72 37.75
N ALA E 4695 3.48 85.45 38.73
CA ALA E 4695 4.91 85.71 38.80
C ALA E 4695 5.62 84.62 39.59
N VAL E 4696 5.49 83.39 39.08
CA VAL E 4696 6.11 82.23 39.71
C VAL E 4696 7.60 82.26 39.41
N LEU E 4697 8.42 82.09 40.45
CA LEU E 4697 9.86 82.17 40.32
C LEU E 4697 10.45 80.79 40.03
N ASN E 4698 11.29 80.71 39.00
CA ASN E 4698 11.99 79.50 38.57
C ASN E 4698 11.08 78.27 38.64
N SER E 4699 9.95 78.37 37.94
CA SER E 4699 9.04 77.22 37.86
C SER E 4699 9.67 76.08 37.09
N ILE E 4700 10.38 76.38 36.00
CA ILE E 4700 10.99 75.33 35.19
C ILE E 4700 12.21 74.75 35.89
N ASP E 4701 12.54 73.52 35.52
CA ASP E 4701 13.72 72.84 36.07
C ASP E 4701 14.95 73.35 35.34
N VAL E 4702 15.82 74.06 36.06
CA VAL E 4702 17.01 74.65 35.44
C VAL E 4702 17.92 73.56 34.89
N LYS E 4703 18.08 72.47 35.64
CA LYS E 4703 18.94 71.38 35.18
C LYS E 4703 18.39 70.74 33.91
N TYR E 4704 17.07 70.51 33.87
CA TYR E 4704 16.47 69.93 32.67
C TYR E 4704 16.59 70.86 31.48
N GLN E 4705 16.39 72.17 31.70
CA GLN E 4705 16.57 73.13 30.62
C GLN E 4705 18.01 73.14 30.12
N MET E 4706 18.96 73.04 31.03
CA MET E 4706 20.37 72.98 30.62
C MET E 4706 20.64 71.74 29.78
N TRP E 4707 20.09 70.60 30.20
CA TRP E 4707 20.27 69.37 29.43
C TRP E 4707 19.64 69.50 28.05
N LYS E 4708 18.45 70.10 27.98
CA LYS E 4708 17.79 70.30 26.69
C LYS E 4708 18.61 71.22 25.79
N LEU E 4709 19.16 72.30 26.36
CA LEU E 4709 20.02 73.18 25.57
C LEU E 4709 21.25 72.43 25.07
N GLY E 4710 21.83 71.59 25.92
CA GLY E 4710 22.98 70.82 25.49
C GLY E 4710 22.67 69.90 24.33
N VAL E 4711 21.55 69.20 24.38
CA VAL E 4711 21.23 68.27 23.31
C VAL E 4711 20.86 69.02 22.03
N VAL E 4712 20.11 70.11 22.13
CA VAL E 4712 19.76 70.84 20.91
C VAL E 4712 20.98 71.51 20.30
N PHE E 4713 21.97 71.87 21.12
CA PHE E 4713 23.20 72.45 20.55
C PHE E 4713 24.09 71.37 19.95
N THR E 4714 24.11 70.17 20.52
CA THR E 4714 24.84 69.08 19.89
C THR E 4714 24.15 68.59 18.62
N ASP E 4715 22.86 68.88 18.46
CA ASP E 4715 22.17 68.54 17.22
C ASP E 4715 22.82 69.25 16.04
N ASN E 4716 22.84 68.57 14.89
CA ASN E 4716 23.56 69.09 13.72
C ASN E 4716 22.78 70.19 13.01
N SER E 4717 21.49 69.96 12.75
CA SER E 4717 20.72 70.93 11.98
C SER E 4717 20.61 72.27 12.73
N PHE E 4718 20.41 72.21 14.05
CA PHE E 4718 20.37 73.44 14.82
C PHE E 4718 21.70 74.17 14.76
N LEU E 4719 22.81 73.43 14.68
CA LEU E 4719 24.10 74.08 14.50
C LEU E 4719 24.15 74.81 13.15
N TYR E 4720 23.59 74.21 12.11
CA TYR E 4720 23.55 74.86 10.82
C TYR E 4720 22.72 76.14 10.87
N LEU E 4721 21.58 76.11 11.58
CA LEU E 4721 20.76 77.30 11.69
C LEU E 4721 21.44 78.38 12.53
N ALA E 4722 22.17 77.97 13.56
CA ALA E 4722 22.94 78.95 14.33
C ALA E 4722 24.04 79.57 13.47
N TRP E 4723 24.67 78.77 12.62
CA TRP E 4723 25.66 79.32 11.69
C TRP E 4723 25.01 80.29 10.72
N TYR E 4724 23.79 79.98 10.27
CA TYR E 4724 23.06 80.89 9.39
C TYR E 4724 22.77 82.22 10.08
N MET E 4725 22.35 82.16 11.34
CA MET E 4725 22.12 83.39 12.10
C MET E 4725 23.39 84.19 12.27
N THR E 4726 24.49 83.51 12.60
CA THR E 4726 25.77 84.21 12.75
C THR E 4726 26.19 84.85 11.44
N MET E 4727 25.97 84.15 10.32
CA MET E 4727 26.32 84.71 9.02
C MET E 4727 25.47 85.94 8.71
N SER E 4728 24.19 85.92 9.09
CA SER E 4728 23.34 87.09 8.90
C SER E 4728 23.84 88.28 9.72
N VAL E 4729 24.22 88.03 10.98
CA VAL E 4729 24.74 89.11 11.81
C VAL E 4729 26.04 89.67 11.22
N LEU E 4730 26.93 88.79 10.78
CA LEU E 4730 28.16 89.24 10.15
C LEU E 4730 27.88 89.96 8.84
N GLY E 4731 26.80 89.61 8.14
CA GLY E 4731 26.42 90.35 6.96
C GLY E 4731 25.97 91.75 7.28
N HIS E 4732 25.24 91.92 8.38
CA HIS E 4732 24.91 93.27 8.83
C HIS E 4732 26.17 94.04 9.18
N TYR E 4733 27.13 93.39 9.83
CA TYR E 4733 28.40 94.04 10.13
C TYR E 4733 29.12 94.47 8.85
N ASN E 4734 29.16 93.58 7.85
CA ASN E 4734 29.71 93.88 6.53
C ASN E 4734 28.88 93.13 5.51
N ASN E 4735 28.13 93.86 4.68
CA ASN E 4735 27.19 93.29 3.73
C ASN E 4735 27.76 92.13 2.93
N PHE E 4736 29.08 92.06 2.78
CA PHE E 4736 29.67 91.06 1.91
C PHE E 4736 29.57 89.64 2.47
N PHE E 4737 29.30 89.50 3.76
CA PHE E 4737 29.19 88.18 4.38
C PHE E 4737 27.94 87.44 3.95
N PHE E 4738 26.99 88.11 3.30
CA PHE E 4738 25.79 87.44 2.82
C PHE E 4738 26.06 86.45 1.70
N ALA E 4739 27.26 86.48 1.11
CA ALA E 4739 27.58 85.53 0.05
C ALA E 4739 27.63 84.11 0.58
N ALA E 4740 27.93 83.93 1.87
CA ALA E 4740 27.99 82.60 2.45
C ALA E 4740 26.64 81.89 2.43
N HIS E 4741 25.54 82.64 2.42
CA HIS E 4741 24.21 82.03 2.38
C HIS E 4741 23.91 81.37 1.05
N LEU E 4742 24.71 81.62 0.02
CA LEU E 4742 24.48 81.01 -1.28
C LEU E 4742 24.74 79.52 -1.29
N LEU E 4743 25.36 78.98 -0.24
CA LEU E 4743 25.62 77.55 -0.14
C LEU E 4743 24.44 76.77 0.41
N ASP E 4744 23.34 77.44 0.74
CA ASP E 4744 22.15 76.72 1.20
C ASP E 4744 21.52 75.88 0.10
N ILE E 4745 21.82 76.17 -1.17
CA ILE E 4745 21.31 75.34 -2.25
C ILE E 4745 21.88 73.94 -2.17
N ALA E 4746 23.09 73.79 -1.63
CA ALA E 4746 23.67 72.47 -1.46
C ALA E 4746 22.84 71.62 -0.50
N MET E 4747 22.39 72.22 0.62
CA MET E 4747 21.45 71.53 1.48
C MET E 4747 20.11 71.31 0.79
N GLY E 4748 19.66 72.29 0.02
CA GLY E 4748 18.35 72.20 -0.60
C GLY E 4748 18.23 71.05 -1.59
N PHE E 4749 19.22 70.91 -2.47
CA PHE E 4749 19.19 69.90 -3.52
C PHE E 4749 19.92 68.64 -3.10
N LYS E 4750 19.43 67.50 -3.58
CA LYS E 4750 19.99 66.22 -3.16
C LYS E 4750 21.35 65.95 -3.81
N THR E 4751 21.48 66.25 -5.10
CA THR E 4751 22.74 65.96 -5.80
C THR E 4751 23.89 66.77 -5.22
N LEU E 4752 23.65 68.05 -4.95
CA LEU E 4752 24.69 68.89 -4.36
C LEU E 4752 25.05 68.39 -2.97
N ARG E 4753 24.06 67.95 -2.19
CA ARG E 4753 24.33 67.33 -0.92
C ARG E 4753 25.14 66.05 -1.10
N THR E 4754 24.87 65.30 -2.17
CA THR E 4754 25.65 64.10 -2.44
C THR E 4754 27.11 64.44 -2.72
N ILE E 4755 27.35 65.51 -3.47
CA ILE E 4755 28.74 65.92 -3.74
C ILE E 4755 29.43 66.33 -2.44
N LEU E 4756 28.73 67.11 -1.61
CA LEU E 4756 29.33 67.56 -0.36
C LEU E 4756 29.57 66.40 0.61
N SER E 4757 28.75 65.35 0.53
CA SER E 4757 29.01 64.17 1.34
C SER E 4757 30.15 63.34 0.76
N SER E 4758 30.28 63.31 -0.56
CA SER E 4758 31.34 62.54 -1.19
C SER E 4758 32.70 63.15 -0.96
N VAL E 4759 32.76 64.49 -0.83
CA VAL E 4759 34.04 65.14 -0.58
C VAL E 4759 34.63 64.76 0.78
N THR E 4760 33.84 64.15 1.65
CA THR E 4760 34.30 63.72 2.96
C THR E 4760 34.08 62.24 3.24
N HIS E 4761 33.42 61.52 2.33
CA HIS E 4761 33.16 60.10 2.53
C HIS E 4761 34.46 59.31 2.70
N ASN E 4762 35.47 59.61 1.89
CA ASN E 4762 36.78 58.96 1.99
C ASN E 4762 37.80 59.85 2.66
N GLY E 4763 37.39 60.56 3.72
CA GLY E 4763 38.26 61.56 4.32
C GLY E 4763 39.57 61.01 4.81
N LYS E 4764 39.54 59.84 5.45
CA LYS E 4764 40.78 59.28 5.99
C LYS E 4764 41.78 58.94 4.89
N GLN E 4765 41.32 58.24 3.86
CA GLN E 4765 42.22 57.88 2.77
C GLN E 4765 42.66 59.10 1.99
N LEU E 4766 41.77 60.10 1.85
CA LEU E 4766 42.15 61.34 1.19
C LEU E 4766 43.26 62.06 1.96
N VAL E 4767 43.15 62.11 3.29
CA VAL E 4767 44.17 62.74 4.10
C VAL E 4767 45.48 61.96 3.99
N LEU E 4768 45.41 60.63 4.01
CA LEU E 4768 46.62 59.83 3.87
C LEU E 4768 47.30 60.06 2.52
N THR E 4769 46.51 60.15 1.45
CA THR E 4769 47.09 60.39 0.14
C THR E 4769 47.70 61.77 0.04
N VAL E 4770 47.06 62.78 0.65
CA VAL E 4770 47.64 64.12 0.66
C VAL E 4770 48.95 64.12 1.46
N GLY E 4771 48.99 63.38 2.55
CA GLY E 4771 50.23 63.27 3.31
C GLY E 4771 51.34 62.60 2.51
N LEU E 4772 50.99 61.55 1.76
CA LEU E 4772 51.99 60.91 0.90
C LEU E 4772 52.48 61.87 -0.18
N LEU E 4773 51.58 62.65 -0.76
CA LEU E 4773 51.99 63.65 -1.73
C LEU E 4773 52.94 64.67 -1.12
N ALA E 4774 52.63 65.13 0.09
CA ALA E 4774 53.51 66.07 0.78
C ALA E 4774 54.87 65.46 1.03
N VAL E 4775 54.91 64.18 1.43
CA VAL E 4775 56.17 63.52 1.72
C VAL E 4775 57.02 63.39 0.46
N VAL E 4776 56.41 62.96 -0.65
CA VAL E 4776 57.19 62.80 -1.87
C VAL E 4776 57.65 64.14 -2.41
N VAL E 4777 56.82 65.17 -2.29
CA VAL E 4777 57.24 66.51 -2.71
C VAL E 4777 58.39 66.99 -1.85
N TYR E 4778 58.37 66.66 -0.55
CA TYR E 4778 59.47 67.01 0.33
C TYR E 4778 60.76 66.30 -0.08
N LEU E 4779 60.66 65.03 -0.47
CA LEU E 4779 61.85 64.30 -0.91
C LEU E 4779 62.42 64.93 -2.18
N TYR E 4780 61.57 65.24 -3.15
CA TYR E 4780 62.05 65.91 -4.35
C TYR E 4780 62.65 67.27 -4.00
N THR E 4781 62.07 67.96 -3.01
CA THR E 4781 62.59 69.25 -2.58
C THR E 4781 64.00 69.13 -2.01
N VAL E 4782 64.23 68.13 -1.15
CA VAL E 4782 65.56 67.99 -0.57
C VAL E 4782 66.57 67.58 -1.63
N VAL E 4783 66.15 66.75 -2.59
CA VAL E 4783 67.07 66.37 -3.67
C VAL E 4783 67.46 67.60 -4.48
N ALA E 4784 66.47 68.43 -4.85
CA ALA E 4784 66.76 69.63 -5.62
C ALA E 4784 67.60 70.61 -4.84
N PHE E 4785 67.34 70.75 -3.54
CA PHE E 4785 68.10 71.66 -2.69
C PHE E 4785 69.56 71.22 -2.60
N ASN E 4786 69.79 69.92 -2.51
CA ASN E 4786 71.16 69.43 -2.42
C ASN E 4786 71.89 69.49 -3.75
N PHE E 4787 71.20 69.30 -4.87
CA PHE E 4787 71.92 69.14 -6.13
C PHE E 4787 71.54 70.16 -7.20
N PHE E 4788 70.27 70.57 -7.28
CA PHE E 4788 69.79 71.39 -8.38
C PHE E 4788 69.34 72.76 -7.91
N ARG E 4789 70.12 73.39 -7.02
CA ARG E 4789 69.72 74.68 -6.48
C ARG E 4789 69.81 75.78 -7.52
N LYS E 4790 70.80 75.71 -8.41
CA LYS E 4790 71.05 76.81 -9.34
C LYS E 4790 70.00 76.91 -10.43
N PHE E 4791 69.26 75.83 -10.71
CA PHE E 4791 68.29 75.87 -11.79
C PHE E 4791 67.03 76.64 -11.43
N TYR E 4792 66.75 76.81 -10.14
CA TYR E 4792 65.53 77.48 -9.70
C TYR E 4792 65.74 79.00 -9.65
N ASN E 4793 65.84 79.58 -10.83
CA ASN E 4793 65.99 81.02 -11.00
C ASN E 4793 64.77 81.55 -11.72
N LYS E 4794 64.09 82.52 -11.12
CA LYS E 4794 62.90 83.12 -11.71
C LYS E 4794 63.13 84.55 -12.16
N SER E 4795 64.38 85.02 -12.16
CA SER E 4795 64.70 86.38 -12.57
C SER E 4795 64.84 86.43 -14.08
N GLU E 4796 63.83 87.01 -14.75
CA GLU E 4796 63.87 87.09 -16.21
C GLU E 4796 64.95 88.04 -16.69
N ASP E 4797 65.26 89.08 -15.92
CA ASP E 4797 66.26 90.06 -16.28
C ASP E 4797 67.58 89.75 -15.58
N GLY E 4798 68.65 90.39 -16.04
CA GLY E 4798 69.96 90.22 -15.46
C GLY E 4798 70.13 90.92 -14.12
N ASP E 4799 69.01 91.23 -13.46
CA ASP E 4799 69.03 91.87 -12.16
C ASP E 4799 69.33 90.81 -11.09
N THR E 4800 69.11 91.17 -9.82
CA THR E 4800 69.41 90.26 -8.73
C THR E 4800 68.60 88.96 -8.89
N PRO E 4801 69.25 87.80 -8.95
CA PRO E 4801 68.51 86.56 -9.19
C PRO E 4801 67.52 86.27 -8.06
N ASP E 4802 66.38 85.71 -8.44
CA ASP E 4802 65.36 85.29 -7.49
C ASP E 4802 65.45 83.78 -7.31
N MET E 4803 66.47 83.35 -6.57
CA MET E 4803 66.63 81.94 -6.25
C MET E 4803 65.52 81.49 -5.31
N LYS E 4804 64.71 80.54 -5.78
CA LYS E 4804 63.70 79.91 -4.93
C LYS E 4804 64.22 78.67 -4.22
N CYS E 4805 65.43 78.21 -4.53
CA CYS E 4805 66.01 77.03 -3.93
C CYS E 4805 67.07 77.32 -2.89
N ASP E 4806 67.31 78.60 -2.59
CA ASP E 4806 68.33 78.94 -1.60
C ASP E 4806 67.96 78.43 -0.22
N ASP E 4807 66.69 78.53 0.15
CA ASP E 4807 66.19 78.09 1.45
C ASP E 4807 65.31 76.87 1.27
N MET E 4808 65.43 75.91 2.19
CA MET E 4808 64.63 74.70 2.07
C MET E 4808 63.14 74.98 2.23
N LEU E 4809 62.77 75.83 3.19
CA LEU E 4809 61.36 76.13 3.38
C LEU E 4809 60.77 76.78 2.14
N THR E 4810 61.49 77.75 1.56
CA THR E 4810 61.02 78.39 0.33
C THR E 4810 60.96 77.40 -0.81
N CYS E 4811 61.96 76.53 -0.94
CA CYS E 4811 61.98 75.57 -2.03
C CYS E 4811 60.81 74.60 -1.93
N TYR E 4812 60.54 74.09 -0.72
CA TYR E 4812 59.44 73.15 -0.54
C TYR E 4812 58.09 73.83 -0.76
N MET E 4813 57.92 75.05 -0.25
CA MET E 4813 56.67 75.77 -0.46
C MET E 4813 56.48 76.04 -1.95
N PHE E 4814 57.55 76.43 -2.65
CA PHE E 4814 57.49 76.64 -4.09
C PHE E 4814 57.11 75.37 -4.82
N HIS E 4815 57.72 74.24 -4.45
CA HIS E 4815 57.40 72.98 -5.09
C HIS E 4815 55.93 72.65 -4.92
N MET E 4816 55.44 72.68 -3.67
CA MET E 4816 54.05 72.35 -3.41
C MET E 4816 53.10 73.29 -4.14
N TYR E 4817 53.45 74.58 -4.23
CA TYR E 4817 52.54 75.56 -4.82
C TYR E 4817 52.52 75.47 -6.35
N VAL E 4818 53.66 75.20 -6.97
CA VAL E 4818 53.82 75.33 -8.42
C VAL E 4818 53.86 73.98 -9.11
N GLY E 4819 54.73 73.07 -8.65
CA GLY E 4819 54.92 71.82 -9.38
C GLY E 4819 53.66 70.98 -9.44
N VAL E 4820 52.93 70.92 -8.34
CA VAL E 4820 51.69 70.13 -8.31
C VAL E 4820 50.67 70.71 -9.29
N ARG E 4821 50.53 72.04 -9.30
CA ARG E 4821 49.53 72.66 -10.18
C ARG E 4821 49.93 72.59 -11.64
N ALA E 4822 51.23 72.64 -11.94
CA ALA E 4822 51.68 72.62 -13.32
C ALA E 4822 51.42 71.28 -13.97
N GLY E 4823 50.95 71.31 -15.21
CA GLY E 4823 50.66 70.08 -15.91
C GLY E 4823 51.91 69.27 -16.23
N GLY E 4824 52.97 69.95 -16.67
CA GLY E 4824 54.20 69.27 -17.02
C GLY E 4824 55.06 68.83 -15.87
N GLY E 4825 54.77 69.29 -14.66
CA GLY E 4825 55.57 68.93 -13.51
C GLY E 4825 56.43 70.08 -13.03
N ILE E 4826 57.61 69.77 -12.49
CA ILE E 4826 58.51 70.81 -12.02
C ILE E 4826 59.49 71.25 -13.10
N GLY E 4827 59.72 70.44 -14.13
CA GLY E 4827 60.68 70.79 -15.16
C GLY E 4827 60.23 71.91 -16.07
N ASP E 4828 58.93 72.18 -16.13
CA ASP E 4828 58.42 73.23 -17.02
C ASP E 4828 58.51 74.62 -16.41
N GLU E 4829 58.79 74.73 -15.12
CA GLU E 4829 58.87 76.02 -14.45
C GLU E 4829 60.28 76.37 -14.00
N ILE E 4830 61.28 75.64 -14.46
CA ILE E 4830 62.68 75.88 -14.11
C ILE E 4830 63.50 75.90 -15.39
N GLU E 4831 64.73 76.41 -15.25
CA GLU E 4831 65.61 76.53 -16.41
C GLU E 4831 65.96 75.15 -16.96
N ASP E 4832 65.96 75.03 -18.29
CA ASP E 4832 66.26 73.76 -18.93
C ASP E 4832 67.69 73.35 -18.63
N PRO E 4833 67.95 72.06 -18.40
CA PRO E 4833 69.30 71.60 -18.05
C PRO E 4833 70.18 71.39 -19.27
N ALA E 4834 70.58 72.50 -19.90
CA ALA E 4834 71.48 72.41 -21.05
C ALA E 4834 72.88 71.99 -20.62
N GLY E 4835 73.32 72.40 -19.44
CA GLY E 4835 74.65 72.03 -18.99
C GLY E 4835 74.78 70.53 -18.81
N ASP E 4836 75.91 69.99 -19.27
CA ASP E 4836 76.14 68.55 -19.24
C ASP E 4836 76.48 68.03 -17.84
N GLU E 4837 76.75 68.91 -16.88
CA GLU E 4837 77.13 68.46 -15.55
C GLU E 4837 75.97 67.75 -14.84
N TYR E 4838 74.73 68.16 -15.10
CA TYR E 4838 73.57 67.54 -14.48
C TYR E 4838 72.43 67.39 -15.47
N GLU E 4839 72.75 67.24 -16.76
CA GLU E 4839 71.73 67.11 -17.79
C GLU E 4839 70.82 65.91 -17.51
N ILE E 4840 71.40 64.70 -17.51
CA ILE E 4840 70.61 63.49 -17.38
C ILE E 4840 70.00 63.41 -15.98
N TYR E 4841 70.74 63.82 -14.95
CA TYR E 4841 70.19 63.77 -13.59
C TYR E 4841 68.97 64.67 -13.47
N ARG E 4842 69.05 65.90 -14.00
CA ARG E 4842 67.92 66.81 -13.93
C ARG E 4842 66.74 66.31 -14.75
N ILE E 4843 67.02 65.70 -15.91
CA ILE E 4843 65.94 65.19 -16.75
C ILE E 4843 65.22 64.03 -16.05
N ILE E 4844 65.98 63.11 -15.46
CA ILE E 4844 65.36 62.02 -14.70
C ILE E 4844 64.58 62.57 -13.52
N PHE E 4845 65.12 63.59 -12.85
CA PHE E 4845 64.40 64.24 -11.76
C PHE E 4845 63.05 64.74 -12.22
N ASP E 4846 63.02 65.50 -13.31
CA ASP E 4846 61.77 66.07 -13.81
C ASP E 4846 60.79 64.98 -14.24
N ILE E 4847 61.28 63.96 -14.94
CA ILE E 4847 60.39 62.91 -15.43
C ILE E 4847 59.79 62.12 -14.26
N THR E 4848 60.60 61.79 -13.25
CA THR E 4848 60.08 61.08 -12.10
C THR E 4848 59.08 61.94 -11.33
N PHE E 4849 59.36 63.24 -11.19
CA PHE E 4849 58.39 64.13 -10.55
C PHE E 4849 57.07 64.12 -11.29
N PHE E 4850 57.13 64.26 -12.62
CA PHE E 4850 55.91 64.27 -13.42
C PHE E 4850 55.16 62.96 -13.31
N PHE E 4851 55.88 61.83 -13.30
CA PHE E 4851 55.21 60.53 -13.28
C PHE E 4851 54.59 60.24 -11.91
N PHE E 4852 55.31 60.52 -10.83
CA PHE E 4852 54.86 60.10 -9.51
C PHE E 4852 53.93 61.11 -8.85
N VAL E 4853 54.08 62.40 -9.13
CA VAL E 4853 53.31 63.42 -8.44
C VAL E 4853 52.13 63.91 -9.26
N ILE E 4854 52.28 64.02 -10.57
CA ILE E 4854 51.23 64.63 -11.40
C ILE E 4854 50.23 63.59 -11.88
N VAL E 4855 50.69 62.50 -12.49
CA VAL E 4855 49.79 61.57 -13.17
C VAL E 4855 49.47 60.35 -12.32
N ILE E 4856 49.93 60.31 -11.07
CA ILE E 4856 49.60 59.18 -10.20
C ILE E 4856 48.92 59.68 -8.93
N LEU E 4857 49.62 60.47 -8.14
CA LEU E 4857 49.10 60.85 -6.83
C LEU E 4857 47.90 61.79 -6.96
N LEU E 4858 48.03 62.82 -7.80
CA LEU E 4858 46.91 63.72 -8.01
C LEU E 4858 45.74 62.99 -8.66
N ALA E 4859 46.04 62.05 -9.56
CA ALA E 4859 45.00 61.24 -10.16
C ALA E 4859 44.27 60.42 -9.12
N ILE E 4860 45.00 59.82 -8.17
CA ILE E 4860 44.37 59.06 -7.11
C ILE E 4860 43.52 59.95 -6.23
N ILE E 4861 44.01 61.15 -5.91
CA ILE E 4861 43.25 62.07 -5.07
C ILE E 4861 41.93 62.44 -5.75
N GLN E 4862 41.99 62.75 -7.04
CA GLN E 4862 40.77 63.04 -7.80
C GLN E 4862 39.83 61.84 -7.85
N GLY E 4863 40.40 60.66 -8.11
CA GLY E 4863 39.60 59.46 -8.25
C GLY E 4863 38.89 59.07 -6.97
N LEU E 4864 39.52 59.34 -5.82
CA LEU E 4864 38.87 59.05 -4.55
C LEU E 4864 37.53 59.77 -4.44
N ILE E 4865 37.52 61.07 -4.73
CA ILE E 4865 36.30 61.85 -4.61
C ILE E 4865 35.30 61.49 -5.70
N ILE E 4866 35.77 61.28 -6.93
CA ILE E 4866 34.86 60.92 -8.01
C ILE E 4866 34.20 59.56 -7.74
N ASP E 4867 34.99 58.59 -7.26
CA ASP E 4867 34.44 57.29 -6.92
C ASP E 4867 33.52 57.37 -5.72
N ALA E 4868 33.80 58.25 -4.76
CA ALA E 4868 32.87 58.43 -3.65
C ALA E 4868 31.54 58.96 -4.13
N PHE E 4869 31.57 59.93 -5.04
CA PHE E 4869 30.32 60.46 -5.61
C PHE E 4869 29.56 59.38 -6.36
N GLY E 4870 30.26 58.60 -7.18
CA GLY E 4870 29.62 57.52 -7.90
C GLY E 4870 29.04 56.46 -6.99
N GLU E 4871 29.77 56.12 -5.91
CA GLU E 4871 29.29 55.13 -4.97
C GLU E 4871 28.06 55.61 -4.22
N LEU E 4872 28.03 56.89 -3.84
CA LEU E 4872 26.84 57.42 -3.17
C LEU E 4872 25.63 57.40 -4.11
N ARG E 4873 25.83 57.80 -5.37
CA ARG E 4873 24.74 57.72 -6.33
C ARG E 4873 24.26 56.28 -6.50
N ASP E 4874 25.20 55.34 -6.59
CA ASP E 4874 24.83 53.93 -6.73
C ASP E 4874 24.08 53.42 -5.51
N GLN E 4875 24.48 53.85 -4.31
CA GLN E 4875 23.77 53.43 -3.11
C GLN E 4875 22.34 53.95 -3.12
N GLN E 4876 22.14 55.21 -3.49
CA GLN E 4876 20.77 55.73 -3.56
C GLN E 4876 19.94 54.99 -4.59
N GLU E 4877 20.53 54.73 -5.76
CA GLU E 4877 19.81 53.99 -6.80
C GLU E 4877 19.48 52.58 -6.34
N GLN E 4878 20.41 51.94 -5.61
CA GLN E 4878 20.18 50.59 -5.13
C GLN E 4878 19.08 50.56 -4.07
N VAL E 4879 19.04 51.57 -3.21
CA VAL E 4879 17.94 51.67 -2.24
C VAL E 4879 16.61 51.79 -2.95
N LYS E 4880 16.55 52.65 -3.97
CA LYS E 4880 15.31 52.80 -4.72
C LYS E 4880 14.92 51.49 -5.40
N GLU E 4881 15.89 50.80 -6.01
CA GLU E 4881 15.62 49.54 -6.69
C GLU E 4881 15.11 48.48 -5.72
N ASP E 4882 15.72 48.40 -4.54
CA ASP E 4882 15.26 47.44 -3.55
C ASP E 4882 13.84 47.77 -3.09
N MET E 4883 13.55 49.05 -2.87
CA MET E 4883 12.20 49.42 -2.47
C MET E 4883 11.20 49.04 -3.55
N GLU E 4884 11.57 49.19 -4.81
CA GLU E 4884 10.66 48.85 -5.90
C GLU E 4884 10.54 47.34 -6.12
N THR E 4885 11.55 46.56 -5.77
CA THR E 4885 11.56 45.14 -6.13
C THR E 4885 11.53 44.19 -4.94
N LYS E 4886 11.24 44.68 -3.73
CA LYS E 4886 11.06 43.78 -2.60
C LYS E 4886 10.10 44.41 -1.61
N CYS E 4887 9.53 43.59 -0.75
CA CYS E 4887 8.59 44.04 0.26
C CYS E 4887 9.33 44.27 1.57
N PHE E 4888 9.09 45.43 2.19
CA PHE E 4888 9.81 45.79 3.40
C PHE E 4888 9.51 44.83 4.53
N ILE E 4889 8.23 44.46 4.71
CA ILE E 4889 7.83 43.68 5.88
C ILE E 4889 8.34 42.25 5.78
N CYS E 4890 8.12 41.60 4.64
CA CYS E 4890 8.45 40.19 4.50
C CYS E 4890 9.69 39.93 3.66
N GLY E 4891 9.86 40.63 2.54
CA GLY E 4891 11.02 40.41 1.69
C GLY E 4891 10.83 39.41 0.58
N ILE E 4892 9.59 38.99 0.31
CA ILE E 4892 9.35 38.05 -0.77
C ILE E 4892 9.69 38.72 -2.11
N GLY E 4893 10.14 37.91 -3.07
CA GLY E 4893 10.55 38.45 -4.34
C GLY E 4893 9.42 39.11 -5.09
N ASN E 4894 9.78 40.08 -5.94
CA ASN E 4894 8.79 40.84 -6.68
C ASN E 4894 8.07 39.97 -7.71
N ASP E 4895 8.79 39.03 -8.34
CA ASP E 4895 8.22 38.24 -9.41
C ASP E 4895 7.07 37.37 -8.92
N TYR E 4896 7.17 36.86 -7.69
CA TYR E 4896 6.14 35.96 -7.18
C TYR E 4896 4.79 36.67 -7.12
N PHE E 4897 4.77 37.93 -6.71
CA PHE E 4897 3.54 38.71 -6.79
C PHE E 4897 3.24 39.15 -8.21
N ASP E 4898 4.27 39.36 -9.04
CA ASP E 4898 4.05 39.72 -10.43
C ASP E 4898 3.41 38.61 -11.24
N THR E 4899 3.36 37.39 -10.69
CA THR E 4899 2.67 36.30 -11.39
C THR E 4899 1.24 36.69 -11.75
N VAL E 4900 0.59 37.47 -10.90
CA VAL E 4900 -0.74 38.01 -11.20
C VAL E 4900 -0.59 39.49 -11.54
N PRO E 4901 -1.47 40.05 -12.37
CA PRO E 4901 -1.32 41.47 -12.73
C PRO E 4901 -1.45 42.38 -11.51
N HIS E 4902 -0.55 43.35 -11.41
CA HIS E 4902 -0.49 44.30 -10.31
C HIS E 4902 -0.43 43.63 -8.95
N GLY E 4903 0.06 42.38 -8.91
CA GLY E 4903 0.11 41.65 -7.66
C GLY E 4903 1.01 42.31 -6.64
N PHE E 4904 2.19 42.76 -7.08
CA PHE E 4904 3.09 43.45 -6.16
C PHE E 4904 2.49 44.76 -5.70
N GLU E 4905 1.81 45.47 -6.59
CA GLU E 4905 1.16 46.72 -6.21
C GLU E 4905 0.12 46.48 -5.12
N THR E 4906 -0.71 45.44 -5.29
CA THR E 4906 -1.70 45.13 -4.26
C THR E 4906 -1.02 44.70 -2.96
N HIS E 4907 0.02 43.88 -3.05
CA HIS E 4907 0.69 43.39 -1.85
C HIS E 4907 1.30 44.53 -1.06
N THR E 4908 1.93 45.49 -1.74
CA THR E 4908 2.53 46.62 -1.06
C THR E 4908 1.51 47.67 -0.67
N LEU E 4909 0.31 47.65 -1.25
CA LEU E 4909 -0.68 48.66 -0.94
C LEU E 4909 -1.59 48.26 0.21
N GLN E 4910 -2.09 47.03 0.23
CA GLN E 4910 -3.05 46.63 1.24
C GLN E 4910 -2.59 45.45 2.09
N GLU E 4911 -1.87 44.49 1.52
CA GLU E 4911 -1.45 43.33 2.30
C GLU E 4911 -0.40 43.73 3.34
N HIS E 4912 0.74 44.25 2.88
CA HIS E 4912 1.81 44.69 3.76
C HIS E 4912 2.08 46.16 3.48
N ASN E 4913 1.63 47.04 4.36
CA ASN E 4913 1.82 48.47 4.19
C ASN E 4913 2.35 49.07 5.48
N LEU E 4914 3.42 49.85 5.36
CA LEU E 4914 4.03 50.46 6.53
C LEU E 4914 3.06 51.39 7.24
N ALA E 4915 2.31 52.18 6.47
CA ALA E 4915 1.29 53.02 7.07
C ALA E 4915 0.25 52.18 7.81
N ASN E 4916 -0.12 51.03 7.23
CA ASN E 4916 -1.09 50.17 7.89
C ASN E 4916 -0.56 49.63 9.21
N TYR E 4917 0.71 49.24 9.25
CA TYR E 4917 1.29 48.76 10.51
C TYR E 4917 1.36 49.87 11.55
N LEU E 4918 1.74 51.07 11.13
CA LEU E 4918 1.77 52.21 12.05
C LEU E 4918 0.37 52.52 12.59
N PHE E 4919 -0.62 52.50 11.72
CA PHE E 4919 -1.99 52.76 12.16
C PHE E 4919 -2.50 51.65 13.07
N PHE E 4920 -2.07 50.40 12.84
CA PHE E 4920 -2.45 49.33 13.75
C PHE E 4920 -1.84 49.53 15.13
N LEU E 4921 -0.59 49.98 15.19
CA LEU E 4921 0.00 50.29 16.49
C LEU E 4921 -0.77 51.41 17.18
N MET E 4922 -1.12 52.45 16.42
CA MET E 4922 -1.91 53.55 16.99
C MET E 4922 -3.26 53.05 17.51
N TYR E 4923 -3.90 52.15 16.75
CA TYR E 4923 -5.18 51.60 17.15
C TYR E 4923 -5.05 50.80 18.44
N LEU E 4924 -3.99 50.00 18.55
CA LEU E 4924 -3.76 49.25 19.79
C LEU E 4924 -3.55 50.19 20.96
N ILE E 4925 -2.78 51.26 20.77
CA ILE E 4925 -2.54 52.20 21.86
C ILE E 4925 -3.83 52.89 22.29
N ASN E 4926 -4.64 53.31 21.31
CA ASN E 4926 -5.85 54.06 21.64
C ASN E 4926 -6.92 53.18 22.27
N LYS E 4927 -7.04 51.94 21.81
CA LYS E 4927 -8.06 51.05 22.35
C LYS E 4927 -7.79 50.73 23.81
N ASP E 4928 -8.87 50.58 24.57
CA ASP E 4928 -8.76 50.14 25.96
C ASP E 4928 -8.28 48.69 25.99
N GLU E 4929 -7.45 48.38 26.98
CA GLU E 4929 -6.83 47.06 27.05
C GLU E 4929 -7.89 45.97 27.23
N THR E 4930 -8.90 46.24 28.06
CA THR E 4930 -9.93 45.22 28.30
C THR E 4930 -10.71 44.91 27.03
N GLU E 4931 -10.84 45.87 26.13
CA GLU E 4931 -11.61 45.67 24.91
C GLU E 4931 -10.81 45.00 23.80
N HIS E 4932 -9.51 44.79 24.00
CA HIS E 4932 -8.68 44.17 22.98
C HIS E 4932 -9.17 42.76 22.66
N THR E 4933 -9.22 42.44 21.37
CA THR E 4933 -9.56 41.09 20.94
C THR E 4933 -8.37 40.17 21.17
N GLY E 4934 -8.50 38.92 20.72
CA GLY E 4934 -7.43 37.96 20.94
C GLY E 4934 -6.16 38.33 20.20
N GLN E 4935 -6.27 38.57 18.89
CA GLN E 4935 -5.10 38.93 18.10
C GLN E 4935 -4.51 40.27 18.54
N GLU E 4936 -5.37 41.25 18.80
CA GLU E 4936 -4.89 42.55 19.25
C GLU E 4936 -4.16 42.45 20.57
N SER E 4937 -4.71 41.68 21.51
CA SER E 4937 -4.07 41.49 22.81
C SER E 4937 -2.74 40.76 22.66
N TYR E 4938 -2.69 39.75 21.80
CA TYR E 4938 -1.44 39.03 21.60
C TYR E 4938 -0.37 39.93 21.02
N VAL E 4939 -0.73 40.75 20.03
CA VAL E 4939 0.24 41.67 19.44
C VAL E 4939 0.67 42.72 20.46
N TRP E 4940 -0.27 43.21 21.27
CA TRP E 4940 0.08 44.19 22.29
C TRP E 4940 1.03 43.62 23.33
N LYS E 4941 0.79 42.38 23.77
CA LYS E 4941 1.69 41.75 24.73
C LYS E 4941 3.06 41.52 24.11
N MET E 4942 3.10 41.12 22.84
CA MET E 4942 4.38 40.94 22.17
C MET E 4942 5.15 42.26 22.07
N TYR E 4943 4.45 43.34 21.74
CA TYR E 4943 5.09 44.65 21.67
C TYR E 4943 5.60 45.07 23.04
N GLN E 4944 4.84 44.76 24.10
CA GLN E 4944 5.30 45.08 25.44
C GLN E 4944 6.56 44.30 25.80
N GLU E 4945 6.61 43.02 25.44
CA GLU E 4945 7.77 42.21 25.77
C GLU E 4945 8.92 42.37 24.79
N ARG E 4946 8.73 43.16 23.72
CA ARG E 4946 9.79 43.50 22.77
C ARG E 4946 10.37 42.24 22.12
N CYS E 4947 9.49 41.41 21.55
CA CYS E 4947 9.92 40.22 20.84
C CYS E 4947 9.94 40.42 19.32
N TRP E 4948 8.85 40.93 18.76
CA TRP E 4948 8.77 41.32 17.36
C TRP E 4948 9.02 40.14 16.41
N GLU E 4949 8.20 39.11 16.56
CA GLU E 4949 8.12 38.09 15.53
C GLU E 4949 6.72 37.97 14.94
N PHE E 4950 5.79 38.85 15.34
CA PHE E 4950 4.47 38.82 14.72
C PHE E 4950 4.53 39.29 13.27
N PHE E 4951 5.56 40.03 12.89
CA PHE E 4951 5.73 40.41 11.50
C PHE E 4951 5.91 39.17 10.64
N PRO E 4952 5.24 39.08 9.50
CA PRO E 4952 5.37 37.90 8.64
C PRO E 4952 6.63 37.95 7.78
N ALA E 4953 7.79 37.98 8.45
CA ALA E 4953 9.05 38.08 7.73
C ALA E 4953 9.33 36.85 6.88
N GLY E 4954 8.84 35.69 7.30
CA GLY E 4954 9.07 34.47 6.55
C GLY E 4954 8.15 34.31 5.36
N ASP E 4955 6.85 34.22 5.61
CA ASP E 4955 5.89 33.91 4.55
C ASP E 4955 4.80 34.97 4.46
N CYS E 4956 3.79 34.70 3.63
CA CYS E 4956 2.64 35.58 3.46
C CYS E 4956 1.37 34.74 3.51
N PHE E 4957 0.22 35.43 3.51
CA PHE E 4957 -1.06 34.74 3.53
C PHE E 4957 -1.24 33.88 2.27
N ARG E 4958 -0.83 34.40 1.12
CA ARG E 4958 -0.98 33.66 -0.13
C ARG E 4958 -0.14 32.37 -0.10
N LYS E 4959 1.15 32.48 0.24
CA LYS E 4959 1.96 31.27 0.33
C LYS E 4959 1.45 30.34 1.43
N GLN E 4960 0.76 30.90 2.44
CA GLN E 4960 0.17 30.05 3.46
C GLN E 4960 -0.95 29.20 2.89
N TYR E 4961 -1.89 29.83 2.19
CA TYR E 4961 -3.04 29.09 1.65
C TYR E 4961 -3.10 29.11 0.14
N GLU E 4962 -3.18 30.28 -0.49
CA GLU E 4962 -3.33 30.37 -1.95
C GLU E 4962 -2.62 31.59 -2.51
N ILE F 11 19.56 -27.58 -8.71
CA ILE F 11 20.56 -26.73 -9.36
C ILE F 11 21.84 -26.73 -8.55
N GLN F 12 21.78 -27.29 -7.34
CA GLN F 12 22.95 -27.37 -6.48
C GLN F 12 24.00 -28.29 -7.08
N PHE F 13 25.25 -28.03 -6.74
CA PHE F 13 26.37 -28.80 -7.25
C PHE F 13 27.24 -29.26 -6.09
N LEU F 14 27.69 -30.51 -6.16
CA LEU F 14 28.52 -31.07 -5.09
C LEU F 14 29.86 -30.34 -5.02
N ARG F 15 30.30 -30.06 -3.80
CA ARG F 15 31.53 -29.32 -3.56
C ARG F 15 32.49 -30.18 -2.77
N THR F 16 33.72 -29.68 -2.64
CA THR F 16 34.72 -30.36 -1.82
C THR F 16 34.34 -30.27 -0.36
N ASP F 17 34.58 -31.36 0.38
CA ASP F 17 34.31 -31.43 1.82
C ASP F 17 32.82 -31.27 2.11
N ASP F 18 32.03 -32.14 1.51
CA ASP F 18 30.60 -32.21 1.75
C ASP F 18 30.21 -33.64 2.07
N GLU F 19 29.08 -33.79 2.77
CA GLU F 19 28.59 -35.10 3.17
C GLU F 19 27.73 -35.68 2.06
N VAL F 20 28.09 -36.88 1.59
CA VAL F 20 27.38 -37.55 0.52
C VAL F 20 27.09 -38.98 0.94
N VAL F 21 26.04 -39.54 0.36
CA VAL F 21 25.62 -40.92 0.60
C VAL F 21 25.49 -41.63 -0.73
N LEU F 22 26.12 -42.80 -0.85
CA LEU F 22 26.04 -43.60 -2.05
C LEU F 22 24.84 -44.55 -1.94
N GLN F 23 23.89 -44.43 -2.87
CA GLN F 23 22.66 -45.21 -2.82
C GLN F 23 22.48 -45.96 -4.13
N CYS F 24 21.88 -47.14 -4.02
CA CYS F 24 21.57 -47.97 -5.18
C CYS F 24 20.17 -48.54 -5.02
N THR F 25 19.49 -48.72 -6.15
CA THR F 25 18.14 -49.25 -6.18
C THR F 25 18.16 -50.71 -6.63
N ALA F 26 17.37 -51.54 -5.96
CA ALA F 26 17.29 -52.96 -6.25
C ALA F 26 15.84 -53.35 -6.47
N THR F 27 15.64 -54.36 -7.32
CA THR F 27 14.31 -54.84 -7.69
C THR F 27 14.18 -56.30 -7.28
N ILE F 28 14.52 -56.60 -6.03
CA ILE F 28 14.63 -57.98 -5.60
C ILE F 28 13.24 -58.58 -5.43
N HIS F 29 12.98 -59.68 -6.13
CA HIS F 29 11.67 -60.34 -6.13
C HIS F 29 10.57 -59.37 -6.56
N LYS F 30 10.87 -58.53 -7.56
CA LYS F 30 9.96 -57.49 -8.04
C LYS F 30 9.59 -56.53 -6.92
N GLU F 31 10.48 -56.36 -5.96
CA GLU F 31 10.29 -55.46 -4.83
C GLU F 31 11.38 -54.41 -4.87
N GLN F 32 10.98 -53.14 -4.88
CA GLN F 32 11.92 -52.03 -4.99
C GLN F 32 12.46 -51.67 -3.61
N GLN F 33 13.78 -51.58 -3.51
CA GLN F 33 14.43 -51.22 -2.26
C GLN F 33 15.59 -50.28 -2.53
N LYS F 34 15.88 -49.42 -1.57
CA LYS F 34 16.98 -48.48 -1.64
C LYS F 34 18.02 -48.88 -0.59
N LEU F 35 19.26 -49.10 -1.04
CA LEU F 35 20.33 -49.52 -0.15
C LEU F 35 21.48 -48.54 -0.23
N CYS F 36 21.98 -48.11 0.93
CA CYS F 36 23.07 -47.16 1.00
C CYS F 36 24.35 -47.89 1.44
N LEU F 37 25.47 -47.44 0.92
CA LEU F 37 26.76 -48.06 1.17
C LEU F 37 27.27 -47.61 2.55
N ALA F 38 27.38 -48.56 3.48
CA ALA F 38 27.82 -48.26 4.84
C ALA F 38 29.02 -49.13 5.20
N ALA F 39 29.70 -48.76 6.28
CA ALA F 39 30.84 -49.50 6.76
C ALA F 39 31.00 -49.27 8.26
N GLU F 40 31.21 -50.35 9.01
CA GLU F 40 31.37 -50.24 10.45
C GLU F 40 32.63 -49.46 10.80
N GLY F 41 33.73 -49.75 10.13
CA GLY F 41 34.98 -49.04 10.38
C GLY F 41 35.81 -49.64 11.49
N PHE F 42 35.25 -49.68 12.71
CA PHE F 42 35.97 -50.20 13.87
C PHE F 42 35.81 -51.71 13.92
N GLY F 43 36.88 -52.43 13.61
CA GLY F 43 36.87 -53.88 13.67
C GLY F 43 36.24 -54.56 12.47
N ASN F 44 35.81 -53.81 11.46
CA ASN F 44 35.21 -54.41 10.27
C ASN F 44 35.54 -53.50 9.09
N ARG F 45 36.63 -53.84 8.38
CA ARG F 45 37.00 -53.05 7.21
C ARG F 45 35.99 -53.23 6.07
N LEU F 46 35.37 -54.40 5.98
CA LEU F 46 34.48 -54.68 4.86
C LEU F 46 33.26 -53.76 4.88
N CYS F 47 32.83 -53.33 3.70
CA CYS F 47 31.68 -52.46 3.54
C CYS F 47 30.47 -53.27 3.12
N PHE F 48 29.30 -52.84 3.59
CA PHE F 48 28.05 -53.54 3.27
C PHE F 48 26.97 -52.55 2.86
N LEU F 49 25.74 -53.03 2.71
CA LEU F 49 24.61 -52.21 2.32
C LEU F 49 23.59 -52.19 3.44
N GLU F 50 23.09 -50.99 3.76
CA GLU F 50 22.05 -50.79 4.74
C GLU F 50 20.79 -50.31 4.04
N SER F 51 19.68 -50.99 4.29
CA SER F 51 18.42 -50.66 3.63
C SER F 51 17.91 -49.32 4.16
N THR F 52 18.07 -48.27 3.38
CA THR F 52 17.60 -46.95 3.78
C THR F 52 16.10 -46.77 3.53
N SER F 53 15.47 -47.70 2.81
CA SER F 53 14.04 -47.66 2.63
C SER F 53 13.33 -48.18 3.88
N ASN F 54 12.01 -48.08 3.88
CA ASN F 54 11.18 -48.49 5.02
C ASN F 54 11.61 -47.75 6.28
N SER F 55 11.89 -46.46 6.15
CA SER F 55 12.34 -45.66 7.28
C SER F 55 11.26 -45.54 8.35
N LYS F 56 9.99 -45.70 7.99
CA LYS F 56 8.91 -45.61 8.97
C LYS F 56 9.00 -46.74 9.98
N ASN F 57 9.18 -47.98 9.49
CA ASN F 57 9.22 -49.12 10.39
C ASN F 57 10.54 -49.19 11.15
N VAL F 58 11.65 -48.97 10.47
CA VAL F 58 12.97 -49.09 11.08
C VAL F 58 13.79 -47.83 10.77
N PRO F 59 14.37 -47.19 11.77
CA PRO F 59 15.19 -46.00 11.52
C PRO F 59 16.52 -46.37 10.90
N PRO F 60 16.83 -45.84 9.73
CA PRO F 60 18.15 -46.10 9.13
C PRO F 60 19.26 -45.43 9.94
N ASP F 61 20.43 -46.06 9.91
CA ASP F 61 21.60 -45.58 10.65
C ASP F 61 22.55 -44.92 9.67
N LEU F 62 22.35 -43.62 9.45
CA LEU F 62 23.17 -42.88 8.50
C LEU F 62 24.55 -42.55 9.03
N SER F 63 24.80 -42.76 10.33
CA SER F 63 26.09 -42.40 10.91
C SER F 63 27.23 -43.20 10.26
N ILE F 64 27.02 -44.50 10.04
CA ILE F 64 28.04 -45.33 9.40
C ILE F 64 27.93 -45.31 7.88
N CYS F 65 26.93 -44.63 7.32
CA CYS F 65 26.72 -44.62 5.89
C CYS F 65 27.13 -43.32 5.21
N THR F 66 27.18 -42.20 5.95
CA THR F 66 27.57 -40.94 5.34
C THR F 66 29.05 -40.94 5.01
N PHE F 67 29.39 -40.34 3.87
CA PHE F 67 30.77 -40.18 3.44
C PHE F 67 31.03 -38.71 3.12
N VAL F 68 32.29 -38.32 3.21
CA VAL F 68 32.73 -36.96 2.91
C VAL F 68 33.80 -37.03 1.83
N LEU F 69 33.70 -36.15 0.84
CA LEU F 69 34.65 -36.10 -0.26
C LEU F 69 35.79 -35.16 0.12
N GLU F 70 36.97 -35.72 0.38
CA GLU F 70 38.08 -34.91 0.86
C GLU F 70 38.66 -34.04 -0.23
N GLN F 71 38.88 -34.61 -1.43
CA GLN F 71 39.56 -33.87 -2.48
C GLN F 71 39.40 -34.60 -3.80
N SER F 72 39.36 -33.84 -4.88
CA SER F 72 39.22 -34.39 -6.23
C SER F 72 40.39 -33.94 -7.10
N LEU F 73 41.01 -34.88 -7.78
CA LEU F 73 42.08 -34.61 -8.73
C LEU F 73 41.75 -35.25 -10.07
N SER F 74 42.28 -34.66 -11.14
CA SER F 74 42.13 -35.27 -12.45
C SER F 74 43.02 -36.50 -12.56
N VAL F 75 42.85 -37.23 -13.66
CA VAL F 75 43.63 -38.46 -13.85
C VAL F 75 45.11 -38.15 -13.97
N ARG F 76 45.46 -37.19 -14.84
CA ARG F 76 46.85 -36.83 -15.02
C ARG F 76 47.45 -36.22 -13.75
N ALA F 77 46.67 -35.37 -13.08
CA ALA F 77 47.16 -34.76 -11.84
C ALA F 77 47.40 -35.81 -10.77
N LEU F 78 46.51 -36.79 -10.65
CA LEU F 78 46.70 -37.86 -9.69
C LEU F 78 47.92 -38.72 -10.05
N GLN F 79 48.12 -38.97 -11.34
CA GLN F 79 49.30 -39.71 -11.76
C GLN F 79 50.58 -38.97 -11.38
N GLU F 80 50.61 -37.65 -11.63
CA GLU F 80 51.78 -36.86 -11.27
C GLU F 80 51.99 -36.84 -9.75
N MET F 81 50.91 -36.73 -8.98
CA MET F 81 51.03 -36.72 -7.53
C MET F 81 51.55 -38.05 -7.02
N LEU F 82 51.07 -39.16 -7.58
CA LEU F 82 51.57 -40.47 -7.18
C LEU F 82 53.03 -40.64 -7.56
N ALA F 83 53.42 -40.16 -8.73
CA ALA F 83 54.82 -40.24 -9.14
C ALA F 83 55.71 -39.43 -8.21
N ASN F 84 55.26 -38.25 -7.81
CA ASN F 84 56.02 -37.40 -6.90
C ASN F 84 55.96 -37.93 -5.48
N HIS F 110 36.11 -25.44 -0.95
CA HIS F 110 35.02 -26.14 -1.62
C HIS F 110 35.09 -25.95 -3.12
N ARG F 111 35.42 -27.03 -3.84
CA ARG F 111 35.53 -27.01 -5.29
C ARG F 111 34.56 -28.03 -5.88
N THR F 112 33.99 -27.70 -7.03
CA THR F 112 33.06 -28.61 -7.68
C THR F 112 33.81 -29.82 -8.23
N LEU F 113 33.04 -30.88 -8.49
CA LEU F 113 33.58 -32.13 -9.02
C LEU F 113 33.34 -32.19 -10.52
N LEU F 114 34.30 -32.72 -11.25
CA LEU F 114 34.22 -32.87 -12.69
C LEU F 114 34.30 -34.34 -13.06
N TYR F 115 33.59 -34.71 -14.13
CA TYR F 115 33.62 -36.09 -14.59
C TYR F 115 35.03 -36.48 -15.00
N GLY F 116 35.42 -37.70 -14.65
CA GLY F 116 36.75 -38.20 -14.93
C GLY F 116 37.76 -37.89 -13.84
N HIS F 117 37.42 -37.08 -12.87
CA HIS F 117 38.31 -36.80 -11.76
C HIS F 117 38.25 -37.92 -10.72
N ALA F 118 39.35 -38.09 -9.99
CA ALA F 118 39.46 -39.10 -8.96
C ALA F 118 39.14 -38.46 -7.61
N ILE F 119 38.16 -39.00 -6.91
CA ILE F 119 37.72 -38.45 -5.65
C ILE F 119 38.31 -39.28 -4.51
N LEU F 120 38.21 -38.76 -3.29
CA LEU F 120 38.71 -39.42 -2.09
C LEU F 120 37.57 -39.48 -1.08
N LEU F 121 36.95 -40.65 -0.94
CA LEU F 121 35.82 -40.83 -0.04
C LEU F 121 36.31 -41.24 1.34
N ARG F 122 35.89 -40.48 2.36
CA ARG F 122 36.26 -40.74 3.74
C ARG F 122 35.00 -41.03 4.55
N HIS F 123 35.02 -42.11 5.31
CA HIS F 123 33.92 -42.40 6.22
C HIS F 123 33.79 -41.31 7.27
N SER F 124 32.55 -40.93 7.58
CA SER F 124 32.33 -39.83 8.51
C SER F 124 32.69 -40.23 9.94
N TYR F 125 32.00 -41.22 10.48
CA TYR F 125 32.25 -41.64 11.85
C TYR F 125 33.65 -42.23 12.01
N SER F 126 34.01 -43.17 11.14
CA SER F 126 35.30 -43.84 11.28
C SER F 126 36.45 -42.90 11.00
N GLY F 127 36.27 -41.96 10.07
CA GLY F 127 37.38 -41.17 9.60
C GLY F 127 38.34 -41.92 8.71
N MET F 128 38.04 -43.17 8.39
CA MET F 128 38.89 -44.03 7.59
C MET F 128 38.60 -43.70 6.13
N TYR F 129 39.29 -44.36 5.19
CA TYR F 129 39.17 -44.01 3.77
C TYR F 129 38.76 -45.21 2.93
N LEU F 130 37.78 -45.01 2.06
CA LEU F 130 37.27 -46.08 1.22
C LEU F 130 38.29 -46.46 0.16
N CYS F 131 38.37 -47.75 -0.15
CA CYS F 131 39.34 -48.28 -1.10
C CYS F 131 38.83 -49.61 -1.64
N CYS F 132 39.72 -50.34 -2.32
CA CYS F 132 39.45 -51.69 -2.82
C CYS F 132 40.44 -52.66 -2.17
N LEU F 133 39.95 -53.44 -1.22
CA LEU F 133 40.80 -54.43 -0.57
C LEU F 133 41.17 -55.54 -1.54
N SER F 134 42.42 -56.01 -1.44
CA SER F 134 42.89 -57.04 -2.35
C SER F 134 42.16 -58.36 -2.16
N THR F 135 41.72 -58.65 -0.95
CA THR F 135 41.04 -59.91 -0.67
C THR F 135 39.69 -59.96 -1.38
N SER F 136 39.31 -61.17 -1.80
CA SER F 136 38.03 -61.42 -2.46
C SER F 136 37.19 -62.31 -1.56
N ARG F 137 36.10 -61.76 -1.03
CA ARG F 137 35.24 -62.54 -0.14
C ARG F 137 34.40 -63.55 -0.91
N SER F 138 33.88 -63.14 -2.06
CA SER F 138 32.99 -64.00 -2.85
C SER F 138 33.79 -64.76 -3.89
N SER F 139 33.75 -66.09 -3.82
CA SER F 139 34.46 -66.90 -4.81
C SER F 139 33.78 -66.85 -6.17
N THR F 140 32.45 -66.73 -6.19
CA THR F 140 31.73 -66.69 -7.46
C THR F 140 32.13 -65.47 -8.29
N ASP F 141 32.29 -64.32 -7.63
CA ASP F 141 32.65 -63.09 -8.32
C ASP F 141 34.14 -63.14 -8.66
N LYS F 142 34.44 -63.80 -9.78
CA LYS F 142 35.82 -63.92 -10.23
C LYS F 142 36.37 -62.56 -10.65
N LEU F 143 37.65 -62.34 -10.36
CA LEU F 143 38.33 -61.08 -10.65
C LEU F 143 37.58 -59.90 -10.06
N ALA F 144 37.01 -60.11 -8.87
CA ALA F 144 36.28 -59.06 -8.15
C ALA F 144 36.86 -58.95 -6.75
N PHE F 145 37.33 -57.77 -6.39
CA PHE F 145 37.90 -57.52 -5.08
C PHE F 145 36.90 -56.80 -4.19
N ASP F 146 37.01 -57.04 -2.89
CA ASP F 146 36.13 -56.42 -1.93
C ASP F 146 36.46 -54.93 -1.79
N VAL F 147 35.47 -54.15 -1.38
CA VAL F 147 35.63 -52.73 -1.14
C VAL F 147 35.59 -52.49 0.37
N GLY F 148 36.62 -51.82 0.88
CA GLY F 148 36.75 -51.62 2.31
C GLY F 148 37.39 -50.30 2.67
N LEU F 149 37.93 -50.21 3.88
CA LEU F 149 38.52 -48.97 4.38
C LEU F 149 40.00 -49.19 4.66
N GLN F 150 40.83 -48.26 4.20
CA GLN F 150 42.26 -48.26 4.49
C GLN F 150 42.68 -46.89 5.00
N GLU F 151 43.75 -46.88 5.79
CA GLU F 151 44.30 -45.66 6.36
C GLU F 151 45.59 -45.21 5.69
N ASP F 152 46.17 -46.03 4.81
CA ASP F 152 47.43 -45.69 4.17
C ASP F 152 47.31 -44.42 3.34
N THR F 153 46.21 -44.29 2.58
CA THR F 153 45.88 -43.09 1.82
C THR F 153 47.03 -42.66 0.91
N THR F 154 47.66 -43.63 0.24
CA THR F 154 48.64 -43.31 -0.78
C THR F 154 48.56 -44.21 -2.00
N GLY F 155 47.60 -45.13 -2.06
CA GLY F 155 47.46 -46.02 -3.20
C GLY F 155 46.35 -45.56 -4.12
N GLU F 156 46.47 -45.94 -5.40
CA GLU F 156 45.46 -45.56 -6.38
C GLU F 156 44.12 -46.21 -6.07
N ALA F 157 44.13 -47.36 -5.39
CA ALA F 157 42.87 -48.03 -5.03
C ALA F 157 42.04 -47.19 -4.07
N CYS F 158 42.67 -46.30 -3.30
CA CYS F 158 41.90 -45.45 -2.39
C CYS F 158 41.06 -44.44 -3.16
N TRP F 159 41.56 -43.95 -4.29
CA TRP F 159 40.84 -42.96 -5.07
C TRP F 159 39.83 -43.62 -6.00
N TRP F 160 38.76 -42.88 -6.30
CA TRP F 160 37.70 -43.36 -7.16
C TRP F 160 37.37 -42.30 -8.20
N THR F 161 37.22 -42.73 -9.45
CA THR F 161 36.92 -41.85 -10.56
C THR F 161 35.42 -41.88 -10.85
N ILE F 162 34.83 -40.69 -10.98
CA ILE F 162 33.41 -40.54 -11.26
C ILE F 162 33.20 -40.41 -12.76
N HIS F 163 32.11 -40.96 -13.25
CA HIS F 163 31.81 -40.93 -14.68
C HIS F 163 30.33 -40.71 -14.90
N PRO F 164 29.97 -40.00 -15.97
CA PRO F 164 28.56 -39.68 -16.24
C PRO F 164 27.77 -40.87 -16.77
N ALA F 165 27.20 -41.67 -15.87
CA ALA F 165 26.42 -42.83 -16.29
C ALA F 165 25.35 -42.46 -17.30
N SER F 166 24.70 -41.31 -17.12
CA SER F 166 23.69 -40.86 -18.06
C SER F 166 24.32 -40.56 -19.41
N LYS F 167 23.72 -41.09 -20.47
CA LYS F 167 24.25 -40.86 -21.81
C LYS F 167 24.08 -39.41 -22.25
N GLN F 168 23.02 -38.75 -21.78
CA GLN F 168 22.79 -37.36 -22.15
C GLN F 168 23.93 -36.47 -21.68
N ARG F 169 24.41 -36.69 -20.46
CA ARG F 169 25.56 -35.93 -19.97
C ARG F 169 26.85 -36.49 -20.53
N SER F 170 27.89 -35.66 -20.52
CA SER F 170 29.18 -36.01 -21.09
C SER F 170 30.29 -35.65 -20.12
N GLU F 171 31.47 -36.23 -20.36
CA GLU F 171 32.63 -35.96 -19.53
C GLU F 171 33.04 -34.50 -19.64
N GLY F 172 33.55 -33.96 -18.53
CA GLY F 172 33.92 -32.57 -18.47
C GLY F 172 32.84 -31.64 -17.98
N GLU F 173 31.63 -32.14 -17.75
CA GLU F 173 30.55 -31.34 -17.21
C GLU F 173 30.63 -31.32 -15.68
N LYS F 174 29.84 -30.44 -15.08
CA LYS F 174 29.81 -30.34 -13.63
C LYS F 174 29.20 -31.61 -13.02
N VAL F 175 29.41 -31.76 -11.73
CA VAL F 175 29.01 -33.00 -11.05
C VAL F 175 27.49 -33.08 -10.99
N ARG F 176 26.96 -34.24 -11.35
CA ARG F 176 25.54 -34.52 -11.21
C ARG F 176 25.16 -34.56 -9.74
N VAL F 177 23.91 -34.17 -9.45
CA VAL F 177 23.41 -34.09 -8.09
C VAL F 177 22.14 -34.92 -7.98
N GLY F 178 22.08 -35.77 -6.97
CA GLY F 178 20.89 -36.58 -6.72
C GLY F 178 20.50 -37.47 -7.88
N ASP F 179 21.48 -38.08 -8.53
CA ASP F 179 21.22 -38.91 -9.70
C ASP F 179 22.33 -39.95 -9.80
N ASP F 180 22.20 -40.87 -10.75
CA ASP F 180 23.05 -42.04 -10.84
C ASP F 180 24.29 -41.74 -11.69
N LEU F 181 25.47 -42.04 -11.13
CA LEU F 181 26.73 -41.96 -11.86
C LEU F 181 27.49 -43.28 -11.73
N ILE F 182 28.73 -43.32 -12.22
CA ILE F 182 29.54 -44.53 -12.17
C ILE F 182 30.82 -44.25 -11.39
N LEU F 183 31.20 -45.16 -10.51
CA LEU F 183 32.46 -45.08 -9.78
C LEU F 183 33.37 -46.21 -10.24
N VAL F 184 34.60 -45.85 -10.62
CA VAL F 184 35.59 -46.80 -11.10
C VAL F 184 36.85 -46.68 -10.26
N SER F 185 37.38 -47.82 -9.82
CA SER F 185 38.64 -47.81 -9.09
C SER F 185 39.79 -47.38 -10.01
N VAL F 186 40.68 -46.56 -9.46
CA VAL F 186 41.78 -46.04 -10.27
C VAL F 186 42.76 -47.16 -10.62
N SER F 187 43.14 -47.97 -9.64
CA SER F 187 44.12 -49.03 -9.87
C SER F 187 43.47 -50.32 -10.35
N SER F 188 42.48 -50.83 -9.59
CA SER F 188 41.86 -52.10 -9.93
C SER F 188 41.07 -52.02 -11.23
N GLU F 189 40.69 -50.82 -11.67
CA GLU F 189 39.94 -50.63 -12.91
C GLU F 189 38.64 -51.44 -12.92
N ARG F 190 37.97 -51.48 -11.77
CA ARG F 190 36.71 -52.18 -11.62
C ARG F 190 35.63 -51.22 -11.12
N TYR F 191 34.44 -51.33 -11.70
CA TYR F 191 33.33 -50.52 -11.26
C TYR F 191 32.86 -50.95 -9.88
N LEU F 192 32.19 -50.02 -9.19
CA LEU F 192 31.61 -50.31 -7.88
C LEU F 192 30.34 -51.13 -8.08
N HIS F 193 30.55 -52.39 -8.49
CA HIS F 193 29.44 -53.26 -8.84
C HIS F 193 28.67 -53.67 -7.59
N LEU F 194 27.36 -53.82 -7.74
CA LEU F 194 26.50 -54.33 -6.68
C LEU F 194 26.25 -55.81 -6.97
N SER F 195 26.85 -56.68 -6.15
CA SER F 195 26.64 -58.11 -6.29
C SER F 195 25.28 -58.49 -5.71
N TYR F 196 24.51 -59.26 -6.47
CA TYR F 196 23.19 -59.68 -6.03
C TYR F 196 23.36 -60.74 -4.95
N GLY F 197 22.93 -60.40 -3.73
CA GLY F 197 22.95 -61.35 -2.63
C GLY F 197 21.57 -61.92 -2.41
N ASN F 198 21.48 -63.25 -2.41
CA ASN F 198 20.19 -63.91 -2.22
C ASN F 198 19.62 -63.58 -0.84
N SER F 199 20.45 -63.60 0.19
CA SER F 199 20.02 -63.23 1.53
C SER F 199 20.12 -61.72 1.76
N SER F 200 21.16 -61.10 1.22
CA SER F 200 21.35 -59.65 1.38
C SER F 200 22.31 -59.17 0.30
N TRP F 201 21.93 -58.10 -0.37
CA TRP F 201 22.79 -57.54 -1.42
C TRP F 201 24.09 -57.02 -0.81
N HIS F 202 25.20 -57.26 -1.50
CA HIS F 202 26.51 -56.86 -1.04
C HIS F 202 27.28 -56.19 -2.17
N VAL F 203 28.10 -55.22 -1.80
CA VAL F 203 28.90 -54.46 -2.76
C VAL F 203 30.20 -55.21 -3.01
N ASP F 204 30.67 -55.17 -4.25
CA ASP F 204 31.92 -55.84 -4.63
C ASP F 204 32.42 -55.21 -5.91
N ALA F 205 33.65 -54.70 -5.89
CA ALA F 205 34.24 -54.05 -7.05
C ALA F 205 34.45 -55.10 -8.14
N ALA F 206 33.64 -55.01 -9.21
CA ALA F 206 33.73 -55.96 -10.31
C ALA F 206 33.73 -55.23 -11.64
N PHE F 207 33.62 -55.99 -12.75
CA PHE F 207 33.64 -55.43 -14.10
C PHE F 207 32.24 -55.22 -14.67
N GLN F 208 31.26 -54.94 -13.81
CA GLN F 208 29.89 -54.72 -14.25
C GLN F 208 29.39 -53.39 -13.71
N GLN F 209 28.67 -52.66 -14.55
CA GLN F 209 28.17 -51.34 -14.18
C GLN F 209 27.14 -51.44 -13.07
N THR F 210 27.12 -50.42 -12.21
CA THR F 210 26.12 -50.30 -11.16
C THR F 210 25.83 -48.83 -10.94
N LEU F 211 24.54 -48.48 -10.93
CA LEU F 211 24.11 -47.09 -10.86
C LEU F 211 24.08 -46.65 -9.40
N TRP F 212 24.84 -45.61 -9.08
CA TRP F 212 24.95 -45.12 -7.70
C TRP F 212 24.47 -43.68 -7.65
N SER F 213 23.58 -43.39 -6.70
CA SER F 213 23.02 -42.07 -6.51
C SER F 213 23.64 -41.41 -5.29
N VAL F 214 23.99 -40.14 -5.43
CA VAL F 214 24.56 -39.37 -4.33
C VAL F 214 23.46 -38.64 -3.59
N ALA F 215 23.76 -38.24 -2.35
CA ALA F 215 22.81 -37.52 -1.52
C ALA F 215 23.51 -36.44 -0.72
N PRO F 216 23.30 -35.17 -1.03
CA PRO F 216 24.01 -34.10 -0.34
C PRO F 216 23.49 -33.87 1.07
N ILE F 217 24.01 -34.62 2.04
CA ILE F 217 23.56 -34.47 3.43
C ILE F 217 23.89 -33.09 3.95
N SER F 218 25.13 -32.64 3.73
CA SER F 218 25.56 -31.33 4.23
C SER F 218 26.62 -30.77 3.30
N SER F 219 26.47 -29.49 2.95
CA SER F 219 27.46 -28.81 2.13
C SER F 219 28.66 -28.32 2.92
N GLY F 220 28.56 -28.28 4.25
CA GLY F 220 29.69 -27.85 5.07
C GLY F 220 29.92 -26.36 5.16
N SER F 221 30.07 -25.68 4.02
CA SER F 221 30.32 -24.25 4.04
C SER F 221 29.14 -23.48 4.61
N GLU F 222 27.92 -23.88 4.27
CA GLU F 222 26.72 -23.17 4.73
C GLU F 222 26.38 -23.47 6.19
N ALA F 223 27.04 -24.45 6.81
CA ALA F 223 26.78 -24.74 8.21
C ALA F 223 27.23 -23.59 9.09
N ALA F 224 26.43 -23.30 10.11
CA ALA F 224 26.70 -22.20 11.04
C ALA F 224 26.89 -22.76 12.44
N GLN F 225 27.97 -22.32 13.09
CA GLN F 225 28.24 -22.76 14.45
C GLN F 225 27.22 -22.17 15.42
N GLY F 226 26.99 -22.89 16.51
CA GLY F 226 26.04 -22.45 17.52
C GLY F 226 24.59 -22.66 17.16
N TYR F 227 24.30 -23.46 16.14
CA TYR F 227 22.92 -23.73 15.73
C TYR F 227 22.71 -25.23 15.69
N LEU F 228 21.49 -25.65 15.99
CA LEU F 228 21.17 -27.07 16.01
C LEU F 228 21.24 -27.63 14.60
N ILE F 229 21.98 -28.72 14.43
CA ILE F 229 22.21 -29.34 13.13
C ILE F 229 21.76 -30.79 13.21
N GLY F 230 21.03 -31.24 12.18
CA GLY F 230 20.57 -32.61 12.15
C GLY F 230 21.72 -33.60 12.08
N GLY F 231 21.44 -34.82 12.53
CA GLY F 231 22.46 -35.85 12.59
C GLY F 231 23.57 -35.53 13.57
N ASP F 232 23.22 -35.07 14.77
CA ASP F 232 24.19 -34.65 15.76
C ASP F 232 23.86 -35.27 17.11
N VAL F 233 24.90 -35.46 17.91
CA VAL F 233 24.78 -35.97 19.28
C VAL F 233 24.97 -34.83 20.25
N LEU F 234 24.16 -34.80 21.29
CA LEU F 234 24.14 -33.69 22.24
C LEU F 234 23.50 -34.16 23.53
N ARG F 235 23.63 -33.33 24.56
CA ARG F 235 22.99 -33.60 25.84
C ARG F 235 21.79 -32.69 26.06
N LEU F 236 20.77 -33.25 26.71
CA LEU F 236 19.55 -32.56 27.09
C LEU F 236 19.66 -32.21 28.56
N LEU F 237 19.95 -30.95 28.86
CA LEU F 237 20.10 -30.50 30.24
C LEU F 237 18.95 -29.57 30.58
N HIS F 238 18.72 -29.40 31.86
CA HIS F 238 17.76 -28.39 32.30
C HIS F 238 18.46 -27.05 32.54
N GLY F 239 17.65 -26.00 32.63
CA GLY F 239 18.19 -24.67 32.85
C GLY F 239 18.87 -24.50 34.19
N HIS F 240 18.25 -25.01 35.26
CA HIS F 240 18.84 -24.98 36.60
C HIS F 240 19.04 -26.36 37.19
N MET F 241 18.02 -27.23 37.09
CA MET F 241 18.15 -28.58 37.63
C MET F 241 19.26 -29.37 36.95
N ASP F 242 19.54 -29.03 35.68
CA ASP F 242 20.71 -29.53 34.93
C ASP F 242 20.84 -31.04 34.97
N GLU F 243 19.72 -31.74 35.11
CA GLU F 243 19.73 -33.20 35.26
C GLU F 243 19.46 -33.81 33.89
N CYS F 244 20.50 -34.31 33.24
CA CYS F 244 20.40 -34.82 31.89
C CYS F 244 19.50 -36.06 31.84
N LEU F 245 18.88 -36.27 30.68
CA LEU F 245 18.01 -37.42 30.46
C LEU F 245 18.87 -38.67 30.35
N THR F 246 19.22 -39.24 31.50
CA THR F 246 20.10 -40.39 31.56
C THR F 246 19.29 -41.66 31.77
N VAL F 247 19.93 -42.80 31.52
CA VAL F 247 19.32 -44.10 31.74
C VAL F 247 20.25 -44.91 32.62
N PRO F 248 19.74 -45.95 33.29
CA PRO F 248 20.61 -46.78 34.13
C PRO F 248 21.78 -47.34 33.34
N SER F 249 22.93 -47.44 34.00
CA SER F 249 24.14 -47.94 33.36
C SER F 249 24.11 -49.47 33.35
N GLY F 250 25.25 -50.08 33.02
CA GLY F 250 25.34 -51.53 32.93
C GLY F 250 25.27 -52.23 34.26
N GLU F 251 25.00 -51.48 35.33
CA GLU F 251 24.85 -52.09 36.65
C GLU F 251 23.67 -53.04 36.68
N HIS F 252 22.56 -52.68 36.06
CA HIS F 252 21.42 -53.57 35.88
C HIS F 252 21.31 -53.98 34.43
N GLY F 253 20.27 -54.77 34.12
CA GLY F 253 20.05 -55.23 32.78
C GLY F 253 19.47 -54.16 31.87
N GLU F 254 19.50 -54.45 30.57
CA GLU F 254 19.01 -53.50 29.59
C GLU F 254 17.52 -53.23 29.76
N GLU F 255 16.77 -54.20 30.26
CA GLU F 255 15.36 -53.96 30.55
C GLU F 255 15.19 -52.89 31.62
N GLN F 256 16.11 -52.82 32.59
CA GLN F 256 16.10 -51.73 33.54
C GLN F 256 16.64 -50.44 32.94
N ARG F 257 17.63 -50.55 32.05
CA ARG F 257 18.18 -49.36 31.40
C ARG F 257 17.22 -48.74 30.40
N ARG F 258 16.14 -49.44 30.02
CA ARG F 258 15.20 -48.93 29.05
C ARG F 258 14.42 -47.72 29.53
N THR F 259 14.49 -47.38 30.82
CA THR F 259 13.75 -46.26 31.37
C THR F 259 14.63 -45.02 31.42
N VAL F 260 14.07 -43.89 31.01
CA VAL F 260 14.76 -42.61 31.09
C VAL F 260 14.42 -41.95 32.42
N HIS F 261 15.30 -41.06 32.86
CA HIS F 261 15.11 -40.32 34.10
C HIS F 261 16.08 -39.14 34.09
N TYR F 262 16.20 -38.48 35.23
CA TYR F 262 17.05 -37.30 35.39
C TYR F 262 17.99 -37.54 36.57
N GLU F 263 19.29 -37.47 36.31
CA GLU F 263 20.32 -37.60 37.33
C GLU F 263 21.26 -36.42 37.24
N GLY F 264 21.55 -35.80 38.38
CA GLY F 264 22.45 -34.66 38.41
C GLY F 264 23.82 -34.99 38.98
N GLY F 265 24.80 -34.16 38.67
CA GLY F 265 26.14 -34.35 39.19
C GLY F 265 27.15 -34.77 38.14
N ALA F 266 27.97 -35.76 38.48
CA ALA F 266 28.98 -36.26 37.56
C ALA F 266 28.37 -37.05 36.40
N VAL F 267 27.08 -37.35 36.45
CA VAL F 267 26.43 -38.11 35.39
C VAL F 267 26.40 -37.34 34.08
N SER F 268 26.54 -36.01 34.14
CA SER F 268 26.51 -35.21 32.92
C SER F 268 27.64 -35.57 31.98
N VAL F 269 28.85 -35.76 32.50
CA VAL F 269 30.00 -36.05 31.64
C VAL F 269 30.07 -37.51 31.22
N HIS F 270 29.22 -38.37 31.77
CA HIS F 270 29.24 -39.77 31.37
C HIS F 270 28.72 -39.93 29.95
N ALA F 271 29.14 -41.02 29.31
CA ALA F 271 28.77 -41.27 27.92
C ALA F 271 27.34 -41.77 27.78
N ARG F 272 26.65 -42.10 28.87
CA ARG F 272 25.28 -42.56 28.81
C ARG F 272 24.28 -41.41 28.86
N SER F 273 24.75 -40.17 28.87
CA SER F 273 23.88 -38.99 28.87
C SER F 273 23.86 -38.31 27.51
N LEU F 274 24.06 -39.07 26.44
CA LEU F 274 24.16 -38.53 25.09
C LEU F 274 22.98 -39.01 24.26
N TRP F 275 22.35 -38.09 23.53
CA TRP F 275 21.24 -38.41 22.65
C TRP F 275 21.58 -37.92 21.25
N ARG F 276 21.31 -38.76 20.26
CA ARG F 276 21.58 -38.45 18.87
C ARG F 276 20.26 -38.17 18.15
N LEU F 277 20.24 -37.09 17.37
CA LEU F 277 19.07 -36.70 16.60
C LEU F 277 19.20 -37.25 15.18
N GLU F 278 18.15 -37.93 14.71
CA GLU F 278 18.11 -38.45 13.36
C GLU F 278 16.91 -37.86 12.64
N THR F 279 17.16 -37.15 11.54
CA THR F 279 16.07 -36.57 10.78
C THR F 279 15.30 -37.65 10.03
N LEU F 280 13.98 -37.51 9.97
CA LEU F 280 13.16 -38.51 9.31
C LEU F 280 13.51 -38.64 7.84
N ARG F 281 13.70 -37.51 7.14
CA ARG F 281 14.07 -37.54 5.74
C ARG F 281 15.51 -38.01 5.59
N VAL F 282 15.79 -38.66 4.46
CA VAL F 282 17.12 -39.22 4.21
C VAL F 282 18.03 -38.21 3.53
N ALA F 283 17.52 -37.51 2.51
CA ALA F 283 18.32 -36.50 1.82
C ALA F 283 18.40 -35.23 2.65
N TRP F 284 19.57 -34.60 2.64
CA TRP F 284 19.81 -33.35 3.36
C TRP F 284 19.49 -33.50 4.86
N SER F 285 19.87 -34.64 5.42
CA SER F 285 19.63 -34.90 6.83
C SER F 285 20.51 -34.04 7.74
N GLY F 286 21.52 -33.37 7.19
CA GLY F 286 22.41 -32.55 7.98
C GLY F 286 22.00 -31.09 8.01
N SER F 287 20.76 -30.80 7.62
CA SER F 287 20.27 -29.44 7.65
C SER F 287 19.97 -29.00 9.08
N HIS F 288 19.82 -27.69 9.26
CA HIS F 288 19.49 -27.15 10.57
C HIS F 288 18.09 -27.58 10.97
N ILE F 289 17.95 -27.97 12.24
CA ILE F 289 16.66 -28.44 12.75
C ILE F 289 15.75 -27.25 12.96
N ARG F 290 14.52 -27.35 12.46
CA ARG F 290 13.51 -26.31 12.58
C ARG F 290 12.52 -26.67 13.68
N TRP F 291 11.86 -25.64 14.21
CA TRP F 291 10.86 -25.87 15.25
C TRP F 291 9.70 -26.68 14.68
N GLY F 292 9.28 -27.70 15.43
CA GLY F 292 8.19 -28.56 15.00
C GLY F 292 8.58 -29.63 14.02
N GLN F 293 9.85 -29.70 13.62
CA GLN F 293 10.29 -30.73 12.69
C GLN F 293 10.43 -32.05 13.42
N PRO F 294 9.78 -33.12 12.96
CA PRO F 294 9.92 -34.41 13.63
C PRO F 294 11.33 -34.96 13.50
N PHE F 295 11.73 -35.71 14.52
CA PHE F 295 13.05 -36.33 14.53
C PHE F 295 13.02 -37.56 15.44
N ARG F 296 14.12 -38.31 15.42
CA ARG F 296 14.26 -39.55 16.16
C ARG F 296 15.37 -39.38 17.19
N LEU F 297 15.08 -39.74 18.43
CA LEU F 297 16.07 -39.72 19.50
C LEU F 297 16.66 -41.11 19.67
N ARG F 298 17.99 -41.18 19.65
CA ARG F 298 18.69 -42.45 19.81
C ARG F 298 19.70 -42.33 20.93
N HIS F 299 19.89 -43.43 21.67
CA HIS F 299 20.88 -43.48 22.75
C HIS F 299 22.14 -44.12 22.20
N VAL F 300 23.18 -43.31 22.01
CA VAL F 300 24.40 -43.81 21.38
C VAL F 300 25.07 -44.87 22.24
N THR F 301 24.86 -44.84 23.56
CA THR F 301 25.50 -45.82 24.43
C THR F 301 24.93 -47.21 24.22
N THR F 302 23.61 -47.32 24.11
CA THR F 302 22.95 -48.61 23.96
C THR F 302 22.42 -48.87 22.56
N GLY F 303 22.32 -47.85 21.72
CA GLY F 303 21.86 -48.05 20.35
C GLY F 303 20.36 -48.17 20.19
N LYS F 304 19.58 -47.87 21.22
CA LYS F 304 18.13 -47.98 21.17
C LYS F 304 17.49 -46.63 20.94
N TYR F 305 16.41 -46.61 20.18
CA TYR F 305 15.66 -45.39 19.93
C TYR F 305 14.59 -45.21 21.00
N LEU F 306 14.36 -43.95 21.36
CA LEU F 306 13.40 -43.60 22.39
C LEU F 306 12.01 -43.46 21.78
N SER F 307 10.99 -43.88 22.53
CA SER F 307 9.62 -43.84 22.04
C SER F 307 8.66 -43.64 23.20
N LEU F 308 7.46 -43.19 22.85
CA LEU F 308 6.41 -42.87 23.81
C LEU F 308 5.20 -43.76 23.55
N MET F 309 4.82 -44.55 24.55
CA MET F 309 3.55 -45.24 24.58
C MET F 309 2.64 -44.55 25.58
N GLU F 310 1.36 -44.40 25.22
CA GLU F 310 0.43 -43.65 26.05
C GLU F 310 0.23 -44.31 27.41
N ASP F 311 0.35 -45.63 27.48
CA ASP F 311 0.11 -46.36 28.72
C ASP F 311 1.31 -46.38 29.65
N LYS F 312 2.43 -45.80 29.25
CA LYS F 312 3.64 -45.80 30.06
C LYS F 312 4.42 -44.52 29.79
N ASN F 313 5.67 -44.49 30.22
CA ASN F 313 6.54 -43.34 30.01
C ASN F 313 7.48 -43.63 28.83
N LEU F 314 8.43 -42.74 28.60
CA LEU F 314 9.38 -42.93 27.50
C LEU F 314 10.23 -44.17 27.75
N LEU F 315 10.32 -45.03 26.74
CA LEU F 315 11.14 -46.23 26.82
C LEU F 315 11.97 -46.39 25.55
N LEU F 316 13.07 -47.10 25.67
CA LEU F 316 14.00 -47.31 24.57
C LEU F 316 13.82 -48.73 24.02
N MET F 317 13.68 -48.82 22.69
CA MET F 317 13.60 -50.11 22.02
C MET F 317 14.52 -50.10 20.80
N ASP F 318 14.90 -51.29 20.35
CA ASP F 318 15.79 -51.42 19.22
C ASP F 318 15.13 -50.91 17.95
N LYS F 319 15.96 -50.71 16.92
CA LYS F 319 15.47 -50.15 15.66
C LYS F 319 14.49 -51.08 14.95
N GLU F 320 14.46 -52.36 15.32
CA GLU F 320 13.55 -53.29 14.65
C GLU F 320 12.10 -52.90 14.86
N LYS F 321 11.75 -52.48 16.08
CA LYS F 321 10.37 -52.13 16.42
C LYS F 321 10.24 -50.66 16.77
N ALA F 322 11.05 -49.81 16.16
CA ALA F 322 11.01 -48.37 16.41
C ALA F 322 10.25 -47.70 15.26
N ASP F 323 8.93 -47.69 15.38
CA ASP F 323 8.08 -47.06 14.37
C ASP F 323 8.13 -45.54 14.50
N VAL F 324 7.86 -44.87 13.39
CA VAL F 324 7.90 -43.41 13.37
C VAL F 324 6.81 -42.83 14.26
N LYS F 325 5.61 -43.42 14.22
CA LYS F 325 4.49 -42.88 14.98
C LYS F 325 4.72 -42.91 16.48
N SER F 326 5.68 -43.70 16.96
CA SER F 326 6.03 -43.73 18.37
C SER F 326 7.37 -43.09 18.68
N THR F 327 8.29 -43.04 17.71
CA THR F 327 9.63 -42.53 17.94
C THR F 327 9.83 -41.12 17.42
N ALA F 328 8.79 -40.48 16.88
CA ALA F 328 8.92 -39.15 16.31
C ALA F 328 8.63 -38.10 17.38
N PHE F 329 9.57 -37.16 17.54
CA PHE F 329 9.43 -36.07 18.49
C PHE F 329 9.90 -34.78 17.82
N ALA F 330 9.41 -33.66 18.35
CA ALA F 330 9.73 -32.35 17.77
C ALA F 330 9.98 -31.35 18.89
N PHE F 331 10.78 -30.33 18.57
CA PHE F 331 11.07 -29.26 19.51
C PHE F 331 10.10 -28.10 19.30
N ARG F 332 9.67 -27.50 20.41
CA ARG F 332 8.75 -26.37 20.37
C ARG F 332 9.31 -25.23 21.21
N SER F 333 9.16 -24.01 20.69
CA SER F 333 9.68 -22.84 21.39
C SER F 333 8.86 -22.52 22.63
N SER F 334 7.56 -22.78 22.60
CA SER F 334 6.67 -22.47 23.71
C SER F 334 5.99 -23.74 24.20
N LYS F 335 5.65 -23.75 25.49
CA LYS F 335 4.98 -24.91 26.07
C LYS F 335 3.61 -25.14 25.44
N GLU F 336 2.89 -24.05 25.17
CA GLU F 336 1.58 -24.18 24.54
C GLU F 336 1.71 -24.68 23.11
N LYS F 337 0.67 -25.35 22.64
CA LYS F 337 0.67 -26.02 21.34
C LYS F 337 0.00 -25.13 20.30
N LEU F 338 0.70 -24.86 19.22
CA LEU F 338 0.19 -24.09 18.08
C LEU F 338 0.13 -24.98 16.85
N ASP F 339 -0.58 -24.50 15.83
CA ASP F 339 -0.69 -25.24 14.59
C ASP F 339 0.65 -25.36 13.90
N VAL F 340 0.83 -26.46 13.17
CA VAL F 340 2.08 -26.75 12.46
C VAL F 340 1.86 -26.37 11.00
N GLY F 341 2.20 -25.12 10.68
CA GLY F 341 2.14 -24.62 9.33
C GLY F 341 3.48 -24.46 8.64
N VAL F 342 4.55 -25.04 9.18
CA VAL F 342 5.88 -24.87 8.63
C VAL F 342 6.03 -25.68 7.35
N ARG F 343 7.09 -25.39 6.59
CA ARG F 343 7.35 -26.11 5.36
C ARG F 343 7.71 -27.57 5.67
N LYS F 344 7.12 -28.50 4.92
CA LYS F 344 7.35 -29.92 5.17
C LYS F 344 8.81 -30.30 4.91
N GLU F 345 9.38 -29.80 3.82
CA GLU F 345 10.76 -30.15 3.45
C GLU F 345 11.44 -28.90 2.91
N VAL F 346 12.55 -28.53 3.53
CA VAL F 346 13.35 -27.39 3.10
C VAL F 346 14.65 -27.92 2.52
N ASP F 347 14.90 -27.62 1.24
CA ASP F 347 16.11 -28.07 0.59
C ASP F 347 17.31 -27.31 1.13
N GLY F 348 18.47 -27.98 1.15
CA GLY F 348 19.67 -27.38 1.67
C GLY F 348 19.65 -27.31 3.19
N MET F 349 20.58 -26.51 3.72
CA MET F 349 20.63 -26.31 5.17
C MET F 349 19.36 -25.62 5.67
N GLY F 350 18.87 -24.64 4.93
CA GLY F 350 17.66 -23.95 5.31
C GLY F 350 17.89 -22.96 6.43
N THR F 351 16.78 -22.39 6.91
CA THR F 351 16.83 -21.42 7.98
C THR F 351 17.28 -22.07 9.28
N SER F 352 18.17 -21.38 10.00
CA SER F 352 18.71 -21.88 11.27
C SER F 352 17.82 -21.37 12.39
N GLU F 353 16.74 -22.11 12.66
CA GLU F 353 15.78 -21.68 13.67
C GLU F 353 16.29 -21.98 15.08
N ILE F 354 16.51 -23.26 15.38
CA ILE F 354 16.92 -23.67 16.73
C ILE F 354 18.42 -23.47 16.87
N LYS F 355 18.82 -22.73 17.89
CA LYS F 355 20.23 -22.54 18.18
C LYS F 355 20.75 -23.68 19.05
N TYR F 356 22.06 -23.90 18.98
CA TYR F 356 22.70 -24.94 19.78
C TYR F 356 23.08 -24.47 21.16
N GLY F 357 23.22 -23.16 21.36
CA GLY F 357 23.66 -22.61 22.63
C GLY F 357 22.58 -22.55 23.68
N ASP F 358 22.14 -23.72 24.15
CA ASP F 358 21.17 -23.83 25.23
C ASP F 358 19.87 -23.09 24.91
N SER F 359 19.43 -23.21 23.65
CA SER F 359 18.16 -22.61 23.26
C SER F 359 17.01 -23.35 23.91
N ILE F 360 16.09 -22.60 24.53
CA ILE F 360 14.99 -23.19 25.26
C ILE F 360 14.05 -23.89 24.28
N CYS F 361 13.72 -25.14 24.58
CA CYS F 361 12.85 -25.92 23.72
C CYS F 361 12.06 -26.92 24.55
N TYR F 362 10.96 -27.40 23.98
CA TYR F 362 10.11 -28.40 24.64
C TYR F 362 9.86 -29.53 23.65
N ILE F 363 10.04 -30.76 24.10
CA ILE F 363 9.84 -31.94 23.27
C ILE F 363 8.38 -32.36 23.35
N GLN F 364 7.75 -32.52 22.19
CA GLN F 364 6.35 -32.92 22.11
C GLN F 364 6.21 -34.03 21.08
N HIS F 365 5.49 -35.08 21.44
CA HIS F 365 5.28 -36.20 20.52
C HIS F 365 4.23 -35.82 19.48
N VAL F 366 4.47 -36.26 18.23
CA VAL F 366 3.57 -35.87 17.15
C VAL F 366 2.22 -36.56 17.28
N ASP F 367 2.19 -37.78 17.83
CA ASP F 367 0.95 -38.55 17.87
C ASP F 367 0.00 -38.03 18.95
N THR F 368 0.43 -38.09 20.21
CA THR F 368 -0.43 -37.72 21.32
C THR F 368 -0.30 -36.26 21.72
N GLY F 369 0.75 -35.57 21.29
CA GLY F 369 0.91 -34.17 21.61
C GLY F 369 1.09 -33.86 23.08
N LEU F 370 1.82 -34.70 23.80
CA LEU F 370 2.08 -34.46 25.20
C LEU F 370 3.28 -33.52 25.35
N TRP F 371 3.71 -33.30 26.59
CA TRP F 371 4.82 -32.41 26.89
C TRP F 371 5.64 -32.96 28.05
N LEU F 372 6.85 -32.46 28.17
CA LEU F 372 7.77 -32.95 29.21
C LEU F 372 7.33 -32.48 30.59
N THR F 373 7.43 -33.37 31.56
CA THR F 373 7.05 -33.08 32.94
C THR F 373 8.11 -33.65 33.87
N TYR F 374 8.44 -32.89 34.92
CA TYR F 374 9.43 -33.30 35.90
C TYR F 374 8.87 -33.14 37.30
N GLN F 375 9.33 -33.98 38.21
CA GLN F 375 8.85 -33.94 39.60
C GLN F 375 9.82 -34.65 40.53
N ILE F 387 20.76 -37.00 41.90
CA ILE F 387 19.31 -37.02 42.10
C ILE F 387 18.67 -38.08 41.21
N GLN F 388 17.38 -38.32 41.42
CA GLN F 388 16.62 -39.28 40.64
C GLN F 388 15.23 -38.70 40.40
N ARG F 389 15.04 -38.05 39.26
CA ARG F 389 13.77 -37.42 38.93
C ARG F 389 13.14 -38.16 37.76
N LYS F 390 11.91 -38.63 37.94
CA LYS F 390 11.23 -39.35 36.87
C LYS F 390 10.80 -38.38 35.78
N ALA F 391 11.09 -38.73 34.52
CA ALA F 391 10.77 -37.87 33.39
C ALA F 391 9.36 -38.23 32.90
N ILE F 392 8.36 -37.70 33.62
CA ILE F 392 6.97 -37.95 33.27
C ILE F 392 6.61 -37.21 31.99
N MET F 393 5.77 -37.83 31.16
CA MET F 393 5.39 -37.30 29.86
C MET F 393 3.90 -36.97 29.93
N HIS F 394 3.56 -35.75 30.35
CA HIS F 394 2.16 -35.38 30.53
C HIS F 394 1.91 -34.02 29.90
N HIS F 395 0.68 -33.84 29.39
CA HIS F 395 0.41 -32.72 28.50
C HIS F 395 0.55 -31.37 29.19
N GLU F 396 0.10 -31.25 30.44
CA GLU F 396 0.21 -29.95 31.11
C GLU F 396 1.66 -29.56 31.37
N GLY F 397 2.57 -30.53 31.36
CA GLY F 397 3.98 -30.19 31.49
C GLY F 397 4.31 -29.65 32.86
N HIS F 398 5.05 -28.54 32.88
CA HIS F 398 5.46 -27.91 34.12
C HIS F 398 5.80 -26.46 33.81
N MET F 399 5.88 -25.66 34.88
CA MET F 399 6.20 -24.24 34.71
C MET F 399 7.59 -24.05 34.11
N ASP F 400 8.57 -24.82 34.57
CA ASP F 400 9.95 -24.72 34.11
C ASP F 400 10.32 -26.03 33.40
N ASP F 401 10.26 -26.01 32.07
CA ASP F 401 10.62 -27.17 31.25
C ASP F 401 11.62 -26.80 30.15
N GLY F 402 12.37 -25.73 30.32
CA GLY F 402 13.36 -25.37 29.33
C GLY F 402 14.47 -26.40 29.23
N LEU F 403 14.99 -26.56 28.02
CA LEU F 403 16.04 -27.52 27.74
C LEU F 403 17.26 -26.80 27.16
N ASN F 404 18.43 -27.22 27.60
CA ASN F 404 19.70 -26.70 27.13
C ASN F 404 20.40 -27.80 26.34
N LEU F 405 20.96 -27.41 25.20
CA LEU F 405 21.63 -28.34 24.30
C LEU F 405 23.14 -28.19 24.49
N SER F 406 23.80 -29.28 24.87
CA SER F 406 25.25 -29.31 25.06
C SER F 406 25.88 -30.08 23.92
N ARG F 407 26.87 -29.45 23.26
CA ARG F 407 27.47 -30.03 22.07
C ARG F 407 28.19 -31.35 22.37
N SER F 408 28.66 -31.52 23.59
CA SER F 408 29.57 -32.62 23.96
C SER F 408 30.82 -32.48 23.08
N GLN F 409 31.43 -33.60 22.72
CA GLN F 409 32.65 -33.58 21.93
C GLN F 409 32.57 -34.63 20.83
N HIS F 410 33.23 -34.36 19.71
CA HIS F 410 33.31 -35.36 18.65
C HIS F 410 34.08 -36.59 19.12
N GLU F 411 35.16 -36.37 19.89
CA GLU F 411 35.89 -37.50 20.46
C GLU F 411 35.01 -38.28 21.43
N GLU F 412 34.20 -37.58 22.23
CA GLU F 412 33.28 -38.27 23.12
C GLU F 412 32.27 -39.08 22.34
N SER F 413 31.77 -38.54 21.23
CA SER F 413 30.79 -39.26 20.42
C SER F 413 31.38 -40.52 19.82
N ARG F 414 32.57 -40.41 19.22
CA ARG F 414 33.18 -41.60 18.63
C ARG F 414 33.54 -42.62 19.72
N THR F 415 33.97 -42.14 20.89
CA THR F 415 34.26 -43.05 21.99
C THR F 415 33.00 -43.78 22.42
N ALA F 416 31.87 -43.07 22.50
CA ALA F 416 30.61 -43.72 22.88
C ALA F 416 30.20 -44.76 21.86
N ARG F 417 30.34 -44.45 20.57
CA ARG F 417 29.98 -45.44 19.55
C ARG F 417 30.91 -46.65 19.61
N VAL F 418 32.20 -46.41 19.85
CA VAL F 418 33.14 -47.52 20.01
C VAL F 418 32.74 -48.37 21.23
N ILE F 419 32.33 -47.72 22.31
CA ILE F 419 31.90 -48.45 23.50
C ILE F 419 30.70 -49.32 23.18
N ARG F 420 29.72 -48.78 22.46
CA ARG F 420 28.54 -49.56 22.11
C ARG F 420 28.90 -50.75 21.24
N SER F 421 29.72 -50.53 20.21
CA SER F 421 30.10 -51.63 19.32
C SER F 421 30.87 -52.70 20.07
N THR F 422 31.82 -52.29 20.92
CA THR F 422 32.62 -53.25 21.66
C THR F 422 31.78 -54.02 22.66
N VAL F 423 30.85 -53.36 23.35
CA VAL F 423 30.04 -54.09 24.32
C VAL F 423 29.12 -55.06 23.61
N PHE F 424 28.59 -54.68 22.45
CA PHE F 424 27.78 -55.61 21.67
C PHE F 424 28.59 -56.84 21.28
N LEU F 425 29.77 -56.61 20.70
CA LEU F 425 30.60 -57.73 20.24
C LEU F 425 31.02 -58.61 21.40
N PHE F 426 31.42 -58.01 22.52
CA PHE F 426 31.85 -58.79 23.67
C PHE F 426 30.70 -59.57 24.27
N ASN F 427 29.50 -58.98 24.32
CA ASN F 427 28.34 -59.70 24.85
C ASN F 427 28.00 -60.89 23.99
N ARG F 428 27.96 -60.72 22.67
CA ARG F 428 27.64 -61.87 21.82
C ARG F 428 28.71 -62.94 21.90
N PHE F 429 30.00 -62.53 21.93
CA PHE F 429 31.08 -63.49 22.07
C PHE F 429 30.98 -64.25 23.39
N ILE F 430 30.70 -63.55 24.48
CA ILE F 430 30.62 -64.20 25.79
C ILE F 430 29.43 -65.15 25.84
N ARG F 431 28.28 -64.74 25.32
CA ARG F 431 27.12 -65.63 25.32
C ARG F 431 27.40 -66.88 24.50
N GLY F 432 27.99 -66.72 23.31
CA GLY F 432 28.30 -67.89 22.51
C GLY F 432 29.31 -68.81 23.18
N LEU F 433 30.35 -68.23 23.78
CA LEU F 433 31.37 -69.04 24.44
C LEU F 433 30.79 -69.78 25.64
N ASP F 434 29.96 -69.11 26.44
CA ASP F 434 29.34 -69.76 27.59
C ASP F 434 28.39 -70.87 27.15
N ALA F 435 27.60 -70.62 26.11
CA ALA F 435 26.71 -71.65 25.60
C ALA F 435 27.48 -72.86 25.11
N LEU F 436 28.57 -72.63 24.39
CA LEU F 436 29.40 -73.75 23.94
C LEU F 436 30.02 -74.49 25.12
N SER F 437 30.48 -73.77 26.12
CA SER F 437 31.16 -74.42 27.25
C SER F 437 30.19 -75.25 28.08
N LYS F 438 28.98 -74.75 28.32
CA LYS F 438 28.06 -75.45 29.21
C LYS F 438 27.13 -76.42 28.49
N LYS F 439 26.95 -76.27 27.19
CA LYS F 439 26.05 -77.14 26.43
C LYS F 439 26.65 -77.41 25.06
N VAL F 440 26.19 -78.49 24.45
CA VAL F 440 26.61 -78.86 23.10
C VAL F 440 25.37 -78.96 22.21
N LYS F 441 24.33 -78.22 22.58
CA LYS F 441 23.06 -78.30 21.86
C LYS F 441 23.19 -77.80 20.43
N LEU F 442 23.78 -76.62 20.25
CA LEU F 442 23.87 -75.99 18.94
C LEU F 442 25.33 -75.88 18.49
N PRO F 443 25.76 -76.67 17.51
CA PRO F 443 27.12 -76.49 16.98
C PRO F 443 27.34 -75.12 16.37
N THR F 444 26.30 -74.51 15.79
CA THR F 444 26.42 -73.17 15.22
C THR F 444 26.46 -72.15 16.33
N ILE F 445 27.63 -71.56 16.56
CA ILE F 445 27.85 -70.62 17.64
C ILE F 445 28.42 -69.33 17.05
N ASP F 446 27.95 -68.20 17.58
CA ASP F 446 28.38 -66.88 17.11
C ASP F 446 29.67 -66.50 17.82
N LEU F 447 30.78 -67.07 17.34
CA LEU F 447 32.12 -66.79 17.87
C LEU F 447 32.95 -66.19 16.74
N PRO F 448 32.87 -64.87 16.55
CA PRO F 448 33.68 -64.21 15.52
C PRO F 448 35.11 -63.99 16.00
N ILE F 449 35.94 -65.03 15.86
CA ILE F 449 37.30 -64.97 16.37
C ILE F 449 38.10 -63.91 15.63
N GLU F 450 38.04 -63.91 14.30
CA GLU F 450 38.80 -62.92 13.53
C GLU F 450 38.29 -61.51 13.81
N SER F 451 36.96 -61.35 13.88
CA SER F 451 36.39 -60.04 14.14
C SER F 451 36.80 -59.52 15.50
N VAL F 452 36.74 -60.37 16.54
CA VAL F 452 37.09 -59.91 17.88
C VAL F 452 38.58 -59.63 17.97
N SER F 453 39.42 -60.42 17.27
CA SER F 453 40.84 -60.13 17.26
C SER F 453 41.14 -58.78 16.60
N LEU F 454 40.49 -58.51 15.46
CA LEU F 454 40.68 -57.23 14.81
C LEU F 454 40.19 -56.09 15.70
N SER F 455 39.05 -56.28 16.37
CA SER F 455 38.53 -55.25 17.25
C SER F 455 39.49 -54.99 18.41
N LEU F 456 40.07 -56.05 18.98
CA LEU F 456 41.02 -55.88 20.05
C LEU F 456 42.26 -55.13 19.59
N GLN F 457 42.77 -55.46 18.40
CA GLN F 457 43.93 -54.73 17.89
C GLN F 457 43.60 -53.26 17.67
N ASP F 458 42.44 -52.97 17.08
CA ASP F 458 42.05 -51.59 16.86
C ASP F 458 41.88 -50.84 18.18
N LEU F 459 41.31 -51.50 19.19
CA LEU F 459 41.09 -50.84 20.47
C LEU F 459 42.41 -50.60 21.20
N ILE F 460 43.35 -51.54 21.09
CA ILE F 460 44.68 -51.35 21.67
C ILE F 460 45.38 -50.18 21.00
N GLY F 461 45.30 -50.09 19.68
CA GLY F 461 45.86 -48.93 19.00
C GLY F 461 45.18 -47.64 19.41
N TYR F 462 43.86 -47.71 19.65
CA TYR F 462 43.11 -46.54 20.08
C TYR F 462 43.57 -46.07 21.45
N PHE F 463 43.86 -47.00 22.35
CA PHE F 463 44.31 -46.69 23.70
C PHE F 463 45.84 -46.61 23.81
N HIS F 464 46.55 -46.70 22.70
CA HIS F 464 48.01 -46.64 22.74
C HIS F 464 48.48 -45.30 23.29
N PRO F 465 49.42 -45.29 24.23
CA PRO F 465 49.86 -44.02 24.80
C PRO F 465 50.59 -43.19 23.76
N PRO F 466 50.52 -41.86 23.87
CA PRO F 466 51.17 -41.00 22.87
C PRO F 466 52.68 -41.06 22.98
N ASP F 467 53.33 -40.74 21.87
CA ASP F 467 54.79 -40.70 21.84
C ASP F 467 55.30 -39.54 22.67
N GLU F 468 56.41 -39.77 23.37
CA GLU F 468 57.01 -38.76 24.23
C GLU F 468 57.92 -37.81 23.47
N HIS F 469 58.22 -38.08 22.19
CA HIS F 469 59.07 -37.23 21.39
C HIS F 469 58.30 -36.15 20.63
N LEU F 470 56.99 -36.07 20.81
CA LEU F 470 56.18 -35.07 20.13
C LEU F 470 56.32 -33.72 20.83
N GLU F 471 55.59 -32.73 20.31
CA GLU F 471 55.57 -31.42 20.94
C GLU F 471 54.88 -31.50 22.30
N HIS F 472 55.23 -30.56 23.18
CA HIS F 472 54.70 -30.59 24.53
C HIS F 472 53.19 -30.43 24.54
N GLU F 473 52.67 -29.43 23.83
CA GLU F 473 51.23 -29.20 23.82
C GLU F 473 50.48 -30.36 23.17
N ASP F 474 51.00 -30.88 22.06
CA ASP F 474 50.33 -32.01 21.41
C ASP F 474 50.32 -33.23 22.31
N LYS F 475 51.45 -33.50 22.99
CA LYS F 475 51.51 -34.63 23.90
C LYS F 475 50.54 -34.46 25.05
N GLN F 476 50.43 -33.24 25.59
CA GLN F 476 49.47 -32.99 26.67
C GLN F 476 48.05 -33.22 26.19
N ASN F 477 47.72 -32.74 24.99
CA ASN F 477 46.38 -32.94 24.45
C ASN F 477 46.08 -34.42 24.25
N ARG F 478 47.04 -35.18 23.73
CA ARG F 478 46.83 -36.61 23.53
C ARG F 478 46.68 -37.34 24.86
N LEU F 479 47.47 -36.96 25.87
CA LEU F 479 47.32 -37.57 27.19
C LEU F 479 45.95 -37.26 27.78
N ARG F 480 45.49 -36.02 27.62
CA ARG F 480 44.16 -35.67 28.10
C ARG F 480 43.08 -36.46 27.39
N ALA F 481 43.20 -36.62 26.08
CA ALA F 481 42.23 -37.41 25.33
C ALA F 481 42.23 -38.86 25.78
N LEU F 482 43.42 -39.45 25.98
CA LEU F 482 43.50 -40.82 26.44
C LEU F 482 42.89 -40.99 27.82
N LYS F 483 43.15 -40.04 28.72
CA LYS F 483 42.55 -40.09 30.05
C LYS F 483 41.04 -39.99 29.96
N ASN F 484 40.53 -39.13 29.09
CA ASN F 484 39.08 -39.01 28.92
C ASN F 484 38.49 -40.32 28.40
N ARG F 485 39.16 -40.96 27.44
CA ARG F 485 38.67 -42.23 26.93
C ARG F 485 38.65 -43.30 28.01
N GLN F 486 39.70 -43.37 28.82
CA GLN F 486 39.74 -44.34 29.90
C GLN F 486 38.63 -44.07 30.91
N ASN F 487 38.40 -42.79 31.22
CA ASN F 487 37.32 -42.44 32.16
C ASN F 487 35.96 -42.85 31.61
N LEU F 488 35.71 -42.60 30.33
CA LEU F 488 34.44 -42.99 29.74
C LEU F 488 34.27 -44.51 29.75
N PHE F 489 35.33 -45.25 29.43
CA PHE F 489 35.23 -46.71 29.45
C PHE F 489 34.96 -47.21 30.87
N GLN F 490 35.61 -46.61 31.87
CA GLN F 490 35.35 -47.01 33.25
C GLN F 490 33.90 -46.71 33.65
N GLU F 491 33.41 -45.53 33.28
CA GLU F 491 32.03 -45.17 33.61
C GLU F 491 31.04 -46.12 32.95
N GLU F 492 31.31 -46.51 31.71
CA GLU F 492 30.44 -47.47 31.04
C GLU F 492 30.72 -48.92 31.44
N GLY F 493 31.73 -49.15 32.27
CA GLY F 493 31.97 -50.48 32.80
C GLY F 493 32.45 -51.50 31.78
N MET F 494 33.34 -51.09 30.87
CA MET F 494 33.93 -52.05 29.94
C MET F 494 34.91 -52.98 30.64
N ILE F 495 35.54 -52.50 31.71
CA ILE F 495 36.60 -53.28 32.37
C ILE F 495 36.03 -54.56 32.95
N ASN F 496 34.86 -54.48 33.59
CA ASN F 496 34.26 -55.69 34.15
C ASN F 496 33.93 -56.70 33.06
N LEU F 497 33.47 -56.22 31.90
CA LEU F 497 33.18 -57.12 30.79
C LEU F 497 34.46 -57.76 30.25
N VAL F 498 35.55 -56.99 30.20
CA VAL F 498 36.83 -57.54 29.79
C VAL F 498 37.27 -58.64 30.75
N LEU F 499 37.14 -58.40 32.06
CA LEU F 499 37.46 -59.44 33.03
C LEU F 499 36.57 -60.65 32.86
N GLU F 500 35.29 -60.43 32.54
CA GLU F 500 34.37 -61.56 32.36
C GLU F 500 34.79 -62.44 31.20
N CYS F 501 35.11 -61.82 30.05
CA CYS F 501 35.51 -62.64 28.91
C CYS F 501 36.88 -63.26 29.13
N ILE F 502 37.77 -62.60 29.88
CA ILE F 502 39.04 -63.20 30.22
C ILE F 502 38.83 -64.44 31.08
N ASP F 503 37.92 -64.36 32.04
CA ASP F 503 37.59 -65.53 32.84
C ASP F 503 37.02 -66.65 31.97
N ARG F 504 36.14 -66.30 31.04
CA ARG F 504 35.55 -67.32 30.17
C ARG F 504 36.64 -68.02 29.34
N LEU F 505 37.60 -67.26 28.82
CA LEU F 505 38.70 -67.88 28.09
C LEU F 505 39.57 -68.72 29.01
N HIS F 506 39.82 -68.24 30.23
CA HIS F 506 40.66 -68.98 31.18
C HIS F 506 39.99 -70.25 31.66
N VAL F 507 38.67 -70.38 31.50
CA VAL F 507 37.99 -71.64 31.85
C VAL F 507 38.64 -72.81 31.12
N TYR F 508 38.93 -72.64 29.83
CA TYR F 508 39.61 -73.68 29.08
C TYR F 508 41.03 -73.86 29.60
N SER F 509 41.46 -75.13 29.70
CA SER F 509 42.74 -75.42 30.32
C SER F 509 43.90 -75.02 29.43
N SER F 510 43.84 -75.35 28.14
CA SER F 510 44.97 -75.14 27.25
C SER F 510 44.49 -74.81 25.85
N ALA F 511 45.43 -74.35 25.03
CA ALA F 511 45.10 -73.97 23.65
C ALA F 511 44.59 -75.16 22.86
N ALA F 512 45.23 -76.33 23.00
CA ALA F 512 44.77 -77.52 22.30
C ALA F 512 43.39 -77.95 22.78
N HIS F 513 43.14 -77.84 24.09
CA HIS F 513 41.83 -78.17 24.62
C HIS F 513 40.75 -77.27 24.03
N PHE F 514 40.97 -75.96 24.05
CA PHE F 514 39.97 -75.06 23.49
C PHE F 514 39.86 -75.23 21.99
N ALA F 515 40.94 -75.66 21.33
CA ALA F 515 40.90 -75.93 19.90
C ALA F 515 39.99 -77.10 19.59
N ASP F 516 40.14 -78.21 20.33
CA ASP F 516 39.24 -79.34 20.10
C ASP F 516 37.82 -79.02 20.53
N VAL F 517 37.63 -78.07 21.46
CA VAL F 517 36.28 -77.67 21.82
C VAL F 517 35.63 -76.85 20.70
N ALA F 518 36.35 -75.89 20.13
CA ALA F 518 35.75 -74.89 19.26
C ALA F 518 36.57 -74.69 17.98
N GLY F 519 36.96 -75.78 17.33
CA GLY F 519 37.65 -75.68 16.07
C GLY F 519 39.11 -75.29 16.24
N ARG F 520 39.90 -75.64 15.21
CA ARG F 520 41.35 -75.46 15.29
C ARG F 520 41.74 -73.98 15.25
N GLU F 521 41.07 -73.19 14.40
CA GLU F 521 41.44 -71.79 14.25
C GLU F 521 41.23 -71.01 15.55
N ALA F 522 40.11 -71.24 16.23
CA ALA F 522 39.85 -70.56 17.49
C ALA F 522 40.88 -70.95 18.53
N GLY F 523 41.24 -72.23 18.60
CA GLY F 523 42.28 -72.64 19.53
C GLY F 523 43.62 -72.01 19.21
N GLU F 524 43.94 -71.87 17.93
CA GLU F 524 45.18 -71.23 17.54
C GLU F 524 45.19 -69.77 17.97
N SER F 525 44.07 -69.08 17.81
CA SER F 525 43.98 -67.67 18.16
C SER F 525 43.64 -67.42 19.62
N TRP F 526 43.45 -68.48 20.41
CA TRP F 526 43.06 -68.33 21.82
C TRP F 526 44.10 -67.54 22.60
N LYS F 527 45.37 -67.91 22.49
CA LYS F 527 46.41 -67.21 23.24
C LYS F 527 46.58 -65.77 22.74
N SER F 528 46.42 -65.55 21.43
CA SER F 528 46.51 -64.20 20.91
C SER F 528 45.39 -63.33 21.47
N ILE F 529 44.17 -63.86 21.52
CA ILE F 529 43.05 -63.10 22.08
C ILE F 529 43.30 -62.83 23.56
N LEU F 530 43.82 -63.81 24.29
CA LEU F 530 44.09 -63.60 25.72
C LEU F 530 45.12 -62.50 25.92
N ASN F 531 46.20 -62.52 25.14
CA ASN F 531 47.22 -61.48 25.27
C ASN F 531 46.65 -60.12 24.90
N SER F 532 45.83 -60.06 23.84
CA SER F 532 45.22 -58.80 23.45
C SER F 532 44.32 -58.27 24.55
N LEU F 533 43.53 -59.15 25.18
CA LEU F 533 42.66 -58.72 26.27
C LEU F 533 43.47 -58.20 27.45
N TYR F 534 44.57 -58.87 27.79
CA TYR F 534 45.37 -58.42 28.92
C TYR F 534 46.04 -57.08 28.63
N GLU F 535 46.55 -56.91 27.41
CA GLU F 535 47.12 -55.61 27.03
C GLU F 535 46.06 -54.52 27.04
N LEU F 536 44.84 -54.85 26.59
CA LEU F 536 43.76 -53.88 26.60
C LEU F 536 43.41 -53.47 28.03
N LEU F 537 43.32 -54.43 28.94
CA LEU F 537 43.03 -54.11 30.34
C LEU F 537 44.13 -53.26 30.95
N ALA F 538 45.38 -53.59 30.64
CA ALA F 538 46.51 -52.79 31.14
C ALA F 538 46.43 -51.37 30.61
N ALA F 539 46.09 -51.21 29.33
CA ALA F 539 45.94 -49.88 28.75
C ALA F 539 44.80 -49.11 29.41
N LEU F 540 43.68 -49.79 29.68
CA LEU F 540 42.54 -49.12 30.30
C LEU F 540 42.89 -48.62 31.69
N ILE F 541 43.52 -49.46 32.51
CA ILE F 541 43.75 -49.05 33.89
C ILE F 541 45.00 -48.18 34.04
N ARG F 542 45.93 -48.25 33.10
CA ARG F 542 47.17 -47.51 33.23
C ARG F 542 46.97 -46.05 32.85
N GLY F 543 47.60 -45.17 33.62
CA GLY F 543 47.57 -43.75 33.31
C GLY F 543 46.87 -42.90 34.35
N ASN F 544 45.76 -43.40 34.88
CA ASN F 544 44.97 -42.68 35.87
C ASN F 544 44.85 -43.48 37.15
N ARG F 545 44.45 -42.80 38.22
CA ARG F 545 44.40 -43.42 39.54
C ARG F 545 43.05 -44.01 39.87
N LYS F 546 41.96 -43.44 39.35
CA LYS F 546 40.63 -43.93 39.71
C LYS F 546 40.40 -45.35 39.20
N ASN F 547 40.81 -45.63 37.97
CA ASN F 547 40.63 -46.98 37.44
C ASN F 547 41.43 -48.00 38.22
N CYS F 548 42.66 -47.65 38.60
CA CYS F 548 43.47 -48.54 39.42
C CYS F 548 42.83 -48.75 40.79
N ALA F 549 42.26 -47.70 41.37
CA ALA F 549 41.60 -47.83 42.65
C ALA F 549 40.41 -48.78 42.56
N GLN F 550 39.61 -48.66 41.51
CA GLN F 550 38.48 -49.58 41.34
C GLN F 550 38.97 -51.01 41.09
N PHE F 551 40.04 -51.17 40.31
CA PHE F 551 40.55 -52.50 40.00
C PHE F 551 41.28 -53.13 41.18
N SER F 552 41.60 -52.35 42.21
CA SER F 552 42.21 -52.90 43.42
C SER F 552 41.36 -54.02 44.00
N GLY F 553 40.03 -53.88 43.94
CA GLY F 553 39.17 -54.95 44.41
C GLY F 553 39.33 -56.23 43.62
N SER F 554 39.58 -56.12 42.31
CA SER F 554 39.76 -57.28 41.46
C SER F 554 41.21 -57.75 41.40
N LEU F 555 42.13 -57.08 42.10
CA LEU F 555 43.53 -57.50 42.09
C LEU F 555 43.70 -58.94 42.57
N ASP F 556 42.80 -59.41 43.44
CA ASP F 556 42.95 -60.75 43.99
C ASP F 556 42.87 -61.82 42.91
N TRP F 557 42.03 -61.61 41.90
CA TRP F 557 41.89 -62.60 40.83
C TRP F 557 43.15 -62.70 40.00
N LEU F 558 43.82 -61.57 39.75
CA LEU F 558 45.11 -61.58 39.07
C LEU F 558 46.09 -62.50 39.77
N ILE F 559 46.24 -62.32 41.08
CA ILE F 559 47.19 -63.11 41.85
C ILE F 559 46.76 -64.57 41.90
N SER F 560 45.44 -64.81 41.95
CA SER F 560 44.96 -66.20 41.97
C SER F 560 45.32 -66.92 40.68
N ARG F 561 45.17 -66.26 39.54
CA ARG F 561 45.48 -66.86 38.25
C ARG F 561 46.89 -66.51 37.77
N LEU F 562 47.75 -66.04 38.67
CA LEU F 562 49.08 -65.57 38.29
C LEU F 562 49.95 -66.70 37.71
N GLU F 563 49.66 -67.95 38.07
CA GLU F 563 50.52 -69.07 37.72
C GLU F 563 50.05 -69.83 36.50
N ARG F 564 49.22 -69.22 35.64
CA ARG F 564 48.70 -69.92 34.48
C ARG F 564 49.77 -70.20 33.44
N LEU F 565 50.92 -69.53 33.51
CA LEU F 565 52.11 -69.81 32.69
C LEU F 565 51.89 -69.38 31.25
N GLU F 566 50.68 -68.97 30.90
CA GLU F 566 50.38 -68.43 29.58
C GLU F 566 49.91 -66.99 29.61
N ALA F 567 49.23 -66.56 30.68
CA ALA F 567 48.87 -65.16 30.88
C ALA F 567 49.73 -64.51 31.95
N SER F 568 50.85 -65.15 32.32
CA SER F 568 51.68 -64.66 33.41
C SER F 568 52.25 -63.28 33.11
N SER F 569 52.76 -63.08 31.88
CA SER F 569 53.33 -61.79 31.52
C SER F 569 52.29 -60.69 31.56
N GLY F 570 51.10 -60.96 31.02
CA GLY F 570 50.04 -59.97 31.04
C GLY F 570 49.60 -59.62 32.46
N ILE F 571 49.41 -60.65 33.29
CA ILE F 571 48.99 -60.40 34.67
C ILE F 571 50.06 -59.60 35.41
N LEU F 572 51.34 -59.94 35.19
CA LEU F 572 52.41 -59.21 35.84
C LEU F 572 52.44 -57.76 35.40
N GLU F 573 52.26 -57.51 34.11
CA GLU F 573 52.22 -56.13 33.62
C GLU F 573 51.06 -55.36 34.23
N VAL F 574 49.89 -55.98 34.28
CA VAL F 574 48.72 -55.31 34.87
C VAL F 574 48.98 -55.00 36.34
N LEU F 575 49.54 -55.96 37.08
CA LEU F 575 49.82 -55.74 38.49
C LEU F 575 50.82 -54.61 38.68
N HIS F 576 51.88 -54.59 37.87
CA HIS F 576 52.86 -53.53 37.98
C HIS F 576 52.23 -52.16 37.71
N CYS F 577 51.42 -52.09 36.65
CA CYS F 577 50.86 -50.78 36.27
C CYS F 577 49.75 -50.33 37.21
N VAL F 578 49.15 -51.24 37.98
CA VAL F 578 48.18 -50.80 38.98
C VAL F 578 48.84 -50.41 40.29
N LEU F 579 49.88 -51.15 40.73
CA LEU F 579 50.55 -50.79 41.97
C LEU F 579 51.46 -49.57 41.83
N VAL F 580 51.96 -49.29 40.63
CA VAL F 580 52.76 -48.08 40.47
C VAL F 580 51.89 -46.84 40.64
N GLU F 581 50.60 -46.93 40.32
CA GLU F 581 49.71 -45.78 40.31
C GLU F 581 48.87 -45.65 41.57
N SER F 582 48.27 -46.74 42.06
CA SER F 582 47.33 -46.64 43.16
C SER F 582 47.98 -47.13 44.45
N PRO F 583 48.26 -46.26 45.42
CA PRO F 583 48.71 -46.74 46.73
C PRO F 583 47.66 -47.58 47.44
N GLU F 584 46.37 -47.33 47.20
CA GLU F 584 45.33 -48.13 47.81
C GLU F 584 45.40 -49.58 47.35
N ALA F 585 45.70 -49.79 46.07
CA ALA F 585 45.85 -51.15 45.56
C ALA F 585 47.01 -51.86 46.25
N LEU F 586 48.11 -51.16 46.47
CA LEU F 586 49.24 -51.75 47.19
C LEU F 586 48.88 -52.03 48.64
N ASN F 587 48.02 -51.21 49.23
CA ASN F 587 47.70 -51.35 50.65
C ASN F 587 47.09 -52.71 50.97
N ILE F 588 46.40 -53.33 50.01
CA ILE F 588 45.71 -54.59 50.25
C ILE F 588 46.53 -55.80 49.81
N ILE F 589 47.79 -55.60 49.44
CA ILE F 589 48.67 -56.70 49.09
C ILE F 589 49.12 -57.40 50.37
N LYS F 590 49.01 -58.72 50.40
CA LYS F 590 49.23 -59.50 51.61
C LYS F 590 50.41 -60.44 51.45
N GLU F 591 50.73 -61.12 52.56
CA GLU F 591 51.86 -62.03 52.58
C GLU F 591 51.67 -63.19 51.60
N GLY F 592 50.45 -63.72 51.51
CA GLY F 592 50.19 -64.77 50.55
C GLY F 592 50.47 -64.32 49.12
N HIS F 593 50.04 -63.12 48.78
CA HIS F 593 50.29 -62.60 47.43
C HIS F 593 51.77 -62.39 47.18
N ILE F 594 52.50 -61.85 48.15
CA ILE F 594 53.93 -61.62 47.96
C ILE F 594 54.66 -62.96 47.78
N LYS F 595 54.33 -63.95 48.61
CA LYS F 595 54.93 -65.26 48.45
C LYS F 595 54.54 -65.89 47.11
N SER F 596 53.33 -65.62 46.63
CA SER F 596 52.95 -66.10 45.30
C SER F 596 53.80 -65.48 44.21
N ILE F 597 54.09 -64.19 44.33
CA ILE F 597 54.96 -63.53 43.33
C ILE F 597 56.37 -64.13 43.38
N ILE F 598 56.89 -64.36 44.58
CA ILE F 598 58.22 -64.95 44.69
C ILE F 598 58.22 -66.37 44.14
N SER F 599 57.14 -67.12 44.37
CA SER F 599 57.01 -68.46 43.81
C SER F 599 56.97 -68.42 42.29
N LEU F 600 56.28 -67.42 41.73
CA LEU F 600 56.30 -67.24 40.28
C LEU F 600 57.71 -67.00 39.78
N LEU F 601 58.46 -66.15 40.47
CA LEU F 601 59.85 -65.91 40.09
C LEU F 601 60.64 -67.21 40.09
N ASP F 602 60.49 -68.00 41.15
CA ASP F 602 61.22 -69.26 41.25
C ASP F 602 60.84 -70.23 40.14
N LYS F 603 59.55 -70.37 39.87
CA LYS F 603 59.11 -71.37 38.89
C LYS F 603 59.44 -70.95 37.46
N HIS F 604 59.20 -69.69 37.12
CA HIS F 604 59.41 -69.22 35.76
C HIS F 604 60.83 -68.76 35.50
N GLY F 605 61.70 -68.78 36.51
CA GLY F 605 63.08 -68.41 36.30
C GLY F 605 63.33 -66.95 36.55
N ARG F 606 64.60 -66.58 36.39
CA ARG F 606 65.03 -65.22 36.69
C ARG F 606 64.47 -64.24 35.67
N ASN F 607 63.86 -63.17 36.16
CA ASN F 607 63.26 -62.14 35.32
C ASN F 607 63.23 -60.84 36.08
N HIS F 608 63.57 -59.75 35.41
CA HIS F 608 63.64 -58.45 36.07
C HIS F 608 62.29 -57.79 36.26
N LYS F 609 61.26 -58.24 35.53
CA LYS F 609 59.93 -57.67 35.72
C LYS F 609 59.40 -57.97 37.12
N VAL F 610 59.61 -59.19 37.60
CA VAL F 610 59.20 -59.53 38.96
C VAL F 610 59.94 -58.68 39.97
N LEU F 611 61.23 -58.44 39.74
CA LEU F 611 61.99 -57.59 40.65
C LEU F 611 61.45 -56.16 40.64
N ASP F 612 61.06 -55.65 39.47
CA ASP F 612 60.45 -54.33 39.43
C ASP F 612 59.13 -54.30 40.19
N VAL F 613 58.33 -55.36 40.09
CA VAL F 613 57.09 -55.42 40.86
C VAL F 613 57.38 -55.42 42.35
N LEU F 614 58.41 -56.15 42.77
CA LEU F 614 58.78 -56.16 44.18
C LEU F 614 59.26 -54.79 44.64
N CYS F 615 60.01 -54.09 43.79
CA CYS F 615 60.43 -52.73 44.14
C CYS F 615 59.22 -51.81 44.30
N SER F 616 58.24 -51.94 43.40
CA SER F 616 57.03 -51.13 43.52
C SER F 616 56.28 -51.44 44.80
N LEU F 617 56.23 -52.72 45.18
CA LEU F 617 55.62 -53.09 46.46
C LEU F 617 56.37 -52.45 47.63
N CYS F 618 57.71 -52.47 47.58
CA CYS F 618 58.49 -51.97 48.71
C CYS F 618 58.33 -50.45 48.87
N VAL F 619 58.47 -49.70 47.77
CA VAL F 619 58.41 -48.25 47.83
C VAL F 619 57.45 -47.76 46.75
N CYS F 620 56.56 -46.84 47.13
CA CYS F 620 55.62 -46.24 46.19
C CYS F 620 55.31 -44.82 46.62
N HIS F 621 55.40 -43.88 45.67
CA HIS F 621 55.14 -42.46 45.92
C HIS F 621 55.99 -41.91 47.04
N GLY F 622 57.23 -42.39 47.16
CA GLY F 622 58.10 -41.92 48.21
C GLY F 622 57.71 -42.33 49.61
N VAL F 623 56.89 -43.38 49.74
CA VAL F 623 56.44 -43.88 51.04
C VAL F 623 56.90 -45.32 51.16
N ALA F 624 57.62 -45.61 52.24
CA ALA F 624 58.15 -46.95 52.47
C ALA F 624 57.14 -47.79 53.24
N VAL F 625 56.86 -48.97 52.74
CA VAL F 625 55.97 -49.93 53.39
C VAL F 625 56.87 -50.87 54.18
N ARG F 626 56.97 -50.64 55.50
CA ARG F 626 57.90 -51.39 56.32
C ARG F 626 57.56 -52.87 56.34
N SER F 627 56.28 -53.20 56.43
CA SER F 627 55.87 -54.61 56.47
C SER F 627 56.28 -55.34 55.21
N ASN F 628 56.02 -54.73 54.04
CA ASN F 628 56.41 -55.37 52.78
C ASN F 628 57.92 -55.44 52.63
N GLN F 629 58.65 -54.41 53.08
CA GLN F 629 60.10 -54.46 53.00
C GLN F 629 60.65 -55.62 53.83
N HIS F 630 60.16 -55.76 55.06
CA HIS F 630 60.62 -56.83 55.92
C HIS F 630 60.24 -58.19 55.36
N LEU F 631 59.04 -58.30 54.78
CA LEU F 631 58.60 -59.56 54.21
C LEU F 631 59.48 -59.96 53.02
N ILE F 632 59.76 -59.01 52.13
CA ILE F 632 60.64 -59.28 51.00
C ILE F 632 62.01 -59.70 51.50
N CYS F 633 62.54 -58.98 52.49
CA CYS F 633 63.84 -59.33 53.07
C CYS F 633 63.86 -60.76 53.56
N ASP F 634 63.02 -61.07 54.54
CA ASP F 634 63.10 -62.37 55.20
C ASP F 634 62.53 -63.51 54.35
N ASN F 635 61.92 -63.22 53.20
CA ASN F 635 61.44 -64.27 52.33
C ASN F 635 62.29 -64.45 51.08
N LEU F 636 63.20 -63.52 50.79
CA LEU F 636 64.08 -63.66 49.63
C LEU F 636 65.54 -63.81 50.02
N LEU F 637 66.06 -62.92 50.85
CA LEU F 637 67.51 -62.93 51.10
C LEU F 637 68.02 -64.20 51.77
N PRO F 638 67.41 -64.72 52.85
CA PRO F 638 67.99 -65.89 53.50
C PRO F 638 68.03 -67.13 52.63
N GLY F 639 67.21 -67.21 51.59
CA GLY F 639 67.26 -68.37 50.72
C GLY F 639 68.59 -68.51 50.01
N ARG F 640 69.20 -67.39 49.63
CA ARG F 640 70.49 -67.36 48.94
C ARG F 640 70.45 -68.22 47.67
N ASP F 641 69.35 -68.13 46.95
CA ASP F 641 69.19 -68.82 45.69
C ASP F 641 68.31 -67.98 44.77
N LEU F 642 68.40 -68.25 43.47
CA LEU F 642 67.59 -67.60 42.44
C LEU F 642 68.05 -66.16 42.22
N LEU F 643 68.95 -65.69 43.08
CA LEU F 643 69.54 -64.35 42.94
C LEU F 643 71.05 -64.50 42.85
N LEU F 644 71.65 -63.85 41.85
CA LEU F 644 73.09 -63.91 41.68
C LEU F 644 73.79 -63.32 42.89
N GLN F 645 74.76 -64.06 43.43
CA GLN F 645 75.45 -63.68 44.65
C GLN F 645 76.92 -63.46 44.35
N THR F 646 77.46 -62.33 44.82
CA THR F 646 78.83 -61.94 44.56
C THR F 646 79.66 -62.04 45.84
N ARG F 647 80.96 -62.23 45.65
CA ARG F 647 81.88 -62.34 46.76
C ARG F 647 83.28 -61.97 46.28
N LEU F 648 84.05 -61.32 47.14
CA LEU F 648 85.39 -60.86 46.79
C LEU F 648 86.39 -61.97 47.10
N VAL F 649 87.03 -62.49 46.08
CA VAL F 649 88.00 -63.58 46.20
C VAL F 649 89.36 -63.10 45.71
N ASN F 650 90.39 -63.87 46.04
CA ASN F 650 91.76 -63.51 45.73
C ASN F 650 92.25 -64.25 44.50
N HIS F 651 92.98 -63.56 43.64
CA HIS F 651 93.63 -64.21 42.51
C HIS F 651 94.66 -65.21 43.01
N VAL F 652 94.69 -66.38 42.38
CA VAL F 652 95.67 -67.41 42.67
C VAL F 652 96.33 -67.83 41.36
N SER F 653 97.59 -68.27 41.46
CA SER F 653 98.34 -68.70 40.30
C SER F 653 99.16 -69.93 40.68
N SER F 654 99.36 -70.81 39.70
CA SER F 654 100.10 -72.04 39.88
C SER F 654 101.22 -72.14 38.86
N MET F 655 102.40 -72.53 39.32
CA MET F 655 103.54 -72.77 38.45
C MET F 655 103.98 -74.22 38.56
N ARG F 656 104.61 -74.70 37.49
CA ARG F 656 105.13 -76.05 37.40
C ARG F 656 106.53 -76.03 36.82
N PRO F 657 107.37 -76.98 37.21
CA PRO F 657 108.67 -77.14 36.53
C PRO F 657 108.48 -77.81 35.18
N ASN F 658 109.51 -77.65 34.34
CA ASN F 658 109.49 -78.21 33.00
C ASN F 658 109.70 -79.72 33.08
N ILE F 659 108.71 -80.39 33.67
CA ILE F 659 108.75 -81.83 33.91
C ILE F 659 107.45 -82.43 33.41
N PHE F 660 107.55 -83.46 32.56
CA PHE F 660 106.39 -84.18 32.07
C PHE F 660 106.62 -85.68 32.28
N LEU F 661 105.67 -86.33 32.92
CA LEU F 661 105.80 -87.74 33.32
C LEU F 661 104.57 -88.50 32.82
N GLY F 662 104.67 -89.05 31.61
CA GLY F 662 103.59 -89.82 31.04
C GLY F 662 104.08 -91.14 30.50
N VAL F 663 103.20 -92.14 30.54
CA VAL F 663 103.53 -93.49 30.08
C VAL F 663 103.38 -93.54 28.56
N SER F 664 104.45 -93.95 27.88
CA SER F 664 104.45 -94.06 26.43
C SER F 664 105.61 -94.97 26.03
N GLU F 665 105.79 -95.14 24.72
CA GLU F 665 106.90 -95.93 24.21
C GLU F 665 108.22 -95.22 24.46
N GLY F 666 109.18 -95.94 25.02
CA GLY F 666 110.46 -95.36 25.38
C GLY F 666 110.40 -94.58 26.67
N SER F 667 111.58 -94.15 27.12
CA SER F 667 111.73 -93.41 28.38
C SER F 667 111.06 -94.16 29.54
N ALA F 668 111.38 -95.45 29.65
CA ALA F 668 110.80 -96.30 30.67
C ALA F 668 111.16 -95.81 32.06
N GLN F 669 110.17 -95.31 32.80
CA GLN F 669 110.37 -94.79 34.14
C GLN F 669 109.44 -95.53 35.11
N TYR F 670 109.97 -95.88 36.27
CA TYR F 670 109.14 -96.49 37.30
C TYR F 670 108.14 -95.50 37.90
N LYS F 671 108.28 -94.21 37.58
CA LYS F 671 107.30 -93.19 37.96
C LYS F 671 107.14 -93.09 39.47
N LYS F 672 108.27 -93.08 40.17
CA LYS F 672 108.30 -92.89 41.63
C LYS F 672 109.24 -91.73 41.91
N TRP F 673 108.66 -90.59 42.26
CA TRP F 673 109.40 -89.34 42.40
C TRP F 673 109.18 -88.76 43.78
N TYR F 674 110.22 -88.09 44.28
CA TYR F 674 110.22 -87.44 45.58
C TYR F 674 110.37 -85.94 45.38
N TYR F 675 109.64 -85.16 46.17
CA TYR F 675 109.60 -83.71 46.03
C TYR F 675 109.48 -83.09 47.40
N GLU F 676 110.01 -81.88 47.55
CA GLU F 676 109.86 -81.16 48.81
C GLU F 676 110.12 -79.68 48.55
N LEU F 677 109.65 -78.85 49.48
CA LEU F 677 109.69 -77.41 49.32
C LEU F 677 109.36 -76.75 50.65
N MET F 678 110.10 -75.70 50.98
CA MET F 678 109.89 -74.96 52.22
C MET F 678 109.25 -73.62 51.90
N VAL F 679 108.25 -73.24 52.68
CA VAL F 679 107.74 -71.88 52.63
C VAL F 679 108.55 -71.06 53.62
N ASP F 680 109.14 -69.95 53.13
CA ASP F 680 109.99 -69.14 53.98
C ASP F 680 109.17 -68.23 54.89
N HIS F 681 108.11 -67.63 54.36
CA HIS F 681 107.25 -66.78 55.16
C HIS F 681 105.90 -66.68 54.46
N THR F 682 104.85 -67.15 55.11
CA THR F 682 103.50 -67.16 54.55
C THR F 682 102.63 -66.19 55.33
N GLU F 683 102.11 -65.18 54.64
CA GLU F 683 101.21 -64.23 55.27
C GLU F 683 99.88 -64.92 55.55
N PRO F 684 99.43 -64.97 56.80
CA PRO F 684 98.14 -65.64 57.07
C PRO F 684 96.95 -64.85 56.57
N PHE F 685 96.96 -63.53 56.74
CA PHE F 685 95.82 -62.69 56.40
C PHE F 685 96.29 -61.44 55.67
N VAL F 686 97.10 -61.62 54.62
CA VAL F 686 97.53 -60.49 53.80
C VAL F 686 96.32 -59.81 53.17
N THR F 687 95.31 -60.60 52.78
CA THR F 687 94.07 -60.09 52.24
C THR F 687 92.93 -60.45 53.18
N ALA F 688 91.70 -60.22 52.73
CA ALA F 688 90.54 -60.54 53.56
C ALA F 688 90.46 -62.03 53.86
N GLU F 689 90.71 -62.86 52.86
CA GLU F 689 90.71 -64.31 53.05
C GLU F 689 92.10 -64.81 53.40
N ALA F 690 92.16 -66.05 53.86
CA ALA F 690 93.43 -66.67 54.18
C ALA F 690 94.21 -66.97 52.90
N THR F 691 95.52 -67.16 53.06
CA THR F 691 96.38 -67.42 51.92
C THR F 691 96.05 -68.79 51.33
N HIS F 692 95.81 -68.82 50.02
CA HIS F 692 95.47 -70.05 49.30
C HIS F 692 96.78 -70.75 48.92
N LEU F 693 97.25 -71.61 49.80
CA LEU F 693 98.48 -72.36 49.58
C LEU F 693 98.16 -73.85 49.49
N ARG F 694 98.41 -74.43 48.33
CA ARG F 694 98.20 -75.85 48.08
C ARG F 694 99.36 -76.38 47.26
N VAL F 695 99.81 -77.59 47.58
CA VAL F 695 100.87 -78.26 46.84
C VAL F 695 100.38 -79.63 46.42
N GLY F 696 100.78 -80.08 45.24
CA GLY F 696 100.34 -81.40 44.81
C GLY F 696 100.77 -81.71 43.39
N TRP F 697 99.98 -82.55 42.72
CA TRP F 697 100.30 -83.00 41.39
C TRP F 697 99.10 -82.84 40.48
N ALA F 698 99.35 -82.38 39.26
CA ALA F 698 98.31 -82.15 38.28
C ALA F 698 98.58 -82.98 37.03
N SER F 699 97.52 -83.56 36.48
CA SER F 699 97.62 -84.41 35.29
C SER F 699 97.12 -83.65 34.07
N THR F 700 97.93 -83.61 33.02
CA THR F 700 97.54 -82.97 31.79
C THR F 700 96.40 -83.72 31.13
N GLU F 701 95.43 -82.98 30.62
CA GLU F 701 94.26 -83.59 30.00
C GLU F 701 94.57 -83.99 28.55
N GLY F 702 94.08 -85.16 28.17
CA GLY F 702 94.24 -85.63 26.80
C GLY F 702 95.65 -85.88 26.36
N TYR F 703 96.58 -86.05 27.31
CA TYR F 703 98.00 -86.24 27.00
C TYR F 703 98.51 -85.13 26.10
N SER F 704 98.19 -83.90 26.46
CA SER F 704 98.50 -82.71 25.71
C SER F 704 99.20 -81.72 26.62
N PRO F 705 100.01 -80.80 26.06
CA PRO F 705 100.66 -79.79 26.91
C PRO F 705 99.69 -78.96 27.73
N TYR F 706 98.44 -78.85 27.33
CA TYR F 706 97.46 -78.15 28.15
C TYR F 706 97.26 -78.93 29.44
N PRO F 707 97.53 -78.35 30.59
CA PRO F 707 97.37 -79.09 31.85
C PRO F 707 95.94 -78.96 32.39
N GLY F 708 95.64 -79.82 33.35
CA GLY F 708 94.34 -79.87 33.99
C GLY F 708 94.41 -79.31 35.40
N GLY F 709 93.49 -78.41 35.70
CA GLY F 709 93.42 -77.80 37.01
C GLY F 709 92.54 -76.56 37.03
N GLY F 710 92.96 -75.54 37.78
CA GLY F 710 92.25 -74.29 37.80
C GLY F 710 92.20 -73.64 36.42
N GLU F 711 91.02 -73.17 36.02
CA GLU F 711 90.89 -72.53 34.73
C GLU F 711 91.69 -71.24 34.68
N GLU F 712 92.12 -70.88 33.47
CA GLU F 712 92.89 -69.66 33.29
C GLU F 712 92.09 -68.44 33.73
N TRP F 713 92.77 -67.50 34.38
CA TRP F 713 92.18 -66.23 34.77
C TRP F 713 91.00 -66.46 35.74
N GLY F 714 91.32 -67.07 36.88
CA GLY F 714 90.32 -67.32 37.90
C GLY F 714 90.98 -67.63 39.22
N GLY F 715 90.16 -67.56 40.27
CA GLY F 715 90.64 -67.86 41.61
C GLY F 715 90.60 -69.33 41.93
N ASN F 716 91.05 -70.16 40.98
CA ASN F 716 91.03 -71.61 41.13
C ASN F 716 92.47 -72.12 41.13
N GLY F 717 92.84 -72.83 42.18
CA GLY F 717 94.15 -73.43 42.32
C GLY F 717 94.16 -74.89 41.95
N VAL F 718 95.08 -75.63 42.58
CA VAL F 718 95.14 -77.07 42.36
C VAL F 718 94.10 -77.77 43.24
N GLY F 719 93.70 -78.96 42.82
CA GLY F 719 92.70 -79.69 43.56
C GLY F 719 91.29 -79.15 43.40
N ASP F 720 91.04 -78.34 42.38
CA ASP F 720 89.73 -77.81 42.10
C ASP F 720 88.99 -78.60 41.02
N ASP F 721 89.57 -79.70 40.55
CA ASP F 721 88.92 -80.57 39.59
C ASP F 721 89.53 -81.96 39.73
N LEU F 722 88.96 -82.92 39.00
CA LEU F 722 89.47 -84.28 39.00
C LEU F 722 90.86 -84.39 38.36
N PHE F 723 91.28 -83.36 37.63
CA PHE F 723 92.58 -83.40 36.96
C PHE F 723 93.74 -83.19 37.93
N SER F 724 93.55 -82.39 38.96
CA SER F 724 94.62 -82.04 39.89
C SER F 724 94.29 -82.51 41.30
N TYR F 725 95.34 -82.82 42.05
CA TYR F 725 95.22 -83.29 43.42
C TYR F 725 96.15 -82.46 44.29
N GLY F 726 95.62 -81.88 45.37
CA GLY F 726 96.37 -80.95 46.18
C GLY F 726 96.23 -81.24 47.67
N PHE F 727 97.09 -80.58 48.44
CA PHE F 727 97.13 -80.71 49.89
C PHE F 727 97.56 -79.36 50.44
N ASP F 728 96.84 -78.86 51.44
CA ASP F 728 97.06 -77.50 51.92
C ASP F 728 97.58 -77.44 53.36
N GLY F 729 98.01 -78.55 53.92
CA GLY F 729 98.47 -78.62 55.30
C GLY F 729 97.45 -79.19 56.25
N LEU F 730 96.16 -78.98 55.98
CA LEU F 730 95.09 -79.54 56.79
C LEU F 730 94.03 -80.26 55.98
N HIS F 731 93.92 -79.99 54.69
CA HIS F 731 92.89 -80.58 53.84
C HIS F 731 93.49 -81.10 52.56
N LEU F 732 92.90 -82.18 52.05
CA LEU F 732 93.20 -82.69 50.72
C LEU F 732 92.14 -82.18 49.75
N TRP F 733 92.59 -81.64 48.62
CA TRP F 733 91.73 -80.95 47.67
C TRP F 733 91.68 -81.72 46.36
N SER F 734 90.45 -82.00 45.90
CA SER F 734 90.21 -82.61 44.60
C SER F 734 88.76 -82.34 44.22
N GLY F 735 88.54 -81.76 43.05
CA GLY F 735 87.19 -81.45 42.64
C GLY F 735 86.50 -80.42 43.53
N CYS F 736 87.22 -79.40 43.95
CA CYS F 736 86.68 -78.26 44.71
C CYS F 736 86.06 -78.69 46.04
N ILE F 737 86.44 -79.85 46.58
CA ILE F 737 85.92 -80.32 47.86
C ILE F 737 87.09 -80.79 48.71
N ALA F 738 87.13 -80.35 49.96
CA ALA F 738 88.20 -80.69 50.89
C ALA F 738 87.84 -81.95 51.69
N ARG F 739 88.88 -82.58 52.24
CA ARG F 739 88.70 -83.83 52.98
C ARG F 739 89.12 -83.77 54.44
N THR F 740 89.77 -82.68 54.87
CA THR F 740 90.20 -82.51 56.26
C THR F 740 91.11 -83.66 56.69
N VAL F 741 92.26 -83.76 56.02
CA VAL F 741 93.23 -84.79 56.34
C VAL F 741 93.85 -84.52 57.70
N SER F 742 93.97 -85.56 58.51
CA SER F 742 94.56 -85.45 59.84
C SER F 742 96.03 -85.84 59.80
N SER F 743 96.82 -85.22 60.66
CA SER F 743 98.25 -85.47 60.74
C SER F 743 98.75 -84.94 62.08
N PRO F 744 99.87 -85.45 62.58
CA PRO F 744 100.46 -84.89 63.80
C PRO F 744 100.64 -83.38 63.69
N ASN F 745 100.11 -82.66 64.67
CA ASN F 745 100.09 -81.21 64.69
C ASN F 745 99.48 -80.66 63.41
N GLN F 746 98.22 -81.04 63.18
CA GLN F 746 97.51 -80.63 61.98
C GLN F 746 97.24 -79.13 62.03
N HIS F 747 97.60 -78.44 60.94
CA HIS F 747 97.46 -76.99 60.86
C HIS F 747 97.73 -76.56 59.43
N LEU F 748 97.29 -75.35 59.11
CA LEU F 748 97.60 -74.74 57.81
C LEU F 748 99.10 -74.52 57.71
N LEU F 749 99.62 -74.67 56.49
CA LEU F 749 101.06 -74.57 56.26
C LEU F 749 101.62 -73.23 56.72
N ARG F 750 102.44 -73.25 57.77
CA ARG F 750 103.13 -72.07 58.26
C ARG F 750 104.58 -72.12 57.81
N THR F 751 105.36 -71.14 58.26
CA THR F 751 106.73 -71.00 57.82
C THR F 751 107.56 -72.21 58.24
N ASP F 752 108.54 -72.55 57.40
CA ASP F 752 109.49 -73.64 57.64
C ASP F 752 108.77 -74.99 57.77
N ASP F 753 108.12 -75.38 56.68
CA ASP F 753 107.48 -76.68 56.56
C ASP F 753 108.11 -77.46 55.42
N VAL F 754 108.54 -78.69 55.72
CA VAL F 754 109.23 -79.50 54.72
C VAL F 754 108.30 -79.90 53.59
N ILE F 755 107.12 -80.42 53.93
CA ILE F 755 106.10 -80.83 52.96
C ILE F 755 106.69 -81.72 51.88
N SER F 756 107.04 -82.95 52.24
CA SER F 756 107.63 -83.90 51.31
C SER F 756 106.51 -84.68 50.61
N CYS F 757 106.39 -84.49 49.31
CA CYS F 757 105.37 -85.16 48.50
C CYS F 757 106.03 -86.27 47.71
N CYS F 758 105.52 -87.49 47.87
CA CYS F 758 105.99 -88.65 47.12
C CYS F 758 104.92 -89.09 46.15
N LEU F 759 105.24 -89.04 44.86
CA LEU F 759 104.33 -89.42 43.79
C LEU F 759 104.74 -90.79 43.26
N ASP F 760 103.77 -91.69 43.15
CA ASP F 760 103.98 -92.96 42.45
C ASP F 760 102.84 -93.17 41.48
N LEU F 761 103.18 -93.61 40.27
CA LEU F 761 102.21 -93.75 39.20
C LEU F 761 102.06 -95.17 38.69
N SER F 762 103.09 -96.01 38.82
CA SER F 762 102.92 -97.42 38.54
C SER F 762 101.85 -98.03 39.44
N ALA F 763 101.86 -97.66 40.70
CA ALA F 763 100.78 -97.89 41.63
C ALA F 763 99.88 -96.65 41.70
N PRO F 764 98.61 -96.81 42.02
CA PRO F 764 97.72 -95.64 42.18
C PRO F 764 97.77 -95.06 43.60
N SER F 765 98.80 -94.26 43.87
CA SER F 765 98.93 -93.66 45.19
C SER F 765 99.80 -92.40 45.10
N ILE F 766 99.35 -91.34 45.76
CA ILE F 766 100.12 -90.11 45.92
C ILE F 766 100.10 -89.76 47.41
N SER F 767 101.27 -89.76 48.04
CA SER F 767 101.33 -89.57 49.48
C SER F 767 102.08 -88.29 49.82
N PHE F 768 101.81 -87.77 51.01
CA PHE F 768 102.44 -86.55 51.49
C PHE F 768 102.88 -86.74 52.93
N ARG F 769 103.90 -86.00 53.33
CA ARG F 769 104.42 -86.04 54.70
C ARG F 769 104.76 -84.62 55.11
N ILE F 770 104.02 -84.07 56.06
CA ILE F 770 104.27 -82.72 56.56
C ILE F 770 105.34 -82.81 57.64
N ASN F 771 106.50 -82.21 57.38
CA ASN F 771 107.64 -82.21 58.31
C ASN F 771 108.06 -83.63 58.67
N GLY F 772 107.98 -84.54 57.71
CA GLY F 772 108.40 -85.90 57.92
C GLY F 772 107.28 -86.87 58.24
N GLN F 773 106.34 -86.44 59.08
CA GLN F 773 105.23 -87.30 59.46
C GLN F 773 104.26 -87.46 58.30
N PRO F 774 104.01 -88.67 57.82
CA PRO F 774 103.12 -88.85 56.67
C PRO F 774 101.70 -88.45 56.98
N VAL F 775 101.01 -87.94 55.94
CA VAL F 775 99.60 -87.62 56.09
C VAL F 775 98.79 -88.90 56.23
N GLN F 776 97.69 -88.82 56.96
CA GLN F 776 96.87 -89.99 57.27
C GLN F 776 95.79 -90.19 56.21
N GLY F 777 96.24 -90.42 54.98
CA GLY F 777 95.34 -90.62 53.86
C GLY F 777 95.90 -90.11 52.54
N MET F 778 95.79 -90.93 51.51
CA MET F 778 96.32 -90.62 50.18
C MET F 778 95.19 -90.64 49.14
N PHE F 779 95.58 -90.37 47.89
CA PHE F 779 94.69 -90.54 46.75
C PHE F 779 95.04 -91.82 46.02
N GLU F 780 94.02 -92.51 45.49
CA GLU F 780 94.19 -93.78 44.83
C GLU F 780 93.20 -93.89 43.69
N ASN F 781 93.51 -94.81 42.77
CA ASN F 781 92.70 -95.10 41.59
C ASN F 781 92.46 -93.86 40.75
N PHE F 782 93.34 -92.87 40.87
CA PHE F 782 93.27 -91.71 39.98
C PHE F 782 93.62 -92.14 38.56
N ASN F 783 93.08 -91.40 37.59
CA ASN F 783 93.26 -91.77 36.19
C ASN F 783 94.73 -91.72 35.82
N ILE F 784 95.32 -92.89 35.53
CA ILE F 784 96.76 -92.99 35.32
C ILE F 784 97.19 -92.25 34.05
N ASP F 785 96.32 -92.16 33.06
CA ASP F 785 96.70 -91.57 31.78
C ASP F 785 97.04 -90.08 31.94
N GLY F 786 97.79 -89.57 30.98
CA GLY F 786 98.23 -88.19 31.02
C GLY F 786 99.57 -88.04 31.73
N LEU F 787 100.19 -86.88 31.50
CA LEU F 787 101.50 -86.58 32.06
C LEU F 787 101.33 -85.79 33.35
N PHE F 788 101.97 -86.28 34.42
CA PHE F 788 101.86 -85.68 35.74
C PHE F 788 103.07 -84.80 36.03
N PHE F 789 102.82 -83.66 36.67
CA PHE F 789 103.87 -82.74 37.09
C PHE F 789 103.53 -82.18 38.45
N PRO F 790 104.53 -81.85 39.26
CA PRO F 790 104.27 -81.14 40.51
C PRO F 790 103.77 -79.73 40.23
N VAL F 791 102.96 -79.21 41.14
CA VAL F 791 102.35 -77.90 40.96
C VAL F 791 101.92 -77.36 42.32
N VAL F 792 102.14 -76.06 42.52
CA VAL F 792 101.79 -75.38 43.75
C VAL F 792 100.98 -74.13 43.41
N SER F 793 99.83 -73.97 44.05
CA SER F 793 99.04 -72.74 43.98
C SER F 793 99.32 -71.96 45.26
N PHE F 794 99.99 -70.82 45.12
CA PHE F 794 100.57 -70.12 46.26
C PHE F 794 99.86 -68.80 46.57
N SER F 795 98.64 -68.62 46.07
CA SER F 795 97.91 -67.35 46.20
C SER F 795 98.81 -66.13 46.00
N ALA F 796 98.76 -65.20 46.94
CA ALA F 796 99.60 -64.01 46.91
C ALA F 796 100.12 -63.74 48.31
N GLY F 797 101.17 -62.92 48.38
CA GLY F 797 101.79 -62.61 49.66
C GLY F 797 102.45 -63.81 50.31
N ILE F 798 103.23 -64.56 49.53
CA ILE F 798 103.88 -65.77 50.00
C ILE F 798 105.28 -65.88 49.42
N LYS F 799 106.12 -66.68 50.10
CA LYS F 799 107.48 -66.99 49.68
C LYS F 799 107.67 -68.49 49.80
N VAL F 800 107.96 -69.16 48.69
CA VAL F 800 108.16 -70.60 48.67
C VAL F 800 109.46 -70.89 47.94
N ARG F 801 110.11 -72.00 48.29
CA ARG F 801 111.34 -72.41 47.63
C ARG F 801 111.37 -73.91 47.53
N PHE F 802 111.51 -74.43 46.32
CA PHE F 802 111.49 -75.86 46.06
C PHE F 802 112.80 -76.50 46.47
N LEU F 803 112.89 -77.83 46.33
CA LEU F 803 114.13 -78.56 46.53
C LEU F 803 114.22 -79.67 45.49
N LEU F 804 115.41 -79.84 44.93
CA LEU F 804 115.67 -80.90 43.96
C LEU F 804 117.02 -81.53 44.31
N GLY F 805 117.55 -82.35 43.40
CA GLY F 805 118.84 -82.97 43.58
C GLY F 805 119.94 -82.24 42.84
N GLY F 806 121.16 -82.42 43.34
CA GLY F 806 122.30 -81.79 42.69
C GLY F 806 122.34 -80.29 42.94
N ARG F 807 122.76 -79.55 41.92
CA ARG F 807 122.82 -78.10 42.02
C ARG F 807 121.45 -77.45 42.02
N HIS F 808 120.39 -78.20 41.71
CA HIS F 808 119.05 -77.65 41.67
C HIS F 808 118.40 -77.56 43.04
N GLY F 809 119.05 -78.06 44.08
CA GLY F 809 118.50 -77.94 45.43
C GLY F 809 119.17 -78.92 46.36
N GLU F 810 118.85 -78.75 47.65
CA GLU F 810 119.35 -79.62 48.70
C GLU F 810 118.21 -80.42 49.28
N PHE F 811 118.34 -81.74 49.27
CA PHE F 811 117.30 -82.62 49.82
C PHE F 811 117.47 -82.69 51.32
N LYS F 812 116.67 -81.92 52.05
CA LYS F 812 116.75 -81.94 53.51
C LYS F 812 116.38 -83.31 54.06
N PHE F 813 115.33 -83.93 53.51
CA PHE F 813 114.89 -85.24 53.93
C PHE F 813 115.21 -86.26 52.83
N LEU F 814 115.49 -87.49 53.26
CA LEU F 814 115.86 -88.53 52.32
C LEU F 814 114.63 -89.03 51.56
N PRO F 815 114.77 -89.31 50.26
CA PRO F 815 113.65 -89.84 49.50
C PRO F 815 113.27 -91.22 49.98
N PRO F 816 112.02 -91.63 49.82
CA PRO F 816 111.62 -92.99 50.19
C PRO F 816 112.29 -94.01 49.29
N PRO F 817 112.43 -95.25 49.75
CA PRO F 817 113.12 -96.27 48.94
C PRO F 817 112.45 -96.46 47.59
N GLY F 818 113.27 -96.68 46.58
CA GLY F 818 112.78 -96.87 45.21
C GLY F 818 112.15 -95.63 44.61
N TYR F 819 112.68 -94.45 44.91
CA TYR F 819 112.17 -93.20 44.37
C TYR F 819 113.30 -92.41 43.73
N ALA F 820 112.95 -91.65 42.70
CA ALA F 820 113.92 -90.84 41.97
C ALA F 820 113.90 -89.41 42.46
N ALA F 821 114.94 -88.66 42.08
CA ALA F 821 115.04 -87.26 42.44
C ALA F 821 114.07 -86.43 41.61
N CYS F 822 113.78 -85.22 42.09
CA CYS F 822 112.88 -84.33 41.38
C CYS F 822 113.45 -83.91 40.04
N TYR F 823 114.75 -83.62 39.98
CA TYR F 823 115.39 -83.15 38.76
C TYR F 823 115.87 -84.29 37.86
N GLU F 824 115.81 -85.54 38.32
CA GLU F 824 116.31 -86.65 37.54
C GLU F 824 115.50 -86.84 36.26
N ALA F 825 114.23 -86.46 36.27
CA ALA F 825 113.34 -86.63 35.13
C ALA F 825 113.45 -85.51 34.10
N VAL F 826 114.57 -84.77 34.10
CA VAL F 826 114.74 -83.67 33.17
C VAL F 826 114.79 -84.22 31.74
N LEU F 827 114.11 -83.53 30.83
CA LEU F 827 114.11 -83.95 29.44
C LEU F 827 115.52 -83.83 28.86
N PRO F 828 115.92 -84.73 27.97
CA PRO F 828 117.27 -84.66 27.40
C PRO F 828 117.49 -83.37 26.63
N LYS F 829 118.71 -82.85 26.73
CA LYS F 829 119.13 -81.63 26.05
C LYS F 829 118.28 -80.42 26.42
N GLU F 830 117.64 -80.45 27.59
CA GLU F 830 116.79 -79.36 28.06
C GLU F 830 117.25 -78.92 29.44
N LYS F 831 117.17 -77.62 29.69
CA LYS F 831 117.50 -77.06 30.99
C LYS F 831 116.22 -76.91 31.80
N LEU F 832 116.17 -77.56 32.96
CA LEU F 832 114.97 -77.54 33.78
C LEU F 832 114.68 -76.12 34.26
N LYS F 833 113.42 -75.71 34.14
CA LYS F 833 113.01 -74.38 34.58
C LYS F 833 111.54 -74.44 34.99
N VAL F 834 111.13 -73.44 35.76
CA VAL F 834 109.77 -73.35 36.29
C VAL F 834 109.06 -72.18 35.63
N GLU F 835 107.78 -72.37 35.32
CA GLU F 835 106.97 -71.35 34.68
C GLU F 835 105.51 -71.61 35.03
N HIS F 836 104.64 -70.71 34.58
CA HIS F 836 103.22 -70.85 34.87
C HIS F 836 102.67 -72.14 34.27
N SER F 837 101.79 -72.80 35.02
CA SER F 837 101.33 -74.13 34.63
C SER F 837 100.56 -74.10 33.32
N ARG F 838 99.56 -73.25 33.22
CA ARG F 838 98.74 -73.23 32.03
C ARG F 838 98.63 -71.86 31.39
N GLU F 839 98.49 -70.81 32.20
CA GLU F 839 98.32 -69.47 31.66
C GLU F 839 99.62 -68.96 31.09
N TYR F 840 99.52 -68.23 29.97
CA TYR F 840 100.67 -67.56 29.37
C TYR F 840 100.84 -66.14 29.88
N LYS F 841 100.20 -65.81 30.99
CA LYS F 841 100.30 -64.46 31.54
C LYS F 841 101.73 -64.17 31.98
N GLN F 842 102.24 -63.00 31.58
CA GLN F 842 103.57 -62.55 31.98
C GLN F 842 103.58 -61.10 32.43
N GLU F 843 102.42 -60.49 32.64
CA GLU F 843 102.31 -59.09 33.04
C GLU F 843 103.04 -58.18 32.06
N ARG F 844 102.76 -58.38 30.77
CA ARG F 844 103.39 -57.62 29.69
C ARG F 844 102.35 -56.81 28.95
N THR F 845 102.68 -55.57 28.65
CA THR F 845 101.77 -54.64 27.98
C THR F 845 102.11 -54.55 26.50
N TYR F 846 101.15 -54.87 25.65
CA TYR F 846 101.27 -54.74 24.20
C TYR F 846 102.42 -55.58 23.62
N THR F 847 102.89 -56.56 24.39
CA THR F 847 103.93 -57.47 23.94
C THR F 847 103.62 -58.90 24.37
N ARG F 848 102.34 -59.23 24.49
CA ARG F 848 101.92 -60.54 24.95
C ARG F 848 101.97 -61.53 23.79
N ASP F 849 102.77 -62.59 23.95
CA ASP F 849 102.87 -63.63 22.94
C ASP F 849 101.63 -64.50 23.01
N LEU F 850 100.60 -64.12 22.27
CA LEU F 850 99.31 -64.82 22.27
C LEU F 850 99.44 -66.11 21.47
N LEU F 851 100.22 -67.04 22.01
CA LEU F 851 100.46 -68.31 21.33
C LEU F 851 99.16 -69.09 21.22
N GLY F 852 98.98 -69.75 20.08
CA GLY F 852 97.80 -70.52 19.82
C GLY F 852 97.93 -71.96 20.29
N PRO F 853 97.23 -72.87 19.62
CA PRO F 853 97.30 -74.29 20.02
C PRO F 853 98.70 -74.85 19.83
N THR F 854 99.02 -75.84 20.65
CA THR F 854 100.31 -76.52 20.60
C THR F 854 100.12 -77.94 20.08
N VAL F 855 101.25 -78.61 19.87
CA VAL F 855 101.24 -80.00 19.42
C VAL F 855 101.34 -80.91 20.64
N SER F 856 100.99 -82.18 20.45
CA SER F 856 100.95 -83.12 21.56
C SER F 856 102.32 -83.33 22.20
N LEU F 857 103.40 -83.10 21.45
CA LEU F 857 104.76 -83.24 21.96
C LEU F 857 105.02 -84.64 22.53
N PRO F 876 115.89 -117.09 0.59
CA PRO F 876 116.84 -118.21 0.47
C PRO F 876 118.03 -117.87 -0.43
N HIS F 877 117.84 -116.93 -1.34
CA HIS F 877 118.90 -116.53 -2.26
C HIS F 877 119.97 -115.69 -1.58
N LEU F 878 119.75 -115.25 -0.34
CA LEU F 878 120.67 -114.38 0.37
C LEU F 878 121.36 -115.07 1.53
N GLU F 879 121.33 -116.40 1.59
CA GLU F 879 122.03 -117.11 2.66
C GLU F 879 123.54 -116.92 2.55
N ARG F 880 124.07 -116.97 1.33
CA ARG F 880 125.48 -116.67 1.13
C ARG F 880 125.80 -115.25 1.55
N ILE F 881 124.87 -114.32 1.30
CA ILE F 881 125.04 -112.93 1.75
C ILE F 881 125.11 -112.88 3.26
N ARG F 882 124.24 -113.64 3.94
CA ARG F 882 124.26 -113.70 5.41
C ARG F 882 125.61 -114.18 5.91
N GLU F 883 126.09 -115.30 5.38
CA GLU F 883 127.35 -115.87 5.84
C GLU F 883 128.51 -114.92 5.57
N ARG F 884 128.57 -114.34 4.37
CA ARG F 884 129.67 -113.44 4.05
C ARG F 884 129.62 -112.16 4.88
N LEU F 885 128.41 -111.66 5.17
CA LEU F 885 128.29 -110.47 6.01
C LEU F 885 128.74 -110.76 7.44
N ALA F 886 128.40 -111.94 7.95
CA ALA F 886 128.92 -112.34 9.26
C ALA F 886 130.44 -112.42 9.23
N GLU F 887 131.00 -112.97 8.15
CA GLU F 887 132.44 -113.06 8.01
C GLU F 887 133.07 -111.67 8.05
N ASN F 888 132.55 -110.74 7.26
CA ASN F 888 133.11 -109.39 7.23
C ASN F 888 132.98 -108.70 8.57
N ILE F 889 131.83 -108.84 9.23
CA ILE F 889 131.65 -108.20 10.54
C ILE F 889 132.67 -108.73 11.53
N HIS F 890 132.85 -110.05 11.58
CA HIS F 890 133.76 -110.58 12.57
C HIS F 890 135.21 -110.23 12.24
N GLU F 891 135.58 -110.12 10.95
CA GLU F 891 136.95 -109.75 10.68
C GLU F 891 137.20 -108.27 11.00
N LEU F 892 136.20 -107.42 10.75
CA LEU F 892 136.34 -106.02 11.16
C LEU F 892 136.51 -105.90 12.67
N TRP F 893 135.77 -106.70 13.44
CA TRP F 893 135.94 -106.65 14.90
C TRP F 893 137.30 -107.22 15.32
N VAL F 894 137.75 -108.30 14.68
CA VAL F 894 139.01 -108.89 15.11
C VAL F 894 140.21 -108.05 14.67
N MET F 895 140.06 -107.15 13.69
CA MET F 895 141.14 -106.20 13.46
C MET F 895 141.41 -105.35 14.70
N ASN F 896 140.34 -104.80 15.29
CA ASN F 896 140.49 -104.04 16.53
C ASN F 896 140.99 -104.92 17.65
N LYS F 897 140.53 -106.18 17.69
CA LYS F 897 141.02 -107.10 18.71
C LYS F 897 142.52 -107.36 18.59
N ILE F 898 143.01 -107.55 17.35
CA ILE F 898 144.43 -107.79 17.14
C ILE F 898 145.25 -106.54 17.44
N GLU F 899 144.72 -105.36 17.11
CA GLU F 899 145.46 -104.13 17.38
C GLU F 899 145.82 -103.99 18.86
N LEU F 900 145.03 -104.61 19.74
CA LEU F 900 145.42 -104.71 21.15
C LEU F 900 146.42 -105.83 21.38
N GLY F 901 146.32 -106.94 20.64
CA GLY F 901 147.22 -108.05 20.80
C GLY F 901 146.57 -109.33 21.30
N TRP F 902 145.32 -109.55 20.91
CA TRP F 902 144.54 -110.67 21.40
C TRP F 902 144.76 -111.91 20.52
N GLN F 903 144.64 -113.07 21.13
CA GLN F 903 144.69 -114.36 20.44
C GLN F 903 143.33 -115.04 20.53
N TYR F 904 143.26 -116.26 20.01
CA TYR F 904 142.01 -117.02 19.97
C TYR F 904 142.01 -118.12 21.03
N GLY F 905 140.81 -118.52 21.42
CA GLY F 905 140.62 -119.53 22.41
C GLY F 905 139.27 -119.40 23.12
N PRO F 906 138.64 -120.53 23.41
CA PRO F 906 137.30 -120.47 24.04
C PRO F 906 137.28 -119.71 25.36
N VAL F 907 138.34 -119.81 26.15
CA VAL F 907 138.45 -119.02 27.37
C VAL F 907 138.69 -117.57 27.00
N ARG F 908 138.08 -116.66 27.77
CA ARG F 908 138.17 -115.22 27.53
C ARG F 908 138.68 -114.55 28.79
N ASP F 909 140.01 -114.46 28.91
CA ASP F 909 140.66 -113.78 30.02
C ASP F 909 141.49 -112.63 29.48
N ASP F 910 141.37 -111.46 30.12
CA ASP F 910 142.10 -110.29 29.67
C ASP F 910 143.60 -110.49 29.82
N ASN F 911 144.03 -111.18 30.89
CA ASN F 911 145.45 -111.41 31.11
C ASN F 911 146.04 -112.28 30.01
N LYS F 912 145.31 -113.32 29.59
CA LYS F 912 145.80 -114.23 28.57
C LYS F 912 145.57 -113.71 27.15
N ARG F 913 144.77 -112.66 26.99
CA ARG F 913 144.52 -112.04 25.68
C ARG F 913 143.95 -113.05 24.69
N GLN F 914 143.01 -113.88 25.14
CA GLN F 914 142.38 -114.89 24.31
C GLN F 914 140.96 -114.44 23.96
N HIS F 915 140.66 -114.44 22.66
CA HIS F 915 139.38 -113.95 22.15
C HIS F 915 138.74 -115.04 21.29
N PRO F 916 137.73 -115.74 21.81
CA PRO F 916 137.15 -116.87 21.05
C PRO F 916 136.58 -116.48 19.70
N CYS F 917 136.03 -115.27 19.58
CA CYS F 917 135.49 -114.81 18.30
C CYS F 917 136.57 -114.60 17.24
N LEU F 918 137.84 -114.59 17.64
CA LEU F 918 138.93 -114.37 16.67
C LEU F 918 138.92 -115.42 15.58
N VAL F 919 138.69 -116.70 15.93
CA VAL F 919 138.67 -117.75 14.92
C VAL F 919 137.53 -117.48 13.93
N GLU F 920 137.73 -117.90 12.69
CA GLU F 920 136.80 -117.61 11.62
C GLU F 920 135.44 -118.26 11.89
N PHE F 921 134.42 -117.77 11.17
CA PHE F 921 133.06 -118.25 11.37
C PHE F 921 132.92 -119.72 11.05
N CYS F 922 133.77 -120.24 10.15
CA CYS F 922 133.74 -121.67 9.84
C CYS F 922 134.10 -122.51 11.05
N LYS F 923 135.13 -122.09 11.79
CA LYS F 923 135.58 -122.80 12.98
C LYS F 923 135.15 -122.11 14.27
N LEU F 924 134.21 -121.17 14.19
CA LEU F 924 133.78 -120.44 15.37
C LEU F 924 133.06 -121.38 16.35
N PRO F 925 133.36 -121.30 17.64
CA PRO F 925 132.69 -122.17 18.61
C PRO F 925 131.18 -121.93 18.62
N GLU F 926 130.44 -123.00 18.92
CA GLU F 926 129.00 -123.01 18.66
C GLU F 926 128.26 -121.91 19.42
N GLN F 927 128.66 -121.64 20.67
CA GLN F 927 128.01 -120.58 21.42
C GLN F 927 128.36 -119.20 20.85
N GLU F 928 129.66 -118.98 20.60
CA GLU F 928 130.07 -117.74 19.95
C GLU F 928 129.54 -117.64 18.53
N ARG F 929 129.44 -118.79 17.84
CA ARG F 929 128.83 -118.80 16.51
C ARG F 929 127.37 -118.34 16.58
N ASN F 930 126.62 -118.83 17.56
CA ASN F 930 125.24 -118.40 17.73
C ASN F 930 125.16 -116.91 18.08
N TYR F 931 126.08 -116.45 18.94
CA TYR F 931 126.09 -115.04 19.30
C TYR F 931 126.32 -114.14 18.08
N ASN F 932 127.31 -114.50 17.25
CA ASN F 932 127.59 -113.72 16.05
C ASN F 932 126.43 -113.83 15.06
N LEU F 933 125.88 -115.03 14.90
CA LEU F 933 124.82 -115.26 13.92
C LEU F 933 123.54 -114.53 14.30
N GLN F 934 123.29 -114.32 15.59
CA GLN F 934 122.10 -113.56 15.99
C GLN F 934 122.15 -112.14 15.44
N MET F 935 123.28 -111.44 15.64
CA MET F 935 123.41 -110.10 15.11
C MET F 935 123.52 -110.08 13.59
N SER F 936 124.14 -111.10 12.99
CA SER F 936 124.17 -111.17 11.53
C SER F 936 122.75 -111.33 10.97
N LEU F 937 121.95 -112.19 11.57
CA LEU F 937 120.57 -112.38 11.15
C LEU F 937 119.77 -111.10 11.33
N GLU F 938 119.96 -110.41 12.46
CA GLU F 938 119.28 -109.13 12.66
C GLU F 938 119.68 -108.12 11.59
N THR F 939 120.97 -108.05 11.28
CA THR F 939 121.47 -107.08 10.31
C THR F 939 120.86 -107.34 8.94
N LEU F 940 120.93 -108.58 8.45
CA LEU F 940 120.38 -108.85 7.12
C LEU F 940 118.86 -108.79 7.10
N LYS F 941 118.19 -109.18 8.18
CA LYS F 941 116.74 -109.05 8.27
C LYS F 941 116.32 -107.59 8.14
N THR F 942 117.02 -106.71 8.87
CA THR F 942 116.70 -105.29 8.74
C THR F 942 117.10 -104.74 7.37
N LEU F 943 118.19 -105.25 6.78
CA LEU F 943 118.56 -104.84 5.44
C LEU F 943 117.43 -105.13 4.45
N LEU F 944 116.86 -106.32 4.51
CA LEU F 944 115.79 -106.66 3.59
C LEU F 944 114.46 -106.03 3.99
N ALA F 945 114.30 -105.63 5.25
CA ALA F 945 113.07 -104.97 5.69
C ALA F 945 113.09 -103.46 5.51
N LEU F 946 114.25 -102.89 5.16
CA LEU F 946 114.37 -101.44 4.93
C LEU F 946 113.65 -100.97 3.67
N GLY F 947 112.87 -101.81 2.98
CA GLY F 947 112.17 -101.41 1.78
C GLY F 947 112.92 -101.64 0.50
N CYS F 948 114.18 -102.07 0.57
CA CYS F 948 114.98 -102.39 -0.61
C CYS F 948 115.27 -103.88 -0.62
N HIS F 949 115.01 -104.53 -1.75
CA HIS F 949 115.21 -105.96 -1.85
C HIS F 949 116.69 -106.31 -1.75
N VAL F 950 116.99 -107.35 -0.98
CA VAL F 950 118.35 -107.82 -0.78
C VAL F 950 118.45 -109.23 -1.34
N GLY F 951 119.34 -109.43 -2.31
CA GLY F 951 119.55 -110.72 -2.93
C GLY F 951 120.99 -110.91 -3.29
N ILE F 952 121.23 -111.57 -4.43
CA ILE F 952 122.58 -111.81 -4.94
C ILE F 952 122.67 -111.24 -6.33
N ALA F 953 123.71 -110.44 -6.57
CA ALA F 953 123.91 -109.80 -7.87
C ALA F 953 125.39 -109.53 -8.12
N TYR F 970 151.27 -106.48 4.94
CA TYR F 970 149.98 -105.90 5.27
C TYR F 970 149.93 -105.45 6.73
N GLN F 971 148.74 -105.52 7.32
CA GLN F 971 148.56 -105.09 8.70
C GLN F 971 149.22 -106.07 9.67
N LEU F 972 149.54 -105.57 10.86
CA LEU F 972 150.12 -106.43 11.90
C LEU F 972 149.05 -107.37 12.43
N THR F 973 149.30 -108.68 12.30
CA THR F 973 148.32 -109.71 12.65
C THR F 973 148.95 -110.66 13.65
N SER F 974 148.59 -110.52 14.93
CA SER F 974 148.98 -111.51 15.92
C SER F 974 148.34 -112.86 15.65
N GLY F 975 147.07 -112.85 15.21
CA GLY F 975 146.39 -114.07 14.83
C GLY F 975 146.40 -114.27 13.34
N TYR F 976 145.22 -114.22 12.71
CA TYR F 976 145.11 -114.36 11.27
C TYR F 976 144.97 -112.97 10.63
N LYS F 977 144.89 -112.95 9.30
CA LYS F 977 144.85 -111.70 8.56
C LYS F 977 143.43 -111.45 8.06
N PRO F 978 142.71 -110.48 8.61
CA PRO F 978 141.40 -110.12 8.04
C PRO F 978 141.56 -109.44 6.70
N ALA F 979 140.62 -109.72 5.80
CA ALA F 979 140.64 -109.19 4.43
C ALA F 979 139.29 -108.54 4.14
N PRO F 980 139.10 -107.29 4.50
CA PRO F 980 137.82 -106.61 4.24
C PRO F 980 137.71 -106.16 2.80
N MET F 981 136.48 -105.85 2.40
CA MET F 981 136.21 -105.31 1.09
C MET F 981 136.50 -103.80 1.08
N ASP F 982 136.06 -103.12 0.03
CA ASP F 982 136.26 -101.68 -0.10
C ASP F 982 135.07 -100.94 0.51
N LEU F 983 135.02 -100.94 1.85
CA LEU F 983 133.94 -100.26 2.55
C LEU F 983 134.01 -98.76 2.34
N SER F 984 135.18 -98.15 2.56
CA SER F 984 135.32 -96.71 2.41
C SER F 984 135.40 -96.28 0.95
N PHE F 985 135.97 -97.12 0.09
CA PHE F 985 136.16 -96.73 -1.30
C PHE F 985 134.83 -96.52 -2.02
N ILE F 986 133.86 -97.40 -1.78
CA ILE F 986 132.57 -97.28 -2.45
C ILE F 986 131.83 -96.05 -1.94
N LYS F 987 131.12 -95.37 -2.83
CA LYS F 987 130.36 -94.18 -2.50
C LYS F 987 128.90 -94.55 -2.33
N LEU F 988 128.30 -94.09 -1.23
CA LEU F 988 126.91 -94.38 -0.90
C LEU F 988 126.11 -93.08 -0.88
N THR F 989 124.97 -93.09 -1.55
CA THR F 989 124.16 -91.89 -1.71
C THR F 989 123.54 -91.48 -0.37
N PRO F 990 123.22 -90.19 -0.20
CA PRO F 990 122.59 -89.76 1.06
C PRO F 990 121.28 -90.45 1.38
N SER F 991 120.50 -90.84 0.36
CA SER F 991 119.29 -91.62 0.65
C SER F 991 119.65 -92.97 1.26
N GLN F 992 120.69 -93.61 0.73
CA GLN F 992 121.20 -94.85 1.33
C GLN F 992 121.69 -94.62 2.75
N GLU F 993 122.34 -93.47 2.97
CA GLU F 993 122.79 -93.11 4.32
C GLU F 993 121.61 -92.99 5.28
N ALA F 994 120.54 -92.33 4.83
CA ALA F 994 119.35 -92.17 5.68
C ALA F 994 118.68 -93.51 5.95
N MET F 995 118.66 -94.39 4.95
CA MET F 995 118.05 -95.71 5.16
C MET F 995 118.88 -96.54 6.15
N VAL F 996 120.20 -96.47 6.04
CA VAL F 996 121.06 -97.14 7.03
C VAL F 996 120.88 -96.51 8.40
N ASP F 997 120.65 -95.20 8.46
CA ASP F 997 120.37 -94.54 9.72
C ASP F 997 119.08 -95.07 10.34
N LYS F 998 118.05 -95.28 9.51
CA LYS F 998 116.82 -95.86 10.00
C LYS F 998 117.05 -97.28 10.52
N LEU F 999 117.90 -98.04 9.83
CA LEU F 999 118.26 -99.37 10.32
C LEU F 999 118.95 -99.28 11.68
N ALA F 1000 119.86 -98.32 11.85
CA ALA F 1000 120.52 -98.14 13.14
C ALA F 1000 119.53 -97.75 14.22
N GLU F 1001 118.55 -96.91 13.87
CA GLU F 1001 117.49 -96.55 14.82
C GLU F 1001 116.70 -97.79 15.23
N ASN F 1002 116.39 -98.68 14.28
CA ASN F 1002 115.68 -99.90 14.62
C ASN F 1002 116.51 -100.79 15.53
N ALA F 1003 117.81 -100.89 15.26
CA ALA F 1003 118.68 -101.69 16.12
C ALA F 1003 118.74 -101.12 17.54
N HIS F 1004 118.87 -99.80 17.67
CA HIS F 1004 118.89 -99.22 19.00
C HIS F 1004 117.52 -99.32 19.66
N ASN F 1005 116.45 -99.34 18.88
CA ASN F 1005 115.12 -99.49 19.45
C ASN F 1005 114.92 -100.89 20.05
N VAL F 1006 115.36 -101.93 19.32
CA VAL F 1006 115.26 -103.27 19.90
C VAL F 1006 116.22 -103.40 21.09
N TRP F 1007 117.38 -102.75 21.02
CA TRP F 1007 118.28 -102.71 22.18
C TRP F 1007 117.57 -102.12 23.39
N ALA F 1008 116.91 -100.97 23.22
CA ALA F 1008 116.22 -100.33 24.32
C ALA F 1008 115.05 -101.18 24.82
N ARG F 1009 114.35 -101.85 23.90
CA ARG F 1009 113.26 -102.72 24.31
C ARG F 1009 113.76 -103.85 25.19
N ASP F 1010 114.92 -104.42 24.85
CA ASP F 1010 115.51 -105.43 25.72
C ASP F 1010 116.01 -104.84 27.04
N ARG F 1011 116.53 -103.61 27.00
CA ARG F 1011 117.17 -103.02 28.17
C ARG F 1011 116.15 -102.57 29.22
N ILE F 1012 115.01 -102.04 28.79
CA ILE F 1012 114.04 -101.47 29.73
C ILE F 1012 113.49 -102.51 30.69
N ARG F 1013 113.58 -103.79 30.35
CA ARG F 1013 113.15 -104.84 31.28
C ARG F 1013 114.02 -104.83 32.53
N GLN F 1014 115.33 -104.65 32.36
CA GLN F 1014 116.24 -104.60 33.51
C GLN F 1014 116.13 -103.27 34.23
N ARG F 1027 117.95 -99.20 33.94
CA ARG F 1027 117.99 -98.55 35.24
C ARG F 1027 117.95 -97.04 35.09
N ARG F 1028 116.93 -96.54 34.40
CA ARG F 1028 116.77 -95.12 34.12
C ARG F 1028 118.01 -94.54 33.43
N ASN F 1029 118.58 -95.33 32.53
CA ASN F 1029 119.74 -94.90 31.76
C ASN F 1029 119.32 -94.00 30.60
N PRO F 1030 120.20 -93.13 30.13
CA PRO F 1030 119.84 -92.28 28.98
C PRO F 1030 119.46 -93.08 27.75
N ARG F 1031 120.06 -94.25 27.54
CA ARG F 1031 119.69 -95.08 26.41
C ARG F 1031 118.23 -95.52 26.45
N LEU F 1032 117.60 -95.44 27.62
CA LEU F 1032 116.17 -95.75 27.72
C LEU F 1032 115.32 -94.77 26.95
N VAL F 1033 115.82 -93.57 26.65
CA VAL F 1033 115.07 -92.57 25.90
C VAL F 1033 114.97 -93.06 24.46
N PRO F 1034 113.89 -92.75 23.73
CA PRO F 1034 113.82 -93.12 22.32
C PRO F 1034 114.94 -92.49 21.50
N TYR F 1035 115.10 -93.00 20.28
CA TYR F 1035 116.19 -92.56 19.42
C TYR F 1035 116.03 -91.09 19.03
N THR F 1036 114.81 -90.58 19.00
CA THR F 1036 114.60 -89.18 18.63
C THR F 1036 115.27 -88.23 19.61
N LEU F 1037 115.18 -88.53 20.90
CA LEU F 1037 115.81 -87.71 21.94
C LEU F 1037 117.12 -88.30 22.42
N LEU F 1038 117.64 -89.34 21.76
CA LEU F 1038 118.88 -89.97 22.18
C LEU F 1038 120.06 -89.03 21.94
N ASP F 1039 121.10 -89.18 22.77
CA ASP F 1039 122.27 -88.33 22.68
C ASP F 1039 122.97 -88.52 21.33
N ASP F 1040 123.35 -87.40 20.71
CA ASP F 1040 123.87 -87.43 19.35
C ASP F 1040 125.15 -88.24 19.24
N ARG F 1041 125.97 -88.26 20.29
CA ARG F 1041 127.20 -89.06 20.26
C ARG F 1041 126.87 -90.54 20.07
N THR F 1042 125.99 -91.07 20.93
CA THR F 1042 125.58 -92.47 20.80
C THR F 1042 124.86 -92.72 19.48
N LYS F 1043 124.02 -91.77 19.05
CA LYS F 1043 123.31 -91.93 17.80
C LYS F 1043 124.27 -92.06 16.63
N LYS F 1044 125.27 -91.18 16.55
CA LYS F 1044 126.23 -91.23 15.45
C LYS F 1044 127.09 -92.49 15.53
N SER F 1045 127.50 -92.90 16.72
CA SER F 1045 128.29 -94.12 16.85
C SER F 1045 127.50 -95.32 16.36
N ASN F 1046 126.24 -95.44 16.79
CA ASN F 1046 125.40 -96.54 16.32
C ASN F 1046 125.18 -96.46 14.82
N LYS F 1047 125.00 -95.24 14.29
CA LYS F 1047 124.77 -95.06 12.86
C LYS F 1047 125.96 -95.59 12.05
N ASP F 1048 127.18 -95.19 12.42
CA ASP F 1048 128.34 -95.64 11.66
C ASP F 1048 128.59 -97.13 11.85
N SER F 1049 128.41 -97.64 13.08
CA SER F 1049 128.63 -99.06 13.33
C SER F 1049 127.68 -99.92 12.51
N LEU F 1050 126.42 -99.51 12.41
CA LEU F 1050 125.46 -100.28 11.61
C LEU F 1050 125.63 -100.02 10.12
N ARG F 1051 126.13 -98.84 9.74
CA ARG F 1051 126.33 -98.52 8.33
C ARG F 1051 127.57 -99.19 7.75
N GLU F 1052 128.49 -99.65 8.61
CA GLU F 1052 129.63 -100.42 8.09
C GLU F 1052 129.17 -101.66 7.34
N ALA F 1053 128.20 -102.40 7.89
CA ALA F 1053 127.69 -103.58 7.21
C ALA F 1053 126.96 -103.21 5.93
N VAL F 1054 126.26 -102.08 5.92
CA VAL F 1054 125.60 -101.62 4.71
C VAL F 1054 126.62 -101.30 3.63
N ARG F 1055 127.73 -100.69 4.02
CA ARG F 1055 128.81 -100.42 3.07
C ARG F 1055 129.42 -101.72 2.54
N THR F 1056 129.56 -102.72 3.41
CA THR F 1056 130.02 -104.03 2.94
C THR F 1056 129.07 -104.62 1.92
N LEU F 1057 127.76 -104.51 2.17
CA LEU F 1057 126.78 -104.98 1.19
C LEU F 1057 126.89 -104.24 -0.13
N LEU F 1058 127.06 -102.91 -0.06
CA LEU F 1058 127.15 -102.11 -1.28
C LEU F 1058 128.40 -102.45 -2.08
N GLY F 1059 129.53 -102.68 -1.39
CA GLY F 1059 130.75 -102.99 -2.10
C GLY F 1059 130.69 -104.31 -2.84
N TYR F 1060 130.06 -105.32 -2.24
CA TYR F 1060 129.94 -106.62 -2.89
C TYR F 1060 129.08 -106.54 -4.15
N GLY F 1061 128.13 -105.63 -4.19
CA GLY F 1061 127.27 -105.46 -5.35
C GLY F 1061 125.99 -106.27 -5.33
N TYR F 1062 125.78 -107.11 -4.31
CA TYR F 1062 124.55 -107.89 -4.21
C TYR F 1062 123.35 -106.99 -3.99
N ARG F 1084 92.62 -76.95 17.36
CA ARG F 1084 91.83 -75.99 18.13
C ARG F 1084 92.48 -74.61 17.94
N PHE F 1085 92.22 -73.99 16.79
CA PHE F 1085 92.77 -72.68 16.51
C PHE F 1085 92.14 -71.65 17.45
N ARG F 1086 92.96 -70.72 17.93
CA ARG F 1086 92.54 -69.78 18.95
C ARG F 1086 92.33 -68.41 18.34
N ILE F 1087 91.16 -67.82 18.61
CA ILE F 1087 90.79 -66.52 18.07
C ILE F 1087 90.79 -65.51 19.22
N PHE F 1088 91.60 -64.47 19.08
CA PHE F 1088 91.65 -63.36 20.01
C PHE F 1088 91.00 -62.14 19.35
N ARG F 1089 90.45 -61.25 20.17
CA ARG F 1089 89.85 -60.04 19.63
C ARG F 1089 89.77 -59.00 20.74
N ALA F 1090 89.57 -57.76 20.32
CA ALA F 1090 89.29 -56.70 21.29
C ALA F 1090 87.85 -56.83 21.78
N GLU F 1091 87.57 -56.17 22.91
CA GLU F 1091 86.24 -56.23 23.48
C GLU F 1091 85.22 -55.57 22.56
N LYS F 1092 84.00 -56.12 22.56
CA LYS F 1092 82.96 -55.63 21.67
C LYS F 1092 82.51 -54.22 22.02
N THR F 1093 82.76 -53.76 23.24
CA THR F 1093 82.39 -52.39 23.60
C THR F 1093 83.24 -51.37 22.87
N TYR F 1094 84.47 -51.74 22.51
CA TYR F 1094 85.38 -50.86 21.77
C TYR F 1094 85.14 -50.92 20.26
N ALA F 1095 84.03 -51.48 19.82
CA ALA F 1095 83.73 -51.54 18.40
C ALA F 1095 83.53 -50.12 17.85
N VAL F 1096 84.05 -49.89 16.65
CA VAL F 1096 84.01 -48.58 16.02
C VAL F 1096 83.13 -48.66 14.78
N LYS F 1097 82.18 -47.73 14.67
CA LYS F 1097 81.26 -47.68 13.55
C LYS F 1097 81.69 -46.70 12.47
N ALA F 1098 82.70 -45.87 12.73
CA ALA F 1098 83.15 -44.89 11.75
C ALA F 1098 84.57 -44.47 12.08
N GLY F 1099 85.24 -43.89 11.10
CA GLY F 1099 86.56 -43.32 11.27
C GLY F 1099 87.64 -44.15 10.58
N ARG F 1100 88.88 -43.73 10.84
CA ARG F 1100 90.07 -44.37 10.29
C ARG F 1100 90.84 -45.04 11.42
N TRP F 1101 91.18 -46.31 11.24
CA TRP F 1101 91.75 -47.11 12.32
C TRP F 1101 92.84 -48.01 11.79
N TYR F 1102 93.74 -48.39 12.69
CA TYR F 1102 94.92 -49.19 12.37
C TYR F 1102 95.35 -49.96 13.60
N PHE F 1103 95.87 -51.17 13.37
CA PHE F 1103 96.57 -51.91 14.40
C PHE F 1103 97.57 -52.85 13.73
N GLU F 1104 98.56 -53.27 14.50
CA GLU F 1104 99.62 -54.15 14.03
C GLU F 1104 99.45 -55.56 14.59
N PHE F 1105 99.77 -56.54 13.76
CA PHE F 1105 99.84 -57.94 14.17
C PHE F 1105 101.23 -58.47 13.85
N GLU F 1106 101.88 -59.03 14.87
CA GLU F 1106 103.18 -59.65 14.76
C GLU F 1106 103.03 -61.12 14.36
N ALA F 1107 104.07 -61.64 13.70
CA ALA F 1107 104.15 -63.06 13.37
C ALA F 1107 105.52 -63.55 13.78
N VAL F 1108 105.66 -63.96 15.05
CA VAL F 1108 106.95 -64.47 15.51
C VAL F 1108 107.30 -65.76 14.76
N THR F 1109 106.32 -66.64 14.59
CA THR F 1109 106.49 -67.86 13.80
C THR F 1109 105.46 -67.82 12.66
N ALA F 1110 105.95 -67.88 11.43
CA ALA F 1110 105.06 -67.85 10.28
C ALA F 1110 104.23 -69.13 10.20
N GLY F 1111 102.95 -68.98 9.88
CA GLY F 1111 102.07 -70.13 9.77
C GLY F 1111 100.62 -69.74 9.61
N ASP F 1112 99.71 -70.47 10.28
CA ASP F 1112 98.28 -70.24 10.18
C ASP F 1112 97.93 -68.98 10.97
N MET F 1113 98.15 -67.83 10.35
CA MET F 1113 97.87 -66.54 10.95
C MET F 1113 96.83 -65.82 10.11
N ARG F 1114 95.74 -65.37 10.74
CA ARG F 1114 94.77 -64.51 10.09
C ARG F 1114 94.52 -63.30 10.96
N VAL F 1115 94.45 -62.13 10.33
CA VAL F 1115 94.27 -60.87 11.05
C VAL F 1115 93.23 -60.03 10.31
N GLY F 1116 92.43 -59.29 11.06
CA GLY F 1116 91.45 -58.42 10.40
C GLY F 1116 90.45 -57.86 11.38
N TRP F 1117 89.25 -57.59 10.85
CA TRP F 1117 88.17 -56.96 11.60
C TRP F 1117 86.92 -57.80 11.45
N SER F 1118 86.24 -58.03 12.58
CA SER F 1118 85.02 -58.82 12.58
C SER F 1118 83.98 -58.14 13.47
N ARG F 1119 82.71 -58.32 13.10
CA ARG F 1119 81.62 -57.79 13.89
C ARG F 1119 81.45 -58.62 15.17
N PRO F 1120 80.76 -58.07 16.17
CA PRO F 1120 80.60 -58.81 17.44
C PRO F 1120 79.92 -60.16 17.29
N GLY F 1121 79.18 -60.39 16.21
CA GLY F 1121 78.48 -61.64 16.02
C GLY F 1121 79.34 -62.82 15.63
N CYS F 1122 80.65 -62.63 15.46
CA CYS F 1122 81.53 -63.73 15.07
C CYS F 1122 81.55 -64.82 16.13
N GLN F 1123 81.63 -66.06 15.68
CA GLN F 1123 81.59 -67.21 16.58
C GLN F 1123 82.98 -67.83 16.71
N PRO F 1124 83.39 -68.19 17.93
CA PRO F 1124 84.74 -68.75 18.11
C PRO F 1124 84.99 -70.02 17.33
N ASP F 1125 83.99 -70.90 17.20
CA ASP F 1125 84.22 -72.19 16.55
C ASP F 1125 84.53 -72.02 15.07
N LEU F 1126 83.81 -71.13 14.39
CA LEU F 1126 84.05 -70.91 12.97
C LEU F 1126 85.40 -70.26 12.74
N GLU F 1127 86.05 -70.64 11.64
CA GLU F 1127 87.34 -70.05 11.30
C GLU F 1127 87.17 -68.57 10.94
N LEU F 1128 88.18 -67.78 11.31
CA LEU F 1128 88.13 -66.35 11.07
C LEU F 1128 88.13 -66.07 9.57
N GLY F 1129 87.17 -65.27 9.13
CA GLY F 1129 87.02 -64.95 7.73
C GLY F 1129 86.27 -65.97 6.90
N SER F 1130 85.86 -67.09 7.50
CA SER F 1130 85.10 -68.11 6.79
C SER F 1130 83.61 -67.84 6.77
N ASP F 1131 83.17 -66.74 7.38
CA ASP F 1131 81.77 -66.37 7.41
C ASP F 1131 81.65 -64.88 7.11
N ASP F 1132 80.44 -64.46 6.76
CA ASP F 1132 80.21 -63.06 6.41
C ASP F 1132 80.42 -62.11 7.59
N ARG F 1133 80.49 -62.63 8.81
CA ARG F 1133 80.67 -61.79 9.99
C ARG F 1133 82.12 -61.39 10.22
N ALA F 1134 83.07 -61.92 9.46
CA ALA F 1134 84.49 -61.67 9.68
C ALA F 1134 85.17 -61.32 8.37
N PHE F 1135 86.06 -60.32 8.43
CA PHE F 1135 86.92 -59.94 7.32
C PHE F 1135 88.36 -60.15 7.77
N ALA F 1136 89.00 -61.20 7.25
CA ALA F 1136 90.34 -61.55 7.69
C ALA F 1136 91.28 -61.63 6.49
N PHE F 1137 92.57 -61.69 6.79
CA PHE F 1137 93.60 -61.89 5.78
C PHE F 1137 94.66 -62.82 6.35
N ASP F 1138 95.10 -63.78 5.53
CA ASP F 1138 96.17 -64.71 5.88
C ASP F 1138 97.34 -64.39 4.99
N GLY F 1139 98.44 -63.90 5.60
CA GLY F 1139 99.62 -63.57 4.82
C GLY F 1139 100.42 -64.76 4.38
N PHE F 1140 100.44 -65.84 5.18
CA PHE F 1140 101.21 -67.02 4.82
C PHE F 1140 100.67 -67.65 3.54
N LYS F 1141 99.35 -67.72 3.40
CA LYS F 1141 98.73 -68.13 2.15
C LYS F 1141 98.45 -66.96 1.22
N ALA F 1142 98.64 -65.72 1.69
CA ALA F 1142 98.49 -64.52 0.88
C ALA F 1142 97.10 -64.45 0.25
N GLN F 1143 96.09 -64.41 1.11
CA GLN F 1143 94.72 -64.40 0.61
C GLN F 1143 93.77 -63.83 1.66
N ARG F 1144 92.72 -63.17 1.17
CA ARG F 1144 91.69 -62.61 2.02
C ARG F 1144 90.58 -63.64 2.27
N TRP F 1145 89.82 -63.42 3.34
CA TRP F 1145 88.76 -64.33 3.73
C TRP F 1145 87.56 -63.52 4.21
N HIS F 1146 86.46 -63.58 3.45
CA HIS F 1146 85.16 -63.09 3.91
C HIS F 1146 84.10 -63.84 3.11
N GLN F 1147 83.49 -64.85 3.74
CA GLN F 1147 82.52 -65.74 3.12
C GLN F 1147 83.13 -66.54 1.97
N GLY F 1148 84.43 -66.44 1.77
CA GLY F 1148 85.10 -67.14 0.70
C GLY F 1148 86.59 -66.85 0.75
N ASN F 1149 87.33 -67.55 -0.09
CA ASN F 1149 88.77 -67.41 -0.15
C ASN F 1149 89.19 -66.85 -1.51
N GLU F 1150 89.96 -65.77 -1.48
CA GLU F 1150 90.46 -65.13 -2.68
C GLU F 1150 91.88 -64.63 -2.45
N HIS F 1151 92.75 -64.83 -3.43
CA HIS F 1151 94.15 -64.46 -3.29
C HIS F 1151 94.31 -62.96 -3.10
N TYR F 1152 95.29 -62.56 -2.29
CA TYR F 1152 95.52 -61.15 -1.99
C TYR F 1152 96.96 -60.97 -1.54
N GLY F 1153 97.74 -60.24 -2.32
CA GLY F 1153 99.07 -59.87 -1.90
C GLY F 1153 100.07 -61.02 -1.92
N ARG F 1154 101.21 -60.75 -1.28
CA ARG F 1154 102.32 -61.69 -1.21
C ARG F 1154 102.37 -62.35 0.17
N SER F 1155 103.38 -63.18 0.37
CA SER F 1155 103.56 -63.89 1.63
C SER F 1155 104.51 -63.13 2.55
N TRP F 1156 104.42 -63.44 3.84
CA TRP F 1156 105.25 -62.82 4.86
C TRP F 1156 106.21 -63.82 5.48
N GLN F 1157 107.10 -63.30 6.32
CA GLN F 1157 108.06 -64.14 7.04
C GLN F 1157 107.97 -63.86 8.53
N ALA F 1158 108.89 -64.44 9.31
CA ALA F 1158 108.90 -64.21 10.74
C ALA F 1158 109.22 -62.75 11.05
N GLY F 1159 108.46 -62.17 11.97
CA GLY F 1159 108.66 -60.79 12.36
C GLY F 1159 108.07 -59.77 11.42
N ASP F 1160 107.35 -60.20 10.38
CA ASP F 1160 106.75 -59.28 9.41
C ASP F 1160 105.45 -58.74 9.99
N VAL F 1161 105.49 -57.52 10.51
CA VAL F 1161 104.29 -56.91 11.06
C VAL F 1161 103.31 -56.58 9.95
N VAL F 1162 102.04 -56.86 10.20
CA VAL F 1162 100.97 -56.52 9.25
C VAL F 1162 100.05 -55.52 9.92
N GLY F 1163 99.85 -54.37 9.26
CA GLY F 1163 99.00 -53.31 9.77
C GLY F 1163 97.68 -53.29 9.02
N CYS F 1164 96.63 -52.85 9.69
CA CYS F 1164 95.27 -52.92 9.15
C CYS F 1164 94.67 -51.52 8.97
N MET F 1165 94.80 -50.95 7.77
CA MET F 1165 94.08 -49.73 7.45
C MET F 1165 92.58 -50.04 7.33
N VAL F 1166 91.76 -49.29 8.04
CA VAL F 1166 90.31 -49.39 7.89
C VAL F 1166 89.71 -47.99 7.91
N ASP F 1167 89.05 -47.61 6.83
CA ASP F 1167 88.32 -46.36 6.73
C ASP F 1167 86.84 -46.72 6.60
N MET F 1168 86.11 -46.60 7.71
CA MET F 1168 84.70 -47.00 7.71
C MET F 1168 83.83 -46.02 6.94
N ASN F 1169 84.17 -44.73 6.96
CA ASN F 1169 83.40 -43.76 6.19
C ASN F 1169 83.50 -44.03 4.70
N GLU F 1170 84.68 -44.39 4.22
CA GLU F 1170 84.87 -44.74 2.82
C GLU F 1170 84.55 -46.21 2.55
N HIS F 1171 84.25 -46.99 3.59
CA HIS F 1171 83.98 -48.42 3.46
C HIS F 1171 85.13 -49.14 2.75
N THR F 1172 86.35 -48.75 3.11
CA THR F 1172 87.55 -49.38 2.58
C THR F 1172 88.32 -50.04 3.72
N MET F 1173 88.98 -51.14 3.41
CA MET F 1173 89.75 -51.86 4.43
C MET F 1173 90.79 -52.72 3.73
N MET F 1174 92.06 -52.54 4.11
CA MET F 1174 93.13 -53.33 3.53
C MET F 1174 94.33 -53.35 4.47
N PHE F 1175 95.38 -54.02 4.01
CA PHE F 1175 96.48 -54.42 4.88
C PHE F 1175 97.80 -53.94 4.29
N THR F 1176 98.74 -53.64 5.18
CA THR F 1176 100.10 -53.27 4.82
C THR F 1176 101.05 -54.29 5.43
N LEU F 1177 101.74 -55.04 4.58
CA LEU F 1177 102.67 -56.07 5.03
C LEU F 1177 104.07 -55.47 5.16
N ASN F 1178 104.59 -55.45 6.38
CA ASN F 1178 105.93 -54.91 6.66
C ASN F 1178 106.06 -53.46 6.19
N GLY F 1179 104.97 -52.70 6.26
CA GLY F 1179 104.99 -51.29 5.90
C GLY F 1179 104.67 -50.97 4.47
N GLU F 1180 104.54 -51.96 3.59
CA GLU F 1180 104.24 -51.73 2.19
C GLU F 1180 102.87 -52.31 1.86
N ILE F 1181 102.14 -51.60 1.00
CA ILE F 1181 100.78 -52.00 0.62
C ILE F 1181 100.85 -53.16 -0.36
N LEU F 1182 100.04 -54.19 -0.12
CA LEU F 1182 99.96 -55.31 -1.04
C LEU F 1182 99.27 -54.90 -2.34
N LEU F 1183 99.54 -55.66 -3.39
CA LEU F 1183 99.04 -55.36 -4.73
C LEU F 1183 97.75 -56.13 -5.06
N ASP F 1184 97.20 -56.86 -4.09
CA ASP F 1184 95.96 -57.63 -4.27
C ASP F 1184 96.17 -58.63 -5.39
N ASP F 1185 95.39 -58.59 -6.48
CA ASP F 1185 95.49 -59.58 -7.54
C ASP F 1185 96.04 -58.98 -8.83
N SER F 1186 95.40 -57.95 -9.37
CA SER F 1186 95.83 -57.35 -10.63
C SER F 1186 96.31 -55.91 -10.45
N GLY F 1187 95.46 -55.01 -9.96
CA GLY F 1187 95.86 -53.63 -9.78
C GLY F 1187 95.23 -52.96 -8.58
N SER F 1188 94.52 -53.73 -7.76
CA SER F 1188 93.85 -53.17 -6.60
C SER F 1188 94.78 -53.18 -5.39
N GLU F 1189 94.36 -52.45 -4.35
CA GLU F 1189 95.08 -52.45 -3.10
C GLU F 1189 94.19 -52.78 -1.89
N LEU F 1190 92.88 -52.77 -2.05
CA LEU F 1190 91.95 -52.96 -0.94
C LEU F 1190 91.42 -54.39 -0.93
N ALA F 1191 91.48 -55.03 0.23
CA ALA F 1191 91.04 -56.42 0.34
C ALA F 1191 89.52 -56.53 0.27
N PHE F 1192 88.80 -55.66 0.98
CA PHE F 1192 87.36 -55.70 1.01
C PHE F 1192 86.80 -54.29 0.86
N LYS F 1193 85.56 -54.21 0.40
CA LYS F 1193 84.89 -52.93 0.20
C LYS F 1193 83.39 -53.16 0.30
N ASP F 1194 82.62 -52.13 -0.07
CA ASP F 1194 81.16 -52.11 -0.19
C ASP F 1194 80.46 -53.02 0.81
N PHE F 1195 80.75 -52.82 2.10
CA PHE F 1195 80.18 -53.63 3.17
C PHE F 1195 79.37 -52.75 4.10
N ASP F 1196 78.21 -53.25 4.52
CA ASP F 1196 77.37 -52.52 5.46
C ASP F 1196 78.08 -52.39 6.80
N VAL F 1197 77.97 -51.21 7.40
CA VAL F 1197 78.63 -50.96 8.69
C VAL F 1197 78.05 -51.88 9.75
N GLY F 1198 76.73 -51.90 9.89
CA GLY F 1198 76.10 -52.73 10.90
C GLY F 1198 76.64 -52.41 12.28
N ASP F 1199 77.01 -53.46 13.01
CA ASP F 1199 77.71 -53.28 14.27
C ASP F 1199 79.17 -52.92 14.01
N GLY F 1200 79.76 -52.20 14.96
CA GLY F 1200 81.14 -51.76 14.78
C GLY F 1200 82.09 -52.94 14.66
N PHE F 1201 83.07 -52.79 13.78
CA PHE F 1201 84.05 -53.84 13.58
C PHE F 1201 85.11 -53.80 14.67
N ILE F 1202 85.62 -54.98 15.02
CA ILE F 1202 86.54 -55.12 16.14
C ILE F 1202 87.83 -55.77 15.65
N PRO F 1203 88.99 -55.33 16.12
CA PRO F 1203 90.23 -56.04 15.78
C PRO F 1203 90.18 -57.49 16.26
N VAL F 1204 90.65 -58.39 15.40
CA VAL F 1204 90.56 -59.82 15.65
C VAL F 1204 91.69 -60.52 14.92
N CYS F 1205 92.18 -61.60 15.52
CA CYS F 1205 93.25 -62.40 14.92
C CYS F 1205 93.11 -63.85 15.35
N SER F 1206 93.22 -64.75 14.38
CA SER F 1206 93.12 -66.19 14.60
C SER F 1206 94.47 -66.85 14.36
N LEU F 1207 94.93 -67.63 15.33
CA LEU F 1207 96.23 -68.27 15.27
C LEU F 1207 96.05 -69.79 15.37
N GLY F 1208 96.78 -70.50 14.51
CA GLY F 1208 96.70 -71.95 14.44
C GLY F 1208 97.75 -72.63 15.31
N VAL F 1209 98.01 -73.89 14.98
CA VAL F 1209 98.87 -74.73 15.81
C VAL F 1209 100.31 -74.24 15.73
N ALA F 1210 100.96 -74.14 16.88
CA ALA F 1210 102.36 -73.74 16.98
C ALA F 1210 102.60 -72.38 16.32
N GLN F 1211 101.79 -71.41 16.71
CA GLN F 1211 101.84 -70.07 16.15
C GLN F 1211 101.93 -69.05 17.26
N VAL F 1212 102.75 -68.02 17.05
CA VAL F 1212 102.97 -66.96 18.03
C VAL F 1212 102.78 -65.61 17.34
N GLY F 1213 101.92 -64.77 17.91
CA GLY F 1213 101.71 -63.44 17.39
C GLY F 1213 101.46 -62.46 18.51
N ARG F 1214 101.62 -61.18 18.20
CA ARG F 1214 101.41 -60.11 19.16
C ARG F 1214 100.46 -59.08 18.57
N MET F 1215 99.71 -58.43 19.45
CA MET F 1215 98.74 -57.42 19.06
C MET F 1215 99.25 -56.05 19.49
N ASN F 1216 99.16 -55.08 18.59
CA ASN F 1216 99.56 -53.70 18.87
C ASN F 1216 98.43 -52.79 18.41
N PHE F 1217 97.53 -52.45 19.35
CA PHE F 1217 96.40 -51.59 19.01
C PHE F 1217 96.83 -50.16 18.77
N GLY F 1218 97.96 -49.74 19.37
CA GLY F 1218 98.47 -48.41 19.15
C GLY F 1218 98.20 -47.47 20.30
N LYS F 1219 98.32 -47.97 21.53
CA LYS F 1219 98.17 -47.10 22.69
C LYS F 1219 99.26 -46.03 22.72
N ASP F 1220 100.49 -46.43 22.42
CA ASP F 1220 101.60 -45.50 22.30
C ASP F 1220 102.13 -45.54 20.86
N VAL F 1221 102.27 -44.36 20.25
CA VAL F 1221 102.73 -44.28 18.88
C VAL F 1221 104.17 -44.78 18.75
N SER F 1222 104.99 -44.50 19.77
CA SER F 1222 106.39 -44.95 19.74
C SER F 1222 106.48 -46.47 19.61
N THR F 1223 105.53 -47.20 20.20
CA THR F 1223 105.51 -48.65 20.02
C THR F 1223 105.27 -49.03 18.57
N LEU F 1224 104.39 -48.29 17.89
CA LEU F 1224 104.14 -48.54 16.47
C LEU F 1224 105.40 -48.24 15.65
N LYS F 1225 105.78 -49.18 14.79
CA LYS F 1225 107.00 -49.07 14.00
C LYS F 1225 106.75 -48.49 12.61
N TYR F 1226 105.90 -49.14 11.82
CA TYR F 1226 105.65 -48.74 10.45
C TYR F 1226 104.44 -47.82 10.31
N PHE F 1227 103.99 -47.21 11.41
CA PHE F 1227 102.88 -46.27 11.34
C PHE F 1227 103.22 -45.05 10.48
N THR F 1228 104.43 -44.51 10.66
CA THR F 1228 104.82 -43.30 9.93
C THR F 1228 104.91 -43.51 8.43
N ILE F 1229 104.94 -44.77 7.97
CA ILE F 1229 105.06 -45.04 6.56
C ILE F 1229 103.70 -45.01 5.88
N CYS F 1230 102.67 -45.57 6.52
CA CYS F 1230 101.34 -45.66 5.93
C CYS F 1230 100.28 -44.88 6.70
N GLY F 1231 100.12 -45.16 7.99
CA GLY F 1231 99.03 -44.56 8.74
C GLY F 1231 99.17 -43.05 8.86
N LEU F 1232 100.40 -42.56 9.08
CA LEU F 1232 100.62 -41.13 9.22
C LEU F 1232 100.27 -40.39 7.94
N GLN F 1233 100.66 -40.93 6.78
CA GLN F 1233 100.45 -40.22 5.52
C GLN F 1233 98.97 -40.16 5.14
N GLU F 1234 98.24 -41.25 5.32
CA GLU F 1234 96.85 -41.31 4.89
C GLU F 1234 95.87 -40.86 5.98
N GLY F 1235 96.36 -40.42 7.13
CA GLY F 1235 95.50 -39.88 8.15
C GLY F 1235 94.72 -40.91 8.95
N TYR F 1236 95.21 -42.14 9.04
CA TYR F 1236 94.58 -43.17 9.85
C TYR F 1236 95.07 -43.05 11.29
N GLU F 1237 94.15 -42.92 12.22
CA GLU F 1237 94.55 -42.80 13.62
C GLU F 1237 94.65 -44.17 14.27
N PRO F 1238 95.49 -44.30 15.29
CA PRO F 1238 95.60 -45.59 15.99
C PRO F 1238 94.29 -45.97 16.67
N PHE F 1239 94.08 -47.28 16.79
CA PHE F 1239 92.83 -47.78 17.34
C PHE F 1239 92.65 -47.39 18.80
N ALA F 1240 93.74 -47.33 19.57
CA ALA F 1240 93.64 -47.09 21.00
C ALA F 1240 94.57 -45.96 21.44
N VAL F 1241 94.80 -44.96 20.59
CA VAL F 1241 95.63 -43.83 20.97
C VAL F 1241 94.89 -42.97 22.00
N ASN F 1242 93.61 -42.69 21.77
CA ASN F 1242 92.81 -41.92 22.71
C ASN F 1242 92.36 -42.76 23.91
N THR F 1243 92.47 -44.07 23.82
CA THR F 1243 92.01 -44.95 24.89
C THR F 1243 92.88 -44.77 26.12
N ASN F 1244 92.25 -44.59 27.28
CA ASN F 1244 92.99 -44.32 28.51
C ASN F 1244 93.64 -45.56 29.09
N ARG F 1245 92.97 -46.71 29.01
CA ARG F 1245 93.43 -47.93 29.65
C ARG F 1245 93.48 -49.05 28.62
N ASP F 1246 94.26 -50.08 28.94
CA ASP F 1246 94.51 -51.16 27.99
C ASP F 1246 93.21 -51.88 27.62
N ILE F 1247 93.13 -52.32 26.36
CA ILE F 1247 91.93 -52.99 25.88
C ILE F 1247 91.85 -54.38 26.47
N THR F 1248 90.70 -54.71 27.05
CA THR F 1248 90.45 -56.08 27.50
C THR F 1248 90.34 -56.99 26.28
N MET F 1249 90.98 -58.15 26.34
CA MET F 1249 91.01 -59.08 25.23
C MET F 1249 90.05 -60.22 25.48
N TRP F 1250 89.22 -60.53 24.49
CA TRP F 1250 88.30 -61.64 24.55
C TRP F 1250 88.72 -62.69 23.54
N LEU F 1251 88.85 -63.93 23.98
CA LEU F 1251 89.38 -65.00 23.15
C LEU F 1251 88.47 -66.22 23.23
N SER F 1252 88.71 -67.16 22.33
CA SER F 1252 87.99 -68.42 22.33
C SER F 1252 88.52 -69.30 23.46
N LYS F 1253 87.64 -69.69 24.38
CA LYS F 1253 88.04 -70.47 25.54
C LYS F 1253 88.00 -71.96 25.23
N ARG F 1254 88.95 -72.70 25.81
CA ARG F 1254 89.05 -74.13 25.51
C ARG F 1254 87.94 -74.92 26.19
N LEU F 1255 87.62 -74.60 27.43
CA LEU F 1255 86.66 -75.39 28.19
C LEU F 1255 85.25 -75.23 27.61
N PRO F 1256 84.58 -76.32 27.23
CA PRO F 1256 83.21 -76.20 26.74
C PRO F 1256 82.20 -76.29 27.87
N GLN F 1257 81.25 -75.34 27.90
CA GLN F 1257 80.24 -75.30 28.94
C GLN F 1257 78.87 -75.61 28.37
N PHE F 1258 77.95 -75.98 29.25
CA PHE F 1258 76.60 -76.32 28.84
C PHE F 1258 75.78 -75.04 28.66
N LEU F 1259 75.18 -74.89 27.48
CA LEU F 1259 74.33 -73.76 27.18
C LEU F 1259 72.93 -74.23 26.83
N GLN F 1260 71.94 -73.39 27.12
CA GLN F 1260 70.56 -73.72 26.80
C GLN F 1260 70.39 -73.88 25.30
N VAL F 1261 69.59 -74.88 24.92
CA VAL F 1261 69.40 -75.17 23.49
C VAL F 1261 68.66 -74.00 22.84
N PRO F 1262 69.16 -73.47 21.72
CA PRO F 1262 68.42 -72.44 20.99
C PRO F 1262 67.54 -73.04 19.90
N SER F 1263 66.47 -72.32 19.59
CA SER F 1263 65.52 -72.80 18.59
C SER F 1263 66.15 -72.87 17.21
N ASN F 1264 66.98 -71.88 16.86
CA ASN F 1264 67.57 -71.82 15.53
C ASN F 1264 68.76 -72.75 15.34
N HIS F 1265 69.21 -73.42 16.40
CA HIS F 1265 70.36 -74.30 16.30
C HIS F 1265 70.04 -75.51 15.43
N GLU F 1266 70.98 -75.86 14.55
CA GLU F 1266 70.82 -77.03 13.71
C GLU F 1266 70.95 -78.30 14.54
N HIS F 1267 70.34 -79.38 14.05
CA HIS F 1267 70.29 -80.69 14.71
C HIS F 1267 69.94 -80.57 16.20
N ILE F 1268 69.24 -79.50 16.58
CA ILE F 1268 68.82 -79.31 17.96
C ILE F 1268 67.40 -78.77 17.96
N GLU F 1269 66.43 -79.64 18.21
CA GLU F 1269 65.03 -79.24 18.32
C GLU F 1269 64.42 -79.98 19.50
N VAL F 1270 64.13 -79.25 20.56
CA VAL F 1270 63.53 -79.81 21.77
C VAL F 1270 62.06 -79.43 21.78
N THR F 1271 61.18 -80.42 21.74
CA THR F 1271 59.74 -80.21 21.73
C THR F 1271 59.20 -80.41 23.14
N ARG F 1272 58.54 -79.37 23.67
CA ARG F 1272 57.97 -79.41 25.01
C ARG F 1272 56.47 -79.69 24.89
N ILE F 1273 56.06 -80.90 25.24
CA ILE F 1273 54.67 -81.32 25.14
C ILE F 1273 54.12 -81.47 26.55
N ASP F 1274 52.89 -80.97 26.75
CA ASP F 1274 52.21 -81.03 28.04
C ASP F 1274 53.03 -80.35 29.13
N LYS F 1284 49.31 -87.92 30.95
CA LYS F 1284 49.19 -86.58 31.51
C LYS F 1284 50.44 -86.21 32.30
N VAL F 1285 51.61 -86.58 31.76
CA VAL F 1285 52.89 -86.27 32.36
C VAL F 1285 53.73 -85.52 31.33
N THR F 1286 54.41 -84.47 31.78
CA THR F 1286 55.20 -83.63 30.88
C THR F 1286 56.36 -84.42 30.28
N GLN F 1287 56.67 -84.15 29.02
CA GLN F 1287 57.74 -84.81 28.30
C GLN F 1287 58.62 -83.78 27.63
N LYS F 1288 59.91 -84.11 27.48
CA LYS F 1288 60.85 -83.30 26.71
C LYS F 1288 61.55 -84.20 25.69
N SER F 1289 61.09 -84.15 24.44
CA SER F 1289 61.63 -84.99 23.38
C SER F 1289 62.57 -84.17 22.50
N PHE F 1290 63.66 -84.79 22.05
CA PHE F 1290 64.57 -84.12 21.11
C PHE F 1290 64.48 -84.78 19.73
N GLY F 1291 63.70 -84.15 18.85
CA GLY F 1291 63.62 -84.56 17.46
C GLY F 1291 64.56 -83.82 16.54
N SER F 1292 65.85 -84.11 16.63
CA SER F 1292 66.83 -83.45 15.77
C SER F 1292 66.60 -83.81 14.30
N GLN F 1293 66.93 -82.89 13.41
CA GLN F 1293 66.68 -83.07 11.99
C GLN F 1293 67.95 -83.13 11.14
N ASN F 1294 68.92 -82.26 11.40
CA ASN F 1294 70.14 -82.24 10.58
C ASN F 1294 71.01 -83.44 10.88
N ASN F 1295 71.24 -83.73 12.16
CA ASN F 1295 72.01 -84.90 12.61
C ASN F 1295 73.42 -84.92 12.03
N ASN F 1296 74.00 -83.75 11.79
CA ASN F 1296 75.38 -83.70 11.29
C ASN F 1296 76.38 -84.04 12.39
N THR F 1297 76.20 -83.48 13.58
CA THR F 1297 77.10 -83.78 14.68
C THR F 1297 76.87 -85.20 15.18
N ASP F 1298 77.95 -85.82 15.68
CA ASP F 1298 77.89 -87.23 16.03
C ASP F 1298 77.21 -87.45 17.38
N ILE F 1299 77.82 -86.94 18.46
CA ILE F 1299 77.36 -87.21 19.81
C ILE F 1299 77.05 -85.90 20.51
N MET F 1300 75.88 -85.84 21.15
CA MET F 1300 75.43 -84.69 21.90
C MET F 1300 75.27 -85.05 23.37
N PHE F 1301 75.69 -84.13 24.23
CA PHE F 1301 75.56 -84.27 25.67
C PHE F 1301 74.47 -83.32 26.13
N TYR F 1302 73.41 -83.84 26.74
CA TYR F 1302 72.27 -83.04 27.14
C TYR F 1302 72.15 -83.06 28.66
N ARG F 1303 71.90 -81.89 29.24
CA ARG F 1303 71.80 -81.72 30.67
C ARG F 1303 70.62 -80.82 31.01
N LEU F 1304 69.89 -81.16 32.06
CA LEU F 1304 68.80 -80.30 32.51
C LEU F 1304 69.35 -79.01 33.13
N SER F 1305 68.49 -78.00 33.20
CA SER F 1305 68.94 -76.67 33.63
C SER F 1305 69.35 -76.68 35.10
N MET F 1306 68.55 -77.27 35.96
CA MET F 1306 68.83 -77.16 37.38
C MET F 1306 69.07 -78.54 38.00
N PRO F 1307 69.92 -78.61 39.02
CA PRO F 1307 70.27 -79.91 39.61
C PRO F 1307 69.38 -80.29 40.78
N ILE F 1308 69.64 -81.46 41.34
CA ILE F 1308 69.10 -81.85 42.64
C ILE F 1308 70.27 -82.04 43.59
N GLU F 1309 70.21 -81.40 44.74
CA GLU F 1309 71.28 -81.50 45.72
C GLU F 1309 70.98 -82.60 46.73
N CYS F 1310 72.04 -83.24 47.20
CA CYS F 1310 71.89 -84.26 48.23
C CYS F 1310 71.95 -83.62 49.62
N ALA F 1311 71.65 -84.42 50.63
CA ALA F 1311 71.67 -83.92 52.00
C ALA F 1311 73.08 -83.54 52.42
N GLU F 1312 73.20 -82.43 53.15
CA GLU F 1312 74.51 -82.00 53.62
C GLU F 1312 75.09 -82.97 54.64
N VAL F 1313 74.23 -83.70 55.36
CA VAL F 1313 74.64 -84.78 56.24
C VAL F 1313 73.83 -86.02 55.87
N PHE F 1314 74.53 -87.07 55.47
CA PHE F 1314 73.86 -88.30 55.04
C PHE F 1314 73.38 -89.09 56.24
N SER F 1315 72.16 -89.60 56.16
CA SER F 1315 71.59 -90.40 57.24
C SER F 1315 72.18 -91.80 57.25
N ASP F 1416 51.48 -95.59 49.78
CA ASP F 1416 51.21 -94.74 50.95
C ASP F 1416 51.66 -93.30 50.71
N TYR F 1417 50.68 -92.39 50.61
CA TYR F 1417 51.00 -90.99 50.39
C TYR F 1417 51.76 -90.39 51.57
N GLU F 1418 51.53 -90.92 52.78
CA GLU F 1418 52.28 -90.44 53.94
C GLU F 1418 53.77 -90.70 53.78
N TYR F 1419 54.14 -91.95 53.48
CA TYR F 1419 55.54 -92.26 53.28
C TYR F 1419 56.08 -91.60 52.02
N LEU F 1420 55.20 -91.34 51.05
CA LEU F 1420 55.62 -90.58 49.87
C LEU F 1420 56.03 -89.16 50.26
N MET F 1421 55.29 -88.54 51.18
CA MET F 1421 55.65 -87.19 51.61
C MET F 1421 56.88 -87.21 52.53
N GLN F 1422 57.05 -88.26 53.33
CA GLN F 1422 58.24 -88.33 54.16
C GLN F 1422 59.49 -88.67 53.36
N THR F 1423 59.34 -89.33 52.21
CA THR F 1423 60.50 -89.84 51.49
C THR F 1423 61.29 -88.70 50.84
N SER F 1424 62.56 -89.00 50.58
CA SER F 1424 63.46 -88.06 49.92
C SER F 1424 63.93 -88.54 48.56
N THR F 1425 63.48 -89.72 48.12
CA THR F 1425 63.88 -90.22 46.81
C THR F 1425 63.12 -89.49 45.71
N TYR F 1426 63.83 -89.18 44.64
CA TYR F 1426 63.26 -88.51 43.47
C TYR F 1426 63.55 -89.33 42.22
N TYR F 1427 62.55 -89.42 41.35
CA TYR F 1427 62.60 -90.29 40.19
C TYR F 1427 62.40 -89.49 38.92
N TYR F 1428 63.19 -89.81 37.89
CA TYR F 1428 62.89 -89.37 36.53
C TYR F 1428 63.18 -90.53 35.60
N SER F 1429 62.83 -90.39 34.33
CA SER F 1429 63.10 -91.46 33.38
C SER F 1429 63.47 -90.89 32.03
N VAL F 1430 64.10 -91.72 31.22
CA VAL F 1430 64.46 -91.39 29.85
C VAL F 1430 63.94 -92.49 28.94
N ARG F 1431 63.15 -92.11 27.95
CA ARG F 1431 62.59 -93.04 26.98
C ARG F 1431 63.25 -92.83 25.63
N ILE F 1432 63.80 -93.89 25.06
CA ILE F 1432 64.52 -93.83 23.79
C ILE F 1432 63.56 -94.20 22.67
N PHE F 1433 63.41 -93.31 21.69
CA PHE F 1433 62.49 -93.56 20.61
C PHE F 1433 63.03 -94.67 19.69
N PRO F 1434 62.15 -95.40 19.02
CA PRO F 1434 62.61 -96.42 18.06
C PRO F 1434 63.44 -95.79 16.95
N GLY F 1435 64.46 -96.52 16.52
CA GLY F 1435 65.40 -96.04 15.54
C GLY F 1435 66.70 -95.53 16.13
N GLN F 1436 66.74 -95.26 17.43
CA GLN F 1436 67.95 -94.83 18.12
C GLN F 1436 68.61 -96.05 18.75
N GLU F 1437 69.85 -96.30 18.38
CA GLU F 1437 70.57 -97.47 18.87
C GLU F 1437 70.94 -97.29 20.34
N PRO F 1438 70.48 -98.18 21.23
CA PRO F 1438 70.70 -97.95 22.67
C PRO F 1438 72.16 -97.92 23.09
N ALA F 1439 73.06 -98.58 22.36
CA ALA F 1439 74.44 -98.71 22.82
C ALA F 1439 75.19 -97.39 22.84
N ASN F 1440 74.67 -96.35 22.18
CA ASN F 1440 75.28 -95.03 22.19
C ASN F 1440 74.55 -94.06 23.12
N VAL F 1441 73.70 -94.58 24.01
CA VAL F 1441 72.93 -93.75 24.94
C VAL F 1441 73.37 -94.09 26.35
N TRP F 1442 73.75 -93.07 27.12
CA TRP F 1442 74.11 -93.21 28.52
C TRP F 1442 73.21 -92.30 29.35
N VAL F 1443 72.53 -92.88 30.33
CA VAL F 1443 71.54 -92.18 31.13
C VAL F 1443 72.00 -92.17 32.58
N GLY F 1444 71.99 -90.99 33.19
CA GLY F 1444 72.42 -90.88 34.58
C GLY F 1444 72.50 -89.44 35.03
N TRP F 1445 73.37 -89.20 36.01
CA TRP F 1445 73.54 -87.90 36.62
C TRP F 1445 74.97 -87.41 36.46
N ILE F 1446 75.12 -86.09 36.38
CA ILE F 1446 76.44 -85.46 36.37
C ILE F 1446 76.44 -84.30 37.35
N THR F 1447 77.64 -83.91 37.76
CA THR F 1447 77.83 -82.71 38.56
C THR F 1447 78.08 -81.53 37.63
N SER F 1448 78.46 -80.39 38.18
CA SER F 1448 78.79 -79.23 37.37
C SER F 1448 80.22 -79.25 36.85
N ASP F 1449 81.01 -80.26 37.21
CA ASP F 1449 82.41 -80.35 36.84
C ASP F 1449 82.65 -81.12 35.55
N PHE F 1450 81.60 -81.59 34.89
CA PHE F 1450 81.76 -82.36 33.66
C PHE F 1450 81.96 -81.43 32.49
N HIS F 1451 83.22 -81.26 32.07
CA HIS F 1451 83.56 -80.49 30.89
C HIS F 1451 84.32 -81.32 29.86
N GLN F 1452 84.34 -82.64 30.02
CA GLN F 1452 85.04 -83.51 29.09
C GLN F 1452 84.26 -83.62 27.78
N TYR F 1453 84.94 -83.37 26.67
CA TYR F 1453 84.34 -83.47 25.35
C TYR F 1453 85.20 -84.37 24.47
N ASP F 1454 84.54 -85.29 23.77
CA ASP F 1454 85.22 -86.17 22.83
C ASP F 1454 84.20 -86.70 21.85
N THR F 1455 84.70 -87.14 20.68
CA THR F 1455 83.82 -87.73 19.68
C THR F 1455 83.22 -89.05 20.15
N GLY F 1456 83.85 -89.71 21.11
CA GLY F 1456 83.30 -90.92 21.68
C GLY F 1456 83.38 -90.87 23.19
N PHE F 1457 82.38 -91.46 23.84
CA PHE F 1457 82.26 -91.46 25.28
C PHE F 1457 82.30 -92.90 25.80
N ASP F 1458 83.12 -93.14 26.81
CA ASP F 1458 83.21 -94.43 27.46
C ASP F 1458 83.20 -94.23 28.97
N LEU F 1459 82.57 -95.15 29.69
CA LEU F 1459 82.52 -95.06 31.14
C LEU F 1459 83.91 -95.25 31.77
N ASP F 1460 84.83 -95.91 31.07
CA ASP F 1460 86.18 -96.05 31.59
C ASP F 1460 86.98 -94.76 31.50
N ARG F 1461 86.61 -93.87 30.58
CA ARG F 1461 87.29 -92.59 30.44
C ARG F 1461 86.76 -91.53 31.40
N VAL F 1462 85.75 -91.87 32.20
CA VAL F 1462 85.20 -90.91 33.16
C VAL F 1462 86.25 -90.60 34.22
N ARG F 1463 86.46 -89.31 34.49
CA ARG F 1463 87.48 -88.88 35.43
C ARG F 1463 87.06 -89.25 36.85
N THR F 1464 87.71 -90.24 37.42
CA THR F 1464 87.41 -90.72 38.77
C THR F 1464 88.69 -90.84 39.57
N VAL F 1465 88.67 -90.32 40.79
CA VAL F 1465 89.75 -90.49 41.76
C VAL F 1465 89.13 -90.72 43.12
N THR F 1466 89.63 -91.72 43.85
CA THR F 1466 89.10 -92.02 45.17
C THR F 1466 90.19 -91.77 46.22
N VAL F 1467 89.92 -90.87 47.14
CA VAL F 1467 90.85 -90.59 48.23
C VAL F 1467 90.56 -91.56 49.37
N THR F 1468 91.58 -92.32 49.77
CA THR F 1468 91.50 -93.20 50.92
C THR F 1468 92.11 -92.46 52.09
N LEU F 1469 91.25 -91.89 52.94
CA LEU F 1469 91.66 -91.24 54.17
C LEU F 1469 91.67 -92.28 55.29
N GLY F 1470 92.81 -92.36 56.00
CA GLY F 1470 93.02 -93.29 57.06
C GLY F 1470 92.99 -92.66 58.43
N ASP F 1471 93.61 -93.34 59.38
CA ASP F 1471 93.56 -92.97 60.79
C ASP F 1471 94.92 -92.43 61.25
N GLU F 1472 94.93 -91.88 62.46
CA GLU F 1472 96.19 -91.52 63.12
C GLU F 1472 97.08 -92.73 63.35
N LYS F 1473 96.50 -93.93 63.34
CA LYS F 1473 97.26 -95.17 63.44
C LYS F 1473 97.63 -95.75 62.09
N GLY F 1474 97.28 -95.07 60.99
CA GLY F 1474 97.51 -95.58 59.66
C GLY F 1474 96.45 -96.53 59.15
N LYS F 1475 95.42 -96.82 59.93
CA LYS F 1475 94.38 -97.74 59.51
C LYS F 1475 93.40 -97.05 58.58
N VAL F 1476 93.03 -97.76 57.50
CA VAL F 1476 92.10 -97.22 56.52
C VAL F 1476 90.68 -97.28 57.09
N HIS F 1477 90.02 -96.13 57.13
CA HIS F 1477 88.60 -96.08 57.45
C HIS F 1477 87.72 -95.62 56.30
N GLU F 1478 88.13 -94.59 55.55
CA GLU F 1478 87.21 -94.02 54.57
C GLU F 1478 87.86 -93.99 53.20
N SER F 1479 87.12 -94.40 52.17
CA SER F 1479 87.59 -94.35 50.78
C SER F 1479 86.51 -93.67 49.93
N ILE F 1480 86.62 -92.35 49.81
CA ILE F 1480 85.59 -91.59 49.11
C ILE F 1480 85.96 -91.51 47.64
N LYS F 1481 85.04 -91.87 46.75
CA LYS F 1481 85.28 -91.83 45.32
C LYS F 1481 84.58 -90.62 44.72
N ARG F 1482 85.32 -89.85 43.91
CA ARG F 1482 84.79 -88.70 43.21
C ARG F 1482 84.63 -89.00 41.74
N SER F 1483 83.64 -88.36 41.13
CA SER F 1483 83.45 -88.45 39.69
C SER F 1483 82.59 -87.28 39.23
N ASN F 1484 82.84 -86.84 38.01
CA ASN F 1484 82.03 -85.79 37.38
C ASN F 1484 80.92 -86.35 36.51
N CYS F 1485 80.75 -87.66 36.48
CA CYS F 1485 79.78 -88.30 35.59
C CYS F 1485 79.34 -89.62 36.20
N TYR F 1486 78.04 -89.79 36.39
CA TYR F 1486 77.45 -91.03 36.91
C TYR F 1486 76.28 -91.42 36.00
N MET F 1487 76.56 -92.22 34.98
CA MET F 1487 75.51 -92.82 34.17
C MET F 1487 75.76 -94.30 33.96
N VAL F 1488 74.77 -94.95 33.35
CA VAL F 1488 74.85 -96.33 32.92
C VAL F 1488 74.56 -96.36 31.42
N CYS F 1489 75.10 -97.38 30.74
CA CYS F 1489 74.92 -97.49 29.31
C CYS F 1489 73.56 -98.14 29.01
N ALA F 1490 72.77 -97.48 28.15
CA ALA F 1490 71.48 -98.03 27.79
C ALA F 1490 71.60 -99.32 27.00
N GLY F 1491 72.67 -99.46 26.21
CA GLY F 1491 72.89 -100.70 25.48
C GLY F 1491 73.09 -101.89 26.40
N GLU F 1492 73.89 -101.71 27.45
CA GLU F 1492 74.10 -102.78 28.42
C GLU F 1492 72.87 -102.96 29.32
N SER F 1493 72.13 -101.89 29.57
CA SER F 1493 70.89 -102.00 30.33
C SER F 1493 69.78 -102.66 29.53
N MET F 1494 69.93 -102.73 28.21
CA MET F 1494 68.91 -103.32 27.36
C MET F 1494 68.86 -104.84 27.58
N SER F 1495 67.67 -105.34 27.93
CA SER F 1495 67.51 -106.76 28.26
C SER F 1495 67.56 -107.60 26.98
N PRO F 1496 68.15 -108.80 27.05
CA PRO F 1496 68.47 -109.55 25.82
C PRO F 1496 67.25 -109.78 24.94
N GLY F 1497 67.30 -109.20 23.74
CA GLY F 1497 66.22 -109.26 22.78
C GLY F 1497 65.37 -108.02 22.70
N GLN F 1498 65.54 -107.08 23.63
CA GLN F 1498 64.74 -105.86 23.64
C GLN F 1498 65.12 -104.90 22.51
N GLY F 1499 66.27 -105.09 21.88
CA GLY F 1499 66.62 -104.24 20.74
C GLY F 1499 65.82 -104.52 19.50
N ARG F 1500 65.24 -105.72 19.38
CA ARG F 1500 64.40 -106.09 18.25
C ARG F 1500 62.98 -106.44 18.63
N ASN F 1501 62.68 -106.70 19.90
CA ASN F 1501 61.36 -107.14 20.31
C ASN F 1501 60.53 -106.06 20.98
N ASN F 1502 61.15 -104.99 21.47
CA ASN F 1502 60.44 -103.94 22.20
C ASN F 1502 60.00 -102.87 21.22
N SER F 1503 58.68 -102.82 20.96
CA SER F 1503 58.13 -101.81 20.08
C SER F 1503 58.04 -100.43 20.72
N ASN F 1504 58.02 -100.36 22.05
CA ASN F 1504 57.90 -99.10 22.77
C ASN F 1504 59.25 -98.48 23.12
N GLY F 1505 60.36 -99.11 22.72
CA GLY F 1505 61.66 -98.59 23.03
C GLY F 1505 62.11 -98.97 24.44
N LEU F 1506 63.22 -98.36 24.84
CA LEU F 1506 63.85 -98.63 26.13
C LEU F 1506 63.63 -97.45 27.06
N GLU F 1507 63.14 -97.73 28.27
CA GLU F 1507 62.95 -96.72 29.29
C GLU F 1507 63.91 -97.00 30.44
N ILE F 1508 64.75 -96.02 30.76
CA ILE F 1508 65.70 -96.12 31.86
C ILE F 1508 65.28 -95.12 32.92
N GLY F 1509 64.91 -95.62 34.10
CA GLY F 1509 64.46 -94.78 35.20
C GLY F 1509 65.56 -94.63 36.23
N CYS F 1510 65.86 -93.38 36.57
CA CYS F 1510 66.88 -93.04 37.54
C CYS F 1510 66.23 -92.57 38.83
N VAL F 1511 66.66 -93.14 39.95
CA VAL F 1511 66.16 -92.77 41.28
C VAL F 1511 67.35 -92.28 42.09
N VAL F 1512 67.19 -91.11 42.70
CA VAL F 1512 68.21 -90.51 43.56
C VAL F 1512 67.64 -90.41 44.97
N ASP F 1513 68.31 -91.04 45.92
CA ASP F 1513 67.99 -90.92 47.34
C ASP F 1513 69.00 -89.95 47.93
N ALA F 1514 68.54 -88.74 48.21
CA ALA F 1514 69.43 -87.69 48.71
C ALA F 1514 69.80 -87.88 50.17
N ALA F 1515 68.91 -88.51 50.96
CA ALA F 1515 69.23 -88.74 52.37
C ALA F 1515 70.41 -89.69 52.53
N SER F 1516 70.59 -90.61 51.60
CA SER F 1516 71.70 -91.54 51.63
C SER F 1516 72.70 -91.33 50.50
N GLY F 1517 72.40 -90.44 49.56
CA GLY F 1517 73.30 -90.23 48.43
C GLY F 1517 73.45 -91.44 47.54
N LEU F 1518 72.33 -92.08 47.20
CA LEU F 1518 72.34 -93.31 46.44
C LEU F 1518 71.67 -93.11 45.09
N LEU F 1519 72.33 -93.53 44.01
CA LEU F 1519 71.78 -93.47 42.67
C LEU F 1519 71.52 -94.89 42.19
N THR F 1520 70.27 -95.16 41.80
CA THR F 1520 69.86 -96.47 41.33
C THR F 1520 69.18 -96.34 39.98
N PHE F 1521 69.24 -97.41 39.19
CA PHE F 1521 68.73 -97.42 37.84
C PHE F 1521 67.83 -98.64 37.63
N ILE F 1522 66.77 -98.44 36.83
CA ILE F 1522 65.83 -99.50 36.49
C ILE F 1522 65.64 -99.49 34.98
N ALA F 1523 65.66 -100.67 34.37
CA ALA F 1523 65.53 -100.81 32.92
C ALA F 1523 64.21 -101.52 32.61
N ASN F 1524 63.22 -100.75 32.16
CA ASN F 1524 61.92 -101.29 31.75
C ASN F 1524 61.30 -102.15 32.85
N GLY F 1525 61.38 -101.66 34.08
CA GLY F 1525 60.85 -102.39 35.22
C GLY F 1525 61.80 -103.40 35.83
N LYS F 1526 62.98 -103.59 35.25
CA LYS F 1526 63.99 -104.50 35.78
C LYS F 1526 65.10 -103.70 36.44
N GLU F 1527 65.40 -104.02 37.69
CA GLU F 1527 66.42 -103.29 38.43
C GLU F 1527 67.81 -103.65 37.91
N LEU F 1528 68.61 -102.63 37.64
CA LEU F 1528 69.98 -102.83 37.17
C LEU F 1528 70.93 -103.03 38.34
N SER F 1529 71.93 -103.88 38.14
CA SER F 1529 72.90 -104.15 39.19
C SER F 1529 73.86 -102.99 39.41
N THR F 1530 73.89 -102.00 38.53
CA THR F 1530 74.81 -100.88 38.64
C THR F 1530 74.16 -99.78 39.47
N TYR F 1531 74.81 -99.39 40.55
CA TYR F 1531 74.36 -98.31 41.41
C TYR F 1531 75.56 -97.52 41.90
N TYR F 1532 75.33 -96.27 42.28
CA TYR F 1532 76.41 -95.38 42.67
C TYR F 1532 76.13 -94.74 44.02
N GLN F 1533 77.21 -94.38 44.71
CA GLN F 1533 77.13 -93.65 45.97
C GLN F 1533 77.89 -92.34 45.82
N VAL F 1534 77.24 -91.24 46.16
CA VAL F 1534 77.81 -89.92 45.98
C VAL F 1534 78.15 -89.33 47.35
N GLU F 1535 78.87 -88.20 47.32
CA GLU F 1535 79.30 -87.52 48.51
C GLU F 1535 78.20 -86.62 49.06
N PRO F 1536 78.27 -86.25 50.34
CA PRO F 1536 77.34 -85.24 50.86
C PRO F 1536 77.52 -83.90 50.17
N SER F 1537 76.42 -83.14 50.11
CA SER F 1537 76.39 -81.80 49.54
C SER F 1537 76.71 -81.79 48.05
N THR F 1538 76.50 -82.92 47.36
CA THR F 1538 76.75 -83.01 45.94
C THR F 1538 75.51 -82.62 45.15
N LYS F 1539 75.70 -81.81 44.12
CA LYS F 1539 74.62 -81.41 43.23
C LYS F 1539 74.72 -82.23 41.94
N LEU F 1540 73.68 -82.99 41.66
CA LEU F 1540 73.65 -83.89 40.50
C LEU F 1540 72.67 -83.36 39.47
N PHE F 1541 73.13 -83.25 38.23
CA PHE F 1541 72.34 -82.76 37.10
C PHE F 1541 71.86 -83.94 36.27
N PRO F 1542 70.56 -84.08 36.03
CA PRO F 1542 70.11 -85.08 35.06
C PRO F 1542 70.74 -84.83 33.70
N ALA F 1543 71.25 -85.88 33.08
CA ALA F 1543 71.98 -85.72 31.83
C ALA F 1543 71.99 -87.04 31.07
N VAL F 1544 71.91 -86.94 29.75
CA VAL F 1544 71.98 -88.10 28.86
C VAL F 1544 72.90 -87.76 27.69
N PHE F 1545 73.76 -88.70 27.32
CA PHE F 1545 74.67 -88.55 26.19
C PHE F 1545 74.21 -89.49 25.10
N ALA F 1546 74.02 -88.98 23.89
CA ALA F 1546 73.45 -89.81 22.84
C ALA F 1546 74.02 -89.43 21.48
N GLN F 1547 74.14 -90.43 20.62
CA GLN F 1547 74.59 -90.24 19.24
C GLN F 1547 73.37 -90.28 18.32
N ALA F 1548 73.19 -89.24 17.52
CA ALA F 1548 72.00 -89.09 16.70
C ALA F 1548 72.03 -90.11 15.57
N THR F 1549 71.16 -91.12 15.65
CA THR F 1549 70.99 -92.10 14.58
C THR F 1549 69.60 -92.10 13.97
N SER F 1550 68.64 -91.43 14.59
CA SER F 1550 67.28 -91.34 14.10
C SER F 1550 66.79 -89.91 14.33
N PRO F 1551 65.79 -89.47 13.58
CA PRO F 1551 65.25 -88.11 13.80
C PRO F 1551 64.79 -87.89 15.24
N ASN F 1552 64.18 -88.88 15.87
CA ASN F 1552 63.77 -88.79 17.27
C ASN F 1552 64.70 -89.68 18.07
N VAL F 1553 65.53 -89.07 18.93
CA VAL F 1553 66.49 -89.84 19.71
C VAL F 1553 65.86 -90.31 21.02
N PHE F 1554 65.47 -89.38 21.88
CA PHE F 1554 64.93 -89.77 23.19
C PHE F 1554 64.26 -88.57 23.83
N GLN F 1555 63.69 -88.83 25.01
CA GLN F 1555 62.88 -87.87 25.73
C GLN F 1555 63.04 -88.07 27.23
N PHE F 1556 63.00 -86.97 27.97
CA PHE F 1556 62.93 -86.99 29.42
C PHE F 1556 61.48 -87.02 29.88
N GLU F 1557 61.19 -87.90 30.83
CA GLU F 1557 59.89 -88.00 31.47
C GLU F 1557 60.04 -87.66 32.95
N LEU F 1558 59.22 -86.72 33.41
CA LEU F 1558 59.25 -86.25 34.79
C LEU F 1558 58.22 -86.96 35.66
N GLY F 1559 57.78 -88.15 35.25
CA GLY F 1559 56.84 -88.91 36.04
C GLY F 1559 57.48 -89.46 37.30
N ARG F 1560 56.66 -90.08 38.13
CA ARG F 1560 57.12 -90.64 39.39
C ARG F 1560 56.64 -92.07 39.54
N ILE F 1561 57.43 -92.87 40.23
CA ILE F 1561 57.09 -94.25 40.52
C ILE F 1561 56.53 -94.32 41.94
N LYS F 1562 55.94 -95.46 42.28
CA LYS F 1562 55.31 -95.62 43.58
C LYS F 1562 56.31 -95.38 44.70
N ASN F 1563 55.89 -94.60 45.70
CA ASN F 1563 56.65 -94.28 46.90
C ASN F 1563 57.90 -93.45 46.63
N VAL F 1564 58.03 -92.87 45.44
CA VAL F 1564 59.15 -92.01 45.09
C VAL F 1564 58.60 -90.73 44.50
N MET F 1565 59.06 -89.58 45.03
CA MET F 1565 58.56 -88.30 44.58
C MET F 1565 59.09 -87.98 43.17
N PRO F 1566 58.36 -87.15 42.43
CA PRO F 1566 58.84 -86.76 41.09
C PRO F 1566 60.07 -85.87 41.17
N LEU F 1567 60.74 -85.73 40.02
CA LEU F 1567 61.98 -84.96 39.97
C LEU F 1567 61.75 -83.49 40.30
N SER F 1568 60.63 -82.92 39.84
CA SER F 1568 60.35 -81.52 40.08
C SER F 1568 60.27 -81.20 41.57
N ALA F 1569 59.86 -82.19 42.38
CA ALA F 1569 59.78 -81.97 43.82
C ALA F 1569 61.15 -81.64 44.39
N GLY F 1570 62.19 -82.33 43.93
CA GLY F 1570 63.53 -82.02 44.38
C GLY F 1570 64.16 -80.85 43.66
N LEU F 1571 63.74 -80.60 42.42
CA LEU F 1571 64.30 -79.48 41.67
C LEU F 1571 63.84 -78.15 42.25
N PHE F 1572 62.53 -77.92 42.30
CA PHE F 1572 61.97 -76.65 42.76
C PHE F 1572 61.56 -76.77 44.22
N LYS F 1573 61.97 -75.78 45.03
CA LYS F 1573 61.61 -75.79 46.44
C LYS F 1573 60.14 -75.42 46.64
N SER F 1574 59.57 -74.58 45.76
CA SER F 1574 58.18 -74.18 45.91
C SER F 1574 57.25 -75.38 45.80
N GLU F 1575 57.51 -76.26 44.83
CA GLU F 1575 56.74 -77.49 44.67
C GLU F 1575 57.56 -78.62 45.27
N HIS F 1576 57.30 -78.93 46.54
CA HIS F 1576 58.05 -79.93 47.27
C HIS F 1576 57.20 -81.04 47.86
N LYS F 1577 55.97 -80.72 48.28
CA LYS F 1577 55.07 -81.72 48.82
C LYS F 1577 54.07 -82.26 47.80
N ASN F 1578 53.81 -81.51 46.73
CA ASN F 1578 52.86 -81.96 45.72
C ASN F 1578 53.47 -83.05 44.86
N PRO F 1579 52.85 -84.23 44.76
CA PRO F 1579 53.41 -85.30 43.93
C PRO F 1579 53.01 -85.21 42.47
N VAL F 1580 52.13 -84.28 42.10
CA VAL F 1580 51.76 -84.11 40.69
C VAL F 1580 52.98 -83.66 39.90
N PRO F 1581 53.23 -84.22 38.71
CA PRO F 1581 54.38 -83.78 37.91
C PRO F 1581 54.06 -82.49 37.15
N GLN F 1582 54.87 -81.47 37.37
CA GLN F 1582 54.75 -80.21 36.66
C GLN F 1582 56.09 -79.85 36.02
N CYS F 1583 56.03 -79.00 34.99
CA CYS F 1583 57.20 -78.59 34.22
C CYS F 1583 57.26 -77.07 34.20
N PRO F 1584 57.83 -76.45 35.23
CA PRO F 1584 57.96 -75.00 35.23
C PRO F 1584 58.89 -74.55 34.11
N PRO F 1585 58.71 -73.33 33.60
CA PRO F 1585 59.54 -72.85 32.50
C PRO F 1585 61.03 -72.80 32.84
N ARG F 1586 61.39 -72.74 34.12
CA ARG F 1586 62.80 -72.67 34.49
C ARG F 1586 63.55 -73.91 34.04
N LEU F 1587 62.94 -75.08 34.18
CA LEU F 1587 63.59 -76.32 33.79
C LEU F 1587 63.68 -76.43 32.27
N HIS F 1588 64.88 -76.69 31.77
CA HIS F 1588 65.10 -76.85 30.34
C HIS F 1588 66.40 -77.61 30.12
N VAL F 1589 66.53 -78.20 28.95
CA VAL F 1589 67.70 -79.00 28.60
C VAL F 1589 68.80 -78.09 28.08
N GLN F 1590 70.04 -78.40 28.44
CA GLN F 1590 71.21 -77.66 27.97
C GLN F 1590 72.19 -78.63 27.33
N PHE F 1591 72.70 -78.27 26.15
CA PHE F 1591 73.68 -79.08 25.45
C PHE F 1591 75.06 -78.46 25.60
N LEU F 1592 76.06 -79.32 25.76
CA LEU F 1592 77.43 -78.84 25.92
C LEU F 1592 77.94 -78.25 24.61
N SER F 1593 78.48 -77.05 24.68
CA SER F 1593 78.92 -76.34 23.48
C SER F 1593 80.24 -75.62 23.75
N HIS F 1594 80.98 -75.35 22.68
CA HIS F 1594 82.24 -74.64 22.75
C HIS F 1594 82.12 -73.17 22.33
N VAL F 1595 80.91 -72.68 22.11
CA VAL F 1595 80.72 -71.30 21.61
C VAL F 1595 80.62 -70.40 22.84
N LEU F 1596 81.78 -70.03 23.37
CA LEU F 1596 81.86 -69.08 24.47
C LEU F 1596 83.13 -68.27 24.33
N TRP F 1597 83.14 -67.11 24.97
CA TRP F 1597 84.28 -66.22 24.97
C TRP F 1597 84.80 -66.06 26.39
N SER F 1598 86.10 -65.79 26.51
CA SER F 1598 86.72 -65.60 27.81
C SER F 1598 87.53 -64.31 27.80
N ARG F 1599 87.54 -63.62 28.93
CA ARG F 1599 88.16 -62.32 29.06
C ARG F 1599 89.49 -62.43 29.82
N MET F 1600 90.54 -61.85 29.26
CA MET F 1600 91.82 -61.81 29.95
C MET F 1600 91.85 -60.64 30.92
N PRO F 1601 92.17 -60.86 32.20
CA PRO F 1601 92.24 -59.75 33.14
C PRO F 1601 93.32 -58.77 32.75
N ASN F 1602 93.05 -57.48 33.01
CA ASN F 1602 94.00 -56.45 32.68
C ASN F 1602 95.23 -56.50 33.58
N GLN F 1603 95.05 -56.94 34.82
CA GLN F 1603 96.14 -57.06 35.77
C GLN F 1603 96.26 -58.52 36.20
N PHE F 1604 97.43 -59.10 36.01
CA PHE F 1604 97.68 -60.47 36.40
C PHE F 1604 98.47 -60.52 37.71
N LEU F 1605 98.55 -61.72 38.29
CA LEU F 1605 99.28 -61.92 39.54
C LEU F 1605 100.75 -62.01 39.22
N LYS F 1606 101.48 -60.92 39.47
CA LYS F 1606 102.92 -60.90 39.21
C LYS F 1606 103.64 -61.84 40.18
N VAL F 1607 104.49 -62.69 39.65
CA VAL F 1607 105.27 -63.63 40.43
C VAL F 1607 106.75 -63.27 40.30
N ASP F 1608 107.44 -63.20 41.44
CA ASP F 1608 108.86 -62.91 41.47
C ASP F 1608 109.66 -64.21 41.56
N VAL F 1609 109.44 -65.09 40.58
CA VAL F 1609 110.15 -66.35 40.53
C VAL F 1609 111.61 -66.10 40.18
N SER F 1610 112.50 -66.94 40.73
CA SER F 1610 113.93 -66.71 40.60
C SER F 1610 114.40 -66.80 39.16
N ARG F 1611 113.84 -67.74 38.40
CA ARG F 1611 114.23 -68.00 37.01
C ARG F 1611 115.69 -68.37 36.86
N ILE F 1612 116.31 -68.87 37.94
CA ILE F 1612 117.72 -69.25 37.92
C ILE F 1612 117.88 -70.60 38.61
N SER F 1613 118.97 -71.27 38.29
CA SER F 1613 119.31 -72.54 38.92
C SER F 1613 120.07 -72.31 40.22
N GLU F 1614 119.49 -71.49 41.10
CA GLU F 1614 120.13 -71.16 42.37
C GLU F 1614 120.11 -72.36 43.29
N ARG F 1615 121.00 -72.33 44.29
CA ARG F 1615 121.03 -73.38 45.28
C ARG F 1615 119.81 -73.27 46.19
N GLN F 1616 119.60 -74.32 47.00
CA GLN F 1616 118.45 -74.47 47.87
C GLN F 1616 117.13 -74.54 47.12
N GLY F 1617 117.18 -74.71 45.80
CA GLY F 1617 115.98 -74.84 44.99
C GLY F 1617 115.50 -73.52 44.43
N TRP F 1618 114.67 -73.63 43.40
CA TRP F 1618 114.10 -72.46 42.76
C TRP F 1618 113.09 -71.78 43.69
N LEU F 1619 113.11 -70.45 43.70
CA LEU F 1619 112.30 -69.67 44.63
C LEU F 1619 111.15 -69.02 43.87
N VAL F 1620 109.93 -69.23 44.37
CA VAL F 1620 108.72 -68.63 43.83
C VAL F 1620 108.14 -67.73 44.92
N GLN F 1621 108.13 -66.42 44.67
CA GLN F 1621 107.66 -65.48 45.66
C GLN F 1621 106.73 -64.48 44.99
N CYS F 1622 105.62 -64.17 45.66
CA CYS F 1622 104.66 -63.22 45.13
C CYS F 1622 104.04 -62.45 46.30
N LEU F 1623 104.31 -61.15 46.36
CA LEU F 1623 103.84 -60.30 47.45
C LEU F 1623 102.85 -59.23 47.00
N ASP F 1624 102.22 -59.42 45.85
CA ASP F 1624 101.28 -58.44 45.34
C ASP F 1624 99.86 -58.94 45.57
N PRO F 1625 99.09 -58.33 46.46
CA PRO F 1625 97.71 -58.80 46.71
C PRO F 1625 96.76 -58.35 45.61
N LEU F 1626 96.20 -59.32 44.90
CA LEU F 1626 95.26 -59.06 43.81
C LEU F 1626 93.96 -59.81 44.09
N GLN F 1627 92.84 -59.12 43.93
CA GLN F 1627 91.52 -59.68 44.23
C GLN F 1627 90.54 -59.34 43.12
N PHE F 1628 89.45 -60.11 43.06
CA PHE F 1628 88.40 -59.84 42.10
C PHE F 1628 87.08 -60.39 42.65
N MET F 1629 85.98 -59.80 42.19
CA MET F 1629 84.64 -60.22 42.61
C MET F 1629 84.10 -61.27 41.64
N SER F 1630 83.61 -62.37 42.19
CA SER F 1630 83.07 -63.47 41.40
C SER F 1630 81.58 -63.61 41.69
N LEU F 1631 80.77 -63.43 40.65
CA LEU F 1631 79.33 -63.61 40.76
C LEU F 1631 78.98 -65.07 40.53
N HIS F 1632 78.23 -65.65 41.46
CA HIS F 1632 77.90 -67.06 41.44
C HIS F 1632 76.45 -67.25 41.04
N ILE F 1633 76.21 -68.13 40.07
CA ILE F 1633 74.87 -68.50 39.66
C ILE F 1633 74.46 -69.71 40.49
N PRO F 1634 73.54 -69.57 41.45
CA PRO F 1634 73.16 -70.71 42.29
C PRO F 1634 72.56 -71.87 41.51
N GLU F 1635 71.85 -71.59 40.42
CA GLU F 1635 71.20 -72.66 39.66
C GLU F 1635 72.22 -73.57 39.01
N GLU F 1636 73.22 -73.01 38.33
CA GLU F 1636 74.19 -73.79 37.59
C GLU F 1636 75.42 -74.16 38.41
N ASN F 1637 75.54 -73.65 39.64
CA ASN F 1637 76.69 -73.92 40.50
C ASN F 1637 77.99 -73.53 39.79
N ARG F 1638 78.00 -72.34 39.20
CA ARG F 1638 79.16 -71.83 38.49
C ARG F 1638 79.42 -70.40 38.91
N SER F 1639 80.64 -69.94 38.63
CA SER F 1639 81.07 -68.59 38.98
C SER F 1639 81.65 -67.91 37.75
N VAL F 1640 81.33 -66.63 37.59
CA VAL F 1640 81.85 -65.81 36.50
C VAL F 1640 82.26 -64.48 37.09
N ASP F 1641 83.40 -63.95 36.63
CA ASP F 1641 83.87 -62.67 37.12
C ASP F 1641 82.83 -61.59 36.82
N ILE F 1642 82.64 -60.69 37.79
CA ILE F 1642 81.65 -59.62 37.64
C ILE F 1642 82.00 -58.71 36.48
N LEU F 1643 83.26 -58.69 36.05
CA LEU F 1643 83.65 -57.88 34.91
C LEU F 1643 83.20 -58.50 33.60
N GLU F 1644 83.05 -59.83 33.57
CA GLU F 1644 82.65 -60.52 32.34
C GLU F 1644 81.18 -60.32 32.01
N LEU F 1645 80.39 -59.73 32.91
CA LEU F 1645 78.98 -59.50 32.63
C LEU F 1645 78.76 -58.43 31.57
N THR F 1646 79.80 -57.73 31.14
CA THR F 1646 79.65 -56.69 30.13
C THR F 1646 79.08 -57.26 28.85
N GLU F 1647 79.57 -58.42 28.43
CA GLU F 1647 79.06 -59.07 27.22
C GLU F 1647 77.82 -59.92 27.48
N GLN F 1648 77.50 -60.22 28.73
CA GLN F 1648 76.32 -61.01 29.09
C GLN F 1648 75.20 -60.04 29.45
N GLU F 1649 74.31 -59.80 28.48
CA GLU F 1649 73.30 -58.77 28.66
C GLU F 1649 72.22 -59.20 29.66
N GLU F 1650 71.86 -60.48 29.65
CA GLU F 1650 70.78 -60.94 30.53
C GLU F 1650 71.21 -60.89 31.99
N LEU F 1651 72.38 -61.45 32.30
CA LEU F 1651 72.89 -61.41 33.66
C LEU F 1651 73.13 -59.98 34.11
N LEU F 1652 73.64 -59.14 33.21
CA LEU F 1652 73.84 -57.73 33.54
C LEU F 1652 72.54 -57.08 33.98
N GLN F 1653 71.48 -57.25 33.18
CA GLN F 1653 70.20 -56.63 33.51
C GLN F 1653 69.62 -57.19 34.80
N PHE F 1654 69.68 -58.52 34.96
CA PHE F 1654 69.12 -59.12 36.16
C PHE F 1654 69.84 -58.66 37.41
N HIS F 1655 71.17 -58.59 37.35
CA HIS F 1655 71.91 -58.13 38.53
C HIS F 1655 71.69 -56.65 38.79
N TYR F 1656 71.57 -55.84 37.74
CA TYR F 1656 71.26 -54.44 37.95
C TYR F 1656 69.92 -54.28 38.66
N HIS F 1657 68.92 -55.05 38.24
CA HIS F 1657 67.62 -54.98 38.89
C HIS F 1657 67.66 -55.57 40.30
N THR F 1658 68.54 -56.55 40.54
CA THR F 1658 68.68 -57.08 41.89
C THR F 1658 69.28 -56.04 42.83
N LEU F 1659 70.28 -55.29 42.35
CA LEU F 1659 70.83 -54.21 43.16
C LEU F 1659 69.79 -53.12 43.39
N ARG F 1660 68.98 -52.84 42.38
CA ARG F 1660 67.88 -51.89 42.57
C ARG F 1660 66.90 -52.38 43.64
N LEU F 1661 66.61 -53.69 43.64
CA LEU F 1661 65.73 -54.24 44.65
C LEU F 1661 66.34 -54.13 46.04
N TYR F 1662 67.64 -54.39 46.17
CA TYR F 1662 68.31 -54.21 47.45
C TYR F 1662 68.17 -52.77 47.93
N SER F 1663 68.44 -51.82 47.04
CA SER F 1663 68.35 -50.41 47.41
C SER F 1663 66.93 -50.05 47.83
N ALA F 1664 65.93 -50.55 47.10
CA ALA F 1664 64.55 -50.26 47.44
C ALA F 1664 64.15 -50.86 48.77
N VAL F 1665 64.60 -52.08 49.06
CA VAL F 1665 64.18 -52.75 50.30
C VAL F 1665 64.89 -52.15 51.49
N CYS F 1666 66.09 -51.60 51.31
CA CYS F 1666 66.77 -50.92 52.41
C CYS F 1666 66.58 -49.42 52.41
N ALA F 1667 65.75 -48.89 51.52
CA ALA F 1667 65.58 -47.44 51.40
C ALA F 1667 64.75 -46.89 52.55
N LEU F 1668 64.82 -45.56 52.69
CA LEU F 1668 64.08 -44.81 53.72
C LEU F 1668 64.42 -45.30 55.12
N GLY F 1669 65.69 -45.57 55.36
CA GLY F 1669 66.17 -45.84 56.71
C GLY F 1669 65.58 -47.06 57.37
N ASN F 1670 65.47 -48.17 56.64
CA ASN F 1670 65.06 -49.44 57.23
C ASN F 1670 66.30 -50.12 57.77
N HIS F 1671 66.59 -49.88 59.05
CA HIS F 1671 67.88 -50.27 59.61
C HIS F 1671 68.01 -51.78 59.72
N ARG F 1672 66.92 -52.48 60.05
CA ARG F 1672 67.00 -53.93 60.13
C ARG F 1672 67.33 -54.55 58.78
N VAL F 1673 66.67 -54.07 57.73
CA VAL F 1673 66.96 -54.57 56.38
C VAL F 1673 68.37 -54.19 55.96
N ALA F 1674 68.83 -53.00 56.36
CA ALA F 1674 70.20 -52.61 56.04
C ALA F 1674 71.21 -53.54 56.70
N HIS F 1675 70.98 -53.89 57.97
CA HIS F 1675 71.86 -54.83 58.64
C HIS F 1675 71.81 -56.20 57.98
N ALA F 1676 70.62 -56.64 57.56
CA ALA F 1676 70.52 -57.92 56.86
C ALA F 1676 71.30 -57.89 55.55
N LEU F 1677 71.20 -56.80 54.79
CA LEU F 1677 71.90 -56.69 53.52
C LEU F 1677 73.40 -56.49 53.70
N CYS F 1678 73.83 -56.05 54.88
CA CYS F 1678 75.27 -55.88 55.10
C CYS F 1678 76.01 -57.21 54.95
N SER F 1679 75.35 -58.33 55.22
CA SER F 1679 76.00 -59.62 55.05
C SER F 1679 76.21 -59.95 53.58
N HIS F 1680 75.18 -59.77 52.75
CA HIS F 1680 75.30 -60.08 51.33
C HIS F 1680 76.24 -59.11 50.63
N VAL F 1681 76.11 -57.81 50.91
CA VAL F 1681 76.94 -56.79 50.29
C VAL F 1681 77.96 -56.35 51.33
N ASP F 1682 79.19 -56.82 51.18
CA ASP F 1682 80.22 -56.60 52.18
C ASP F 1682 80.99 -55.31 51.91
N GLU F 1683 81.63 -54.80 52.96
CA GLU F 1683 82.41 -53.58 52.83
C GLU F 1683 83.57 -53.71 51.84
N PRO F 1684 84.40 -54.76 51.89
CA PRO F 1684 85.43 -54.91 50.84
C PRO F 1684 84.83 -54.99 49.44
N GLN F 1685 83.69 -55.66 49.30
CA GLN F 1685 83.03 -55.73 47.99
C GLN F 1685 82.66 -54.34 47.50
N LEU F 1686 82.06 -53.53 48.37
CA LEU F 1686 81.67 -52.19 47.97
C LEU F 1686 82.89 -51.34 47.63
N LEU F 1687 83.94 -51.44 48.43
CA LEU F 1687 85.15 -50.65 48.16
C LEU F 1687 85.77 -51.05 46.83
N TYR F 1688 85.86 -52.35 46.56
CA TYR F 1688 86.43 -52.80 45.29
C TYR F 1688 85.56 -52.35 44.12
N ALA F 1689 84.23 -52.44 44.28
CA ALA F 1689 83.33 -52.04 43.21
C ALA F 1689 83.47 -50.55 42.89
N ILE F 1690 83.55 -49.71 43.93
CA ILE F 1690 83.64 -48.27 43.67
C ILE F 1690 85.03 -47.90 43.12
N GLU F 1691 86.08 -48.57 43.58
CA GLU F 1691 87.43 -48.22 43.16
C GLU F 1691 87.75 -48.73 41.76
N ASN F 1692 87.19 -49.88 41.36
CA ASN F 1692 87.61 -50.53 40.13
C ASN F 1692 87.28 -49.69 38.91
N LYS F 1693 88.28 -49.49 38.04
CA LYS F 1693 88.06 -48.75 36.81
C LYS F 1693 87.29 -49.59 35.79
N TYR F 1694 87.63 -50.86 35.66
CA TYR F 1694 86.92 -51.75 34.75
C TYR F 1694 85.67 -52.24 35.45
N MET F 1695 84.51 -51.80 34.97
CA MET F 1695 83.24 -52.18 35.57
C MET F 1695 82.09 -51.80 34.65
N PRO F 1696 81.09 -52.65 34.48
CA PRO F 1696 79.90 -52.25 33.73
C PRO F 1696 79.25 -51.03 34.38
N GLY F 1697 78.73 -50.13 33.53
CA GLY F 1697 78.15 -48.91 34.07
C GLY F 1697 76.95 -49.17 34.95
N LEU F 1698 76.08 -50.09 34.54
CA LEU F 1698 74.89 -50.39 35.33
C LEU F 1698 75.25 -50.95 36.69
N LEU F 1699 76.20 -51.90 36.72
CA LEU F 1699 76.62 -52.46 38.00
C LEU F 1699 77.32 -51.42 38.86
N ARG F 1700 78.12 -50.54 38.25
CA ARG F 1700 78.79 -49.50 39.03
C ARG F 1700 77.77 -48.58 39.68
N ALA F 1701 76.77 -48.13 38.91
CA ALA F 1701 75.73 -47.29 39.47
C ALA F 1701 74.95 -48.01 40.56
N GLY F 1702 74.63 -49.29 40.33
CA GLY F 1702 73.90 -50.05 41.32
C GLY F 1702 74.64 -50.21 42.62
N TYR F 1703 75.94 -50.52 42.54
CA TYR F 1703 76.75 -50.67 43.75
C TYR F 1703 76.91 -49.33 44.48
N TYR F 1704 77.09 -48.24 43.74
CA TYR F 1704 77.17 -46.94 44.40
C TYR F 1704 75.87 -46.62 45.12
N ASP F 1705 74.73 -46.84 44.47
CA ASP F 1705 73.44 -46.56 45.10
C ASP F 1705 73.24 -47.46 46.32
N LEU F 1706 73.63 -48.73 46.21
CA LEU F 1706 73.49 -49.65 47.33
C LEU F 1706 74.33 -49.20 48.52
N LEU F 1707 75.56 -48.74 48.25
CA LEU F 1707 76.40 -48.22 49.32
C LEU F 1707 75.75 -47.02 49.99
N ILE F 1708 75.33 -46.04 49.19
CA ILE F 1708 74.72 -44.83 49.74
C ILE F 1708 73.41 -45.13 50.45
N ASP F 1709 72.79 -46.26 50.16
CA ASP F 1709 71.55 -46.60 50.85
C ASP F 1709 71.78 -47.35 52.16
N ILE F 1710 72.61 -48.40 52.14
CA ILE F 1710 72.83 -49.15 53.37
C ILE F 1710 73.60 -48.32 54.38
N HIS F 1711 74.57 -47.54 53.92
CA HIS F 1711 75.31 -46.64 54.78
C HIS F 1711 75.25 -45.23 54.21
N LEU F 1712 75.55 -44.24 55.04
CA LEU F 1712 75.59 -42.84 54.64
C LEU F 1712 74.24 -42.33 54.16
N SER F 1713 73.14 -42.94 54.59
CA SER F 1713 71.81 -42.57 54.14
C SER F 1713 71.00 -41.89 55.23
N SER F 1714 70.84 -42.54 56.38
CA SER F 1714 70.01 -41.99 57.44
C SER F 1714 70.58 -40.67 57.95
N TYR F 1715 71.88 -40.64 58.24
CA TYR F 1715 72.48 -39.41 58.72
C TYR F 1715 72.44 -38.31 57.66
N ALA F 1716 72.72 -38.66 56.40
CA ALA F 1716 72.69 -37.66 55.34
C ALA F 1716 71.30 -37.05 55.21
N THR F 1717 70.26 -37.90 55.20
CA THR F 1717 68.90 -37.39 55.07
C THR F 1717 68.50 -36.55 56.27
N ALA F 1718 68.81 -37.02 57.48
CA ALA F 1718 68.44 -36.26 58.67
C ALA F 1718 69.14 -34.90 58.70
N ARG F 1719 70.43 -34.88 58.38
CA ARG F 1719 71.17 -33.63 58.40
C ARG F 1719 70.67 -32.67 57.32
N LEU F 1720 70.39 -33.19 56.12
CA LEU F 1720 69.86 -32.35 55.05
C LEU F 1720 68.50 -31.77 55.44
N MET F 1721 67.65 -32.59 56.07
CA MET F 1721 66.34 -32.09 56.49
C MET F 1721 66.47 -31.04 57.59
N MET F 1722 67.41 -31.23 58.52
CA MET F 1722 67.58 -30.29 59.61
C MET F 1722 68.21 -28.98 59.12
N ASN F 1723 68.98 -29.04 58.03
CA ASN F 1723 69.73 -27.90 57.51
C ASN F 1723 68.95 -26.59 57.50
N ASN F 1724 67.65 -26.65 57.21
CA ASN F 1724 66.84 -25.44 57.14
C ASN F 1724 66.77 -24.74 58.50
N GLU F 1725 66.61 -25.50 59.58
CA GLU F 1725 66.53 -24.91 60.90
C GLU F 1725 67.88 -24.38 61.34
N PHE F 1726 67.85 -23.36 62.20
CA PHE F 1726 69.05 -22.74 62.74
C PHE F 1726 68.87 -22.54 64.24
N ILE F 1727 69.58 -23.33 65.04
CA ILE F 1727 69.60 -23.16 66.49
C ILE F 1727 71.05 -22.95 66.90
N VAL F 1728 71.32 -21.85 67.59
CA VAL F 1728 72.66 -21.44 67.94
C VAL F 1728 72.80 -21.47 69.47
N PRO F 1729 73.71 -22.27 70.02
CA PRO F 1729 73.92 -22.26 71.47
C PRO F 1729 74.61 -20.98 71.89
N MET F 1730 74.43 -20.63 73.17
CA MET F 1730 75.01 -19.43 73.75
C MET F 1730 76.31 -19.80 74.45
N THR F 1731 77.37 -19.94 73.67
CA THR F 1731 78.67 -20.37 74.17
C THR F 1731 79.76 -19.42 73.70
N GLU F 1732 80.97 -19.66 74.20
CA GLU F 1732 82.10 -18.79 73.91
C GLU F 1732 82.47 -18.86 72.43
N GLU F 1733 82.43 -20.04 71.83
CA GLU F 1733 82.68 -20.13 70.39
C GLU F 1733 81.64 -19.35 69.59
N THR F 1734 80.39 -19.38 70.06
CA THR F 1734 79.36 -18.56 69.44
C THR F 1734 79.69 -17.08 69.56
N LYS F 1735 80.15 -16.64 70.74
CA LYS F 1735 80.53 -15.24 70.90
C LYS F 1735 81.78 -14.90 70.11
N SER F 1736 82.57 -15.90 69.72
CA SER F 1736 83.84 -15.67 69.04
C SER F 1736 83.74 -15.70 67.52
N ILE F 1737 82.77 -16.42 66.96
CA ILE F 1737 82.68 -16.52 65.51
C ILE F 1737 82.30 -15.16 64.91
N THR F 1738 83.04 -14.75 63.89
CA THR F 1738 82.79 -13.51 63.16
C THR F 1738 82.47 -13.83 61.70
N LEU F 1739 82.30 -12.77 60.90
CA LEU F 1739 81.91 -12.97 59.51
C LEU F 1739 83.11 -12.99 58.57
N PHE F 1740 84.00 -12.02 58.68
CA PHE F 1740 85.21 -11.98 57.86
C PHE F 1740 86.39 -12.49 58.67
N PRO F 1741 87.06 -13.56 58.24
CA PRO F 1741 88.19 -14.08 59.03
C PRO F 1741 89.32 -13.09 59.20
N ASP F 1742 89.50 -12.17 58.25
CA ASP F 1742 90.58 -11.21 58.27
C ASP F 1742 90.01 -9.80 58.17
N GLU F 1743 90.81 -8.82 58.58
CA GLU F 1743 90.40 -7.42 58.42
C GLU F 1743 90.13 -7.07 56.96
N ASN F 1744 90.71 -7.82 56.02
CA ASN F 1744 90.40 -7.64 54.62
C ASN F 1744 89.02 -8.19 54.30
N LYS F 1745 88.47 -7.73 53.16
CA LYS F 1745 87.17 -8.20 52.71
C LYS F 1745 87.19 -9.64 52.21
N LYS F 1746 88.31 -10.35 52.34
CA LYS F 1746 88.39 -11.73 51.91
C LYS F 1746 87.37 -12.57 52.67
N HIS F 1747 86.49 -13.25 51.93
CA HIS F 1747 85.43 -14.04 52.55
C HIS F 1747 85.96 -15.36 53.10
N GLY F 1748 86.94 -15.94 52.45
CA GLY F 1748 87.41 -17.27 52.81
C GLY F 1748 86.68 -18.36 52.06
N LEU F 1749 87.29 -19.53 52.04
CA LEU F 1749 86.70 -20.67 51.33
C LEU F 1749 85.42 -21.09 52.03
N PRO F 1750 84.31 -21.26 51.29
CA PRO F 1750 83.05 -21.63 51.93
C PRO F 1750 83.12 -23.00 52.59
N GLY F 1751 82.42 -23.12 53.71
CA GLY F 1751 82.38 -24.36 54.45
C GLY F 1751 83.57 -24.60 55.35
N ILE F 1752 84.51 -23.67 55.40
CA ILE F 1752 85.72 -23.80 56.22
C ILE F 1752 85.66 -22.74 57.30
N GLY F 1753 85.51 -23.16 58.54
CA GLY F 1753 85.42 -22.24 59.65
C GLY F 1753 84.70 -22.87 60.82
N LEU F 1754 84.71 -22.14 61.93
CA LEU F 1754 84.07 -22.63 63.14
C LEU F 1754 82.55 -22.59 62.99
N SER F 1755 81.90 -23.69 63.34
CA SER F 1755 80.44 -23.78 63.32
C SER F 1755 79.97 -24.27 64.67
N THR F 1756 78.96 -23.58 65.23
CA THR F 1756 78.48 -23.87 66.57
C THR F 1756 77.06 -24.39 66.60
N SER F 1757 76.36 -24.40 65.47
CA SER F 1757 74.93 -24.72 65.48
C SER F 1757 74.69 -26.16 65.93
N LEU F 1758 73.60 -26.35 66.66
CA LEU F 1758 73.22 -27.70 67.08
C LEU F 1758 72.98 -28.58 65.87
N ARG F 1759 73.57 -29.77 65.89
CA ARG F 1759 73.44 -30.72 64.80
C ARG F 1759 73.25 -32.11 65.38
N PRO F 1760 72.52 -32.99 64.69
CA PRO F 1760 72.34 -34.35 65.20
C PRO F 1760 73.67 -35.07 65.36
N ARG F 1761 73.80 -35.83 66.44
CA ARG F 1761 75.03 -36.54 66.71
C ARG F 1761 75.15 -37.76 65.80
N MET F 1762 76.31 -37.91 65.18
CA MET F 1762 76.55 -39.05 64.31
C MET F 1762 76.73 -40.30 65.15
N ARG F 1763 76.00 -41.36 64.80
CA ARG F 1763 76.15 -42.63 65.50
C ARG F 1763 75.78 -43.75 64.54
N PHE F 1764 76.65 -44.75 64.44
CA PHE F 1764 76.42 -45.91 63.58
C PHE F 1764 76.61 -47.18 64.40
N SER F 1765 75.57 -47.99 64.48
CA SER F 1765 75.67 -49.24 65.22
C SER F 1765 76.50 -50.24 64.43
N SER F 1766 77.31 -51.02 65.15
CA SER F 1766 78.14 -52.02 64.51
C SER F 1766 77.27 -53.15 63.95
N PRO F 1767 77.43 -53.52 62.68
CA PRO F 1767 76.63 -54.59 62.06
C PRO F 1767 77.03 -55.98 62.53
N CYS F 1776 69.82 -54.45 68.03
CA CYS F 1776 68.56 -53.72 68.10
C CYS F 1776 68.32 -52.96 66.79
N TYR F 1777 69.38 -52.82 65.99
CA TYR F 1777 69.32 -52.13 64.70
C TYR F 1777 68.79 -50.70 64.87
N GLN F 1778 69.35 -49.99 65.86
CA GLN F 1778 68.94 -48.62 66.11
C GLN F 1778 69.43 -47.68 65.02
N TYR F 1779 70.65 -47.90 64.54
CA TYR F 1779 71.26 -47.01 63.57
C TYR F 1779 71.82 -47.81 62.39
N SER F 1780 72.30 -47.08 61.39
CA SER F 1780 72.85 -47.69 60.19
C SER F 1780 74.20 -48.35 60.51
N PRO F 1781 74.56 -49.41 59.78
CA PRO F 1781 75.85 -50.05 60.01
C PRO F 1781 77.02 -49.10 59.79
N GLU F 1782 78.07 -49.30 60.59
CA GLU F 1782 79.25 -48.43 60.53
C GLU F 1782 80.06 -48.73 59.27
N PHE F 1783 80.83 -47.73 58.84
CA PHE F 1783 81.63 -47.80 57.63
C PHE F 1783 82.96 -47.11 57.86
N PRO F 1784 84.02 -47.53 57.16
CA PRO F 1784 85.33 -46.86 57.32
C PRO F 1784 85.37 -45.48 56.65
N LEU F 1785 84.95 -44.46 57.39
CA LEU F 1785 84.79 -43.12 56.81
C LEU F 1785 86.11 -42.55 56.31
N ASP F 1786 87.22 -42.79 57.03
CA ASP F 1786 88.50 -42.23 56.59
C ASP F 1786 88.98 -42.90 55.30
N ILE F 1787 88.85 -44.22 55.22
CA ILE F 1787 89.20 -44.93 53.98
C ILE F 1787 88.34 -44.43 52.84
N LEU F 1788 87.04 -44.22 53.12
CA LEU F 1788 86.15 -43.69 52.08
C LEU F 1788 86.57 -42.29 51.65
N LYS F 1789 86.99 -41.46 52.61
CA LYS F 1789 87.52 -40.14 52.28
C LYS F 1789 88.67 -40.23 51.30
N ALA F 1790 89.69 -41.02 51.65
CA ALA F 1790 90.87 -41.12 50.80
C ALA F 1790 90.50 -41.67 49.43
N LYS F 1791 89.65 -42.70 49.41
CA LYS F 1791 89.25 -43.31 48.14
C LYS F 1791 88.52 -42.31 47.25
N THR F 1792 87.52 -41.63 47.80
CA THR F 1792 86.75 -40.71 46.97
C THR F 1792 87.61 -39.53 46.50
N ILE F 1793 88.54 -39.06 47.33
CA ILE F 1793 89.42 -37.97 46.91
C ILE F 1793 90.30 -38.41 45.74
N GLN F 1794 90.95 -39.57 45.87
CA GLN F 1794 91.86 -39.99 44.81
C GLN F 1794 91.10 -40.27 43.51
N MET F 1795 89.96 -40.95 43.59
CA MET F 1795 89.21 -41.22 42.36
C MET F 1795 88.62 -39.94 41.77
N LEU F 1796 88.24 -38.97 42.59
CA LEU F 1796 87.74 -37.71 42.04
C LEU F 1796 88.84 -36.96 41.30
N THR F 1797 90.05 -36.93 41.87
CA THR F 1797 91.16 -36.28 41.17
C THR F 1797 91.48 -36.99 39.85
N GLU F 1798 91.57 -38.32 39.89
CA GLU F 1798 91.84 -39.06 38.66
C GLU F 1798 90.72 -38.87 37.64
N ALA F 1799 89.47 -38.81 38.10
CA ALA F 1799 88.35 -38.65 37.19
C ALA F 1799 88.35 -37.28 36.55
N VAL F 1800 88.67 -36.22 37.31
CA VAL F 1800 88.70 -34.89 36.70
C VAL F 1800 89.86 -34.78 35.72
N LYS F 1801 91.00 -35.41 36.02
CA LYS F 1801 92.10 -35.41 35.07
C LYS F 1801 91.74 -36.16 33.80
N GLU F 1802 91.07 -37.32 33.94
CA GLU F 1802 90.66 -38.09 32.78
C GLU F 1802 89.63 -37.34 31.93
N GLY F 1803 88.67 -36.69 32.59
CA GLY F 1803 87.72 -35.88 31.85
C GLY F 1803 88.38 -34.71 31.14
N SER F 1804 89.41 -34.12 31.77
CA SER F 1804 90.16 -33.07 31.12
C SER F 1804 90.85 -33.57 29.87
N LEU F 1805 91.45 -34.77 29.93
CA LEU F 1805 92.13 -35.28 28.74
C LEU F 1805 91.16 -35.87 27.72
N HIS F 1806 89.89 -36.07 28.08
CA HIS F 1806 88.85 -36.52 27.16
C HIS F 1806 89.20 -37.87 26.52
N ALA F 1807 89.28 -38.89 27.38
CA ALA F 1807 89.50 -40.25 26.89
C ALA F 1807 88.24 -40.76 26.21
N ARG F 1808 88.45 -41.70 25.28
CA ARG F 1808 87.33 -42.35 24.59
C ARG F 1808 86.76 -43.53 25.35
N ASP F 1809 87.32 -43.85 26.52
CA ASP F 1809 86.88 -44.99 27.34
C ASP F 1809 86.63 -44.54 28.77
N PRO F 1810 85.55 -43.80 29.01
CA PRO F 1810 85.22 -43.43 30.39
C PRO F 1810 84.83 -44.66 31.19
N VAL F 1811 85.08 -44.58 32.50
CA VAL F 1811 84.76 -45.71 33.38
C VAL F 1811 83.27 -45.99 33.32
N GLY F 1812 82.92 -47.23 33.01
CA GLY F 1812 81.55 -47.60 32.82
C GLY F 1812 81.02 -47.43 31.42
N GLY F 1813 81.83 -46.89 30.50
CA GLY F 1813 81.42 -46.71 29.13
C GLY F 1813 80.82 -45.37 28.79
N THR F 1814 80.52 -44.54 29.79
CA THR F 1814 79.93 -43.23 29.55
C THR F 1814 80.43 -42.28 30.64
N THR F 1815 80.63 -41.02 30.25
CA THR F 1815 81.05 -40.02 31.23
C THR F 1815 80.00 -39.84 32.32
N GLU F 1816 78.73 -40.05 31.99
CA GLU F 1816 77.69 -40.01 33.02
C GLU F 1816 77.92 -41.09 34.07
N PHE F 1817 78.18 -42.32 33.62
CA PHE F 1817 78.47 -43.38 34.59
C PHE F 1817 79.78 -43.13 35.32
N LEU F 1818 80.73 -42.43 34.68
CA LEU F 1818 81.98 -42.09 35.34
C LEU F 1818 81.76 -41.11 36.49
N PHE F 1819 80.96 -40.08 36.27
CA PHE F 1819 80.87 -38.98 37.22
C PHE F 1819 79.68 -39.08 38.17
N VAL F 1820 78.47 -39.35 37.66
CA VAL F 1820 77.26 -39.20 38.47
C VAL F 1820 77.32 -39.96 39.78
N PRO F 1821 77.64 -41.26 39.81
CA PRO F 1821 77.71 -41.94 41.12
C PRO F 1821 78.81 -41.39 42.02
N LEU F 1822 79.97 -41.05 41.44
CA LEU F 1822 81.06 -40.53 42.25
C LEU F 1822 80.70 -39.17 42.87
N ILE F 1823 80.12 -38.28 42.07
CA ILE F 1823 79.74 -36.98 42.61
C ILE F 1823 78.59 -37.11 43.58
N LYS F 1824 77.69 -38.08 43.37
CA LYS F 1824 76.65 -38.33 44.36
C LYS F 1824 77.25 -38.75 45.70
N LEU F 1825 78.22 -39.66 45.67
CA LEU F 1825 78.87 -40.09 46.92
C LEU F 1825 79.58 -38.92 47.59
N PHE F 1826 80.29 -38.12 46.80
CA PHE F 1826 80.99 -36.97 47.37
C PHE F 1826 80.01 -35.96 47.96
N TYR F 1827 78.88 -35.76 47.28
CA TYR F 1827 77.86 -34.84 47.77
C TYR F 1827 77.26 -35.33 49.07
N THR F 1828 76.97 -36.63 49.18
CA THR F 1828 76.44 -37.17 50.42
C THR F 1828 77.44 -37.03 51.55
N LEU F 1829 78.71 -37.30 51.29
CA LEU F 1829 79.73 -37.11 52.33
C LEU F 1829 79.82 -35.65 52.75
N LEU F 1830 79.74 -34.74 51.79
CA LEU F 1830 79.80 -33.32 52.12
C LEU F 1830 78.60 -32.90 52.97
N ILE F 1831 77.41 -33.41 52.64
CA ILE F 1831 76.23 -33.12 53.46
C ILE F 1831 76.43 -33.64 54.87
N MET F 1832 76.93 -34.88 55.01
CA MET F 1832 77.19 -35.42 56.33
C MET F 1832 78.32 -34.68 57.03
N GLY F 1833 79.10 -33.88 56.31
CA GLY F 1833 80.14 -33.09 56.94
C GLY F 1833 81.33 -33.88 57.42
N ILE F 1834 81.57 -35.05 56.81
CA ILE F 1834 82.72 -35.86 57.21
C ILE F 1834 84.02 -35.14 56.88
N PHE F 1835 84.09 -34.53 55.70
CA PHE F 1835 85.33 -33.90 55.24
C PHE F 1835 85.78 -32.81 56.21
N HIS F 1836 87.07 -32.77 56.48
CA HIS F 1836 87.65 -31.76 57.35
C HIS F 1836 88.14 -30.59 56.50
N ASN F 1837 88.80 -29.62 57.13
CA ASN F 1837 89.15 -28.37 56.45
C ASN F 1837 90.09 -28.62 55.27
N GLU F 1838 91.09 -29.47 55.46
CA GLU F 1838 92.03 -29.74 54.38
C GLU F 1838 91.33 -30.45 53.22
N ASP F 1839 90.43 -31.38 53.52
CA ASP F 1839 89.69 -32.06 52.47
C ASP F 1839 88.81 -31.09 51.70
N LEU F 1840 88.17 -30.15 52.40
CA LEU F 1840 87.39 -29.13 51.69
C LEU F 1840 88.29 -28.25 50.84
N LYS F 1841 89.48 -27.92 51.33
CA LYS F 1841 90.41 -27.13 50.53
C LYS F 1841 90.77 -27.86 49.24
N HIS F 1842 91.12 -29.14 49.35
CA HIS F 1842 91.47 -29.90 48.15
C HIS F 1842 90.27 -30.02 47.20
N ILE F 1843 89.07 -30.21 47.76
CA ILE F 1843 87.87 -30.32 46.93
C ILE F 1843 87.65 -29.03 46.14
N LEU F 1844 87.76 -27.89 46.82
CA LEU F 1844 87.57 -26.62 46.14
C LEU F 1844 88.65 -26.37 45.10
N GLN F 1845 89.90 -26.75 45.41
CA GLN F 1845 90.97 -26.59 44.43
C GLN F 1845 90.71 -27.43 43.20
N LEU F 1846 90.22 -28.66 43.37
CA LEU F 1846 90.02 -29.51 42.19
C LEU F 1846 88.80 -29.07 41.39
N ILE F 1847 87.73 -28.62 42.05
CA ILE F 1847 86.56 -28.20 41.31
C ILE F 1847 86.82 -26.89 40.58
N GLU F 1848 87.52 -25.95 41.23
CA GLU F 1848 87.82 -24.66 40.61
C GLU F 1848 89.08 -24.11 41.26
N PRO F 1849 90.23 -24.26 40.61
CA PRO F 1849 91.49 -23.83 41.25
C PRO F 1849 91.66 -22.32 41.27
N SER F 1850 91.22 -21.63 40.22
CA SER F 1850 91.48 -20.19 40.11
C SER F 1850 90.72 -19.41 41.17
N VAL F 1851 89.41 -19.67 41.31
CA VAL F 1851 88.60 -18.91 42.25
C VAL F 1851 88.97 -19.23 43.68
N PHE F 1852 89.12 -20.52 43.99
CA PHE F 1852 89.40 -20.97 45.36
C PHE F 1852 90.88 -21.11 45.65
N LYS F 1853 91.73 -20.35 44.97
CA LYS F 1853 93.17 -20.40 45.21
C LYS F 1853 93.49 -19.77 46.56
N GLY F 1891 88.90 -27.58 37.46
CA GLY F 1891 88.38 -27.41 36.12
C GLY F 1891 87.11 -28.21 35.87
N LEU F 1892 86.57 -28.80 36.94
CA LEU F 1892 85.37 -29.61 36.81
C LEU F 1892 84.20 -28.81 36.28
N LEU F 1893 84.07 -27.55 36.73
CA LEU F 1893 83.04 -26.69 36.18
C LEU F 1893 83.28 -26.42 34.70
N GLN F 1894 84.55 -26.24 34.31
CA GLN F 1894 84.88 -25.87 32.95
C GLN F 1894 84.79 -27.02 31.96
N MET F 1895 84.82 -28.27 32.43
CA MET F 1895 84.69 -29.39 31.50
C MET F 1895 83.31 -29.42 30.87
N LYS F 1896 83.20 -30.13 29.74
CA LYS F 1896 81.93 -30.29 29.03
C LYS F 1896 81.15 -31.40 29.71
N LEU F 1897 80.38 -31.04 30.70
CA LEU F 1897 79.60 -31.93 31.54
C LEU F 1897 78.26 -32.27 30.87
N PRO F 1898 77.75 -33.47 31.14
CA PRO F 1898 76.37 -33.78 30.75
C PRO F 1898 75.38 -33.23 31.76
N GLU F 1899 74.09 -33.38 31.43
CA GLU F 1899 73.03 -32.80 32.24
C GLU F 1899 72.97 -33.35 33.65
N PRO F 1900 72.99 -34.68 33.88
CA PRO F 1900 72.97 -35.16 35.28
C PRO F 1900 74.16 -34.68 36.09
N VAL F 1901 75.35 -34.66 35.50
CA VAL F 1901 76.54 -34.23 36.23
C VAL F 1901 76.42 -32.77 36.61
N LYS F 1902 76.01 -31.92 35.65
CA LYS F 1902 75.86 -30.51 35.97
C LYS F 1902 74.75 -30.29 36.98
N LEU F 1903 73.72 -31.13 36.98
CA LEU F 1903 72.70 -31.04 38.02
C LEU F 1903 73.26 -31.35 39.40
N GLN F 1904 74.09 -32.40 39.49
CA GLN F 1904 74.68 -32.73 40.79
C GLN F 1904 75.58 -31.61 41.28
N MET F 1905 76.37 -31.01 40.39
CA MET F 1905 77.20 -29.90 40.87
C MET F 1905 76.40 -28.64 41.13
N CYS F 1906 75.24 -28.46 40.50
CA CYS F 1906 74.34 -27.39 40.94
C CYS F 1906 73.88 -27.63 42.37
N LEU F 1907 73.54 -28.87 42.71
CA LEU F 1907 73.20 -29.18 44.10
C LEU F 1907 74.38 -28.92 45.03
N LEU F 1908 75.58 -29.25 44.58
CA LEU F 1908 76.78 -29.00 45.39
C LEU F 1908 76.95 -27.50 45.65
N LEU F 1909 76.80 -26.68 44.62
CA LEU F 1909 76.92 -25.24 44.80
C LEU F 1909 75.82 -24.71 45.71
N GLN F 1910 74.62 -25.29 45.61
CA GLN F 1910 73.54 -24.89 46.51
C GLN F 1910 73.89 -25.21 47.95
N TYR F 1911 74.52 -26.37 48.20
CA TYR F 1911 74.94 -26.70 49.55
C TYR F 1911 76.00 -25.72 50.04
N LEU F 1912 76.93 -25.33 49.17
CA LEU F 1912 77.94 -24.34 49.56
C LEU F 1912 77.28 -23.01 49.94
N CYS F 1913 76.28 -22.58 49.15
CA CYS F 1913 75.57 -21.36 49.49
C CYS F 1913 74.86 -21.48 50.83
N ASP F 1914 74.26 -22.63 51.09
CA ASP F 1914 73.57 -22.84 52.37
C ASP F 1914 74.55 -22.76 53.54
N CYS F 1915 75.72 -23.37 53.40
CA CYS F 1915 76.71 -23.31 54.48
C CYS F 1915 77.20 -21.88 54.69
N GLN F 1916 77.39 -21.13 53.60
CA GLN F 1916 77.79 -19.74 53.74
C GLN F 1916 76.72 -18.93 54.46
N VAL F 1917 75.45 -19.16 54.13
CA VAL F 1917 74.36 -18.47 54.82
C VAL F 1917 74.36 -18.83 56.30
N ARG F 1918 74.62 -20.09 56.62
CA ARG F 1918 74.67 -20.51 58.02
C ARG F 1918 75.78 -19.78 58.76
N HIS F 1919 76.95 -19.65 58.14
CA HIS F 1919 78.04 -18.92 58.78
C HIS F 1919 77.67 -17.44 58.98
N ARG F 1920 76.98 -16.85 57.99
CA ARG F 1920 76.51 -15.49 58.15
C ARG F 1920 75.57 -15.36 59.35
N ILE F 1921 74.65 -16.32 59.50
CA ILE F 1921 73.74 -16.29 60.63
C ILE F 1921 74.48 -16.43 61.94
N GLU F 1922 75.54 -17.25 61.95
CA GLU F 1922 76.35 -17.38 63.16
C GLU F 1922 76.99 -16.04 63.54
N ALA F 1923 77.56 -15.34 62.56
CA ALA F 1923 78.15 -14.04 62.83
C ALA F 1923 77.10 -13.05 63.32
N ILE F 1924 75.91 -13.07 62.71
CA ILE F 1924 74.83 -12.20 63.13
C ILE F 1924 74.44 -12.50 64.57
N VAL F 1925 74.39 -13.77 64.94
CA VAL F 1925 74.03 -14.14 66.31
C VAL F 1925 75.07 -13.63 67.29
N ALA F 1926 76.36 -13.76 66.95
CA ALA F 1926 77.41 -13.27 67.84
C ALA F 1926 77.29 -11.77 68.07
N PHE F 1927 77.21 -11.01 66.98
CA PHE F 1927 77.11 -9.56 67.12
C PHE F 1927 75.81 -9.18 67.81
N SER F 1928 74.74 -9.92 67.57
CA SER F 1928 73.47 -9.65 68.24
C SER F 1928 73.60 -9.83 69.74
N ASP F 1929 74.27 -10.89 70.18
CA ASP F 1929 74.53 -11.09 71.60
C ASP F 1929 75.25 -9.90 72.18
N ASP F 1930 76.38 -9.51 71.57
CA ASP F 1930 77.18 -8.43 72.14
C ASP F 1930 76.39 -7.11 72.16
N PHE F 1931 75.75 -6.79 71.04
CA PHE F 1931 75.03 -5.53 70.93
C PHE F 1931 73.84 -5.48 71.89
N VAL F 1932 73.10 -6.58 72.02
CA VAL F 1932 71.95 -6.57 72.90
C VAL F 1932 72.38 -6.52 74.35
N ALA F 1933 73.54 -7.09 74.69
CA ALA F 1933 74.06 -6.93 76.04
C ALA F 1933 74.35 -5.46 76.33
N LYS F 1934 75.08 -4.80 75.43
CA LYS F 1934 75.37 -3.38 75.63
C LYS F 1934 74.09 -2.56 75.73
N LEU F 1935 73.15 -2.80 74.81
CA LEU F 1935 71.92 -2.03 74.77
C LEU F 1935 71.09 -2.26 76.03
N GLN F 1936 71.02 -3.50 76.51
CA GLN F 1936 70.24 -3.79 77.70
C GLN F 1936 70.82 -3.10 78.92
N ASP F 1937 72.14 -3.19 79.12
CA ASP F 1937 72.72 -2.54 80.29
C ASP F 1937 72.56 -1.03 80.21
N ASN F 1938 72.77 -0.45 79.02
CA ASN F 1938 72.65 1.00 78.89
C ASN F 1938 71.22 1.45 79.10
N GLN F 1939 70.24 0.71 78.57
CA GLN F 1939 68.84 1.11 78.74
C GLN F 1939 68.41 0.98 80.19
N ARG F 1940 68.86 -0.06 80.89
CA ARG F 1940 68.53 -0.18 82.31
C ARG F 1940 69.17 0.96 83.10
N PHE F 1941 70.42 1.30 82.79
CA PHE F 1941 71.07 2.41 83.49
C PHE F 1941 70.34 3.73 83.24
N ARG F 1942 69.93 3.98 81.99
CA ARG F 1942 69.26 5.25 81.70
C ARG F 1942 67.86 5.28 82.29
N TYR F 1943 67.17 4.13 82.36
CA TYR F 1943 65.87 4.11 83.02
C TYR F 1943 66.00 4.37 84.51
N ASN F 1944 67.04 3.79 85.15
CA ASN F 1944 67.30 4.11 86.55
C ASN F 1944 67.61 5.59 86.73
N GLU F 1945 68.40 6.17 85.82
CA GLU F 1945 68.73 7.59 85.91
C GLU F 1945 67.49 8.45 85.78
N VAL F 1946 66.60 8.11 84.85
CA VAL F 1946 65.33 8.84 84.71
C VAL F 1946 64.50 8.70 85.97
N MET F 1947 64.48 7.50 86.56
CA MET F 1947 63.73 7.30 87.80
C MET F 1947 64.28 8.16 88.93
N GLN F 1948 65.57 8.46 88.91
CA GLN F 1948 66.20 9.26 89.96
C GLN F 1948 65.75 10.71 89.96
N ALA F 1949 65.06 11.17 88.91
CA ALA F 1949 64.62 12.55 88.85
C ALA F 1949 63.68 12.87 90.01
N LEU F 1950 63.94 14.01 90.67
CA LEU F 1950 63.13 14.38 91.83
C LEU F 1950 61.73 14.81 91.42
N ASN F 1951 61.61 15.56 90.33
CA ASN F 1951 60.32 16.06 89.88
C ASN F 1951 59.71 15.13 88.85
N MET F 1952 58.42 14.85 89.00
CA MET F 1952 57.67 14.00 88.07
C MET F 1952 56.71 14.89 87.29
N SER F 1953 56.78 14.83 85.97
CA SER F 1953 55.99 15.71 85.12
C SER F 1953 55.54 14.92 83.88
N ALA F 1954 55.04 15.66 82.89
CA ALA F 1954 54.60 15.04 81.65
C ALA F 1954 55.75 14.36 80.92
N ALA F 1955 56.92 15.01 80.89
CA ALA F 1955 58.09 14.38 80.29
C ALA F 1955 58.48 13.13 81.06
N LEU F 1956 58.40 13.17 82.39
CA LEU F 1956 58.76 12.01 83.21
C LEU F 1956 57.83 10.83 82.95
N THR F 1957 56.52 11.09 82.86
CA THR F 1957 55.61 9.98 82.59
C THR F 1957 55.75 9.52 81.14
N ALA F 1958 56.13 10.42 80.23
CA ALA F 1958 56.43 9.99 78.87
C ALA F 1958 57.60 9.02 78.84
N ARG F 1959 58.67 9.33 79.58
CA ARG F 1959 59.79 8.39 79.67
C ARG F 1959 59.41 7.11 80.40
N LYS F 1960 58.50 7.20 81.38
CA LYS F 1960 58.05 6.00 82.08
C LYS F 1960 57.33 5.05 81.12
N THR F 1961 56.45 5.60 80.28
CA THR F 1961 55.81 4.79 79.23
C THR F 1961 56.84 4.34 78.19
N ARG F 1962 57.84 5.18 77.94
CA ARG F 1962 58.89 4.88 76.98
C ARG F 1962 59.66 3.62 77.38
N GLU F 1963 59.98 3.50 78.66
CA GLU F 1963 60.81 2.40 79.15
C GLU F 1963 60.00 1.21 79.65
N PHE F 1964 59.10 1.44 80.61
CA PHE F 1964 58.45 0.34 81.32
C PHE F 1964 57.18 -0.16 80.64
N ARG F 1965 56.29 0.76 80.27
CA ARG F 1965 54.96 0.36 79.81
C ARG F 1965 55.03 -0.44 78.51
N SER F 1966 55.91 -0.04 77.60
CA SER F 1966 55.96 -0.68 76.28
C SER F 1966 56.41 -2.14 76.43
N PRO F 1967 55.79 -3.06 75.70
CA PRO F 1967 56.20 -4.47 75.74
C PRO F 1967 57.59 -4.65 75.18
N PRO F 1968 58.29 -5.73 75.54
CA PRO F 1968 59.70 -5.87 75.12
C PRO F 1968 59.91 -5.81 73.61
N GLN F 1969 59.01 -6.40 72.82
CA GLN F 1969 59.17 -6.32 71.37
C GLN F 1969 59.02 -4.88 70.89
N GLU F 1970 58.08 -4.14 71.46
CA GLU F 1970 57.96 -2.72 71.14
C GLU F 1970 59.22 -1.96 71.55
N GLN F 1971 59.82 -2.33 72.68
CA GLN F 1971 61.06 -1.70 73.10
C GLN F 1971 62.17 -1.96 72.09
N ILE F 1972 62.27 -3.18 71.59
CA ILE F 1972 63.29 -3.51 70.60
C ILE F 1972 63.07 -2.73 69.32
N ASN F 1973 61.82 -2.68 68.83
CA ASN F 1973 61.54 -1.93 67.62
C ASN F 1973 61.83 -0.44 67.81
N MET F 1974 61.46 0.09 68.98
CA MET F 1974 61.77 1.48 69.31
C MET F 1974 63.27 1.74 69.35
N LEU F 1975 64.04 0.82 69.93
CA LEU F 1975 65.48 1.01 70.01
C LEU F 1975 66.14 0.84 68.65
N LEU F 1976 65.48 0.15 67.72
CA LEU F 1976 66.00 -0.05 66.37
C LEU F 1976 65.32 0.84 65.34
N ASN F 1977 64.55 1.83 65.77
CA ASN F 1977 63.90 2.73 64.81
C ASN F 1977 64.87 3.64 64.08
N PHE F 1978 66.14 3.69 64.50
CA PHE F 1978 67.10 4.65 63.95
C PHE F 1978 67.72 4.18 62.64
N LYS F 1979 67.05 3.29 61.91
CA LYS F 1979 67.55 2.86 60.61
C LYS F 1979 67.78 4.06 59.70
N ASP F 1980 66.83 4.98 59.65
CA ASP F 1980 67.02 6.22 58.92
C ASP F 1980 67.96 7.15 59.69
N ASP F 1981 68.50 8.13 58.98
CA ASP F 1981 69.48 9.04 59.56
C ASP F 1981 68.81 9.93 60.59
N LYS F 1982 69.14 9.72 61.86
CA LYS F 1982 68.65 10.53 62.97
C LYS F 1982 67.13 10.57 63.02
N SER F 1983 66.52 9.39 62.93
CA SER F 1983 65.06 9.25 62.95
C SER F 1983 64.62 8.79 64.34
N GLU F 1984 64.51 9.77 65.25
CA GLU F 1984 64.07 9.52 66.63
C GLU F 1984 64.89 8.41 67.28
N CYS F 1985 66.21 8.54 67.19
CA CYS F 1985 67.11 7.54 67.73
C CYS F 1985 67.06 7.52 69.25
N PRO F 1986 67.39 6.39 69.87
CA PRO F 1986 67.48 6.35 71.33
C PRO F 1986 68.64 7.17 71.86
N CYS F 1987 68.80 7.22 73.17
CA CYS F 1987 69.86 8.03 73.77
C CYS F 1987 71.26 7.63 73.30
N PRO F 1988 71.66 6.36 73.28
CA PRO F 1988 73.01 6.03 72.81
C PRO F 1988 73.18 6.29 71.32
N GLU F 1989 74.42 6.64 70.96
CA GLU F 1989 74.81 6.82 69.56
C GLU F 1989 76.06 6.05 69.19
N GLU F 1990 76.93 5.71 70.15
CA GLU F 1990 78.04 4.82 69.86
C GLU F 1990 77.54 3.46 69.39
N ILE F 1991 76.47 2.95 70.02
CA ILE F 1991 75.90 1.70 69.55
C ILE F 1991 75.25 1.88 68.18
N ARG F 1992 74.72 3.07 67.90
CA ARG F 1992 74.23 3.34 66.54
C ARG F 1992 75.35 3.18 65.53
N ASP F 1993 76.50 3.79 65.82
CA ASP F 1993 77.64 3.67 64.92
C ASP F 1993 78.09 2.23 64.78
N GLN F 1994 78.15 1.50 65.89
CA GLN F 1994 78.57 0.10 65.84
C GLN F 1994 77.61 -0.75 65.01
N LEU F 1995 76.30 -0.54 65.20
CA LEU F 1995 75.32 -1.32 64.45
C LEU F 1995 75.35 -0.95 62.97
N LEU F 1996 75.56 0.32 62.65
CA LEU F 1996 75.69 0.71 61.26
C LEU F 1996 76.91 0.05 60.61
N ASP F 1997 78.04 0.01 61.34
CA ASP F 1997 79.22 -0.66 60.81
C ASP F 1997 78.97 -2.15 60.61
N PHE F 1998 78.30 -2.79 61.57
CA PHE F 1998 78.02 -4.21 61.41
C PHE F 1998 77.08 -4.45 60.23
N HIS F 1999 76.08 -3.61 60.05
CA HIS F 1999 75.19 -3.77 58.90
C HIS F 1999 75.95 -3.59 57.60
N GLU F 2000 76.87 -2.61 57.56
CA GLU F 2000 77.67 -2.40 56.35
C GLU F 2000 78.51 -3.62 56.03
N ASP F 2001 79.20 -4.18 57.04
CA ASP F 2001 80.03 -5.33 56.75
C ASP F 2001 79.21 -6.58 56.45
N LEU F 2002 78.00 -6.68 57.02
CA LEU F 2002 77.10 -7.77 56.65
C LEU F 2002 76.65 -7.65 55.20
N MET F 2003 76.33 -6.43 54.76
CA MET F 2003 76.01 -6.23 53.36
C MET F 2003 77.19 -6.59 52.47
N THR F 2004 78.39 -6.21 52.87
CA THR F 2004 79.58 -6.53 52.10
C THR F 2004 79.78 -8.04 52.01
N HIS F 2005 79.57 -8.76 53.12
CA HIS F 2005 79.67 -10.21 53.09
C HIS F 2005 78.60 -10.82 52.21
N CYS F 2006 77.43 -10.20 52.17
CA CYS F 2006 76.37 -10.63 51.26
C CYS F 2006 76.66 -10.09 49.86
N GLY F 2007 75.69 -10.21 48.96
CA GLY F 2007 75.89 -9.73 47.60
C GLY F 2007 76.11 -8.24 47.52
N ILE F 2008 75.48 -7.47 48.40
CA ILE F 2008 75.58 -6.02 48.37
C ILE F 2008 76.93 -5.54 48.89
N SER F 2056 85.24 -14.98 46.10
CA SER F 2056 84.31 -14.62 45.05
C SER F 2056 83.57 -15.84 44.52
N LEU F 2057 82.58 -16.30 45.28
CA LEU F 2057 81.82 -17.48 44.90
C LEU F 2057 80.58 -17.17 44.08
N GLN F 2058 79.85 -16.11 44.45
CA GLN F 2058 78.59 -15.81 43.75
C GLN F 2058 78.85 -15.43 42.29
N GLN F 2059 79.89 -14.63 42.04
CA GLN F 2059 80.21 -14.25 40.67
C GLN F 2059 80.59 -15.48 39.84
N LEU F 2060 81.37 -16.38 40.42
CA LEU F 2060 81.75 -17.60 39.71
C LEU F 2060 80.52 -18.44 39.38
N ILE F 2061 79.62 -18.60 40.36
CA ILE F 2061 78.43 -19.42 40.14
C ILE F 2061 77.54 -18.81 39.06
N SER F 2062 77.34 -17.50 39.12
CA SER F 2062 76.51 -16.83 38.12
C SER F 2062 77.13 -16.93 36.73
N GLU F 2063 78.45 -16.74 36.63
CA GLU F 2063 79.12 -16.82 35.35
C GLU F 2063 79.01 -18.23 34.76
N THR F 2064 79.23 -19.26 35.59
CA THR F 2064 79.12 -20.63 35.09
C THR F 2064 77.69 -20.93 34.65
N MET F 2065 76.70 -20.46 35.40
CA MET F 2065 75.31 -20.73 35.04
C MET F 2065 74.93 -20.06 33.73
N VAL F 2066 75.29 -18.79 33.56
CA VAL F 2066 74.95 -18.12 32.31
C VAL F 2066 75.71 -18.73 31.14
N ARG F 2067 76.95 -19.15 31.37
CA ARG F 2067 77.70 -19.81 30.31
C ARG F 2067 77.03 -21.11 29.88
N TRP F 2068 76.66 -21.94 30.85
CA TRP F 2068 75.99 -23.20 30.51
C TRP F 2068 74.67 -22.95 29.82
N ALA F 2069 73.91 -21.96 30.28
CA ALA F 2069 72.62 -21.67 29.64
C ALA F 2069 72.81 -21.22 28.20
N GLN F 2070 73.84 -20.40 27.94
CA GLN F 2070 74.10 -19.94 26.59
C GLN F 2070 74.73 -21.01 25.71
N GLU F 2071 75.32 -22.05 26.30
CA GLU F 2071 75.96 -23.09 25.49
C GLU F 2071 74.96 -23.75 24.53
N SER F 2072 73.84 -24.23 25.06
CA SER F 2072 72.88 -24.94 24.23
C SER F 2072 71.54 -25.02 24.96
N VAL F 2073 70.52 -25.44 24.21
CA VAL F 2073 69.19 -25.61 24.78
C VAL F 2073 69.20 -26.79 25.75
N ILE F 2074 68.58 -26.60 26.91
CA ILE F 2074 68.56 -27.59 27.98
C ILE F 2074 67.20 -28.27 27.99
N GLU F 2075 67.20 -29.60 28.06
CA GLU F 2075 65.98 -30.38 27.93
C GLU F 2075 65.36 -30.80 29.25
N ASP F 2076 66.10 -30.76 30.35
CA ASP F 2076 65.58 -31.26 31.62
C ASP F 2076 64.91 -30.14 32.39
N PRO F 2077 63.59 -30.18 32.58
CA PRO F 2077 62.92 -29.12 33.36
C PRO F 2077 63.44 -29.01 34.78
N GLU F 2078 63.75 -30.14 35.42
CA GLU F 2078 64.30 -30.10 36.77
C GLU F 2078 65.67 -29.44 36.78
N LEU F 2079 66.50 -29.75 35.79
CA LEU F 2079 67.80 -29.08 35.69
C LEU F 2079 67.64 -27.59 35.51
N VAL F 2080 66.70 -27.16 34.65
CA VAL F 2080 66.49 -25.73 34.43
C VAL F 2080 66.00 -25.07 35.71
N ARG F 2081 65.09 -25.72 36.42
CA ARG F 2081 64.56 -25.15 37.67
C ARG F 2081 65.66 -24.98 38.70
N ALA F 2082 66.49 -26.02 38.88
CA ALA F 2082 67.60 -25.92 39.83
C ALA F 2082 68.57 -24.84 39.41
N MET F 2083 68.87 -24.77 38.11
CA MET F 2083 69.76 -23.76 37.57
C MET F 2083 69.28 -22.36 37.94
N PHE F 2084 68.00 -22.09 37.68
CA PHE F 2084 67.50 -20.73 37.88
C PHE F 2084 67.29 -20.41 39.35
N VAL F 2085 66.90 -21.37 40.19
CA VAL F 2085 66.81 -21.07 41.62
C VAL F 2085 68.19 -20.78 42.19
N LEU F 2086 69.21 -21.51 41.74
CA LEU F 2086 70.57 -21.23 42.21
C LEU F 2086 71.04 -19.87 41.72
N LEU F 2087 70.76 -19.52 40.47
CA LEU F 2087 71.13 -18.21 39.96
C LEU F 2087 70.44 -17.09 40.73
N HIS F 2088 69.14 -17.27 41.03
CA HIS F 2088 68.41 -16.26 41.78
C HIS F 2088 68.96 -16.13 43.19
N ARG F 2089 69.33 -17.24 43.84
CA ARG F 2089 69.87 -17.12 45.18
C ARG F 2089 71.25 -16.48 45.17
N GLN F 2090 72.02 -16.65 44.09
CA GLN F 2090 73.26 -15.89 43.99
C GLN F 2090 72.99 -14.40 43.82
N TYR F 2091 72.02 -14.04 42.97
CA TYR F 2091 71.76 -12.62 42.75
C TYR F 2091 71.08 -11.95 43.92
N ASP F 2092 70.39 -12.72 44.78
CA ASP F 2092 69.69 -12.17 45.94
C ASP F 2092 70.10 -12.98 47.17
N GLY F 2093 71.13 -12.51 47.87
CA GLY F 2093 71.49 -13.10 49.13
C GLY F 2093 70.66 -12.62 50.30
N ILE F 2094 69.90 -11.54 50.11
CA ILE F 2094 69.04 -11.02 51.17
C ILE F 2094 67.86 -11.96 51.40
N GLY F 2095 67.39 -12.62 50.34
CA GLY F 2095 66.28 -13.54 50.50
C GLY F 2095 66.58 -14.65 51.50
N GLY F 2096 67.80 -15.17 51.47
CA GLY F 2096 68.19 -16.16 52.46
C GLY F 2096 68.11 -15.62 53.87
N LEU F 2097 68.54 -14.38 54.07
CA LEU F 2097 68.47 -13.79 55.41
C LEU F 2097 67.02 -13.61 55.86
N VAL F 2098 66.17 -13.06 55.00
CA VAL F 2098 64.80 -12.81 55.43
C VAL F 2098 64.02 -14.11 55.57
N ARG F 2099 64.45 -15.19 54.93
CA ARG F 2099 63.79 -16.48 55.10
C ARG F 2099 64.40 -17.34 56.18
N ALA F 2100 65.59 -16.98 56.69
CA ALA F 2100 66.24 -17.77 57.73
C ALA F 2100 66.20 -17.14 59.10
N LEU F 2101 66.29 -15.81 59.20
CA LEU F 2101 66.19 -15.16 60.51
C LEU F 2101 64.90 -15.48 61.26
N PRO F 2102 63.73 -15.59 60.62
CA PRO F 2102 62.56 -16.07 61.36
C PRO F 2102 62.77 -17.43 61.99
N LYS F 2103 63.54 -18.30 61.36
CA LYS F 2103 63.77 -19.65 61.88
C LYS F 2103 65.00 -19.78 62.76
N THR F 2104 65.82 -18.75 62.87
CA THR F 2104 66.98 -18.82 63.75
C THR F 2104 66.57 -18.62 65.20
N TYR F 2105 67.37 -19.17 66.11
CA TYR F 2105 67.07 -19.10 67.53
C TYR F 2105 68.36 -19.29 68.31
N THR F 2106 68.41 -18.71 69.50
CA THR F 2106 69.57 -18.82 70.39
C THR F 2106 69.12 -19.49 71.68
N ILE F 2107 69.80 -20.58 72.04
CA ILE F 2107 69.50 -21.31 73.26
C ILE F 2107 70.68 -21.15 74.22
N ASN F 2108 70.37 -21.16 75.51
CA ASN F 2108 71.41 -21.04 76.52
C ASN F 2108 72.29 -22.27 76.54
N GLY F 2109 73.54 -22.08 76.97
CA GLY F 2109 74.49 -23.18 76.99
C GLY F 2109 74.19 -24.25 78.02
N VAL F 2110 73.34 -23.93 79.00
CA VAL F 2110 73.00 -24.90 80.04
C VAL F 2110 72.15 -26.03 79.48
N SER F 2111 71.21 -25.71 78.59
CA SER F 2111 70.24 -26.66 78.07
C SER F 2111 70.62 -27.20 76.70
N VAL F 2112 71.92 -27.27 76.40
CA VAL F 2112 72.35 -27.77 75.09
C VAL F 2112 71.97 -29.22 74.92
N GLU F 2113 72.16 -30.04 75.95
CA GLU F 2113 71.81 -31.46 75.84
C GLU F 2113 70.30 -31.64 75.69
N ASP F 2114 69.51 -30.83 76.40
CA ASP F 2114 68.06 -30.92 76.26
C ASP F 2114 67.63 -30.51 74.86
N THR F 2115 68.24 -29.47 74.30
CA THR F 2115 67.94 -29.07 72.93
C THR F 2115 68.30 -30.17 71.94
N ILE F 2116 69.46 -30.83 72.16
CA ILE F 2116 69.86 -31.90 71.27
C ILE F 2116 68.88 -33.07 71.34
N ASN F 2117 68.43 -33.41 72.55
CA ASN F 2117 67.45 -34.49 72.67
C ASN F 2117 66.14 -34.12 72.00
N LEU F 2118 65.70 -32.86 72.16
CA LEU F 2118 64.48 -32.42 71.50
C LEU F 2118 64.60 -32.51 69.99
N LEU F 2119 65.74 -32.07 69.44
CA LEU F 2119 65.96 -32.14 68.01
C LEU F 2119 66.02 -33.59 67.52
N ALA F 2120 66.62 -34.48 68.31
CA ALA F 2120 66.66 -35.89 67.94
C ALA F 2120 65.25 -36.48 67.88
N SER F 2121 64.43 -36.18 68.89
CA SER F 2121 63.06 -36.68 68.88
C SER F 2121 62.28 -36.12 67.70
N LEU F 2122 62.46 -34.83 67.41
CA LEU F 2122 61.79 -34.23 66.25
C LEU F 2122 62.23 -34.87 64.95
N GLY F 2123 63.52 -35.16 64.83
CA GLY F 2123 64.00 -35.85 63.64
C GLY F 2123 63.41 -37.24 63.51
N GLN F 2124 63.29 -37.96 64.62
CA GLN F 2124 62.65 -39.27 64.57
C GLN F 2124 61.20 -39.17 64.12
N ILE F 2125 60.46 -38.18 64.63
CA ILE F 2125 59.07 -38.02 64.23
C ILE F 2125 58.98 -37.70 62.74
N ARG F 2126 59.84 -36.78 62.26
CA ARG F 2126 59.82 -36.43 60.85
C ARG F 2126 60.16 -37.63 59.97
N SER F 2127 61.15 -38.43 60.38
CA SER F 2127 61.52 -39.60 59.60
C SER F 2127 60.39 -40.61 59.56
N LEU F 2128 59.74 -40.85 60.70
CA LEU F 2128 58.61 -41.77 60.72
C LEU F 2128 57.40 -41.24 59.96
N LEU F 2129 57.34 -39.93 59.74
CA LEU F 2129 56.26 -39.37 58.93
C LEU F 2129 56.29 -39.89 57.50
N SER F 2130 57.48 -40.12 56.95
CA SER F 2130 57.58 -40.50 55.55
C SER F 2130 57.09 -41.93 55.30
N VAL F 2131 57.39 -42.84 56.22
CA VAL F 2131 57.09 -44.26 56.00
C VAL F 2131 55.60 -44.50 56.12
N ARG F 2132 55.15 -45.66 55.65
CA ARG F 2132 53.74 -46.02 55.75
C ARG F 2132 53.36 -46.24 57.21
N MET F 2133 52.07 -46.17 57.49
CA MET F 2133 51.57 -46.23 58.86
C MET F 2133 51.23 -47.65 59.28
N GLY F 2134 51.57 -47.97 60.54
CA GLY F 2134 51.32 -49.26 61.13
C GLY F 2134 51.38 -49.17 62.64
N LYS F 2135 51.20 -50.31 63.30
CA LYS F 2135 51.16 -50.33 64.76
C LYS F 2135 52.51 -49.98 65.35
N GLU F 2136 53.59 -50.54 64.81
CA GLU F 2136 54.91 -50.17 65.31
C GLU F 2136 55.17 -48.69 65.10
N GLU F 2137 54.74 -48.15 63.96
CA GLU F 2137 54.90 -46.72 63.70
C GLU F 2137 54.16 -45.89 64.74
N GLU F 2138 52.92 -46.26 65.07
CA GLU F 2138 52.19 -45.47 66.05
C GLU F 2138 52.81 -45.58 67.43
N LYS F 2139 53.35 -46.75 67.78
CA LYS F 2139 54.04 -46.87 69.06
C LYS F 2139 55.25 -45.96 69.11
N LEU F 2140 56.03 -45.91 68.02
CA LEU F 2140 57.19 -45.03 67.99
C LEU F 2140 56.78 -43.56 68.08
N MET F 2141 55.72 -43.16 67.37
CA MET F 2141 55.27 -41.78 67.47
C MET F 2141 54.79 -41.44 68.87
N ILE F 2142 54.08 -42.37 69.51
CA ILE F 2142 53.60 -42.13 70.88
C ILE F 2142 54.78 -41.96 71.82
N ARG F 2143 55.81 -42.81 71.68
CA ARG F 2143 56.99 -42.67 72.52
C ARG F 2143 57.69 -41.34 72.28
N GLY F 2144 57.80 -40.94 71.02
CA GLY F 2144 58.43 -39.65 70.71
C GLY F 2144 57.65 -38.47 71.28
N LEU F 2145 56.32 -38.51 71.16
CA LEU F 2145 55.50 -37.44 71.74
C LEU F 2145 55.61 -37.41 73.25
N GLY F 2146 55.69 -38.57 73.89
CA GLY F 2146 55.89 -38.61 75.33
C GLY F 2146 57.22 -37.99 75.74
N ASP F 2147 58.29 -38.29 74.98
CA ASP F 2147 59.56 -37.63 75.25
C ASP F 2147 59.45 -36.13 75.04
N ILE F 2148 58.68 -35.71 74.03
CA ILE F 2148 58.49 -34.28 73.78
C ILE F 2148 57.83 -33.61 74.97
N MET F 2149 56.76 -34.23 75.51
CA MET F 2149 56.13 -33.67 76.71
C MET F 2149 57.11 -33.62 77.88
N ASN F 2150 57.86 -34.70 78.09
CA ASN F 2150 58.76 -34.76 79.24
C ASN F 2150 59.91 -33.77 79.12
N ASN F 2151 60.31 -33.40 77.91
CA ASN F 2151 61.40 -32.46 77.74
C ASN F 2151 60.99 -31.09 78.29
N LYS F 2152 61.90 -30.46 79.05
CA LYS F 2152 61.60 -29.18 79.67
C LYS F 2152 61.71 -28.02 78.70
N VAL F 2153 62.35 -28.21 77.54
CA VAL F 2153 62.47 -27.13 76.57
C VAL F 2153 61.10 -26.74 76.03
N PHE F 2154 60.17 -27.68 75.97
CA PHE F 2154 58.84 -27.38 75.48
C PHE F 2154 58.16 -26.32 76.35
N TYR F 2155 58.28 -26.45 77.67
CA TYR F 2155 57.72 -25.44 78.57
C TYR F 2155 58.45 -24.11 78.46
N GLN F 2156 59.78 -24.16 78.41
CA GLN F 2156 60.57 -22.95 78.60
C GLN F 2156 60.52 -22.02 77.39
N HIS F 2157 60.58 -22.58 76.18
CA HIS F 2157 60.72 -21.79 74.95
C HIS F 2157 59.59 -22.12 73.98
N PRO F 2158 58.39 -21.62 74.22
CA PRO F 2158 57.33 -21.77 73.21
C PRO F 2158 57.67 -21.10 71.89
N ASN F 2159 58.44 -20.02 71.90
CA ASN F 2159 58.82 -19.36 70.66
C ASN F 2159 59.69 -20.28 69.80
N LEU F 2160 60.72 -20.88 70.39
CA LEU F 2160 61.50 -21.88 69.68
C LEU F 2160 60.64 -23.08 69.29
N MET F 2161 59.68 -23.43 70.15
CA MET F 2161 58.82 -24.57 69.87
C MET F 2161 58.06 -24.34 68.58
N ARG F 2162 57.47 -23.16 68.43
CA ARG F 2162 56.74 -22.80 67.22
C ARG F 2162 57.68 -22.60 66.04
N ALA F 2163 58.89 -22.08 66.28
CA ALA F 2163 59.84 -21.86 65.20
C ALA F 2163 60.25 -23.19 64.57
N LEU F 2164 60.51 -24.21 65.40
CA LEU F 2164 60.67 -25.56 64.87
C LEU F 2164 59.39 -26.02 64.19
N GLY F 2165 58.24 -25.70 64.80
CA GLY F 2165 56.97 -25.86 64.11
C GLY F 2165 56.57 -27.28 63.77
N MET F 2166 56.70 -28.20 64.72
CA MET F 2166 56.19 -29.54 64.53
C MET F 2166 54.74 -29.70 64.93
N HIS F 2167 54.05 -28.62 65.31
CA HIS F 2167 52.60 -28.68 65.33
C HIS F 2167 52.08 -28.96 63.93
N GLU F 2168 52.72 -28.40 62.91
CA GLU F 2168 52.37 -28.72 61.53
C GLU F 2168 52.62 -30.18 61.21
N THR F 2169 53.74 -30.74 61.70
CA THR F 2169 54.01 -32.15 61.43
C THR F 2169 53.00 -33.05 62.14
N VAL F 2170 52.61 -32.68 63.36
CA VAL F 2170 51.60 -33.45 64.08
C VAL F 2170 50.26 -33.37 63.35
N MET F 2171 49.93 -32.19 62.81
CA MET F 2171 48.71 -32.07 62.00
C MET F 2171 48.82 -32.93 60.74
N GLU F 2172 50.01 -33.01 60.15
CA GLU F 2172 50.21 -33.87 58.98
C GLU F 2172 49.99 -35.34 59.34
N VAL F 2173 50.52 -35.76 60.49
CA VAL F 2173 50.27 -37.12 60.96
C VAL F 2173 48.77 -37.33 61.19
N MET F 2174 48.10 -36.33 61.75
CA MET F 2174 46.67 -36.41 62.00
C MET F 2174 45.90 -36.63 60.70
N VAL F 2175 46.16 -35.80 59.69
CA VAL F 2175 45.44 -35.91 58.43
C VAL F 2175 45.77 -37.22 57.73
N ASN F 2176 47.03 -37.66 57.82
CA ASN F 2176 47.39 -38.95 57.24
C ASN F 2176 46.62 -40.08 57.89
N VAL F 2177 46.48 -40.04 59.22
CA VAL F 2177 45.78 -41.11 59.92
C VAL F 2177 44.29 -41.10 59.59
N LEU F 2178 43.66 -39.92 59.61
CA LEU F 2178 42.21 -39.86 59.57
C LEU F 2178 41.65 -39.46 58.20
N GLY F 2179 42.47 -39.41 57.16
CA GLY F 2179 41.93 -39.15 55.83
C GLY F 2179 40.91 -40.19 55.40
N GLY F 2180 41.25 -41.46 55.57
CA GLY F 2180 40.28 -42.51 55.33
C GLY F 2180 39.15 -42.51 56.34
N GLY F 2181 39.48 -42.25 57.60
CA GLY F 2181 38.46 -42.29 58.65
C GLY F 2181 37.39 -41.24 58.48
N GLU F 2182 37.71 -40.14 57.79
CA GLU F 2182 36.68 -39.15 57.48
C GLU F 2182 35.56 -39.78 56.67
N SER F 2183 35.91 -40.54 55.63
CA SER F 2183 34.90 -41.28 54.88
C SER F 2183 34.28 -42.38 55.74
N LYS F 2184 35.13 -43.23 56.33
CA LYS F 2184 34.69 -44.34 57.16
C LYS F 2184 35.89 -45.06 57.74
N GLU F 2185 35.64 -45.86 58.77
CA GLU F 2185 36.61 -46.81 59.32
C GLU F 2185 37.86 -46.05 59.77
N ILE F 2186 37.68 -45.31 60.86
CA ILE F 2186 38.77 -44.55 61.46
C ILE F 2186 39.74 -45.50 62.16
N THR F 2187 41.03 -45.28 61.96
CA THR F 2187 42.08 -46.10 62.54
C THR F 2187 42.90 -45.32 63.55
N PHE F 2188 43.67 -46.07 64.34
CA PHE F 2188 44.58 -45.52 65.34
C PHE F 2188 43.90 -44.53 66.29
N PRO F 2189 42.86 -44.97 67.01
CA PRO F 2189 42.23 -44.06 67.98
C PRO F 2189 43.19 -43.60 69.05
N LYS F 2190 44.10 -44.47 69.48
CA LYS F 2190 45.07 -44.06 70.51
C LYS F 2190 45.98 -42.95 70.01
N MET F 2191 46.48 -43.06 68.78
CA MET F 2191 47.35 -42.00 68.27
C MET F 2191 46.57 -40.73 67.99
N VAL F 2192 45.34 -40.83 67.48
CA VAL F 2192 44.63 -39.57 67.27
C VAL F 2192 44.36 -38.89 68.61
N ALA F 2193 44.08 -39.68 69.65
CA ALA F 2193 43.93 -39.09 70.98
C ALA F 2193 45.23 -38.44 71.45
N ASN F 2194 46.37 -39.11 71.21
CA ASN F 2194 47.65 -38.53 71.62
C ASN F 2194 47.93 -37.24 70.87
N CYS F 2195 47.62 -37.19 69.57
CA CYS F 2195 47.80 -35.97 68.81
C CYS F 2195 46.90 -34.85 69.33
N CYS F 2196 45.66 -35.19 69.68
CA CYS F 2196 44.76 -34.18 70.26
C CYS F 2196 45.33 -33.63 71.56
N ARG F 2197 45.83 -34.51 72.43
CA ARG F 2197 46.39 -34.07 73.70
C ARG F 2197 47.61 -33.20 73.47
N PHE F 2198 48.48 -33.58 72.54
CA PHE F 2198 49.67 -32.79 72.25
C PHE F 2198 49.30 -31.42 71.73
N LEU F 2199 48.32 -31.34 70.83
CA LEU F 2199 47.92 -30.05 70.29
C LEU F 2199 47.27 -29.19 71.37
N CYS F 2200 46.44 -29.78 72.23
CA CYS F 2200 45.83 -29.00 73.31
C CYS F 2200 46.89 -28.46 74.26
N TYR F 2201 47.86 -29.29 74.62
CA TYR F 2201 48.93 -28.84 75.52
C TYR F 2201 49.76 -27.75 74.85
N PHE F 2202 50.05 -27.90 73.56
CA PHE F 2202 50.79 -26.89 72.83
C PHE F 2202 50.04 -25.57 72.79
N CYS F 2203 48.72 -25.62 72.61
CA CYS F 2203 47.93 -24.40 72.65
C CYS F 2203 47.94 -23.79 74.04
N ARG F 2204 47.88 -24.62 75.08
CA ARG F 2204 47.74 -24.11 76.44
C ARG F 2204 49.03 -23.51 76.98
N ILE F 2205 50.20 -23.94 76.48
CA ILE F 2205 51.44 -23.42 77.05
C ILE F 2205 51.57 -21.92 76.82
N SER F 2206 51.17 -21.44 75.64
CA SER F 2206 51.42 -20.04 75.28
C SER F 2206 50.25 -19.47 74.50
N ARG F 2207 50.13 -18.15 74.56
CA ARG F 2207 49.04 -17.47 73.87
C ARG F 2207 49.25 -17.45 72.35
N GLN F 2208 50.47 -17.15 71.91
CA GLN F 2208 50.73 -17.07 70.47
C GLN F 2208 50.61 -18.44 69.81
N ASN F 2209 50.87 -19.51 70.56
CA ASN F 2209 50.66 -20.85 70.02
C ASN F 2209 49.19 -21.09 69.72
N GLN F 2210 48.29 -20.54 70.54
CA GLN F 2210 46.87 -20.64 70.26
C GLN F 2210 46.51 -19.97 68.94
N LYS F 2211 47.07 -18.78 68.70
CA LYS F 2211 46.84 -18.10 67.43
C LYS F 2211 47.43 -18.89 66.27
N ALA F 2212 48.60 -19.49 66.47
CA ALA F 2212 49.22 -20.29 65.43
C ALA F 2212 48.37 -21.50 65.08
N MET F 2213 47.77 -22.14 66.08
CA MET F 2213 46.93 -23.30 65.85
C MET F 2213 45.53 -22.94 65.36
N PHE F 2214 45.10 -21.69 65.55
CA PHE F 2214 43.76 -21.29 65.12
C PHE F 2214 43.58 -21.46 63.61
N ASP F 2215 44.64 -21.29 62.83
CA ASP F 2215 44.49 -21.35 61.37
C ASP F 2215 43.94 -22.68 60.90
N HIS F 2216 44.21 -23.77 61.64
CA HIS F 2216 43.68 -25.08 61.30
C HIS F 2216 42.31 -25.34 61.91
N LEU F 2217 41.60 -24.29 62.35
CA LEU F 2217 40.29 -24.49 62.97
C LEU F 2217 39.29 -25.09 61.98
N SER F 2218 39.34 -24.65 60.72
CA SER F 2218 38.38 -25.12 59.73
C SER F 2218 38.49 -26.63 59.53
N TYR F 2219 39.71 -27.15 59.46
CA TYR F 2219 39.88 -28.59 59.23
C TYR F 2219 39.39 -29.40 60.41
N LEU F 2220 39.68 -28.95 61.64
CA LEU F 2220 39.31 -29.72 62.82
C LEU F 2220 37.80 -29.88 62.93
N LEU F 2221 37.04 -28.82 62.66
CA LEU F 2221 35.60 -28.90 62.77
C LEU F 2221 34.98 -29.77 61.68
N GLU F 2222 35.66 -29.95 60.56
CA GLU F 2222 35.13 -30.83 59.52
C GLU F 2222 35.03 -32.27 60.00
N ASN F 2223 36.04 -32.74 60.73
CA ASN F 2223 36.07 -34.10 61.25
C ASN F 2223 35.95 -34.15 62.76
N SER F 2224 35.36 -33.12 63.38
CA SER F 2224 35.14 -33.13 64.82
C SER F 2224 34.15 -34.20 65.25
N SER F 2225 33.41 -34.80 64.32
CA SER F 2225 32.48 -35.86 64.68
C SER F 2225 33.21 -37.06 65.25
N VAL F 2226 34.38 -37.39 64.69
CA VAL F 2226 35.16 -38.51 65.21
C VAL F 2226 35.69 -38.18 66.60
N GLY F 2227 35.96 -39.21 67.38
CA GLY F 2227 36.45 -39.06 68.72
C GLY F 2227 35.41 -38.71 69.76
N LEU F 2228 34.13 -38.67 69.38
CA LEU F 2228 33.05 -38.35 70.28
C LEU F 2228 32.44 -39.63 70.85
N ALA F 2229 31.49 -39.45 71.76
CA ALA F 2229 30.78 -40.57 72.40
C ALA F 2229 31.75 -41.54 73.06
N SER F 2230 32.77 -41.01 73.72
CA SER F 2230 33.75 -41.82 74.43
C SER F 2230 34.21 -41.10 75.68
N PRO F 2231 33.98 -41.67 76.87
CA PRO F 2231 34.41 -41.00 78.11
C PRO F 2231 35.91 -40.80 78.19
N ALA F 2232 36.71 -41.73 77.64
CA ALA F 2232 38.16 -41.57 77.68
C ALA F 2232 38.62 -40.47 76.74
N MET F 2233 37.91 -40.26 75.63
CA MET F 2233 38.22 -39.20 74.69
C MET F 2233 37.66 -37.85 75.12
N ARG F 2234 37.36 -37.67 76.41
CA ARG F 2234 36.81 -36.39 76.86
C ARG F 2234 37.80 -35.25 76.64
N GLY F 2235 39.09 -35.51 76.86
CA GLY F 2235 40.13 -34.53 76.66
C GLY F 2235 40.96 -34.69 75.40
N SER F 2236 40.56 -35.56 74.48
CA SER F 2236 41.33 -35.84 73.28
C SER F 2236 40.37 -36.03 72.11
N THR F 2237 40.14 -34.95 71.37
CA THR F 2237 39.21 -34.96 70.24
C THR F 2237 39.53 -33.75 69.37
N PRO F 2238 39.37 -33.86 68.05
CA PRO F 2238 39.49 -32.67 67.21
C PRO F 2238 38.60 -31.52 67.67
N LEU F 2239 37.41 -31.83 68.14
CA LEU F 2239 36.56 -30.79 68.72
C LEU F 2239 37.21 -30.20 69.97
N ASP F 2240 37.87 -31.04 70.78
CA ASP F 2240 38.52 -30.55 71.99
C ASP F 2240 39.65 -29.58 71.66
N VAL F 2241 40.50 -29.94 70.68
CA VAL F 2241 41.59 -29.06 70.33
C VAL F 2241 41.06 -27.79 69.67
N ALA F 2242 39.98 -27.91 68.88
CA ALA F 2242 39.36 -26.71 68.31
C ALA F 2242 38.86 -25.79 69.40
N ALA F 2243 38.23 -26.33 70.44
CA ALA F 2243 37.77 -25.51 71.55
C ALA F 2243 38.93 -24.89 72.30
N ALA F 2244 39.99 -25.66 72.53
CA ALA F 2244 41.15 -25.12 73.26
C ALA F 2244 41.87 -24.05 72.48
N SER F 2245 41.77 -24.09 71.15
CA SER F 2245 42.42 -23.07 70.32
C SER F 2245 41.74 -21.71 70.40
N VAL F 2246 40.57 -21.61 71.02
CA VAL F 2246 39.83 -20.36 71.10
C VAL F 2246 39.46 -20.06 72.54
N MET F 2247 39.68 -21.03 73.42
CA MET F 2247 39.29 -20.88 74.82
C MET F 2247 40.10 -19.79 75.50
N ASP F 2248 39.39 -18.90 76.19
CA ASP F 2248 39.98 -17.76 76.90
C ASP F 2248 40.93 -16.97 75.99
N ASN F 2249 40.37 -16.49 74.88
CA ASN F 2249 41.13 -15.69 73.92
C ASN F 2249 40.13 -14.78 73.22
N ASN F 2250 40.08 -13.52 73.66
CA ASN F 2250 39.11 -12.57 73.10
C ASN F 2250 39.41 -12.28 71.63
N GLU F 2251 40.69 -12.16 71.27
CA GLU F 2251 41.04 -11.92 69.88
C GLU F 2251 40.51 -13.01 68.98
N LEU F 2252 40.75 -14.27 69.35
CA LEU F 2252 40.33 -15.38 68.51
C LEU F 2252 38.81 -15.56 68.55
N ALA F 2253 38.19 -15.28 69.69
CA ALA F 2253 36.73 -15.33 69.77
C ALA F 2253 36.10 -14.32 68.82
N LEU F 2254 36.67 -13.12 68.74
CA LEU F 2254 36.20 -12.14 67.77
C LEU F 2254 36.51 -12.57 66.35
N ALA F 2255 37.65 -13.23 66.14
CA ALA F 2255 38.03 -13.71 64.82
C ALA F 2255 37.24 -14.93 64.38
N LEU F 2256 36.44 -15.52 65.27
CA LEU F 2256 35.62 -16.67 64.92
C LEU F 2256 34.72 -16.36 63.72
N ARG F 2257 34.33 -17.40 63.00
CA ARG F 2257 33.65 -17.25 61.72
C ARG F 2257 32.25 -17.83 61.75
N GLU F 2258 31.31 -17.08 61.19
CA GLU F 2258 29.96 -17.58 60.99
C GLU F 2258 29.89 -18.88 60.18
N PRO F 2259 30.68 -19.07 59.10
CA PRO F 2259 30.60 -20.35 58.37
C PRO F 2259 30.80 -21.58 59.23
N ASP F 2260 31.96 -21.69 59.89
CA ASP F 2260 32.20 -22.88 60.69
C ASP F 2260 31.38 -22.90 61.97
N LEU F 2261 30.99 -21.73 62.49
CA LEU F 2261 30.04 -21.74 63.61
C LEU F 2261 28.73 -22.39 63.19
N GLU F 2262 28.21 -22.02 62.02
CA GLU F 2262 27.01 -22.65 61.50
C GLU F 2262 27.23 -24.12 61.19
N LYS F 2263 28.44 -24.49 60.76
CA LYS F 2263 28.75 -25.90 60.54
C LYS F 2263 28.64 -26.69 61.85
N VAL F 2264 29.17 -26.14 62.93
CA VAL F 2264 29.04 -26.79 64.24
C VAL F 2264 27.57 -26.88 64.64
N VAL F 2265 26.79 -25.84 64.34
CA VAL F 2265 25.36 -25.88 64.66
C VAL F 2265 24.67 -26.97 63.85
N ARG F 2266 25.08 -27.15 62.60
CA ARG F 2266 24.50 -28.22 61.78
C ARG F 2266 24.85 -29.59 62.34
N TYR F 2267 26.08 -29.76 62.81
CA TYR F 2267 26.44 -31.02 63.47
C TYR F 2267 25.59 -31.24 64.73
N LEU F 2268 25.34 -30.15 65.48
CA LEU F 2268 24.48 -30.26 66.65
C LEU F 2268 23.06 -30.68 66.25
N ALA F 2269 22.54 -30.12 65.17
CA ALA F 2269 21.22 -30.52 64.69
C ALA F 2269 21.20 -31.98 64.28
N GLY F 2270 22.24 -32.43 63.58
CA GLY F 2270 22.29 -33.82 63.17
C GLY F 2270 22.33 -34.78 64.35
N CYS F 2271 23.15 -34.46 65.34
CA CYS F 2271 23.24 -35.33 66.51
C CYS F 2271 22.00 -35.23 67.40
N GLY F 2272 21.26 -34.12 67.32
CA GLY F 2272 19.98 -34.03 68.01
C GLY F 2272 18.82 -34.61 67.25
N LEU F 2273 19.02 -34.94 65.97
CA LEU F 2273 18.01 -35.66 65.20
C LEU F 2273 18.29 -37.15 65.07
N GLN F 2274 19.51 -37.59 65.32
CA GLN F 2274 19.88 -39.00 65.19
C GLN F 2274 20.57 -39.49 66.45
N SER F 2275 20.35 -40.76 66.78
CA SER F 2275 21.00 -41.40 67.92
C SER F 2275 22.41 -41.81 67.53
N CYS F 2276 23.06 -42.60 68.39
CA CYS F 2276 24.43 -43.06 68.15
C CYS F 2276 24.41 -44.51 67.74
N GLN F 2277 24.96 -44.78 66.54
CA GLN F 2277 25.00 -46.14 66.04
C GLN F 2277 25.85 -47.04 66.94
N MET F 2278 26.97 -46.51 67.45
CA MET F 2278 27.80 -47.29 68.35
C MET F 2278 27.04 -47.65 69.62
N LEU F 2279 26.31 -46.69 70.19
CA LEU F 2279 25.57 -46.96 71.41
C LEU F 2279 24.48 -47.99 71.18
N VAL F 2280 23.72 -47.86 70.10
CA VAL F 2280 22.65 -48.83 69.86
C VAL F 2280 23.24 -50.21 69.56
N SER F 2281 24.37 -50.27 68.86
CA SER F 2281 25.02 -51.54 68.60
C SER F 2281 25.48 -52.20 69.91
N LYS F 2282 26.06 -51.41 70.82
CA LYS F 2282 26.47 -51.95 72.10
C LYS F 2282 25.27 -52.41 72.94
N GLY F 2283 24.14 -51.72 72.83
CA GLY F 2283 22.95 -52.14 73.53
C GLY F 2283 22.21 -51.01 74.23
N TYR F 2284 22.70 -49.79 74.04
CA TYR F 2284 22.04 -48.64 74.64
C TYR F 2284 20.69 -48.41 73.98
N PRO F 2285 19.68 -47.96 74.74
CA PRO F 2285 18.34 -47.80 74.16
C PRO F 2285 18.29 -46.66 73.16
N ASP F 2286 17.31 -46.75 72.27
CA ASP F 2286 17.13 -45.75 71.22
C ASP F 2286 16.16 -44.66 71.70
N ILE F 2287 16.60 -43.42 71.60
CA ILE F 2287 15.75 -42.27 71.95
C ILE F 2287 15.50 -41.36 70.75
N GLY F 2288 16.19 -41.57 69.63
CA GLY F 2288 16.04 -40.72 68.47
C GLY F 2288 17.07 -39.61 68.35
N TRP F 2289 17.95 -39.46 69.34
CA TRP F 2289 18.94 -38.40 69.31
C TRP F 2289 20.09 -38.76 70.23
N ASN F 2290 21.29 -38.34 69.84
CA ASN F 2290 22.50 -38.64 70.59
C ASN F 2290 22.81 -37.50 71.54
N PRO F 2291 22.80 -37.72 72.86
CA PRO F 2291 23.00 -36.61 73.80
C PRO F 2291 24.46 -36.26 74.04
N VAL F 2292 25.37 -37.22 73.93
CA VAL F 2292 26.77 -36.97 74.26
C VAL F 2292 27.40 -36.01 73.26
N GLU F 2293 27.20 -36.26 71.97
CA GLU F 2293 27.74 -35.35 70.95
C GLU F 2293 27.07 -33.98 71.05
N GLY F 2294 25.77 -33.96 71.34
CA GLY F 2294 25.10 -32.69 71.54
C GLY F 2294 25.69 -31.90 72.68
N GLU F 2295 25.98 -32.56 73.80
CA GLU F 2295 26.60 -31.88 74.94
C GLU F 2295 27.99 -31.38 74.56
N ARG F 2296 28.75 -32.16 73.81
CA ARG F 2296 30.08 -31.73 73.41
C ARG F 2296 30.02 -30.49 72.52
N TYR F 2297 29.10 -30.48 71.55
CA TYR F 2297 28.96 -29.31 70.68
C TYR F 2297 28.47 -28.10 71.47
N LEU F 2298 27.58 -28.33 72.44
CA LEU F 2298 27.10 -27.22 73.27
C LEU F 2298 28.25 -26.64 74.09
N ASP F 2299 29.13 -27.51 74.61
CA ASP F 2299 30.30 -27.01 75.33
C ASP F 2299 31.21 -26.21 74.41
N PHE F 2300 31.40 -26.67 73.17
CA PHE F 2300 32.17 -25.90 72.21
C PHE F 2300 31.56 -24.52 71.98
N LEU F 2301 30.25 -24.46 71.77
CA LEU F 2301 29.61 -23.18 71.54
C LEU F 2301 29.71 -22.29 72.77
N ARG F 2302 29.62 -22.87 73.96
CA ARG F 2302 29.77 -22.10 75.18
C ARG F 2302 31.16 -21.50 75.28
N PHE F 2303 32.20 -22.27 74.96
CA PHE F 2303 33.56 -21.73 74.93
C PHE F 2303 33.67 -20.63 73.88
N ALA F 2304 33.01 -20.80 72.74
CA ALA F 2304 33.06 -19.79 71.69
C ALA F 2304 32.42 -18.47 72.15
N VAL F 2305 31.29 -18.55 72.84
CA VAL F 2305 30.52 -17.34 73.13
C VAL F 2305 31.05 -16.64 74.38
N PHE F 2306 31.45 -17.40 75.40
CA PHE F 2306 31.86 -16.83 76.68
C PHE F 2306 33.36 -16.89 76.81
N CYS F 2307 33.98 -15.74 77.10
CA CYS F 2307 35.42 -15.64 77.27
C CYS F 2307 35.73 -14.62 78.35
N ASN F 2308 36.62 -15.00 79.27
CA ASN F 2308 37.10 -14.12 80.34
C ASN F 2308 35.95 -13.54 81.16
N GLY F 2309 34.96 -14.39 81.45
CA GLY F 2309 33.85 -13.97 82.27
C GLY F 2309 32.89 -13.01 81.63
N GLU F 2310 32.95 -12.83 80.31
CA GLU F 2310 32.07 -11.93 79.58
C GLU F 2310 31.52 -12.64 78.36
N SER F 2311 30.38 -12.15 77.89
CA SER F 2311 29.72 -12.70 76.71
C SER F 2311 30.11 -11.90 75.48
N VAL F 2312 30.48 -12.59 74.42
CA VAL F 2312 30.83 -11.96 73.15
C VAL F 2312 29.55 -11.77 72.35
N GLU F 2313 29.16 -10.51 72.16
CA GLU F 2313 27.90 -10.23 71.48
C GLU F 2313 27.91 -10.70 70.04
N GLU F 2314 29.04 -10.53 69.35
CA GLU F 2314 29.11 -10.88 67.94
C GLU F 2314 28.82 -12.36 67.72
N ASN F 2315 29.43 -13.23 68.54
CA ASN F 2315 29.16 -14.66 68.43
C ASN F 2315 27.81 -15.03 69.01
N ALA F 2316 27.40 -14.37 70.09
CA ALA F 2316 26.12 -14.70 70.72
C ALA F 2316 24.96 -14.47 69.78
N ASN F 2317 24.98 -13.34 69.05
CA ASN F 2317 23.88 -13.02 68.15
C ASN F 2317 23.74 -14.09 67.07
N VAL F 2318 24.83 -14.47 66.42
CA VAL F 2318 24.76 -15.44 65.34
C VAL F 2318 24.39 -16.82 65.88
N VAL F 2319 24.88 -17.18 67.06
CA VAL F 2319 24.49 -18.46 67.65
C VAL F 2319 23.00 -18.49 67.92
N VAL F 2320 22.45 -17.40 68.47
CA VAL F 2320 21.02 -17.34 68.73
C VAL F 2320 20.23 -17.42 67.43
N ARG F 2321 20.69 -16.71 66.39
CA ARG F 2321 20.01 -16.79 65.09
C ARG F 2321 19.97 -18.22 64.58
N LEU F 2322 21.10 -18.91 64.62
CA LEU F 2322 21.14 -20.28 64.11
C LEU F 2322 20.23 -21.19 64.93
N LEU F 2323 20.26 -21.06 66.26
CA LEU F 2323 19.42 -21.91 67.10
C LEU F 2323 17.94 -21.66 66.84
N ILE F 2324 17.53 -20.40 66.71
CA ILE F 2324 16.12 -20.13 66.49
C ILE F 2324 15.70 -20.58 65.09
N ARG F 2325 16.59 -20.43 64.09
CA ARG F 2325 16.25 -20.90 62.75
C ARG F 2325 16.06 -22.41 62.73
N ARG F 2326 16.93 -23.16 63.42
CA ARG F 2326 16.84 -24.61 63.46
C ARG F 2326 16.63 -25.07 64.90
N PRO F 2327 15.38 -25.26 65.32
CA PRO F 2327 15.11 -25.77 66.67
C PRO F 2327 15.47 -27.23 66.85
N GLU F 2328 15.79 -27.95 65.77
CA GLU F 2328 16.17 -29.35 65.88
C GLU F 2328 17.43 -29.55 66.72
N CYS F 2329 18.27 -28.51 66.84
CA CYS F 2329 19.43 -28.59 67.70
C CYS F 2329 19.05 -28.78 69.17
N PHE F 2330 17.83 -28.40 69.54
CA PHE F 2330 17.39 -28.48 70.92
C PHE F 2330 16.97 -29.89 71.27
N GLY F 2331 16.69 -30.11 72.55
CA GLY F 2331 16.16 -31.37 73.01
C GLY F 2331 14.75 -31.58 72.50
N PRO F 2332 14.36 -32.85 72.32
CA PRO F 2332 13.00 -33.12 71.85
C PRO F 2332 11.92 -32.58 72.77
N ALA F 2333 12.17 -32.61 74.08
CA ALA F 2333 11.23 -32.04 75.03
C ALA F 2333 11.11 -30.53 74.84
N LEU F 2334 12.25 -29.86 74.62
CA LEU F 2334 12.21 -28.41 74.44
C LEU F 2334 11.56 -28.01 73.12
N ARG F 2335 11.73 -28.82 72.08
CA ARG F 2335 11.11 -28.51 70.80
C ARG F 2335 9.59 -28.54 70.93
N GLY F 2336 8.93 -27.69 70.13
CA GLY F 2336 7.48 -27.59 70.17
C GLY F 2336 6.76 -28.77 69.53
N GLU F 2337 7.48 -29.62 68.79
CA GLU F 2337 6.85 -30.80 68.20
C GLU F 2337 6.33 -31.74 69.29
N GLY F 2338 7.11 -31.94 70.35
CA GLY F 2338 6.70 -32.77 71.45
C GLY F 2338 6.10 -31.95 72.58
N GLY F 2339 6.76 -30.85 72.93
CA GLY F 2339 6.26 -30.00 73.99
C GLY F 2339 6.28 -30.63 75.36
N ASN F 2340 7.17 -31.61 75.57
CA ASN F 2340 7.22 -32.29 76.87
C ASN F 2340 7.63 -31.35 77.99
N GLY F 2341 8.57 -30.47 77.72
CA GLY F 2341 9.01 -29.50 78.70
C GLY F 2341 10.34 -29.88 79.34
N LEU F 2342 11.08 -28.87 79.79
CA LEU F 2342 12.37 -29.11 80.41
C LEU F 2342 12.24 -29.86 81.74
N LEU F 2343 11.30 -29.45 82.58
CA LEU F 2343 11.13 -30.10 83.87
C LEU F 2343 10.73 -31.56 83.69
N ALA F 2344 9.81 -31.83 82.75
CA ALA F 2344 9.44 -33.21 82.47
C ALA F 2344 10.60 -33.98 81.85
N ALA F 2345 11.45 -33.30 81.08
CA ALA F 2345 12.64 -33.96 80.54
C ALA F 2345 13.57 -34.43 81.65
N MET F 2346 13.80 -33.58 82.66
CA MET F 2346 14.65 -34.00 83.77
C MET F 2346 13.97 -35.07 84.62
N GLU F 2347 12.65 -34.99 84.78
CA GLU F 2347 11.94 -36.05 85.49
C GLU F 2347 12.08 -37.39 84.77
N GLU F 2348 11.94 -37.38 83.44
CA GLU F 2348 12.13 -38.60 82.67
C GLU F 2348 13.57 -39.08 82.72
N ALA F 2349 14.54 -38.15 82.79
CA ALA F 2349 15.93 -38.55 82.95
C ALA F 2349 16.15 -39.23 84.29
N ILE F 2350 15.52 -38.71 85.35
CA ILE F 2350 15.57 -39.39 86.65
C ILE F 2350 14.98 -40.79 86.54
N LYS F 2351 13.87 -40.92 85.83
CA LYS F 2351 13.26 -42.24 85.65
C LYS F 2351 14.18 -43.17 84.86
N ILE F 2352 14.88 -42.61 83.86
CA ILE F 2352 15.88 -43.39 83.13
C ILE F 2352 16.95 -43.91 84.08
N ALA F 2353 17.41 -43.04 84.98
CA ALA F 2353 18.44 -43.44 85.94
C ALA F 2353 17.93 -44.55 86.86
N GLU F 2354 16.68 -44.43 87.32
CA GLU F 2354 16.13 -45.47 88.20
C GLU F 2354 15.96 -46.79 87.47
N ASP F 2355 15.50 -46.77 86.22
CA ASP F 2355 15.18 -47.99 85.51
C ASP F 2355 16.42 -48.53 84.82
N PRO F 2356 16.90 -49.72 85.18
CA PRO F 2356 18.06 -50.28 84.46
C PRO F 2356 17.82 -50.49 82.97
N SER F 2357 16.60 -50.89 82.59
CA SER F 2357 16.30 -51.06 81.18
C SER F 2357 16.32 -49.72 80.45
N ARG F 2358 15.82 -48.67 81.09
CA ARG F 2358 15.87 -47.34 80.50
C ARG F 2358 17.31 -46.88 80.32
N ASP F 2359 18.18 -47.21 81.26
CA ASP F 2359 19.63 -46.98 81.12
C ASP F 2359 20.30 -48.25 80.62
N GLY F 2360 19.92 -48.64 79.40
CA GLY F 2360 20.36 -49.90 78.82
C GLY F 2360 21.84 -49.94 78.51
N PRO F 2361 22.39 -51.16 78.34
CA PRO F 2361 23.79 -51.41 78.02
C PRO F 2361 24.31 -50.56 76.87
N ASP F 2379 33.33 -46.70 82.28
CA ASP F 2379 33.25 -47.15 80.89
C ASP F 2379 31.82 -47.03 80.37
N THR F 2380 30.86 -47.53 81.12
CA THR F 2380 29.46 -47.44 80.73
C THR F 2380 28.97 -46.01 80.82
N ILE F 2381 27.95 -45.70 80.02
CA ILE F 2381 27.37 -44.37 79.93
C ILE F 2381 25.97 -44.42 80.53
N HIS F 2382 25.73 -43.59 81.55
CA HIS F 2382 24.39 -43.46 82.10
C HIS F 2382 23.55 -42.62 81.14
N MET F 2383 22.51 -43.24 80.58
CA MET F 2383 21.78 -42.61 79.49
C MET F 2383 21.03 -41.37 79.99
N GLY F 2384 20.38 -41.49 81.15
CA GLY F 2384 19.69 -40.35 81.71
C GLY F 2384 20.65 -39.24 82.11
N ASN F 2385 21.82 -39.60 82.63
CA ASN F 2385 22.84 -38.60 82.91
C ASN F 2385 23.28 -37.88 81.65
N ALA F 2386 23.37 -38.62 80.54
CA ALA F 2386 23.75 -38.00 79.27
C ALA F 2386 22.69 -36.99 78.83
N ILE F 2387 21.41 -37.39 78.88
CA ILE F 2387 20.33 -36.45 78.56
C ILE F 2387 20.40 -35.23 79.46
N MET F 2388 20.61 -35.44 80.76
CA MET F 2388 20.55 -34.36 81.73
C MET F 2388 21.70 -33.39 81.53
N THR F 2389 22.90 -33.92 81.25
CA THR F 2389 24.05 -33.07 80.95
C THR F 2389 23.84 -32.31 79.65
N PHE F 2390 23.21 -32.95 78.66
CA PHE F 2390 22.91 -32.23 77.41
C PHE F 2390 22.01 -31.05 77.68
N TYR F 2391 20.94 -31.26 78.46
CA TYR F 2391 20.01 -30.16 78.73
C TYR F 2391 20.68 -29.07 79.57
N ALA F 2392 21.52 -29.46 80.52
CA ALA F 2392 22.25 -28.47 81.32
C ALA F 2392 23.18 -27.65 80.43
N ALA F 2393 23.88 -28.32 79.51
CA ALA F 2393 24.77 -27.61 78.61
C ALA F 2393 24.01 -26.64 77.71
N LEU F 2394 22.84 -27.07 77.21
CA LEU F 2394 22.03 -26.17 76.40
C LEU F 2394 21.57 -24.97 77.20
N ILE F 2395 21.12 -25.18 78.44
CA ILE F 2395 20.67 -24.09 79.29
C ILE F 2395 21.83 -23.13 79.57
N ASP F 2396 23.00 -23.67 79.86
CA ASP F 2396 24.17 -22.82 80.11
C ASP F 2396 24.55 -22.02 78.87
N LEU F 2397 24.50 -22.65 77.70
CA LEU F 2397 24.80 -21.95 76.47
C LEU F 2397 23.84 -20.80 76.24
N LEU F 2398 22.54 -21.04 76.44
CA LEU F 2398 21.57 -19.97 76.27
C LEU F 2398 21.79 -18.84 77.28
N GLY F 2399 22.07 -19.20 78.54
CA GLY F 2399 22.30 -18.18 79.54
C GLY F 2399 23.54 -17.34 79.25
N ARG F 2400 24.58 -17.97 78.72
CA ARG F 2400 25.81 -17.23 78.41
C ARG F 2400 25.67 -16.41 77.14
N CYS F 2401 24.88 -16.88 76.17
CA CYS F 2401 24.66 -16.09 74.96
C CYS F 2401 23.56 -15.05 75.13
N ALA F 2402 22.90 -15.02 76.30
CA ALA F 2402 21.98 -13.95 76.65
C ALA F 2402 22.71 -12.60 76.62
N PRO F 2403 21.99 -11.48 76.62
CA PRO F 2403 22.66 -10.17 76.61
C PRO F 2403 23.66 -10.05 77.76
N GLU F 2404 24.77 -9.38 77.48
CA GLU F 2404 25.90 -9.38 78.41
C GLU F 2404 25.52 -8.78 79.75
N MET F 2405 25.16 -7.50 79.78
CA MET F 2405 24.82 -6.85 81.03
C MET F 2405 23.69 -5.88 80.81
N HIS F 2406 23.13 -5.38 81.91
CA HIS F 2406 21.81 -4.76 81.87
C HIS F 2406 21.78 -3.52 81.00
N LEU F 2407 22.82 -2.69 81.05
CA LEU F 2407 22.84 -1.49 80.22
C LEU F 2407 22.95 -1.85 78.74
N ILE F 2408 23.73 -2.89 78.43
CA ILE F 2408 23.78 -3.37 77.04
C ILE F 2408 22.40 -3.80 76.59
N HIS F 2409 21.68 -4.55 77.43
CA HIS F 2409 20.33 -4.97 77.08
C HIS F 2409 19.41 -3.77 76.89
N ALA F 2410 19.50 -2.77 77.77
CA ALA F 2410 18.60 -1.62 77.69
C ALA F 2410 18.87 -0.80 76.44
N GLY F 2411 20.15 -0.48 76.19
CA GLY F 2411 20.47 0.34 75.03
C GLY F 2411 20.24 -0.38 73.71
N LYS F 2412 20.59 -1.65 73.63
CA LYS F 2412 20.51 -2.42 72.39
C LYS F 2412 19.12 -3.04 72.28
N GLY F 2413 18.33 -2.57 71.33
CA GLY F 2413 17.03 -3.18 71.09
C GLY F 2413 17.15 -4.61 70.62
N GLU F 2414 18.20 -4.94 69.87
CA GLU F 2414 18.45 -6.32 69.48
C GLU F 2414 18.63 -7.21 70.70
N ALA F 2415 19.31 -6.69 71.72
CA ALA F 2415 19.44 -7.45 72.96
C ALA F 2415 18.09 -7.66 73.63
N ILE F 2416 17.20 -6.66 73.54
CA ILE F 2416 15.84 -6.82 74.06
C ILE F 2416 15.13 -7.94 73.31
N ARG F 2417 15.28 -7.97 71.98
CA ARG F 2417 14.66 -9.04 71.20
C ARG F 2417 15.21 -10.40 71.61
N ILE F 2418 16.53 -10.49 71.80
CA ILE F 2418 17.14 -11.77 72.19
C ILE F 2418 16.61 -12.21 73.56
N ARG F 2419 16.52 -11.29 74.51
CA ARG F 2419 16.02 -11.65 75.83
C ARG F 2419 14.56 -12.09 75.76
N SER F 2420 13.75 -11.42 74.94
CA SER F 2420 12.37 -11.82 74.79
C SER F 2420 12.27 -13.21 74.16
N ILE F 2421 13.12 -13.49 73.17
CA ILE F 2421 13.12 -14.81 72.53
C ILE F 2421 13.48 -15.89 73.55
N LEU F 2422 14.50 -15.63 74.36
CA LEU F 2422 14.89 -16.62 75.37
C LEU F 2422 13.80 -16.80 76.42
N ARG F 2423 13.13 -15.71 76.81
CA ARG F 2423 12.04 -15.82 77.78
C ARG F 2423 10.90 -16.67 77.22
N SER F 2424 10.53 -16.45 75.96
CA SER F 2424 9.51 -17.28 75.34
C SER F 2424 9.99 -18.71 75.18
N LEU F 2425 11.29 -18.90 74.99
CA LEU F 2425 11.85 -20.24 74.84
C LEU F 2425 11.72 -21.05 76.12
N ILE F 2426 12.15 -20.47 77.24
CA ILE F 2426 12.23 -21.18 78.51
C ILE F 2426 11.24 -20.54 79.48
N PRO F 2427 10.22 -21.27 79.95
CA PRO F 2427 9.35 -20.72 80.99
C PRO F 2427 10.09 -20.57 82.31
N LEU F 2428 9.65 -19.58 83.10
CA LEU F 2428 10.27 -19.35 84.41
C LEU F 2428 9.91 -20.46 85.39
N GLY F 2429 8.65 -20.90 85.38
CA GLY F 2429 8.24 -21.96 86.30
C GLY F 2429 8.99 -23.25 86.07
N ASP F 2430 9.33 -23.56 84.82
CA ASP F 2430 10.16 -24.73 84.56
C ASP F 2430 11.53 -24.59 85.20
N LEU F 2431 12.11 -23.39 85.11
CA LEU F 2431 13.38 -23.14 85.78
C LEU F 2431 13.26 -23.33 87.28
N VAL F 2432 12.15 -22.85 87.87
CA VAL F 2432 11.94 -23.02 89.31
C VAL F 2432 11.84 -24.50 89.66
N GLY F 2433 11.12 -25.27 88.85
CA GLY F 2433 11.01 -26.70 89.11
C GLY F 2433 12.34 -27.41 89.05
N VAL F 2434 13.15 -27.09 88.03
CA VAL F 2434 14.43 -27.75 87.88
C VAL F 2434 15.38 -27.33 89.00
N ILE F 2435 15.33 -26.07 89.43
CA ILE F 2435 16.14 -25.63 90.54
C ILE F 2435 15.66 -26.23 91.85
N SER F 2436 14.40 -26.67 91.91
CA SER F 2436 13.87 -27.32 93.10
C SER F 2436 14.17 -28.82 93.15
N ILE F 2437 14.40 -29.45 92.00
CA ILE F 2437 14.70 -30.89 92.01
C ILE F 2437 15.97 -31.13 92.81
N ALA F 2438 15.82 -31.75 93.97
CA ALA F 2438 16.93 -31.92 94.91
C ALA F 2438 17.66 -33.24 94.69
N PHE F 2439 18.76 -33.40 95.41
CA PHE F 2439 19.65 -34.54 95.25
C PHE F 2439 19.37 -35.60 96.31
N GLN F 2440 20.04 -36.74 96.16
CA GLN F 2440 19.98 -37.84 97.12
C GLN F 2440 21.24 -37.86 97.96
N MET F 2441 21.07 -37.66 99.26
CA MET F 2441 22.18 -37.71 100.19
C MET F 2441 22.61 -39.17 100.37
N PRO F 2442 23.87 -39.51 100.03
CA PRO F 2442 24.44 -40.87 100.06
C PRO F 2442 24.01 -41.73 101.23
N GLU F 2452 28.56 -45.27 103.28
CA GLU F 2452 27.46 -45.57 102.36
C GLU F 2452 27.49 -44.66 101.12
N PRO F 2453 28.41 -44.93 100.20
CA PRO F 2453 28.51 -44.08 99.01
C PRO F 2453 27.30 -44.22 98.09
N ASP F 2454 27.05 -43.15 97.33
CA ASP F 2454 26.14 -43.20 96.19
C ASP F 2454 26.90 -42.80 94.93
N MET F 2455 26.54 -43.42 93.81
CA MET F 2455 27.21 -43.19 92.55
C MET F 2455 26.66 -41.91 91.93
N SER F 2456 27.51 -41.20 91.19
CA SER F 2456 27.25 -39.83 90.76
C SER F 2456 26.01 -39.68 89.85
N ALA F 2457 25.35 -40.78 89.52
CA ALA F 2457 24.22 -40.73 88.60
C ALA F 2457 23.05 -39.94 89.20
N GLY F 2458 22.34 -39.22 88.35
CA GLY F 2458 21.18 -38.43 88.73
C GLY F 2458 21.39 -36.95 88.47
N PHE F 2459 20.47 -36.16 89.01
CA PHE F 2459 20.60 -34.71 88.96
C PHE F 2459 21.86 -34.27 89.69
N CYS F 2460 22.51 -33.23 89.19
CA CYS F 2460 23.79 -32.82 89.73
C CYS F 2460 23.88 -31.31 89.96
N PRO F 2461 24.75 -30.89 90.87
CA PRO F 2461 24.90 -29.47 91.16
C PRO F 2461 25.27 -28.63 89.96
N ASP F 2462 26.00 -29.18 88.98
CA ASP F 2462 26.28 -28.41 87.77
C ASP F 2462 24.99 -28.14 87.00
N HIS F 2463 24.07 -29.11 86.97
CA HIS F 2463 22.77 -28.88 86.36
C HIS F 2463 22.04 -27.76 87.07
N LYS F 2464 21.98 -27.81 88.40
CA LYS F 2464 21.33 -26.72 89.12
C LYS F 2464 22.01 -25.39 88.85
N ALA F 2465 23.33 -25.38 88.77
CA ALA F 2465 24.06 -24.14 88.50
C ALA F 2465 23.68 -23.58 87.13
N ALA F 2466 23.57 -24.45 86.13
CA ALA F 2466 23.18 -23.99 84.80
C ALA F 2466 21.79 -23.37 84.81
N MET F 2467 20.83 -24.04 85.46
CA MET F 2467 19.48 -23.50 85.49
C MET F 2467 19.39 -22.20 86.27
N VAL F 2468 20.09 -22.10 87.41
CA VAL F 2468 20.04 -20.86 88.17
C VAL F 2468 20.75 -19.74 87.42
N LEU F 2469 21.82 -20.06 86.67
CA LEU F 2469 22.48 -19.05 85.87
C LEU F 2469 21.55 -18.52 84.78
N PHE F 2470 20.82 -19.43 84.11
CA PHE F 2470 19.84 -18.98 83.12
C PHE F 2470 18.78 -18.10 83.76
N LEU F 2471 18.25 -18.51 84.91
CA LEU F 2471 17.20 -17.73 85.56
C LEU F 2471 17.73 -16.36 85.97
N ASP F 2472 18.97 -16.30 86.43
CA ASP F 2472 19.54 -15.03 86.88
C ASP F 2472 19.82 -14.09 85.70
N ARG F 2473 20.38 -14.62 84.62
CA ARG F 2473 20.82 -13.75 83.53
C ARG F 2473 19.66 -13.39 82.60
N VAL F 2474 18.91 -14.39 82.11
CA VAL F 2474 17.89 -14.13 81.12
C VAL F 2474 16.68 -13.45 81.73
N TYR F 2475 16.00 -14.13 82.65
CA TYR F 2475 14.77 -13.58 83.21
C TYR F 2475 15.05 -12.43 84.17
N GLY F 2476 16.14 -12.52 84.91
CA GLY F 2476 16.32 -11.53 85.96
C GLY F 2476 15.57 -11.91 87.21
N ILE F 2477 16.14 -11.51 88.34
CA ILE F 2477 15.62 -11.86 89.66
C ILE F 2477 15.46 -10.55 90.43
N GLU F 2478 14.28 -9.96 90.35
CA GLU F 2478 14.04 -8.64 90.94
C GLU F 2478 12.93 -8.62 91.98
N VAL F 2479 11.76 -9.18 91.67
CA VAL F 2479 10.59 -9.00 92.52
C VAL F 2479 10.80 -9.69 93.86
N GLN F 2480 10.40 -9.02 94.94
CA GLN F 2480 10.67 -9.52 96.28
C GLN F 2480 9.96 -10.84 96.55
N ASP F 2481 8.67 -10.92 96.20
CA ASP F 2481 7.95 -12.16 96.36
C ASP F 2481 8.59 -13.27 95.54
N PHE F 2482 9.13 -12.91 94.37
CA PHE F 2482 9.84 -13.88 93.54
C PHE F 2482 11.10 -14.37 94.26
N LEU F 2483 11.82 -13.47 94.92
CA LEU F 2483 13.01 -13.88 95.66
C LEU F 2483 12.64 -14.84 96.77
N LEU F 2484 11.60 -14.50 97.54
CA LEU F 2484 11.18 -15.35 98.66
C LEU F 2484 10.70 -16.71 98.16
N HIS F 2485 9.96 -16.73 97.05
CA HIS F 2485 9.47 -17.98 96.49
C HIS F 2485 10.63 -18.85 96.04
N LEU F 2486 11.62 -18.27 95.35
CA LEU F 2486 12.80 -19.05 94.96
C LEU F 2486 13.56 -19.55 96.17
N LEU F 2487 13.69 -18.71 97.21
CA LEU F 2487 14.41 -19.12 98.40
C LEU F 2487 13.74 -20.31 99.07
N GLU F 2488 12.41 -20.30 99.13
CA GLU F 2488 11.71 -21.40 99.78
C GLU F 2488 11.66 -22.63 98.88
N VAL F 2489 11.64 -22.46 97.56
CA VAL F 2489 11.53 -23.57 96.61
C VAL F 2489 12.94 -23.91 96.15
N GLY F 2490 13.50 -24.98 96.72
CA GLY F 2490 14.76 -25.52 96.22
C GLY F 2490 16.01 -24.88 96.77
N PHE F 2491 16.01 -23.55 96.93
CA PHE F 2491 17.21 -22.86 97.39
C PHE F 2491 17.54 -23.23 98.83
N LEU F 2492 16.60 -22.99 99.74
CA LEU F 2492 16.79 -23.40 101.13
C LEU F 2492 16.97 -24.91 101.28
N PRO F 2493 16.23 -25.78 100.57
CA PRO F 2493 16.50 -27.23 100.70
C PRO F 2493 17.95 -27.62 100.42
N ASP F 2494 18.57 -26.97 99.44
CA ASP F 2494 19.98 -27.23 99.17
C ASP F 2494 20.84 -26.84 100.36
N LEU F 2495 20.49 -25.74 101.03
CA LEU F 2495 21.18 -25.33 102.25
C LEU F 2495 20.98 -26.36 103.36
N ARG F 2496 19.76 -26.90 103.48
CA ARG F 2496 19.51 -27.94 104.47
C ARG F 2496 20.37 -29.17 104.19
N ALA F 2497 20.45 -29.54 102.91
CA ALA F 2497 21.33 -30.65 102.51
C ALA F 2497 22.77 -30.35 102.87
N ALA F 2498 23.21 -29.11 102.68
CA ALA F 2498 24.55 -28.72 103.09
C ALA F 2498 24.74 -28.84 104.60
N ALA F 2499 23.72 -28.43 105.36
CA ALA F 2499 23.76 -28.56 106.81
C ALA F 2499 23.92 -30.03 107.21
N SER F 2500 23.22 -30.92 106.52
CA SER F 2500 23.40 -32.35 106.75
C SER F 2500 24.81 -32.79 106.36
N LEU F 2501 25.26 -32.41 105.17
CA LEU F 2501 26.53 -32.84 104.61
C LEU F 2501 27.72 -32.30 105.37
N ASP F 2502 27.51 -31.34 106.28
CA ASP F 2502 28.61 -30.74 107.02
C ASP F 2502 29.50 -31.76 107.72
N THR F 2503 28.93 -32.86 108.20
CA THR F 2503 29.68 -33.80 109.04
C THR F 2503 30.83 -34.44 108.28
N ALA F 2504 31.83 -34.92 109.04
CA ALA F 2504 33.15 -35.25 108.49
C ALA F 2504 33.08 -36.28 107.35
N ALA F 2505 32.42 -37.42 107.60
CA ALA F 2505 32.20 -38.39 106.53
C ALA F 2505 31.25 -37.82 105.49
N LEU F 2506 30.24 -37.07 105.94
CA LEU F 2506 29.28 -36.53 104.99
C LEU F 2506 29.92 -35.44 104.13
N SER F 2507 30.88 -34.70 104.71
CA SER F 2507 31.73 -33.84 103.89
C SER F 2507 32.71 -34.65 103.06
N ALA F 2508 33.16 -35.80 103.58
CA ALA F 2508 34.00 -36.69 102.80
C ALA F 2508 33.29 -37.12 101.51
N THR F 2509 31.97 -37.07 101.51
CA THR F 2509 31.21 -37.32 100.29
C THR F 2509 31.48 -36.27 99.21
N ASP F 2510 31.71 -36.77 97.99
CA ASP F 2510 31.87 -35.88 96.84
C ASP F 2510 30.60 -35.10 96.54
N MET F 2511 29.44 -35.61 96.94
CA MET F 2511 28.20 -34.84 96.82
C MET F 2511 28.30 -33.55 97.62
N ALA F 2512 28.79 -33.65 98.86
CA ALA F 2512 29.01 -32.45 99.65
C ALA F 2512 30.01 -31.52 98.97
N LEU F 2513 31.10 -32.08 98.44
CA LEU F 2513 32.10 -31.23 97.80
C LEU F 2513 31.51 -30.46 96.61
N ALA F 2514 30.88 -31.18 95.67
CA ALA F 2514 30.33 -30.55 94.48
C ALA F 2514 29.22 -29.57 94.85
N LEU F 2515 28.37 -29.96 95.79
CA LEU F 2515 27.32 -29.08 96.26
C LEU F 2515 27.90 -27.82 96.88
N ASN F 2516 29.07 -27.90 97.51
CA ASN F 2516 29.73 -26.68 97.99
C ASN F 2516 30.04 -25.74 96.83
N ARG F 2517 30.53 -26.28 95.71
CA ARG F 2517 30.79 -25.44 94.54
C ARG F 2517 29.50 -24.78 94.05
N TYR F 2518 28.47 -25.59 93.80
CA TYR F 2518 27.19 -25.04 93.37
C TYR F 2518 26.61 -24.09 94.40
N LEU F 2519 26.95 -24.30 95.67
CA LEU F 2519 26.42 -23.51 96.75
C LEU F 2519 27.03 -22.12 96.76
N CYS F 2520 28.32 -22.03 96.47
CA CYS F 2520 28.92 -20.72 96.24
C CYS F 2520 28.27 -20.03 95.04
N THR F 2521 28.13 -20.78 93.94
CA THR F 2521 27.52 -20.19 92.74
C THR F 2521 26.07 -19.81 92.93
N ALA F 2522 25.40 -20.32 93.96
CA ALA F 2522 24.02 -19.96 94.25
C ALA F 2522 23.89 -18.94 95.39
N VAL F 2523 24.89 -18.84 96.25
CA VAL F 2523 24.83 -17.89 97.37
C VAL F 2523 25.32 -16.53 96.94
N LEU F 2524 26.36 -16.46 96.11
CA LEU F 2524 26.77 -15.17 95.56
C LEU F 2524 25.62 -14.40 94.90
N PRO F 2525 24.70 -15.05 94.13
CA PRO F 2525 23.52 -14.34 93.65
C PRO F 2525 22.82 -13.49 94.69
N LEU F 2526 22.32 -14.06 95.79
CA LEU F 2526 21.53 -13.30 96.75
C LEU F 2526 22.14 -11.92 97.01
N LEU F 2527 23.37 -11.92 97.52
CA LEU F 2527 24.03 -10.68 97.92
C LEU F 2527 24.24 -9.77 96.72
N THR F 2528 24.99 -10.25 95.71
CA THR F 2528 25.33 -9.40 94.57
C THR F 2528 24.08 -8.85 93.90
N ARG F 2529 23.16 -9.75 93.58
CA ARG F 2529 21.85 -9.43 93.04
C ARG F 2529 20.84 -9.78 94.13
N CYS F 2530 20.30 -8.75 94.79
CA CYS F 2530 19.18 -8.69 95.72
C CYS F 2530 19.56 -8.87 97.18
N ALA F 2531 20.78 -8.48 97.55
CA ALA F 2531 21.03 -8.16 98.95
C ALA F 2531 20.01 -7.17 99.53
N PRO F 2532 19.68 -6.05 98.87
CA PRO F 2532 18.81 -5.06 99.52
C PRO F 2532 17.37 -5.52 99.75
N LEU F 2533 16.83 -6.38 98.89
CA LEU F 2533 15.39 -6.58 98.85
C LEU F 2533 14.90 -7.57 99.92
N PHE F 2534 15.48 -8.77 99.95
CA PHE F 2534 15.07 -9.74 100.97
C PHE F 2534 15.40 -9.22 102.36
N ALA F 2535 16.37 -8.33 102.45
CA ALA F 2535 16.69 -7.67 103.70
C ALA F 2535 15.81 -6.46 103.96
N GLY F 2536 15.11 -5.96 102.95
CA GLY F 2536 14.15 -4.89 103.14
C GLY F 2536 12.75 -5.35 103.45
N THR F 2537 12.44 -6.62 103.20
CA THR F 2537 11.13 -7.16 103.56
C THR F 2537 11.29 -8.35 104.50
N GLU F 2538 10.16 -8.75 105.11
CA GLU F 2538 10.13 -9.91 106.00
C GLU F 2538 8.93 -10.81 105.75
N HIS F 2539 8.34 -10.77 104.56
CA HIS F 2539 7.09 -11.49 104.30
C HIS F 2539 7.16 -12.95 104.68
N HIS F 2540 8.37 -13.52 104.75
CA HIS F 2540 8.59 -14.90 105.15
C HIS F 2540 9.68 -14.96 106.22
N ALA F 2541 9.52 -14.15 107.28
CA ALA F 2541 10.45 -14.11 108.40
C ALA F 2541 10.92 -15.49 108.82
N SER F 2542 10.03 -16.48 108.68
CA SER F 2542 10.44 -17.88 108.83
C SER F 2542 11.58 -18.22 107.87
N LEU F 2543 11.39 -17.91 106.60
CA LEU F 2543 12.45 -18.16 105.61
C LEU F 2543 13.70 -17.36 105.93
N ILE F 2544 13.52 -16.13 106.43
CA ILE F 2544 14.66 -15.28 106.75
C ILE F 2544 15.52 -15.94 107.81
N ASP F 2545 14.90 -16.34 108.93
CA ASP F 2545 15.67 -16.93 110.02
C ASP F 2545 16.26 -18.27 109.59
N SER F 2546 15.50 -19.07 108.84
CA SER F 2546 16.01 -20.35 108.38
C SER F 2546 17.25 -20.14 107.52
N LEU F 2547 17.20 -19.17 106.60
CA LEU F 2547 18.36 -18.85 105.77
C LEU F 2547 19.55 -18.44 106.63
N LEU F 2548 19.32 -17.54 107.60
CA LEU F 2548 20.43 -17.04 108.40
C LEU F 2548 21.12 -18.15 109.16
N HIS F 2549 20.37 -18.95 109.93
CA HIS F 2549 21.03 -19.97 110.74
C HIS F 2549 21.52 -21.15 109.91
N THR F 2550 20.88 -21.47 108.78
CA THR F 2550 21.44 -22.52 107.94
C THR F 2550 22.75 -22.08 107.33
N VAL F 2551 22.85 -20.82 106.89
CA VAL F 2551 24.11 -20.31 106.36
C VAL F 2551 25.16 -20.27 107.46
N TYR F 2552 24.75 -19.95 108.69
CA TYR F 2552 25.71 -19.94 109.80
C TYR F 2552 26.23 -21.33 110.11
N ARG F 2553 25.35 -22.34 110.14
CA ARG F 2553 25.79 -23.71 110.34
C ARG F 2553 26.70 -24.15 109.21
N LEU F 2554 26.40 -23.71 107.99
CA LEU F 2554 27.30 -23.94 106.85
C LEU F 2554 28.67 -23.33 107.11
N SER F 2555 28.69 -22.09 107.58
CA SER F 2555 29.95 -21.40 107.87
C SER F 2555 30.75 -22.16 108.92
N LYS F 2556 30.06 -22.80 109.87
CA LYS F 2556 30.71 -23.76 110.76
C LYS F 2556 30.95 -25.09 110.04
N GLY F 2557 31.70 -25.00 108.93
CA GLY F 2557 32.03 -26.17 108.13
C GLY F 2557 33.42 -26.71 108.46
N CYS F 2558 33.75 -27.81 107.80
CA CYS F 2558 35.03 -28.47 108.01
C CYS F 2558 35.88 -28.51 106.75
N SER F 2559 35.33 -28.97 105.62
CA SER F 2559 36.09 -29.15 104.39
C SER F 2559 35.96 -27.97 103.44
N LEU F 2560 35.33 -26.88 103.87
CA LEU F 2560 35.19 -25.71 103.01
C LEU F 2560 36.54 -25.08 102.70
N THR F 2561 36.72 -24.70 101.44
CA THR F 2561 37.94 -24.00 101.05
C THR F 2561 37.92 -22.57 101.59
N LYS F 2562 39.09 -21.94 101.56
CA LYS F 2562 39.20 -20.57 102.07
C LYS F 2562 38.31 -19.61 101.30
N ALA F 2563 38.30 -19.74 99.96
CA ALA F 2563 37.43 -18.88 99.17
C ALA F 2563 35.96 -19.14 99.48
N GLN F 2564 35.60 -20.41 99.69
CA GLN F 2564 34.22 -20.74 100.04
C GLN F 2564 33.82 -20.08 101.35
N ARG F 2565 34.69 -20.17 102.36
CA ARG F 2565 34.39 -19.55 103.64
C ARG F 2565 34.30 -18.03 103.52
N ASP F 2566 35.18 -17.43 102.70
CA ASP F 2566 35.10 -15.99 102.47
C ASP F 2566 33.77 -15.61 101.82
N SER F 2567 33.32 -16.39 100.84
CA SER F 2567 32.04 -16.10 100.20
C SER F 2567 30.89 -16.18 101.19
N ILE F 2568 30.89 -17.22 102.02
CA ILE F 2568 29.84 -17.36 103.04
C ILE F 2568 29.86 -16.18 103.99
N GLU F 2569 31.06 -15.76 104.40
CA GLU F 2569 31.20 -14.64 105.33
C GLU F 2569 30.68 -13.36 104.71
N VAL F 2570 31.01 -13.09 103.44
CA VAL F 2570 30.50 -11.89 102.77
C VAL F 2570 28.99 -11.92 102.70
N CYS F 2571 28.42 -13.08 102.35
CA CYS F 2571 26.97 -13.21 102.30
C CYS F 2571 26.33 -12.86 103.63
N LEU F 2572 26.85 -13.47 104.70
CA LEU F 2572 26.29 -13.23 106.03
C LEU F 2572 26.40 -11.77 106.43
N LEU F 2573 27.56 -11.15 106.18
CA LEU F 2573 27.73 -9.75 106.54
C LEU F 2573 26.77 -8.85 105.79
N SER F 2574 26.59 -9.08 104.49
CA SER F 2574 25.67 -8.24 103.72
C SER F 2574 24.24 -8.38 104.23
N ILE F 2575 23.78 -9.64 104.37
CA ILE F 2575 22.40 -9.87 104.79
C ILE F 2575 22.16 -9.25 106.16
N CYS F 2576 23.09 -9.45 107.10
CA CYS F 2576 22.90 -8.88 108.43
C CYS F 2576 22.97 -7.36 108.40
N GLY F 2577 23.97 -6.79 107.72
CA GLY F 2577 24.20 -5.36 107.73
C GLY F 2577 23.14 -4.57 107.03
N GLN F 2578 22.26 -5.22 106.26
CA GLN F 2578 21.10 -4.46 105.78
C GLN F 2578 19.76 -5.18 105.96
N LEU F 2579 19.71 -6.19 106.85
CA LEU F 2579 18.45 -6.76 107.33
C LEU F 2579 18.00 -6.07 108.61
N ARG F 2580 16.70 -6.14 108.87
CA ARG F 2580 16.11 -5.53 110.06
C ARG F 2580 16.75 -6.09 111.33
N PRO F 2581 17.14 -5.24 112.29
CA PRO F 2581 17.73 -5.75 113.53
C PRO F 2581 16.83 -6.70 114.31
N SER F 2582 15.53 -6.43 114.34
CA SER F 2582 14.64 -7.21 115.19
C SER F 2582 14.41 -8.62 114.70
N MET F 2583 14.72 -8.90 113.43
CA MET F 2583 14.27 -10.13 112.80
C MET F 2583 15.37 -11.18 112.71
N MET F 2584 16.55 -10.90 113.27
CA MET F 2584 17.62 -11.86 113.40
C MET F 2584 18.10 -12.04 114.83
N GLN F 2585 17.29 -11.65 115.81
CA GLN F 2585 17.56 -11.86 117.23
C GLN F 2585 17.94 -13.30 117.58
N HIS F 2586 17.35 -14.28 116.91
CA HIS F 2586 17.75 -15.67 117.14
C HIS F 2586 19.21 -15.87 116.76
N LEU F 2587 19.59 -15.30 115.62
CA LEU F 2587 20.99 -15.33 115.22
C LEU F 2587 21.86 -14.59 116.24
N LEU F 2588 21.36 -13.46 116.76
CA LEU F 2588 22.05 -12.80 117.87
C LEU F 2588 22.33 -13.79 118.99
N ARG F 2589 21.32 -14.56 119.38
CA ARG F 2589 21.50 -15.56 120.43
C ARG F 2589 22.63 -16.51 120.09
N ARG F 2590 22.57 -17.10 118.90
CA ARG F 2590 23.56 -18.11 118.52
C ARG F 2590 24.96 -17.54 118.56
N LEU F 2591 25.16 -16.35 118.00
CA LEU F 2591 26.46 -15.70 118.10
C LEU F 2591 26.83 -15.41 119.55
N VAL F 2592 25.85 -15.12 120.40
CA VAL F 2592 26.16 -14.87 121.81
C VAL F 2592 26.78 -16.11 122.46
N PHE F 2593 26.23 -17.30 122.18
CA PHE F 2593 26.90 -18.48 122.72
C PHE F 2593 28.24 -18.75 122.03
N ASP F 2594 28.34 -18.48 120.73
CA ASP F 2594 29.52 -18.95 120.00
C ASP F 2594 30.74 -18.02 120.08
N VAL F 2595 30.54 -16.71 120.22
CA VAL F 2595 31.69 -15.79 120.21
C VAL F 2595 32.66 -16.03 121.36
N PRO F 2596 32.21 -16.20 122.61
CA PRO F 2596 33.19 -16.36 123.71
C PRO F 2596 34.16 -17.52 123.52
N LEU F 2597 33.88 -18.47 122.62
CA LEU F 2597 34.84 -19.52 122.34
C LEU F 2597 36.15 -18.97 121.79
N LEU F 2598 36.08 -17.87 121.02
CA LEU F 2598 37.27 -17.22 120.46
C LEU F 2598 38.10 -18.19 119.64
N ASN F 2599 37.43 -19.04 118.87
CA ASN F 2599 38.10 -20.00 118.01
C ASN F 2599 38.45 -19.33 116.68
N GLU F 2600 38.98 -20.11 115.73
CA GLU F 2600 39.29 -19.57 114.42
C GLU F 2600 38.02 -19.15 113.69
N HIS F 2601 36.93 -19.91 113.85
CA HIS F 2601 35.66 -19.57 113.24
C HIS F 2601 35.03 -18.30 113.81
N ALA F 2602 35.52 -17.83 114.96
CA ALA F 2602 34.90 -16.69 115.63
C ALA F 2602 35.11 -15.37 114.88
N LYS F 2603 35.99 -15.34 113.87
CA LYS F 2603 36.26 -14.09 113.18
C LYS F 2603 35.02 -13.56 112.46
N MET F 2604 34.31 -14.44 111.75
CA MET F 2604 33.12 -14.00 111.02
C MET F 2604 32.03 -13.48 111.94
N PRO F 2605 31.63 -14.16 113.02
CA PRO F 2605 30.65 -13.56 113.93
C PRO F 2605 31.13 -12.27 114.57
N LEU F 2606 32.44 -12.11 114.80
CA LEU F 2606 32.92 -10.85 115.35
C LEU F 2606 32.59 -9.70 114.39
N LYS F 2607 32.87 -9.89 113.10
CA LYS F 2607 32.47 -8.91 112.10
C LYS F 2607 30.96 -8.73 112.10
N LEU F 2608 30.22 -9.83 112.26
CA LEU F 2608 28.77 -9.76 112.18
C LEU F 2608 28.21 -8.87 113.27
N LEU F 2609 28.61 -9.11 114.52
CA LEU F 2609 28.16 -8.28 115.64
C LEU F 2609 28.68 -6.86 115.49
N THR F 2610 29.93 -6.69 115.07
CA THR F 2610 30.48 -5.35 114.88
C THR F 2610 29.58 -4.53 113.97
N ASN F 2611 29.28 -5.08 112.80
CA ASN F 2611 28.43 -4.38 111.84
C ASN F 2611 27.02 -4.20 112.37
N HIS F 2612 26.47 -5.23 113.03
CA HIS F 2612 25.12 -5.15 113.56
C HIS F 2612 24.97 -3.98 114.54
N TYR F 2613 25.84 -3.92 115.54
CA TYR F 2613 25.77 -2.87 116.55
C TYR F 2613 26.12 -1.50 115.97
N GLU F 2614 27.20 -1.41 115.19
CA GLU F 2614 27.56 -0.12 114.61
C GLU F 2614 26.44 0.40 113.72
N ARG F 2615 25.84 -0.47 112.90
CA ARG F 2615 24.71 -0.13 112.06
C ARG F 2615 23.52 0.41 112.83
N CYS F 2616 22.96 -0.41 113.74
CA CYS F 2616 21.72 -0.07 114.41
C CYS F 2616 21.94 0.47 115.81
N TRP F 2617 23.05 1.17 116.04
CA TRP F 2617 23.39 1.69 117.36
C TRP F 2617 22.20 2.28 118.11
N LYS F 2618 21.39 3.08 117.43
CA LYS F 2618 20.21 3.65 118.09
C LYS F 2618 19.26 2.57 118.56
N TYR F 2619 19.06 1.53 117.75
CA TYR F 2619 18.13 0.46 118.10
C TYR F 2619 18.44 -0.17 119.45
N TYR F 2620 19.71 -0.26 119.82
CA TYR F 2620 20.07 -0.87 121.09
C TYR F 2620 20.30 0.14 122.20
N CYS F 2621 20.36 1.43 121.89
CA CYS F 2621 20.62 2.45 122.91
C CYS F 2621 19.47 3.44 123.06
N LEU F 2622 19.01 4.05 121.96
CA LEU F 2622 18.02 5.10 122.05
C LEU F 2622 16.67 4.54 122.52
N PRO F 2623 15.90 5.34 123.26
CA PRO F 2623 14.60 4.85 123.75
C PRO F 2623 13.66 4.42 122.64
N GLY F 2624 13.56 5.21 121.58
CA GLY F 2624 12.80 4.80 120.41
C GLY F 2624 13.61 3.96 119.44
N GLY F 2625 14.89 3.75 119.75
CA GLY F 2625 15.73 2.90 118.92
C GLY F 2625 15.98 3.52 117.55
N TRP F 2626 16.14 2.64 116.57
CA TRP F 2626 16.31 3.05 115.18
C TRP F 2626 14.96 3.31 114.52
N GLY F 2627 14.28 4.33 115.05
CA GLY F 2627 13.03 4.81 114.49
C GLY F 2627 11.95 3.75 114.35
N ASN F 2628 11.47 3.55 113.12
CA ASN F 2628 10.44 2.54 112.88
C ASN F 2628 11.00 1.13 113.00
N PHE F 2629 12.33 0.97 112.94
CA PHE F 2629 12.93 -0.34 113.12
C PHE F 2629 12.68 -0.92 114.51
N GLY F 2630 12.35 -0.06 115.47
CA GLY F 2630 12.10 -0.50 116.83
C GLY F 2630 13.27 -0.25 117.74
N ALA F 2631 13.21 -0.88 118.92
CA ALA F 2631 14.25 -0.78 119.93
C ALA F 2631 14.54 -2.16 120.49
N ALA F 2632 15.76 -2.32 121.01
CA ALA F 2632 16.15 -3.59 121.60
C ALA F 2632 15.31 -3.89 122.83
N SER F 2633 14.66 -5.04 122.82
CA SER F 2633 13.88 -5.47 123.96
C SER F 2633 14.79 -5.70 125.16
N GLU F 2634 14.17 -5.90 126.33
CA GLU F 2634 14.96 -6.16 127.52
C GLU F 2634 15.78 -7.43 127.37
N GLU F 2635 15.20 -8.45 126.71
CA GLU F 2635 15.95 -9.67 126.43
C GLU F 2635 17.12 -9.40 125.50
N GLU F 2636 16.91 -8.60 124.45
CA GLU F 2636 18.00 -8.28 123.54
C GLU F 2636 19.11 -7.53 124.26
N LEU F 2637 18.76 -6.59 125.13
CA LEU F 2637 19.78 -5.87 125.90
C LEU F 2637 20.50 -6.80 126.85
N HIS F 2638 19.79 -7.74 127.47
CA HIS F 2638 20.44 -8.70 128.36
C HIS F 2638 21.41 -9.57 127.58
N LEU F 2639 21.00 -10.05 126.40
CA LEU F 2639 21.89 -10.86 125.57
C LEU F 2639 23.11 -10.05 125.13
N SER F 2640 22.89 -8.79 124.74
CA SER F 2640 24.00 -7.95 124.32
C SER F 2640 24.97 -7.70 125.46
N ARG F 2641 24.46 -7.48 126.67
CA ARG F 2641 25.31 -7.30 127.84
C ARG F 2641 26.08 -8.57 128.18
N LYS F 2642 25.39 -9.72 128.12
CA LYS F 2642 26.05 -10.99 128.38
C LYS F 2642 27.18 -11.22 127.39
N LEU F 2643 26.92 -10.97 126.11
CA LEU F 2643 27.97 -11.09 125.10
C LEU F 2643 29.08 -10.07 125.33
N PHE F 2644 28.72 -8.85 125.74
CA PHE F 2644 29.72 -7.82 125.96
C PHE F 2644 30.71 -8.25 127.03
N TRP F 2645 30.21 -8.65 128.20
CA TRP F 2645 31.13 -9.09 129.25
C TRP F 2645 31.79 -10.42 128.90
N GLY F 2646 31.12 -11.28 128.13
CA GLY F 2646 31.75 -12.51 127.70
C GLY F 2646 32.97 -12.26 126.84
N ILE F 2647 32.83 -11.40 125.83
CA ILE F 2647 33.98 -11.05 124.99
C ILE F 2647 35.01 -10.28 125.80
N PHE F 2648 34.57 -9.43 126.72
CA PHE F 2648 35.51 -8.65 127.52
C PHE F 2648 36.41 -9.58 128.33
N ASP F 2649 35.81 -10.50 129.09
CA ASP F 2649 36.59 -11.44 129.89
C ASP F 2649 37.38 -12.40 129.01
N ALA F 2650 36.80 -12.83 127.89
CA ALA F 2650 37.49 -13.76 127.01
C ALA F 2650 38.74 -13.13 126.41
N LEU F 2651 38.66 -11.88 125.97
CA LEU F 2651 39.85 -11.18 125.48
C LEU F 2651 40.82 -10.88 126.62
N SER F 2652 40.31 -10.68 127.83
CA SER F 2652 41.20 -10.51 128.98
C SER F 2652 42.05 -11.75 129.20
N GLN F 2653 41.42 -12.93 129.18
CA GLN F 2653 42.16 -14.17 129.38
C GLN F 2653 42.97 -14.57 128.15
N LYS F 2654 42.54 -14.14 126.97
CA LYS F 2654 43.19 -14.55 125.74
C LYS F 2654 44.57 -13.93 125.61
N LYS F 2655 45.51 -14.71 125.08
CA LYS F 2655 46.82 -14.17 124.74
C LYS F 2655 46.67 -13.09 123.67
N TYR F 2656 47.39 -11.99 123.84
CA TYR F 2656 47.24 -10.87 122.94
C TYR F 2656 47.67 -11.25 121.53
N GLU F 2657 46.75 -11.12 120.58
CA GLU F 2657 47.03 -11.34 119.16
C GLU F 2657 46.73 -10.05 118.42
N GLN F 2658 47.68 -9.60 117.60
CA GLN F 2658 47.49 -8.34 116.89
C GLN F 2658 46.27 -8.42 115.97
N GLU F 2659 46.18 -9.49 115.16
CA GLU F 2659 45.08 -9.60 114.21
C GLU F 2659 43.75 -9.84 114.93
N LEU F 2660 43.72 -10.83 115.82
CA LEU F 2660 42.46 -11.18 116.48
C LEU F 2660 41.95 -10.04 117.34
N PHE F 2661 42.83 -9.41 118.12
CA PHE F 2661 42.38 -8.35 119.02
C PHE F 2661 42.07 -7.07 118.24
N LYS F 2662 42.83 -6.77 117.20
CA LYS F 2662 42.50 -5.64 116.35
C LYS F 2662 41.16 -5.84 115.65
N LEU F 2663 40.79 -7.08 115.35
CA LEU F 2663 39.48 -7.35 114.77
C LEU F 2663 38.38 -7.28 115.82
N ALA F 2664 38.66 -7.75 117.04
CA ALA F 2664 37.64 -7.81 118.08
C ALA F 2664 37.38 -6.45 118.72
N LEU F 2665 38.36 -5.55 118.72
CA LEU F 2665 38.16 -4.23 119.34
C LEU F 2665 36.98 -3.48 118.76
N PRO F 2666 36.78 -3.40 117.44
CA PRO F 2666 35.56 -2.74 116.93
C PRO F 2666 34.28 -3.40 117.43
N CYS F 2667 34.27 -4.73 117.58
CA CYS F 2667 33.07 -5.40 118.08
C CYS F 2667 32.73 -4.96 119.50
N LEU F 2668 33.73 -5.00 120.40
CA LEU F 2668 33.50 -4.61 121.77
C LEU F 2668 33.13 -3.13 121.86
N SER F 2669 33.78 -2.29 121.05
CA SER F 2669 33.44 -0.88 121.01
C SER F 2669 32.00 -0.66 120.57
N ALA F 2670 31.56 -1.39 119.55
CA ALA F 2670 30.20 -1.25 119.06
C ALA F 2670 29.20 -1.69 120.11
N VAL F 2671 29.46 -2.80 120.80
CA VAL F 2671 28.53 -3.27 121.83
C VAL F 2671 28.49 -2.28 122.99
N ALA F 2672 29.64 -1.73 123.36
CA ALA F 2672 29.66 -0.71 124.42
C ALA F 2672 28.87 0.52 124.02
N GLY F 2673 29.02 0.98 122.77
CA GLY F 2673 28.24 2.10 122.31
C GLY F 2673 26.75 1.81 122.26
N ALA F 2674 26.37 0.58 121.93
CA ALA F 2674 24.97 0.23 121.84
C ALA F 2674 24.32 0.09 123.22
N LEU F 2675 25.05 -0.45 124.19
CA LEU F 2675 24.48 -0.64 125.51
C LEU F 2675 24.27 0.70 126.20
N PRO F 2676 23.05 1.02 126.64
CA PRO F 2676 22.80 2.30 127.30
C PRO F 2676 23.59 2.42 128.59
N PRO F 2677 24.09 3.62 128.92
CA PRO F 2677 24.84 3.78 130.16
C PRO F 2677 24.03 3.48 131.42
N ASP F 2678 22.71 3.63 131.37
CA ASP F 2678 21.84 3.42 132.52
C ASP F 2678 21.11 2.09 132.48
N TYR F 2679 21.47 1.19 131.58
CA TYR F 2679 20.71 -0.05 131.41
C TYR F 2679 20.90 -1.00 132.60
N MET F 2680 19.77 -1.46 133.13
CA MET F 2680 19.69 -2.51 134.15
C MET F 2680 18.75 -3.63 133.73
N PRO F 2713 3.60 -30.83 141.74
CA PRO F 2713 3.04 -30.51 143.05
C PRO F 2713 1.51 -30.52 143.05
N GLU F 2714 0.92 -30.28 144.23
CA GLU F 2714 -0.53 -30.31 144.37
C GLU F 2714 -1.19 -29.20 143.54
N LYS F 2715 -0.58 -28.02 143.51
CA LYS F 2715 -1.14 -26.93 142.71
C LYS F 2715 -1.13 -27.28 141.23
N LEU F 2716 -0.04 -27.88 140.75
CA LEU F 2716 0.00 -28.29 139.35
C LEU F 2716 -0.98 -29.42 139.06
N GLU F 2717 -1.19 -30.34 140.01
CA GLU F 2717 -2.18 -31.39 139.81
C GLU F 2717 -3.60 -30.80 139.72
N TYR F 2718 -3.90 -29.84 140.59
CA TYR F 2718 -5.19 -29.16 140.52
C TYR F 2718 -5.33 -28.39 139.20
N PHE F 2719 -4.23 -27.80 138.73
CA PHE F 2719 -4.25 -27.15 137.42
C PHE F 2719 -4.54 -28.16 136.33
N ILE F 2720 -3.97 -29.36 136.42
CA ILE F 2720 -4.23 -30.40 135.43
C ILE F 2720 -5.72 -30.76 135.43
N ASN F 2721 -6.29 -30.93 136.62
CA ASN F 2721 -7.71 -31.28 136.70
C ASN F 2721 -8.60 -30.17 136.12
N LYS F 2722 -8.32 -28.92 136.51
CA LYS F 2722 -9.13 -27.81 136.01
C LYS F 2722 -8.97 -27.65 134.51
N TYR F 2723 -7.75 -27.80 133.99
CA TYR F 2723 -7.51 -27.72 132.57
C TYR F 2723 -8.22 -28.86 131.83
N ALA F 2724 -8.26 -30.04 132.43
CA ALA F 2724 -8.99 -31.15 131.81
C ALA F 2724 -10.47 -30.84 131.70
N GLU F 2725 -11.06 -30.30 132.77
CA GLU F 2725 -12.48 -29.94 132.72
C GLU F 2725 -12.73 -28.86 131.68
N HIS F 2726 -11.91 -27.80 131.68
CA HIS F 2726 -12.10 -26.71 130.73
C HIS F 2726 -11.87 -27.18 129.29
N SER F 2727 -10.91 -28.08 129.09
CA SER F 2727 -10.65 -28.61 127.76
C SER F 2727 -11.78 -29.50 127.29
N HIS F 2728 -12.39 -30.27 128.20
CA HIS F 2728 -13.57 -31.04 127.83
C HIS F 2728 -14.70 -30.12 127.40
N ASP F 2729 -14.91 -29.02 128.14
CA ASP F 2729 -15.92 -28.05 127.73
C ASP F 2729 -15.59 -27.45 126.37
N LYS F 2730 -14.31 -27.12 126.14
CA LYS F 2730 -13.89 -26.55 124.87
C LYS F 2730 -14.11 -27.51 123.72
N TRP F 2731 -13.78 -28.79 123.91
CA TRP F 2731 -14.01 -29.79 122.88
C TRP F 2731 -15.50 -29.93 122.59
N SER F 2732 -16.33 -29.95 123.64
CA SER F 2732 -17.77 -30.05 123.44
C SER F 2732 -18.27 -28.87 122.61
N MET F 2733 -17.85 -27.66 122.98
CA MET F 2733 -18.29 -26.47 122.25
C MET F 2733 -17.83 -26.50 120.80
N ASP F 2734 -16.57 -26.85 120.56
CA ASP F 2734 -16.04 -26.86 119.21
C ASP F 2734 -16.74 -27.91 118.36
N LYS F 2735 -16.95 -29.10 118.91
CA LYS F 2735 -17.60 -30.16 118.14
C LYS F 2735 -19.06 -29.83 117.85
N LEU F 2736 -19.78 -29.24 118.81
CA LEU F 2736 -21.16 -28.86 118.51
C LEU F 2736 -21.21 -27.71 117.50
N ALA F 2737 -20.23 -26.80 117.53
CA ALA F 2737 -20.18 -25.74 116.53
C ALA F 2737 -19.93 -26.33 115.14
N ASN F 2738 -19.03 -27.31 115.04
CA ASN F 2738 -18.78 -27.95 113.75
C ASN F 2738 -19.98 -28.77 113.29
N GLY F 2739 -20.73 -29.36 114.21
CA GLY F 2739 -21.88 -30.16 113.86
C GLY F 2739 -21.73 -31.62 114.25
N TRP F 2740 -20.98 -31.88 115.31
CA TRP F 2740 -20.74 -33.23 115.77
C TRP F 2740 -21.95 -33.78 116.52
N ILE F 2741 -22.03 -35.11 116.60
CA ILE F 2741 -23.09 -35.81 117.30
C ILE F 2741 -22.44 -36.80 118.26
N TYR F 2742 -23.16 -37.14 119.33
CA TYR F 2742 -22.66 -38.12 120.28
C TYR F 2742 -22.63 -39.51 119.65
N GLY F 2743 -21.56 -40.24 119.91
CA GLY F 2743 -21.41 -41.58 119.38
C GLY F 2743 -20.20 -42.26 119.97
N GLU F 2744 -20.24 -43.60 119.96
CA GLU F 2744 -19.15 -44.38 120.52
C GLU F 2744 -17.86 -44.18 119.73
N ILE F 2745 -17.94 -44.18 118.41
CA ILE F 2745 -16.77 -44.00 117.57
C ILE F 2745 -16.41 -42.54 117.47
N TYR F 2746 -15.11 -42.26 117.33
CA TYR F 2746 -14.60 -40.90 117.22
C TYR F 2746 -14.27 -40.51 115.79
N SER F 2747 -14.73 -41.29 114.81
CA SER F 2747 -14.44 -40.99 113.41
C SER F 2747 -15.11 -39.69 112.98
N ASP F 2748 -14.38 -38.88 112.21
CA ASP F 2748 -14.88 -37.60 111.75
C ASP F 2748 -15.67 -37.69 110.45
N SER F 2749 -15.70 -38.86 109.81
CA SER F 2749 -16.45 -39.01 108.56
C SER F 2749 -17.94 -38.78 108.79
N SER F 2750 -18.49 -39.36 109.85
CA SER F 2750 -19.88 -39.15 110.22
C SER F 2750 -20.05 -38.11 111.31
N LYS F 2751 -18.95 -37.51 111.77
CA LYS F 2751 -18.99 -36.49 112.82
C LYS F 2751 -19.64 -37.01 114.10
N ILE F 2752 -19.02 -38.03 114.67
CA ILE F 2752 -19.47 -38.64 115.92
C ILE F 2752 -18.31 -38.64 116.90
N GLN F 2753 -18.58 -38.22 118.14
CA GLN F 2753 -17.56 -38.16 119.17
C GLN F 2753 -18.12 -38.66 120.49
N PRO F 2754 -17.35 -39.42 121.27
CA PRO F 2754 -17.76 -39.79 122.63
C PRO F 2754 -17.35 -38.81 123.71
N LEU F 2755 -16.74 -37.68 123.35
CA LEU F 2755 -16.27 -36.68 124.31
C LEU F 2755 -17.11 -35.41 124.26
N MET F 2756 -18.41 -35.57 124.08
CA MET F 2756 -19.32 -34.41 124.03
C MET F 2756 -20.27 -34.49 125.22
N LEU F 2761 -13.94 -35.29 117.56
CA LEU F 2761 -12.73 -35.72 116.86
C LEU F 2761 -11.83 -36.55 117.78
N LEU F 2762 -11.67 -36.07 119.02
CA LEU F 2762 -10.86 -36.75 120.01
C LEU F 2762 -11.77 -37.46 121.01
N SER F 2763 -11.41 -38.69 121.37
CA SER F 2763 -12.21 -39.52 122.24
C SER F 2763 -11.71 -39.39 123.69
N GLU F 2764 -12.31 -40.18 124.59
CA GLU F 2764 -11.84 -40.18 125.98
C GLU F 2764 -10.42 -40.71 126.08
N LYS F 2765 -10.09 -41.74 125.28
CA LYS F 2765 -8.72 -42.23 125.24
C LYS F 2765 -7.77 -41.16 124.73
N GLU F 2766 -8.19 -40.41 123.70
CA GLU F 2766 -7.37 -39.32 123.20
C GLU F 2766 -7.15 -38.25 124.26
N LYS F 2767 -8.19 -37.92 125.02
CA LYS F 2767 -8.05 -36.92 126.08
C LYS F 2767 -7.10 -37.41 127.17
N GLU F 2768 -7.23 -38.68 127.57
CA GLU F 2768 -6.39 -39.18 128.65
C GLU F 2768 -4.94 -39.37 128.22
N ILE F 2769 -4.68 -39.60 126.93
CA ILE F 2769 -3.30 -39.66 126.50
C ILE F 2769 -2.73 -38.26 126.29
N TYR F 2770 -3.55 -37.31 125.83
CA TYR F 2770 -3.11 -35.93 125.71
C TYR F 2770 -2.91 -35.27 127.08
N ARG F 2771 -3.47 -35.86 128.14
CA ARG F 2771 -3.16 -35.39 129.48
C ARG F 2771 -1.67 -35.55 129.80
N TRP F 2772 -1.03 -36.59 129.26
CA TRP F 2772 0.36 -36.87 129.59
C TRP F 2772 1.33 -35.77 129.18
N PRO F 2773 1.30 -35.22 127.97
CA PRO F 2773 2.25 -34.14 127.64
C PRO F 2773 2.12 -32.92 128.55
N ILE F 2774 0.93 -32.64 129.06
CA ILE F 2774 0.77 -31.53 130.00
C ILE F 2774 1.61 -31.77 131.25
N LYS F 2775 1.49 -32.95 131.84
CA LYS F 2775 2.27 -33.30 133.02
C LYS F 2775 3.76 -33.33 132.70
N GLU F 2776 4.12 -33.82 131.51
CA GLU F 2776 5.53 -33.84 131.12
C GLU F 2776 6.10 -32.43 131.04
N SER F 2777 5.34 -31.50 130.44
CA SER F 2777 5.80 -30.12 130.35
C SER F 2777 5.90 -29.47 131.73
N LEU F 2778 4.93 -29.76 132.61
CA LEU F 2778 5.01 -29.23 133.97
C LEU F 2778 6.24 -29.75 134.69
N LYS F 2779 6.52 -31.04 134.57
CA LYS F 2779 7.70 -31.60 135.20
C LYS F 2779 8.99 -31.00 134.62
N THR F 2780 9.02 -30.81 133.30
CA THR F 2780 10.21 -30.26 132.67
C THR F 2780 10.49 -28.83 133.13
N MET F 2781 9.46 -27.98 133.10
CA MET F 2781 9.68 -26.59 133.51
C MET F 2781 9.71 -26.41 135.02
N LEU F 2782 9.36 -27.44 135.79
CA LEU F 2782 9.63 -27.40 137.23
C LEU F 2782 11.07 -27.80 137.52
N ALA F 2783 11.59 -28.80 136.81
CA ALA F 2783 12.99 -29.17 136.96
C ALA F 2783 13.92 -28.09 136.44
N TRP F 2784 13.49 -27.34 135.42
CA TRP F 2784 14.28 -26.24 134.88
C TRP F 2784 14.41 -25.12 135.92
N ASP F 2835 8.45 -13.84 130.58
CA ASP F 2835 7.68 -14.39 131.69
C ASP F 2835 6.95 -15.66 131.28
N LEU F 2836 5.62 -15.62 131.36
CA LEU F 2836 4.83 -16.79 130.98
C LEU F 2836 4.99 -17.12 129.51
N HIS F 2837 5.00 -16.09 128.65
CA HIS F 2837 5.19 -16.34 127.22
C HIS F 2837 6.58 -16.90 126.93
N ALA F 2838 7.60 -16.39 127.60
CA ALA F 2838 8.96 -16.91 127.40
C ALA F 2838 9.05 -18.36 127.85
N MET F 2839 8.46 -18.69 129.00
CA MET F 2839 8.47 -20.07 129.46
C MET F 2839 7.66 -20.97 128.53
N ALA F 2840 6.58 -20.44 127.94
CA ALA F 2840 5.82 -21.20 126.95
C ALA F 2840 6.67 -21.50 125.72
N GLU F 2841 7.43 -20.51 125.25
CA GLU F 2841 8.33 -20.75 124.12
C GLU F 2841 9.39 -21.79 124.48
N MET F 2842 9.93 -21.71 125.70
CA MET F 2842 10.92 -22.69 126.13
C MET F 2842 10.32 -24.09 126.17
N MET F 2843 9.10 -24.24 126.69
CA MET F 2843 8.45 -25.54 126.73
C MET F 2843 8.13 -26.05 125.33
N ALA F 2844 7.75 -25.15 124.43
CA ALA F 2844 7.51 -25.55 123.04
C ALA F 2844 8.80 -26.06 122.39
N GLU F 2845 9.92 -25.37 122.64
CA GLU F 2845 11.20 -25.86 122.14
C GLU F 2845 11.56 -27.21 122.74
N ASN F 2846 11.31 -27.40 124.04
CA ASN F 2846 11.59 -28.69 124.66
C ASN F 2846 10.77 -29.80 124.03
N TYR F 2847 9.48 -29.56 123.80
CA TYR F 2847 8.64 -30.60 123.21
C TYR F 2847 9.04 -30.86 121.76
N HIS F 2848 9.40 -29.82 121.03
CA HIS F 2848 9.89 -30.01 119.66
C HIS F 2848 11.17 -30.83 119.66
N ASN F 2849 12.07 -30.58 120.61
CA ASN F 2849 13.30 -31.34 120.70
C ASN F 2849 13.03 -32.80 121.02
N ILE F 2850 12.12 -33.06 121.96
CA ILE F 2850 11.85 -34.46 122.32
C ILE F 2850 11.14 -35.18 121.17
N TRP F 2851 10.27 -34.48 120.43
CA TRP F 2851 9.64 -35.08 119.26
C TRP F 2851 10.67 -35.35 118.17
N ALA F 2852 11.62 -34.44 117.98
CA ALA F 2852 12.69 -34.67 117.01
C ALA F 2852 13.54 -35.87 117.41
N LYS F 2853 13.84 -36.01 118.70
CA LYS F 2853 14.58 -37.17 119.17
C LYS F 2853 13.82 -38.47 118.92
N LYS F 2854 12.50 -38.46 119.19
CA LYS F 2854 11.69 -39.64 118.97
C LYS F 2854 11.64 -40.01 117.49
N LYS F 2855 11.47 -39.02 116.61
CA LYS F 2855 11.41 -39.32 115.18
C LYS F 2855 12.77 -39.73 114.65
N LYS F 2856 13.86 -39.19 115.21
CA LYS F 2856 15.19 -39.65 114.83
C LYS F 2856 15.42 -41.09 115.23
N LEU F 2857 14.96 -41.47 116.44
CA LEU F 2857 15.06 -42.86 116.85
C LEU F 2857 14.23 -43.77 115.94
N GLU F 2858 13.04 -43.32 115.55
CA GLU F 2858 12.22 -44.10 114.63
C GLU F 2858 12.91 -44.25 113.28
N LEU F 2859 13.53 -43.18 112.78
CA LEU F 2859 14.25 -43.26 111.50
C LEU F 2859 15.43 -44.20 111.60
N GLU F 2860 16.17 -44.16 112.72
CA GLU F 2860 17.29 -45.08 112.90
C GLU F 2860 16.80 -46.53 112.95
N SER F 2861 15.68 -46.78 113.63
CA SER F 2861 15.14 -48.13 113.66
C SER F 2861 14.70 -48.60 112.28
N LYS F 2862 14.08 -47.71 111.50
CA LYS F 2862 13.60 -48.07 110.17
C LYS F 2862 14.69 -48.06 109.11
N GLY F 2863 15.88 -47.57 109.43
CA GLY F 2863 16.96 -47.51 108.47
C GLY F 2863 16.73 -46.54 107.33
N GLY F 2864 16.19 -45.35 107.62
CA GLY F 2864 15.93 -44.36 106.62
C GLY F 2864 16.74 -43.09 106.86
N GLY F 2865 16.64 -42.18 105.89
CA GLY F 2865 17.36 -40.93 105.99
C GLY F 2865 16.77 -39.99 107.04
N ASN F 2866 17.60 -39.05 107.49
CA ASN F 2866 17.19 -38.10 108.51
C ASN F 2866 16.46 -36.93 107.88
N HIS F 2867 15.26 -36.65 108.37
CA HIS F 2867 14.49 -35.53 107.87
C HIS F 2867 15.10 -34.20 108.35
N PRO F 2868 14.88 -33.11 107.61
CA PRO F 2868 15.42 -31.82 108.04
C PRO F 2868 14.83 -31.31 109.34
N LEU F 2869 13.70 -31.88 109.79
CA LEU F 2869 13.07 -31.44 111.03
C LEU F 2869 13.89 -31.77 112.28
N LEU F 2870 14.93 -32.58 112.15
CA LEU F 2870 15.75 -32.94 113.31
C LEU F 2870 16.47 -31.73 113.90
N VAL F 2871 16.78 -30.74 113.06
CA VAL F 2871 17.47 -29.53 113.52
C VAL F 2871 16.52 -28.75 114.43
N PRO F 2872 17.03 -27.92 115.35
CA PRO F 2872 16.15 -27.26 116.32
C PRO F 2872 15.15 -26.29 115.69
N TYR F 2873 14.28 -25.72 116.52
CA TYR F 2873 13.25 -24.81 116.03
C TYR F 2873 13.87 -23.60 115.36
N ASP F 2874 14.93 -23.06 115.96
CA ASP F 2874 15.58 -21.86 115.42
C ASP F 2874 16.16 -22.13 114.04
N THR F 2875 16.83 -23.28 113.89
CA THR F 2875 17.36 -23.66 112.57
C THR F 2875 16.22 -23.88 111.58
N LEU F 2876 15.13 -24.48 112.03
CA LEU F 2876 13.96 -24.64 111.18
C LEU F 2876 13.26 -23.30 110.98
N THR F 2877 12.22 -23.31 110.15
CA THR F 2877 11.44 -22.11 109.89
C THR F 2877 10.58 -21.76 111.11
N ALA F 2878 10.06 -20.53 111.11
CA ALA F 2878 9.20 -20.09 112.20
C ALA F 2878 7.79 -20.68 112.11
N LYS F 2879 7.37 -21.13 110.93
CA LYS F 2879 6.02 -21.66 110.78
C LYS F 2879 5.82 -22.94 111.59
N GLU F 2880 6.83 -23.82 111.62
CA GLU F 2880 6.69 -25.06 112.38
C GLU F 2880 6.66 -24.78 113.88
N LYS F 2881 7.30 -23.70 114.32
CA LYS F 2881 7.26 -23.37 115.75
C LYS F 2881 5.84 -23.04 116.20
N ALA F 2882 5.06 -22.35 115.35
CA ALA F 2882 3.75 -21.86 115.75
C ALA F 2882 2.82 -23.00 116.18
N LYS F 2883 2.97 -24.18 115.59
CA LYS F 2883 2.12 -25.31 115.97
C LYS F 2883 2.29 -25.68 117.44
N ASP F 2884 3.54 -25.73 117.90
CA ASP F 2884 3.80 -25.98 119.32
C ASP F 2884 3.54 -24.75 120.17
N ARG F 2885 3.76 -23.56 119.61
CA ARG F 2885 3.56 -22.32 120.37
C ARG F 2885 2.10 -22.13 120.72
N GLU F 2886 1.18 -22.53 119.83
CA GLU F 2886 -0.24 -22.43 120.14
C GLU F 2886 -0.59 -23.30 121.35
N LYS F 2887 -0.09 -24.53 121.38
CA LYS F 2887 -0.35 -25.42 122.52
C LYS F 2887 0.28 -24.87 123.78
N ALA F 2888 1.50 -24.34 123.69
CA ALA F 2888 2.16 -23.77 124.85
C ALA F 2888 1.39 -22.56 125.39
N GLN F 2889 0.91 -21.70 124.49
CA GLN F 2889 0.13 -20.56 124.92
C GLN F 2889 -1.18 -20.99 125.55
N ASP F 2890 -1.80 -22.04 125.02
CA ASP F 2890 -3.05 -22.54 125.60
C ASP F 2890 -2.82 -23.09 127.01
N ILE F 2891 -1.79 -23.93 127.18
CA ILE F 2891 -1.55 -24.50 128.50
C ILE F 2891 -1.16 -23.42 129.49
N PHE F 2892 -0.42 -22.40 129.05
CA PHE F 2892 -0.06 -21.33 129.97
C PHE F 2892 -1.24 -20.43 130.29
N LYS F 2893 -2.17 -20.25 129.35
CA LYS F 2893 -3.42 -19.56 129.68
C LYS F 2893 -4.21 -20.32 130.73
N PHE F 2894 -4.29 -21.65 130.59
CA PHE F 2894 -4.95 -22.44 131.62
C PHE F 2894 -4.21 -22.33 132.95
N LEU F 2895 -2.88 -22.30 132.92
CA LEU F 2895 -2.11 -22.18 134.15
C LEU F 2895 -2.37 -20.85 134.85
N GLN F 2896 -2.40 -19.75 134.10
CA GLN F 2896 -2.64 -18.46 134.73
C GLN F 2896 -4.09 -18.31 135.16
N ILE F 2897 -5.03 -18.96 134.46
CA ILE F 2897 -6.41 -18.99 134.93
C ILE F 2897 -6.50 -19.74 136.26
N SER F 2898 -5.80 -20.87 136.38
CA SER F 2898 -5.78 -21.61 137.64
C SER F 2898 -5.15 -20.77 138.75
N GLY F 2899 -4.06 -20.08 138.45
CA GLY F 2899 -3.44 -19.20 139.43
C GLY F 2899 -2.04 -19.60 139.85
N TYR F 2900 -1.30 -20.23 138.95
CA TYR F 2900 0.07 -20.66 139.23
C TYR F 2900 1.02 -19.98 138.24
N VAL F 2901 2.11 -19.43 138.77
CA VAL F 2901 3.12 -18.74 137.97
C VAL F 2901 4.45 -19.47 138.18
N VAL F 2902 5.11 -19.81 137.08
CA VAL F 2902 6.38 -20.53 137.12
C VAL F 2902 7.35 -19.85 136.18
N SER F 2903 8.64 -20.01 136.46
CA SER F 2903 9.70 -19.44 135.64
C SER F 2903 10.91 -20.36 135.70
N ARG F 2904 12.04 -19.91 135.15
CA ARG F 2904 13.25 -20.71 135.16
C ARG F 2904 13.75 -20.94 136.59
N GLY F 2905 13.70 -19.90 137.43
CA GLY F 2905 14.15 -20.02 138.80
C GLY F 2905 15.65 -20.08 138.94
N ILE F 2916 22.16 -0.87 140.00
CA ILE F 2916 21.49 0.37 139.60
C ILE F 2916 22.16 0.94 138.36
N GLU F 2917 21.49 1.91 137.73
CA GLU F 2917 22.07 2.60 136.58
C GLU F 2917 23.50 3.04 136.88
N LYS F 2918 23.79 3.30 138.15
CA LYS F 2918 25.18 3.49 138.55
C LYS F 2918 25.95 2.18 138.42
N ARG F 2919 25.29 1.04 138.65
CA ARG F 2919 26.00 -0.24 138.62
C ARG F 2919 26.42 -0.63 137.21
N PHE F 2920 25.66 -0.25 136.19
CA PHE F 2920 26.09 -0.56 134.82
C PHE F 2920 27.50 -0.01 134.55
N ALA F 2921 27.62 1.32 134.57
CA ALA F 2921 28.92 1.94 134.41
C ALA F 2921 29.89 1.43 135.47
N TYR F 2922 29.47 1.44 136.74
CA TYR F 2922 30.36 1.05 137.82
C TYR F 2922 30.97 -0.32 137.56
N SER F 2923 30.22 -1.24 136.98
CA SER F 2923 30.76 -2.54 136.64
C SER F 2923 31.81 -2.42 135.55
N PHE F 2924 31.48 -1.74 134.45
CA PHE F 2924 32.46 -1.85 133.35
C PHE F 2924 33.64 -0.92 133.60
N LEU F 2925 33.38 0.30 134.09
CA LEU F 2925 34.43 1.15 134.65
C LEU F 2925 35.17 0.51 135.81
N GLN F 2926 34.57 -0.44 136.53
CA GLN F 2926 35.28 -1.11 137.61
C GLN F 2926 36.24 -2.14 137.06
N GLN F 2927 35.84 -2.82 135.99
CA GLN F 2927 36.81 -3.59 135.22
C GLN F 2927 37.95 -2.70 134.78
N LEU F 2928 37.64 -1.47 134.35
CA LEU F 2928 38.68 -0.53 133.94
C LEU F 2928 39.59 -0.13 135.10
N ILE F 2929 39.01 0.15 136.27
CA ILE F 2929 39.81 0.59 137.41
C ILE F 2929 40.65 -0.56 137.95
N ARG F 2930 40.09 -1.77 137.98
CA ARG F 2930 40.88 -2.94 138.33
C ARG F 2930 42.00 -3.15 137.33
N TYR F 2931 41.72 -2.94 136.04
CA TYR F 2931 42.74 -3.00 135.00
C TYR F 2931 43.86 -2.01 135.28
N VAL F 2932 43.49 -0.78 135.64
CA VAL F 2932 44.49 0.27 135.86
C VAL F 2932 45.31 0.00 137.11
N ASP F 2933 44.65 -0.48 138.18
CA ASP F 2933 45.39 -0.85 139.39
C ASP F 2933 46.34 -2.02 139.12
N GLU F 2934 45.87 -3.02 138.37
CA GLU F 2934 46.73 -4.14 138.00
C GLU F 2934 47.89 -3.67 137.14
N ALA F 2935 47.63 -2.76 136.21
CA ALA F 2935 48.71 -2.22 135.38
C ALA F 2935 49.72 -1.44 136.21
N HIS F 2936 49.24 -0.67 137.18
CA HIS F 2936 50.13 0.02 138.10
C HIS F 2936 51.01 -0.98 138.84
N GLN F 2937 50.41 -2.08 139.31
CA GLN F 2937 51.18 -3.11 139.99
C GLN F 2937 52.22 -3.74 139.06
N TYR F 2938 51.83 -4.03 137.81
CA TYR F 2938 52.76 -4.61 136.86
C TYR F 2938 53.92 -3.66 136.56
N ILE F 2939 53.63 -2.38 136.37
CA ILE F 2939 54.70 -1.42 136.08
C ILE F 2939 55.60 -1.26 137.29
N LEU F 2940 55.03 -1.20 138.50
CA LEU F 2940 55.88 -1.09 139.69
C LEU F 2940 56.77 -2.30 139.85
N GLU F 2941 56.22 -3.50 139.66
CA GLU F 2941 57.02 -4.73 139.78
C GLU F 2941 58.08 -4.79 138.69
N PHE F 2942 57.74 -4.39 137.47
CA PHE F 2942 58.68 -4.43 136.35
C PHE F 2942 59.82 -3.43 136.56
N ASP F 2943 59.51 -2.26 137.15
CA ASP F 2943 60.56 -1.29 137.45
C ASP F 2943 61.43 -1.76 138.61
N GLY F 2944 60.82 -2.37 139.63
CA GLY F 2944 61.59 -2.86 140.76
C GLY F 2944 62.51 -4.00 140.39
N GLY F 2945 62.03 -4.95 139.59
CA GLY F 2945 62.87 -6.05 139.15
C GLY F 2945 63.74 -5.64 137.97
N SER F 2946 64.97 -6.13 137.97
CA SER F 2946 65.90 -5.81 136.90
C SER F 2946 65.44 -6.45 135.60
N ARG F 2947 65.54 -5.69 134.51
CA ARG F 2947 65.17 -6.20 133.20
C ARG F 2947 66.14 -7.32 132.78
N SER F 2948 65.58 -8.38 132.21
CA SER F 2948 66.37 -9.51 131.73
C SER F 2948 66.46 -9.46 130.22
N LYS F 2949 67.69 -9.47 129.70
CA LYS F 2949 67.89 -9.43 128.26
C LYS F 2949 67.48 -10.76 127.63
N GLY F 2950 66.65 -10.68 126.60
CA GLY F 2950 66.15 -11.86 125.92
C GLY F 2950 64.93 -12.50 126.55
N GLU F 2951 64.46 -11.99 127.70
CA GLU F 2951 63.29 -12.51 128.38
C GLU F 2951 62.30 -11.37 128.54
N HIS F 2952 61.15 -11.47 127.87
CA HIS F 2952 60.12 -10.44 127.96
C HIS F 2952 59.29 -10.65 129.23
N PHE F 2953 59.07 -9.58 129.96
CA PHE F 2953 58.33 -9.66 131.21
C PHE F 2953 56.86 -9.99 130.95
N PRO F 2954 56.28 -10.95 131.65
CA PRO F 2954 54.82 -11.15 131.55
C PRO F 2954 54.04 -9.92 131.98
N TYR F 2955 54.56 -9.18 132.97
CA TYR F 2955 53.95 -7.91 133.34
C TYR F 2955 53.99 -6.93 132.17
N GLU F 2956 55.11 -6.89 131.45
CA GLU F 2956 55.19 -6.02 130.28
C GLU F 2956 54.22 -6.46 129.19
N GLN F 2957 54.05 -7.77 129.02
CA GLN F 2957 53.06 -8.27 128.07
C GLN F 2957 51.65 -7.83 128.45
N GLU F 2958 51.33 -7.92 129.74
CA GLU F 2958 50.02 -7.46 130.20
C GLU F 2958 49.86 -5.96 129.99
N ILE F 2959 50.92 -5.19 130.21
CA ILE F 2959 50.87 -3.75 129.97
C ILE F 2959 50.61 -3.47 128.50
N LYS F 2960 51.29 -4.19 127.60
CA LYS F 2960 51.06 -4.01 126.17
C LYS F 2960 49.63 -4.36 125.79
N PHE F 2961 49.11 -5.47 126.32
CA PHE F 2961 47.74 -5.86 126.01
C PHE F 2961 46.77 -4.81 126.48
N PHE F 2962 46.97 -4.30 127.70
CA PHE F 2962 46.11 -3.22 128.21
C PHE F 2962 46.16 -2.00 127.30
N ALA F 2963 47.37 -1.50 127.03
CA ALA F 2963 47.52 -0.27 126.27
C ALA F 2963 47.05 -0.42 124.82
N LYS F 2964 46.99 -1.64 124.30
CA LYS F 2964 46.55 -1.85 122.93
C LYS F 2964 45.09 -2.27 122.81
N VAL F 2965 44.44 -2.65 123.91
CA VAL F 2965 43.04 -3.05 123.83
C VAL F 2965 42.16 -2.17 124.70
N VAL F 2966 42.42 -2.18 126.02
CA VAL F 2966 41.56 -1.46 126.95
C VAL F 2966 41.75 0.04 126.80
N LEU F 2967 42.99 0.47 126.58
CA LEU F 2967 43.27 1.90 126.47
C LEU F 2967 42.52 2.55 125.31
N PRO F 2968 42.47 1.98 124.10
CA PRO F 2968 41.59 2.56 123.07
C PRO F 2968 40.12 2.49 123.45
N LEU F 2969 39.71 1.52 124.28
CA LEU F 2969 38.30 1.28 124.51
C LEU F 2969 37.66 2.34 125.40
N ILE F 2970 38.42 2.93 126.32
CA ILE F 2970 37.83 3.87 127.28
C ILE F 2970 37.36 5.13 126.56
N ASP F 2971 38.14 5.63 125.60
CA ASP F 2971 37.76 6.83 124.87
C ASP F 2971 36.48 6.58 124.09
N GLN F 2972 36.38 5.41 123.45
CA GLN F 2972 35.14 5.04 122.78
C GLN F 2972 33.99 4.96 123.77
N TYR F 2973 34.28 4.54 125.01
CA TYR F 2973 33.25 4.56 126.04
C TYR F 2973 32.72 5.97 126.23
N PHE F 2974 33.60 6.89 126.64
CA PHE F 2974 33.11 8.24 126.96
C PHE F 2974 32.53 8.92 125.73
N LYS F 2975 32.87 8.48 124.53
CA LYS F 2975 32.14 8.90 123.35
C LYS F 2975 30.80 8.16 123.26
N ASN F 2976 29.73 8.91 122.99
CA ASN F 2976 28.39 8.35 122.83
C ASN F 2976 27.89 7.66 124.10
N HIS F 2977 28.27 8.17 125.27
CA HIS F 2977 27.75 7.66 126.53
C HIS F 2977 27.65 8.81 127.52
N ARG F 2978 26.59 8.79 128.34
CA ARG F 2978 26.42 9.77 129.40
C ARG F 2978 27.05 9.21 130.67
N LEU F 2979 28.23 9.72 131.03
CA LEU F 2979 28.92 9.30 132.23
C LEU F 2979 29.08 10.38 133.29
N TYR F 2980 28.91 11.65 132.93
CA TYR F 2980 28.87 12.73 133.90
C TYR F 2980 27.44 13.09 134.30
N PHE F 2981 26.46 12.34 133.80
CA PHE F 2981 25.09 12.32 134.33
C PHE F 2981 24.48 13.72 134.40
N LEU F 2982 24.85 14.57 133.44
CA LEU F 2982 24.21 15.87 133.25
C LEU F 2982 23.77 15.90 131.80
N SER F 2983 22.57 15.40 131.54
CA SER F 2983 22.07 15.26 130.18
C SER F 2983 20.55 15.39 130.14
N SER F 2996 24.30 8.30 139.37
CA SER F 2996 25.50 8.26 138.54
C SER F 2996 26.52 9.31 138.96
N ASN F 2997 26.21 10.02 140.05
CA ASN F 2997 27.21 10.89 140.66
C ASN F 2997 28.41 10.07 141.11
N LYS F 2998 28.15 8.88 141.67
CA LYS F 2998 29.25 7.99 142.01
C LYS F 2998 29.99 7.53 140.75
N GLU F 2999 29.29 7.42 139.61
CA GLU F 2999 29.97 7.17 138.35
C GLU F 2999 30.93 8.31 138.03
N LYS F 3000 30.50 9.55 138.23
CA LYS F 3000 31.38 10.69 138.02
C LYS F 3000 32.60 10.60 138.93
N GLU F 3001 32.38 10.16 140.18
CA GLU F 3001 33.49 9.99 141.11
C GLU F 3001 34.48 8.95 140.61
N MET F 3002 33.98 7.81 140.09
CA MET F 3002 34.90 6.81 139.56
C MET F 3002 35.64 7.32 138.35
N VAL F 3003 34.98 8.11 137.50
CA VAL F 3003 35.66 8.71 136.35
C VAL F 3003 36.79 9.61 136.83
N THR F 3004 36.52 10.43 137.85
CA THR F 3004 37.56 11.32 138.38
C THR F 3004 38.71 10.52 138.98
N SER F 3005 38.41 9.47 139.74
CA SER F 3005 39.45 8.65 140.36
C SER F 3005 40.29 7.94 139.30
N LEU F 3006 39.65 7.42 138.26
CA LEU F 3006 40.38 6.80 137.16
C LEU F 3006 41.25 7.83 136.46
N PHE F 3007 40.75 9.05 136.31
CA PHE F 3007 41.56 10.12 135.74
C PHE F 3007 42.80 10.37 136.60
N CYS F 3008 42.63 10.42 137.92
CA CYS F 3008 43.77 10.64 138.80
C CYS F 3008 44.78 9.52 138.69
N LYS F 3009 44.31 8.26 138.67
CA LYS F 3009 45.23 7.13 138.56
C LYS F 3009 45.99 7.17 137.23
N LEU F 3010 45.28 7.43 136.13
CA LEU F 3010 45.92 7.47 134.83
C LEU F 3010 46.91 8.62 134.74
N GLY F 3011 46.56 9.78 135.31
CA GLY F 3011 47.48 10.91 135.30
C GLY F 3011 48.74 10.64 136.09
N VAL F 3012 48.59 9.99 137.26
CA VAL F 3012 49.77 9.60 138.04
C VAL F 3012 50.63 8.62 137.23
N LEU F 3013 49.99 7.67 136.56
CA LEU F 3013 50.73 6.69 135.77
C LEU F 3013 51.49 7.36 134.63
N VAL F 3014 50.86 8.30 133.94
CA VAL F 3014 51.54 8.99 132.84
C VAL F 3014 52.65 9.88 133.38
N ARG F 3015 52.43 10.53 134.53
CA ARG F 3015 53.46 11.38 135.11
C ARG F 3015 54.70 10.58 135.48
N HIS F 3016 54.51 9.39 136.05
CA HIS F 3016 55.65 8.62 136.54
C HIS F 3016 56.30 7.74 135.47
N ARG F 3017 55.53 7.17 134.56
CA ARG F 3017 56.05 6.17 133.63
C ARG F 3017 55.58 6.44 132.20
N ILE F 3018 55.71 7.69 131.75
CA ILE F 3018 55.35 8.00 130.38
C ILE F 3018 56.28 7.30 129.39
N SER F 3019 57.56 7.16 129.75
CA SER F 3019 58.52 6.57 128.82
C SER F 3019 58.20 5.12 128.50
N LEU F 3020 57.55 4.40 129.41
CA LEU F 3020 57.20 3.01 129.15
C LEU F 3020 56.19 2.90 128.01
N PHE F 3021 55.22 3.81 127.95
CA PHE F 3021 54.23 3.83 126.86
C PHE F 3021 54.86 4.49 125.65
N GLY F 3022 55.74 3.74 124.98
CA GLY F 3022 56.45 4.27 123.83
C GLY F 3022 55.53 4.56 122.66
N ASN F 3023 54.59 3.67 122.39
CA ASN F 3023 53.71 3.81 121.23
C ASN F 3023 52.27 4.17 121.59
N ASP F 3024 51.84 3.90 122.82
CA ASP F 3024 50.49 4.21 123.25
C ASP F 3024 50.41 5.51 124.04
N ALA F 3025 51.49 6.30 124.03
CA ALA F 3025 51.47 7.58 124.73
C ALA F 3025 50.41 8.51 124.15
N THR F 3026 50.32 8.58 122.82
CA THR F 3026 49.31 9.43 122.20
C THR F 3026 47.91 8.96 122.56
N SER F 3027 47.69 7.64 122.58
CA SER F 3027 46.38 7.11 122.93
C SER F 3027 46.02 7.46 124.36
N ILE F 3028 46.95 7.29 125.29
CA ILE F 3028 46.62 7.55 126.69
C ILE F 3028 46.45 9.04 126.93
N VAL F 3029 47.17 9.89 126.21
CA VAL F 3029 46.97 11.33 126.35
C VAL F 3029 45.62 11.73 125.78
N ASN F 3030 45.21 11.13 124.67
CA ASN F 3030 43.87 11.38 124.13
C ASN F 3030 42.81 10.94 125.12
N CYS F 3031 43.03 9.80 125.80
CA CYS F 3031 42.10 9.38 126.83
C CYS F 3031 42.08 10.35 127.99
N LEU F 3032 43.23 10.95 128.33
CA LEU F 3032 43.22 12.02 129.34
C LEU F 3032 42.40 13.21 128.87
N HIS F 3033 42.53 13.57 127.59
CA HIS F 3033 41.73 14.68 127.05
C HIS F 3033 40.25 14.40 127.19
N ILE F 3034 39.81 13.20 126.80
CA ILE F 3034 38.39 12.91 126.86
C ILE F 3034 37.93 12.73 128.31
N LEU F 3035 38.82 12.26 129.19
CA LEU F 3035 38.50 12.23 130.61
C LEU F 3035 38.25 13.63 131.15
N GLY F 3036 39.08 14.60 130.75
CA GLY F 3036 38.84 15.97 131.16
C GLY F 3036 37.58 16.53 130.55
N GLN F 3037 37.30 16.19 129.29
CA GLN F 3037 36.09 16.65 128.64
C GLN F 3037 34.84 16.14 129.34
N THR F 3038 34.86 14.87 129.76
CA THR F 3038 33.72 14.26 130.43
C THR F 3038 33.74 14.47 131.93
N LEU F 3039 34.79 15.08 132.48
CA LEU F 3039 34.92 15.26 133.92
C LEU F 3039 33.98 16.36 134.39
N ASP F 3040 33.32 16.12 135.51
CA ASP F 3040 32.43 17.09 136.13
C ASP F 3040 33.13 17.56 137.41
N ALA F 3041 33.83 18.69 137.32
CA ALA F 3041 34.53 19.23 138.49
C ALA F 3041 33.54 19.71 139.54
N ARG F 3042 32.34 20.13 139.13
CA ARG F 3042 31.31 20.44 140.11
C ARG F 3042 30.99 19.22 140.95
N THR F 3043 30.96 18.04 140.34
CA THR F 3043 30.79 16.81 141.10
C THR F 3043 32.08 16.42 141.84
N VAL F 3044 33.24 16.83 141.34
CA VAL F 3044 34.46 16.65 142.11
C VAL F 3044 34.36 17.43 143.42
N MET F 3045 33.63 18.54 143.42
CA MET F 3045 33.51 19.36 144.62
C MET F 3045 32.36 18.86 145.51
N LYS F 3046 31.18 18.59 144.93
CA LYS F 3046 30.04 18.04 145.66
C LYS F 3046 29.69 16.65 145.15
N THR F 3047 29.26 15.77 146.05
CA THR F 3047 28.94 14.39 145.70
C THR F 3047 30.14 13.71 145.02
N GLY F 3048 31.33 14.03 145.51
CA GLY F 3048 32.54 13.38 145.04
C GLY F 3048 33.40 13.01 146.23
N LEU F 3049 34.01 11.83 146.15
CA LEU F 3049 34.75 11.31 147.29
C LEU F 3049 35.93 12.23 147.60
N ASP F 3050 36.04 12.60 148.88
CA ASP F 3050 36.99 13.64 149.28
C ASP F 3050 38.43 13.19 149.05
N SER F 3051 38.73 11.92 149.27
CA SER F 3051 40.07 11.43 148.97
C SER F 3051 40.36 11.51 147.48
N VAL F 3052 39.36 11.23 146.64
CA VAL F 3052 39.54 11.34 145.20
C VAL F 3052 39.80 12.79 144.79
N LYS F 3053 39.03 13.73 145.33
CA LYS F 3053 39.26 15.13 144.95
C LYS F 3053 40.58 15.66 145.49
N SER F 3054 40.99 15.21 146.69
CA SER F 3054 42.31 15.58 147.19
C SER F 3054 43.42 14.95 146.35
N ALA F 3055 43.20 13.74 145.83
CA ALA F 3055 44.16 13.15 144.91
C ALA F 3055 44.23 13.92 143.60
N LEU F 3056 43.09 14.46 143.15
CA LEU F 3056 43.11 15.32 141.97
C LEU F 3056 43.91 16.59 142.24
N ARG F 3057 43.73 17.18 143.44
CA ARG F 3057 44.54 18.33 143.81
C ARG F 3057 46.02 17.97 143.84
N ALA F 3058 46.35 16.80 144.39
CA ALA F 3058 47.74 16.36 144.46
C ALA F 3058 48.32 16.13 143.06
N PHE F 3059 47.51 15.61 142.14
CA PHE F 3059 47.97 15.42 140.77
C PHE F 3059 48.21 16.76 140.08
N LEU F 3060 47.33 17.74 140.32
CA LEU F 3060 47.55 19.06 139.76
C LEU F 3060 48.81 19.70 140.37
N ASP F 3061 49.05 19.47 141.66
CA ASP F 3061 50.28 19.95 142.28
C ASP F 3061 51.51 19.26 141.69
N ASN F 3062 51.39 17.97 141.38
CA ASN F 3062 52.48 17.26 140.73
C ASN F 3062 52.75 17.83 139.34
N ALA F 3063 51.68 18.19 138.61
CA ALA F 3063 51.84 18.86 137.33
C ALA F 3063 52.55 20.20 137.51
N ALA F 3064 52.21 20.94 138.57
CA ALA F 3064 52.90 22.19 138.86
C ALA F 3064 54.37 21.95 139.16
N GLU F 3065 54.69 20.90 139.92
CA GLU F 3065 56.06 20.57 140.22
C GLU F 3065 56.85 20.20 138.97
N ASP F 3066 56.23 19.42 138.08
CA ASP F 3066 56.86 19.09 136.81
C ASP F 3066 57.09 20.34 135.97
N LEU F 3067 56.12 21.27 135.98
CA LEU F 3067 56.28 22.52 135.26
C LEU F 3067 57.43 23.35 135.82
N GLU F 3068 57.57 23.36 137.16
CA GLU F 3068 58.68 24.06 137.78
C GLU F 3068 60.02 23.42 137.43
N LYS F 3069 60.07 22.09 137.41
CA LYS F 3069 61.29 21.41 137.00
C LYS F 3069 61.64 21.71 135.55
N THR F 3070 60.63 21.76 134.69
CA THR F 3070 60.86 22.14 133.30
C THR F 3070 61.35 23.58 133.19
N MET F 3071 60.78 24.47 134.01
CA MET F 3071 61.26 25.84 134.12
C MET F 3071 62.75 25.86 134.43
N GLU F 3072 63.16 25.13 135.47
CA GLU F 3072 64.55 25.13 135.90
C GLU F 3072 65.46 24.55 134.82
N ASN F 3073 65.04 23.44 134.20
CA ASN F 3073 65.86 22.80 133.18
C ASN F 3073 66.04 23.70 131.96
N LEU F 3074 64.96 24.35 131.51
CA LEU F 3074 65.06 25.20 130.34
C LEU F 3074 65.85 26.47 130.64
N LYS F 3075 65.71 27.01 131.86
CA LYS F 3075 66.53 28.16 132.23
C LYS F 3075 68.01 27.79 132.30
N GLN F 3076 68.33 26.59 132.81
CA GLN F 3076 69.70 26.13 132.82
C GLN F 3076 70.20 25.77 131.42
N GLY F 3077 69.30 25.52 130.48
CA GLY F 3077 69.67 25.19 129.13
C GLY F 3077 69.49 23.73 128.74
N GLN F 3078 68.82 22.93 129.57
CA GLN F 3078 68.62 21.51 129.31
C GLN F 3078 67.27 21.32 128.62
N PHE F 3079 67.31 20.92 127.35
CA PHE F 3079 66.10 20.62 126.59
C PHE F 3079 66.43 19.50 125.60
N THR F 3080 65.49 19.24 124.69
CA THR F 3080 65.68 18.15 123.74
C THR F 3080 66.86 18.42 122.82
N HIS F 3081 67.03 19.66 122.37
CA HIS F 3081 68.16 19.99 121.51
C HIS F 3081 69.49 19.90 122.23
N THR F 3082 69.50 19.96 123.56
CA THR F 3082 70.73 19.83 124.33
C THR F 3082 71.12 18.37 124.42
N ARG F 3083 72.27 18.02 123.83
CA ARG F 3083 72.75 16.63 123.87
C ARG F 3083 73.08 16.21 125.29
N SER F 3084 73.73 17.08 126.06
CA SER F 3084 74.12 16.77 127.44
C SER F 3084 72.94 17.08 128.36
N GLN F 3085 71.98 16.16 128.37
CA GLN F 3085 70.79 16.30 129.19
C GLN F 3085 70.56 14.99 129.94
N PRO F 3086 70.31 15.04 131.25
CA PRO F 3086 70.08 13.81 132.01
C PRO F 3086 68.84 13.07 131.53
N LYS F 3087 68.82 11.77 131.78
CA LYS F 3087 67.68 10.95 131.34
C LYS F 3087 66.40 11.36 132.04
N GLY F 3088 66.46 11.56 133.36
CA GLY F 3088 65.27 11.97 134.09
C GLY F 3088 64.79 13.36 133.68
N VAL F 3089 65.73 14.29 133.49
CA VAL F 3089 65.36 15.64 133.05
C VAL F 3089 64.72 15.58 131.67
N THR F 3090 65.29 14.78 130.76
CA THR F 3090 64.72 14.62 129.44
C THR F 3090 63.31 14.04 129.51
N GLN F 3091 63.11 13.04 130.38
CA GLN F 3091 61.77 12.49 130.55
C GLN F 3091 60.79 13.53 131.05
N ILE F 3092 61.22 14.35 132.02
CA ILE F 3092 60.32 15.39 132.56
C ILE F 3092 59.95 16.39 131.48
N ILE F 3093 60.94 16.86 130.71
CA ILE F 3093 60.66 17.86 129.68
C ILE F 3093 59.75 17.28 128.60
N ASN F 3094 60.04 16.05 128.16
CA ASN F 3094 59.22 15.43 127.14
C ASN F 3094 57.79 15.24 127.64
N TYR F 3095 57.62 14.68 128.84
CA TYR F 3095 56.30 14.51 129.42
C TYR F 3095 55.55 15.84 129.45
N THR F 3096 56.18 16.88 130.02
CA THR F 3096 55.53 18.18 130.11
C THR F 3096 55.10 18.64 128.73
N THR F 3097 56.07 18.90 127.85
CA THR F 3097 55.77 19.57 126.59
C THR F 3097 54.80 18.77 125.72
N VAL F 3098 54.94 17.45 125.68
CA VAL F 3098 54.07 16.64 124.83
C VAL F 3098 52.70 16.48 125.45
N ALA F 3099 52.63 15.87 126.64
CA ALA F 3099 51.34 15.47 127.18
C ALA F 3099 50.74 16.52 128.10
N LEU F 3100 51.54 17.06 129.02
CA LEU F 3100 50.97 17.79 130.15
C LEU F 3100 50.32 19.10 129.70
N LEU F 3101 50.90 19.75 128.68
CA LEU F 3101 50.33 21.03 128.22
C LEU F 3101 48.97 20.83 127.57
N PRO F 3102 48.83 20.05 126.50
CA PRO F 3102 47.49 19.87 125.89
C PRO F 3102 46.48 19.24 126.83
N MET F 3103 46.90 18.34 127.71
CA MET F 3103 45.97 17.69 128.62
C MET F 3103 45.38 18.69 129.60
N LEU F 3104 46.24 19.47 130.26
CA LEU F 3104 45.72 20.52 131.15
C LEU F 3104 44.95 21.57 130.37
N SER F 3105 45.34 21.82 129.13
CA SER F 3105 44.58 22.72 128.27
C SER F 3105 43.14 22.25 128.13
N SER F 3106 42.97 20.96 127.83
CA SER F 3106 41.64 20.40 127.71
C SER F 3106 40.87 20.48 129.02
N LEU F 3107 41.53 20.16 130.14
CA LEU F 3107 40.84 20.19 131.42
C LEU F 3107 40.35 21.60 131.75
N PHE F 3108 41.23 22.59 131.63
CA PHE F 3108 40.85 23.96 131.96
C PHE F 3108 39.85 24.53 130.96
N GLU F 3109 39.93 24.12 129.68
CA GLU F 3109 38.93 24.56 128.72
C GLU F 3109 37.55 24.04 129.11
N HIS F 3110 37.47 22.76 129.47
CA HIS F 3110 36.20 22.21 129.93
C HIS F 3110 35.71 22.91 131.19
N ILE F 3111 36.63 23.17 132.13
CA ILE F 3111 36.25 23.81 133.38
C ILE F 3111 35.71 25.21 133.12
N GLY F 3112 36.38 25.98 132.25
CA GLY F 3112 35.89 27.31 131.93
C GLY F 3112 34.57 27.29 131.18
N GLN F 3113 34.40 26.33 130.27
CA GLN F 3113 33.14 26.24 129.54
C GLN F 3113 31.98 25.90 130.46
N HIS F 3114 32.20 25.02 131.44
CA HIS F 3114 31.15 24.59 132.34
C HIS F 3114 31.14 25.34 133.66
N GLN F 3115 31.92 26.40 133.79
CA GLN F 3115 31.98 27.22 135.00
C GLN F 3115 32.33 26.39 136.23
N PHE F 3116 33.28 25.46 136.06
CA PHE F 3116 33.71 24.60 137.15
C PHE F 3116 34.83 25.19 137.98
N GLY F 3117 35.33 26.38 137.63
CA GLY F 3117 36.42 26.97 138.38
C GLY F 3117 36.02 27.37 139.79
N GLU F 3118 34.81 27.90 139.95
CA GLU F 3118 34.36 28.40 141.24
C GLU F 3118 34.17 27.28 142.26
N ASP F 3119 34.04 26.04 141.81
CA ASP F 3119 33.80 24.91 142.71
C ASP F 3119 35.01 24.03 142.93
N LEU F 3120 35.76 23.72 141.87
CA LEU F 3120 36.95 22.87 142.03
C LEU F 3120 38.15 23.67 142.52
N ILE F 3121 38.36 24.86 141.97
CA ILE F 3121 39.55 25.64 142.26
C ILE F 3121 39.24 26.58 143.42
N LEU F 3122 39.83 26.29 144.58
CA LEU F 3122 39.70 27.15 145.75
C LEU F 3122 40.81 26.83 146.73
N GLU F 3123 41.24 27.85 147.47
CA GLU F 3123 42.16 27.68 148.59
C GLU F 3123 43.51 27.13 148.15
N ASP F 3124 43.82 25.91 148.58
CA ASP F 3124 45.08 25.28 148.18
C ASP F 3124 45.12 25.06 146.68
N VAL F 3125 43.99 24.75 146.07
CA VAL F 3125 43.92 24.64 144.62
C VAL F 3125 44.26 25.97 143.99
N GLN F 3126 43.77 27.07 144.57
CA GLN F 3126 44.12 28.40 144.05
C GLN F 3126 45.61 28.64 144.16
N VAL F 3127 46.23 28.26 145.29
CA VAL F 3127 47.67 28.49 145.47
C VAL F 3127 48.46 27.70 144.43
N SER F 3128 48.10 26.43 144.25
CA SER F 3128 48.79 25.61 143.25
C SER F 3128 48.55 26.14 141.84
N CYS F 3129 47.38 26.72 141.59
CA CYS F 3129 47.10 27.30 140.28
C CYS F 3129 47.92 28.56 140.04
N TYR F 3130 48.14 29.36 141.09
CA TYR F 3130 49.07 30.48 140.95
C TYR F 3130 50.48 29.98 140.66
N ARG F 3131 50.88 28.88 141.29
CA ARG F 3131 52.17 28.28 140.98
C ARG F 3131 52.24 27.86 139.51
N ILE F 3132 51.17 27.23 139.01
CA ILE F 3132 51.12 26.82 137.61
C ILE F 3132 51.20 28.04 136.70
N LEU F 3133 50.48 29.11 137.05
CA LEU F 3133 50.52 30.34 136.29
C LEU F 3133 51.94 30.90 136.20
N THR F 3134 52.62 30.96 137.35
CA THR F 3134 54.00 31.48 137.35
C THR F 3134 54.90 30.60 136.49
N SER F 3135 54.77 29.28 136.61
CA SER F 3135 55.58 28.36 135.82
C SER F 3135 55.35 28.57 134.32
N LEU F 3136 54.08 28.62 133.90
CA LEU F 3136 53.78 28.82 132.48
C LEU F 3136 54.29 30.16 131.99
N TYR F 3137 54.11 31.22 132.79
CA TYR F 3137 54.60 32.54 132.41
C TYR F 3137 56.10 32.54 132.19
N ALA F 3138 56.85 31.93 133.13
CA ALA F 3138 58.30 31.94 133.00
C ALA F 3138 58.76 31.06 131.84
N LEU F 3139 58.09 29.93 131.63
CA LEU F 3139 58.44 29.08 130.49
C LEU F 3139 58.20 29.81 129.18
N GLY F 3140 57.08 30.52 129.05
CA GLY F 3140 56.86 31.32 127.86
C GLY F 3140 57.86 32.43 127.71
N THR F 3141 58.20 33.10 128.81
CA THR F 3141 59.16 34.19 128.75
C THR F 3141 60.54 33.71 128.30
N SER F 3142 60.96 32.54 128.76
CA SER F 3142 62.23 31.97 128.33
C SER F 3142 62.25 31.81 126.81
N LYS F 3143 63.35 32.24 126.19
CA LYS F 3143 63.47 32.28 124.74
C LYS F 3143 64.21 31.08 124.18
N SER F 3144 64.08 29.91 124.80
CA SER F 3144 64.76 28.72 124.33
C SER F 3144 64.15 28.25 123.01
N ILE F 3145 64.97 27.54 122.22
CA ILE F 3145 64.52 27.04 120.92
C ILE F 3145 63.42 26.00 121.11
N TYR F 3146 63.56 25.12 122.10
CA TYR F 3146 62.52 24.13 122.35
C TYR F 3146 61.25 24.80 122.88
N VAL F 3147 61.40 25.87 123.66
CA VAL F 3147 60.24 26.67 124.07
C VAL F 3147 59.53 27.23 122.85
N GLU F 3148 60.31 27.76 121.89
CA GLU F 3148 59.71 28.27 120.65
C GLU F 3148 58.98 27.17 119.90
N ARG F 3149 59.57 25.97 119.86
CA ARG F 3149 58.93 24.86 119.18
C ARG F 3149 57.61 24.49 119.84
N GLN F 3150 57.57 24.49 121.17
CA GLN F 3150 56.38 24.10 121.93
C GLN F 3150 55.55 25.30 122.38
N ARG F 3151 55.71 26.45 121.74
CA ARG F 3151 55.05 27.67 122.19
C ARG F 3151 53.52 27.56 122.10
N SER F 3152 53.01 26.85 121.08
CA SER F 3152 51.57 26.75 120.90
C SER F 3152 50.89 26.15 122.13
N ALA F 3153 51.41 25.01 122.61
CA ALA F 3153 50.81 24.35 123.77
C ALA F 3153 50.97 25.18 125.04
N LEU F 3154 52.12 25.84 125.19
CA LEU F 3154 52.33 26.71 126.34
C LEU F 3154 51.21 27.75 126.45
N GLY F 3155 51.01 28.50 125.37
CA GLY F 3155 49.94 29.48 125.36
C GLY F 3155 48.56 28.86 125.49
N GLU F 3156 48.31 27.76 124.78
CA GLU F 3156 47.00 27.12 124.84
C GLU F 3156 46.64 26.79 126.28
N CYS F 3157 47.58 26.17 127.01
CA CYS F 3157 47.36 25.86 128.42
C CYS F 3157 47.18 27.11 129.27
N LEU F 3158 48.01 28.14 129.05
CA LEU F 3158 47.89 29.32 129.90
C LEU F 3158 46.54 30.00 129.70
N ALA F 3159 46.09 30.12 128.46
CA ALA F 3159 44.78 30.69 128.19
C ALA F 3159 43.68 29.84 128.80
N ALA F 3160 43.80 28.51 128.68
CA ALA F 3160 42.79 27.64 129.26
C ALA F 3160 42.70 27.84 130.77
N PHE F 3161 43.86 27.97 131.43
CA PHE F 3161 43.89 28.26 132.86
C PHE F 3161 43.22 29.59 133.18
N ALA F 3162 43.56 30.63 132.41
CA ALA F 3162 42.99 31.95 132.67
C ALA F 3162 41.47 31.93 132.55
N GLY F 3163 40.96 31.26 131.52
CA GLY F 3163 39.54 31.13 131.34
C GLY F 3163 38.86 30.36 132.45
N ALA F 3164 39.41 29.19 132.78
CA ALA F 3164 38.84 28.35 133.83
C ALA F 3164 38.81 29.04 135.19
N PHE F 3165 39.84 29.83 135.50
CA PHE F 3165 39.95 30.42 136.81
C PHE F 3165 38.82 31.42 137.05
N PRO F 3166 38.17 31.40 138.21
CA PRO F 3166 37.12 32.37 138.49
C PRO F 3166 37.58 33.58 139.30
N ILE F 3167 38.82 33.56 139.80
CA ILE F 3167 39.33 34.62 140.65
C ILE F 3167 40.40 35.40 139.89
N ALA F 3168 40.75 36.55 140.43
CA ALA F 3168 41.75 37.43 139.82
C ALA F 3168 43.14 37.06 140.32
N PHE F 3169 44.08 36.92 139.38
CA PHE F 3169 45.47 36.63 139.71
C PHE F 3169 46.48 37.56 139.04
N LEU F 3170 46.04 38.44 138.14
CA LEU F 3170 46.90 39.49 137.62
C LEU F 3170 46.49 40.89 138.05
N GLU F 3171 45.29 41.05 138.61
CA GLU F 3171 44.84 42.34 139.13
C GLU F 3171 45.58 42.58 140.44
N THR F 3172 46.84 43.00 140.32
CA THR F 3172 47.70 43.13 141.49
C THR F 3172 47.18 44.19 142.45
N HIS F 3173 46.83 45.37 141.94
CA HIS F 3173 46.36 46.46 142.76
C HIS F 3173 44.84 46.60 142.76
N LEU F 3174 44.12 45.62 142.19
CA LEU F 3174 42.67 45.66 142.16
C LEU F 3174 42.02 44.41 142.74
N ASP F 3175 42.81 43.44 143.21
CA ASP F 3175 42.24 42.20 143.74
C ASP F 3175 41.45 42.42 145.02
N LYS F 3176 41.69 43.53 145.73
CA LYS F 3176 40.98 43.78 146.98
C LYS F 3176 39.49 43.98 146.76
N HIS F 3177 39.10 44.54 145.61
CA HIS F 3177 37.69 44.81 145.37
C HIS F 3177 36.91 43.52 145.12
N ASN F 3178 37.57 42.48 144.62
CA ASN F 3178 36.88 41.27 144.21
C ASN F 3178 36.49 40.48 145.45
N VAL F 3179 35.23 40.03 145.49
CA VAL F 3179 34.74 39.27 146.63
C VAL F 3179 35.37 37.87 146.68
N TYR F 3180 35.54 37.24 145.51
CA TYR F 3180 36.11 35.91 145.42
C TYR F 3180 37.60 35.88 145.74
N SER F 3181 38.21 37.02 146.05
CA SER F 3181 39.66 37.10 146.18
C SER F 3181 40.17 36.19 147.29
N ILE F 3182 41.30 35.54 147.02
CA ILE F 3182 41.94 34.69 148.03
C ILE F 3182 42.40 35.53 149.21
N TYR F 3183 42.81 36.78 148.96
CA TYR F 3183 43.17 37.66 150.07
C TYR F 3183 41.94 38.05 150.88
N ASN F 3184 40.78 38.19 150.24
CA ASN F 3184 39.56 38.51 150.96
C ASN F 3184 39.09 37.33 151.80
N THR F 3185 39.21 36.11 151.26
CA THR F 3185 38.72 34.94 152.00
C THR F 3185 39.74 34.47 153.03
N ARG F 3186 40.91 34.04 152.57
CA ARG F 3186 41.97 33.61 153.46
C ARG F 3186 42.55 34.79 154.24
N SER F 3187 43.02 34.52 155.45
CA SER F 3187 43.68 35.52 156.26
C SER F 3187 45.17 35.57 155.94
N SER F 3188 45.86 36.56 156.52
CA SER F 3188 47.28 36.72 156.29
C SER F 3188 48.07 35.51 156.79
N ARG F 3189 47.76 35.04 158.00
CA ARG F 3189 48.44 33.87 158.54
C ARG F 3189 48.16 32.63 157.72
N GLU F 3190 46.90 32.46 157.27
CA GLU F 3190 46.56 31.32 156.44
C GLU F 3190 47.30 31.35 155.11
N ARG F 3191 47.41 32.53 154.49
CA ARG F 3191 48.16 32.64 153.25
C ARG F 3191 49.65 32.38 153.47
N ALA F 3192 50.19 32.85 154.60
CA ALA F 3192 51.59 32.57 154.92
C ALA F 3192 51.81 31.06 155.09
N ALA F 3193 50.87 30.37 155.74
CA ALA F 3193 50.96 28.92 155.84
C ALA F 3193 50.88 28.27 154.47
N LEU F 3194 50.01 28.77 153.60
CA LEU F 3194 49.90 28.28 152.23
C LEU F 3194 50.99 28.84 151.32
N SER F 3195 52.00 29.51 151.89
CA SER F 3195 53.17 30.01 151.16
C SER F 3195 52.78 31.12 150.18
N LEU F 3196 52.00 32.09 150.68
CA LEU F 3196 51.67 33.27 149.92
C LEU F 3196 51.97 34.51 150.76
N PRO F 3197 52.59 35.52 150.17
CA PRO F 3197 52.92 36.75 150.91
C PRO F 3197 51.67 37.59 151.12
N ALA F 3198 51.87 38.76 151.72
CA ALA F 3198 50.78 39.67 152.06
C ALA F 3198 50.44 40.64 150.94
N ASN F 3199 51.10 40.55 149.79
CA ASN F 3199 50.85 41.43 148.66
C ASN F 3199 50.61 40.60 147.41
N VAL F 3200 49.56 40.95 146.67
CA VAL F 3200 49.32 40.29 145.39
C VAL F 3200 50.42 40.62 144.40
N GLU F 3201 51.01 41.83 144.50
CA GLU F 3201 52.16 42.17 143.69
C GLU F 3201 53.32 41.23 143.97
N ASP F 3202 53.55 40.91 145.25
CA ASP F 3202 54.59 39.94 145.59
C ASP F 3202 54.20 38.52 145.17
N VAL F 3203 52.89 38.23 145.15
CA VAL F 3203 52.43 36.93 144.66
C VAL F 3203 52.80 36.76 143.19
N CYS F 3204 52.58 37.80 142.39
CA CYS F 3204 52.87 37.77 140.96
C CYS F 3204 53.77 38.96 140.60
N PRO F 3205 55.04 38.93 141.00
CA PRO F 3205 55.93 40.05 140.69
C PRO F 3205 56.50 39.99 139.26
N ASN F 3206 56.77 38.77 138.79
CA ASN F 3206 57.33 38.62 137.45
C ASN F 3206 56.35 39.06 136.38
N ILE F 3207 55.08 38.71 136.53
CA ILE F 3207 54.06 39.09 135.55
C ILE F 3207 53.78 40.59 135.68
N PRO F 3208 53.76 41.33 134.58
CA PRO F 3208 53.39 42.75 134.67
C PRO F 3208 51.95 42.92 135.14
N SER F 3209 51.70 44.02 135.83
CA SER F 3209 50.36 44.33 136.29
C SER F 3209 49.44 44.59 135.09
N LEU F 3210 48.14 44.76 135.38
CA LEU F 3210 47.19 44.95 134.30
C LEU F 3210 47.42 46.27 133.57
N GLU F 3211 47.73 47.34 134.32
CA GLU F 3211 48.02 48.62 133.67
C GLU F 3211 49.31 48.55 132.86
N LYS F 3212 50.32 47.85 133.38
CA LYS F 3212 51.55 47.66 132.61
C LYS F 3212 51.27 46.86 131.35
N LEU F 3213 50.34 45.91 131.41
CA LEU F 3213 49.93 45.20 130.21
C LEU F 3213 49.25 46.14 129.21
N MET F 3214 48.40 47.06 129.71
CA MET F 3214 47.87 48.10 128.83
C MET F 3214 48.98 48.83 128.11
N THR F 3215 49.98 49.29 128.87
CA THR F 3215 51.06 50.06 128.27
C THR F 3215 51.83 49.24 127.25
N GLU F 3216 52.09 47.97 127.56
CA GLU F 3216 52.80 47.11 126.63
C GLU F 3216 52.00 46.90 125.35
N ILE F 3217 50.68 46.70 125.47
CA ILE F 3217 49.87 46.48 124.26
C ILE F 3217 49.82 47.74 123.41
N ILE F 3218 49.73 48.91 124.05
CA ILE F 3218 49.79 50.16 123.30
C ILE F 3218 51.13 50.28 122.58
N GLU F 3219 52.21 49.87 123.24
CA GLU F 3219 53.52 49.88 122.58
C GLU F 3219 53.57 48.90 121.41
N LEU F 3220 52.92 47.74 121.54
CA LEU F 3220 52.81 46.84 120.40
C LEU F 3220 52.13 47.53 119.22
N ALA F 3221 51.00 48.17 119.48
CA ALA F 3221 50.27 48.85 118.41
C ALA F 3221 51.12 49.95 117.79
N GLU F 3222 51.91 50.66 118.61
CA GLU F 3222 52.74 51.74 118.09
C GLU F 3222 53.89 51.23 117.25
N SER F 3223 54.61 50.21 117.76
CA SER F 3223 55.84 49.74 117.13
C SER F 3223 55.59 48.74 116.01
N GLY F 3224 54.38 48.22 115.87
CA GLY F 3224 54.11 47.27 114.82
C GLY F 3224 54.91 45.99 114.98
N ILE F 3225 54.85 45.41 116.17
CA ILE F 3225 55.60 44.17 116.46
C ILE F 3225 55.21 43.09 115.45
N ARG F 3226 56.05 42.07 115.33
CA ARG F 3226 55.74 40.96 114.45
C ARG F 3226 56.36 39.70 115.02
N TYR F 3227 55.85 38.53 114.60
CA TYR F 3227 56.34 37.27 115.14
C TYR F 3227 57.79 37.04 114.76
N THR F 3228 58.26 37.76 113.74
CA THR F 3228 59.67 37.74 113.41
C THR F 3228 60.49 38.44 114.49
N GLN F 3229 60.06 39.62 114.94
CA GLN F 3229 60.85 40.37 115.92
C GLN F 3229 60.49 40.04 117.36
N MET F 3230 59.20 40.00 117.70
CA MET F 3230 58.76 39.73 119.06
C MET F 3230 57.58 38.77 119.02
N PRO F 3231 57.86 37.48 118.78
CA PRO F 3231 56.78 36.50 118.73
C PRO F 3231 56.10 36.27 120.07
N TYR F 3232 56.78 36.58 121.18
CA TYR F 3232 56.33 36.16 122.50
C TYR F 3232 54.91 36.63 122.81
N MET F 3233 54.55 37.83 122.34
CA MET F 3233 53.24 38.39 122.62
C MET F 3233 52.46 38.89 121.40
N MET F 3234 52.91 38.55 120.18
CA MET F 3234 52.02 38.66 119.02
C MET F 3234 51.19 37.38 118.80
N GLU F 3235 51.84 36.21 118.71
CA GLU F 3235 51.11 35.00 118.43
C GLU F 3235 51.07 34.03 119.59
N VAL F 3236 51.74 34.33 120.70
CA VAL F 3236 51.76 33.48 121.89
C VAL F 3236 51.01 34.14 123.04
N VAL F 3237 51.24 35.43 123.27
CA VAL F 3237 50.60 36.10 124.39
C VAL F 3237 49.48 37.06 123.99
N LEU F 3238 49.49 37.62 122.78
CA LEU F 3238 48.28 38.28 122.28
C LEU F 3238 47.05 37.40 122.42
N PRO F 3239 47.09 36.10 122.08
CA PRO F 3239 45.96 35.25 122.47
C PRO F 3239 45.73 35.22 123.97
N MET F 3240 46.79 35.29 124.77
CA MET F 3240 46.62 35.19 126.21
C MET F 3240 45.85 36.41 126.72
N LEU F 3241 46.31 37.61 126.35
CA LEU F 3241 45.58 38.81 126.74
C LEU F 3241 44.22 38.90 126.09
N CYS F 3242 44.04 38.30 124.90
CA CYS F 3242 42.71 38.22 124.29
C CYS F 3242 41.75 37.42 125.16
N SER F 3243 42.14 36.21 125.54
CA SER F 3243 41.29 35.40 126.41
C SER F 3243 41.15 36.04 127.79
N TYR F 3244 42.24 36.64 128.28
CA TYR F 3244 42.24 37.33 129.56
C TYR F 3244 41.17 38.40 129.56
N MET F 3245 41.18 39.24 128.53
CA MET F 3245 40.24 40.35 128.44
C MET F 3245 38.85 39.88 128.08
N SER F 3246 38.71 38.74 127.39
CA SER F 3246 37.39 38.19 127.16
C SER F 3246 36.74 37.79 128.48
N ARG F 3247 37.46 37.03 129.29
CA ARG F 3247 36.97 36.63 130.61
C ARG F 3247 36.65 37.86 131.46
N TRP F 3248 37.61 38.78 131.58
CA TRP F 3248 37.36 39.93 132.43
C TRP F 3248 36.44 40.95 131.79
N TRP F 3249 36.16 40.84 130.50
CA TRP F 3249 35.14 41.67 129.88
C TRP F 3249 33.75 41.13 130.19
N GLU F 3250 33.62 39.81 130.25
CA GLU F 3250 32.38 39.22 130.75
C GLU F 3250 32.15 39.62 132.20
N HIS F 3251 33.22 39.68 133.00
CA HIS F 3251 33.07 40.03 134.41
C HIS F 3251 33.40 41.49 134.73
N GLY F 3252 33.47 42.36 133.72
CA GLY F 3252 33.82 43.75 133.93
C GLY F 3252 32.68 44.70 134.19
N PRO F 3253 33.02 45.96 134.44
CA PRO F 3253 31.99 46.96 134.79
C PRO F 3253 30.97 47.22 133.70
N GLU F 3254 31.36 47.17 132.42
CA GLU F 3254 30.39 47.44 131.36
C GLU F 3254 29.35 46.34 131.25
N ASN F 3255 29.73 45.09 131.53
CA ASN F 3255 28.75 44.01 131.57
C ASN F 3255 27.99 43.99 132.90
N HIS F 3256 28.61 44.47 133.97
CA HIS F 3256 28.01 44.48 135.30
C HIS F 3256 28.12 45.88 135.88
N PRO F 3257 27.31 46.83 135.41
CA PRO F 3257 27.36 48.18 135.97
C PRO F 3257 27.05 48.23 137.45
N GLU F 3258 26.17 47.34 137.94
CA GLU F 3258 25.87 47.29 139.36
C GLU F 3258 27.09 46.87 140.17
N ARG F 3259 27.88 45.94 139.63
CA ARG F 3259 29.06 45.41 140.30
C ARG F 3259 30.34 46.12 139.86
N ALA F 3260 30.23 47.30 139.26
CA ALA F 3260 31.39 47.96 138.68
C ALA F 3260 32.50 48.14 139.71
N GLU F 3261 32.14 48.57 140.92
CA GLU F 3261 33.14 48.63 141.99
C GLU F 3261 33.62 47.25 142.38
N MET F 3262 32.70 46.27 142.42
CA MET F 3262 33.09 44.91 142.77
C MET F 3262 33.94 44.27 141.68
N CYS F 3263 33.71 44.63 140.42
CA CYS F 3263 34.52 44.09 139.32
C CYS F 3263 35.95 44.60 139.47
N CYS F 3264 36.87 43.71 139.82
CA CYS F 3264 38.27 44.09 139.94
C CYS F 3264 38.83 44.57 138.62
N THR F 3265 38.42 43.93 137.52
CA THR F 3265 38.91 44.29 136.20
C THR F 3265 38.37 45.65 135.77
N ALA F 3266 39.16 46.36 134.98
CA ALA F 3266 38.77 47.62 134.37
C ALA F 3266 38.57 47.52 132.86
N LEU F 3267 38.48 46.30 132.33
CA LEU F 3267 38.34 46.08 130.90
C LEU F 3267 36.88 46.28 130.50
N ASN F 3268 36.65 47.22 129.60
CA ASN F 3268 35.31 47.58 129.14
C ASN F 3268 35.21 47.38 127.63
N SER F 3269 34.10 47.84 127.06
CA SER F 3269 33.95 47.79 125.61
C SER F 3269 34.96 48.69 124.91
N GLU F 3270 35.36 49.79 125.53
CA GLU F 3270 36.40 50.62 124.95
C GLU F 3270 37.72 49.88 124.87
N HIS F 3271 38.08 49.17 125.95
CA HIS F 3271 39.27 48.30 125.89
C HIS F 3271 39.10 47.19 124.88
N MET F 3272 37.87 46.68 124.73
CA MET F 3272 37.62 45.63 123.75
C MET F 3272 37.92 46.14 122.34
N ASN F 3273 37.42 47.34 122.03
CA ASN F 3273 37.74 47.96 120.75
C ASN F 3273 39.22 48.25 120.62
N THR F 3274 39.86 48.70 121.70
CA THR F 3274 41.28 49.00 121.62
C THR F 3274 42.09 47.74 121.29
N LEU F 3275 41.77 46.62 121.95
CA LEU F 3275 42.51 45.40 121.69
C LEU F 3275 42.22 44.87 120.28
N LEU F 3276 40.95 44.88 119.86
CA LEU F 3276 40.64 44.42 118.51
C LEU F 3276 41.33 45.31 117.47
N GLY F 3277 41.32 46.62 117.70
CA GLY F 3277 41.98 47.53 116.78
C GLY F 3277 43.48 47.32 116.74
N ASN F 3278 44.08 46.99 117.89
CA ASN F 3278 45.50 46.66 117.90
C ASN F 3278 45.75 45.38 117.09
N ILE F 3279 44.88 44.39 117.23
CA ILE F 3279 45.00 43.17 116.44
C ILE F 3279 44.95 43.48 114.95
N LEU F 3280 43.99 44.30 114.53
CA LEU F 3280 43.88 44.61 113.11
C LEU F 3280 45.00 45.53 112.62
N LYS F 3281 45.51 46.41 113.48
CA LYS F 3281 46.67 47.23 113.09
C LYS F 3281 47.88 46.33 112.85
N ILE F 3282 48.08 45.36 113.74
CA ILE F 3282 49.14 44.36 113.55
C ILE F 3282 48.91 43.55 112.29
N ILE F 3283 47.66 43.15 112.03
CA ILE F 3283 47.35 42.39 110.81
C ILE F 3283 47.66 43.23 109.57
N TYR F 3284 47.36 44.54 109.63
CA TYR F 3284 47.68 45.42 108.51
C TYR F 3284 49.19 45.54 108.32
N ASN F 3285 49.95 45.63 109.41
CA ASN F 3285 51.40 45.58 109.29
C ASN F 3285 51.84 44.28 108.63
N ASN F 3286 51.20 43.17 108.98
CA ASN F 3286 51.52 41.89 108.35
C ASN F 3286 51.12 41.85 106.90
N LEU F 3287 50.08 42.58 106.50
CA LEU F 3287 49.61 42.52 105.12
C LEU F 3287 50.75 42.87 104.16
N GLY F 3288 51.01 41.98 103.22
CA GLY F 3288 52.10 42.16 102.27
C GLY F 3288 53.35 41.32 102.51
N ILE F 3289 53.32 40.37 103.44
CA ILE F 3289 54.41 39.42 103.63
C ILE F 3289 53.88 38.04 103.32
N ASP F 3290 54.80 37.09 103.16
CA ASP F 3290 54.46 35.72 102.81
C ASP F 3290 54.76 34.73 103.92
N GLU F 3291 55.02 35.21 105.14
CA GLU F 3291 55.35 34.37 106.27
C GLU F 3291 54.26 34.38 107.33
N GLY F 3292 53.15 35.04 107.05
CA GLY F 3292 52.17 35.31 108.08
C GLY F 3292 51.25 34.15 108.36
N ALA F 3293 51.85 32.97 108.53
CA ALA F 3293 51.08 31.82 108.96
C ALA F 3293 50.44 32.05 110.33
N TRP F 3294 50.93 33.05 111.06
CA TRP F 3294 50.40 33.33 112.39
C TRP F 3294 49.11 34.16 112.33
N MET F 3295 48.86 34.90 111.24
CA MET F 3295 47.66 35.72 111.17
C MET F 3295 46.39 34.87 111.27
N LYS F 3296 46.34 33.71 110.61
CA LYS F 3296 45.18 32.83 110.75
C LYS F 3296 45.00 32.40 112.20
N ARG F 3297 46.12 32.12 112.88
CA ARG F 3297 46.05 31.82 114.31
C ARG F 3297 45.50 33.00 115.09
N LEU F 3298 45.92 34.22 114.75
CA LEU F 3298 45.41 35.41 115.44
C LEU F 3298 43.91 35.56 115.20
N ALA F 3299 43.47 35.24 113.98
CA ALA F 3299 42.05 35.23 113.68
C ALA F 3299 41.32 34.26 114.59
N VAL F 3300 41.86 33.06 114.77
CA VAL F 3300 41.25 32.09 115.68
C VAL F 3300 41.21 32.65 117.09
N PHE F 3301 42.31 33.26 117.53
CA PHE F 3301 42.39 33.81 118.87
C PHE F 3301 41.33 34.89 119.09
N SER F 3302 41.13 35.75 118.10
CA SER F 3302 40.19 36.86 118.21
C SER F 3302 38.77 36.48 117.83
N GLN F 3303 38.56 35.26 117.32
CA GLN F 3303 37.21 34.82 116.98
C GLN F 3303 36.24 34.87 118.15
N PRO F 3304 36.60 34.46 119.37
CA PRO F 3304 35.67 34.65 120.50
C PRO F 3304 35.35 36.10 120.80
N ILE F 3305 36.18 37.05 120.35
CA ILE F 3305 36.04 38.45 120.77
C ILE F 3305 35.82 39.36 119.56
N ILE F 3306 35.09 38.88 118.56
CA ILE F 3306 34.84 39.67 117.36
C ILE F 3306 33.44 40.27 117.40
N ASN F 3307 32.52 39.62 118.10
CA ASN F 3307 31.11 40.00 118.10
C ASN F 3307 30.70 40.79 119.33
N LYS F 3308 31.64 41.31 120.11
CA LYS F 3308 31.31 42.07 121.31
C LYS F 3308 32.07 43.40 121.33
N VAL F 3309 32.13 44.08 120.19
CA VAL F 3309 32.85 45.34 120.06
C VAL F 3309 31.86 46.43 119.70
N LYS F 3310 32.31 47.68 119.81
CA LYS F 3310 31.50 48.77 119.31
C LYS F 3310 31.61 48.84 117.78
N PRO F 3311 30.59 49.38 117.10
CA PRO F 3311 30.66 49.51 115.64
C PRO F 3311 31.66 50.55 115.17
N GLN F 3312 32.25 51.34 116.07
CA GLN F 3312 33.15 52.41 115.66
C GLN F 3312 34.44 51.89 115.02
N LEU F 3313 34.79 50.62 115.25
CA LEU F 3313 36.06 50.11 114.73
C LEU F 3313 36.05 49.90 113.23
N LEU F 3314 34.87 49.84 112.60
CA LEU F 3314 34.81 49.49 111.18
C LEU F 3314 35.59 50.50 110.34
N LYS F 3315 35.20 51.78 110.37
CA LYS F 3315 35.86 52.77 109.55
C LYS F 3315 37.31 52.96 109.96
N THR F 3316 37.63 52.76 111.24
CA THR F 3316 39.00 52.97 111.70
C THR F 3316 39.94 51.90 111.13
N HIS F 3317 39.56 50.63 111.24
CA HIS F 3317 40.52 49.61 110.86
C HIS F 3317 39.99 48.59 109.86
N PHE F 3318 38.71 48.22 109.94
CA PHE F 3318 38.21 47.13 109.09
C PHE F 3318 38.35 47.50 107.62
N LEU F 3319 38.02 48.74 107.26
CA LEU F 3319 38.13 49.15 105.87
C LEU F 3319 39.57 49.15 105.36
N PRO F 3320 40.56 49.76 106.04
CA PRO F 3320 41.91 49.75 105.47
C PRO F 3320 42.46 48.35 105.22
N LEU F 3321 42.29 47.43 106.16
CA LEU F 3321 42.82 46.08 106.00
C LEU F 3321 42.20 45.40 104.78
N MET F 3322 40.88 45.47 104.65
CA MET F 3322 40.24 44.74 103.56
C MET F 3322 40.46 45.45 102.22
N GLU F 3323 40.63 46.78 102.24
CA GLU F 3323 41.03 47.47 101.02
C GLU F 3323 42.40 47.02 100.55
N LYS F 3324 43.35 46.88 101.48
CA LYS F 3324 44.67 46.40 101.09
C LYS F 3324 44.60 44.92 100.67
N LEU F 3325 43.69 44.15 101.27
CA LEU F 3325 43.47 42.78 100.81
C LEU F 3325 42.95 42.75 99.38
N LYS F 3326 42.02 43.64 99.06
CA LYS F 3326 41.55 43.79 97.68
C LYS F 3326 42.71 44.16 96.76
N LYS F 3327 43.59 45.04 97.22
CA LYS F 3327 44.77 45.37 96.42
C LYS F 3327 45.63 44.13 96.19
N LYS F 3328 45.86 43.34 97.24
CA LYS F 3328 46.64 42.11 97.09
C LYS F 3328 46.02 41.19 96.05
N ALA F 3329 44.71 40.96 96.17
CA ALA F 3329 44.01 40.10 95.21
C ALA F 3329 44.15 40.65 93.79
N ALA F 3330 43.97 41.96 93.64
CA ALA F 3330 44.07 42.59 92.32
C ALA F 3330 45.46 42.39 91.71
N MET F 3331 46.52 42.68 92.47
CA MET F 3331 47.88 42.49 91.96
C MET F 3331 48.16 41.04 91.59
N VAL F 3332 47.85 40.09 92.47
CA VAL F 3332 48.19 38.71 92.16
C VAL F 3332 47.42 38.24 90.92
N VAL F 3333 46.12 38.56 90.85
CA VAL F 3333 45.32 38.15 89.69
C VAL F 3333 45.82 38.82 88.41
N SER F 3334 46.23 40.09 88.50
CA SER F 3334 46.68 40.81 87.31
C SER F 3334 48.02 40.27 86.81
N GLU F 3335 48.96 39.99 87.71
CA GLU F 3335 50.20 39.36 87.30
C GLU F 3335 49.94 37.98 86.70
N GLU F 3336 49.01 37.23 87.28
CA GLU F 3336 48.60 35.95 86.71
C GLU F 3336 48.07 36.13 85.29
N ASP F 3337 47.21 37.12 85.07
CA ASP F 3337 46.64 37.36 83.75
C ASP F 3337 47.73 37.75 82.74
N HIS F 3338 48.65 38.62 83.16
CA HIS F 3338 49.75 39.00 82.28
C HIS F 3338 50.62 37.79 81.94
N LEU F 3339 50.90 36.95 82.94
CA LEU F 3339 51.64 35.71 82.70
C LEU F 3339 50.92 34.85 81.67
N LYS F 3340 49.62 34.61 81.87
CA LYS F 3340 48.87 33.75 80.97
C LYS F 3340 48.84 34.32 79.56
N ALA F 3341 48.73 35.64 79.44
CA ALA F 3341 48.78 36.27 78.12
C ALA F 3341 50.13 36.04 77.46
N GLU F 3342 51.21 36.17 78.22
CA GLU F 3342 52.56 35.93 77.68
C GLU F 3342 52.88 34.43 77.76
N ALA F 3343 52.33 33.69 76.79
CA ALA F 3343 52.43 32.24 76.78
C ALA F 3343 53.82 31.71 76.44
N ARG F 3344 54.73 32.57 75.97
CA ARG F 3344 56.01 32.10 75.46
C ARG F 3344 56.95 31.72 76.61
N GLY F 3345 57.75 30.68 76.38
CA GLY F 3345 58.78 30.28 77.32
C GLY F 3345 58.23 29.48 78.49
N ASP F 3346 59.16 28.97 79.31
CA ASP F 3346 58.78 28.22 80.50
C ASP F 3346 58.12 29.19 81.48
N MET F 3347 56.83 28.96 81.74
CA MET F 3347 56.03 29.88 82.55
C MET F 3347 55.65 29.31 83.90
N SER F 3348 55.64 27.98 84.05
CA SER F 3348 55.18 27.38 85.30
C SER F 3348 56.07 27.73 86.47
N GLU F 3349 57.31 28.18 86.22
CA GLU F 3349 58.16 28.69 87.30
C GLU F 3349 57.59 29.96 87.90
N ALA F 3350 57.29 30.94 87.05
CA ALA F 3350 56.62 32.14 87.52
C ALA F 3350 55.25 31.81 88.07
N GLU F 3351 54.60 30.77 87.55
CA GLU F 3351 53.34 30.32 88.14
C GLU F 3351 53.55 29.74 89.54
N LEU F 3352 54.67 29.07 89.79
CA LEU F 3352 54.98 28.62 91.15
C LEU F 3352 55.16 29.81 92.08
N LEU F 3353 55.88 30.84 91.62
CA LEU F 3353 56.04 32.04 92.44
C LEU F 3353 54.69 32.68 92.74
N ILE F 3354 53.84 32.81 91.72
CA ILE F 3354 52.53 33.41 91.91
C ILE F 3354 51.60 32.50 92.70
N LEU F 3355 51.82 31.18 92.68
CA LEU F 3355 51.03 30.28 93.52
C LEU F 3355 51.44 30.39 94.98
N ASP F 3356 52.73 30.58 95.25
CA ASP F 3356 53.14 30.92 96.60
C ASP F 3356 52.50 32.24 97.04
N GLU F 3357 52.48 33.22 96.14
CA GLU F 3357 51.82 34.49 96.45
C GLU F 3357 50.33 34.29 96.70
N PHE F 3358 49.69 33.40 95.93
CA PHE F 3358 48.27 33.12 96.09
C PHE F 3358 47.99 32.37 97.38
N THR F 3359 48.88 31.47 97.78
CA THR F 3359 48.76 30.84 99.09
C THR F 3359 48.85 31.88 100.19
N THR F 3360 49.79 32.82 100.05
CA THR F 3360 49.87 33.93 100.99
C THR F 3360 48.57 34.72 101.03
N LEU F 3361 48.01 35.03 99.86
CA LEU F 3361 46.80 35.83 99.77
C LEU F 3361 45.60 35.10 100.37
N ALA F 3362 45.47 33.80 100.10
CA ALA F 3362 44.38 33.02 100.69
C ALA F 3362 44.55 32.90 102.19
N ARG F 3363 45.80 32.82 102.67
CA ARG F 3363 46.03 32.84 104.10
C ARG F 3363 45.60 34.17 104.72
N ASP F 3364 45.89 35.28 104.04
CA ASP F 3364 45.43 36.58 104.49
C ASP F 3364 43.90 36.65 104.51
N LEU F 3365 43.25 36.07 103.50
CA LEU F 3365 41.79 36.03 103.46
C LEU F 3365 41.25 35.21 104.63
N TYR F 3366 41.78 34.02 104.85
CA TYR F 3366 41.31 33.20 105.97
C TYR F 3366 41.73 33.76 107.32
N ALA F 3367 42.59 34.77 107.34
CA ALA F 3367 42.90 35.49 108.57
C ALA F 3367 41.93 36.65 108.83
N PHE F 3368 41.56 37.40 107.79
CA PHE F 3368 40.74 38.59 108.02
C PHE F 3368 39.25 38.33 107.79
N TYR F 3369 38.91 37.63 106.70
CA TYR F 3369 37.51 37.41 106.37
C TYR F 3369 36.70 36.68 107.42
N PRO F 3370 37.24 35.77 108.25
CA PRO F 3370 36.42 35.25 109.36
C PRO F 3370 35.96 36.34 110.30
N LEU F 3371 36.87 37.20 110.74
CA LEU F 3371 36.49 38.33 111.59
C LEU F 3371 35.56 39.28 110.85
N LEU F 3372 35.81 39.49 109.55
CA LEU F 3372 34.94 40.36 108.76
C LEU F 3372 33.52 39.80 108.69
N ILE F 3373 33.39 38.49 108.45
CA ILE F 3373 32.07 37.86 108.36
C ILE F 3373 31.35 37.95 109.71
N ARG F 3374 32.08 37.68 110.79
CA ARG F 3374 31.47 37.78 112.11
C ARG F 3374 31.02 39.20 112.40
N PHE F 3375 31.82 40.19 112.01
CA PHE F 3375 31.45 41.59 112.22
C PHE F 3375 30.26 41.98 111.34
N VAL F 3376 30.20 41.44 110.11
CA VAL F 3376 29.08 41.71 109.22
C VAL F 3376 27.80 41.13 109.79
N ASP F 3377 27.87 39.94 110.37
CA ASP F 3377 26.71 39.41 111.08
C ASP F 3377 26.43 40.21 112.35
N TYR F 3378 27.47 40.80 112.94
CA TYR F 3378 27.31 41.61 114.15
C TYR F 3378 26.44 42.84 113.88
N ASN F 3379 26.76 43.58 112.83
CA ASN F 3379 26.00 44.81 112.55
C ASN F 3379 25.20 44.69 111.26
N ARG F 3380 24.84 43.47 110.88
CA ARG F 3380 24.13 43.27 109.62
C ARG F 3380 22.71 43.82 109.69
N ALA F 3381 22.04 43.61 110.82
CA ALA F 3381 20.70 44.18 111.00
C ALA F 3381 20.75 45.70 110.97
N LYS F 3382 21.68 46.29 111.73
CA LYS F 3382 21.88 47.75 111.68
C LYS F 3382 22.19 48.22 110.27
N TRP F 3383 23.02 47.47 109.56
CA TRP F 3383 23.50 47.90 108.26
C TRP F 3383 22.38 47.84 107.24
N LEU F 3384 21.40 46.94 107.46
CA LEU F 3384 20.19 46.93 106.66
C LEU F 3384 19.24 48.06 107.05
N LYS F 3385 19.08 48.31 108.35
CA LYS F 3385 18.18 49.37 108.79
C LYS F 3385 18.60 50.71 108.22
N GLU F 3386 19.91 50.99 108.23
CA GLU F 3386 20.44 52.21 107.64
C GLU F 3386 21.63 51.85 106.77
N PRO F 3387 21.52 51.96 105.44
CA PRO F 3387 22.65 51.61 104.57
C PRO F 3387 23.78 52.63 104.67
N ASN F 3388 24.64 52.44 105.67
CA ASN F 3388 25.76 53.32 105.90
C ASN F 3388 26.66 53.40 104.66
N PRO F 3389 27.25 54.57 104.39
CA PRO F 3389 28.22 54.64 103.29
C PRO F 3389 29.33 53.63 103.42
N GLU F 3390 29.83 53.41 104.64
CA GLU F 3390 30.83 52.37 104.85
C GLU F 3390 30.26 51.00 104.56
N ALA F 3391 29.01 50.75 104.95
CA ALA F 3391 28.36 49.47 104.64
C ALA F 3391 28.37 49.21 103.14
N GLU F 3392 27.88 50.18 102.38
CA GLU F 3392 27.79 50.03 100.93
C GLU F 3392 29.17 49.84 100.33
N GLU F 3393 30.14 50.67 100.74
CA GLU F 3393 31.48 50.58 100.15
C GLU F 3393 32.14 49.25 100.47
N LEU F 3394 31.96 48.75 101.71
CA LEU F 3394 32.53 47.46 102.07
C LEU F 3394 31.90 46.35 101.25
N PHE F 3395 30.58 46.39 101.05
CA PHE F 3395 29.96 45.38 100.20
C PHE F 3395 30.55 45.45 98.79
N ARG F 3396 30.73 46.67 98.26
CA ARG F 3396 31.29 46.79 96.92
C ARG F 3396 32.68 46.18 96.82
N MET F 3397 33.59 46.52 97.75
CA MET F 3397 34.93 45.99 97.52
C MET F 3397 35.03 44.51 97.88
N VAL F 3398 34.19 44.00 98.78
CA VAL F 3398 34.11 42.56 98.97
C VAL F 3398 33.66 41.89 97.67
N ALA F 3399 32.70 42.51 96.98
CA ALA F 3399 32.28 42.02 95.68
C ALA F 3399 33.43 42.03 94.68
N GLU F 3400 34.24 43.08 94.70
CA GLU F 3400 35.40 43.14 93.79
C GLU F 3400 36.38 42.01 94.09
N VAL F 3401 36.65 41.76 95.38
CA VAL F 3401 37.53 40.65 95.74
C VAL F 3401 36.97 39.33 95.23
N PHE F 3402 35.65 39.14 95.37
CA PHE F 3402 35.04 37.91 94.88
C PHE F 3402 35.15 37.80 93.36
N ILE F 3403 34.99 38.92 92.66
CA ILE F 3403 35.13 38.90 91.20
C ILE F 3403 36.55 38.50 90.80
N TYR F 3404 37.55 39.05 91.49
CA TYR F 3404 38.93 38.64 91.21
C TYR F 3404 39.11 37.14 91.48
N TRP F 3405 38.57 36.66 92.60
CA TRP F 3405 38.71 35.24 92.94
C TRP F 3405 38.04 34.34 91.91
N SER F 3406 36.86 34.76 91.42
CA SER F 3406 36.15 33.97 90.42
C SER F 3406 36.88 33.98 89.08
N LYS F 3407 37.37 35.16 88.66
CA LYS F 3407 38.03 35.26 87.36
C LYS F 3407 39.36 34.52 87.36
N SER F 3408 40.06 34.51 88.50
CA SER F 3408 41.34 33.83 88.59
C SER F 3408 41.11 32.36 88.92
N HIS F 3409 41.40 31.48 87.94
CA HIS F 3409 41.30 30.04 88.21
C HIS F 3409 42.38 29.60 89.19
N ASN F 3410 43.57 30.19 89.12
CA ASN F 3410 44.62 29.87 90.07
C ASN F 3410 44.23 30.27 91.49
N PHE F 3411 43.39 31.30 91.64
CA PHE F 3411 42.92 31.69 92.96
C PHE F 3411 42.15 30.55 93.62
N LYS F 3412 41.16 30.00 92.91
CA LYS F 3412 40.36 28.92 93.48
C LYS F 3412 41.20 27.69 93.77
N ARG F 3413 42.07 27.32 92.83
CA ARG F 3413 42.91 26.14 93.01
C ARG F 3413 43.84 26.29 94.21
N GLU F 3414 44.48 27.46 94.33
CA GLU F 3414 45.40 27.67 95.44
C GLU F 3414 44.66 27.74 96.78
N GLU F 3415 43.48 28.36 96.79
CA GLU F 3415 42.68 28.37 98.02
C GLU F 3415 42.28 26.96 98.42
N GLN F 3416 41.88 26.14 97.44
CA GLN F 3416 41.52 24.76 97.74
C GLN F 3416 42.71 23.98 98.29
N ASN F 3417 43.89 24.15 97.68
CA ASN F 3417 45.08 23.46 98.17
C ASN F 3417 45.45 23.92 99.57
N PHE F 3418 45.36 25.22 99.83
CA PHE F 3418 45.68 25.77 101.15
C PHE F 3418 44.74 25.20 102.21
N VAL F 3419 43.43 25.18 101.91
CA VAL F 3419 42.45 24.67 102.85
C VAL F 3419 42.66 23.18 103.08
N VAL F 3420 42.95 22.42 102.03
CA VAL F 3420 43.20 21.00 102.19
C VAL F 3420 44.42 20.75 103.04
N GLN F 3421 45.49 21.53 102.82
CA GLN F 3421 46.73 21.35 103.58
C GLN F 3421 46.51 21.66 105.06
N ASN F 3422 45.78 22.73 105.37
CA ASN F 3422 45.64 23.13 106.77
C ASN F 3422 44.41 22.55 107.45
N GLU F 3423 43.57 21.81 106.74
CA GLU F 3423 42.36 21.21 107.30
C GLU F 3423 41.51 22.26 108.01
N ILE F 3424 41.32 23.40 107.34
CA ILE F 3424 40.57 24.51 107.92
C ILE F 3424 39.09 24.16 107.97
N ASN F 3425 38.47 24.37 109.13
CA ASN F 3425 37.04 24.15 109.31
C ASN F 3425 36.33 25.45 109.01
N ASN F 3426 35.97 25.65 107.75
CA ASN F 3426 35.34 26.90 107.33
C ASN F 3426 33.95 27.06 107.95
N MET F 3427 33.21 25.96 108.07
CA MET F 3427 31.88 26.05 108.67
C MET F 3427 31.93 26.50 110.13
N SER F 3428 33.05 26.30 110.82
CA SER F 3428 33.18 26.83 112.17
C SER F 3428 33.10 28.35 112.17
N PHE F 3429 33.79 29.00 111.24
CA PHE F 3429 33.68 30.46 111.11
C PHE F 3429 32.33 30.87 110.55
N LEU F 3430 31.76 30.04 109.66
CA LEU F 3430 30.45 30.36 109.09
C LEU F 3430 29.37 30.41 110.17
N ILE F 3431 29.38 29.45 111.08
CA ILE F 3431 28.39 29.40 112.16
C ILE F 3431 28.84 30.32 113.28
N THR F 3432 27.98 31.25 113.68
CA THR F 3432 28.30 32.16 114.76
C THR F 3432 28.39 31.40 116.09
N ASP F 3433 29.38 31.77 116.90
CA ASP F 3433 29.61 31.12 118.18
C ASP F 3433 28.64 31.70 119.20
N THR F 3434 27.58 30.95 119.51
CA THR F 3434 26.57 31.34 120.47
C THR F 3434 26.50 30.31 121.59
N LYS F 3435 25.62 30.57 122.57
CA LYS F 3435 25.45 29.69 123.71
C LYS F 3435 24.61 28.48 123.27
N SER F 3436 25.26 27.33 123.12
CA SER F 3436 24.57 26.12 122.70
C SER F 3436 25.37 24.91 123.17
N LYS F 3437 24.69 23.98 123.84
CA LYS F 3437 25.32 22.77 124.35
C LYS F 3437 24.45 21.58 124.00
N MET F 3438 25.09 20.41 123.87
CA MET F 3438 24.39 19.18 123.52
C MET F 3438 24.14 18.29 124.73
N SER F 3439 24.94 18.42 125.79
CA SER F 3439 24.81 17.58 126.99
C SER F 3439 24.89 16.09 126.63
N LYS F 3440 25.80 15.77 125.71
CA LYS F 3440 26.00 14.39 125.24
C LYS F 3440 24.69 13.80 124.69
N ALA F 3441 23.97 14.59 123.91
CA ALA F 3441 22.75 14.16 123.24
C ALA F 3441 22.92 14.32 121.74
N ALA F 3442 22.63 13.26 120.99
CA ALA F 3442 22.73 13.26 119.53
C ALA F 3442 24.14 13.61 119.08
N ILE F 3443 25.10 12.77 119.48
CA ILE F 3443 26.49 12.92 119.10
C ILE F 3443 26.71 12.16 117.79
N SER F 3444 27.03 12.88 116.73
CA SER F 3444 27.25 12.30 115.41
C SER F 3444 28.71 11.94 115.18
N ASP F 3445 29.30 11.16 116.10
CA ASP F 3445 30.66 10.69 115.92
C ASP F 3445 30.77 9.80 114.68
N GLN F 3446 29.73 9.02 114.41
CA GLN F 3446 29.72 8.22 113.17
C GLN F 3446 29.79 9.13 111.95
N GLU F 3447 29.05 10.24 111.96
CA GLU F 3447 29.12 11.18 110.84
C GLU F 3447 30.50 11.82 110.74
N ARG F 3448 31.08 12.22 111.87
CA ARG F 3448 32.40 12.81 111.86
C ARG F 3448 33.44 11.85 111.30
N LYS F 3449 33.28 10.56 111.57
CA LYS F 3449 34.13 9.56 110.91
C LYS F 3449 33.75 9.42 109.44
N LYS F 3450 32.48 9.63 109.08
CA LYS F 3450 32.06 9.50 107.69
C LYS F 3450 32.72 10.54 106.79
N MET F 3451 32.75 11.80 107.21
CA MET F 3451 33.44 12.79 106.39
C MET F 3451 34.94 12.51 106.43
N LYS F 3452 35.47 11.98 105.31
CA LYS F 3452 36.90 11.73 105.13
C LYS F 3452 37.33 12.13 103.73
N ARG F 3453 36.80 13.24 103.22
CA ARG F 3453 37.06 13.67 101.85
C ARG F 3453 37.82 14.98 101.84
N LYS F 3454 39.03 14.96 101.29
CA LYS F 3454 39.80 16.19 101.13
C LYS F 3454 39.08 17.16 100.20
N GLY F 3455 38.43 16.64 99.16
CA GLY F 3455 37.62 17.48 98.31
C GLY F 3455 36.44 18.11 99.04
N ASP F 3456 35.86 17.38 100.00
CA ASP F 3456 34.77 17.92 100.80
C ASP F 3456 35.25 18.89 101.86
N ARG F 3457 36.54 18.85 102.22
CA ARG F 3457 37.06 19.83 103.18
C ARG F 3457 36.89 21.25 102.68
N TYR F 3458 37.21 21.48 101.40
CA TYR F 3458 37.03 22.79 100.77
C TYR F 3458 35.86 22.72 99.81
N SER F 3459 34.81 23.50 100.08
CA SER F 3459 33.64 23.56 99.23
C SER F 3459 33.38 25.01 98.83
N MET F 3460 32.80 25.18 97.65
CA MET F 3460 32.51 26.53 97.16
C MET F 3460 31.46 27.22 98.02
N GLN F 3461 30.50 26.47 98.55
CA GLN F 3461 29.53 27.06 99.46
C GLN F 3461 30.18 27.51 100.76
N THR F 3462 31.16 26.75 101.25
CA THR F 3462 31.83 27.06 102.50
C THR F 3462 32.89 28.15 102.36
N SER F 3463 33.16 28.63 101.16
CA SER F 3463 34.18 29.66 100.97
C SER F 3463 33.77 30.95 101.68
N LEU F 3464 34.73 31.55 102.40
CA LEU F 3464 34.43 32.73 103.18
C LEU F 3464 34.09 33.93 102.30
N ILE F 3465 34.65 34.02 101.10
CA ILE F 3465 34.35 35.16 100.24
C ILE F 3465 32.89 35.17 99.85
N VAL F 3466 32.39 34.04 99.34
CA VAL F 3466 30.99 33.97 98.93
C VAL F 3466 30.08 33.99 100.16
N ALA F 3467 30.54 33.45 101.29
CA ALA F 3467 29.75 33.55 102.51
C ALA F 3467 29.57 35.01 102.94
N ALA F 3468 30.65 35.80 102.88
CA ALA F 3468 30.55 37.22 103.19
C ALA F 3468 29.64 37.93 102.20
N LEU F 3469 29.71 37.55 100.92
CA LEU F 3469 28.78 38.12 99.96
C LEU F 3469 27.34 37.78 100.30
N LYS F 3470 27.06 36.55 100.72
CA LYS F 3470 25.71 36.20 101.13
C LYS F 3470 25.27 37.03 102.33
N ARG F 3471 26.18 37.23 103.29
CA ARG F 3471 25.83 38.02 104.47
C ARG F 3471 25.55 39.47 104.11
N LEU F 3472 26.30 40.02 103.15
CA LEU F 3472 26.18 41.42 102.77
C LEU F 3472 25.20 41.65 101.62
N LEU F 3473 24.65 40.58 101.04
CA LEU F 3473 23.81 40.72 99.85
C LEU F 3473 22.56 41.56 100.08
N PRO F 3474 21.79 41.38 101.16
CA PRO F 3474 20.64 42.27 101.36
C PRO F 3474 21.04 43.74 101.45
N ILE F 3475 22.20 44.05 102.03
CA ILE F 3475 22.67 45.43 102.05
C ILE F 3475 22.96 45.91 100.63
N GLY F 3476 23.60 45.07 99.82
CA GLY F 3476 23.87 45.45 98.44
C GLY F 3476 22.60 45.67 97.63
N LEU F 3477 21.57 44.86 97.89
CA LEU F 3477 20.29 45.07 97.24
C LEU F 3477 19.61 46.33 97.73
N ASN F 3478 19.78 46.67 99.02
CA ASN F 3478 19.26 47.93 99.53
C ASN F 3478 19.98 49.12 98.92
N ILE F 3479 21.22 48.94 98.49
CA ILE F 3479 21.94 50.04 97.84
C ILE F 3479 21.17 50.56 96.63
N CYS F 3480 20.59 49.65 95.84
CA CYS F 3480 19.91 50.03 94.61
C CYS F 3480 18.40 49.93 94.78
N ALA F 3481 17.69 50.76 94.00
CA ALA F 3481 16.24 50.78 94.04
C ALA F 3481 15.67 49.53 93.37
N PRO F 3482 14.42 49.18 93.67
CA PRO F 3482 13.82 48.01 92.99
C PRO F 3482 13.82 48.11 91.47
N GLY F 3483 13.60 49.30 90.90
CA GLY F 3483 13.77 49.46 89.47
C GLY F 3483 15.24 49.32 89.07
N ASP F 3484 16.14 49.85 89.90
CA ASP F 3484 17.56 49.57 89.72
C ASP F 3484 17.83 48.09 89.80
N GLN F 3485 17.10 47.36 90.67
CA GLN F 3485 17.26 45.91 90.73
C GLN F 3485 16.77 45.23 89.45
N GLU F 3486 15.69 45.77 88.85
CA GLU F 3486 15.26 45.26 87.55
C GLU F 3486 16.36 45.41 86.51
N LEU F 3487 16.97 46.61 86.47
CA LEU F 3487 18.08 46.81 85.55
C LEU F 3487 19.28 45.93 85.90
N ILE F 3488 19.47 45.64 87.18
CA ILE F 3488 20.53 44.72 87.59
C ILE F 3488 20.28 43.33 87.04
N ALA F 3489 19.03 42.87 87.11
CA ALA F 3489 18.69 41.56 86.55
C ALA F 3489 18.90 41.54 85.04
N LEU F 3490 18.48 42.61 84.35
CA LEU F 3490 18.69 42.67 82.91
C LEU F 3490 20.18 42.67 82.56
N ALA F 3491 20.98 43.43 83.31
CA ALA F 3491 22.41 43.49 83.04
C ALA F 3491 23.09 42.17 83.35
N LYS F 3492 22.64 41.46 84.39
CA LYS F 3492 23.15 40.13 84.67
C LYS F 3492 22.81 39.16 83.54
N ASN F 3493 21.60 39.31 82.98
CA ASN F 3493 21.25 38.53 81.79
C ASN F 3493 22.19 38.86 80.64
N ARG F 3494 22.54 40.14 80.49
CA ARG F 3494 23.49 40.53 79.44
C ARG F 3494 24.86 39.88 79.67
N PHE F 3495 25.34 39.87 80.91
CA PHE F 3495 26.59 39.17 81.22
C PHE F 3495 26.48 37.69 80.87
N SER F 3496 25.34 37.07 81.18
CA SER F 3496 25.14 35.68 80.79
C SER F 3496 25.20 35.52 79.28
N LEU F 3497 24.69 36.51 78.54
CA LEU F 3497 24.72 36.47 77.08
C LEU F 3497 26.03 37.01 76.53
N LYS F 3498 27.15 36.50 77.06
CA LYS F 3498 28.50 36.76 76.55
C LYS F 3498 28.70 38.23 76.15
N ASP F 3499 28.53 39.11 77.13
CA ASP F 3499 28.72 40.55 76.93
C ASP F 3499 29.77 41.07 77.90
N THR F 3500 30.63 41.96 77.38
CA THR F 3500 31.69 42.55 78.18
C THR F 3500 31.13 43.62 79.12
N GLU F 3501 31.98 44.05 80.05
CA GLU F 3501 31.55 44.96 81.11
C GLU F 3501 31.10 46.29 80.53
N GLU F 3502 31.88 46.87 79.61
CA GLU F 3502 31.51 48.16 79.04
C GLU F 3502 30.28 48.04 78.14
N GLU F 3503 30.14 46.92 77.43
CA GLU F 3503 28.93 46.70 76.63
C GLU F 3503 27.70 46.63 77.52
N VAL F 3504 27.79 45.93 78.65
CA VAL F 3504 26.67 45.85 79.58
C VAL F 3504 26.39 47.23 80.18
N ARG F 3505 27.44 48.00 80.46
CA ARG F 3505 27.24 49.36 80.97
C ARG F 3505 26.49 50.22 79.96
N ASP F 3506 26.86 50.13 78.68
CA ASP F 3506 26.14 50.86 77.64
C ASP F 3506 24.70 50.40 77.54
N ILE F 3507 24.46 49.09 77.69
CA ILE F 3507 23.09 48.57 77.67
C ILE F 3507 22.28 49.15 78.82
N ILE F 3508 22.88 49.23 80.01
CA ILE F 3508 22.19 49.82 81.15
C ILE F 3508 21.89 51.28 80.90
N ARG F 3509 22.86 52.01 80.33
CA ARG F 3509 22.62 53.42 80.00
C ARG F 3509 21.46 53.57 79.04
N SER F 3510 21.39 52.70 78.03
CA SER F 3510 20.30 52.77 77.05
C SER F 3510 18.96 52.43 77.69
N ASN F 3511 18.93 51.43 78.58
CA ASN F 3511 17.69 50.91 79.12
C ASN F 3511 17.30 51.53 80.45
N ILE F 3512 18.03 52.55 80.91
CA ILE F 3512 17.71 53.23 82.15
C ILE F 3512 16.29 53.82 82.18
N HIS F 3513 15.61 53.87 81.03
CA HIS F 3513 14.26 54.40 80.99
C HIS F 3513 13.26 53.50 81.71
N LEU F 3514 13.57 52.21 81.87
CA LEU F 3514 12.62 51.28 82.48
C LEU F 3514 12.37 51.59 83.95
N GLN F 3515 13.37 52.14 84.64
CA GLN F 3515 13.17 52.54 86.03
C GLN F 3515 12.07 53.59 86.13
N GLY F 3516 11.17 53.41 87.09
CA GLY F 3516 10.02 54.29 87.22
C GLY F 3516 8.88 53.97 86.27
N LYS F 3517 9.20 53.72 85.00
CA LYS F 3517 8.16 53.35 84.05
C LYS F 3517 7.55 52.00 84.40
N LEU F 3518 8.38 51.03 84.79
CA LEU F 3518 7.88 49.72 85.20
C LEU F 3518 7.21 49.85 86.56
N GLU F 3519 5.88 49.83 86.57
CA GLU F 3519 5.10 50.00 87.80
C GLU F 3519 4.30 48.73 88.08
N ASP F 3520 4.13 48.44 89.37
CA ASP F 3520 3.43 47.25 89.80
C ASP F 3520 2.96 47.47 91.23
N PRO F 3521 1.82 46.91 91.63
CA PRO F 3521 1.35 47.11 93.01
C PRO F 3521 2.34 46.69 94.07
N ALA F 3522 3.07 45.58 93.86
CA ALA F 3522 4.10 45.20 94.83
C ALA F 3522 5.27 46.17 94.78
N ILE F 3523 5.64 46.60 93.58
CA ILE F 3523 6.71 47.59 93.42
C ILE F 3523 6.36 48.87 94.16
N ARG F 3524 5.08 49.17 94.31
CA ARG F 3524 4.67 50.36 95.05
C ARG F 3524 5.15 50.29 96.50
N TRP F 3525 4.84 49.20 97.20
CA TRP F 3525 5.30 49.09 98.59
C TRP F 3525 6.80 48.89 98.66
N GLN F 3526 7.41 48.27 97.63
CA GLN F 3526 8.87 48.17 97.62
C GLN F 3526 9.50 49.55 97.61
N MET F 3527 9.01 50.44 96.73
CA MET F 3527 9.49 51.81 96.71
C MET F 3527 9.19 52.53 98.02
N ALA F 3528 8.00 52.28 98.59
CA ALA F 3528 7.64 52.93 99.85
C ALA F 3528 8.62 52.57 100.95
N LEU F 3529 8.93 51.27 101.11
CA LEU F 3529 9.88 50.85 102.12
C LEU F 3529 11.29 51.34 101.81
N TYR F 3530 11.64 51.40 100.53
CA TYR F 3530 12.97 51.89 100.14
C TYR F 3530 13.14 53.35 100.54
N LYS F 3531 12.10 54.17 100.36
CA LYS F 3531 12.16 55.55 100.82
C LYS F 3531 12.12 55.64 102.34
N ASP F 3532 11.34 54.76 102.99
CA ASP F 3532 11.26 54.78 104.44
C ASP F 3532 12.61 54.47 105.08
N LEU F 3533 13.43 53.65 104.42
CA LEU F 3533 14.78 53.41 104.91
C LEU F 3533 15.55 54.73 104.95
N PRO F 3534 16.15 55.10 106.09
CA PRO F 3534 16.68 56.46 106.25
C PRO F 3534 17.81 56.84 105.30
N ASN F 3535 18.89 56.06 105.30
CA ASN F 3535 20.06 56.43 104.51
C ASN F 3535 19.79 56.27 103.03
N ARG F 3536 20.12 57.30 102.25
CA ARG F 3536 19.96 57.30 100.80
C ARG F 3536 21.22 57.85 100.14
N THR F 3537 22.38 57.33 100.56
CA THR F 3537 23.65 57.83 100.04
C THR F 3537 23.77 57.61 98.54
N GLU F 3538 23.08 56.62 97.99
CA GLU F 3538 23.06 56.43 96.55
C GLU F 3538 22.38 57.61 95.87
N ASP F 3539 22.84 57.93 94.67
CA ASP F 3539 22.30 59.06 93.91
C ASP F 3539 21.50 58.51 92.74
N PRO F 3540 20.17 58.47 92.82
CA PRO F 3540 19.38 58.00 91.68
C PRO F 3540 19.25 59.03 90.56
N SER F 3541 19.42 60.32 90.86
CA SER F 3541 19.36 61.36 89.84
C SER F 3541 20.58 61.34 88.92
N ASP F 3542 21.63 60.60 89.27
CA ASP F 3542 22.81 60.53 88.43
C ASP F 3542 22.74 59.26 87.59
N PRO F 3543 22.48 59.37 86.28
CA PRO F 3543 22.42 58.15 85.46
C PRO F 3543 23.72 57.38 85.44
N GLU F 3544 24.86 58.07 85.44
CA GLU F 3544 26.15 57.38 85.42
C GLU F 3544 26.35 56.56 86.71
N ARG F 3545 26.05 57.17 87.86
CA ARG F 3545 26.19 56.44 89.12
C ARG F 3545 25.22 55.28 89.20
N THR F 3546 23.98 55.48 88.74
CA THR F 3546 23.00 54.39 88.75
C THR F 3546 23.47 53.24 87.87
N VAL F 3547 24.00 53.56 86.68
CA VAL F 3547 24.47 52.53 85.76
C VAL F 3547 25.66 51.79 86.37
N GLU F 3548 26.57 52.52 87.01
CA GLU F 3548 27.72 51.88 87.63
C GLU F 3548 27.30 50.93 88.75
N ARG F 3549 26.35 51.36 89.59
CA ARG F 3549 25.87 50.48 90.65
C ARG F 3549 25.19 49.24 90.07
N VAL F 3550 24.37 49.43 89.02
CA VAL F 3550 23.69 48.30 88.39
C VAL F 3550 24.71 47.32 87.83
N LEU F 3551 25.75 47.84 87.15
CA LEU F 3551 26.78 46.99 86.59
C LEU F 3551 27.51 46.21 87.68
N GLY F 3552 27.88 46.91 88.76
CA GLY F 3552 28.63 46.28 89.83
C GLY F 3552 27.86 45.22 90.58
N ILE F 3553 26.55 45.39 90.70
CA ILE F 3553 25.76 44.31 91.28
C ILE F 3553 25.55 43.19 90.28
N ALA F 3554 25.34 43.53 89.00
CA ALA F 3554 24.92 42.55 88.02
C ALA F 3554 26.03 41.56 87.69
N ASN F 3555 27.27 42.04 87.52
CA ASN F 3555 28.34 41.10 87.22
C ASN F 3555 28.58 40.15 88.38
N VAL F 3556 28.47 40.65 89.61
CA VAL F 3556 28.62 39.80 90.79
C VAL F 3556 27.53 38.75 90.84
N LEU F 3557 26.28 39.15 90.58
CA LEU F 3557 25.20 38.16 90.59
C LEU F 3557 25.35 37.14 89.46
N PHE F 3558 25.87 37.57 88.31
CA PHE F 3558 26.09 36.62 87.21
C PHE F 3558 27.17 35.61 87.57
N HIS F 3559 28.26 36.07 88.19
CA HIS F 3559 29.29 35.13 88.65
C HIS F 3559 28.75 34.20 89.74
N LEU F 3560 27.89 34.73 90.62
CA LEU F 3560 27.27 33.88 91.64
C LEU F 3560 26.37 32.84 91.00
N GLU F 3561 25.66 33.21 89.93
CA GLU F 3561 24.86 32.23 89.19
C GLU F 3561 25.75 31.16 88.58
N GLN F 3562 26.91 31.56 88.03
CA GLN F 3562 27.85 30.57 87.52
C GLN F 3562 28.30 29.61 88.62
N LYS F 3563 28.59 30.14 89.81
CA LYS F 3563 29.05 29.30 90.92
C LYS F 3563 27.91 28.60 91.65
N SER F 3564 26.66 28.87 91.30
CA SER F 3564 25.52 28.23 91.94
C SER F 3564 24.56 27.64 90.92
N PRO F 3611 65.68 -12.08 80.11
CA PRO F 3611 66.98 -12.73 80.18
C PRO F 3611 67.83 -12.49 78.94
N ARG F 3612 69.08 -12.96 78.97
CA ARG F 3612 70.00 -12.71 77.86
C ARG F 3612 69.51 -13.38 76.58
N HIS F 3613 69.09 -14.64 76.67
CA HIS F 3613 68.63 -15.35 75.48
C HIS F 3613 67.37 -14.71 74.90
N ARG F 3614 66.43 -14.32 75.75
CA ARG F 3614 65.24 -13.65 75.27
C ARG F 3614 65.59 -12.33 74.60
N ALA F 3615 66.50 -11.56 75.20
CA ALA F 3615 66.90 -10.28 74.63
C ALA F 3615 67.55 -10.47 73.26
N VAL F 3616 68.45 -11.45 73.14
CA VAL F 3616 69.14 -11.62 71.86
C VAL F 3616 68.19 -12.14 70.79
N ASN F 3617 67.23 -13.00 71.17
CA ASN F 3617 66.23 -13.45 70.20
C ASN F 3617 65.38 -12.28 69.72
N LEU F 3618 64.93 -11.43 70.64
CA LEU F 3618 64.18 -10.25 70.24
C LEU F 3618 65.00 -9.34 69.34
N PHE F 3619 66.30 -9.21 69.63
CA PHE F 3619 67.13 -8.38 68.78
C PHE F 3619 67.31 -9.00 67.40
N LEU F 3620 67.42 -10.33 67.32
CA LEU F 3620 67.48 -10.96 66.00
C LEU F 3620 66.23 -10.65 65.18
N GLN F 3621 65.06 -10.81 65.78
CA GLN F 3621 63.83 -10.53 65.04
C GLN F 3621 63.72 -9.07 64.64
N GLY F 3622 64.04 -8.17 65.57
CA GLY F 3622 63.99 -6.75 65.26
C GLY F 3622 64.99 -6.34 64.20
N TYR F 3623 66.21 -6.88 64.29
CA TYR F 3623 67.22 -6.61 63.28
C TYR F 3623 66.76 -7.08 61.91
N GLU F 3624 66.15 -8.25 61.85
CA GLU F 3624 65.57 -8.68 60.59
C GLU F 3624 64.60 -7.61 60.10
N LYS F 3625 63.50 -7.42 60.83
CA LYS F 3625 62.40 -6.61 60.35
C LYS F 3625 62.79 -5.15 60.09
N SER F 3626 63.90 -4.68 60.65
CA SER F 3626 64.31 -3.29 60.46
C SER F 3626 65.45 -3.15 59.46
N TRP F 3627 66.56 -3.83 59.69
CA TRP F 3627 67.78 -3.63 58.93
C TRP F 3627 67.99 -4.64 57.81
N ILE F 3628 67.07 -5.58 57.57
CA ILE F 3628 67.34 -6.59 56.56
C ILE F 3628 66.20 -6.61 55.56
N GLU F 3629 65.01 -6.20 56.03
CA GLU F 3629 63.80 -6.26 55.20
C GLU F 3629 63.52 -4.93 54.51
N THR F 3630 64.42 -3.95 54.62
CA THR F 3630 64.20 -2.64 54.03
C THR F 3630 65.14 -2.30 52.88
N GLU F 3631 66.29 -2.97 52.77
CA GLU F 3631 67.20 -2.71 51.67
C GLU F 3631 66.58 -3.13 50.36
N GLU F 3632 66.65 -2.26 49.35
CA GLU F 3632 66.09 -2.51 48.02
C GLU F 3632 67.19 -2.21 47.00
N HIS F 3633 68.03 -3.21 46.72
CA HIS F 3633 69.08 -3.07 45.72
C HIS F 3633 68.52 -3.42 44.34
N TYR F 3634 68.77 -2.56 43.38
CA TYR F 3634 68.19 -2.69 42.04
C TYR F 3634 69.15 -3.50 41.17
N PHE F 3635 68.75 -4.73 40.83
CA PHE F 3635 69.52 -5.59 39.95
C PHE F 3635 68.69 -6.18 38.82
N GLU F 3636 67.38 -5.87 38.78
CA GLU F 3636 66.50 -6.54 37.83
C GLU F 3636 66.89 -6.23 36.40
N ASP F 3637 67.19 -4.96 36.10
CA ASP F 3637 67.49 -4.59 34.72
C ASP F 3637 68.77 -5.26 34.24
N LYS F 3638 69.83 -5.21 35.05
CA LYS F 3638 71.09 -5.85 34.66
C LYS F 3638 70.93 -7.35 34.53
N LEU F 3639 70.21 -7.97 35.46
CA LEU F 3639 70.00 -9.42 35.40
C LEU F 3639 69.24 -9.81 34.14
N ILE F 3640 68.18 -9.07 33.81
CA ILE F 3640 67.41 -9.37 32.60
C ILE F 3640 68.28 -9.17 31.37
N GLU F 3641 69.10 -8.13 31.36
CA GLU F 3641 69.97 -7.87 30.22
C GLU F 3641 70.95 -9.01 30.00
N ASP F 3642 71.65 -9.43 31.06
CA ASP F 3642 72.64 -10.49 30.88
C ASP F 3642 71.98 -11.84 30.62
N LEU F 3643 70.74 -12.04 31.10
CA LEU F 3643 70.04 -13.28 30.82
C LEU F 3643 69.51 -13.33 29.40
N ALA F 3644 69.10 -12.19 28.84
CA ALA F 3644 68.61 -12.13 27.48
C ALA F 3644 69.71 -11.94 26.45
N LYS F 3645 70.94 -11.67 26.88
CA LYS F 3645 72.05 -11.57 25.94
C LYS F 3645 72.24 -12.89 25.22
N PRO F 3646 72.22 -12.92 23.88
CA PRO F 3646 72.34 -14.21 23.17
C PRO F 3646 73.64 -14.94 23.44
N GLY F 3647 74.73 -14.22 23.65
CA GLY F 3647 76.00 -14.85 23.91
C GLY F 3647 76.71 -15.27 22.63
N ALA F 3648 77.95 -15.72 22.79
CA ALA F 3648 78.76 -16.14 21.67
C ALA F 3648 78.36 -17.54 21.21
N GLU F 3649 78.75 -17.87 19.98
CA GLU F 3649 78.46 -19.18 19.42
C GLU F 3649 79.66 -19.71 18.61
N LYS F 3658 70.97 -19.53 15.15
CA LYS F 3658 71.35 -19.51 16.55
C LYS F 3658 70.37 -20.37 17.36
N ARG F 3659 70.53 -20.38 18.67
CA ARG F 3659 69.70 -21.19 19.57
C ARG F 3659 68.90 -20.27 20.49
N VAL F 3660 68.23 -20.87 21.45
CA VAL F 3660 67.31 -20.15 22.33
C VAL F 3660 68.10 -19.48 23.45
N ASP F 3661 67.80 -18.21 23.69
CA ASP F 3661 68.45 -17.46 24.76
C ASP F 3661 68.00 -17.98 26.12
N PRO F 3662 68.82 -17.78 27.16
CA PRO F 3662 68.43 -18.28 28.49
C PRO F 3662 67.10 -17.74 29.00
N LEU F 3663 66.83 -16.46 28.76
CA LEU F 3663 65.56 -15.89 29.21
C LEU F 3663 64.39 -16.53 28.47
N HIS F 3664 64.55 -16.78 27.17
CA HIS F 3664 63.50 -17.45 26.43
C HIS F 3664 63.33 -18.89 26.90
N GLN F 3665 64.42 -19.56 27.27
CA GLN F 3665 64.30 -20.88 27.86
C GLN F 3665 63.49 -20.84 29.15
N LEU F 3666 63.76 -19.84 30.00
CA LEU F 3666 63.02 -19.71 31.24
C LEU F 3666 61.54 -19.46 30.98
N ILE F 3667 61.23 -18.60 30.02
CA ILE F 3667 59.83 -18.32 29.69
C ILE F 3667 59.14 -19.58 29.17
N LEU F 3668 59.84 -20.34 28.32
CA LEU F 3668 59.26 -21.60 27.84
C LEU F 3668 59.05 -22.59 28.98
N LEU F 3669 59.96 -22.61 29.96
CA LEU F 3669 59.78 -23.47 31.11
C LEU F 3669 58.52 -23.10 31.87
N PHE F 3670 58.32 -21.80 32.12
CA PHE F 3670 57.10 -21.37 32.81
C PHE F 3670 55.85 -21.70 31.98
N SER F 3671 55.94 -21.52 30.66
CA SER F 3671 54.79 -21.81 29.81
C SER F 3671 54.43 -23.29 29.85
N ARG F 3672 55.43 -24.17 29.79
CA ARG F 3672 55.17 -25.60 29.88
C ARG F 3672 54.61 -25.97 31.24
N THR F 3673 55.12 -25.36 32.31
CA THR F 3673 54.58 -25.63 33.63
C THR F 3673 53.12 -25.22 33.71
N ALA F 3674 52.77 -24.06 33.15
CA ALA F 3674 51.38 -23.61 33.16
C ALA F 3674 50.50 -24.52 32.32
N LEU F 3675 50.98 -24.94 31.15
CA LEU F 3675 50.17 -25.79 30.27
C LEU F 3675 50.04 -27.21 30.79
N THR F 3676 50.93 -27.65 31.67
CA THR F 3676 50.85 -28.99 32.22
C THR F 3676 49.54 -29.16 32.98
N GLU F 3677 48.83 -30.24 32.69
CA GLU F 3677 47.53 -30.48 33.34
C GLU F 3677 47.70 -30.65 34.85
N LYS F 3678 46.86 -29.96 35.60
CA LYS F 3678 46.93 -29.99 37.05
C LYS F 3678 45.65 -29.41 37.61
N CYS F 3679 45.11 -30.06 38.65
CA CYS F 3679 43.81 -29.67 39.20
C CYS F 3679 43.86 -28.26 39.78
N LYS F 3680 44.89 -27.95 40.56
CA LYS F 3680 45.01 -26.67 41.23
C LYS F 3680 46.42 -26.12 41.05
N LEU F 3681 46.51 -24.82 40.75
CA LEU F 3681 47.80 -24.18 40.57
C LEU F 3681 48.63 -24.28 41.85
N GLU F 3682 49.89 -24.66 41.70
CA GLU F 3682 50.78 -24.88 42.84
C GLU F 3682 51.74 -23.72 42.99
N GLU F 3683 51.97 -23.32 44.24
CA GLU F 3683 52.92 -22.25 44.52
C GLU F 3683 54.31 -22.62 44.03
N ASP F 3684 54.98 -21.67 43.39
CA ASP F 3684 56.31 -21.88 42.81
C ASP F 3684 57.15 -20.66 43.13
N PHE F 3685 58.03 -20.79 44.13
CA PHE F 3685 58.85 -19.67 44.56
C PHE F 3685 59.71 -19.13 43.42
N LEU F 3686 60.21 -20.02 42.57
CA LEU F 3686 60.95 -19.58 41.39
C LEU F 3686 60.07 -18.70 40.50
N TYR F 3687 58.83 -19.13 40.28
CA TYR F 3687 57.91 -18.33 39.47
C TYR F 3687 57.69 -16.96 40.10
N MET F 3688 57.44 -16.93 41.41
CA MET F 3688 57.22 -15.65 42.09
C MET F 3688 58.42 -14.73 41.91
N ALA F 3689 59.62 -15.25 42.21
CA ALA F 3689 60.82 -14.43 42.18
C ALA F 3689 61.09 -13.89 40.77
N TYR F 3690 61.05 -14.76 39.76
CA TYR F 3690 61.40 -14.29 38.44
C TYR F 3690 60.29 -13.46 37.79
N ALA F 3691 59.03 -13.72 38.12
CA ALA F 3691 57.96 -12.83 37.67
C ALA F 3691 58.14 -11.44 38.27
N ASP F 3692 58.50 -11.37 39.55
CA ASP F 3692 58.77 -10.08 40.17
C ASP F 3692 59.95 -9.38 39.50
N ILE F 3693 61.02 -10.12 39.21
CA ILE F 3693 62.19 -9.52 38.57
C ILE F 3693 61.83 -8.98 37.19
N MET F 3694 61.10 -9.78 36.40
CA MET F 3694 60.74 -9.34 35.06
C MET F 3694 59.79 -8.15 35.10
N ALA F 3695 58.86 -8.14 36.06
CA ALA F 3695 57.97 -6.99 36.19
C ALA F 3695 58.73 -5.74 36.59
N LYS F 3696 59.69 -5.86 37.51
CA LYS F 3696 60.46 -4.71 37.94
C LYS F 3696 61.46 -4.26 36.89
N SER F 3697 61.80 -5.11 35.93
CA SER F 3697 62.74 -4.70 34.88
C SER F 3697 62.18 -3.53 34.08
N CYS F 3698 60.90 -3.58 33.73
CA CYS F 3698 60.27 -2.46 33.06
C CYS F 3698 60.13 -1.26 34.00
N HIS F 3699 60.35 -0.06 33.46
CA HIS F 3699 60.21 1.17 34.20
C HIS F 3699 61.08 1.20 35.45
N SER F 3712 60.46 19.13 26.97
CA SER F 3712 60.26 17.89 27.70
C SER F 3712 59.64 16.83 26.78
N PHE F 3713 59.19 17.27 25.61
CA PHE F 3713 58.60 16.32 24.66
C PHE F 3713 59.62 15.27 24.22
N GLU F 3714 60.86 15.71 23.97
CA GLU F 3714 61.89 14.77 23.55
C GLU F 3714 62.19 13.74 24.64
N GLU F 3715 62.24 14.16 25.90
CA GLU F 3715 62.52 13.20 26.96
C GLU F 3715 61.34 12.28 27.22
N LYS F 3716 60.11 12.79 27.08
CA LYS F 3716 58.94 11.91 27.18
C LYS F 3716 58.97 10.85 26.09
N GLU F 3717 59.28 11.25 24.85
CA GLU F 3717 59.37 10.28 23.78
C GLU F 3717 60.50 9.30 24.01
N MET F 3718 61.63 9.76 24.53
CA MET F 3718 62.76 8.87 24.78
C MET F 3718 62.42 7.83 25.84
N GLU F 3719 61.77 8.24 26.92
CA GLU F 3719 61.40 7.27 27.94
C GLU F 3719 60.31 6.33 27.44
N LYS F 3720 59.42 6.82 26.56
CA LYS F 3720 58.45 5.93 25.95
C LYS F 3720 59.15 4.87 25.10
N GLN F 3721 60.14 5.27 24.30
CA GLN F 3721 60.88 4.30 23.49
C GLN F 3721 61.62 3.31 24.37
N LYS F 3722 62.20 3.78 25.48
CA LYS F 3722 62.88 2.86 26.40
C LYS F 3722 61.90 1.85 26.98
N LEU F 3723 60.71 2.31 27.37
CA LEU F 3723 59.71 1.39 27.91
C LEU F 3723 59.29 0.37 26.87
N LEU F 3724 59.08 0.82 25.63
CA LEU F 3724 58.73 -0.13 24.57
C LEU F 3724 59.86 -1.12 24.33
N TYR F 3725 61.11 -0.66 24.40
CA TYR F 3725 62.23 -1.56 24.22
C TYR F 3725 62.25 -2.64 25.29
N GLN F 3726 62.08 -2.25 26.56
CA GLN F 3726 62.10 -3.25 27.62
C GLN F 3726 60.94 -4.22 27.51
N GLN F 3727 59.74 -3.71 27.21
CA GLN F 3727 58.58 -4.57 27.06
C GLN F 3727 58.79 -5.55 25.91
N ALA F 3728 59.31 -5.08 24.78
CA ALA F 3728 59.57 -5.97 23.66
C ALA F 3728 60.64 -6.99 24.01
N ARG F 3729 61.66 -6.57 24.75
CA ARG F 3729 62.75 -7.47 25.12
C ARG F 3729 62.21 -8.64 25.93
N LEU F 3730 61.37 -8.36 26.93
CA LEU F 3730 60.84 -9.47 27.72
C LEU F 3730 59.61 -10.10 27.10
N HIS F 3731 59.07 -9.53 26.02
CA HIS F 3731 57.80 -9.94 25.47
C HIS F 3731 57.91 -10.80 24.21
N ASP F 3732 58.86 -10.51 23.33
CA ASP F 3732 59.01 -11.29 22.10
C ASP F 3732 59.40 -12.73 22.37
N ARG F 3733 59.62 -13.10 23.63
CA ARG F 3733 59.96 -14.45 24.02
C ARG F 3733 58.78 -15.23 24.57
N GLY F 3734 57.57 -14.68 24.45
CA GLY F 3734 56.37 -15.37 24.88
C GLY F 3734 55.85 -15.00 26.25
N ALA F 3735 56.21 -13.83 26.78
CA ALA F 3735 55.71 -13.45 28.09
C ALA F 3735 54.20 -13.29 28.09
N ALA F 3736 53.63 -12.76 27.01
CA ALA F 3736 52.19 -12.61 26.94
C ALA F 3736 51.49 -13.95 27.00
N GLU F 3737 51.98 -14.93 26.23
CA GLU F 3737 51.39 -16.25 26.26
C GLU F 3737 51.56 -16.90 27.63
N MET F 3738 52.73 -16.71 28.25
CA MET F 3738 52.95 -17.25 29.58
C MET F 3738 51.96 -16.67 30.59
N VAL F 3739 51.72 -15.36 30.53
CA VAL F 3739 50.77 -14.73 31.45
C VAL F 3739 49.37 -15.27 31.21
N LEU F 3740 48.96 -15.38 29.95
CA LEU F 3740 47.63 -15.88 29.65
C LEU F 3740 47.46 -17.32 30.14
N GLN F 3741 48.47 -18.16 29.91
CA GLN F 3741 48.38 -19.54 30.37
C GLN F 3741 48.32 -19.63 31.89
N THR F 3742 49.10 -18.80 32.59
CA THR F 3742 49.06 -18.81 34.04
C THR F 3742 47.68 -18.39 34.56
N ILE F 3743 47.11 -17.34 33.97
CA ILE F 3743 45.79 -16.89 34.42
C ILE F 3743 44.75 -17.96 34.12
N SER F 3744 44.86 -18.63 32.97
CA SER F 3744 43.92 -19.69 32.64
C SER F 3744 44.03 -20.85 33.62
N ALA F 3745 45.26 -21.24 33.96
CA ALA F 3745 45.47 -22.34 34.89
C ALA F 3745 45.09 -21.97 36.32
N SER F 3746 45.02 -20.68 36.63
CA SER F 3746 44.56 -20.27 37.97
C SER F 3746 43.16 -20.76 38.25
N LYS F 3747 42.33 -20.89 37.21
CA LYS F 3747 40.95 -21.40 37.34
C LYS F 3747 40.13 -20.59 38.34
N GLY F 3748 40.28 -19.27 38.30
CA GLY F 3748 39.48 -18.41 39.14
C GLY F 3748 39.74 -18.57 40.63
N GLU F 3749 40.98 -18.82 41.00
CA GLU F 3749 41.37 -18.97 42.40
C GLU F 3749 42.29 -17.82 42.77
N THR F 3750 41.89 -17.04 43.78
CA THR F 3750 42.73 -15.94 44.25
C THR F 3750 43.98 -16.50 44.91
N GLY F 3751 45.13 -15.96 44.53
CA GLY F 3751 46.39 -16.43 45.06
C GLY F 3751 47.55 -15.51 44.76
N PRO F 3752 48.64 -15.67 45.52
CA PRO F 3752 49.84 -14.86 45.26
C PRO F 3752 50.43 -15.10 43.88
N MET F 3753 50.31 -16.31 43.34
CA MET F 3753 50.74 -16.55 41.97
C MET F 3753 49.93 -15.71 40.99
N VAL F 3754 48.62 -15.63 41.19
CA VAL F 3754 47.79 -14.81 40.33
C VAL F 3754 48.16 -13.34 40.49
N ALA F 3755 48.44 -12.90 41.72
CA ALA F 3755 48.85 -11.52 41.91
C ALA F 3755 50.15 -11.22 41.17
N ALA F 3756 51.12 -12.14 41.25
CA ALA F 3756 52.39 -11.94 40.57
C ALA F 3756 52.21 -11.89 39.06
N THR F 3757 51.40 -12.80 38.51
CA THR F 3757 51.22 -12.79 37.06
C THR F 3757 50.42 -11.58 36.60
N LEU F 3758 49.52 -11.06 37.44
CA LEU F 3758 48.82 -9.83 37.09
C LEU F 3758 49.76 -8.63 37.10
N LYS F 3759 50.68 -8.59 38.08
CA LYS F 3759 51.68 -7.52 38.07
C LYS F 3759 52.56 -7.62 36.84
N LEU F 3760 52.95 -8.84 36.46
CA LEU F 3760 53.73 -9.02 35.24
C LEU F 3760 52.96 -8.56 34.01
N GLY F 3761 51.66 -8.89 33.94
CA GLY F 3761 50.85 -8.46 32.83
C GLY F 3761 50.73 -6.95 32.75
N ILE F 3762 50.57 -6.29 33.90
CA ILE F 3762 50.53 -4.83 33.92
C ILE F 3762 51.86 -4.27 33.42
N ALA F 3763 52.97 -4.85 33.89
CA ALA F 3763 54.28 -4.35 33.49
C ALA F 3763 54.49 -4.48 31.98
N ILE F 3764 54.10 -5.62 31.41
CA ILE F 3764 54.32 -5.82 29.98
C ILE F 3764 53.36 -4.98 29.15
N LEU F 3765 52.12 -4.79 29.61
CA LEU F 3765 51.12 -4.06 28.86
C LEU F 3765 51.11 -2.57 29.17
N ASN F 3766 52.00 -2.09 30.02
CA ASN F 3766 52.01 -0.68 30.37
C ASN F 3766 52.17 0.18 29.13
N GLY F 3767 51.34 1.22 29.03
CA GLY F 3767 51.31 2.06 27.86
C GLY F 3767 50.42 1.56 26.73
N GLY F 3768 49.73 0.44 26.92
CA GLY F 3768 48.84 -0.08 25.89
C GLY F 3768 49.54 -0.50 24.62
N ASN F 3769 50.63 -1.26 24.74
CA ASN F 3769 51.39 -1.70 23.59
C ASN F 3769 50.55 -2.54 22.64
N SER F 3770 50.32 -2.02 21.44
CA SER F 3770 49.43 -2.68 20.49
C SER F 3770 50.00 -4.01 20.04
N THR F 3771 51.33 -4.14 19.96
CA THR F 3771 51.92 -5.41 19.58
C THR F 3771 51.56 -6.51 20.57
N VAL F 3772 51.72 -6.23 21.86
CA VAL F 3772 51.40 -7.22 22.87
C VAL F 3772 49.91 -7.49 22.92
N GLN F 3773 49.09 -6.45 22.78
CA GLN F 3773 47.64 -6.66 22.76
C GLN F 3773 47.24 -7.57 21.61
N GLN F 3774 47.79 -7.33 20.42
CA GLN F 3774 47.49 -8.15 19.26
C GLN F 3774 47.97 -9.58 19.46
N LYS F 3775 49.16 -9.77 20.05
CA LYS F 3775 49.65 -11.12 20.26
C LYS F 3775 48.75 -11.88 21.23
N MET F 3776 48.32 -11.24 22.31
CA MET F 3776 47.40 -11.89 23.24
C MET F 3776 46.09 -12.24 22.54
N LEU F 3777 45.54 -11.32 21.75
CA LEU F 3777 44.28 -11.59 21.06
C LEU F 3777 44.43 -12.75 20.09
N ASP F 3778 45.52 -12.77 19.33
CA ASP F 3778 45.74 -13.85 18.37
C ASP F 3778 45.90 -15.18 19.08
N TYR F 3779 46.62 -15.21 20.20
CA TYR F 3779 46.77 -16.45 20.94
C TYR F 3779 45.42 -16.95 21.44
N LEU F 3780 44.60 -16.06 22.00
CA LEU F 3780 43.29 -16.47 22.49
C LEU F 3780 42.41 -16.97 21.36
N LYS F 3781 42.46 -16.31 20.20
CA LYS F 3781 41.63 -16.75 19.08
C LYS F 3781 42.08 -18.09 18.53
N GLU F 3782 43.40 -18.29 18.38
CA GLU F 3782 43.88 -19.56 17.85
C GLU F 3782 43.61 -20.70 18.81
N LYS F 3783 43.98 -20.54 20.08
CA LYS F 3783 43.72 -21.55 21.10
C LYS F 3783 42.48 -21.11 21.87
N LYS F 3784 41.32 -21.61 21.44
CA LYS F 3784 40.06 -21.26 22.08
C LYS F 3784 40.11 -21.65 23.55
N ASP F 3785 40.14 -20.65 24.44
CA ASP F 3785 40.36 -20.87 25.87
C ASP F 3785 39.24 -20.15 26.61
N VAL F 3786 38.11 -20.84 26.80
CA VAL F 3786 37.06 -20.30 27.65
C VAL F 3786 37.50 -20.29 29.11
N GLY F 3787 38.47 -21.14 29.47
CA GLY F 3787 38.94 -21.19 30.84
C GLY F 3787 39.57 -19.88 31.29
N PHE F 3788 40.22 -19.16 30.39
CA PHE F 3788 40.82 -17.88 30.75
C PHE F 3788 39.75 -16.88 31.17
N PHE F 3789 38.67 -16.77 30.38
CA PHE F 3789 37.59 -15.85 30.72
C PHE F 3789 36.86 -16.31 31.97
N GLN F 3790 36.68 -17.63 32.13
CA GLN F 3790 36.06 -18.12 33.36
C GLN F 3790 36.91 -17.80 34.58
N SER F 3791 38.23 -17.92 34.45
CA SER F 3791 39.12 -17.57 35.55
C SER F 3791 39.03 -16.08 35.87
N LEU F 3792 38.98 -15.24 34.84
CA LEU F 3792 38.83 -13.81 35.09
C LEU F 3792 37.52 -13.52 35.82
N ALA F 3793 36.42 -14.14 35.38
CA ALA F 3793 35.14 -13.93 36.03
C ALA F 3793 35.18 -14.39 37.48
N GLY F 3794 35.81 -15.55 37.74
CA GLY F 3794 35.92 -16.02 39.11
C GLY F 3794 36.74 -15.09 39.98
N LEU F 3795 37.84 -14.56 39.43
CA LEU F 3795 38.67 -13.64 40.20
C LEU F 3795 37.91 -12.37 40.54
N MET F 3796 37.25 -11.76 39.56
CA MET F 3796 36.52 -10.54 39.85
C MET F 3796 35.28 -10.79 40.70
N GLN F 3797 34.79 -12.03 40.74
CA GLN F 3797 33.72 -12.37 41.68
C GLN F 3797 34.26 -12.52 43.10
N SER F 3798 35.45 -13.09 43.25
CA SER F 3798 36.03 -13.32 44.56
C SER F 3798 36.80 -12.12 45.09
N CYS F 3799 36.93 -11.05 44.31
CA CYS F 3799 37.56 -9.83 44.82
C CYS F 3799 36.81 -9.31 46.03
N SER F 3800 37.55 -8.96 47.07
CA SER F 3800 36.94 -8.54 48.34
C SER F 3800 36.45 -7.09 48.25
N VAL F 3801 35.47 -6.78 49.09
CA VAL F 3801 34.93 -5.43 49.22
C VAL F 3801 34.89 -5.07 50.69
N LEU F 3802 34.56 -3.81 50.96
CA LEU F 3802 34.47 -3.35 52.34
C LEU F 3802 33.33 -4.07 53.06
N ASP F 3803 33.60 -4.55 54.27
CA ASP F 3803 32.59 -5.20 55.10
C ASP F 3803 32.54 -4.51 56.46
N LEU F 3804 31.34 -4.09 56.85
CA LEU F 3804 31.19 -3.31 58.06
C LEU F 3804 31.30 -4.16 59.33
N ASN F 3805 30.91 -5.43 59.27
CA ASN F 3805 30.93 -6.28 60.45
C ASN F 3805 32.36 -6.45 60.96
N ALA F 3806 33.29 -6.73 60.06
CA ALA F 3806 34.69 -6.91 60.46
C ALA F 3806 35.25 -5.62 61.04
N PHE F 3807 34.89 -4.48 60.46
CA PHE F 3807 35.38 -3.21 60.98
C PHE F 3807 34.82 -2.94 62.38
N GLU F 3808 33.55 -3.29 62.61
CA GLU F 3808 32.99 -3.13 63.94
C GLU F 3808 33.68 -4.03 64.95
N ARG F 3809 33.97 -5.28 64.55
CA ARG F 3809 34.71 -6.17 65.43
C ARG F 3809 36.10 -5.60 65.73
N GLN F 3810 36.76 -5.02 64.73
CA GLN F 3810 38.07 -4.41 64.95
C GLN F 3810 37.97 -3.20 65.89
N ASN F 3811 36.90 -2.42 65.77
CA ASN F 3811 36.72 -1.28 66.68
C ASN F 3811 36.52 -1.77 68.11
N LYS F 3812 35.70 -2.80 68.30
CA LYS F 3812 35.53 -3.35 69.63
C LYS F 3812 36.85 -3.93 70.16
N ALA F 3813 37.64 -4.53 69.27
CA ALA F 3813 38.93 -5.09 69.68
C ALA F 3813 39.88 -3.99 70.12
N GLU F 3814 39.99 -2.91 69.34
CA GLU F 3814 40.90 -1.83 69.72
C GLU F 3814 40.40 -1.10 70.96
N GLY F 3815 39.09 -1.09 71.19
CA GLY F 3815 38.57 -0.57 72.45
C GLY F 3815 38.94 -1.45 73.64
N LEU F 3816 38.87 -2.77 73.46
CA LEU F 3816 39.17 -3.70 74.54
C LEU F 3816 40.67 -3.86 74.79
N GLY F 3817 41.50 -3.51 73.82
CA GLY F 3817 42.95 -3.52 74.03
C GLY F 3817 43.63 -4.85 73.74
N MET F 3818 43.51 -5.35 72.51
CA MET F 3818 44.21 -6.55 72.11
C MET F 3818 45.69 -6.25 71.83
N VAL F 3819 46.48 -7.33 71.79
CA VAL F 3819 47.92 -7.20 71.61
C VAL F 3819 48.26 -6.76 70.18
N THR F 3820 47.50 -7.24 69.20
CA THR F 3820 47.84 -7.00 67.80
C THR F 3820 47.85 -5.51 67.46
N GLU F 3821 46.98 -4.72 68.11
CA GLU F 3821 46.89 -3.28 67.88
C GLU F 3821 46.65 -2.97 66.40
N GLU F 3822 45.71 -3.70 65.81
CA GLU F 3822 45.33 -3.54 64.41
C GLU F 3822 46.54 -3.71 63.48
N GLY F 3823 47.37 -4.71 63.78
CA GLY F 3823 48.51 -4.99 62.93
C GLY F 3823 48.11 -5.47 61.56
N SER F 3824 47.10 -6.34 61.49
CA SER F 3824 46.57 -6.86 60.23
C SER F 3824 45.16 -6.33 60.06
N GLY F 3825 45.04 -5.18 59.38
CA GLY F 3825 43.76 -4.55 59.17
C GLY F 3825 43.09 -4.94 57.87
N GLU F 3826 43.53 -6.05 57.28
CA GLU F 3826 42.99 -6.50 56.00
C GLU F 3826 41.62 -7.15 56.13
N LYS F 3827 41.11 -7.33 57.35
CA LYS F 3827 39.75 -7.85 57.50
C LYS F 3827 38.71 -6.95 56.87
N VAL F 3828 39.04 -5.69 56.63
CA VAL F 3828 38.10 -4.76 56.01
C VAL F 3828 38.24 -4.73 54.50
N LEU F 3829 39.47 -4.86 53.98
CA LEU F 3829 39.69 -5.00 52.53
C LEU F 3829 40.95 -5.85 52.34
N GLN F 3830 40.75 -7.17 52.25
CA GLN F 3830 41.82 -8.14 52.07
C GLN F 3830 42.86 -7.72 51.03
N ASP F 3831 42.47 -7.64 49.75
CA ASP F 3831 43.44 -7.40 48.68
C ASP F 3831 42.97 -6.26 47.79
N ASP F 3832 43.17 -5.03 48.26
CA ASP F 3832 42.94 -3.87 47.41
C ASP F 3832 43.98 -3.80 46.31
N GLU F 3833 45.23 -4.15 46.63
CA GLU F 3833 46.28 -4.19 45.62
C GLU F 3833 45.95 -5.21 44.53
N PHE F 3834 45.48 -6.39 44.93
CA PHE F 3834 45.13 -7.40 43.92
C PHE F 3834 43.95 -6.96 43.07
N THR F 3835 42.92 -6.38 43.69
CA THR F 3835 41.78 -5.90 42.91
C THR F 3835 42.22 -4.82 41.92
N CYS F 3836 43.02 -3.86 42.38
CA CYS F 3836 43.51 -2.81 41.50
C CYS F 3836 44.36 -3.38 40.38
N ASP F 3837 45.20 -4.37 40.69
CA ASP F 3837 46.03 -4.98 39.66
C ASP F 3837 45.18 -5.69 38.61
N LEU F 3838 44.15 -6.41 39.04
CA LEU F 3838 43.30 -7.11 38.07
C LEU F 3838 42.59 -6.12 37.16
N PHE F 3839 41.99 -5.09 37.74
CA PHE F 3839 41.26 -4.14 36.89
C PHE F 3839 42.20 -3.30 36.05
N ARG F 3840 43.41 -3.04 36.54
CA ARG F 3840 44.39 -2.35 35.70
C ARG F 3840 44.86 -3.23 34.56
N PHE F 3841 44.95 -4.54 34.78
CA PHE F 3841 45.26 -5.45 33.69
C PHE F 3841 44.18 -5.42 32.62
N LEU F 3842 42.91 -5.43 33.04
CA LEU F 3842 41.83 -5.32 32.07
C LEU F 3842 41.89 -3.98 31.32
N GLN F 3843 42.14 -2.89 32.04
CA GLN F 3843 42.22 -1.58 31.42
C GLN F 3843 43.35 -1.54 30.40
N LEU F 3844 44.51 -2.11 30.73
CA LEU F 3844 45.61 -2.13 29.78
C LEU F 3844 45.30 -3.02 28.60
N LEU F 3845 44.49 -4.07 28.80
CA LEU F 3845 44.04 -4.87 27.66
C LEU F 3845 43.21 -4.02 26.71
N CYS F 3846 42.32 -3.20 27.24
CA CYS F 3846 41.44 -2.37 26.41
C CYS F 3846 41.85 -0.89 26.43
N GLU F 3847 43.16 -0.62 26.46
CA GLU F 3847 43.62 0.75 26.61
C GLU F 3847 43.57 1.52 25.29
N GLY F 3848 44.27 1.03 24.28
CA GLY F 3848 44.44 1.80 23.06
C GLY F 3848 43.24 1.77 22.13
N HIS F 3849 42.05 1.89 22.71
CA HIS F 3849 40.80 1.88 21.95
C HIS F 3849 40.71 0.63 21.06
N ASN F 3850 41.13 -0.49 21.62
CA ASN F 3850 41.23 -1.74 20.86
C ASN F 3850 39.83 -2.31 20.69
N SER F 3851 39.21 -2.00 19.54
CA SER F 3851 37.82 -2.38 19.32
C SER F 3851 37.64 -3.89 19.30
N ASP F 3852 38.57 -4.61 18.68
CA ASP F 3852 38.45 -6.07 18.59
C ASP F 3852 38.51 -6.70 19.97
N PHE F 3853 39.44 -6.27 20.81
CA PHE F 3853 39.54 -6.82 22.15
C PHE F 3853 38.35 -6.43 23.00
N GLN F 3854 37.85 -5.19 22.83
CA GLN F 3854 36.66 -4.77 23.57
C GLN F 3854 35.46 -5.64 23.22
N ASN F 3855 35.26 -5.89 21.92
CA ASN F 3855 34.16 -6.76 21.50
C ASN F 3855 34.38 -8.19 21.96
N TYR F 3856 35.62 -8.67 21.98
CA TYR F 3856 35.89 -10.02 22.45
C TYR F 3856 35.54 -10.14 23.93
N LEU F 3857 35.89 -9.14 24.74
CA LEU F 3857 35.52 -9.19 26.15
C LEU F 3857 34.02 -9.10 26.34
N ARG F 3858 33.33 -8.31 25.52
CA ARG F 3858 31.87 -8.25 25.62
C ARG F 3858 31.26 -9.60 25.31
N THR F 3859 31.61 -10.18 24.17
CA THR F 3859 31.17 -11.51 23.77
C THR F 3859 32.35 -12.25 23.15
N GLN F 3860 32.54 -13.51 23.57
CA GLN F 3860 33.67 -14.32 23.09
C GLN F 3860 33.21 -15.13 21.90
N THR F 3861 33.25 -14.51 20.73
CA THR F 3861 32.85 -15.18 19.51
C THR F 3861 33.79 -16.34 19.19
N GLY F 3862 33.22 -17.43 18.67
CA GLY F 3862 34.00 -18.61 18.35
C GLY F 3862 34.00 -19.64 19.45
N ASN F 3863 34.08 -19.19 20.70
CA ASN F 3863 34.04 -20.12 21.83
C ASN F 3863 32.64 -20.67 22.01
N ASN F 3864 32.56 -21.88 22.58
CA ASN F 3864 31.27 -22.52 22.79
C ASN F 3864 30.43 -21.74 23.81
N THR F 3865 31.06 -21.24 24.87
CA THR F 3865 30.36 -20.47 25.90
C THR F 3865 31.06 -19.15 26.10
N THR F 3866 30.27 -18.11 26.39
CA THR F 3866 30.79 -16.76 26.55
C THR F 3866 30.36 -16.20 27.90
N VAL F 3867 31.20 -15.33 28.46
CA VAL F 3867 30.89 -14.60 29.67
C VAL F 3867 31.08 -13.12 29.38
N ASN F 3868 30.36 -12.28 30.13
CA ASN F 3868 30.36 -10.84 29.90
C ASN F 3868 31.17 -10.18 31.01
N ILE F 3869 32.46 -9.96 30.72
CA ILE F 3869 33.33 -9.29 31.68
C ILE F 3869 32.82 -7.89 31.98
N ILE F 3870 32.16 -7.26 31.01
CA ILE F 3870 31.59 -5.93 31.25
C ILE F 3870 30.52 -5.99 32.33
N ILE F 3871 29.62 -6.97 32.22
CA ILE F 3871 28.55 -7.10 33.21
C ILE F 3871 29.14 -7.47 34.57
N SER F 3872 30.16 -8.35 34.58
CA SER F 3872 30.79 -8.70 35.85
C SER F 3872 31.44 -7.49 36.50
N THR F 3873 32.09 -6.63 35.70
CA THR F 3873 32.69 -5.43 36.24
C THR F 3873 31.64 -4.49 36.79
N VAL F 3874 30.50 -4.35 36.10
CA VAL F 3874 29.43 -3.50 36.61
C VAL F 3874 28.89 -4.06 37.92
N ASP F 3875 28.76 -5.38 38.03
CA ASP F 3875 28.30 -5.97 39.27
C ASP F 3875 29.28 -5.71 40.41
N TYR F 3876 30.58 -5.83 40.14
CA TYR F 3876 31.56 -5.55 41.18
C TYR F 3876 31.52 -4.08 41.58
N LEU F 3877 31.29 -3.19 40.62
CA LEU F 3877 31.12 -1.78 40.95
C LEU F 3877 29.91 -1.56 41.84
N LEU F 3878 28.82 -2.28 41.56
CA LEU F 3878 27.64 -2.19 42.42
C LEU F 3878 27.97 -2.66 43.84
N ARG F 3879 28.71 -3.76 43.97
CA ARG F 3879 29.05 -4.27 45.29
C ARG F 3879 29.91 -3.27 46.06
N VAL F 3880 30.92 -2.71 45.41
CA VAL F 3880 31.79 -1.77 46.13
C VAL F 3880 31.02 -0.49 46.46
N GLN F 3881 30.10 -0.07 45.59
CA GLN F 3881 29.26 1.08 45.90
C GLN F 3881 28.40 0.81 47.13
N GLU F 3882 27.81 -0.37 47.22
CA GLU F 3882 27.01 -0.70 48.39
C GLU F 3882 27.86 -0.73 49.65
N SER F 3883 29.08 -1.26 49.55
CA SER F 3883 29.97 -1.27 50.71
C SER F 3883 30.30 0.15 51.16
N ILE F 3884 30.60 1.03 50.21
CA ILE F 3884 30.90 2.42 50.57
C ILE F 3884 29.68 3.10 51.18
N SER F 3885 28.50 2.80 50.66
CA SER F 3885 27.28 3.37 51.23
C SER F 3885 27.06 2.90 52.66
N ASP F 3886 27.31 1.61 52.93
CA ASP F 3886 27.18 1.11 54.28
C ASP F 3886 28.18 1.76 55.22
N PHE F 3887 29.42 1.95 54.76
CA PHE F 3887 30.41 2.62 55.59
C PHE F 3887 30.01 4.06 55.88
N TYR F 3888 29.45 4.74 54.86
CA TYR F 3888 28.96 6.10 55.06
C TYR F 3888 27.83 6.13 56.09
N TRP F 3889 26.90 5.17 56.01
CA TRP F 3889 25.83 5.12 56.99
C TRP F 3889 26.36 4.88 58.39
N TYR F 3890 27.38 4.03 58.51
CA TYR F 3890 27.97 3.75 59.81
C TYR F 3890 28.62 5.00 60.40
N TYR F 3891 29.35 5.76 59.57
CA TYR F 3891 30.01 6.97 60.06
C TYR F 3891 29.16 8.22 59.91
N SER F 3892 27.88 8.07 59.60
CA SER F 3892 27.03 9.25 59.40
C SER F 3892 26.73 9.97 60.70
N GLY F 3893 26.61 9.24 61.81
CA GLY F 3893 26.17 9.84 63.06
C GLY F 3893 27.26 10.52 63.86
N LYS F 3894 28.43 9.88 63.98
CA LYS F 3894 29.49 10.40 64.84
C LYS F 3894 30.07 11.71 64.34
N ASP F 3895 29.95 11.99 63.05
CA ASP F 3895 30.40 13.24 62.44
C ASP F 3895 31.90 13.46 62.60
N ILE F 3896 32.65 12.41 62.90
CA ILE F 3896 34.10 12.48 63.05
C ILE F 3896 34.70 11.26 62.35
N ILE F 3897 35.75 11.49 61.57
CA ILE F 3897 36.40 10.44 60.80
C ILE F 3897 37.73 10.13 61.46
N ASP F 3898 37.90 8.90 61.92
CA ASP F 3898 39.16 8.48 62.53
C ASP F 3898 40.18 8.11 61.45
N GLU F 3899 41.40 7.82 61.90
CA GLU F 3899 42.47 7.48 60.95
C GLU F 3899 42.18 6.15 60.25
N GLN F 3900 41.65 5.16 60.98
CA GLN F 3900 41.29 3.90 60.35
C GLN F 3900 40.19 4.10 59.32
N GLY F 3901 39.20 4.94 59.65
CA GLY F 3901 38.19 5.28 58.67
C GLY F 3901 38.77 5.97 57.44
N GLN F 3902 39.75 6.86 57.66
CA GLN F 3902 40.41 7.49 56.53
C GLN F 3902 41.11 6.48 55.64
N ARG F 3903 41.82 5.53 56.26
CA ARG F 3903 42.52 4.52 55.46
C ARG F 3903 41.56 3.65 54.67
N ASN F 3904 40.48 3.20 55.32
CA ASN F 3904 39.50 2.37 54.62
C ASN F 3904 38.83 3.15 53.50
N PHE F 3905 38.47 4.41 53.76
CA PHE F 3905 37.88 5.24 52.71
C PHE F 3905 38.85 5.43 51.55
N SER F 3906 40.12 5.66 51.84
CA SER F 3906 41.10 5.86 50.77
C SER F 3906 41.22 4.60 49.91
N LYS F 3907 41.29 3.43 50.55
CA LYS F 3907 41.36 2.18 49.79
C LYS F 3907 40.11 1.98 48.93
N ALA F 3908 38.94 2.24 49.50
CA ALA F 3908 37.70 2.10 48.74
C ALA F 3908 37.67 3.08 47.57
N ILE F 3909 38.12 4.30 47.78
CA ILE F 3909 38.15 5.30 46.72
C ILE F 3909 39.08 4.85 45.60
N GLN F 3910 40.26 4.34 45.95
CA GLN F 3910 41.18 3.88 44.90
C GLN F 3910 40.59 2.71 44.12
N VAL F 3911 39.97 1.75 44.81
CA VAL F 3911 39.41 0.60 44.11
C VAL F 3911 38.28 1.05 43.18
N ALA F 3912 37.39 1.90 43.68
CA ALA F 3912 36.29 2.39 42.85
C ALA F 3912 36.79 3.21 41.68
N LYS F 3913 37.83 4.00 41.90
CA LYS F 3913 38.42 4.78 40.81
C LYS F 3913 38.98 3.88 39.73
N GLN F 3914 39.67 2.81 40.12
CA GLN F 3914 40.20 1.90 39.13
C GLN F 3914 39.08 1.20 38.37
N VAL F 3915 38.01 0.81 39.07
CA VAL F 3915 36.88 0.18 38.38
C VAL F 3915 36.25 1.16 37.38
N PHE F 3916 36.09 2.41 37.79
CA PHE F 3916 35.51 3.41 36.89
C PHE F 3916 36.40 3.62 35.67
N ASN F 3917 37.72 3.68 35.86
CA ASN F 3917 38.62 3.85 34.73
C ASN F 3917 38.54 2.66 33.79
N THR F 3918 38.41 1.45 34.34
CA THR F 3918 38.26 0.27 33.48
C THR F 3918 36.98 0.35 32.68
N LEU F 3919 35.87 0.78 33.30
CA LEU F 3919 34.62 0.92 32.57
C LEU F 3919 34.72 1.98 31.49
N THR F 3920 35.38 3.11 31.78
CA THR F 3920 35.59 4.13 30.78
C THR F 3920 36.36 3.56 29.60
N GLU F 3921 37.44 2.83 29.86
CA GLU F 3921 38.22 2.26 28.78
C GLU F 3921 37.41 1.24 27.99
N TYR F 3922 36.48 0.54 28.65
CA TYR F 3922 35.58 -0.34 27.91
C TYR F 3922 34.69 0.44 26.96
N ILE F 3923 34.16 1.57 27.41
CA ILE F 3923 33.13 2.28 26.63
C ILE F 3923 33.68 3.39 25.77
N GLN F 3924 35.00 3.60 25.75
CA GLN F 3924 35.54 4.68 24.94
C GLN F 3924 35.34 4.41 23.46
N GLY F 3925 35.40 5.49 22.67
CA GLY F 3925 35.18 5.40 21.26
C GLY F 3925 33.73 5.08 20.94
N PRO F 3926 33.47 4.69 19.70
CA PRO F 3926 32.11 4.30 19.29
C PRO F 3926 31.83 2.82 19.52
N CYS F 3927 32.06 2.35 20.75
CA CYS F 3927 31.77 0.96 21.11
C CYS F 3927 30.29 0.86 21.45
N THR F 3928 29.49 0.67 20.40
CA THR F 3928 28.03 0.63 20.57
C THR F 3928 27.60 -0.52 21.46
N GLY F 3929 28.22 -1.70 21.27
CA GLY F 3929 27.85 -2.84 22.08
C GLY F 3929 28.10 -2.62 23.56
N ASN F 3930 29.30 -2.11 23.88
CA ASN F 3930 29.63 -1.84 25.28
C ASN F 3930 28.73 -0.76 25.85
N GLN F 3931 28.45 0.29 25.07
CA GLN F 3931 27.58 1.35 25.55
C GLN F 3931 26.18 0.83 25.87
N GLN F 3932 25.63 0.00 24.98
CA GLN F 3932 24.31 -0.56 25.24
C GLN F 3932 24.33 -1.51 26.43
N SER F 3933 25.41 -2.29 26.57
CA SER F 3933 25.50 -3.21 27.71
C SER F 3933 25.51 -2.44 29.02
N LEU F 3934 26.30 -1.38 29.10
CA LEU F 3934 26.31 -0.58 30.33
C LEU F 3934 25.00 0.17 30.53
N ALA F 3935 24.36 0.59 29.44
CA ALA F 3935 23.06 1.26 29.57
C ALA F 3935 22.01 0.33 30.14
N HIS F 3936 22.01 -0.92 29.69
CA HIS F 3936 21.04 -1.90 30.16
C HIS F 3936 21.45 -2.60 31.44
N SER F 3937 22.66 -2.35 31.93
CA SER F 3937 23.13 -3.00 33.14
C SER F 3937 22.64 -2.24 34.37
N ARG F 3938 23.17 -2.58 35.53
CA ARG F 3938 22.75 -2.00 36.81
C ARG F 3938 23.50 -0.71 37.12
N LEU F 3939 24.32 -0.22 36.19
CA LEU F 3939 25.16 0.94 36.47
C LEU F 3939 24.36 2.17 36.87
N TRP F 3940 23.10 2.27 36.42
CA TRP F 3940 22.31 3.47 36.68
C TRP F 3940 21.90 3.58 38.14
N ASP F 3941 21.94 2.50 38.90
CA ASP F 3941 21.71 2.58 40.34
C ASP F 3941 22.99 2.85 41.09
N ALA F 3942 24.10 2.27 40.64
CA ALA F 3942 25.38 2.51 41.29
C ALA F 3942 25.79 3.97 41.17
N VAL F 3943 25.54 4.59 40.01
CA VAL F 3943 25.91 5.98 39.84
C VAL F 3943 25.08 6.89 40.76
N VAL F 3944 23.78 6.58 40.93
CA VAL F 3944 22.95 7.37 41.82
C VAL F 3944 23.42 7.22 43.26
N GLY F 3945 23.75 5.99 43.66
CA GLY F 3945 24.28 5.78 45.00
C GLY F 3945 25.58 6.53 45.22
N PHE F 3946 26.45 6.54 44.21
CA PHE F 3946 27.69 7.28 44.32
C PHE F 3946 27.44 8.77 44.46
N LEU F 3947 26.49 9.31 43.69
CA LEU F 3947 26.16 10.73 43.82
C LEU F 3947 25.66 11.05 45.23
N HIS F 3948 24.78 10.20 45.76
CA HIS F 3948 24.25 10.43 47.10
C HIS F 3948 25.36 10.41 48.14
N VAL F 3949 26.20 9.37 48.11
CA VAL F 3949 27.25 9.25 49.12
C VAL F 3949 28.27 10.37 48.97
N PHE F 3950 28.56 10.78 47.74
CA PHE F 3950 29.54 11.85 47.54
C PHE F 3950 29.00 13.18 48.04
N ALA F 3951 27.73 13.46 47.78
CA ALA F 3951 27.13 14.69 48.29
C ALA F 3951 27.20 14.73 49.81
N HIS F 3952 26.80 13.64 50.46
CA HIS F 3952 26.79 13.66 51.93
C HIS F 3952 28.21 13.70 52.50
N MET F 3953 29.14 12.94 51.91
CA MET F 3953 30.51 12.96 52.39
C MET F 3953 31.16 14.32 52.21
N GLN F 3954 30.93 14.99 51.08
CA GLN F 3954 31.51 16.32 50.92
C GLN F 3954 30.84 17.33 51.85
N MET F 3955 29.54 17.17 52.11
CA MET F 3955 28.87 18.05 53.07
C MET F 3955 29.49 17.91 54.45
N LYS F 3956 29.77 16.67 54.88
CA LYS F 3956 30.40 16.48 56.18
C LYS F 3956 31.86 16.90 56.18
N LEU F 3957 32.55 16.70 55.06
CA LEU F 3957 33.99 16.93 54.97
C LEU F 3957 34.35 18.40 54.89
N SER F 3958 33.46 19.23 54.33
CA SER F 3958 33.75 20.66 54.22
C SER F 3958 33.94 21.29 55.59
N GLN F 3959 33.17 20.84 56.58
CA GLN F 3959 33.25 21.43 57.92
C GLN F 3959 34.59 21.14 58.57
N ASP F 3960 35.03 19.88 58.53
CA ASP F 3960 36.29 19.52 59.15
C ASP F 3960 37.48 19.95 58.28
N SER F 3961 38.64 20.03 58.90
CA SER F 3961 39.86 20.46 58.22
C SER F 3961 41.00 19.46 58.27
N SER F 3962 40.86 18.36 59.01
CA SER F 3962 41.91 17.38 59.12
C SER F 3962 41.77 16.23 58.13
N GLN F 3963 40.79 16.29 57.23
CA GLN F 3963 40.53 15.21 56.28
C GLN F 3963 40.52 15.75 54.84
N ILE F 3964 41.36 16.76 54.57
CA ILE F 3964 41.38 17.38 53.26
C ILE F 3964 41.82 16.39 52.19
N GLU F 3965 42.75 15.50 52.53
CA GLU F 3965 43.19 14.49 51.57
C GLU F 3965 42.03 13.56 51.19
N LEU F 3966 41.24 13.13 52.17
CA LEU F 3966 40.07 12.32 51.88
C LEU F 3966 39.08 13.09 51.02
N LEU F 3967 38.90 14.38 51.31
CA LEU F 3967 38.01 15.19 50.48
C LEU F 3967 38.50 15.24 49.03
N LYS F 3968 39.80 15.43 48.84
CA LYS F 3968 40.33 15.48 47.47
C LYS F 3968 40.16 14.14 46.77
N GLU F 3969 40.36 13.04 47.48
CA GLU F 3969 40.12 11.73 46.87
C GLU F 3969 38.65 11.58 46.47
N LEU F 3970 37.74 12.08 47.31
CA LEU F 3970 36.33 12.03 46.99
C LEU F 3970 36.04 12.81 45.70
N MET F 3971 36.60 14.02 45.59
CA MET F 3971 36.37 14.81 44.38
C MET F 3971 36.98 14.15 43.16
N ASP F 3972 38.14 13.51 43.30
CA ASP F 3972 38.74 12.82 42.17
C ASP F 3972 37.86 11.66 41.70
N LEU F 3973 37.28 10.92 42.64
CA LEU F 3973 36.39 9.84 42.24
C LEU F 3973 35.13 10.37 41.57
N GLN F 3974 34.62 11.51 42.06
CA GLN F 3974 33.48 12.14 41.39
C GLN F 3974 33.83 12.55 39.97
N LYS F 3975 35.03 13.11 39.78
CA LYS F 3975 35.49 13.48 38.45
C LYS F 3975 35.58 12.26 37.54
N ASP F 3976 36.07 11.15 38.06
CA ASP F 3976 36.13 9.93 37.25
C ASP F 3976 34.73 9.43 36.90
N MET F 3977 33.78 9.55 37.82
CA MET F 3977 32.42 9.13 37.51
C MET F 3977 31.82 9.97 36.38
N VAL F 3978 32.00 11.29 36.46
CA VAL F 3978 31.41 12.13 35.41
C VAL F 3978 32.15 11.95 34.09
N VAL F 3979 33.44 11.63 34.13
CA VAL F 3979 34.15 11.27 32.90
C VAL F 3979 33.57 9.99 32.31
N MET F 3980 33.21 9.03 33.18
CA MET F 3980 32.54 7.83 32.72
C MET F 3980 31.20 8.14 32.06
N LEU F 3981 30.45 9.06 32.65
CA LEU F 3981 29.17 9.46 32.05
C LEU F 3981 29.39 10.11 30.69
N LEU F 3982 30.40 10.96 30.57
CA LEU F 3982 30.72 11.56 29.27
C LEU F 3982 31.11 10.50 28.25
N SER F 3983 31.89 9.50 28.67
CA SER F 3983 32.26 8.42 27.77
C SER F 3983 31.05 7.60 27.35
N MET F 3984 30.06 7.47 28.23
CA MET F 3984 28.79 6.89 27.80
C MET F 3984 28.11 7.75 26.74
N LEU F 3985 28.12 9.07 26.94
CA LEU F 3985 27.55 9.99 25.98
C LEU F 3985 28.49 10.30 24.82
N GLU F 3986 29.53 9.47 24.64
CA GLU F 3986 30.49 9.69 23.56
C GLU F 3986 29.80 9.76 22.20
N GLY F 3987 28.90 8.81 21.92
CA GLY F 3987 28.22 8.78 20.65
C GLY F 3987 26.75 9.10 20.73
N ASN F 3988 26.39 10.08 21.56
CA ASN F 3988 25.00 10.41 21.81
C ASN F 3988 24.40 11.17 20.63
N VAL F 3989 23.25 10.70 20.14
CA VAL F 3989 22.48 11.41 19.14
C VAL F 3989 21.53 12.36 19.87
N VAL F 3990 20.93 13.31 19.13
CA VAL F 3990 20.03 14.28 19.76
C VAL F 3990 18.85 13.56 20.42
N ASN F 3991 18.23 12.63 19.70
CA ASN F 3991 17.18 11.79 20.28
C ASN F 3991 17.78 10.51 20.82
N GLY F 3992 18.64 10.66 21.81
CA GLY F 3992 19.43 9.56 22.32
C GLY F 3992 18.71 8.82 23.44
N THR F 3993 18.60 7.50 23.28
CA THR F 3993 18.07 6.68 24.35
C THR F 3993 18.97 6.74 25.58
N ILE F 3994 20.29 6.78 25.36
CA ILE F 3994 21.21 6.97 26.47
C ILE F 3994 20.97 8.32 27.13
N GLY F 3995 20.64 9.34 26.34
CA GLY F 3995 20.29 10.62 26.91
C GLY F 3995 19.04 10.57 27.77
N LYS F 3996 18.02 9.85 27.31
CA LYS F 3996 16.81 9.69 28.11
C LYS F 3996 17.12 8.95 29.41
N GLN F 3997 17.94 7.90 29.34
CA GLN F 3997 18.30 7.18 30.55
C GLN F 3997 19.08 8.07 31.52
N MET F 3998 19.97 8.91 30.98
CA MET F 3998 20.76 9.79 31.84
C MET F 3998 19.89 10.87 32.49
N VAL F 3999 18.93 11.42 31.75
CA VAL F 3999 18.07 12.43 32.36
C VAL F 3999 17.14 11.77 33.39
N ASP F 4000 16.73 10.53 33.14
CA ASP F 4000 15.98 9.81 34.17
C ASP F 4000 16.83 9.58 35.41
N MET F 4001 18.11 9.23 35.21
CA MET F 4001 19.05 9.15 36.32
C MET F 4001 19.09 10.45 37.11
N LEU F 4002 19.18 11.57 36.40
CA LEU F 4002 19.26 12.87 37.06
C LEU F 4002 18.00 13.15 37.87
N VAL F 4003 16.81 12.87 37.31
CA VAL F 4003 15.60 13.19 38.05
C VAL F 4003 15.44 12.26 39.24
N GLU F 4004 15.90 11.00 39.14
CA GLU F 4004 15.89 10.13 40.30
C GLU F 4004 16.84 10.66 41.38
N SER F 4005 17.99 11.18 40.99
CA SER F 4005 18.96 11.75 41.93
C SER F 4005 18.87 13.27 41.97
N SER F 4006 17.65 13.81 41.86
CA SER F 4006 17.46 15.26 41.77
C SER F 4006 18.10 15.98 42.96
N ASN F 4007 17.77 15.54 44.18
CA ASN F 4007 18.23 16.30 45.34
C ASN F 4007 19.74 16.29 45.43
N ASN F 4008 20.35 15.11 45.33
CA ASN F 4008 21.77 14.94 45.59
C ASN F 4008 22.60 15.84 44.67
N VAL F 4009 22.29 15.81 43.37
CA VAL F 4009 23.01 16.67 42.43
C VAL F 4009 22.77 18.14 42.78
N GLU F 4010 21.63 18.47 43.37
CA GLU F 4010 21.39 19.85 43.76
C GLU F 4010 22.33 20.29 44.88
N MET F 4011 22.49 19.47 45.94
CA MET F 4011 23.47 19.92 46.94
C MET F 4011 24.89 19.87 46.38
N ILE F 4012 25.19 18.95 45.46
CA ILE F 4012 26.53 18.96 44.85
C ILE F 4012 26.77 20.27 44.11
N LEU F 4013 25.81 20.68 43.28
CA LEU F 4013 25.96 21.91 42.52
C LEU F 4013 26.05 23.12 43.44
N LYS F 4014 25.24 23.16 44.49
CA LYS F 4014 25.32 24.26 45.44
C LYS F 4014 26.67 24.30 46.13
N PHE F 4015 27.20 23.12 46.48
CA PHE F 4015 28.51 23.04 47.11
C PHE F 4015 29.59 23.60 46.20
N PHE F 4016 29.52 23.30 44.90
CA PHE F 4016 30.48 23.90 43.97
C PHE F 4016 30.25 25.40 43.83
N ASP F 4017 28.99 25.84 43.77
CA ASP F 4017 28.70 27.26 43.58
C ASP F 4017 29.26 28.09 44.72
N MET F 4018 29.21 27.56 45.94
CA MET F 4018 29.73 28.32 47.08
C MET F 4018 31.17 28.77 46.85
N PHE F 4019 32.05 27.84 46.50
CA PHE F 4019 33.45 28.19 46.30
C PHE F 4019 33.68 28.92 44.99
N LEU F 4020 32.93 28.60 43.93
CA LEU F 4020 33.11 29.32 42.69
C LEU F 4020 32.75 30.79 42.83
N LYS F 4021 31.73 31.10 43.63
CA LYS F 4021 31.43 32.49 43.94
C LYS F 4021 32.41 33.08 44.95
N LEU F 4022 32.95 32.25 45.86
CA LEU F 4022 33.96 32.74 46.79
C LEU F 4022 35.19 33.23 46.05
N LYS F 4023 35.54 32.58 44.94
CA LYS F 4023 36.72 33.00 44.18
C LYS F 4023 36.58 34.44 43.71
N ASP F 4024 35.42 34.81 43.17
CA ASP F 4024 35.19 36.18 42.75
C ASP F 4024 34.94 37.10 43.93
N LEU F 4025 34.41 36.56 45.03
CA LEU F 4025 34.20 37.34 46.25
C LEU F 4025 35.54 37.87 46.78
N THR F 4026 36.58 37.03 46.73
CA THR F 4026 37.87 37.43 47.26
C THR F 4026 38.45 38.62 46.51
N SER F 4027 38.34 38.63 45.18
CA SER F 4027 39.03 39.59 44.34
C SER F 4027 38.30 40.94 44.23
N SER F 4028 37.34 41.22 45.10
CA SER F 4028 36.65 42.51 45.06
C SER F 4028 37.54 43.61 45.62
N ASP F 4029 37.34 44.83 45.10
CA ASP F 4029 38.19 45.95 45.51
C ASP F 4029 38.02 46.24 47.00
N THR F 4030 36.78 46.33 47.46
CA THR F 4030 36.54 46.54 48.88
C THR F 4030 37.05 45.36 49.71
N PHE F 4031 36.89 44.14 49.19
CA PHE F 4031 37.42 42.98 49.90
C PHE F 4031 38.94 43.01 49.99
N LYS F 4032 39.61 43.47 48.92
CA LYS F 4032 41.06 43.54 48.97
C LYS F 4032 41.55 44.63 49.91
N GLU F 4033 40.91 45.81 49.89
CA GLU F 4033 41.31 46.85 50.84
C GLU F 4033 40.89 46.50 52.27
N TYR F 4034 39.97 45.55 52.42
CA TYR F 4034 39.54 45.12 53.74
C TYR F 4034 40.68 44.52 54.54
N ASP F 4035 41.66 43.92 53.85
CA ASP F 4035 42.86 43.36 54.47
C ASP F 4035 44.07 44.09 53.91
N PRO F 4036 44.54 45.15 54.58
CA PRO F 4036 45.71 45.88 54.05
C PRO F 4036 46.98 45.04 54.03
N ASP F 4037 47.24 44.27 55.09
CA ASP F 4037 48.46 43.48 55.19
C ASP F 4037 48.37 42.16 54.43
N GLY F 4038 47.17 41.73 54.05
CA GLY F 4038 47.01 40.45 53.41
C GLY F 4038 47.08 39.31 54.41
N LYS F 4039 47.21 38.10 53.87
CA LYS F 4039 47.28 36.87 54.66
C LYS F 4039 46.04 36.71 55.53
N GLY F 4040 44.89 37.15 55.03
CA GLY F 4040 43.64 37.03 55.77
C GLY F 4040 43.57 37.86 57.03
N VAL F 4041 43.78 39.18 56.89
CA VAL F 4041 43.58 40.08 58.03
C VAL F 4041 42.14 40.00 58.53
N ILE F 4042 41.21 39.60 57.68
CA ILE F 4042 39.81 39.46 58.04
C ILE F 4042 39.65 38.60 59.28
N SER F 4043 39.05 39.17 60.32
CA SER F 4043 38.54 38.35 61.41
C SER F 4043 37.31 37.60 60.92
N LYS F 4044 36.85 36.66 61.74
CA LYS F 4044 35.67 35.89 61.34
C LYS F 4044 34.44 36.79 61.22
N ARG F 4045 34.16 37.57 62.26
CA ARG F 4045 33.03 38.49 62.22
C ARG F 4045 33.22 39.57 61.17
N ASP F 4046 34.46 40.07 61.05
CA ASP F 4046 34.76 41.14 60.10
C ASP F 4046 34.52 40.67 58.67
N PHE F 4047 35.00 39.46 58.35
CA PHE F 4047 34.77 38.88 57.04
C PHE F 4047 33.29 38.55 56.82
N HIS F 4048 32.60 38.15 57.89
CA HIS F 4048 31.16 37.93 57.79
C HIS F 4048 30.43 39.20 57.36
N LYS F 4049 30.67 40.31 58.05
CA LYS F 4049 30.01 41.54 57.64
C LYS F 4049 30.47 41.98 56.26
N ALA F 4050 31.74 41.71 55.91
CA ALA F 4050 32.24 42.09 54.59
C ALA F 4050 31.45 41.40 53.47
N MET F 4051 31.35 40.07 53.52
CA MET F 4051 30.66 39.45 52.38
C MET F 4051 29.15 39.44 52.57
N GLU F 4052 28.64 39.78 53.76
CA GLU F 4052 27.21 40.07 53.87
C GLU F 4052 26.86 41.36 53.17
N SER F 4053 27.72 42.38 53.30
CA SER F 4053 27.58 43.58 52.48
C SER F 4053 27.79 43.26 51.00
N HIS F 4054 28.67 42.30 50.71
CA HIS F 4054 28.84 41.87 49.32
C HIS F 4054 27.56 41.29 48.76
N LYS F 4055 26.84 40.52 49.58
CA LYS F 4055 25.53 39.94 49.21
C LYS F 4055 25.67 38.97 48.03
N HIS F 4056 26.52 37.96 48.23
CA HIS F 4056 26.65 36.89 47.25
C HIS F 4056 25.90 35.62 47.63
N TYR F 4057 25.53 35.46 48.90
CA TYR F 4057 24.91 34.24 49.39
C TYR F 4057 23.78 34.59 50.34
N THR F 4058 23.06 33.56 50.77
CA THR F 4058 22.07 33.69 51.83
C THR F 4058 22.72 33.36 53.17
N GLN F 4059 21.98 33.62 54.24
CA GLN F 4059 22.53 33.49 55.59
C GLN F 4059 23.00 32.06 55.86
N SER F 4060 22.27 31.07 55.34
CA SER F 4060 22.68 29.68 55.53
C SER F 4060 24.05 29.43 54.89
N GLU F 4061 24.26 29.93 53.67
CA GLU F 4061 25.56 29.77 53.04
C GLU F 4061 26.64 30.57 53.77
N THR F 4062 26.29 31.74 54.31
CA THR F 4062 27.27 32.51 55.06
C THR F 4062 27.75 31.74 56.29
N GLU F 4063 26.81 31.17 57.05
CA GLU F 4063 27.21 30.42 58.24
C GLU F 4063 27.90 29.12 57.86
N PHE F 4064 27.54 28.52 56.73
CA PHE F 4064 28.26 27.33 56.24
C PHE F 4064 29.71 27.67 55.93
N LEU F 4065 29.93 28.81 55.26
CA LEU F 4065 31.29 29.26 54.99
C LEU F 4065 32.04 29.59 56.26
N LEU F 4066 31.36 30.16 57.26
CA LEU F 4066 32.01 30.38 58.55
C LEU F 4066 32.43 29.07 59.20
N SER F 4067 31.55 28.06 59.15
CA SER F 4067 31.86 26.78 59.75
C SER F 4067 33.04 26.12 59.06
N CYS F 4068 33.08 26.19 57.73
CA CYS F 4068 34.20 25.61 56.99
C CYS F 4068 35.43 26.51 56.98
N ALA F 4069 35.32 27.74 57.48
CA ALA F 4069 36.45 28.65 57.48
C ALA F 4069 37.56 28.15 58.38
N GLU F 4070 38.80 28.48 58.02
CA GLU F 4070 39.95 28.10 58.82
C GLU F 4070 39.82 28.70 60.22
N THR F 4071 39.94 27.84 61.23
CA THR F 4071 39.79 28.26 62.62
C THR F 4071 41.16 28.64 63.17
N ASP F 4072 41.45 29.95 63.18
CA ASP F 4072 42.69 30.45 63.75
C ASP F 4072 42.72 30.32 65.27
N GLU F 4073 41.58 30.00 65.88
CA GLU F 4073 41.42 29.95 67.34
C GLU F 4073 41.63 31.33 67.95
N ASN F 4074 41.84 32.33 67.10
CA ASN F 4074 42.06 33.72 67.51
C ASN F 4074 41.07 34.65 66.82
N GLU F 4075 39.92 34.12 66.40
CA GLU F 4075 38.88 34.90 65.74
C GLU F 4075 39.44 35.57 64.47
N THR F 4076 39.92 34.72 63.55
CA THR F 4076 40.51 35.19 62.31
C THR F 4076 40.47 34.06 61.30
N LEU F 4077 40.54 34.41 60.02
CA LEU F 4077 40.64 33.45 58.94
C LEU F 4077 41.49 34.03 57.83
N ASP F 4078 42.22 33.16 57.13
CA ASP F 4078 43.10 33.55 56.03
C ASP F 4078 42.44 33.15 54.72
N TYR F 4079 41.82 34.12 54.06
CA TYR F 4079 41.05 33.80 52.86
C TYR F 4079 41.95 33.31 51.75
N GLU F 4080 43.22 33.76 51.72
CA GLU F 4080 44.15 33.30 50.70
C GLU F 4080 44.29 31.79 50.72
N GLU F 4081 44.75 31.25 51.85
CA GLU F 4081 44.89 29.81 51.98
C GLU F 4081 43.53 29.13 51.88
N PHE F 4082 42.47 29.78 52.34
CA PHE F 4082 41.14 29.18 52.25
C PHE F 4082 40.74 28.92 50.80
N VAL F 4083 40.86 29.94 49.95
CA VAL F 4083 40.48 29.76 48.55
C VAL F 4083 41.46 28.81 47.86
N LYS F 4084 42.75 28.93 48.16
CA LYS F 4084 43.72 28.01 47.56
C LYS F 4084 43.41 26.57 47.91
N ARG F 4085 42.86 26.32 49.10
CA ARG F 4085 42.48 24.97 49.48
C ARG F 4085 41.20 24.52 48.79
N PHE F 4086 40.19 25.39 48.71
CA PHE F 4086 38.86 24.95 48.31
C PHE F 4086 38.54 25.17 46.84
N HIS F 4087 38.78 26.37 46.31
CA HIS F 4087 38.30 26.71 44.98
C HIS F 4087 38.95 25.86 43.89
N GLU F 4088 40.26 25.64 43.97
CA GLU F 4088 40.96 24.94 42.89
C GLU F 4088 40.43 23.52 42.69
N PRO F 4089 40.34 22.65 43.71
CA PRO F 4089 39.71 21.34 43.46
C PRO F 4089 38.27 21.48 43.02
N ALA F 4090 37.54 22.45 43.56
CA ALA F 4090 36.16 22.66 43.17
C ALA F 4090 36.07 22.97 41.68
N LYS F 4091 36.92 23.87 41.19
CA LYS F 4091 36.92 24.21 39.77
C LYS F 4091 37.30 23.00 38.92
N ASP F 4092 38.41 22.34 39.28
CA ASP F 4092 38.91 21.24 38.46
C ASP F 4092 37.92 20.09 38.38
N ILE F 4093 37.16 19.84 39.44
CA ILE F 4093 36.21 18.74 39.42
C ILE F 4093 34.87 19.16 38.83
N GLY F 4094 34.40 20.38 39.12
CA GLY F 4094 33.13 20.82 38.57
C GLY F 4094 33.15 21.22 37.13
N PHE F 4095 34.33 21.38 36.52
CA PHE F 4095 34.36 21.64 35.09
C PHE F 4095 33.74 20.49 34.30
N ASN F 4096 34.05 19.25 34.69
CA ASN F 4096 33.46 18.10 34.01
C ASN F 4096 31.95 18.06 34.22
N VAL F 4097 31.48 18.43 35.40
CA VAL F 4097 30.03 18.50 35.63
C VAL F 4097 29.40 19.54 34.73
N ALA F 4098 30.04 20.71 34.60
CA ALA F 4098 29.51 21.76 33.74
C ALA F 4098 29.45 21.31 32.30
N VAL F 4099 30.50 20.66 31.80
CA VAL F 4099 30.48 20.21 30.41
C VAL F 4099 29.46 19.09 30.22
N LEU F 4100 29.26 18.25 31.23
CA LEU F 4100 28.23 17.22 31.14
C LEU F 4100 26.84 17.84 31.03
N LEU F 4101 26.56 18.84 31.87
CA LEU F 4101 25.26 19.50 31.80
C LEU F 4101 25.09 20.22 30.47
N THR F 4102 26.15 20.86 29.97
CA THR F 4102 26.06 21.54 28.68
C THR F 4102 25.78 20.54 27.57
N ASN F 4103 26.46 19.40 27.58
CA ASN F 4103 26.23 18.38 26.56
C ASN F 4103 24.80 17.86 26.63
N LEU F 4104 24.31 17.59 27.84
CA LEU F 4104 22.94 17.12 27.99
C LEU F 4104 21.94 18.17 27.50
N SER F 4105 22.19 19.44 27.81
CA SER F 4105 21.28 20.49 27.37
C SER F 4105 21.26 20.62 25.86
N GLU F 4106 22.43 20.58 25.21
CA GLU F 4106 22.48 20.74 23.77
C GLU F 4106 21.88 19.54 23.05
N HIS F 4107 22.13 18.34 23.57
CA HIS F 4107 21.59 17.13 22.93
C HIS F 4107 20.12 16.89 23.27
N MET F 4108 19.62 17.47 24.35
CA MET F 4108 18.26 17.18 24.82
C MET F 4108 17.43 18.45 24.88
N PRO F 4109 16.72 18.81 23.82
CA PRO F 4109 15.83 19.97 23.88
C PRO F 4109 14.44 19.55 24.36
N ASN F 4110 13.67 20.56 24.78
CA ASN F 4110 12.28 20.37 25.21
C ASN F 4110 12.19 19.38 26.36
N ASP F 4111 13.02 19.58 27.38
CA ASP F 4111 13.02 18.76 28.59
C ASP F 4111 12.92 19.70 29.79
N THR F 4112 11.71 19.80 30.36
CA THR F 4112 11.48 20.76 31.43
C THR F 4112 12.33 20.43 32.66
N ARG F 4113 12.47 19.14 32.98
CA ARG F 4113 13.32 18.76 34.11
C ARG F 4113 14.77 19.18 33.88
N LEU F 4114 15.26 18.99 32.65
CA LEU F 4114 16.61 19.43 32.33
C LEU F 4114 16.74 20.94 32.43
N GLN F 4115 15.69 21.68 32.05
CA GLN F 4115 15.70 23.12 32.22
C GLN F 4115 15.78 23.50 33.70
N THR F 4116 15.08 22.76 34.56
CA THR F 4116 15.19 23.01 35.99
C THR F 4116 16.61 22.75 36.49
N PHE F 4117 17.23 21.66 36.03
CA PHE F 4117 18.62 21.42 36.40
C PHE F 4117 19.54 22.54 35.94
N LEU F 4118 19.31 23.03 34.71
CA LEU F 4118 20.14 24.13 34.20
C LEU F 4118 19.96 25.40 35.01
N GLU F 4119 18.71 25.73 35.37
CA GLU F 4119 18.47 26.95 36.13
C GLU F 4119 19.01 26.83 37.55
N LEU F 4120 19.05 25.61 38.10
CA LEU F 4120 19.72 25.43 39.38
C LEU F 4120 21.24 25.53 39.23
N ALA F 4121 21.78 25.09 38.10
CA ALA F 4121 23.22 25.12 37.85
C ALA F 4121 23.62 26.31 36.96
N GLU F 4122 22.88 27.40 37.04
CA GLU F 4122 23.23 28.59 36.25
C GLU F 4122 24.61 29.12 36.63
N SER F 4123 24.97 29.06 37.92
CA SER F 4123 26.21 29.66 38.37
C SER F 4123 27.43 28.96 37.75
N VAL F 4124 27.45 27.63 37.80
CA VAL F 4124 28.60 26.89 37.28
C VAL F 4124 28.73 27.11 35.78
N LEU F 4125 27.61 27.08 35.05
CA LEU F 4125 27.67 27.27 33.61
C LEU F 4125 28.19 28.65 33.26
N ASN F 4126 27.73 29.68 33.97
CA ASN F 4126 28.23 31.02 33.72
C ASN F 4126 29.72 31.14 34.05
N TYR F 4127 30.15 30.51 35.14
CA TYR F 4127 31.56 30.59 35.52
C TYR F 4127 32.45 29.88 34.51
N PHE F 4128 32.02 28.72 34.02
CA PHE F 4128 32.84 27.91 33.12
C PHE F 4128 32.58 28.21 31.65
N GLN F 4129 31.72 29.17 31.33
CA GLN F 4129 31.48 29.52 29.94
C GLN F 4129 32.75 29.97 29.22
N PRO F 4130 33.59 30.85 29.78
CA PRO F 4130 34.83 31.20 29.08
C PRO F 4130 35.78 30.02 28.90
N PHE F 4131 35.83 29.09 29.85
CA PHE F 4131 36.75 27.97 29.77
C PHE F 4131 36.23 26.82 28.91
N LEU F 4132 34.97 26.83 28.52
CA LEU F 4132 34.38 25.75 27.75
C LEU F 4132 34.50 26.05 26.26
N GLY F 4133 35.14 25.17 25.51
CA GLY F 4133 35.30 25.29 24.07
C GLY F 4133 34.54 24.20 23.35
N ARG F 4134 33.93 24.54 22.23
CA ARG F 4134 33.07 23.64 21.48
C ARG F 4134 33.57 23.54 20.04
N ILE F 4135 33.67 22.30 19.54
CA ILE F 4135 34.12 22.02 18.18
C ILE F 4135 33.13 21.07 17.52
N GLU F 4136 32.93 21.23 16.22
CA GLU F 4136 32.09 20.32 15.45
C GLU F 4136 32.97 19.47 14.55
N ILE F 4137 32.73 18.17 14.56
CA ILE F 4137 33.51 17.19 13.81
C ILE F 4137 32.59 16.42 12.89
N MET F 4138 32.97 16.32 11.61
CA MET F 4138 32.15 15.65 10.61
C MET F 4138 32.42 14.15 10.58
N GLY F 4139 33.68 13.76 10.43
CA GLY F 4139 34.02 12.38 10.16
C GLY F 4139 33.66 11.40 11.27
N SER F 4140 33.32 11.89 12.46
CA SER F 4140 32.95 11.02 13.56
C SER F 4140 31.65 10.31 13.23
N ALA F 4141 31.75 9.02 12.87
CA ALA F 4141 30.58 8.18 12.55
C ALA F 4141 29.75 8.76 11.42
N LYS F 4142 30.38 9.49 10.50
CA LYS F 4142 29.74 10.08 9.34
C LYS F 4142 28.61 11.04 9.71
N ARG F 4143 28.66 11.62 10.92
CA ARG F 4143 27.66 12.59 11.34
C ARG F 4143 28.37 13.72 12.09
N ILE F 4144 27.75 14.90 12.06
CA ILE F 4144 28.31 16.03 12.78
C ILE F 4144 28.12 15.82 14.27
N GLU F 4145 29.21 15.93 15.02
CA GLU F 4145 29.20 15.71 16.46
C GLU F 4145 29.91 16.86 17.16
N ARG F 4146 29.38 17.26 18.31
CA ARG F 4146 29.92 18.35 19.09
C ARG F 4146 30.82 17.80 20.18
N VAL F 4147 32.03 18.34 20.28
CA VAL F 4147 32.97 17.96 21.33
C VAL F 4147 33.28 19.20 22.16
N TYR F 4148 33.47 18.98 23.46
CA TYR F 4148 33.70 20.04 24.41
C TYR F 4148 35.04 19.82 25.10
N PHE F 4149 35.75 20.90 25.39
CA PHE F 4149 37.06 20.80 26.00
C PHE F 4149 37.33 22.04 26.83
N GLU F 4150 38.49 22.05 27.50
CA GLU F 4150 38.89 23.12 28.39
C GLU F 4150 39.90 24.03 27.71
N ILE F 4151 39.74 25.33 27.92
CA ILE F 4151 40.64 26.35 27.37
C ILE F 4151 41.26 27.11 28.53
N SER F 4152 42.57 27.24 28.51
CA SER F 4152 43.28 27.95 29.58
C SER F 4152 43.21 29.45 29.37
N GLU F 4153 43.05 30.19 30.47
CA GLU F 4153 43.07 31.64 30.39
C GLU F 4153 44.43 32.14 29.91
N SER F 4154 45.51 31.40 30.20
CA SER F 4154 46.80 31.74 29.63
C SER F 4154 46.78 31.64 28.12
N SER F 4155 46.17 30.58 27.59
CA SER F 4155 46.04 30.44 26.15
C SER F 4155 45.20 31.56 25.55
N ARG F 4156 44.12 31.95 26.25
CA ARG F 4156 43.32 33.07 25.78
C ARG F 4156 44.13 34.37 25.73
N THR F 4157 44.91 34.64 26.77
CA THR F 4157 45.72 35.85 26.80
C THR F 4157 46.75 35.84 25.68
N GLN F 4158 47.42 34.70 25.49
CA GLN F 4158 48.40 34.60 24.40
C GLN F 4158 47.73 34.79 23.05
N TRP F 4159 46.49 34.33 22.90
CA TRP F 4159 45.76 34.60 21.67
C TRP F 4159 45.51 36.09 21.50
N GLU F 4160 45.17 36.77 22.60
CA GLU F 4160 44.95 38.21 22.53
C GLU F 4160 46.23 39.02 22.37
N LYS F 4161 47.40 38.39 22.47
CA LYS F 4161 48.65 39.11 22.22
C LYS F 4161 48.63 39.74 20.83
N PRO F 4162 49.12 40.97 20.69
CA PRO F 4162 48.98 41.69 19.40
C PRO F 4162 49.61 40.99 18.20
N GLN F 4163 50.80 40.39 18.38
CA GLN F 4163 51.45 39.74 17.24
C GLN F 4163 50.66 38.53 16.76
N VAL F 4164 50.02 37.82 17.67
CA VAL F 4164 49.16 36.70 17.28
C VAL F 4164 48.00 37.20 16.44
N LYS F 4165 47.40 38.32 16.82
CA LYS F 4165 46.30 38.89 16.05
C LYS F 4165 46.77 39.34 14.67
N GLU F 4166 47.97 39.93 14.60
CA GLU F 4166 48.49 40.34 13.30
C GLU F 4166 48.73 39.12 12.40
N SER F 4167 49.29 38.05 12.97
CA SER F 4167 49.48 36.84 12.20
C SER F 4167 48.13 36.28 11.74
N LYS F 4168 47.12 36.35 12.60
CA LYS F 4168 45.79 35.87 12.23
C LYS F 4168 45.23 36.63 11.05
N ARG F 4169 45.29 37.97 11.10
CA ARG F 4169 44.72 38.74 10.00
C ARG F 4169 45.49 38.53 8.71
N GLN F 4170 46.82 38.44 8.78
CA GLN F 4170 47.59 38.14 7.58
C GLN F 4170 47.21 36.79 7.00
N PHE F 4171 47.06 35.77 7.86
CA PHE F 4171 46.67 34.46 7.38
C PHE F 4171 45.29 34.48 6.73
N ILE F 4172 44.33 35.17 7.36
CA ILE F 4172 42.98 35.22 6.80
C ILE F 4172 43.00 35.90 5.44
N PHE F 4173 43.72 37.01 5.32
CA PHE F 4173 43.81 37.68 4.03
C PHE F 4173 44.44 36.78 2.99
N ASP F 4174 45.51 36.08 3.34
CA ASP F 4174 46.18 35.20 2.37
C ASP F 4174 45.27 34.07 1.93
N VAL F 4175 44.55 33.44 2.86
CA VAL F 4175 43.74 32.29 2.51
C VAL F 4175 42.49 32.70 1.73
N VAL F 4176 41.90 33.85 2.07
CA VAL F 4176 40.66 34.24 1.42
C VAL F 4176 40.92 34.88 0.06
N ASN F 4177 41.88 35.80 -0.01
CA ASN F 4177 42.14 36.51 -1.26
C ASN F 4177 42.63 35.57 -2.35
N GLU F 4178 43.51 34.63 -2.01
CA GLU F 4178 44.09 33.73 -2.99
C GLU F 4178 44.08 32.30 -2.44
N GLY F 4179 44.13 31.35 -3.35
CA GLY F 4179 44.16 29.94 -3.00
C GLY F 4179 42.82 29.25 -2.93
N GLY F 4180 41.73 30.02 -2.92
CA GLY F 4180 40.41 29.41 -2.85
C GLY F 4180 40.21 28.64 -1.56
N GLU F 4181 39.49 27.53 -1.66
CA GLU F 4181 39.25 26.65 -0.51
C GLU F 4181 39.72 25.22 -0.77
N LYS F 4182 40.43 24.98 -1.86
CA LYS F 4182 40.92 23.63 -2.15
C LYS F 4182 41.92 23.17 -1.09
N GLU F 4183 42.84 24.05 -0.68
CA GLU F 4183 43.84 23.75 0.33
C GLU F 4183 43.59 24.54 1.61
N LYS F 4184 42.36 24.99 1.81
CA LYS F 4184 42.05 25.87 2.94
C LYS F 4184 42.29 25.16 4.26
N MET F 4185 41.91 23.88 4.37
CA MET F 4185 42.08 23.17 5.62
C MET F 4185 43.57 22.96 5.93
N GLU F 4186 44.37 22.64 4.92
CA GLU F 4186 45.80 22.48 5.15
C GLU F 4186 46.44 23.80 5.56
N LEU F 4187 46.06 24.89 4.90
CA LEU F 4187 46.58 26.19 5.29
C LEU F 4187 46.17 26.54 6.70
N PHE F 4188 44.94 26.22 7.08
CA PHE F 4188 44.49 26.49 8.43
C PHE F 4188 45.27 25.68 9.46
N VAL F 4189 45.56 24.41 9.16
CA VAL F 4189 46.32 23.59 10.10
C VAL F 4189 47.73 24.13 10.26
N ASN F 4190 48.36 24.50 9.14
CA ASN F 4190 49.70 25.09 9.23
C ASN F 4190 49.68 26.38 10.02
N PHE F 4191 48.64 27.21 9.81
CA PHE F 4191 48.50 28.43 10.58
C PHE F 4191 48.34 28.13 12.06
N CYS F 4192 47.57 27.10 12.40
CA CYS F 4192 47.39 26.73 13.80
C CYS F 4192 48.71 26.32 14.43
N GLU F 4193 49.51 25.53 13.73
CA GLU F 4193 50.80 25.12 14.29
C GLU F 4193 51.72 26.31 14.49
N ASP F 4194 51.84 27.16 13.46
CA ASP F 4194 52.69 28.34 13.59
C ASP F 4194 52.20 29.25 14.70
N THR F 4195 50.88 29.36 14.86
CA THR F 4195 50.33 30.25 15.87
C THR F 4195 50.55 29.72 17.28
N ILE F 4196 50.40 28.41 17.50
CA ILE F 4196 50.64 27.90 18.83
C ILE F 4196 52.12 28.02 19.17
N PHE F 4197 53.00 27.84 18.19
CA PHE F 4197 54.42 28.10 18.43
C PHE F 4197 54.65 29.56 18.79
N GLU F 4198 53.98 30.48 18.08
CA GLU F 4198 54.16 31.90 18.34
C GLU F 4198 53.67 32.28 19.74
N MET F 4199 52.54 31.72 20.17
CA MET F 4199 52.07 32.02 21.52
C MET F 4199 52.91 31.38 22.60
N GLN F 4200 53.50 30.20 22.33
CA GLN F 4200 54.47 29.67 23.28
C GLN F 4200 55.68 30.58 23.39
N LEU F 4201 56.15 31.10 22.26
CA LEU F 4201 57.26 32.06 22.29
C LEU F 4201 56.88 33.31 23.06
N ALA F 4202 55.66 33.82 22.85
CA ALA F 4202 55.22 35.02 23.56
C ALA F 4202 55.11 34.77 25.06
N ALA F 4203 54.60 33.61 25.46
CA ALA F 4203 54.55 33.27 26.88
C ALA F 4203 55.95 33.18 27.46
N GLN F 4204 56.90 32.66 26.68
CA GLN F 4204 58.29 32.67 27.12
C GLN F 4204 58.78 34.10 27.32
N ILE F 4205 58.43 35.00 26.41
CA ILE F 4205 58.74 36.41 26.56
C ILE F 4205 57.87 37.04 27.65
N PHE F 4478 78.76 35.31 38.35
CA PHE F 4478 78.32 36.55 37.73
C PHE F 4478 77.85 36.32 36.30
N TRP F 4479 78.32 35.23 35.69
CA TRP F 4479 77.89 34.91 34.33
C TRP F 4479 76.40 34.62 34.29
N LYS F 4480 75.88 33.89 35.28
CA LYS F 4480 74.45 33.64 35.33
C LYS F 4480 73.67 34.95 35.44
N LYS F 4481 74.16 35.87 36.26
CA LYS F 4481 73.48 37.15 36.43
C LYS F 4481 73.47 37.95 35.13
N ILE F 4482 74.61 38.01 34.43
CA ILE F 4482 74.65 38.81 33.21
C ILE F 4482 73.82 38.15 32.10
N ILE F 4483 73.82 36.82 32.03
CA ILE F 4483 72.98 36.15 31.05
C ILE F 4483 71.50 36.40 31.33
N ALA F 4484 71.11 36.34 32.61
CA ALA F 4484 69.73 36.64 32.96
C ALA F 4484 69.37 38.07 32.60
N TYR F 4485 70.28 39.02 32.87
CA TYR F 4485 70.02 40.41 32.56
C TYR F 4485 69.86 40.64 31.07
N GLN F 4486 70.74 40.05 30.26
CA GLN F 4486 70.65 40.25 28.81
C GLN F 4486 69.42 39.56 28.24
N GLN F 4487 69.05 38.40 28.78
CA GLN F 4487 67.82 37.75 28.35
C GLN F 4487 66.60 38.60 28.68
N LYS F 4488 66.58 39.19 29.87
CA LYS F 4488 65.48 40.08 30.24
C LYS F 4488 65.42 41.29 29.32
N LEU F 4489 66.58 41.86 29.00
CA LEU F 4489 66.63 43.01 28.10
C LEU F 4489 66.11 42.64 26.71
N LEU F 4490 66.51 41.49 26.20
CA LEU F 4490 66.03 41.04 24.89
C LEU F 4490 64.53 40.81 24.92
N ASN F 4491 64.01 40.20 25.99
CA ASN F 4491 62.58 40.01 26.11
C ASN F 4491 61.83 41.34 26.16
N TYR F 4492 62.40 42.32 26.87
CA TYR F 4492 61.77 43.64 26.93
C TYR F 4492 61.72 44.29 25.55
N PHE F 4493 62.82 44.19 24.79
CA PHE F 4493 62.81 44.74 23.44
C PHE F 4493 61.78 44.05 22.57
N ALA F 4494 61.71 42.71 22.65
CA ALA F 4494 60.73 41.98 21.86
C ALA F 4494 59.31 42.39 22.22
N ARG F 4495 59.04 42.58 23.51
CA ARG F 4495 57.71 42.99 23.95
C ARG F 4495 57.39 44.40 23.46
N ASN F 4496 58.34 45.32 23.51
CA ASN F 4496 58.11 46.72 23.17
C ASN F 4496 58.57 47.05 21.76
N PHE F 4497 58.60 46.07 20.86
CA PHE F 4497 59.01 46.32 19.48
C PHE F 4497 58.11 47.34 18.80
N TYR F 4498 56.79 47.20 18.92
CA TYR F 4498 55.87 48.04 18.17
C TYR F 4498 55.87 49.49 18.68
N ASN F 4499 55.77 49.66 19.99
CA ASN F 4499 55.75 51.01 20.56
C ASN F 4499 57.04 51.75 20.25
N MET F 4500 58.18 51.04 20.33
CA MET F 4500 59.45 51.65 19.98
C MET F 4500 59.54 51.95 18.49
N ARG F 4501 58.88 51.15 17.66
CA ARG F 4501 58.78 51.48 16.24
C ARG F 4501 58.03 52.79 16.02
N MET F 4502 56.91 52.96 16.74
CA MET F 4502 56.18 54.23 16.64
C MET F 4502 57.03 55.38 17.15
N LEU F 4503 57.81 55.16 18.21
CA LEU F 4503 58.71 56.19 18.70
C LEU F 4503 59.76 56.56 17.66
N ALA F 4504 60.28 55.56 16.95
CA ALA F 4504 61.24 55.83 15.88
C ALA F 4504 60.59 56.66 14.77
N LEU F 4505 59.34 56.35 14.42
CA LEU F 4505 58.65 57.15 13.42
C LEU F 4505 58.47 58.59 13.88
N PHE F 4506 58.10 58.78 15.15
CA PHE F 4506 57.92 60.14 15.67
C PHE F 4506 59.24 60.92 15.67
N VAL F 4507 60.33 60.27 16.07
CA VAL F 4507 61.60 61.00 16.12
C VAL F 4507 62.10 61.28 14.71
N ALA F 4508 61.81 60.39 13.74
CA ALA F 4508 62.14 60.69 12.35
C ALA F 4508 61.37 61.92 11.85
N PHE F 4509 60.08 62.00 12.18
CA PHE F 4509 59.31 63.18 11.80
C PHE F 4509 59.88 64.44 12.44
N ALA F 4510 60.26 64.36 13.72
CA ALA F 4510 60.81 65.52 14.41
C ALA F 4510 62.13 65.96 13.77
N ILE F 4511 63.01 65.00 13.45
CA ILE F 4511 64.29 65.35 12.87
C ILE F 4511 64.11 65.94 11.48
N ASN F 4512 63.12 65.45 10.72
CA ASN F 4512 62.84 66.06 9.42
C ASN F 4512 62.29 67.47 9.57
N PHE F 4513 61.45 67.69 10.59
CA PHE F 4513 60.96 69.04 10.86
C PHE F 4513 62.11 69.99 11.18
N ILE F 4514 63.07 69.54 11.99
CA ILE F 4514 64.23 70.37 12.28
C ILE F 4514 65.06 70.62 11.03
N LEU F 4515 65.28 69.58 10.22
CA LEU F 4515 66.05 69.74 8.99
C LEU F 4515 65.36 70.67 8.00
N LEU F 4516 64.05 70.85 8.12
CA LEU F 4516 63.34 71.73 7.21
C LEU F 4516 63.89 73.16 7.25
N PHE F 4517 64.41 73.60 8.40
CA PHE F 4517 64.98 74.95 8.53
C PHE F 4517 66.46 74.91 8.17
N TYR F 4518 66.71 74.83 6.86
CA TYR F 4518 68.06 74.80 6.33
C TYR F 4518 68.19 75.82 5.19
N LYS F 4519 69.31 76.52 5.16
CA LYS F 4519 69.54 77.53 4.14
C LYS F 4519 71.03 77.53 3.78
N VAL F 4520 71.31 77.73 2.49
CA VAL F 4520 72.68 77.78 2.02
C VAL F 4520 73.27 79.16 2.30
N SER F 4521 74.55 79.19 2.65
CA SER F 4521 75.23 80.45 2.91
C SER F 4521 76.64 80.44 2.31
N VAL F 4556 77.68 78.19 0.25
CA VAL F 4556 77.96 76.77 0.12
C VAL F 4556 77.67 76.06 1.45
N HIS F 4557 77.95 76.74 2.55
CA HIS F 4557 77.71 76.16 3.88
C HIS F 4557 76.22 76.05 4.14
N TYR F 4558 75.80 74.90 4.66
CA TYR F 4558 74.39 74.65 4.96
C TYR F 4558 74.13 75.04 6.41
N VAL F 4559 73.96 76.34 6.63
CA VAL F 4559 73.68 76.85 7.97
C VAL F 4559 72.22 76.56 8.31
N LEU F 4560 72.00 76.03 9.51
CA LEU F 4560 70.65 75.74 10.00
C LEU F 4560 70.18 76.75 11.03
N GLU F 4561 70.97 77.78 11.32
CA GLU F 4561 70.62 78.76 12.36
C GLU F 4561 69.62 79.79 11.82
N GLU F 4562 68.51 79.27 11.31
CA GLU F 4562 67.44 80.15 10.85
C GLU F 4562 66.75 80.84 12.02
N SER F 4563 66.56 80.11 13.12
CA SER F 4563 65.92 80.65 14.31
C SER F 4563 66.98 81.20 15.27
N SER F 4564 66.57 81.53 16.49
CA SER F 4564 67.50 82.09 17.46
C SER F 4564 68.57 81.07 17.85
N GLY F 4565 68.18 79.81 18.06
CA GLY F 4565 69.14 78.80 18.44
C GLY F 4565 68.44 77.56 18.95
N TYR F 4566 69.19 76.75 19.71
CA TYR F 4566 68.70 75.49 20.27
C TYR F 4566 68.18 74.56 19.18
N MET F 4567 68.88 74.50 18.06
CA MET F 4567 68.48 73.63 16.96
C MET F 4567 69.54 72.60 16.60
N GLU F 4568 70.80 73.01 16.46
CA GLU F 4568 71.86 72.05 16.15
C GLU F 4568 72.07 71.02 17.26
N PRO F 4569 72.17 71.39 18.55
CA PRO F 4569 72.35 70.36 19.58
C PRO F 4569 71.19 69.37 19.65
N THR F 4570 69.96 69.86 19.60
CA THR F 4570 68.82 68.94 19.64
C THR F 4570 68.75 68.12 18.36
N LEU F 4571 69.20 68.66 17.23
CA LEU F 4571 69.25 67.88 16.00
C LEU F 4571 70.22 66.72 16.13
N ARG F 4572 71.41 66.98 16.70
CA ARG F 4572 72.37 65.91 16.92
C ARG F 4572 71.84 64.88 17.91
N ILE F 4573 71.20 65.34 18.99
CA ILE F 4573 70.64 64.43 19.97
C ILE F 4573 69.56 63.55 19.34
N LEU F 4574 68.70 64.15 18.52
CA LEU F 4574 67.65 63.37 17.86
C LEU F 4574 68.24 62.39 16.87
N ALA F 4575 69.32 62.76 16.18
CA ALA F 4575 69.96 61.84 15.24
C ALA F 4575 70.50 60.61 15.97
N ILE F 4576 71.26 60.84 17.05
CA ILE F 4576 71.84 59.70 17.76
C ILE F 4576 70.75 58.87 18.43
N LEU F 4577 69.69 59.53 18.93
CA LEU F 4577 68.58 58.79 19.52
C LEU F 4577 67.87 57.95 18.47
N HIS F 4578 67.69 58.49 17.27
CA HIS F 4578 67.08 57.72 16.19
C HIS F 4578 67.91 56.50 15.84
N THR F 4579 69.23 56.65 15.77
CA THR F 4579 70.08 55.51 15.47
C THR F 4579 69.98 54.44 16.56
N ILE F 4580 69.98 54.87 17.82
CA ILE F 4580 69.87 53.91 18.93
C ILE F 4580 68.53 53.19 18.87
N ILE F 4581 67.45 53.92 18.62
CA ILE F 4581 66.12 53.31 18.55
C ILE F 4581 66.03 52.35 17.38
N SER F 4582 66.65 52.69 16.25
CA SER F 4582 66.63 51.77 15.10
C SER F 4582 67.39 50.49 15.41
N PHE F 4583 68.54 50.61 16.07
CA PHE F 4583 69.28 49.42 16.48
C PHE F 4583 68.44 48.55 17.42
N PHE F 4584 67.78 49.18 18.39
CA PHE F 4584 66.93 48.43 19.30
C PHE F 4584 65.74 47.79 18.56
N CYS F 4585 65.20 48.47 17.55
CA CYS F 4585 64.14 47.88 16.74
C CYS F 4585 64.62 46.62 16.03
N ILE F 4586 65.83 46.67 15.45
CA ILE F 4586 66.33 45.51 14.75
C ILE F 4586 66.60 44.36 15.72
N ILE F 4587 67.07 44.68 16.93
CA ILE F 4587 67.28 43.65 17.93
C ILE F 4587 65.95 43.02 18.35
N GLY F 4588 64.93 43.85 18.57
CA GLY F 4588 63.63 43.34 18.95
C GLY F 4588 63.02 42.46 17.87
N TYR F 4589 63.14 42.87 16.60
CA TYR F 4589 62.66 42.03 15.51
C TYR F 4589 63.41 40.70 15.48
N TYR F 4590 64.73 40.74 15.67
CA TYR F 4590 65.51 39.51 15.65
C TYR F 4590 65.06 38.55 16.74
N CYS F 4591 64.79 39.06 17.94
CA CYS F 4591 64.39 38.18 19.03
C CYS F 4591 62.88 37.92 19.07
N LEU F 4592 62.10 38.53 18.18
CA LEU F 4592 60.66 38.33 18.16
C LEU F 4592 60.18 37.51 16.98
N LYS F 4593 60.50 37.92 15.75
CA LYS F 4593 59.88 37.32 14.57
C LYS F 4593 60.78 36.39 13.78
N VAL F 4594 62.10 36.47 13.97
CA VAL F 4594 62.99 35.51 13.32
C VAL F 4594 62.71 34.07 13.75
N PRO F 4595 62.50 33.76 15.04
CA PRO F 4595 62.21 32.37 15.40
C PRO F 4595 61.01 31.80 14.65
N LEU F 4596 59.97 32.60 14.42
CA LEU F 4596 58.79 32.10 13.73
C LEU F 4596 59.13 31.69 12.30
N VAL F 4597 59.86 32.53 11.58
CA VAL F 4597 60.16 32.24 10.18
C VAL F 4597 61.13 31.07 10.06
N ILE F 4598 62.11 30.99 10.98
CA ILE F 4598 63.03 29.85 10.91
C ILE F 4598 62.30 28.57 11.30
N PHE F 4599 61.33 28.63 12.21
CA PHE F 4599 60.53 27.47 12.53
C PHE F 4599 59.71 27.02 11.33
N LYS F 4600 59.11 27.97 10.61
CA LYS F 4600 58.35 27.61 9.41
C LYS F 4600 59.25 26.94 8.37
N ARG F 4601 60.44 27.51 8.15
CA ARG F 4601 61.34 26.92 7.16
C ARG F 4601 61.82 25.54 7.58
N GLU F 4602 62.15 25.36 8.86
CA GLU F 4602 62.57 24.05 9.35
C GLU F 4602 61.45 23.03 9.21
N LYS F 4603 60.22 23.43 9.53
CA LYS F 4603 59.09 22.53 9.36
C LYS F 4603 58.93 22.14 7.90
N GLU F 4604 59.06 23.11 6.99
CA GLU F 4604 58.90 22.81 5.57
C GLU F 4604 59.95 21.82 5.09
N VAL F 4605 61.22 22.05 5.45
CA VAL F 4605 62.28 21.18 4.95
C VAL F 4605 62.16 19.79 5.60
N ALA F 4606 61.80 19.72 6.88
CA ALA F 4606 61.64 18.43 7.53
C ALA F 4606 60.50 17.64 6.90
N ARG F 4607 59.38 18.30 6.59
CA ARG F 4607 58.28 17.59 5.94
C ARG F 4607 58.63 17.19 4.52
N LYS F 4608 59.45 18.00 3.82
CA LYS F 4608 59.93 17.59 2.51
C LYS F 4608 60.80 16.34 2.61
N LEU F 4609 61.67 16.28 3.62
CA LEU F 4609 62.49 15.10 3.83
C LEU F 4609 61.63 13.88 4.16
N GLU F 4610 60.60 14.07 4.98
CA GLU F 4610 59.79 12.92 5.41
C GLU F 4610 58.90 12.42 4.29
N PHE F 4611 57.98 13.25 3.82
CA PHE F 4611 56.99 12.80 2.85
C PHE F 4611 57.52 12.83 1.43
N ASP F 4612 58.01 14.00 0.98
CA ASP F 4612 58.53 14.11 -0.38
C ASP F 4612 59.83 13.35 -0.55
N GLY F 4613 60.65 13.27 0.51
CA GLY F 4613 61.93 12.62 0.41
C GLY F 4613 62.86 13.31 -0.58
N LEU F 4614 62.93 14.64 -0.48
CA LEU F 4614 63.69 15.42 -1.46
C LEU F 4614 65.15 15.04 -1.45
N TYR F 4615 65.85 15.29 -0.34
CA TYR F 4615 67.29 15.09 -0.29
C TYR F 4615 67.68 13.63 -0.18
N ILE F 4616 66.76 12.71 -0.43
CA ILE F 4616 67.03 11.27 -0.39
C ILE F 4616 66.89 10.64 -1.77
N THR F 4617 65.78 10.88 -2.46
CA THR F 4617 65.51 10.23 -3.73
C THR F 4617 65.99 11.06 -4.92
N GLU F 4618 65.43 12.26 -5.09
CA GLU F 4618 65.78 13.12 -6.22
C GLU F 4618 66.15 14.51 -5.70
N GLN F 4619 67.31 15.00 -6.13
CA GLN F 4619 67.82 16.26 -5.61
C GLN F 4619 66.97 17.43 -6.10
N PRO F 4620 66.90 18.50 -5.33
CA PRO F 4620 66.14 19.68 -5.75
C PRO F 4620 66.72 20.29 -7.02
N SER F 4621 65.85 20.92 -7.80
CA SER F 4621 66.27 21.57 -9.04
C SER F 4621 67.19 22.76 -8.75
N GLU F 4622 68.06 23.07 -9.70
CA GLU F 4622 69.00 24.17 -9.54
C GLU F 4622 68.27 25.51 -9.43
N ASP F 4623 67.12 25.65 -10.09
CA ASP F 4623 66.34 26.87 -9.98
C ASP F 4623 65.78 27.08 -8.58
N ASP F 4624 65.67 26.01 -7.79
CA ASP F 4624 65.18 26.10 -6.42
C ASP F 4624 66.34 26.50 -5.51
N ILE F 4625 66.66 27.79 -5.55
CA ILE F 4625 67.74 28.31 -4.71
C ILE F 4625 67.40 28.14 -3.23
N LYS F 4626 66.12 28.21 -2.88
CA LYS F 4626 65.73 27.98 -1.49
C LYS F 4626 66.04 26.55 -1.08
N GLY F 4627 65.76 25.58 -1.95
CA GLY F 4627 66.13 24.20 -1.64
C GLY F 4627 67.63 24.00 -1.58
N GLN F 4628 68.37 24.65 -2.47
CA GLN F 4628 69.82 24.55 -2.44
C GLN F 4628 70.39 25.09 -1.13
N TRP F 4629 69.86 26.22 -0.67
CA TRP F 4629 70.29 26.75 0.62
C TRP F 4629 69.88 25.85 1.77
N ASP F 4630 68.66 25.29 1.72
CA ASP F 4630 68.20 24.39 2.77
C ASP F 4630 68.99 23.09 2.79
N ARG F 4631 69.66 22.73 1.70
CA ARG F 4631 70.52 21.56 1.71
C ARG F 4631 71.62 21.66 2.75
N LEU F 4632 71.98 22.88 3.15
CA LEU F 4632 73.07 23.07 4.11
C LEU F 4632 72.68 22.68 5.52
N VAL F 4633 71.39 22.81 5.88
CA VAL F 4633 70.98 22.58 7.26
C VAL F 4633 70.55 21.15 7.53
N ILE F 4634 70.33 20.34 6.49
CA ILE F 4634 69.88 18.98 6.70
C ILE F 4634 70.95 18.09 7.34
N ASN F 4635 72.18 18.57 7.45
CA ASN F 4635 73.28 17.76 7.96
C ASN F 4635 73.95 18.31 9.20
N THR F 4636 73.50 19.45 9.73
CA THR F 4636 74.13 20.01 10.92
C THR F 4636 73.67 19.26 12.17
N GLN F 4637 74.15 19.72 13.33
CA GLN F 4637 73.83 19.04 14.57
C GLN F 4637 72.38 19.26 14.96
N SER F 4638 71.99 20.51 15.20
CA SER F 4638 70.64 20.84 15.63
C SER F 4638 69.82 21.31 14.44
N PHE F 4639 69.44 20.35 13.60
CA PHE F 4639 68.55 20.68 12.48
C PHE F 4639 67.17 21.10 12.95
N PRO F 4640 66.46 20.34 13.81
CA PRO F 4640 65.15 20.80 14.29
C PRO F 4640 65.26 21.63 15.57
N ASN F 4641 65.92 22.77 15.47
CA ASN F 4641 66.11 23.62 16.63
C ASN F 4641 64.78 24.17 17.15
N ASN F 4642 63.90 24.61 16.24
CA ASN F 4642 62.60 25.12 16.62
C ASN F 4642 61.45 24.18 16.31
N TYR F 4643 61.63 23.25 15.39
CA TYR F 4643 60.61 22.25 15.11
C TYR F 4643 60.40 21.39 16.34
N TRP F 4644 59.14 21.06 16.63
CA TRP F 4644 58.83 20.34 17.86
C TRP F 4644 59.42 18.94 17.86
N ASP F 4645 59.38 18.25 16.72
CA ASP F 4645 59.85 16.87 16.64
C ASP F 4645 61.36 16.89 16.36
N LYS F 4646 62.14 16.39 17.30
CA LYS F 4646 63.58 16.29 17.15
C LYS F 4646 64.03 14.95 16.60
N PHE F 4647 63.08 14.07 16.26
CA PHE F 4647 63.39 12.73 15.76
C PHE F 4647 63.17 12.60 14.26
N VAL F 4648 63.16 13.71 13.54
CA VAL F 4648 62.93 13.67 12.10
C VAL F 4648 64.05 12.91 11.40
N LYS F 4649 65.28 13.07 11.87
CA LYS F 4649 66.41 12.33 11.29
C LYS F 4649 66.22 10.83 11.46
N ARG F 4650 65.83 10.40 12.66
CA ARG F 4650 65.58 8.99 12.90
C ARG F 4650 64.44 8.48 12.03
N LYS F 4651 63.38 9.28 11.88
CA LYS F 4651 62.25 8.87 11.07
C LYS F 4651 62.66 8.67 9.62
N VAL F 4652 63.37 9.63 9.04
CA VAL F 4652 63.72 9.52 7.62
C VAL F 4652 64.72 8.39 7.42
N MET F 4653 65.64 8.19 8.37
CA MET F 4653 66.59 7.10 8.24
C MET F 4653 65.89 5.75 8.32
N ASP F 4654 64.98 5.57 9.30
CA ASP F 4654 64.24 4.32 9.36
C ASP F 4654 63.36 4.14 8.13
N LYS F 4655 62.97 5.24 7.48
CA LYS F 4655 62.13 5.13 6.29
C LYS F 4655 62.94 4.66 5.07
N TYR F 4656 64.14 5.20 4.87
CA TYR F 4656 64.83 5.01 3.60
C TYR F 4656 66.15 4.25 3.67
N GLY F 4657 66.71 4.00 4.86
CA GLY F 4657 68.02 3.38 4.93
C GLY F 4657 68.03 1.94 4.48
N GLU F 4658 66.98 1.18 4.81
CA GLU F 4658 66.92 -0.22 4.40
C GLU F 4658 66.92 -0.35 2.89
N PHE F 4659 66.53 0.69 2.16
CA PHE F 4659 66.56 0.68 0.70
C PHE F 4659 67.82 1.33 0.14
N TYR F 4660 68.40 2.29 0.85
CA TYR F 4660 69.54 3.04 0.32
C TYR F 4660 70.86 2.72 1.03
N GLY F 4661 70.92 1.58 1.72
CA GLY F 4661 72.17 1.13 2.32
C GLY F 4661 72.48 1.67 3.70
N ARG F 4662 71.75 2.69 4.14
CA ARG F 4662 71.84 3.28 5.48
C ARG F 4662 73.14 4.08 5.65
N ASP F 4663 74.08 3.92 4.74
CA ASP F 4663 75.39 4.54 4.88
C ASP F 4663 75.43 5.92 4.25
N ARG F 4664 74.97 6.02 3.01
CA ARG F 4664 74.82 7.33 2.38
C ARG F 4664 73.87 8.20 3.17
N ILE F 4665 72.77 7.62 3.66
CA ILE F 4665 71.81 8.37 4.46
C ILE F 4665 72.43 8.79 5.79
N SER F 4666 73.13 7.88 6.46
CA SER F 4666 73.77 8.23 7.73
C SER F 4666 74.77 9.36 7.53
N GLU F 4667 75.57 9.30 6.45
CA GLU F 4667 76.55 10.34 6.20
C GLU F 4667 75.89 11.67 5.86
N LEU F 4668 74.84 11.65 5.04
CA LEU F 4668 74.23 12.91 4.62
C LEU F 4668 73.38 13.54 5.73
N LEU F 4669 72.94 12.77 6.71
CA LEU F 4669 72.21 13.33 7.83
C LEU F 4669 73.07 13.57 9.06
N GLY F 4670 74.29 13.04 9.09
CA GLY F 4670 75.09 13.16 10.30
C GLY F 4670 74.57 12.22 11.37
N MET F 4671 75.15 12.36 12.56
CA MET F 4671 74.74 11.66 13.77
C MET F 4671 75.03 10.16 13.69
N ASP F 4672 75.51 9.67 12.54
CA ASP F 4672 75.80 8.26 12.29
C ASP F 4672 74.51 7.45 12.27
N LYS F 4673 74.41 6.43 13.13
CA LYS F 4673 73.30 5.49 13.09
C LYS F 4673 72.28 5.83 14.18
N ALA F 4674 71.13 6.36 13.75
CA ALA F 4674 70.06 6.66 14.71
C ALA F 4674 69.54 5.39 15.37
N ALA F 4675 69.41 4.31 14.61
CA ALA F 4675 68.96 3.05 15.19
C ALA F 4675 69.93 2.54 16.24
N LEU F 4676 71.23 2.60 15.95
CA LEU F 4676 72.22 2.16 16.93
C LEU F 4676 72.21 3.05 18.17
N ASP F 4677 72.11 4.36 17.98
CA ASP F 4677 72.07 5.27 19.12
C ASP F 4677 70.84 5.02 19.98
N PHE F 4678 69.68 4.83 19.35
CA PHE F 4678 68.45 4.56 20.09
C PHE F 4678 68.53 3.24 20.82
N SER F 4679 69.09 2.21 20.18
CA SER F 4679 69.25 0.92 20.85
C SER F 4679 70.16 1.03 22.06
N ASP F 4680 71.28 1.75 21.91
CA ASP F 4680 72.20 1.91 23.03
C ASP F 4680 71.54 2.69 24.17
N ALA F 4681 70.82 3.77 23.86
CA ALA F 4681 70.16 4.54 24.89
C ALA F 4681 69.08 3.72 25.59
N ARG F 4682 68.30 2.95 24.83
CA ARG F 4682 67.25 2.14 25.43
C ARG F 4682 67.82 1.04 26.30
N GLU F 4683 68.91 0.40 25.86
CA GLU F 4683 69.55 -0.62 26.67
C GLU F 4683 70.13 -0.02 27.95
N LYS F 4684 70.76 1.14 27.85
CA LYS F 4684 71.31 1.81 29.02
C LYS F 4684 71.44 3.29 28.69
N LYS F 4685 70.60 4.12 29.33
CA LYS F 4685 70.68 5.56 29.14
C LYS F 4685 72.00 6.09 29.67
N LYS F 4686 72.51 7.13 29.01
CA LYS F 4686 73.79 7.73 29.39
C LYS F 4686 73.70 8.29 30.81
N PRO F 4687 74.35 7.65 31.79
CA PRO F 4687 74.31 8.13 33.17
C PRO F 4687 75.42 9.14 33.48
N LYS F 4688 75.50 10.19 32.66
CA LYS F 4688 76.50 11.22 32.85
C LYS F 4688 75.97 12.53 32.29
N LYS F 4689 76.54 13.64 32.76
CA LYS F 4689 76.16 14.96 32.33
C LYS F 4689 77.41 15.73 31.90
N ASP F 4690 77.30 16.45 30.79
CA ASP F 4690 78.40 17.25 30.26
C ASP F 4690 78.37 18.61 30.93
N SER F 4691 79.44 18.94 31.67
CA SER F 4691 79.52 20.22 32.35
C SER F 4691 79.58 21.36 31.34
N SER F 4692 78.88 22.45 31.66
CA SER F 4692 78.84 23.62 30.79
C SER F 4692 80.06 24.50 31.09
N LEU F 4693 81.09 24.36 30.27
CA LEU F 4693 82.29 25.16 30.45
C LEU F 4693 82.00 26.64 30.16
N SER F 4694 82.59 27.52 30.98
CA SER F 4694 82.39 28.95 30.79
C SER F 4694 82.94 29.41 29.45
N ALA F 4695 84.25 29.30 29.27
CA ALA F 4695 84.90 29.73 28.03
C ALA F 4695 84.91 28.59 27.01
N VAL F 4696 83.72 28.12 26.67
CA VAL F 4696 83.57 27.04 25.70
C VAL F 4696 83.81 27.59 24.30
N LEU F 4697 84.65 26.91 23.53
CA LEU F 4697 85.04 27.36 22.20
C LEU F 4697 84.10 26.79 21.16
N ASN F 4698 83.59 27.66 20.30
CA ASN F 4698 82.68 27.32 19.19
C ASN F 4698 81.66 26.26 19.59
N SER F 4699 80.91 26.58 20.65
CA SER F 4699 79.83 25.70 21.09
C SER F 4699 78.72 25.63 20.04
N ILE F 4700 78.38 26.76 19.44
CA ILE F 4700 77.30 26.79 18.46
C ILE F 4700 77.76 26.16 17.15
N ASP F 4701 76.79 25.69 16.37
CA ASP F 4701 77.06 25.10 15.07
C ASP F 4701 77.25 26.22 14.06
N VAL F 4702 78.47 26.36 13.54
CA VAL F 4702 78.77 27.44 12.62
C VAL F 4702 77.93 27.32 11.35
N LYS F 4703 77.78 26.09 10.84
CA LYS F 4703 76.99 25.89 9.63
C LYS F 4703 75.53 26.26 9.86
N TYR F 4704 74.97 25.86 11.00
CA TYR F 4704 73.58 26.21 11.28
C TYR F 4704 73.41 27.71 11.46
N GLN F 4705 74.36 28.37 12.11
CA GLN F 4705 74.29 29.82 12.25
C GLN F 4705 74.38 30.51 10.89
N MET F 4706 75.23 29.98 9.99
CA MET F 4706 75.31 30.54 8.65
C MET F 4706 73.99 30.38 7.91
N TRP F 4707 73.36 29.20 8.02
CA TRP F 4707 72.07 29.00 7.38
C TRP F 4707 71.01 29.93 7.95
N LYS F 4708 71.02 30.13 9.27
CA LYS F 4708 70.08 31.05 9.90
C LYS F 4708 70.29 32.47 9.42
N LEU F 4709 71.56 32.90 9.32
CA LEU F 4709 71.84 34.23 8.79
C LEU F 4709 71.35 34.36 7.36
N GLY F 4710 71.55 33.31 6.55
CA GLY F 4710 71.08 33.36 5.18
C GLY F 4710 69.58 33.54 5.08
N VAL F 4711 68.83 32.78 5.88
CA VAL F 4711 67.38 32.87 5.80
C VAL F 4711 66.88 34.21 6.33
N VAL F 4712 67.46 34.69 7.43
CA VAL F 4712 66.99 35.97 7.97
C VAL F 4712 67.36 37.12 7.03
N PHE F 4713 68.46 37.00 6.29
CA PHE F 4713 68.80 38.04 5.31
C PHE F 4713 67.92 37.96 4.08
N THR F 4714 67.54 36.75 3.65
CA THR F 4714 66.59 36.65 2.54
C THR F 4714 65.19 37.09 2.95
N ASP F 4715 64.89 37.12 4.25
CA ASP F 4715 63.61 37.63 4.71
C ASP F 4715 63.45 39.09 4.30
N ASN F 4716 62.21 39.48 3.98
CA ASN F 4716 61.96 40.81 3.44
C ASN F 4716 61.96 41.89 4.52
N SER F 4717 61.26 41.64 5.63
CA SER F 4717 61.15 42.67 6.67
C SER F 4717 62.51 42.99 7.27
N PHE F 4718 63.32 41.96 7.51
CA PHE F 4718 64.66 42.21 8.02
C PHE F 4718 65.50 43.02 7.05
N LEU F 4719 65.28 42.83 5.75
CA LEU F 4719 65.94 43.67 4.76
C LEU F 4719 65.51 45.12 4.90
N TYR F 4720 64.23 45.36 5.16
CA TYR F 4720 63.75 46.72 5.37
C TYR F 4720 64.39 47.34 6.61
N LEU F 4721 64.52 46.56 7.69
CA LEU F 4721 65.15 47.10 8.89
C LEU F 4721 66.64 47.36 8.68
N ALA F 4722 67.31 46.49 7.91
CA ALA F 4722 68.70 46.75 7.58
C ALA F 4722 68.85 48.02 6.74
N TRP F 4723 67.91 48.24 5.82
CA TRP F 4723 67.91 49.48 5.04
C TRP F 4723 67.68 50.68 5.95
N TYR F 4724 66.82 50.54 6.95
CA TYR F 4724 66.59 51.62 7.91
C TYR F 4724 67.87 51.93 8.69
N MET F 4725 68.58 50.89 9.13
CA MET F 4725 69.85 51.11 9.83
C MET F 4725 70.88 51.79 8.93
N THR F 4726 70.98 51.34 7.67
CA THR F 4726 71.90 51.97 6.74
C THR F 4726 71.54 53.43 6.51
N MET F 4727 70.24 53.72 6.42
CA MET F 4727 69.81 55.10 6.23
C MET F 4727 70.15 55.95 7.44
N SER F 4728 70.04 55.38 8.65
CA SER F 4728 70.44 56.13 9.85
C SER F 4728 71.93 56.43 9.85
N VAL F 4729 72.75 55.44 9.47
CA VAL F 4729 74.20 55.67 9.41
C VAL F 4729 74.53 56.74 8.38
N LEU F 4730 73.90 56.66 7.21
CA LEU F 4730 74.12 57.68 6.19
C LEU F 4730 73.61 59.04 6.64
N GLY F 4731 72.58 59.08 7.48
CA GLY F 4731 72.13 60.34 8.04
C GLY F 4731 73.15 60.93 8.99
N HIS F 4732 73.81 60.10 9.78
CA HIS F 4732 74.93 60.59 10.59
C HIS F 4732 76.04 61.12 9.71
N TYR F 4733 76.34 60.43 8.61
CA TYR F 4733 77.34 60.92 7.67
C TYR F 4733 76.95 62.27 7.09
N ASN F 4734 75.68 62.42 6.69
CA ASN F 4734 75.12 63.68 6.22
C ASN F 4734 73.68 63.73 6.68
N ASN F 4735 73.38 64.66 7.60
CA ASN F 4735 72.07 64.76 8.22
C ASN F 4735 70.91 64.70 7.24
N PHE F 4736 71.14 65.03 5.97
CA PHE F 4736 70.04 65.13 5.02
C PHE F 4736 69.47 63.78 4.64
N PHE F 4737 70.20 62.68 4.90
CA PHE F 4737 69.71 61.36 4.56
C PHE F 4737 68.57 60.90 5.44
N PHE F 4738 68.28 61.61 6.53
CA PHE F 4738 67.17 61.25 7.39
C PHE F 4738 65.81 61.47 6.73
N ALA F 4739 65.77 62.17 5.60
CA ALA F 4739 64.51 62.37 4.90
C ALA F 4739 63.95 61.06 4.36
N ALA F 4740 64.81 60.08 4.10
CA ALA F 4740 64.35 58.80 3.59
C ALA F 4740 63.48 58.05 4.58
N HIS F 4741 63.65 58.32 5.88
CA HIS F 4741 62.84 57.66 6.90
C HIS F 4741 61.39 58.11 6.88
N LEU F 4742 61.07 59.20 6.18
CA LEU F 4742 59.70 59.69 6.11
C LEU F 4742 58.79 58.76 5.32
N LEU F 4743 59.34 57.78 4.61
CA LEU F 4743 58.54 56.82 3.85
C LEU F 4743 58.06 55.66 4.71
N ASP F 4744 58.41 55.61 5.99
CA ASP F 4744 57.91 54.56 6.86
C ASP F 4744 56.42 54.66 7.09
N ILE F 4745 55.81 55.83 6.84
CA ILE F 4745 54.37 55.95 6.98
C ILE F 4745 53.65 55.09 5.96
N ALA F 4746 54.28 54.86 4.81
CA ALA F 4746 53.69 53.99 3.80
C ALA F 4746 53.56 52.56 4.32
N MET F 4747 54.60 52.06 5.00
CA MET F 4747 54.48 50.77 5.68
C MET F 4747 53.46 50.84 6.81
N GLY F 4748 53.44 51.95 7.55
CA GLY F 4748 52.57 52.05 8.71
C GLY F 4748 51.09 51.98 8.35
N PHE F 4749 50.68 52.73 7.33
CA PHE F 4749 49.28 52.81 6.96
C PHE F 4749 48.95 51.84 5.83
N LYS F 4750 47.72 51.32 5.86
CA LYS F 4750 47.33 50.29 4.90
C LYS F 4750 47.10 50.87 3.50
N THR F 4751 46.44 52.03 3.42
CA THR F 4751 46.13 52.61 2.11
C THR F 4751 47.39 52.99 1.37
N LEU F 4752 48.37 53.59 2.06
CA LEU F 4752 49.63 53.93 1.43
C LEU F 4752 50.36 52.68 0.97
N ARG F 4753 50.32 51.62 1.79
CA ARG F 4753 50.87 50.34 1.36
C ARG F 4753 50.14 49.81 0.15
N THR F 4754 48.82 50.02 0.07
CA THR F 4754 48.07 49.60 -1.10
C THR F 4754 48.52 50.33 -2.35
N ILE F 4755 48.78 51.63 -2.24
CA ILE F 4755 49.27 52.39 -3.39
C ILE F 4755 50.64 51.88 -3.82
N LEU F 4756 51.53 51.65 -2.85
CA LEU F 4756 52.87 51.17 -3.18
C LEU F 4756 52.84 49.76 -3.77
N SER F 4757 51.85 48.95 -3.39
CA SER F 4757 51.71 47.64 -4.02
C SER F 4757 51.09 47.75 -5.41
N SER F 4758 50.19 48.72 -5.60
CA SER F 4758 49.55 48.90 -6.90
C SER F 4758 50.52 49.42 -7.94
N VAL F 4759 51.51 50.23 -7.51
CA VAL F 4759 52.48 50.75 -8.45
C VAL F 4759 53.34 49.66 -9.07
N THR F 4760 53.32 48.44 -8.52
CA THR F 4760 54.08 47.32 -9.03
C THR F 4760 53.22 46.10 -9.34
N HIS F 4761 51.93 46.13 -9.03
CA HIS F 4761 51.05 44.99 -9.29
C HIS F 4761 51.03 44.63 -10.77
N ASN F 4762 50.96 45.63 -11.64
CA ASN F 4762 50.97 45.42 -13.09
C ASN F 4762 52.33 45.74 -13.69
N GLY F 4763 53.41 45.35 -13.01
CA GLY F 4763 54.73 45.78 -13.42
C GLY F 4763 55.10 45.34 -14.83
N LYS F 4764 54.76 44.11 -15.19
CA LYS F 4764 55.12 43.60 -16.51
C LYS F 4764 54.43 44.39 -17.61
N GLN F 4765 53.11 44.57 -17.50
CA GLN F 4765 52.38 45.31 -18.51
C GLN F 4765 52.78 46.77 -18.51
N LEU F 4766 53.09 47.33 -17.35
CA LEU F 4766 53.56 48.71 -17.30
C LEU F 4766 54.88 48.87 -18.03
N VAL F 4767 55.81 47.93 -17.83
CA VAL F 4767 57.08 47.98 -18.53
C VAL F 4767 56.88 47.82 -20.03
N LEU F 4768 55.99 46.92 -20.45
CA LEU F 4768 55.72 46.75 -21.87
C LEU F 4768 55.13 48.02 -22.48
N THR F 4769 54.21 48.67 -21.77
CA THR F 4769 53.63 49.90 -22.29
C THR F 4769 54.66 51.02 -22.37
N VAL F 4770 55.56 51.11 -21.38
CA VAL F 4770 56.62 52.11 -21.44
C VAL F 4770 57.55 51.83 -22.62
N GLY F 4771 57.83 50.55 -22.87
CA GLY F 4771 58.64 50.20 -24.03
C GLY F 4771 57.96 50.57 -25.34
N LEU F 4772 56.66 50.34 -25.43
CA LEU F 4772 55.93 50.76 -26.64
C LEU F 4772 55.96 52.27 -26.81
N LEU F 4773 55.81 53.01 -25.71
CA LEU F 4773 55.91 54.46 -25.79
C LEU F 4773 57.28 54.89 -26.27
N ALA F 4774 58.34 54.26 -25.76
CA ALA F 4774 59.69 54.59 -26.21
C ALA F 4774 59.86 54.28 -27.70
N VAL F 4775 59.30 53.16 -28.15
CA VAL F 4775 59.43 52.79 -29.55
C VAL F 4775 58.72 53.79 -30.46
N VAL F 4776 57.49 54.18 -30.09
CA VAL F 4776 56.75 55.11 -30.94
C VAL F 4776 57.40 56.49 -30.93
N VAL F 4777 57.93 56.91 -29.77
CA VAL F 4777 58.65 58.18 -29.71
C VAL F 4777 59.90 58.12 -30.57
N TYR F 4778 60.57 56.97 -30.59
CA TYR F 4778 61.73 56.80 -31.47
C TYR F 4778 61.34 56.91 -32.93
N LEU F 4779 60.21 56.33 -33.31
CA LEU F 4779 59.77 56.43 -34.70
C LEU F 4779 59.47 57.86 -35.08
N TYR F 4780 58.77 58.59 -34.21
CA TYR F 4780 58.52 60.00 -34.49
C TYR F 4780 59.83 60.77 -34.54
N THR F 4781 60.80 60.39 -33.71
CA THR F 4781 62.10 61.05 -33.70
C THR F 4781 62.81 60.86 -35.04
N VAL F 4782 62.82 59.64 -35.56
CA VAL F 4782 63.53 59.40 -36.82
C VAL F 4782 62.81 60.12 -37.96
N VAL F 4783 61.48 60.17 -37.92
CA VAL F 4783 60.75 60.90 -38.96
C VAL F 4783 61.11 62.38 -38.92
N ALA F 4784 61.11 62.98 -37.73
CA ALA F 4784 61.44 64.39 -37.61
C ALA F 4784 62.89 64.65 -38.01
N PHE F 4785 63.80 63.75 -37.64
CA PHE F 4785 65.20 63.91 -37.99
C PHE F 4785 65.40 63.87 -39.49
N ASN F 4786 64.67 62.99 -40.18
CA ASN F 4786 64.82 62.90 -41.62
C ASN F 4786 64.14 64.05 -42.35
N PHE F 4787 63.05 64.58 -41.84
CA PHE F 4787 62.28 65.54 -42.61
C PHE F 4787 62.09 66.90 -41.95
N PHE F 4788 61.95 66.95 -40.63
CA PHE F 4788 61.58 68.18 -39.93
C PHE F 4788 62.69 68.66 -39.00
N ARG F 4789 63.94 68.59 -39.46
CA ARG F 4789 65.05 68.97 -38.60
C ARG F 4789 65.09 70.47 -38.34
N LYS F 4790 64.71 71.28 -39.34
CA LYS F 4790 64.86 72.72 -39.22
C LYS F 4790 63.87 73.35 -38.26
N PHE F 4791 62.75 72.68 -37.98
CA PHE F 4791 61.74 73.28 -37.10
C PHE F 4791 62.14 73.25 -35.64
N TYR F 4792 63.07 72.37 -35.25
CA TYR F 4792 63.45 72.23 -33.84
C TYR F 4792 64.55 73.25 -33.51
N ASN F 4793 64.14 74.51 -33.45
CA ASN F 4793 65.02 75.61 -33.08
C ASN F 4793 64.51 76.22 -31.79
N LYS F 4794 65.38 76.28 -30.78
CA LYS F 4794 65.02 76.85 -29.48
C LYS F 4794 65.72 78.17 -29.21
N SER F 4795 66.39 78.74 -30.21
CA SER F 4795 67.10 80.00 -30.04
C SER F 4795 66.12 81.14 -30.22
N GLU F 4796 65.76 81.80 -29.11
CA GLU F 4796 64.80 82.91 -29.18
C GLU F 4796 65.41 84.12 -29.88
N ASP F 4797 66.71 84.31 -29.75
CA ASP F 4797 67.41 85.44 -30.36
C ASP F 4797 68.07 85.01 -31.66
N GLY F 4798 68.49 86.01 -32.45
CA GLY F 4798 69.16 85.74 -33.71
C GLY F 4798 70.60 85.29 -33.55
N ASP F 4799 70.93 84.77 -32.37
CA ASP F 4799 72.27 84.26 -32.09
C ASP F 4799 72.40 82.86 -32.70
N THR F 4800 73.44 82.13 -32.30
CA THR F 4800 73.68 80.82 -32.84
C THR F 4800 72.49 79.90 -32.56
N PRO F 4801 71.86 79.32 -33.59
CA PRO F 4801 70.67 78.51 -33.36
C PRO F 4801 70.97 77.30 -32.48
N ASP F 4802 70.00 76.95 -31.64
CA ASP F 4802 70.09 75.77 -30.79
C ASP F 4802 69.24 74.66 -31.41
N MET F 4803 69.78 74.07 -32.47
CA MET F 4803 69.11 72.94 -33.12
C MET F 4803 69.13 71.73 -32.19
N LYS F 4804 67.96 71.26 -31.80
CA LYS F 4804 67.83 70.02 -31.04
C LYS F 4804 67.65 68.80 -31.94
N CYS F 4805 67.49 68.99 -33.24
CA CYS F 4805 67.28 67.89 -34.18
C CYS F 4805 68.51 67.57 -35.00
N ASP F 4806 69.63 68.24 -34.76
CA ASP F 4806 70.84 67.98 -35.54
C ASP F 4806 71.36 66.57 -35.32
N ASP F 4807 71.30 66.09 -34.07
CA ASP F 4807 71.77 64.77 -33.70
C ASP F 4807 70.58 63.89 -33.33
N MET F 4808 70.62 62.63 -33.73
CA MET F 4808 69.51 61.74 -33.42
C MET F 4808 69.38 61.48 -31.92
N LEU F 4809 70.49 61.28 -31.23
CA LEU F 4809 70.41 61.04 -29.80
C LEU F 4809 69.81 62.24 -29.08
N THR F 4810 70.26 63.44 -29.43
CA THR F 4810 69.69 64.65 -28.82
C THR F 4810 68.22 64.81 -29.18
N CYS F 4811 67.85 64.54 -30.43
CA CYS F 4811 66.46 64.70 -30.85
C CYS F 4811 65.56 63.73 -30.09
N TYR F 4812 65.99 62.47 -29.96
CA TYR F 4812 65.17 61.48 -29.26
C TYR F 4812 65.08 61.79 -27.78
N MET F 4813 66.19 62.20 -27.16
CA MET F 4813 66.15 62.57 -25.75
C MET F 4813 65.25 63.77 -25.54
N PHE F 4814 65.34 64.76 -26.44
CA PHE F 4814 64.45 65.91 -26.37
C PHE F 4814 62.99 65.53 -26.52
N HIS F 4815 62.69 64.64 -27.47
CA HIS F 4815 61.31 64.20 -27.66
C HIS F 4815 60.79 63.54 -26.40
N MET F 4816 61.53 62.56 -25.86
CA MET F 4816 61.08 61.86 -24.67
C MET F 4816 60.93 62.80 -23.49
N TYR F 4817 61.83 63.78 -23.36
CA TYR F 4817 61.79 64.66 -22.20
C TYR F 4817 60.68 65.70 -22.29
N VAL F 4818 60.38 66.21 -23.47
CA VAL F 4818 59.51 67.37 -23.63
C VAL F 4818 58.16 66.99 -24.20
N GLY F 4819 58.13 66.25 -25.31
CA GLY F 4819 56.86 65.99 -25.97
C GLY F 4819 55.89 65.20 -25.11
N VAL F 4820 56.41 64.22 -24.38
CA VAL F 4820 55.55 63.41 -23.51
C VAL F 4820 54.96 64.27 -22.40
N ARG F 4821 55.77 65.13 -21.79
CA ARG F 4821 55.29 65.95 -20.69
C ARG F 4821 54.35 67.04 -21.16
N ALA F 4822 54.56 67.57 -22.36
CA ALA F 4822 53.72 68.65 -22.85
C ALA F 4822 52.30 68.17 -23.13
N GLY F 4823 51.32 68.99 -22.73
CA GLY F 4823 49.93 68.62 -22.95
C GLY F 4823 49.55 68.58 -24.41
N GLY F 4824 50.01 69.57 -25.19
CA GLY F 4824 49.66 69.65 -26.59
C GLY F 4824 50.43 68.71 -27.49
N GLY F 4825 51.49 68.08 -27.00
CA GLY F 4825 52.27 67.20 -27.82
C GLY F 4825 53.62 67.78 -28.18
N ILE F 4826 54.12 67.45 -29.37
CA ILE F 4826 55.40 68.00 -29.81
C ILE F 4826 55.23 69.28 -30.61
N GLY F 4827 54.04 69.52 -31.18
CA GLY F 4827 53.84 70.70 -31.99
C GLY F 4827 53.82 72.01 -31.22
N ASP F 4828 53.57 71.95 -29.92
CA ASP F 4828 53.51 73.16 -29.11
C ASP F 4828 54.87 73.66 -28.65
N GLU F 4829 55.93 72.86 -28.82
CA GLU F 4829 57.27 73.26 -28.40
C GLU F 4829 58.22 73.46 -29.57
N ILE F 4830 57.70 73.54 -30.79
CA ILE F 4830 58.51 73.74 -31.98
C ILE F 4830 57.89 74.85 -32.82
N GLU F 4831 58.66 75.36 -33.77
CA GLU F 4831 58.20 76.46 -34.61
C GLU F 4831 57.00 76.01 -35.44
N ASP F 4832 56.02 76.90 -35.55
CA ASP F 4832 54.82 76.58 -36.32
C ASP F 4832 55.17 76.40 -37.80
N PRO F 4833 54.55 75.44 -38.47
CA PRO F 4833 54.89 75.18 -39.89
C PRO F 4833 54.15 76.11 -40.85
N ALA F 4834 54.55 77.38 -40.85
CA ALA F 4834 53.97 78.34 -41.78
C ALA F 4834 54.39 78.06 -43.21
N GLY F 4835 55.61 77.57 -43.42
CA GLY F 4835 56.07 77.28 -44.77
C GLY F 4835 55.23 76.19 -45.41
N ASP F 4836 54.88 76.41 -46.68
CA ASP F 4836 54.03 75.48 -47.42
C ASP F 4836 54.75 74.21 -47.85
N GLU F 4837 56.08 74.16 -47.73
CA GLU F 4837 56.81 72.99 -48.18
C GLU F 4837 56.50 71.76 -47.33
N TYR F 4838 56.24 71.96 -46.03
CA TYR F 4838 55.91 70.85 -45.15
C TYR F 4838 54.80 71.22 -44.19
N GLU F 4839 53.89 72.11 -44.60
CA GLU F 4839 52.79 72.54 -43.75
C GLU F 4839 51.94 71.36 -43.32
N ILE F 4840 51.32 70.69 -44.29
CA ILE F 4840 50.38 69.61 -43.98
C ILE F 4840 51.10 68.43 -43.37
N TYR F 4841 52.31 68.12 -43.85
CA TYR F 4841 53.06 67.00 -43.30
C TYR F 4841 53.39 67.23 -41.83
N ARG F 4842 53.84 68.44 -41.49
CA ARG F 4842 54.18 68.75 -40.11
C ARG F 4842 52.92 68.76 -39.23
N ILE F 4843 51.80 69.24 -39.77
CA ILE F 4843 50.58 69.27 -38.98
C ILE F 4843 50.07 67.86 -38.70
N ILE F 4844 50.11 66.99 -39.70
CA ILE F 4844 49.73 65.59 -39.48
C ILE F 4844 50.68 64.94 -38.49
N PHE F 4845 51.98 65.24 -38.60
CA PHE F 4845 52.96 64.73 -37.64
C PHE F 4845 52.58 65.10 -36.22
N ASP F 4846 52.31 66.39 -35.98
CA ASP F 4846 51.98 66.84 -34.63
C ASP F 4846 50.69 66.22 -34.13
N ILE F 4847 49.66 66.16 -34.99
CA ILE F 4847 48.37 65.62 -34.55
C ILE F 4847 48.49 64.15 -34.22
N THR F 4848 49.21 63.39 -35.05
CA THR F 4848 49.38 61.96 -34.75
C THR F 4848 50.19 61.76 -33.48
N PHE F 4849 51.22 62.59 -33.27
CA PHE F 4849 51.98 62.49 -32.03
C PHE F 4849 51.08 62.74 -30.83
N PHE F 4850 50.27 63.79 -30.89
CA PHE F 4850 49.35 64.12 -29.80
C PHE F 4850 48.34 63.01 -29.56
N PHE F 4851 47.82 62.42 -30.63
CA PHE F 4851 46.79 61.40 -30.48
C PHE F 4851 47.36 60.09 -29.94
N PHE F 4852 48.50 59.65 -30.45
CA PHE F 4852 49.01 58.33 -30.11
C PHE F 4852 49.87 58.31 -28.86
N VAL F 4853 50.56 59.41 -28.54
CA VAL F 4853 51.50 59.42 -27.44
C VAL F 4853 50.90 60.07 -26.19
N ILE F 4854 50.12 61.14 -26.36
CA ILE F 4854 49.63 61.89 -25.21
C ILE F 4854 48.34 61.34 -24.67
N VAL F 4855 47.32 61.17 -25.51
CA VAL F 4855 45.98 60.84 -25.04
C VAL F 4855 45.67 59.36 -25.15
N ILE F 4856 46.64 58.52 -25.52
CA ILE F 4856 46.40 57.09 -25.58
C ILE F 4856 47.40 56.35 -24.69
N LEU F 4857 48.69 56.46 -25.03
CA LEU F 4857 49.69 55.66 -24.34
C LEU F 4857 49.88 56.11 -22.90
N LEU F 4858 50.02 57.42 -22.69
CA LEU F 4858 50.13 57.94 -21.33
C LEU F 4858 48.86 57.67 -20.54
N ALA F 4859 47.71 57.76 -21.20
CA ALA F 4859 46.45 57.43 -20.55
C ALA F 4859 46.42 55.97 -20.11
N ILE F 4860 46.90 55.06 -20.96
CA ILE F 4860 46.94 53.65 -20.59
C ILE F 4860 47.90 53.43 -19.43
N ILE F 4861 49.05 54.10 -19.44
CA ILE F 4861 50.02 53.94 -18.36
C ILE F 4861 49.41 54.38 -17.04
N GLN F 4862 48.73 55.54 -17.04
CA GLN F 4862 48.06 56.01 -15.84
C GLN F 4862 46.95 55.05 -15.40
N GLY F 4863 46.15 54.58 -16.37
CA GLY F 4863 45.04 53.72 -16.05
C GLY F 4863 45.46 52.39 -15.47
N LEU F 4864 46.63 51.87 -15.90
CA LEU F 4864 47.12 50.62 -15.33
C LEU F 4864 47.27 50.74 -13.82
N ILE F 4865 47.93 51.80 -13.36
CA ILE F 4865 48.18 51.96 -11.93
C ILE F 4865 46.89 52.29 -11.19
N ILE F 4866 46.04 53.14 -11.77
CA ILE F 4866 44.79 53.48 -11.10
C ILE F 4866 43.89 52.25 -10.96
N ASP F 4867 43.81 51.44 -12.02
CA ASP F 4867 43.02 50.22 -11.95
C ASP F 4867 43.64 49.21 -11.01
N ALA F 4868 44.97 49.15 -10.91
CA ALA F 4868 45.59 48.27 -9.92
C ALA F 4868 45.22 48.68 -8.51
N PHE F 4869 45.23 49.98 -8.23
CA PHE F 4869 44.83 50.48 -6.91
C PHE F 4869 43.37 50.14 -6.63
N GLY F 4870 42.49 50.37 -7.61
CA GLY F 4870 41.10 50.04 -7.43
C GLY F 4870 40.86 48.55 -7.21
N GLU F 4871 41.59 47.72 -7.96
CA GLU F 4871 41.45 46.27 -7.83
C GLU F 4871 41.93 45.79 -6.47
N LEU F 4872 43.04 46.36 -5.97
CA LEU F 4872 43.50 45.97 -4.64
C LEU F 4872 42.49 46.37 -3.57
N ARG F 4873 41.94 47.58 -3.67
CA ARG F 4873 40.90 47.98 -2.72
C ARG F 4873 39.70 47.06 -2.80
N ASP F 4874 39.29 46.69 -4.02
CA ASP F 4874 38.15 45.79 -4.18
C ASP F 4874 38.43 44.42 -3.62
N GLN F 4875 39.67 43.93 -3.76
CA GLN F 4875 40.02 42.63 -3.19
C GLN F 4875 39.95 42.67 -1.67
N GLN F 4876 40.46 43.73 -1.05
CA GLN F 4876 40.36 43.82 0.41
C GLN F 4876 38.91 43.90 0.86
N GLU F 4877 38.10 44.69 0.16
CA GLU F 4877 36.69 44.80 0.51
C GLU F 4877 35.98 43.46 0.33
N GLN F 4878 36.32 42.72 -0.72
CA GLN F 4878 35.70 41.42 -0.96
C GLN F 4878 36.09 40.42 0.10
N VAL F 4879 37.35 40.46 0.55
CA VAL F 4879 37.77 39.58 1.64
C VAL F 4879 36.96 39.89 2.90
N LYS F 4880 36.81 41.18 3.22
CA LYS F 4880 36.03 41.55 4.39
C LYS F 4880 34.57 41.10 4.25
N GLU F 4881 33.99 41.28 3.07
CA GLU F 4881 32.60 40.88 2.84
C GLU F 4881 32.43 39.38 2.98
N ASP F 4882 33.37 38.61 2.44
CA ASP F 4882 33.30 37.15 2.57
C ASP F 4882 33.40 36.74 4.03
N MET F 4883 34.32 37.36 4.78
CA MET F 4883 34.46 37.03 6.19
C MET F 4883 33.16 37.34 6.93
N GLU F 4884 32.50 38.43 6.58
CA GLU F 4884 31.25 38.79 7.24
C GLU F 4884 30.08 37.92 6.81
N THR F 4885 30.09 37.38 5.61
CA THR F 4885 28.91 36.70 5.08
C THR F 4885 29.11 35.20 4.81
N LYS F 4886 30.18 34.59 5.32
CA LYS F 4886 30.30 33.15 5.22
C LYS F 4886 31.13 32.65 6.40
N CYS F 4887 31.03 31.36 6.68
CA CYS F 4887 31.75 30.74 7.76
C CYS F 4887 33.03 30.11 7.22
N PHE F 4888 34.15 30.37 7.89
CA PHE F 4888 35.44 29.89 7.41
C PHE F 4888 35.50 28.37 7.40
N ILE F 4889 35.01 27.74 8.47
CA ILE F 4889 35.18 26.29 8.62
C ILE F 4889 34.32 25.53 7.63
N CYS F 4890 33.03 25.88 7.54
CA CYS F 4890 32.10 25.12 6.73
C CYS F 4890 31.70 25.81 5.44
N GLY F 4891 31.44 27.11 5.47
CA GLY F 4891 31.05 27.83 4.27
C GLY F 4891 29.56 27.93 4.04
N ILE F 4892 28.74 27.58 5.02
CA ILE F 4892 27.29 27.69 4.86
C ILE F 4892 26.91 29.17 4.72
N GLY F 4893 25.85 29.41 3.96
CA GLY F 4893 25.44 30.78 3.70
C GLY F 4893 25.03 31.51 4.96
N ASN F 4894 25.19 32.83 4.93
CA ASN F 4894 24.88 33.67 6.09
C ASN F 4894 23.39 33.66 6.39
N ASP F 4895 22.55 33.66 5.35
CA ASP F 4895 21.11 33.79 5.56
C ASP F 4895 20.54 32.61 6.34
N TYR F 4896 21.08 31.41 6.12
CA TYR F 4896 20.54 30.24 6.79
C TYR F 4896 20.66 30.36 8.31
N PHE F 4897 21.78 30.89 8.79
CA PHE F 4897 21.89 31.20 10.21
C PHE F 4897 21.11 32.45 10.58
N ASP F 4898 20.97 33.41 9.65
CA ASP F 4898 20.17 34.60 9.92
C ASP F 4898 18.69 34.30 10.08
N THR F 4899 18.24 33.09 9.72
CA THR F 4899 16.85 32.73 9.94
C THR F 4899 16.44 32.94 11.39
N VAL F 4900 17.36 32.71 12.33
CA VAL F 4900 17.13 32.99 13.74
C VAL F 4900 17.90 34.24 14.11
N PRO F 4901 17.45 35.03 15.09
CA PRO F 4901 18.18 36.25 15.44
C PRO F 4901 19.58 35.94 15.95
N HIS F 4902 20.55 36.71 15.44
CA HIS F 4902 21.97 36.56 15.80
C HIS F 4902 22.47 35.14 15.56
N GLY F 4903 21.83 34.40 14.66
CA GLY F 4903 22.23 33.03 14.42
C GLY F 4903 23.63 32.92 13.86
N PHE F 4904 23.96 33.78 12.90
CA PHE F 4904 25.31 33.78 12.36
C PHE F 4904 26.33 34.18 13.41
N GLU F 4905 25.97 35.16 14.27
CA GLU F 4905 26.87 35.55 15.33
C GLU F 4905 27.18 34.39 16.26
N THR F 4906 26.13 33.65 16.66
CA THR F 4906 26.35 32.49 17.53
C THR F 4906 27.16 31.42 16.80
N HIS F 4907 26.87 31.17 15.53
CA HIS F 4907 27.56 30.12 14.79
C HIS F 4907 29.05 30.44 14.67
N THR F 4908 29.39 31.70 14.39
CA THR F 4908 30.78 32.08 14.27
C THR F 4908 31.45 32.29 15.62
N LEU F 4909 30.68 32.42 16.70
CA LEU F 4909 31.27 32.65 18.01
C LEU F 4909 31.56 31.37 18.77
N GLN F 4910 30.60 30.45 18.79
CA GLN F 4910 30.76 29.24 19.59
C GLN F 4910 30.70 27.94 18.80
N GLU F 4911 29.88 27.88 17.74
CA GLU F 4911 29.78 26.64 16.97
C GLU F 4911 31.06 26.38 16.19
N HIS F 4912 31.43 27.29 15.30
CA HIS F 4912 32.64 27.18 14.48
C HIS F 4912 33.49 28.41 14.75
N ASN F 4913 34.55 28.26 15.52
CA ASN F 4913 35.42 29.38 15.86
C ASN F 4913 36.87 28.96 15.64
N LEU F 4914 37.62 29.80 14.91
CA LEU F 4914 39.02 29.48 14.62
C LEU F 4914 39.83 29.38 15.90
N ALA F 4915 39.60 30.28 16.84
CA ALA F 4915 40.27 30.20 18.13
C ALA F 4915 39.93 28.90 18.82
N ASN F 4916 38.67 28.47 18.73
CA ASN F 4916 38.27 27.21 19.37
C ASN F 4916 38.99 26.02 18.74
N TYR F 4917 39.12 26.00 17.41
CA TYR F 4917 39.84 24.91 16.77
C TYR F 4917 41.32 24.91 17.16
N LEU F 4918 41.93 26.09 17.21
CA LEU F 4918 43.33 26.18 17.63
C LEU F 4918 43.51 25.69 19.07
N PHE F 4919 42.60 26.09 19.95
CA PHE F 4919 42.68 25.65 21.34
C PHE F 4919 42.42 24.16 21.47
N PHE F 4920 41.57 23.59 20.61
CA PHE F 4920 41.38 22.14 20.61
C PHE F 4920 42.65 21.41 20.19
N LEU F 4921 43.35 21.93 19.18
CA LEU F 4921 44.63 21.33 18.81
C LEU F 4921 45.62 21.42 19.96
N MET F 4922 45.68 22.58 20.63
CA MET F 4922 46.57 22.72 21.78
C MET F 4922 46.21 21.72 22.89
N TYR F 4923 44.91 21.54 23.12
CA TYR F 4923 44.44 20.61 24.15
C TYR F 4923 44.83 19.18 23.80
N LEU F 4924 44.70 18.79 22.53
CA LEU F 4924 45.13 17.47 22.10
C LEU F 4924 46.62 17.29 22.31
N ILE F 4925 47.42 18.30 21.96
CA ILE F 4925 48.87 18.18 22.13
C ILE F 4925 49.24 18.05 23.60
N ASN F 4926 48.61 18.86 24.46
CA ASN F 4926 48.98 18.87 25.88
C ASN F 4926 48.53 17.60 26.59
N LYS F 4927 47.35 17.08 26.24
CA LYS F 4927 46.85 15.88 26.89
C LYS F 4927 47.73 14.68 26.60
N ASP F 4928 47.84 13.80 27.59
CA ASP F 4928 48.54 12.55 27.39
C ASP F 4928 47.75 11.66 26.43
N GLU F 4929 48.48 10.92 25.60
CA GLU F 4929 47.82 10.14 24.55
C GLU F 4929 46.93 9.06 25.15
N THR F 4930 47.37 8.42 26.23
CA THR F 4930 46.58 7.36 26.85
C THR F 4930 45.27 7.89 27.40
N GLU F 4931 45.24 9.15 27.82
CA GLU F 4931 44.03 9.73 28.41
C GLU F 4931 43.06 10.25 27.37
N HIS F 4932 43.44 10.26 26.09
CA HIS F 4932 42.56 10.76 25.04
C HIS F 4932 41.27 9.95 24.98
N THR F 4933 40.15 10.66 24.84
CA THR F 4933 38.86 10.01 24.66
C THR F 4933 38.75 9.49 23.23
N GLY F 4934 37.58 8.95 22.88
CA GLY F 4934 37.42 8.39 21.55
C GLY F 4934 37.52 9.44 20.46
N GLN F 4935 36.74 10.52 20.59
CA GLN F 4935 36.76 11.57 19.59
C GLN F 4935 38.11 12.26 19.53
N GLU F 4936 38.70 12.55 20.71
CA GLU F 4936 40.01 13.19 20.73
C GLU F 4936 41.07 12.32 20.09
N SER F 4937 41.05 11.01 20.37
CA SER F 4937 42.02 10.11 19.78
C SER F 4937 41.82 10.01 18.27
N TYR F 4938 40.57 9.98 17.81
CA TYR F 4938 40.31 9.91 16.39
C TYR F 4938 40.83 11.15 15.68
N VAL F 4939 40.57 12.33 16.25
CA VAL F 4939 41.05 13.57 15.65
C VAL F 4939 42.58 13.62 15.67
N TRP F 4940 43.19 13.16 16.76
CA TRP F 4940 44.65 13.15 16.85
C TRP F 4940 45.26 12.24 15.80
N LYS F 4941 44.68 11.04 15.61
CA LYS F 4941 45.18 10.14 14.59
C LYS F 4941 45.00 10.72 13.19
N MET F 4942 43.87 11.38 12.95
CA MET F 4942 43.66 12.03 11.66
C MET F 4942 44.68 13.13 11.42
N TYR F 4943 44.97 13.93 12.45
CA TYR F 4943 45.98 14.98 12.30
C TYR F 4943 47.34 14.38 12.04
N GLN F 4944 47.65 13.26 12.70
CA GLN F 4944 48.93 12.59 12.46
C GLN F 4944 49.02 12.10 11.02
N GLU F 4945 47.95 11.52 10.49
CA GLU F 4945 47.98 10.99 9.14
C GLU F 4945 47.74 12.06 8.08
N ARG F 4946 47.46 13.30 8.49
CA ARG F 4946 47.33 14.44 7.56
C ARG F 4946 46.22 14.20 6.54
N CYS F 4947 45.03 13.88 7.03
CA CYS F 4947 43.87 13.70 6.17
C CYS F 4947 42.96 14.92 6.15
N TRP F 4948 42.59 15.42 7.33
CA TRP F 4948 41.85 16.68 7.47
C TRP F 4948 40.50 16.64 6.76
N GLU F 4949 39.67 15.67 7.17
CA GLU F 4949 38.26 15.71 6.83
C GLU F 4949 37.38 15.76 8.07
N PHE F 4950 37.96 15.86 9.26
CA PHE F 4950 37.13 16.01 10.45
C PHE F 4950 36.45 17.37 10.49
N PHE F 4951 36.97 18.35 9.77
CA PHE F 4951 36.31 19.64 9.69
C PHE F 4951 34.94 19.48 9.03
N PRO F 4952 33.90 20.08 9.57
CA PRO F 4952 32.56 19.96 8.98
C PRO F 4952 32.37 20.88 7.78
N ALA F 4953 33.19 20.67 6.75
CA ALA F 4953 33.13 21.53 5.56
C ALA F 4953 31.80 21.38 4.83
N GLY F 4954 31.18 20.21 4.89
CA GLY F 4954 29.93 20.00 4.20
C GLY F 4954 28.73 20.54 4.94
N ASP F 4955 28.47 20.02 6.14
CA ASP F 4955 27.26 20.38 6.87
C ASP F 4955 27.57 20.91 8.27
N CYS F 4956 26.53 21.10 9.07
CA CYS F 4956 26.65 21.56 10.44
C CYS F 4956 25.77 20.70 11.33
N PHE F 4957 25.88 20.91 12.64
CA PHE F 4957 25.07 20.16 13.59
C PHE F 4957 23.59 20.46 13.39
N ARG F 4958 23.25 21.72 13.13
CA ARG F 4958 21.85 22.10 12.94
C ARG F 4958 21.27 21.41 11.72
N LYS F 4959 21.93 21.51 10.57
CA LYS F 4959 21.45 20.82 9.39
C LYS F 4959 21.45 19.31 9.57
N GLN F 4960 22.31 18.81 10.46
CA GLN F 4960 22.28 17.38 10.76
C GLN F 4960 21.00 16.99 11.47
N TYR F 4961 20.65 17.71 12.54
CA TYR F 4961 19.47 17.36 13.33
C TYR F 4961 18.41 18.45 13.32
N GLU F 4962 18.73 19.66 13.78
CA GLU F 4962 17.74 20.73 13.87
C GLU F 4962 18.36 22.10 13.62
N GLN G 1 112.24 -112.41 30.99
CA GLN G 1 112.91 -112.22 32.27
C GLN G 1 113.60 -113.50 32.73
N VAL G 2 114.92 -113.43 32.89
CA VAL G 2 115.72 -114.55 33.38
C VAL G 2 116.14 -114.24 34.81
N GLN G 3 115.65 -115.05 35.75
CA GLN G 3 115.92 -114.87 37.17
C GLN G 3 116.89 -115.95 37.62
N LEU G 4 117.92 -115.55 38.36
CA LEU G 4 118.92 -116.46 38.89
C LEU G 4 118.77 -116.54 40.40
N GLN G 5 118.55 -117.75 40.91
CA GLN G 5 118.44 -118.00 42.33
C GLN G 5 119.72 -118.69 42.80
N GLU G 6 120.39 -118.09 43.78
CA GLU G 6 121.64 -118.59 44.31
C GLU G 6 121.44 -118.99 45.77
N SER G 7 121.85 -120.22 46.09
CA SER G 7 121.70 -120.76 47.43
C SER G 7 123.03 -121.32 47.92
N GLY G 8 123.34 -121.08 49.19
CA GLY G 8 124.57 -121.57 49.78
C GLY G 8 125.36 -120.48 50.49
N GLY G 9 126.68 -120.62 50.52
CA GLY G 9 127.53 -119.62 51.14
C GLY G 9 127.33 -119.49 52.63
N GLY G 10 127.28 -120.60 53.35
CA GLY G 10 127.14 -120.59 54.78
C GLY G 10 128.38 -120.06 55.48
N LEU G 11 128.29 -119.99 56.80
CA LEU G 11 129.36 -119.48 57.64
C LEU G 11 129.97 -120.61 58.45
N MET G 12 131.28 -120.79 58.32
CA MET G 12 132.04 -121.74 59.13
C MET G 12 133.47 -121.25 59.23
N GLN G 13 134.31 -122.06 59.87
CA GLN G 13 135.71 -121.70 60.04
C GLN G 13 136.46 -121.87 58.72
N ALA G 14 137.67 -121.31 58.68
CA ALA G 14 138.48 -121.35 57.47
C ALA G 14 138.91 -122.79 57.16
N GLY G 15 139.06 -123.07 55.87
CA GLY G 15 139.44 -124.39 55.41
C GLY G 15 138.30 -125.34 55.15
N GLY G 16 137.06 -124.95 55.47
CA GLY G 16 135.92 -125.81 55.22
C GLY G 16 135.47 -125.79 53.78
N SER G 17 134.61 -126.75 53.45
CA SER G 17 134.08 -126.89 52.11
C SER G 17 132.74 -126.17 52.01
N LEU G 18 132.63 -125.28 51.01
CA LEU G 18 131.43 -124.50 50.79
C LEU G 18 130.85 -124.84 49.42
N ARG G 19 129.55 -125.12 49.39
CA ARG G 19 128.84 -125.48 48.17
C ARG G 19 127.83 -124.39 47.84
N LEU G 20 127.85 -123.91 46.60
CA LEU G 20 126.94 -122.88 46.14
C LEU G 20 126.26 -123.36 44.87
N SER G 21 124.94 -123.23 44.81
CA SER G 21 124.15 -123.68 43.66
C SER G 21 123.39 -122.49 43.10
N CYS G 22 123.60 -122.20 41.81
CA CYS G 22 122.91 -121.11 41.15
C CYS G 22 122.09 -121.67 39.99
N THR G 23 120.78 -121.41 40.00
CA THR G 23 119.87 -121.90 38.98
C THR G 23 119.25 -120.72 38.25
N ALA G 24 119.32 -120.74 36.92
CA ALA G 24 118.76 -119.69 36.08
C ALA G 24 117.50 -120.20 35.41
N SER G 25 116.40 -119.45 35.57
CA SER G 25 115.12 -119.82 34.99
C SER G 25 114.55 -118.63 34.23
N GLY G 26 114.10 -118.87 33.00
CA GLY G 26 113.52 -117.82 32.19
C GLY G 26 113.39 -118.18 30.73
N SER G 27 113.70 -117.23 29.85
CA SER G 27 113.59 -117.47 28.42
C SER G 27 114.62 -118.50 27.97
N ILE G 28 114.29 -119.20 26.88
CA ILE G 28 115.18 -120.23 26.34
C ILE G 28 116.27 -119.66 25.45
N PHE G 29 116.22 -118.37 25.15
CA PHE G 29 117.22 -117.73 24.29
C PHE G 29 118.23 -116.96 25.13
N SER G 30 119.44 -116.85 24.59
CA SER G 30 120.53 -116.07 25.20
C SER G 30 120.87 -116.59 26.59
N ILE G 31 121.32 -117.84 26.64
CA ILE G 31 121.87 -118.44 27.85
C ILE G 31 123.36 -118.61 27.63
N ASN G 32 124.15 -117.83 28.35
CA ASN G 32 125.60 -117.81 28.22
C ASN G 32 126.16 -116.91 29.30
N SER G 33 127.45 -117.11 29.61
CA SER G 33 128.21 -116.22 30.48
C SER G 33 127.52 -116.01 31.83
N MET G 34 127.51 -117.10 32.58
CA MET G 34 127.25 -117.02 34.01
C MET G 34 128.51 -116.54 34.71
N GLY G 35 128.36 -115.56 35.59
CA GLY G 35 129.48 -115.07 36.37
C GLY G 35 129.06 -114.80 37.80
N TRP G 36 130.06 -114.69 38.66
CA TRP G 36 129.88 -114.32 40.06
C TRP G 36 130.52 -112.96 40.29
N TYR G 37 129.83 -112.10 41.03
CA TYR G 37 130.35 -110.80 41.40
C TYR G 37 130.39 -110.70 42.92
N ARG G 38 131.57 -110.41 43.47
CA ARG G 38 131.77 -110.33 44.91
C ARG G 38 131.87 -108.88 45.33
N GLN G 39 131.15 -108.52 46.39
CA GLN G 39 131.16 -107.17 46.94
C GLN G 39 131.29 -107.27 48.45
N ALA G 40 132.38 -106.71 48.99
CA ALA G 40 132.54 -106.66 50.42
C ALA G 40 131.80 -105.46 51.01
N PRO G 41 131.56 -105.46 52.32
CA PRO G 41 130.83 -104.34 52.93
C PRO G 41 131.56 -103.01 52.77
N GLY G 42 130.97 -102.10 52.00
CA GLY G 42 131.58 -100.80 51.75
C GLY G 42 132.90 -100.87 51.00
N LYS G 43 133.05 -101.83 50.10
CA LYS G 43 134.27 -102.00 49.32
C LYS G 43 133.91 -102.17 47.85
N GLN G 44 134.93 -102.08 47.00
CA GLN G 44 134.74 -102.18 45.56
C GLN G 44 134.29 -103.59 45.18
N ARG G 45 133.42 -103.67 44.17
CA ARG G 45 132.94 -104.94 43.67
C ARG G 45 133.95 -105.54 42.69
N GLU G 46 134.24 -106.82 42.87
CA GLU G 46 135.20 -107.54 42.03
C GLU G 46 134.49 -108.65 41.27
N LEU G 47 135.14 -109.13 40.22
CA LEU G 47 134.60 -110.17 39.36
C LEU G 47 135.23 -111.52 39.72
N VAL G 48 134.40 -112.46 40.15
CA VAL G 48 134.84 -113.82 40.48
C VAL G 48 134.94 -114.60 39.17
N ALA G 49 135.52 -115.79 39.23
CA ALA G 49 135.69 -116.61 38.04
C ALA G 49 134.36 -116.84 37.34
N THR G 50 134.36 -116.66 36.01
CA THR G 50 133.18 -116.73 35.18
C THR G 50 133.28 -117.92 34.23
N ILE G 51 132.29 -118.80 34.27
CA ILE G 51 132.25 -119.99 33.43
C ILE G 51 131.17 -119.81 32.37
N THR G 52 131.44 -120.27 31.16
CA THR G 52 130.51 -120.21 30.04
C THR G 52 130.28 -121.60 29.48
N SER G 53 129.32 -121.71 28.56
CA SER G 53 129.03 -122.98 27.93
C SER G 53 130.26 -123.50 27.20
N GLY G 54 130.52 -124.79 27.36
CA GLY G 54 131.74 -125.40 26.86
C GLY G 54 132.87 -125.49 27.87
N ASN G 55 132.58 -125.27 29.15
CA ASN G 55 133.59 -125.34 30.22
C ASN G 55 134.75 -124.38 29.96
N SER G 56 134.39 -123.11 29.78
CA SER G 56 135.37 -122.04 29.59
C SER G 56 135.28 -121.12 30.81
N ILE G 57 136.24 -121.26 31.72
CA ILE G 57 136.26 -120.50 32.96
C ILE G 57 137.21 -119.32 32.81
N ASN G 58 136.69 -118.11 32.98
CA ASN G 58 137.48 -116.89 32.89
C ASN G 58 137.87 -116.47 34.31
N TYR G 59 139.18 -116.42 34.56
CA TYR G 59 139.70 -116.15 35.89
C TYR G 59 140.06 -114.67 36.04
N ALA G 60 140.32 -114.27 37.27
CA ALA G 60 140.66 -112.89 37.60
C ALA G 60 141.61 -112.91 38.80
N ASP G 61 141.78 -111.76 39.44
CA ASP G 61 142.67 -111.67 40.60
C ASP G 61 142.06 -112.27 41.86
N SER G 62 140.75 -112.48 41.89
CA SER G 62 140.06 -112.99 43.07
C SER G 62 139.94 -114.51 43.08
N VAL G 63 140.46 -115.20 42.06
CA VAL G 63 140.36 -116.66 42.01
C VAL G 63 141.40 -117.34 42.87
N LYS G 64 142.22 -116.60 43.61
CA LYS G 64 143.21 -117.20 44.49
C LYS G 64 142.53 -118.06 45.55
N GLY G 65 143.04 -119.27 45.74
CA GLY G 65 142.44 -120.21 46.66
C GLY G 65 142.18 -121.56 46.02
N ARG G 66 141.09 -122.21 46.41
CA ARG G 66 140.70 -123.52 45.89
C ARG G 66 139.28 -123.44 45.36
N PHE G 67 139.18 -123.14 44.06
CA PHE G 67 137.93 -122.95 43.36
C PHE G 67 137.60 -124.20 42.55
N THR G 68 136.31 -124.53 42.45
CA THR G 68 135.86 -125.60 41.56
C THR G 68 134.46 -125.23 41.06
N ILE G 69 134.38 -124.63 39.89
CA ILE G 69 133.12 -124.13 39.34
C ILE G 69 132.77 -124.93 38.09
N SER G 70 131.56 -125.47 38.04
CA SER G 70 131.11 -126.27 36.91
C SER G 70 129.66 -125.96 36.60
N ARG G 71 129.35 -125.84 35.32
CA ARG G 71 128.01 -125.46 34.88
C ARG G 71 127.40 -126.53 33.98
N ASP G 72 126.08 -126.64 34.04
CA ASP G 72 125.31 -127.52 33.17
C ASP G 72 124.21 -126.70 32.50
N ASN G 73 124.17 -126.76 31.18
CA ASN G 73 123.24 -125.97 30.39
C ASN G 73 121.88 -126.64 30.22
N ALA G 74 121.74 -127.90 30.64
CA ALA G 74 120.45 -128.58 30.52
C ALA G 74 119.39 -127.90 31.38
N LYS G 75 119.76 -127.49 32.59
CA LYS G 75 118.84 -126.78 33.49
C LYS G 75 119.39 -125.43 33.92
N ASN G 76 120.48 -124.97 33.31
CA ASN G 76 121.15 -123.72 33.68
C ASN G 76 121.50 -123.72 35.17
N THR G 77 122.23 -124.76 35.57
CA THR G 77 122.57 -124.99 36.97
C THR G 77 124.09 -124.99 37.13
N VAL G 78 124.58 -124.18 38.06
CA VAL G 78 126.02 -124.05 38.30
C VAL G 78 126.31 -124.44 39.73
N TYR G 79 127.33 -125.30 39.90
CA TYR G 79 127.82 -125.72 41.20
C TYR G 79 129.20 -125.13 41.42
N LEU G 80 129.36 -124.40 42.53
CA LEU G 80 130.62 -123.78 42.90
C LEU G 80 131.10 -124.38 44.22
N GLN G 81 132.35 -124.80 44.26
CA GLN G 81 132.95 -125.43 45.42
C GLN G 81 134.13 -124.59 45.88
N MET G 82 134.10 -124.16 47.13
CA MET G 82 135.20 -123.42 47.75
C MET G 82 135.84 -124.31 48.80
N ASN G 83 137.12 -124.63 48.63
CA ASN G 83 137.80 -125.50 49.57
C ASN G 83 138.62 -124.71 50.58
N SER G 84 139.44 -123.76 50.12
CA SER G 84 140.27 -122.95 51.00
C SER G 84 139.55 -121.62 51.27
N LEU G 85 139.34 -121.31 52.54
CA LEU G 85 138.62 -120.12 52.95
C LEU G 85 139.56 -119.17 53.69
N LYS G 86 139.39 -117.87 53.46
CA LYS G 86 140.19 -116.85 54.10
C LYS G 86 139.28 -115.79 54.71
N PRO G 87 139.72 -115.13 55.77
CA PRO G 87 138.88 -114.08 56.39
C PRO G 87 138.53 -112.95 55.45
N GLU G 88 139.40 -112.63 54.49
CA GLU G 88 139.13 -111.54 53.55
C GLU G 88 138.11 -111.92 52.50
N ASP G 89 137.69 -113.18 52.44
CA ASP G 89 136.72 -113.63 51.44
C ASP G 89 135.28 -113.36 51.84
N THR G 90 135.05 -112.78 53.02
CA THR G 90 133.69 -112.49 53.49
C THR G 90 133.10 -111.36 52.64
N ALA G 91 132.06 -111.67 51.88
CA ALA G 91 131.44 -110.71 50.97
C ALA G 91 130.13 -111.29 50.47
N VAL G 92 129.33 -110.45 49.82
CA VAL G 92 128.13 -110.91 49.15
C VAL G 92 128.48 -111.29 47.72
N TYR G 93 127.99 -112.46 47.29
CA TYR G 93 128.25 -112.98 45.95
C TYR G 93 126.93 -112.99 45.18
N TYR G 94 126.91 -112.35 44.03
CA TYR G 94 125.76 -112.29 43.16
C TYR G 94 126.00 -113.13 41.92
N CYS G 95 124.98 -113.91 41.53
CA CYS G 95 125.03 -114.77 40.37
C CYS G 95 124.35 -114.05 39.20
N ASN G 96 125.09 -113.87 38.11
CA ASN G 96 124.59 -113.17 36.95
C ASN G 96 124.72 -114.05 35.71
N ALA G 97 123.80 -113.88 34.76
CA ALA G 97 123.85 -114.60 33.49
C ALA G 97 123.62 -113.57 32.38
N ASP G 98 124.71 -113.04 31.82
CA ASP G 98 124.62 -112.01 30.79
C ASP G 98 124.95 -112.60 29.43
N ARG G 99 124.18 -112.19 28.42
CA ARG G 99 124.37 -112.74 27.08
C ARG G 99 125.67 -112.30 26.43
N VAL G 100 126.38 -111.34 27.03
CA VAL G 100 127.72 -110.96 26.60
C VAL G 100 128.60 -112.21 26.62
N PRO G 101 128.97 -112.75 25.45
CA PRO G 101 129.63 -114.07 25.43
C PRO G 101 131.03 -114.00 26.05
N ASN G 102 131.22 -114.76 27.13
CA ASN G 102 132.54 -114.97 27.72
C ASN G 102 133.18 -113.68 28.25
N GLY G 103 132.45 -112.57 28.17
CA GLY G 103 132.95 -111.29 28.63
C GLY G 103 133.47 -110.35 27.56
N TYR G 104 133.17 -110.60 26.29
CA TYR G 104 133.55 -109.70 25.21
C TYR G 104 132.30 -109.29 24.45
N ASN G 105 132.35 -108.09 23.87
CA ASN G 105 131.20 -107.53 23.15
C ASN G 105 131.71 -106.66 22.01
N PRO G 106 131.83 -107.21 20.80
CA PRO G 106 132.23 -106.38 19.66
C PRO G 106 131.25 -105.28 19.34
N TRP G 107 129.95 -105.49 19.61
CA TRP G 107 128.96 -104.46 19.33
C TRP G 107 129.18 -103.23 20.20
N GLY G 108 129.33 -103.42 21.51
CA GLY G 108 129.57 -102.32 22.42
C GLY G 108 128.43 -102.02 23.36
N THR G 109 128.02 -100.75 23.41
CA THR G 109 126.97 -100.34 24.33
C THR G 109 125.64 -101.09 24.17
N PRO G 110 125.15 -101.41 22.95
CA PRO G 110 123.85 -102.10 22.86
C PRO G 110 123.83 -103.49 23.49
N ASN G 111 124.96 -103.95 24.04
CA ASN G 111 124.97 -105.21 24.77
C ASN G 111 125.76 -105.20 26.06
N ASP G 112 126.59 -104.18 26.31
CA ASP G 112 127.36 -104.15 27.56
C ASP G 112 126.44 -104.10 28.78
N GLU G 113 125.25 -103.53 28.63
CA GLU G 113 124.26 -103.47 29.70
C GLU G 113 123.23 -104.58 29.60
N TYR G 114 123.39 -105.50 28.65
CA TYR G 114 122.47 -106.63 28.46
C TYR G 114 122.79 -107.72 29.47
N ASP G 115 122.54 -107.40 30.74
CA ASP G 115 122.85 -108.29 31.85
C ASP G 115 121.57 -108.65 32.60
N TYR G 116 121.46 -109.93 32.96
CA TYR G 116 120.37 -110.42 33.82
C TYR G 116 120.98 -110.69 35.20
N TRP G 117 120.88 -109.70 36.08
CA TRP G 117 121.48 -109.77 37.41
C TRP G 117 120.49 -110.43 38.36
N GLY G 118 120.76 -111.68 38.72
CA GLY G 118 119.91 -112.44 39.61
C GLY G 118 120.25 -112.21 41.08
N GLN G 119 119.53 -112.94 41.94
CA GLN G 119 119.73 -112.83 43.37
C GLN G 119 121.03 -113.50 43.79
N GLY G 120 121.55 -113.08 44.93
CA GLY G 120 122.79 -113.62 45.47
C GLY G 120 122.69 -114.02 46.93
N THR G 121 123.84 -114.30 47.54
CA THR G 121 123.87 -114.69 48.94
C THR G 121 125.17 -114.20 49.57
N GLN G 122 125.15 -114.07 50.90
CA GLN G 122 126.30 -113.56 51.64
C GLN G 122 127.16 -114.74 52.10
N VAL G 123 128.43 -114.75 51.69
CA VAL G 123 129.41 -115.73 52.15
C VAL G 123 130.21 -115.10 53.27
N THR G 124 130.27 -115.78 54.41
CA THR G 124 130.96 -115.28 55.60
C THR G 124 132.02 -116.29 56.03
N VAL G 125 133.20 -115.79 56.36
CA VAL G 125 134.32 -116.60 56.83
C VAL G 125 134.73 -116.09 58.20
N SER G 126 134.83 -117.01 59.16
CA SER G 126 135.23 -116.66 60.52
C SER G 126 136.72 -116.38 60.59
N GLN H 1 -20.47 11.00 160.13
CA GLN H 1 -21.43 12.03 160.52
C GLN H 1 -21.93 11.80 161.94
N VAL H 2 -21.69 12.78 162.81
CA VAL H 2 -22.14 12.74 164.20
C VAL H 2 -23.29 13.73 164.34
N GLN H 3 -24.48 13.20 164.62
CA GLN H 3 -25.68 14.02 164.77
C GLN H 3 -26.07 14.11 166.23
N LEU H 4 -26.37 15.31 166.69
CA LEU H 4 -26.76 15.56 168.07
C LEU H 4 -28.24 15.95 168.09
N GLN H 5 -29.03 15.19 168.84
CA GLN H 5 -30.45 15.45 169.02
C GLN H 5 -30.66 16.01 170.42
N GLU H 6 -31.25 17.20 170.50
CA GLU H 6 -31.48 17.89 171.77
C GLU H 6 -32.98 18.00 171.99
N SER H 7 -33.43 17.57 173.18
CA SER H 7 -34.85 17.61 173.53
C SER H 7 -35.03 18.29 174.88
N GLY H 8 -36.08 19.09 174.98
CA GLY H 8 -36.37 19.80 176.21
C GLY H 8 -36.57 21.29 176.01
N GLY H 9 -36.25 22.08 177.02
CA GLY H 9 -36.38 23.52 176.93
C GLY H 9 -37.80 24.02 176.77
N GLY H 10 -38.71 23.50 177.58
CA GLY H 10 -40.09 23.92 177.53
C GLY H 10 -40.27 25.34 178.05
N LEU H 11 -41.52 25.80 178.01
CA LEU H 11 -41.87 27.14 178.42
C LEU H 11 -42.70 27.09 179.70
N MET H 12 -42.23 27.79 180.74
CA MET H 12 -42.97 27.94 181.97
C MET H 12 -42.53 29.25 182.63
N GLN H 13 -43.07 29.52 183.81
CA GLN H 13 -42.74 30.73 184.54
C GLN H 13 -41.33 30.65 185.11
N ALA H 14 -40.81 31.80 185.53
CA ALA H 14 -39.47 31.88 186.07
C ALA H 14 -39.36 31.11 187.38
N GLY H 15 -38.17 30.56 187.63
CA GLY H 15 -37.90 29.78 188.81
C GLY H 15 -38.20 28.30 188.69
N GLY H 16 -38.78 27.86 187.57
CA GLY H 16 -39.07 26.45 187.39
C GLY H 16 -37.84 25.64 187.01
N SER H 17 -38.00 24.32 187.08
CA SER H 17 -36.92 23.40 186.74
C SER H 17 -37.06 22.96 185.29
N LEU H 18 -35.98 23.11 184.53
CA LEU H 18 -35.95 22.75 183.11
C LEU H 18 -34.91 21.67 182.89
N ARG H 19 -35.32 20.61 182.20
CA ARG H 19 -34.46 19.46 181.90
C ARG H 19 -34.22 19.40 180.40
N LEU H 20 -32.95 19.29 180.01
CA LEU H 20 -32.57 19.20 178.61
C LEU H 20 -31.68 17.98 178.42
N SER H 21 -31.99 17.17 177.41
CA SER H 21 -31.24 15.96 177.13
C SER H 21 -30.68 16.04 175.72
N CYS H 22 -29.36 15.91 175.60
CA CYS H 22 -28.70 15.93 174.28
C CYS H 22 -27.98 14.61 174.08
N THR H 23 -28.31 13.92 172.98
CA THR H 23 -27.73 12.62 172.65
C THR H 23 -26.97 12.74 171.34
N ALA H 24 -25.72 12.29 171.34
CA ALA H 24 -24.87 12.32 170.14
C ALA H 24 -24.72 10.91 169.60
N SER H 25 -25.03 10.74 168.31
CA SER H 25 -24.94 9.44 167.65
C SER H 25 -24.15 9.57 166.37
N GLY H 26 -23.18 8.68 166.17
CA GLY H 26 -22.37 8.71 164.98
C GLY H 26 -21.12 7.86 165.07
N SER H 27 -20.01 8.39 164.55
CA SER H 27 -18.75 7.65 164.58
C SER H 27 -18.25 7.48 166.00
N ILE H 28 -17.48 6.42 166.23
CA ILE H 28 -16.94 6.13 167.56
C ILE H 28 -15.68 6.91 167.86
N PHE H 29 -15.13 7.62 166.88
CA PHE H 29 -13.90 8.40 167.06
C PHE H 29 -14.23 9.87 167.25
N SER H 30 -13.35 10.56 167.98
CA SER H 30 -13.44 12.01 168.20
C SER H 30 -14.75 12.39 168.89
N ILE H 31 -14.93 11.88 170.10
CA ILE H 31 -16.03 12.27 170.98
C ILE H 31 -15.42 13.07 172.12
N ASN H 32 -15.70 14.36 172.14
CA ASN H 32 -15.15 15.29 173.13
C ASN H 32 -15.80 16.64 172.92
N SER H 33 -15.77 17.46 173.96
CA SER H 33 -16.16 18.87 173.90
C SER H 33 -17.58 19.03 173.33
N MET H 34 -18.52 18.57 174.14
CA MET H 34 -19.92 18.96 173.98
C MET H 34 -20.10 20.36 174.55
N GLY H 35 -20.76 21.22 173.78
CA GLY H 35 -21.05 22.56 174.24
C GLY H 35 -22.45 22.97 173.83
N TRP H 36 -22.94 24.02 174.50
CA TRP H 36 -24.22 24.63 174.17
C TRP H 36 -23.97 26.05 173.65
N TYR H 37 -24.67 26.41 172.59
CA TYR H 37 -24.59 27.75 172.02
C TYR H 37 -25.98 28.38 172.07
N ARG H 38 -26.09 29.54 172.69
CA ARG H 38 -27.35 30.24 172.85
C ARG H 38 -27.40 31.42 171.89
N GLN H 39 -28.53 31.56 171.20
CA GLN H 39 -28.75 32.66 170.25
C GLN H 39 -30.14 33.21 170.50
N ALA H 40 -30.21 34.48 170.86
CA ALA H 40 -31.50 35.15 171.02
C ALA H 40 -32.00 35.65 169.68
N PRO H 41 -33.29 35.96 169.57
CA PRO H 41 -33.84 36.44 168.29
C PRO H 41 -33.18 37.74 167.83
N GLY H 42 -32.45 37.68 166.72
CA GLY H 42 -31.77 38.84 166.21
C GLY H 42 -30.70 39.41 167.12
N LYS H 43 -30.02 38.55 167.87
CA LYS H 43 -28.97 38.97 168.80
C LYS H 43 -27.74 38.09 168.59
N GLN H 44 -26.63 38.53 169.20
CA GLN H 44 -25.37 37.82 169.06
C GLN H 44 -25.43 36.46 169.75
N ARG H 45 -24.77 35.48 169.16
CA ARG H 45 -24.71 34.14 169.72
C ARG H 45 -23.64 34.06 170.79
N GLU H 46 -23.98 33.48 171.93
CA GLU H 46 -23.08 33.33 173.06
C GLU H 46 -22.80 31.86 173.34
N LEU H 47 -21.74 31.61 174.08
CA LEU H 47 -21.32 30.25 174.41
C LEU H 47 -21.76 29.91 175.83
N VAL H 48 -22.60 28.89 175.96
CA VAL H 48 -23.06 28.40 177.26
C VAL H 48 -21.99 27.49 177.82
N ALA H 49 -22.12 27.10 179.08
CA ALA H 49 -21.14 26.25 179.73
C ALA H 49 -20.91 24.97 178.94
N THR H 50 -19.64 24.63 178.75
CA THR H 50 -19.23 23.49 177.94
C THR H 50 -18.56 22.44 178.82
N ILE H 51 -19.07 21.21 178.77
CA ILE H 51 -18.54 20.10 179.55
C ILE H 51 -17.84 19.13 178.61
N THR H 52 -16.73 18.57 179.08
CA THR H 52 -15.95 17.60 178.33
C THR H 52 -15.79 16.33 179.16
N SER H 53 -15.23 15.31 178.51
CA SER H 53 -14.99 14.04 179.20
C SER H 53 -14.07 14.25 180.39
N GLY H 54 -14.41 13.63 181.51
CA GLY H 54 -13.72 13.86 182.76
C GLY H 54 -14.35 14.90 183.66
N ASN H 55 -15.58 15.32 183.38
CA ASN H 55 -16.32 16.31 184.17
C ASN H 55 -15.52 17.62 184.27
N SER H 56 -15.19 18.16 183.11
CA SER H 56 -14.50 19.45 182.99
C SER H 56 -15.46 20.42 182.33
N ILE H 57 -16.07 21.29 183.14
CA ILE H 57 -17.06 22.25 182.67
C ILE H 57 -16.39 23.60 182.47
N ASN H 58 -16.45 24.11 181.25
CA ASN H 58 -15.88 25.42 180.91
C ASN H 58 -16.99 26.45 180.97
N TYR H 59 -16.84 27.44 181.84
CA TYR H 59 -17.87 28.44 182.07
C TYR H 59 -17.59 29.71 181.25
N ALA H 60 -18.59 30.58 181.21
CA ALA H 60 -18.50 31.83 180.47
C ALA H 60 -19.34 32.88 181.20
N ASP H 61 -19.65 33.98 180.53
CA ASP H 61 -20.45 35.03 181.13
C ASP H 61 -21.93 34.68 181.21
N SER H 62 -22.38 33.69 180.45
CA SER H 62 -23.79 33.32 180.40
C SER H 62 -24.16 32.24 181.42
N VAL H 63 -23.20 31.77 182.23
CA VAL H 63 -23.49 30.73 183.20
C VAL H 63 -24.14 31.26 184.47
N LYS H 64 -24.43 32.56 184.52
CA LYS H 64 -25.09 33.13 185.69
C LYS H 64 -26.46 32.48 185.89
N GLY H 65 -26.74 32.10 187.13
CA GLY H 65 -27.98 31.40 187.43
C GLY H 65 -27.75 30.12 188.19
N ARG H 66 -28.58 29.10 187.92
CA ARG H 66 -28.48 27.80 188.59
C ARG H 66 -28.37 26.73 187.52
N PHE H 67 -27.13 26.40 187.16
CA PHE H 67 -26.79 25.43 186.12
C PHE H 67 -26.41 24.10 186.75
N THR H 68 -26.75 23.01 186.09
CA THR H 68 -26.28 21.68 186.50
C THR H 68 -26.15 20.82 185.25
N ILE H 69 -24.94 20.75 184.69
CA ILE H 69 -24.70 20.04 183.43
C ILE H 69 -23.80 18.85 183.71
N SER H 70 -24.23 17.66 183.26
CA SER H 70 -23.47 16.44 183.48
C SER H 70 -23.53 15.58 182.23
N ARG H 71 -22.39 14.99 181.85
CA ARG H 71 -22.28 14.20 180.64
C ARG H 71 -21.86 12.78 180.95
N ASP H 72 -22.32 11.85 180.11
CA ASP H 72 -21.93 10.45 180.17
C ASP H 72 -21.45 10.03 178.79
N ASN H 73 -20.23 9.49 178.73
CA ASN H 73 -19.60 9.11 177.47
C ASN H 73 -19.99 7.71 177.00
N ALA H 74 -20.68 6.93 177.84
CA ALA H 74 -21.09 5.59 177.43
C ALA H 74 -22.05 5.65 176.25
N LYS H 75 -22.99 6.59 176.27
CA LYS H 75 -23.94 6.78 175.17
C LYS H 75 -23.90 8.18 174.61
N ASN H 76 -22.92 8.99 175.00
CA ASN H 76 -22.80 10.39 174.58
C ASN H 76 -24.08 11.15 174.90
N THR H 77 -24.47 11.09 176.17
CA THR H 77 -25.72 11.66 176.64
C THR H 77 -25.44 12.71 177.70
N VAL H 78 -25.99 13.91 177.51
CA VAL H 78 -25.77 15.04 178.41
C VAL H 78 -27.10 15.48 178.98
N TYR H 79 -27.15 15.64 180.31
CA TYR H 79 -28.31 16.15 181.02
C TYR H 79 -27.98 17.53 181.55
N LEU H 80 -28.82 18.51 181.20
CA LEU H 80 -28.67 19.88 181.64
C LEU H 80 -29.89 20.28 182.46
N GLN H 81 -29.65 20.86 183.63
CA GLN H 81 -30.70 21.24 184.57
C GLN H 81 -30.60 22.74 184.81
N MET H 82 -31.69 23.46 184.54
CA MET H 82 -31.79 24.88 184.79
C MET H 82 -32.77 25.10 185.93
N ASN H 83 -32.31 25.67 187.04
CA ASN H 83 -33.18 25.88 188.19
C ASN H 83 -33.71 27.31 188.22
N SER H 84 -32.85 28.30 188.10
CA SER H 84 -33.25 29.70 188.12
C SER H 84 -33.42 30.21 186.69
N LEU H 85 -34.61 30.72 186.38
CA LEU H 85 -34.94 31.18 185.05
C LEU H 85 -35.17 32.69 185.05
N LYS H 86 -34.71 33.35 183.99
CA LYS H 86 -34.87 34.79 183.83
C LYS H 86 -35.47 35.10 182.47
N PRO H 87 -36.20 36.20 182.36
CA PRO H 87 -36.81 36.56 181.06
C PRO H 87 -35.78 36.74 179.94
N GLU H 88 -34.57 37.18 180.27
CA GLU H 88 -33.55 37.40 179.25
C GLU H 88 -32.93 36.09 178.77
N ASP H 89 -33.26 34.96 179.38
CA ASP H 89 -32.72 33.67 178.98
C ASP H 89 -33.45 33.04 177.80
N THR H 90 -34.50 33.68 177.29
CA THR H 90 -35.25 33.15 176.16
C THR H 90 -34.39 33.20 174.91
N ALA H 91 -34.05 32.04 174.37
CA ALA H 91 -33.19 31.95 173.20
C ALA H 91 -33.22 30.51 172.69
N VAL H 92 -32.66 30.30 171.50
CA VAL H 92 -32.49 28.97 170.96
C VAL H 92 -31.13 28.44 171.41
N TYR H 93 -31.11 27.19 171.89
CA TYR H 93 -29.90 26.54 172.36
C TYR H 93 -29.58 25.39 171.44
N TYR H 94 -28.36 25.39 170.90
CA TYR H 94 -27.88 24.35 170.00
C TYR H 94 -26.83 23.51 170.72
N CYS H 95 -26.93 22.20 170.56
CA CYS H 95 -26.01 21.24 171.16
C CYS H 95 -24.97 20.86 170.12
N ASN H 96 -23.69 21.07 170.43
CA ASN H 96 -22.60 20.79 169.51
C ASN H 96 -21.60 19.86 170.18
N ALA H 97 -20.94 19.03 169.37
CA ALA H 97 -19.89 18.13 169.86
C ALA H 97 -18.70 18.26 168.91
N ASP H 98 -17.76 19.14 169.25
CA ASP H 98 -16.61 19.38 168.39
C ASP H 98 -15.37 18.73 168.97
N ARG H 99 -14.56 18.13 168.10
CA ARG H 99 -13.38 17.42 168.56
C ARG H 99 -12.30 18.34 169.11
N VAL H 100 -12.45 19.65 168.94
CA VAL H 100 -11.57 20.63 169.57
C VAL H 100 -11.60 20.40 171.07
N PRO H 101 -10.53 19.88 171.66
CA PRO H 101 -10.60 19.43 173.07
C PRO H 101 -10.74 20.61 174.02
N ASN H 102 -11.86 20.63 174.76
CA ASN H 102 -12.08 21.58 175.85
C ASN H 102 -12.11 23.03 175.38
N GLY H 103 -12.01 23.27 174.08
CA GLY H 103 -12.02 24.60 173.54
C GLY H 103 -10.68 25.19 173.16
N TYR H 104 -9.63 24.36 173.06
CA TYR H 104 -8.32 24.82 172.62
C TYR H 104 -7.88 24.01 171.42
N ASN H 105 -7.08 24.62 170.56
CA ASN H 105 -6.62 23.98 169.33
C ASN H 105 -5.23 24.48 168.99
N PRO H 106 -4.18 23.76 169.42
CA PRO H 106 -2.81 24.17 169.04
C PRO H 106 -2.57 24.14 167.55
N TRP H 107 -3.24 23.24 166.82
CA TRP H 107 -3.05 23.16 165.38
C TRP H 107 -3.54 24.43 164.68
N GLY H 108 -4.76 24.87 164.99
CA GLY H 108 -5.29 26.07 164.41
C GLY H 108 -6.45 25.85 163.45
N THR H 109 -6.34 26.44 162.26
CA THR H 109 -7.42 26.34 161.28
C THR H 109 -7.81 24.91 160.90
N PRO H 110 -6.88 23.94 160.73
CA PRO H 110 -7.32 22.59 160.32
C PRO H 110 -8.21 21.89 161.34
N ASN H 111 -8.50 22.52 162.48
CA ASN H 111 -9.43 21.95 163.44
C ASN H 111 -10.41 22.95 164.03
N ASP H 112 -10.19 24.26 163.89
CA ASP H 112 -11.13 25.23 164.46
C ASP H 112 -12.52 25.09 163.86
N GLU H 113 -12.61 24.63 162.61
CA GLU H 113 -13.88 24.40 161.94
C GLU H 113 -14.32 22.95 162.02
N TYR H 114 -13.58 22.11 162.75
CA TYR H 114 -13.91 20.69 162.90
C TYR H 114 -15.00 20.54 163.97
N ASP H 115 -16.19 21.04 163.64
CA ASP H 115 -17.32 21.04 164.55
C ASP H 115 -18.47 20.22 163.96
N TYR H 116 -19.12 19.44 164.81
CA TYR H 116 -20.33 18.70 164.46
C TYR H 116 -21.49 19.41 165.14
N TRP H 117 -22.13 20.32 164.41
CA TRP H 117 -23.22 21.15 164.94
C TRP H 117 -24.54 20.39 164.79
N GLY H 118 -25.06 19.87 165.90
CA GLY H 118 -26.30 19.13 165.89
C GLY H 118 -27.52 20.03 166.04
N GLN H 119 -28.67 19.37 166.11
CA GLN H 119 -29.94 20.09 166.24
C GLN H 119 -30.09 20.66 167.65
N GLY H 120 -30.93 21.69 167.76
CA GLY H 120 -31.18 22.33 169.03
C GLY H 120 -32.65 22.52 169.33
N THR H 121 -32.94 23.32 170.36
CA THR H 121 -34.33 23.58 170.73
C THR H 121 -34.44 24.99 171.31
N GLN H 122 -35.65 25.53 171.27
CA GLN H 122 -35.91 26.88 171.74
C GLN H 122 -36.34 26.85 173.21
N VAL H 123 -35.59 27.53 174.06
CA VAL H 123 -35.94 27.69 175.47
C VAL H 123 -36.62 29.05 175.64
N THR H 124 -37.81 29.04 176.21
CA THR H 124 -38.60 30.24 176.40
C THR H 124 -38.92 30.44 177.87
N VAL H 125 -38.78 31.67 178.35
CA VAL H 125 -39.07 32.03 179.73
C VAL H 125 -40.12 33.14 179.73
N SER H 126 -41.18 32.93 180.51
CA SER H 126 -42.26 33.91 180.60
C SER H 126 -41.83 35.12 181.44
#